data_9P7H
#
_entry.id   9P7H
#
_cell.length_a   1.00
_cell.length_b   1.00
_cell.length_c   1.00
_cell.angle_alpha   90.00
_cell.angle_beta   90.00
_cell.angle_gamma   90.00
#
_symmetry.space_group_name_H-M   'P 1'
#
loop_
_entity.id
_entity.type
_entity.pdbx_description
1 polymer 'P site tRNA [Homo sapiens]'
2 polymer 'Elongation factor 1-alpha 1'
3 polymer 'A/T site tRNA [Homo sapiens]'
4 polymer '28S rRNA [Homo sapiens]'
5 polymer '5S rRNA [Homo sapiens]'
6 polymer '5.8S rRNA [Homo sapiens]'
7 polymer '60S ribosomal protein L8'
8 polymer 'Large ribosomal subunit protein uL3'
9 polymer '60S ribosomal protein L4'
10 polymer 'Large ribosomal subunit protein uL18'
11 polymer 'Large ribosomal subunit protein eL6'
12 polymer '60S ribosomal protein L7'
13 polymer '60S ribosomal protein L7a'
14 polymer '60S ribosomal protein L9'
15 polymer 'Ribosomal protein uL16-like'
16 polymer '60S ribosomal protein L11'
17 polymer 'Large ribosomal subunit protein eL13'
18 polymer '60S ribosomal protein L14'
19 polymer '60S ribosomal protein L15'
20 polymer '60S ribosomal protein L13a'
21 polymer '60S ribosomal protein L17'
22 polymer '60S ribosomal protein L18'
23 polymer '60S ribosomal protein L19'
24 polymer '60S ribosomal protein L18a'
25 polymer '60S ribosomal protein L21'
26 polymer 'Heparin-binding protein HBp15'
27 polymer '60S ribosomal protein L23'
28 polymer 'Ribosomal protein L24'
29 polymer '60S ribosomal protein L23a'
30 polymer '60S ribosomal protein L26'
31 polymer '60S ribosomal protein L27'
32 polymer '60S ribosomal protein L27a'
33 polymer 'Large ribosomal subunit protein eL29'
34 polymer '60S ribosomal protein L30'
35 polymer '60S ribosomal protein L31'
36 polymer '60S ribosomal protein L32'
37 polymer '60S ribosomal protein L35a'
38 polymer '60S ribosomal protein L34'
39 polymer '60S ribosomal protein L35'
40 polymer '60S ribosomal protein L36'
41 polymer '60S ribosomal protein L37'
42 polymer '60S ribosomal protein L38'
43 polymer '60S ribosomal protein L39'
44 polymer 'Large ribosomal subunit protein eL40'
45 polymer '60S ribosomal protein L41'
46 polymer '60S ribosomal protein L36a'
47 polymer '60S ribosomal protein L37a'
48 polymer '60S ribosomal protein L28'
49 polymer '60S acidic ribosomal protein P0'
50 polymer 'Large ribosomal subunit protein uL11'
51 polymer 'Small ribosomal subunit protein uS3'
52 polymer '40S ribosomal protein S5'
53 polymer '40S ribosomal protein S10'
54 polymer 'Small ribosomal subunit protein eS12'
55 polymer 'Small ribosomal subunit protein uS19'
56 polymer 'Small ribosomal subunit protein uS9'
57 polymer 'Small ribosomal subunit protein eS17'
58 polymer '40S ribosomal protein S18'
59 polymer '40S ribosomal protein S19'
60 polymer '40S ribosomal protein S20'
61 polymer 'Small ribosomal subunit protein eS25'
62 polymer '40S ribosomal protein S28'
63 polymer '40S ribosomal protein S29'
64 polymer 'Ubiquitin-40S ribosomal protein S27a'
65 polymer 'Receptor of activated protein C kinase 1'
66 polymer '40S ribosomal protein SA'
67 polymer '40S ribosomal protein S3a'
68 polymer '40S ribosomal protein S2'
69 polymer 'Small ribosomal subunit protein eS4, X isoform'
70 polymer '40S ribosomal protein S6'
71 polymer 'Small ribosomal subunit protein eS7'
72 polymer '40S ribosomal protein S8'
73 polymer '40S ribosomal protein S9'
74 polymer '40S ribosomal protein S11'
75 polymer '40S ribosomal protein S13'
76 polymer 'Small ribosomal subunit protein uS11'
77 polymer 'Small ribosomal subunit protein eS21'
78 polymer '40S ribosomal protein S15a'
79 polymer '40S ribosomal protein S23'
80 polymer '40S ribosomal protein S24'
81 polymer '40S ribosomal protein S26'
82 polymer 'Small ribosomal subunit protein eS27'
83 polymer 'Small ribosomal subunit protein eS30'
84 polymer '18S rRNA [Homo sapiens]'
85 polymer 'Transcription factor BTF3'
86 non-polymer 'MAGNESIUM ION'
87 non-polymer SPERMINE
88 non-polymer SPERMIDINE
89 non-polymer (3beta)-O~3~-[(2R)-2,6-dihydroxy-2-(2-methoxy-2-oxoethyl)-6-methylheptanoyl]cephalotaxine
90 non-polymer 4-{(2R)-2-[(1S,3S,5S)-3,5-dimethyl-2-oxocyclohexyl]-2-hydroxyethyl}piperidine-2,6-dione
91 non-polymer 'ZINC ION'
#
loop_
_entity_poly.entity_id
_entity_poly.type
_entity_poly.pdbx_seq_one_letter_code
_entity_poly.pdbx_strand_id
1 'polyribonucleotide' GUCUCCGUAGUGUAGGGUAUCACGUUCGCCUAACACGCGAAAGGUCCUCGGUUCGAAACCGGGCGGAAACACCA Pt
2 'polypeptide(L)'
;EKTHINIVVIGHVDSGKSTTTGHLIYKCGGIDKRTIEKFEKEAAEMGKGSFKYAWVLDKLKAERERGITIDISLWKFETS
KYYVTIIDAPGHRDFIKNMITGTSQADCAVLIVAAGVGEFEAGISKNGQTREHALLAYTLGVKQLIVGVNKMDSTEPPY
(SEP)QKRYEEIVKEVSTYIKKIGYNPDTVAFVPISGWNGDNMLEPSANMPWFKGWKVTRKDGNASGTTLLEALDCILPP
TRPTDKPLRLPLQDVYKIGGIGTVPVGRVETGVLKPGMVVTFAPVNVTTEVKSVEMHHEALSEALPGDNVGFNVKNVSVK
DVRRGNVAGDSKNDPPMEAAGFTAQVIILNHPGQISAGYAPVLDCHTAHIACKFAELKEKIDRRSGKKLEDGPKFLKSGD
AAIVDMVPGKPMCVESFSDYPPLGRFAVRDMRQTVAVGVIKAVDKK
;
CF
3 'polyribonucleotide' GUCUCCGUAGUGUAGCGGUUAUCACGUUCGCCUAACACGCGAAAGGUCCUCGGUUCGAAACCGGGCGGAAACACCA AT
4 'polyribonucleotide'
;CGCGACCUCAGAUCAGACGUGGCGACCCGCUGAAUUUAAGCAUAUUAGUCAGCGGAGGAGAAGAAACUAACCAGGAUUCC
CUCAGUAACGGCGAGUGAACAGGGAAGAGCCCAGCGCCGAAUCCCCGCCCCGCGGCGGGGCGCGGGACAUGUGGCGUACG
GAAGACCCGCUCCCCGGCGCCGCUCGUGGGGGGCCCAAGUCCUUCUGAUCGAGGCCCAGCCCGUGGACGGUGUGAGGCCG
GUAGCGGCCCCCGGCGCGCCGGGCCCGGGUCUUCCCGGAGUCGGGUUGCUUGGGAAUGCAGCCCAAAGCGGGUGGUAAAC
UCCAUCUAAGGCUAAAUACCGGCACGAGACCGAUAGUCAACAAGUACCGUAAGGGAAAGUUGAAAAGAACUUUGAAG
(A2M)G(A2M)GAGUUCAAGAGGGCGUGAAACCGUUAAGAGGUAAACGGGUGGGGUCCGCGCAGUCCGCCCGGAGGAUUC
AACCCGGCGGCGGGUCCGGCCGUGUCGGCGGCCCGGCGGAUCUUUCCCGCGCGGGGGACCGUCCCCCGACCGGCGACCGG
CCGCCGCCGGGCGCAUUUCCACCGCGGCGGUGCGCCGCGACCGGCUCCGGGACGGCUGGGAAGGCCCGGCGGGGAAGGUG
GCUCGGGGGCCCCCGAGUGUUACAGCCCCCCCGGCAGCAGCACUCGCCGAAUCCCGGGGCCGAGGGAGCGAGACCCGUCG
CCGCGCUCUCCCCCCUCGGGGGGGCCGGGCCACCCCUCCCACGGCGCGACCGCUCGGGGCGGACUGUCCCCAGUGCGCCC
CGGGCGGGUCGCGCCGUCGGGCCCGGGGGAGGCCACGCGCGCGUCCCCCGAAGAGGGGGACGGCGGAGCGAGCGCACGGG
GUCGGCGGCGACGUCGGCUACCCACCCGACCC(OMG)UCUUG(1MA)(A2M)AC(A2M)CGGACCAAGGAGU(OMC)UAA
CACGUGCGCGAGUCGGGGGCUCGCACGAAAGCCGCCGUGGCGCAAUGAAGGUGAAGGCCGGCGCGCUCGCCGGCCGAGGU
GGGAUCCCGAGGCCUCUCCAGUCCGCCGAGGGCGCACCACCGGCCCGUCUCGCCCGCCGCGCCGGGGAGGUGGAGCACGA
GCGCACGUGUUAGGACCC(OMG)A(A2M)AGAUGGUGA(A2M)C(PSU)AUGCCUGGGCAGGGCGAAGCCAGAGGAAACU
CUGGUGGAGGUCCG(PSU)AGCGGUCCUGACGUGCAAAUCGGUCGUCCGACCUGGGUAUAG(OMG)GGCGAAAGACUAAU
CGAACCAUCUAGUAGCUGGUUCCCUCCGAAGUUUCCC(PSU)CAGGA(PSU)AGCUGGCGCUCUCGCAGACCCGAGCCAC
GCAGUUUUAUCCGGUAAAGCGAA(PSU)GAUUAGAGGUCUUGGGGCCGAAACGAUCUCAACCUA(PSU)(PSU)CUCAAA
CUU(PSU)AAAUGGGUAAGAAGCCCGGCUCGCUGGCGUGGAGCCGGGCGUGGAAUGCGAGUGCCUAGUGGGCCAC(PSU)
U(PSU)UGGUAAGC(A2M)GAACUGGCGCUGCGGGAUGAACCGAACGCCGGGUUAAGGCGCCCGAUGCCGACGCUCAUCA
GACCCCAGAAAAGGUGUUGGUUGAUAUAGACAGCAGGACGGUGGCCAUGGAAGUCGGAAUCCGCUAAGGAGUGUGUAACA
ACUCACCUGCCGAAUCAACUAGCCCUGAAAAUGGAUGGCGCUGGAGCGUCGGGCCCAUACCCGGCCGUCGCCGGCAGUCG
AGAGUGGACGGGAGCGGCGGCCGGAGCCCCGCGGACGCUACGCCGCGACGAGUAGGAGGGCCGCUGCGGUGAGCCUUGAA
GCCUAGGGCGCGGGCCCGGGUGGAGCCGCCGCAGGUGCAGAU(OMC)UUGGUGGUAGU(A2M)(OMG)(OMC)AAAUAUU
CAAACGAGAACUUUGAAGGCCGAAGUGG(A2M)GAAGGGUUCCAUGUGAACAG(OMC)A(OMG)UUGAACAUGGGUCAGU
CGGUCCUGAGAGAUGGGCGAGCGCCGUUCCGAAGGGACGGGCGAUGGCCUCCGUUGCCCUCGGCCGAUCGAAAGGGAGUC
GGGUUCAGAUCCCCGAAUCCGGAGUGGCGGAGAUGGGCGCCGCGAGGCGUCCAGUGCGGUAACGCGACCGAUCCCGGAGA
AGCCGGCGGGAGCCCCGGGGAGAGUUCUCUU(PSU)UCUUUGUGAAGGGCAGGGCGCCCUGGAAUGGGUUCGCCCCGAGA
GAGGGGCCCGUGCCUUGGAAAGCGUCGCGGUUCCGGCGGCGUCCGGUGAGCUCUCGCUGGCCCUUGAAAAUCCGGGGGAG
AGGGUGUAAAUCUCGCGCCGGGCCGUACCC(A2M)UAUCCGCAGCAGGUCU(OMC)CAAGGUGAAC(A2M)GCCUCUGG
(OMC)AUGUUGGAACAA(OMU)G(PSU)AGGUAAGGGAAGUCGGCAAGC(OMC)GGAUCCGUAACUUC(OMG)GGAUAAG
GAUUGGCUCUAAGGGCUGGGUCGGUCGCGGCCGGCGCCUAGCAGCCGACUUAGAACUGGUGCGGACCAGG(OMG)GAAUC
CGAC(PSU)G(PSU)UUAAUUAAAACAAAGCAUCGCGAAGGCCCGCGGCGGGUGUUGACGCGAUGUGAUU(PSU)CUGCC
(OMC)AGUGCUCUGAAUGUCA(A2M)AGUGAAGAAAUUCAAUGAAGCGCGG(OMG)UAAACGGCGGGAGUAACUAUGACU
CUCUUAAGGUAGC(5MC)AA(A2M)UGCCUC(OMG)UCAUCUAAUUAGUGA(OMC)GCGCAUGAA(UY1)GGA(PSU)GA
(A2M)CGAG(A2M)UUCCCACUGU(OMC)CC(PSU)ACCUAC(PSU)A(PSU)CCAGCGAAACCAC(A2M)G(OMC)CAA
GGGAACGGGCU(PSU)GG(OMC)GGAAUCAGCGG(OMG)GAAAGAAGACCCUGUUGAGC(PSU)UGAC(OMU)CUAGUCU
GGCACGGUGAAGAGACAUGAGAACUCUGAUCGUUUUUUCACUGACCCGGUGAGGCGGGGGGGCGAGCCCCGAGGGGCUCU
CGCUUCUGGCGCCAAGCGCCCGGCCGCGCGCCGGCCGGGCGCGACCCGCUCCGGGGACAGUGCCAGGUGGGGAGUUUGAC
UG(OMG)GGCGGUACACCUGUCAAACGGUA(6MZ)CGCAGG(OMU)(OMG)UCCUAAGGCGAGCUCAGGGAGGACAGAAA
CCUCCCGUGGAGCAGAAGGGCAAAAGCUCGCUUGA(PSU)CU(PSU)GA(PSU)UUUCAG(OMU)ACGAA(PSU)ACAGA
CCGUGAAAGCGGGGCCUCACGAUCCUUCUGACCUU(PSU)UGGGUUU(PSU)AAGCAGGA(OMG)GUGUCAGAAAAGUUA
CCACAG(OMG)GAUAACUGGC(PSU)UGUGGCGGCCAAGCGUUCAUAGCGACG(PSU)CGCUUUUUGA(PSU)CCUU
(5MC)GAUGUCGG(OMC)(PSU)CUUCCUAUCAUUG(PSU)GAAGCAGAAUUCACCAAGCGU(PSU)(OMG)GAU(OMU)
(OMG)(PSU)UCACCCACUAAUAGGGAACG(PSU)G(A2M)GCUGGG(UR3)U(PSU)AGA(OMC)CGUCGUGAGACAGG
U(PSU)AGUUUUACCCUACUGAUG(A2M)UGUG(PSU)UG(PSU)UGCCAUGGUA(A2M)UCCUGCUCAGUACGAGAGGA
ACCGCAG(OMG)U(OMU)CA(OMG)ACAU(PSU)UGGUGUA(PSU)(OMG)UGCUUGGCUGAGGAGCCAAUGGGGCGAAG
CUACCA(PSU)CUGUGGGAUUAUGAC(PSU)GAACGCCUCUAAGUCAGAAUCCCGCCCAGGCGGAACGAUACGGCAGCGC
CGCGGAGCCUCGGUUGGCCUCGGAUAGCCGGUCCCCCGCCGGGGUCCGGUGCGGAGUGCCCUUCGUCCUGGGAAACGGGG
CGCGGCCGGAGAGGCGGCCGCCCCCUCGCCCGUCACGCACCGCACGUUCGUGGGGAACCUGGCGCUAAACCA(PSU)
(PSU)CGUAGACGACCUGCUUCUGGGUCGGGG(PSU)UUCGUACG(PSU)AGCAGAGCAGCUCCCUCGCUGCGAUCUAUU
GAAAGUCAGCCCUCGACACAAGGGUUUGU
;
L5
5 'polyribonucleotide'
;GUCUACGGCCAUACCACCCUGAACGCGCCCGAUCUCGUCUGAUCUCGGAAGCUAAGCAGGGUCGGGCCUGGUUAGUACUU
GGAUGGGAGACCGCCUGGGAAUACCGGGUGCUGUAGGCUU
;
L7
6 'polyribonucleotide'
;CGACUCUUAGCGGUGGAUCACUCGGCUCGUGCGUCGAUGAAGAACGCAGCUAGC(PSU)GCGAGAAUUAAUG(PSU)GAA
UU(OMG)CAGGACACAUUGAUCAUCGACACUUCGAACGCACUUGCGGCCCCGGGUUCCUCCCGGGGCUACGCCUGUCUGA
GCGUCGCU
;
L8
7 'polypeptide(L)'
;GRVIRGQRKGAGSVFRAHVKHRKGAARLRAVDFAERHGYIKGIVKDIIHDPGRGAPLAKVVFRDPYRFKKRTELFIAAEG
IHTGQFVYCGKKAQLNIGNVLPVGTMPEGTIVCCLEEKPGDRGKLARASGNYATVISHNPETKKTRVKLPSGSKKVISSA
NRAVVGVVAGGGRIDKPILKAGRAYHKYKAKRNCWPRVRGVAMNPVEHPFGGGNHQHIGKPSTIRRDAPAGRKVGLIAAR
RTGRLRGT
;
LA
8 'polypeptide(L)'
;SHRKFSAPRHGSLGFLPRKRSSRHRGKVKSFPKDDPSKPVHLTAFLGYKAGMTHIVREVDRPGSKVNKKEVVEAVTIVET
PPMVVVGIVGYVETPRGLRTFKTVFAEHISDECKRRFYKNWHKSKKKAFTKYCKKWQDEDGKKQLEKDFSSMKKYCQVIR
VIAHTQMRLLPLRQKKAHLMEIQVNGGTVAEKLDWARERLEQQVPVNQVFGQDEMIDVIGVTKGKGYKGVTSRWHTKKLP
RKTHRGLRKVACIGAWHPARVAFSVARAGQKGYHHRTEINKKIYKIGQGYLIKDGKLIKNNASTDYDLSDKSINPLGGFV
HYGEVTNDFVMLKGCVVGTKKRVLTLRKSLLVQTKRRALEKIDLKFIDTTSKFGHGRFQTMEEKKAFMGPLKKDRIAKEE
GA
;
LB
9 'polypeptide(L)'
;MACARPLISVYSEKGESSGKNVTLPAVFKAPIRPDIVNFVHTNLRKNNRQPYAVSELAGHQTSAESWGTGRAVARIPRVR
GGGTHRSGQGAFGNMCRGGRMFAPTKTWRRWHRRVNTTQKRYAICSALAASALPALVMSKGHRIEEVPELPLVVEDKVEG
YKKTKEAVLLLKKLKAWNDIKKVYASQRMRAGKGKMRNRRRIQRRGPCIIYNEDNGIIKAFRNIPGITLLNVSKLNILKL
APGGHVGRFCIWTESAFRKLDELYGTWRKAASLKSNYNLPMHKMINTDLSRILKSPEIQRALRAPRKKIHRRVLKKNPLK
NLRIMLKLNPYAKTMRRNTILRQARNHKLRVDKAAAAAAALQAKSDEK
;
LC
10 'polypeptide(L)'
;GFVKVVKNKAYFKRYQVKFRRRREGKTDYYARKRLVIQDKNKYNTPKYRMIVRVTNRDIICQIAYARIEGDMIVCAAYAH
ELPKYGVKVGLTNYAAAYCTGLLLARRLLNRFGMDKIYEGQVEVTGDEYNVESIDGQPGAFTCYLDAGLARTTTGNKVFG
ALKGAVDGGLSIPHSTKRFPGYDSESKEFNAEVHRKHIMGQNVADYMRYLMEEDEDAYKKQFSQYIKNSVTPDMMEEMYK
KAHAAIRENPVYEKKPKKEVKKKRWNRPKMSLAQKKDRVAQKKASFLRAQERA
;
LD
11 'polypeptide(L)'
;KGKPHCSRNPVLVRGIGRYSRSAMYSRKAMYKRKYSAAKSKVEKKKKEKVLATVTKPVGGDKNGGTRVVKLRKMPRYYPT
EDVPRKLLSHGKKPFSQHVRKLRASITPGTILIILTGRHRGKRVVFLKQLASGLLLVTGPLVLNRVPLRRTHQKFVIATS
TKIDISNVKIPKHLTDAYFKKKKLRKPRHQEGEIFDTEKEKYEITEQRKIDQKAVDSQILPKIKAIPQLQGYLRSVFALT
NGIYPHKLVF
;
LE
12 'polypeptide(L)'
;NFAELKIKRLRKKFAQKMLRKARRKLIYEKAKHYHKEYRQMYRTEIRMARMARKAGNFYVPAEPKLAFVIRIRGINGVSP
KVRKVLQLLRLRQIFNGTFVKLNKASINMLRIVEPYIAWGYPNLKSVNELIYKRGYGKINKKRIALTDNALIARSLGKYG
IICMEDLIHEIYTVGKRFKEANNFLWPFKLSSPRGGMKKKTTHFVEGGDAGNREDQINRLIRRMN
;
LF
13 'polypeptide(L)'
;KVVNPLFEKRPKNFGIGQDIQPKRDLTRFVKWPRYIRLQRQRAILYKRLKVPPAINQFTQALDRQTATQLLKLAHKYRPE
TKQEKKQRLLARAEKKAAGKGDVPTKRPPVLRAGVNTVTTLVENKKAQLVVIAHDVDPIELVVFLPALCRKMGVPYCIIK
GKARLGRLVHRKTCTTVAFTQVNSEDKGALAKLVEAIRTNYNDRYDEIRRHWGGNVLGPKSVARIAKLEKAKAKELATKL
G
;
LG
14 'polypeptide(L)'
;MKTILSNQTVDIPENVDITLKGRTVIVKGPRGTLRRDFNHINVELSLLGKKKKRLRVDKWWGNRKELATVRTICSHVQNM
IKGVTLGFRYKMRSVYAHFPINVVIQENGSLVEIRNFLGEKYIRRVRMRPGVACSVSQAQKDELILEGNDIELVSNSAAL
IQQATTVKNKDIRKFLDGIYVSEKGTVQQA
;
LH
15 'polypeptide(L)'
;GRRPARCYRYCKNKPYPKSRFCRGVPDAKIRIFDLGRKKAKVDEFPLGGHMVSDEYEQLSSEALEAARICANKYMVKSCG
RDGFHMRVRLHPFHVIRINKMLSCAGADRLQTGMRGAFGKPQGTVARVHIGQVIMSIRTKLQNEEHVIEALRRAKFKFPG
RQKIHISKKWGFTKFNADEFEDMVAKKCLIPDGCGVKYVPSHGPLDKWRVLHS
;
LI
16 'polypeptide(L)'
;QDQGEKENPMRELRIRKLCLNICVGESGDRLTRAAKVLEQLTGQTPVFSKARYTVRSFGIRRNEKIAVHCTVRGAKAEEI
LEKGLKVREYELRKNNFSDTGNFGFGIQEHIDLGIKYDPSIGIYGLDFYVVLGRPGFSIADKKRRTGCIGAKHRISKEEA
MRWFQQKYDGIILPGK
;
LJ
17 'polypeptide(L)'
;APSRNGMVLKPHFHKDWQRRVATWFNQPARKIRRRKARQAKARRIAPRPASGPIRPIVRCPTVRYHTKVRAGRGFSLEEL
RVAGIHKKVARTIGISVDPRRRNKSTESLQANVQRLKEYRSKLILFPRKPSAPKKGDSSAEELKLATQLTGPVMPVRNVY
KKEKARVITEEEKNFKAFASLRMARANARLFGIRAKRAKEAAEQDVEKKK
;
LL
18 'polypeptide(L)'
;VFRRFVEVGRVAYVSFGPHAGKLVAIVDVIDQNRALVDGPCTQVRRQAMPFKCMQLTDFILKFPHSAHQKYVRQAWQKAD
INTKWAATRWAKKIEARERKAKMTDFDRFKVMKAKKMRNRIIKNEVKKLQKAALLKASP
;
LM
19 'polypeptide(L)'
;GAYKYIQELWRKKQSDVMRFLLRVRCWQYRQLSALHRAPRPTRPDKARRLGYKAKQGYVIYRIRVRRGGRKRPVPKGATY
GKPVHHGVNQLKFARSLQSVAEERAGRHCGALRVLNSYWVGEDSTYKFFEVILIDPFHKAIRRNPDTQWITKPVHKHREM
RGLTSAGRKSRGLGKGHKFHHTIGGSRRAAWRRRNTLQLHRYR
;
LN
20 'polypeptide(L)'
;EVQVLVLDGRGHLLGRLAAIVAKQVLLGRKVVVVRCEGINISGNFYRNKLKYLAFLRKRMNTNPSRGPYHFRAPSRIFWR
TVRGMLPHKTKRGQAALDRLKVFDGIPPPYDKKKRMVVPAALKVVRLKPTRKFAYLGRLAHEVGWKYQAVTATLEEKRKE
KAKIHYRKKKQLMRLRKQAEKNVEKKIDKYTEVLKTHGLLV
;
LO
21 'polypeptide(L)'
;VRYSLDPENPTKSCKSRGSNLRVHFKNTRETAQAIKGMHIRKATKYLKDVTLQKQCVPFRRYNGGVGRCAQAKQWGWTQG
RWPKKSAEFLLHMLKNAESNAELKGLDVDSLVIEHIQVNKAPKMRRRTYRAHGRINPYMSSPCHIEMILTEKE
;
LP
22 'polypeptide(L)'
;GVDIRHNKDRKVRRKEPKSQDIYLRLLVKLYRFLARRTNSTFNQVVLKRLFMSRTNRPPLSLSRMIRKMKLPGRENKTAV
VVGTITDDVRVQEVPKLKVCALRVTSRARSRILRAGGKILTFDQLALDSPKGCGTVLLSGPRKGREVYRHFGKAPGTPHS
HTKPYVRSKGRKFERARGRRASRGYKN
;
LQ
23 'polypeptide(L)'
;SMLRLQKRLASSVLRCGKKKVWLDPNETNEIANANSRQQIRKLIKDGLIIRKPVTVHSRARCRKNTLARRKGRHMGIGKR
KGTANARMPEKVTWMRRMRILRRLLRRYRESKKIDRHMYHSLYLKVKGNVFKNKRILMEHIHKLKADKARKKLLADQAEA
RRSKTKEARKRREERLQAKKEEIIKTL
;
LR
24 'polypeptide(L)'
;KASGTLREYKVVGRCLPTPKCHTPPLYRMRIFAPNHVVAKSRFWYFVSQLKKMKKSSGEIVYCGQVFEKSPLRVKNFGIW
LRYDSRSGTHNMYREYRDLTTAGAVTQCYRDMGARHRARAHSIQIMKVEEIAASKCRRPAVKQFHDSKIKFPLPHRVLRR
QHKPRFTTKRPNTFF
;
LS
25 'polypeptide(L)'
;TNTKGKRRGTRYMFSRPFRKHGVVPLATYMRIYKKGDIVDIKGMGTVQKGMPHKCYHGKTGRVYNVTQHAVGIVVNKQVK
GKILAKRINVRIEHIKHSKSRDSFLKRVKENDQKKKEAKEKGTWVQLKRQPAPPREAHFVRTNGKEPELLEPIPYEFMA
;
LT
26 'polypeptide(L)'
;QVLKFTLDCTHPVEDGIMDAANFEQFLQERIKVNGKAGNLGGGVVTIERSKSKITVTSEVPFSKRYLKYLTKKYLKKNNL
RDWLRVVANSKESYELRYFQI
;
LU
27 'polypeptide(L)'
;SGAKFRISLGLPVGAVINCADNTGAKNLYIISVKGIKGRLNRLPAAGVGDMVMATVKKGKPELRKKVHPAVVIRQRKSYR
RKDGVFLYFEDNAGVIVNNKGEMKGSAITGPVAKECADLWPRIASNAGSIA
;
LV
28 'polypeptide(L)'
;MKVELCSFSGYKIYPGHGRRYARTDGKVFQFLNAKCESAFLSKRNPRQINWTVLYRRKHKKGQSEEIQKKRTRRAVKFQR
AITGASLADIMAKRNQKPEVRKAQREQAIRAAKEAKKAKQASKK
;
LW
29 'polypeptide(L)'
;KKKIRTSPTFRRPKTLRLRRQPKYPRKSAPRRNKLDHYAIIKFPLTTESAMKKIEDNNTLVFIVDVKANKHQIKQAVKKL
YDIDVAKVNTLIRPDGEKKAYVRLAPDYDALDVANKIGII
;
LX
30 'polypeptide(L)'
;MKFNPFVTSDRSKNRKRHFNAPSHIRRKIMSSPLSKELRQKYNVRSMPIRKDDEVQVVRGHYKGQQIGKVVQVYRKKYVI
YIERVQREKANGTTVHVGIHPSKVVITRLKLDKDRKKILERKAKSRQVGKEKGK
;
LY
31 'polypeptide(L)'
;GKFMKPGKVVLVLAGRYSGRKAVIVKNIDDGTSDRPYSHALVAGIDRYPRKVTAAMGKKKIAKRSKIKSFVKVYNYNHLM
PTRYSVDIPLDKTVVNKDVFRDPALKRKARREAKVKFEERYKTGKNKWFFQKLRF
;
LZ
32 'polypeptide(L)'
;PSRLRKTRKLRGHVSHGHGRIGKHRKHPGGRGNAGGLHHHRINFDKYHPGYFGKVGMKHYHLKRNQSFCPTVNLDKLWTL
VSEQTRVNAAKNKTGAAPIIDVVRSGYYKVLGKGKLPKQPVIVKAKFFSRRAEEKIKSVGGACVLVA
;
La
33 'polypeptide(L)'
;AKSKNHTTHNQSRKWHRNGIKKPRSQRYESLKGVDPKFLRNMRFAKKHNKKGLKKMQANNAKAMSARAEAIKALVKPKEV
KPKIPKGVSRKLDRLAYIAHPKLGKRARARIAKGLRLCRPK
;
Lb
34 'polypeptide(L)'
;KSLESINSRLQLVMKSGKYVLGYKQTLKMIRQGKAKLVILANNCPALRKSEIEYYAMLAKTGVHHYSGNNIELGTACGKY
YRVCTLAIIDPGDSDIIR
;
Lc
35 'polypeptide(L)'
;NEVVTREYTINIHKRIHGVGFKKRAPRALKEIRKFAMKEMGTPDVRIDTRLNKAVWAKGIRNVPYRIRVRLSRKRNEDED
SPNKLYTLVTYVPVTTFKNLQTVNVDE
;
Ld
36 'polypeptide(L)'
;AALRPLVKPKIVKKRTKKFIRHQSDRYVKIKRNWRKPRGIDNRVRRRFKGQILMPNIGYGSNKKTKHMLPSGFRKFLVHN
VKELEVLLMCNKSYCAEIAHNVSSKNRKAIVERAAQLAIRVTNPNARL
;
Le
37 'polypeptide(L)'
;SGRLWSKAIFAGYKRGLRNQREHTALLKIEGVYARDETEFYLGKRCAYVYKAKNNTVTPGGKPNKTRVIWGKVTRAHGNS
GMVRAKFRSNLPAKAIGHRIRVMLYPSRI
;
Lf
38 'polypeptide(L)'
;VQRLTYRRRLSYNTASNKTRLSRTPGNRIVYLYTKKVGKAPKSACGVCPGRLRGVRAVRPKVLMRLSKTKKHVSRAYGGS
MCAKCVRDRIKRAFLIEEQKIVVKVLKAQAQSQK
;
Lg
39 'polypeptide(L)'
;AKIKARDLRGKKKEELLKQLDDLKVELSQLRVAKVTGGAASKLSKIRVVRKSIARVLTVINQTQKENLRKFYKGKKYKPL
DLRPKKTRAMRRRLNKHEENLKTKKQQRKERLYPLRKYAVKA
;
Lh
40 'polypeptide(L)'
;ALRYPMAVGLNKGHKVTKNVSKPRHSRRRGRLTKHTKFVRDMIREVCGFAPYERRAMELLKVSKDKRALKFIKKRVGTHI
RAKRKREELSNVLAAMRKAAAK
;
Li
41 'polypeptide(L)'
;TKGTSSFGKRRNKTHTLCRRCGSKAYHLQKSTCGKCGYPAKRKRKYNWSAKAKRRNTTGTGRMRHLKIVYRRFRHGFREG
TTPKPK
;
Lj
42 'polypeptide(L)' PRKIEEIKDFLLTARRKDAKSVKIKKNKDNVKFKVRCSRYLYTLVITDKEKAEKLKQSLPPGLAVKELK Lk
43 'polypeptide(L)' SSHKTFRIKRFLAKKQKQNRPIPQWIRMKTGNKIRYNSKRRHWRRTKLGL Ll
44 'polypeptide(L)' IIEPSLRQLAQKYNCDKMICRKCYARLHPRAVNCRKKKCGHTNNLRPKKKVK Lm
45 'polypeptide(L)' MRAKWRKKRMRRLKRKRRKMRQRS Ln
46 'polypeptide(L)'
;VNVPKTRRTFCKKCGKHQPHKVTQYKKGKDSLYAQGKRRYDRKQSGYGGQTKPIFRKKAKTTKKIVLRLECVEPNCRSKR
MLAIKRCKHFELGGDKKRKGQVIQF
;
Lo
47 'polypeptide(L)'
;AKRTKKVGIVGKYGTRYGASLRKMVKKIEISQHAKYTCSFCGKTKMKRRAVGIWHCGSCMKTVAGGAWTYNTTSAVTVKS
AIRRLKELKDQ
;
Lp
48 'polypeptide(L)'
;SAHLQWMVVRNCSSFLIKRNKQTYSTEPNNLKARNSFRYNGLIHRKTVGVEPAADGKGVVVVIKRRSGQRKPATSYVRTT
INKNARATLSSIRHMIRKNKYRPDLRMAAIRRASAILRSQKPVMV
;
Lr
49 'polypeptide(L)'
;DRATWKSNYFLKIIQLLDDYPKCFIVGADNVGSKQMQQIRMSLRGKAVVLMGKNTMMRKAIRGHLENNPALEKLLPHIRG
NVGFVFTKEDLTEIRDMLLANKVPAAARAGAIAPCEVTVPAQNTGLGPEKTSFFQALGITTKISRGTIEILSDVQLIKTG
DKVGASEATLLNMLNISPFSFGLVIQQVFDNGSIYN
;
Ls
50 'polypeptide(L)'
;PNEIKVVYLRCTGGEVGATSALAPKIGPLGLSPKKVGDDIAKATGDWKGLRITVKLTIQNRQAQIEVVPSASALIIKALK
EPPRDRKKQKNIKHSGNITFDEIVNIARQMRHRSLARELSGTIKEILGTAQSVGCNVDGRHPHDIIDDINSGAVECP
;
Lt
51 'polypeptide(L)'
;MAVQISKKRKFVADGIFKAELNEFLTRELAEDGYSGVEVRVTPTRTEIIILATRTQNVLGEKGRRIRELTAVVQKRFGFP
EGSVELYAEKVATRGLCAIAQAESLRYKLLGGLAVRRACYGVLRFIMESGAKGCEVVVSGKLRGQRAKSMKFVDGLMIHS
GDPVNYYVDTAVRHVLLRQGVLGIKVKIMLPWDPTGKIGPKKPLPDHVSIVEPKDEILPTTPISEQK
;
SD
52 'polypeptide(L)'
;DIKLFGKWSTDDVQINDISLQDYIAVKEKYAKYLPHSAGRYAAKRFRKAQCPIVERLTNSMMMHGRNNGKKLMTVRIVKH
AFEIIHLLTGENPLQVLVNAIINSGPREDSTRIGRAGTVRRQAVDVSPLRRVNQAIWLLCTGAREAAFRNIKTIAECLAD
ELINAAKGSSNSYAIKKKDELERVAKSNR
;
SF
53 'polypeptide(L)'
;MLMPKKNRIAIYELLFKEGVMVAKKDVHMPKHPELADKNVPNLHVMKAMQSLKSRGYVKEQFAWRHFYWYLTNEGIQYLR
DYLHLPPEIVPATLRRSR
;
SK
54 'polypeptide(L)'
;VMDVNTALQEVLKTALIHDGLARGIREAAKALDKRQAHLCVLASNCDEPMYVKLVEALCAEHQINLIKVDDNKKLGEWVG
LCKIDREGKPRKVVGCSCVVVKDYGKESQAKDVIEEYFKCKK
;
SM
55 'polypeptide(L)'
;TYRGVDLDQLLDMSYEQLMQLYSARQRRRLNRGLRRKQHSLLKRLRKAKKEAPPMEKPEVVKTHLRDMIILPEMVGSMVG
VYNGKTFNQVEIKPEMIGHYLGEFSITYKPVKHGRPGIGAT
;
SP
56 'polypeptide(L)'
;SKGPLQSVQVFGRKKTATAVAHCKRGNGLIKVNGRPLEMIEPRTLQYKLLEPVLLLGKERFAGVDIRVRVKGGGHVAQIY
AIRQSISKALVAYYQKYVDEASKKEIKDILIQYDRTLLVADPRRCESKKFGGPGARARYQKSYR
;
SQ
57 'polypeptide(L)'
;MGRVRTKTVKKAARVIIEKYYTRLGNDFHTNKRVCEEIAIIPSKKLRNKIAGYVTHLMKRIQRGPVRGISIKLQEEERER
RDNYVPEVSALDQEIIEVDPDTKEMLKLLDFGSLSNLQVTQPTVGMNFKTPRGPV
;
SR
58 'polypeptide(L)'
;MSLVIPEKFQHILRVLNTNIDGRRKIAFAITAIKGVGRRYAHVVLRKADIDLTKRAGELTEDEVERVITIMQNPRQYKIP
DWFLNRQKDVKDGKYSQVLANGLDNKLREDLERLKKIRAHRGLRHFWGLRVRGQHTKTTGRRGRT
;
SS
59 'polypeptide(L)'
;PGVTVKDVNQQEFVRALAAFLKKSGKLKVPEWVDTVKLAKHKELAPYDENWFYTRAASTARHLYLRGGAGVGSMTKIYGG
RQRNGVMPSHFSRGSKSVARRVLQALEGLKMVEKDQDGGRKLTPQGQRDLDRIAGQVAAANKK
;
ST
60 'polypeptide(L)'
;AIHRIRITLTSRNVKSLEKVCADLIRGAKEKNLKVKGPVRMPTKTLRITTRKTPCGEGSKTWDRFQMRIHKRLIDLHSPS
EIVKQITSISIEPGVEVEVTIADA
;
SU
61 'polypeptide(L)' RDKLNNLVLFDKATYDKLCKEVPNYKLITPAVVSERLKIRGSLARAALQELLSKGLIKLVSKHRAQVIYTRNTKG SZ
62 'polypeptide(L)' RVQPIKLARVTKVLGRTGSQGQCTQVRVEFMDDTSRSIIRNVKGPVREGDVLTLLESEREARRL Sc
63 'polypeptide(L)' GHQQLYWSHPRKFGQGSRSCRVCSNRHGLIRKYGLNMCRQCFRQYAKDIGFIKLD Sd
64 'polypeptide(L)' YTTPKKNKHKRKKVKLAVLKYYKVDENGKISRLRRECPSDECGAGVFMASHFDRHYCGKCCLTYCFN Sf
65 'polypeptide(L)'
;TEQMTLRGTLKGHNGWVTQIATTPQFPDMILSASRDKTIIMWKLTRDETNYGIPQRALRGHSHFVSDVVISSDGQFALSG
SWDGTLRLWDLTTGTTTRRFVGHTKDVLSVAFSSDNRQIVSGSRDKTIKLWNTLGVCKYTVQDESHSEWVSCVRFSPNSS
NPIIVSCGWDKLVKVWNLANCKLKTNHIGHTGYLNTVTVSPDGSLCASGGKDGQAMLWDLNEGKHLYTLDGGDIINALCF
SPNRYWLCAATGPSIKIWDLEGKIIVDELKQEVISTSSKAEPPQCTSLAWSADGQTLFAGYTDNLVRVWQVTI
;
Sg
66 'polypeptide(L)'
;GALDVLQMKEEDVLKFLAAGTHLGGTNLDFQMEQYIYKRKSDGIYIINLKRTWEKLLLAARAIVAIENPADVSVISSRNT
GQRAVLKFAAATGATPIAGRFTPGTFTNQIQAAFREPRLLVVTDPRADHQPLTEASYVNLPTIALCNTDSPLRYVDIAIP
CNNKGAHSVGLMWWMLAREVLRMRGTISREHPWEVMPDLYFYRDPEEIEKEEQAAAEKAVT
;
SA
67 'polypeptide(L)'
;VVDPFSKKDWYDVKAPAMFNIRNIGKTLVTRTQGTKIASDGLKGRVFEVSLADLQNDEVAFRKFKLITEDVQGKNCLTNF
HGMDLTRDKMCSMVKKWQTMIEAHVDVKTTDGYLLRLFCVGFTKKRNNQIRKTSYAQHQQVRQIRKKMMEIMTREVQTND
LKEVVNKLIPDSIGKDIEKACQSIYPLHDVFVRKVKMLKKPKFELGKLMELHGE
;
SB
68 'polypeptide(L)'
;EWMPVTKLGRLVKDMKIKSLEEIYLFSLPIKESEIIDFFLGASLKDEVLKIMPVQKQTRAGQRTRFKAFVAIGDYNGHVG
LGVKCSKEVATAIRGAIILAKLSIVPVRRGYWGNKIGKPHTVPCKVTGRCGSVLVRLIPAPRGTGIVSAPVPKKLLMMAG
IDDCYTSARGCTATLGNFAKATFDAISKTYSYLTPDLWKETVFTKSPYQEFTDHLVKTHTRV
;
SC
69 'polypeptide(L)'
;ARGPKKHLKRVAAPKHWMLDKLTGVFAPRPSTGPHKLRECLPLIIFLRNRLKYALTGDEVKKICMQRFIKIDGKVRTDIT
YPAGFMDVISIDKTGENFRLIYDTKGRFAVHRITPEEAKYKLCKVRKIFVGTKGIPHLVTHDARTIRYPDPLIKVNDTIQ
IDLETGKITDFIKFDTGNLCMVTGGANLGRIGVITNRERHPGSFDVVHVKDANGNSFATRLSNIFVIGKGNKPWISLPRG
KGIRLTIAEERDKRLAAKQSSG
;
SE
70 'polypeptide(L)'
;MKLNISFPATGCQKLIEVDDERKLRTFYEKRMATEVAADALGEEWKGYVVRISGGNDKQGFPMKQGVLTHGRVRLLLSKG
HSCYRPRRTGERKRKSVRGCIVDANLSVLNLVIVKKGEKDIPGLTDTTVPRRLGPKRASRIRKLFNLSKEDDVRQYVVRK
PLNKEGKKPRTKAPKIQRLVTPRVLQHKRRRIALKKQRTKKNKEEAAEYAKLLAKRMKEAKEKRQEQIAKRRRLSSL
;
SG
71 'polypeptide(L)'
;SAKIVKPNGEKPDEFESGISQALLELEMNSDLKAQLRELNITAAKEIEVGGGRKAIIIFVPVPQLKSFQKIQVRLVRELE
KKFSGKHVVFIAQRRILPKPTRKSRTKNKQKRPRSRTLTAVHDAILEDLVFPSEIVGKRIRVKLDGSRLIKVHLDKAQQN
NVEHKVETFSGVYKKLTGKDVNFEFPEFQ
;
SH
72 'polypeptide(L)'
;GISRDNWHKRRKTGGKRKPYHKKRKYELGRPAANTKIGPRRIHTVRVRGGNKKYRALRLDVGNFSWGSECCTRKTRIIDV
VYNASNNELVRTKTLVKNCIVLIDSTPYRQWYESHYALPLGRKKGAKLTPEEEEILNKKRSKKIQKKYDERKKNAKISSL
LEEQFQQGKLLACIASRPGQCGRADGYVLEGKELEFYLRKIKARKG
;
SI
73 'polypeptide(L)'
;PVARSWVCRKTYVTPRRPFEKSRLDQELKLIGEYGLRNKREVWRVKFTLAKIRKAARELLTLDEKDPRRLFEGNALLRRL
VRIGVLDEGKMKLDYILGLKIEDFLERRLQTQVFKLGLAKSIHHARVLIRQRHIRVRKQVVNIPSFIVRLDSQKHIDFSL
RSPYGGGRPGRVKRKNAKKGQGGAG
;
SJ
74 'polypeptide(L)'
;ADIQTERAYQKQPTIFQNKKRVLLGETGKEKLPRYYKNIGLGFKTPKEAIEGTYIDKKCPFTGNVSIRGRILSGVVTKMK
MQRTIVIRRDYLHYIRKYNRFEKRHKNMSVHLSPCFRDVQIGDIVTVGECRPLSKTVRFNVLKVTKAAGTKKQ
;
SL
75 'polypeptide(L)'
;GRMHAPGKGLSQSALPYRRSVPTWLKLTSDDVKEQIYKLAKKGLTPSQIGVILRDSHGVAQVRFVTGNKILRILKSKGLA
PDLPEDLYHLIKKAVAVRKHLERNRKDKDAKFRLILIESRIHRLARYYKTKRVLPPNWKYESSTASALVA
;
SN
76 'polypeptide(L)'
;EQVISLGPQVAEGENVFGVCHIFASFNDTFVHVTDLSGKETICRVTGGMKVKADRDESSPYAAMLAAQDVAQRCKELGIT
ALHIKLRATGGNRTKTPGPGAQSALRALARSGMKIGRIEDVTPIPSDSTRRKGGRRGRRL
;
SO
77 'polypeptide(L)'
;MQNDAGEFVDLYVPRKCSASNRIIGAKDHASIQMNVAEVDKVTGRFNGQFKTYAICGAIRRMGESDDSILRLAKADGIVS
KNF
;
SV
78 'polypeptide(L)'
;VRMNVLADALKSINNAEKRGKRQVLIRPCSKVIVRFLTVMMKHGYIGEFEIIDDHRAGKIVVNLTGRLNKCGVISPRFDV
QLKDLEKWQNNLLPSRQFGFIVLTTSAGIMDHEEARRKHTGGKILGFFF
;
SW
79 'polypeptide(L)'
;GKCRGLRTARKLRSHRRDQKWHDKQYKKAHLGTALKANPFGGASHAKGIVLEKVGVEAKQPNSAIRKCVRVQLIKNGKKI
TAFVPNDGCLNFIEENDEVLVAGFGRKGHAVGDIPGVRFKVVKVANVSLLALYKGKKERPR
;
SX
80 'polypeptide(L)'
;NDTVTIRTRKFMTNRLLQRKQMVIDVLHPGKATVPKTEIREKLAKMYKTTPDVIFVFGFRTHFGGGKTTGFGMIYDSLDY
AKKNEPKHRLARHGLYEKKKTSRKQRKERKNRMKKVRGTAKANVGAGKKPK
;
SY
81 'polypeptide(L)'
;TKKRRNNGRAKKGRGHVQPIRCTNCARCVPKDKAIKKFVIRNIVEAAAVRDISEASVFDAYVLPKLYVKLHYCVSCAIHS
KVVRNRSREARKDRTPPPRFRP
;
Sa
82 'polypeptide(L)'
;PLAKDLLHPSPEEEKRKHKKKRLVQSPNSYFMDVKCPGCYKITTVFSHAQTVVLCVGCSTVLCQPTGGKARLTEGCSFRR
KQH
;
Sb
83 'polypeptide(L)' VHGSLARAGKVRGQTPKVAKQEKKKKKTGRAKRRMQYNRRFVNVVPTFGKKKGPNANS Se
84 'polyribonucleotide'
;UACCUGGUUGAUCCUGCCAGUAGCAU(A2M)UGCUUGUCUCAAAGAUUAAGCCAUGCAUGUCUAAGUACGCACGGCCGGU
ACAGUGAAACUGCGAA(PSU)GGCUC(A2M)UUAAA(PSU)CAG(PSU)UAUGGU(OMU)CCUU(OMU)GGUCGCUCGCU
CCUCUCCCACUUGGAUAACUGUGGUA(A2M)UUCUAG(A2M)GCUAA(OMU)A(OMC)AUGCCGACGGGCGCUGACCCCC
UUCGCGGGGGGGAUGCGUGCAUUUAUCAGUGGUGACUCUAGAUAACCUCGGGCCGAUCGCACGCCCCCCGUGGCGGCGAC
GACCCAUUCGAACGUC(OMU)GCCCUAUCAACUUUCGAUGGUAGUCGCCGUGCCUACCAUGGUGACCACGGG(PSU)GAC
GGGGAAUCAGGGUUCGAU(OMU)CCGGAGA(OMG)GGAGCCUGAGAAACGGCUACCACAU(OMC)CAAGG(A2M)AGGCA
GCAGGCGCGC(A2M)AAUUACCCACUCCCGACCCGGGGA(OMG)GUAGUGA(OMC)GAAAAAUAACAAUACAGGACUCUU
UCGAGGCCCUGUAAUUGGAAUGAGUCCACUUUAA(A2M)UCCUUUAACGAGGAUCCAUUGGAG(OMG)GCAAGUCUGGUG
CCAGCAGCCGCGG(OMU)AAUUCCAGCUCCAAUA(OMG)CGUA(PSU)A(PSU)UAAAGUUGCUGCAGUU(A2M)AAAAG
CUCGUAG(PSU)U(OMG)GA(PSU)CUUGGGAGCGGGCGUCCCCGCCCUCUCGGCCGGGGCCCGAAGCG(OMU)U(PSU)
ACUUUGAAAAAA(PSU)UAGAGUGUUCAAAGCAGGCCCGAGCCGCCUGGAUACCGCAGCUAGGAA(PSU)AA(PSU)
(OMG)GAAUAGGACCGCGGUUCUAUUUUGUUGGUUUUCGGAACUGAGGCCAUGAUUAAGAGGGACGGCCGGGGGCAUUCG
UAUUGCGCCGCUAGAGGUGAAAU(PSU)CUUGGACCGGCGCAAGACGGACCAGAGCGAAAGCAUU(PSU)GCCAAGAAUG
UUUUCAUUAAUCAAGA(A2M)CGAAAGUCGGAGG(PSU)(PSU)CGAAGACGA(PSU)CAGAUACCGUCGUAGUUCCGAC
CA(PSU)AAACGAUGCCGACCGGCGAUGCGGCGGCGUUAUUCCCAUGACCCGCCGGGCAGCUUCCGGGAAACCAAAGUCU
UUGGGUUCCGGGGGGAGUA(PSU)GG(PSU)UGCAAAGCUGAAACUUAAAGGAAUUGACGGAAGGGCACCACCAGGAGUG
GAGCC(PSU)GCGGCUUAAUU(PSU)GAC(B8N)CAACACGGGAAACCUCACCCGGC(OMC)CGGACACGGACAGGA
(OMU)UGACAGAUUGAUAGCUCUUUCUCGAUUCCGUGGGUGG(OMU)G(OMG)UGCAUGGC(4AC)GUUCUUAGUUGGUG
GAGCGAUUUGUCUGG(PSU)UAAUUCCGAUAACGA(A2M)CGAGACU(OMC)UGGCAUGCUAACUAGUUACGCGACCCCC
GAGCGGUCGGCGUCCCCCAACU(OMU)CUUAGAGGGACAAGUGGCGUUCAGCCACCCGAGAUUGAGCAAUAACA(OMG)G
UCUGUGAUGCCCUUAGAUGUCCGGGGCUGCACGCGCGCUACACUGACUGGCUCAGCGUGUGCCUACCCUACGCCGGCAGG
CGCGGGUAACCCGUUGAACCCCAUUCGUGAUGGGGAUCGGGGAUUGCAAUUAUUCCCCAUGAACGAG(G7M)AAUUCCCA
GUAAGUGCGGGUCAUAAGCUUGCGUUGAUUAAGUCCCUGCCCUUUGUACACACCG(OMC)CCGUCGCUACUACCGAUUGG
AUGGUUUAGUGAGGCCCUCGGAUCGGCCCCGCCGGGGUCGGCCCACGGCCCUGGCGGAGCGCUGAGAAGACGGUCGAACU
UGACUAUCUAGAGGAAGUAAAAGUCGUA(6MZ)CAAGGUUUC(4AC)GUAGGUG(MA6)(MA6)CCUGCGGAAGGAUCAU
UA
;
S2
85 'polypeptide(L)' IMNQEKLAKLQAQVRIGGKGTARRKKKVVHR CI
#
loop_
_chem_comp.id
_chem_comp.type
_chem_comp.name
_chem_comp.formula
1MA RNA linking 6-HYDRO-1-METHYLADENOSINE-5'-MONOPHOSPHATE 'C11 H16 N5 O7 P'
3HE non-polymer 4-{(2R)-2-[(1S,3S,5S)-3,5-dimethyl-2-oxocyclohexyl]-2-hydroxyethyl}piperidine-2,6-dione 'C15 H23 N O4'
4AC RNA linking N(4)-ACETYLCYTIDINE-5'-MONOPHOSPHATE 'C11 H16 N3 O9 P'
5MC RNA linking 5-METHYLCYTIDINE-5'-MONOPHOSPHATE 'C10 H16 N3 O8 P'
6MZ RNA linking N6-METHYLADENOSINE-5'-MONOPHOSPHATE 'C11 H16 N5 O7 P'
A RNA linking ADENOSINE-5'-MONOPHOSPHATE 'C10 H14 N5 O7 P'
A2M RNA linking '2'-O-methyladenosine 5'-(dihydrogen phosphate)' 'C11 H16 N5 O7 P'
B8N RNA linking '(2~{R})-2-azanyl-4-[5-[(2~{S},3~{R},4~{S},5~{R})-3,4-bis(oxidanyl)-5-(phosphonooxymethyl)oxolan-2-yl]-3-methyl-2,6-bis(oxidanylidene)pyrimidin-1-yl]butanoic acid' 'C14 H22 N3 O11 P'
C RNA linking CYTIDINE-5'-MONOPHOSPHATE 'C9 H14 N3 O8 P'
G RNA linking GUANOSINE-5'-MONOPHOSPHATE 'C10 H14 N5 O8 P'
G7M RNA linking N7-METHYL-GUANOSINE-5'-MONOPHOSPHATE 'C11 H17 N5 O8 P 1'
HMT non-polymer (3beta)-O~3~-[(2R)-2,6-dihydroxy-2-(2-methoxy-2-oxoethyl)-6-methylheptanoyl]cephalotaxine 'C29 H39 N O9'
MA6 RNA linking 6N-DIMETHYLADENOSINE-5'-MONOPHOSHATE 'C12 H18 N5 O7 P'
MG non-polymer 'MAGNESIUM ION' 'Mg 2'
OMC RNA linking O2'-METHYLYCYTIDINE-5'-MONOPHOSPHATE 'C10 H16 N3 O8 P'
OMG RNA linking O2'-METHYLGUANOSINE-5'-MONOPHOSPHATE 'C11 H16 N5 O8 P'
OMU RNA linking 'O2'-METHYLURIDINE 5'-MONOPHOSPHATE' 'C10 H15 N2 O9 P'
PSU RNA linking PSEUDOURIDINE-5'-MONOPHOSPHATE 'C9 H13 N2 O9 P'
SPD non-polymer SPERMIDINE 'C7 H19 N3'
SPM non-polymer SPERMINE 'C10 H26 N4'
U RNA linking URIDINE-5'-MONOPHOSPHATE 'C9 H13 N2 O9 P'
UR3 RNA linking 3-METHYLURIDINE-5'-MONOPHOSHATE 'C10 H15 N2 O9 P'
UY1 RNA linking 2'-O-methylpseudouridine-5'-monophosphate 'C10 H15 N2 O9 P'
ZN non-polymer 'ZINC ION' 'Zn 2'
#
# COMPACT_ATOMS: atom_id res chain seq x y z
CA GLU B 1 -78.38 32.76 56.70
C GLU B 1 -77.10 32.30 57.37
N LYS B 2 -76.09 32.03 56.54
CA LYS B 2 -74.81 31.51 57.01
C LYS B 2 -73.69 32.25 56.32
N THR B 3 -72.71 32.72 57.08
CA THR B 3 -71.66 33.59 56.57
C THR B 3 -70.39 32.79 56.31
N HIS B 4 -69.73 33.09 55.19
CA HIS B 4 -68.51 32.42 54.79
C HIS B 4 -67.32 33.34 54.97
N ILE B 5 -66.33 32.88 55.74
CA ILE B 5 -65.11 33.62 56.01
C ILE B 5 -63.92 32.74 55.68
N ASN B 6 -62.98 33.29 54.91
CA ASN B 6 -61.78 32.55 54.52
C ASN B 6 -60.74 32.68 55.63
N ILE B 7 -60.16 31.55 56.01
CA ILE B 7 -59.16 31.50 57.07
C ILE B 7 -57.82 31.11 56.43
N VAL B 8 -56.75 31.77 56.86
CA VAL B 8 -55.41 31.42 56.40
C VAL B 8 -54.52 31.15 57.61
N VAL B 9 -53.53 30.29 57.41
CA VAL B 9 -52.59 29.90 58.45
C VAL B 9 -51.23 30.45 58.06
N ILE B 10 -50.58 31.16 58.99
CA ILE B 10 -49.25 31.70 58.78
C ILE B 10 -48.34 31.28 59.93
N GLY B 11 -47.12 30.87 59.58
CA GLY B 11 -46.16 30.39 60.55
C GLY B 11 -44.79 30.16 59.96
N HIS B 12 -44.02 29.24 60.54
CA HIS B 12 -42.66 28.97 60.13
C HIS B 12 -42.57 27.62 59.42
N VAL B 13 -41.35 27.31 58.97
CA VAL B 13 -41.07 25.99 58.41
C VAL B 13 -41.04 24.97 59.53
N ASP B 14 -41.76 23.86 59.34
CA ASP B 14 -41.93 22.81 60.37
C ASP B 14 -42.46 23.40 61.67
N SER B 15 -43.41 24.32 61.57
CA SER B 15 -43.95 25.02 62.73
C SER B 15 -45.24 24.41 63.24
N GLY B 16 -45.58 23.20 62.81
CA GLY B 16 -46.90 22.70 63.07
C GLY B 16 -47.97 23.44 62.32
N LYS B 17 -47.59 24.17 61.26
CA LYS B 17 -48.53 24.98 60.50
C LYS B 17 -49.63 24.12 59.92
N SER B 18 -49.29 22.95 59.43
CA SER B 18 -50.25 22.03 58.84
C SER B 18 -50.66 20.94 59.82
N THR B 19 -49.82 20.64 60.82
CA THR B 19 -50.13 19.55 61.75
C THR B 19 -51.36 19.86 62.58
N THR B 20 -51.39 21.03 63.23
CA THR B 20 -52.51 21.31 64.12
C THR B 20 -53.77 21.65 63.34
N THR B 21 -53.65 22.20 62.13
CA THR B 21 -54.85 22.39 61.33
C THR B 21 -55.36 21.09 60.74
N GLY B 22 -54.49 20.09 60.55
CA GLY B 22 -54.98 18.76 60.23
C GLY B 22 -55.71 18.14 61.41
N HIS B 23 -55.19 18.31 62.62
CA HIS B 23 -55.95 17.95 63.81
C HIS B 23 -57.32 18.63 63.81
N LEU B 24 -57.34 19.91 63.46
CA LEU B 24 -58.58 20.67 63.49
C LEU B 24 -59.58 20.16 62.46
N ILE B 25 -59.11 19.89 61.24
CA ILE B 25 -60.01 19.41 60.20
C ILE B 25 -60.47 18.00 60.50
N TYR B 26 -59.64 17.20 61.17
CA TYR B 26 -60.04 15.86 61.55
C TYR B 26 -61.07 15.88 62.66
N LYS B 27 -60.94 16.80 63.62
CA LYS B 27 -61.86 16.82 64.75
C LYS B 27 -63.13 17.59 64.46
N CYS B 28 -63.11 18.52 63.49
CA CYS B 28 -64.31 19.28 63.18
C CYS B 28 -65.22 18.56 62.19
N GLY B 29 -64.74 17.52 61.54
CA GLY B 29 -65.59 16.74 60.65
C GLY B 29 -65.21 16.83 59.18
N GLY B 30 -63.94 17.07 58.90
CA GLY B 30 -63.49 17.12 57.52
C GLY B 30 -63.13 15.76 56.97
N ILE B 31 -62.28 15.04 57.70
CA ILE B 31 -61.84 13.71 57.29
C ILE B 31 -62.27 12.70 58.34
N ASP B 32 -62.05 11.42 58.07
CA ASP B 32 -62.45 10.35 58.97
C ASP B 32 -61.23 9.70 59.59
N LYS B 33 -61.51 8.65 60.38
CA LYS B 33 -60.44 7.82 60.93
C LYS B 33 -59.73 7.04 59.84
N ARG B 34 -60.45 6.50 58.87
CA ARG B 34 -59.81 5.67 57.85
C ARG B 34 -58.85 6.48 57.00
N THR B 35 -59.26 7.69 56.61
CA THR B 35 -58.38 8.55 55.83
C THR B 35 -57.12 8.90 56.62
N ILE B 36 -57.28 9.23 57.89
CA ILE B 36 -56.14 9.65 58.69
C ILE B 36 -55.23 8.46 58.98
N GLU B 37 -55.80 7.25 59.09
CA GLU B 37 -54.97 6.07 59.28
C GLU B 37 -54.25 5.69 58.00
N LYS B 38 -54.87 5.91 56.85
CA LYS B 38 -54.16 5.71 55.59
C LYS B 38 -53.01 6.70 55.45
N PHE B 39 -53.23 7.95 55.88
CA PHE B 39 -52.12 8.91 55.95
C PHE B 39 -51.03 8.43 56.88
N GLU B 40 -51.41 7.86 58.03
CA GLU B 40 -50.42 7.34 58.97
C GLU B 40 -49.59 6.22 58.34
N LYS B 41 -50.27 5.26 57.69
CA LYS B 41 -49.54 4.17 57.06
C LYS B 41 -48.69 4.64 55.89
N GLU B 42 -49.12 5.70 55.21
CA GLU B 42 -48.30 6.29 54.15
C GLU B 42 -47.08 7.00 54.71
N ALA B 43 -47.20 7.56 55.91
CA ALA B 43 -46.06 8.20 56.55
C ALA B 43 -45.15 7.20 57.26
N ALA B 44 -45.64 5.97 57.47
CA ALA B 44 -44.88 4.99 58.24
C ALA B 44 -43.60 4.57 57.51
N GLU B 45 -43.65 4.47 56.18
CA GLU B 45 -42.52 3.91 55.44
C GLU B 45 -41.26 4.77 55.58
N MET B 46 -41.31 6.01 55.10
CA MET B 46 -40.14 6.87 55.15
C MET B 46 -40.04 7.66 56.45
N GLY B 47 -40.82 7.30 57.46
CA GLY B 47 -40.61 7.78 58.80
C GLY B 47 -41.12 9.15 59.12
N LYS B 48 -41.89 9.78 58.24
CA LYS B 48 -42.43 11.11 58.52
C LYS B 48 -43.84 10.99 59.12
N GLY B 49 -43.93 10.15 60.16
CA GLY B 49 -45.19 9.96 60.84
C GLY B 49 -45.60 11.14 61.70
N SER B 50 -44.66 12.03 62.02
CA SER B 50 -44.96 13.20 62.83
C SER B 50 -45.82 14.22 62.08
N PHE B 51 -45.83 14.18 60.74
CA PHE B 51 -46.63 15.10 59.94
C PHE B 51 -47.78 14.41 59.23
N LYS B 52 -48.32 13.33 59.80
CA LYS B 52 -49.43 12.65 59.14
C LYS B 52 -50.67 13.54 59.11
N TYR B 53 -50.84 14.41 60.10
CA TYR B 53 -51.92 15.39 60.08
C TYR B 53 -51.64 16.53 59.12
N ALA B 54 -50.38 16.70 58.70
CA ALA B 54 -50.05 17.73 57.73
C ALA B 54 -50.45 17.34 56.32
N TRP B 55 -50.47 16.04 56.01
CA TRP B 55 -50.66 15.61 54.63
C TRP B 55 -52.09 15.75 54.14
N VAL B 56 -53.06 15.97 55.01
CA VAL B 56 -54.37 16.41 54.55
C VAL B 56 -54.24 17.75 53.84
N LEU B 57 -53.50 18.68 54.45
CA LEU B 57 -53.27 19.98 53.85
C LEU B 57 -52.20 19.90 52.77
N ASP B 58 -51.33 18.91 52.84
CA ASP B 58 -50.24 18.74 51.87
C ASP B 58 -50.70 17.80 50.75
N LYS B 59 -51.31 18.39 49.72
CA LYS B 59 -51.79 17.58 48.60
C LYS B 59 -50.64 17.10 47.73
N LEU B 60 -49.52 17.81 47.75
CA LEU B 60 -48.41 17.51 46.85
C LEU B 60 -47.62 16.32 47.37
N LYS B 61 -47.18 15.46 46.46
CA LYS B 61 -46.32 14.34 46.85
C LYS B 61 -44.92 14.83 47.18
N ALA B 62 -44.42 15.82 46.44
CA ALA B 62 -43.15 16.44 46.78
C ALA B 62 -43.21 17.11 48.15
N GLU B 63 -44.37 17.69 48.49
CA GLU B 63 -44.59 18.18 49.84
C GLU B 63 -44.48 17.05 50.85
N ARG B 64 -45.05 15.90 50.54
CA ARG B 64 -45.05 14.78 51.47
C ARG B 64 -43.65 14.26 51.70
N GLU B 65 -42.84 14.15 50.64
CA GLU B 65 -41.48 13.64 50.80
C GLU B 65 -40.56 14.68 51.42
N ARG B 66 -40.74 15.96 51.08
CA ARG B 66 -39.84 17.02 51.54
C ARG B 66 -40.19 17.51 52.94
N GLY B 67 -41.36 17.16 53.46
CA GLY B 67 -41.73 17.52 54.81
C GLY B 67 -42.10 18.96 55.01
N ILE B 68 -42.25 19.73 53.93
CA ILE B 68 -42.54 21.15 54.01
C ILE B 68 -43.67 21.47 53.05
N THR B 69 -44.35 22.58 53.32
CA THR B 69 -45.42 23.07 52.45
C THR B 69 -44.79 23.92 51.35
N ILE B 70 -45.07 23.58 50.10
CA ILE B 70 -44.54 24.33 48.96
C ILE B 70 -45.51 25.37 48.47
N ASP B 71 -46.80 25.02 48.43
CA ASP B 71 -47.84 25.92 47.95
C ASP B 71 -49.07 25.81 48.84
N ILE B 72 -49.94 26.81 48.71
CA ILE B 72 -51.16 26.84 49.49
C ILE B 72 -52.12 25.75 49.03
N SER B 73 -53.16 25.52 49.83
CA SER B 73 -54.21 24.59 49.50
C SER B 73 -55.48 25.01 50.21
N LEU B 74 -56.62 24.51 49.73
CA LEU B 74 -57.93 24.89 50.24
C LEU B 74 -58.60 23.70 50.89
N TRP B 75 -59.25 23.93 52.04
CA TRP B 75 -60.12 22.93 52.64
C TRP B 75 -61.27 23.65 53.33
N LYS B 76 -62.39 22.94 53.46
CA LYS B 76 -63.64 23.49 53.94
C LYS B 76 -64.09 22.74 55.18
N PHE B 77 -64.90 23.40 56.01
CA PHE B 77 -65.65 22.73 57.06
C PHE B 77 -66.75 23.66 57.55
N GLU B 78 -67.73 23.07 58.22
CA GLU B 78 -68.79 23.80 58.89
C GLU B 78 -68.51 23.84 60.38
N THR B 79 -68.50 25.04 60.94
CA THR B 79 -68.30 25.21 62.38
C THR B 79 -69.62 24.99 63.10
N SER B 80 -69.59 25.16 64.43
CA SER B 80 -70.81 25.06 65.22
C SER B 80 -71.70 26.28 65.05
N LYS B 81 -71.20 27.34 64.41
CA LYS B 81 -71.99 28.54 64.13
C LYS B 81 -72.12 28.84 62.65
N TYR B 82 -71.03 28.84 61.89
CA TYR B 82 -71.12 29.18 60.47
C TYR B 82 -70.11 28.36 59.67
N TYR B 83 -69.92 28.78 58.42
CA TYR B 83 -69.21 28.03 57.40
C TYR B 83 -67.94 28.77 57.00
N VAL B 84 -66.78 28.14 57.21
CA VAL B 84 -65.50 28.78 56.90
C VAL B 84 -64.58 27.78 56.21
N THR B 85 -63.57 28.33 55.54
CA THR B 85 -62.54 27.56 54.86
C THR B 85 -61.17 28.01 55.34
N ILE B 86 -60.20 27.09 55.28
CA ILE B 86 -58.87 27.32 55.79
C ILE B 86 -57.87 27.21 54.66
N ILE B 87 -56.87 28.09 54.66
CA ILE B 87 -55.78 28.08 53.69
C ILE B 87 -54.45 27.96 54.43
N ASP B 88 -53.68 26.94 54.07
CA ASP B 88 -52.34 26.79 54.59
C ASP B 88 -51.39 27.74 53.87
N ALA B 89 -50.15 27.76 54.33
CA ALA B 89 -49.09 28.51 53.70
C ALA B 89 -47.79 27.73 53.77
N PRO B 90 -46.87 27.99 52.83
CA PRO B 90 -45.51 27.42 53.00
C PRO B 90 -44.86 27.83 54.30
N GLY B 91 -45.08 29.08 54.73
CA GLY B 91 -44.40 29.59 55.91
C GLY B 91 -42.90 29.57 55.76
N HIS B 92 -42.42 29.67 54.52
CA HIS B 92 -41.03 29.42 54.19
C HIS B 92 -40.46 30.65 53.49
N ARG B 93 -39.17 30.91 53.76
CA ARG B 93 -38.51 32.06 53.17
C ARG B 93 -38.56 32.03 51.65
N ASP B 94 -38.31 30.87 51.05
CA ASP B 94 -38.28 30.75 49.60
C ASP B 94 -39.65 30.96 48.97
N PHE B 95 -40.72 30.66 49.70
CA PHE B 95 -42.06 30.65 49.12
C PHE B 95 -42.97 31.70 49.74
N ILE B 96 -42.46 32.91 49.94
CA ILE B 96 -43.30 34.02 50.39
C ILE B 96 -44.34 34.36 49.34
N LYS B 97 -43.95 34.31 48.06
CA LYS B 97 -44.88 34.61 46.98
C LYS B 97 -46.03 33.62 46.95
N ASN B 98 -45.75 32.34 47.21
CA ASN B 98 -46.80 31.33 47.17
C ASN B 98 -47.81 31.54 48.29
N MET B 99 -47.36 32.08 49.42
CA MET B 99 -48.27 32.24 50.55
C MET B 99 -48.98 33.58 50.54
N ILE B 100 -48.38 34.64 49.99
CA ILE B 100 -49.09 35.92 49.96
C ILE B 100 -50.23 35.85 48.97
N THR B 101 -50.18 34.90 48.03
CA THR B 101 -51.33 34.62 47.18
C THR B 101 -52.52 34.16 48.02
N GLY B 102 -52.31 33.20 48.91
CA GLY B 102 -53.39 32.72 49.75
C GLY B 102 -53.82 33.75 50.79
N THR B 103 -52.86 34.43 51.41
CA THR B 103 -53.20 35.38 52.45
C THR B 103 -53.79 36.66 51.87
N SER B 104 -53.59 36.91 50.57
CA SER B 104 -54.28 38.00 49.92
C SER B 104 -55.76 37.69 49.75
N GLN B 105 -56.08 36.45 49.40
CA GLN B 105 -57.46 36.04 49.22
C GLN B 105 -58.07 35.60 50.54
N ALA B 106 -57.92 36.42 51.58
CA ALA B 106 -58.28 36.03 52.94
C ALA B 106 -59.11 37.10 53.63
N ASP B 107 -59.98 36.64 54.54
CA ASP B 107 -60.69 37.52 55.46
C ASP B 107 -60.10 37.50 56.87
N CYS B 108 -59.44 36.42 57.26
CA CYS B 108 -58.88 36.31 58.61
C CYS B 108 -57.69 35.37 58.58
N ALA B 109 -56.89 35.41 59.63
CA ALA B 109 -55.64 34.67 59.71
C ALA B 109 -55.46 34.09 61.10
N VAL B 110 -54.60 33.07 61.17
CA VAL B 110 -54.15 32.50 62.44
C VAL B 110 -52.63 32.42 62.39
N LEU B 111 -51.98 32.72 63.51
CA LEU B 111 -50.53 32.81 63.57
C LEU B 111 -50.01 31.72 64.50
N ILE B 112 -49.00 30.99 64.05
CA ILE B 112 -48.47 29.82 64.75
C ILE B 112 -46.97 29.94 64.87
N VAL B 113 -46.46 29.85 66.09
CA VAL B 113 -45.04 29.77 66.37
C VAL B 113 -44.81 28.65 67.38
N ALA B 114 -43.82 27.80 67.13
CA ALA B 114 -43.49 26.72 68.04
C ALA B 114 -42.98 27.30 69.36
N ALA B 115 -43.61 26.90 70.47
CA ALA B 115 -43.32 27.50 71.76
C ALA B 115 -41.98 27.06 72.35
N GLY B 116 -41.32 26.06 71.77
CA GLY B 116 -40.12 25.52 72.36
C GLY B 116 -38.96 26.49 72.32
N VAL B 117 -37.94 26.17 73.10
CA VAL B 117 -36.72 26.97 73.16
C VAL B 117 -35.79 26.55 72.04
N GLY B 118 -35.24 27.52 71.32
CA GLY B 118 -34.47 27.26 70.13
C GLY B 118 -35.24 27.39 68.84
N GLU B 119 -36.56 27.51 68.90
CA GLU B 119 -37.39 27.76 67.73
C GLU B 119 -38.12 29.10 67.80
N PHE B 120 -38.68 29.45 68.97
CA PHE B 120 -39.33 30.73 69.11
C PHE B 120 -38.33 31.88 69.01
N GLU B 121 -37.12 31.68 69.56
CA GLU B 121 -36.08 32.70 69.45
C GLU B 121 -35.73 32.96 67.99
N ALA B 122 -35.52 31.90 67.20
CA ALA B 122 -35.35 32.09 65.78
C ALA B 122 -36.67 32.45 65.11
N GLY B 123 -37.79 32.15 65.78
CA GLY B 123 -39.08 32.51 65.24
C GLY B 123 -39.31 33.99 65.16
N ILE B 124 -38.91 34.72 66.20
CA ILE B 124 -39.05 36.16 66.25
C ILE B 124 -37.65 36.78 66.34
N SER B 125 -37.23 37.40 65.24
CA SER B 125 -35.89 37.98 65.11
C SER B 125 -35.91 38.86 63.87
N LYS B 126 -34.72 39.33 63.48
CA LYS B 126 -34.59 40.02 62.21
C LYS B 126 -34.80 39.05 61.05
N ASN B 127 -34.23 37.84 61.16
CA ASN B 127 -34.44 36.80 60.15
C ASN B 127 -35.64 35.93 60.46
N GLY B 128 -36.28 36.12 61.61
CA GLY B 128 -37.52 35.42 61.88
C GLY B 128 -38.63 35.81 60.92
N GLN B 129 -39.20 34.81 60.28
CA GLN B 129 -40.24 35.03 59.28
C GLN B 129 -41.56 35.50 59.89
N THR B 130 -41.74 35.33 61.20
CA THR B 130 -43.01 35.67 61.85
C THR B 130 -43.29 37.17 61.76
N ARG B 131 -42.24 37.99 61.92
CA ARG B 131 -42.41 39.44 61.78
C ARG B 131 -42.86 39.79 60.38
N GLU B 132 -42.29 39.12 59.38
CA GLU B 132 -42.70 39.33 58.00
C GLU B 132 -44.16 38.94 57.79
N HIS B 133 -44.57 37.80 58.35
CA HIS B 133 -45.96 37.34 58.22
C HIS B 133 -46.92 38.35 58.85
N ALA B 134 -46.63 38.79 60.08
CA ALA B 134 -47.53 39.72 60.75
C ALA B 134 -47.57 41.06 60.06
N LEU B 135 -46.45 41.47 59.45
CA LEU B 135 -46.43 42.70 58.68
C LEU B 135 -47.28 42.59 57.42
N LEU B 136 -47.09 41.51 56.66
CA LEU B 136 -47.83 41.36 55.41
C LEU B 136 -49.30 41.08 55.66
N ALA B 137 -49.65 40.54 56.83
CA ALA B 137 -51.05 40.32 57.16
C ALA B 137 -51.80 41.66 57.21
N TYR B 138 -51.25 42.64 57.92
CA TYR B 138 -51.86 43.96 57.92
C TYR B 138 -51.70 44.63 56.56
N THR B 139 -50.59 44.39 55.86
CA THR B 139 -50.36 45.03 54.57
C THR B 139 -51.43 44.64 53.56
N LEU B 140 -51.76 43.35 53.49
CA LEU B 140 -52.73 42.87 52.52
C LEU B 140 -54.16 43.21 52.88
N GLY B 141 -54.44 43.50 54.15
CA GLY B 141 -55.79 43.85 54.53
C GLY B 141 -56.48 42.82 55.40
N VAL B 142 -55.72 42.12 56.23
CA VAL B 142 -56.30 41.20 57.20
C VAL B 142 -56.53 42.02 58.47
N LYS B 143 -57.73 42.57 58.62
CA LYS B 143 -58.03 43.47 59.71
C LYS B 143 -58.00 42.75 61.06
N GLN B 144 -58.68 41.61 61.17
CA GLN B 144 -58.70 40.85 62.40
C GLN B 144 -58.02 39.51 62.18
N LEU B 145 -57.44 38.98 63.25
CA LEU B 145 -56.76 37.69 63.20
C LEU B 145 -56.68 37.13 64.61
N ILE B 146 -56.15 35.92 64.72
CA ILE B 146 -55.87 35.29 65.99
C ILE B 146 -54.46 34.71 65.95
N VAL B 147 -53.96 34.34 67.11
CA VAL B 147 -52.69 33.64 67.24
C VAL B 147 -52.90 32.39 68.07
N GLY B 148 -52.36 31.27 67.59
CA GLY B 148 -52.41 30.03 68.33
C GLY B 148 -51.04 29.42 68.43
N VAL B 149 -50.52 29.32 69.65
CA VAL B 149 -49.15 28.85 69.84
C VAL B 149 -49.14 27.33 69.98
N ASN B 150 -48.17 26.70 69.33
CA ASN B 150 -48.09 25.24 69.23
C ASN B 150 -46.81 24.74 69.87
N LYS B 151 -46.86 23.47 70.30
CA LYS B 151 -45.71 22.73 70.83
C LYS B 151 -45.21 23.33 72.14
N MET B 152 -46.13 23.56 73.06
CA MET B 152 -45.75 23.81 74.45
C MET B 152 -45.62 22.53 75.24
N ASP B 153 -46.23 21.43 74.75
CA ASP B 153 -46.01 20.13 75.34
C ASP B 153 -44.60 19.62 75.13
N SER B 154 -43.86 20.21 74.19
CA SER B 154 -42.45 19.92 74.00
C SER B 154 -41.55 20.80 74.85
N THR B 155 -42.11 21.75 75.59
CA THR B 155 -41.32 22.56 76.50
C THR B 155 -41.03 21.77 77.78
N GLU B 156 -40.11 22.30 78.58
CA GLU B 156 -39.79 21.70 79.88
C GLU B 156 -40.11 22.68 81.00
N PRO B 157 -41.12 22.40 81.84
CA PRO B 157 -42.06 21.28 81.74
C PRO B 157 -43.06 21.54 80.62
N PRO B 158 -43.68 20.49 80.08
CA PRO B 158 -44.74 20.69 79.08
C PRO B 158 -45.90 21.47 79.67
N TYR B 159 -46.50 22.32 78.83
CA TYR B 159 -47.59 23.21 79.22
C TYR B 159 -47.16 24.14 80.35
N SEP B 160 -46.41 25.18 80.01
CA SEP B 160 -45.83 26.05 81.02
CB SEP B 160 -44.33 26.19 80.79
OG SEP B 160 -43.79 27.22 81.59
C SEP B 160 -46.47 27.44 81.05
O SEP B 160 -46.86 27.99 80.02
P SEP B 160 -43.01 26.55 82.82
O1P SEP B 160 -43.06 27.56 84.08
O2P SEP B 160 -41.47 26.31 82.40
O3P SEP B 160 -43.69 25.17 83.22
N GLN B 161 -46.56 28.01 82.26
CA GLN B 161 -47.02 29.38 82.43
C GLN B 161 -46.03 30.37 81.83
N LYS B 162 -44.84 30.43 82.41
CA LYS B 162 -43.93 31.55 82.16
C LYS B 162 -43.49 31.59 80.69
N ARG B 163 -43.28 30.44 80.06
CA ARG B 163 -42.97 30.41 78.64
C ARG B 163 -44.08 31.04 77.82
N TYR B 164 -45.32 30.62 78.08
CA TYR B 164 -46.47 31.19 77.38
C TYR B 164 -46.56 32.69 77.63
N GLU B 165 -46.36 33.12 78.88
CA GLU B 165 -46.46 34.53 79.21
C GLU B 165 -45.42 35.34 78.46
N GLU B 166 -44.16 34.88 78.47
CA GLU B 166 -43.10 35.65 77.83
C GLU B 166 -43.31 35.73 76.33
N ILE B 167 -43.73 34.62 75.69
CA ILE B 167 -43.91 34.67 74.25
C ILE B 167 -45.12 35.54 73.88
N VAL B 168 -46.21 35.45 74.66
CA VAL B 168 -47.38 36.26 74.31
C VAL B 168 -47.09 37.73 74.55
N LYS B 169 -46.31 38.08 75.58
CA LYS B 169 -46.04 39.49 75.80
C LYS B 169 -45.08 40.05 74.75
N GLU B 170 -44.09 39.25 74.33
CA GLU B 170 -43.20 39.72 73.26
C GLU B 170 -43.95 39.90 71.95
N VAL B 171 -44.79 38.93 71.57
CA VAL B 171 -45.51 39.09 70.31
C VAL B 171 -46.57 40.17 70.44
N SER B 172 -47.12 40.39 71.63
CA SER B 172 -48.10 41.46 71.82
C SER B 172 -47.46 42.82 71.67
N THR B 173 -46.26 43.01 72.22
CA THR B 173 -45.61 44.30 72.03
C THR B 173 -45.18 44.48 70.57
N TYR B 174 -44.78 43.41 69.89
CA TYR B 174 -44.49 43.54 68.46
C TYR B 174 -45.71 43.94 67.65
N ILE B 175 -46.85 43.27 67.88
CA ILE B 175 -48.05 43.60 67.11
C ILE B 175 -48.59 44.96 67.50
N LYS B 176 -48.38 45.38 68.75
CA LYS B 176 -48.74 46.73 69.15
C LYS B 176 -47.92 47.75 68.38
N LYS B 177 -46.63 47.46 68.18
CA LYS B 177 -45.83 48.35 67.35
C LYS B 177 -46.30 48.34 65.90
N ILE B 178 -46.61 47.16 65.36
CA ILE B 178 -46.95 47.08 63.95
C ILE B 178 -48.31 47.69 63.64
N GLY B 179 -49.16 47.88 64.65
CA GLY B 179 -50.47 48.47 64.43
C GLY B 179 -51.60 47.67 65.03
N TYR B 180 -51.45 46.36 65.11
CA TYR B 180 -52.50 45.51 65.65
C TYR B 180 -52.68 45.74 67.14
N ASN B 181 -53.91 45.50 67.61
CA ASN B 181 -54.22 45.65 69.02
C ASN B 181 -54.18 44.30 69.70
N PRO B 182 -53.30 44.10 70.69
CA PRO B 182 -53.20 42.78 71.34
C PRO B 182 -54.48 42.31 72.01
N ASP B 183 -55.30 43.22 72.55
CA ASP B 183 -56.52 42.79 73.25
C ASP B 183 -57.52 42.20 72.26
N THR B 184 -57.65 42.81 71.08
CA THR B 184 -58.62 42.32 70.11
C THR B 184 -58.25 40.93 69.61
N VAL B 185 -56.97 40.71 69.31
CA VAL B 185 -56.52 39.40 68.86
C VAL B 185 -56.52 38.43 70.03
N ALA B 186 -57.02 37.23 69.78
CA ALA B 186 -57.10 36.19 70.81
C ALA B 186 -55.80 35.39 70.87
N PHE B 187 -55.49 34.88 72.06
CA PHE B 187 -54.26 34.12 72.30
C PHE B 187 -54.64 32.74 72.79
N VAL B 188 -54.27 31.72 72.02
CA VAL B 188 -54.73 30.35 72.29
C VAL B 188 -53.53 29.42 72.41
N PRO B 189 -53.37 28.72 73.54
CA PRO B 189 -52.36 27.66 73.60
C PRO B 189 -52.91 26.32 73.14
N ILE B 190 -52.28 25.74 72.11
CA ILE B 190 -52.73 24.47 71.54
C ILE B 190 -51.55 23.52 71.44
N SER B 191 -51.76 22.27 71.85
CA SER B 191 -50.78 21.21 71.67
C SER B 191 -51.17 20.45 70.41
N GLY B 192 -50.46 20.73 69.32
CA GLY B 192 -50.82 20.15 68.05
C GLY B 192 -50.60 18.66 67.97
N TRP B 193 -49.32 18.25 67.99
CA TRP B 193 -48.97 16.86 67.71
C TRP B 193 -49.61 15.90 68.71
N ASN B 194 -49.73 16.30 69.98
CA ASN B 194 -50.48 15.50 70.94
C ASN B 194 -51.99 15.67 70.77
N GLY B 195 -52.44 16.82 70.29
CA GLY B 195 -53.86 17.02 70.06
C GLY B 195 -54.67 17.52 71.24
N ASP B 196 -54.31 18.71 71.75
CA ASP B 196 -55.01 19.31 72.88
C ASP B 196 -55.60 20.66 72.48
N ASN B 197 -56.78 20.94 73.03
CA ASN B 197 -57.43 22.26 72.96
C ASN B 197 -57.75 22.67 71.52
N MET B 198 -58.60 21.87 70.88
CA MET B 198 -59.25 22.29 69.65
C MET B 198 -60.77 22.37 69.79
N LEU B 199 -61.40 21.33 70.31
CA LEU B 199 -62.85 21.31 70.50
C LEU B 199 -63.24 21.51 71.95
N GLU B 200 -62.50 20.90 72.88
CA GLU B 200 -62.80 20.92 74.30
C GLU B 200 -61.61 21.43 75.08
N PRO B 201 -61.83 21.97 76.29
CA PRO B 201 -60.68 22.32 77.13
C PRO B 201 -59.93 21.07 77.56
N SER B 202 -58.75 20.88 77.00
CA SER B 202 -57.95 19.71 77.36
C SER B 202 -57.52 19.80 78.81
N ALA B 203 -58.02 18.87 79.62
CA ALA B 203 -57.82 18.93 81.07
C ALA B 203 -56.38 18.72 81.49
N ASN B 204 -55.52 18.28 80.56
CA ASN B 204 -54.12 18.00 80.91
C ASN B 204 -53.40 19.24 81.40
N MET B 205 -53.65 20.39 80.80
CA MET B 205 -53.06 21.65 81.26
C MET B 205 -54.12 22.49 81.96
N PRO B 206 -54.02 22.69 83.28
CA PRO B 206 -55.02 23.50 84.00
C PRO B 206 -54.63 24.95 84.25
N TRP B 207 -53.38 25.33 83.98
CA TRP B 207 -52.85 26.60 84.44
C TRP B 207 -53.34 27.78 83.62
N PHE B 208 -53.92 27.54 82.46
CA PHE B 208 -54.48 28.60 81.62
C PHE B 208 -56.00 28.60 81.79
N LYS B 209 -56.55 29.78 82.10
CA LYS B 209 -57.96 29.91 82.42
C LYS B 209 -58.79 30.50 81.28
N GLY B 210 -58.21 30.65 80.10
CA GLY B 210 -58.92 31.23 78.99
C GLY B 210 -58.44 32.62 78.65
N TRP B 211 -58.95 33.15 77.55
CA TRP B 211 -58.65 34.49 77.08
C TRP B 211 -59.93 35.30 76.93
N LYS B 212 -59.78 36.62 77.07
CA LYS B 212 -60.86 37.57 76.88
C LYS B 212 -60.43 38.61 75.85
N VAL B 213 -61.29 38.86 74.86
CA VAL B 213 -61.03 39.83 73.81
C VAL B 213 -62.17 40.85 73.82
N THR B 214 -61.83 42.12 73.64
CA THR B 214 -62.80 43.20 73.54
C THR B 214 -62.56 43.97 72.25
N ARG B 215 -63.61 44.10 71.45
CA ARG B 215 -63.52 44.68 70.12
C ARG B 215 -64.69 45.65 69.97
N LYS B 216 -64.62 46.49 68.93
CA LYS B 216 -65.66 47.50 68.74
C LYS B 216 -67.04 46.88 68.51
N ASP B 217 -67.09 45.62 68.05
CA ASP B 217 -68.38 44.96 67.84
C ASP B 217 -68.99 44.49 69.17
N GLY B 218 -68.15 44.04 70.10
CA GLY B 218 -68.66 43.52 71.35
C GLY B 218 -67.56 42.84 72.13
N ASN B 219 -67.99 41.91 72.98
CA ASN B 219 -67.10 41.15 73.85
C ASN B 219 -67.35 39.65 73.66
N ALA B 220 -66.28 38.87 73.80
CA ALA B 220 -66.38 37.42 73.70
C ALA B 220 -65.32 36.78 74.56
N SER B 221 -65.61 35.55 74.98
CA SER B 221 -64.71 34.76 75.81
C SER B 221 -64.57 33.37 75.21
N GLY B 222 -63.37 32.80 75.30
CA GLY B 222 -63.14 31.49 74.71
C GLY B 222 -62.10 30.65 75.40
N THR B 223 -62.28 29.33 75.34
CA THR B 223 -61.29 28.37 75.84
C THR B 223 -60.78 27.41 74.78
N THR B 224 -61.33 27.43 73.56
CA THR B 224 -60.88 26.56 72.49
C THR B 224 -60.73 27.37 71.21
N LEU B 225 -60.21 26.72 70.17
CA LEU B 225 -60.08 27.36 68.88
C LEU B 225 -61.44 27.72 68.29
N LEU B 226 -62.41 26.80 68.39
CA LEU B 226 -63.70 27.01 67.76
C LEU B 226 -64.45 28.20 68.38
N GLU B 227 -64.47 28.28 69.71
CA GLU B 227 -65.13 29.40 70.36
C GLU B 227 -64.43 30.71 70.04
N ALA B 228 -63.13 30.65 69.74
CA ALA B 228 -62.41 31.84 69.31
C ALA B 228 -62.82 32.25 67.90
N LEU B 229 -62.91 31.30 66.98
CA LEU B 229 -63.21 31.60 65.60
C LEU B 229 -64.71 31.73 65.32
N ASP B 230 -65.57 31.30 66.25
CA ASP B 230 -67.00 31.47 66.09
C ASP B 230 -67.48 32.85 66.53
N CYS B 231 -66.57 33.70 67.00
CA CYS B 231 -66.92 35.06 67.41
C CYS B 231 -66.03 36.08 66.70
N ILE B 232 -65.42 35.70 65.57
CA ILE B 232 -64.60 36.63 64.82
C ILE B 232 -65.47 37.71 64.19
N LEU B 233 -64.85 38.85 63.89
CA LEU B 233 -65.58 39.95 63.27
C LEU B 233 -65.93 39.57 61.83
N PRO B 234 -67.20 39.58 61.46
CA PRO B 234 -67.57 39.27 60.08
C PRO B 234 -67.22 40.43 59.16
N PRO B 235 -66.52 40.16 58.06
CA PRO B 235 -66.11 41.25 57.18
C PRO B 235 -67.28 41.80 56.40
N THR B 236 -67.15 43.05 55.99
CA THR B 236 -68.16 43.66 55.14
C THR B 236 -68.09 43.07 53.73
N ARG B 237 -69.21 43.19 53.02
CA ARG B 237 -69.32 42.67 51.66
C ARG B 237 -69.64 43.81 50.70
N PRO B 238 -68.64 44.33 49.98
CA PRO B 238 -68.92 45.38 48.97
C PRO B 238 -69.54 44.81 47.70
N THR B 239 -70.73 44.21 47.87
CA THR B 239 -71.46 43.68 46.73
C THR B 239 -71.86 44.79 45.77
N ASP B 240 -72.31 45.93 46.31
CA ASP B 240 -72.62 47.08 45.47
C ASP B 240 -71.42 47.57 44.69
N LYS B 241 -70.22 47.38 45.22
CA LYS B 241 -69.01 47.70 44.48
C LYS B 241 -68.89 46.77 43.28
N PRO B 242 -68.52 47.29 42.10
CA PRO B 242 -68.55 46.47 40.88
C PRO B 242 -67.62 45.28 40.92
N LEU B 243 -67.88 44.33 40.03
CA LEU B 243 -67.27 43.01 40.09
C LEU B 243 -65.76 43.09 39.90
N ARG B 244 -65.03 42.39 40.76
CA ARG B 244 -63.60 42.18 40.62
C ARG B 244 -63.26 40.77 41.08
N LEU B 245 -62.40 40.09 40.33
CA LEU B 245 -62.05 38.71 40.63
C LEU B 245 -60.64 38.42 40.14
N PRO B 246 -59.63 38.65 40.99
CA PRO B 246 -58.30 38.11 40.70
C PRO B 246 -58.30 36.60 40.74
N LEU B 247 -57.44 36.00 39.92
CA LEU B 247 -57.42 34.57 39.71
C LEU B 247 -56.29 33.94 40.51
N GLN B 248 -56.64 33.03 41.43
CA GLN B 248 -55.62 32.32 42.20
C GLN B 248 -54.87 31.35 41.31
N ASP B 249 -55.58 30.54 40.52
CA ASP B 249 -54.98 29.61 39.59
C ASP B 249 -56.02 29.21 38.55
N VAL B 250 -55.55 28.59 37.48
CA VAL B 250 -56.42 28.13 36.39
C VAL B 250 -56.28 26.63 36.27
N TYR B 251 -57.38 25.91 36.34
CA TYR B 251 -57.39 24.46 36.20
C TYR B 251 -58.09 24.04 34.92
N LYS B 252 -57.57 22.97 34.32
CA LYS B 252 -58.09 22.40 33.09
C LYS B 252 -58.81 21.10 33.46
N ILE B 253 -60.13 21.18 33.57
CA ILE B 253 -60.92 20.05 34.03
C ILE B 253 -61.52 19.32 32.84
N GLY B 254 -61.38 18.00 32.81
CA GLY B 254 -61.91 17.19 31.74
C GLY B 254 -63.42 17.19 31.64
N GLY B 255 -63.94 17.49 30.44
CA GLY B 255 -65.35 17.45 30.16
C GLY B 255 -66.02 18.80 30.28
N ILE B 256 -65.48 19.69 31.12
CA ILE B 256 -65.94 21.06 31.18
C ILE B 256 -64.91 22.05 30.65
N GLY B 257 -63.63 21.72 30.71
CA GLY B 257 -62.62 22.60 30.16
C GLY B 257 -61.90 23.40 31.22
N THR B 258 -61.69 24.68 30.93
CA THR B 258 -60.90 25.56 31.77
C THR B 258 -61.79 26.22 32.82
N VAL B 259 -61.39 26.10 34.08
CA VAL B 259 -62.07 26.73 35.20
C VAL B 259 -61.07 27.61 35.92
N PRO B 260 -61.04 28.91 35.60
CA PRO B 260 -60.24 29.84 36.41
C PRO B 260 -60.77 29.88 37.84
N VAL B 261 -59.84 30.03 38.78
CA VAL B 261 -60.16 29.99 40.20
C VAL B 261 -59.52 31.21 40.87
N GLY B 262 -60.32 31.90 41.67
CA GLY B 262 -59.85 33.05 42.43
C GLY B 262 -60.80 33.31 43.56
N ARG B 263 -60.59 34.43 44.25
CA ARG B 263 -61.45 34.83 45.35
C ARG B 263 -62.26 36.06 44.93
N VAL B 264 -63.58 35.98 45.09
CA VAL B 264 -64.44 37.08 44.71
C VAL B 264 -64.19 38.26 45.64
N GLU B 265 -63.65 39.35 45.09
CA GLU B 265 -63.34 40.53 45.89
C GLU B 265 -64.56 41.40 46.10
N THR B 266 -65.15 41.90 45.02
CA THR B 266 -66.31 42.75 45.04
C THR B 266 -67.32 42.26 44.03
N GLY B 267 -68.59 42.57 44.28
CA GLY B 267 -69.64 42.25 43.35
C GLY B 267 -70.03 40.78 43.39
N VAL B 268 -71.08 40.46 42.64
CA VAL B 268 -71.65 39.12 42.61
C VAL B 268 -71.48 38.56 41.19
N LEU B 269 -70.86 37.39 41.11
CA LEU B 269 -70.66 36.69 39.84
C LEU B 269 -71.63 35.53 39.76
N LYS B 270 -72.31 35.41 38.62
CA LYS B 270 -73.25 34.33 38.39
C LYS B 270 -73.20 33.93 36.93
N PRO B 271 -73.51 32.68 36.61
CA PRO B 271 -73.55 32.28 35.19
C PRO B 271 -74.70 32.96 34.48
N GLY B 272 -74.37 33.68 33.41
CA GLY B 272 -75.38 34.39 32.65
C GLY B 272 -74.98 35.77 32.16
N MET B 273 -73.74 36.18 32.43
CA MET B 273 -73.21 37.37 31.79
C MET B 273 -71.76 37.13 31.38
N VAL B 274 -71.32 37.90 30.41
CA VAL B 274 -69.97 37.82 29.90
C VAL B 274 -69.00 38.51 30.86
N VAL B 275 -67.80 37.94 31.00
CA VAL B 275 -66.80 38.45 31.92
C VAL B 275 -65.53 38.77 31.13
N THR B 276 -64.74 39.70 31.69
CA THR B 276 -63.55 40.21 31.06
C THR B 276 -62.39 40.11 32.04
N PHE B 277 -61.23 39.69 31.54
CA PHE B 277 -60.01 39.62 32.34
C PHE B 277 -59.09 40.76 31.92
N ALA B 278 -58.76 41.63 32.89
CA ALA B 278 -58.05 42.89 32.64
C ALA B 278 -56.66 42.74 32.04
N PRO B 279 -55.77 41.87 32.55
CA PRO B 279 -54.41 41.85 32.01
C PRO B 279 -54.33 41.38 30.56
N VAL B 280 -55.30 40.59 30.10
CA VAL B 280 -55.31 40.14 28.72
C VAL B 280 -56.42 40.77 27.88
N ASN B 281 -57.39 41.43 28.52
CA ASN B 281 -58.43 42.21 27.83
C ASN B 281 -59.18 41.36 26.81
N VAL B 282 -59.55 40.16 27.21
CA VAL B 282 -60.31 39.26 26.36
C VAL B 282 -61.74 39.18 26.90
N THR B 283 -62.69 39.01 25.99
CA THR B 283 -64.08 38.86 26.37
C THR B 283 -64.42 37.38 26.44
N THR B 284 -65.15 36.99 27.48
CA THR B 284 -65.35 35.58 27.78
C THR B 284 -66.66 35.39 28.51
N GLU B 285 -67.52 34.54 27.98
CA GLU B 285 -68.76 34.23 28.66
C GLU B 285 -68.52 33.17 29.72
N VAL B 286 -68.98 33.43 30.94
CA VAL B 286 -68.84 32.45 32.00
C VAL B 286 -69.94 31.41 31.85
N LYS B 287 -69.59 30.16 32.11
CA LYS B 287 -70.52 29.04 31.95
C LYS B 287 -71.11 28.58 33.28
N SER B 288 -70.27 28.33 34.27
CA SER B 288 -70.74 27.87 35.57
C SER B 288 -69.78 28.35 36.64
N VAL B 289 -70.27 28.40 37.88
CA VAL B 289 -69.48 28.76 39.05
C VAL B 289 -69.74 27.71 40.13
N GLU B 290 -68.77 27.52 41.01
CA GLU B 290 -68.80 26.39 41.93
C GLU B 290 -67.95 26.68 43.15
N MET B 291 -68.52 26.52 44.34
CA MET B 291 -67.80 26.66 45.60
C MET B 291 -67.59 25.28 46.21
N HIS B 292 -66.31 24.89 46.33
CA HIS B 292 -65.92 23.69 47.07
C HIS B 292 -66.71 22.47 46.59
N HIS B 293 -66.73 22.29 45.27
CA HIS B 293 -67.42 21.19 44.62
C HIS B 293 -68.92 21.21 44.88
N GLU B 294 -69.45 22.40 45.20
CA GLU B 294 -70.87 22.60 45.38
C GLU B 294 -71.31 23.80 44.56
N ALA B 295 -72.25 23.58 43.65
CA ALA B 295 -72.68 24.65 42.75
C ALA B 295 -73.45 25.72 43.51
N LEU B 296 -73.25 26.97 43.09
CA LEU B 296 -74.02 28.09 43.60
C LEU B 296 -74.61 28.86 42.43
N SER B 297 -75.73 29.53 42.70
CA SER B 297 -76.31 30.43 41.71
C SER B 297 -75.65 31.79 41.68
N GLU B 298 -74.82 32.10 42.67
CA GLU B 298 -74.14 33.39 42.76
C GLU B 298 -72.78 33.21 43.41
N ALA B 299 -71.95 34.23 43.28
CA ALA B 299 -70.65 34.28 43.93
C ALA B 299 -70.53 35.60 44.69
N LEU B 300 -70.88 35.55 45.98
CA LEU B 300 -70.78 36.73 46.82
C LEU B 300 -69.32 37.11 47.05
N PRO B 301 -69.04 38.37 47.39
CA PRO B 301 -67.66 38.77 47.64
C PRO B 301 -67.06 38.01 48.83
N GLY B 302 -65.74 37.85 48.80
CA GLY B 302 -65.06 37.12 49.83
C GLY B 302 -65.10 35.61 49.67
N ASP B 303 -65.69 35.11 48.60
CA ASP B 303 -65.89 33.67 48.40
C ASP B 303 -64.85 33.16 47.42
N ASN B 304 -64.09 32.16 47.84
CA ASN B 304 -63.06 31.55 47.00
C ASN B 304 -63.70 30.45 46.17
N VAL B 305 -64.21 30.82 44.99
CA VAL B 305 -64.95 29.89 44.14
C VAL B 305 -64.23 29.75 42.81
N GLY B 306 -64.45 28.60 42.18
CA GLY B 306 -63.93 28.32 40.85
C GLY B 306 -65.07 28.33 39.84
N PHE B 307 -64.88 29.07 38.76
CA PHE B 307 -65.94 29.32 37.79
C PHE B 307 -65.52 28.82 36.43
N ASN B 308 -66.41 28.06 35.77
CA ASN B 308 -66.12 27.55 34.45
C ASN B 308 -66.57 28.56 33.40
N VAL B 309 -65.75 28.72 32.37
CA VAL B 309 -66.02 29.62 31.26
C VAL B 309 -65.88 28.84 29.96
N LYS B 310 -66.24 29.50 28.86
CA LYS B 310 -66.28 28.85 27.56
C LYS B 310 -65.26 29.46 26.60
N ASN B 311 -65.06 28.74 25.50
CA ASN B 311 -64.20 29.03 24.34
C ASN B 311 -62.94 29.80 24.70
N VAL B 312 -62.23 29.36 25.73
CA VAL B 312 -60.92 29.89 26.09
C VAL B 312 -60.03 28.74 26.53
N SER B 313 -58.73 28.99 26.54
CA SER B 313 -57.75 27.99 26.97
C SER B 313 -56.96 28.51 28.15
N VAL B 314 -56.21 27.59 28.78
CA VAL B 314 -55.45 27.92 29.98
C VAL B 314 -54.33 28.91 29.69
N LYS B 315 -53.79 28.90 28.47
CA LYS B 315 -52.68 29.79 28.16
C LYS B 315 -53.13 31.23 27.99
N ASP B 316 -54.41 31.45 27.66
CA ASP B 316 -54.87 32.81 27.38
C ASP B 316 -54.90 33.66 28.66
N VAL B 317 -55.53 33.16 29.71
CA VAL B 317 -55.62 33.86 30.97
C VAL B 317 -54.89 33.05 32.03
N ARG B 318 -53.89 33.64 32.65
CA ARG B 318 -52.96 32.94 33.52
C ARG B 318 -53.09 33.47 34.94
N ARG B 319 -52.21 32.99 35.81
CA ARG B 319 -52.28 33.31 37.23
C ARG B 319 -52.07 34.80 37.46
N GLY B 320 -52.76 35.33 38.47
CA GLY B 320 -52.64 36.72 38.85
C GLY B 320 -53.55 37.65 38.11
N ASN B 321 -54.25 37.17 37.09
CA ASN B 321 -55.14 38.03 36.33
C ASN B 321 -56.43 38.27 37.09
N VAL B 322 -57.06 39.42 36.84
CA VAL B 322 -58.27 39.82 37.53
C VAL B 322 -59.43 39.85 36.54
N ALA B 323 -60.56 39.28 36.94
CA ALA B 323 -61.74 39.20 36.11
C ALA B 323 -62.69 40.32 36.44
N GLY B 324 -63.25 40.94 35.41
CA GLY B 324 -64.21 42.01 35.61
C GLY B 324 -65.36 41.87 34.66
N ASP B 325 -66.55 42.21 35.16
CA ASP B 325 -67.76 42.08 34.36
C ASP B 325 -67.72 43.07 33.21
N SER B 326 -68.13 42.61 32.02
CA SER B 326 -68.05 43.45 30.84
C SER B 326 -69.12 44.54 30.84
N LYS B 327 -70.28 44.27 31.43
CA LYS B 327 -71.36 45.25 31.41
C LYS B 327 -71.12 46.38 32.41
N ASN B 328 -70.43 46.10 33.52
CA ASN B 328 -70.02 47.13 34.45
C ASN B 328 -68.78 47.81 33.91
N ASP B 329 -68.11 48.60 34.75
CA ASP B 329 -66.86 49.23 34.35
C ASP B 329 -65.80 48.17 34.14
N PRO B 330 -65.22 48.06 32.95
CA PRO B 330 -64.30 46.96 32.67
C PRO B 330 -62.90 47.29 33.15
N PRO B 331 -62.34 46.46 34.04
CA PRO B 331 -60.94 46.62 34.39
C PRO B 331 -60.08 46.33 33.18
N MET B 332 -58.94 47.00 33.09
CA MET B 332 -58.08 46.82 31.93
C MET B 332 -56.65 47.20 32.32
N GLU B 333 -55.72 46.86 31.44
CA GLU B 333 -54.30 46.96 31.76
C GLU B 333 -53.90 48.38 32.14
N ALA B 334 -53.19 48.49 33.27
CA ALA B 334 -52.76 49.77 33.81
C ALA B 334 -51.27 49.96 33.52
N ALA B 335 -50.94 51.06 32.84
CA ALA B 335 -49.55 51.31 32.48
C ALA B 335 -48.76 51.82 33.68
N GLY B 336 -49.44 52.36 34.68
CA GLY B 336 -48.76 52.86 35.86
C GLY B 336 -49.75 53.17 36.96
N PHE B 337 -49.22 53.70 38.06
CA PHE B 337 -50.06 54.11 39.17
C PHE B 337 -49.25 54.91 40.16
N THR B 338 -49.93 55.83 40.84
CA THR B 338 -49.36 56.55 41.97
C THR B 338 -49.69 55.77 43.22
N ALA B 339 -48.68 55.56 44.07
CA ALA B 339 -48.85 54.66 45.20
C ALA B 339 -48.30 55.29 46.47
N GLN B 340 -49.08 55.20 47.54
CA GLN B 340 -48.58 55.41 48.89
C GLN B 340 -47.64 54.26 49.24
N VAL B 341 -46.46 54.59 49.73
CA VAL B 341 -45.47 53.60 50.10
C VAL B 341 -44.87 53.96 51.45
N ILE B 342 -44.45 52.94 52.19
CA ILE B 342 -43.81 53.10 53.49
C ILE B 342 -42.61 52.16 53.49
N ILE B 343 -41.41 52.70 53.30
CA ILE B 343 -40.20 51.87 53.25
C ILE B 343 -39.93 51.31 54.63
N LEU B 344 -39.55 50.03 54.68
CA LEU B 344 -39.38 49.33 55.95
C LEU B 344 -37.92 49.05 56.28
N ASN B 345 -37.18 48.41 55.38
CA ASN B 345 -35.76 48.18 55.59
C ASN B 345 -35.06 47.95 54.25
N HIS B 346 -33.92 48.61 54.08
CA HIS B 346 -33.03 48.39 52.96
C HIS B 346 -31.63 48.84 53.34
N PRO B 347 -30.64 47.96 53.26
CA PRO B 347 -29.25 48.38 53.57
C PRO B 347 -28.74 49.49 52.69
N GLY B 348 -29.12 49.53 51.41
CA GLY B 348 -28.75 50.60 50.52
C GLY B 348 -29.81 51.69 50.48
N GLN B 349 -29.48 52.75 49.76
CA GLN B 349 -30.44 53.81 49.52
C GLN B 349 -31.28 53.47 48.29
N ILE B 350 -32.37 54.20 48.12
CA ILE B 350 -33.30 53.95 47.02
C ILE B 350 -33.25 55.12 46.06
N SER B 351 -32.77 54.88 44.84
CA SER B 351 -32.69 55.89 43.80
C SER B 351 -33.67 55.56 42.68
N ALA B 352 -33.78 56.48 41.74
CA ALA B 352 -34.68 56.30 40.61
C ALA B 352 -34.22 55.13 39.74
N GLY B 353 -35.20 54.46 39.13
CA GLY B 353 -34.90 53.29 38.32
C GLY B 353 -34.79 51.99 39.09
N TYR B 354 -35.06 52.00 40.39
CA TYR B 354 -35.01 50.76 41.17
C TYR B 354 -36.19 49.87 40.76
N ALA B 355 -35.90 48.59 40.52
CA ALA B 355 -36.90 47.63 40.04
C ALA B 355 -36.93 46.43 40.98
N PRO B 356 -37.64 46.51 42.08
CA PRO B 356 -37.99 45.31 42.85
C PRO B 356 -39.25 44.67 42.27
N VAL B 357 -39.77 43.66 42.98
CA VAL B 357 -41.02 43.02 42.59
C VAL B 357 -42.14 43.51 43.49
N LEU B 358 -43.25 43.89 42.87
CA LEU B 358 -44.40 44.40 43.61
C LEU B 358 -45.44 43.30 43.72
N ASP B 359 -45.87 43.01 44.94
CA ASP B 359 -46.83 41.95 45.22
C ASP B 359 -48.17 42.58 45.55
N CYS B 360 -49.09 42.56 44.59
CA CYS B 360 -50.45 43.01 44.79
C CYS B 360 -51.37 41.82 44.57
N HIS B 361 -52.26 41.58 45.53
CA HIS B 361 -53.13 40.41 45.62
C HIS B 361 -52.42 39.13 45.17
N THR B 362 -52.83 38.59 44.01
CA THR B 362 -52.19 37.41 43.45
C THR B 362 -51.00 37.78 42.58
N ALA B 363 -51.02 38.95 41.95
CA ALA B 363 -49.99 39.32 41.00
C ALA B 363 -48.63 39.46 41.68
N HIS B 364 -47.59 38.97 41.01
CA HIS B 364 -46.20 39.15 41.42
C HIS B 364 -45.47 39.70 40.19
N ILE B 365 -45.48 41.01 40.04
CA ILE B 365 -44.89 41.69 38.88
C ILE B 365 -43.76 42.57 39.35
N ALA B 366 -42.62 42.50 38.66
CA ALA B 366 -41.54 43.44 38.90
C ALA B 366 -41.85 44.76 38.20
N CYS B 367 -41.79 45.85 38.95
CA CYS B 367 -42.03 47.17 38.43
C CYS B 367 -40.83 48.06 38.76
N LYS B 368 -40.44 48.89 37.81
CA LYS B 368 -39.29 49.77 37.96
C LYS B 368 -39.77 51.14 38.38
N PHE B 369 -39.15 51.69 39.44
CA PHE B 369 -39.47 53.04 39.88
C PHE B 369 -39.06 54.06 38.83
N ALA B 370 -40.07 54.59 38.12
CA ALA B 370 -39.79 55.57 37.07
C ALA B 370 -39.22 56.86 37.64
N GLU B 371 -39.88 57.41 38.65
CA GLU B 371 -39.39 58.61 39.32
C GLU B 371 -40.04 58.72 40.69
N LEU B 372 -39.44 59.54 41.53
CA LEU B 372 -39.93 59.82 42.88
C LEU B 372 -40.53 61.21 42.89
N LYS B 373 -41.74 61.34 43.43
CA LYS B 373 -42.40 62.63 43.39
C LYS B 373 -42.05 63.48 44.62
N GLU B 374 -42.31 62.97 45.82
CA GLU B 374 -42.12 63.76 47.02
C GLU B 374 -41.91 62.83 48.19
N LYS B 375 -41.41 63.39 49.29
CA LYS B 375 -41.23 62.65 50.53
C LYS B 375 -42.31 63.05 51.54
N ILE B 376 -42.88 62.03 52.18
CA ILE B 376 -44.05 62.19 53.03
C ILE B 376 -43.75 61.61 54.41
N ASP B 377 -44.31 62.24 55.44
CA ASP B 377 -44.11 61.81 56.81
C ASP B 377 -44.64 60.40 57.03
N ARG B 378 -44.14 59.76 58.09
CA ARG B 378 -44.70 58.49 58.54
C ARG B 378 -46.19 58.58 58.78
N ARG B 379 -46.66 59.69 59.33
CA ARG B 379 -48.04 59.84 59.76
C ARG B 379 -48.64 61.13 59.21
N SER B 380 -49.97 61.16 59.18
CA SER B 380 -50.81 62.29 58.81
C SER B 380 -50.69 62.68 57.34
N GLY B 381 -49.94 61.93 56.53
CA GLY B 381 -49.76 62.31 55.13
C GLY B 381 -49.10 63.65 54.95
N LYS B 382 -48.12 63.97 55.79
CA LYS B 382 -47.56 65.30 55.83
C LYS B 382 -46.53 65.50 54.72
N LYS B 383 -46.72 66.58 53.95
CA LYS B 383 -45.75 67.00 52.96
C LYS B 383 -44.44 67.36 53.65
N LEU B 384 -43.32 66.77 53.18
CA LEU B 384 -42.01 67.10 53.72
C LEU B 384 -41.17 67.86 52.70
N GLU B 385 -40.91 67.27 51.54
CA GLU B 385 -40.22 67.99 50.48
C GLU B 385 -40.54 67.34 49.15
N ASP B 386 -40.12 68.00 48.08
CA ASP B 386 -40.44 67.64 46.72
C ASP B 386 -39.17 67.24 45.97
N GLY B 387 -39.30 66.29 45.05
CA GLY B 387 -38.20 65.86 44.23
C GLY B 387 -37.14 65.08 44.97
N PRO B 388 -37.46 63.86 45.39
CA PRO B 388 -36.46 63.02 46.04
C PRO B 388 -35.42 62.51 45.05
N LYS B 389 -34.23 62.26 45.58
CA LYS B 389 -33.14 61.68 44.82
C LYS B 389 -32.64 60.37 45.43
N PHE B 390 -32.87 60.16 46.71
CA PHE B 390 -32.51 58.94 47.41
C PHE B 390 -33.56 58.70 48.47
N LEU B 391 -33.66 57.45 48.91
CA LEU B 391 -34.58 57.11 50.00
C LEU B 391 -33.89 56.15 50.94
N LYS B 392 -34.39 56.09 52.18
CA LYS B 392 -33.81 55.23 53.20
C LYS B 392 -34.92 54.51 53.96
N SER B 393 -34.49 53.78 55.00
CA SER B 393 -35.41 52.97 55.79
C SER B 393 -36.30 53.85 56.66
N GLY B 394 -37.52 53.36 56.89
CA GLY B 394 -38.48 54.10 57.70
C GLY B 394 -38.94 55.39 57.07
N ASP B 395 -39.08 55.41 55.75
CA ASP B 395 -39.46 56.61 55.03
C ASP B 395 -40.66 56.32 54.13
N ALA B 396 -41.51 57.33 53.97
CA ALA B 396 -42.67 57.25 53.10
C ALA B 396 -42.55 58.29 52.00
N ALA B 397 -43.17 58.03 50.86
CA ALA B 397 -43.03 58.91 49.72
C ALA B 397 -44.25 58.81 48.82
N ILE B 398 -44.18 59.52 47.70
CA ILE B 398 -45.13 59.38 46.60
C ILE B 398 -44.33 59.06 45.34
N VAL B 399 -44.61 57.90 44.74
CA VAL B 399 -43.78 57.38 43.67
C VAL B 399 -44.66 56.81 42.56
N ASP B 400 -44.28 57.09 41.32
CA ASP B 400 -44.95 56.57 40.14
C ASP B 400 -44.00 55.63 39.42
N MET B 401 -44.50 54.46 39.03
CA MET B 401 -43.67 53.41 38.45
C MET B 401 -44.43 52.71 37.34
N VAL B 402 -43.66 52.08 36.44
CA VAL B 402 -44.22 51.40 35.29
C VAL B 402 -43.82 49.92 35.33
N PRO B 403 -44.75 49.00 35.12
CA PRO B 403 -44.41 47.57 35.17
C PRO B 403 -43.64 47.12 33.94
N GLY B 404 -42.69 46.21 34.16
CA GLY B 404 -42.00 45.59 33.04
C GLY B 404 -42.90 44.65 32.25
N LYS B 405 -43.74 43.89 32.95
CA LYS B 405 -44.75 42.94 32.52
C LYS B 405 -46.12 43.62 32.51
N PRO B 406 -47.06 43.14 31.69
CA PRO B 406 -48.45 43.60 31.83
C PRO B 406 -48.97 43.37 33.24
N MET B 407 -49.64 44.37 33.80
CA MET B 407 -50.24 44.26 35.13
C MET B 407 -51.39 45.24 35.24
N CYS B 408 -52.46 44.82 35.90
CA CYS B 408 -53.58 45.69 36.22
C CYS B 408 -53.61 45.95 37.72
N VAL B 409 -53.71 47.22 38.10
CA VAL B 409 -53.76 47.64 39.49
C VAL B 409 -55.02 48.46 39.71
N GLU B 410 -55.48 48.48 40.95
CA GLU B 410 -56.66 49.26 41.32
C GLU B 410 -56.32 50.18 42.47
N SER B 411 -56.86 51.39 42.42
CA SER B 411 -56.64 52.37 43.46
C SER B 411 -57.27 51.91 44.77
N PHE B 412 -56.59 52.23 45.88
CA PHE B 412 -57.15 51.95 47.19
C PHE B 412 -58.40 52.77 47.45
N SER B 413 -58.49 53.97 46.90
CA SER B 413 -59.67 54.81 47.07
C SER B 413 -60.91 54.18 46.44
N ASP B 414 -60.73 53.24 45.51
CA ASP B 414 -61.83 52.58 44.84
C ASP B 414 -61.96 51.12 45.26
N TYR B 415 -60.89 50.36 45.13
CA TYR B 415 -60.88 48.94 45.48
C TYR B 415 -59.82 48.72 46.55
N PRO B 416 -60.19 48.87 47.83
CA PRO B 416 -59.24 48.65 48.92
C PRO B 416 -58.61 47.27 48.93
N PRO B 417 -59.33 46.18 48.62
CA PRO B 417 -58.63 44.89 48.55
C PRO B 417 -57.54 44.83 47.49
N LEU B 418 -57.72 45.55 46.37
CA LEU B 418 -56.69 45.61 45.35
C LEU B 418 -55.83 46.85 45.46
N GLY B 419 -56.18 47.80 46.34
CA GLY B 419 -55.29 48.92 46.59
C GLY B 419 -54.10 48.56 47.44
N ARG B 420 -54.26 47.53 48.28
CA ARG B 420 -53.14 47.07 49.10
C ARG B 420 -52.10 46.38 48.23
N PHE B 421 -50.83 46.67 48.48
CA PHE B 421 -49.75 45.95 47.83
C PHE B 421 -48.56 45.91 48.77
N ALA B 422 -47.65 44.99 48.49
CA ALA B 422 -46.43 44.82 49.27
C ALA B 422 -45.23 44.75 48.34
N VAL B 423 -44.07 45.11 48.88
CA VAL B 423 -42.82 45.10 48.13
C VAL B 423 -41.86 44.13 48.78
N ARG B 424 -41.33 43.19 47.99
CA ARG B 424 -40.38 42.19 48.45
C ARG B 424 -39.10 42.30 47.64
N ASP B 425 -37.97 42.18 48.32
CA ASP B 425 -36.69 41.97 47.66
C ASP B 425 -35.71 41.42 48.68
N MET B 426 -34.83 40.53 48.22
CA MET B 426 -33.83 39.88 49.06
C MET B 426 -34.46 39.09 50.22
N ARG B 427 -35.68 38.59 50.01
CA ARG B 427 -36.44 37.83 51.00
C ARG B 427 -36.83 38.66 52.22
N GLN B 428 -37.05 39.96 52.07
CA GLN B 428 -37.70 40.72 53.12
C GLN B 428 -38.69 41.68 52.48
N THR B 429 -39.58 42.21 53.31
CA THR B 429 -40.55 43.20 52.88
C THR B 429 -39.88 44.57 52.95
N VAL B 430 -39.60 45.15 51.78
CA VAL B 430 -38.87 46.41 51.74
C VAL B 430 -39.83 47.59 51.93
N ALA B 431 -40.96 47.57 51.21
CA ALA B 431 -41.91 48.67 51.28
C ALA B 431 -43.34 48.14 51.30
N VAL B 432 -44.23 48.92 51.89
CA VAL B 432 -45.66 48.60 51.96
C VAL B 432 -46.45 49.87 51.71
N GLY B 433 -47.68 49.71 51.26
CA GLY B 433 -48.55 50.86 51.11
C GLY B 433 -49.76 50.53 50.26
N VAL B 434 -50.42 51.59 49.81
CA VAL B 434 -51.61 51.48 48.99
C VAL B 434 -51.44 52.34 47.74
N ILE B 435 -52.47 52.34 46.90
CA ILE B 435 -52.44 53.01 45.61
C ILE B 435 -53.45 54.15 45.63
N LYS B 436 -53.05 55.29 45.07
CA LYS B 436 -53.89 56.49 45.06
C LYS B 436 -54.47 56.80 43.69
N ALA B 437 -53.64 56.92 42.66
CA ALA B 437 -54.11 57.23 41.32
C ALA B 437 -53.56 56.21 40.32
N VAL B 438 -54.44 55.68 39.48
CA VAL B 438 -54.10 54.66 38.50
C VAL B 438 -54.47 55.18 37.12
N ASP B 439 -53.53 55.15 36.19
CA ASP B 439 -53.85 55.48 34.80
C ASP B 439 -54.05 54.21 33.99
N LYS B 440 -54.77 54.34 32.88
CA LYS B 440 -55.24 53.20 32.11
C LYS B 440 -54.76 53.32 30.67
N LYS B 441 -54.80 52.20 29.95
CA LYS B 441 -54.29 52.16 28.58
C LYS B 441 -55.33 52.63 27.57
P A2M D 398 17.99 -83.83 39.86
OP1 A2M D 398 19.22 -83.67 39.03
O5' A2M D 398 18.17 -83.34 41.57
C5' A2M D 398 18.09 -82.02 41.82
C4' A2M D 398 17.35 -81.85 43.11
O4' A2M D 398 16.19 -82.65 43.09
C3' A2M D 398 18.21 -82.35 44.24
O3' A2M D 398 19.15 -81.35 44.45
C2' A2M D 398 17.19 -82.68 45.31
O2' A2M D 398 16.69 -81.54 45.96
C1' A2M D 398 16.12 -83.26 44.36
CM' A2M D 398 15.35 -81.72 46.32
N9 A2M D 398 16.17 -84.68 44.20
C8 A2M D 398 16.63 -85.52 43.19
N7 A2M D 398 16.48 -86.82 43.49
C5 A2M D 398 15.91 -86.80 44.76
C6 A2M D 398 15.50 -87.78 45.63
N6 A2M D 398 15.63 -89.12 45.35
N1 A2M D 398 14.97 -87.49 46.84
C2 A2M D 398 14.84 -86.17 47.12
N3 A2M D 398 15.18 -85.10 46.40
C4 A2M D 398 15.71 -85.49 45.22
OP2 A2M D 398 17.54 -85.21 40.24
P A2M D 400 22.47 -84.42 50.95
OP1 A2M D 400 23.54 -83.43 51.30
O5' A2M D 400 21.99 -85.51 52.29
C5' A2M D 400 21.22 -84.95 53.23
C4' A2M D 400 20.73 -86.05 54.10
O4' A2M D 400 19.69 -86.70 53.43
C3' A2M D 400 21.84 -87.04 54.32
O3' A2M D 400 22.63 -86.49 55.30
C2' A2M D 400 21.08 -88.30 54.60
O2' A2M D 400 20.54 -88.30 55.88
C1' A2M D 400 19.95 -88.08 53.58
CM' A2M D 400 20.03 -89.57 56.17
N9 A2M D 400 20.13 -88.63 52.28
C8 A2M D 400 20.39 -88.06 51.04
N7 A2M D 400 20.47 -88.97 50.05
C5 A2M D 400 20.28 -90.17 50.70
C6 A2M D 400 20.21 -91.47 50.30
N6 A2M D 400 20.42 -91.83 48.98
N1 A2M D 400 20.00 -92.49 51.15
C2 A2M D 400 19.80 -92.14 52.42
N3 A2M D 400 19.82 -90.93 53.00
C4 A2M D 400 20.05 -89.98 52.08
OP2 A2M D 400 22.82 -85.58 50.06
P OMG D 902 43.29 -36.06 40.86
OP1 OMG D 902 44.75 -36.37 41.08
OP2 OMG D 902 42.74 -34.66 41.18
O5' OMG D 902 42.97 -36.38 39.33
C5' OMG D 902 43.29 -37.65 38.79
C4' OMG D 902 42.85 -37.73 37.36
O4' OMG D 902 41.44 -38.03 37.31
C3' OMG D 902 43.00 -36.47 36.55
O3' OMG D 902 44.31 -36.32 36.03
C2' OMG D 902 41.95 -36.64 35.47
O2' OMG D 902 42.43 -37.50 34.45
CM2 OMG D 902 41.44 -38.07 33.63
C1' OMG D 902 40.84 -37.35 36.23
N9 OMG D 902 39.83 -36.42 36.77
C8 OMG D 902 39.65 -36.08 38.08
N7 OMG D 902 38.67 -35.24 38.23
C5 OMG D 902 38.18 -35.03 36.97
C6 OMG D 902 37.10 -34.23 36.53
O6 OMG D 902 36.37 -33.51 37.19
N1 OMG D 902 36.96 -34.31 35.15
C2 OMG D 902 37.72 -35.07 34.33
N2 OMG D 902 37.42 -35.02 33.03
N3 OMG D 902 38.71 -35.82 34.74
C4 OMG D 902 38.89 -35.77 36.05
P 1MA D 908 41.92 -24.54 39.35
OP1 1MA D 908 42.94 -25.05 40.35
OP2 1MA D 908 42.17 -24.70 37.86
O5' 1MA D 908 40.51 -25.17 39.71
C5' 1MA D 908 39.91 -24.89 40.97
C4' 1MA D 908 38.87 -25.91 41.33
O4' 1MA D 908 37.79 -25.84 40.37
C3' 1MA D 908 39.34 -27.35 41.32
O3' 1MA D 908 38.65 -28.08 42.32
C2' 1MA D 908 38.92 -27.84 39.95
O2' 1MA D 908 38.75 -29.24 39.85
C1' 1MA D 908 37.60 -27.10 39.75
N9 1MA D 908 37.25 -26.87 38.36
C8 1MA D 908 37.91 -27.28 37.25
N7 1MA D 908 37.32 -26.89 36.15
C5 1MA D 908 36.23 -26.19 36.57
C6 1MA D 908 35.23 -25.52 35.81
N6 1MA D 908 35.20 -25.49 34.54
N1 1MA D 908 34.29 -24.90 36.65
CM1 1MA D 908 33.19 -24.18 36.03
C2 1MA D 908 34.35 -24.96 38.00
N3 1MA D 908 35.25 -25.54 38.69
C4 1MA D 908 36.18 -26.15 37.93
P A2M D 909 39.15 -28.05 43.85
OP1 A2M D 909 39.25 -26.65 44.40
O5' A2M D 909 38.02 -29.12 44.71
C5' A2M D 909 37.84 -30.32 44.17
C4' A2M D 909 36.37 -30.67 44.19
O4' A2M D 909 35.86 -30.11 45.34
C3' A2M D 909 35.64 -30.11 42.98
O3' A2M D 909 35.75 -31.07 41.97
C2' A2M D 909 34.27 -29.80 43.54
O2' A2M D 909 33.43 -30.94 43.55
C1' A2M D 909 34.68 -29.46 44.96
CM' A2M D 909 32.68 -31.05 44.74
N9 A2M D 909 34.79 -28.09 45.33
C8 A2M D 909 35.85 -27.27 45.67
N7 A2M D 909 35.46 -26.03 46.00
C5 A2M D 909 34.09 -26.10 45.87
C6 A2M D 909 33.07 -25.20 46.05
N6 A2M D 909 33.31 -23.90 46.45
N1 A2M D 909 31.78 -25.53 45.84
C2 A2M D 909 31.54 -26.79 45.45
N3 A2M D 909 32.40 -27.79 45.24
C4 A2M D 909 33.66 -27.37 45.46
OP2 A2M D 909 40.28 -28.99 44.08
P A2M D 912 28.50 -25.12 36.19
OP1 A2M D 912 29.56 -24.46 37.02
O5' A2M D 912 29.42 -26.67 36.10
C5' A2M D 912 28.96 -27.56 35.22
C4' A2M D 912 29.81 -27.50 34.00
O4' A2M D 912 30.97 -26.79 34.33
C3' A2M D 912 30.19 -28.89 33.57
O3' A2M D 912 29.15 -29.30 32.75
C2' A2M D 912 31.57 -28.69 32.99
O2' A2M D 912 31.55 -28.26 31.66
C1' A2M D 912 32.06 -27.55 33.89
CM' A2M D 912 32.81 -27.77 31.28
N9 A2M D 912 32.85 -27.88 35.02
C8 A2M D 912 32.75 -27.53 36.37
N7 A2M D 912 33.72 -28.05 37.12
C5 A2M D 912 34.46 -28.79 36.21
C6 A2M D 912 35.57 -29.57 36.33
N6 A2M D 912 36.19 -29.77 37.55
N1 A2M D 912 36.14 -30.20 35.27
C2 A2M D 912 35.52 -30.00 34.09
N3 A2M D 912 34.44 -29.27 33.79
C4 A2M D 912 33.95 -28.68 34.91
OP2 A2M D 912 28.12 -24.52 34.87
N1 OMC D 926 59.59 -49.13 14.44
C2 OMC D 926 59.15 -48.38 13.34
N3 OMC D 926 58.91 -47.08 13.50
C4 OMC D 926 59.08 -46.48 14.65
C5 OMC D 926 59.52 -47.20 15.80
C6 OMC D 926 59.76 -48.51 15.63
O2 OMC D 926 58.99 -48.93 12.27
N4 OMC D 926 58.82 -45.19 14.74
C1' OMC D 926 59.85 -50.58 14.33
C2' OMC D 926 61.21 -50.88 13.71
O2' OMC D 926 61.10 -52.11 13.00
CM2 OMC D 926 60.04 -52.17 12.08
C3' OMC D 926 62.06 -51.07 14.95
C4' OMC D 926 61.10 -51.77 15.90
O4' OMC D 926 59.84 -51.14 15.63
O3' OMC D 926 63.24 -51.81 14.71
C5' OMC D 926 61.42 -51.63 17.35
O5' OMC D 926 61.59 -50.27 17.70
P OMC D 926 61.82 -49.85 19.22
OP1 OMC D 926 62.81 -50.84 19.80
OP2 OMC D 926 62.10 -48.36 19.26
P OMG D 1108 40.01 -44.85 14.67
OP1 OMG D 1108 39.29 -45.82 13.76
OP2 OMG D 1108 41.41 -44.37 14.31
O5' OMG D 1108 39.08 -43.58 14.85
C5' OMG D 1108 37.80 -43.72 15.43
C4' OMG D 1108 37.14 -42.39 15.63
O4' OMG D 1108 37.82 -41.64 16.66
C3' OMG D 1108 37.14 -41.46 14.45
O3' OMG D 1108 36.22 -41.82 13.45
C2' OMG D 1108 36.86 -40.13 15.11
O2' OMG D 1108 35.50 -40.06 15.48
CM2 OMG D 1108 34.72 -39.19 14.69
C1' OMG D 1108 37.67 -40.26 16.40
N9 OMG D 1108 39.02 -39.67 16.27
C8 OMG D 1108 40.17 -40.31 15.89
N7 OMG D 1108 41.19 -39.51 15.88
C5 OMG D 1108 40.70 -38.30 16.26
C6 OMG D 1108 41.35 -37.05 16.43
O6 OMG D 1108 42.52 -36.78 16.26
N1 OMG D 1108 40.45 -36.07 16.84
C2 OMG D 1108 39.13 -36.25 17.06
N2 OMG D 1108 38.42 -35.18 17.45
N3 OMG D 1108 38.52 -37.40 16.90
C4 OMG D 1108 39.35 -38.37 16.51
P A2M D 1110 31.87 -39.89 8.30
OP1 A2M D 1110 31.48 -41.33 8.22
O5' A2M D 1110 30.55 -38.69 8.01
C5' A2M D 1110 30.43 -37.74 8.95
C4' A2M D 1110 30.35 -36.39 8.26
O4' A2M D 1110 31.44 -35.59 8.60
C3' A2M D 1110 30.39 -36.60 6.78
O3' A2M D 1110 29.15 -37.10 6.43
C2' A2M D 1110 30.86 -35.24 6.26
O2' A2M D 1110 29.82 -34.41 5.90
C1' A2M D 1110 31.56 -34.69 7.53
CM' A2M D 1110 30.33 -33.41 5.09
N9 A2M D 1110 32.93 -34.27 7.38
C8 A2M D 1110 33.54 -33.02 7.35
N7 A2M D 1110 34.87 -33.08 7.19
C5 A2M D 1110 35.12 -34.43 7.12
C6 A2M D 1110 36.27 -35.19 6.95
N6 A2M D 1110 37.50 -34.60 6.83
N1 A2M D 1110 36.25 -36.53 6.90
C2 A2M D 1110 35.02 -37.10 7.03
N3 A2M D 1110 33.83 -36.53 7.19
C4 A2M D 1110 33.94 -35.19 7.23
OP2 A2M D 1110 32.74 -39.30 7.23
P A2M D 1120 9.46 -55.61 -7.20
OP1 A2M D 1120 10.32 -56.79 -7.55
O5' A2M D 1120 9.88 -55.70 -5.44
C5' A2M D 1120 10.45 -56.83 -5.02
C4' A2M D 1120 9.54 -57.48 -3.98
O4' A2M D 1120 10.11 -58.70 -3.58
C3' A2M D 1120 9.38 -56.60 -2.75
O3' A2M D 1120 8.05 -56.74 -2.41
C2' A2M D 1120 10.43 -57.16 -1.81
O2' A2M D 1120 10.15 -56.97 -0.46
C1' A2M D 1120 10.18 -58.62 -2.18
CM' A2M D 1120 10.09 -55.60 -0.18
N9 A2M D 1120 11.08 -59.62 -1.69
C8 A2M D 1120 12.41 -59.91 -1.95
N7 A2M D 1120 12.86 -60.98 -1.27
C5 A2M D 1120 11.73 -61.39 -0.57
C6 A2M D 1120 11.49 -62.42 0.30
N6 A2M D 1120 12.47 -63.32 0.66
N1 A2M D 1120 10.27 -62.62 0.86
C2 A2M D 1120 9.32 -61.73 0.51
N3 A2M D 1120 9.38 -60.69 -0.32
C4 A2M D 1120 10.62 -60.56 -0.82
OP2 A2M D 1120 7.99 -55.67 -7.52
N1 PSU D 1122 8.07 -50.47 -4.32
C2 PSU D 1122 9.32 -50.22 -4.81
N3 PSU D 1122 10.00 -49.09 -4.45
C4 PSU D 1122 9.40 -48.21 -3.60
C5 PSU D 1122 8.14 -48.46 -3.09
C6 PSU D 1122 7.47 -49.61 -3.46
O2 PSU D 1122 9.84 -51.02 -5.58
O4 PSU D 1122 9.98 -47.19 -3.26
C1' PSU D 1122 7.53 -47.47 -2.16
C2' PSU D 1122 6.91 -46.34 -2.96
O2' PSU D 1122 7.10 -45.12 -2.25
C3' PSU D 1122 5.44 -46.74 -2.96
C4' PSU D 1122 5.27 -47.34 -1.58
O3' PSU D 1122 4.55 -45.68 -3.18
O4' PSU D 1122 6.51 -48.07 -1.37
C5' PSU D 1122 4.08 -48.26 -1.44
O5' PSU D 1122 4.43 -49.47 -0.81
P PSU D 1122 4.11 -50.86 -1.52
OP1 PSU D 1122 2.67 -51.10 -1.33
OP2 PSU D 1122 4.66 -50.91 -2.89
N1 PSU D 1168 -19.57 -46.77 0.90
C2 PSU D 1168 -19.60 -47.67 -0.14
N3 PSU D 1168 -20.13 -48.92 0.04
C4 PSU D 1168 -20.64 -49.28 1.26
C5 PSU D 1168 -20.61 -48.38 2.31
C6 PSU D 1168 -20.06 -47.12 2.11
O2 PSU D 1168 -19.14 -47.34 -1.23
O4 PSU D 1168 -21.13 -50.39 1.42
C1' PSU D 1168 -21.16 -48.75 3.64
C2' PSU D 1168 -20.23 -49.70 4.40
O2' PSU D 1168 -21.03 -50.53 5.24
C3' PSU D 1168 -19.42 -48.73 5.23
C4' PSU D 1168 -20.42 -47.66 5.57
O3' PSU D 1168 -18.85 -49.33 6.39
O4' PSU D 1168 -21.27 -47.57 4.40
C5' PSU D 1168 -19.84 -46.30 5.86
O5' PSU D 1168 -20.81 -45.29 5.70
P PSU D 1168 -20.41 -43.76 5.87
OP1 PSU D 1168 -19.90 -43.61 7.25
OP2 PSU D 1168 -19.57 -43.38 4.73
P OMG D 1211 26.69 -42.68 -8.97
OP1 OMG D 1211 27.45 -43.65 -9.87
OP2 OMG D 1211 27.12 -42.47 -7.53
O5' OMG D 1211 26.67 -41.25 -9.68
C5' OMG D 1211 26.52 -41.13 -11.09
C4' OMG D 1211 25.41 -40.19 -11.46
O4' OMG D 1211 24.68 -39.83 -10.26
C3' OMG D 1211 25.83 -38.87 -12.09
O3' OMG D 1211 24.76 -38.35 -12.88
C2' OMG D 1211 26.01 -37.98 -10.87
O2' OMG D 1211 25.88 -36.60 -11.13
CM2 OMG D 1211 26.97 -36.05 -11.83
C1' OMG D 1211 24.90 -38.47 -9.93
N9 OMG D 1211 25.26 -38.42 -8.52
C8 OMG D 1211 25.32 -39.47 -7.66
N7 OMG D 1211 25.66 -39.11 -6.46
C5 OMG D 1211 25.83 -37.76 -6.54
C6 OMG D 1211 26.20 -36.83 -5.54
O6 OMG D 1211 26.45 -37.04 -4.38
N1 OMG D 1211 26.24 -35.54 -6.07
C2 OMG D 1211 25.98 -35.20 -7.36
N2 OMG D 1211 26.08 -33.91 -7.69
N3 OMG D 1211 25.64 -36.07 -8.28
C4 OMG D 1211 25.58 -37.31 -7.81
N1 PSU D 1263 49.08 -13.98 8.61
C2 PSU D 1263 49.47 -12.84 9.29
N3 PSU D 1263 49.66 -12.89 10.66
C4 PSU D 1263 49.47 -14.08 11.33
C5 PSU D 1263 49.08 -15.21 10.63
C6 PSU D 1263 48.88 -15.14 9.25
O2 PSU D 1263 49.64 -11.80 8.69
O4 PSU D 1263 49.64 -14.14 12.54
C1' PSU D 1263 48.86 -16.51 11.34
C2' PSU D 1263 47.59 -17.14 10.81
O2' PSU D 1263 46.44 -16.64 11.45
C3' PSU D 1263 47.85 -18.62 11.08
C4' PSU D 1263 49.36 -18.75 10.90
O3' PSU D 1263 47.50 -18.92 12.43
O4' PSU D 1263 49.90 -17.41 11.05
C5' PSU D 1263 49.81 -19.32 9.59
O5' PSU D 1263 49.04 -18.85 8.50
P PSU D 1263 48.55 -19.84 7.36
OP1 PSU D 1263 49.53 -19.97 6.27
OP2 PSU D 1263 48.10 -21.06 8.06
N1 PSU D 1269 60.16 -20.27 17.35
C2 PSU D 1269 59.59 -19.41 18.25
N3 PSU D 1269 59.96 -18.09 18.29
C4 PSU D 1269 60.91 -17.64 17.42
C5 PSU D 1269 61.49 -18.51 16.51
C6 PSU D 1269 61.09 -19.83 16.50
O2 PSU D 1269 58.73 -19.83 19.02
O4 PSU D 1269 61.25 -16.46 17.46
C1' PSU D 1269 62.55 -18.03 15.56
C2' PSU D 1269 63.86 -17.82 16.32
O2' PSU D 1269 64.58 -16.79 15.66
C3' PSU D 1269 64.52 -19.16 16.11
C4' PSU D 1269 64.13 -19.50 14.68
O3' PSU D 1269 65.93 -19.14 16.30
O4' PSU D 1269 62.77 -19.01 14.58
C5' PSU D 1269 64.18 -20.96 14.32
O5' PSU D 1269 63.64 -21.76 15.36
P PSU D 1269 63.20 -23.26 15.08
OP1 PSU D 1269 64.38 -24.06 14.74
OP2 PSU D 1269 62.33 -23.67 16.19
N1 PSU D 1321 53.28 31.31 24.03
C2 PSU D 1321 52.82 30.31 24.84
N3 PSU D 1321 52.61 29.05 24.33
C4 PSU D 1321 52.88 28.80 22.99
C5 PSU D 1321 53.35 29.81 22.19
C6 PSU D 1321 53.54 31.07 22.72
O2 PSU D 1321 52.56 30.55 26.00
O4 PSU D 1321 52.71 27.68 22.54
C1' PSU D 1321 53.67 29.55 20.75
C2' PSU D 1321 52.43 29.52 19.86
O2' PSU D 1321 52.67 28.60 18.82
C3' PSU D 1321 52.41 30.93 19.33
C4' PSU D 1321 53.88 31.26 19.18
O3' PSU D 1321 51.72 31.06 18.10
O4' PSU D 1321 54.50 30.59 20.29
C5' PSU D 1321 54.20 32.73 19.24
O5' PSU D 1321 53.65 33.32 20.41
P PSU D 1321 53.83 34.87 20.69
OP1 PSU D 1321 53.57 35.28 19.29
OP2 PSU D 1321 52.96 35.28 21.82
N1 PSU D 1358 48.01 44.54 31.25
C2 PSU D 1358 46.67 44.25 31.27
N3 PSU D 1358 45.93 44.45 32.42
C4 PSU D 1358 46.55 44.95 33.54
C5 PSU D 1358 47.91 45.23 33.51
C6 PSU D 1358 48.62 45.02 32.34
O2 PSU D 1358 46.12 43.80 30.27
O4 PSU D 1358 45.87 45.12 34.55
C1' PSU D 1358 48.63 45.78 34.71
C2' PSU D 1358 48.64 44.74 35.84
O2' PSU D 1358 48.59 45.44 37.07
C3' PSU D 1358 50.00 44.10 35.63
C4' PSU D 1358 50.86 45.27 35.21
O3' PSU D 1358 50.50 43.45 36.79
O4' PSU D 1358 49.97 46.07 34.38
C5' PSU D 1358 52.10 44.92 34.44
O5' PSU D 1358 53.03 46.00 34.46
P PSU D 1358 54.23 46.05 33.42
OP1 PSU D 1358 55.49 45.78 34.12
OP2 PSU D 1358 53.84 45.20 32.27
N1 PSU D 1359 47.39 41.74 33.42
C2 PSU D 1359 46.53 41.24 32.47
N3 PSU D 1359 45.23 40.97 32.77
C4 PSU D 1359 44.77 41.21 34.05
C5 PSU D 1359 45.64 41.70 35.01
C6 PSU D 1359 46.95 41.96 34.67
O2 PSU D 1359 46.96 41.04 31.33
O4 PSU D 1359 43.60 40.96 34.32
C1' PSU D 1359 45.18 41.99 36.41
C2' PSU D 1359 44.97 40.72 37.23
O2' PSU D 1359 43.96 40.98 38.19
C3' PSU D 1359 46.32 40.57 37.91
C4' PSU D 1359 46.74 42.00 38.17
O3' PSU D 1359 46.27 39.80 39.09
O4' PSU D 1359 46.22 42.74 37.03
C5' PSU D 1359 48.22 42.22 38.27
O5' PSU D 1359 48.90 41.56 37.21
P PSU D 1359 50.43 41.86 36.91
OP1 PSU D 1359 51.28 41.47 38.05
OP2 PSU D 1359 50.73 41.31 35.58
N1 PSU D 1369 61.73 25.70 31.84
C2 PSU D 1369 60.90 24.91 32.58
N3 PSU D 1369 60.98 24.90 33.95
C4 PSU D 1369 61.89 25.72 34.58
C5 PSU D 1369 62.73 26.52 33.83
C6 PSU D 1369 62.63 26.50 32.45
O2 PSU D 1369 60.10 24.18 32.02
O4 PSU D 1369 61.95 25.70 35.81
C1' PSU D 1369 63.73 27.45 34.46
C2' PSU D 1369 64.82 26.71 35.22
O2' PSU D 1369 65.24 27.53 36.29
C3' PSU D 1369 65.90 26.61 34.17
C4' PSU D 1369 65.78 27.94 33.44
O3' PSU D 1369 67.19 26.41 34.72
O4' PSU D 1369 64.35 28.18 33.42
C5' PSU D 1369 66.33 27.96 32.04
O5' PSU D 1369 65.55 27.18 31.14
P PSU D 1369 65.97 27.07 29.61
OP1 PSU D 1369 67.44 27.22 29.63
OP2 PSU D 1369 65.35 25.85 29.05
N1 PSU D 1437 49.82 0.13 41.59
C2 PSU D 1437 50.21 -0.13 40.29
N3 PSU D 1437 51.23 0.58 39.71
C4 PSU D 1437 51.84 1.59 40.43
C5 PSU D 1437 51.42 1.87 41.72
C6 PSU D 1437 50.41 1.12 42.28
O2 PSU D 1437 49.67 -1.03 39.66
O4 PSU D 1437 52.73 2.24 39.90
C1' PSU D 1437 52.08 2.94 42.54
C2' PSU D 1437 51.69 4.33 42.04
O2' PSU D 1437 52.78 5.21 42.28
C3' PSU D 1437 50.52 4.67 42.96
C4' PSU D 1437 50.93 4.03 44.27
O3' PSU D 1437 50.30 6.07 43.08
O4' PSU D 1437 51.64 2.83 43.86
C5' PSU D 1437 49.82 3.67 45.20
O5' PSU D 1437 48.86 2.83 44.56
P PSU D 1437 47.68 2.16 45.39
OP1 PSU D 1437 47.12 3.20 46.28
OP2 PSU D 1437 46.80 1.38 44.50
N1 PSU D 1439 47.29 4.63 36.80
C2 PSU D 1439 46.68 3.43 36.49
N3 PSU D 1439 46.73 2.93 35.21
C4 PSU D 1439 47.38 3.65 34.24
C5 PSU D 1439 47.98 4.86 34.55
C6 PSU D 1439 47.93 5.34 35.84
O2 PSU D 1439 46.11 2.80 37.37
O4 PSU D 1439 47.42 3.22 33.09
C1' PSU D 1439 48.69 5.63 33.49
C2' PSU D 1439 47.71 6.38 32.60
O2' PSU D 1439 48.24 6.43 31.28
C3' PSU D 1439 47.72 7.77 33.23
C4' PSU D 1439 49.16 7.91 33.69
O3' PSU D 1439 47.35 8.80 32.34
O4' PSU D 1439 49.53 6.58 34.11
C5' PSU D 1439 49.38 8.88 34.80
O5' PSU D 1439 48.56 8.57 35.92
P PSU D 1439 48.87 9.22 37.34
OP1 PSU D 1439 48.88 10.69 37.15
OP2 PSU D 1439 48.02 8.64 38.40
P A2M D 1448 38.45 -7.85 31.36
OP1 A2M D 1448 38.48 -9.30 31.00
O5' A2M D 1448 39.16 -6.71 30.13
C5' A2M D 1448 38.68 -6.81 28.90
C4' A2M D 1448 39.07 -5.62 28.03
O4' A2M D 1448 38.41 -4.47 28.46
C3' A2M D 1448 40.55 -5.30 28.08
O3' A2M D 1448 41.22 -6.34 27.49
C2' A2M D 1448 40.53 -3.94 27.44
O2' A2M D 1448 40.19 -3.97 26.09
C1' A2M D 1448 39.35 -3.44 28.26
CM' A2M D 1448 40.87 -2.96 25.39
N9 A2M D 1448 39.73 -2.95 29.51
C8 A2M D 1448 39.52 -3.39 30.81
N7 A2M D 1448 40.09 -2.61 31.73
C5 A2M D 1448 40.68 -1.62 30.97
C6 A2M D 1448 41.43 -0.51 31.28
N6 A2M D 1448 41.72 -0.18 32.58
N1 A2M D 1448 41.91 0.32 30.33
C2 A2M D 1448 41.61 0.00 29.05
N3 A2M D 1448 40.92 -1.03 28.57
C4 A2M D 1448 40.47 -1.80 29.59
OP2 A2M D 1448 39.33 -7.36 32.47
N1 OMC D 1792 38.06 -47.95 27.41
C2 OMC D 1792 38.81 -49.14 27.34
N3 OMC D 1792 39.35 -49.60 28.47
C4 OMC D 1792 39.24 -48.98 29.61
C5 OMC D 1792 38.51 -47.78 29.73
C6 OMC D 1792 37.95 -47.32 28.60
O2 OMC D 1792 38.95 -49.77 26.31
N4 OMC D 1792 39.83 -49.52 30.68
C1' OMC D 1792 37.37 -47.27 26.29
C2' OMC D 1792 36.51 -48.21 25.44
O2' OMC D 1792 36.58 -47.79 24.09
CM2 OMC D 1792 37.87 -47.67 23.56
C3' OMC D 1792 35.13 -47.96 25.99
C4' OMC D 1792 35.18 -46.49 26.36
O4' OMC D 1792 36.52 -46.30 26.83
O3' OMC D 1792 34.10 -48.22 25.05
C5' OMC D 1792 34.19 -46.07 27.40
O5' OMC D 1792 32.87 -46.29 26.97
P OMC D 1792 31.63 -46.06 27.94
OP1 OMC D 1792 30.36 -46.16 27.11
OP2 OMC D 1792 31.82 -46.97 29.15
P A2M D 1804 4.88 -51.52 41.47
OP1 A2M D 1804 3.72 -50.76 42.04
O5' A2M D 1804 5.35 -51.03 39.79
C5' A2M D 1804 5.73 -49.76 39.64
C4' A2M D 1804 6.19 -49.48 38.22
O4' A2M D 1804 7.47 -50.03 38.01
C3' A2M D 1804 5.25 -50.06 37.19
O3' A2M D 1804 4.21 -49.16 37.08
C2' A2M D 1804 6.17 -50.24 36.01
O2' A2M D 1804 6.47 -49.05 35.36
C1' A2M D 1804 7.39 -50.72 36.79
CM' A2M D 1804 5.62 -48.84 34.26
N9 A2M D 1804 7.46 -52.11 37.08
C8 A2M D 1804 7.34 -52.81 38.26
N7 A2M D 1804 7.47 -54.13 38.11
C5 A2M D 1804 7.68 -54.27 36.76
C6 A2M D 1804 7.89 -55.35 35.96
N6 A2M D 1804 7.91 -56.63 36.47
N1 A2M D 1804 8.07 -55.24 34.62
C2 A2M D 1804 8.05 -53.98 34.14
N3 A2M D 1804 7.86 -52.83 34.78
C4 A2M D 1804 7.69 -53.03 36.10
OP2 A2M D 1804 4.69 -52.95 41.10
P OMG D 1805 2.70 -49.63 37.33
OP1 OMG D 1805 1.78 -48.57 36.72
OP2 OMG D 1805 2.57 -50.03 38.79
O5' OMG D 1805 2.55 -50.95 36.45
C5' OMG D 1805 2.61 -50.88 35.04
C4' OMG D 1805 3.27 -52.11 34.48
O4' OMG D 1805 4.30 -52.55 35.39
C3' OMG D 1805 2.38 -53.32 34.33
O3' OMG D 1805 1.63 -53.28 33.13
C2' OMG D 1805 3.37 -54.48 34.36
O2' OMG D 1805 3.91 -54.70 33.07
CM2 OMG D 1805 4.96 -55.64 33.04
C1' OMG D 1805 4.48 -53.93 35.27
N9 OMG D 1805 4.47 -54.52 36.62
C8 OMG D 1805 4.36 -53.79 37.78
N7 OMG D 1805 4.38 -54.55 38.83
C5 OMG D 1805 4.52 -55.82 38.36
C6 OMG D 1805 4.60 -57.05 39.06
O6 OMG D 1805 4.57 -57.23 40.26
N1 OMG D 1805 4.73 -58.11 38.18
C2 OMG D 1805 4.78 -58.01 36.83
N2 OMG D 1805 4.90 -59.17 36.15
N3 OMG D 1805 4.71 -56.89 36.18
C4 OMG D 1805 4.58 -55.83 36.98
N1 OMC D 1806 1.44 -58.64 34.95
C2 OMC D 1806 1.45 -59.68 35.89
N3 OMC D 1806 1.44 -59.35 37.20
C4 OMC D 1806 1.43 -58.11 37.59
C5 OMC D 1806 1.42 -57.03 36.67
C6 OMC D 1806 1.43 -57.36 35.37
O2 OMC D 1806 1.46 -60.84 35.53
N4 OMC D 1806 1.42 -57.86 38.90
C1' OMC D 1806 1.46 -58.90 33.49
C2' OMC D 1806 0.11 -59.38 32.96
O2' OMC D 1806 0.36 -60.23 31.86
CM2 OMC D 1806 -0.43 -61.39 31.84
C3' OMC D 1806 -0.49 -58.07 32.48
C4' OMC D 1806 0.72 -57.37 31.90
O4' OMC D 1806 1.78 -57.70 32.82
O3' OMC D 1806 -1.53 -58.23 31.55
C5' OMC D 1806 0.61 -55.87 31.77
O5' OMC D 1806 0.14 -55.30 32.97
P OMC D 1806 0.09 -53.71 33.13
OP1 OMC D 1806 -0.56 -53.13 31.89
OP2 OMC D 1806 -0.49 -53.42 34.51
P A2M D 1842 -13.05 -76.61 6.61
OP1 A2M D 1842 -12.89 -78.09 6.72
O5' A2M D 1842 -12.32 -76.56 4.95
C5' A2M D 1842 -11.97 -75.35 4.50
C4' A2M D 1842 -12.19 -75.27 3.01
O4' A2M D 1842 -13.09 -74.23 2.75
C3' A2M D 1842 -10.88 -74.99 2.29
O3' A2M D 1842 -10.38 -76.23 1.91
C2' A2M D 1842 -11.27 -73.99 1.21
O2' A2M D 1842 -11.76 -74.59 0.06
C1' A2M D 1842 -12.41 -73.31 1.95
CM' A2M D 1842 -11.51 -73.76 -1.03
N9 A2M D 1842 -12.00 -72.20 2.74
C8 A2M D 1842 -11.97 -71.97 4.11
N7 A2M D 1842 -11.47 -70.76 4.42
C5 A2M D 1842 -11.17 -70.23 3.19
C6 A2M D 1842 -10.64 -69.04 2.77
N6 A2M D 1842 -10.28 -68.07 3.68
N1 A2M D 1842 -10.43 -68.73 1.47
C2 A2M D 1842 -10.80 -69.69 0.59
N3 A2M D 1842 -11.32 -70.89 0.81
C4 A2M D 1842 -11.48 -71.10 2.13
OP2 A2M D 1842 -12.41 -75.72 7.62
N1 OMC D 1863 -0.39 -67.45 34.94
C2 OMC D 1863 -1.58 -68.19 35.08
N3 OMC D 1863 -2.38 -68.30 34.00
C4 OMC D 1863 -2.09 -67.72 32.87
C5 OMC D 1863 -0.90 -66.95 32.70
C6 OMC D 1863 -0.10 -66.84 33.77
O2 OMC D 1863 -1.85 -68.73 36.13
N4 OMC D 1863 -2.92 -67.86 31.84
C1' OMC D 1863 0.55 -67.24 36.06
C2' OMC D 1863 1.38 -68.48 36.41
O2' OMC D 1863 1.53 -68.54 37.81
CM2 OMC D 1863 0.33 -68.68 38.52
C3' OMC D 1863 2.71 -68.17 35.75
C4' OMC D 1863 2.81 -66.66 35.89
O4' OMC D 1863 1.45 -66.22 35.69
O3' OMC D 1863 3.80 -68.82 36.37
C5' OMC D 1863 3.71 -65.99 34.90
O5' OMC D 1863 4.14 -66.92 33.92
P OMC D 1863 5.66 -66.97 33.46
OP1 OMC D 1863 6.53 -66.83 34.69
OP2 OMC D 1863 5.85 -68.17 32.55
P OMG D 1865 2.74 -75.90 36.18
OP1 OMG D 1865 3.34 -76.87 37.19
OP2 OMG D 1865 3.63 -75.21 35.16
O5' OMG D 1865 1.64 -76.73 35.37
C5' OMG D 1865 0.57 -77.35 36.04
C4' OMG D 1865 -0.59 -77.57 35.09
O4' OMG D 1865 -1.09 -76.28 34.66
C3' OMG D 1865 -0.24 -78.30 33.81
O3' OMG D 1865 -0.32 -79.71 33.93
C2' OMG D 1865 -1.25 -77.75 32.82
O2' OMG D 1865 -2.51 -78.36 33.00
CM2 OMG D 1865 -3.02 -78.90 31.81
C1' OMG D 1865 -1.36 -76.30 33.29
N9 OMG D 1865 -0.39 -75.42 32.60
C8 OMG D 1865 0.88 -75.07 33.01
N7 OMG D 1865 1.47 -74.29 32.15
C5 OMG D 1865 0.56 -74.13 31.15
C6 OMG D 1865 0.65 -73.38 29.95
O6 OMG D 1865 1.57 -72.70 29.54
N1 OMG D 1865 -0.53 -73.49 29.21
C2 OMG D 1865 -1.62 -74.22 29.56
N2 OMG D 1865 -2.65 -74.21 28.71
N3 OMG D 1865 -1.69 -74.91 30.67
C4 OMG D 1865 -0.59 -74.82 31.41
N1 PSU D 2073 -49.30 -79.22 17.38
C2 PSU D 2073 -48.19 -79.78 17.97
N3 PSU D 2073 -47.30 -78.99 18.66
C4 PSU D 2073 -47.54 -77.65 18.78
C5 PSU D 2073 -48.64 -77.08 18.17
C6 PSU D 2073 -49.52 -77.90 17.48
O2 PSU D 2073 -47.99 -80.98 17.88
O4 PSU D 2073 -46.72 -76.96 19.40
C1' PSU D 2073 -48.95 -75.61 18.24
C2' PSU D 2073 -47.87 -74.78 17.53
O2' PSU D 2073 -47.76 -73.53 18.20
C3' PSU D 2073 -48.48 -74.59 16.16
C4' PSU D 2073 -49.96 -74.50 16.46
O3' PSU D 2073 -48.01 -73.45 15.48
O4' PSU D 2073 -50.16 -75.41 17.57
C5' PSU D 2073 -50.88 -74.88 15.32
O5' PSU D 2073 -50.25 -75.77 14.41
P PSU D 2073 -51.11 -76.72 13.48
OP1 PSU D 2073 -52.34 -75.99 13.12
OP2 PSU D 2073 -50.28 -77.29 12.41
P A2M D 2228 -8.01 -67.31 6.73
OP1 A2M D 2228 -8.44 -68.72 7.02
O5' A2M D 2228 -7.68 -66.96 8.46
C5' A2M D 2228 -7.09 -65.78 8.72
C4' A2M D 2228 -6.22 -65.90 9.96
O4' A2M D 2228 -4.99 -66.46 9.58
C3' A2M D 2228 -5.95 -64.55 10.60
O3' A2M D 2228 -6.99 -64.26 11.46
C2' A2M D 2228 -4.54 -64.68 11.18
O2' A2M D 2228 -4.47 -65.10 12.55
C1' A2M D 2228 -3.96 -65.73 10.22
CM' A2M D 2228 -4.56 -66.50 12.73
N9 A2M D 2228 -3.08 -65.21 9.21
C8 A2M D 2228 -2.81 -63.90 8.78
N7 A2M D 2228 -1.91 -63.87 7.78
C5 A2M D 2228 -1.61 -65.21 7.58
C6 A2M D 2228 -0.77 -65.88 6.72
N6 A2M D 2228 0.01 -65.20 5.81
N1 A2M D 2228 -0.64 -67.22 6.73
C2 A2M D 2228 -1.41 -67.86 7.63
N3 A2M D 2228 -2.26 -67.39 8.53
C4 A2M D 2228 -2.32 -66.05 8.46
OP2 A2M D 2228 -8.97 -66.39 6.06
N1 OMC D 2245 -13.86 -67.46 -1.67
C2 OMC D 2245 -14.28 -68.16 -0.53
N3 OMC D 2245 -13.74 -67.81 0.66
C4 OMC D 2245 -12.85 -66.88 0.77
C5 OMC D 2245 -12.38 -66.16 -0.36
C6 OMC D 2245 -12.91 -66.50 -1.55
O2 OMC D 2245 -15.12 -69.05 -0.57
N4 OMC D 2245 -12.35 -66.60 1.97
C1' OMC D 2245 -14.33 -67.67 -3.06
C2' OMC D 2245 -15.85 -67.76 -3.18
O2' OMC D 2245 -16.16 -68.73 -4.17
CM2 OMC D 2245 -16.49 -69.98 -3.63
C3' OMC D 2245 -16.21 -66.38 -3.70
C4' OMC D 2245 -15.01 -66.00 -4.54
O4' OMC D 2245 -13.89 -66.58 -3.83
O3' OMC D 2245 -17.40 -66.37 -4.45
C5' OMC D 2245 -14.78 -64.54 -4.73
O5' OMC D 2245 -14.81 -63.85 -3.50
P OMC D 2245 -14.49 -62.29 -3.45
OP1 OMC D 2245 -15.47 -61.59 -4.35
OP2 OMC D 2245 -14.36 -61.87 -1.99
P A2M D 2256 -25.72 -55.16 6.49
OP1 A2M D 2256 -24.89 -55.48 7.70
O5' A2M D 2256 -25.53 -53.36 6.74
C5' A2M D 2256 -24.29 -52.89 6.68
C4' A2M D 2256 -24.26 -51.45 7.21
O4' A2M D 2256 -25.31 -50.72 6.63
C3' A2M D 2256 -24.38 -51.43 8.71
O3' A2M D 2256 -23.11 -51.63 9.21
C2' A2M D 2256 -25.08 -50.10 8.97
O2' A2M D 2256 -24.20 -49.02 8.98
C1' A2M D 2256 -25.96 -50.03 7.68
CM' A2M D 2256 -24.87 -47.86 9.41
N9 A2M D 2256 -27.30 -50.55 7.78
C8 A2M D 2256 -28.02 -51.41 6.95
N7 A2M D 2256 -29.25 -51.67 7.39
C5 A2M D 2256 -29.33 -50.92 8.55
C6 A2M D 2256 -30.31 -50.73 9.49
N6 A2M D 2256 -31.54 -51.35 9.37
N1 A2M D 2256 -30.16 -49.95 10.57
C2 A2M D 2256 -28.95 -49.34 10.67
N3 A2M D 2256 -27.89 -49.41 9.86
C4 A2M D 2256 -28.13 -50.22 8.81
OP2 A2M D 2256 -27.13 -55.65 6.43
N1 OMC D 2265 -16.09 -69.94 20.99
C2 OMC D 2265 -16.91 -69.18 21.83
N3 OMC D 2265 -18.17 -69.63 22.06
C4 OMC D 2265 -18.62 -70.74 21.52
C5 OMC D 2265 -17.81 -71.53 20.66
C6 OMC D 2265 -16.57 -71.07 20.44
O2 OMC D 2265 -16.49 -68.15 22.34
N4 OMC D 2265 -19.85 -71.12 21.79
C1' OMC D 2265 -14.71 -69.54 20.64
C2' OMC D 2265 -13.71 -69.71 21.79
O2' OMC D 2265 -12.76 -68.66 21.74
CM2 OMC D 2265 -13.32 -67.36 21.71
C3' OMC D 2265 -13.04 -71.03 21.42
C4' OMC D 2265 -13.02 -70.97 19.90
O4' OMC D 2265 -14.27 -70.34 19.57
O3' OMC D 2265 -11.73 -71.16 21.95
C5' OMC D 2265 -12.93 -72.30 19.22
O5' OMC D 2265 -13.94 -73.18 19.68
P OMC D 2265 -14.28 -74.51 18.88
OP1 OMC D 2265 -13.05 -75.38 18.87
OP2 OMC D 2265 -15.60 -75.05 19.42
N1 OMU D 2278 -5.57 -40.34 40.27
C2 OMU D 2278 -5.30 -41.47 39.33
N3 OMU D 2278 -6.17 -42.69 39.35
C4 OMU D 2278 -7.29 -42.75 40.27
C5 OMU D 2278 -7.56 -41.61 41.19
C6 OMU D 2278 -6.70 -40.41 41.17
O2 OMU D 2278 -4.36 -41.42 38.55
O4 OMU D 2278 -7.96 -43.66 40.28
C1' OMU D 2278 -4.73 -39.14 40.23
C2' OMU D 2278 -4.96 -38.36 38.95
O2' OMU D 2278 -3.78 -37.63 38.64
CM2 OMU D 2278 -2.87 -38.40 37.93
C3' OMU D 2278 -6.08 -37.42 39.38
C4' OMU D 2278 -5.65 -37.06 40.79
O3' OMU D 2278 -6.24 -36.29 38.53
O4' OMU D 2278 -5.09 -38.29 41.31
C5' OMU D 2278 -6.75 -36.56 41.70
O5' OMU D 2278 -7.90 -37.39 41.61
P OMU D 2278 -9.09 -37.24 42.64
OP1 OMU D 2278 -9.53 -35.81 42.66
OP2 OMU D 2278 -10.08 -38.34 42.38
N1 PSU D 2280 -9.75 -41.96 33.81
C2 PSU D 2280 -10.82 -42.79 34.05
N3 PSU D 2280 -11.13 -43.79 33.16
C4 PSU D 2280 -10.34 -43.97 32.04
C5 PSU D 2280 -9.28 -43.13 31.80
C6 PSU D 2280 -8.99 -42.13 32.72
O2 PSU D 2280 -11.51 -42.63 35.05
O4 PSU D 2280 -10.62 -44.85 31.25
C1' PSU D 2280 -8.41 -43.32 30.58
C2' PSU D 2280 -9.08 -42.88 29.29
O2' PSU D 2280 -8.66 -43.74 28.25
C3' PSU D 2280 -8.49 -41.49 29.09
C4' PSU D 2280 -7.08 -41.64 29.65
O3' PSU D 2280 -8.48 -41.06 27.74
O4' PSU D 2280 -7.23 -42.56 30.75
C5' PSU D 2280 -6.49 -40.36 30.16
O5' PSU D 2280 -7.46 -39.62 30.88
P PSU D 2280 -7.09 -38.28 31.64
OP1 PSU D 2280 -6.52 -37.33 30.66
OP2 PSU D 2280 -8.35 -37.99 32.37
N1 OMC D 2302 -29.19 -32.17 15.48
C2 OMC D 2302 -28.42 -32.91 14.56
N3 OMC D 2302 -27.47 -33.73 15.04
C4 OMC D 2302 -27.25 -33.85 16.32
C5 OMC D 2302 -28.00 -33.11 17.29
C6 OMC D 2302 -28.94 -32.30 16.80
O2 OMC D 2302 -28.61 -32.81 13.36
N4 OMC D 2302 -26.30 -34.69 16.73
C1' OMC D 2302 -30.24 -31.19 15.11
C2' OMC D 2302 -31.38 -31.82 14.31
O2' OMC D 2302 -31.80 -30.88 13.33
CM2 OMC D 2302 -30.80 -30.54 12.40
C3' OMC D 2302 -32.45 -32.00 15.36
C4' OMC D 2302 -32.22 -30.84 16.31
O4' OMC D 2302 -30.78 -30.65 16.29
O3' OMC D 2302 -33.77 -32.01 14.83
C5' OMC D 2302 -32.65 -31.06 17.73
O5' OMC D 2302 -31.79 -31.95 18.40
P OMC D 2302 -31.77 -32.04 19.98
OP1 OMC D 2302 -33.20 -31.95 20.48
OP2 OMC D 2302 -30.88 -33.21 20.39
P OMG D 2317 -31.54 -24.09 -17.27
OP1 OMG D 2317 -30.99 -23.91 -18.69
OP2 OMG D 2317 -33.04 -24.20 -17.05
O5' OMG D 2317 -30.89 -25.39 -16.64
C5' OMG D 2317 -30.98 -25.68 -15.25
C4' OMG D 2317 -29.78 -26.46 -14.79
O4' OMG D 2317 -28.59 -25.74 -15.13
C3' OMG D 2317 -29.64 -26.69 -13.30
O3' OMG D 2317 -30.45 -27.76 -12.82
C2' OMG D 2317 -28.14 -26.98 -13.15
O2' OMG D 2317 -27.87 -28.34 -13.44
CM2 OMG D 2317 -27.31 -29.04 -12.37
C1' OMG D 2317 -27.55 -26.13 -14.28
N9 OMG D 2317 -26.85 -24.93 -13.79
C8 OMG D 2317 -25.51 -24.68 -13.96
N7 OMG D 2317 -25.16 -23.54 -13.44
C5 OMG D 2317 -26.30 -23.03 -12.90
C6 OMG D 2317 -26.51 -21.82 -12.20
O6 OMG D 2317 -25.69 -20.96 -11.92
N1 OMG D 2317 -27.83 -21.68 -11.81
C2 OMG D 2317 -28.82 -22.58 -12.06
N2 OMG D 2317 -30.04 -22.27 -11.62
N3 OMG D 2317 -28.63 -23.70 -12.71
C4 OMG D 2317 -27.36 -23.88 -13.10
P OMG D 2395 -25.37 -27.83 9.38
OP1 OMG D 2395 -25.69 -28.48 8.05
OP2 OMG D 2395 -23.95 -27.42 9.72
O5' OMG D 2395 -26.28 -26.53 9.51
C5' OMG D 2395 -27.55 -26.48 8.87
C4' OMG D 2395 -28.28 -25.20 9.17
O4' OMG D 2395 -28.16 -24.86 10.58
C3' OMG D 2395 -27.81 -23.95 8.47
O3' OMG D 2395 -28.23 -23.88 7.12
C2' OMG D 2395 -28.38 -22.85 9.33
O2' OMG D 2395 -29.77 -22.72 9.10
CM2 OMG D 2395 -30.43 -21.86 10.01
C1' OMG D 2395 -28.17 -23.45 10.72
N9 OMG D 2395 -26.89 -23.04 11.29
C8 OMG D 2395 -25.79 -23.83 11.50
N7 OMG D 2395 -24.80 -23.17 12.01
C5 OMG D 2395 -25.26 -21.89 12.13
C6 OMG D 2395 -24.60 -20.74 12.64
O6 OMG D 2395 -23.48 -20.64 13.07
N1 OMG D 2395 -25.46 -19.63 12.59
C2 OMG D 2395 -26.73 -19.64 12.11
N2 OMG D 2395 -27.38 -18.46 12.14
N3 OMG D 2395 -27.33 -20.70 11.66
C4 OMG D 2395 -26.55 -21.78 11.69
N1 PSU D 2405 -10.65 -31.24 -9.34
C2 PSU D 2405 -9.79 -31.92 -10.16
N3 PSU D 2405 -10.09 -33.18 -10.60
C4 PSU D 2405 -11.26 -33.77 -10.20
C5 PSU D 2405 -12.13 -33.10 -9.37
C6 PSU D 2405 -11.81 -31.82 -8.94
O2 PSU D 2405 -8.75 -31.39 -10.51
O4 PSU D 2405 -11.52 -34.90 -10.61
C1' PSU D 2405 -13.40 -33.76 -8.91
C2' PSU D 2405 -12.97 -34.78 -7.86
O2' PSU D 2405 -13.91 -35.85 -7.87
C3' PSU D 2405 -13.12 -33.97 -6.59
C4' PSU D 2405 -14.37 -33.15 -6.87
O3' PSU D 2405 -13.20 -34.76 -5.42
O4' PSU D 2405 -14.25 -32.83 -8.28
C5' PSU D 2405 -14.53 -31.88 -6.08
O5' PSU D 2405 -13.35 -31.09 -6.11
P PSU D 2405 -13.19 -29.85 -5.13
OP1 PSU D 2405 -13.82 -30.23 -3.84
OP2 PSU D 2405 -11.80 -29.37 -5.15
N1 PSU D 2407 -5.45 -33.43 -4.29
C2 PSU D 2407 -4.83 -32.30 -3.83
N3 PSU D 2407 -3.49 -32.09 -4.07
C4 PSU D 2407 -2.80 -33.05 -4.77
C5 PSU D 2407 -3.42 -34.19 -5.22
C6 PSU D 2407 -4.77 -34.37 -4.96
O2 PSU D 2407 -5.46 -31.46 -3.21
O4 PSU D 2407 -1.60 -32.87 -4.99
C1' PSU D 2407 -2.67 -35.22 -5.99
C2' PSU D 2407 -1.71 -36.05 -5.13
O2' PSU D 2407 -0.58 -36.36 -5.91
C3' PSU D 2407 -2.54 -37.30 -4.88
C4' PSU D 2407 -3.34 -37.46 -6.17
O3' PSU D 2407 -1.75 -38.45 -4.60
O4' PSU D 2407 -3.60 -36.10 -6.57
C5' PSU D 2407 -4.64 -38.19 -6.02
O5' PSU D 2407 -5.44 -37.62 -5.01
P PSU D 2407 -6.86 -38.22 -4.66
OP1 PSU D 2407 -6.72 -39.68 -4.51
OP2 PSU D 2407 -7.45 -37.41 -3.57
N1 PSU D 2463 -12.63 -12.21 -18.79
C2 PSU D 2463 -11.52 -12.02 -17.97
N3 PSU D 2463 -11.24 -10.78 -17.47
C4 PSU D 2463 -12.05 -9.72 -17.80
C5 PSU D 2463 -13.14 -9.91 -18.62
C6 PSU D 2463 -13.42 -11.17 -19.11
O2 PSU D 2463 -10.80 -12.97 -17.69
O4 PSU D 2463 -11.79 -8.60 -17.35
C1' PSU D 2463 -14.05 -8.76 -18.95
C2' PSU D 2463 -13.55 -7.82 -20.04
O2' PSU D 2463 -13.89 -6.49 -19.67
C3' PSU D 2463 -14.38 -8.25 -21.25
C4' PSU D 2463 -15.70 -8.68 -20.61
O3' PSU D 2463 -14.57 -7.24 -22.21
O4' PSU D 2463 -15.30 -9.27 -19.36
C5' PSU D 2463 -16.49 -9.66 -21.42
O5' PSU D 2463 -15.65 -10.69 -21.90
P PSU D 2463 -16.28 -11.98 -22.58
OP1 PSU D 2463 -17.06 -11.52 -23.76
OP2 PSU D 2463 -15.21 -13.00 -22.75
N1 OMC D 2469 12.90 -4.50 -26.86
C2 OMC D 2469 11.53 -4.25 -26.85
N3 OMC D 2469 10.69 -5.29 -26.69
C4 OMC D 2469 11.13 -6.51 -26.54
C5 OMC D 2469 12.52 -6.81 -26.56
C6 OMC D 2469 13.35 -5.77 -26.71
O2 OMC D 2469 11.09 -3.12 -26.97
N4 OMC D 2469 10.24 -7.48 -26.40
C1' OMC D 2469 13.90 -3.43 -27.02
C2' OMC D 2469 13.83 -2.70 -28.35
O2' OMC D 2469 14.57 -3.37 -29.34
CM2 OMC D 2469 14.21 -2.98 -30.64
C3' OMC D 2469 14.35 -1.31 -28.01
C4' OMC D 2469 14.09 -1.17 -26.51
O4' OMC D 2469 13.64 -2.46 -26.04
O3' OMC D 2469 15.75 -1.23 -28.25
C5' OMC D 2469 13.07 -0.13 -26.14
O5' OMC D 2469 12.41 0.39 -27.30
P OMC D 2469 10.88 0.79 -27.23
OP1 OMC D 2469 10.60 1.80 -28.32
OP2 OMC D 2469 10.07 -0.49 -27.18
P A2M D 2486 47.68 -20.44 -35.93
OP1 A2M D 2486 49.03 -20.75 -35.35
O5' A2M D 2486 47.45 -22.13 -36.47
C5' A2M D 2486 47.26 -23.04 -35.49
C4' A2M D 2486 46.51 -24.22 -36.05
O4' A2M D 2486 45.13 -23.93 -36.10
C3' A2M D 2486 46.97 -24.54 -37.45
O3' A2M D 2486 48.20 -25.17 -37.34
C2' A2M D 2486 45.77 -25.31 -37.97
O2' A2M D 2486 45.67 -26.57 -37.41
C1' A2M D 2486 44.71 -24.38 -37.36
CM' A2M D 2486 44.42 -27.12 -37.71
N9 A2M D 2486 44.34 -23.25 -38.17
C8 A2M D 2486 44.51 -21.88 -38.01
N7 A2M D 2486 44.02 -21.15 -39.02
C5 A2M D 2486 43.54 -22.12 -39.88
C6 A2M D 2486 42.92 -22.07 -41.11
N6 A2M D 2486 42.67 -20.87 -41.74
N1 A2M D 2486 42.53 -23.18 -41.77
C2 A2M D 2486 42.79 -24.35 -41.15
N3 A2M D 2486 43.37 -24.59 -39.97
C4 A2M D 2486 43.73 -23.42 -39.38
OP2 A2M D 2486 47.57 -19.40 -36.99
P OMG D 2512 13.78 -2.60 -35.52
OP1 OMG D 2512 12.81 -1.47 -35.86
OP2 OMG D 2512 14.78 -2.42 -34.40
O5' OMG D 2512 12.94 -3.92 -35.26
C5' OMG D 2512 12.31 -4.59 -36.33
C4' OMG D 2512 11.96 -6.00 -35.97
O4' OMG D 2512 13.15 -6.82 -36.02
C3' OMG D 2512 11.46 -6.18 -34.54
O3' OMG D 2512 10.08 -5.89 -34.42
C2' OMG D 2512 11.80 -7.63 -34.25
O2' OMG D 2512 10.81 -8.47 -34.83
CM2 OMG D 2512 11.06 -9.85 -34.69
C1' OMG D 2512 13.09 -7.81 -35.03
N9 OMG D 2512 14.29 -7.67 -34.16
C8 OMG D 2512 15.16 -6.61 -34.18
N7 OMG D 2512 16.13 -6.76 -33.33
C5 OMG D 2512 15.89 -7.95 -32.72
C6 OMG D 2512 16.62 -8.62 -31.71
O6 OMG D 2512 17.64 -8.27 -31.14
N1 OMG D 2512 16.02 -9.84 -31.39
C2 OMG D 2512 14.89 -10.33 -31.96
N2 OMG D 2512 14.47 -11.52 -31.50
N3 OMG D 2512 14.21 -9.71 -32.89
C4 OMG D 2512 14.75 -8.54 -33.23
P 5MC D 2550 -10.99 -2.39 -3.55
OP1 5MC D 2550 -12.15 -3.05 -2.82
OP2 5MC D 2550 -11.17 -0.99 -4.14
O5' 5MC D 2550 -9.75 -2.36 -2.56
C5' 5MC D 2550 -9.34 -3.53 -1.88
C4' 5MC D 2550 -7.99 -3.37 -1.25
O4' 5MC D 2550 -7.08 -2.78 -2.20
C3' 5MC D 2550 -7.93 -2.43 -0.07
O3' 5MC D 2550 -8.38 -3.02 1.13
C2' 5MC D 2550 -6.46 -2.05 -0.02
O2' 5MC D 2550 -5.70 -3.06 0.62
C1' 5MC D 2550 -6.09 -2.06 -1.51
N1 5MC D 2550 -6.01 -0.70 -2.08
C2 5MC D 2550 -4.92 0.13 -1.85
O2 5MC D 2550 -3.98 -0.28 -1.17
N3 5MC D 2550 -4.92 1.35 -2.40
C4 5MC D 2550 -5.93 1.77 -3.12
N4 5MC D 2550 -5.89 3.00 -3.63
C5 5MC D 2550 -7.09 0.97 -3.38
C6 5MC D 2550 -7.06 -0.25 -2.82
CM5 5MC D 2550 -8.22 1.46 -4.21
P A2M D 2553 -6.08 -8.97 5.59
OP1 A2M D 2553 -6.71 -10.15 6.27
O5' A2M D 2553 -4.60 -9.90 5.15
C5' A2M D 2553 -4.79 -10.98 4.36
C4' A2M D 2553 -3.45 -11.62 4.08
O4' A2M D 2553 -3.65 -12.87 3.44
C3' A2M D 2553 -2.63 -10.74 3.15
O3' A2M D 2553 -1.60 -10.22 3.88
C2' A2M D 2553 -2.31 -11.62 1.96
O2' A2M D 2553 -0.98 -11.54 1.57
C1' A2M D 2553 -2.55 -12.97 2.63
CM' A2M D 2553 -0.92 -11.53 0.18
N9 A2M D 2553 -2.67 -14.04 1.70
C8 A2M D 2553 -3.22 -14.13 0.43
N7 A2M D 2553 -3.07 -15.34 -0.11
C5 A2M D 2553 -2.40 -16.04 0.86
C6 A2M D 2553 -1.95 -17.33 0.95
N6 A2M D 2553 -2.13 -18.19 -0.10
N1 A2M D 2553 -1.29 -17.82 2.02
C2 A2M D 2553 -1.11 -16.94 3.03
N3 A2M D 2553 -1.48 -15.65 3.13
C4 A2M D 2553 -2.13 -15.26 2.00
OP2 A2M D 2553 -5.86 -7.72 6.37
P OMG D 2560 -4.71 1.26 12.64
OP1 OMG D 2560 -6.13 1.73 12.38
OP2 OMG D 2560 -4.19 -0.01 12.00
O5' OMG D 2560 -3.73 2.45 12.24
C5' OMG D 2560 -3.86 3.73 12.86
C4' OMG D 2560 -3.78 4.83 11.84
O4' OMG D 2560 -3.37 4.30 10.56
C3' OMG D 2560 -5.09 5.54 11.54
O3' OMG D 2560 -5.40 6.51 12.52
C2' OMG D 2560 -4.84 6.13 10.16
O2' OMG D 2560 -4.04 7.29 10.28
CM2 OMG D 2560 -3.69 7.86 9.05
C1' OMG D 2560 -3.99 5.03 9.53
N9 OMG D 2560 -4.80 4.08 8.71
C8 OMG D 2560 -4.73 2.72 8.84
N7 OMG D 2560 -5.50 2.09 8.01
C5 OMG D 2560 -6.12 3.08 7.31
C6 OMG D 2560 -7.09 2.97 6.28
O6 OMG D 2560 -7.57 1.97 5.79
N1 OMG D 2560 -7.48 4.24 5.84
C2 OMG D 2560 -7.01 5.41 6.31
N2 OMG D 2560 -7.51 6.52 5.75
N3 OMG D 2560 -6.11 5.51 7.26
C4 OMG D 2560 -5.69 4.33 7.72
N1 OMC D 2576 -10.48 5.68 1.71
C2 OMC D 2576 -9.38 5.76 2.58
N3 OMC D 2576 -8.98 4.63 3.21
C4 OMC D 2576 -9.61 3.50 3.05
C5 OMC D 2576 -10.73 3.36 2.19
C6 OMC D 2576 -11.12 4.49 1.57
O2 OMC D 2576 -8.80 6.80 2.73
N4 OMC D 2576 -9.16 2.43 3.71
C1' OMC D 2576 -11.06 6.83 0.99
C2' OMC D 2576 -10.20 7.39 -0.15
O2' OMC D 2576 -10.16 8.80 -0.02
CM2 OMC D 2576 -9.22 9.30 0.91
C3' OMC D 2576 -11.02 7.04 -1.40
C4' OMC D 2576 -12.45 6.98 -0.87
O4' OMC D 2576 -12.29 6.42 0.44
O3' OMC D 2576 -10.89 8.01 -2.43
C5' OMC D 2576 -13.39 6.13 -1.67
O5' OMC D 2576 -12.98 4.77 -1.65
P OMC D 2576 -13.93 3.65 -2.27
OP1 OMC D 2576 -14.33 4.07 -3.68
OP2 OMC D 2576 -13.26 2.29 -2.05
C1' UY1 D 2586 6.02 -12.68 -13.30
C2 UY1 D 2586 5.55 -8.30 -12.27
C2' UY1 D 2586 5.16 -13.58 -12.39
C3' UY1 D 2586 3.87 -13.67 -13.19
C4 UY1 D 2586 6.73 -10.53 -11.90
C4' UY1 D 2586 4.36 -13.67 -14.63
C5 UY1 D 2586 5.85 -11.17 -12.92
C5' UY1 D 2586 3.40 -13.15 -15.66
C6 UY1 D 2586 4.83 -10.35 -13.63
CM2 UY1 D 2586 7.00 -15.07 -12.89
N1 UY1 D 2586 4.67 -8.94 -13.32
N3 UY1 D 2586 6.58 -9.11 -11.56
O2 UY1 D 2586 5.42 -7.17 -12.01
O2' UY1 D 2586 5.76 -14.86 -12.30
O3' UY1 D 2586 3.12 -14.83 -12.90
O4 UY1 D 2586 7.53 -11.18 -11.35
O4' UY1 D 2586 5.54 -12.81 -14.61
O5' UY1 D 2586 3.93 -13.34 -16.96
OP1 UY1 D 2586 4.31 -14.60 -19.07
OP2 UY1 D 2586 3.97 -15.82 -16.82
P UY1 D 2586 3.65 -14.69 -17.74
N1 PSU D 2590 -11.68 -12.41 -10.90
C2 PSU D 2590 -11.98 -13.29 -11.91
N3 PSU D 2590 -13.18 -13.24 -12.55
C4 PSU D 2590 -14.12 -12.30 -12.17
C5 PSU D 2590 -13.82 -11.43 -11.14
C6 PSU D 2590 -12.59 -11.48 -10.53
O2 PSU D 2590 -11.14 -14.12 -12.24
O4 PSU D 2590 -15.19 -12.26 -12.75
C1' PSU D 2590 -14.78 -10.37 -10.73
C2' PSU D 2590 -16.13 -10.75 -10.14
O2' PSU D 2590 -17.14 -10.12 -10.90
C3' PSU D 2590 -16.08 -10.15 -8.73
C4' PSU D 2590 -15.05 -9.04 -8.84
O3' PSU D 2590 -17.33 -9.65 -8.28
O4' PSU D 2590 -14.13 -9.49 -9.84
C5' PSU D 2590 -14.32 -8.73 -7.56
O5' PSU D 2590 -13.36 -7.72 -7.77
P PSU D 2590 -11.93 -7.84 -7.10
OP1 PSU D 2590 -11.97 -7.29 -5.74
OP2 PSU D 2590 -11.45 -9.21 -7.32
P A2M D 2593 -23.36 -20.39 -4.65
OP1 A2M D 2593 -24.49 -20.30 -3.68
O5' A2M D 2593 -22.77 -22.05 -5.02
C5' A2M D 2593 -23.54 -22.76 -5.85
C4' A2M D 2593 -22.79 -24.01 -6.25
O4' A2M D 2593 -22.02 -23.73 -7.38
C3' A2M D 2593 -21.87 -24.45 -5.14
O3' A2M D 2593 -22.66 -25.15 -4.27
C2' A2M D 2593 -20.81 -25.17 -5.91
O2' A2M D 2593 -21.23 -26.43 -6.34
C1' A2M D 2593 -20.74 -24.22 -7.09
CM' A2M D 2593 -20.56 -26.84 -7.49
N9 A2M D 2593 -19.86 -23.10 -6.99
C8 A2M D 2593 -20.09 -21.75 -6.77
N7 A2M D 2593 -18.95 -21.03 -6.77
C5 A2M D 2593 -17.98 -21.98 -7.01
C6 A2M D 2593 -16.61 -21.93 -7.15
N6 A2M D 2593 -15.92 -20.75 -7.02
N1 A2M D 2593 -15.86 -23.03 -7.38
C2 A2M D 2593 -16.55 -24.19 -7.50
N3 A2M D 2593 -17.86 -24.42 -7.40
C4 A2M D 2593 -18.53 -23.27 -7.15
OP2 A2M D 2593 -22.00 -19.92 -4.23
P A2M D 2598 -8.68 -23.83 8.54
OP1 A2M D 2598 -8.29 -24.45 9.83
O5' A2M D 2598 -8.31 -22.06 8.38
C5' A2M D 2598 -7.01 -21.73 8.41
C4' A2M D 2598 -6.85 -20.21 8.32
O4' A2M D 2598 -7.00 -19.83 6.97
C3' A2M D 2598 -7.90 -19.47 9.12
O3' A2M D 2598 -7.46 -19.43 10.42
C2' A2M D 2598 -8.02 -18.19 8.37
O2' A2M D 2598 -6.93 -17.33 8.58
C1' A2M D 2598 -7.93 -18.79 6.97
CM' A2M D 2598 -6.81 -16.41 7.53
N9 A2M D 2598 -9.15 -19.26 6.36
C8 A2M D 2598 -9.63 -20.54 6.07
N7 A2M D 2598 -10.83 -20.52 5.48
C5 A2M D 2598 -11.12 -19.18 5.39
C6 A2M D 2598 -12.19 -18.48 4.89
N6 A2M D 2598 -13.27 -19.12 4.34
N1 A2M D 2598 -12.25 -17.14 4.91
C2 A2M D 2598 -11.19 -16.51 5.46
N3 A2M D 2598 -10.07 -17.03 5.99
C4 A2M D 2598 -10.10 -18.37 5.93
OP2 A2M D 2598 -10.13 -23.63 8.24
N1 OMC D 2609 -17.90 -22.22 31.89
C2 OMC D 2609 -19.20 -21.75 31.73
N3 OMC D 2609 -20.19 -22.62 31.48
C4 OMC D 2609 -19.93 -23.90 31.38
C5 OMC D 2609 -18.63 -24.44 31.54
C6 OMC D 2609 -17.65 -23.54 31.78
O2 OMC D 2609 -19.40 -20.55 31.82
N4 OMC D 2609 -20.93 -24.75 31.14
C1' OMC D 2609 -16.77 -21.31 32.14
C2' OMC D 2609 -16.65 -20.93 33.62
O2' OMC D 2609 -16.19 -19.59 33.69
CM2 OMC D 2609 -17.17 -18.66 33.33
C3' OMC D 2609 -15.59 -21.90 34.12
C4' OMC D 2609 -14.69 -22.08 32.92
O4' OMC D 2609 -15.57 -21.98 31.78
O3' OMC D 2609 -14.87 -21.41 35.23
C5' OMC D 2609 -13.97 -23.40 32.86
O5' OMC D 2609 -14.89 -24.48 32.76
P OMC D 2609 -14.39 -25.96 32.49
OP1 OMC D 2609 -13.11 -26.15 33.27
OP2 OMC D 2609 -15.57 -26.90 32.73
N1 PSU D 2612 -17.08 -28.62 37.58
C2 PSU D 2612 -18.28 -29.15 37.17
N3 PSU D 2612 -19.36 -29.15 38.02
C4 PSU D 2612 -19.22 -28.62 39.29
C5 PSU D 2612 -18.00 -28.11 39.70
C6 PSU D 2612 -16.94 -28.12 38.82
O2 PSU D 2612 -18.40 -29.60 36.04
O4 PSU D 2612 -20.18 -28.62 40.05
C1' PSU D 2612 -17.87 -27.56 41.08
C2' PSU D 2612 -17.73 -28.70 42.08
O2' PSU D 2612 -18.29 -28.28 43.31
C3' PSU D 2612 -16.22 -28.82 42.19
C4' PSU D 2612 -15.77 -27.36 42.11
O3' PSU D 2612 -15.78 -29.46 43.38
O4' PSU D 2612 -16.69 -26.77 41.17
C5' PSU D 2612 -14.36 -27.14 41.65
O5' PSU D 2612 -13.99 -25.79 41.77
P PSU D 2612 -13.94 -24.84 40.50
OP1 PSU D 2612 -13.41 -23.53 40.89
OP2 PSU D 2612 -13.28 -25.59 39.40
N1 PSU D 2619 -9.33 -48.54 38.38
C2 PSU D 2619 -9.14 -47.24 38.78
N3 PSU D 2619 -8.05 -46.52 38.34
C4 PSU D 2619 -7.14 -47.13 37.50
C5 PSU D 2619 -7.32 -48.45 37.12
C6 PSU D 2619 -8.45 -49.13 37.56
O2 PSU D 2619 -9.95 -46.70 39.52
O4 PSU D 2619 -6.17 -46.48 37.12
C1' PSU D 2619 -6.38 -49.14 36.18
C2' PSU D 2619 -4.98 -49.35 36.75
O2' PSU D 2619 -4.04 -49.10 35.71
C3' PSU D 2619 -5.00 -50.83 37.10
C4' PSU D 2619 -5.89 -51.42 36.02
O3' PSU D 2619 -3.71 -51.42 37.11
O4' PSU D 2619 -6.90 -50.40 35.82
C5' PSU D 2619 -6.54 -52.72 36.37
O5' PSU D 2619 -7.19 -53.28 35.24
P PSU D 2619 -8.43 -54.24 35.42
OP1 PSU D 2619 -7.94 -55.59 35.11
OP2 PSU D 2619 -9.06 -53.92 36.72
N1 PSU D 2621 -5.49 -51.42 42.58
C2 PSU D 2621 -6.24 -52.50 43.00
N3 PSU D 2621 -6.32 -52.78 44.35
C4 PSU D 2621 -5.67 -51.98 45.26
C5 PSU D 2621 -4.90 -50.92 44.81
C6 PSU D 2621 -4.84 -50.64 43.46
O2 PSU D 2621 -6.81 -53.20 42.18
O4 PSU D 2621 -5.78 -52.28 46.44
C1' PSU D 2621 -4.17 -49.98 45.74
C2' PSU D 2621 -3.17 -50.66 46.70
O2' PSU D 2621 -3.24 -50.02 47.95
C3' PSU D 2621 -1.84 -50.35 46.04
C4' PSU D 2621 -2.08 -48.99 45.42
O3' PSU D 2621 -0.75 -50.33 46.94
O4' PSU D 2621 -3.44 -49.04 44.98
C5' PSU D 2621 -1.17 -48.66 44.27
O5' PSU D 2621 -0.98 -49.80 43.45
P PSU D 2621 0.10 -49.80 42.28
OP1 PSU D 2621 1.37 -49.33 42.87
OP2 PSU D 2621 0.06 -51.09 41.57
P A2M D 2635 27.16 -44.38 47.90
OP1 A2M D 2635 26.97 -45.84 48.16
O5' A2M D 2635 26.95 -43.30 49.33
C5' A2M D 2635 25.68 -43.01 49.65
C4' A2M D 2635 25.64 -41.54 50.04
O4' A2M D 2635 26.38 -40.84 49.09
C3' A2M D 2635 24.23 -40.99 50.09
O3' A2M D 2635 23.75 -41.30 51.36
C2' A2M D 2635 24.48 -39.54 49.79
O2' A2M D 2635 24.97 -38.88 50.92
C1' A2M D 2635 25.61 -39.72 48.77
CM' A2M D 2635 25.84 -37.85 50.58
N9 A2M D 2635 25.28 -39.76 47.39
C8 A2M D 2635 25.30 -40.77 46.43
N7 A2M D 2635 24.90 -40.36 45.21
C5 A2M D 2635 24.62 -39.02 45.42
C6 A2M D 2635 24.17 -38.01 44.61
N6 A2M D 2635 23.89 -38.22 43.27
N1 A2M D 2635 23.96 -36.75 45.05
C2 A2M D 2635 24.23 -36.56 46.36
N3 A2M D 2635 24.67 -37.41 47.29
C4 A2M D 2635 24.85 -38.63 46.76
OP2 A2M D 2635 26.13 -43.64 47.11
N1 OMC D 2637 19.47 -30.95 56.38
C2 OMC D 2637 19.61 -29.93 57.32
N3 OMC D 2637 20.84 -29.60 57.72
C4 OMC D 2637 21.90 -30.22 57.25
C5 OMC D 2637 21.80 -31.26 56.29
C6 OMC D 2637 20.56 -31.59 55.90
O2 OMC D 2637 18.62 -29.36 57.76
N4 OMC D 2637 23.10 -29.85 57.69
C1' OMC D 2637 18.13 -31.36 55.90
C2' OMC D 2637 17.67 -30.46 54.76
O2' OMC D 2637 16.27 -30.33 54.84
CM2 OMC D 2637 15.90 -29.33 55.75
C3' OMC D 2637 18.05 -31.30 53.54
C4' OMC D 2637 17.81 -32.71 54.02
O4' OMC D 2637 18.23 -32.68 55.40
O3' OMC D 2637 17.32 -30.97 52.38
C5' OMC D 2637 18.60 -33.77 53.29
O5' OMC D 2637 19.97 -33.42 53.23
P OMC D 2637 21.10 -34.52 53.28
OP1 OMC D 2637 22.45 -33.83 53.36
OP2 OMC D 2637 20.71 -35.55 54.33
N1 PSU D 2652 29.05 -23.18 58.63
C2 PSU D 2652 27.79 -23.02 58.10
N3 PSU D 2652 27.11 -21.85 58.28
C4 PSU D 2652 27.68 -20.83 59.00
C5 PSU D 2652 28.94 -20.99 59.53
C6 PSU D 2652 29.61 -22.19 59.34
O2 PSU D 2652 27.28 -23.93 57.45
O4 PSU D 2652 27.08 -19.78 59.15
C1' PSU D 2652 29.56 -19.87 60.32
C2' PSU D 2652 28.95 -19.86 61.72
O2' PSU D 2652 28.97 -18.54 62.21
C3' PSU D 2652 29.95 -20.72 62.47
C4' PSU D 2652 31.27 -20.26 61.87
O3' PSU D 2652 29.89 -20.58 63.87
O4' PSU D 2652 30.95 -20.07 60.47
C5' PSU D 2652 32.42 -21.22 62.03
O5' PSU D 2652 32.06 -22.52 61.63
P PSU D 2652 33.14 -23.68 61.53
OP1 PSU D 2652 33.93 -23.69 62.78
OP2 PSU D 2652 32.41 -24.89 61.10
N1 OMC D 2655 20.96 -29.38 64.87
C2 OMC D 2655 21.74 -30.50 64.57
N3 OMC D 2655 22.52 -31.04 65.53
C4 OMC D 2655 22.57 -30.52 66.73
C5 OMC D 2655 21.80 -29.38 67.09
C6 OMC D 2655 21.03 -28.85 66.12
O2 OMC D 2655 21.71 -31.01 63.46
N4 OMC D 2655 23.36 -31.10 67.63
C1' OMC D 2655 20.07 -28.71 63.91
C2' OMC D 2655 18.94 -29.65 63.46
O2' OMC D 2655 18.54 -29.24 62.15
CM2 OMC D 2655 19.34 -29.78 61.14
C3' OMC D 2655 17.87 -29.31 64.47
C4' OMC D 2655 18.02 -27.81 64.60
O4' OMC D 2655 19.45 -27.61 64.55
O3' OMC D 2655 16.57 -29.72 64.07
C5' OMC D 2655 17.47 -27.22 65.86
O5' OMC D 2655 17.22 -25.84 65.71
P OMC D 2655 17.94 -24.80 66.66
OP1 OMC D 2655 16.93 -24.33 67.69
OP2 OMC D 2655 19.26 -25.43 67.09
P OMG D 2667 12.16 -26.98 40.40
OP1 OMG D 2667 12.24 -26.33 39.04
OP2 OMG D 2667 12.17 -28.51 40.52
O5' OMG D 2667 13.31 -26.43 41.34
C5' OMG D 2667 14.66 -26.80 41.11
C4' OMG D 2667 15.23 -27.57 42.26
O4' OMG D 2667 14.20 -28.26 42.99
C3' OMG D 2667 16.19 -28.68 41.88
O3' OMG D 2667 17.45 -28.20 41.52
C2' OMG D 2667 16.20 -29.53 43.13
O2' OMG D 2667 17.06 -28.97 44.10
CM2 OMG D 2667 17.71 -29.93 44.88
C1' OMG D 2667 14.75 -29.38 43.63
N9 OMG D 2667 13.92 -30.56 43.35
C8 OMG D 2667 12.71 -30.55 42.70
N7 OMG D 2667 12.21 -31.74 42.59
C5 OMG D 2667 13.11 -32.57 43.19
C6 OMG D 2667 13.07 -33.97 43.37
O6 OMG D 2667 12.21 -34.76 43.02
N1 OMG D 2667 14.21 -34.42 44.05
C2 OMG D 2667 15.23 -33.64 44.48
N2 OMG D 2667 16.23 -34.26 45.10
N3 OMG D 2667 15.25 -32.35 44.31
C4 OMG D 2667 14.19 -31.85 43.67
N1 PSU D 2688 26.08 -23.52 -7.27
C2 PSU D 2688 27.17 -22.71 -7.02
N3 PSU D 2688 27.07 -21.35 -7.09
C4 PSU D 2688 25.86 -20.79 -7.41
C5 PSU D 2688 24.78 -21.59 -7.67
C6 PSU D 2688 24.90 -22.97 -7.59
O2 PSU D 2688 28.24 -23.22 -6.73
O4 PSU D 2688 25.75 -19.57 -7.48
C1' PSU D 2688 23.45 -20.99 -8.00
C2' PSU D 2688 23.36 -20.43 -9.42
O2' PSU D 2688 22.64 -19.22 -9.39
C3' PSU D 2688 22.56 -21.50 -10.14
C4' PSU D 2688 21.66 -22.05 -9.05
O3' PSU D 2688 21.82 -20.99 -11.24
O4' PSU D 2688 22.44 -21.96 -7.85
C5' PSU D 2688 21.22 -23.47 -9.25
O5' PSU D 2688 22.35 -24.32 -9.43
P PSU D 2688 22.16 -25.88 -9.55
OP1 PSU D 2688 21.19 -26.14 -10.64
OP2 PSU D 2688 23.50 -26.50 -9.61
N1 OMU D 2693 38.89 -23.59 -14.18
C2 OMU D 2693 38.11 -24.85 -13.91
N3 OMU D 2693 36.62 -24.81 -13.80
C4 OMU D 2693 35.94 -23.54 -13.95
C5 OMU D 2693 36.72 -22.30 -14.22
C6 OMU D 2693 38.20 -22.35 -14.33
O2 OMU D 2693 38.70 -25.91 -13.79
O4 OMU D 2693 34.82 -23.49 -13.86
C1' OMU D 2693 40.35 -23.64 -14.30
C2' OMU D 2693 40.81 -24.01 -15.70
O2' OMU D 2693 41.93 -24.87 -15.61
CM2 OMU D 2693 41.67 -26.11 -15.03
C3' OMU D 2693 41.25 -22.66 -16.26
C4' OMU D 2693 41.79 -21.97 -15.04
O3' OMU D 2693 42.22 -22.76 -17.28
O4' OMU D 2693 40.87 -22.36 -13.99
C5' OMU D 2693 41.84 -20.46 -15.11
O5' OMU D 2693 40.67 -19.94 -15.70
P OMU D 2693 40.31 -18.40 -15.55
OP1 OMU D 2693 41.38 -17.60 -16.21
OP2 OMU D 2693 38.86 -18.22 -15.94
P OMG D 2863 32.02 -8.02 20.66
OP1 OMG D 2863 31.61 -6.96 19.66
OP2 OMG D 2863 31.00 -8.58 21.64
O5' OMG D 2863 32.65 -9.25 19.88
C5' OMG D 2863 33.15 -10.37 20.58
C4' OMG D 2863 32.69 -11.65 19.93
O4' OMG D 2863 31.38 -12.00 20.43
C3' OMG D 2863 32.52 -11.58 18.43
O3' OMG D 2863 33.73 -11.77 17.73
C2' OMG D 2863 31.49 -12.67 18.16
O2' OMG D 2863 32.12 -13.94 18.20
CM2 OMG D 2863 31.21 -15.01 18.03
C1' OMG D 2863 30.60 -12.53 19.39
N9 OMG D 2863 29.44 -11.63 19.17
C8 OMG D 2863 29.16 -10.52 19.92
N7 OMG D 2863 28.09 -9.92 19.53
C5 OMG D 2863 27.63 -10.66 18.47
C6 OMG D 2863 26.49 -10.47 17.66
O6 OMG D 2863 25.64 -9.59 17.70
N1 OMG D 2863 26.40 -11.47 16.70
C2 OMG D 2863 27.27 -12.50 16.55
N2 OMG D 2863 27.01 -13.35 15.55
N3 OMG D 2863 28.32 -12.67 17.30
C4 OMG D 2863 28.45 -11.74 18.24
C2 6MZ D 2887 43.83 3.09 24.93
C4 6MZ D 2887 44.74 1.43 23.59
C5 6MZ D 2887 45.88 2.11 23.51
O1P 6MZ D 2887 47.90 -0.48 19.98
O2P 6MZ D 2887 47.39 -2.48 18.62
N9 6MZ D 2887 44.91 0.31 22.87
N3 6MZ D 2887 43.71 1.91 24.29
N1 6MZ D 2887 44.98 3.79 24.85
C6 6MZ D 2887 45.99 3.31 24.16
N6 6MZ D 2887 47.22 4.11 24.11
C9 6MZ D 2887 47.09 5.57 24.03
N7 6MZ D 2887 46.73 1.43 22.76
C8 6MZ D 2887 46.13 0.30 22.37
O5' 6MZ D 2887 46.43 -2.34 21.05
C5' 6MZ D 2887 45.23 -2.88 20.43
C4' 6MZ D 2887 44.13 -2.32 21.05
O4' 6MZ D 2887 44.53 -1.87 22.47
C1' 6MZ D 2887 43.93 -0.73 22.67
C2' 6MZ D 2887 43.13 -0.38 21.29
O2' 6MZ D 2887 41.80 -0.87 21.37
C3' 6MZ D 2887 43.76 -1.02 20.34
O3' 6MZ D 2887 42.79 -1.28 19.24
P 6MZ D 2887 47.71 -1.97 20.03
N1 OMU D 2894 50.73 7.83 3.03
C2 OMU D 2894 51.23 6.80 4.00
N3 OMU D 2894 50.26 5.91 4.70
C4 OMU D 2894 48.84 6.04 4.44
C5 OMU D 2894 48.36 7.07 3.46
C6 OMU D 2894 49.33 7.96 2.77
O2 OMU D 2894 52.42 6.70 4.21
O4 OMU D 2894 48.10 5.37 4.96
C1' OMU D 2894 51.70 8.70 2.33
C2' OMU D 2894 51.85 8.35 0.85
O2' OMU D 2894 53.23 8.40 0.51
CM2 OMU D 2894 53.98 7.42 1.14
C3' OMU D 2894 51.08 9.49 0.18
C4' OMU D 2894 51.31 10.65 1.12
O3' OMU D 2894 51.52 9.77 -1.13
O4' OMU D 2894 51.26 10.03 2.42
C5' OMU D 2894 50.27 11.73 1.04
O5' OMU D 2894 49.03 11.26 1.54
P OMU D 2894 47.84 12.26 1.84
OP1 OMU D 2894 47.62 13.09 0.61
OP2 OMU D 2894 46.69 11.46 2.43
P OMG D 2895 50.56 9.42 -2.38
OP1 OMG D 2895 50.89 10.37 -3.51
OP2 OMG D 2895 49.14 9.33 -1.84
O5' OMG D 2895 51.03 7.96 -2.79
C5' OMG D 2895 52.42 7.65 -2.87
C4' OMG D 2895 52.64 6.28 -3.43
O4' OMG D 2895 52.62 5.32 -2.34
C3' OMG D 2895 51.61 5.80 -4.44
O3' OMG D 2895 52.25 5.00 -5.43
C2' OMG D 2895 50.69 4.92 -3.60
O2' OMG D 2895 49.99 3.94 -4.32
CM2 OMG D 2895 48.96 4.48 -5.11
C1' OMG D 2895 51.68 4.31 -2.62
N9 OMG D 2895 51.09 3.88 -1.36
C8 OMG D 2895 50.29 4.58 -0.51
N7 OMG D 2895 49.96 3.87 0.52
C5 OMG D 2895 50.57 2.66 0.33
C6 OMG D 2895 50.58 1.48 1.13
O6 OMG D 2895 50.02 1.28 2.19
N1 OMG D 2895 51.35 0.49 0.52
C2 OMG D 2895 52.02 0.60 -0.65
N2 OMG D 2895 52.71 -0.47 -1.06
N3 OMG D 2895 52.01 1.68 -1.38
C4 OMG D 2895 51.28 2.66 -0.84
N1 PSU D 2960 78.50 8.67 -9.00
C2 PSU D 2960 79.85 8.95 -9.08
N3 PSU D 2960 80.46 9.05 -10.30
C4 PSU D 2960 79.72 8.85 -11.43
C5 PSU D 2960 78.37 8.58 -11.35
C6 PSU D 2960 77.77 8.49 -10.12
O2 PSU D 2960 80.49 9.10 -8.05
O4 PSU D 2960 80.25 8.94 -12.53
C1' PSU D 2960 77.60 8.39 -12.62
C2' PSU D 2960 77.57 6.93 -13.04
O2' PSU D 2960 77.55 6.87 -14.45
C3' PSU D 2960 76.23 6.48 -12.46
C4' PSU D 2960 75.36 7.71 -12.68
O3' PSU D 2960 75.71 5.31 -13.07
O4' PSU D 2960 76.26 8.81 -12.44
C5' PSU D 2960 74.16 7.83 -11.78
O5' PSU D 2960 74.55 8.16 -10.46
P PSU D 2960 73.54 7.94 -9.24
OP1 PSU D 2960 72.90 6.62 -9.45
OP2 PSU D 2960 74.25 8.19 -7.96
N1 PSU D 2963 82.36 -0.25 -2.94
C2 PSU D 2963 82.84 0.35 -1.81
N3 PSU D 2963 83.86 -0.23 -1.10
C4 PSU D 2963 84.39 -1.42 -1.55
C5 PSU D 2963 83.90 -2.03 -2.68
C6 PSU D 2963 82.88 -1.41 -3.38
O2 PSU D 2963 82.36 1.42 -1.42
O4 PSU D 2963 85.31 -1.95 -0.91
C1' PSU D 2963 84.50 -3.32 -3.15
C2' PSU D 2963 83.84 -4.48 -2.40
O2' PSU D 2963 84.80 -5.50 -2.22
C3' PSU D 2963 82.80 -4.92 -3.42
C4' PSU D 2963 83.54 -4.74 -4.74
O3' PSU D 2963 82.32 -6.24 -3.23
O4' PSU D 2963 84.30 -3.52 -4.53
C5' PSU D 2963 82.65 -4.60 -5.94
O5' PSU D 2963 81.41 -4.05 -5.56
P PSU D 2963 80.32 -3.74 -6.66
OP1 PSU D 2963 79.88 -5.09 -7.10
OP2 PSU D 2963 79.35 -2.76 -6.13
N1 PSU D 2966 77.71 -1.81 6.75
C2 PSU D 2966 76.69 -1.09 6.16
N3 PSU D 2966 76.19 0.03 6.77
C4 PSU D 2966 76.71 0.43 7.98
C5 PSU D 2966 77.73 -0.29 8.57
C6 PSU D 2966 78.22 -1.42 7.93
O2 PSU D 2966 76.24 -1.45 5.09
O4 PSU D 2966 76.25 1.43 8.52
C1' PSU D 2966 78.31 0.12 9.88
C2' PSU D 2966 77.35 -0.15 11.03
O2' PSU D 2966 77.53 0.87 12.00
C3' PSU D 2966 77.86 -1.48 11.55
C4' PSU D 2966 79.36 -1.37 11.35
O3' PSU D 2966 77.51 -1.75 12.89
O4' PSU D 2966 79.49 -0.63 10.12
C5' PSU D 2966 80.07 -2.69 11.23
O5' PSU D 2966 79.38 -3.56 10.35
P PSU D 2966 80.07 -4.87 9.81
OP1 PSU D 2966 80.37 -5.75 10.95
OP2 PSU D 2966 79.28 -5.38 8.68
N1 OMU D 2973 66.78 -11.49 9.52
C2 OMU D 2973 65.56 -11.46 8.66
N3 OMU D 2973 64.43 -10.56 9.01
C4 OMU D 2973 64.53 -9.73 10.19
C5 OMU D 2973 65.76 -9.78 11.03
C6 OMU D 2973 66.87 -10.66 10.68
O2 OMU D 2973 65.48 -12.16 7.67
O4 OMU D 2973 63.67 -9.05 10.49
C1' OMU D 2973 67.91 -12.37 9.13
C2' OMU D 2973 68.70 -11.78 7.97
O2' OMU D 2973 69.26 -12.85 7.22
CM2 OMU D 2973 68.32 -13.62 6.55
C3' OMU D 2973 69.78 -11.03 8.70
C4' OMU D 2973 70.09 -11.96 9.86
O3' OMU D 2973 70.92 -10.75 7.90
O4' OMU D 2973 68.79 -12.48 10.23
C5' OMU D 2973 70.75 -11.34 11.06
O5' OMU D 2973 71.18 -12.34 11.96
P OMU D 2973 72.36 -12.06 13.00
OP1 OMU D 2973 72.54 -13.27 13.86
OP2 OMU D 2973 73.52 -11.49 12.23
N1 PSU D 2979 75.69 5.24 4.58
C2 PSU D 2979 76.58 4.20 4.71
N3 PSU D 2979 77.28 4.04 5.87
C4 PSU D 2979 77.09 4.91 6.91
C5 PSU D 2979 76.20 5.95 6.78
C6 PSU D 2979 75.50 6.10 5.59
O2 PSU D 2979 76.74 3.42 3.78
O4 PSU D 2979 77.72 4.76 7.95
C1' PSU D 2979 75.98 6.91 7.90
C2' PSU D 2979 77.15 7.89 8.00
O2' PSU D 2979 77.36 8.20 9.36
C3' PSU D 2979 76.58 9.10 7.26
C4' PSU D 2979 75.11 9.06 7.63
O3' PSU D 2979 77.21 10.33 7.62
O4' PSU D 2979 74.80 7.66 7.67
C5' PSU D 2979 74.20 9.75 6.66
O5' PSU D 2979 74.50 9.39 5.33
P PSU D 2979 73.40 9.51 4.19
OP1 PSU D 2979 73.29 10.92 3.78
OP2 PSU D 2979 73.72 8.46 3.20
N1 PSU D 3020 78.95 -23.24 -26.95
C2 PSU D 3020 78.20 -22.25 -27.53
N3 PSU D 3020 76.84 -22.41 -27.68
C4 PSU D 3020 76.25 -23.57 -27.26
C5 PSU D 3020 77.01 -24.57 -26.69
C6 PSU D 3020 78.38 -24.39 -26.54
O2 PSU D 3020 78.73 -21.22 -27.90
O4 PSU D 3020 75.05 -23.73 -27.39
C1' PSU D 3020 76.35 -25.82 -26.23
C2' PSU D 3020 76.10 -26.82 -27.36
O2' PSU D 3020 74.78 -27.33 -27.22
C3' PSU D 3020 77.13 -27.91 -27.07
C4' PSU D 3020 77.33 -27.84 -25.57
O3' PSU D 3020 76.70 -29.19 -27.49
O4' PSU D 3020 77.15 -26.45 -25.25
C5' PSU D 3020 78.68 -28.29 -25.07
O5' PSU D 3020 79.69 -27.39 -25.50
P PSU D 3020 81.18 -27.52 -24.96
OP1 PSU D 3020 81.52 -28.96 -25.02
OP2 PSU D 3020 81.99 -26.53 -25.69
N1 PSU D 3028 73.95 -19.87 -31.16
C2 PSU D 3028 74.39 -20.87 -30.34
N3 PSU D 3028 73.51 -21.82 -29.88
C4 PSU D 3028 72.19 -21.75 -30.24
C5 PSU D 3028 71.75 -20.73 -31.06
C6 PSU D 3028 72.66 -19.79 -31.52
O2 PSU D 3028 75.58 -20.93 -30.02
O4 PSU D 3028 71.41 -22.59 -29.82
C1' PSU D 3028 70.31 -20.64 -31.46
C2' PSU D 3028 69.46 -20.20 -30.27
O2' PSU D 3028 68.21 -20.87 -30.35
C3' PSU D 3028 69.28 -18.72 -30.55
C4' PSU D 3028 69.20 -18.68 -32.06
O3' PSU D 3028 68.15 -18.15 -29.92
O4' PSU D 3028 70.13 -19.70 -32.49
C5' PSU D 3028 69.56 -17.37 -32.70
O5' PSU D 3028 70.82 -16.90 -32.21
P PSU D 3028 71.63 -15.80 -33.00
OP1 PSU D 3028 70.80 -14.58 -33.09
OP2 PSU D 3028 72.98 -15.72 -32.40
P OMG D 3037 59.80 -2.31 -12.10
OP1 OMG D 3037 58.82 -1.20 -11.78
OP2 OMG D 3037 60.47 -3.09 -10.97
O5' OMG D 3037 59.06 -3.35 -13.04
C5' OMG D 3037 58.31 -2.91 -14.17
C4' OMG D 3037 57.69 -4.07 -14.88
O4' OMG D 3037 58.74 -4.90 -15.43
C3' OMG D 3037 56.90 -5.00 -14.01
O3' OMG D 3037 55.57 -4.54 -13.79
C2' OMG D 3037 56.96 -6.32 -14.77
O2' OMG D 3037 56.00 -6.35 -15.80
CM2 OMG D 3037 55.92 -7.62 -16.43
C1' OMG D 3037 58.34 -6.25 -15.40
N9 OMG D 3037 59.34 -7.01 -14.63
C8 OMG D 3037 60.15 -6.57 -13.62
N7 OMG D 3037 60.90 -7.52 -13.16
C5 OMG D 3037 60.56 -8.63 -13.90
C6 OMG D 3037 61.04 -9.96 -13.85
O6 OMG D 3037 61.89 -10.43 -13.14
N1 OMG D 3037 60.39 -10.75 -14.80
C2 OMG D 3037 59.42 -10.34 -15.66
N2 OMG D 3037 58.92 -11.25 -16.50
N3 OMG D 3037 58.99 -9.10 -15.71
C4 OMG D 3037 59.58 -8.31 -14.82
P OMG D 3059 35.48 -28.48 23.07
OP1 OMG D 3059 36.33 -28.90 24.26
OP2 OMG D 3059 34.02 -28.87 22.98
O5' OMG D 3059 35.58 -26.90 22.93
C5' OMG D 3059 36.83 -26.27 22.72
C4' OMG D 3059 36.62 -24.82 22.37
O4' OMG D 3059 36.03 -24.72 21.06
C3' OMG D 3059 35.66 -24.08 23.29
O3' OMG D 3059 36.30 -23.54 24.42
C2' OMG D 3059 35.07 -23.02 22.38
O2' OMG D 3059 35.95 -21.93 22.26
CM2 OMG D 3059 35.30 -20.77 21.84
C1' OMG D 3059 35.03 -23.74 21.04
N9 OMG D 3059 33.74 -24.41 20.80
C8 OMG D 3059 33.42 -25.73 20.98
N7 OMG D 3059 32.19 -25.99 20.68
C5 OMG D 3059 31.67 -24.79 20.29
C6 OMG D 3059 30.37 -24.45 19.85
O6 OMG D 3059 29.40 -25.18 19.72
N1 OMG D 3059 30.29 -23.09 19.55
C2 OMG D 3059 31.29 -22.19 19.66
N2 OMG D 3059 31.01 -20.92 19.32
N3 OMG D 3059 32.49 -22.51 20.06
C4 OMG D 3059 32.61 -23.80 20.36
N1 PSU D 3070 26.44 -4.03 37.11
C2 PSU D 3070 25.71 -3.98 35.94
N3 PSU D 3070 25.82 -2.90 35.10
C4 PSU D 3070 26.65 -1.87 35.42
C5 PSU D 3070 27.37 -1.92 36.60
C6 PSU D 3070 27.27 -3.02 37.43
O2 PSU D 3070 24.96 -4.91 35.65
O4 PSU D 3070 26.76 -0.90 34.68
C1' PSU D 3070 28.33 -0.82 36.94
C2' PSU D 3070 27.79 0.44 37.61
O2' PSU D 3070 28.42 1.56 37.01
C3' PSU D 3070 28.25 0.27 39.05
C4' PSU D 3070 29.51 -0.56 38.93
O3' PSU D 3070 28.49 1.50 39.69
O4' PSU D 3070 29.30 -1.39 37.78
C5' PSU D 3070 29.80 -1.43 40.12
O5' PSU D 3070 28.70 -2.29 40.40
P PSU D 3070 28.55 -3.01 41.81
OP1 PSU D 3070 29.16 -2.14 42.83
OP2 PSU D 3070 27.14 -3.41 41.90
N1 PSU D 3098 21.84 19.08 40.76
C2 PSU D 3098 20.75 18.48 41.33
N3 PSU D 3098 20.77 18.12 42.66
C4 PSU D 3098 21.89 18.37 43.41
C5 PSU D 3098 22.99 18.98 42.83
C6 PSU D 3098 22.94 19.32 41.49
O2 PSU D 3098 19.75 18.26 40.65
O4 PSU D 3098 21.91 18.05 44.60
C1' PSU D 3098 24.22 19.28 43.62
C2' PSU D 3098 25.08 18.04 43.86
O2' PSU D 3098 25.71 18.17 45.12
C3' PSU D 3098 26.10 18.15 42.73
C4' PSU D 3098 26.31 19.65 42.64
O3' PSU D 3098 27.31 17.45 42.99
O4' PSU D 3098 25.00 20.21 42.91
C5' PSU D 3098 26.80 20.14 41.31
O5' PSU D 3098 26.04 19.59 40.25
P PSU D 3098 26.02 20.28 38.82
OP1 PSU D 3098 27.39 20.28 38.27
OP2 PSU D 3098 24.92 19.68 38.06
N1 PSU D 3109 27.58 -6.44 28.66
C2 PSU D 3109 26.99 -7.38 29.46
N3 PSU D 3109 27.74 -8.10 30.37
C4 PSU D 3109 29.09 -7.87 30.46
C5 PSU D 3109 29.68 -6.93 29.63
C6 PSU D 3109 28.91 -6.21 28.74
O2 PSU D 3109 25.78 -7.57 29.39
O4 PSU D 3109 29.77 -8.49 31.25
C1' PSU D 3109 31.14 -6.62 29.73
C2' PSU D 3109 32.15 -7.64 29.18
O2' PSU D 3109 33.19 -7.75 30.12
C3' PSU D 3109 32.64 -6.96 27.92
C4' PSU D 3109 32.50 -5.48 28.22
O3' PSU D 3109 33.97 -7.30 27.60
O4' PSU D 3109 31.36 -5.40 29.08
C5' PSU D 3109 32.28 -4.61 27.02
O5' PSU D 3109 31.16 -5.03 26.28
P PSU D 3109 30.50 -4.08 25.20
OP1 PSU D 3109 31.55 -3.69 24.24
OP2 PSU D 3109 29.23 -4.66 24.72
P 5MC D 3114 29.55 -26.58 28.85
OP1 5MC D 3114 29.57 -28.09 28.91
OP2 5MC D 3114 30.82 -25.78 29.14
O5' 5MC D 3114 29.02 -26.14 27.41
C5' 5MC D 3114 27.69 -26.45 27.03
C4' 5MC D 3114 27.56 -26.57 25.54
O4' 5MC D 3114 27.36 -25.25 24.96
C3' 5MC D 3114 28.78 -27.15 24.81
O3' 5MC D 3114 28.45 -28.26 24.00
C2' 5MC D 3114 29.36 -25.97 24.02
O2' 5MC D 3114 29.83 -26.40 22.76
C1' 5MC D 3114 28.12 -25.14 23.80
N1 5MC D 3114 28.45 -23.70 23.60
C2 5MC D 3114 27.44 -22.76 23.57
O2 5MC D 3114 26.27 -23.09 23.74
N3 5MC D 3114 27.77 -21.47 23.38
C4 5MC D 3114 29.01 -21.11 23.21
N4 5MC D 3114 29.27 -19.82 23.03
C5 5MC D 3114 30.09 -22.05 23.22
C6 5MC D 3114 29.73 -23.33 23.41
CM5 5MC D 3114 31.50 -21.62 23.02
N1 OMC D 3123 -2.05 -20.43 33.57
C2 OMC D 3123 -1.33 -21.43 34.24
N3 OMC D 3123 -0.03 -21.23 34.49
C4 OMC D 3123 0.58 -20.14 34.10
C5 OMC D 3123 -0.11 -19.10 33.43
C6 OMC D 3123 -1.42 -19.31 33.19
O2 OMC D 3123 -1.88 -22.46 34.60
N4 OMC D 3123 1.87 -20.00 34.38
C1' OMC D 3123 -3.49 -20.55 33.25
C2' OMC D 3123 -4.34 -20.54 34.52
O2' OMC D 3123 -5.46 -21.36 34.30
CM2 OMC D 3123 -5.13 -22.72 34.41
C3' OMC D 3123 -4.76 -19.09 34.60
C4' OMC D 3123 -4.94 -18.71 33.15
O4' OMC D 3123 -3.87 -19.43 32.48
O3' OMC D 3123 -5.94 -18.88 35.35
C5' OMC D 3123 -4.82 -17.24 32.85
O5' OMC D 3123 -3.74 -16.68 33.58
P OMC D 3123 -3.27 -15.19 33.30
OP1 OMC D 3123 -4.40 -14.27 33.70
OP2 OMC D 3123 -1.88 -15.02 33.90
N1 PSU D 3124 -1.12 -19.56 36.81
C2 PSU D 3124 0.17 -19.73 37.27
N3 PSU D 3124 0.48 -20.78 38.09
C4 PSU D 3124 -0.51 -21.67 38.45
C5 PSU D 3124 -1.80 -21.49 37.99
C6 PSU D 3124 -2.08 -20.42 37.17
O2 PSU D 3124 1.04 -18.92 36.95
O4 PSU D 3124 -0.24 -22.62 39.18
C1' PSU D 3124 -2.88 -22.45 38.31
C2' PSU D 3124 -3.38 -22.48 39.75
O2' PSU D 3124 -3.68 -23.83 40.10
C3' PSU D 3124 -4.68 -21.67 39.66
C4' PSU D 3124 -5.17 -21.98 38.26
O3' PSU D 3124 -5.62 -22.01 40.63
O4' PSU D 3124 -3.98 -22.17 37.48
C5' PSU D 3124 -6.01 -20.89 37.63
O5' PSU D 3124 -5.28 -19.67 37.64
P PSU D 3124 -5.82 -18.40 36.88
OP1 PSU D 3124 -7.20 -18.12 37.36
OP2 PSU D 3124 -4.78 -17.35 36.95
N1 PSU D 3138 -4.61 9.47 60.55
C2 PSU D 3138 -3.67 9.19 59.59
N3 PSU D 3138 -2.37 8.94 59.95
C4 PSU D 3138 -2.02 8.98 61.28
C5 PSU D 3138 -2.97 9.26 62.24
C6 PSU D 3138 -4.27 9.50 61.86
O2 PSU D 3138 -4.00 9.16 58.41
O4 PSU D 3138 -0.87 8.76 61.62
C1' PSU D 3138 -2.55 9.29 63.67
C2' PSU D 3138 -2.10 10.69 64.07
O2' PSU D 3138 -1.03 10.57 65.00
C3' PSU D 3138 -3.36 11.21 64.77
C4' PSU D 3138 -3.91 9.98 65.44
O3' PSU D 3138 -3.11 12.25 65.69
O4' PSU D 3138 -3.63 8.91 64.50
C5' PSU D 3138 -5.39 10.02 65.73
O5' PSU D 3138 -5.76 8.98 66.62
P PSU D 3138 -7.19 8.29 66.49
OP1 PSU D 3138 -8.13 8.65 67.57
OP2 PSU D 3138 -7.61 8.47 65.09
N1 PSU D 3160 -9.69 -4.80 39.04
C2 PSU D 3160 -10.63 -4.04 38.41
N3 PSU D 3160 -11.97 -4.34 38.51
C4 PSU D 3160 -12.36 -5.43 39.26
C5 PSU D 3160 -11.40 -6.19 39.91
C6 PSU D 3160 -10.06 -5.87 39.79
O2 PSU D 3160 -10.28 -3.07 37.72
O4 PSU D 3160 -13.54 -5.71 39.36
C1' PSU D 3160 -11.82 -7.36 40.72
C2' PSU D 3160 -12.16 -8.54 39.82
O2' PSU D 3160 -13.16 -9.32 40.45
C3' PSU D 3160 -10.83 -9.30 39.81
C4' PSU D 3160 -10.33 -9.10 41.23
O3' PSU D 3160 -10.97 -10.66 39.47
O4' PSU D 3160 -10.75 -7.75 41.56
C5' PSU D 3160 -8.84 -9.21 41.42
O5' PSU D 3160 -8.15 -8.24 40.66
P PSU D 3160 -6.98 -7.39 41.32
OP1 PSU D 3160 -6.05 -8.32 41.98
OP2 PSU D 3160 -6.46 -6.39 40.36
P OMG D 3161 -11.00 -11.09 37.92
OP1 OMG D 3161 -11.01 -12.60 37.85
OP2 OMG D 3161 -9.95 -10.27 37.18
O5' OMG D 3161 -12.44 -10.61 37.43
C5' OMG D 3161 -13.61 -11.25 37.90
C4' OMG D 3161 -14.77 -10.91 37.02
O4' OMG D 3161 -15.17 -9.54 37.25
C3' OMG D 3161 -14.49 -10.98 35.52
O3' OMG D 3161 -14.65 -12.30 35.03
C2' OMG D 3161 -15.47 -9.98 34.94
O2' OMG D 3161 -16.75 -10.57 34.81
CM2 OMG D 3161 -17.34 -10.37 33.55
C1' OMG D 3161 -15.54 -8.93 36.03
N9 OMG D 3161 -14.62 -7.81 35.78
C8 OMG D 3161 -13.44 -7.55 36.45
N7 OMG D 3161 -12.87 -6.47 36.00
C5 OMG D 3161 -13.69 -6.02 35.01
C6 OMG D 3161 -13.57 -4.90 34.16
O6 OMG D 3161 -12.68 -4.06 34.13
N1 OMG D 3161 -14.64 -4.81 33.28
C2 OMG D 3161 -15.69 -5.68 33.23
N2 OMG D 3161 -16.63 -5.43 32.31
N3 OMG D 3161 -15.80 -6.72 34.01
C4 OMG D 3161 -14.78 -6.84 34.87
N1 OMU D 3165 -5.40 -8.27 21.95
C2 OMU D 3165 -4.72 -7.92 23.24
N3 OMU D 3165 -5.33 -8.32 24.54
C4 OMU D 3165 -6.58 -9.04 24.54
C5 OMU D 3165 -7.25 -9.38 23.26
C6 OMU D 3165 -6.64 -8.98 21.97
O2 OMU D 3165 -3.67 -7.31 23.21
O4 OMU D 3165 -7.06 -9.35 25.53
C1' OMU D 3165 -4.76 -7.86 20.69
C2' OMU D 3165 -3.73 -8.89 20.23
O2' OMU D 3165 -2.69 -8.20 19.57
CM2 OMU D 3165 -1.43 -8.72 19.84
C3' OMU D 3165 -4.55 -9.71 19.24
C4' OMU D 3165 -5.45 -8.66 18.61
O3' OMU D 3165 -3.77 -10.40 18.31
O4' OMU D 3165 -5.76 -7.77 19.70
C5' OMU D 3165 -6.73 -9.18 18.03
O5' OMU D 3165 -7.46 -9.94 18.97
P OMU D 3165 -9.04 -10.05 18.86
OP1 OMU D 3165 -9.38 -10.60 17.50
OP2 OMU D 3165 -9.54 -10.75 20.10
P OMG D 3166 -3.80 -12.00 18.29
OP1 OMG D 3166 -2.53 -12.50 17.64
OP2 OMG D 3166 -5.17 -12.43 17.75
O5' OMG D 3166 -3.75 -12.39 19.82
C5' OMG D 3166 -3.92 -13.74 20.24
C4' OMG D 3166 -2.80 -14.16 21.15
O4' OMG D 3166 -1.59 -14.31 20.37
C3' OMG D 3166 -2.42 -13.17 22.22
O3' OMG D 3166 -3.26 -13.24 23.35
C2' OMG D 3166 -0.97 -13.55 22.53
O2' OMG D 3166 -0.93 -14.67 23.40
CM2 OMG D 3166 0.30 -14.78 24.07
C1' OMG D 3166 -0.47 -14.00 21.15
N9 OMG D 3166 0.30 -12.95 20.48
C8 OMG D 3166 -0.09 -12.20 19.41
N7 OMG D 3166 0.82 -11.36 19.05
C5 OMG D 3166 1.85 -11.56 19.93
C6 OMG D 3166 3.11 -10.92 20.03
O6 OMG D 3166 3.57 -10.03 19.34
N1 OMG D 3166 3.85 -11.45 21.09
C2 OMG D 3166 3.44 -12.44 21.93
N2 OMG D 3166 4.30 -12.80 22.89
N3 OMG D 3166 2.27 -13.02 21.83
C4 OMG D 3166 1.54 -12.55 20.84
N1 PSU D 3167 0.98 -6.91 22.54
C2 PSU D 3167 2.31 -6.78 22.22
N3 PSU D 3167 3.19 -7.79 22.52
C4 PSU D 3167 2.73 -8.91 23.14
C5 PSU D 3167 1.39 -9.04 23.47
C6 PSU D 3167 0.52 -8.02 23.14
O2 PSU D 3167 2.72 -5.76 21.66
O4 PSU D 3167 3.50 -9.82 23.42
C1' PSU D 3167 0.90 -10.28 24.14
C2' PSU D 3167 0.86 -10.16 25.66
O2' PSU D 3167 1.24 -11.41 26.22
C3' PSU D 3167 -0.63 -9.92 25.91
C4' PSU D 3167 -1.29 -10.71 24.80
O3' PSU D 3167 -1.06 -10.30 27.18
O4' PSU D 3167 -0.39 -10.58 23.68
C5' PSU D 3167 -2.66 -10.25 24.41
O5' PSU D 3167 -3.65 -11.19 24.76
P PSU D 3167 -4.34 -12.08 23.65
OP1 PSU D 3167 -5.60 -12.66 24.15
OP2 PSU D 3167 -4.31 -11.08 22.56
N1 PSU D 3188 6.39 -18.48 36.27
C2 PSU D 3188 5.12 -18.04 36.56
N3 PSU D 3188 4.26 -18.81 37.29
C4 PSU D 3188 4.68 -20.04 37.74
C5 PSU D 3188 5.96 -20.50 37.46
C6 PSU D 3188 6.80 -19.69 36.72
O2 PSU D 3188 4.76 -16.94 36.14
O4 PSU D 3188 3.92 -20.73 38.40
C1' PSU D 3188 6.41 -21.83 37.97
C2' PSU D 3188 6.19 -22.98 37.00
O2' PSU D 3188 5.90 -24.14 37.76
C3' PSU D 3188 7.57 -23.12 36.36
C4' PSU D 3188 8.52 -22.72 37.48
O3' PSU D 3188 7.85 -24.41 35.87
O4' PSU D 3188 7.78 -21.74 38.25
C5' PSU D 3188 9.82 -22.10 37.03
O5' PSU D 3188 9.57 -21.04 36.13
P PSU D 3188 10.69 -19.95 35.82
OP1 PSU D 3188 11.90 -20.66 35.36
OP2 PSU D 3188 10.10 -18.88 35.01
P A2M D 3190 8.80 -29.33 33.73
OP1 A2M D 3190 9.52 -28.69 34.87
O5' A2M D 3190 8.31 -31.03 33.97
C5' A2M D 3190 7.56 -31.55 33.01
C4' A2M D 3190 7.66 -33.06 33.05
O4' A2M D 3190 8.99 -33.44 33.05
C3' A2M D 3190 7.09 -33.63 34.32
O3' A2M D 3190 5.75 -33.39 34.32
C2' A2M D 3190 7.57 -35.03 34.19
O2' A2M D 3190 6.93 -35.72 33.17
C1' A2M D 3190 8.99 -34.67 33.76
CM' A2M D 3190 7.07 -37.10 33.35
N9 A2M D 3190 9.92 -34.62 34.82
C8 A2M D 3190 10.38 -33.62 35.65
N7 A2M D 3190 11.26 -34.07 36.56
C5 A2M D 3190 11.33 -35.43 36.30
C6 A2M D 3190 12.02 -36.49 36.84
N6 A2M D 3190 12.88 -36.31 37.90
N1 A2M D 3190 11.90 -37.75 36.39
C2 A2M D 3190 11.06 -37.90 35.35
N3 A2M D 3190 10.32 -37.01 34.70
C4 A2M D 3190 10.49 -35.79 35.23
OP2 A2M D 3190 9.55 -29.67 32.48
P UR3 D 3197 5.24 -15.68 14.81
OP1 UR3 D 3197 5.25 -14.85 13.58
OP2 UR3 D 3197 4.80 -17.12 14.75
O5' UR3 D 3197 6.70 -15.63 15.44
C5' UR3 D 3197 7.27 -14.42 15.87
C4' UR3 D 3197 8.51 -14.67 16.68
O4' UR3 D 3197 8.15 -15.26 17.95
C1' UR3 D 3197 9.14 -16.20 18.33
N1 UR3 D 3197 8.49 -17.52 18.46
C6 UR3 D 3197 7.17 -17.71 17.92
C2 UR3 D 3197 9.18 -18.63 19.10
O2 UR3 D 3197 10.25 -18.48 19.54
N3 UR3 D 3197 8.51 -19.97 19.23
C3U UR3 D 3197 9.22 -21.10 19.90
C4 UR3 D 3197 7.19 -20.15 18.70
O4 UR3 D 3197 6.65 -21.22 18.79
C5 UR3 D 3197 6.49 -19.03 18.03
C2' UR3 D 3197 10.23 -16.19 17.28
O2' UR3 D 3197 11.24 -15.27 17.69
C3' UR3 D 3197 9.49 -15.65 16.06
O3' UR3 D 3197 10.33 -15.03 15.12
N1 PSU D 3199 9.86 -26.60 12.65
C2 PSU D 3199 9.75 -27.90 12.24
N3 PSU D 3199 10.76 -28.49 11.54
C4 PSU D 3199 11.89 -27.77 11.24
C5 PSU D 3199 12.00 -26.46 11.65
C6 PSU D 3199 10.96 -25.88 12.36
O2 PSU D 3199 8.74 -28.56 12.52
O4 PSU D 3199 12.80 -28.31 10.62
C1' PSU D 3199 13.21 -25.65 11.32
C2' PSU D 3199 13.20 -25.35 9.83
O2' PSU D 3199 14.55 -25.26 9.40
C3' PSU D 3199 12.54 -23.99 9.81
C4' PSU D 3199 13.14 -23.33 11.04
O3' PSU D 3199 12.79 -23.27 8.62
O4' PSU D 3199 13.19 -24.42 12.01
C5' PSU D 3199 12.36 -22.18 11.61
O5' PSU D 3199 11.08 -22.56 12.05
P PSU D 3199 10.06 -21.47 12.62
OP1 PSU D 3199 10.16 -20.31 11.73
OP2 PSU D 3199 8.75 -22.12 12.84
N1 OMC D 3203 3.08 -17.19 0.19
C2 OMC D 3203 2.92 -16.33 1.28
N3 OMC D 3203 3.90 -16.25 2.19
C4 OMC D 3203 4.99 -16.94 2.07
C5 OMC D 3203 5.20 -17.83 0.96
C6 OMC D 3203 4.21 -17.91 0.06
O2 OMC D 3203 1.89 -15.68 1.38
N4 OMC D 3203 5.92 -16.82 2.99
C1' OMC D 3203 2.03 -17.31 -0.83
C2' OMC D 3203 2.19 -16.25 -1.94
O2' OMC D 3203 0.90 -15.83 -2.35
CM2 OMC D 3203 0.07 -15.38 -1.31
C3' OMC D 3203 2.85 -17.06 -3.04
C4' OMC D 3203 2.18 -18.39 -2.89
O4' OMC D 3203 2.12 -18.57 -1.46
O3' OMC D 3203 2.69 -16.49 -4.33
C5' OMC D 3203 2.87 -19.56 -3.54
O5' OMC D 3203 4.22 -19.66 -3.12
P OMC D 3203 5.03 -21.00 -3.34
OP1 OMC D 3203 4.95 -21.36 -4.81
OP2 OMC D 3203 6.37 -20.85 -2.64
N1 PSU D 3219 2.01 -18.34 8.45
C2 PSU D 3219 3.06 -19.20 8.18
N3 PSU D 3219 2.85 -20.34 7.43
C4 PSU D 3219 1.60 -20.62 6.97
C5 PSU D 3219 0.54 -19.77 7.25
C6 PSU D 3219 0.79 -18.63 8.00
O2 PSU D 3219 4.18 -18.93 8.60
O4 PSU D 3219 1.40 -21.64 6.31
C1' PSU D 3219 -0.83 -20.04 6.75
C2' PSU D 3219 -1.52 -21.11 7.61
O2' PSU D 3219 -2.40 -21.84 6.78
C3' PSU D 3219 -2.31 -20.25 8.59
C4' PSU D 3219 -2.73 -19.09 7.71
O3' PSU D 3219 -3.41 -20.92 9.18
O4' PSU D 3219 -1.60 -18.87 6.85
C5' PSU D 3219 -3.08 -17.82 8.45
O5' PSU D 3219 -2.08 -17.50 9.40
P PSU D 3219 -2.10 -16.08 10.12
OP1 PSU D 3219 -3.40 -15.94 10.80
OP2 PSU D 3219 -0.83 -15.94 10.87
P A2M D 3238 6.58 -49.54 67.49
OP1 A2M D 3238 6.11 -50.76 68.21
O5' A2M D 3238 8.31 -49.14 67.67
C5' A2M D 3238 9.14 -49.81 66.87
C4' A2M D 3238 10.24 -48.88 66.42
O4' A2M D 3238 9.69 -47.95 65.54
C3' A2M D 3238 10.79 -48.14 67.60
O3' A2M D 3238 11.62 -49.04 68.26
C2' A2M D 3238 11.37 -46.90 66.95
O2' A2M D 3238 12.57 -47.12 66.27
C1' A2M D 3238 10.25 -46.71 65.91
CM' A2M D 3238 13.52 -46.16 66.68
N9 A2M D 3238 9.21 -45.83 66.29
C8 A2M D 3238 7.83 -45.99 66.46
N7 A2M D 3238 7.21 -44.87 66.84
C5 A2M D 3238 8.25 -43.96 66.91
C6 A2M D 3238 8.31 -42.62 67.25
N6 A2M D 3238 7.19 -41.91 67.60
N1 A2M D 3238 9.47 -41.92 67.25
C2 A2M D 3238 10.58 -42.63 66.89
N3 A2M D 3238 10.69 -43.91 66.55
C4 A2M D 3238 9.49 -44.52 66.58
OP2 A2M D 3238 6.14 -48.19 67.97
N1 PSU D 3243 4.84 -52.86 83.07
C2 PSU D 3243 3.59 -52.88 83.64
N3 PSU D 3243 2.60 -53.67 83.11
C4 PSU D 3243 2.87 -54.47 82.03
C5 PSU D 3243 4.14 -54.44 81.46
C6 PSU D 3243 5.11 -53.63 82.00
O2 PSU D 3243 3.35 -52.17 84.60
O4 PSU D 3243 2.00 -55.18 81.57
C1' PSU D 3243 4.50 -55.31 80.29
C2' PSU D 3243 3.84 -54.97 78.96
O2' PSU D 3243 3.59 -56.19 78.26
C3' PSU D 3243 4.93 -54.17 78.26
C4' PSU D 3243 6.21 -54.79 78.77
O3' PSU D 3243 4.84 -54.22 76.85
O4' PSU D 3243 5.89 -55.21 80.12
C5' PSU D 3243 7.40 -53.87 78.80
O5' PSU D 3243 7.08 -52.69 79.53
P PSU D 3243 8.16 -51.54 79.70
OP1 PSU D 3243 8.66 -51.20 78.36
OP2 PSU D 3243 7.55 -50.50 80.55
N1 PSU D 3246 -3.55 -45.75 80.06
C2 PSU D 3246 -3.06 -44.98 81.08
N3 PSU D 3246 -3.90 -44.52 82.06
C4 PSU D 3246 -5.24 -44.82 82.01
C5 PSU D 3246 -5.72 -45.60 80.98
C6 PSU D 3246 -4.85 -46.05 80.00
O2 PSU D 3246 -1.86 -44.71 81.12
O4 PSU D 3246 -6.00 -44.41 82.88
C1' PSU D 3246 -7.17 -45.96 80.88
C2' PSU D 3246 -7.98 -44.74 80.45
O2' PSU D 3246 -9.26 -44.81 81.07
C3' PSU D 3246 -8.10 -44.97 78.96
C4' PSU D 3246 -8.24 -46.48 78.87
O3' PSU D 3246 -9.19 -44.30 78.36
O4' PSU D 3246 -7.36 -46.97 79.91
C5' PSU D 3246 -7.86 -47.09 77.55
O5' PSU D 3246 -6.61 -46.59 77.10
P PSU D 3246 -5.87 -47.27 75.85
OP1 PSU D 3246 -6.79 -47.16 74.71
OP2 PSU D 3246 -4.50 -46.71 75.76
P A2M D 3257 -8.90 -14.57 64.96
OP1 A2M D 3257 -7.68 -14.63 65.79
O5' A2M D 3257 -9.54 -12.91 64.60
C5' A2M D 3257 -10.51 -12.83 63.67
C4' A2M D 3257 -9.88 -12.74 62.28
O4' A2M D 3257 -10.19 -13.90 61.56
C3' A2M D 3257 -10.40 -11.54 61.52
O3' A2M D 3257 -9.60 -10.48 61.93
C2' A2M D 3257 -10.32 -12.00 60.09
O2' A2M D 3257 -9.02 -11.90 59.58
C1' A2M D 3257 -10.68 -13.47 60.32
CM' A2M D 3257 -8.77 -12.89 58.62
N9 A2M D 3257 -12.07 -13.77 60.25
C8 A2M D 3257 -12.99 -14.22 61.18
N7 A2M D 3257 -14.23 -14.37 60.67
C5 A2M D 3257 -14.06 -14.00 59.35
C6 A2M D 3257 -14.91 -13.92 58.28
N6 A2M D 3257 -16.24 -14.23 58.39
N1 A2M D 3257 -14.51 -13.50 57.06
C2 A2M D 3257 -13.20 -13.18 56.96
N3 A2M D 3257 -12.24 -13.20 57.89
C4 A2M D 3257 -12.73 -13.61 59.07
OP2 A2M D 3257 -10.21 -15.01 65.53
P OMG D 3285 -27.47 -11.41 55.67
OP1 OMG D 3285 -28.24 -12.63 55.21
OP2 OMG D 3285 -26.15 -11.58 56.42
O5' OMG D 3285 -27.20 -10.52 54.40
C5' OMG D 3285 -26.37 -10.99 53.35
C4' OMG D 3285 -25.57 -9.87 52.74
O4' OMG D 3285 -25.41 -8.78 53.68
C3' OMG D 3285 -24.14 -10.22 52.37
O3' OMG D 3285 -24.06 -10.96 51.17
C2' OMG D 3285 -23.49 -8.86 52.30
O2' OMG D 3285 -23.83 -8.21 51.09
CM2 OMG D 3285 -22.77 -7.48 50.51
C1' OMG D 3285 -24.18 -8.13 53.45
N9 OMG D 3285 -23.40 -8.17 54.70
C8 OMG D 3285 -23.85 -8.58 55.92
N7 OMG D 3285 -22.93 -8.50 56.84
C5 OMG D 3285 -21.82 -8.03 56.19
C6 OMG D 3285 -20.52 -7.75 56.70
O6 OMG D 3285 -20.09 -7.87 57.83
N1 OMG D 3285 -19.69 -7.28 55.67
C2 OMG D 3285 -20.06 -7.10 54.38
N2 OMG D 3285 -19.13 -6.64 53.54
N3 OMG D 3285 -21.25 -7.35 53.93
C4 OMG D 3285 -22.09 -7.81 54.86
N1 OMU D 3287 -15.14 -12.44 51.88
C2 OMU D 3287 -14.57 -12.62 53.25
N3 OMU D 3287 -15.48 -12.83 54.41
C4 OMU D 3287 -16.91 -12.85 54.20
C5 OMU D 3287 -17.47 -12.68 52.83
C6 OMU D 3287 -16.56 -12.47 51.68
O2 OMU D 3287 -13.37 -12.60 53.42
O4 OMU D 3287 -17.61 -13.02 55.07
C1' OMU D 3287 -14.23 -12.22 50.73
C2' OMU D 3287 -13.54 -13.50 50.29
O2' OMU D 3287 -12.27 -13.15 49.75
CM2 OMU D 3287 -11.44 -12.43 50.61
C3' OMU D 3287 -14.47 -13.97 49.19
C4' OMU D 3287 -14.85 -12.68 48.52
O3' OMU D 3287 -13.87 -14.89 48.31
O4' OMU D 3287 -15.00 -11.77 49.63
C5' OMU D 3287 -16.12 -12.71 47.72
O5' OMU D 3287 -17.11 -13.47 48.37
P OMU D 3287 -18.63 -13.34 47.95
OP1 OMU D 3287 -18.75 -13.80 46.53
OP2 OMU D 3287 -19.45 -13.98 49.04
P OMG D 3290 -10.86 -24.70 55.37
OP1 OMG D 3290 -9.56 -25.44 55.07
OP2 OMG D 3290 -11.90 -24.49 54.28
O5' OMG D 3290 -11.54 -25.42 56.61
C5' OMG D 3290 -11.15 -25.11 57.94
C4' OMG D 3290 -12.26 -25.38 58.90
O4' OMG D 3290 -13.14 -24.23 58.99
C3' OMG D 3290 -13.19 -26.50 58.50
O3' OMG D 3290 -12.64 -27.77 58.78
C2' OMG D 3290 -14.45 -26.18 59.29
O2' OMG D 3290 -14.34 -26.69 60.60
CM2 OMG D 3290 -15.41 -26.35 61.45
C1' OMG D 3290 -14.42 -24.66 59.36
N9 OMG D 3290 -15.40 -24.01 58.45
C8 OMG D 3290 -15.10 -23.37 57.29
N7 OMG D 3290 -16.14 -22.89 56.69
C5 OMG D 3290 -17.19 -23.22 57.50
C6 OMG D 3290 -18.57 -22.95 57.35
O6 OMG D 3290 -19.13 -22.35 56.45
N1 OMG D 3290 -19.30 -23.47 58.41
C2 OMG D 3290 -18.78 -24.16 59.45
N2 OMG D 3290 -19.66 -24.58 60.37
N3 OMG D 3290 -17.50 -24.41 59.59
C4 OMG D 3290 -16.75 -23.92 58.60
N1 PSU D 3295 -31.80 -29.97 54.36
C2 PSU D 3295 -30.96 -29.16 53.65
N3 PSU D 3295 -31.47 -28.10 52.93
C4 PSU D 3295 -32.82 -27.87 52.94
C5 PSU D 3295 -33.67 -28.71 53.65
C6 PSU D 3295 -33.13 -29.77 54.35
O2 PSU D 3295 -29.75 -29.36 53.65
O4 PSU D 3295 -33.28 -26.94 52.28
C1' PSU D 3295 -35.15 -28.49 53.70
C2' PSU D 3295 -35.81 -28.76 52.34
O2' PSU D 3295 -36.95 -27.91 52.23
C3' PSU D 3295 -36.25 -30.21 52.49
C4' PSU D 3295 -36.61 -30.31 53.96
O3' PSU D 3295 -37.33 -30.55 51.64
O4' PSU D 3295 -35.68 -29.42 54.61
C5' PSU D 3295 -36.47 -31.69 54.55
O5' PSU D 3295 -35.19 -32.23 54.31
P PSU D 3295 -34.73 -33.60 54.97
OP1 PSU D 3295 -35.67 -34.71 54.69
OP2 PSU D 3295 -33.29 -33.78 54.66
N1 PSU D 3303 -29.69 -55.28 35.87
C2 PSU D 3303 -30.12 -54.84 34.64
N3 PSU D 3303 -30.45 -53.51 34.46
C4 PSU D 3303 -30.36 -52.65 35.54
C5 PSU D 3303 -29.92 -53.12 36.77
C6 PSU D 3303 -29.60 -54.44 36.92
O2 PSU D 3303 -30.19 -55.61 33.70
O4 PSU D 3303 -30.65 -51.47 35.39
C1' PSU D 3303 -29.85 -52.14 37.90
C2' PSU D 3303 -31.00 -52.37 38.89
O2' PSU D 3303 -31.62 -51.12 39.15
C3' PSU D 3303 -30.29 -52.88 40.13
C4' PSU D 3303 -28.93 -52.20 40.04
O3' PSU D 3303 -30.95 -52.55 41.33
O4' PSU D 3303 -28.64 -52.20 38.64
C5' PSU D 3303 -27.83 -52.86 40.82
O5' PSU D 3303 -28.15 -52.93 42.20
P PSU D 3303 -27.14 -52.38 43.30
OP1 PSU D 3303 -26.68 -53.47 44.16
OP2 PSU D 3303 -26.16 -51.54 42.60
P OMG D 3304 -32.05 -53.53 41.96
OP1 OMG D 3304 -31.36 -54.44 42.96
OP2 OMG D 3304 -32.87 -54.14 40.83
O5' OMG D 3304 -32.98 -52.54 42.78
C5' OMG D 3304 -34.01 -53.01 43.61
C4' OMG D 3304 -35.12 -52.00 43.73
O4' OMG D 3304 -34.60 -50.67 43.56
C3' OMG D 3304 -36.19 -52.08 42.65
O3' OMG D 3304 -37.12 -53.13 42.91
C2' OMG D 3304 -36.81 -50.70 42.70
O2' OMG D 3304 -37.77 -50.63 43.74
CM2 OMG D 3304 -38.24 -49.35 44.06
C1' OMG D 3304 -35.61 -49.82 43.10
N9 OMG D 3304 -35.09 -49.01 41.99
C8 OMG D 3304 -33.85 -49.13 41.40
N7 OMG D 3304 -33.67 -48.25 40.47
C5 OMG D 3304 -34.82 -47.53 40.42
C6 OMG D 3304 -35.19 -46.43 39.59
O6 OMG D 3304 -34.54 -45.90 38.71
N1 OMG D 3304 -36.47 -45.99 39.89
C2 OMG D 3304 -37.27 -46.51 40.85
N2 OMG D 3304 -38.48 -45.93 40.99
N3 OMG D 3304 -36.94 -47.51 41.62
C4 OMG D 3304 -35.72 -47.97 41.36
N1 PSU D 3340 -25.74 -24.07 53.52
C2 PSU D 3340 -24.55 -24.59 53.96
N3 PSU D 3340 -24.45 -25.11 55.23
C4 PSU D 3340 -25.54 -25.08 56.06
C5 PSU D 3340 -26.73 -24.54 55.61
C6 PSU D 3340 -26.81 -24.04 54.33
O2 PSU D 3340 -23.58 -24.62 53.22
O4 PSU D 3340 -25.47 -25.54 57.20
C1' PSU D 3340 -27.94 -24.53 56.49
C2' PSU D 3340 -27.90 -23.46 57.58
O2' PSU D 3340 -28.58 -23.98 58.72
C3' PSU D 3340 -28.72 -22.35 56.95
C4' PSU D 3340 -29.76 -23.11 56.15
O3' PSU D 3340 -29.31 -21.49 57.90
O4' PSU D 3340 -29.06 -24.28 55.67
C5' PSU D 3340 -30.33 -22.36 54.97
O5' PSU D 3340 -29.29 -21.91 54.12
P PSU D 3340 -29.63 -21.13 52.78
OP1 PSU D 3340 -30.66 -20.12 53.11
OP2 PSU D 3340 -28.40 -20.71 52.06
N1 PSU D 3356 5.50 16.61 82.67
C2 PSU D 3356 6.65 15.96 82.32
N3 PSU D 3356 7.38 15.31 83.29
C4 PSU D 3356 6.97 15.32 84.60
C5 PSU D 3356 5.81 15.99 84.94
C6 PSU D 3356 5.10 16.64 83.94
O2 PSU D 3356 7.01 15.94 81.16
O4 PSU D 3356 7.63 14.75 85.46
C1' PSU D 3356 5.32 16.03 86.35
C2' PSU D 3356 6.12 17.05 87.17
O2' PSU D 3356 6.14 16.60 88.52
C3' PSU D 3356 5.24 18.29 87.03
C4' PSU D 3356 3.84 17.69 87.07
O3' PSU D 3356 5.47 19.25 88.03
O4' PSU D 3356 3.97 16.44 86.35
C5' PSU D 3356 2.77 18.53 86.42
O5' PSU D 3356 3.13 18.87 85.09
P PSU D 3356 2.05 19.50 84.10
OP1 PSU D 3356 1.33 20.60 84.78
OP2 PSU D 3356 2.70 19.73 82.80
N1 PSU D 3558 -10.57 -60.54 64.16
C2 PSU D 3558 -11.12 -59.77 65.16
N3 PSU D 3558 -12.37 -60.08 65.64
C4 PSU D 3558 -13.06 -61.14 65.12
C5 PSU D 3558 -12.50 -61.90 64.10
C6 PSU D 3558 -11.24 -61.58 63.64
O2 PSU D 3558 -10.49 -58.83 65.63
O4 PSU D 3558 -14.18 -61.40 65.57
C1' PSU D 3558 -13.23 -63.07 63.52
C2' PSU D 3558 -14.45 -62.68 62.68
O2' PSU D 3558 -15.47 -63.64 62.92
C3' PSU D 3558 -13.91 -62.80 61.27
C4' PSU D 3558 -12.91 -63.94 61.38
O3' PSU D 3558 -14.92 -63.08 60.31
O4' PSU D 3558 -12.34 -63.78 62.70
C5' PSU D 3558 -11.82 -63.93 60.35
O5' PSU D 3558 -11.07 -62.73 60.41
P PSU D 3558 -9.69 -62.60 59.64
OP1 PSU D 3558 -9.97 -62.82 58.21
OP2 PSU D 3558 -9.02 -61.36 60.09
N1 PSU D 3559 -13.70 -58.64 62.48
C2 PSU D 3559 -13.31 -57.59 63.27
N3 PSU D 3559 -14.18 -57.05 64.18
C4 PSU D 3559 -15.44 -57.58 64.30
C5 PSU D 3559 -15.83 -58.63 63.50
C6 PSU D 3559 -14.93 -59.15 62.59
O2 PSU D 3559 -12.18 -57.13 63.15
O4 PSU D 3559 -16.23 -57.10 65.12
C1' PSU D 3559 -17.20 -59.20 63.66
C2' PSU D 3559 -18.23 -58.41 62.86
O2' PSU D 3559 -19.47 -58.44 63.57
C3' PSU D 3559 -18.34 -59.23 61.59
C4' PSU D 3559 -18.13 -60.65 62.08
O3' PSU D 3559 -19.56 -59.06 60.91
O4' PSU D 3559 -17.19 -60.51 63.17
C5' PSU D 3559 -17.56 -61.59 61.05
O5' PSU D 3559 -16.39 -61.04 60.45
P PSU D 3559 -15.54 -61.90 59.42
OP1 PSU D 3559 -16.51 -62.53 58.51
OP2 PSU D 3559 -14.41 -61.15 58.84
N1 PSU D 3587 -42.53 -49.22 55.77
C2 PSU D 3587 -41.52 -49.68 54.97
N3 PSU D 3587 -40.33 -48.98 54.88
C4 PSU D 3587 -40.18 -47.83 55.61
C5 PSU D 3587 -41.20 -47.37 56.41
C6 PSU D 3587 -42.38 -48.09 56.50
O2 PSU D 3587 -41.66 -50.71 54.33
O4 PSU D 3587 -39.13 -47.21 55.54
C1' PSU D 3587 -41.01 -46.12 57.22
C2' PSU D 3587 -41.14 -44.84 56.41
O2' PSU D 3587 -40.24 -43.89 56.95
C3' PSU D 3587 -42.57 -44.44 56.71
C4' PSU D 3587 -42.75 -44.86 58.14
O3' PSU D 3587 -42.83 -43.06 56.51
O4' PSU D 3587 -41.96 -46.07 58.26
C5' PSU D 3587 -44.17 -45.17 58.55
O5' PSU D 3587 -44.75 -46.09 57.64
P PSU D 3587 -45.81 -47.15 58.15
OP1 PSU D 3587 -47.08 -46.39 58.31
OP2 PSU D 3587 -45.74 -48.32 57.26
N1 PSU D 3596 -58.68 -61.08 35.52
C2 PSU D 3596 -58.98 -59.93 36.21
N3 PSU D 3596 -59.79 -59.98 37.33
C4 PSU D 3596 -60.30 -61.18 37.73
C5 PSU D 3596 -60.01 -62.34 37.03
C6 PSU D 3596 -59.19 -62.26 35.92
O2 PSU D 3596 -58.51 -58.85 35.84
O4 PSU D 3596 -61.02 -61.24 38.72
C1' PSU D 3596 -60.58 -63.65 37.49
C2' PSU D 3596 -61.99 -63.82 36.94
O2' PSU D 3596 -62.74 -64.58 37.88
C3' PSU D 3596 -61.73 -64.62 35.68
C4' PSU D 3596 -60.59 -65.53 36.09
O3' PSU D 3596 -62.85 -65.34 35.20
O4' PSU D 3596 -59.80 -64.71 36.99
C5' PSU D 3596 -59.73 -66.01 34.96
O5' PSU D 3596 -59.29 -64.94 34.15
P PSU D 3596 -58.09 -65.11 33.11
OP1 PSU D 3596 -58.34 -66.15 32.08
OP2 PSU D 3596 -57.72 -63.75 32.67
N1 PSU F 55 31.48 -86.23 7.19
C2 PSU F 55 31.07 -87.52 6.96
N3 PSU F 55 31.98 -88.55 6.99
C4 PSU F 55 33.30 -88.28 7.25
C5 PSU F 55 33.70 -86.98 7.47
C6 PSU F 55 32.78 -85.95 7.43
O2 PSU F 55 29.89 -87.76 6.74
O4 PSU F 55 34.09 -89.21 7.27
C1' PSU F 55 35.14 -86.65 7.75
C2' PSU F 55 36.00 -86.87 6.51
O2' PSU F 55 37.28 -87.30 6.93
C3' PSU F 55 36.07 -85.47 5.92
C4' PSU F 55 36.08 -84.59 7.16
O3' PSU F 55 37.21 -85.27 5.10
O4' PSU F 55 35.22 -85.29 8.10
C5' PSU F 55 35.59 -83.18 6.96
O5' PSU F 55 34.25 -83.18 6.48
P PSU F 55 33.41 -81.82 6.41
OP1 PSU F 55 34.13 -80.68 5.80
OP2 PSU F 55 32.08 -82.18 5.90
N1 PSU F 69 50.32 -107.13 3.70
C2 PSU F 69 49.01 -107.29 4.05
N3 PSU F 69 48.53 -106.78 5.24
C4 PSU F 69 49.39 -106.12 6.08
C5 PSU F 69 50.72 -105.97 5.73
C6 PSU F 69 51.16 -106.48 4.52
O2 PSU F 69 48.24 -107.87 3.29
O4 PSU F 69 48.98 -105.66 7.15
C1' PSU F 69 51.68 -105.23 6.61
C2' PSU F 69 52.10 -105.94 7.89
O2' PSU F 69 52.23 -104.96 8.91
C3' PSU F 69 53.46 -106.49 7.52
C4' PSU F 69 54.01 -105.46 6.55
O3' PSU F 69 54.31 -106.68 8.62
O4' PSU F 69 52.84 -104.96 5.86
C5' PSU F 69 54.98 -105.99 5.54
O5' PSU F 69 54.45 -107.13 4.89
P PSU F 69 55.03 -107.63 3.50
OP1 PSU F 69 56.40 -108.11 3.78
OP2 PSU F 69 54.03 -108.52 2.89
P OMG F 75 34.55 -97.17 20.71
OP1 OMG F 75 33.93 -95.79 20.61
OP2 OMG F 75 36.05 -97.32 20.97
O5' OMG F 75 33.76 -97.98 21.82
C5' OMG F 75 33.21 -97.31 22.95
C4' OMG F 75 31.72 -97.53 23.05
O4' OMG F 75 31.03 -96.66 22.11
C3' OMG F 75 31.22 -98.91 22.69
O3' OMG F 75 31.40 -99.83 23.74
C2' OMG F 75 29.75 -98.65 22.37
O2' OMG F 75 29.02 -98.53 23.58
CM2 OMG F 75 27.67 -98.21 23.40
C1' OMG F 75 29.82 -97.28 21.71
N9 OMG F 75 29.84 -97.37 20.24
C8 OMG F 75 30.89 -97.08 19.42
N7 OMG F 75 30.61 -97.26 18.17
C5 OMG F 75 29.32 -97.70 18.16
C6 OMG F 75 28.48 -98.05 17.06
O6 OMG F 75 28.74 -98.04 15.88
N1 OMG F 75 27.22 -98.45 17.52
C2 OMG F 75 26.82 -98.48 18.82
N2 OMG F 75 25.56 -98.89 19.04
N3 OMG F 75 27.59 -98.16 19.82
C4 OMG F 75 28.82 -97.78 19.44
N GLY G 1 21.97 -31.14 -10.56
CA GLY G 1 22.76 -32.35 -10.60
C GLY G 1 21.94 -33.56 -11.02
N ARG G 2 20.63 -33.40 -11.02
CA ARG G 2 19.70 -34.46 -11.36
C ARG G 2 19.23 -34.27 -12.79
N VAL G 3 19.15 -35.37 -13.55
CA VAL G 3 18.72 -35.29 -14.93
C VAL G 3 17.29 -34.80 -14.99
N ILE G 4 17.05 -33.79 -15.82
CA ILE G 4 15.76 -33.13 -15.87
C ILE G 4 14.78 -33.97 -16.67
N ARG G 5 13.49 -33.64 -16.53
CA ARG G 5 12.47 -34.27 -17.36
C ARG G 5 12.61 -33.79 -18.79
N GLY G 6 12.26 -34.64 -19.73
CA GLY G 6 12.48 -34.34 -21.13
C GLY G 6 13.82 -34.88 -21.56
N GLN G 7 14.84 -34.66 -20.74
CA GLN G 7 16.10 -35.37 -20.94
C GLN G 7 15.89 -36.87 -20.77
N ARG G 8 15.14 -37.27 -19.74
CA ARG G 8 14.92 -38.67 -19.44
C ARG G 8 14.09 -39.38 -20.49
N LYS G 9 13.47 -38.63 -21.41
CA LYS G 9 12.58 -39.24 -22.38
C LYS G 9 13.35 -40.05 -23.41
N GLY G 10 14.60 -39.69 -23.68
CA GLY G 10 15.38 -40.42 -24.65
C GLY G 10 15.79 -41.81 -24.21
N ALA G 11 15.83 -42.04 -22.90
CA ALA G 11 16.10 -43.39 -22.42
C ALA G 11 15.00 -44.35 -22.80
N GLY G 12 13.74 -43.90 -22.78
CA GLY G 12 12.62 -44.70 -23.19
C GLY G 12 12.18 -45.73 -22.17
N SER G 13 12.74 -45.71 -20.96
CA SER G 13 12.35 -46.65 -19.94
C SER G 13 10.85 -46.58 -19.66
N VAL G 14 10.30 -45.36 -19.65
CA VAL G 14 8.87 -45.18 -19.47
C VAL G 14 8.22 -44.59 -20.71
N PHE G 15 8.88 -43.66 -21.39
CA PHE G 15 8.24 -42.78 -22.36
C PHE G 15 8.10 -43.40 -23.75
N ARG G 16 8.12 -44.73 -23.84
CA ARG G 16 7.82 -45.35 -25.12
C ARG G 16 6.32 -45.32 -25.38
N ALA G 17 5.96 -45.44 -26.66
CA ALA G 17 4.55 -45.38 -27.02
C ALA G 17 3.83 -46.67 -26.65
N HIS G 18 2.63 -46.51 -26.13
CA HIS G 18 1.78 -47.64 -25.76
C HIS G 18 1.21 -48.22 -27.04
N VAL G 19 1.82 -49.28 -27.53
CA VAL G 19 1.51 -49.80 -28.85
C VAL G 19 0.91 -51.20 -28.78
N LYS G 20 0.33 -51.57 -27.64
CA LYS G 20 -0.23 -52.92 -27.52
C LYS G 20 -1.47 -53.07 -28.39
N HIS G 21 -2.40 -52.13 -28.30
CA HIS G 21 -3.69 -52.23 -28.96
C HIS G 21 -3.74 -51.54 -30.32
N ARG G 22 -2.64 -50.96 -30.77
CA ARG G 22 -2.67 -50.33 -32.08
C ARG G 22 -2.75 -51.39 -33.16
N LYS G 23 -3.57 -51.12 -34.17
CA LYS G 23 -3.89 -52.11 -35.19
C LYS G 23 -2.76 -52.35 -36.18
N GLY G 24 -1.73 -51.53 -36.16
CA GLY G 24 -0.63 -51.65 -37.11
C GLY G 24 -0.31 -50.31 -37.76
N ALA G 25 0.87 -50.27 -38.36
CA ALA G 25 1.32 -49.07 -39.03
C ALA G 25 0.48 -48.82 -40.26
N ALA G 26 0.02 -47.58 -40.43
CA ALA G 26 -0.78 -47.21 -41.59
C ALA G 26 0.13 -46.73 -42.71
N ARG G 27 0.14 -47.46 -43.82
CA ARG G 27 1.01 -47.09 -44.92
C ARG G 27 0.28 -47.34 -46.24
N LEU G 28 0.81 -46.72 -47.29
CA LEU G 28 0.36 -47.08 -48.62
C LEU G 28 0.93 -48.43 -49.00
N ARG G 29 0.40 -49.02 -50.06
CA ARG G 29 0.93 -50.29 -50.51
C ARG G 29 2.28 -50.07 -51.18
N ALA G 30 3.07 -51.13 -51.21
CA ALA G 30 4.38 -51.07 -51.86
C ALA G 30 4.21 -50.79 -53.35
N VAL G 31 4.98 -49.82 -53.84
CA VAL G 31 4.94 -49.47 -55.26
C VAL G 31 5.55 -50.61 -56.08
N ASP G 32 4.92 -50.92 -57.20
CA ASP G 32 5.36 -52.02 -58.02
C ASP G 32 5.02 -51.72 -59.47
N PHE G 33 5.05 -52.75 -60.31
CA PHE G 33 4.77 -52.58 -61.73
C PHE G 33 3.37 -52.05 -61.97
N ALA G 34 2.39 -52.60 -61.26
CA ALA G 34 1.01 -52.19 -61.47
C ALA G 34 0.80 -50.72 -61.13
N GLU G 35 1.39 -50.26 -60.02
CA GLU G 35 1.37 -48.84 -59.71
C GLU G 35 2.12 -48.06 -60.77
N ARG G 36 3.24 -48.59 -61.23
CA ARG G 36 4.15 -47.84 -62.07
C ARG G 36 3.64 -47.66 -63.48
N HIS G 37 2.70 -48.49 -63.92
CA HIS G 37 2.24 -48.42 -65.30
C HIS G 37 0.74 -48.36 -65.47
N GLY G 38 -0.02 -49.09 -64.67
CA GLY G 38 -1.47 -49.10 -64.84
C GLY G 38 -2.20 -48.74 -63.57
N TYR G 39 -3.22 -49.52 -63.22
CA TYR G 39 -3.91 -49.32 -61.96
C TYR G 39 -4.43 -50.67 -61.47
N ILE G 40 -4.59 -50.76 -60.16
CA ILE G 40 -5.07 -51.97 -59.51
C ILE G 40 -6.27 -51.60 -58.65
N LYS G 41 -7.27 -52.47 -58.61
CA LYS G 41 -8.51 -52.21 -57.89
C LYS G 41 -8.50 -52.92 -56.55
N GLY G 42 -8.87 -52.19 -55.50
CA GLY G 42 -9.03 -52.79 -54.18
C GLY G 42 -10.38 -52.44 -53.60
N ILE G 43 -10.76 -53.21 -52.58
CA ILE G 43 -12.08 -53.10 -51.97
C ILE G 43 -11.90 -52.86 -50.48
N VAL G 44 -12.71 -51.95 -49.92
CA VAL G 44 -12.61 -51.58 -48.51
C VAL G 44 -13.45 -52.58 -47.72
N LYS G 45 -12.77 -53.53 -47.06
CA LYS G 45 -13.49 -54.50 -46.23
C LYS G 45 -13.99 -53.90 -44.93
N ASP G 46 -13.17 -53.10 -44.25
CA ASP G 46 -13.59 -52.60 -42.95
C ASP G 46 -12.86 -51.31 -42.62
N ILE G 47 -13.52 -50.47 -41.84
CA ILE G 47 -12.97 -49.20 -41.38
C ILE G 47 -12.89 -49.27 -39.86
N ILE G 48 -11.71 -49.03 -39.31
CA ILE G 48 -11.47 -49.29 -37.90
C ILE G 48 -10.87 -48.06 -37.24
N HIS G 49 -10.93 -48.05 -35.91
CA HIS G 49 -10.40 -46.98 -35.09
C HIS G 49 -9.06 -47.42 -34.51
N ASP G 50 -8.02 -46.65 -34.80
CA ASP G 50 -6.70 -46.93 -34.28
C ASP G 50 -6.49 -46.20 -32.96
N PRO G 51 -6.25 -46.90 -31.86
CA PRO G 51 -6.08 -46.22 -30.58
C PRO G 51 -4.90 -45.28 -30.60
N GLY G 52 -5.05 -44.14 -29.94
CA GLY G 52 -3.99 -43.18 -29.83
C GLY G 52 -3.89 -42.20 -30.97
N ARG G 53 -4.57 -42.45 -32.07
CA ARG G 53 -4.59 -41.51 -33.19
C ARG G 53 -6.04 -41.13 -33.48
N GLY G 54 -6.23 -39.88 -33.91
CA GLY G 54 -7.55 -39.41 -34.21
C GLY G 54 -8.05 -39.94 -35.54
N ALA G 55 -7.15 -40.17 -36.45
CA ALA G 55 -7.53 -40.56 -37.80
C ALA G 55 -8.05 -41.99 -37.81
N PRO G 56 -9.23 -42.24 -38.37
CA PRO G 56 -9.66 -43.62 -38.62
C PRO G 56 -8.81 -44.24 -39.70
N LEU G 57 -8.68 -45.56 -39.64
CA LEU G 57 -7.85 -46.29 -40.58
C LEU G 57 -8.71 -47.12 -41.51
N ALA G 58 -8.23 -47.32 -42.73
CA ALA G 58 -8.95 -48.03 -43.77
C ALA G 58 -8.25 -49.35 -44.05
N LYS G 59 -9.02 -50.45 -44.05
CA LYS G 59 -8.51 -51.76 -44.39
C LYS G 59 -8.98 -52.14 -45.78
N VAL G 60 -8.05 -52.33 -46.71
CA VAL G 60 -8.37 -52.61 -48.10
C VAL G 60 -7.74 -53.92 -48.51
N VAL G 61 -8.49 -54.74 -49.23
CA VAL G 61 -8.03 -56.03 -49.73
C VAL G 61 -7.82 -55.89 -51.24
N PHE G 62 -6.63 -56.24 -51.70
CA PHE G 62 -6.31 -56.29 -53.12
C PHE G 62 -6.16 -57.73 -53.58
N ARG G 63 -5.74 -57.88 -54.81
CA ARG G 63 -5.40 -59.18 -55.37
C ARG G 63 -3.93 -59.17 -55.76
N ASP G 64 -3.18 -60.14 -55.26
CA ASP G 64 -1.77 -60.18 -55.58
C ASP G 64 -1.58 -60.57 -57.04
N PRO G 65 -0.97 -59.72 -57.87
CA PRO G 65 -0.88 -60.04 -59.30
C PRO G 65 0.15 -61.09 -59.63
N TYR G 66 1.00 -61.48 -58.69
CA TYR G 66 2.07 -62.42 -58.96
C TYR G 66 1.82 -63.82 -58.44
N ARG G 67 1.16 -63.96 -57.30
CA ARG G 67 0.76 -65.28 -56.84
C ARG G 67 -0.69 -65.24 -56.39
N PHE G 68 -1.31 -66.40 -56.37
CA PHE G 68 -2.68 -66.51 -55.91
C PHE G 68 -2.78 -66.23 -54.42
N LYS G 69 -3.00 -64.98 -54.04
CA LYS G 69 -3.12 -64.62 -52.64
C LYS G 69 -3.89 -63.31 -52.53
N LYS G 70 -4.41 -63.05 -51.34
CA LYS G 70 -5.08 -61.80 -51.04
C LYS G 70 -4.16 -60.95 -50.17
N ARG G 71 -3.99 -59.70 -50.55
CA ARG G 71 -3.18 -58.75 -49.79
C ARG G 71 -4.09 -57.77 -49.08
N THR G 72 -3.86 -57.58 -47.79
CA THR G 72 -4.63 -56.64 -46.98
C THR G 72 -3.76 -55.46 -46.62
N GLU G 73 -4.23 -54.25 -46.94
CA GLU G 73 -3.51 -53.04 -46.62
C GLU G 73 -4.21 -52.27 -45.52
N LEU G 74 -3.53 -51.24 -45.03
CA LEU G 74 -3.93 -50.51 -43.83
C LEU G 74 -3.91 -49.01 -44.11
N PHE G 75 -4.60 -48.62 -45.18
CA PHE G 75 -4.55 -47.23 -45.62
C PHE G 75 -5.15 -46.29 -44.59
N ILE G 76 -4.67 -45.06 -44.60
CA ILE G 76 -5.27 -43.99 -43.81
C ILE G 76 -6.60 -43.60 -44.45
N ALA G 77 -7.68 -43.76 -43.69
CA ALA G 77 -9.02 -43.57 -44.22
C ALA G 77 -9.25 -42.09 -44.52
N ALA G 78 -9.19 -41.73 -45.80
CA ALA G 78 -9.58 -40.39 -46.20
C ALA G 78 -11.08 -40.22 -46.06
N GLU G 79 -11.49 -39.02 -45.67
CA GLU G 79 -12.91 -38.78 -45.44
C GLU G 79 -13.68 -38.87 -46.75
N GLY G 80 -14.83 -39.54 -46.71
CA GLY G 80 -15.66 -39.76 -47.87
C GLY G 80 -15.71 -41.19 -48.34
N ILE G 81 -14.82 -42.05 -47.86
CA ILE G 81 -14.80 -43.44 -48.27
C ILE G 81 -15.68 -44.27 -47.35
N HIS G 82 -16.04 -45.46 -47.80
CA HIS G 82 -16.95 -46.32 -47.06
C HIS G 82 -16.65 -47.78 -47.39
N THR G 83 -17.12 -48.67 -46.52
CA THR G 83 -16.93 -50.09 -46.75
C THR G 83 -17.70 -50.54 -47.98
N GLY G 84 -17.10 -51.47 -48.72
CA GLY G 84 -17.68 -51.89 -49.96
C GLY G 84 -17.46 -50.97 -51.12
N GLN G 85 -16.61 -49.98 -50.97
CA GLN G 85 -16.28 -49.06 -52.05
C GLN G 85 -14.98 -49.46 -52.72
N PHE G 86 -15.01 -49.53 -54.04
CA PHE G 86 -13.82 -49.82 -54.81
C PHE G 86 -12.86 -48.65 -54.72
N VAL G 87 -11.58 -48.96 -54.54
CA VAL G 87 -10.52 -47.98 -54.66
C VAL G 87 -9.56 -48.46 -55.74
N TYR G 88 -9.06 -47.51 -56.51
CA TYR G 88 -8.12 -47.80 -57.58
C TYR G 88 -6.81 -47.10 -57.27
N CYS G 89 -5.72 -47.84 -57.35
CA CYS G 89 -4.39 -47.29 -57.11
C CYS G 89 -3.52 -47.58 -58.31
N GLY G 90 -2.74 -46.60 -58.73
CA GLY G 90 -1.83 -46.78 -59.84
C GLY G 90 -1.60 -45.48 -60.56
N LYS G 91 -0.81 -45.56 -61.62
CA LYS G 91 -0.54 -44.40 -62.44
C LYS G 91 -1.78 -43.95 -63.20
N LYS G 92 -2.57 -44.88 -63.68
CA LYS G 92 -3.71 -44.58 -64.53
C LYS G 92 -4.99 -44.33 -63.76
N ALA G 93 -4.95 -44.36 -62.43
CA ALA G 93 -6.16 -44.24 -61.63
C ALA G 93 -6.79 -42.86 -61.76
N GLN G 94 -8.11 -42.82 -61.72
CA GLN G 94 -8.87 -41.60 -61.91
C GLN G 94 -8.97 -40.79 -60.62
N LEU G 95 -9.20 -39.49 -60.77
CA LEU G 95 -9.33 -38.60 -59.63
C LEU G 95 -10.65 -38.86 -58.93
N ASN G 96 -10.61 -39.73 -57.94
CA ASN G 96 -11.76 -39.91 -57.06
C ASN G 96 -11.25 -40.13 -55.65
N ILE G 97 -12.09 -39.79 -54.69
CA ILE G 97 -11.66 -39.77 -53.30
C ILE G 97 -11.40 -41.18 -52.84
N GLY G 98 -10.21 -41.42 -52.29
CA GLY G 98 -9.78 -42.74 -51.90
C GLY G 98 -8.88 -43.42 -52.90
N ASN G 99 -8.77 -42.89 -54.11
CA ASN G 99 -7.81 -43.42 -55.06
C ASN G 99 -6.43 -42.81 -54.84
N VAL G 100 -5.40 -43.57 -55.21
CA VAL G 100 -4.01 -43.18 -55.02
C VAL G 100 -3.34 -43.18 -56.37
N LEU G 101 -2.56 -42.14 -56.63
CA LEU G 101 -1.88 -41.99 -57.91
C LEU G 101 -0.71 -41.05 -57.72
N PRO G 102 0.29 -41.10 -58.59
CA PRO G 102 1.41 -40.16 -58.48
C PRO G 102 0.96 -38.74 -58.70
N VAL G 103 1.65 -37.81 -58.02
CA VAL G 103 1.26 -36.41 -58.08
C VAL G 103 1.45 -35.85 -59.48
N GLY G 104 2.46 -36.32 -60.21
CA GLY G 104 2.78 -35.78 -61.52
C GLY G 104 1.65 -35.89 -62.52
N THR G 105 0.70 -36.77 -62.27
CA THR G 105 -0.53 -36.84 -63.05
C THR G 105 -1.62 -35.96 -62.48
N MET G 106 -1.39 -35.29 -61.41
CA MET G 106 -2.56 -34.63 -60.88
C MET G 106 -2.60 -33.16 -61.27
N PRO G 107 -3.79 -32.58 -61.38
CA PRO G 107 -3.91 -31.20 -61.86
C PRO G 107 -3.36 -30.16 -60.90
N GLU G 108 -3.46 -28.89 -61.32
CA GLU G 108 -2.79 -27.79 -60.65
C GLU G 108 -3.42 -27.39 -59.33
N GLY G 109 -4.64 -27.84 -59.04
CA GLY G 109 -5.33 -27.36 -57.86
C GLY G 109 -5.82 -28.45 -56.94
N THR G 110 -5.47 -29.69 -57.25
CA THR G 110 -5.94 -30.79 -56.42
C THR G 110 -5.22 -30.78 -55.08
N ILE G 111 -5.88 -31.38 -54.09
CA ILE G 111 -5.27 -31.58 -52.79
C ILE G 111 -5.23 -33.06 -52.52
N VAL G 112 -4.28 -33.46 -51.68
CA VAL G 112 -4.02 -34.88 -51.44
C VAL G 112 -4.15 -35.14 -49.95
N CYS G 113 -4.02 -36.41 -49.58
CA CYS G 113 -4.18 -36.81 -48.19
C CYS G 113 -2.90 -37.36 -47.59
N CYS G 114 -2.34 -38.43 -48.17
CA CYS G 114 -1.22 -39.14 -47.57
C CYS G 114 -0.07 -39.07 -48.55
N LEU G 115 0.72 -38.02 -48.42
CA LEU G 115 1.77 -37.73 -49.40
C LEU G 115 3.05 -38.48 -49.05
N GLU G 116 3.68 -39.04 -50.08
CA GLU G 116 4.96 -39.71 -49.93
C GLU G 116 6.08 -38.69 -49.88
N GLU G 117 6.88 -38.74 -48.81
CA GLU G 117 8.01 -37.82 -48.69
C GLU G 117 9.04 -38.09 -49.77
N LYS G 118 9.34 -39.35 -50.01
CA LYS G 118 10.30 -39.78 -51.01
C LYS G 118 9.58 -40.53 -52.12
N PRO G 119 10.12 -40.51 -53.32
CA PRO G 119 9.50 -41.30 -54.39
C PRO G 119 9.79 -42.77 -54.23
N GLY G 120 9.00 -43.45 -53.41
CA GLY G 120 9.19 -44.87 -53.25
C GLY G 120 8.79 -45.42 -51.90
N ASP G 121 8.70 -44.55 -50.89
CA ASP G 121 8.20 -45.02 -49.62
C ASP G 121 6.68 -44.96 -49.62
N ARG G 122 6.10 -45.14 -48.45
CA ARG G 122 4.66 -45.03 -48.30
C ARG G 122 4.33 -43.60 -47.87
N GLY G 123 3.10 -43.38 -47.43
CA GLY G 123 2.69 -42.03 -47.09
C GLY G 123 3.39 -41.54 -45.82
N LYS G 124 3.78 -40.27 -45.84
CA LYS G 124 4.48 -39.67 -44.73
C LYS G 124 3.97 -38.30 -44.32
N LEU G 125 3.24 -37.60 -45.18
CA LEU G 125 2.85 -36.23 -44.93
C LEU G 125 1.34 -36.09 -44.87
N ALA G 126 0.90 -35.08 -44.12
CA ALA G 126 -0.51 -34.72 -44.00
C ALA G 126 -1.35 -35.90 -43.49
N ARG G 127 -0.81 -36.62 -42.52
CA ARG G 127 -1.47 -37.84 -42.04
C ARG G 127 -2.46 -37.57 -40.92
N ALA G 128 -2.32 -36.45 -40.21
CA ALA G 128 -3.14 -36.21 -39.02
C ALA G 128 -4.55 -35.83 -39.41
N SER G 129 -5.49 -36.13 -38.50
CA SER G 129 -6.91 -36.06 -38.80
C SER G 129 -7.35 -34.65 -39.18
N GLY G 130 -8.01 -34.56 -40.34
CA GLY G 130 -8.47 -33.30 -40.86
C GLY G 130 -7.47 -32.53 -41.69
N ASN G 131 -6.22 -32.99 -41.77
CA ASN G 131 -5.19 -32.28 -42.52
C ASN G 131 -5.19 -32.69 -43.98
N TYR G 132 -4.47 -31.93 -44.78
CA TYR G 132 -4.30 -32.23 -46.20
C TYR G 132 -3.15 -31.40 -46.74
N ALA G 133 -2.65 -31.83 -47.89
CA ALA G 133 -1.64 -31.10 -48.63
C ALA G 133 -2.15 -30.81 -50.04
N THR G 134 -1.66 -29.73 -50.62
CA THR G 134 -2.15 -29.23 -51.88
C THR G 134 -1.08 -29.30 -52.94
N VAL G 135 -1.45 -29.75 -54.14
CA VAL G 135 -0.56 -29.74 -55.29
C VAL G 135 -0.64 -28.35 -55.92
N ILE G 136 0.52 -27.70 -56.10
CA ILE G 136 0.52 -26.34 -56.60
C ILE G 136 0.87 -26.29 -58.08
N SER G 137 2.08 -26.72 -58.43
CA SER G 137 2.58 -26.54 -59.78
C SER G 137 3.37 -27.77 -60.21
N HIS G 138 3.94 -27.70 -61.41
CA HIS G 138 4.70 -28.78 -61.99
C HIS G 138 5.76 -28.22 -62.92
N ASN G 139 6.69 -29.08 -63.29
CA ASN G 139 7.46 -28.88 -64.51
C ASN G 139 7.84 -30.26 -65.04
N PRO G 140 7.49 -30.56 -66.29
CA PRO G 140 7.84 -31.89 -66.83
C PRO G 140 9.31 -32.21 -66.79
N GLU G 141 10.18 -31.22 -67.01
CA GLU G 141 11.60 -31.43 -66.84
C GLU G 141 11.89 -31.66 -65.36
N THR G 142 12.86 -32.54 -65.09
CA THR G 142 13.32 -32.87 -63.74
C THR G 142 12.24 -33.55 -62.90
N LYS G 143 11.05 -33.74 -63.48
CA LYS G 143 9.95 -34.45 -62.85
C LYS G 143 9.66 -33.94 -61.44
N LYS G 144 9.57 -32.62 -61.31
CA LYS G 144 9.44 -31.98 -60.01
C LYS G 144 8.06 -31.40 -59.85
N THR G 145 7.62 -31.31 -58.60
CA THR G 145 6.28 -30.83 -58.26
C THR G 145 6.33 -30.09 -56.94
N ARG G 146 5.72 -28.91 -56.90
CA ARG G 146 5.73 -28.04 -55.73
C ARG G 146 4.41 -28.17 -55.00
N VAL G 147 4.46 -28.39 -53.69
CA VAL G 147 3.27 -28.67 -52.90
C VAL G 147 3.23 -27.78 -51.67
N LYS G 148 2.03 -27.64 -51.10
CA LYS G 148 1.79 -26.87 -49.90
C LYS G 148 1.49 -27.80 -48.74
N LEU G 149 2.39 -27.84 -47.78
CA LEU G 149 2.25 -28.71 -46.63
C LEU G 149 1.22 -28.15 -45.65
N PRO G 150 0.69 -28.99 -44.77
CA PRO G 150 -0.25 -28.49 -43.76
C PRO G 150 0.31 -27.38 -42.90
N SER G 151 1.62 -27.40 -42.59
CA SER G 151 2.19 -26.32 -41.82
C SER G 151 2.34 -25.05 -42.64
N GLY G 152 1.99 -25.08 -43.91
CA GLY G 152 2.05 -23.92 -44.77
C GLY G 152 3.35 -23.75 -45.51
N SER G 153 4.35 -24.56 -45.21
CA SER G 153 5.60 -24.47 -45.95
C SER G 153 5.45 -25.10 -47.33
N LYS G 154 6.18 -24.56 -48.28
CA LYS G 154 6.16 -25.01 -49.66
C LYS G 154 7.27 -26.03 -49.84
N LYS G 155 6.93 -27.18 -50.42
CA LYS G 155 7.93 -28.21 -50.66
C LYS G 155 7.90 -28.66 -52.10
N VAL G 156 9.04 -29.12 -52.58
CA VAL G 156 9.19 -29.63 -53.94
C VAL G 156 9.60 -31.08 -53.84
N ILE G 157 8.85 -31.98 -54.48
CA ILE G 157 9.16 -33.39 -54.47
C ILE G 157 9.02 -33.94 -55.89
N SER G 158 9.43 -35.20 -56.05
CA SER G 158 9.39 -35.86 -57.35
C SER G 158 7.95 -36.04 -57.81
N SER G 159 7.77 -35.98 -59.13
CA SER G 159 6.45 -36.15 -59.70
C SER G 159 5.93 -37.57 -59.58
N ALA G 160 6.79 -38.51 -59.18
CA ALA G 160 6.40 -39.91 -59.06
C ALA G 160 5.88 -40.28 -57.67
N ASN G 161 5.88 -39.35 -56.73
CA ASN G 161 5.39 -39.68 -55.40
C ASN G 161 3.88 -39.87 -55.44
N ARG G 162 3.41 -40.99 -54.92
CA ARG G 162 1.97 -41.22 -54.88
C ARG G 162 1.35 -40.48 -53.71
N ALA G 163 0.04 -40.32 -53.77
CA ALA G 163 -0.70 -39.72 -52.67
C ALA G 163 -2.16 -40.10 -52.80
N VAL G 164 -2.88 -39.97 -51.69
CA VAL G 164 -4.29 -40.32 -51.63
C VAL G 164 -5.12 -39.08 -51.90
N VAL G 165 -6.08 -39.21 -52.81
CA VAL G 165 -6.94 -38.08 -53.15
C VAL G 165 -7.88 -37.80 -52.00
N GLY G 166 -8.00 -36.53 -51.64
CA GLY G 166 -8.97 -36.10 -50.66
C GLY G 166 -8.32 -35.70 -49.35
N VAL G 167 -9.14 -35.66 -48.32
CA VAL G 167 -8.70 -35.30 -46.98
C VAL G 167 -8.93 -36.48 -46.05
N VAL G 168 -8.00 -36.66 -45.12
CA VAL G 168 -8.17 -37.65 -44.08
C VAL G 168 -9.38 -37.29 -43.22
N ALA G 169 -10.08 -38.31 -42.73
CA ALA G 169 -11.20 -38.09 -41.84
C ALA G 169 -10.74 -37.55 -40.50
N GLY G 170 -11.67 -37.45 -39.57
CA GLY G 170 -11.37 -36.96 -38.25
C GLY G 170 -11.77 -35.52 -38.00
N GLY G 171 -12.16 -34.79 -39.04
CA GLY G 171 -12.73 -33.45 -39.04
C GLY G 171 -12.04 -32.51 -38.06
N GLY G 172 -12.84 -31.70 -37.39
CA GLY G 172 -12.33 -30.82 -36.36
C GLY G 172 -12.31 -31.49 -35.01
N ARG G 173 -11.38 -32.43 -34.82
CA ARG G 173 -11.28 -33.11 -33.53
C ARG G 173 -10.92 -32.14 -32.42
N ILE G 174 -10.01 -31.21 -32.70
CA ILE G 174 -9.56 -30.26 -31.68
C ILE G 174 -10.62 -29.25 -31.31
N ASP G 175 -11.72 -29.17 -32.05
CA ASP G 175 -12.71 -28.14 -31.80
C ASP G 175 -13.45 -28.38 -30.49
N LYS G 176 -13.74 -29.63 -30.17
CA LYS G 176 -14.38 -29.94 -28.90
C LYS G 176 -13.43 -29.70 -27.75
N PRO G 177 -13.77 -28.86 -26.78
CA PRO G 177 -12.89 -28.69 -25.62
C PRO G 177 -12.81 -29.98 -24.82
N ILE G 178 -11.66 -30.18 -24.17
CA ILE G 178 -11.44 -31.42 -23.44
C ILE G 178 -12.31 -31.46 -22.19
N LEU G 179 -12.38 -30.34 -21.46
CA LEU G 179 -13.33 -30.07 -20.39
C LEU G 179 -13.07 -30.83 -19.10
N LYS G 180 -12.19 -31.82 -19.11
CA LYS G 180 -12.01 -32.65 -17.93
C LYS G 180 -10.60 -33.21 -17.90
N ALA G 181 -10.02 -33.29 -16.70
CA ALA G 181 -8.76 -33.98 -16.55
C ALA G 181 -8.91 -35.45 -16.91
N GLY G 182 -10.08 -36.03 -16.67
CA GLY G 182 -10.29 -37.43 -16.96
C GLY G 182 -10.22 -37.74 -18.45
N ARG G 183 -10.83 -36.89 -19.27
CA ARG G 183 -10.76 -37.10 -20.71
C ARG G 183 -9.34 -37.00 -21.21
N ALA G 184 -8.58 -36.02 -20.72
CA ALA G 184 -7.18 -35.92 -21.09
C ALA G 184 -6.40 -37.15 -20.67
N TYR G 185 -6.66 -37.65 -19.46
CA TYR G 185 -5.95 -38.82 -18.97
C TYR G 185 -6.25 -40.03 -19.84
N HIS G 186 -7.52 -40.23 -20.18
CA HIS G 186 -7.88 -41.32 -21.06
C HIS G 186 -7.26 -41.16 -22.43
N LYS G 187 -7.17 -39.93 -22.94
CA LYS G 187 -6.57 -39.70 -24.24
C LYS G 187 -5.10 -40.10 -24.22
N TYR G 188 -4.34 -39.56 -23.27
CA TYR G 188 -2.90 -39.78 -23.27
C TYR G 188 -2.51 -41.15 -22.75
N LYS G 189 -3.40 -41.83 -22.04
CA LYS G 189 -3.11 -43.18 -21.58
C LYS G 189 -2.84 -44.10 -22.74
N ALA G 190 -3.52 -43.89 -23.87
CA ALA G 190 -3.33 -44.73 -25.03
C ALA G 190 -2.19 -44.28 -25.93
N LYS G 191 -1.51 -43.18 -25.60
CA LYS G 191 -0.49 -42.64 -26.49
C LYS G 191 0.91 -42.82 -25.92
N ARG G 192 1.17 -42.30 -24.73
CA ARG G 192 2.44 -42.35 -24.03
C ARG G 192 2.29 -41.61 -22.71
N ASN G 193 3.31 -41.73 -21.87
CA ASN G 193 3.29 -41.12 -20.54
C ASN G 193 3.89 -39.72 -20.62
N CYS G 194 3.04 -38.76 -20.97
CA CYS G 194 3.48 -37.36 -20.98
C CYS G 194 2.43 -36.37 -20.54
N TRP G 195 1.27 -36.79 -20.07
CA TRP G 195 0.18 -35.83 -19.85
C TRP G 195 0.32 -34.98 -18.60
N PRO G 196 0.46 -35.55 -17.39
CA PRO G 196 0.50 -34.67 -16.22
C PRO G 196 1.80 -33.90 -16.23
N ARG G 197 1.74 -32.64 -16.60
CA ARG G 197 2.93 -31.87 -16.94
C ARG G 197 3.20 -30.86 -15.84
N VAL G 198 4.32 -31.03 -15.16
CA VAL G 198 4.68 -30.15 -14.06
C VAL G 198 5.46 -28.98 -14.61
N ARG G 199 5.05 -27.77 -14.27
CA ARG G 199 5.77 -26.58 -14.68
C ARG G 199 7.19 -26.61 -14.13
N GLY G 200 8.15 -26.24 -14.97
CA GLY G 200 9.54 -26.28 -14.54
C GLY G 200 9.85 -25.32 -13.42
N VAL G 201 9.11 -24.21 -13.34
CA VAL G 201 9.33 -23.25 -12.28
C VAL G 201 8.91 -23.80 -10.93
N ALA G 202 8.08 -24.83 -10.90
CA ALA G 202 7.60 -25.38 -9.65
C ALA G 202 8.55 -26.40 -9.04
N MET G 203 9.66 -26.69 -9.71
CA MET G 203 10.61 -27.67 -9.22
C MET G 203 11.68 -27.01 -8.35
N ASN G 204 12.52 -27.84 -7.77
CA ASN G 204 13.73 -27.39 -7.11
C ASN G 204 14.82 -27.13 -8.15
N PRO G 205 15.85 -26.36 -7.82
CA PRO G 205 16.89 -26.06 -8.82
C PRO G 205 17.63 -27.29 -9.30
N VAL G 206 17.74 -28.33 -8.49
CA VAL G 206 18.59 -29.45 -8.86
C VAL G 206 17.99 -30.22 -10.03
N GLU G 207 16.67 -30.29 -10.12
CA GLU G 207 16.03 -31.04 -11.20
C GLU G 207 15.52 -30.17 -12.34
N HIS G 208 15.74 -28.85 -12.29
CA HIS G 208 15.30 -28.02 -13.40
C HIS G 208 16.09 -26.73 -13.45
N PRO G 209 16.44 -26.24 -14.64
CA PRO G 209 17.07 -24.91 -14.72
C PRO G 209 16.21 -23.81 -14.15
N PHE G 210 14.89 -23.90 -14.31
CA PHE G 210 13.98 -22.90 -13.78
C PHE G 210 13.59 -23.18 -12.33
N GLY G 211 14.06 -24.27 -11.75
CA GLY G 211 13.60 -24.67 -10.44
C GLY G 211 14.10 -23.76 -9.34
N GLY G 212 13.36 -23.74 -8.23
CA GLY G 212 13.78 -23.05 -7.04
C GLY G 212 13.42 -21.59 -7.00
N GLY G 213 13.89 -20.93 -5.96
CA GLY G 213 13.62 -19.54 -5.71
C GLY G 213 12.43 -19.36 -4.81
N ASN G 214 12.43 -18.26 -4.07
CA ASN G 214 11.36 -18.02 -3.11
C ASN G 214 10.06 -17.64 -3.78
N HIS G 215 10.10 -17.19 -5.03
CA HIS G 215 8.91 -16.92 -5.80
C HIS G 215 8.97 -17.73 -7.08
N GLN G 216 7.81 -18.20 -7.54
CA GLN G 216 7.74 -19.00 -8.76
C GLN G 216 8.01 -18.06 -9.93
N HIS G 217 9.29 -17.77 -10.13
CA HIS G 217 9.73 -16.90 -11.22
C HIS G 217 10.89 -17.55 -11.94
N ILE G 218 10.98 -17.26 -13.23
CA ILE G 218 12.04 -17.86 -14.06
C ILE G 218 13.39 -17.26 -13.70
N GLY G 219 13.45 -15.94 -13.58
CA GLY G 219 14.66 -15.27 -13.16
C GLY G 219 15.71 -15.07 -14.23
N LYS G 220 15.51 -15.59 -15.43
CA LYS G 220 16.45 -15.44 -16.52
C LYS G 220 15.65 -15.45 -17.82
N PRO G 221 16.21 -14.91 -18.90
CA PRO G 221 15.49 -14.91 -20.18
C PRO G 221 15.15 -16.33 -20.62
N SER G 222 13.88 -16.52 -20.99
CA SER G 222 13.39 -17.86 -21.31
C SER G 222 13.84 -18.34 -22.68
N THR G 223 14.00 -17.44 -23.64
CA THR G 223 14.51 -17.86 -24.95
C THR G 223 15.92 -18.38 -24.78
N ILE G 224 16.21 -19.52 -25.40
CA ILE G 224 17.49 -20.18 -25.21
C ILE G 224 18.10 -20.46 -26.58
N ARG G 225 19.43 -20.43 -26.64
CA ARG G 225 20.14 -20.62 -27.89
C ARG G 225 19.97 -22.04 -28.42
N ARG G 226 20.03 -22.17 -29.74
CA ARG G 226 19.84 -23.46 -30.39
C ARG G 226 20.92 -24.45 -29.99
N ASP G 227 22.17 -24.03 -29.94
CA ASP G 227 23.28 -24.91 -29.63
C ASP G 227 23.44 -25.16 -28.14
N ALA G 228 22.41 -24.87 -27.35
CA ALA G 228 22.49 -25.08 -25.93
C ALA G 228 22.65 -26.56 -25.62
N PRO G 229 23.39 -26.91 -24.57
CA PRO G 229 23.58 -28.32 -24.24
C PRO G 229 22.29 -28.95 -23.78
N ALA G 230 22.24 -30.27 -23.87
CA ALA G 230 21.12 -30.99 -23.30
C ALA G 230 21.04 -30.73 -21.81
N GLY G 231 19.82 -30.56 -21.32
CA GLY G 231 19.60 -30.18 -19.94
C GLY G 231 19.57 -28.69 -19.71
N ARG G 232 19.77 -27.88 -20.74
CA ARG G 232 19.70 -26.44 -20.60
C ARG G 232 18.70 -25.80 -21.55
N LYS G 233 18.57 -26.33 -22.77
CA LYS G 233 17.64 -25.76 -23.76
C LYS G 233 16.22 -26.15 -23.37
N VAL G 234 15.65 -25.35 -22.47
CA VAL G 234 14.28 -25.52 -22.01
C VAL G 234 13.53 -24.22 -22.23
N GLY G 235 12.21 -24.31 -22.16
CA GLY G 235 11.39 -23.14 -22.40
C GLY G 235 11.29 -22.87 -23.90
N LEU G 236 11.37 -21.60 -24.28
CA LEU G 236 11.29 -21.21 -25.68
C LEU G 236 12.64 -21.52 -26.32
N ILE G 237 12.61 -22.37 -27.33
CA ILE G 237 13.83 -22.92 -27.92
C ILE G 237 14.08 -22.23 -29.25
N ALA G 238 15.20 -21.52 -29.35
CA ALA G 238 15.64 -20.90 -30.60
C ALA G 238 14.54 -20.01 -31.19
N ALA G 239 13.89 -19.25 -30.33
CA ALA G 239 12.72 -18.49 -30.74
C ALA G 239 13.13 -17.29 -31.59
N ARG G 240 12.54 -17.20 -32.78
CA ARG G 240 12.77 -16.02 -33.62
C ARG G 240 12.14 -14.78 -33.02
N ARG G 241 10.95 -14.90 -32.45
CA ARG G 241 10.29 -13.79 -31.80
C ARG G 241 9.40 -14.35 -30.71
N THR G 242 9.00 -13.46 -29.81
CA THR G 242 8.11 -13.82 -28.72
C THR G 242 6.98 -12.81 -28.68
N GLY G 243 5.89 -13.18 -28.03
CA GLY G 243 4.82 -12.24 -27.82
C GLY G 243 3.44 -12.74 -28.11
N ARG G 244 2.78 -12.12 -29.08
CA ARG G 244 1.36 -12.35 -29.30
C ARG G 244 1.00 -12.74 -30.72
N LEU G 245 1.91 -12.59 -31.68
CA LEU G 245 1.68 -12.89 -33.09
C LEU G 245 0.51 -12.06 -33.63
N ARG G 246 0.69 -10.75 -33.58
CA ARG G 246 -0.31 -9.80 -34.05
C ARG G 246 0.10 -9.34 -35.44
N GLY G 247 -0.64 -9.78 -36.45
CA GLY G 247 -0.38 -9.33 -37.80
C GLY G 247 -0.13 -10.45 -38.78
N THR G 248 0.63 -11.45 -38.36
CA THR G 248 0.90 -12.62 -39.20
C THR G 248 1.24 -13.83 -38.36
N SER H 1 8.50 -13.30 39.58
CA SER H 1 7.55 -12.24 39.27
C SER H 1 6.29 -12.39 40.10
N HIS H 2 5.63 -11.27 40.37
CA HIS H 2 4.39 -11.29 41.11
C HIS H 2 3.30 -11.94 40.27
N ARG H 3 2.33 -12.54 40.95
CA ARG H 3 1.15 -13.02 40.24
C ARG H 3 0.35 -11.84 39.74
N LYS H 4 -0.18 -11.97 38.52
CA LYS H 4 -0.75 -10.80 37.83
C LYS H 4 -2.02 -10.32 38.53
N PHE H 5 -2.73 -11.22 39.18
CA PHE H 5 -3.92 -10.85 39.93
C PHE H 5 -3.81 -11.39 41.34
N SER H 6 -4.38 -10.65 42.28
CA SER H 6 -4.41 -11.10 43.66
C SER H 6 -5.59 -12.02 43.90
N ALA H 7 -5.40 -12.98 44.79
CA ALA H 7 -6.44 -13.92 45.12
C ALA H 7 -6.20 -14.41 46.55
N PRO H 8 -7.25 -14.50 47.35
CA PRO H 8 -7.08 -15.01 48.72
C PRO H 8 -6.63 -16.45 48.72
N ARG H 9 -5.89 -16.80 49.77
CA ARG H 9 -5.35 -18.15 49.88
C ARG H 9 -6.47 -19.16 50.12
N HIS H 10 -6.41 -20.27 49.40
CA HIS H 10 -7.33 -21.37 49.62
C HIS H 10 -6.85 -22.20 50.80
N GLY H 11 -7.76 -22.55 51.69
CA GLY H 11 -7.43 -23.36 52.84
C GLY H 11 -6.95 -22.53 54.01
N SER H 12 -7.04 -23.12 55.19
CA SER H 12 -6.69 -22.45 56.43
C SER H 12 -5.38 -22.98 56.97
N LEU H 13 -4.50 -22.06 57.36
CA LEU H 13 -3.23 -22.42 57.98
C LEU H 13 -3.35 -22.67 59.47
N GLY H 14 -4.54 -22.50 60.05
CA GLY H 14 -4.76 -22.84 61.43
C GLY H 14 -5.10 -24.28 61.69
N PHE H 15 -5.32 -25.07 60.65
CA PHE H 15 -5.60 -26.50 60.77
C PHE H 15 -4.59 -27.31 59.97
N LEU H 16 -3.33 -26.87 59.95
CA LEU H 16 -2.37 -27.44 59.02
C LEU H 16 -2.11 -28.93 59.17
N PRO H 17 -1.94 -29.50 60.37
CA PRO H 17 -1.77 -30.95 60.43
C PRO H 17 -3.05 -31.65 60.02
N ARG H 18 -3.33 -31.61 58.72
CA ARG H 18 -4.59 -32.11 58.16
C ARG H 18 -4.62 -33.62 58.21
N LYS H 19 -4.73 -34.16 59.41
CA LYS H 19 -4.58 -35.58 59.62
C LYS H 19 -5.69 -36.12 60.49
N ARG H 20 -5.83 -37.43 60.48
CA ARG H 20 -6.85 -38.10 61.28
C ARG H 20 -6.64 -37.81 62.74
N SER H 21 -7.74 -37.69 63.48
CA SER H 21 -7.64 -37.53 64.93
C SER H 21 -7.00 -38.74 65.57
N SER H 22 -6.04 -38.49 66.45
CA SER H 22 -5.51 -39.56 67.29
C SER H 22 -6.50 -40.00 68.35
N ARG H 23 -7.60 -39.28 68.52
CA ARG H 23 -8.65 -39.66 69.46
C ARG H 23 -9.99 -39.72 68.76
N HIS H 24 -10.86 -40.58 69.27
CA HIS H 24 -12.22 -40.72 68.78
C HIS H 24 -13.21 -39.88 69.56
N ARG H 25 -12.89 -39.48 70.78
CA ARG H 25 -13.84 -38.72 71.59
C ARG H 25 -13.85 -37.25 71.22
N GLY H 26 -12.70 -36.60 71.30
CA GLY H 26 -12.68 -35.15 71.17
C GLY H 26 -12.52 -34.52 72.54
N LYS H 27 -11.32 -34.07 72.85
CA LYS H 27 -11.00 -33.59 74.18
C LYS H 27 -11.17 -32.08 74.29
N VAL H 28 -11.26 -31.61 75.52
CA VAL H 28 -11.68 -30.24 75.76
C VAL H 28 -10.56 -29.26 75.42
N LYS H 29 -9.39 -29.44 76.04
CA LYS H 29 -8.17 -28.66 75.84
C LYS H 29 -8.29 -27.24 76.41
N SER H 30 -9.49 -26.82 76.79
CA SER H 30 -9.66 -25.49 77.39
C SER H 30 -11.00 -25.46 78.12
N PHE H 31 -10.96 -25.41 79.41
CA PHE H 31 -12.19 -25.33 80.18
C PHE H 31 -12.52 -23.88 80.49
N PRO H 32 -13.77 -23.59 80.85
CA PRO H 32 -14.11 -22.23 81.27
C PRO H 32 -13.28 -21.79 82.46
N LYS H 33 -12.87 -20.54 82.43
CA LYS H 33 -12.07 -19.97 83.51
C LYS H 33 -12.87 -20.01 84.81
N ASP H 34 -12.25 -20.49 85.87
CA ASP H 34 -12.92 -20.68 87.14
C ASP H 34 -13.13 -19.34 87.84
N ASP H 35 -14.11 -19.29 88.72
CA ASP H 35 -14.33 -18.16 89.62
C ASP H 35 -15.04 -18.67 90.86
N PRO H 36 -14.44 -18.53 92.04
CA PRO H 36 -15.01 -19.17 93.24
C PRO H 36 -16.36 -18.62 93.67
N SER H 37 -16.72 -17.40 93.26
CA SER H 37 -17.96 -16.80 93.72
C SER H 37 -19.17 -17.54 93.19
N LYS H 38 -19.04 -18.16 92.02
CA LYS H 38 -20.15 -18.90 91.44
C LYS H 38 -20.44 -20.14 92.25
N PRO H 39 -21.65 -20.69 92.14
CA PRO H 39 -21.93 -21.99 92.76
C PRO H 39 -21.17 -23.10 92.05
N VAL H 40 -21.01 -24.21 92.78
CA VAL H 40 -20.33 -25.37 92.22
C VAL H 40 -21.14 -25.93 91.07
N HIS H 41 -20.51 -26.08 89.91
CA HIS H 41 -21.22 -26.58 88.75
C HIS H 41 -20.24 -27.26 87.82
N LEU H 42 -20.76 -28.13 86.97
CA LEU H 42 -19.96 -28.78 85.95
C LEU H 42 -19.81 -27.85 84.77
N THR H 43 -18.91 -28.21 83.85
CA THR H 43 -18.59 -27.37 82.72
C THR H 43 -18.88 -28.02 81.37
N ALA H 44 -18.98 -29.33 81.31
CA ALA H 44 -19.08 -29.98 80.01
C ALA H 44 -19.94 -31.22 80.11
N PHE H 45 -20.08 -31.92 78.99
CA PHE H 45 -20.96 -33.06 78.91
C PHE H 45 -20.61 -33.89 77.69
N LEU H 46 -21.16 -35.10 77.65
CA LEU H 46 -20.97 -36.00 76.51
C LEU H 46 -22.30 -36.24 75.83
N GLY H 47 -22.30 -36.13 74.51
CA GLY H 47 -23.50 -36.34 73.72
C GLY H 47 -23.23 -37.21 72.51
N TYR H 48 -24.31 -37.60 71.85
CA TYR H 48 -24.24 -38.44 70.66
C TYR H 48 -25.16 -37.88 69.60
N LYS H 49 -24.64 -37.74 68.39
CA LYS H 49 -25.40 -37.12 67.30
C LYS H 49 -26.48 -38.07 66.84
N ALA H 50 -27.70 -37.85 67.34
CA ALA H 50 -28.81 -38.71 66.92
C ALA H 50 -29.23 -38.41 65.48
N GLY H 51 -29.30 -37.14 65.13
CA GLY H 51 -29.76 -36.76 63.81
C GLY H 51 -30.12 -35.29 63.78
N MET H 52 -30.81 -34.90 62.73
CA MET H 52 -31.16 -33.50 62.51
C MET H 52 -32.61 -33.38 62.08
N THR H 53 -33.18 -32.21 62.32
CA THR H 53 -34.51 -31.88 61.85
C THR H 53 -34.65 -30.37 61.83
N HIS H 54 -35.86 -29.88 61.57
CA HIS H 54 -36.10 -28.46 61.51
C HIS H 54 -37.32 -28.12 62.35
N ILE H 55 -37.37 -26.87 62.81
CA ILE H 55 -38.40 -26.41 63.72
C ILE H 55 -39.01 -25.13 63.17
N VAL H 56 -40.15 -24.76 63.72
CA VAL H 56 -40.81 -23.51 63.39
C VAL H 56 -40.93 -22.70 64.67
N ARG H 57 -40.42 -21.46 64.63
CA ARG H 57 -40.47 -20.58 65.78
C ARG H 57 -40.67 -19.16 65.32
N GLU H 58 -41.13 -18.33 66.24
CA GLU H 58 -41.23 -16.90 66.01
C GLU H 58 -40.00 -16.21 66.58
N VAL H 59 -39.48 -15.27 65.83
CA VAL H 59 -38.29 -14.53 66.23
C VAL H 59 -38.72 -13.27 66.97
N ASP H 60 -37.98 -12.92 68.02
CA ASP H 60 -38.31 -11.72 68.77
C ASP H 60 -37.12 -10.77 68.69
N ARG H 61 -36.59 -10.57 67.49
CA ARG H 61 -35.45 -9.68 67.27
C ARG H 61 -35.96 -8.36 66.72
N PRO H 62 -35.95 -7.29 67.49
CA PRO H 62 -36.52 -6.02 67.03
C PRO H 62 -35.71 -5.43 65.88
N GLY H 63 -36.39 -4.61 65.08
CA GLY H 63 -35.74 -3.83 64.06
C GLY H 63 -35.37 -4.60 62.82
N SER H 64 -35.68 -5.88 62.74
CA SER H 64 -35.37 -6.69 61.58
C SER H 64 -36.63 -6.96 60.78
N LYS H 65 -36.45 -7.57 59.61
CA LYS H 65 -37.60 -8.02 58.83
C LYS H 65 -38.27 -9.24 59.45
N VAL H 66 -37.60 -9.89 60.39
CA VAL H 66 -38.07 -11.14 60.95
C VAL H 66 -38.66 -10.95 62.35
N ASN H 67 -38.87 -9.71 62.77
CA ASN H 67 -39.49 -9.48 64.06
C ASN H 67 -40.96 -9.85 64.00
N LYS H 68 -41.43 -10.56 65.02
CA LYS H 68 -42.79 -11.07 65.10
C LYS H 68 -43.14 -11.98 63.93
N LYS H 69 -42.15 -12.59 63.31
CA LYS H 69 -42.37 -13.42 62.14
C LYS H 69 -41.98 -14.85 62.45
N GLU H 70 -42.46 -15.76 61.63
CA GLU H 70 -42.20 -17.17 61.83
C GLU H 70 -41.13 -17.65 60.86
N VAL H 71 -40.11 -18.32 61.40
CA VAL H 71 -39.00 -18.80 60.59
C VAL H 71 -38.89 -20.30 60.79
N VAL H 72 -38.16 -20.94 59.89
CA VAL H 72 -37.84 -22.36 59.97
C VAL H 72 -36.34 -22.48 60.17
N GLU H 73 -35.93 -23.12 61.24
CA GLU H 73 -34.53 -23.28 61.53
C GLU H 73 -34.20 -24.75 61.74
N ALA H 74 -33.18 -25.22 61.03
CA ALA H 74 -32.73 -26.60 61.19
C ALA H 74 -32.06 -26.77 62.54
N VAL H 75 -32.25 -27.94 63.14
CA VAL H 75 -31.71 -28.22 64.45
C VAL H 75 -31.07 -29.60 64.45
N THR H 76 -30.26 -29.86 65.46
CA THR H 76 -29.61 -31.14 65.65
C THR H 76 -30.00 -31.73 66.99
N ILE H 77 -30.37 -33.00 66.99
CA ILE H 77 -30.81 -33.69 68.20
C ILE H 77 -29.63 -34.50 68.73
N VAL H 78 -29.26 -34.26 69.98
CA VAL H 78 -28.11 -34.90 70.60
C VAL H 78 -28.58 -35.65 71.83
N GLU H 79 -28.66 -36.97 71.72
CA GLU H 79 -29.12 -37.78 72.84
C GLU H 79 -28.06 -37.83 73.92
N THR H 80 -28.47 -37.49 75.15
CA THR H 80 -27.55 -37.32 76.27
C THR H 80 -28.12 -37.97 77.52
N PRO H 81 -27.92 -39.27 77.70
CA PRO H 81 -28.30 -39.90 78.95
C PRO H 81 -27.45 -39.38 80.10
N PRO H 82 -27.97 -39.40 81.33
CA PRO H 82 -27.23 -38.79 82.45
C PRO H 82 -25.91 -39.48 82.71
N MET H 83 -24.87 -38.67 82.88
CA MET H 83 -23.52 -39.18 83.09
C MET H 83 -23.40 -39.82 84.46
N VAL H 84 -22.50 -40.79 84.58
CA VAL H 84 -22.24 -41.48 85.83
C VAL H 84 -20.81 -41.16 86.26
N VAL H 85 -20.68 -40.49 87.39
CA VAL H 85 -19.38 -40.03 87.87
C VAL H 85 -18.76 -41.16 88.69
N VAL H 86 -17.52 -41.54 88.34
CA VAL H 86 -16.84 -42.63 89.02
C VAL H 86 -15.53 -42.22 89.65
N GLY H 87 -15.08 -40.99 89.45
CA GLY H 87 -13.79 -40.61 90.00
C GLY H 87 -13.59 -39.12 90.03
N ILE H 88 -12.49 -38.72 90.67
CA ILE H 88 -12.10 -37.33 90.79
C ILE H 88 -10.61 -37.22 90.54
N VAL H 89 -10.20 -36.25 89.72
CA VAL H 89 -8.80 -35.91 89.52
C VAL H 89 -8.56 -34.49 89.99
N GLY H 90 -7.50 -34.30 90.77
CA GLY H 90 -7.05 -32.99 91.16
C GLY H 90 -5.73 -32.67 90.48
N TYR H 91 -5.58 -31.42 90.07
CA TYR H 91 -4.38 -30.96 89.40
C TYR H 91 -3.69 -29.92 90.26
N VAL H 92 -2.37 -29.85 90.14
CA VAL H 92 -1.58 -28.85 90.85
C VAL H 92 -0.81 -28.04 89.82
N GLU H 93 -0.71 -26.74 90.07
CA GLU H 93 -0.05 -25.84 89.13
C GLU H 93 1.45 -25.88 89.33
N THR H 94 2.19 -26.07 88.25
CA THR H 94 3.64 -26.12 88.26
C THR H 94 4.14 -25.09 87.25
N PRO H 95 5.40 -24.65 87.37
CA PRO H 95 5.97 -23.80 86.33
C PRO H 95 6.11 -24.52 85.01
N ARG H 96 5.99 -25.85 85.02
CA ARG H 96 6.03 -26.65 83.81
C ARG H 96 4.65 -26.96 83.26
N GLY H 97 3.60 -26.33 83.78
CA GLY H 97 2.24 -26.54 83.35
C GLY H 97 1.45 -27.19 84.46
N LEU H 98 0.21 -27.56 84.14
CA LEU H 98 -0.56 -28.37 85.06
C LEU H 98 -0.10 -29.81 84.98
N ARG H 99 -0.05 -30.48 86.12
CA ARG H 99 0.23 -31.90 86.16
C ARG H 99 -0.74 -32.57 87.12
N THR H 100 -0.97 -33.85 86.89
CA THR H 100 -1.90 -34.61 87.72
C THR H 100 -1.29 -34.82 89.10
N PHE H 101 -2.06 -34.49 90.14
CA PHE H 101 -1.54 -34.62 91.50
C PHE H 101 -1.91 -35.94 92.15
N LYS H 102 -3.20 -36.22 92.28
CA LYS H 102 -3.66 -37.44 92.92
C LYS H 102 -5.04 -37.77 92.38
N THR H 103 -5.32 -39.06 92.22
CA THR H 103 -6.56 -39.51 91.59
C THR H 103 -7.30 -40.46 92.53
N VAL H 104 -8.61 -40.29 92.61
CA VAL H 104 -9.47 -41.12 93.46
C VAL H 104 -10.58 -41.69 92.59
N PHE H 105 -10.79 -42.99 92.67
CA PHE H 105 -11.87 -43.67 91.98
C PHE H 105 -12.90 -44.16 92.98
N ALA H 106 -14.15 -44.19 92.54
CA ALA H 106 -15.21 -44.64 93.43
C ALA H 106 -15.38 -46.16 93.36
N GLU H 107 -15.94 -46.72 94.43
CA GLU H 107 -16.26 -48.13 94.45
C GLU H 107 -17.43 -48.43 93.53
N HIS H 108 -17.64 -49.72 93.27
CA HIS H 108 -18.78 -50.21 92.50
C HIS H 108 -18.84 -49.56 91.12
N ILE H 109 -17.71 -49.63 90.42
CA ILE H 109 -17.62 -49.06 89.08
C ILE H 109 -18.57 -49.82 88.17
N SER H 110 -19.31 -49.07 87.34
CA SER H 110 -20.28 -49.69 86.46
C SER H 110 -19.60 -50.64 85.48
N ASP H 111 -20.34 -51.67 85.10
CA ASP H 111 -19.78 -52.69 84.22
C ASP H 111 -19.40 -52.12 82.87
N GLU H 112 -20.26 -51.27 82.31
CA GLU H 112 -19.93 -50.64 81.03
C GLU H 112 -18.71 -49.74 81.16
N CYS H 113 -18.58 -49.05 82.30
CA CYS H 113 -17.42 -48.19 82.49
C CYS H 113 -16.13 -49.00 82.53
N LYS H 114 -16.16 -50.16 83.19
CA LYS H 114 -14.98 -51.00 83.28
C LYS H 114 -14.55 -51.53 81.91
N ARG H 115 -15.47 -51.58 80.96
CA ARG H 115 -15.13 -52.11 79.64
C ARG H 115 -14.15 -51.21 78.91
N ARG H 116 -14.16 -49.91 79.23
CA ARG H 116 -13.23 -48.98 78.58
C ARG H 116 -11.79 -49.37 78.83
N PHE H 117 -11.52 -50.03 79.95
CA PHE H 117 -10.16 -50.42 80.28
C PHE H 117 -9.67 -51.63 79.49
N TYR H 118 -10.53 -52.30 78.74
CA TYR H 118 -10.18 -53.54 78.05
C TYR H 118 -10.31 -53.37 76.56
N LYS H 119 -9.24 -53.70 75.83
CA LYS H 119 -9.33 -53.78 74.37
C LYS H 119 -10.17 -54.96 73.93
N ASN H 120 -10.05 -56.10 74.60
CA ASN H 120 -10.85 -57.28 74.29
C ASN H 120 -11.56 -57.71 75.56
N TRP H 121 -12.75 -57.13 75.78
CA TRP H 121 -13.56 -57.49 76.94
C TRP H 121 -13.96 -58.96 76.91
N HIS H 122 -14.06 -59.55 75.72
CA HIS H 122 -14.63 -60.89 75.60
C HIS H 122 -13.80 -61.92 76.36
N LYS H 123 -12.48 -61.88 76.22
CA LYS H 123 -11.62 -62.87 76.85
C LYS H 123 -11.08 -62.40 78.20
N SER H 124 -11.48 -61.23 78.67
CA SER H 124 -10.93 -60.69 79.90
C SER H 124 -11.40 -61.48 81.11
N LYS H 125 -10.61 -61.40 82.18
CA LYS H 125 -10.98 -61.95 83.47
C LYS H 125 -11.75 -60.95 84.32
N LYS H 126 -11.91 -59.72 83.83
CA LYS H 126 -12.71 -58.69 84.50
C LYS H 126 -12.09 -58.31 85.85
N LYS H 127 -10.77 -58.21 85.88
CA LYS H 127 -10.04 -57.98 87.12
C LYS H 127 -9.84 -56.51 87.44
N ALA H 128 -10.18 -55.59 86.54
CA ALA H 128 -9.82 -54.19 86.74
C ALA H 128 -10.48 -53.63 87.98
N PHE H 129 -9.69 -52.93 88.78
CA PHE H 129 -10.10 -52.26 90.02
C PHE H 129 -10.61 -53.21 91.09
N THR H 130 -10.61 -54.52 90.83
CA THR H 130 -11.19 -55.45 91.80
C THR H 130 -10.44 -55.40 93.12
N LYS H 131 -9.11 -55.35 93.06
CA LYS H 131 -8.33 -55.15 94.27
C LYS H 131 -8.39 -53.69 94.73
N TYR H 132 -8.59 -52.76 93.80
CA TYR H 132 -8.63 -51.35 94.17
C TYR H 132 -9.82 -51.05 95.06
N CYS H 133 -11.01 -51.51 94.68
CA CYS H 133 -12.21 -51.13 95.40
C CYS H 133 -12.22 -51.65 96.83
N LYS H 134 -11.45 -52.70 97.12
CA LYS H 134 -11.43 -53.25 98.47
C LYS H 134 -10.86 -52.29 99.49
N LYS H 135 -10.13 -51.27 99.04
CA LYS H 135 -9.64 -50.24 99.96
C LYS H 135 -10.72 -49.24 100.34
N TRP H 136 -11.87 -49.28 99.68
CA TRP H 136 -13.02 -48.52 100.15
C TRP H 136 -13.68 -49.13 101.37
N GLN H 137 -13.26 -50.32 101.78
CA GLN H 137 -13.92 -51.03 102.87
C GLN H 137 -13.07 -51.12 104.13
N ASP H 138 -11.84 -51.61 104.02
CA ASP H 138 -11.00 -51.72 105.21
C ASP H 138 -10.58 -50.34 105.69
N GLU H 139 -10.31 -50.25 106.99
CA GLU H 139 -10.01 -48.96 107.61
C GLU H 139 -8.72 -48.37 107.09
N ASP H 140 -7.75 -49.21 106.71
CA ASP H 140 -6.47 -48.72 106.25
C ASP H 140 -6.63 -47.96 104.94
N GLY H 141 -7.30 -48.58 103.97
CA GLY H 141 -7.57 -47.88 102.72
C GLY H 141 -8.44 -46.65 102.92
N LYS H 142 -9.37 -46.71 103.87
CA LYS H 142 -10.21 -45.54 104.14
C LYS H 142 -9.38 -44.38 104.66
N LYS H 143 -8.47 -44.64 105.59
CA LYS H 143 -7.58 -43.59 106.07
C LYS H 143 -6.70 -43.06 104.94
N GLN H 144 -6.24 -43.97 104.08
CA GLN H 144 -5.42 -43.54 102.95
C GLN H 144 -6.20 -42.62 102.04
N LEU H 145 -7.47 -42.94 101.80
CA LEU H 145 -8.34 -42.09 100.99
C LEU H 145 -8.55 -40.74 101.65
N GLU H 146 -8.74 -40.73 102.98
CA GLU H 146 -8.97 -39.46 103.66
C GLU H 146 -7.73 -38.57 103.61
N LYS H 147 -6.56 -39.16 103.79
CA LYS H 147 -5.32 -38.42 103.61
C LYS H 147 -5.20 -37.91 102.19
N ASP H 148 -5.64 -38.72 101.23
CA ASP H 148 -5.61 -38.31 99.82
C ASP H 148 -6.49 -37.08 99.59
N PHE H 149 -7.70 -37.11 100.13
CA PHE H 149 -8.61 -35.97 99.99
C PHE H 149 -8.04 -34.74 100.67
N SER H 150 -7.45 -34.91 101.85
CA SER H 150 -6.86 -33.78 102.54
C SER H 150 -5.72 -33.18 101.73
N SER H 151 -4.89 -34.05 101.13
CA SER H 151 -3.78 -33.58 100.32
C SER H 151 -4.27 -32.82 99.08
N MET H 152 -5.28 -33.36 98.42
CA MET H 152 -5.87 -32.65 97.29
C MET H 152 -6.43 -31.31 97.73
N LYS H 153 -7.10 -31.29 98.87
CA LYS H 153 -7.74 -30.08 99.36
C LYS H 153 -6.71 -29.00 99.69
N LYS H 154 -5.57 -29.39 100.26
CA LYS H 154 -4.55 -28.44 100.65
C LYS H 154 -3.54 -28.15 99.55
N TYR H 155 -3.56 -28.89 98.45
CA TYR H 155 -2.54 -28.70 97.42
C TYR H 155 -3.08 -28.40 96.03
N CYS H 156 -4.17 -29.06 95.61
CA CYS H 156 -4.62 -28.93 94.23
C CYS H 156 -5.20 -27.54 93.98
N GLN H 157 -5.03 -27.08 92.75
CA GLN H 157 -5.54 -25.77 92.35
C GLN H 157 -6.85 -25.88 91.57
N VAL H 158 -6.94 -26.85 90.66
CA VAL H 158 -8.18 -27.16 89.95
C VAL H 158 -8.41 -28.65 90.07
N ILE H 159 -9.67 -29.06 90.02
CA ILE H 159 -10.00 -30.48 90.06
C ILE H 159 -10.97 -30.79 88.93
N ARG H 160 -11.04 -32.06 88.59
CA ARG H 160 -11.98 -32.57 87.60
C ARG H 160 -12.64 -33.82 88.15
N VAL H 161 -13.76 -34.19 87.53
CA VAL H 161 -14.49 -35.40 87.87
C VAL H 161 -14.58 -36.28 86.64
N ILE H 162 -14.48 -37.59 86.86
CA ILE H 162 -14.55 -38.53 85.75
C ILE H 162 -15.98 -39.06 85.66
N ALA H 163 -16.63 -38.81 84.54
CA ALA H 163 -17.98 -39.28 84.31
C ALA H 163 -18.00 -40.11 83.04
N HIS H 164 -18.84 -41.13 83.03
CA HIS H 164 -18.95 -42.01 81.88
C HIS H 164 -20.41 -42.12 81.44
N THR H 165 -20.60 -42.25 80.13
CA THR H 165 -21.92 -42.41 79.55
C THR H 165 -22.48 -43.79 79.86
N GLN H 166 -23.71 -44.02 79.45
CA GLN H 166 -24.42 -45.26 79.73
C GLN H 166 -24.78 -45.93 78.42
N MET H 167 -23.98 -46.91 78.01
CA MET H 167 -24.18 -47.55 76.71
C MET H 167 -25.48 -48.32 76.65
N ARG H 168 -25.91 -48.92 77.75
CA ARG H 168 -27.13 -49.73 77.75
C ARG H 168 -28.34 -48.89 77.38
N LEU H 169 -28.28 -47.58 77.55
CA LEU H 169 -29.39 -46.70 77.27
C LEU H 169 -29.42 -46.25 75.83
N LEU H 170 -28.46 -46.58 75.08
CA LEU H 170 -28.43 -46.14 73.71
C LEU H 170 -28.68 -47.30 72.77
N PRO H 171 -29.29 -47.08 71.61
CA PRO H 171 -29.59 -48.19 70.69
C PRO H 171 -28.42 -48.65 69.85
N LEU H 172 -27.21 -48.20 70.13
CA LEU H 172 -26.06 -48.57 69.33
C LEU H 172 -25.55 -49.95 69.70
N ARG H 173 -24.80 -50.53 68.77
CA ARG H 173 -24.18 -51.82 69.01
C ARG H 173 -23.13 -51.75 70.11
N GLN H 174 -22.33 -50.70 70.11
CA GLN H 174 -21.19 -50.65 71.01
C GLN H 174 -21.65 -50.56 72.45
N LYS H 175 -21.17 -51.48 73.28
CA LYS H 175 -21.45 -51.47 74.70
C LYS H 175 -20.32 -50.88 75.54
N LYS H 176 -19.25 -50.40 74.91
CA LYS H 176 -18.15 -49.82 75.65
C LYS H 176 -18.41 -48.34 75.89
N ALA H 177 -18.44 -47.94 77.16
CA ALA H 177 -18.79 -46.58 77.51
C ALA H 177 -17.65 -45.62 77.15
N HIS H 178 -17.93 -44.33 77.33
CA HIS H 178 -16.95 -43.28 77.08
C HIS H 178 -16.61 -42.59 78.38
N LEU H 179 -15.32 -42.55 78.72
CA LEU H 179 -14.84 -41.85 79.90
C LEU H 179 -14.44 -40.43 79.54
N MET H 180 -14.48 -39.55 80.53
CA MET H 180 -14.19 -38.15 80.28
C MET H 180 -13.78 -37.47 81.57
N GLU H 181 -12.80 -36.57 81.48
CA GLU H 181 -12.53 -35.63 82.55
C GLU H 181 -13.38 -34.39 82.34
N ILE H 182 -14.18 -34.03 83.34
CA ILE H 182 -14.97 -32.81 83.31
C ILE H 182 -14.53 -31.93 84.47
N GLN H 183 -14.15 -30.70 84.14
CA GLN H 183 -13.71 -29.75 85.17
C GLN H 183 -14.89 -29.27 85.99
N VAL H 184 -14.65 -29.10 87.29
CA VAL H 184 -15.64 -28.57 88.22
C VAL H 184 -15.20 -27.18 88.65
N ASN H 185 -16.10 -26.22 88.58
CA ASN H 185 -15.76 -24.85 88.88
C ASN H 185 -16.80 -24.25 89.84
N GLY H 186 -16.52 -23.03 90.28
CA GLY H 186 -17.46 -22.30 91.10
C GLY H 186 -17.36 -22.57 92.59
N GLY H 187 -16.22 -22.31 93.18
CA GLY H 187 -16.10 -22.41 94.62
C GLY H 187 -14.67 -22.69 95.03
N THR H 188 -14.49 -22.79 96.34
CA THR H 188 -13.17 -23.14 96.85
C THR H 188 -12.89 -24.61 96.58
N VAL H 189 -11.62 -24.98 96.74
CA VAL H 189 -11.20 -26.35 96.49
C VAL H 189 -11.94 -27.30 97.42
N ALA H 190 -12.08 -26.92 98.69
CA ALA H 190 -12.81 -27.76 99.63
C ALA H 190 -14.27 -27.91 99.20
N GLU H 191 -14.90 -26.80 98.79
CA GLU H 191 -16.31 -26.86 98.41
C GLU H 191 -16.52 -27.78 97.23
N LYS H 192 -15.74 -27.60 96.16
CA LYS H 192 -15.92 -28.43 94.99
C LYS H 192 -15.56 -29.88 95.27
N LEU H 193 -14.56 -30.12 96.13
CA LEU H 193 -14.26 -31.49 96.50
C LEU H 193 -15.41 -32.13 97.25
N ASP H 194 -16.04 -31.39 98.17
CA ASP H 194 -17.18 -31.92 98.90
C ASP H 194 -18.34 -32.22 97.96
N TRP H 195 -18.61 -31.31 97.03
CA TRP H 195 -19.70 -31.52 96.09
C TRP H 195 -19.46 -32.76 95.24
N ALA H 196 -18.25 -32.90 94.70
CA ALA H 196 -17.93 -34.06 93.89
C ALA H 196 -18.00 -35.33 94.71
N ARG H 197 -17.53 -35.26 95.96
CA ARG H 197 -17.54 -36.42 96.84
C ARG H 197 -18.97 -36.87 97.10
N GLU H 198 -19.89 -35.92 97.25
CA GLU H 198 -21.31 -36.27 97.24
C GLU H 198 -21.71 -36.93 95.92
N ARG H 199 -21.21 -36.39 94.80
CA ARG H 199 -21.67 -36.85 93.50
C ARG H 199 -20.93 -38.08 92.99
N LEU H 200 -19.99 -38.65 93.74
CA LEU H 200 -19.41 -39.92 93.32
C LEU H 200 -20.48 -41.00 93.36
N GLU H 201 -20.38 -41.93 92.41
CA GLU H 201 -21.33 -43.02 92.21
C GLU H 201 -22.72 -42.52 91.87
N GLN H 202 -22.85 -41.27 91.42
CA GLN H 202 -24.16 -40.67 91.18
C GLN H 202 -24.35 -40.37 89.69
N GLN H 203 -25.59 -40.06 89.35
CA GLN H 203 -25.99 -39.72 87.99
C GLN H 203 -26.19 -38.21 87.90
N VAL H 204 -25.57 -37.60 86.91
CA VAL H 204 -25.73 -36.16 86.66
C VAL H 204 -26.56 -35.99 85.40
N PRO H 205 -27.82 -35.60 85.51
CA PRO H 205 -28.61 -35.30 84.32
C PRO H 205 -28.10 -34.05 83.64
N VAL H 206 -28.34 -33.99 82.33
CA VAL H 206 -27.81 -32.90 81.52
C VAL H 206 -28.42 -31.56 81.89
N ASN H 207 -29.66 -31.55 82.38
CA ASN H 207 -30.32 -30.31 82.73
C ASN H 207 -29.63 -29.59 83.88
N GLN H 208 -28.95 -30.33 84.76
CA GLN H 208 -28.22 -29.72 85.85
C GLN H 208 -26.88 -29.16 85.40
N VAL H 209 -26.49 -29.42 84.16
CA VAL H 209 -25.23 -28.93 83.62
C VAL H 209 -25.44 -27.77 82.68
N PHE H 210 -26.34 -27.90 81.73
CA PHE H 210 -26.63 -26.84 80.78
C PHE H 210 -28.07 -26.38 80.92
N GLY H 211 -28.34 -25.18 80.39
CA GLY H 211 -29.64 -24.55 80.52
C GLY H 211 -30.29 -24.28 79.18
N GLN H 212 -31.53 -23.81 79.26
CA GLN H 212 -32.30 -23.44 78.08
C GLN H 212 -31.63 -22.27 77.37
N ASP H 213 -31.89 -22.16 76.07
CA ASP H 213 -31.54 -21.03 75.18
C ASP H 213 -30.20 -20.39 75.53
N GLU H 214 -29.22 -21.24 75.78
CA GLU H 214 -27.88 -20.78 76.11
C GLU H 214 -26.91 -21.36 75.09
N MET H 215 -25.97 -20.54 74.66
CA MET H 215 -25.11 -20.89 73.55
C MET H 215 -23.87 -21.58 74.08
N ILE H 216 -23.54 -22.72 73.50
CA ILE H 216 -22.45 -23.56 74.01
C ILE H 216 -21.47 -23.86 72.89
N ASP H 217 -20.43 -24.62 73.23
CA ASP H 217 -19.40 -25.03 72.29
C ASP H 217 -19.55 -26.52 72.00
N VAL H 218 -19.25 -26.91 70.77
CA VAL H 218 -19.36 -28.30 70.35
C VAL H 218 -17.99 -28.78 69.90
N ILE H 219 -17.56 -29.91 70.45
CA ILE H 219 -16.28 -30.52 70.13
C ILE H 219 -16.52 -31.94 69.64
N GLY H 220 -15.86 -32.31 68.55
CA GLY H 220 -15.98 -33.65 68.03
C GLY H 220 -15.02 -33.85 66.87
N VAL H 221 -15.14 -35.02 66.26
CA VAL H 221 -14.35 -35.38 65.09
C VAL H 221 -15.27 -35.46 63.88
N THR H 222 -14.89 -34.80 62.79
CA THR H 222 -15.76 -34.66 61.65
C THR H 222 -15.90 -35.99 60.91
N LYS H 223 -16.63 -35.94 59.79
CA LYS H 223 -16.78 -37.13 58.96
C LYS H 223 -15.50 -37.40 58.19
N GLY H 224 -14.88 -38.54 58.47
CA GLY H 224 -13.71 -38.93 57.71
C GLY H 224 -14.08 -39.22 56.26
N LYS H 225 -13.49 -38.45 55.36
CA LYS H 225 -13.77 -38.59 53.94
C LYS H 225 -12.80 -39.52 53.25
N GLY H 226 -11.86 -40.11 53.98
CA GLY H 226 -10.87 -40.92 53.34
C GLY H 226 -9.84 -40.07 52.63
N TYR H 227 -8.95 -40.75 51.91
CA TYR H 227 -7.92 -40.09 51.15
C TYR H 227 -8.56 -39.26 50.05
N LYS H 228 -8.16 -38.00 49.94
CA LYS H 228 -8.76 -37.10 48.97
C LYS H 228 -7.69 -36.32 48.24
N GLY H 229 -8.01 -35.93 47.02
CA GLY H 229 -7.14 -35.11 46.22
C GLY H 229 -7.21 -33.65 46.61
N VAL H 230 -6.41 -32.84 45.93
CA VAL H 230 -6.29 -31.44 46.29
C VAL H 230 -7.59 -30.69 46.05
N THR H 231 -8.36 -31.10 45.04
CA THR H 231 -9.52 -30.33 44.63
C THR H 231 -10.57 -30.28 45.73
N SER H 232 -10.84 -31.41 46.36
CA SER H 232 -11.80 -31.41 47.45
C SER H 232 -11.17 -31.01 48.77
N ARG H 233 -9.91 -31.38 49.00
CA ARG H 233 -9.25 -31.13 50.26
C ARG H 233 -8.94 -29.66 50.47
N TRP H 234 -8.92 -28.88 49.39
CA TRP H 234 -8.51 -27.48 49.48
C TRP H 234 -9.36 -26.54 48.64
N HIS H 235 -10.25 -27.06 47.80
CA HIS H 235 -11.14 -26.25 46.97
C HIS H 235 -10.35 -25.30 46.07
N THR H 236 -9.27 -25.80 45.48
CA THR H 236 -8.55 -25.02 44.50
C THR H 236 -9.25 -25.09 43.15
N LYS H 237 -8.86 -24.19 42.25
CA LYS H 237 -9.51 -24.11 40.94
C LYS H 237 -9.14 -25.32 40.09
N LYS H 238 -10.11 -25.84 39.36
CA LYS H 238 -9.83 -26.95 38.45
C LYS H 238 -9.08 -26.46 37.22
N LEU H 239 -8.19 -27.31 36.72
CA LEU H 239 -7.44 -26.98 35.52
C LEU H 239 -8.34 -27.10 34.30
N PRO H 240 -7.96 -26.45 33.19
CA PRO H 240 -8.77 -26.56 31.97
C PRO H 240 -8.79 -27.97 31.43
N ARG H 241 -9.81 -28.24 30.62
CA ARG H 241 -10.04 -29.59 30.12
C ARG H 241 -8.89 -30.09 29.25
N LYS H 242 -8.17 -29.18 28.60
CA LYS H 242 -7.04 -29.55 27.77
C LYS H 242 -5.84 -30.04 28.56
N THR H 243 -5.93 -30.13 29.89
CA THR H 243 -4.77 -30.46 30.70
C THR H 243 -4.36 -31.92 30.49
N HIS H 244 -3.06 -32.15 30.39
CA HIS H 244 -2.55 -33.44 29.96
C HIS H 244 -2.53 -34.48 31.09
N ARG H 245 -1.72 -34.24 32.11
CA ARG H 245 -1.47 -35.26 33.13
C ARG H 245 -2.35 -35.10 34.35
N GLY H 246 -3.47 -34.41 34.23
CA GLY H 246 -4.41 -34.35 35.33
C GLY H 246 -4.97 -32.97 35.57
N LEU H 247 -6.29 -32.83 35.61
CA LEU H 247 -6.91 -31.54 35.82
C LEU H 247 -7.31 -31.29 37.26
N ARG H 248 -7.44 -32.32 38.08
CA ARG H 248 -7.76 -32.13 39.49
C ARG H 248 -6.49 -31.98 40.32
N LYS H 249 -5.64 -31.04 39.94
CA LYS H 249 -4.34 -30.87 40.55
C LYS H 249 -4.09 -29.40 40.83
N VAL H 250 -2.92 -29.10 41.37
CA VAL H 250 -2.43 -27.74 41.48
C VAL H 250 -1.26 -27.60 40.51
N ALA H 251 -1.33 -26.58 39.65
CA ALA H 251 -0.38 -26.47 38.54
C ALA H 251 1.03 -26.18 39.03
N CYS H 252 1.19 -25.19 39.89
CA CYS H 252 2.49 -24.81 40.42
C CYS H 252 2.52 -25.08 41.91
N ILE H 253 3.45 -25.91 42.34
CA ILE H 253 3.61 -26.22 43.74
C ILE H 253 4.82 -25.49 44.33
N GLY H 254 5.28 -24.43 43.70
CA GLY H 254 6.34 -23.62 44.25
C GLY H 254 7.31 -23.16 43.19
N ALA H 255 7.93 -22.02 43.44
CA ALA H 255 8.88 -21.45 42.51
C ALA H 255 10.17 -22.25 42.52
N TRP H 256 11.13 -21.83 41.69
CA TRP H 256 12.42 -22.51 41.68
C TRP H 256 13.09 -22.40 43.03
N HIS H 257 13.03 -21.22 43.65
CA HIS H 257 13.60 -21.12 44.97
C HIS H 257 12.48 -20.91 45.97
N PRO H 258 12.64 -21.37 47.22
CA PRO H 258 13.82 -21.95 47.85
C PRO H 258 14.10 -23.42 47.58
N ALA H 259 13.87 -23.95 46.38
CA ALA H 259 14.25 -25.30 45.97
C ALA H 259 13.62 -26.37 46.85
N ARG H 260 12.48 -26.07 47.45
CA ARG H 260 11.75 -27.02 48.26
C ARG H 260 10.28 -26.74 48.09
N VAL H 261 9.45 -27.60 48.66
CA VAL H 261 8.01 -27.35 48.69
C VAL H 261 7.65 -26.75 50.04
N ALA H 262 7.08 -25.55 50.01
CA ALA H 262 6.63 -24.94 51.25
C ALA H 262 5.44 -25.73 51.80
N PHE H 263 5.32 -25.72 53.12
CA PHE H 263 4.22 -26.42 53.77
C PHE H 263 2.87 -25.87 53.35
N SER H 264 2.83 -24.62 52.91
CA SER H 264 1.58 -23.93 52.59
C SER H 264 1.03 -24.29 51.23
N VAL H 265 1.68 -25.19 50.52
CA VAL H 265 1.21 -25.62 49.21
C VAL H 265 0.19 -26.74 49.41
N ALA H 266 -0.98 -26.58 48.80
CA ALA H 266 -2.05 -27.54 48.95
C ALA H 266 -1.69 -28.85 48.28
N ARG H 267 -1.79 -29.95 49.01
CA ARG H 267 -1.42 -31.25 48.48
C ARG H 267 -2.39 -32.32 48.97
N ALA H 268 -2.53 -33.37 48.18
CA ALA H 268 -3.54 -34.39 48.41
C ALA H 268 -3.24 -35.15 49.70
N GLY H 269 -4.30 -35.65 50.32
CA GLY H 269 -4.11 -36.38 51.55
C GLY H 269 -5.44 -36.57 52.26
N GLN H 270 -5.35 -36.81 53.56
CA GLN H 270 -6.53 -37.15 54.34
C GLN H 270 -7.46 -35.96 54.44
N LYS H 271 -8.75 -36.22 54.22
CA LYS H 271 -9.80 -35.23 54.38
C LYS H 271 -10.81 -35.73 55.40
N GLY H 272 -11.26 -34.84 56.25
CA GLY H 272 -12.22 -35.22 57.27
C GLY H 272 -11.54 -35.98 58.39
N TYR H 273 -12.37 -36.42 59.33
CA TYR H 273 -11.92 -37.05 60.56
C TYR H 273 -10.91 -36.15 61.28
N HIS H 274 -11.21 -34.86 61.27
CA HIS H 274 -10.36 -33.85 61.89
C HIS H 274 -10.97 -33.43 63.20
N HIS H 275 -10.15 -33.31 64.23
CA HIS H 275 -10.64 -32.82 65.51
C HIS H 275 -10.95 -31.33 65.38
N ARG H 276 -12.23 -30.99 65.54
CA ARG H 276 -12.66 -29.61 65.39
C ARG H 276 -13.37 -29.16 66.64
N THR H 277 -13.44 -27.84 66.80
CA THR H 277 -14.11 -27.21 67.94
C THR H 277 -15.02 -26.13 67.38
N GLU H 278 -16.33 -26.28 67.58
CA GLU H 278 -17.30 -25.29 67.14
C GLU H 278 -17.85 -24.57 68.36
N ILE H 279 -18.08 -23.27 68.22
CA ILE H 279 -18.52 -22.43 69.31
C ILE H 279 -19.83 -21.77 68.95
N ASN H 280 -20.47 -21.16 69.95
CA ASN H 280 -21.68 -20.37 69.79
C ASN H 280 -22.79 -21.18 69.13
N LYS H 281 -23.26 -22.20 69.85
CA LYS H 281 -24.36 -23.03 69.41
C LYS H 281 -25.47 -22.95 70.46
N LYS H 282 -26.60 -22.36 70.06
CA LYS H 282 -27.70 -22.15 70.99
C LYS H 282 -28.49 -23.43 71.19
N ILE H 283 -28.91 -23.65 72.43
CA ILE H 283 -29.68 -24.83 72.78
C ILE H 283 -31.15 -24.44 72.74
N TYR H 284 -31.84 -24.87 71.69
CA TYR H 284 -33.26 -24.52 71.58
C TYR H 284 -34.12 -25.28 72.57
N LYS H 285 -33.88 -26.58 72.73
CA LYS H 285 -34.73 -27.37 73.60
C LYS H 285 -33.91 -28.49 74.22
N ILE H 286 -34.10 -28.69 75.51
CA ILE H 286 -33.50 -29.80 76.22
C ILE H 286 -34.61 -30.79 76.48
N GLY H 287 -34.56 -31.93 75.81
CA GLY H 287 -35.62 -32.90 75.93
C GLY H 287 -35.66 -33.54 77.29
N GLN H 288 -36.82 -34.13 77.59
CA GLN H 288 -37.00 -34.79 78.87
C GLN H 288 -36.89 -36.30 78.78
N GLY H 289 -37.15 -36.89 77.63
CA GLY H 289 -37.01 -38.32 77.47
C GLY H 289 -38.26 -39.07 77.85
N TYR H 290 -38.14 -40.39 77.83
CA TYR H 290 -39.29 -41.25 78.10
C TYR H 290 -39.46 -41.52 79.59
N LEU H 291 -40.71 -41.45 80.03
CA LEU H 291 -41.08 -41.82 81.38
C LEU H 291 -42.26 -42.78 81.32
N ILE H 292 -42.35 -43.63 82.34
CA ILE H 292 -43.56 -44.41 82.59
C ILE H 292 -43.87 -44.21 84.06
N LYS H 293 -44.78 -43.27 84.36
CA LYS H 293 -45.30 -43.13 85.71
C LYS H 293 -46.54 -44.00 85.88
N ASP H 294 -47.47 -43.90 84.95
CA ASP H 294 -48.46 -44.94 84.75
C ASP H 294 -48.37 -45.52 83.34
N GLY H 295 -48.24 -44.68 82.33
CA GLY H 295 -48.00 -45.12 80.99
C GLY H 295 -46.81 -44.39 80.40
N LYS H 296 -46.39 -44.87 79.23
CA LYS H 296 -45.27 -44.25 78.54
C LYS H 296 -45.66 -42.87 78.03
N LEU H 297 -44.82 -41.88 78.31
CA LEU H 297 -45.07 -40.50 77.92
C LEU H 297 -44.07 -40.09 76.84
N ILE H 298 -44.58 -39.66 75.70
CA ILE H 298 -43.73 -39.33 74.56
C ILE H 298 -43.99 -37.90 74.12
N LYS H 299 -45.14 -37.34 74.55
CA LYS H 299 -45.47 -35.98 74.15
C LYS H 299 -44.43 -34.99 74.66
N ASN H 300 -43.82 -35.29 75.79
CA ASN H 300 -42.88 -34.36 76.42
C ASN H 300 -41.68 -34.10 75.55
N ASN H 301 -41.45 -34.92 74.54
CA ASN H 301 -40.30 -34.80 73.66
C ASN H 301 -40.56 -33.91 72.46
N ALA H 302 -41.80 -33.86 71.97
CA ALA H 302 -42.09 -33.08 70.77
C ALA H 302 -43.28 -32.13 70.89
N SER H 303 -44.18 -32.34 71.84
CA SER H 303 -45.30 -31.43 71.98
C SER H 303 -44.81 -30.09 72.50
N THR H 304 -45.21 -29.02 71.82
CA THR H 304 -44.84 -27.67 72.22
C THR H 304 -46.08 -26.96 72.76
N ASP H 305 -45.91 -25.67 73.05
CA ASP H 305 -46.98 -24.87 73.63
C ASP H 305 -48.13 -24.62 72.68
N TYR H 306 -47.94 -24.89 71.39
CA TYR H 306 -48.97 -24.65 70.38
C TYR H 306 -49.31 -25.87 69.56
N ASP H 307 -48.51 -26.94 69.65
CA ASP H 307 -48.79 -28.17 68.92
C ASP H 307 -49.69 -29.10 69.73
N LEU H 308 -49.30 -29.39 70.98
CA LEU H 308 -50.08 -30.21 71.89
C LEU H 308 -50.43 -31.56 71.26
N SER H 309 -49.47 -32.13 70.55
CA SER H 309 -49.63 -33.41 69.89
C SER H 309 -48.80 -34.45 70.63
N ASP H 310 -49.45 -35.54 71.03
CA ASP H 310 -48.78 -36.59 71.79
C ASP H 310 -47.84 -37.35 70.87
N LYS H 311 -46.69 -36.73 70.58
CA LYS H 311 -45.69 -37.31 69.70
C LYS H 311 -44.32 -37.09 70.30
N SER H 312 -43.38 -37.96 69.92
CA SER H 312 -42.02 -37.92 70.45
C SER H 312 -41.09 -37.21 69.48
N ILE H 313 -39.86 -36.98 69.95
CA ILE H 313 -38.85 -36.38 69.10
C ILE H 313 -38.42 -37.33 68.00
N ASN H 314 -38.64 -38.62 68.15
CA ASN H 314 -38.28 -39.57 67.11
C ASN H 314 -39.10 -39.31 65.86
N PRO H 315 -38.46 -39.12 64.70
CA PRO H 315 -39.23 -38.93 63.47
C PRO H 315 -39.92 -40.21 63.07
N LEU H 316 -40.75 -40.10 62.04
CA LEU H 316 -41.45 -41.26 61.52
C LEU H 316 -40.44 -42.28 61.04
N GLY H 317 -40.51 -43.49 61.58
CA GLY H 317 -39.55 -44.51 61.25
C GLY H 317 -38.25 -44.45 62.00
N GLY H 318 -38.13 -43.59 63.00
CA GLY H 318 -36.89 -43.47 63.74
C GLY H 318 -35.85 -42.69 62.94
N PHE H 319 -34.77 -42.35 63.62
CA PHE H 319 -33.73 -41.53 63.01
C PHE H 319 -32.94 -42.36 62.00
N VAL H 320 -32.54 -41.71 60.91
CA VAL H 320 -31.80 -42.40 59.85
C VAL H 320 -30.48 -42.88 60.40
N HIS H 321 -30.19 -44.17 60.19
CA HIS H 321 -28.93 -44.80 60.56
C HIS H 321 -28.63 -44.72 62.05
N TYR H 322 -29.55 -44.22 62.87
CA TYR H 322 -29.25 -44.05 64.28
C TYR H 322 -30.08 -44.95 65.18
N GLY H 323 -31.40 -44.90 65.08
CA GLY H 323 -32.22 -45.65 65.99
C GLY H 323 -33.36 -44.81 66.50
N GLU H 324 -33.77 -45.09 67.73
CA GLU H 324 -34.84 -44.39 68.39
C GLU H 324 -34.32 -43.71 69.64
N VAL H 325 -34.75 -42.48 69.86
CA VAL H 325 -34.30 -41.68 71.01
C VAL H 325 -35.34 -41.76 72.10
N THR H 326 -34.95 -42.23 73.27
CA THR H 326 -35.85 -42.36 74.39
C THR H 326 -35.45 -41.54 75.61
N ASN H 327 -34.19 -41.13 75.69
CA ASN H 327 -33.65 -40.50 76.88
C ASN H 327 -33.53 -38.99 76.66
N ASP H 328 -32.85 -38.33 77.58
CA ASP H 328 -32.67 -36.88 77.49
C ASP H 328 -31.94 -36.51 76.21
N PHE H 329 -32.50 -35.57 75.47
CA PHE H 329 -31.87 -35.12 74.25
C PHE H 329 -31.72 -33.61 74.29
N VAL H 330 -30.77 -33.11 73.51
CA VAL H 330 -30.48 -31.69 73.41
C VAL H 330 -30.68 -31.27 71.97
N MET H 331 -31.46 -30.21 71.77
CA MET H 331 -31.73 -29.68 70.44
C MET H 331 -30.88 -28.44 70.22
N LEU H 332 -29.74 -28.61 69.57
CA LEU H 332 -28.89 -27.49 69.20
C LEU H 332 -29.43 -26.81 67.95
N LYS H 333 -28.94 -25.59 67.72
CA LYS H 333 -29.24 -24.89 66.49
C LYS H 333 -28.10 -25.08 65.50
N GLY H 334 -28.43 -25.49 64.29
CA GLY H 334 -27.45 -25.59 63.23
C GLY H 334 -26.82 -26.96 63.14
N CYS H 335 -25.69 -26.99 62.43
CA CYS H 335 -25.00 -28.23 62.12
C CYS H 335 -23.97 -28.56 63.19
N VAL H 336 -23.72 -29.86 63.34
CA VAL H 336 -22.75 -30.38 64.30
C VAL H 336 -21.85 -31.37 63.60
N VAL H 337 -20.54 -31.27 63.84
CA VAL H 337 -19.58 -32.12 63.16
C VAL H 337 -19.79 -33.58 63.53
N GLY H 338 -19.29 -34.47 62.69
CA GLY H 338 -19.36 -35.89 62.92
C GLY H 338 -20.62 -36.50 62.33
N THR H 339 -20.57 -37.81 62.11
CA THR H 339 -21.67 -38.52 61.50
C THR H 339 -22.76 -38.76 62.54
N LYS H 340 -23.72 -39.61 62.18
CA LYS H 340 -24.64 -40.14 63.15
C LYS H 340 -23.87 -40.97 64.16
N LYS H 341 -24.50 -41.23 65.31
CA LYS H 341 -23.97 -42.03 66.41
C LYS H 341 -22.50 -41.76 66.71
N ARG H 342 -22.08 -40.51 66.51
CA ARG H 342 -20.73 -40.09 66.83
C ARG H 342 -20.74 -39.35 68.16
N VAL H 343 -19.84 -39.74 69.05
CA VAL H 343 -19.77 -39.11 70.36
C VAL H 343 -19.34 -37.66 70.19
N LEU H 344 -20.02 -36.76 70.91
CA LEU H 344 -19.71 -35.34 70.87
C LEU H 344 -19.52 -34.81 72.27
N THR H 345 -18.67 -33.78 72.38
CA THR H 345 -18.42 -33.10 73.63
C THR H 345 -19.02 -31.71 73.56
N LEU H 346 -19.85 -31.38 74.55
CA LEU H 346 -20.46 -30.06 74.65
C LEU H 346 -19.90 -29.36 75.88
N ARG H 347 -19.55 -28.09 75.72
CA ARG H 347 -18.85 -27.34 76.74
C ARG H 347 -19.48 -25.97 76.90
N LYS H 348 -19.50 -25.46 78.13
CA LYS H 348 -19.90 -24.08 78.35
C LYS H 348 -18.97 -23.13 77.61
N SER H 349 -19.56 -22.06 77.09
CA SER H 349 -18.79 -21.09 76.33
C SER H 349 -17.72 -20.46 77.20
N LEU H 350 -16.53 -20.32 76.66
CA LEU H 350 -15.47 -19.66 77.38
C LEU H 350 -15.67 -18.14 77.43
N LEU H 351 -16.58 -17.61 76.62
CA LEU H 351 -16.73 -16.17 76.45
C LEU H 351 -17.96 -15.67 77.19
N VAL H 352 -18.13 -14.36 77.16
CA VAL H 352 -19.26 -13.70 77.81
C VAL H 352 -20.31 -13.39 76.75
N GLN H 353 -21.50 -13.96 76.92
CA GLN H 353 -22.56 -13.84 75.93
C GLN H 353 -23.36 -12.58 76.21
N THR H 354 -22.95 -11.49 75.58
CA THR H 354 -23.64 -10.22 75.70
C THR H 354 -24.45 -9.87 74.46
N LYS H 355 -24.17 -10.50 73.33
CA LYS H 355 -24.83 -10.15 72.09
C LYS H 355 -26.29 -10.58 72.12
N ARG H 356 -27.13 -9.81 71.42
CA ARG H 356 -28.55 -10.09 71.38
C ARG H 356 -28.86 -11.33 70.57
N ARG H 357 -27.91 -11.82 69.77
CA ARG H 357 -27.99 -13.20 69.28
C ARG H 357 -28.09 -14.17 70.45
N ALA H 358 -27.17 -14.06 71.41
CA ALA H 358 -27.28 -14.84 72.61
C ALA H 358 -28.39 -14.26 73.48
N LEU H 359 -28.65 -14.92 74.61
CA LEU H 359 -29.57 -14.45 75.65
C LEU H 359 -30.95 -14.06 75.10
N GLU H 360 -31.30 -14.58 73.93
CA GLU H 360 -32.62 -14.38 73.35
C GLU H 360 -33.50 -15.57 73.69
N LYS H 361 -34.69 -15.30 74.21
CA LYS H 361 -35.57 -16.37 74.64
C LYS H 361 -36.04 -17.18 73.44
N ILE H 362 -36.09 -18.50 73.61
CA ILE H 362 -36.42 -19.41 72.52
C ILE H 362 -37.75 -20.09 72.85
N ASP H 363 -38.72 -19.94 71.96
CA ASP H 363 -40.04 -20.52 72.13
C ASP H 363 -40.39 -21.28 70.85
N LEU H 364 -40.44 -22.61 70.96
CA LEU H 364 -40.77 -23.43 69.81
C LEU H 364 -42.27 -23.46 69.59
N LYS H 365 -42.68 -23.39 68.33
CA LYS H 365 -44.10 -23.52 67.99
C LYS H 365 -44.42 -24.84 67.32
N PHE H 366 -43.50 -25.37 66.51
CA PHE H 366 -43.72 -26.61 65.80
C PHE H 366 -42.40 -27.27 65.50
N ILE H 367 -42.35 -28.57 65.70
CA ILE H 367 -41.15 -29.36 65.46
C ILE H 367 -41.49 -30.43 64.42
N ASP H 368 -40.75 -30.46 63.34
CA ASP H 368 -41.01 -31.44 62.30
C ASP H 368 -40.56 -32.83 62.75
N THR H 369 -41.39 -33.83 62.47
CA THR H 369 -41.06 -35.21 62.78
C THR H 369 -41.34 -36.11 61.59
N THR H 370 -41.35 -35.56 60.39
CA THR H 370 -41.58 -36.36 59.20
C THR H 370 -40.43 -37.34 59.01
N SER H 371 -40.71 -38.42 58.29
CA SER H 371 -39.70 -39.44 58.05
C SER H 371 -38.60 -38.89 57.16
N LYS H 372 -37.35 -39.00 57.61
CA LYS H 372 -36.24 -38.57 56.79
C LYS H 372 -35.62 -39.71 55.98
N PHE H 373 -36.17 -40.92 56.10
CA PHE H 373 -35.80 -42.02 55.22
C PHE H 373 -36.58 -41.95 53.92
N GLY H 374 -36.45 -40.82 53.24
CA GLY H 374 -37.25 -40.47 52.10
C GLY H 374 -37.95 -39.16 52.36
N HIS H 375 -38.82 -38.78 51.42
CA HIS H 375 -39.57 -37.54 51.55
C HIS H 375 -40.78 -37.82 52.45
N GLY H 376 -40.57 -37.63 53.75
CA GLY H 376 -41.63 -37.85 54.70
C GLY H 376 -42.77 -36.86 54.50
N ARG H 377 -43.99 -37.34 54.75
CA ARG H 377 -45.16 -36.52 54.50
C ARG H 377 -46.21 -36.63 55.60
N PHE H 378 -45.93 -37.33 56.70
CA PHE H 378 -46.86 -37.42 57.81
C PHE H 378 -46.12 -37.25 59.12
N GLN H 379 -46.74 -36.51 60.04
CA GLN H 379 -46.09 -36.26 61.32
C GLN H 379 -46.16 -37.48 62.23
N THR H 380 -47.31 -38.16 62.27
CA THR H 380 -47.52 -39.24 63.21
C THR H 380 -48.18 -40.42 62.51
N MET H 381 -48.08 -41.58 63.15
CA MET H 381 -48.83 -42.73 62.69
C MET H 381 -50.32 -42.44 62.68
N GLU H 382 -50.80 -41.76 63.73
CA GLU H 382 -52.22 -41.51 63.86
C GLU H 382 -52.73 -40.66 62.71
N GLU H 383 -52.01 -39.59 62.39
CA GLU H 383 -52.44 -38.71 61.31
C GLU H 383 -52.34 -39.43 59.97
N LYS H 384 -51.30 -40.25 59.80
CA LYS H 384 -51.17 -41.00 58.55
C LYS H 384 -52.34 -41.95 58.35
N LYS H 385 -52.72 -42.69 59.40
CA LYS H 385 -53.85 -43.59 59.29
C LYS H 385 -55.15 -42.82 59.10
N ALA H 386 -55.26 -41.65 59.73
CA ALA H 386 -56.46 -40.84 59.55
C ALA H 386 -56.59 -40.37 58.11
N PHE H 387 -55.48 -39.98 57.49
CA PHE H 387 -55.54 -39.49 56.12
C PHE H 387 -55.79 -40.64 55.15
N MET H 388 -55.06 -41.74 55.31
CA MET H 388 -55.11 -42.80 54.33
C MET H 388 -56.24 -43.79 54.57
N GLY H 389 -56.88 -43.74 55.72
CA GLY H 389 -57.96 -44.64 56.02
C GLY H 389 -57.46 -46.06 56.21
N PRO H 390 -58.35 -47.03 56.10
CA PRO H 390 -57.91 -48.43 56.17
C PRO H 390 -57.15 -48.83 54.91
N LEU H 391 -56.34 -49.87 55.05
CA LEU H 391 -55.55 -50.41 53.95
C LEU H 391 -55.74 -51.92 53.84
N LYS H 392 -55.12 -52.50 52.81
CA LYS H 392 -55.36 -53.89 52.47
C LYS H 392 -54.87 -54.83 53.56
N LYS H 393 -53.63 -54.63 54.03
CA LYS H 393 -53.13 -55.46 55.10
C LYS H 393 -53.91 -55.22 56.39
N ASP H 394 -54.39 -53.99 56.58
CA ASP H 394 -55.25 -53.70 57.71
C ASP H 394 -56.53 -54.52 57.63
N ARG H 395 -57.13 -54.58 56.45
CA ARG H 395 -58.35 -55.35 56.26
C ARG H 395 -58.11 -56.84 56.50
N ILE H 396 -57.01 -57.37 55.96
CA ILE H 396 -56.78 -58.80 56.13
C ILE H 396 -56.42 -59.15 57.57
N ALA H 397 -55.75 -58.24 58.29
CA ALA H 397 -55.47 -58.51 59.69
C ALA H 397 -56.74 -58.46 60.53
N LYS H 398 -57.64 -57.53 60.21
CA LYS H 398 -58.94 -57.51 60.87
C LYS H 398 -59.74 -58.76 60.55
N GLU H 399 -59.58 -59.30 59.33
CA GLU H 399 -60.31 -60.49 58.93
C GLU H 399 -59.90 -61.70 59.77
N GLU H 400 -58.61 -61.90 59.99
CA GLU H 400 -58.15 -62.97 60.85
C GLU H 400 -58.44 -62.69 62.33
N GLY H 401 -58.38 -61.41 62.73
CA GLY H 401 -58.71 -61.07 64.11
C GLY H 401 -60.18 -61.00 64.42
N ALA H 402 -61.04 -61.06 63.40
CA ALA H 402 -62.49 -61.00 63.54
C ALA H 402 -62.95 -59.73 64.28
N MET I 1 105.78 -59.91 33.30
CA MET I 1 104.84 -60.98 33.00
C MET I 1 104.64 -61.17 31.51
N ALA I 2 104.47 -60.05 30.80
CA ALA I 2 104.09 -60.11 29.39
C ALA I 2 105.16 -60.79 28.54
N CYS I 3 106.42 -60.53 28.83
CA CYS I 3 107.50 -61.08 28.01
C CYS I 3 107.99 -62.44 28.50
N ALA I 4 107.41 -62.99 29.57
CA ALA I 4 107.80 -64.29 30.09
C ALA I 4 106.83 -65.35 29.60
N ARG I 5 107.34 -66.34 28.89
CA ARG I 5 106.51 -67.42 28.34
C ARG I 5 106.99 -68.75 28.87
N PRO I 6 106.29 -69.38 29.80
CA PRO I 6 106.74 -70.66 30.34
C PRO I 6 106.47 -71.81 29.39
N LEU I 7 106.91 -73.01 29.77
CA LEU I 7 106.72 -74.21 28.98
C LEU I 7 105.67 -75.09 29.65
N ILE I 8 104.77 -75.64 28.84
CA ILE I 8 103.70 -76.49 29.35
C ILE I 8 103.99 -77.92 28.90
N SER I 9 104.10 -78.84 29.86
CA SER I 9 104.36 -80.23 29.54
C SER I 9 103.12 -80.89 28.99
N VAL I 10 103.27 -81.57 27.85
CA VAL I 10 102.16 -82.29 27.22
C VAL I 10 101.87 -83.53 28.06
N TYR I 11 100.60 -83.76 28.37
CA TYR I 11 100.20 -84.91 29.14
C TYR I 11 99.78 -86.05 28.22
N SER I 12 100.07 -87.27 28.64
CA SER I 12 99.68 -88.43 27.87
C SER I 12 98.19 -88.68 28.02
N GLU I 13 97.68 -89.62 27.22
CA GLU I 13 96.29 -90.03 27.32
C GLU I 13 95.98 -90.74 28.63
N LYS I 14 96.99 -91.17 29.38
CA LYS I 14 96.79 -91.73 30.70
C LYS I 14 96.68 -90.67 31.78
N GLY I 15 96.81 -89.40 31.42
CA GLY I 15 96.61 -88.30 32.33
C GLY I 15 97.88 -87.72 32.91
N GLU I 16 98.98 -88.45 32.89
CA GLU I 16 100.23 -87.99 33.46
C GLU I 16 101.14 -87.43 32.37
N SER I 17 102.27 -86.89 32.81
CA SER I 17 103.15 -86.14 31.91
C SER I 17 103.88 -87.05 30.94
N SER I 18 104.27 -86.48 29.80
CA SER I 18 104.94 -87.22 28.74
C SER I 18 106.38 -86.79 28.53
N GLY I 19 106.80 -85.66 29.09
CA GLY I 19 108.13 -85.14 28.86
C GLY I 19 108.25 -84.15 27.73
N LYS I 20 107.22 -83.97 26.91
CA LYS I 20 107.22 -82.95 25.87
C LYS I 20 106.62 -81.66 26.41
N ASN I 21 107.36 -80.57 26.22
CA ASN I 21 106.94 -79.26 26.68
C ASN I 21 106.81 -78.31 25.51
N VAL I 22 105.83 -77.41 25.58
CA VAL I 22 105.56 -76.43 24.54
C VAL I 22 105.58 -75.05 25.18
N THR I 23 106.25 -74.10 24.51
CA THR I 23 106.21 -72.71 24.94
C THR I 23 104.78 -72.22 24.91
N LEU I 24 104.42 -71.44 25.93
CA LEU I 24 103.09 -70.87 26.00
C LEU I 24 102.82 -70.03 24.77
N PRO I 25 101.76 -70.27 24.03
CA PRO I 25 101.43 -69.43 22.88
C PRO I 25 101.18 -67.99 23.30
N ALA I 26 101.57 -67.08 22.43
CA ALA I 26 101.51 -65.66 22.77
C ALA I 26 100.09 -65.18 23.00
N VAL I 27 99.09 -65.89 22.49
CA VAL I 27 97.71 -65.47 22.67
C VAL I 27 97.30 -65.52 24.13
N PHE I 28 97.96 -66.33 24.95
CA PHE I 28 97.51 -66.48 26.32
C PHE I 28 97.94 -65.32 27.20
N LYS I 29 98.86 -64.49 26.73
CA LYS I 29 99.21 -63.24 27.39
C LYS I 29 98.48 -62.06 26.79
N ALA I 30 97.50 -62.29 25.92
CA ALA I 30 96.75 -61.20 25.35
C ALA I 30 95.98 -60.47 26.44
N PRO I 31 95.77 -59.17 26.28
CA PRO I 31 94.98 -58.43 27.26
C PRO I 31 93.59 -59.01 27.39
N ILE I 32 93.12 -59.16 28.62
CA ILE I 32 91.80 -59.69 28.89
C ILE I 32 90.84 -58.52 29.00
N ARG I 33 89.78 -58.54 28.20
CA ARG I 33 88.84 -57.43 28.12
C ARG I 33 87.43 -57.98 28.24
N PRO I 34 86.97 -58.22 29.47
CA PRO I 34 85.64 -58.80 29.65
C PRO I 34 84.53 -57.96 29.07
N ASP I 35 84.69 -56.64 29.09
CA ASP I 35 83.68 -55.77 28.50
C ASP I 35 83.55 -56.00 27.01
N ILE I 36 84.67 -56.11 26.29
CA ILE I 36 84.61 -56.30 24.85
C ILE I 36 84.09 -57.68 24.52
N VAL I 37 84.46 -58.68 25.30
CA VAL I 37 83.89 -60.01 25.11
C VAL I 37 82.38 -59.94 25.31
N ASN I 38 81.91 -59.20 26.31
CA ASN I 38 80.48 -59.04 26.52
C ASN I 38 79.82 -58.39 25.32
N PHE I 39 80.41 -57.32 24.81
CA PHE I 39 79.83 -56.60 23.69
C PHE I 39 79.73 -57.48 22.46
N VAL I 40 80.80 -58.20 22.15
CA VAL I 40 80.81 -59.04 20.97
C VAL I 40 79.86 -60.23 21.16
N HIS I 41 79.84 -60.82 22.34
CA HIS I 41 78.95 -61.94 22.60
C HIS I 41 77.50 -61.51 22.47
N THR I 42 77.18 -60.31 22.95
CA THR I 42 75.82 -59.81 22.77
C THR I 42 75.50 -59.59 21.31
N ASN I 43 76.37 -58.90 20.58
CA ASN I 43 76.04 -58.52 19.21
C ASN I 43 76.06 -59.69 18.24
N LEU I 44 76.77 -60.77 18.55
CA LEU I 44 76.73 -61.92 17.67
C LEU I 44 75.57 -62.84 17.94
N ARG I 45 75.13 -62.96 19.19
CA ARG I 45 74.04 -63.88 19.48
C ARG I 45 72.76 -63.49 18.79
N LYS I 46 72.64 -62.25 18.34
CA LYS I 46 71.49 -61.80 17.59
C LYS I 46 71.49 -62.31 16.16
N ASN I 47 72.65 -62.71 15.63
CA ASN I 47 72.74 -63.07 14.23
C ASN I 47 72.03 -64.36 13.89
N ASN I 48 72.06 -65.36 14.76
CA ASN I 48 71.44 -66.64 14.45
C ASN I 48 69.95 -66.65 14.70
N ARG I 49 69.40 -65.55 15.16
CA ARG I 49 67.98 -65.47 15.49
C ARG I 49 67.10 -65.70 14.26
N GLN I 50 65.97 -66.33 14.48
CA GLN I 50 65.01 -66.55 13.42
C GLN I 50 63.88 -65.55 13.58
N PRO I 51 63.62 -64.73 12.57
CA PRO I 51 62.66 -63.63 12.76
C PRO I 51 61.25 -64.13 13.03
N TYR I 52 60.53 -63.36 13.85
CA TYR I 52 59.15 -63.64 14.17
C TYR I 52 58.33 -62.37 13.94
N ALA I 53 57.13 -62.54 13.42
CA ALA I 53 56.27 -61.39 13.18
C ALA I 53 54.82 -61.87 13.11
N VAL I 54 53.92 -60.97 13.46
CA VAL I 54 52.51 -61.28 13.47
C VAL I 54 51.98 -61.21 12.05
N SER I 55 50.80 -61.80 11.84
CA SER I 55 50.14 -61.68 10.55
C SER I 55 49.70 -60.24 10.33
N GLU I 56 50.00 -59.73 9.14
CA GLU I 56 49.67 -58.35 8.82
C GLU I 56 48.17 -58.13 8.71
N LEU I 57 47.42 -59.15 8.33
CA LEU I 57 45.99 -59.03 8.18
C LEU I 57 45.23 -59.34 9.46
N ALA I 58 45.94 -59.64 10.54
CA ALA I 58 45.30 -60.02 11.78
C ALA I 58 44.58 -58.82 12.35
N GLY I 59 43.29 -58.99 12.65
CA GLY I 59 42.49 -57.93 13.23
C GLY I 59 42.12 -56.82 12.27
N HIS I 60 42.49 -56.93 11.00
CA HIS I 60 42.15 -55.92 10.01
C HIS I 60 41.41 -56.52 8.83
N GLN I 61 40.51 -57.44 9.10
CA GLN I 61 39.74 -58.15 8.08
C GLN I 61 38.29 -58.24 8.50
N THR I 62 37.74 -57.10 8.89
CA THR I 62 36.45 -57.02 9.56
C THR I 62 35.44 -56.13 8.86
N SER I 63 35.89 -55.08 8.17
CA SER I 63 35.01 -54.05 7.60
C SER I 63 34.18 -53.37 8.67
N ALA I 64 34.76 -53.16 9.84
CA ALA I 64 34.10 -52.37 10.87
C ALA I 64 34.12 -50.90 10.49
N GLU I 65 33.32 -50.11 11.20
CA GLU I 65 33.30 -48.67 10.98
C GLU I 65 32.75 -48.00 12.22
N SER I 66 32.98 -46.70 12.32
CA SER I 66 32.54 -45.96 13.49
C SER I 66 31.06 -45.61 13.39
N TRP I 67 30.32 -45.89 14.45
CA TRP I 67 28.89 -45.61 14.46
C TRP I 67 28.57 -44.13 14.47
N GLY I 68 29.55 -43.27 14.72
CA GLY I 68 29.29 -41.85 14.80
C GLY I 68 29.47 -41.34 16.21
N THR I 69 28.70 -40.33 16.60
CA THR I 69 28.86 -39.75 17.92
C THR I 69 27.54 -39.56 18.68
N GLY I 70 26.39 -39.65 18.02
CA GLY I 70 25.15 -39.38 18.70
C GLY I 70 24.41 -40.64 19.09
N ARG I 71 25.13 -41.67 19.52
CA ARG I 71 24.49 -42.93 19.86
C ARG I 71 24.96 -43.46 21.21
N ALA I 72 25.48 -42.60 22.07
CA ALA I 72 25.89 -42.95 23.44
C ALA I 72 26.90 -44.08 23.47
N VAL I 73 27.73 -44.19 22.44
CA VAL I 73 28.76 -45.21 22.40
C VAL I 73 30.08 -44.57 21.99
N ALA I 74 31.17 -45.23 22.34
CA ALA I 74 32.48 -44.72 22.01
C ALA I 74 32.69 -44.73 20.50
N ARG I 75 33.51 -43.80 20.04
CA ARG I 75 33.77 -43.62 18.61
C ARG I 75 34.64 -44.71 18.02
N ILE I 76 34.95 -45.76 18.76
CA ILE I 76 35.73 -46.88 18.26
C ILE I 76 34.91 -47.54 17.17
N PRO I 77 35.53 -48.04 16.10
CA PRO I 77 34.76 -48.73 15.06
C PRO I 77 34.05 -49.96 15.61
N ARG I 78 32.87 -50.24 15.05
CA ARG I 78 32.05 -51.35 15.49
C ARG I 78 31.80 -52.29 14.32
N VAL I 79 31.67 -53.59 14.63
CA VAL I 79 31.36 -54.56 13.59
C VAL I 79 29.94 -54.35 13.10
N ARG I 80 29.78 -54.32 11.79
CA ARG I 80 28.47 -54.12 11.19
C ARG I 80 27.64 -55.39 11.32
N GLY I 81 26.46 -55.38 10.73
CA GLY I 81 25.61 -56.53 10.72
C GLY I 81 24.89 -56.74 12.04
N GLY I 82 24.18 -57.86 12.11
CA GLY I 82 23.42 -58.21 13.28
C GLY I 82 23.18 -59.70 13.40
N GLY I 83 22.47 -60.11 14.44
CA GLY I 83 22.14 -61.51 14.61
C GLY I 83 23.24 -62.36 15.20
N THR I 84 24.38 -61.77 15.54
CA THR I 84 25.47 -62.52 16.14
C THR I 84 26.12 -61.68 17.22
N HIS I 85 26.82 -62.37 18.12
CA HIS I 85 27.47 -61.69 19.25
C HIS I 85 28.55 -60.74 18.77
N ARG I 86 29.15 -61.03 17.61
CA ARG I 86 30.21 -60.18 17.10
C ARG I 86 29.69 -58.81 16.69
N SER I 87 28.40 -58.70 16.35
CA SER I 87 27.86 -57.44 15.89
C SER I 87 27.86 -56.42 17.01
N GLY I 88 28.23 -55.18 16.69
CA GLY I 88 28.29 -54.11 17.65
C GLY I 88 29.55 -54.03 18.47
N GLN I 89 30.52 -54.90 18.21
CA GLN I 89 31.72 -54.96 19.01
C GLN I 89 32.83 -54.13 18.40
N GLY I 90 33.77 -53.71 19.24
CA GLY I 90 34.86 -52.88 18.77
C GLY I 90 35.84 -53.65 17.90
N ALA I 91 36.65 -52.91 17.15
CA ALA I 91 37.61 -53.53 16.25
C ALA I 91 38.71 -52.53 15.92
N PHE I 92 39.75 -53.03 15.25
CA PHE I 92 40.83 -52.22 14.67
C PHE I 92 41.66 -51.49 15.70
N GLY I 93 41.36 -51.66 16.98
CA GLY I 93 42.06 -50.95 18.02
C GLY I 93 43.03 -51.86 18.76
N ASN I 94 44.07 -51.26 19.31
CA ASN I 94 44.91 -51.99 20.25
C ASN I 94 44.16 -52.29 21.54
N MET I 95 43.10 -51.54 21.82
CA MET I 95 42.30 -51.72 23.02
C MET I 95 41.10 -52.62 22.82
N CYS I 96 40.90 -53.14 21.61
CA CYS I 96 39.75 -53.98 21.32
C CYS I 96 40.15 -55.44 21.28
N ARG I 97 39.36 -56.28 21.94
CA ARG I 97 39.57 -57.72 21.86
C ARG I 97 39.41 -58.17 20.41
N GLY I 98 40.40 -58.90 19.92
CA GLY I 98 40.40 -59.25 18.53
C GLY I 98 40.82 -58.14 17.60
N GLY I 99 41.18 -56.99 18.13
CA GLY I 99 41.68 -55.89 17.33
C GLY I 99 43.15 -56.09 16.98
N ARG I 100 43.66 -55.17 16.18
CA ARG I 100 45.06 -55.20 15.80
C ARG I 100 45.92 -54.72 16.95
N MET I 101 47.04 -55.39 17.16
CA MET I 101 47.94 -54.97 18.21
C MET I 101 48.60 -53.65 17.83
N PHE I 102 48.91 -52.86 18.85
CA PHE I 102 49.68 -51.64 18.64
C PHE I 102 51.06 -51.99 18.10
N ALA I 103 51.47 -51.29 17.03
CA ALA I 103 52.77 -51.46 16.41
C ALA I 103 53.04 -52.92 16.10
N PRO I 104 52.36 -53.49 15.11
CA PRO I 104 52.51 -54.93 14.84
C PRO I 104 53.95 -55.27 14.53
N THR I 105 54.39 -56.40 15.04
CA THR I 105 55.74 -56.85 14.79
C THR I 105 55.96 -57.08 13.30
N LYS I 106 57.10 -56.64 12.80
CA LYS I 106 57.40 -56.74 11.38
C LYS I 106 58.72 -57.48 11.21
N THR I 107 58.82 -58.22 10.11
CA THR I 107 59.96 -59.08 9.88
C THR I 107 61.27 -58.32 9.77
N TRP I 108 61.24 -57.07 9.31
CA TRP I 108 62.47 -56.31 9.09
C TRP I 108 62.86 -55.53 10.34
N ARG I 109 63.09 -56.26 11.42
CA ARG I 109 63.44 -55.68 12.69
C ARG I 109 64.93 -55.41 12.84
N ARG I 110 65.74 -55.76 11.84
CA ARG I 110 67.20 -55.75 11.93
C ARG I 110 67.65 -56.66 13.07
N TRP I 111 67.35 -57.94 12.89
CA TRP I 111 67.69 -58.93 13.90
C TRP I 111 69.20 -59.11 14.03
N HIS I 112 69.96 -58.75 13.01
CA HIS I 112 71.38 -59.03 12.97
C HIS I 112 72.20 -57.80 13.29
N ARG I 113 73.46 -58.03 13.64
CA ARG I 113 74.46 -56.99 13.82
C ARG I 113 75.75 -57.45 13.17
N ARG I 114 76.55 -56.50 12.68
CA ARG I 114 77.88 -56.84 12.21
C ARG I 114 78.91 -56.23 13.15
N VAL I 115 79.93 -57.01 13.48
CA VAL I 115 80.97 -56.63 14.43
C VAL I 115 82.28 -56.52 13.68
N ASN I 116 83.14 -55.60 14.10
CA ASN I 116 84.43 -55.44 13.46
C ASN I 116 85.23 -56.72 13.60
N THR I 117 85.80 -57.17 12.48
CA THR I 117 86.58 -58.40 12.49
C THR I 117 87.74 -58.29 13.46
N THR I 118 88.39 -57.12 13.50
CA THR I 118 89.46 -56.91 14.45
C THR I 118 88.94 -57.01 15.87
N GLN I 119 87.75 -56.47 16.12
CA GLN I 119 87.16 -56.59 17.45
C GLN I 119 86.86 -58.05 17.79
N LYS I 120 86.38 -58.82 16.81
CA LYS I 120 86.11 -60.23 17.07
C LYS I 120 87.40 -60.96 17.42
N ARG I 121 88.48 -60.68 16.69
CA ARG I 121 89.74 -61.34 17.00
C ARG I 121 90.27 -60.91 18.37
N TYR I 122 90.11 -59.63 18.71
CA TYR I 122 90.46 -59.15 20.04
C TYR I 122 89.72 -59.90 21.12
N ALA I 123 88.41 -60.09 20.93
CA ALA I 123 87.61 -60.79 21.92
C ALA I 123 88.01 -62.25 22.03
N ILE I 124 88.30 -62.89 20.90
CA ILE I 124 88.77 -64.27 20.92
C ILE I 124 90.06 -64.38 21.70
N CYS I 125 90.99 -63.45 21.45
CA CYS I 125 92.26 -63.48 22.15
C CYS I 125 92.08 -63.31 23.65
N SER I 126 91.22 -62.37 24.06
CA SER I 126 90.98 -62.20 25.50
C SER I 126 90.33 -63.43 26.10
N ALA I 127 89.39 -64.03 25.39
CA ALA I 127 88.74 -65.24 25.91
C ALA I 127 89.74 -66.36 26.08
N LEU I 128 90.65 -66.53 25.12
CA LEU I 128 91.69 -67.53 25.25
C LEU I 128 92.60 -67.22 26.42
N ALA I 129 92.96 -65.96 26.58
CA ALA I 129 93.84 -65.57 27.68
C ALA I 129 93.17 -65.81 29.02
N ALA I 130 91.88 -65.56 29.12
CA ALA I 130 91.19 -65.75 30.38
C ALA I 130 91.04 -67.22 30.74
N SER I 131 91.03 -68.10 29.73
CA SER I 131 90.91 -69.53 30.00
C SER I 131 92.15 -70.11 30.65
N ALA I 132 93.24 -69.34 30.72
CA ALA I 132 94.51 -69.83 31.26
C ALA I 132 94.71 -69.42 32.71
N LEU I 133 93.73 -68.78 33.34
CA LEU I 133 93.85 -68.40 34.73
C LEU I 133 92.95 -69.25 35.59
N PRO I 134 93.50 -70.06 36.49
CA PRO I 134 92.67 -70.99 37.26
C PRO I 134 91.61 -70.31 38.10
N ALA I 135 91.90 -69.11 38.60
CA ALA I 135 90.89 -68.38 39.35
C ALA I 135 89.68 -68.07 38.48
N LEU I 136 89.91 -67.63 37.25
CA LEU I 136 88.79 -67.29 36.37
C LEU I 136 87.98 -68.52 36.01
N VAL I 137 88.65 -69.59 35.62
CA VAL I 137 87.92 -70.79 35.21
C VAL I 137 87.17 -71.39 36.40
N MET I 138 87.75 -71.31 37.59
CA MET I 138 87.01 -71.72 38.78
C MET I 138 85.82 -70.81 39.02
N SER I 139 85.97 -69.51 38.74
CA SER I 139 84.83 -68.61 38.84
C SER I 139 83.76 -68.94 37.83
N LYS I 140 84.14 -69.61 36.74
CA LYS I 140 83.12 -70.18 35.86
C LYS I 140 82.57 -71.49 36.43
N GLY I 141 83.12 -71.96 37.53
CA GLY I 141 82.59 -73.13 38.21
C GLY I 141 82.86 -74.43 37.48
N HIS I 142 84.03 -74.53 36.87
CA HIS I 142 84.35 -75.67 36.02
C HIS I 142 84.96 -76.83 36.78
N ARG I 143 85.01 -76.76 38.11
CA ARG I 143 85.49 -77.86 38.95
C ARG I 143 86.88 -78.32 38.54
N ILE I 144 87.80 -77.37 38.52
CA ILE I 144 89.21 -77.67 38.29
C ILE I 144 89.91 -77.58 39.65
N GLU I 145 90.07 -78.73 40.28
CA GLU I 145 90.82 -78.82 41.52
C GLU I 145 91.92 -79.85 41.47
N GLU I 146 91.75 -80.90 40.68
CA GLU I 146 92.76 -81.94 40.56
C GLU I 146 93.40 -81.94 39.17
N VAL I 147 93.16 -80.89 38.40
CA VAL I 147 93.76 -80.78 37.07
C VAL I 147 95.24 -80.41 37.23
N PRO I 148 96.16 -81.17 36.62
CA PRO I 148 97.59 -80.89 36.81
C PRO I 148 98.04 -79.55 36.28
N GLU I 149 97.45 -79.07 35.18
CA GLU I 149 97.85 -77.80 34.58
C GLU I 149 96.67 -77.28 33.79
N LEU I 150 96.36 -75.99 33.97
CA LEU I 150 95.17 -75.45 33.33
C LEU I 150 95.25 -75.43 31.80
N PRO I 151 96.31 -74.94 31.16
CA PRO I 151 96.37 -75.08 29.70
C PRO I 151 96.65 -76.52 29.34
N LEU I 152 95.64 -77.38 29.49
CA LEU I 152 95.85 -78.82 29.44
C LEU I 152 96.14 -79.26 28.01
N VAL I 153 97.27 -79.93 27.82
CA VAL I 153 97.70 -80.37 26.51
C VAL I 153 97.79 -81.88 26.52
N VAL I 154 97.13 -82.51 25.54
CA VAL I 154 97.18 -83.95 25.39
C VAL I 154 97.89 -84.28 24.08
N GLU I 155 98.40 -85.50 24.02
CA GLU I 155 99.07 -85.98 22.82
C GLU I 155 98.07 -86.14 21.68
N ASP I 156 98.60 -86.26 20.45
CA ASP I 156 97.75 -86.34 19.28
C ASP I 156 97.07 -87.69 19.13
N LYS I 157 97.38 -88.66 19.99
CA LYS I 157 96.69 -89.94 19.95
C LYS I 157 95.22 -89.78 20.26
N VAL I 158 94.86 -88.75 21.02
CA VAL I 158 93.47 -88.56 21.44
C VAL I 158 92.56 -88.37 20.23
N GLU I 159 92.99 -87.58 19.25
CA GLU I 159 92.15 -87.30 18.10
C GLU I 159 91.80 -88.56 17.31
N GLY I 160 92.55 -89.63 17.49
CA GLY I 160 92.25 -90.89 16.85
C GLY I 160 91.25 -91.75 17.59
N TYR I 161 90.67 -91.26 18.68
CA TYR I 161 89.69 -92.04 19.41
C TYR I 161 88.43 -92.24 18.57
N LYS I 162 87.82 -93.41 18.71
CA LYS I 162 86.64 -93.77 17.96
C LYS I 162 85.48 -94.24 18.83
N LYS I 163 85.73 -94.56 20.09
CA LYS I 163 84.66 -95.01 20.97
C LYS I 163 84.47 -94.05 22.14
N THR I 164 83.26 -94.08 22.70
CA THR I 164 82.93 -93.21 23.81
C THR I 164 83.62 -93.64 25.10
N LYS I 165 83.76 -94.95 25.31
CA LYS I 165 84.31 -95.43 26.57
C LYS I 165 85.74 -94.97 26.77
N GLU I 166 86.54 -94.99 25.70
CA GLU I 166 87.90 -94.49 25.83
C GLU I 166 87.93 -92.98 26.05
N ALA I 167 86.92 -92.26 25.54
CA ALA I 167 86.84 -90.83 25.84
C ALA I 167 86.55 -90.59 27.32
N VAL I 168 85.61 -91.35 27.89
CA VAL I 168 85.32 -91.21 29.32
C VAL I 168 86.54 -91.62 30.14
N LEU I 169 87.28 -92.62 29.67
CA LEU I 169 88.51 -93.00 30.34
C LEU I 169 89.51 -91.87 30.34
N LEU I 170 89.66 -91.19 29.20
CA LEU I 170 90.54 -90.03 29.16
C LEU I 170 90.11 -88.95 30.13
N LEU I 171 88.81 -88.66 30.16
CA LEU I 171 88.31 -87.62 31.05
C LEU I 171 88.58 -87.98 32.51
N LYS I 172 88.37 -89.25 32.86
CA LYS I 172 88.63 -89.68 34.22
C LYS I 172 90.11 -89.57 34.55
N LYS I 173 90.99 -89.98 33.63
CA LYS I 173 92.41 -89.88 33.88
C LYS I 173 92.88 -88.43 33.89
N LEU I 174 92.14 -87.55 33.24
CA LEU I 174 92.49 -86.14 33.23
C LEU I 174 91.94 -85.39 34.44
N LYS I 175 91.28 -86.10 35.36
CA LYS I 175 90.70 -85.51 36.57
C LYS I 175 89.68 -84.44 36.24
N ALA I 176 89.15 -84.47 35.02
CA ALA I 176 88.13 -83.53 34.59
C ALA I 176 86.75 -84.17 34.53
N TRP I 177 86.63 -85.44 34.92
CA TRP I 177 85.32 -86.07 34.99
C TRP I 177 84.40 -85.39 35.97
N ASN I 178 84.95 -84.70 36.96
CA ASN I 178 84.11 -84.07 37.98
C ASN I 178 83.22 -83.01 37.37
N ASP I 179 83.72 -82.27 36.38
CA ASP I 179 82.87 -81.31 35.68
C ASP I 179 81.76 -82.03 34.94
N ILE I 180 82.04 -83.20 34.37
CA ILE I 180 81.01 -83.95 33.68
C ILE I 180 79.93 -84.38 34.67
N LYS I 181 80.33 -84.82 35.86
CA LYS I 181 79.35 -85.19 36.86
C LYS I 181 78.55 -83.97 37.30
N LYS I 182 79.19 -82.81 37.37
CA LYS I 182 78.46 -81.58 37.65
C LYS I 182 77.41 -81.33 36.59
N VAL I 183 77.76 -81.53 35.32
CA VAL I 183 76.80 -81.34 34.23
C VAL I 183 75.65 -82.32 34.38
N TYR I 184 75.96 -83.59 34.67
CA TYR I 184 74.91 -84.59 34.81
C TYR I 184 73.95 -84.26 35.93
N ALA I 185 74.47 -83.86 37.08
CA ALA I 185 73.60 -83.44 38.16
C ALA I 185 72.84 -82.18 37.80
N SER I 186 73.41 -81.37 36.90
CA SER I 186 72.84 -80.08 36.56
C SER I 186 71.74 -80.15 35.54
N GLN I 187 71.47 -81.31 34.94
CA GLN I 187 70.46 -81.39 33.90
C GLN I 187 69.08 -81.34 34.55
N ARG I 188 68.55 -80.13 34.71
CA ARG I 188 67.18 -80.01 35.18
C ARG I 188 66.31 -79.38 34.10
N MET I 189 65.04 -79.18 34.41
CA MET I 189 64.04 -78.78 33.43
C MET I 189 64.00 -77.27 33.32
N ARG I 190 63.92 -76.77 32.09
CA ARG I 190 63.84 -75.33 31.90
C ARG I 190 62.49 -74.82 32.39
N ALA I 191 62.50 -73.64 32.98
CA ALA I 191 61.28 -73.03 33.50
C ALA I 191 60.83 -71.90 32.59
N GLY I 192 59.60 -71.99 32.09
CA GLY I 192 59.06 -70.99 31.21
C GLY I 192 58.38 -71.61 30.00
N LYS I 193 58.12 -70.78 28.99
CA LYS I 193 57.39 -71.23 27.80
C LYS I 193 58.25 -71.97 26.80
N GLY I 194 59.58 -71.97 26.96
CA GLY I 194 60.42 -72.72 26.04
C GLY I 194 60.16 -74.20 26.12
N LYS I 195 59.53 -74.65 27.21
CA LYS I 195 59.04 -76.02 27.29
C LYS I 195 58.06 -76.31 26.17
N MET I 196 57.18 -75.36 25.86
CA MET I 196 56.35 -75.53 24.68
C MET I 196 57.07 -75.12 23.41
N ARG I 197 58.30 -74.64 23.51
CA ARG I 197 59.02 -74.14 22.36
C ARG I 197 60.31 -74.92 22.13
N ASN I 198 60.30 -76.21 22.41
CA ASN I 198 61.35 -77.18 22.13
C ASN I 198 62.61 -76.94 22.96
N ARG I 199 62.67 -75.86 23.72
CA ARG I 199 63.77 -75.65 24.66
C ARG I 199 63.40 -76.25 26.01
N ARG I 200 63.17 -77.56 26.00
CA ARG I 200 62.58 -78.22 27.15
C ARG I 200 63.59 -78.39 28.29
N ARG I 201 64.83 -78.78 27.97
CA ARG I 201 65.81 -79.11 28.99
C ARG I 201 66.96 -78.12 28.97
N ILE I 202 67.55 -77.91 30.13
CA ILE I 202 68.71 -77.05 30.29
C ILE I 202 69.76 -77.79 31.11
N GLN I 203 71.00 -77.33 31.00
CA GLN I 203 72.10 -78.01 31.67
C GLN I 203 73.32 -77.11 31.70
N ARG I 204 74.21 -77.41 32.64
CA ARG I 204 75.49 -76.74 32.77
C ARG I 204 76.40 -77.04 31.59
N ARG I 205 77.14 -76.03 31.16
CA ARG I 205 78.16 -76.23 30.14
C ARG I 205 79.34 -77.00 30.73
N GLY I 206 79.90 -77.90 29.94
CA GLY I 206 81.06 -78.66 30.35
C GLY I 206 82.34 -78.14 29.72
N PRO I 207 83.40 -78.93 29.80
CA PRO I 207 84.67 -78.52 29.19
C PRO I 207 84.57 -78.45 27.67
N CYS I 208 85.43 -77.62 27.10
CA CYS I 208 85.49 -77.42 25.65
C CYS I 208 86.73 -78.15 25.14
N ILE I 209 86.54 -78.94 24.09
CA ILE I 209 87.64 -79.68 23.49
C ILE I 209 88.05 -78.96 22.20
N ILE I 210 89.33 -78.65 22.08
CA ILE I 210 89.86 -77.99 20.90
C ILE I 210 90.71 -78.98 20.13
N TYR I 211 90.40 -79.14 18.86
CA TYR I 211 91.08 -80.08 17.99
C TYR I 211 91.57 -79.35 16.76
N ASN I 212 92.63 -79.87 16.16
CA ASN I 212 93.03 -79.32 14.87
C ASN I 212 92.57 -80.21 13.73
N GLU I 213 92.68 -81.52 13.90
CA GLU I 213 92.30 -82.49 12.90
C GLU I 213 91.29 -83.44 13.50
N ASP I 214 90.31 -83.86 12.71
CA ASP I 214 89.42 -84.90 13.17
C ASP I 214 89.89 -86.24 12.61
N ASN I 215 89.92 -87.25 13.47
CA ASN I 215 90.04 -88.64 13.07
C ASN I 215 89.04 -89.49 13.84
N GLY I 216 87.79 -89.03 13.92
CA GLY I 216 86.77 -89.70 14.72
C GLY I 216 86.60 -89.11 16.10
N ILE I 217 87.29 -88.01 16.43
CA ILE I 217 87.22 -87.46 17.77
C ILE I 217 85.84 -86.90 18.05
N ILE I 218 85.20 -86.31 17.05
CA ILE I 218 83.84 -85.81 17.25
C ILE I 218 82.89 -86.94 17.58
N LYS I 219 83.03 -88.06 16.87
CA LYS I 219 82.11 -89.17 17.10
C LYS I 219 82.39 -89.87 18.42
N ALA I 220 83.66 -89.95 18.82
CA ALA I 220 83.97 -90.55 20.12
C ALA I 220 83.34 -89.76 21.25
N PHE I 221 83.50 -88.44 21.23
CA PHE I 221 82.75 -87.52 22.07
C PHE I 221 81.39 -87.29 21.44
N ARG I 222 80.71 -86.20 21.84
CA ARG I 222 79.43 -85.70 21.37
C ARG I 222 78.25 -86.48 21.95
N ASN I 223 78.48 -87.60 22.61
CA ASN I 223 77.44 -88.24 23.39
C ASN I 223 77.53 -87.86 24.86
N ILE I 224 78.48 -87.03 25.23
CA ILE I 224 78.62 -86.57 26.61
C ILE I 224 78.03 -85.17 26.73
N PRO I 225 77.09 -84.97 27.65
CA PRO I 225 76.48 -83.65 27.80
C PRO I 225 77.50 -82.61 28.20
N GLY I 226 77.32 -81.39 27.68
CA GLY I 226 78.17 -80.28 28.00
C GLY I 226 79.47 -80.24 27.23
N ILE I 227 79.80 -81.33 26.54
CA ILE I 227 81.08 -81.39 25.84
C ILE I 227 80.95 -80.70 24.50
N THR I 228 81.79 -79.70 24.27
CA THR I 228 81.78 -78.93 23.04
C THR I 228 83.11 -79.13 22.33
N LEU I 229 83.06 -79.53 21.07
CA LEU I 229 84.27 -79.68 20.28
C LEU I 229 84.42 -78.47 19.36
N LEU I 230 85.64 -77.96 19.27
CA LEU I 230 85.88 -76.74 18.53
C LEU I 230 87.13 -76.85 17.70
N ASN I 231 86.98 -76.73 16.38
CA ASN I 231 88.14 -76.72 15.49
C ASN I 231 88.96 -75.48 15.73
N VAL I 232 90.28 -75.67 15.80
CA VAL I 232 91.17 -74.56 16.15
C VAL I 232 91.18 -73.52 15.04
N SER I 233 90.88 -73.92 13.81
CA SER I 233 90.87 -73.00 12.69
C SER I 233 89.59 -72.18 12.60
N LYS I 234 88.52 -72.62 13.27
CA LYS I 234 87.23 -71.95 13.21
C LYS I 234 86.70 -71.70 14.60
N LEU I 235 87.56 -71.13 15.45
CA LEU I 235 87.17 -70.85 16.82
C LEU I 235 85.98 -69.90 16.86
N ASN I 236 85.06 -70.16 17.77
CA ASN I 236 83.82 -69.40 17.87
C ASN I 236 83.68 -68.84 19.28
N ILE I 237 83.41 -67.54 19.37
CA ILE I 237 83.30 -66.89 20.68
C ILE I 237 82.05 -67.36 21.40
N LEU I 238 81.06 -67.85 20.67
CA LEU I 238 79.86 -68.35 21.31
C LEU I 238 80.12 -69.61 22.12
N LYS I 239 81.22 -70.30 21.85
CA LYS I 239 81.58 -71.50 22.57
C LYS I 239 82.68 -71.27 23.59
N LEU I 240 83.53 -70.26 23.39
CA LEU I 240 84.57 -69.96 24.37
C LEU I 240 84.02 -69.22 25.59
N ALA I 241 83.06 -68.33 25.39
CA ALA I 241 82.46 -67.57 26.48
C ALA I 241 80.97 -67.81 26.39
N PRO I 242 80.48 -68.92 26.96
CA PRO I 242 79.10 -69.33 26.72
C PRO I 242 78.06 -68.30 27.14
N GLY I 243 78.26 -67.60 28.24
CA GLY I 243 77.27 -66.64 28.66
C GLY I 243 77.74 -65.21 28.54
N GLY I 244 78.72 -64.98 27.67
CA GLY I 244 79.38 -63.70 27.64
C GLY I 244 80.40 -63.51 28.73
N HIS I 245 80.62 -64.51 29.56
CA HIS I 245 81.59 -64.46 30.63
C HIS I 245 82.73 -65.41 30.29
N VAL I 246 83.93 -64.88 30.27
CA VAL I 246 85.11 -65.64 29.85
C VAL I 246 85.45 -66.70 30.88
N GLY I 247 86.24 -67.68 30.46
CA GLY I 247 86.80 -68.62 31.40
C GLY I 247 86.27 -70.03 31.29
N ARG I 248 85.78 -70.43 30.11
CA ARG I 248 85.37 -71.81 29.91
C ARG I 248 86.57 -72.73 29.96
N PHE I 249 86.42 -73.83 30.69
CA PHE I 249 87.45 -74.87 30.71
C PHE I 249 87.69 -75.42 29.32
N CYS I 250 88.95 -75.49 28.91
CA CYS I 250 89.33 -75.94 27.59
C CYS I 250 90.47 -76.94 27.69
N ILE I 251 90.44 -77.94 26.82
CA ILE I 251 91.49 -78.94 26.71
C ILE I 251 92.09 -78.83 25.33
N TRP I 252 93.42 -78.82 25.24
CA TRP I 252 94.10 -78.61 23.98
C TRP I 252 94.73 -79.88 23.44
N THR I 253 94.56 -80.09 22.15
CA THR I 253 95.39 -81.02 21.42
C THR I 253 96.77 -80.42 21.21
N GLU I 254 97.78 -81.28 21.17
CA GLU I 254 99.13 -80.84 20.84
C GLU I 254 99.16 -80.05 19.55
N SER I 255 98.55 -80.61 18.51
CA SER I 255 98.61 -79.98 17.19
C SER I 255 97.96 -78.60 17.20
N ALA I 256 96.78 -78.49 17.82
CA ALA I 256 96.13 -77.19 17.92
C ALA I 256 96.94 -76.23 18.76
N PHE I 257 97.51 -76.73 19.86
CA PHE I 257 98.31 -75.88 20.73
C PHE I 257 99.50 -75.30 19.97
N ARG I 258 100.08 -76.09 19.08
CA ARG I 258 101.17 -75.58 18.26
C ARG I 258 100.66 -74.62 17.19
N LYS I 259 99.50 -74.93 16.60
CA LYS I 259 98.97 -74.08 15.53
C LYS I 259 98.51 -72.72 16.04
N LEU I 260 98.35 -72.56 17.36
CA LEU I 260 97.91 -71.29 17.91
C LEU I 260 98.84 -70.14 17.50
N ASP I 261 100.15 -70.37 17.55
CA ASP I 261 101.08 -69.29 17.24
C ASP I 261 100.97 -68.86 15.79
N GLU I 262 100.84 -69.81 14.86
CA GLU I 262 100.63 -69.42 13.48
C GLU I 262 99.25 -68.79 13.29
N LEU I 263 98.30 -69.13 14.16
CA LEU I 263 96.95 -68.59 14.01
C LEU I 263 96.88 -67.12 14.40
N TYR I 264 97.49 -66.75 15.52
CA TYR I 264 97.36 -65.38 15.99
C TYR I 264 98.68 -64.63 16.09
N GLY I 265 99.81 -65.31 16.07
CA GLY I 265 101.09 -64.64 16.02
C GLY I 265 101.55 -64.16 17.39
N THR I 266 102.86 -63.97 17.47
CA THR I 266 103.48 -63.40 18.66
C THR I 266 103.43 -61.89 18.53
N TRP I 267 103.75 -61.17 19.59
CA TRP I 267 103.88 -59.73 19.46
C TRP I 267 105.08 -59.36 18.61
N ARG I 268 105.97 -60.31 18.34
CA ARG I 268 107.10 -60.09 17.44
C ARG I 268 106.83 -60.63 16.03
N LYS I 269 106.06 -61.72 15.91
CA LYS I 269 105.72 -62.32 14.64
C LYS I 269 104.24 -62.15 14.36
N ALA I 270 103.92 -61.52 13.23
CA ALA I 270 102.52 -61.41 12.83
C ALA I 270 101.94 -62.77 12.53
N ALA I 271 100.63 -62.89 12.69
CA ALA I 271 99.96 -64.17 12.43
C ALA I 271 100.13 -64.58 10.98
N SER I 272 100.56 -65.82 10.76
CA SER I 272 100.77 -66.31 9.41
C SER I 272 99.51 -66.93 8.81
N LEU I 273 98.40 -66.94 9.55
CA LEU I 273 97.17 -67.56 9.10
C LEU I 273 96.05 -66.55 8.93
N LYS I 274 96.35 -65.26 9.00
CA LYS I 274 95.34 -64.22 8.88
C LYS I 274 95.76 -63.07 7.96
N SER I 275 97.02 -63.02 7.55
CA SER I 275 97.52 -62.20 6.45
C SER I 275 97.52 -60.71 6.76
N ASN I 276 96.92 -60.31 7.85
CA ASN I 276 97.04 -58.93 8.28
C ASN I 276 97.06 -58.76 9.79
N TYR I 277 97.00 -59.83 10.56
CA TYR I 277 96.66 -59.72 11.98
C TYR I 277 97.89 -59.78 12.86
N ASN I 278 97.82 -59.04 13.96
CA ASN I 278 98.82 -59.14 15.02
C ASN I 278 98.12 -59.02 16.36
N LEU I 279 98.82 -59.40 17.41
CA LEU I 279 98.23 -59.34 18.74
C LEU I 279 98.04 -57.88 19.16
N PRO I 280 97.02 -57.58 19.96
CA PRO I 280 96.87 -56.23 20.49
C PRO I 280 97.96 -55.92 21.51
N MET I 281 98.16 -54.63 21.74
CA MET I 281 99.18 -54.17 22.67
C MET I 281 98.56 -53.77 24.01
N HIS I 282 99.28 -54.10 25.08
CA HIS I 282 98.88 -53.72 26.42
C HIS I 282 99.08 -52.23 26.64
N LYS I 283 98.08 -51.58 27.22
CA LYS I 283 98.23 -50.22 27.71
C LYS I 283 98.82 -50.16 29.10
N MET I 284 98.94 -51.30 29.77
CA MET I 284 99.49 -51.37 31.12
C MET I 284 100.39 -52.60 31.17
N ILE I 285 101.70 -52.38 31.25
CA ILE I 285 102.65 -53.49 31.22
C ILE I 285 102.51 -54.34 32.48
N ASN I 286 102.50 -53.71 33.64
CA ASN I 286 102.43 -54.43 34.90
C ASN I 286 101.06 -54.17 35.53
N THR I 287 100.34 -55.23 35.83
CA THR I 287 99.00 -55.13 36.41
C THR I 287 98.96 -55.43 37.90
N ASP I 288 100.10 -55.56 38.55
CA ASP I 288 100.12 -55.78 40.00
C ASP I 288 100.18 -54.43 40.70
N LEU I 289 99.03 -53.96 41.16
CA LEU I 289 98.97 -52.70 41.88
C LEU I 289 99.77 -52.75 43.17
N SER I 290 99.72 -53.87 43.88
CA SER I 290 100.38 -53.96 45.18
C SER I 290 101.90 -53.83 45.03
N ARG I 291 102.50 -54.58 44.10
CA ARG I 291 103.94 -54.49 43.97
C ARG I 291 104.38 -53.15 43.42
N ILE I 292 103.54 -52.51 42.61
CA ILE I 292 103.88 -51.18 42.12
C ILE I 292 103.85 -50.18 43.26
N LEU I 293 102.78 -50.21 44.07
CA LEU I 293 102.67 -49.26 45.17
C LEU I 293 103.70 -49.54 46.26
N LYS I 294 104.18 -50.77 46.35
CA LYS I 294 105.19 -51.12 47.34
C LYS I 294 106.60 -50.90 46.84
N SER I 295 106.77 -50.45 45.60
CA SER I 295 108.12 -50.18 45.12
C SER I 295 108.71 -49.02 45.91
N PRO I 296 109.94 -49.16 46.38
CA PRO I 296 110.51 -48.11 47.25
C PRO I 296 110.60 -46.75 46.60
N GLU I 297 110.87 -46.69 45.29
CA GLU I 297 110.98 -45.39 44.65
C GLU I 297 109.64 -44.65 44.62
N ILE I 298 108.53 -45.38 44.49
CA ILE I 298 107.23 -44.76 44.67
C ILE I 298 107.06 -44.27 46.09
N GLN I 299 107.52 -45.05 47.05
CA GLN I 299 107.34 -44.69 48.46
C GLN I 299 108.07 -43.40 48.80
N ARG I 300 109.18 -43.10 48.12
CA ARG I 300 109.91 -41.89 48.48
C ARG I 300 109.17 -40.63 48.09
N ALA I 301 108.26 -40.72 47.12
CA ALA I 301 107.57 -39.53 46.63
C ALA I 301 106.32 -39.18 47.43
N LEU I 302 105.90 -40.04 48.34
CA LEU I 302 104.60 -39.86 48.97
C LEU I 302 104.74 -39.05 50.26
N ARG I 303 103.83 -38.10 50.43
CA ARG I 303 103.71 -37.41 51.70
C ARG I 303 103.14 -38.36 52.73
N ALA I 304 103.31 -37.99 54.00
CA ALA I 304 102.88 -38.86 55.08
C ALA I 304 101.36 -39.01 55.11
N PRO I 305 100.87 -40.20 55.44
CA PRO I 305 99.42 -40.38 55.54
C PRO I 305 98.83 -39.59 56.71
N ARG I 306 97.58 -39.15 56.54
CA ARG I 306 96.86 -38.43 57.57
C ARG I 306 95.80 -39.37 58.12
N LYS I 307 96.19 -40.19 59.09
CA LYS I 307 95.35 -41.28 59.56
C LYS I 307 94.49 -40.89 60.75
N LYS I 308 94.51 -39.64 61.17
CA LYS I 308 93.73 -39.20 62.32
C LYS I 308 92.34 -38.75 61.88
N ILE I 309 91.32 -39.19 62.62
CA ILE I 309 89.93 -38.86 62.31
C ILE I 309 89.52 -37.64 63.11
N HIS I 310 89.15 -36.57 62.42
CA HIS I 310 88.79 -35.30 63.04
C HIS I 310 87.28 -35.16 63.01
N ARG I 311 86.60 -35.74 63.98
CA ARG I 311 85.15 -35.65 64.00
C ARG I 311 84.71 -34.26 64.41
N ARG I 312 83.40 -34.03 64.32
CA ARG I 312 82.87 -32.72 64.64
C ARG I 312 82.99 -32.43 66.12
N VAL I 313 83.29 -31.18 66.44
CA VAL I 313 83.51 -30.73 67.80
C VAL I 313 82.20 -30.22 68.36
N LEU I 314 81.77 -30.79 69.47
CA LEU I 314 80.61 -30.26 70.17
C LEU I 314 80.98 -28.89 70.76
N LYS I 315 80.27 -27.86 70.36
CA LYS I 315 80.64 -26.51 70.79
C LYS I 315 80.11 -26.20 72.17
N LYS I 316 80.91 -26.43 73.20
CA LYS I 316 80.55 -26.01 74.53
C LYS I 316 80.60 -24.48 74.62
N ASN I 317 79.64 -23.89 75.31
CA ASN I 317 79.52 -22.45 75.32
C ASN I 317 80.51 -21.82 76.29
N PRO I 318 81.41 -20.96 75.81
CA PRO I 318 82.10 -20.05 76.73
C PRO I 318 81.10 -19.04 77.26
N LEU I 319 81.54 -18.29 78.27
CA LEU I 319 80.71 -17.38 79.08
C LEU I 319 79.83 -18.18 80.01
N LYS I 320 79.85 -19.51 79.87
CA LYS I 320 79.11 -20.40 80.74
C LYS I 320 80.05 -21.50 81.23
N ASN I 321 80.94 -21.93 80.35
CA ASN I 321 81.91 -22.98 80.64
C ASN I 321 83.25 -22.33 80.94
N LEU I 322 83.74 -22.57 82.15
CA LEU I 322 84.98 -21.91 82.57
C LEU I 322 86.18 -22.39 81.76
N ARG I 323 86.36 -23.71 81.66
CA ARG I 323 87.57 -24.22 81.06
C ARG I 323 87.60 -23.97 79.56
N ILE I 324 86.44 -23.95 78.92
CA ILE I 324 86.39 -23.59 77.50
C ILE I 324 86.90 -22.17 77.32
N MET I 325 86.42 -21.24 78.13
CA MET I 325 86.85 -19.85 78.00
C MET I 325 88.34 -19.70 78.28
N LEU I 326 88.83 -20.37 79.33
CA LEU I 326 90.25 -20.27 79.64
C LEU I 326 91.11 -20.87 78.55
N LYS I 327 90.64 -21.95 77.92
CA LYS I 327 91.28 -22.44 76.72
C LYS I 327 91.33 -21.37 75.66
N LEU I 328 90.22 -20.68 75.44
CA LEU I 328 90.22 -19.59 74.47
C LEU I 328 90.93 -18.37 74.98
N ASN I 329 90.72 -17.98 76.23
CA ASN I 329 91.38 -16.82 76.79
C ASN I 329 91.89 -17.14 78.18
N PRO I 330 93.19 -17.43 78.32
CA PRO I 330 93.75 -17.62 79.66
C PRO I 330 93.60 -16.40 80.53
N TYR I 331 93.66 -15.21 79.95
CA TYR I 331 93.57 -13.98 80.73
C TYR I 331 92.20 -13.76 81.33
N ALA I 332 91.18 -14.50 80.86
CA ALA I 332 89.87 -14.37 81.48
C ALA I 332 89.90 -14.79 82.94
N LYS I 333 90.77 -15.74 83.29
CA LYS I 333 90.81 -16.24 84.66
C LYS I 333 91.21 -15.15 85.64
N THR I 334 92.22 -14.36 85.30
CA THR I 334 92.65 -13.31 86.21
C THR I 334 91.62 -12.19 86.27
N MET I 335 90.99 -11.86 85.14
CA MET I 335 89.94 -10.85 85.16
C MET I 335 88.79 -11.30 86.05
N ARG I 336 88.35 -12.56 85.88
CA ARG I 336 87.27 -13.05 86.70
C ARG I 336 87.67 -13.06 88.17
N ARG I 337 88.89 -13.50 88.47
CA ARG I 337 89.34 -13.55 89.85
C ARG I 337 89.39 -12.17 90.48
N ASN I 338 89.93 -11.18 89.75
CA ASN I 338 90.02 -9.83 90.29
C ASN I 338 88.65 -9.21 90.42
N THR I 339 87.74 -9.53 89.51
CA THR I 339 86.37 -9.06 89.64
C THR I 339 85.73 -9.62 90.90
N ILE I 340 85.95 -10.90 91.16
CA ILE I 340 85.39 -11.52 92.36
C ILE I 340 86.00 -10.88 93.61
N LEU I 341 87.31 -10.68 93.60
CA LEU I 341 87.96 -10.06 94.76
C LEU I 341 87.45 -8.65 94.98
N ARG I 342 87.31 -7.89 93.90
CA ARG I 342 86.83 -6.51 94.02
C ARG I 342 85.41 -6.49 94.55
N GLN I 343 84.53 -7.35 94.03
CA GLN I 343 83.15 -7.31 94.48
C GLN I 343 83.02 -7.80 95.90
N ALA I 344 83.79 -8.81 96.28
CA ALA I 344 83.77 -9.24 97.68
C ALA I 344 84.25 -8.13 98.59
N ARG I 345 85.32 -7.43 98.20
CA ARG I 345 85.84 -6.35 99.03
C ARG I 345 84.83 -5.22 99.13
N ASN I 346 84.19 -4.88 98.02
CA ASN I 346 83.20 -3.81 98.04
C ASN I 346 82.00 -4.19 98.89
N HIS I 347 81.56 -5.44 98.80
CA HIS I 347 80.45 -5.89 99.62
C HIS I 347 80.81 -5.83 101.10
N LYS I 348 82.02 -6.25 101.43
CA LYS I 348 82.48 -6.19 102.81
C LYS I 348 82.53 -4.75 103.32
N LEU I 349 83.08 -3.84 102.50
CA LEU I 349 83.20 -2.45 102.93
C LEU I 349 81.84 -1.82 103.11
N ARG I 350 80.91 -2.10 102.20
CA ARG I 350 79.57 -1.57 102.34
C ARG I 350 78.88 -2.13 103.59
N VAL I 351 79.06 -3.42 103.85
CA VAL I 351 78.47 -4.02 105.05
C VAL I 351 79.02 -3.34 106.29
N ASP I 352 80.34 -3.16 106.34
CA ASP I 352 80.97 -2.57 107.52
C ASP I 352 80.55 -1.12 107.70
N LYS I 353 80.48 -0.36 106.61
CA LYS I 353 80.03 1.02 106.67
C LYS I 353 78.60 1.12 107.17
N ALA I 354 77.72 0.26 106.65
CA ALA I 354 76.33 0.30 107.08
C ALA I 354 76.20 -0.10 108.55
N ALA I 355 76.98 -1.08 108.98
CA ALA I 355 76.96 -1.47 110.39
C ALA I 355 77.44 -0.34 111.27
N ALA I 356 78.49 0.36 110.83
CA ALA I 356 78.98 1.50 111.61
C ALA I 356 77.95 2.61 111.67
N ALA I 357 77.25 2.87 110.57
CA ALA I 357 76.20 3.87 110.59
C ALA I 357 75.07 3.48 111.53
N ALA I 358 74.69 2.20 111.51
CA ALA I 358 73.63 1.73 112.41
C ALA I 358 74.05 1.84 113.87
N ALA I 359 75.31 1.50 114.16
CA ALA I 359 75.81 1.63 115.52
C ALA I 359 75.88 3.09 115.97
N ALA I 360 76.25 3.98 115.04
CA ALA I 360 76.25 5.40 115.37
C ALA I 360 74.84 5.90 115.65
N LEU I 361 73.85 5.43 114.87
CA LEU I 361 72.47 5.77 115.16
C LEU I 361 72.05 5.25 116.53
N GLN I 362 72.45 4.02 116.86
CA GLN I 362 72.11 3.46 118.16
C GLN I 362 72.73 4.28 119.28
N ALA I 363 73.98 4.72 119.08
CA ALA I 363 74.66 5.53 120.09
C ALA I 363 74.00 6.89 120.25
N LYS I 364 73.59 7.51 119.15
CA LYS I 364 72.93 8.81 119.26
C LYS I 364 71.52 8.70 119.79
N SER I 365 70.89 7.53 119.69
CA SER I 365 69.58 7.32 120.30
C SER I 365 69.68 6.92 121.76
N ASP I 366 70.63 6.07 122.10
CA ASP I 366 70.77 5.51 123.44
C ASP I 366 71.99 6.08 124.14
N GLU I 367 72.25 7.38 123.96
CA GLU I 367 73.41 8.02 124.55
C GLU I 367 73.32 8.12 126.07
N LYS I 368 72.12 8.17 126.63
CA LYS I 368 71.87 8.22 128.07
C LYS I 368 72.64 9.36 128.76
N GLY J 1 52.13 55.58 20.04
CA GLY J 1 52.53 54.30 19.48
C GLY J 1 51.37 53.34 19.36
N PHE J 2 50.84 53.18 18.14
CA PHE J 2 49.70 52.33 17.90
C PHE J 2 50.06 51.01 17.24
N VAL J 3 51.34 50.75 17.03
CA VAL J 3 51.82 49.44 16.62
C VAL J 3 52.33 48.73 17.87
N LYS J 4 52.23 47.41 17.89
CA LYS J 4 52.89 46.63 18.92
C LYS J 4 54.37 46.97 18.94
N VAL J 5 54.91 47.18 20.14
CA VAL J 5 56.34 47.46 20.28
C VAL J 5 57.11 46.21 19.85
N VAL J 6 57.82 46.31 18.73
CA VAL J 6 58.57 45.17 18.23
C VAL J 6 59.66 44.80 19.21
N LYS J 7 60.50 45.77 19.58
CA LYS J 7 61.60 45.51 20.50
C LYS J 7 61.15 45.75 21.94
N ASN J 8 60.25 44.89 22.39
CA ASN J 8 59.76 44.94 23.75
C ASN J 8 60.66 44.11 24.65
N LYS J 9 60.23 43.88 25.89
CA LYS J 9 61.02 43.07 26.81
C LYS J 9 61.22 41.65 26.27
N ALA J 10 60.14 41.04 25.78
CA ALA J 10 60.23 39.66 25.31
C ALA J 10 61.14 39.54 24.10
N TYR J 11 61.18 40.58 23.26
CA TYR J 11 62.07 40.56 22.10
C TYR J 11 63.51 40.38 22.54
N PHE J 12 63.93 41.11 23.56
CA PHE J 12 65.29 40.95 24.05
C PHE J 12 65.45 39.68 24.85
N LYS J 13 64.37 39.22 25.50
CA LYS J 13 64.47 38.00 26.28
C LYS J 13 64.72 36.79 25.39
N ARG J 14 64.20 36.81 24.17
CA ARG J 14 64.37 35.70 23.26
C ARG J 14 65.41 35.98 22.18
N TYR J 15 66.02 37.15 22.17
CA TYR J 15 67.06 37.44 21.20
C TYR J 15 68.30 36.60 21.48
N GLN J 16 68.81 35.95 20.46
CA GLN J 16 70.06 35.20 20.55
C GLN J 16 71.08 35.92 19.69
N VAL J 17 72.18 36.33 20.32
CA VAL J 17 73.20 37.09 19.60
C VAL J 17 74.01 36.15 18.72
N LYS J 18 74.66 36.73 17.71
CA LYS J 18 75.55 35.99 16.86
C LYS J 18 76.93 35.92 17.51
N PHE J 19 77.89 35.34 16.81
CA PHE J 19 79.26 35.42 17.28
C PHE J 19 79.76 36.86 17.21
N ARG J 20 80.71 37.19 18.09
CA ARG J 20 81.13 38.57 18.23
C ARG J 20 81.69 39.13 16.93
N ARG J 21 82.61 38.41 16.30
CA ARG J 21 83.18 38.93 15.06
C ARG J 21 82.20 38.83 13.90
N ARG J 22 81.15 38.04 14.05
CA ARG J 22 80.09 38.09 13.04
C ARG J 22 79.25 39.34 13.21
N ARG J 23 78.90 39.69 14.44
CA ARG J 23 78.19 40.94 14.69
C ARG J 23 79.03 42.13 14.24
N GLU J 24 80.32 42.07 14.49
CA GLU J 24 81.23 43.09 14.01
C GLU J 24 81.39 43.07 12.51
N GLY J 25 80.90 42.04 11.84
CA GLY J 25 80.97 41.96 10.39
C GLY J 25 82.38 41.84 9.85
N LYS J 26 83.20 41.00 10.48
CA LYS J 26 84.61 40.86 10.11
C LYS J 26 84.98 39.46 9.68
N THR J 27 84.54 38.45 10.39
CA THR J 27 84.91 37.07 10.13
C THR J 27 83.74 36.31 9.55
N ASP J 28 83.97 35.66 8.42
CA ASP J 28 82.95 34.86 7.75
C ASP J 28 83.12 33.42 8.21
N TYR J 29 82.26 32.98 9.13
CA TYR J 29 82.44 31.67 9.74
C TYR J 29 82.16 30.53 8.77
N TYR J 30 81.26 30.74 7.81
CA TYR J 30 80.96 29.68 6.86
C TYR J 30 82.20 29.30 6.06
N ALA J 31 82.93 30.29 5.57
CA ALA J 31 84.17 30.00 4.88
C ALA J 31 85.26 29.62 5.86
N ARG J 32 85.22 30.15 7.07
CA ARG J 32 86.26 29.87 8.04
C ARG J 32 86.28 28.39 8.41
N LYS J 33 85.11 27.78 8.56
CA LYS J 33 85.05 26.37 8.88
C LYS J 33 85.65 25.53 7.75
N ARG J 34 85.30 25.85 6.51
CA ARG J 34 85.90 25.14 5.38
C ARG J 34 87.39 25.45 5.26
N LEU J 35 87.85 26.54 5.85
CA LEU J 35 89.24 26.94 5.67
C LEU J 35 90.18 26.34 6.70
N VAL J 36 89.87 26.47 7.98
CA VAL J 36 90.86 26.21 9.03
C VAL J 36 90.75 24.83 9.63
N ILE J 37 89.66 24.11 9.41
CA ILE J 37 89.41 22.87 10.13
C ILE J 37 90.21 21.74 9.49
N GLN J 38 91.18 21.22 10.23
CA GLN J 38 91.98 20.09 9.81
C GLN J 38 91.14 18.81 9.82
N ASP J 39 91.39 17.96 8.83
CA ASP J 39 90.79 16.63 8.83
C ASP J 39 91.25 15.87 10.06
N LYS J 40 90.33 15.14 10.67
CA LYS J 40 90.61 14.55 11.97
C LYS J 40 91.67 13.46 11.88
N ASN J 41 91.78 12.79 10.73
CA ASN J 41 92.80 11.76 10.58
C ASN J 41 94.20 12.34 10.47
N LYS J 42 94.32 13.66 10.35
CA LYS J 42 95.62 14.31 10.34
C LYS J 42 96.07 14.70 11.74
N TYR J 43 95.20 14.57 12.74
CA TYR J 43 95.53 14.74 14.15
C TYR J 43 96.04 16.17 14.37
N ASN J 44 97.23 16.36 14.91
CA ASN J 44 97.70 17.68 15.30
C ASN J 44 98.53 18.36 14.22
N THR J 45 98.49 17.87 13.01
CA THR J 45 99.20 18.54 11.93
C THR J 45 98.49 19.84 11.59
N PRO J 46 99.18 20.97 11.68
CA PRO J 46 98.51 22.26 11.44
C PRO J 46 98.08 22.40 9.99
N LYS J 47 97.02 23.16 9.80
CA LYS J 47 96.58 23.58 8.48
C LYS J 47 96.91 25.06 8.36
N TYR J 48 97.82 25.39 7.46
CA TYR J 48 98.28 26.76 7.30
C TYR J 48 97.44 27.47 6.25
N ARG J 49 97.03 28.69 6.57
CA ARG J 49 96.30 29.54 5.65
C ARG J 49 97.03 30.87 5.54
N MET J 50 96.93 31.50 4.37
CA MET J 50 97.59 32.78 4.14
C MET J 50 96.52 33.87 4.17
N ILE J 51 96.50 34.62 5.25
CA ILE J 51 95.46 35.62 5.46
C ILE J 51 95.90 36.93 4.83
N VAL J 52 95.03 37.50 4.00
CA VAL J 52 95.28 38.77 3.33
C VAL J 52 94.10 39.70 3.61
N ARG J 53 94.40 40.92 4.03
CA ARG J 53 93.38 41.92 4.31
C ARG J 53 93.83 43.25 3.72
N VAL J 54 93.01 43.82 2.83
CA VAL J 54 93.28 45.12 2.24
C VAL J 54 92.62 46.18 3.10
N THR J 55 93.38 47.19 3.49
CA THR J 55 92.89 48.22 4.41
C THR J 55 92.96 49.58 3.71
N ASN J 56 92.28 50.57 4.30
CA ASN J 56 92.11 51.88 3.66
C ASN J 56 93.44 52.54 3.34
N ARG J 57 94.50 52.22 4.09
CA ARG J 57 95.79 52.84 3.89
C ARG J 57 96.95 51.84 3.99
N ASP J 58 96.65 50.54 4.04
CA ASP J 58 97.68 49.57 4.36
C ASP J 58 97.24 48.20 3.84
N ILE J 59 98.20 47.28 3.81
CA ILE J 59 97.96 45.88 3.44
C ILE J 59 98.53 45.00 4.54
N ILE J 60 97.73 44.05 5.01
CA ILE J 60 98.15 43.10 6.04
C ILE J 60 98.17 41.71 5.44
N CYS J 61 99.31 41.04 5.57
CA CYS J 61 99.47 39.67 5.09
C CYS J 61 100.01 38.82 6.22
N GLN J 62 99.32 37.73 6.52
CA GLN J 62 99.69 36.85 7.62
C GLN J 62 99.46 35.40 7.22
N ILE J 63 100.21 34.51 7.86
CA ILE J 63 100.02 33.07 7.72
C ILE J 63 99.87 32.50 9.13
N ALA J 64 98.80 31.74 9.34
CA ALA J 64 98.50 31.23 10.66
C ALA J 64 97.83 29.86 10.56
N TYR J 65 97.91 29.11 11.65
CA TYR J 65 97.21 27.84 11.78
C TYR J 65 96.41 27.89 13.07
N ALA J 66 95.19 27.39 13.02
CA ALA J 66 94.24 27.61 14.10
C ALA J 66 94.48 26.68 15.27
N ARG J 67 94.24 27.19 16.48
CA ARG J 67 94.22 26.39 17.69
C ARG J 67 93.01 26.79 18.52
N ILE J 68 92.69 25.95 19.50
CA ILE J 68 91.49 26.15 20.31
C ILE J 68 91.56 27.49 21.04
N GLU J 69 92.71 27.77 21.65
CA GLU J 69 92.93 29.03 22.33
C GLU J 69 92.94 30.22 21.39
N GLY J 70 93.00 29.97 20.09
CA GLY J 70 92.98 31.05 19.12
C GLY J 70 93.92 30.78 17.97
N ASP J 71 93.87 31.62 16.95
CA ASP J 71 94.72 31.43 15.79
C ASP J 71 96.17 31.74 16.17
N MET J 72 97.08 30.88 15.71
CA MET J 72 98.51 31.04 15.96
C MET J 72 99.20 31.55 14.70
N ILE J 73 99.62 32.81 14.73
CA ILE J 73 100.27 33.45 13.59
C ILE J 73 101.74 33.09 13.62
N VAL J 74 102.24 32.57 12.50
CA VAL J 74 103.66 32.27 12.38
C VAL J 74 104.43 33.37 11.66
N CYS J 75 103.78 34.18 10.83
CA CYS J 75 104.50 35.21 10.10
C CYS J 75 103.54 36.30 9.68
N ALA J 76 104.07 37.51 9.60
CA ALA J 76 103.28 38.66 9.19
C ALA J 76 104.14 39.58 8.34
N ALA J 77 103.53 40.14 7.30
CA ALA J 77 104.14 41.19 6.51
C ALA J 77 103.13 42.30 6.32
N TYR J 78 103.62 43.53 6.25
CA TYR J 78 102.77 44.69 6.12
C TYR J 78 103.29 45.56 4.99
N ALA J 79 102.37 46.26 4.34
CA ALA J 79 102.78 47.22 3.33
C ALA J 79 103.29 48.52 3.93
N HIS J 80 102.98 48.81 5.19
CA HIS J 80 103.41 50.07 5.76
C HIS J 80 104.88 50.06 6.13
N GLU J 81 105.51 48.89 6.20
CA GLU J 81 106.95 48.83 6.35
C GLU J 81 107.67 48.68 5.02
N LEU J 82 106.95 48.67 3.91
CA LEU J 82 107.60 48.79 2.61
C LEU J 82 108.45 50.04 2.46
N PRO J 83 108.05 51.23 2.95
CA PRO J 83 108.94 52.39 2.85
C PRO J 83 110.32 52.19 3.46
N LYS J 84 110.52 51.12 4.22
CA LYS J 84 111.87 50.81 4.72
C LYS J 84 112.86 50.65 3.57
N TYR J 85 112.40 50.13 2.44
CA TYR J 85 113.29 49.94 1.29
C TYR J 85 112.48 49.83 0.02
N GLY J 86 112.96 50.47 -1.04
CA GLY J 86 112.26 50.45 -2.30
C GLY J 86 111.09 51.40 -2.35
N VAL J 87 109.88 50.86 -2.53
CA VAL J 87 108.69 51.69 -2.63
C VAL J 87 108.34 52.27 -1.26
N LYS J 88 107.94 53.53 -1.26
CA LYS J 88 107.48 54.22 -0.06
C LYS J 88 106.13 54.90 -0.24
N VAL J 89 105.78 55.32 -1.44
CA VAL J 89 104.56 56.07 -1.72
C VAL J 89 103.71 55.21 -2.63
N GLY J 90 102.42 55.53 -2.67
CA GLY J 90 101.51 54.75 -3.49
C GLY J 90 101.37 53.32 -3.02
N LEU J 91 101.19 53.14 -1.72
CA LEU J 91 101.02 51.81 -1.15
C LEU J 91 99.60 51.36 -1.42
N THR J 92 99.19 50.28 -0.77
CA THR J 92 97.83 49.69 -0.81
C THR J 92 97.28 49.55 -2.24
N ASN J 93 98.16 49.46 -3.23
CA ASN J 93 97.77 49.18 -4.60
C ASN J 93 98.22 47.78 -4.97
N TYR J 94 97.99 47.40 -6.22
CA TYR J 94 98.28 46.04 -6.66
C TYR J 94 99.76 45.70 -6.50
N ALA J 95 100.63 46.61 -6.93
CA ALA J 95 102.07 46.36 -6.82
C ALA J 95 102.48 46.24 -5.36
N ALA J 96 101.86 47.04 -4.48
CA ALA J 96 102.12 46.90 -3.05
C ALA J 96 101.72 45.53 -2.55
N ALA J 97 100.59 45.01 -3.03
CA ALA J 97 100.16 43.68 -2.62
C ALA J 97 101.17 42.63 -3.06
N TYR J 98 101.66 42.73 -4.30
CA TYR J 98 102.67 41.79 -4.75
C TYR J 98 103.92 41.87 -3.90
N CYS J 99 104.36 43.09 -3.60
CA CYS J 99 105.59 43.28 -2.84
C CYS J 99 105.43 42.68 -1.45
N THR J 100 104.30 42.95 -0.79
CA THR J 100 104.15 42.44 0.57
C THR J 100 103.95 40.93 0.57
N GLY J 101 103.31 40.37 -0.46
CA GLY J 101 103.19 38.91 -0.52
C GLY J 101 104.54 38.24 -0.70
N LEU J 102 105.36 38.77 -1.60
CA LEU J 102 106.70 38.21 -1.77
C LEU J 102 107.52 38.37 -0.51
N LEU J 103 107.40 39.53 0.15
CA LEU J 103 108.12 39.74 1.40
C LEU J 103 107.69 38.72 2.45
N LEU J 104 106.39 38.47 2.56
CA LEU J 104 105.89 37.51 3.54
C LEU J 104 106.46 36.14 3.25
N ALA J 105 106.44 35.73 1.98
CA ALA J 105 106.95 34.41 1.62
C ALA J 105 108.43 34.30 1.98
N ARG J 106 109.22 35.30 1.59
CA ARG J 106 110.66 35.24 1.84
C ARG J 106 110.96 35.25 3.33
N ARG J 107 110.24 36.07 4.11
CA ARG J 107 110.48 36.11 5.54
C ARG J 107 110.16 34.79 6.21
N LEU J 108 109.02 34.19 5.86
CA LEU J 108 108.66 32.91 6.45
C LEU J 108 109.67 31.84 6.07
N LEU J 109 110.06 31.81 4.80
CA LEU J 109 110.99 30.79 4.34
C LEU J 109 112.35 30.95 5.02
N ASN J 110 112.76 32.19 5.27
CA ASN J 110 114.01 32.42 5.97
C ASN J 110 113.89 32.03 7.44
N ARG J 111 112.71 32.22 8.04
CA ARG J 111 112.51 31.76 9.40
C ARG J 111 112.65 30.25 9.48
N PHE J 112 112.06 29.53 8.53
CA PHE J 112 112.23 28.09 8.52
C PHE J 112 113.60 27.66 8.02
N GLY J 113 114.40 28.59 7.50
CA GLY J 113 115.69 28.20 6.98
C GLY J 113 115.66 27.46 5.67
N MET J 114 114.69 27.79 4.80
CA MET J 114 114.61 27.21 3.46
C MET J 114 114.61 28.38 2.48
N ASP J 115 115.80 28.78 2.05
CA ASP J 115 115.93 29.89 1.12
C ASP J 115 116.70 29.52 -0.14
N LYS J 116 117.87 28.90 0.01
CA LYS J 116 118.58 28.38 -1.16
C LYS J 116 117.72 27.39 -1.92
N ILE J 117 117.09 26.50 -1.21
CA ILE J 117 116.02 25.70 -1.77
C ILE J 117 114.76 26.54 -1.81
N TYR J 118 113.94 26.33 -2.84
CA TYR J 118 112.69 27.06 -3.03
C TYR J 118 112.93 28.56 -3.09
N GLU J 119 113.79 28.97 -4.02
CA GLU J 119 113.96 30.39 -4.29
C GLU J 119 112.80 30.97 -5.08
N GLY J 120 111.93 30.13 -5.61
CA GLY J 120 110.80 30.61 -6.37
C GLY J 120 111.23 31.15 -7.72
N GLN J 121 110.30 31.86 -8.34
CA GLN J 121 110.54 32.49 -9.64
C GLN J 121 111.06 33.90 -9.37
N VAL J 122 112.39 34.04 -9.38
CA VAL J 122 113.00 35.34 -9.14
C VAL J 122 112.66 36.30 -10.27
N GLU J 123 112.84 35.85 -11.51
CA GLU J 123 112.56 36.71 -12.66
C GLU J 123 111.04 36.87 -12.79
N VAL J 124 110.56 38.08 -12.59
CA VAL J 124 109.12 38.31 -12.51
C VAL J 124 108.55 38.35 -13.92
N THR J 125 107.60 37.47 -14.18
CA THR J 125 106.73 37.59 -15.33
C THR J 125 105.32 37.22 -14.88
N GLY J 126 104.33 37.77 -15.58
CA GLY J 126 102.96 37.59 -15.16
C GLY J 126 102.43 36.18 -15.26
N ASP J 127 103.17 35.30 -15.92
CA ASP J 127 102.69 33.94 -16.15
C ASP J 127 102.65 33.14 -14.85
N GLU J 128 101.92 32.04 -14.89
CA GLU J 128 101.73 31.22 -13.70
C GLU J 128 103.01 30.48 -13.35
N TYR J 129 103.18 30.25 -12.04
CA TYR J 129 104.33 29.57 -11.49
C TYR J 129 103.89 28.78 -10.27
N ASN J 130 104.20 27.48 -10.24
CA ASN J 130 103.85 26.63 -9.12
C ASN J 130 105.11 25.96 -8.61
N VAL J 131 105.51 26.32 -7.40
CA VAL J 131 106.70 25.74 -6.80
C VAL J 131 106.49 24.25 -6.60
N GLU J 132 107.56 23.48 -6.74
CA GLU J 132 107.52 22.04 -6.60
C GLU J 132 108.50 21.61 -5.53
N SER J 133 108.05 20.71 -4.65
CA SER J 133 108.92 20.22 -3.60
C SER J 133 110.10 19.47 -4.19
N ILE J 134 111.25 19.64 -3.56
CA ILE J 134 112.48 18.99 -3.99
C ILE J 134 112.68 17.74 -3.16
N ASP J 135 112.77 16.59 -3.81
CA ASP J 135 113.11 15.37 -3.10
C ASP J 135 114.51 15.46 -2.54
N GLY J 136 114.76 14.74 -1.45
CA GLY J 136 116.02 14.88 -0.77
C GLY J 136 116.16 16.18 -0.02
N GLN J 137 115.10 16.96 0.08
CA GLN J 137 115.08 18.22 0.80
C GLN J 137 113.73 18.32 1.48
N PRO J 138 113.62 19.12 2.55
CA PRO J 138 112.32 19.25 3.22
C PRO J 138 111.26 19.78 2.27
N GLY J 139 110.03 19.30 2.45
CA GLY J 139 108.97 19.60 1.53
C GLY J 139 108.62 21.07 1.50
N ALA J 140 108.05 21.49 0.38
CA ALA J 140 107.67 22.88 0.21
C ALA J 140 106.53 23.24 1.15
N PHE J 141 106.59 24.45 1.69
CA PHE J 141 105.52 24.93 2.54
C PHE J 141 104.25 25.11 1.72
N THR J 142 103.11 24.80 2.33
CA THR J 142 101.82 24.90 1.67
C THR J 142 100.86 25.68 2.55
N CYS J 143 100.13 26.61 1.95
CA CYS J 143 99.09 27.37 2.63
C CYS J 143 98.02 27.75 1.62
N TYR J 144 96.87 28.17 2.11
CA TYR J 144 95.75 28.56 1.28
C TYR J 144 95.39 30.01 1.51
N LEU J 145 94.69 30.59 0.55
CA LEU J 145 94.34 32.00 0.61
C LEU J 145 93.08 32.23 1.44
N ASP J 146 93.13 33.22 2.31
CA ASP J 146 91.97 33.65 3.10
C ASP J 146 91.48 34.97 2.56
N ALA J 147 90.64 34.92 1.53
CA ALA J 147 90.07 36.12 0.95
C ALA J 147 89.12 36.82 1.90
N GLY J 148 88.55 36.10 2.87
CA GLY J 148 87.62 36.72 3.80
C GLY J 148 86.39 37.24 3.07
N LEU J 149 85.85 38.34 3.58
CA LEU J 149 84.63 38.91 3.04
C LEU J 149 84.86 39.63 1.73
N ALA J 150 86.11 39.76 1.30
CA ALA J 150 86.40 40.49 0.08
C ALA J 150 85.80 39.79 -1.13
N ARG J 151 85.17 40.57 -2.00
CA ARG J 151 84.59 40.04 -3.22
C ARG J 151 85.70 39.57 -4.13
N THR J 152 85.63 38.31 -4.57
CA THR J 152 86.72 37.71 -5.33
C THR J 152 86.40 37.73 -6.82
N THR J 153 86.46 38.94 -7.37
CA THR J 153 86.41 39.07 -8.82
C THR J 153 87.81 38.92 -9.39
N THR J 154 87.90 38.96 -10.72
CA THR J 154 89.19 38.83 -11.37
C THR J 154 89.99 40.10 -11.21
N GLY J 155 91.23 39.98 -10.76
CA GLY J 155 92.10 41.12 -10.60
C GLY J 155 92.12 41.76 -9.23
N ASN J 156 91.58 41.11 -8.21
CA ASN J 156 91.63 41.64 -6.86
C ASN J 156 93.07 41.69 -6.37
N LYS J 157 93.35 42.67 -5.50
CA LYS J 157 94.70 42.80 -4.96
C LYS J 157 95.13 41.57 -4.18
N VAL J 158 94.19 40.84 -3.60
CA VAL J 158 94.53 39.64 -2.85
C VAL J 158 95.20 38.62 -3.76
N PHE J 159 94.74 38.53 -5.01
CA PHE J 159 95.35 37.57 -5.91
C PHE J 159 96.73 38.03 -6.35
N GLY J 160 96.96 39.34 -6.40
CA GLY J 160 98.31 39.82 -6.62
C GLY J 160 99.23 39.48 -5.47
N ALA J 161 98.72 39.59 -4.25
CA ALA J 161 99.51 39.17 -3.09
C ALA J 161 99.80 37.68 -3.16
N LEU J 162 98.82 36.90 -3.62
CA LEU J 162 99.03 35.46 -3.81
C LEU J 162 100.10 35.21 -4.86
N LYS J 163 100.08 36.00 -5.94
CA LYS J 163 101.09 35.85 -6.98
C LYS J 163 102.47 36.14 -6.43
N GLY J 164 102.59 37.17 -5.61
CA GLY J 164 103.87 37.44 -4.97
C GLY J 164 104.32 36.32 -4.06
N ALA J 165 103.39 35.80 -3.25
CA ALA J 165 103.74 34.75 -2.31
C ALA J 165 104.18 33.48 -3.02
N VAL J 166 103.49 33.11 -4.09
CA VAL J 166 103.89 31.91 -4.82
C VAL J 166 105.17 32.19 -5.60
N ASP J 167 105.41 33.45 -6.00
CA ASP J 167 106.68 33.77 -6.63
C ASP J 167 107.82 33.66 -5.63
N GLY J 168 107.53 33.85 -4.35
CA GLY J 168 108.51 33.54 -3.33
C GLY J 168 108.80 32.06 -3.20
N GLY J 169 107.87 31.20 -3.61
CA GLY J 169 108.08 29.78 -3.56
C GLY J 169 107.12 29.07 -2.63
N LEU J 170 105.93 29.64 -2.45
CA LEU J 170 104.95 29.08 -1.53
C LEU J 170 103.85 28.35 -2.30
N SER J 171 103.64 27.09 -1.96
CA SER J 171 102.70 26.25 -2.69
C SER J 171 101.29 26.62 -2.27
N ILE J 172 100.67 27.51 -3.01
CA ILE J 172 99.27 27.88 -2.82
C ILE J 172 98.49 27.42 -4.04
N PRO J 173 97.60 26.43 -3.91
CA PRO J 173 96.81 26.01 -5.06
C PRO J 173 95.94 27.15 -5.56
N HIS J 174 95.94 27.34 -6.87
CA HIS J 174 95.29 28.49 -7.47
C HIS J 174 95.18 28.25 -8.97
N SER J 175 94.55 29.20 -9.65
CA SER J 175 94.48 29.20 -11.10
C SER J 175 94.80 30.61 -11.59
N THR J 176 94.72 30.80 -12.90
CA THR J 176 94.99 32.08 -13.50
C THR J 176 93.73 32.89 -13.77
N LYS J 177 92.57 32.36 -13.42
CA LYS J 177 91.32 33.00 -13.79
C LYS J 177 91.13 34.36 -13.13
N ARG J 178 91.54 34.50 -11.87
CA ARG J 178 91.29 35.74 -11.14
C ARG J 178 92.39 36.76 -11.33
N PHE J 179 93.47 36.41 -12.01
CA PHE J 179 94.55 37.35 -12.24
C PHE J 179 94.16 38.41 -13.26
N PRO J 180 94.72 39.61 -13.16
CA PRO J 180 94.33 40.70 -14.05
C PRO J 180 94.52 40.40 -15.53
N GLY J 181 95.55 39.65 -15.89
CA GLY J 181 95.77 39.35 -17.30
C GLY J 181 94.72 38.45 -17.92
N TYR J 182 93.87 37.83 -17.11
CA TYR J 182 92.86 36.92 -17.62
C TYR J 182 91.82 37.69 -18.43
N ASP J 183 91.39 37.09 -19.53
CA ASP J 183 90.33 37.65 -20.37
C ASP J 183 89.04 36.94 -20.04
N SER J 184 88.06 37.69 -19.55
CA SER J 184 86.79 37.09 -19.14
C SER J 184 86.02 36.53 -20.32
N GLU J 185 86.34 36.94 -21.54
CA GLU J 185 85.60 36.48 -22.71
C GLU J 185 86.31 35.33 -23.42
N SER J 186 87.58 35.49 -23.72
CA SER J 186 88.32 34.48 -24.46
C SER J 186 88.73 33.30 -23.61
N LYS J 187 88.53 33.37 -22.29
CA LYS J 187 88.98 32.34 -21.36
C LYS J 187 90.47 32.07 -21.51
N GLU J 188 91.24 33.16 -21.60
CA GLU J 188 92.68 33.09 -21.78
C GLU J 188 93.38 33.97 -20.76
N PHE J 189 94.70 33.82 -20.65
CA PHE J 189 95.50 34.60 -19.74
C PHE J 189 96.60 35.33 -20.50
N ASN J 190 96.67 36.65 -20.32
CA ASN J 190 97.65 37.45 -21.05
C ASN J 190 99.06 37.18 -20.57
N ALA J 191 99.23 37.01 -19.26
CA ALA J 191 100.53 36.73 -18.62
C ALA J 191 101.53 37.87 -18.81
N GLU J 192 101.12 38.95 -19.47
CA GLU J 192 101.99 40.11 -19.63
C GLU J 192 101.41 41.36 -18.97
N VAL J 193 100.17 41.70 -19.29
CA VAL J 193 99.54 42.83 -18.61
C VAL J 193 99.36 42.50 -17.14
N HIS J 194 99.30 41.21 -16.81
CA HIS J 194 99.39 40.79 -15.42
C HIS J 194 100.71 41.25 -14.82
N ARG J 195 101.81 41.06 -15.54
CA ARG J 195 103.09 41.55 -15.05
C ARG J 195 103.09 43.07 -14.96
N LYS J 196 102.41 43.75 -15.87
CA LYS J 196 102.32 45.20 -15.80
C LYS J 196 101.60 45.66 -14.54
N HIS J 197 100.51 44.99 -14.20
CA HIS J 197 99.85 45.27 -12.92
C HIS J 197 100.80 44.97 -11.77
N ILE J 198 101.56 43.89 -11.87
CA ILE J 198 102.57 43.58 -10.87
C ILE J 198 103.60 44.70 -10.81
N MET J 199 104.04 45.17 -11.96
CA MET J 199 104.99 46.26 -12.01
C MET J 199 104.33 47.62 -11.87
N GLY J 200 103.01 47.68 -11.75
CA GLY J 200 102.33 48.94 -11.59
C GLY J 200 102.37 49.83 -12.80
N GLN J 201 102.59 49.26 -13.99
CA GLN J 201 102.64 50.05 -15.21
C GLN J 201 101.33 50.79 -15.46
N ASN J 202 100.22 50.22 -15.01
CA ASN J 202 98.93 50.90 -15.13
C ASN J 202 98.90 52.19 -14.32
N VAL J 203 99.54 52.20 -13.16
CA VAL J 203 99.58 53.42 -12.36
C VAL J 203 100.42 54.49 -13.04
N ALA J 204 101.54 54.10 -13.62
CA ALA J 204 102.34 55.05 -14.39
C ALA J 204 101.55 55.57 -15.58
N ASP J 205 100.78 54.70 -16.23
CA ASP J 205 99.94 55.13 -17.34
C ASP J 205 98.89 56.13 -16.88
N TYR J 206 98.29 55.88 -15.72
CA TYR J 206 97.34 56.85 -15.16
C TYR J 206 98.02 58.17 -14.88
N MET J 207 99.24 58.13 -14.36
CA MET J 207 99.97 59.36 -14.07
C MET J 207 100.21 60.16 -15.35
N ARG J 208 100.77 59.51 -16.36
CA ARG J 208 101.07 60.22 -17.60
C ARG J 208 99.82 60.60 -18.37
N TYR J 209 98.71 59.92 -18.12
CA TYR J 209 97.44 60.30 -18.71
C TYR J 209 96.87 61.55 -18.04
N LEU J 210 97.00 61.63 -16.72
CA LEU J 210 96.53 62.82 -16.01
C LEU J 210 97.41 64.02 -16.33
N MET J 211 98.69 63.79 -16.59
CA MET J 211 99.59 64.90 -16.89
C MET J 211 99.18 65.61 -18.18
N GLU J 212 98.70 64.87 -19.17
CA GLU J 212 98.44 65.46 -20.48
C GLU J 212 97.09 66.18 -20.56
N GLU J 213 96.18 65.98 -19.61
CA GLU J 213 94.88 66.61 -19.70
C GLU J 213 94.68 67.69 -18.64
N ASP J 214 94.83 67.37 -17.35
CA ASP J 214 94.56 68.36 -16.30
C ASP J 214 95.68 68.27 -15.27
N GLU J 215 96.61 69.22 -15.35
CA GLU J 215 97.82 69.18 -14.53
C GLU J 215 97.49 69.28 -13.05
N ASP J 216 96.57 70.17 -12.68
CA ASP J 216 96.23 70.30 -11.27
C ASP J 216 95.40 69.11 -10.77
N ALA J 217 94.61 68.48 -11.65
CA ALA J 217 93.98 67.23 -11.25
C ALA J 217 95.02 66.14 -11.01
N TYR J 218 96.03 66.08 -11.86
CA TYR J 218 97.18 65.22 -11.62
C TYR J 218 97.80 65.51 -10.27
N LYS J 219 97.91 66.79 -9.92
CA LYS J 219 98.44 67.19 -8.63
C LYS J 219 97.54 66.70 -7.50
N LYS J 220 96.22 66.82 -7.70
CA LYS J 220 95.29 66.45 -6.65
C LYS J 220 95.30 64.95 -6.41
N GLN J 221 95.41 64.16 -7.47
CA GLN J 221 95.43 62.71 -7.29
C GLN J 221 96.75 62.25 -6.69
N PHE J 222 97.84 62.45 -7.42
CA PHE J 222 99.15 61.97 -6.99
C PHE J 222 99.89 63.05 -6.23
N SER J 223 99.29 63.51 -5.14
CA SER J 223 99.93 64.57 -4.36
C SER J 223 101.18 64.05 -3.67
N GLN J 224 101.08 62.91 -2.99
CA GLN J 224 102.23 62.37 -2.29
C GLN J 224 103.26 61.76 -3.23
N TYR J 225 102.85 61.39 -4.45
CA TYR J 225 103.81 60.94 -5.44
C TYR J 225 104.78 62.05 -5.81
N ILE J 226 104.29 63.29 -5.89
CA ILE J 226 105.17 64.43 -6.12
C ILE J 226 106.21 64.52 -5.01
N LYS J 227 105.80 64.25 -3.77
CA LYS J 227 106.76 64.17 -2.70
C LYS J 227 107.76 63.06 -2.98
N ASN J 228 109.04 63.41 -2.84
CA ASN J 228 110.19 62.57 -3.13
C ASN J 228 110.32 62.21 -4.60
N SER J 229 109.63 62.94 -5.48
CA SER J 229 109.86 62.90 -6.93
C SER J 229 109.73 61.48 -7.49
N VAL J 230 108.53 60.95 -7.42
CA VAL J 230 108.25 59.63 -7.94
C VAL J 230 107.56 59.79 -9.29
N THR J 231 108.23 59.36 -10.36
CA THR J 231 107.78 59.63 -11.71
C THR J 231 107.54 58.33 -12.46
N PRO J 232 106.66 58.34 -13.48
CA PRO J 232 106.28 57.08 -14.14
C PRO J 232 107.43 56.32 -14.77
N ASP J 233 108.47 57.01 -15.23
CA ASP J 233 109.58 56.34 -15.89
C ASP J 233 110.34 55.42 -14.95
N MET J 234 110.49 55.82 -13.69
CA MET J 234 111.30 55.10 -12.71
C MET J 234 110.49 54.20 -11.81
N MET J 235 109.17 54.11 -12.01
CA MET J 235 108.33 53.30 -11.13
C MET J 235 108.70 51.83 -11.21
N GLU J 236 108.82 51.28 -12.43
CA GLU J 236 109.08 49.86 -12.57
C GLU J 236 110.47 49.51 -12.05
N GLU J 237 111.45 50.38 -12.29
CA GLU J 237 112.77 50.18 -11.71
C GLU J 237 112.72 50.16 -10.20
N MET J 238 111.92 51.07 -9.62
CA MET J 238 111.76 51.07 -8.18
C MET J 238 111.18 49.75 -7.69
N TYR J 239 110.17 49.25 -8.39
CA TYR J 239 109.54 48.01 -7.94
C TYR J 239 110.49 46.83 -8.06
N LYS J 240 111.26 46.79 -9.15
CA LYS J 240 112.22 45.70 -9.34
C LYS J 240 113.29 45.72 -8.26
N LYS J 241 113.89 46.88 -8.01
CA LYS J 241 114.93 46.92 -7.00
C LYS J 241 114.38 46.69 -5.61
N ALA J 242 113.11 47.06 -5.37
CA ALA J 242 112.47 46.71 -4.10
C ALA J 242 112.35 45.19 -3.96
N HIS J 243 111.99 44.51 -5.05
CA HIS J 243 111.92 43.06 -5.00
C HIS J 243 113.28 42.46 -4.72
N ALA J 244 114.32 43.00 -5.35
CA ALA J 244 115.67 42.52 -5.11
C ALA J 244 116.07 42.71 -3.65
N ALA J 245 115.71 43.85 -3.07
CA ALA J 245 115.99 44.10 -1.67
C ALA J 245 115.21 43.15 -0.77
N ILE J 246 113.98 42.84 -1.17
CA ILE J 246 113.18 41.87 -0.42
C ILE J 246 113.91 40.54 -0.37
N ARG J 247 114.42 40.10 -1.52
CA ARG J 247 115.22 38.89 -1.55
C ARG J 247 116.49 39.04 -0.72
N GLU J 248 117.03 40.26 -0.64
CA GLU J 248 118.25 40.46 0.12
C GLU J 248 118.03 40.23 1.61
N ASN J 249 117.02 40.87 2.20
CA ASN J 249 116.73 40.70 3.62
C ASN J 249 115.24 40.82 3.86
N PRO J 250 114.57 39.70 4.09
CA PRO J 250 113.17 39.72 4.54
C PRO J 250 112.99 39.67 6.05
N VAL J 251 114.08 39.60 6.82
CA VAL J 251 113.98 39.44 8.26
C VAL J 251 113.47 40.74 8.88
N TYR J 252 112.45 40.62 9.73
CA TYR J 252 111.92 41.76 10.44
C TYR J 252 112.66 41.95 11.75
N GLU J 253 112.83 43.20 12.15
CA GLU J 253 113.30 43.55 13.48
C GLU J 253 112.29 44.48 14.13
N LYS J 254 112.10 44.32 15.44
CA LYS J 254 111.04 45.03 16.13
C LYS J 254 111.58 46.30 16.77
N LYS J 255 110.71 47.29 16.89
CA LYS J 255 111.07 48.61 17.39
C LYS J 255 110.85 48.70 18.89
N PRO J 256 111.88 49.04 19.67
CA PRO J 256 111.71 49.10 21.13
C PRO J 256 111.22 50.45 21.61
N LYS J 257 110.42 50.42 22.68
CA LYS J 257 109.86 51.64 23.27
C LYS J 257 109.51 51.32 24.71
N LYS J 258 110.28 51.89 25.66
CA LYS J 258 110.10 51.56 27.06
C LYS J 258 110.00 52.77 27.98
N GLU J 259 110.31 53.97 27.50
CA GLU J 259 110.28 55.18 28.31
C GLU J 259 108.91 55.84 28.31
N VAL J 260 107.86 55.03 28.47
CA VAL J 260 106.48 55.50 28.42
C VAL J 260 105.87 55.38 29.81
N LYS J 261 105.39 56.50 30.32
CA LYS J 261 104.62 56.47 31.56
C LYS J 261 103.27 55.81 31.32
N LYS J 262 102.80 55.05 32.31
CA LYS J 262 101.53 54.35 32.24
C LYS J 262 100.40 55.36 32.38
N LYS J 263 100.03 55.98 31.26
CA LYS J 263 98.99 56.99 31.23
C LYS J 263 97.67 56.37 30.80
N ARG J 264 96.64 56.53 31.63
CA ARG J 264 95.30 56.06 31.31
C ARG J 264 94.56 57.15 30.53
N TRP J 265 94.01 56.79 29.38
CA TRP J 265 93.31 57.74 28.52
C TRP J 265 91.80 57.60 28.57
N ASN J 266 91.28 56.44 28.97
CA ASN J 266 89.84 56.20 29.03
C ASN J 266 89.37 56.44 30.46
N ARG J 267 88.15 56.94 30.58
CA ARG J 267 87.59 57.12 31.92
C ARG J 267 87.38 55.77 32.57
N PRO J 268 87.74 55.62 33.84
CA PRO J 268 87.50 54.34 34.53
C PRO J 268 86.04 54.17 34.89
N LYS J 269 85.69 52.93 35.24
CA LYS J 269 84.30 52.60 35.52
C LYS J 269 83.94 53.01 36.95
N MET J 270 82.78 53.66 37.10
CA MET J 270 82.37 54.18 38.39
C MET J 270 81.99 53.05 39.35
N SER J 271 82.08 53.35 40.64
CA SER J 271 81.75 52.38 41.67
C SER J 271 80.28 52.48 42.06
N LEU J 272 79.82 51.46 42.78
CA LEU J 272 78.41 51.39 43.17
C LEU J 272 78.02 52.56 44.08
N ALA J 273 78.88 52.86 45.06
CA ALA J 273 78.60 53.97 45.95
C ALA J 273 78.56 55.29 45.19
N GLN J 274 79.39 55.41 44.16
CA GLN J 274 79.32 56.59 43.31
C GLN J 274 77.95 56.73 42.67
N LYS J 275 77.44 55.66 42.09
CA LYS J 275 76.14 55.73 41.43
C LYS J 275 75.03 56.03 42.44
N LYS J 276 75.09 55.40 43.60
CA LYS J 276 74.05 55.64 44.61
C LYS J 276 74.12 57.07 45.13
N ASP J 277 75.33 57.60 45.33
CA ASP J 277 75.48 58.98 45.74
C ASP J 277 74.92 59.90 44.67
N ARG J 278 75.18 59.61 43.40
CA ARG J 278 74.66 60.44 42.33
C ARG J 278 73.14 60.42 42.31
N VAL J 279 72.55 59.24 42.51
CA VAL J 279 71.10 59.12 42.52
C VAL J 279 70.52 59.94 43.67
N ALA J 280 71.13 59.83 44.85
CA ALA J 280 70.64 60.58 46.00
C ALA J 280 70.77 62.08 45.77
N GLN J 281 71.90 62.51 45.19
CA GLN J 281 72.09 63.92 44.89
C GLN J 281 71.04 64.42 43.93
N LYS J 282 70.76 63.65 42.88
CA LYS J 282 69.76 64.06 41.90
C LYS J 282 68.38 64.15 42.54
N LYS J 283 68.02 63.16 43.38
CA LYS J 283 66.72 63.18 44.01
C LYS J 283 66.58 64.37 44.95
N ALA J 284 67.64 64.65 45.72
CA ALA J 284 67.62 65.79 46.62
C ALA J 284 67.51 67.10 45.85
N SER J 285 68.23 67.22 44.74
CA SER J 285 68.15 68.43 43.93
C SER J 285 66.77 68.60 43.32
N PHE J 286 66.15 67.49 42.92
CA PHE J 286 64.79 67.57 42.39
C PHE J 286 63.80 68.02 43.45
N LEU J 287 63.95 67.50 44.68
CA LEU J 287 63.11 67.95 45.78
C LEU J 287 63.34 69.42 46.07
N ARG J 288 64.59 69.86 46.00
CA ARG J 288 64.89 71.28 46.16
C ARG J 288 64.18 72.11 45.11
N ALA J 289 64.21 71.63 43.86
CA ALA J 289 63.54 72.36 42.79
C ALA J 289 62.04 72.46 43.02
N GLN J 290 61.43 71.37 43.51
CA GLN J 290 60.00 71.42 43.80
C GLN J 290 59.70 72.38 44.94
N GLU J 291 60.45 72.28 46.04
CA GLU J 291 60.11 73.08 47.21
C GLU J 291 60.41 74.55 46.99
N ARG J 292 61.39 74.87 46.15
CA ARG J 292 61.59 76.26 45.74
C ARG J 292 60.52 76.67 44.75
N ALA J 293 59.97 75.70 44.02
CA ALA J 293 58.86 75.89 43.09
C ALA J 293 59.15 76.95 42.02
N LYS K 1 111.08 -38.69 99.31
CA LYS K 1 109.66 -38.41 99.50
C LYS K 1 109.43 -37.40 100.60
N GLY K 2 108.30 -36.68 100.53
CA GLY K 2 107.95 -35.72 101.54
C GLY K 2 106.52 -35.88 101.99
N LYS K 3 106.22 -35.28 103.13
CA LYS K 3 104.85 -35.27 103.61
C LYS K 3 104.00 -34.39 102.70
N PRO K 4 102.90 -34.90 102.17
CA PRO K 4 102.00 -34.04 101.38
C PRO K 4 101.46 -32.91 102.23
N HIS K 5 101.35 -31.74 101.62
CA HIS K 5 100.85 -30.56 102.31
C HIS K 5 99.54 -30.09 101.68
N CYS K 6 98.88 -29.19 102.40
CA CYS K 6 97.61 -28.62 101.97
C CYS K 6 97.80 -27.86 100.66
N SER K 7 96.68 -27.44 100.07
CA SER K 7 96.70 -26.86 98.73
C SER K 7 97.43 -25.53 98.71
N ARG K 8 97.41 -24.77 99.81
CA ARG K 8 98.08 -23.48 99.93
C ARG K 8 97.54 -22.44 98.95
N ASN K 9 96.55 -22.81 98.16
CA ASN K 9 95.79 -21.88 97.34
C ASN K 9 94.32 -22.17 97.63
N PRO K 10 93.74 -21.48 98.60
CA PRO K 10 92.35 -21.73 98.97
C PRO K 10 91.43 -21.47 97.79
N VAL K 11 90.37 -22.28 97.70
CA VAL K 11 89.40 -22.13 96.63
C VAL K 11 88.38 -21.08 97.04
N LEU K 12 88.17 -20.10 96.18
CA LEU K 12 87.08 -19.15 96.37
C LEU K 12 85.93 -19.41 95.41
N VAL K 13 86.23 -19.81 94.18
CA VAL K 13 85.25 -20.20 93.19
C VAL K 13 85.73 -21.51 92.59
N ARG K 14 84.80 -22.45 92.40
CA ARG K 14 85.16 -23.76 91.87
C ARG K 14 85.92 -23.62 90.56
N GLY K 15 87.16 -24.08 90.56
CA GLY K 15 88.02 -24.00 89.40
C GLY K 15 88.93 -22.78 89.37
N ILE K 16 88.78 -21.85 90.30
CA ILE K 16 89.63 -20.65 90.33
C ILE K 16 90.31 -20.60 91.68
N GLY K 17 91.64 -20.52 91.67
CA GLY K 17 92.38 -20.38 92.90
C GLY K 17 92.31 -18.98 93.46
N ARG K 18 92.66 -18.84 94.73
CA ARG K 18 92.64 -17.51 95.35
C ARG K 18 93.85 -16.69 94.90
N TYR K 19 94.90 -17.34 94.43
CA TYR K 19 96.15 -16.66 94.12
C TYR K 19 96.48 -16.82 92.64
N SER K 20 97.14 -15.81 92.09
CA SER K 20 97.54 -15.84 90.69
C SER K 20 98.76 -16.75 90.52
N ARG K 21 99.26 -16.81 89.28
CA ARG K 21 100.35 -17.74 88.97
C ARG K 21 101.63 -17.36 89.72
N SER K 22 102.03 -16.10 89.62
CA SER K 22 103.25 -15.67 90.30
C SER K 22 103.08 -15.72 91.81
N ALA K 23 101.86 -15.49 92.30
CA ALA K 23 101.61 -15.57 93.72
C ALA K 23 101.87 -16.97 94.25
N MET K 24 101.33 -17.99 93.57
CA MET K 24 101.57 -19.36 94.01
C MET K 24 103.01 -19.76 93.77
N TYR K 25 103.64 -19.21 92.73
CA TYR K 25 105.07 -19.45 92.53
C TYR K 25 105.87 -18.97 93.73
N SER K 26 105.58 -17.76 94.20
CA SER K 26 106.26 -17.23 95.37
C SER K 26 105.93 -18.05 96.61
N ARG K 27 104.67 -18.47 96.74
CA ARG K 27 104.25 -19.18 97.94
C ARG K 27 104.91 -20.56 98.04
N LYS K 28 105.09 -21.23 96.90
CA LYS K 28 105.69 -22.55 96.92
C LYS K 28 107.21 -22.50 97.09
N ALA K 29 107.82 -21.33 96.96
CA ALA K 29 109.27 -21.18 96.94
C ALA K 29 109.90 -22.08 95.88
N MET K 30 109.24 -22.13 94.72
CA MET K 30 109.77 -22.87 93.59
C MET K 30 111.10 -22.33 93.12
N TYR K 31 111.44 -21.09 93.48
CA TYR K 31 112.74 -20.53 93.12
C TYR K 31 113.90 -21.27 93.78
N LYS K 32 113.64 -22.08 94.81
CA LYS K 32 114.67 -22.96 95.33
C LYS K 32 114.40 -24.43 95.07
N ARG K 33 113.18 -24.81 94.71
CA ARG K 33 112.85 -26.20 94.44
C ARG K 33 112.97 -26.50 92.95
N LYS K 34 114.15 -26.27 92.41
CA LYS K 34 114.38 -26.39 90.98
C LYS K 34 115.18 -27.65 90.68
N TYR K 35 114.71 -28.42 89.71
CA TYR K 35 115.28 -29.72 89.36
C TYR K 35 115.57 -29.74 87.88
N SER K 36 116.70 -30.35 87.49
CA SER K 36 117.06 -30.51 86.09
C SER K 36 117.15 -31.98 85.68
N ALA K 37 117.96 -32.76 86.39
CA ALA K 37 118.14 -34.18 86.09
C ALA K 37 118.08 -34.94 87.41
N ALA K 38 118.30 -36.25 87.33
CA ALA K 38 118.21 -37.12 88.50
C ALA K 38 119.31 -36.83 89.51
N LYS K 49 108.27 -55.20 84.65
CA LYS K 49 108.11 -55.05 86.09
C LYS K 49 107.68 -56.38 86.71
N VAL K 50 106.37 -56.66 86.65
CA VAL K 50 105.85 -57.91 87.20
C VAL K 50 106.14 -59.05 86.24
N LEU K 51 106.65 -60.14 86.78
CA LEU K 51 107.06 -61.27 85.96
C LEU K 51 105.82 -61.99 85.44
N ALA K 52 105.66 -62.03 84.12
CA ALA K 52 104.50 -62.68 83.53
C ALA K 52 104.59 -64.20 83.63
N THR K 53 105.80 -64.74 83.51
CA THR K 53 106.03 -66.18 83.53
C THR K 53 106.65 -66.58 84.86
N VAL K 54 106.40 -67.82 85.28
CA VAL K 54 107.01 -68.37 86.48
C VAL K 54 107.75 -69.65 86.11
N THR K 55 108.97 -69.78 86.60
CA THR K 55 109.78 -70.97 86.40
C THR K 55 109.49 -71.95 87.52
N LYS K 56 108.98 -73.12 87.17
CA LYS K 56 108.56 -74.10 88.16
C LYS K 56 109.31 -75.41 87.96
N PRO K 57 109.89 -75.96 89.02
CA PRO K 57 110.41 -77.33 88.93
C PRO K 57 109.25 -78.31 88.83
N VAL K 58 109.05 -78.86 87.63
CA VAL K 58 107.89 -79.70 87.38
C VAL K 58 108.01 -81.02 88.13
N GLY K 59 109.23 -81.47 88.40
CA GLY K 59 109.43 -82.73 89.09
C GLY K 59 109.49 -83.91 88.14
N GLY K 60 109.89 -85.05 88.70
CA GLY K 60 110.05 -86.25 87.91
C GLY K 60 111.42 -86.32 87.25
N ASP K 61 111.83 -87.53 86.88
CA ASP K 61 113.11 -87.70 86.19
C ASP K 61 112.96 -87.39 84.70
N LYS K 62 114.06 -86.97 84.09
CA LYS K 62 114.20 -86.67 82.66
C LYS K 62 112.99 -85.98 82.06
N ASN K 63 112.40 -85.05 82.81
CA ASN K 63 111.39 -84.13 82.33
C ASN K 63 111.98 -82.75 82.03
N GLY K 64 113.27 -82.68 81.76
CA GLY K 64 113.97 -81.42 81.74
C GLY K 64 114.19 -80.93 83.14
N GLY K 65 114.81 -79.76 83.24
CA GLY K 65 115.07 -79.19 84.55
C GLY K 65 113.79 -78.72 85.20
N THR K 66 113.20 -77.66 84.66
CA THR K 66 112.04 -77.02 85.23
C THR K 66 111.02 -76.79 84.12
N ARG K 67 110.01 -75.99 84.42
CA ARG K 67 109.10 -75.45 83.43
C ARG K 67 108.92 -73.97 83.72
N VAL K 68 109.08 -73.14 82.69
CA VAL K 68 108.81 -71.70 82.82
C VAL K 68 107.35 -71.51 82.43
N VAL K 69 106.46 -71.73 83.40
CA VAL K 69 105.03 -71.64 83.18
C VAL K 69 104.65 -70.17 83.16
N LYS K 70 103.87 -69.77 82.18
CA LYS K 70 103.35 -68.42 82.15
C LYS K 70 101.97 -68.38 82.76
N LEU K 71 101.57 -67.20 83.20
CA LEU K 71 100.21 -66.96 83.65
C LEU K 71 99.44 -66.24 82.56
N ARG K 72 98.11 -66.22 82.69
CA ARG K 72 97.23 -65.63 81.67
C ARG K 72 97.44 -66.30 80.32
N LYS K 73 97.08 -67.58 80.27
CA LYS K 73 97.21 -68.33 79.02
C LYS K 73 96.32 -67.71 77.95
N MET K 74 96.70 -67.98 76.70
CA MET K 74 95.97 -67.43 75.56
C MET K 74 94.54 -67.95 75.56
N PRO K 75 93.59 -67.14 75.10
CA PRO K 75 92.19 -67.57 75.11
C PRO K 75 91.97 -68.79 74.22
N ARG K 76 91.11 -69.68 74.68
CA ARG K 76 90.84 -70.92 73.96
C ARG K 76 89.97 -70.70 72.74
N TYR K 77 89.34 -69.54 72.63
CA TYR K 77 88.30 -69.34 71.64
C TYR K 77 88.08 -67.86 71.37
N TYR K 78 87.84 -67.52 70.11
CA TYR K 78 87.63 -66.15 69.72
C TYR K 78 86.24 -66.03 69.12
N PRO K 79 85.40 -65.12 69.61
CA PRO K 79 84.09 -64.92 69.00
C PRO K 79 84.24 -64.38 67.59
N THR K 80 83.20 -64.64 66.77
CA THR K 80 83.27 -64.36 65.34
C THR K 80 83.51 -62.88 65.05
N GLU K 81 83.05 -61.99 65.91
CA GLU K 81 83.10 -60.57 65.62
C GLU K 81 82.96 -59.78 66.91
N ASP K 82 83.74 -58.71 67.02
CA ASP K 82 83.94 -58.01 68.28
C ASP K 82 83.45 -56.58 68.17
N VAL K 83 83.36 -55.93 69.33
CA VAL K 83 82.86 -54.56 69.44
C VAL K 83 84.05 -53.64 69.63
N PRO K 84 84.16 -52.55 68.88
CA PRO K 84 85.25 -51.61 69.11
C PRO K 84 85.14 -50.97 70.48
N ARG K 85 86.29 -50.69 71.08
CA ARG K 85 86.31 -50.05 72.37
C ARG K 85 85.81 -48.62 72.25
N LYS K 86 85.26 -48.12 73.35
CA LYS K 86 84.63 -46.80 73.36
C LYS K 86 85.69 -45.69 73.38
N LEU K 87 85.20 -44.46 73.40
CA LEU K 87 86.05 -43.30 73.58
C LEU K 87 86.21 -42.99 75.07
N LEU K 88 86.76 -41.81 75.35
CA LEU K 88 87.01 -41.37 76.72
C LEU K 88 86.25 -40.09 76.99
N SER K 89 85.78 -39.92 78.23
CA SER K 89 84.88 -38.82 78.55
C SER K 89 85.38 -37.91 79.67
N HIS K 90 86.53 -38.21 80.28
CA HIS K 90 87.18 -37.41 81.32
C HIS K 90 86.21 -36.97 82.42
N GLY K 91 85.26 -37.83 82.77
CA GLY K 91 84.32 -37.49 83.82
C GLY K 91 83.40 -38.65 84.12
N LYS K 92 82.12 -38.35 84.34
CA LYS K 92 81.07 -39.35 84.52
C LYS K 92 81.44 -40.37 85.59
N LYS K 93 81.61 -39.86 86.81
CA LYS K 93 82.08 -40.68 87.92
C LYS K 93 81.03 -41.73 88.29
N PRO K 94 81.45 -42.88 88.78
CA PRO K 94 80.49 -43.87 89.27
C PRO K 94 79.76 -43.37 90.49
N PHE K 95 78.57 -43.94 90.70
CA PHE K 95 77.68 -43.44 91.74
C PHE K 95 78.34 -43.49 93.11
N SER K 96 79.26 -44.43 93.31
CA SER K 96 80.05 -44.45 94.53
C SER K 96 80.86 -43.18 94.71
N GLN K 97 81.26 -42.55 93.62
CA GLN K 97 82.10 -41.36 93.69
C GLN K 97 81.32 -40.06 93.54
N HIS K 98 80.01 -40.12 93.38
CA HIS K 98 79.23 -38.90 93.20
C HIS K 98 79.25 -38.04 94.46
N VAL K 99 79.16 -36.74 94.25
CA VAL K 99 78.96 -35.79 95.34
C VAL K 99 77.51 -35.83 95.77
N ARG K 100 77.27 -35.72 97.07
CA ARG K 100 75.94 -35.82 97.63
C ARG K 100 75.45 -34.45 98.05
N LYS K 101 74.25 -34.08 97.60
CA LYS K 101 73.65 -32.80 97.87
C LYS K 101 72.40 -32.99 98.73
N LEU K 102 72.13 -32.02 99.58
CA LEU K 102 70.96 -32.05 100.45
C LEU K 102 70.27 -30.70 100.42
N ARG K 103 68.95 -30.71 100.40
CA ARG K 103 68.18 -29.49 100.51
C ARG K 103 68.46 -28.82 101.84
N ALA K 104 68.69 -27.51 101.80
CA ALA K 104 69.05 -26.78 103.02
C ALA K 104 67.91 -26.78 104.03
N SER K 105 66.68 -27.03 103.59
CA SER K 105 65.52 -27.07 104.47
C SER K 105 65.54 -28.28 105.38
N ILE K 106 66.44 -29.23 105.15
CA ILE K 106 66.50 -30.46 105.93
C ILE K 106 67.77 -30.39 106.77
N THR K 107 67.62 -30.44 108.09
CA THR K 107 68.70 -30.56 109.04
C THR K 107 68.42 -31.74 109.97
N PRO K 108 69.46 -32.32 110.57
CA PRO K 108 69.23 -33.43 111.51
C PRO K 108 68.29 -33.03 112.64
N GLY K 109 67.20 -33.77 112.76
CA GLY K 109 66.15 -33.45 113.70
C GLY K 109 64.93 -32.81 113.10
N THR K 110 64.82 -32.75 111.78
CA THR K 110 63.67 -32.14 111.15
C THR K 110 62.58 -33.17 110.92
N ILE K 111 61.33 -32.80 111.18
CA ILE K 111 60.19 -33.66 110.93
C ILE K 111 59.94 -33.69 109.43
N LEU K 112 59.81 -34.88 108.87
CA LEU K 112 59.51 -35.04 107.45
C LEU K 112 58.17 -35.72 107.26
N ILE K 113 57.73 -35.73 106.01
CA ILE K 113 56.51 -36.41 105.60
C ILE K 113 56.86 -37.35 104.46
N ILE K 114 56.70 -38.64 104.70
CA ILE K 114 56.91 -39.65 103.66
C ILE K 114 55.85 -39.46 102.60
N LEU K 115 56.20 -39.71 101.34
CA LEU K 115 55.24 -39.61 100.26
C LEU K 115 55.00 -40.92 99.53
N THR K 116 55.70 -42.00 99.90
CA THR K 116 55.60 -43.27 99.19
C THR K 116 55.59 -44.42 100.18
N GLY K 117 55.57 -45.64 99.63
CA GLY K 117 55.70 -46.84 100.43
C GLY K 117 54.48 -47.13 101.26
N ARG K 118 54.56 -48.24 102.00
CA ARG K 118 53.49 -48.57 102.93
C ARG K 118 53.37 -47.54 104.05
N HIS K 119 54.43 -46.78 104.30
CA HIS K 119 54.44 -45.74 105.32
C HIS K 119 54.06 -44.39 104.74
N ARG K 120 53.20 -44.40 103.73
CA ARG K 120 52.88 -43.21 102.96
C ARG K 120 52.12 -42.20 103.81
N GLY K 121 52.57 -40.94 103.74
CA GLY K 121 51.89 -39.85 104.40
C GLY K 121 52.18 -39.69 105.88
N LYS K 122 53.00 -40.56 106.45
CA LYS K 122 53.31 -40.48 107.86
C LYS K 122 54.30 -39.35 108.13
N ARG K 123 54.50 -39.04 109.40
CA ARG K 123 55.51 -38.08 109.82
C ARG K 123 56.58 -38.79 110.62
N VAL K 124 57.84 -38.58 110.26
CA VAL K 124 58.97 -39.19 110.92
C VAL K 124 59.99 -38.11 111.26
N VAL K 125 61.09 -38.53 111.87
CA VAL K 125 62.14 -37.63 112.34
C VAL K 125 63.43 -37.96 111.60
N PHE K 126 64.02 -36.94 110.99
CA PHE K 126 65.27 -37.12 110.25
C PHE K 126 66.46 -37.14 111.18
N LEU K 127 67.40 -38.04 110.89
CA LEU K 127 68.58 -38.23 111.72
C LEU K 127 69.86 -37.80 111.03
N LYS K 128 70.18 -38.37 109.87
CA LYS K 128 71.45 -38.07 109.23
C LYS K 128 71.38 -38.49 107.78
N GLN K 129 72.27 -37.91 106.98
CA GLN K 129 72.42 -38.32 105.59
C GLN K 129 73.52 -39.36 105.48
N LEU K 130 73.22 -40.45 104.78
CA LEU K 130 74.15 -41.56 104.66
C LEU K 130 75.16 -41.26 103.55
N ALA K 131 76.01 -42.24 103.27
CA ALA K 131 77.03 -42.04 102.23
C ALA K 131 76.40 -41.95 100.85
N SER K 132 75.31 -42.67 100.62
CA SER K 132 74.65 -42.68 99.33
C SER K 132 73.74 -41.48 99.12
N GLY K 133 73.67 -40.57 100.09
CA GLY K 133 72.74 -39.47 100.04
C GLY K 133 71.35 -39.80 100.52
N LEU K 134 71.08 -41.08 100.79
CA LEU K 134 69.80 -41.48 101.34
C LEU K 134 69.68 -41.01 102.79
N LEU K 135 68.46 -40.69 103.19
CA LEU K 135 68.22 -40.30 104.57
C LEU K 135 67.81 -41.50 105.41
N LEU K 136 68.48 -41.67 106.54
CA LEU K 136 68.08 -42.64 107.54
C LEU K 136 67.24 -41.92 108.58
N VAL K 137 65.98 -42.33 108.71
CA VAL K 137 65.03 -41.63 109.56
C VAL K 137 64.33 -42.64 110.44
N THR K 138 63.70 -42.13 111.51
CA THR K 138 62.78 -42.93 112.32
C THR K 138 61.84 -42.00 113.06
N GLY K 139 60.54 -42.20 112.84
CA GLY K 139 59.57 -41.92 113.85
C GLY K 139 59.62 -43.12 114.76
N PRO K 140 59.48 -42.92 116.06
CA PRO K 140 59.54 -44.05 117.00
C PRO K 140 58.52 -45.12 116.65
N LEU K 141 58.96 -46.37 116.67
CA LEU K 141 58.10 -47.47 116.25
C LEU K 141 56.86 -47.57 117.12
N VAL K 142 56.99 -47.22 118.40
CA VAL K 142 55.82 -47.19 119.27
C VAL K 142 54.91 -46.00 118.92
N LEU K 143 55.40 -45.07 118.11
CA LEU K 143 54.59 -43.91 117.73
C LEU K 143 53.92 -44.09 116.37
N ASN K 144 54.67 -44.53 115.35
CA ASN K 144 54.07 -44.66 114.03
C ASN K 144 54.53 -45.92 113.30
N ARG K 145 55.04 -46.92 114.03
CA ARG K 145 55.47 -48.18 113.44
C ARG K 145 56.51 -47.99 112.35
N VAL K 146 57.31 -46.93 112.48
CA VAL K 146 58.37 -46.64 111.52
C VAL K 146 59.69 -47.12 112.12
N PRO K 147 60.30 -48.15 111.57
CA PRO K 147 61.60 -48.60 112.06
C PRO K 147 62.70 -47.68 111.53
N LEU K 148 63.92 -47.93 111.98
CA LEU K 148 65.08 -47.26 111.43
C LEU K 148 65.21 -47.66 109.96
N ARG K 149 64.98 -46.73 109.05
CA ARG K 149 64.83 -47.09 107.66
C ARG K 149 65.34 -45.96 106.77
N ARG K 150 65.85 -46.33 105.60
CA ARG K 150 66.40 -45.38 104.64
C ARG K 150 65.30 -44.75 103.81
N THR K 151 65.63 -43.61 103.21
CA THR K 151 64.71 -42.98 102.27
C THR K 151 65.48 -42.01 101.39
N HIS K 152 64.84 -41.64 100.28
CA HIS K 152 65.38 -40.65 99.36
C HIS K 152 64.79 -39.28 99.70
N GLN K 153 65.64 -38.25 99.67
CA GLN K 153 65.18 -36.91 100.04
C GLN K 153 64.20 -36.35 99.03
N LYS K 154 64.06 -36.99 97.87
CA LYS K 154 63.19 -36.43 96.84
C LYS K 154 61.73 -36.66 97.16
N PHE K 155 61.42 -37.72 97.91
CA PHE K 155 60.03 -38.10 98.19
C PHE K 155 59.60 -37.74 99.61
N VAL K 156 60.18 -36.69 100.19
CA VAL K 156 59.84 -36.26 101.53
C VAL K 156 59.64 -34.75 101.53
N ILE K 157 58.97 -34.27 102.57
CA ILE K 157 58.70 -32.84 102.75
C ILE K 157 59.31 -32.40 104.08
N ALA K 158 60.15 -31.38 104.02
CA ALA K 158 60.78 -30.84 105.22
C ALA K 158 59.84 -29.82 105.85
N THR K 159 59.28 -30.16 107.00
CA THR K 159 58.48 -29.20 107.74
C THR K 159 59.39 -28.20 108.45
N SER K 160 58.80 -27.12 108.95
CA SER K 160 59.56 -26.17 109.75
C SER K 160 59.87 -26.69 111.13
N THR K 161 59.02 -27.54 111.69
CA THR K 161 59.20 -27.99 113.06
C THR K 161 60.35 -28.99 113.15
N LYS K 162 61.21 -28.79 114.16
CA LYS K 162 62.37 -29.64 114.39
C LYS K 162 62.56 -29.83 115.88
N ILE K 163 63.38 -30.81 116.23
CA ILE K 163 63.86 -30.97 117.60
C ILE K 163 65.36 -31.16 117.53
N ASP K 164 66.06 -30.61 118.53
CA ASP K 164 67.51 -30.71 118.57
C ASP K 164 67.90 -32.15 118.91
N ILE K 165 68.44 -32.84 117.92
CA ILE K 165 68.89 -34.21 118.08
C ILE K 165 70.40 -34.25 118.20
N SER K 166 71.00 -33.14 118.62
CA SER K 166 72.43 -33.13 118.87
C SER K 166 72.79 -34.06 120.01
N ASN K 167 74.10 -34.25 120.18
CA ASN K 167 74.73 -35.08 121.22
C ASN K 167 74.06 -36.44 121.42
N VAL K 168 73.52 -37.02 120.35
CA VAL K 168 73.03 -38.38 120.38
C VAL K 168 74.10 -39.29 119.81
N LYS K 169 74.11 -40.54 120.28
CA LYS K 169 75.12 -41.53 119.85
C LYS K 169 74.48 -42.39 118.77
N ILE K 170 74.49 -41.89 117.54
CA ILE K 170 74.06 -42.72 116.41
C ILE K 170 75.04 -43.87 116.25
N PRO K 171 74.56 -45.11 116.20
CA PRO K 171 75.48 -46.24 116.05
C PRO K 171 76.26 -46.16 114.75
N LYS K 172 77.56 -46.47 114.86
CA LYS K 172 78.46 -46.29 113.74
C LYS K 172 78.20 -47.31 112.65
N HIS K 173 77.85 -48.53 113.04
CA HIS K 173 77.59 -49.59 112.07
C HIS K 173 76.32 -49.35 111.27
N LEU K 174 75.48 -48.41 111.69
CA LEU K 174 74.26 -48.11 110.97
C LEU K 174 74.57 -47.32 109.71
N THR K 175 74.90 -48.02 108.63
CA THR K 175 75.28 -47.38 107.39
C THR K 175 74.47 -47.96 106.24
N ASP K 176 74.87 -47.59 105.02
CA ASP K 176 74.12 -48.00 103.84
C ASP K 176 74.13 -49.51 103.67
N ALA K 177 75.29 -50.13 103.87
CA ALA K 177 75.37 -51.58 103.73
C ALA K 177 74.61 -52.29 104.84
N TYR K 178 74.39 -51.62 105.97
CA TYR K 178 73.58 -52.21 107.03
C TYR K 178 72.14 -52.40 106.58
N PHE K 179 71.63 -51.45 105.80
CA PHE K 179 70.22 -51.41 105.45
C PHE K 179 69.93 -51.92 104.06
N LYS K 180 70.92 -52.46 103.36
CA LYS K 180 70.69 -53.05 102.05
C LYS K 180 69.81 -54.28 102.16
N LYS K 181 68.91 -54.44 101.21
CA LYS K 181 68.01 -55.58 101.21
C LYS K 181 68.79 -56.87 101.03
N LYS K 182 68.21 -57.97 101.50
CA LYS K 182 68.87 -59.26 101.46
C LYS K 182 68.05 -60.26 100.67
N LYS K 183 68.73 -60.98 99.79
CA LYS K 183 68.09 -61.89 98.85
C LYS K 183 68.62 -63.29 99.06
N LEU K 184 67.74 -64.27 98.86
CA LEU K 184 68.07 -65.69 99.07
C LEU K 184 68.17 -66.47 97.76
N ARG K 185 67.21 -66.29 96.86
CA ARG K 185 67.23 -66.95 95.56
C ARG K 185 68.33 -66.35 94.69
N LYS K 186 68.88 -67.18 93.78
CA LYS K 186 68.57 -68.58 93.52
C LYS K 186 69.80 -69.42 93.22
N PRO K 187 70.48 -69.90 94.25
CA PRO K 187 71.55 -70.88 94.05
C PRO K 187 70.97 -72.29 94.01
N ARG K 188 71.81 -73.23 93.57
CA ARG K 188 71.51 -74.69 93.53
C ARG K 188 70.11 -75.00 92.98
N HIS K 189 69.59 -74.15 92.10
CA HIS K 189 68.26 -74.35 91.55
C HIS K 189 68.16 -73.51 90.27
N GLN K 190 67.86 -74.18 89.16
CA GLN K 190 67.78 -73.52 87.85
C GLN K 190 66.36 -73.42 87.34
N GLU K 191 65.64 -74.54 87.23
CA GLU K 191 64.28 -74.56 86.73
C GLU K 191 63.32 -74.53 87.91
N GLY K 192 62.33 -73.65 87.85
CA GLY K 192 61.42 -73.51 88.97
C GLY K 192 60.26 -74.47 88.92
N GLU K 193 60.41 -75.63 89.55
CA GLU K 193 59.34 -76.60 89.74
C GLU K 193 58.81 -76.63 91.16
N ILE K 194 59.69 -76.80 92.14
CA ILE K 194 59.33 -76.69 93.55
C ILE K 194 59.27 -75.20 93.87
N PHE K 195 58.15 -74.77 94.47
CA PHE K 195 58.01 -73.38 94.86
C PHE K 195 59.14 -72.97 95.79
N ASP K 196 59.76 -71.83 95.48
CA ASP K 196 60.78 -71.23 96.34
C ASP K 196 60.22 -70.10 97.20
N THR K 197 58.99 -70.23 97.67
CA THR K 197 58.35 -69.18 98.45
C THR K 197 58.88 -69.09 99.87
N GLU K 198 59.82 -69.94 100.28
CA GLU K 198 60.42 -69.79 101.59
C GLU K 198 61.24 -68.51 101.66
N LYS K 199 61.48 -68.05 102.89
CA LYS K 199 62.23 -66.84 103.25
C LYS K 199 61.46 -65.58 102.85
N GLU K 200 60.34 -65.71 102.14
CA GLU K 200 59.57 -64.55 101.71
C GLU K 200 59.11 -63.72 102.89
N LYS K 201 58.90 -64.32 104.04
CA LYS K 201 58.66 -63.59 105.28
C LYS K 201 59.98 -62.99 105.73
N TYR K 202 60.10 -61.67 105.63
CA TYR K 202 61.24 -60.97 106.18
C TYR K 202 61.24 -61.09 107.69
N GLU K 203 62.44 -61.17 108.27
CA GLU K 203 62.57 -61.29 109.71
C GLU K 203 63.37 -60.11 110.26
N ILE K 204 62.86 -59.50 111.32
CA ILE K 204 63.56 -58.40 111.97
C ILE K 204 64.70 -58.98 112.80
N THR K 205 65.92 -58.62 112.44
CA THR K 205 67.09 -59.06 113.18
C THR K 205 67.07 -58.49 114.58
N GLU K 206 67.57 -59.27 115.53
CA GLU K 206 67.75 -58.77 116.89
C GLU K 206 68.66 -57.56 116.90
N GLN K 207 69.62 -57.50 115.99
CA GLN K 207 70.47 -56.33 115.89
C GLN K 207 69.64 -55.08 115.56
N ARG K 208 68.70 -55.21 114.63
CA ARG K 208 67.83 -54.09 114.30
C ARG K 208 66.96 -53.69 115.48
N LYS K 209 66.43 -54.67 116.21
CA LYS K 209 65.61 -54.35 117.37
C LYS K 209 66.42 -53.61 118.42
N ILE K 210 67.64 -54.06 118.68
CA ILE K 210 68.49 -53.39 119.65
C ILE K 210 68.81 -51.97 119.20
N ASP K 211 69.11 -51.81 117.91
CA ASP K 211 69.43 -50.48 117.39
C ASP K 211 68.25 -49.54 117.52
N GLN K 212 67.05 -50.01 117.15
CA GLN K 212 65.86 -49.20 117.28
C GLN K 212 65.61 -48.83 118.74
N LYS K 213 65.78 -49.79 119.64
CA LYS K 213 65.59 -49.52 121.06
C LYS K 213 66.56 -48.47 121.55
N ALA K 214 67.84 -48.62 121.21
CA ALA K 214 68.85 -47.68 121.69
C ALA K 214 68.61 -46.29 121.16
N VAL K 215 68.24 -46.17 119.88
CA VAL K 215 67.97 -44.85 119.32
C VAL K 215 66.75 -44.23 119.99
N ASP K 216 65.67 -45.00 120.06
CA ASP K 216 64.42 -44.45 120.57
C ASP K 216 64.55 -44.05 122.04
N SER K 217 65.40 -44.74 122.78
CA SER K 217 65.61 -44.46 124.19
C SER K 217 66.07 -43.02 124.44
N GLN K 218 66.88 -42.47 123.56
CA GLN K 218 67.32 -41.10 123.70
C GLN K 218 66.57 -40.14 122.77
N ILE K 219 65.81 -40.65 121.81
CA ILE K 219 64.98 -39.77 120.98
C ILE K 219 63.69 -39.37 121.68
N LEU K 220 62.91 -40.35 122.17
CA LEU K 220 61.60 -40.07 122.72
C LEU K 220 61.57 -39.07 123.87
N PRO K 221 62.51 -39.07 124.82
CA PRO K 221 62.46 -38.03 125.86
C PRO K 221 62.50 -36.62 125.31
N LYS K 222 63.25 -36.40 124.25
CA LYS K 222 63.31 -35.07 123.64
C LYS K 222 62.02 -34.74 122.92
N ILE K 223 61.30 -35.75 122.44
CA ILE K 223 59.99 -35.53 121.86
C ILE K 223 59.03 -35.00 122.91
N LYS K 224 59.03 -35.63 124.09
CA LYS K 224 58.20 -35.17 125.19
C LYS K 224 58.57 -33.78 125.68
N ALA K 225 59.77 -33.30 125.32
CA ALA K 225 60.20 -31.98 125.77
C ALA K 225 59.31 -30.87 125.25
N ILE K 226 58.59 -31.09 124.15
CA ILE K 226 57.64 -30.09 123.68
C ILE K 226 56.24 -30.69 123.74
N PRO K 227 55.21 -29.88 123.95
CA PRO K 227 53.86 -30.43 124.12
C PRO K 227 53.32 -31.06 122.86
N GLN K 228 52.57 -32.14 123.04
CA GLN K 228 51.73 -32.81 122.04
C GLN K 228 52.40 -32.97 120.68
N LEU K 229 53.73 -33.08 120.66
CA LEU K 229 54.39 -33.43 119.40
C LEU K 229 54.19 -34.90 119.06
N GLN K 230 54.10 -35.75 120.08
CA GLN K 230 53.89 -37.17 119.84
C GLN K 230 52.53 -37.42 119.19
N GLY K 231 51.50 -36.69 119.61
CA GLY K 231 50.23 -36.79 118.93
C GLY K 231 50.32 -36.31 117.49
N TYR K 232 51.12 -35.27 117.25
CA TYR K 232 51.36 -34.80 115.89
C TYR K 232 52.01 -35.88 115.06
N LEU K 233 52.98 -36.59 115.60
CA LEU K 233 53.65 -37.65 114.86
C LEU K 233 52.71 -38.82 114.61
N ARG K 234 51.87 -39.16 115.58
CA ARG K 234 50.89 -40.21 115.34
C ARG K 234 49.90 -39.83 114.24
N SER K 235 49.47 -38.58 114.21
CA SER K 235 48.56 -38.14 113.16
C SER K 235 49.27 -38.13 111.81
N VAL K 236 48.60 -38.69 110.82
CA VAL K 236 49.16 -38.81 109.48
C VAL K 236 48.68 -37.62 108.65
N PHE K 237 49.53 -37.22 107.72
CA PHE K 237 49.24 -36.08 106.87
C PHE K 237 48.15 -36.45 105.88
N ALA K 238 47.41 -35.43 105.41
CA ALA K 238 46.38 -35.64 104.42
C ALA K 238 46.13 -34.35 103.66
N LEU K 239 45.46 -34.48 102.52
CA LEU K 239 45.02 -33.34 101.72
C LEU K 239 43.50 -33.23 101.81
N THR K 240 43.02 -32.43 102.73
CA THR K 240 41.62 -32.08 102.82
C THR K 240 41.20 -31.29 101.58
N ASN K 241 39.91 -31.38 101.24
CA ASN K 241 39.41 -30.69 100.05
C ASN K 241 39.62 -29.19 100.10
N GLY K 242 39.69 -28.61 101.29
CA GLY K 242 39.79 -27.17 101.39
C GLY K 242 41.20 -26.62 101.32
N ILE K 243 42.20 -27.49 101.31
CA ILE K 243 43.58 -27.05 101.37
C ILE K 243 44.25 -27.29 100.03
N TYR K 244 45.28 -26.50 99.75
CA TYR K 244 46.10 -26.65 98.57
C TYR K 244 47.56 -26.58 98.98
N PRO K 245 48.42 -27.46 98.45
CA PRO K 245 49.81 -27.48 98.89
C PRO K 245 50.56 -26.19 98.64
N HIS K 246 50.27 -25.50 97.54
CA HIS K 246 51.04 -24.31 97.19
C HIS K 246 50.71 -23.10 98.06
N LYS K 247 49.64 -23.17 98.85
CA LYS K 247 49.36 -22.12 99.81
C LYS K 247 49.72 -22.53 101.24
N LEU K 248 50.04 -23.80 101.46
CA LEU K 248 50.36 -24.30 102.80
C LEU K 248 51.77 -23.92 103.19
N VAL K 249 51.95 -23.58 104.45
CA VAL K 249 53.27 -23.28 105.00
C VAL K 249 53.80 -24.54 105.66
N PHE K 250 54.98 -24.97 105.23
CA PHE K 250 55.56 -26.19 105.76
C PHE K 250 56.75 -25.86 106.63
N ASN L 1 120.85 -47.17 67.61
CA ASN L 1 120.31 -45.90 67.16
C ASN L 1 119.06 -45.51 67.93
N PHE L 2 118.58 -46.43 68.77
CA PHE L 2 117.33 -46.23 69.48
C PHE L 2 117.40 -45.03 70.43
N ALA L 3 118.50 -44.93 71.18
CA ALA L 3 118.64 -43.85 72.15
C ALA L 3 118.64 -42.48 71.46
N GLU L 4 119.34 -42.39 70.33
CA GLU L 4 119.41 -41.12 69.61
C GLU L 4 118.03 -40.69 69.11
N LEU L 5 117.27 -41.60 68.52
CA LEU L 5 115.94 -41.22 68.03
C LEU L 5 114.99 -40.91 69.18
N LYS L 6 115.10 -41.63 70.30
CA LYS L 6 114.29 -41.29 71.45
C LYS L 6 114.59 -39.88 71.93
N ILE L 7 115.87 -39.52 72.02
CA ILE L 7 116.23 -38.19 72.45
C ILE L 7 115.76 -37.15 71.44
N LYS L 8 115.81 -37.48 70.15
CA LYS L 8 115.32 -36.57 69.13
C LYS L 8 113.84 -36.29 69.31
N ARG L 9 113.04 -37.34 69.48
CA ARG L 9 111.60 -37.12 69.65
C ARG L 9 111.33 -36.37 70.94
N LEU L 10 112.08 -36.68 72.00
CA LEU L 10 111.90 -35.96 73.26
C LEU L 10 112.19 -34.48 73.09
N ARG L 11 113.29 -34.15 72.41
CA ARG L 11 113.66 -32.75 72.23
C ARG L 11 112.64 -32.03 71.37
N LYS L 12 112.15 -32.68 70.32
CA LYS L 12 111.16 -32.04 69.46
C LYS L 12 109.86 -31.80 70.22
N LYS L 13 109.42 -32.77 71.00
CA LYS L 13 108.20 -32.63 71.79
C LYS L 13 108.35 -31.52 72.83
N PHE L 14 109.52 -31.46 73.46
CA PHE L 14 109.78 -30.42 74.45
C PHE L 14 109.83 -29.04 73.82
N ALA L 15 110.42 -28.95 72.63
CA ALA L 15 110.44 -27.67 71.91
C ALA L 15 109.03 -27.24 71.55
N GLN L 16 108.19 -28.18 71.12
CA GLN L 16 106.81 -27.85 70.82
C GLN L 16 106.09 -27.35 72.07
N LYS L 17 106.34 -28.00 73.21
CA LYS L 17 105.71 -27.56 74.44
C LYS L 17 106.16 -26.15 74.82
N MET L 18 107.46 -25.87 74.65
CA MET L 18 107.95 -24.53 74.93
C MET L 18 107.30 -23.50 74.01
N LEU L 19 107.16 -23.83 72.73
CA LEU L 19 106.54 -22.91 71.80
C LEU L 19 105.09 -22.64 72.18
N ARG L 20 104.35 -23.69 72.55
CA ARG L 20 102.97 -23.49 72.97
C ARG L 20 102.89 -22.65 74.23
N LYS L 21 103.80 -22.88 75.18
CA LYS L 21 103.81 -22.05 76.38
C LYS L 21 104.05 -20.59 76.04
N ALA L 22 105.01 -20.32 75.16
CA ALA L 22 105.30 -18.94 74.78
C ALA L 22 104.10 -18.29 74.10
N ARG L 23 103.44 -19.02 73.21
CA ARG L 23 102.29 -18.44 72.51
C ARG L 23 101.12 -18.23 73.46
N ARG L 24 100.92 -19.12 74.43
CA ARG L 24 99.86 -18.90 75.39
C ARG L 24 100.14 -17.68 76.26
N LYS L 25 101.40 -17.51 76.68
CA LYS L 25 101.74 -16.31 77.42
C LYS L 25 101.54 -15.06 76.57
N LEU L 26 101.86 -15.17 75.29
CA LEU L 26 101.63 -14.04 74.38
C LEU L 26 100.15 -13.70 74.31
N ILE L 27 99.29 -14.70 74.20
CA ILE L 27 97.86 -14.47 74.16
C ILE L 27 97.40 -13.79 75.44
N TYR L 28 97.87 -14.29 76.58
CA TYR L 28 97.51 -13.73 77.86
C TYR L 28 97.88 -12.26 77.95
N GLU L 29 99.11 -11.92 77.56
CA GLU L 29 99.56 -10.55 77.70
C GLU L 29 98.89 -9.64 76.67
N LYS L 30 98.61 -10.14 75.48
CA LYS L 30 97.86 -9.35 74.52
C LYS L 30 96.47 -9.03 75.03
N ALA L 31 95.83 -10.02 75.68
CA ALA L 31 94.50 -9.77 76.23
C ALA L 31 94.55 -8.74 77.33
N LYS L 32 95.59 -8.78 78.17
CA LYS L 32 95.75 -7.75 79.18
C LYS L 32 95.91 -6.38 78.55
N HIS L 33 96.72 -6.30 77.50
CA HIS L 33 96.90 -5.03 76.78
C HIS L 33 95.58 -4.52 76.23
N TYR L 34 94.78 -5.41 75.65
CA TYR L 34 93.49 -5.01 75.11
C TYR L 34 92.56 -4.52 76.20
N HIS L 35 92.57 -5.18 77.35
CA HIS L 35 91.75 -4.73 78.47
C HIS L 35 92.12 -3.32 78.88
N LYS L 36 93.43 -3.05 78.97
CA LYS L 36 93.87 -1.71 79.33
C LYS L 36 93.43 -0.69 78.28
N GLU L 37 93.54 -1.05 77.00
CA GLU L 37 93.14 -0.12 75.95
C GLU L 37 91.64 0.18 76.02
N TYR L 38 90.83 -0.85 76.25
CA TYR L 38 89.39 -0.66 76.32
C TYR L 38 89.02 0.26 77.47
N ARG L 39 89.55 -0.02 78.67
CA ARG L 39 89.22 0.82 79.80
C ARG L 39 89.72 2.24 79.60
N GLN L 40 90.86 2.40 78.94
CA GLN L 40 91.37 3.74 78.66
C GLN L 40 90.41 4.52 77.77
N MET L 41 89.96 3.91 76.68
CA MET L 41 89.05 4.62 75.79
C MET L 41 87.73 4.94 76.49
N TYR L 42 87.22 3.99 77.27
CA TYR L 42 85.93 4.18 77.92
C TYR L 42 86.00 5.31 78.94
N ARG L 43 87.10 5.40 79.69
CA ARG L 43 87.28 6.54 80.57
C ARG L 43 87.54 7.82 79.79
N THR L 44 88.20 7.71 78.64
CA THR L 44 88.61 8.89 77.88
C THR L 44 87.41 9.65 77.36
N GLU L 45 86.42 8.93 76.83
CA GLU L 45 85.24 9.63 76.31
C GLU L 45 84.49 10.36 77.41
N ILE L 46 84.34 9.72 78.56
CA ILE L 46 83.66 10.35 79.69
C ILE L 46 84.44 11.57 80.15
N ARG L 47 85.76 11.47 80.17
CA ARG L 47 86.59 12.60 80.57
C ARG L 47 86.46 13.76 79.59
N MET L 48 86.38 13.45 78.30
CA MET L 48 86.12 14.50 77.30
C MET L 48 84.79 15.20 77.57
N ALA L 49 83.74 14.41 77.78
CA ALA L 49 82.44 15.02 78.03
C ALA L 49 82.46 15.88 79.28
N ARG L 50 83.12 15.39 80.34
CA ARG L 50 83.17 16.14 81.58
C ARG L 50 83.92 17.45 81.42
N MET L 51 85.05 17.44 80.71
CA MET L 51 85.76 18.71 80.56
C MET L 51 84.99 19.68 79.67
N ALA L 52 84.24 19.16 78.69
CA ALA L 52 83.43 20.06 77.88
C ALA L 52 82.32 20.69 78.71
N ARG L 53 81.64 19.90 79.52
CA ARG L 53 80.60 20.47 80.38
C ARG L 53 81.19 21.46 81.37
N LYS L 54 82.38 21.14 81.89
CA LYS L 54 83.05 22.05 82.82
C LYS L 54 83.37 23.38 82.15
N ALA L 55 83.82 23.34 80.91
CA ALA L 55 84.07 24.56 80.17
C ALA L 55 82.81 25.18 79.58
N GLY L 56 81.67 24.48 79.66
CA GLY L 56 80.42 25.02 79.18
C GLY L 56 80.12 24.79 77.70
N ASN L 57 81.03 24.15 76.97
CA ASN L 57 80.79 23.82 75.58
C ASN L 57 80.37 22.36 75.46
N PHE L 58 80.05 21.94 74.25
CA PHE L 58 79.49 20.62 74.01
C PHE L 58 80.53 19.74 73.35
N TYR L 59 80.74 18.56 73.90
CA TYR L 59 81.62 17.55 73.29
C TYR L 59 80.77 16.56 72.52
N VAL L 60 80.85 16.64 71.20
CA VAL L 60 80.23 15.64 70.33
C VAL L 60 81.20 14.48 70.17
N PRO L 61 80.86 13.29 70.64
CA PRO L 61 81.75 12.15 70.42
C PRO L 61 81.80 11.79 68.95
N ALA L 62 82.83 11.03 68.59
CA ALA L 62 83.02 10.64 67.21
C ALA L 62 81.83 9.81 66.72
N GLU L 63 81.49 9.98 65.45
CA GLU L 63 80.44 9.18 64.86
C GLU L 63 80.86 7.71 64.91
N PRO L 64 79.95 6.81 65.29
CA PRO L 64 80.31 5.40 65.35
C PRO L 64 80.67 4.88 63.97
N LYS L 65 81.65 4.00 63.93
CA LYS L 65 82.11 3.46 62.67
C LYS L 65 81.92 1.96 62.55
N LEU L 66 81.27 1.33 63.53
CA LEU L 66 80.92 -0.08 63.47
C LEU L 66 79.43 -0.25 63.70
N ALA L 67 78.79 -1.01 62.82
CA ALA L 67 77.35 -1.24 62.92
C ALA L 67 77.04 -2.72 62.75
N PHE L 68 76.19 -3.22 63.64
CA PHE L 68 75.68 -4.57 63.55
C PHE L 68 74.30 -4.55 62.90
N VAL L 69 74.11 -5.44 61.94
CA VAL L 69 72.90 -5.48 61.12
C VAL L 69 72.24 -6.83 61.28
N ILE L 70 70.94 -6.84 61.51
CA ILE L 70 70.14 -8.06 61.58
C ILE L 70 68.99 -7.92 60.61
N ARG L 71 68.88 -8.86 59.67
CA ARG L 71 67.73 -8.88 58.78
C ARG L 71 66.50 -9.30 59.58
N ILE L 72 65.41 -8.58 59.40
CA ILE L 72 64.20 -8.83 60.18
C ILE L 72 63.05 -9.38 59.37
N ARG L 73 63.07 -9.23 58.04
CA ARG L 73 61.97 -9.71 57.23
C ARG L 73 62.35 -11.03 56.57
N GLY L 74 61.35 -11.65 55.94
CA GLY L 74 61.55 -12.92 55.26
C GLY L 74 62.11 -12.74 53.87
N ILE L 75 62.05 -13.82 53.11
CA ILE L 75 62.60 -13.85 51.75
C ILE L 75 61.51 -14.02 50.70
N ASN L 76 60.26 -13.79 51.05
CA ASN L 76 59.17 -13.82 50.07
C ASN L 76 58.94 -12.40 49.56
N GLY L 77 58.83 -12.26 48.25
CA GLY L 77 58.45 -10.99 47.66
C GLY L 77 59.42 -9.87 47.97
N VAL L 78 60.66 -9.99 47.51
CA VAL L 78 61.70 -9.00 47.78
C VAL L 78 62.14 -8.38 46.46
N SER L 79 62.29 -7.06 46.46
CA SER L 79 62.69 -6.35 45.26
C SER L 79 64.13 -6.68 44.88
N PRO L 80 64.47 -6.62 43.60
CA PRO L 80 65.82 -7.04 43.17
C PRO L 80 66.94 -6.22 43.78
N LYS L 81 66.76 -4.89 43.90
CA LYS L 81 67.80 -4.08 44.52
C LYS L 81 68.00 -4.48 45.97
N VAL L 82 66.92 -4.63 46.72
CA VAL L 82 67.02 -5.00 48.12
C VAL L 82 67.64 -6.38 48.27
N ARG L 83 67.21 -7.33 47.44
CA ARG L 83 67.77 -8.66 47.51
C ARG L 83 69.27 -8.65 47.23
N LYS L 84 69.69 -7.93 46.18
CA LYS L 84 71.10 -7.88 45.84
C LYS L 84 71.92 -7.26 46.96
N VAL L 85 71.46 -6.16 47.52
CA VAL L 85 72.21 -5.50 48.59
C VAL L 85 72.29 -6.40 49.81
N LEU L 86 71.20 -7.06 50.16
CA LEU L 86 71.22 -7.96 51.31
C LEU L 86 72.19 -9.10 51.08
N GLN L 87 72.25 -9.60 49.84
CA GLN L 87 73.24 -10.61 49.52
C GLN L 87 74.65 -10.07 49.70
N LEU L 88 74.87 -8.81 49.33
CA LEU L 88 76.20 -8.23 49.50
C LEU L 88 76.55 -8.08 50.97
N LEU L 89 75.55 -7.97 51.83
CA LEU L 89 75.79 -7.91 53.25
C LEU L 89 75.74 -9.29 53.90
N ARG L 90 75.73 -10.34 53.09
CA ARG L 90 75.68 -11.73 53.57
C ARG L 90 74.46 -11.99 54.45
N LEU L 91 73.33 -11.35 54.12
CA LEU L 91 72.08 -11.55 54.85
C LEU L 91 71.12 -12.29 53.93
N ARG L 92 71.20 -13.62 53.96
CA ARG L 92 70.37 -14.45 53.12
C ARG L 92 69.36 -15.26 53.92
N GLN L 93 69.28 -15.05 55.23
CA GLN L 93 68.26 -15.68 56.05
C GLN L 93 67.79 -14.67 57.07
N ILE L 94 66.54 -14.83 57.51
CA ILE L 94 66.00 -13.92 58.52
C ILE L 94 66.79 -14.10 59.81
N PHE L 95 66.97 -13.00 60.53
CA PHE L 95 67.74 -12.98 61.77
C PHE L 95 69.16 -13.47 61.55
N ASN L 96 69.75 -13.07 60.43
CA ASN L 96 71.17 -13.23 60.18
C ASN L 96 71.89 -11.96 60.57
N GLY L 97 72.99 -12.11 61.30
CA GLY L 97 73.73 -10.97 61.79
C GLY L 97 75.08 -10.86 61.11
N THR L 98 75.54 -9.63 60.94
CA THR L 98 76.84 -9.37 60.34
C THR L 98 77.30 -7.97 60.76
N PHE L 99 78.57 -7.86 61.11
CA PHE L 99 79.14 -6.56 61.40
C PHE L 99 79.47 -5.86 60.09
N VAL L 100 79.22 -4.55 60.05
CA VAL L 100 79.49 -3.74 58.86
C VAL L 100 80.31 -2.53 59.25
N LYS L 101 81.43 -2.32 58.57
CA LYS L 101 82.22 -1.11 58.73
C LYS L 101 81.45 0.06 58.14
N LEU L 102 81.43 1.18 58.85
CA LEU L 102 80.58 2.29 58.46
C LEU L 102 81.36 3.32 57.64
N ASN L 103 80.78 3.72 56.51
CA ASN L 103 81.26 4.84 55.73
C ASN L 103 80.08 5.40 54.96
N LYS L 104 80.35 6.28 53.99
CA LYS L 104 79.27 6.79 53.17
C LYS L 104 78.61 5.68 52.36
N ALA L 105 79.43 4.81 51.76
CA ALA L 105 78.88 3.77 50.90
C ALA L 105 78.02 2.79 51.69
N SER L 106 78.55 2.29 52.82
CA SER L 106 77.80 1.33 53.61
C SER L 106 76.55 1.95 54.20
N ILE L 107 76.62 3.22 54.61
CA ILE L 107 75.43 3.88 55.12
C ILE L 107 74.36 3.98 54.05
N ASN L 108 74.74 4.34 52.82
CA ASN L 108 73.77 4.39 51.74
C ASN L 108 73.19 3.01 51.48
N MET L 109 74.03 1.97 51.53
CA MET L 109 73.54 0.61 51.33
C MET L 109 72.54 0.22 52.40
N LEU L 110 72.82 0.57 53.65
CA LEU L 110 71.88 0.26 54.73
C LEU L 110 70.58 1.02 54.54
N ARG L 111 70.66 2.27 54.11
CA ARG L 111 69.45 3.03 53.81
C ARG L 111 68.63 2.36 52.72
N ILE L 112 69.31 1.70 51.76
CA ILE L 112 68.60 1.03 50.70
C ILE L 112 67.73 -0.10 51.24
N VAL L 113 68.28 -0.88 52.16
CA VAL L 113 67.58 -2.04 52.70
C VAL L 113 66.96 -1.74 54.07
N GLU L 114 66.74 -0.46 54.38
CA GLU L 114 66.17 -0.09 55.67
C GLU L 114 64.88 -0.81 56.03
N PRO L 115 63.89 -0.96 55.14
CA PRO L 115 62.66 -1.66 55.57
C PRO L 115 62.86 -3.12 55.94
N TYR L 116 63.95 -3.74 55.53
CA TYR L 116 64.17 -5.16 55.79
C TYR L 116 65.10 -5.46 56.95
N ILE L 117 65.69 -4.44 57.56
CA ILE L 117 66.75 -4.67 58.55
C ILE L 117 66.49 -3.83 59.79
N ALA L 118 67.17 -4.21 60.87
CA ALA L 118 67.22 -3.44 62.09
C ALA L 118 68.67 -3.41 62.55
N TRP L 119 69.28 -2.23 62.56
CA TRP L 119 70.71 -2.14 62.77
C TRP L 119 71.05 -1.01 63.73
N GLY L 120 72.18 -1.15 64.39
CA GLY L 120 72.64 -0.13 65.31
C GLY L 120 74.10 -0.30 65.63
N TYR L 121 74.52 0.38 66.69
CA TYR L 121 75.93 0.40 67.08
C TYR L 121 76.14 -0.53 68.26
N PRO L 122 76.79 -1.66 68.07
CA PRO L 122 77.03 -2.57 69.20
C PRO L 122 78.02 -1.97 70.17
N ASN L 123 77.92 -2.39 71.42
CA ASN L 123 78.93 -2.05 72.41
C ASN L 123 79.90 -3.22 72.55
N LEU L 124 80.88 -3.04 73.43
CA LEU L 124 81.89 -4.09 73.60
C LEU L 124 81.26 -5.38 74.10
N LYS L 125 80.32 -5.28 75.03
CA LYS L 125 79.69 -6.47 75.57
C LYS L 125 78.94 -7.24 74.50
N SER L 126 78.21 -6.55 73.64
CA SER L 126 77.46 -7.24 72.59
C SER L 126 78.40 -8.00 71.67
N VAL L 127 79.53 -7.39 71.32
CA VAL L 127 80.51 -8.07 70.50
C VAL L 127 81.05 -9.29 71.22
N ASN L 128 81.36 -9.15 72.52
CA ASN L 128 81.87 -10.29 73.27
C ASN L 128 80.88 -11.45 73.25
N GLU L 129 79.62 -11.16 73.57
CA GLU L 129 78.61 -12.22 73.61
C GLU L 129 78.44 -12.87 72.24
N LEU L 130 78.35 -12.06 71.19
CA LEU L 130 78.13 -12.61 69.86
C LEU L 130 79.28 -13.50 69.43
N ILE L 131 80.51 -13.01 69.56
CA ILE L 131 81.65 -13.80 69.11
C ILE L 131 81.79 -15.06 69.94
N TYR L 132 81.57 -14.96 71.26
CA TYR L 132 81.82 -16.12 72.09
C TYR L 132 80.73 -17.17 71.96
N LYS L 133 79.49 -16.76 71.69
CA LYS L 133 78.44 -17.77 71.68
C LYS L 133 78.14 -18.27 70.28
N ARG L 134 78.09 -17.37 69.29
CA ARG L 134 77.71 -17.77 67.94
C ARG L 134 78.78 -17.47 66.91
N GLY L 135 80.03 -17.27 67.35
CA GLY L 135 81.08 -16.99 66.41
C GLY L 135 81.49 -18.19 65.59
N TYR L 136 81.36 -18.10 64.28
CA TYR L 136 81.79 -19.17 63.39
C TYR L 136 82.75 -18.63 62.34
N GLY L 137 83.84 -19.36 62.14
CA GLY L 137 84.81 -19.02 61.13
C GLY L 137 84.47 -19.70 59.81
N LYS L 138 84.80 -19.02 58.72
CA LYS L 138 84.61 -19.57 57.38
C LYS L 138 85.95 -20.07 56.88
N ILE L 139 86.34 -21.25 57.37
CA ILE L 139 87.58 -21.90 56.96
C ILE L 139 87.24 -22.88 55.86
N ASN L 140 87.94 -22.73 54.72
CA ASN L 140 87.83 -23.66 53.60
C ASN L 140 86.40 -23.76 53.09
N LYS L 141 85.72 -22.61 53.06
CA LYS L 141 84.30 -22.52 52.68
C LYS L 141 83.41 -23.43 53.52
N LYS L 142 83.65 -23.48 54.82
CA LYS L 142 82.83 -24.26 55.74
C LYS L 142 82.49 -23.41 56.94
N ARG L 143 81.31 -23.65 57.52
CA ARG L 143 80.92 -23.00 58.76
C ARG L 143 81.48 -23.82 59.91
N ILE L 144 82.53 -23.32 60.53
CA ILE L 144 83.23 -24.05 61.59
C ILE L 144 83.12 -23.26 62.88
N ALA L 145 82.74 -23.94 63.95
CA ALA L 145 82.71 -23.32 65.26
C ALA L 145 84.11 -22.94 65.70
N LEU L 146 84.21 -21.78 66.36
CA LEU L 146 85.49 -21.24 66.81
C LEU L 146 85.81 -21.77 68.20
N THR L 147 86.09 -23.07 68.27
CA THR L 147 86.38 -23.69 69.55
C THR L 147 87.86 -23.80 69.86
N ASP L 148 88.74 -23.32 68.99
CA ASP L 148 90.16 -23.34 69.27
C ASP L 148 90.83 -22.13 68.64
N ASN L 149 91.92 -21.70 69.27
CA ASN L 149 92.68 -20.58 68.74
C ASN L 149 93.49 -20.95 67.50
N ALA L 150 93.85 -22.22 67.35
CA ALA L 150 94.57 -22.64 66.16
C ALA L 150 93.74 -22.41 64.90
N LEU L 151 92.41 -22.52 65.02
CA LEU L 151 91.54 -22.25 63.89
C LEU L 151 91.69 -20.81 63.43
N ILE L 152 91.78 -19.88 64.38
CA ILE L 152 91.98 -18.47 64.02
C ILE L 152 93.39 -18.27 63.49
N ALA L 153 94.38 -18.94 64.08
CA ALA L 153 95.76 -18.73 63.66
C ALA L 153 95.99 -19.19 62.22
N ARG L 154 95.47 -20.37 61.88
CA ARG L 154 95.76 -20.94 60.57
C ARG L 154 95.03 -20.23 59.44
N SER L 155 94.14 -19.29 59.75
CA SER L 155 93.43 -18.56 58.71
C SER L 155 93.65 -17.06 58.77
N LEU L 156 94.15 -16.53 59.89
CA LEU L 156 94.34 -15.10 60.03
C LEU L 156 95.66 -14.74 60.71
N GLY L 157 96.53 -15.72 60.96
CA GLY L 157 97.79 -15.41 61.61
C GLY L 157 98.68 -14.51 60.78
N LYS L 158 98.53 -14.55 59.46
CA LYS L 158 99.31 -13.66 58.62
C LYS L 158 98.91 -12.20 58.80
N TYR L 159 97.72 -11.93 59.33
CA TYR L 159 97.30 -10.58 59.65
C TYR L 159 97.57 -10.19 61.10
N GLY L 160 98.28 -11.03 61.85
CA GLY L 160 98.56 -10.73 63.23
C GLY L 160 97.40 -10.98 64.16
N ILE L 161 96.30 -11.52 63.65
CA ILE L 161 95.16 -11.87 64.47
C ILE L 161 95.17 -13.38 64.69
N ILE L 162 95.40 -13.79 65.93
CA ILE L 162 95.71 -15.17 66.25
C ILE L 162 94.87 -15.75 67.37
N CYS L 163 93.88 -15.01 67.86
CA CYS L 163 93.07 -15.51 68.95
C CYS L 163 91.70 -14.87 68.91
N MET L 164 90.82 -15.36 69.80
CA MET L 164 89.51 -14.74 69.95
C MET L 164 89.65 -13.28 70.32
N GLU L 165 90.59 -12.96 71.20
CA GLU L 165 90.74 -11.60 71.68
C GLU L 165 91.22 -10.66 70.59
N ASP L 166 92.18 -11.11 69.77
CA ASP L 166 92.62 -10.29 68.65
C ASP L 166 91.50 -10.04 67.66
N LEU L 167 90.70 -11.07 67.40
CA LEU L 167 89.57 -10.91 66.49
C LEU L 167 88.59 -9.89 67.03
N ILE L 168 88.28 -9.97 68.32
CA ILE L 168 87.37 -9.02 68.94
C ILE L 168 87.94 -7.62 68.87
N HIS L 169 89.25 -7.49 69.09
CA HIS L 169 89.88 -6.18 68.99
C HIS L 169 89.73 -5.59 67.61
N GLU L 170 89.98 -6.40 66.58
CA GLU L 170 89.88 -5.85 65.22
C GLU L 170 88.44 -5.54 64.86
N ILE L 171 87.48 -6.29 65.42
CA ILE L 171 86.09 -6.00 65.12
C ILE L 171 85.64 -4.72 65.82
N TYR L 172 85.95 -4.57 67.10
CA TYR L 172 85.40 -3.47 67.88
C TYR L 172 86.00 -2.15 67.43
N THR L 173 87.30 -1.99 67.60
CA THR L 173 88.02 -0.89 66.98
C THR L 173 88.39 -1.34 65.57
N VAL L 174 87.90 -0.60 64.57
CA VAL L 174 88.07 -1.01 63.19
C VAL L 174 89.54 -0.89 62.84
N GLY L 175 90.22 -2.04 62.74
CA GLY L 175 91.62 -2.07 62.39
C GLY L 175 91.83 -2.05 60.89
N LYS L 176 93.10 -2.13 60.50
CA LYS L 176 93.41 -2.21 59.07
C LYS L 176 92.81 -3.46 58.44
N ARG L 177 92.83 -4.58 59.16
CA ARG L 177 92.41 -5.85 58.60
C ARG L 177 90.95 -6.15 58.90
N PHE L 178 90.13 -5.13 59.17
CA PHE L 178 88.75 -5.38 59.56
C PHE L 178 87.98 -6.07 58.45
N LYS L 179 88.27 -5.72 57.20
CA LYS L 179 87.62 -6.41 56.09
C LYS L 179 87.86 -7.90 56.16
N GLU L 180 89.13 -8.28 56.36
CA GLU L 180 89.47 -9.70 56.43
C GLU L 180 88.84 -10.35 57.64
N ALA L 181 88.91 -9.70 58.80
CA ALA L 181 88.38 -10.29 60.02
C ALA L 181 86.88 -10.47 59.93
N ASN L 182 86.18 -9.48 59.40
CA ASN L 182 84.73 -9.57 59.28
C ASN L 182 84.33 -10.62 58.26
N ASN L 183 84.94 -10.60 57.08
CA ASN L 183 84.62 -11.59 56.07
C ASN L 183 84.96 -13.00 56.51
N PHE L 184 85.96 -13.14 57.38
CA PHE L 184 86.29 -14.45 57.93
C PHE L 184 85.15 -15.02 58.74
N LEU L 185 84.42 -14.18 59.46
CA LEU L 185 83.32 -14.68 60.28
C LEU L 185 82.15 -15.10 59.42
N TRP L 186 81.65 -16.30 59.68
CA TRP L 186 80.37 -16.69 59.13
C TRP L 186 79.28 -15.77 59.66
N PRO L 187 78.28 -15.43 58.85
CA PRO L 187 77.16 -14.64 59.37
C PRO L 187 76.51 -15.33 60.55
N PHE L 188 76.13 -14.53 61.55
CA PHE L 188 75.61 -15.10 62.78
C PHE L 188 74.16 -15.53 62.60
N LYS L 189 73.93 -16.83 62.76
CA LYS L 189 72.60 -17.41 62.68
C LYS L 189 72.01 -17.38 64.09
N LEU L 190 71.17 -16.39 64.33
CA LEU L 190 70.65 -16.13 65.66
C LEU L 190 69.25 -16.69 65.83
N SER L 191 68.89 -16.94 67.09
CA SER L 191 67.54 -17.38 67.41
C SER L 191 66.56 -16.23 67.23
N SER L 192 65.28 -16.55 67.29
CA SER L 192 64.27 -15.52 67.26
C SER L 192 64.34 -14.72 68.55
N PRO L 193 63.97 -13.44 68.52
CA PRO L 193 64.07 -12.63 69.73
C PRO L 193 63.10 -13.06 70.81
N ARG L 194 63.63 -13.40 71.97
CA ARG L 194 62.78 -13.73 73.10
C ARG L 194 62.07 -12.49 73.59
N GLY L 195 60.81 -12.62 73.91
CA GLY L 195 60.01 -11.49 74.32
C GLY L 195 59.26 -10.81 73.19
N GLY L 196 59.52 -11.18 71.95
CA GLY L 196 58.79 -10.65 70.83
C GLY L 196 59.32 -9.31 70.36
N MET L 197 58.88 -8.93 69.17
CA MET L 197 59.23 -7.64 68.59
C MET L 197 58.06 -6.68 68.72
N LYS L 198 58.33 -5.41 68.42
CA LYS L 198 57.27 -4.41 68.50
C LYS L 198 56.42 -4.43 67.24
N LYS L 199 57.04 -4.13 66.10
CA LYS L 199 56.39 -4.25 64.79
C LYS L 199 57.46 -4.24 63.72
N LYS L 200 57.57 -5.33 62.97
CA LYS L 200 58.67 -5.45 62.02
C LYS L 200 58.48 -4.66 60.74
N THR L 201 57.24 -4.30 60.39
CA THR L 201 57.00 -3.65 59.12
C THR L 201 57.22 -2.14 59.16
N THR L 202 57.33 -1.57 60.35
CA THR L 202 57.38 -0.13 60.50
C THR L 202 58.70 0.28 61.15
N HIS L 203 59.10 1.51 60.89
CA HIS L 203 60.40 1.99 61.35
C HIS L 203 60.46 2.03 62.87
N PHE L 204 61.69 1.93 63.38
CA PHE L 204 61.89 2.00 64.83
C PHE L 204 61.38 3.30 65.40
N VAL L 205 61.60 4.42 64.71
CA VAL L 205 61.22 5.72 65.24
C VAL L 205 59.72 5.89 65.33
N GLU L 206 58.95 5.14 64.55
CA GLU L 206 57.49 5.20 64.62
C GLU L 206 56.94 4.04 65.44
N GLY L 207 57.74 3.54 66.37
CA GLY L 207 57.34 2.47 67.24
C GLY L 207 57.54 1.08 66.69
N GLY L 208 58.09 0.95 65.48
CA GLY L 208 58.31 -0.37 64.94
C GLY L 208 59.70 -0.87 65.26
N ASP L 209 60.21 -1.80 64.46
CA ASP L 209 61.53 -2.36 64.70
C ASP L 209 62.51 -2.12 63.58
N ALA L 210 62.06 -1.88 62.36
CA ALA L 210 63.00 -1.68 61.26
C ALA L 210 63.71 -0.34 61.40
N GLY L 211 64.84 -0.22 60.73
CA GLY L 211 65.56 1.03 60.69
C GLY L 211 66.82 1.00 61.52
N ASN L 212 67.20 2.20 61.97
CA ASN L 212 68.42 2.39 62.73
C ASN L 212 68.08 2.81 64.15
N ARG L 213 68.01 1.84 65.06
CA ARG L 213 68.02 2.15 66.47
C ARG L 213 69.48 2.33 66.88
N GLU L 214 69.79 3.47 67.50
CA GLU L 214 71.16 3.93 67.62
C GLU L 214 72.01 2.95 68.42
N ASP L 215 71.73 2.82 69.70
CA ASP L 215 72.46 1.90 70.56
C ASP L 215 71.55 0.84 71.17
N GLN L 216 70.24 0.94 70.92
CA GLN L 216 69.32 -0.05 71.45
C GLN L 216 69.50 -1.42 70.81
N ILE L 217 70.30 -1.50 69.75
CA ILE L 217 70.65 -2.78 69.15
C ILE L 217 71.28 -3.72 70.16
N ASN L 218 71.89 -3.19 71.22
CA ASN L 218 72.42 -4.05 72.27
C ASN L 218 71.31 -4.78 72.99
N ARG L 219 70.19 -4.10 73.24
CA ARG L 219 69.06 -4.75 73.88
C ARG L 219 68.53 -5.89 73.01
N LEU L 220 68.42 -5.63 71.70
CA LEU L 220 67.90 -6.65 70.80
C LEU L 220 68.88 -7.81 70.68
N ILE L 221 70.18 -7.54 70.81
CA ILE L 221 71.15 -8.61 70.82
C ILE L 221 70.98 -9.47 72.07
N ARG L 222 70.82 -8.83 73.24
CA ARG L 222 70.62 -9.58 74.47
C ARG L 222 69.39 -10.45 74.38
N ARG L 223 68.30 -9.92 73.83
CA ARG L 223 67.11 -10.74 73.68
C ARG L 223 67.22 -11.70 72.51
N MET L 224 68.23 -11.54 71.66
CA MET L 224 68.27 -12.30 70.42
C MET L 224 68.99 -13.63 70.56
N ASN L 225 70.28 -13.61 70.88
CA ASN L 225 70.99 -14.86 71.10
C ASN L 225 70.89 -15.28 72.55
N LYS M 1 -10.34 -82.98 -88.15
CA LYS M 1 -11.62 -83.58 -88.51
C LYS M 1 -12.12 -84.51 -87.41
N VAL M 2 -11.20 -85.30 -86.85
CA VAL M 2 -11.51 -86.20 -85.75
C VAL M 2 -11.38 -85.50 -84.41
N VAL M 3 -11.16 -84.18 -84.43
CA VAL M 3 -10.98 -83.43 -83.19
C VAL M 3 -12.27 -83.43 -82.39
N ASN M 4 -12.14 -83.64 -81.08
CA ASN M 4 -13.28 -83.63 -80.19
C ASN M 4 -13.76 -82.20 -80.01
N PRO M 5 -15.04 -81.91 -80.28
CA PRO M 5 -15.53 -80.53 -80.17
C PRO M 5 -15.42 -79.97 -78.76
N LEU M 6 -15.25 -80.81 -77.75
CA LEU M 6 -15.07 -80.33 -76.39
C LEU M 6 -13.80 -79.50 -76.25
N PHE M 7 -12.73 -79.90 -76.92
CA PHE M 7 -11.43 -79.25 -76.74
C PHE M 7 -11.47 -77.83 -77.28
N GLU M 8 -10.83 -76.91 -76.57
CA GLU M 8 -10.86 -75.51 -76.96
C GLU M 8 -9.64 -74.80 -76.40
N LYS M 9 -9.44 -73.58 -76.86
CA LYS M 9 -8.40 -72.73 -76.32
C LYS M 9 -8.93 -71.91 -75.17
N ARG M 10 -8.18 -71.85 -74.09
CA ARG M 10 -8.46 -70.98 -72.96
C ARG M 10 -7.23 -70.13 -72.67
N PRO M 11 -6.97 -69.13 -73.50
CA PRO M 11 -5.84 -68.24 -73.24
C PRO M 11 -6.15 -67.30 -72.10
N LYS M 12 -5.14 -67.01 -71.31
CA LYS M 12 -5.23 -66.05 -70.22
C LYS M 12 -4.35 -64.85 -70.54
N ASN M 13 -4.95 -63.68 -70.69
CA ASN M 13 -4.20 -62.46 -70.95
C ASN M 13 -3.69 -61.89 -69.65
N PHE M 14 -2.44 -61.44 -69.66
CA PHE M 14 -1.75 -61.03 -68.44
C PHE M 14 -1.61 -59.52 -68.34
N GLY M 15 -2.61 -58.78 -68.78
CA GLY M 15 -2.62 -57.35 -68.56
C GLY M 15 -2.77 -57.02 -67.09
N ILE M 16 -2.46 -55.78 -66.75
CA ILE M 16 -2.54 -55.34 -65.37
C ILE M 16 -3.98 -55.46 -64.90
N GLY M 17 -4.17 -56.08 -63.74
CA GLY M 17 -5.50 -56.34 -63.23
C GLY M 17 -6.16 -57.57 -63.79
N GLN M 18 -5.60 -58.17 -64.83
CA GLN M 18 -6.15 -59.38 -65.42
C GLN M 18 -5.51 -60.58 -64.72
N ASP M 19 -5.60 -61.76 -65.34
CA ASP M 19 -5.08 -62.99 -64.77
C ASP M 19 -3.64 -62.84 -64.30
N ILE M 20 -3.31 -63.52 -63.20
CA ILE M 20 -2.04 -63.28 -62.53
C ILE M 20 -0.88 -63.73 -63.41
N GLN M 21 0.27 -63.13 -63.16
CA GLN M 21 1.41 -63.29 -64.06
C GLN M 21 1.91 -64.74 -64.08
N PRO M 22 2.34 -65.22 -65.23
CA PRO M 22 2.97 -66.53 -65.28
C PRO M 22 4.36 -66.45 -64.70
N LYS M 23 4.92 -67.62 -64.40
CA LYS M 23 6.26 -67.64 -63.84
C LYS M 23 7.30 -67.40 -64.93
N ARG M 24 7.76 -66.16 -65.05
CA ARG M 24 8.79 -65.78 -66.00
C ARG M 24 10.13 -65.68 -65.28
N ASP M 25 11.20 -65.52 -66.05
CA ASP M 25 12.53 -65.49 -65.47
C ASP M 25 12.76 -64.21 -64.69
N LEU M 26 13.46 -64.35 -63.56
CA LEU M 26 13.74 -63.22 -62.68
C LEU M 26 15.21 -63.17 -62.30
N THR M 27 16.08 -63.79 -63.12
CA THR M 27 17.51 -63.82 -62.82
C THR M 27 18.08 -62.43 -62.66
N ARG M 28 17.62 -61.50 -63.48
CA ARG M 28 18.04 -60.11 -63.36
C ARG M 28 17.51 -59.46 -62.09
N PHE M 29 16.57 -60.09 -61.40
CA PHE M 29 15.91 -59.47 -60.25
C PHE M 29 16.11 -60.27 -58.98
N VAL M 30 17.07 -61.15 -58.97
CA VAL M 30 17.30 -62.05 -57.85
C VAL M 30 17.97 -61.28 -56.72
N LYS M 31 17.43 -61.41 -55.53
CA LYS M 31 18.14 -60.97 -54.33
C LYS M 31 19.29 -61.94 -54.12
N TRP M 32 20.46 -61.61 -54.65
CA TRP M 32 21.57 -62.54 -54.71
C TRP M 32 22.27 -62.62 -53.36
N PRO M 33 22.97 -63.72 -53.09
CA PRO M 33 23.82 -63.78 -51.91
C PRO M 33 24.93 -62.75 -51.99
N ARG M 34 25.47 -62.39 -50.83
CA ARG M 34 26.38 -61.26 -50.74
C ARG M 34 27.64 -61.45 -51.55
N TYR M 35 28.20 -62.66 -51.54
CA TYR M 35 29.47 -62.90 -52.23
C TYR M 35 29.32 -62.80 -53.75
N ILE M 36 28.20 -63.25 -54.29
CA ILE M 36 27.98 -63.12 -55.72
C ILE M 36 27.87 -61.66 -56.11
N ARG M 37 27.12 -60.89 -55.33
CA ARG M 37 27.07 -59.45 -55.54
C ARG M 37 28.45 -58.84 -55.47
N LEU M 38 29.28 -59.33 -54.54
CA LEU M 38 30.63 -58.81 -54.41
C LEU M 38 31.45 -59.05 -55.67
N GLN M 39 31.46 -60.30 -56.15
CA GLN M 39 32.30 -60.60 -57.30
C GLN M 39 31.80 -59.88 -58.55
N ARG M 40 30.48 -59.78 -58.73
CA ARG M 40 29.98 -59.07 -59.90
C ARG M 40 30.25 -57.58 -59.80
N GLN M 41 30.12 -56.99 -58.60
CA GLN M 41 30.43 -55.59 -58.46
C GLN M 41 31.90 -55.32 -58.66
N ARG M 42 32.77 -56.26 -58.27
CA ARG M 42 34.18 -56.12 -58.58
C ARG M 42 34.42 -56.11 -60.08
N ALA M 43 33.76 -57.03 -60.79
CA ALA M 43 33.93 -57.07 -62.24
C ALA M 43 33.46 -55.78 -62.88
N ILE M 44 32.35 -55.22 -62.40
CA ILE M 44 31.87 -53.96 -62.95
C ILE M 44 32.84 -52.83 -62.62
N LEU M 45 33.33 -52.79 -61.38
CA LEU M 45 34.26 -51.74 -60.96
C LEU M 45 35.51 -51.76 -61.80
N TYR M 46 35.92 -52.95 -62.25
CA TYR M 46 37.07 -53.05 -63.12
C TYR M 46 36.84 -52.36 -64.46
N LYS M 47 35.59 -52.04 -64.79
CA LYS M 47 35.26 -51.26 -65.96
C LYS M 47 34.97 -49.80 -65.64
N ARG M 48 34.36 -49.53 -64.49
CA ARG M 48 34.01 -48.16 -64.12
C ARG M 48 35.26 -47.29 -64.02
N LEU M 49 36.28 -47.77 -63.33
CA LEU M 49 37.43 -46.93 -63.04
C LEU M 49 38.38 -46.87 -64.23
N LYS M 50 39.33 -45.95 -64.15
CA LYS M 50 40.39 -45.86 -65.15
C LYS M 50 41.50 -46.83 -64.79
N VAL M 51 41.55 -47.95 -65.48
CA VAL M 51 42.57 -48.97 -65.16
C VAL M 51 43.92 -48.47 -65.66
N PRO M 52 44.95 -48.51 -64.81
CA PRO M 52 46.29 -48.16 -65.29
C PRO M 52 46.74 -49.14 -66.36
N PRO M 53 47.52 -48.67 -67.33
CA PRO M 53 47.97 -49.58 -68.40
C PRO M 53 48.73 -50.78 -67.88
N ALA M 54 49.54 -50.60 -66.83
CA ALA M 54 50.37 -51.68 -66.32
C ALA M 54 49.53 -52.83 -65.81
N ILE M 55 48.30 -52.55 -65.38
CA ILE M 55 47.34 -53.62 -65.14
C ILE M 55 46.54 -53.91 -66.40
N ASN M 56 46.20 -52.86 -67.16
CA ASN M 56 45.33 -53.02 -68.31
C ASN M 56 45.97 -53.85 -69.41
N GLN M 57 47.29 -54.07 -69.34
CA GLN M 57 47.96 -54.87 -70.34
C GLN M 57 47.45 -56.31 -70.37
N PHE M 58 46.99 -56.82 -69.24
CA PHE M 58 46.49 -58.19 -69.19
C PHE M 58 45.12 -58.34 -69.83
N THR M 59 44.46 -57.23 -70.17
CA THR M 59 43.25 -57.32 -70.96
C THR M 59 43.52 -57.87 -72.35
N GLN M 60 44.61 -57.43 -72.98
CA GLN M 60 44.96 -57.91 -74.31
C GLN M 60 45.43 -59.35 -74.19
N ALA M 61 44.51 -60.27 -74.40
CA ALA M 61 44.82 -61.69 -74.35
C ALA M 61 45.10 -62.20 -75.75
N LEU M 62 45.73 -63.36 -75.80
CA LEU M 62 46.00 -64.01 -77.08
C LEU M 62 44.69 -64.47 -77.71
N ASP M 63 44.65 -64.50 -79.04
CA ASP M 63 43.50 -65.04 -79.72
C ASP M 63 43.47 -66.56 -79.57
N ARG M 64 42.28 -67.11 -79.78
CA ARG M 64 42.04 -68.52 -79.46
C ARG M 64 42.89 -69.44 -80.31
N GLN M 65 43.05 -69.12 -81.60
CA GLN M 65 43.85 -69.99 -82.46
C GLN M 65 45.32 -69.98 -82.05
N THR M 66 45.88 -68.79 -81.85
CA THR M 66 47.28 -68.68 -81.47
C THR M 66 47.54 -69.39 -80.14
N ALA M 67 46.64 -69.20 -79.18
CA ALA M 67 46.76 -69.91 -77.92
C ALA M 67 46.66 -71.41 -78.12
N THR M 68 45.82 -71.84 -79.07
CA THR M 68 45.68 -73.26 -79.34
C THR M 68 46.99 -73.85 -79.82
N GLN M 69 47.64 -73.20 -80.79
CA GLN M 69 48.93 -73.70 -81.25
C GLN M 69 50.00 -73.60 -80.17
N LEU M 70 49.96 -72.54 -79.35
CA LEU M 70 50.95 -72.42 -78.30
C LEU M 70 50.84 -73.55 -77.30
N LEU M 71 49.62 -73.87 -76.87
CA LEU M 71 49.42 -74.97 -75.94
C LEU M 71 49.78 -76.30 -76.58
N LYS M 72 49.45 -76.48 -77.85
CA LYS M 72 49.82 -77.72 -78.54
C LYS M 72 51.33 -77.88 -78.57
N LEU M 73 52.06 -76.81 -78.86
CA LEU M 73 53.51 -76.83 -78.72
C LEU M 73 53.91 -77.05 -77.27
N ALA M 74 53.21 -76.41 -76.34
CA ALA M 74 53.55 -76.54 -74.93
C ALA M 74 53.26 -77.94 -74.40
N HIS M 75 52.40 -78.69 -75.06
CA HIS M 75 52.03 -80.00 -74.56
C HIS M 75 53.17 -81.01 -74.68
N LYS M 76 54.18 -80.73 -75.51
CA LYS M 76 55.27 -81.66 -75.73
C LYS M 76 56.27 -81.72 -74.59
N TYR M 77 56.36 -80.68 -73.76
CA TYR M 77 57.41 -80.60 -72.77
C TYR M 77 56.85 -80.43 -71.37
N ARG M 78 55.81 -81.20 -71.05
CA ARG M 78 55.23 -81.12 -69.72
C ARG M 78 56.23 -81.64 -68.70
N PRO M 79 56.27 -81.06 -67.50
CA PRO M 79 57.09 -81.63 -66.44
C PRO M 79 56.60 -83.04 -66.11
N GLU M 80 57.56 -83.91 -65.83
CA GLU M 80 57.23 -85.30 -65.56
C GLU M 80 56.50 -85.45 -64.23
N THR M 81 55.50 -86.34 -64.21
CA THR M 81 54.74 -86.60 -63.01
C THR M 81 55.56 -87.48 -62.06
N LYS M 82 55.00 -87.72 -60.87
CA LYS M 82 55.74 -88.51 -59.88
C LYS M 82 55.93 -89.94 -60.35
N GLN M 83 54.93 -90.53 -61.01
CA GLN M 83 55.01 -91.95 -61.37
C GLN M 83 56.13 -92.18 -62.37
N GLU M 84 56.14 -91.42 -63.46
CA GLU M 84 57.17 -91.60 -64.46
C GLU M 84 58.52 -91.11 -63.97
N LYS M 85 58.56 -90.18 -63.02
CA LYS M 85 59.82 -89.87 -62.34
C LYS M 85 60.35 -91.08 -61.61
N LYS M 86 59.48 -91.79 -60.88
CA LYS M 86 59.88 -93.00 -60.20
C LYS M 86 60.35 -94.04 -61.18
N GLN M 87 59.68 -94.13 -62.33
CA GLN M 87 60.08 -95.09 -63.36
C GLN M 87 61.48 -94.77 -63.89
N ARG M 88 61.73 -93.49 -64.16
CA ARG M 88 63.06 -93.10 -64.63
C ARG M 88 64.12 -93.33 -63.55
N LEU M 89 63.74 -93.14 -62.28
CA LEU M 89 64.68 -93.41 -61.20
C LEU M 89 65.00 -94.89 -61.09
N LEU M 90 63.99 -95.75 -61.25
CA LEU M 90 64.24 -97.18 -61.30
C LEU M 90 65.15 -97.52 -62.47
N ALA M 91 64.92 -96.87 -63.62
CA ALA M 91 65.76 -97.10 -64.77
C ALA M 91 67.21 -96.73 -64.48
N ARG M 92 67.43 -95.57 -63.87
CA ARG M 92 68.80 -95.15 -63.54
C ARG M 92 69.45 -96.10 -62.54
N ALA M 93 68.70 -96.52 -61.52
CA ALA M 93 69.26 -97.45 -60.54
C ALA M 93 69.64 -98.78 -61.18
N GLU M 94 68.76 -99.31 -62.04
CA GLU M 94 69.05 -100.57 -62.70
C GLU M 94 70.24 -100.44 -63.64
N LYS M 95 70.35 -99.30 -64.33
CA LYS M 95 71.44 -99.13 -65.29
C LYS M 95 72.77 -98.92 -64.59
N LYS M 96 72.77 -98.20 -63.46
CA LYS M 96 74.00 -98.07 -62.68
C LYS M 96 74.40 -99.40 -62.07
N ALA M 97 73.42 -100.19 -61.63
CA ALA M 97 73.71 -101.55 -61.18
C ALA M 97 74.23 -102.39 -62.33
N ALA M 98 73.63 -102.25 -63.52
CA ALA M 98 74.05 -103.02 -64.69
C ALA M 98 73.54 -102.30 -65.94
N GLY M 99 74.45 -101.84 -66.78
CA GLY M 99 75.89 -101.88 -66.57
C GLY M 99 76.65 -100.69 -67.15
N LYS M 100 75.91 -99.68 -67.62
CA LYS M 100 76.54 -98.55 -68.29
C LYS M 100 77.23 -97.62 -67.29
N GLY M 101 76.58 -97.34 -66.16
CA GLY M 101 77.19 -96.51 -65.14
C GLY M 101 76.53 -95.17 -64.96
N ASP M 102 77.32 -94.10 -65.08
CA ASP M 102 76.81 -92.74 -64.90
C ASP M 102 75.76 -92.42 -65.95
N VAL M 103 76.19 -92.36 -67.22
CA VAL M 103 75.30 -92.21 -68.37
C VAL M 103 74.33 -91.04 -68.17
N PRO M 104 74.79 -89.79 -68.25
CA PRO M 104 73.86 -88.67 -68.09
C PRO M 104 72.73 -88.67 -69.09
N THR M 105 73.01 -89.09 -70.33
CA THR M 105 72.01 -89.38 -71.36
C THR M 105 71.07 -88.21 -71.64
N LYS M 106 71.62 -87.00 -71.68
CA LYS M 106 70.94 -85.85 -72.29
C LYS M 106 69.58 -85.58 -71.63
N ARG M 107 69.65 -85.16 -70.37
CA ARG M 107 68.50 -84.64 -69.64
C ARG M 107 67.63 -83.77 -70.54
N PRO M 108 66.38 -84.15 -70.79
CA PRO M 108 65.60 -83.49 -71.82
C PRO M 108 65.23 -82.08 -71.41
N PRO M 109 65.08 -81.18 -72.37
CA PRO M 109 64.56 -79.84 -72.04
C PRO M 109 63.12 -79.94 -71.56
N VAL M 110 62.78 -79.11 -70.58
CA VAL M 110 61.47 -79.15 -69.97
C VAL M 110 60.96 -77.73 -69.80
N LEU M 111 59.63 -77.60 -69.78
CA LEU M 111 58.99 -76.31 -69.61
C LEU M 111 59.17 -75.82 -68.18
N ARG M 112 59.80 -74.68 -68.01
CA ARG M 112 60.07 -74.15 -66.68
C ARG M 112 58.85 -73.41 -66.17
N ALA M 113 58.50 -73.65 -64.92
CA ALA M 113 57.28 -73.10 -64.32
C ALA M 113 57.65 -72.28 -63.10
N GLY M 114 56.64 -71.65 -62.51
CA GLY M 114 56.85 -70.87 -61.31
C GLY M 114 57.40 -69.49 -61.60
N VAL M 115 56.85 -68.48 -60.94
CA VAL M 115 57.19 -67.11 -61.30
C VAL M 115 58.65 -66.79 -60.93
N ASN M 116 59.14 -67.32 -59.81
CA ASN M 116 60.51 -67.01 -59.42
C ASN M 116 61.52 -67.66 -60.36
N THR M 117 61.26 -68.90 -60.76
CA THR M 117 62.15 -69.56 -61.71
C THR M 117 62.17 -68.82 -63.04
N VAL M 118 60.99 -68.43 -63.53
CA VAL M 118 60.90 -67.69 -64.78
C VAL M 118 61.63 -66.35 -64.63
N THR M 119 61.50 -65.73 -63.47
CA THR M 119 62.17 -64.46 -63.22
C THR M 119 63.68 -64.64 -63.27
N THR M 120 64.17 -65.73 -62.69
CA THR M 120 65.58 -66.05 -62.77
C THR M 120 66.02 -66.21 -64.21
N LEU M 121 65.24 -66.92 -65.02
CA LEU M 121 65.64 -67.18 -66.39
C LEU M 121 65.63 -65.91 -67.23
N VAL M 122 64.63 -65.04 -67.03
CA VAL M 122 64.58 -63.80 -67.77
C VAL M 122 65.72 -62.88 -67.35
N GLU M 123 66.02 -62.84 -66.04
CA GLU M 123 67.16 -62.08 -65.57
C GLU M 123 68.46 -62.56 -66.20
N ASN M 124 68.56 -63.86 -66.44
CA ASN M 124 69.73 -64.43 -67.08
C ASN M 124 69.56 -64.57 -68.58
N LYS M 125 68.45 -64.05 -69.13
CA LYS M 125 68.21 -64.00 -70.58
C LYS M 125 68.16 -65.38 -71.20
N LYS M 126 68.01 -66.42 -70.39
CA LYS M 126 68.09 -67.77 -70.90
C LYS M 126 66.77 -68.26 -71.45
N ALA M 127 65.66 -67.64 -71.09
CA ALA M 127 64.37 -68.03 -71.61
C ALA M 127 64.24 -67.63 -73.07
N GLN M 128 63.53 -68.45 -73.84
CA GLN M 128 63.22 -68.09 -75.22
C GLN M 128 61.82 -67.56 -75.38
N LEU M 129 60.83 -68.21 -74.77
CA LEU M 129 59.45 -67.74 -74.83
C LEU M 129 58.82 -67.83 -73.46
N VAL M 130 58.22 -66.73 -73.03
CA VAL M 130 57.62 -66.62 -71.71
C VAL M 130 56.11 -66.46 -71.87
N VAL M 131 55.35 -67.26 -71.14
CA VAL M 131 53.90 -67.23 -71.21
C VAL M 131 53.39 -66.80 -69.85
N ILE M 132 52.42 -65.87 -69.83
CA ILE M 132 51.87 -65.34 -68.60
C ILE M 132 50.35 -65.53 -68.63
N ALA M 133 49.80 -66.00 -67.51
CA ALA M 133 48.36 -66.05 -67.33
C ALA M 133 47.81 -64.67 -67.04
N HIS M 134 46.56 -64.44 -67.42
CA HIS M 134 45.96 -63.12 -67.31
C HIS M 134 45.20 -62.90 -66.01
N ASP M 135 44.94 -63.94 -65.23
CA ASP M 135 43.97 -63.80 -64.15
C ASP M 135 44.52 -64.11 -62.77
N VAL M 136 45.73 -63.65 -62.46
CA VAL M 136 46.27 -63.83 -61.12
C VAL M 136 45.64 -62.77 -60.21
N ASP M 137 44.89 -63.22 -59.19
CA ASP M 137 44.17 -62.25 -58.36
C ASP M 137 45.09 -61.34 -57.58
N PRO M 138 46.12 -61.82 -56.87
CA PRO M 138 47.04 -60.83 -56.29
C PRO M 138 47.94 -60.33 -57.42
N ILE M 139 47.43 -59.40 -58.22
CA ILE M 139 48.08 -59.07 -59.49
C ILE M 139 49.16 -58.06 -59.14
N GLU M 140 50.24 -58.60 -58.60
CA GLU M 140 51.52 -57.94 -58.45
C GLU M 140 52.63 -58.90 -58.80
N LEU M 141 52.34 -60.19 -58.86
CA LEU M 141 53.36 -61.19 -59.12
C LEU M 141 53.88 -61.12 -60.54
N VAL M 142 53.09 -60.57 -61.47
CA VAL M 142 53.46 -60.63 -62.88
C VAL M 142 53.34 -59.27 -63.55
N VAL M 143 53.02 -58.22 -62.79
CA VAL M 143 52.83 -56.91 -63.40
C VAL M 143 54.12 -56.39 -64.00
N PHE M 144 55.25 -56.68 -63.35
CA PHE M 144 56.53 -56.23 -63.85
C PHE M 144 57.07 -57.13 -64.95
N LEU M 145 56.50 -58.33 -65.12
CA LEU M 145 57.04 -59.27 -66.11
C LEU M 145 57.03 -58.75 -67.54
N PRO M 146 55.97 -58.11 -68.04
CA PRO M 146 56.03 -57.63 -69.43
C PRO M 146 57.18 -56.65 -69.66
N ALA M 147 57.29 -55.64 -68.81
CA ALA M 147 58.35 -54.66 -68.96
C ALA M 147 59.72 -55.31 -68.77
N LEU M 148 59.82 -56.24 -67.83
CA LEU M 148 61.10 -56.89 -67.60
C LEU M 148 61.53 -57.71 -68.81
N CYS M 149 60.61 -58.44 -69.41
CA CYS M 149 60.92 -59.21 -70.60
C CYS M 149 61.29 -58.29 -71.75
N ARG M 150 60.54 -57.21 -71.94
CA ARG M 150 60.83 -56.26 -72.99
C ARG M 150 62.22 -55.66 -72.82
N LYS M 151 62.56 -55.29 -71.58
CA LYS M 151 63.89 -54.74 -71.33
C LYS M 151 64.96 -55.79 -71.53
N MET M 152 64.64 -57.06 -71.26
CA MET M 152 65.62 -58.10 -71.45
C MET M 152 65.47 -58.81 -72.79
N GLY M 153 64.50 -58.41 -73.61
CA GLY M 153 64.49 -58.84 -75.00
C GLY M 153 63.95 -60.21 -75.28
N VAL M 154 63.20 -60.81 -74.35
CA VAL M 154 62.57 -62.11 -74.62
C VAL M 154 61.10 -61.88 -74.93
N PRO M 155 60.53 -62.61 -75.88
CA PRO M 155 59.11 -62.44 -76.19
C PRO M 155 58.23 -62.91 -75.05
N TYR M 156 57.09 -62.25 -74.89
CA TYR M 156 56.13 -62.61 -73.86
C TYR M 156 54.72 -62.51 -74.41
N CYS M 157 53.88 -63.47 -74.05
CA CYS M 157 52.49 -63.47 -74.45
C CYS M 157 51.62 -63.68 -73.22
N ILE M 158 50.47 -63.04 -73.22
CA ILE M 158 49.51 -63.17 -72.14
C ILE M 158 48.41 -64.11 -72.60
N ILE M 159 48.19 -65.17 -71.85
CA ILE M 159 47.24 -66.20 -72.24
C ILE M 159 46.11 -66.25 -71.23
N LYS M 160 44.93 -66.63 -71.72
CA LYS M 160 43.75 -66.73 -70.89
C LYS M 160 43.86 -67.92 -69.95
N GLY M 161 43.65 -67.68 -68.66
CA GLY M 161 43.44 -68.76 -67.72
C GLY M 161 44.69 -69.34 -67.13
N LYS M 162 44.88 -69.14 -65.82
CA LYS M 162 45.98 -69.79 -65.13
C LYS M 162 45.71 -71.27 -64.90
N ALA M 163 44.45 -71.68 -64.94
CA ALA M 163 44.13 -73.10 -64.80
C ALA M 163 44.72 -73.91 -65.93
N ARG M 164 44.75 -73.35 -67.14
CA ARG M 164 45.35 -74.04 -68.27
C ARG M 164 46.83 -74.28 -68.03
N LEU M 165 47.54 -73.27 -67.53
CA LEU M 165 48.94 -73.44 -67.22
C LEU M 165 49.15 -74.44 -66.10
N GLY M 166 48.25 -74.45 -65.12
CA GLY M 166 48.32 -75.47 -64.08
C GLY M 166 48.18 -76.86 -64.65
N ARG M 167 47.25 -77.04 -65.59
CA ARG M 167 47.13 -78.32 -66.28
C ARG M 167 48.37 -78.65 -67.07
N LEU M 168 49.07 -77.63 -67.57
CA LEU M 168 50.33 -77.89 -68.25
C LEU M 168 51.36 -78.48 -67.31
N VAL M 169 51.42 -78.00 -66.07
CA VAL M 169 52.39 -78.47 -65.10
C VAL M 169 51.74 -79.41 -64.07
N HIS M 170 50.59 -79.99 -64.41
CA HIS M 170 49.94 -81.02 -63.62
C HIS M 170 49.56 -80.50 -62.24
N ARG M 171 49.35 -79.20 -62.13
CA ARG M 171 48.99 -78.58 -60.87
C ARG M 171 47.66 -77.87 -61.02
N LYS M 172 47.18 -77.29 -59.93
CA LYS M 172 45.93 -76.55 -60.00
C LYS M 172 46.08 -75.25 -60.78
N THR M 173 47.18 -74.55 -60.58
CA THR M 173 47.34 -73.22 -61.12
C THR M 173 48.83 -72.91 -61.25
N CYS M 174 49.24 -72.38 -62.40
CA CYS M 174 50.59 -71.88 -62.58
C CYS M 174 50.52 -70.49 -63.20
N THR M 175 51.22 -69.54 -62.59
CA THR M 175 51.16 -68.17 -63.09
C THR M 175 51.85 -68.04 -64.44
N THR M 176 53.06 -68.57 -64.55
CA THR M 176 53.87 -68.37 -65.75
C THR M 176 54.61 -69.65 -66.10
N VAL M 177 54.89 -69.81 -67.39
CA VAL M 177 55.74 -70.87 -67.89
C VAL M 177 56.66 -70.29 -68.95
N ALA M 178 57.88 -70.80 -68.98
CA ALA M 178 58.93 -70.23 -69.81
C ALA M 178 59.56 -71.31 -70.68
N PHE M 179 59.89 -70.94 -71.92
CA PHE M 179 60.51 -71.85 -72.87
C PHE M 179 62.02 -71.66 -72.82
N THR M 180 62.74 -72.67 -72.35
CA THR M 180 64.17 -72.77 -72.56
C THR M 180 64.41 -73.43 -73.91
N GLN M 181 65.64 -73.88 -74.18
CA GLN M 181 65.95 -74.50 -75.46
C GLN M 181 65.02 -75.66 -75.74
N VAL M 182 64.87 -75.98 -77.02
CA VAL M 182 63.84 -76.90 -77.48
C VAL M 182 64.50 -77.90 -78.43
N ASN M 183 63.80 -79.00 -78.66
CA ASN M 183 64.29 -80.00 -79.61
C ASN M 183 64.25 -79.45 -81.03
N SER M 184 65.01 -80.11 -81.91
CA SER M 184 65.25 -79.58 -83.25
C SER M 184 63.96 -79.49 -84.07
N GLU M 185 63.09 -80.49 -83.96
CA GLU M 185 61.89 -80.55 -84.78
C GLU M 185 60.95 -79.38 -84.51
N ASP M 186 60.92 -78.88 -83.29
CA ASP M 186 59.98 -77.86 -82.88
C ASP M 186 60.53 -76.46 -83.09
N LYS M 187 61.74 -76.35 -83.63
CA LYS M 187 62.41 -75.05 -83.67
C LYS M 187 61.73 -74.11 -84.65
N GLY M 188 61.29 -74.61 -85.80
CA GLY M 188 60.61 -73.76 -86.75
C GLY M 188 59.29 -73.21 -86.23
N ALA M 189 58.45 -74.09 -85.66
CA ALA M 189 57.19 -73.63 -85.11
C ALA M 189 57.42 -72.69 -83.92
N LEU M 190 58.43 -72.99 -83.12
CA LEU M 190 58.79 -72.08 -82.04
C LEU M 190 59.18 -70.72 -82.57
N ALA M 191 59.96 -70.69 -83.65
CA ALA M 191 60.35 -69.42 -84.25
C ALA M 191 59.13 -68.66 -84.77
N LYS M 192 58.20 -69.37 -85.38
CA LYS M 192 56.98 -68.73 -85.90
C LYS M 192 56.16 -68.12 -84.77
N LEU M 193 55.96 -68.88 -83.70
CA LEU M 193 55.18 -68.39 -82.57
C LEU M 193 55.86 -67.20 -81.92
N VAL M 194 57.19 -67.28 -81.76
CA VAL M 194 57.95 -66.18 -81.21
C VAL M 194 57.81 -64.94 -82.07
N GLU M 195 57.86 -65.11 -83.39
CA GLU M 195 57.67 -64.00 -84.31
C GLU M 195 56.32 -63.31 -84.09
N ALA M 196 55.26 -64.10 -84.11
CA ALA M 196 53.92 -63.52 -83.99
C ALA M 196 53.75 -62.81 -82.65
N ILE M 197 54.23 -63.45 -81.58
CA ILE M 197 54.08 -62.88 -80.26
C ILE M 197 54.92 -61.61 -80.11
N ARG M 198 56.11 -61.60 -80.68
CA ARG M 198 56.95 -60.41 -80.64
C ARG M 198 56.25 -59.25 -81.30
N THR M 199 55.66 -59.49 -82.48
CA THR M 199 54.95 -58.43 -83.19
C THR M 199 53.75 -57.94 -82.40
N ASN M 200 53.00 -58.86 -81.78
CA ASN M 200 51.76 -58.45 -81.14
C ASN M 200 51.97 -57.86 -79.75
N TYR M 201 53.07 -58.19 -79.07
CA TYR M 201 53.29 -57.69 -77.72
C TYR M 201 54.55 -56.83 -77.61
N ASN M 202 55.73 -57.37 -77.93
CA ASN M 202 56.95 -56.67 -77.60
C ASN M 202 57.18 -55.50 -78.53
N ASP M 203 56.91 -55.71 -79.81
CA ASP M 203 57.19 -54.70 -80.82
C ASP M 203 56.27 -53.50 -80.73
N ARG M 204 55.12 -53.64 -80.08
CA ARG M 204 54.20 -52.52 -79.90
C ARG M 204 54.06 -52.16 -78.43
N TYR M 205 55.09 -52.45 -77.64
CA TYR M 205 55.07 -52.14 -76.20
C TYR M 205 54.97 -50.65 -75.93
N ASP M 206 55.36 -49.81 -76.89
CA ASP M 206 55.43 -48.37 -76.65
C ASP M 206 54.08 -47.80 -76.26
N GLU M 207 53.06 -48.04 -77.07
CA GLU M 207 51.75 -47.49 -76.80
C GLU M 207 50.97 -48.31 -75.78
N ILE M 208 51.40 -49.53 -75.51
CA ILE M 208 50.80 -50.31 -74.43
C ILE M 208 51.09 -49.64 -73.09
N ARG M 209 52.26 -49.03 -72.96
CA ARG M 209 52.63 -48.33 -71.74
C ARG M 209 51.63 -47.24 -71.39
N ARG M 210 50.92 -46.71 -72.39
CA ARG M 210 49.95 -45.66 -72.18
C ARG M 210 48.52 -46.09 -72.49
N HIS M 211 48.28 -47.36 -72.80
CA HIS M 211 46.93 -47.84 -73.07
C HIS M 211 46.16 -47.97 -71.77
N TRP M 212 45.48 -46.91 -71.36
CA TRP M 212 44.64 -46.99 -70.18
C TRP M 212 43.38 -47.80 -70.48
N GLY M 213 42.78 -48.34 -69.42
CA GLY M 213 41.61 -49.18 -69.55
C GLY M 213 40.48 -48.77 -68.62
N GLY M 214 39.36 -49.48 -68.77
CA GLY M 214 38.19 -49.19 -67.96
C GLY M 214 37.54 -47.89 -68.37
N ASN M 215 37.03 -47.16 -67.39
CA ASN M 215 36.34 -45.89 -67.60
C ASN M 215 35.18 -46.04 -68.59
N VAL M 216 34.44 -47.13 -68.45
CA VAL M 216 33.31 -47.42 -69.31
C VAL M 216 32.03 -47.27 -68.51
N LEU M 217 31.18 -46.32 -68.89
CA LEU M 217 29.96 -46.09 -68.15
C LEU M 217 28.98 -47.23 -68.34
N GLY M 218 27.98 -47.28 -67.46
CA GLY M 218 26.93 -48.26 -67.54
C GLY M 218 26.03 -48.02 -68.73
N PRO M 219 25.41 -49.09 -69.23
CA PRO M 219 24.57 -48.95 -70.43
C PRO M 219 23.42 -47.99 -70.25
N LYS M 220 22.82 -47.93 -69.07
CA LYS M 220 21.74 -46.97 -68.85
C LYS M 220 22.22 -45.54 -69.01
N SER M 221 23.36 -45.20 -68.38
CA SER M 221 23.88 -43.85 -68.51
C SER M 221 24.34 -43.58 -69.94
N VAL M 222 24.92 -44.58 -70.60
CA VAL M 222 25.33 -44.42 -71.99
C VAL M 222 24.12 -44.10 -72.86
N ALA M 223 23.04 -44.86 -72.68
CA ALA M 223 21.84 -44.62 -73.47
C ALA M 223 21.23 -43.27 -73.16
N ARG M 224 21.25 -42.86 -71.89
CA ARG M 224 20.73 -41.55 -71.53
C ARG M 224 21.51 -40.44 -72.20
N ILE M 225 22.84 -40.55 -72.17
CA ILE M 225 23.68 -39.52 -72.76
C ILE M 225 23.47 -39.47 -74.26
N ALA M 226 23.43 -40.64 -74.90
CA ALA M 226 23.16 -40.69 -76.33
C ALA M 226 21.79 -40.11 -76.65
N LYS M 227 20.83 -40.31 -75.74
CA LYS M 227 19.49 -39.79 -75.94
C LYS M 227 19.48 -38.28 -75.92
N LEU M 228 20.18 -37.68 -74.95
CA LEU M 228 20.27 -36.22 -74.91
C LEU M 228 21.04 -35.67 -76.11
N GLU M 229 22.07 -36.40 -76.54
CA GLU M 229 22.82 -35.95 -77.70
C GLU M 229 21.98 -36.02 -78.97
N LYS M 230 21.13 -37.05 -79.08
CA LYS M 230 20.15 -37.08 -80.15
C LYS M 230 19.16 -35.93 -80.04
N ALA M 231 18.75 -35.60 -78.81
CA ALA M 231 17.80 -34.51 -78.60
C ALA M 231 18.37 -33.18 -79.07
N LYS M 232 19.65 -32.95 -78.81
CA LYS M 232 20.27 -31.72 -79.30
C LYS M 232 20.58 -31.79 -80.79
N ALA M 233 20.92 -32.98 -81.30
CA ALA M 233 21.28 -33.11 -82.70
C ALA M 233 20.07 -32.92 -83.62
N LYS M 234 18.91 -33.44 -83.23
CA LYS M 234 17.72 -33.32 -84.07
C LYS M 234 17.33 -31.86 -84.29
N GLU M 235 17.58 -31.00 -83.31
CA GLU M 235 17.27 -29.59 -83.45
C GLU M 235 18.43 -28.80 -84.07
N LEU M 236 19.66 -29.23 -83.86
CA LEU M 236 20.78 -28.61 -84.57
C LEU M 236 20.68 -28.86 -86.08
N ALA M 237 20.13 -30.01 -86.48
CA ALA M 237 19.98 -30.31 -87.89
C ALA M 237 19.00 -29.36 -88.56
N THR M 238 17.89 -29.04 -87.89
CA THR M 238 16.96 -28.06 -88.44
C THR M 238 17.51 -26.64 -88.30
N LYS M 239 18.40 -26.40 -87.34
CA LYS M 239 19.08 -25.12 -87.25
C LYS M 239 19.94 -24.87 -88.49
N LEU M 240 20.77 -25.84 -88.85
CA LEU M 240 21.70 -25.66 -89.95
C LEU M 240 20.99 -25.83 -91.29
N GLY M 241 21.30 -24.93 -92.22
CA GLY M 241 20.65 -24.92 -93.51
C GLY M 241 19.30 -24.23 -93.47
N MET N 1 33.53 16.05 81.46
CA MET N 1 33.83 16.66 82.76
C MET N 1 32.93 16.11 83.86
N LYS N 2 33.53 15.79 85.00
CA LYS N 2 32.81 15.37 86.18
C LYS N 2 32.83 16.51 87.19
N THR N 3 31.67 17.12 87.41
CA THR N 3 31.54 18.08 88.50
C THR N 3 31.75 17.38 89.83
N ILE N 4 32.61 17.96 90.68
CA ILE N 4 32.93 17.32 91.95
C ILE N 4 31.67 17.15 92.79
N LEU N 5 30.87 18.21 92.89
CA LEU N 5 29.67 18.15 93.72
C LEU N 5 28.63 19.09 93.15
N SER N 6 27.39 18.61 93.09
CA SER N 6 26.23 19.44 92.80
C SER N 6 25.23 19.24 93.92
N ASN N 7 24.77 20.35 94.51
CA ASN N 7 23.86 20.28 95.63
C ASN N 7 22.85 21.42 95.57
N GLN N 8 21.67 21.15 96.11
CA GLN N 8 20.63 22.16 96.25
C GLN N 8 19.80 21.81 97.47
N THR N 9 19.47 22.81 98.27
CA THR N 9 18.83 22.61 99.56
C THR N 9 17.38 23.09 99.49
N VAL N 10 16.46 22.27 99.99
CA VAL N 10 15.04 22.60 100.03
C VAL N 10 14.62 22.70 101.50
N ASP N 11 14.00 23.82 101.85
CA ASP N 11 13.58 24.05 103.23
C ASP N 11 12.20 23.45 103.47
N ILE N 12 11.99 22.96 104.69
CA ILE N 12 10.74 22.32 105.09
C ILE N 12 10.05 23.23 106.09
N PRO N 13 8.80 23.61 105.86
CA PRO N 13 8.06 24.40 106.86
C PRO N 13 7.82 23.59 108.12
N GLU N 14 7.53 24.31 109.20
CA GLU N 14 7.47 23.67 110.52
C GLU N 14 6.30 22.70 110.63
N ASN N 15 5.16 23.02 110.02
CA ASN N 15 3.97 22.18 110.16
C ASN N 15 4.14 20.80 109.57
N VAL N 16 5.16 20.58 108.76
CA VAL N 16 5.36 19.34 108.04
C VAL N 16 6.75 18.81 108.37
N ASP N 17 6.89 17.48 108.37
CA ASP N 17 8.16 16.81 108.54
C ASP N 17 8.36 15.78 107.44
N ILE N 18 9.62 15.48 107.15
CA ILE N 18 9.99 14.57 106.08
C ILE N 18 10.74 13.39 106.66
N THR N 19 10.33 12.18 106.27
CA THR N 19 10.97 10.95 106.71
C THR N 19 11.77 10.37 105.56
N LEU N 20 13.00 9.98 105.85
CA LEU N 20 13.89 9.36 104.88
C LEU N 20 14.15 7.91 105.24
N LYS N 21 14.08 7.04 104.25
CA LYS N 21 14.55 5.65 104.35
C LYS N 21 15.31 5.35 103.07
N GLY N 22 16.63 5.48 103.13
CA GLY N 22 17.44 5.35 101.94
C GLY N 22 17.21 6.52 101.01
N ARG N 23 16.61 6.26 99.85
CA ARG N 23 16.22 7.30 98.91
C ARG N 23 14.71 7.40 98.78
N THR N 24 13.97 6.91 99.76
CA THR N 24 12.52 7.01 99.80
C THR N 24 12.14 8.18 100.68
N VAL N 25 11.38 9.11 100.13
CA VAL N 25 10.98 10.32 100.85
C VAL N 25 9.55 10.16 101.31
N ILE N 26 9.33 10.30 102.61
CA ILE N 26 7.99 10.26 103.18
C ILE N 26 7.72 11.64 103.76
N VAL N 27 6.80 12.36 103.15
CA VAL N 27 6.43 13.71 103.56
C VAL N 27 5.07 13.62 104.21
N LYS N 28 4.99 14.00 105.48
CA LYS N 28 3.74 13.93 106.23
C LYS N 28 3.33 15.33 106.63
N GLY N 29 2.28 15.85 106.00
CA GLY N 29 1.78 17.17 106.31
C GLY N 29 0.40 17.13 106.93
N PRO N 30 -0.17 18.30 107.22
CA PRO N 30 -1.52 18.32 107.79
C PRO N 30 -2.58 17.72 106.88
N ARG N 31 -2.41 17.79 105.57
CA ARG N 31 -3.44 17.32 104.66
C ARG N 31 -3.39 15.81 104.43
N GLY N 32 -2.40 15.12 104.94
CA GLY N 32 -2.24 13.71 104.70
C GLY N 32 -0.77 13.34 104.67
N THR N 33 -0.47 12.26 103.96
CA THR N 33 0.91 11.81 103.83
C THR N 33 1.19 11.45 102.39
N LEU N 34 2.30 11.95 101.85
CA LEU N 34 2.72 11.63 100.50
C LEU N 34 4.07 10.92 100.56
N ARG N 35 4.18 9.82 99.83
CA ARG N 35 5.37 8.99 99.83
C ARG N 35 5.83 8.77 98.39
N ARG N 36 7.12 8.95 98.16
CA ARG N 36 7.72 8.74 96.86
C ARG N 36 9.19 8.40 97.06
N ASP N 37 9.71 7.48 96.26
CA ASP N 37 11.12 7.12 96.32
C ASP N 37 11.83 7.55 95.05
N PHE N 38 13.15 7.68 95.14
CA PHE N 38 14.01 8.03 94.02
C PHE N 38 15.10 7.01 93.83
N ASN N 39 14.74 5.72 93.94
CA ASN N 39 15.72 4.65 93.83
C ASN N 39 16.38 4.59 92.46
N HIS N 40 15.78 5.22 91.46
CA HIS N 40 16.34 5.23 90.11
C HIS N 40 17.38 6.31 89.91
N ILE N 41 17.70 7.09 90.93
CA ILE N 41 18.71 8.14 90.84
C ILE N 41 19.73 7.95 91.95
N ASN N 42 21.01 8.12 91.61
CA ASN N 42 22.09 7.87 92.55
C ASN N 42 22.56 9.19 93.17
N VAL N 43 21.69 9.78 93.96
CA VAL N 43 22.00 11.00 94.70
C VAL N 43 22.09 10.64 96.17
N GLU N 44 22.40 11.64 96.98
CA GLU N 44 22.48 11.47 98.42
C GLU N 44 21.59 12.49 99.10
N LEU N 45 20.71 12.03 99.97
CA LEU N 45 19.74 12.86 100.64
C LEU N 45 20.11 12.97 102.11
N SER N 46 20.09 14.19 102.64
CA SER N 46 20.44 14.40 104.04
C SER N 46 19.66 15.58 104.59
N LEU N 47 19.08 15.40 105.77
CA LEU N 47 18.43 16.47 106.51
C LEU N 47 19.47 17.20 107.33
N LEU N 48 19.31 18.51 107.45
CA LEU N 48 20.38 19.32 108.03
C LEU N 48 20.18 19.55 109.53
N GLY N 49 19.11 20.25 109.91
CA GLY N 49 18.92 20.66 111.29
C GLY N 49 17.58 20.22 111.84
N LYS N 50 17.54 20.14 113.17
CA LYS N 50 16.31 19.92 113.94
C LYS N 50 15.59 21.22 114.23
N LYS N 51 16.03 22.31 113.61
CA LYS N 51 15.56 23.66 113.87
C LYS N 51 14.70 24.22 112.75
N LYS N 52 15.17 24.12 111.51
CA LYS N 52 14.43 24.57 110.35
C LYS N 52 14.16 23.47 109.35
N LYS N 53 14.69 22.26 109.58
CA LYS N 53 14.42 21.07 108.77
C LYS N 53 14.81 21.31 107.31
N ARG N 54 16.11 21.50 107.10
CA ARG N 54 16.64 21.73 105.77
C ARG N 54 17.02 20.39 105.16
N LEU N 55 16.64 20.19 103.90
CA LEU N 55 16.97 18.98 103.19
C LEU N 55 17.86 19.32 102.01
N ARG N 56 19.00 18.65 101.93
CA ARG N 56 19.96 18.87 100.85
C ARG N 56 20.02 17.63 99.98
N VAL N 57 20.13 17.84 98.67
CA VAL N 57 20.38 16.77 97.70
C VAL N 57 21.83 16.85 97.29
N ASP N 58 22.56 15.75 97.43
CA ASP N 58 23.98 15.72 97.13
C ASP N 58 24.26 14.76 95.98
N LYS N 59 25.03 15.24 95.01
CA LYS N 59 25.49 14.42 93.90
C LYS N 59 26.98 14.66 93.71
N TRP N 60 27.75 13.57 93.64
CA TRP N 60 29.20 13.65 93.52
C TRP N 60 29.64 13.08 92.18
N TRP N 61 30.60 13.74 91.55
CA TRP N 61 31.25 13.24 90.33
C TRP N 61 30.24 12.97 89.23
N GLY N 62 29.25 13.84 89.09
CA GLY N 62 28.17 13.65 88.14
C GLY N 62 28.45 14.36 86.82
N ASN N 63 27.96 13.76 85.74
CA ASN N 63 28.02 14.42 84.44
C ASN N 63 26.73 15.22 84.24
N ARG N 64 26.64 15.88 83.08
CA ARG N 64 25.58 16.86 82.87
C ARG N 64 24.19 16.25 83.03
N LYS N 65 24.00 15.04 82.51
CA LYS N 65 22.68 14.42 82.55
C LYS N 65 22.21 14.18 83.98
N GLU N 66 23.10 13.67 84.83
CA GLU N 66 22.71 13.46 86.22
C GLU N 66 22.86 14.70 87.07
N LEU N 67 23.61 15.71 86.61
CA LEU N 67 23.55 17.01 87.27
C LEU N 67 22.15 17.58 87.16
N ALA N 68 21.50 17.42 86.01
CA ALA N 68 20.15 17.93 85.84
C ALA N 68 19.15 17.26 86.75
N THR N 69 19.49 16.10 87.32
CA THR N 69 18.53 15.38 88.15
C THR N 69 18.33 16.02 89.51
N VAL N 70 19.31 16.76 90.02
CA VAL N 70 19.24 17.26 91.39
C VAL N 70 18.07 18.22 91.55
N ARG N 71 17.97 19.20 90.66
CA ARG N 71 16.87 20.16 90.78
C ARG N 71 15.54 19.51 90.45
N THR N 72 15.53 18.46 89.63
CA THR N 72 14.30 17.69 89.42
C THR N 72 13.82 17.07 90.71
N ILE N 73 14.74 16.46 91.46
CA ILE N 73 14.37 15.86 92.74
C ILE N 73 13.90 16.93 93.72
N CYS N 74 14.60 18.06 93.73
CA CYS N 74 14.21 19.15 94.62
C CYS N 74 12.81 19.64 94.30
N SER N 75 12.48 19.78 93.01
CA SER N 75 11.15 20.19 92.62
C SER N 75 10.10 19.18 93.04
N HIS N 76 10.41 17.88 92.90
CA HIS N 76 9.46 16.87 93.36
C HIS N 76 9.23 16.97 94.86
N VAL N 77 10.30 17.18 95.63
CA VAL N 77 10.16 17.34 97.07
C VAL N 77 9.29 18.54 97.39
N GLN N 78 9.53 19.66 96.71
CA GLN N 78 8.73 20.86 96.95
C GLN N 78 7.28 20.63 96.61
N ASN N 79 7.01 19.90 95.53
CA ASN N 79 5.65 19.61 95.16
C ASN N 79 4.96 18.75 96.20
N MET N 80 5.68 17.77 96.74
CA MET N 80 5.10 16.93 97.79
C MET N 80 4.78 17.75 99.03
N ILE N 81 5.69 18.66 99.39
CA ILE N 81 5.47 19.52 100.55
C ILE N 81 4.23 20.37 100.33
N LYS N 82 4.11 20.95 99.13
CA LYS N 82 2.98 21.78 98.78
C LYS N 82 1.68 20.98 98.86
N GLY N 83 1.71 19.74 98.37
CA GLY N 83 0.51 18.91 98.40
C GLY N 83 0.08 18.55 99.81
N VAL N 84 1.03 18.16 100.66
CA VAL N 84 0.66 17.78 102.01
C VAL N 84 0.33 18.98 102.87
N THR N 85 0.71 20.18 102.45
CA THR N 85 0.38 21.40 103.18
C THR N 85 -0.82 22.13 102.59
N LEU N 86 -0.76 22.49 101.30
CA LEU N 86 -1.82 23.24 100.68
C LEU N 86 -2.63 22.44 99.68
N GLY N 87 -2.12 21.34 99.19
CA GLY N 87 -2.85 20.55 98.21
C GLY N 87 -2.87 21.22 96.87
N PHE N 88 -3.36 20.48 95.88
CA PHE N 88 -3.32 20.91 94.49
C PHE N 88 -4.74 20.98 93.97
N ARG N 89 -5.06 22.08 93.28
CA ARG N 89 -6.41 22.29 92.77
C ARG N 89 -6.31 22.74 91.32
N TYR N 90 -6.94 21.97 90.43
CA TYR N 90 -6.98 22.30 89.01
C TYR N 90 -8.39 22.69 88.64
N LYS N 91 -8.52 23.81 87.93
CA LYS N 91 -9.81 24.25 87.40
C LYS N 91 -9.81 23.99 85.90
N MET N 92 -10.71 23.11 85.46
CA MET N 92 -10.90 22.82 84.05
C MET N 92 -12.22 23.41 83.57
N ARG N 93 -12.17 24.14 82.46
CA ARG N 93 -13.34 24.75 81.87
C ARG N 93 -13.77 23.97 80.65
N SER N 94 -15.05 23.60 80.60
CA SER N 94 -15.62 22.89 79.47
C SER N 94 -16.22 23.91 78.52
N VAL N 95 -15.72 23.93 77.29
CA VAL N 95 -16.18 24.87 76.26
C VAL N 95 -16.93 24.07 75.20
N TYR N 96 -17.85 24.75 74.52
CA TYR N 96 -18.61 24.11 73.46
C TYR N 96 -19.25 25.18 72.59
N ALA N 97 -19.55 24.80 71.34
CA ALA N 97 -20.13 25.74 70.40
C ALA N 97 -21.64 25.59 70.31
N HIS N 98 -22.12 24.39 70.03
CA HIS N 98 -23.56 24.15 69.90
C HIS N 98 -24.09 23.22 70.97
N PHE N 99 -23.51 22.04 71.14
CA PHE N 99 -24.02 21.07 72.09
C PHE N 99 -23.46 21.36 73.47
N PRO N 100 -24.29 21.69 74.45
CA PRO N 100 -23.79 21.81 75.82
C PRO N 100 -23.31 20.46 76.32
N ILE N 101 -22.24 20.49 77.10
CA ILE N 101 -21.61 19.27 77.59
C ILE N 101 -22.15 18.98 78.98
N ASN N 102 -22.77 17.81 79.14
CA ASN N 102 -23.31 17.41 80.42
C ASN N 102 -22.33 16.48 81.12
N VAL N 103 -21.84 16.91 82.28
CA VAL N 103 -20.84 16.19 83.04
C VAL N 103 -21.47 15.73 84.35
N VAL N 104 -21.41 14.43 84.61
CA VAL N 104 -21.94 13.86 85.84
C VAL N 104 -20.78 13.32 86.65
N ILE N 105 -20.67 13.77 87.90
CA ILE N 105 -19.63 13.31 88.80
C ILE N 105 -20.20 12.14 89.57
N GLN N 106 -19.57 10.98 89.43
CA GLN N 106 -20.01 9.78 90.13
C GLN N 106 -19.45 9.73 91.55
N GLU N 107 -19.48 8.54 92.16
CA GLU N 107 -19.27 8.41 93.59
C GLU N 107 -17.92 8.97 94.02
N ASN N 108 -17.93 9.78 95.06
CA ASN N 108 -16.74 10.33 95.72
C ASN N 108 -15.84 11.08 94.75
N GLY N 109 -16.37 11.55 93.63
CA GLY N 109 -15.56 12.28 92.68
C GLY N 109 -14.48 11.48 92.00
N SER N 110 -14.59 10.16 91.97
CA SER N 110 -13.57 9.31 91.35
C SER N 110 -13.88 8.98 89.91
N LEU N 111 -15.14 9.01 89.51
CA LEU N 111 -15.55 8.63 88.17
C LEU N 111 -16.34 9.77 87.56
N VAL N 112 -15.98 10.16 86.35
CA VAL N 112 -16.60 11.31 85.68
C VAL N 112 -17.17 10.85 84.35
N GLU N 113 -18.40 11.23 84.06
CA GLU N 113 -19.09 10.83 82.85
C GLU N 113 -19.47 12.06 82.04
N ILE N 114 -19.12 12.03 80.75
CA ILE N 114 -19.45 13.11 79.82
C ILE N 114 -20.51 12.57 78.87
N ARG N 115 -21.61 13.30 78.74
CA ARG N 115 -22.80 12.78 78.07
C ARG N 115 -22.95 13.27 76.64
N ASN N 116 -22.86 14.58 76.43
CA ASN N 116 -23.30 15.19 75.19
C ASN N 116 -22.18 15.94 74.50
N PHE N 117 -20.98 15.37 74.50
CA PHE N 117 -19.86 16.03 73.83
C PHE N 117 -20.04 15.89 72.33
N LEU N 118 -20.09 17.03 71.64
CA LEU N 118 -20.18 17.08 70.18
C LEU N 118 -21.44 16.42 69.65
N GLY N 119 -22.47 16.31 70.49
CA GLY N 119 -23.75 15.82 70.02
C GLY N 119 -23.82 14.35 69.71
N GLU N 120 -22.94 13.53 70.27
CA GLU N 120 -22.95 12.11 69.98
C GLU N 120 -23.60 11.31 71.11
N LYS N 121 -23.91 10.05 70.81
CA LYS N 121 -24.48 9.16 71.80
C LYS N 121 -23.45 8.55 72.74
N TYR N 122 -22.16 8.64 72.41
CA TYR N 122 -21.15 7.97 73.21
C TYR N 122 -21.02 8.62 74.57
N ILE N 123 -20.71 7.80 75.57
CA ILE N 123 -20.55 8.24 76.94
C ILE N 123 -19.09 8.05 77.33
N ARG N 124 -18.48 9.09 77.87
CA ARG N 124 -17.07 9.03 78.25
C ARG N 124 -16.97 8.84 79.76
N ARG N 125 -16.77 7.59 80.17
CA ARG N 125 -16.55 7.26 81.57
C ARG N 125 -15.06 7.38 81.84
N VAL N 126 -14.67 8.29 82.73
CA VAL N 126 -13.28 8.50 83.07
C VAL N 126 -13.11 8.24 84.55
N ARG N 127 -12.21 7.32 84.90
CA ARG N 127 -11.90 7.00 86.28
C ARG N 127 -10.66 7.76 86.71
N MET N 128 -10.79 8.62 87.71
CA MET N 128 -9.67 9.38 88.22
C MET N 128 -8.67 8.46 88.89
N ARG N 129 -7.43 8.92 88.96
CA ARG N 129 -6.45 8.22 89.79
C ARG N 129 -6.84 8.34 91.26
N PRO N 130 -6.51 7.34 92.07
CA PRO N 130 -6.88 7.38 93.49
C PRO N 130 -6.25 8.57 94.20
N GLY N 131 -6.99 9.15 95.13
CA GLY N 131 -6.55 10.31 95.87
C GLY N 131 -6.89 11.64 95.26
N VAL N 132 -7.50 11.66 94.08
CA VAL N 132 -7.89 12.90 93.40
C VAL N 132 -9.39 13.04 93.48
N ALA N 133 -9.85 14.19 93.97
CA ALA N 133 -11.26 14.47 94.14
C ALA N 133 -11.71 15.45 93.05
N CYS N 134 -12.59 14.97 92.17
CA CYS N 134 -13.16 15.78 91.11
C CYS N 134 -14.55 16.25 91.50
N SER N 135 -14.88 17.48 91.12
CA SER N 135 -16.16 18.06 91.50
C SER N 135 -16.57 19.10 90.48
N VAL N 136 -17.86 19.40 90.48
CA VAL N 136 -18.44 20.45 89.62
C VAL N 136 -18.44 21.74 90.42
N SER N 137 -17.93 22.81 89.82
CA SER N 137 -17.89 24.10 90.48
C SER N 137 -19.29 24.63 90.72
N GLN N 138 -19.50 25.22 91.89
CA GLN N 138 -20.76 25.85 92.23
C GLN N 138 -20.73 27.36 92.06
N ALA N 139 -19.60 27.91 91.60
CA ALA N 139 -19.52 29.34 91.32
C ALA N 139 -19.45 29.63 89.83
N GLN N 140 -19.12 28.63 89.02
CA GLN N 140 -18.99 28.80 87.59
C GLN N 140 -19.98 27.88 86.88
N LYS N 141 -20.44 28.33 85.71
CA LYS N 141 -21.44 27.57 84.97
C LYS N 141 -20.85 26.29 84.40
N ASP N 142 -19.57 26.32 84.02
CA ASP N 142 -18.89 25.17 83.43
C ASP N 142 -17.47 25.14 83.98
N GLU N 143 -17.25 24.35 85.02
CA GLU N 143 -15.93 24.22 85.61
C GLU N 143 -15.87 22.96 86.44
N LEU N 144 -14.79 22.20 86.29
CA LEU N 144 -14.51 21.07 87.14
C LEU N 144 -13.33 21.39 88.04
N ILE N 145 -13.39 20.95 89.29
CA ILE N 145 -12.32 21.15 90.25
C ILE N 145 -11.81 19.78 90.67
N LEU N 146 -10.57 19.49 90.32
CA LEU N 146 -9.89 18.26 90.68
C LEU N 146 -9.03 18.56 91.89
N GLU N 147 -9.30 17.88 93.00
CA GLU N 147 -8.61 18.14 94.25
C GLU N 147 -7.87 16.90 94.71
N GLY N 148 -6.59 17.07 95.02
CA GLY N 148 -5.81 15.97 95.51
C GLY N 148 -4.47 16.44 96.02
N ASN N 149 -3.79 15.55 96.73
CA ASN N 149 -2.53 15.88 97.37
C ASN N 149 -1.34 15.68 96.44
N ASP N 150 -1.43 14.74 95.51
CA ASP N 150 -0.34 14.44 94.59
C ASP N 150 -0.52 15.28 93.33
N ILE N 151 0.49 16.08 93.00
CA ILE N 151 0.41 16.92 91.80
C ILE N 151 0.31 16.06 90.55
N GLU N 152 1.13 15.02 90.46
CA GLU N 152 1.13 14.22 89.24
C GLU N 152 -0.16 13.45 89.07
N LEU N 153 -0.74 12.95 90.16
CA LEU N 153 -2.02 12.26 90.06
C LEU N 153 -3.12 13.19 89.60
N VAL N 154 -3.19 14.39 90.19
CA VAL N 154 -4.22 15.35 89.80
C VAL N 154 -4.06 15.73 88.34
N SER N 155 -2.84 16.08 87.93
CA SER N 155 -2.65 16.55 86.57
C SER N 155 -2.82 15.43 85.56
N ASN N 156 -2.46 14.19 85.93
CA ASN N 156 -2.73 13.05 85.07
C ASN N 156 -4.23 12.85 84.88
N SER N 157 -4.99 12.98 85.96
CA SER N 157 -6.43 12.86 85.82
C SER N 157 -7.00 13.96 84.94
N ALA N 158 -6.46 15.17 85.09
CA ALA N 158 -6.88 16.28 84.25
C ALA N 158 -6.53 16.00 82.79
N ALA N 159 -5.36 15.41 82.55
CA ALA N 159 -4.98 15.04 81.19
C ALA N 159 -5.92 14.00 80.62
N LEU N 160 -6.32 13.02 81.44
CA LEU N 160 -7.28 12.03 80.99
C LEU N 160 -8.58 12.69 80.59
N ILE N 161 -9.06 13.63 81.41
CA ILE N 161 -10.30 14.32 81.10
C ILE N 161 -10.16 15.10 79.81
N GLN N 162 -9.06 15.84 79.67
CA GLN N 162 -8.88 16.69 78.51
C GLN N 162 -8.76 15.86 77.24
N GLN N 163 -7.92 14.85 77.25
CA GLN N 163 -7.69 14.02 76.07
C GLN N 163 -8.89 13.15 75.72
N ALA N 164 -9.69 12.75 76.72
CA ALA N 164 -10.87 11.97 76.42
C ALA N 164 -11.86 12.77 75.60
N THR N 165 -11.87 14.09 75.79
CA THR N 165 -12.72 14.99 75.00
C THR N 165 -11.93 15.51 73.81
N THR N 166 -11.79 14.64 72.80
CA THR N 166 -10.97 14.94 71.64
C THR N 166 -11.82 14.91 70.38
N VAL N 167 -11.81 16.01 69.64
CA VAL N 167 -12.44 16.07 68.33
C VAL N 167 -11.52 15.36 67.34
N LYS N 168 -12.12 14.59 66.42
CA LYS N 168 -11.37 13.75 65.52
C LYS N 168 -11.87 13.95 64.10
N ASN N 169 -10.98 13.75 63.12
CA ASN N 169 -11.32 13.78 61.70
C ASN N 169 -11.88 15.12 61.26
N LYS N 170 -11.62 16.17 62.02
CA LYS N 170 -12.15 17.49 61.72
C LYS N 170 -11.05 18.52 61.94
N ASP N 171 -11.33 19.74 61.50
CA ASP N 171 -10.39 20.83 61.70
C ASP N 171 -10.40 21.24 63.17
N ILE N 172 -9.39 20.79 63.92
CA ILE N 172 -9.35 21.04 65.35
C ILE N 172 -9.14 22.51 65.66
N ARG N 173 -8.65 23.29 64.70
CA ARG N 173 -8.55 24.72 64.90
C ARG N 173 -9.92 25.37 64.96
N LYS N 174 -10.91 24.81 64.27
CA LYS N 174 -12.26 25.37 64.23
C LYS N 174 -13.16 24.77 65.29
N PHE N 175 -13.33 23.45 65.32
CA PHE N 175 -14.11 22.78 66.35
C PHE N 175 -13.31 22.83 67.65
N LEU N 176 -13.50 23.91 68.39
CA LEU N 176 -12.72 24.14 69.59
C LEU N 176 -13.36 23.51 70.83
N ASP N 177 -14.21 22.51 70.65
CA ASP N 177 -14.92 21.93 71.78
C ASP N 177 -13.99 21.05 72.62
N GLY N 178 -14.28 20.96 73.90
CA GLY N 178 -13.52 20.13 74.80
C GLY N 178 -13.46 20.77 76.18
N ILE N 179 -12.85 20.04 77.09
CA ILE N 179 -12.61 20.52 78.46
C ILE N 179 -11.12 20.76 78.60
N TYR N 180 -10.77 21.95 79.10
CA TYR N 180 -9.38 22.39 79.12
C TYR N 180 -9.03 22.92 80.50
N VAL N 181 -7.81 22.62 80.93
CA VAL N 181 -7.31 23.08 82.22
C VAL N 181 -7.15 24.60 82.14
N SER N 182 -8.05 25.32 82.79
CA SER N 182 -7.95 26.78 82.81
C SER N 182 -6.74 27.24 83.60
N GLU N 183 -6.57 26.71 84.81
CA GLU N 183 -5.47 27.14 85.67
C GLU N 183 -5.16 26.04 86.66
N LYS N 184 -3.99 26.15 87.28
CA LYS N 184 -3.52 25.21 88.30
C LYS N 184 -3.30 25.97 89.59
N GLY N 185 -3.86 25.45 90.68
CA GLY N 185 -3.81 26.16 91.93
C GLY N 185 -3.82 25.22 93.11
N THR N 186 -4.05 25.79 94.29
CA THR N 186 -3.94 25.08 95.55
C THR N 186 -5.28 25.07 96.27
N VAL N 187 -5.26 24.49 97.45
CA VAL N 187 -6.38 24.54 98.38
C VAL N 187 -5.92 25.32 99.60
N GLN N 188 -6.86 26.05 100.20
CA GLN N 188 -6.69 26.87 101.40
C GLN N 188 -5.90 28.15 101.11
N GLN N 189 -5.34 28.25 99.89
CA GLN N 189 -4.85 29.52 99.34
C GLN N 189 -3.87 30.21 100.27
N ALA N 190 -3.02 29.46 100.94
CA ALA N 190 -2.10 30.06 101.89
C ALA N 190 -0.76 30.36 101.24
N GLY O 1 19.54 17.14 29.11
CA GLY O 1 20.29 15.99 28.63
C GLY O 1 21.71 15.95 29.14
N ARG O 2 21.90 16.37 30.38
CA ARG O 2 23.21 16.38 31.00
C ARG O 2 23.32 15.26 32.00
N ARG O 3 24.48 14.58 32.00
CA ARG O 3 24.74 13.55 32.98
C ARG O 3 24.91 14.17 34.36
N PRO O 4 24.60 13.41 35.41
CA PRO O 4 24.81 13.92 36.77
C PRO O 4 26.27 14.25 37.02
N ALA O 5 26.49 15.26 37.86
CA ALA O 5 27.84 15.73 38.12
C ALA O 5 28.72 14.70 38.82
N ARG O 6 28.12 13.66 39.41
CA ARG O 6 28.92 12.60 39.99
C ARG O 6 29.72 11.84 38.96
N CYS O 7 29.33 11.91 37.68
CA CYS O 7 30.02 11.18 36.62
C CYS O 7 31.25 11.90 36.10
N TYR O 8 31.48 13.15 36.51
CA TYR O 8 32.65 13.90 36.09
C TYR O 8 33.23 14.72 37.24
N ARG O 9 33.08 14.23 38.47
CA ARG O 9 33.51 14.99 39.63
C ARG O 9 35.03 15.00 39.77
N TYR O 10 35.68 13.89 39.45
CA TYR O 10 37.07 13.69 39.80
C TYR O 10 38.00 14.01 38.63
N CYS O 11 39.19 14.50 38.97
CA CYS O 11 40.22 14.81 37.97
C CYS O 11 40.91 13.50 37.60
N LYS O 12 40.24 12.72 36.76
CA LYS O 12 40.82 11.42 36.41
C LYS O 12 41.79 11.50 35.25
N ASN O 13 41.40 12.14 34.14
CA ASN O 13 42.23 12.15 32.95
C ASN O 13 43.19 13.33 32.98
N LYS O 14 44.07 13.35 31.98
CA LYS O 14 44.96 14.48 31.79
C LYS O 14 44.15 15.69 31.32
N PRO O 15 44.68 16.90 31.49
CA PRO O 15 43.97 18.08 31.02
C PRO O 15 43.68 17.96 29.53
N TYR O 16 42.46 18.35 29.15
CA TYR O 16 41.95 18.18 27.80
C TYR O 16 41.41 19.52 27.33
N PRO O 17 42.28 20.47 27.05
CA PRO O 17 41.83 21.82 26.74
C PRO O 17 41.19 21.90 25.36
N LYS O 18 40.28 22.86 25.23
CA LYS O 18 39.77 23.24 23.92
C LYS O 18 40.93 23.76 23.08
N SER O 19 41.36 22.98 22.10
CA SER O 19 42.55 23.33 21.34
C SER O 19 42.28 23.03 19.86
N ARG O 20 43.33 23.15 19.05
CA ARG O 20 43.20 22.83 17.64
C ARG O 20 43.02 21.34 17.39
N PHE O 21 43.20 20.51 18.41
CA PHE O 21 42.93 19.09 18.33
C PHE O 21 41.53 18.75 18.78
N CYS O 22 41.12 19.29 19.94
CA CYS O 22 39.78 19.06 20.47
C CYS O 22 38.87 20.16 19.94
N ARG O 23 38.06 19.82 18.95
CA ARG O 23 37.20 20.78 18.28
C ARG O 23 35.74 20.41 18.50
N GLY O 24 34.86 21.30 18.06
CA GLY O 24 33.45 21.09 18.30
C GLY O 24 33.07 21.17 19.76
N VAL O 25 33.88 21.84 20.57
CA VAL O 25 33.59 21.97 21.99
C VAL O 25 32.40 22.91 22.18
N PRO O 26 31.36 22.52 22.89
CA PRO O 26 30.25 23.43 23.15
C PRO O 26 30.69 24.59 24.03
N ASP O 27 30.01 25.72 23.85
CA ASP O 27 30.32 26.90 24.66
C ASP O 27 30.00 26.62 26.13
N ALA O 28 30.82 27.20 27.00
CA ALA O 28 30.68 26.99 28.42
C ALA O 28 29.36 27.55 28.92
N LYS O 29 28.82 26.93 29.97
CA LYS O 29 27.58 27.40 30.56
C LYS O 29 27.73 28.80 31.13
N ILE O 30 28.87 29.09 31.75
CA ILE O 30 29.12 30.37 32.39
C ILE O 30 30.07 31.17 31.51
N ARG O 31 29.73 32.42 31.25
CA ARG O 31 30.55 33.27 30.39
C ARG O 31 31.08 34.50 31.08
N ILE O 32 30.38 35.04 32.07
CA ILE O 32 30.76 36.29 32.73
C ILE O 32 31.41 35.94 34.07
N PHE O 33 32.54 36.57 34.35
CA PHE O 33 33.31 36.26 35.53
C PHE O 33 33.35 37.38 36.55
N ASP O 34 32.85 38.57 36.22
CA ASP O 34 32.84 39.70 37.14
C ASP O 34 31.46 40.31 37.19
N LEU O 35 31.01 40.65 38.39
CA LEU O 35 29.75 41.35 38.58
C LEU O 35 29.92 42.39 39.66
N GLY O 36 28.86 43.15 39.89
CA GLY O 36 28.94 44.26 40.80
C GLY O 36 29.65 45.44 40.17
N ARG O 37 29.92 46.45 41.00
CA ARG O 37 30.56 47.66 40.51
C ARG O 37 32.01 47.33 40.19
N LYS O 38 32.22 46.83 38.98
CA LYS O 38 33.56 46.45 38.56
C LYS O 38 34.50 47.64 38.49
N LYS O 39 33.97 48.84 38.28
CA LYS O 39 34.81 50.01 38.14
C LYS O 39 35.16 50.64 39.48
N ALA O 40 34.78 50.02 40.59
CA ALA O 40 35.09 50.58 41.89
C ALA O 40 36.59 50.67 42.10
N LYS O 41 37.04 51.79 42.66
CA LYS O 41 38.46 52.00 42.89
C LYS O 41 38.96 51.07 43.98
N VAL O 42 40.29 50.96 44.09
CA VAL O 42 40.88 49.99 44.98
C VAL O 42 40.52 50.28 46.42
N ASP O 43 40.61 51.54 46.83
CA ASP O 43 40.29 51.95 48.19
C ASP O 43 38.82 51.76 48.53
N GLU O 44 37.96 51.57 47.54
CA GLU O 44 36.53 51.50 47.81
C GLU O 44 36.17 50.22 48.54
N PHE O 45 36.78 49.10 48.19
CA PHE O 45 36.45 47.80 48.77
C PHE O 45 37.69 47.23 49.45
N PRO O 46 38.00 47.66 50.66
CA PRO O 46 39.11 47.05 51.39
C PRO O 46 38.84 45.61 51.78
N LEU O 47 37.61 45.24 52.08
CA LEU O 47 37.30 43.90 52.53
C LEU O 47 37.41 42.94 51.36
N GLY O 48 38.09 41.82 51.58
CA GLY O 48 38.19 40.79 50.57
C GLY O 48 37.86 39.42 51.14
N GLY O 49 36.80 38.81 50.63
CA GLY O 49 36.44 37.48 51.07
C GLY O 49 36.60 36.45 49.98
N HIS O 50 37.20 35.32 50.31
CA HIS O 50 37.35 34.24 49.35
C HIS O 50 36.72 32.96 49.87
N MET O 51 36.17 32.20 48.93
CA MET O 51 35.65 30.87 49.21
C MET O 51 36.64 29.87 48.66
N VAL O 52 37.06 28.92 49.49
CA VAL O 52 38.20 28.06 49.19
C VAL O 52 37.74 26.61 49.22
N SER O 53 38.08 25.85 48.18
CA SER O 53 37.75 24.43 48.12
C SER O 53 38.72 23.62 48.97
N ASP O 54 38.35 22.38 49.22
CA ASP O 54 39.19 21.45 49.96
C ASP O 54 39.34 20.10 49.28
N GLU O 55 38.81 19.93 48.08
CA GLU O 55 39.03 18.69 47.35
C GLU O 55 39.63 19.00 45.99
N TYR O 56 40.59 18.17 45.60
CA TYR O 56 41.16 18.23 44.26
C TYR O 56 40.19 17.53 43.33
N GLU O 57 39.31 18.31 42.72
CA GLU O 57 38.23 17.75 41.92
C GLU O 57 37.95 18.69 40.76
N GLN O 58 36.95 18.35 39.96
CA GLN O 58 36.55 19.14 38.82
C GLN O 58 35.24 19.85 39.14
N LEU O 59 35.14 21.11 38.74
CA LEU O 59 33.92 21.86 38.86
C LEU O 59 33.38 22.17 37.47
N SER O 60 32.12 21.84 37.25
CA SER O 60 31.48 22.04 35.97
C SER O 60 31.13 23.51 35.78
N SER O 61 31.00 23.90 34.51
CA SER O 61 30.66 25.28 34.20
C SER O 61 29.27 25.62 34.71
N GLU O 62 28.33 24.69 34.60
CA GLU O 62 26.97 24.95 35.04
C GLU O 62 26.91 25.23 36.53
N ALA O 63 27.67 24.47 37.31
CA ALA O 63 27.71 24.69 38.75
C ALA O 63 28.27 26.07 39.08
N LEU O 64 29.32 26.48 38.36
CA LEU O 64 29.85 27.81 38.57
C LEU O 64 28.82 28.88 38.25
N GLU O 65 28.08 28.68 37.16
CA GLU O 65 27.03 29.64 36.80
C GLU O 65 25.97 29.73 37.88
N ALA O 66 25.51 28.59 38.39
CA ALA O 66 24.47 28.61 39.41
C ALA O 66 24.96 29.28 40.68
N ALA O 67 26.18 28.95 41.11
CA ALA O 67 26.73 29.57 42.31
C ALA O 67 26.89 31.07 42.12
N ARG O 68 27.35 31.49 40.95
CA ARG O 68 27.52 32.91 40.69
C ARG O 68 26.19 33.64 40.70
N ILE O 69 25.15 33.04 40.12
CA ILE O 69 23.83 33.66 40.14
C ILE O 69 23.33 33.79 41.58
N CYS O 70 23.48 32.73 42.37
CA CYS O 70 22.99 32.75 43.74
C CYS O 70 23.70 33.82 44.56
N ALA O 71 25.02 33.87 44.45
CA ALA O 71 25.79 34.87 45.18
C ALA O 71 25.43 36.27 44.73
N ASN O 72 25.26 36.46 43.42
CA ASN O 72 24.90 37.78 42.91
C ASN O 72 23.56 38.24 43.45
N LYS O 73 22.57 37.35 43.43
CA LYS O 73 21.25 37.73 43.93
C LYS O 73 21.31 38.04 45.43
N TYR O 74 22.03 37.23 46.20
CA TYR O 74 22.07 37.51 47.63
C TYR O 74 22.82 38.79 47.94
N MET O 75 23.90 39.07 47.21
CA MET O 75 24.64 40.30 47.48
C MET O 75 23.84 41.53 47.07
N VAL O 76 23.09 41.44 45.97
CA VAL O 76 22.19 42.52 45.62
C VAL O 76 21.15 42.71 46.71
N LYS O 77 20.61 41.61 47.23
CA LYS O 77 19.62 41.66 48.30
C LYS O 77 20.20 42.34 49.54
N SER O 78 21.45 42.00 49.87
CA SER O 78 22.04 42.49 51.11
C SER O 78 22.58 43.91 50.97
N CYS O 79 23.62 44.08 50.16
CA CYS O 79 24.39 45.31 50.15
C CYS O 79 24.10 46.20 48.95
N GLY O 80 23.11 45.86 48.13
CA GLY O 80 22.81 46.64 46.96
C GLY O 80 23.76 46.34 45.82
N ARG O 81 23.30 46.64 44.60
CA ARG O 81 24.02 46.19 43.42
C ARG O 81 25.33 46.94 43.21
N ASP O 82 25.58 48.01 43.96
CA ASP O 82 26.85 48.72 43.89
C ASP O 82 27.64 48.64 45.18
N GLY O 83 27.22 47.79 46.12
CA GLY O 83 27.91 47.62 47.37
C GLY O 83 28.93 46.50 47.38
N PHE O 84 29.26 45.93 46.23
CA PHE O 84 30.13 44.77 46.20
C PHE O 84 30.68 44.58 44.79
N HIS O 85 31.79 43.86 44.72
CA HIS O 85 32.38 43.44 43.45
C HIS O 85 32.79 41.98 43.59
N MET O 86 32.39 41.15 42.63
CA MET O 86 32.66 39.73 42.68
C MET O 86 33.56 39.32 41.54
N ARG O 87 34.32 38.25 41.75
CA ARG O 87 35.21 37.69 40.75
C ARG O 87 35.33 36.20 40.99
N VAL O 88 35.01 35.40 39.98
CA VAL O 88 35.22 33.97 40.04
C VAL O 88 36.62 33.69 39.51
N ARG O 89 37.42 32.94 40.29
CA ARG O 89 38.80 32.69 39.96
C ARG O 89 39.04 31.34 39.31
N LEU O 90 38.07 30.82 38.56
CA LEU O 90 38.18 29.54 37.89
C LEU O 90 37.65 29.67 36.47
N HIS O 91 38.14 28.81 35.58
CA HIS O 91 37.72 28.88 34.20
C HIS O 91 37.60 27.46 33.64
N PRO O 92 36.47 27.11 33.05
CA PRO O 92 36.24 25.73 32.58
C PRO O 92 37.05 25.41 31.32
N PHE O 93 38.35 25.28 31.49
CA PHE O 93 39.23 25.04 30.36
C PHE O 93 39.39 23.57 30.02
N HIS O 94 38.89 22.68 30.86
CA HIS O 94 39.09 21.24 30.69
C HIS O 94 37.80 20.64 30.13
N VAL O 95 37.92 19.94 29.02
CA VAL O 95 36.75 19.46 28.28
C VAL O 95 36.50 18.01 28.63
N ILE O 96 35.26 17.69 28.94
CA ILE O 96 34.84 16.31 29.21
C ILE O 96 34.30 15.70 27.94
N ARG O 97 34.45 14.39 27.81
CA ARG O 97 33.91 13.66 26.69
C ARG O 97 32.77 12.76 27.15
N ILE O 98 31.97 12.30 26.20
CA ILE O 98 30.89 11.36 26.49
C ILE O 98 30.77 10.39 25.35
N ASN O 99 30.74 9.09 25.68
CA ASN O 99 30.57 8.05 24.67
C ASN O 99 29.08 7.81 24.56
N LYS O 100 28.49 8.34 23.49
CA LYS O 100 27.04 8.28 23.34
C LYS O 100 26.58 6.86 23.06
N MET O 101 25.63 6.39 23.84
CA MET O 101 24.96 5.13 23.61
C MET O 101 23.50 5.36 23.26
N LEU O 102 22.99 4.53 22.36
CA LEU O 102 21.62 4.67 21.89
C LEU O 102 20.64 4.32 23.00
N SER O 103 19.63 5.16 23.16
CA SER O 103 18.56 4.91 24.14
C SER O 103 17.39 4.18 23.50
N CYS O 104 17.69 3.06 22.87
CA CYS O 104 16.70 2.20 22.23
C CYS O 104 16.85 0.78 22.75
N ALA O 105 15.79 -0.01 22.57
CA ALA O 105 15.76 -1.37 23.11
C ALA O 105 16.44 -2.35 22.15
N GLY O 106 17.71 -2.09 21.87
CA GLY O 106 18.49 -3.01 21.07
C GLY O 106 19.97 -2.71 21.04
N ALA O 107 20.78 -3.73 21.32
CA ALA O 107 22.21 -3.63 21.13
C ALA O 107 22.64 -4.10 19.76
N ASP O 108 21.78 -4.85 19.07
CA ASP O 108 22.02 -5.17 17.66
C ASP O 108 22.04 -3.93 16.79
N ARG O 109 21.36 -2.86 17.21
CA ARG O 109 21.31 -1.63 16.44
C ARG O 109 22.67 -0.94 16.54
N LEU O 110 23.64 -1.46 15.79
CA LEU O 110 24.92 -0.83 15.48
C LEU O 110 25.59 -0.20 16.69
N GLN O 111 25.38 -0.77 17.87
CA GLN O 111 25.85 -0.11 19.08
C GLN O 111 27.35 -0.28 19.25
N THR O 112 27.89 -1.43 18.84
CA THR O 112 29.32 -1.71 18.76
C THR O 112 30.00 -1.76 20.12
N GLY O 113 29.24 -1.48 21.18
CA GLY O 113 29.78 -1.60 22.53
C GLY O 113 30.96 -0.68 22.73
N MET O 114 32.06 -1.24 23.20
CA MET O 114 33.26 -0.50 23.53
C MET O 114 34.17 -0.28 22.34
N ARG O 115 33.73 -0.65 21.14
CA ARG O 115 34.55 -0.47 19.95
C ARG O 115 34.46 0.97 19.46
N GLY O 116 35.62 1.59 19.26
CA GLY O 116 35.67 2.98 18.84
C GLY O 116 34.98 3.88 19.85
N ALA O 117 35.22 3.62 21.12
CA ALA O 117 34.41 4.18 22.19
C ALA O 117 34.82 5.59 22.59
N PHE O 118 35.81 6.18 21.93
CA PHE O 118 36.23 7.53 22.28
C PHE O 118 35.08 8.51 22.10
N GLY O 119 34.86 9.34 23.11
CA GLY O 119 33.65 10.12 23.16
C GLY O 119 33.81 11.55 22.68
N LYS O 120 32.72 12.12 22.29
CA LYS O 120 32.46 13.47 21.83
C LYS O 120 32.37 14.43 23.01
N PRO O 121 32.71 15.71 22.80
CA PRO O 121 32.72 16.66 23.91
C PRO O 121 31.34 16.92 24.48
N GLN O 122 31.16 16.52 25.73
CA GLN O 122 29.92 16.84 26.45
C GLN O 122 29.87 18.30 26.84
N GLY O 123 30.87 18.75 27.60
CA GLY O 123 30.89 20.13 28.05
C GLY O 123 32.28 20.48 28.53
N THR O 124 32.34 21.53 29.34
CA THR O 124 33.60 22.02 29.87
C THR O 124 33.52 22.13 31.38
N VAL O 125 34.59 21.70 32.04
CA VAL O 125 34.67 21.77 33.49
C VAL O 125 35.98 22.44 33.87
N ALA O 126 36.06 22.87 35.12
CA ALA O 126 37.24 23.53 35.65
C ALA O 126 37.84 22.67 36.76
N ARG O 127 39.14 22.43 36.65
CA ARG O 127 39.87 21.66 37.65
C ARG O 127 40.13 22.55 38.85
N VAL O 128 39.88 22.04 40.05
CA VAL O 128 40.19 22.77 41.26
C VAL O 128 41.09 21.91 42.13
N HIS O 129 42.06 22.56 42.77
CA HIS O 129 42.98 21.90 43.69
C HIS O 129 42.58 22.23 45.12
N ILE O 130 43.21 21.52 46.04
CA ILE O 130 43.05 21.83 47.45
C ILE O 130 43.59 23.23 47.70
N GLY O 131 42.81 24.04 48.41
CA GLY O 131 43.29 25.34 48.80
C GLY O 131 43.26 26.38 47.71
N GLN O 132 42.76 26.05 46.54
CA GLN O 132 42.62 27.04 45.47
C GLN O 132 41.37 27.86 45.72
N VAL O 133 41.39 29.10 45.26
CA VAL O 133 40.28 30.01 45.48
C VAL O 133 39.33 29.94 44.30
N ILE O 134 38.05 29.72 44.57
CA ILE O 134 37.03 29.65 43.53
C ILE O 134 36.46 31.02 43.23
N MET O 135 35.80 31.63 44.20
CA MET O 135 35.12 32.89 44.01
C MET O 135 35.73 33.93 44.93
N SER O 136 35.86 35.15 44.42
CA SER O 136 36.42 36.25 45.16
C SER O 136 35.45 37.41 45.13
N ILE O 137 35.10 37.92 46.30
CA ILE O 137 34.17 39.03 46.44
C ILE O 137 34.85 40.09 47.29
N ARG O 138 34.87 41.32 46.79
CA ARG O 138 35.39 42.44 47.55
C ARG O 138 34.26 43.44 47.81
N THR O 139 34.28 44.04 48.99
CA THR O 139 33.20 44.92 49.41
C THR O 139 33.69 45.79 50.55
N LYS O 140 32.76 46.49 51.19
CA LYS O 140 33.10 47.37 52.29
C LYS O 140 33.44 46.55 53.52
N LEU O 141 34.08 47.19 54.49
CA LEU O 141 34.50 46.51 55.69
C LEU O 141 33.32 46.02 56.53
N GLN O 142 32.23 46.79 56.57
CA GLN O 142 31.09 46.45 57.42
C GLN O 142 30.23 45.33 56.84
N ASN O 143 30.46 44.96 55.57
CA ASN O 143 29.61 44.00 54.88
C ASN O 143 30.07 42.56 55.09
N GLU O 144 30.81 42.31 56.17
CA GLU O 144 31.50 41.03 56.31
C GLU O 144 30.51 39.87 56.41
N GLU O 145 29.55 39.96 57.31
CA GLU O 145 28.62 38.85 57.51
C GLU O 145 27.74 38.62 56.29
N HIS O 146 27.47 39.67 55.51
CA HIS O 146 26.74 39.49 54.26
C HIS O 146 27.54 38.64 53.30
N VAL O 147 28.84 38.89 53.19
CA VAL O 147 29.72 38.08 52.34
C VAL O 147 29.75 36.66 52.86
N ILE O 148 29.80 36.51 54.19
CA ILE O 148 29.82 35.18 54.78
C ILE O 148 28.58 34.40 54.37
N GLU O 149 27.41 35.01 54.50
CA GLU O 149 26.18 34.32 54.15
C GLU O 149 26.10 34.04 52.65
N ALA O 150 26.56 34.99 51.83
CA ALA O 150 26.52 34.79 50.39
C ALA O 150 27.38 33.61 49.97
N LEU O 151 28.59 33.52 50.52
CA LEU O 151 29.47 32.41 50.17
C LEU O 151 28.95 31.10 50.74
N ARG O 152 28.33 31.15 51.92
CA ARG O 152 27.71 29.96 52.48
C ARG O 152 26.60 29.44 51.58
N ARG O 153 25.74 30.33 51.10
CA ARG O 153 24.69 29.92 50.18
C ARG O 153 25.28 29.39 48.89
N ALA O 154 26.34 30.02 48.40
CA ALA O 154 26.96 29.58 47.16
C ALA O 154 27.72 28.27 47.32
N LYS O 155 28.02 27.86 48.55
CA LYS O 155 28.67 26.56 48.74
C LYS O 155 27.79 25.43 48.26
N PHE O 156 26.47 25.57 48.40
CA PHE O 156 25.56 24.47 48.20
C PHE O 156 25.39 24.09 46.73
N LYS O 157 25.93 24.89 45.82
CA LYS O 157 25.91 24.57 44.41
C LYS O 157 27.13 23.77 43.97
N PHE O 158 27.95 23.32 44.92
CA PHE O 158 29.17 22.62 44.59
C PHE O 158 29.26 21.28 45.31
N PRO O 159 29.84 20.28 44.65
CA PRO O 159 29.81 18.92 45.20
C PRO O 159 30.62 18.75 46.46
N GLY O 160 31.89 19.12 46.41
CA GLY O 160 32.82 18.83 47.48
C GLY O 160 32.67 19.74 48.68
N ARG O 161 33.73 19.82 49.46
CA ARG O 161 33.79 20.61 50.68
C ARG O 161 34.52 21.91 50.40
N GLN O 162 33.94 23.02 50.85
CA GLN O 162 34.49 24.34 50.59
C GLN O 162 34.57 25.13 51.88
N LYS O 163 35.58 25.99 51.97
CA LYS O 163 35.78 26.83 53.15
C LYS O 163 35.59 28.29 52.79
N ILE O 164 35.19 29.07 53.79
CA ILE O 164 35.00 30.51 53.67
C ILE O 164 36.14 31.19 54.39
N HIS O 165 36.92 31.97 53.65
CA HIS O 165 38.15 32.57 54.17
C HIS O 165 38.05 34.08 54.09
N ILE O 166 38.48 34.75 55.15
CA ILE O 166 38.57 36.21 55.16
C ILE O 166 40.01 36.58 54.80
N SER O 167 40.20 37.18 53.64
CA SER O 167 41.55 37.45 53.15
C SER O 167 42.16 38.65 53.86
N LYS O 168 43.47 38.58 54.04
CA LYS O 168 44.21 39.70 54.60
C LYS O 168 44.63 40.70 53.54
N LYS O 169 44.66 40.30 52.28
CA LYS O 169 45.01 41.23 51.23
C LYS O 169 43.97 42.32 51.10
N TRP O 170 44.41 43.49 50.66
CA TRP O 170 43.51 44.60 50.40
C TRP O 170 42.78 44.33 49.10
N GLY O 171 41.48 44.09 49.20
CA GLY O 171 40.67 43.86 48.00
C GLY O 171 41.15 42.65 47.24
N PHE O 172 41.29 42.82 45.93
CA PHE O 172 41.76 41.74 45.06
C PHE O 172 43.26 41.80 44.83
N THR O 173 43.95 42.77 45.42
CA THR O 173 45.38 42.89 45.21
C THR O 173 46.13 41.79 45.97
N LYS O 174 47.45 41.83 45.86
CA LYS O 174 48.29 40.82 46.49
C LYS O 174 49.07 41.37 47.68
N PHE O 175 48.59 42.44 48.30
CA PHE O 175 49.31 43.09 49.39
C PHE O 175 48.41 43.19 50.61
N ASN O 176 49.02 43.07 51.79
CA ASN O 176 48.24 43.08 53.02
C ASN O 176 47.55 44.41 53.22
N ALA O 177 46.32 44.34 53.73
CA ALA O 177 45.50 45.54 53.87
C ALA O 177 46.10 46.54 54.85
N ASP O 178 46.67 46.05 55.95
CA ASP O 178 47.33 46.95 56.90
C ASP O 178 48.54 47.64 56.29
N GLU O 179 49.34 46.92 55.50
CA GLU O 179 50.46 47.50 54.79
C GLU O 179 50.02 48.39 53.65
N PHE O 180 48.79 48.21 53.16
CA PHE O 180 48.33 48.90 51.97
C PHE O 180 48.33 50.41 52.16
N GLU O 181 47.83 50.88 53.31
CA GLU O 181 47.68 52.32 53.51
C GLU O 181 49.01 53.04 53.47
N ASP O 182 49.97 52.58 54.28
CA ASP O 182 51.24 53.27 54.31
C ASP O 182 52.09 52.96 53.09
N MET O 183 51.77 51.89 52.36
CA MET O 183 52.47 51.66 51.09
C MET O 183 52.00 52.64 50.03
N VAL O 184 50.70 52.97 50.03
CA VAL O 184 50.22 54.05 49.18
C VAL O 184 50.79 55.37 49.64
N ALA O 185 50.94 55.54 50.96
CA ALA O 185 51.48 56.78 51.50
C ALA O 185 52.90 57.01 51.02
N LYS O 186 53.74 55.98 51.02
CA LYS O 186 55.11 56.09 50.54
C LYS O 186 55.22 55.82 49.06
N LYS O 187 54.09 55.72 48.35
CA LYS O 187 54.05 55.65 46.89
C LYS O 187 54.71 54.39 46.33
N CYS O 188 54.56 53.27 47.02
CA CYS O 188 54.94 52.00 46.41
C CYS O 188 53.78 51.36 45.66
N LEU O 189 52.61 51.98 45.70
CA LEU O 189 51.44 51.50 44.97
C LEU O 189 50.76 52.69 44.30
N ILE O 190 50.22 52.47 43.12
CA ILE O 190 49.48 53.49 42.39
C ILE O 190 48.12 52.92 42.02
N PRO O 191 47.02 53.45 42.55
CA PRO O 191 45.71 52.88 42.24
C PRO O 191 45.32 53.12 40.80
N ASP O 192 44.79 52.08 40.16
CA ASP O 192 44.23 52.18 38.81
C ASP O 192 43.23 51.05 38.60
N GLY O 193 41.96 51.42 38.49
CA GLY O 193 40.94 50.39 38.38
C GLY O 193 40.80 49.68 39.71
N CYS O 194 40.61 48.36 39.64
CA CYS O 194 40.43 47.54 40.83
C CYS O 194 41.74 47.02 41.39
N GLY O 195 42.87 47.40 40.80
CA GLY O 195 44.17 47.00 41.30
C GLY O 195 45.11 48.18 41.40
N VAL O 196 46.26 47.92 41.99
CA VAL O 196 47.30 48.93 42.17
C VAL O 196 48.54 48.48 41.42
N LYS O 197 49.36 49.45 41.04
CA LYS O 197 50.60 49.16 40.32
C LYS O 197 51.77 49.35 41.28
N TYR O 198 52.45 48.26 41.62
CA TYR O 198 53.59 48.34 42.50
C TYR O 198 54.74 49.07 41.83
N VAL O 199 55.30 50.05 42.53
CA VAL O 199 56.38 50.84 41.96
C VAL O 199 57.66 50.54 42.73
N PRO O 200 58.53 49.71 42.19
CA PRO O 200 59.81 49.44 42.86
C PRO O 200 60.70 50.67 42.78
N SER O 201 61.68 50.70 43.68
CA SER O 201 62.59 51.84 43.75
C SER O 201 63.81 51.67 42.85
N HIS O 202 63.57 51.44 41.56
CA HIS O 202 64.64 51.39 40.58
C HIS O 202 64.04 51.61 39.21
N GLY O 203 64.92 51.80 38.22
CA GLY O 203 64.50 52.12 36.88
C GLY O 203 64.91 53.53 36.53
N PRO O 204 64.49 54.02 35.37
CA PRO O 204 64.85 55.39 34.99
C PRO O 204 64.26 56.41 35.96
N LEU O 205 65.07 57.42 36.28
CA LEU O 205 64.65 58.44 37.22
C LEU O 205 63.53 59.33 36.70
N ASP O 206 63.26 59.30 35.39
CA ASP O 206 62.12 60.04 34.88
C ASP O 206 60.84 59.52 35.49
N LYS O 207 60.72 58.19 35.60
CA LYS O 207 59.59 57.60 36.30
C LYS O 207 59.53 58.03 37.75
N TRP O 208 60.69 58.24 38.38
CA TRP O 208 60.68 58.60 39.79
C TRP O 208 60.25 60.04 39.98
N ARG O 209 60.67 60.93 39.07
CA ARG O 209 60.41 62.35 39.23
C ARG O 209 59.07 62.77 38.64
N VAL O 210 58.48 61.99 37.74
CA VAL O 210 57.08 62.26 37.41
C VAL O 210 56.19 61.93 38.59
N LEU O 211 56.56 60.90 39.35
CA LEU O 211 56.03 60.76 40.70
C LEU O 211 56.68 61.79 41.61
N HIS O 212 56.14 61.88 42.83
CA HIS O 212 56.55 62.90 43.80
C HIS O 212 56.35 64.29 43.21
N SER O 213 55.38 64.41 42.31
CA SER O 213 55.17 65.64 41.56
C SER O 213 53.76 65.68 41.02
N LYS P 6 82.28 75.48 13.60
CA LYS P 6 81.22 75.30 14.58
C LYS P 6 80.39 74.07 14.20
N GLU P 7 80.05 73.99 12.92
CA GLU P 7 79.42 72.81 12.34
C GLU P 7 80.50 71.98 11.66
N ASN P 8 80.52 70.69 11.98
CA ASN P 8 81.49 69.81 11.34
C ASN P 8 81.08 69.57 9.89
N PRO P 9 81.96 69.86 8.92
CA PRO P 9 81.56 69.77 7.50
C PRO P 9 81.12 68.38 7.08
N MET P 10 81.49 67.35 7.81
CA MET P 10 81.00 66.01 7.51
C MET P 10 79.50 65.86 7.74
N ARG P 11 78.89 66.76 8.51
CA ARG P 11 77.47 66.70 8.81
C ARG P 11 76.61 67.33 7.73
N GLU P 12 77.23 67.91 6.70
CA GLU P 12 76.47 68.64 5.69
C GLU P 12 75.62 67.68 4.87
N LEU P 13 74.37 68.05 4.68
CA LEU P 13 73.43 67.19 3.96
C LEU P 13 73.79 67.16 2.47
N ARG P 14 73.41 66.08 1.82
CA ARG P 14 73.55 65.96 0.37
C ARG P 14 72.57 64.92 -0.14
N ILE P 15 72.27 65.00 -1.42
CA ILE P 15 71.35 64.06 -2.05
C ILE P 15 72.09 62.78 -2.39
N ARG P 16 71.48 61.64 -2.08
CA ARG P 16 72.08 60.36 -2.42
C ARG P 16 71.63 59.91 -3.80
N LYS P 17 70.33 59.87 -4.03
CA LYS P 17 69.78 59.47 -5.31
C LYS P 17 68.41 60.13 -5.49
N LEU P 18 67.84 59.93 -6.67
CA LEU P 18 66.57 60.56 -7.01
C LEU P 18 65.46 59.56 -7.29
N CYS P 19 65.77 58.40 -7.86
CA CYS P 19 64.86 57.26 -7.99
C CYS P 19 63.59 57.63 -8.76
N LEU P 20 63.79 57.93 -10.04
CA LEU P 20 62.66 58.10 -10.95
C LEU P 20 61.90 56.79 -11.10
N ASN P 21 60.60 56.89 -11.31
CA ASN P 21 59.75 55.71 -11.43
C ASN P 21 58.46 56.08 -12.14
N ILE P 22 58.03 55.23 -13.06
CA ILE P 22 56.75 55.36 -13.76
C ILE P 22 56.02 54.04 -13.62
N CYS P 23 54.81 54.08 -13.10
CA CYS P 23 53.99 52.87 -12.93
C CYS P 23 52.92 52.85 -14.02
N VAL P 24 53.30 52.36 -15.20
CA VAL P 24 52.34 52.19 -16.27
C VAL P 24 51.33 51.12 -15.86
N GLY P 25 50.07 51.35 -16.20
CA GLY P 25 49.02 50.42 -15.79
C GLY P 25 49.23 49.02 -16.33
N GLU P 26 49.70 48.91 -17.57
CA GLU P 26 49.90 47.61 -18.21
C GLU P 26 51.29 47.51 -18.80
N SER P 27 51.52 46.44 -19.56
CA SER P 27 52.79 46.16 -20.19
C SER P 27 52.75 46.52 -21.66
N GLY P 28 53.83 46.16 -22.37
CA GLY P 28 53.86 46.30 -23.80
C GLY P 28 54.46 47.60 -24.29
N ASP P 29 53.91 48.14 -25.38
CA ASP P 29 54.47 49.34 -25.98
C ASP P 29 54.36 50.54 -25.05
N ARG P 30 53.35 50.55 -24.18
CA ARG P 30 53.24 51.65 -23.23
C ARG P 30 54.46 51.65 -22.30
N LEU P 31 54.84 50.47 -21.82
CA LEU P 31 56.03 50.35 -20.99
C LEU P 31 57.30 50.71 -21.76
N THR P 32 57.39 50.29 -23.02
CA THR P 32 58.57 50.61 -23.81
C THR P 32 58.70 52.10 -24.05
N ARG P 33 57.59 52.77 -24.37
CA ARG P 33 57.61 54.21 -24.55
C ARG P 33 57.97 54.93 -23.27
N ALA P 34 57.45 54.46 -22.13
CA ALA P 34 57.81 55.04 -20.84
C ALA P 34 59.30 54.86 -20.58
N ALA P 35 59.83 53.68 -20.88
CA ALA P 35 61.26 53.43 -20.69
C ALA P 35 62.09 54.36 -21.57
N LYS P 36 61.66 54.58 -22.80
CA LYS P 36 62.39 55.51 -23.67
C LYS P 36 62.32 56.94 -23.13
N VAL P 37 61.19 57.32 -22.56
CA VAL P 37 61.08 58.63 -21.92
C VAL P 37 62.09 58.76 -20.79
N LEU P 38 62.17 57.73 -19.95
CA LEU P 38 63.13 57.75 -18.86
C LEU P 38 64.55 57.84 -19.38
N GLU P 39 64.87 57.07 -20.41
CA GLU P 39 66.23 57.06 -20.92
C GLU P 39 66.59 58.40 -21.54
N GLN P 40 65.65 59.02 -22.24
CA GLN P 40 65.87 60.36 -22.76
C GLN P 40 66.09 61.36 -21.65
N LEU P 41 65.29 61.26 -20.58
CA LEU P 41 65.39 62.21 -19.49
C LEU P 41 66.70 62.07 -18.74
N THR P 42 67.17 60.85 -18.54
CA THR P 42 68.37 60.59 -17.76
C THR P 42 69.62 60.46 -18.62
N GLY P 43 69.48 60.18 -19.91
CA GLY P 43 70.64 59.77 -20.69
C GLY P 43 71.19 58.46 -20.17
N GLN P 44 70.32 57.59 -19.66
CA GLN P 44 70.75 56.45 -18.86
C GLN P 44 69.67 55.38 -18.86
N THR P 45 70.06 54.13 -19.01
CA THR P 45 69.09 53.06 -19.24
C THR P 45 68.36 52.71 -17.95
N PRO P 46 67.03 52.67 -17.95
CA PRO P 46 66.29 52.27 -16.75
C PRO P 46 66.05 50.77 -16.70
N VAL P 47 65.29 50.31 -15.70
CA VAL P 47 64.99 48.88 -15.54
C VAL P 47 63.51 48.69 -15.29
N PHE P 48 63.01 47.53 -15.71
CA PHE P 48 61.62 47.14 -15.53
C PHE P 48 61.44 46.42 -14.20
N SER P 49 60.22 46.48 -13.67
CA SER P 49 59.86 45.77 -12.45
C SER P 49 58.67 44.86 -12.72
N LYS P 50 58.75 43.62 -12.27
CA LYS P 50 57.63 42.71 -12.36
C LYS P 50 56.70 42.91 -11.17
N ALA P 51 55.42 42.65 -11.39
CA ALA P 51 54.43 42.79 -10.34
C ALA P 51 54.57 41.65 -9.33
N ARG P 52 54.48 42.00 -8.05
CA ARG P 52 54.61 40.99 -7.00
C ARG P 52 53.44 40.01 -7.03
N TYR P 53 52.23 40.48 -7.28
CA TYR P 53 51.03 39.67 -7.21
C TYR P 53 50.14 39.90 -8.41
N THR P 54 49.03 39.16 -8.44
CA THR P 54 48.04 39.24 -9.50
C THR P 54 46.74 39.79 -8.93
N VAL P 55 46.23 40.85 -9.53
CA VAL P 55 44.96 41.45 -9.11
C VAL P 55 44.08 41.65 -10.34
N ARG P 56 42.77 41.56 -10.13
CA ARG P 56 41.81 41.72 -11.21
C ARG P 56 41.27 43.13 -11.29
N SER P 57 41.27 43.88 -10.19
CA SER P 57 40.84 45.26 -10.22
C SER P 57 41.74 46.09 -11.13
N PHE P 58 43.04 45.85 -11.07
CA PHE P 58 44.00 46.65 -11.81
C PHE P 58 44.43 45.99 -13.10
N GLY P 59 43.89 44.81 -13.40
CA GLY P 59 44.15 44.14 -14.66
C GLY P 59 45.58 43.73 -14.89
N ILE P 60 46.27 43.24 -13.85
CA ILE P 60 47.66 42.85 -13.96
C ILE P 60 47.83 41.45 -13.41
N ARG P 61 48.95 40.83 -13.75
CA ARG P 61 49.28 39.47 -13.34
C ARG P 61 50.65 39.43 -12.66
N ARG P 62 50.86 38.38 -11.87
CA ARG P 62 52.12 38.23 -11.15
C ARG P 62 53.27 38.06 -12.12
N ASN P 63 54.43 38.60 -11.74
CA ASN P 63 55.69 38.45 -12.47
C ASN P 63 55.64 39.08 -13.86
N GLU P 64 54.74 40.02 -14.08
CA GLU P 64 54.60 40.68 -15.36
C GLU P 64 55.25 42.05 -15.30
N LYS P 65 56.01 42.40 -16.34
CA LYS P 65 56.65 43.70 -16.40
C LYS P 65 55.61 44.80 -16.38
N ILE P 66 55.54 45.55 -15.29
CA ILE P 66 54.50 46.56 -15.12
C ILE P 66 55.09 47.94 -15.22
N ALA P 67 56.08 48.23 -14.38
CA ALA P 67 56.61 49.57 -14.21
C ALA P 67 58.09 49.59 -14.55
N VAL P 68 58.57 50.80 -14.82
CA VAL P 68 59.97 51.04 -15.13
C VAL P 68 60.48 52.14 -14.19
N HIS P 69 61.76 52.04 -13.84
CA HIS P 69 62.33 52.98 -12.89
C HIS P 69 63.83 53.02 -13.09
N CYS P 70 64.46 54.04 -12.50
CA CYS P 70 65.89 54.18 -12.55
C CYS P 70 66.35 55.06 -11.39
N THR P 71 67.62 54.93 -11.03
CA THR P 71 68.21 55.72 -9.94
C THR P 71 69.35 56.57 -10.48
N VAL P 72 69.35 57.84 -10.10
CA VAL P 72 70.29 58.82 -10.62
C VAL P 72 71.03 59.44 -9.45
N ARG P 73 72.36 59.49 -9.53
CA ARG P 73 73.19 60.03 -8.47
C ARG P 73 74.15 61.06 -9.02
N GLY P 74 74.50 62.03 -8.18
CA GLY P 74 75.48 63.03 -8.54
C GLY P 74 74.90 64.30 -9.13
N ALA P 75 75.61 64.87 -10.09
CA ALA P 75 75.19 66.14 -10.67
C ALA P 75 73.87 66.00 -11.43
N LYS P 76 73.72 64.90 -12.18
CA LYS P 76 72.50 64.69 -12.96
C LYS P 76 71.27 64.70 -12.06
N ALA P 77 71.40 64.12 -10.87
CA ALA P 77 70.31 64.15 -9.90
C ALA P 77 69.97 65.59 -9.52
N GLU P 78 70.99 66.42 -9.32
CA GLU P 78 70.76 67.81 -8.98
C GLU P 78 70.02 68.54 -10.11
N GLU P 79 70.43 68.31 -11.35
CA GLU P 79 69.78 68.99 -12.48
C GLU P 79 68.33 68.55 -12.62
N ILE P 80 68.08 67.25 -12.54
CA ILE P 80 66.72 66.75 -12.69
C ILE P 80 65.84 67.23 -11.54
N LEU P 81 66.40 67.28 -10.33
CA LEU P 81 65.63 67.79 -9.19
C LEU P 81 65.33 69.27 -9.36
N GLU P 82 66.29 70.03 -9.89
CA GLU P 82 66.04 71.44 -10.15
C GLU P 82 64.88 71.62 -11.13
N LYS P 83 64.87 70.84 -12.20
CA LYS P 83 63.79 70.95 -13.17
C LYS P 83 62.46 70.53 -12.56
N GLY P 84 62.46 69.46 -11.77
CA GLY P 84 61.23 69.03 -11.12
C GLY P 84 60.68 70.05 -10.16
N LEU P 85 61.56 70.72 -9.43
CA LEU P 85 61.13 71.78 -8.52
C LEU P 85 60.70 73.03 -9.29
N LYS P 86 61.24 73.22 -10.50
CA LYS P 86 60.73 74.27 -11.36
C LYS P 86 59.30 74.00 -11.78
N VAL P 87 58.99 72.75 -12.16
CA VAL P 87 57.64 72.41 -12.57
C VAL P 87 56.67 72.55 -11.41
N ARG P 88 57.06 72.10 -10.22
CA ARG P 88 56.24 72.17 -9.03
C ARG P 88 56.14 73.59 -8.47
N GLU P 89 56.76 74.57 -9.12
CA GLU P 89 56.75 75.97 -8.68
C GLU P 89 57.37 76.13 -7.29
N TYR P 90 58.26 75.20 -6.94
CA TYR P 90 59.04 75.27 -5.69
C TYR P 90 58.14 75.33 -4.46
N GLU P 91 57.04 74.59 -4.48
CA GLU P 91 56.20 74.46 -3.30
C GLU P 91 55.86 72.99 -3.10
N LEU P 92 55.74 72.58 -1.84
CA LEU P 92 55.33 71.24 -1.47
C LEU P 92 54.51 71.31 -0.20
N ARG P 93 53.58 70.38 -0.04
CA ARG P 93 52.82 70.28 1.18
C ARG P 93 53.72 69.88 2.34
N LYS P 94 53.19 70.04 3.55
CA LYS P 94 53.93 69.62 4.74
C LYS P 94 54.18 68.12 4.74
N ASN P 95 53.18 67.35 4.34
CA ASN P 95 53.24 65.90 4.46
C ASN P 95 54.01 65.24 3.33
N ASN P 96 54.58 66.00 2.40
CA ASN P 96 55.45 65.38 1.41
C ASN P 96 56.70 64.77 2.03
N PHE P 97 57.11 65.24 3.21
CA PHE P 97 58.34 64.79 3.82
C PHE P 97 58.08 63.57 4.69
N SER P 98 58.86 62.52 4.47
CA SER P 98 58.86 61.40 5.38
C SER P 98 59.57 61.77 6.67
N ASP P 99 59.15 61.14 7.76
CA ASP P 99 59.84 61.28 9.04
C ASP P 99 61.20 60.61 9.05
N THR P 100 61.51 59.82 8.02
CA THR P 100 62.79 59.12 7.95
C THR P 100 63.92 60.02 7.49
N GLY P 101 63.61 61.25 7.07
CA GLY P 101 64.63 62.14 6.58
C GLY P 101 64.67 62.28 5.07
N ASN P 102 63.62 61.87 4.37
CA ASN P 102 63.57 62.01 2.93
C ASN P 102 62.14 62.36 2.53
N PHE P 103 61.94 62.58 1.24
CA PHE P 103 60.67 63.04 0.71
C PHE P 103 60.61 62.76 -0.79
N GLY P 104 59.54 63.23 -1.41
CA GLY P 104 59.38 63.10 -2.84
C GLY P 104 58.06 63.68 -3.30
N PHE P 105 57.82 63.59 -4.60
CA PHE P 105 56.61 64.14 -5.19
C PHE P 105 56.32 63.42 -6.49
N GLY P 106 55.37 63.96 -7.26
CA GLY P 106 55.03 63.41 -8.54
C GLY P 106 54.82 64.51 -9.56
N ILE P 107 55.06 64.16 -10.82
CA ILE P 107 54.89 65.08 -11.95
C ILE P 107 53.87 64.47 -12.90
N GLN P 108 52.89 65.29 -13.30
CA GLN P 108 51.77 64.78 -14.06
C GLN P 108 52.12 64.56 -15.53
N GLU P 109 52.96 65.40 -16.11
CA GLU P 109 53.36 65.29 -17.51
C GLU P 109 54.86 65.45 -17.64
N HIS P 110 55.48 64.60 -18.45
CA HIS P 110 56.93 64.56 -18.56
C HIS P 110 57.49 65.56 -19.55
N ILE P 111 56.66 66.21 -20.37
CA ILE P 111 57.19 67.10 -21.40
C ILE P 111 57.26 68.55 -20.94
N ASP P 112 56.77 68.86 -19.75
CA ASP P 112 56.82 70.23 -19.27
C ASP P 112 58.19 70.62 -18.74
N LEU P 113 59.12 69.67 -18.64
CA LEU P 113 60.48 69.96 -18.17
C LEU P 113 61.46 69.46 -19.22
N GLY P 114 62.04 70.40 -19.97
CA GLY P 114 63.15 70.10 -20.83
C GLY P 114 62.81 69.23 -22.03
N ILE P 115 62.26 68.05 -21.76
CA ILE P 115 62.04 67.07 -22.81
C ILE P 115 60.94 67.57 -23.75
N LYS P 116 61.30 67.77 -25.00
CA LYS P 116 60.35 68.20 -26.01
C LYS P 116 59.53 67.00 -26.50
N TYR P 117 58.35 67.30 -27.01
CA TYR P 117 57.42 66.25 -27.38
C TYR P 117 57.84 65.52 -28.64
N ASP P 118 57.49 64.24 -28.71
CA ASP P 118 57.59 63.41 -29.89
C ASP P 118 56.28 62.66 -30.05
N PRO P 119 55.77 62.54 -31.28
CA PRO P 119 54.46 61.88 -31.48
C PRO P 119 54.43 60.44 -31.03
N SER P 120 55.53 59.71 -31.15
CA SER P 120 55.61 58.34 -30.68
C SER P 120 55.83 58.24 -29.19
N ILE P 121 55.60 59.32 -28.46
CA ILE P 121 55.87 59.41 -27.03
C ILE P 121 54.61 59.93 -26.35
N GLY P 122 54.23 59.29 -25.24
CA GLY P 122 53.01 59.61 -24.55
C GLY P 122 53.09 60.85 -23.69
N ILE P 123 52.11 60.99 -22.80
CA ILE P 123 51.94 62.16 -21.95
C ILE P 123 52.22 61.66 -20.54
N TYR P 124 53.17 60.74 -20.46
CA TYR P 124 53.45 60.02 -19.22
C TYR P 124 53.78 60.98 -18.08
N GLY P 125 53.20 60.70 -16.91
CA GLY P 125 53.68 61.30 -15.69
C GLY P 125 54.59 60.34 -14.94
N LEU P 126 54.97 60.75 -13.73
CA LEU P 126 56.00 60.02 -13.01
C LEU P 126 56.05 60.51 -11.57
N ASP P 127 56.91 59.87 -10.80
CA ASP P 127 57.15 60.21 -9.40
C ASP P 127 58.60 60.57 -9.18
N PHE P 128 58.84 61.55 -8.31
CA PHE P 128 60.17 61.88 -7.82
C PHE P 128 60.22 61.55 -6.35
N TYR P 129 61.31 60.92 -5.92
CA TYR P 129 61.53 60.65 -4.50
C TYR P 129 63.02 60.69 -4.22
N VAL P 130 63.51 61.87 -3.88
CA VAL P 130 64.93 62.05 -3.67
C VAL P 130 65.32 61.50 -2.31
N VAL P 131 66.55 61.05 -2.18
CA VAL P 131 67.08 60.51 -0.94
C VAL P 131 68.23 61.39 -0.49
N LEU P 132 68.08 62.00 0.69
CA LEU P 132 69.12 62.84 1.25
C LEU P 132 70.15 61.97 1.95
N GLY P 133 71.30 62.57 2.24
CA GLY P 133 72.34 61.85 2.95
C GLY P 133 73.39 62.77 3.52
N ARG P 134 74.13 62.22 4.48
CA ARG P 134 75.34 62.82 5.00
C ARG P 134 76.51 61.94 4.59
N PRO P 135 77.69 62.52 4.42
CA PRO P 135 78.88 61.70 4.17
C PRO P 135 79.11 60.73 5.32
N GLY P 136 79.14 59.44 5.01
CA GLY P 136 79.16 58.42 6.03
C GLY P 136 77.93 57.55 6.06
N PHE P 137 76.90 57.84 5.27
CA PHE P 137 75.73 56.97 5.23
C PHE P 137 76.03 55.64 4.55
N SER P 138 77.08 55.58 3.75
CA SER P 138 77.41 54.36 3.01
C SER P 138 77.87 53.23 3.92
N ILE P 139 78.16 53.52 5.18
CA ILE P 139 78.57 52.47 6.10
C ILE P 139 77.46 51.46 6.33
N ALA P 140 76.20 51.84 6.10
CA ALA P 140 75.11 50.89 6.26
C ALA P 140 74.92 50.04 5.01
N ASP P 141 75.68 50.29 3.96
CA ASP P 141 75.53 49.54 2.72
C ASP P 141 76.83 48.92 2.23
N LYS P 142 77.93 49.12 2.93
CA LYS P 142 79.16 48.40 2.59
C LYS P 142 79.08 46.97 3.07
N LYS P 143 79.96 46.14 2.51
CA LYS P 143 79.88 44.70 2.76
C LYS P 143 80.54 44.33 4.09
N ARG P 144 81.76 44.81 4.33
CA ARG P 144 82.53 44.43 5.49
C ARG P 144 82.39 45.48 6.59
N ARG P 145 82.12 45.02 7.81
CA ARG P 145 82.02 45.89 8.98
C ARG P 145 80.93 46.95 8.83
N THR P 146 79.81 46.54 8.25
CA THR P 146 78.69 47.46 8.16
C THR P 146 78.12 47.73 9.55
N GLY P 147 77.42 48.85 9.67
CA GLY P 147 76.86 49.20 10.97
C GLY P 147 75.90 50.35 10.85
N CYS P 148 75.17 50.56 11.95
CA CYS P 148 74.20 51.64 12.02
C CYS P 148 74.90 52.99 12.07
N ILE P 149 74.12 54.04 11.84
CA ILE P 149 74.70 55.36 11.65
C ILE P 149 74.74 56.21 12.92
N GLY P 150 73.88 55.93 13.88
CA GLY P 150 73.83 56.76 15.07
C GLY P 150 72.76 57.83 14.95
N ALA P 151 72.19 58.21 16.10
CA ALA P 151 71.02 59.08 16.10
C ALA P 151 71.35 60.49 15.67
N LYS P 152 72.50 61.02 16.11
CA LYS P 152 72.88 62.38 15.76
C LYS P 152 73.08 62.53 14.26
N HIS P 153 73.69 61.54 13.63
CA HIS P 153 73.98 61.62 12.20
C HIS P 153 72.73 61.51 11.35
N ARG P 154 71.59 61.12 11.92
CA ARG P 154 70.39 60.88 11.14
C ARG P 154 69.83 62.19 10.59
N ILE P 155 68.81 62.05 9.76
CA ILE P 155 68.13 63.18 9.13
C ILE P 155 66.66 63.13 9.51
N SER P 156 66.13 64.26 9.96
CA SER P 156 64.74 64.33 10.38
C SER P 156 63.90 65.06 9.35
N LYS P 157 62.58 65.01 9.54
CA LYS P 157 61.66 65.75 8.70
C LYS P 157 61.93 67.25 8.80
N GLU P 158 62.19 67.75 10.01
CA GLU P 158 62.56 69.14 10.18
C GLU P 158 63.87 69.43 9.45
N GLU P 159 64.83 68.52 9.55
CA GLU P 159 66.11 68.72 8.89
C GLU P 159 65.97 68.80 7.39
N ALA P 160 65.19 67.89 6.80
CA ALA P 160 64.99 67.90 5.35
C ALA P 160 64.24 69.15 4.90
N MET P 161 63.22 69.55 5.66
CA MET P 161 62.48 70.75 5.30
C MET P 161 63.38 71.97 5.32
N ARG P 162 64.22 72.09 6.36
CA ARG P 162 65.14 73.22 6.43
C ARG P 162 66.13 73.19 5.29
N TRP P 163 66.67 72.01 4.98
CA TRP P 163 67.64 71.92 3.90
C TRP P 163 67.03 72.35 2.59
N PHE P 164 65.79 71.90 2.32
CA PHE P 164 65.10 72.35 1.12
C PHE P 164 64.89 73.86 1.11
N GLN P 165 64.54 74.41 2.27
CA GLN P 165 64.26 75.85 2.33
C GLN P 165 65.51 76.69 2.13
N GLN P 166 66.64 76.28 2.69
CA GLN P 166 67.85 77.09 2.46
C GLN P 166 68.43 76.87 1.09
N LYS P 167 68.41 75.65 0.55
CA LYS P 167 69.05 75.44 -0.74
C LYS P 167 68.16 75.88 -1.90
N TYR P 168 67.02 75.21 -2.07
CA TYR P 168 66.14 75.47 -3.21
C TYR P 168 65.07 76.48 -2.89
N ASP P 169 65.24 77.25 -1.82
CA ASP P 169 64.40 78.37 -1.37
C ASP P 169 62.93 78.15 -1.68
N GLY P 170 62.44 76.95 -1.38
CA GLY P 170 61.06 76.60 -1.64
C GLY P 170 60.17 76.94 -0.46
N ILE P 171 58.90 76.61 -0.62
CA ILE P 171 57.88 76.93 0.38
C ILE P 171 57.18 75.64 0.75
N ILE P 172 56.93 75.45 2.04
CA ILE P 172 56.26 74.26 2.55
C ILE P 172 54.85 74.68 2.96
N LEU P 173 53.87 74.26 2.20
CA LEU P 173 52.50 74.57 2.52
C LEU P 173 52.02 73.68 3.67
N PRO P 174 51.27 74.23 4.61
CA PRO P 174 50.69 73.41 5.68
C PRO P 174 49.48 72.62 5.22
N GLY P 175 49.72 71.64 4.35
CA GLY P 175 48.67 70.77 3.87
C GLY P 175 49.20 69.38 3.57
N ALA Q 1 58.46 -30.49 10.53
CA ALA Q 1 58.73 -29.28 11.29
C ALA Q 1 60.18 -29.26 11.76
N PRO Q 2 60.97 -28.35 11.21
CA PRO Q 2 62.37 -28.26 11.60
C PRO Q 2 62.53 -27.77 13.02
N SER Q 3 63.69 -28.06 13.60
CA SER Q 3 63.98 -27.67 14.98
C SER Q 3 65.48 -27.42 15.09
N ARG Q 4 65.84 -26.17 15.37
CA ARG Q 4 67.23 -25.73 15.52
C ARG Q 4 67.99 -26.12 14.26
N ASN Q 5 69.30 -26.28 14.35
CA ASN Q 5 70.06 -26.68 13.18
C ASN Q 5 69.81 -28.14 12.84
N GLY Q 6 69.97 -28.46 11.56
CA GLY Q 6 69.76 -29.82 11.09
C GLY Q 6 69.96 -29.84 9.59
N MET Q 7 69.97 -31.05 9.04
CA MET Q 7 70.20 -31.23 7.62
C MET Q 7 68.87 -31.49 6.92
N VAL Q 8 68.68 -30.86 5.77
CA VAL Q 8 67.44 -31.00 5.02
C VAL Q 8 67.35 -32.44 4.50
N LEU Q 9 66.42 -33.21 5.04
CA LEU Q 9 66.26 -34.60 4.68
C LEU Q 9 65.06 -34.77 3.75
N LYS Q 10 65.24 -35.59 2.73
CA LYS Q 10 64.15 -35.92 1.80
C LYS Q 10 64.08 -37.44 1.67
N PRO Q 11 63.52 -38.11 2.66
CA PRO Q 11 63.37 -39.57 2.56
C PRO Q 11 62.40 -39.93 1.44
N HIS Q 12 62.66 -41.06 0.80
CA HIS Q 12 61.80 -41.51 -0.29
C HIS Q 12 60.76 -42.51 0.23
N PHE Q 13 59.91 -42.05 1.14
CA PHE Q 13 58.95 -42.93 1.78
C PHE Q 13 57.54 -42.39 1.68
N HIS Q 14 57.12 -42.04 0.47
CA HIS Q 14 55.77 -41.56 0.26
C HIS Q 14 55.05 -42.36 -0.82
N LYS Q 15 55.47 -43.59 -1.06
CA LYS Q 15 54.98 -44.34 -2.22
C LYS Q 15 54.57 -45.75 -1.82
N ASP Q 16 54.08 -45.91 -0.59
CA ASP Q 16 53.59 -47.19 -0.06
C ASP Q 16 54.66 -48.28 -0.20
N TRP Q 17 55.78 -48.05 0.47
CA TRP Q 17 56.93 -48.94 0.33
C TRP Q 17 56.72 -50.27 1.01
N GLN Q 18 55.88 -50.33 2.03
CA GLN Q 18 55.74 -51.54 2.83
C GLN Q 18 55.21 -52.73 2.06
N ARG Q 19 54.52 -52.50 0.93
CA ARG Q 19 54.04 -53.63 0.14
C ARG Q 19 55.14 -54.31 -0.64
N ARG Q 20 56.23 -53.60 -0.94
CA ARG Q 20 57.32 -54.14 -1.77
C ARG Q 20 58.62 -53.98 -0.99
N VAL Q 21 58.91 -54.94 -0.13
CA VAL Q 21 60.11 -54.92 0.71
C VAL Q 21 60.83 -56.25 0.51
N ALA Q 22 62.05 -56.18 -0.01
CA ALA Q 22 62.85 -57.37 -0.23
C ALA Q 22 63.61 -57.68 1.05
N THR Q 23 63.18 -58.73 1.74
CA THR Q 23 63.94 -59.25 2.85
C THR Q 23 65.07 -60.13 2.32
N TRP Q 24 66.04 -60.41 3.18
CA TRP Q 24 67.19 -61.21 2.78
C TRP Q 24 67.39 -62.40 3.69
N PHE Q 25 66.33 -62.90 4.31
CA PHE Q 25 66.47 -64.00 5.23
C PHE Q 25 66.92 -65.28 4.55
N ASN Q 26 66.74 -65.39 3.25
CA ASN Q 26 67.12 -66.58 2.50
C ASN Q 26 68.55 -66.50 1.99
N GLN Q 27 69.30 -65.49 2.40
CA GLN Q 27 70.64 -65.29 1.87
C GLN Q 27 71.58 -66.47 2.11
N PRO Q 28 71.72 -67.01 3.33
CA PRO Q 28 72.60 -68.19 3.46
C PRO Q 28 72.09 -69.39 2.70
N ALA Q 29 70.78 -69.57 2.62
CA ALA Q 29 70.22 -70.69 1.86
C ALA Q 29 70.55 -70.54 0.38
N ARG Q 30 70.46 -69.32 -0.15
CA ARG Q 30 70.82 -69.10 -1.54
C ARG Q 30 72.31 -69.34 -1.75
N LYS Q 31 73.15 -68.95 -0.78
CA LYS Q 31 74.56 -69.24 -0.90
C LYS Q 31 74.80 -70.74 -0.97
N ILE Q 32 74.09 -71.50 -0.14
CA ILE Q 32 74.24 -72.94 -0.12
C ILE Q 32 73.79 -73.54 -1.45
N ARG Q 33 72.65 -73.07 -1.96
CA ARG Q 33 72.15 -73.58 -3.22
C ARG Q 33 73.13 -73.30 -4.35
N ARG Q 34 73.67 -72.09 -4.40
CA ARG Q 34 74.63 -71.76 -5.44
C ARG Q 34 75.87 -72.61 -5.32
N ARG Q 35 76.35 -72.85 -4.09
CA ARG Q 35 77.55 -73.66 -3.94
C ARG Q 35 77.28 -75.09 -4.39
N LYS Q 36 76.11 -75.63 -4.06
CA LYS Q 36 75.82 -77.00 -4.48
C LYS Q 36 75.66 -77.09 -5.99
N ALA Q 37 75.10 -76.06 -6.61
CA ALA Q 37 75.02 -76.03 -8.07
C ALA Q 37 76.41 -75.97 -8.68
N ARG Q 38 77.31 -75.20 -8.07
CA ARG Q 38 78.68 -75.14 -8.55
C ARG Q 38 79.34 -76.50 -8.48
N GLN Q 39 79.19 -77.18 -7.35
CA GLN Q 39 79.78 -78.50 -7.19
C GLN Q 39 79.18 -79.51 -8.16
N ALA Q 40 77.86 -79.44 -8.38
CA ALA Q 40 77.23 -80.35 -9.31
C ALA Q 40 77.73 -80.12 -10.73
N LYS Q 41 77.86 -78.86 -11.15
CA LYS Q 41 78.40 -78.60 -12.47
C LYS Q 41 79.85 -79.06 -12.57
N ALA Q 42 80.60 -78.91 -11.49
CA ALA Q 42 81.98 -79.39 -11.47
C ALA Q 42 82.06 -80.90 -11.67
N ARG Q 43 81.16 -81.64 -11.01
CA ARG Q 43 81.13 -83.08 -11.24
C ARG Q 43 80.69 -83.42 -12.65
N ARG Q 44 79.76 -82.64 -13.20
CA ARG Q 44 79.19 -82.99 -14.50
C ARG Q 44 80.23 -82.94 -15.60
N ILE Q 45 81.03 -81.88 -15.62
CA ILE Q 45 82.19 -81.80 -16.52
C ILE Q 45 83.40 -82.07 -15.64
N ALA Q 46 83.80 -83.34 -15.57
CA ALA Q 46 84.86 -83.71 -14.63
C ALA Q 46 86.20 -83.10 -15.02
N PRO Q 47 86.81 -83.43 -16.17
CA PRO Q 47 88.17 -82.94 -16.39
C PRO Q 47 88.19 -81.52 -16.89
N ARG Q 48 87.04 -81.01 -17.31
CA ARG Q 48 86.97 -79.64 -17.79
C ARG Q 48 87.08 -78.68 -16.62
N PRO Q 49 87.60 -77.47 -16.85
CA PRO Q 49 87.75 -76.51 -15.75
C PRO Q 49 86.40 -76.15 -15.16
N ALA Q 50 86.39 -75.95 -13.85
CA ALA Q 50 85.15 -75.61 -13.16
C ALA Q 50 84.60 -74.28 -13.62
N SER Q 51 85.47 -73.27 -13.74
CA SER Q 51 85.01 -71.95 -14.15
C SER Q 51 84.50 -71.95 -15.58
N GLY Q 52 85.15 -72.67 -16.47
CA GLY Q 52 84.71 -72.75 -17.84
C GLY Q 52 85.74 -72.19 -18.80
N PRO Q 53 85.28 -71.62 -19.91
CA PRO Q 53 86.20 -71.18 -20.95
C PRO Q 53 87.07 -70.03 -20.49
N ILE Q 54 88.30 -70.02 -21.01
CA ILE Q 54 89.22 -68.94 -20.73
C ILE Q 54 88.69 -67.67 -21.40
N ARG Q 55 89.00 -66.52 -20.79
CA ARG Q 55 88.50 -65.23 -21.22
C ARG Q 55 89.64 -64.36 -21.74
N PRO Q 56 89.35 -63.39 -22.61
CA PRO Q 56 90.40 -62.57 -23.17
C PRO Q 56 90.86 -61.47 -22.22
N ILE Q 57 92.07 -60.97 -22.50
CA ILE Q 57 92.63 -59.85 -21.77
C ILE Q 57 92.09 -58.55 -22.35
N VAL Q 58 91.47 -57.74 -21.49
CA VAL Q 58 90.66 -56.63 -21.93
C VAL Q 58 91.01 -55.38 -21.13
N ARG Q 59 91.32 -54.30 -21.83
CA ARG Q 59 91.49 -53.01 -21.18
C ARG Q 59 90.14 -52.38 -20.90
N CYS Q 60 90.02 -51.77 -19.73
CA CYS Q 60 88.74 -51.24 -19.29
C CYS Q 60 88.36 -50.00 -20.09
N PRO Q 61 87.08 -49.74 -20.30
CA PRO Q 61 86.66 -48.71 -21.26
C PRO Q 61 87.04 -47.28 -20.92
N THR Q 62 86.61 -46.79 -19.76
CA THR Q 62 86.61 -45.35 -19.53
C THR Q 62 87.98 -44.83 -19.14
N VAL Q 63 88.10 -43.50 -19.12
CA VAL Q 63 89.32 -42.86 -18.67
C VAL Q 63 89.58 -43.14 -17.20
N ARG Q 64 88.53 -43.41 -16.43
CA ARG Q 64 88.72 -43.76 -15.03
C ARG Q 64 89.47 -45.08 -14.88
N TYR Q 65 89.19 -46.07 -15.73
CA TYR Q 65 89.69 -47.41 -15.50
C TYR Q 65 90.60 -47.95 -16.60
N HIS Q 66 90.95 -47.16 -17.61
CA HIS Q 66 91.73 -47.75 -18.68
C HIS Q 66 93.14 -48.14 -18.24
N THR Q 67 93.59 -47.68 -17.08
CA THR Q 67 94.85 -48.19 -16.54
C THR Q 67 94.73 -49.62 -16.09
N LYS Q 68 93.53 -50.08 -15.80
CA LYS Q 68 93.30 -51.42 -15.28
C LYS Q 68 92.97 -52.37 -16.43
N VAL Q 69 93.12 -53.66 -16.15
CA VAL Q 69 92.85 -54.69 -17.14
C VAL Q 69 92.00 -55.78 -16.48
N ARG Q 70 91.03 -56.27 -17.22
CA ARG Q 70 90.08 -57.23 -16.66
C ARG Q 70 89.89 -58.36 -17.66
N ALA Q 71 89.08 -59.33 -17.26
CA ALA Q 71 88.69 -60.42 -18.13
C ALA Q 71 87.47 -60.01 -18.95
N GLY Q 72 87.50 -60.32 -20.23
CA GLY Q 72 86.43 -59.97 -21.13
C GLY Q 72 85.42 -61.09 -21.30
N ARG Q 73 84.62 -60.96 -22.35
CA ARG Q 73 83.62 -61.98 -22.63
C ARG Q 73 84.20 -63.13 -23.43
N GLY Q 74 84.77 -62.85 -24.59
CA GLY Q 74 85.28 -63.89 -25.45
C GLY Q 74 86.32 -63.34 -26.39
N PHE Q 75 87.12 -64.25 -26.94
CA PHE Q 75 88.19 -63.85 -27.82
C PHE Q 75 87.65 -63.43 -29.19
N SER Q 76 88.22 -62.36 -29.73
CA SER Q 76 87.73 -61.82 -30.98
C SER Q 76 88.14 -62.73 -32.14
N LEU Q 77 87.39 -62.62 -33.24
CA LEU Q 77 87.60 -63.50 -34.37
C LEU Q 77 88.95 -63.25 -35.03
N GLU Q 78 89.43 -62.01 -35.02
CA GLU Q 78 90.76 -61.73 -35.55
C GLU Q 78 91.82 -62.48 -34.77
N GLU Q 79 91.66 -62.54 -33.45
CA GLU Q 79 92.59 -63.25 -32.60
C GLU Q 79 92.67 -64.72 -33.01
N LEU Q 80 91.53 -65.35 -33.23
CA LEU Q 80 91.52 -66.73 -33.67
C LEU Q 80 92.14 -66.89 -35.05
N ARG Q 81 91.80 -65.99 -35.98
CA ARG Q 81 92.31 -66.13 -37.33
C ARG Q 81 93.83 -66.08 -37.37
N VAL Q 82 94.42 -65.08 -36.73
CA VAL Q 82 95.87 -65.03 -36.70
C VAL Q 82 96.43 -66.13 -35.79
N ALA Q 83 95.62 -66.63 -34.87
CA ALA Q 83 96.01 -67.77 -34.05
C ALA Q 83 95.81 -69.10 -34.78
N GLY Q 84 95.24 -69.08 -35.97
CA GLY Q 84 95.10 -70.29 -36.76
C GLY Q 84 94.08 -71.27 -36.24
N ILE Q 85 93.12 -70.80 -35.45
CA ILE Q 85 92.13 -71.66 -34.80
C ILE Q 85 90.76 -71.33 -35.35
N HIS Q 86 90.05 -72.36 -35.82
CA HIS Q 86 88.72 -72.18 -36.37
C HIS Q 86 87.78 -71.62 -35.32
N LYS Q 87 86.89 -70.71 -35.74
CA LYS Q 87 85.97 -70.09 -34.81
C LYS Q 87 84.93 -71.05 -34.27
N LYS Q 88 84.61 -72.11 -35.01
CA LYS Q 88 83.59 -73.06 -34.56
C LYS Q 88 84.16 -74.15 -33.67
N VAL Q 89 85.48 -74.31 -33.62
CA VAL Q 89 86.08 -75.35 -32.81
C VAL Q 89 86.48 -74.86 -31.42
N ALA Q 90 86.81 -73.58 -31.28
CA ALA Q 90 87.35 -73.07 -30.03
C ALA Q 90 86.39 -73.24 -28.88
N ARG Q 91 85.09 -73.08 -29.14
CA ARG Q 91 84.10 -73.34 -28.10
C ARG Q 91 84.10 -74.79 -27.67
N THR Q 92 84.30 -75.72 -28.63
CA THR Q 92 84.26 -77.13 -28.29
C THR Q 92 85.39 -77.52 -27.35
N ILE Q 93 86.56 -76.94 -27.53
CA ILE Q 93 87.70 -77.27 -26.68
C ILE Q 93 87.71 -76.35 -25.47
N GLY Q 94 86.76 -75.43 -25.42
CA GLY Q 94 86.61 -74.57 -24.27
C GLY Q 94 87.26 -73.21 -24.38
N ILE Q 95 87.00 -72.47 -25.45
CA ILE Q 95 87.46 -71.09 -25.58
C ILE Q 95 86.25 -70.22 -25.83
N SER Q 96 86.01 -69.27 -24.94
CA SER Q 96 84.95 -68.31 -25.17
C SER Q 96 85.34 -67.35 -26.28
N VAL Q 97 84.39 -67.06 -27.17
CA VAL Q 97 84.62 -66.19 -28.30
C VAL Q 97 83.61 -65.06 -28.28
N ASP Q 98 83.96 -63.95 -28.91
CA ASP Q 98 83.09 -62.78 -28.98
C ASP Q 98 83.18 -62.20 -30.38
N PRO Q 99 82.25 -62.56 -31.26
CA PRO Q 99 82.33 -62.08 -32.64
C PRO Q 99 82.20 -60.59 -32.78
N ARG Q 100 81.49 -59.92 -31.89
CA ARG Q 100 81.21 -58.50 -32.07
C ARG Q 100 82.27 -57.60 -31.47
N ARG Q 101 83.29 -58.16 -30.83
CA ARG Q 101 84.42 -57.37 -30.36
C ARG Q 101 85.38 -57.13 -31.51
N ARG Q 102 85.90 -55.92 -31.59
CA ARG Q 102 86.86 -55.56 -32.62
C ARG Q 102 88.25 -55.47 -32.03
N ASN Q 103 89.21 -55.16 -32.89
CA ASN Q 103 90.63 -55.11 -32.52
C ASN Q 103 91.19 -53.78 -32.98
N LYS Q 104 91.11 -52.76 -32.13
CA LYS Q 104 91.61 -51.45 -32.52
C LYS Q 104 93.13 -51.41 -32.55
N SER Q 105 93.79 -51.93 -31.53
CA SER Q 105 95.23 -51.84 -31.40
C SER Q 105 95.86 -53.21 -31.57
N THR Q 106 97.08 -53.21 -32.10
CA THR Q 106 97.78 -54.46 -32.34
C THR Q 106 98.37 -55.07 -31.08
N GLU Q 107 98.72 -54.26 -30.07
CA GLU Q 107 99.29 -54.81 -28.85
C GLU Q 107 98.31 -55.72 -28.14
N SER Q 108 97.04 -55.32 -28.07
CA SER Q 108 96.03 -56.18 -27.46
C SER Q 108 95.90 -57.48 -28.23
N LEU Q 109 95.94 -57.39 -29.55
CA LEU Q 109 95.90 -58.59 -30.38
C LEU Q 109 97.07 -59.51 -30.07
N GLN Q 110 98.27 -58.95 -29.94
CA GLN Q 110 99.44 -59.77 -29.66
C GLN Q 110 99.34 -60.42 -28.29
N ALA Q 111 98.91 -59.67 -27.28
CA ALA Q 111 98.77 -60.24 -25.95
C ALA Q 111 97.77 -61.39 -25.96
N ASN Q 112 96.66 -61.20 -26.67
CA ASN Q 112 95.65 -62.24 -26.70
C ASN Q 112 96.12 -63.47 -27.46
N VAL Q 113 96.89 -63.30 -28.54
CA VAL Q 113 97.35 -64.50 -29.22
C VAL Q 113 98.40 -65.23 -28.39
N GLN Q 114 99.20 -64.51 -27.62
CA GLN Q 114 100.05 -65.23 -26.66
C GLN Q 114 99.23 -65.99 -25.66
N ARG Q 115 98.15 -65.39 -25.16
CA ARG Q 115 97.28 -66.09 -24.23
C ARG Q 115 96.70 -67.34 -24.86
N LEU Q 116 96.28 -67.23 -26.12
CA LEU Q 116 95.71 -68.37 -26.83
C LEU Q 116 96.72 -69.48 -27.00
N LYS Q 117 97.92 -69.14 -27.48
CA LYS Q 117 98.93 -70.17 -27.69
C LYS Q 117 99.34 -70.83 -26.38
N GLU Q 118 99.43 -70.04 -25.32
CA GLU Q 118 99.82 -70.58 -24.02
C GLU Q 118 98.77 -71.55 -23.50
N TYR Q 119 97.49 -71.18 -23.61
CA TYR Q 119 96.42 -72.09 -23.22
C TYR Q 119 96.42 -73.35 -24.06
N ARG Q 120 96.61 -73.20 -25.37
CA ARG Q 120 96.65 -74.35 -26.26
C ARG Q 120 97.78 -75.29 -25.87
N SER Q 121 98.94 -74.74 -25.53
CA SER Q 121 100.04 -75.55 -25.05
C SER Q 121 99.66 -76.28 -23.78
N LYS Q 122 98.99 -75.59 -22.87
CA LYS Q 122 98.63 -76.22 -21.61
C LYS Q 122 97.39 -77.09 -21.73
N LEU Q 123 96.79 -77.17 -22.91
CA LEU Q 123 95.58 -77.97 -23.08
C LEU Q 123 95.91 -79.46 -23.13
N ILE Q 124 95.03 -80.27 -22.57
CA ILE Q 124 95.02 -81.71 -22.76
C ILE Q 124 93.69 -82.08 -23.39
N LEU Q 125 93.73 -82.85 -24.47
CA LEU Q 125 92.52 -83.31 -25.14
C LEU Q 125 92.36 -84.80 -24.94
N PHE Q 126 91.12 -85.25 -24.78
CA PHE Q 126 90.86 -86.68 -24.71
C PHE Q 126 90.30 -87.17 -26.03
N PRO Q 127 90.69 -88.36 -26.47
CA PRO Q 127 90.12 -88.89 -27.72
C PRO Q 127 88.64 -89.16 -27.53
N ARG Q 128 87.90 -89.08 -28.64
CA ARG Q 128 86.49 -89.43 -28.58
C ARG Q 128 86.31 -90.89 -28.17
N LYS Q 129 87.10 -91.78 -28.74
CA LYS Q 129 87.06 -93.17 -28.34
C LYS Q 129 88.33 -93.46 -27.53
N PRO Q 130 88.22 -93.77 -26.24
CA PRO Q 130 89.43 -93.90 -25.41
C PRO Q 130 90.38 -94.98 -25.91
N SER Q 131 89.85 -96.06 -26.47
CA SER Q 131 90.70 -97.10 -27.04
C SER Q 131 91.22 -96.74 -28.42
N ALA Q 132 90.75 -95.66 -29.02
CA ALA Q 132 91.14 -95.26 -30.37
C ALA Q 132 91.63 -93.82 -30.34
N PRO Q 133 92.84 -93.59 -29.83
CA PRO Q 133 93.39 -92.24 -29.86
C PRO Q 133 93.81 -91.86 -31.28
N LYS Q 134 93.02 -91.01 -31.91
CA LYS Q 134 93.30 -90.62 -33.28
C LYS Q 134 94.31 -89.49 -33.34
N LYS Q 135 93.98 -88.33 -32.76
CA LYS Q 135 94.87 -87.19 -32.79
C LYS Q 135 94.88 -86.37 -31.51
N GLY Q 136 94.17 -86.79 -30.47
CA GLY Q 136 94.03 -85.93 -29.31
C GLY Q 136 95.29 -85.76 -28.50
N ASP Q 137 95.70 -86.80 -27.77
CA ASP Q 137 96.86 -86.73 -26.90
C ASP Q 137 97.35 -88.14 -26.62
N SER Q 138 98.58 -88.21 -26.11
CA SER Q 138 99.12 -89.48 -25.65
C SER Q 138 98.56 -89.83 -24.28
N SER Q 139 98.58 -91.12 -23.96
CA SER Q 139 98.18 -91.55 -22.63
C SER Q 139 99.18 -91.13 -21.56
N ALA Q 140 100.40 -90.78 -21.96
CA ALA Q 140 101.40 -90.40 -20.97
C ALA Q 140 101.03 -89.11 -20.27
N GLU Q 141 100.54 -88.13 -21.01
CA GLU Q 141 100.26 -86.80 -20.47
C GLU Q 141 98.82 -86.62 -20.06
N GLU Q 142 98.03 -87.68 -20.03
CA GLU Q 142 96.61 -87.58 -19.75
C GLU Q 142 96.11 -88.59 -18.74
N LEU Q 143 96.90 -89.62 -18.42
CA LEU Q 143 96.49 -90.61 -17.43
C LEU Q 143 96.24 -89.96 -16.09
N LYS Q 144 97.30 -89.41 -15.49
CA LYS Q 144 97.20 -88.73 -14.22
C LYS Q 144 97.30 -87.22 -14.34
N LEU Q 145 97.92 -86.71 -15.40
CA LEU Q 145 98.04 -85.28 -15.57
C LEU Q 145 96.71 -84.59 -15.86
N ALA Q 146 95.68 -85.36 -16.16
CA ALA Q 146 94.33 -84.81 -16.24
C ALA Q 146 93.89 -84.39 -14.84
N THR Q 147 93.38 -83.16 -14.73
CA THR Q 147 92.97 -82.61 -13.45
C THR Q 147 92.04 -81.44 -13.69
N GLN Q 148 90.91 -81.43 -13.01
CA GLN Q 148 90.05 -80.26 -13.05
C GLN Q 148 90.78 -79.07 -12.45
N LEU Q 149 90.82 -77.97 -13.19
CA LEU Q 149 91.50 -76.76 -12.72
C LEU Q 149 90.51 -75.85 -12.02
N THR Q 150 90.78 -75.54 -10.76
CA THR Q 150 89.89 -74.75 -9.93
C THR Q 150 90.15 -73.27 -10.18
N GLY Q 151 89.06 -72.50 -10.35
CA GLY Q 151 89.17 -71.08 -10.52
C GLY Q 151 89.39 -70.71 -11.96
N PRO Q 152 89.53 -69.41 -12.24
CA PRO Q 152 89.68 -68.96 -13.63
C PRO Q 152 90.95 -69.52 -14.24
N VAL Q 153 90.83 -69.95 -15.50
CA VAL Q 153 91.97 -70.53 -16.20
C VAL Q 153 92.87 -69.39 -16.67
N MET Q 154 94.12 -69.41 -16.20
CA MET Q 154 95.09 -68.36 -16.50
C MET Q 154 94.51 -66.99 -16.15
N PRO Q 155 94.26 -66.70 -14.89
CA PRO Q 155 93.51 -65.48 -14.55
C PRO Q 155 94.24 -64.22 -14.95
N VAL Q 156 93.47 -63.18 -15.29
CA VAL Q 156 94.03 -61.91 -15.68
C VAL Q 156 94.70 -61.25 -14.48
N ARG Q 157 95.97 -60.93 -14.62
CA ARG Q 157 96.74 -60.34 -13.53
C ARG Q 157 97.43 -59.08 -14.03
N ASN Q 158 97.29 -58.01 -13.27
CA ASN Q 158 97.96 -56.75 -13.62
C ASN Q 158 99.46 -56.92 -13.52
N VAL Q 159 100.18 -56.26 -14.43
CA VAL Q 159 101.63 -56.28 -14.46
C VAL Q 159 102.15 -54.84 -14.43
N TYR Q 160 103.23 -54.63 -13.68
CA TYR Q 160 103.82 -53.31 -13.53
C TYR Q 160 105.28 -53.37 -13.94
N LYS Q 161 105.64 -52.54 -14.92
CA LYS Q 161 107.03 -52.50 -15.35
C LYS Q 161 107.76 -51.41 -14.57
N LYS Q 162 108.68 -51.83 -13.72
CA LYS Q 162 109.44 -50.88 -12.93
C LYS Q 162 110.65 -50.42 -13.73
N GLU Q 163 110.83 -49.12 -13.84
CA GLU Q 163 112.01 -48.56 -14.48
C GLU Q 163 113.08 -48.37 -13.40
N LYS Q 164 114.29 -48.80 -13.70
CA LYS Q 164 115.39 -48.57 -12.78
C LYS Q 164 115.68 -47.08 -12.69
N ALA Q 165 116.20 -46.66 -11.54
CA ALA Q 165 116.58 -45.27 -11.35
C ALA Q 165 117.65 -44.88 -12.35
N ARG Q 166 117.60 -43.63 -12.81
CA ARG Q 166 118.62 -43.13 -13.72
C ARG Q 166 118.95 -41.69 -13.37
N VAL Q 167 119.96 -41.16 -14.06
CA VAL Q 167 120.38 -39.78 -13.89
C VAL Q 167 119.49 -38.88 -14.74
N ILE Q 168 118.97 -37.83 -14.14
CA ILE Q 168 118.16 -36.87 -14.87
C ILE Q 168 119.06 -36.06 -15.81
N THR Q 169 118.65 -35.95 -17.06
CA THR Q 169 119.39 -35.14 -18.03
C THR Q 169 119.04 -33.68 -17.84
N GLU Q 170 119.65 -32.83 -18.67
CA GLU Q 170 119.34 -31.41 -18.59
C GLU Q 170 118.00 -31.08 -19.21
N GLU Q 171 117.65 -31.75 -20.31
CA GLU Q 171 116.41 -31.41 -20.99
C GLU Q 171 115.20 -31.69 -20.11
N GLU Q 172 115.23 -32.80 -19.38
CA GLU Q 172 114.18 -33.10 -18.42
C GLU Q 172 114.05 -31.99 -17.40
N LYS Q 173 115.17 -31.45 -16.95
CA LYS Q 173 115.13 -30.38 -15.96
C LYS Q 173 114.64 -29.08 -16.57
N ASN Q 174 114.82 -28.91 -17.88
CA ASN Q 174 114.29 -27.74 -18.57
C ASN Q 174 112.87 -27.95 -19.07
N PHE Q 175 112.36 -29.18 -19.01
CA PHE Q 175 111.02 -29.44 -19.50
C PHE Q 175 109.99 -28.81 -18.58
N LYS Q 176 109.07 -28.04 -19.17
CA LYS Q 176 108.09 -27.28 -18.41
C LYS Q 176 106.73 -27.91 -18.63
N ALA Q 177 106.42 -28.92 -17.81
CA ALA Q 177 105.21 -29.70 -18.00
C ALA Q 177 103.96 -28.84 -17.80
N PHE Q 178 103.98 -27.95 -16.82
CA PHE Q 178 102.78 -27.17 -16.53
C PHE Q 178 102.45 -26.25 -17.69
N ALA Q 179 103.44 -25.50 -18.17
CA ALA Q 179 103.23 -24.63 -19.32
C ALA Q 179 102.90 -25.44 -20.56
N SER Q 180 103.52 -26.60 -20.71
CA SER Q 180 103.23 -27.45 -21.87
C SER Q 180 101.79 -27.88 -21.87
N LEU Q 181 101.26 -28.27 -20.71
CA LEU Q 181 99.87 -28.66 -20.62
C LEU Q 181 98.96 -27.48 -20.90
N ARG Q 182 99.30 -26.30 -20.38
CA ARG Q 182 98.47 -25.13 -20.64
C ARG Q 182 98.42 -24.82 -22.12
N MET Q 183 99.57 -24.92 -22.79
CA MET Q 183 99.62 -24.62 -24.22
C MET Q 183 98.89 -25.69 -25.02
N ALA Q 184 98.96 -26.94 -24.59
CA ALA Q 184 98.22 -27.99 -25.28
C ALA Q 184 96.72 -27.75 -25.17
N ARG Q 185 96.27 -27.36 -23.99
CA ARG Q 185 94.86 -27.03 -23.81
C ARG Q 185 94.46 -25.86 -24.69
N ALA Q 186 95.29 -24.83 -24.73
CA ALA Q 186 94.97 -23.66 -25.55
C ALA Q 186 94.90 -24.02 -27.03
N ASN Q 187 95.85 -24.84 -27.48
CA ASN Q 187 95.84 -25.27 -28.87
C ASN Q 187 94.59 -26.05 -29.19
N ALA Q 188 94.24 -27.01 -28.34
CA ALA Q 188 93.05 -27.81 -28.58
C ALA Q 188 91.79 -26.95 -28.57
N ARG Q 189 91.76 -25.92 -27.73
CA ARG Q 189 90.58 -25.07 -27.67
C ARG Q 189 90.46 -24.19 -28.90
N LEU Q 190 91.56 -23.56 -29.30
CA LEU Q 190 91.51 -22.55 -30.34
C LEU Q 190 92.01 -23.05 -31.68
N PHE Q 191 92.01 -24.36 -31.90
CA PHE Q 191 92.50 -24.88 -33.17
C PHE Q 191 91.57 -24.52 -34.32
N GLY Q 192 90.27 -24.76 -34.17
CA GLY Q 192 89.35 -24.54 -35.26
C GLY Q 192 89.23 -23.07 -35.63
N ILE Q 193 89.18 -22.21 -34.61
CA ILE Q 193 89.07 -20.78 -34.87
C ILE Q 193 90.34 -20.22 -35.51
N ARG Q 194 91.51 -20.73 -35.13
CA ARG Q 194 92.74 -20.29 -35.79
C ARG Q 194 92.75 -20.67 -37.25
N ALA Q 195 92.33 -21.91 -37.57
CA ALA Q 195 92.30 -22.33 -38.95
C ALA Q 195 91.29 -21.52 -39.74
N LYS Q 196 90.14 -21.21 -39.13
CA LYS Q 196 89.14 -20.40 -39.83
C LYS Q 196 89.67 -18.99 -40.10
N ARG Q 197 90.35 -18.39 -39.13
CA ARG Q 197 90.91 -17.06 -39.35
C ARG Q 197 92.00 -17.10 -40.39
N ALA Q 198 92.81 -18.17 -40.40
CA ALA Q 198 93.83 -18.32 -41.43
C ALA Q 198 93.19 -18.46 -42.79
N LYS Q 199 92.10 -19.20 -42.87
CA LYS Q 199 91.37 -19.33 -44.13
C LYS Q 199 90.88 -17.98 -44.62
N GLU Q 200 90.32 -17.18 -43.73
CA GLU Q 200 89.82 -15.87 -44.13
C GLU Q 200 90.96 -14.96 -44.56
N ALA Q 201 92.09 -15.02 -43.85
CA ALA Q 201 93.24 -14.21 -44.24
C ALA Q 201 93.75 -14.63 -45.61
N ALA Q 202 93.71 -15.93 -45.91
CA ALA Q 202 94.07 -16.39 -47.25
C ALA Q 202 93.08 -15.88 -48.29
N GLU Q 203 91.79 -15.80 -47.93
CA GLU Q 203 90.80 -15.23 -48.84
C GLU Q 203 91.10 -13.77 -49.14
N GLN Q 204 91.45 -12.99 -48.12
CA GLN Q 204 91.74 -11.58 -48.34
C GLN Q 204 93.07 -11.38 -49.06
N ASP Q 205 94.02 -12.28 -48.86
CA ASP Q 205 95.36 -12.10 -49.41
C ASP Q 205 95.38 -12.31 -50.93
N VAL Q 206 94.63 -13.29 -51.42
CA VAL Q 206 94.67 -13.62 -52.84
C VAL Q 206 93.96 -12.59 -53.71
N GLU Q 207 93.24 -11.64 -53.12
CA GLU Q 207 92.59 -10.61 -53.91
C GLU Q 207 92.88 -9.21 -53.37
N LYS Q 208 93.84 -9.06 -52.46
CA LYS Q 208 94.15 -7.76 -51.89
C LYS Q 208 94.67 -6.78 -52.94
N LYS Q 209 95.23 -7.28 -54.03
CA LYS Q 209 95.80 -6.43 -55.08
C LYS Q 209 94.89 -6.53 -56.31
N LYS Q 210 93.98 -5.58 -56.43
CA LYS Q 210 93.13 -5.47 -57.63
C LYS Q 210 92.58 -4.06 -57.77
N VAL R 1 24.83 10.47 103.90
CA VAL R 1 25.04 9.05 103.67
C VAL R 1 26.49 8.68 103.88
N PHE R 2 27.35 9.27 103.05
CA PHE R 2 28.77 8.97 103.11
C PHE R 2 29.35 9.47 104.42
N ARG R 3 30.23 8.66 105.01
CA ARG R 3 30.89 9.05 106.24
C ARG R 3 32.37 9.34 106.05
N ARG R 4 33.05 8.64 105.15
CA ARG R 4 34.47 8.82 104.91
C ARG R 4 34.65 9.57 103.60
N PHE R 5 35.44 10.63 103.65
CA PHE R 5 35.62 11.51 102.50
C PHE R 5 37.10 11.64 102.17
N VAL R 6 37.39 11.92 100.92
CA VAL R 6 38.76 12.21 100.50
C VAL R 6 39.03 13.68 100.77
N GLU R 7 40.05 13.96 101.57
CA GLU R 7 40.46 15.31 101.88
C GLU R 7 41.89 15.28 102.37
N VAL R 8 42.51 16.46 102.39
CA VAL R 8 43.88 16.55 102.88
C VAL R 8 43.91 16.22 104.36
N GLY R 9 44.84 15.35 104.75
CA GLY R 9 44.92 14.88 106.11
C GLY R 9 44.23 13.55 106.35
N ARG R 10 43.41 13.09 105.41
CA ARG R 10 42.78 11.79 105.55
C ARG R 10 43.81 10.69 105.36
N VAL R 11 43.78 9.69 106.22
CA VAL R 11 44.70 8.56 106.16
C VAL R 11 44.02 7.44 105.38
N ALA R 12 44.76 6.83 104.45
CA ALA R 12 44.25 5.75 103.64
C ALA R 12 45.16 4.54 103.73
N TYR R 13 44.57 3.37 103.52
CA TYR R 13 45.31 2.12 103.46
C TYR R 13 45.54 1.71 102.02
N VAL R 14 46.76 1.34 101.71
CA VAL R 14 47.13 0.90 100.38
C VAL R 14 46.72 -0.56 100.24
N SER R 15 45.69 -0.81 99.44
CA SER R 15 45.19 -2.17 99.31
C SER R 15 46.15 -3.07 98.56
N PHE R 16 46.66 -2.62 97.43
CA PHE R 16 47.56 -3.42 96.62
C PHE R 16 48.56 -2.52 95.93
N GLY R 17 49.37 -3.10 95.06
CA GLY R 17 50.38 -2.34 94.37
C GLY R 17 51.70 -2.42 95.10
N PRO R 18 52.64 -1.55 94.72
CA PRO R 18 53.99 -1.62 95.31
C PRO R 18 54.03 -1.43 96.81
N HIS R 19 53.17 -0.58 97.36
CA HIS R 19 53.18 -0.29 98.79
C HIS R 19 52.01 -0.92 99.52
N ALA R 20 51.59 -2.10 99.08
CA ALA R 20 50.47 -2.78 99.71
C ALA R 20 50.76 -3.04 101.18
N GLY R 21 49.77 -2.78 102.01
CA GLY R 21 49.91 -3.03 103.43
C GLY R 21 50.44 -1.89 104.26
N LYS R 22 50.51 -0.68 103.71
CA LYS R 22 51.05 0.45 104.45
C LYS R 22 50.06 1.61 104.49
N LEU R 23 50.19 2.41 105.55
CA LEU R 23 49.29 3.52 105.81
C LEU R 23 49.90 4.80 105.28
N VAL R 24 49.09 5.58 104.57
CA VAL R 24 49.54 6.82 103.95
C VAL R 24 48.52 7.91 104.19
N ALA R 25 48.96 9.15 104.02
CA ALA R 25 48.12 10.32 104.19
C ALA R 25 48.03 11.09 102.89
N ILE R 26 46.87 11.70 102.65
CA ILE R 26 46.62 12.43 101.41
C ILE R 26 47.22 13.83 101.56
N VAL R 27 48.06 14.22 100.61
CA VAL R 27 48.65 15.56 100.63
C VAL R 27 47.90 16.51 99.71
N ASP R 28 47.68 16.11 98.47
CA ASP R 28 46.93 16.91 97.52
C ASP R 28 46.16 15.99 96.58
N VAL R 29 45.24 16.58 95.83
CA VAL R 29 44.35 15.84 94.94
C VAL R 29 44.64 16.26 93.51
N ILE R 30 44.84 15.29 92.64
CA ILE R 30 45.16 15.53 91.24
C ILE R 30 44.16 14.78 90.38
N ASP R 31 43.70 15.43 89.32
CA ASP R 31 42.99 14.86 88.17
C ASP R 31 41.97 13.77 88.51
N GLN R 32 41.29 13.89 89.64
CA GLN R 32 40.11 13.06 89.93
C GLN R 32 40.47 11.59 90.13
N ASN R 33 41.74 11.25 89.92
CA ASN R 33 42.15 9.85 89.97
C ASN R 33 43.44 9.61 90.70
N ARG R 34 44.36 10.58 90.73
CA ARG R 34 45.61 10.45 91.44
C ARG R 34 45.61 11.43 92.59
N ALA R 35 46.66 11.38 93.40
CA ALA R 35 46.72 12.25 94.57
C ALA R 35 48.16 12.38 95.00
N LEU R 36 48.42 13.38 95.84
CA LEU R 36 49.71 13.44 96.51
C LEU R 36 49.63 12.71 97.83
N VAL R 37 50.55 11.78 98.04
CA VAL R 37 50.43 10.74 99.04
C VAL R 37 51.76 10.63 99.78
N ASP R 38 51.69 10.49 101.10
CA ASP R 38 52.92 10.32 101.88
C ASP R 38 52.64 9.56 103.16
N GLY R 39 53.38 8.47 103.37
CA GLY R 39 53.55 7.92 104.69
C GLY R 39 54.96 8.14 105.20
N PRO R 40 55.16 9.13 106.05
CA PRO R 40 56.51 9.42 106.54
C PRO R 40 56.97 8.41 107.57
N CYS R 41 56.07 8.04 108.48
CA CYS R 41 56.38 7.07 109.52
C CYS R 41 56.13 5.64 109.09
N THR R 42 55.21 5.42 108.15
CA THR R 42 54.96 4.10 107.60
C THR R 42 55.89 3.79 106.44
N GLN R 43 56.90 4.65 106.22
CA GLN R 43 58.01 4.36 105.34
C GLN R 43 57.55 4.26 103.89
N VAL R 44 56.83 5.28 103.45
CA VAL R 44 56.46 5.46 102.05
C VAL R 44 56.78 6.89 101.66
N ARG R 45 57.77 7.07 100.79
CA ARG R 45 58.11 8.43 100.39
C ARG R 45 57.00 9.03 99.55
N ARG R 46 57.01 10.36 99.47
CA ARG R 46 55.96 11.08 98.78
C ARG R 46 55.96 10.72 97.30
N GLN R 47 54.77 10.43 96.77
CA GLN R 47 54.63 10.02 95.38
C GLN R 47 53.16 10.10 95.01
N ALA R 48 52.91 10.14 93.71
CA ALA R 48 51.55 10.04 93.21
C ALA R 48 51.01 8.63 93.41
N MET R 49 49.69 8.52 93.46
CA MET R 49 49.07 7.24 93.72
C MET R 49 47.63 7.25 93.26
N PRO R 50 47.20 6.25 92.50
CA PRO R 50 45.79 6.19 92.10
C PRO R 50 44.88 5.94 93.28
N PHE R 51 43.66 6.47 93.18
CA PHE R 51 42.66 6.25 94.22
C PHE R 51 42.20 4.81 94.28
N LYS R 52 42.32 4.07 93.19
CA LYS R 52 41.70 2.76 93.10
C LYS R 52 42.27 1.79 94.10
N CYS R 53 43.55 1.92 94.43
CA CYS R 53 44.20 1.08 95.41
C CYS R 53 44.24 1.72 96.79
N MET R 54 43.38 2.70 97.04
CA MET R 54 43.29 3.33 98.36
C MET R 54 42.00 2.90 99.03
N GLN R 55 42.07 2.67 100.34
CA GLN R 55 40.89 2.49 101.16
C GLN R 55 40.99 3.44 102.34
N LEU R 56 40.01 4.33 102.47
CA LEU R 56 40.10 5.39 103.46
C LEU R 56 39.95 4.83 104.87
N THR R 57 40.66 5.44 105.80
CA THR R 57 40.53 5.10 107.20
C THR R 57 39.70 6.17 107.90
N ASP R 58 39.54 6.04 109.21
CA ASP R 58 38.75 6.97 109.99
C ASP R 58 39.59 8.09 110.58
N PHE R 59 40.88 8.16 110.26
CA PHE R 59 41.78 9.10 110.89
C PHE R 59 42.13 10.22 109.93
N ILE R 60 41.94 11.45 110.39
CA ILE R 60 42.17 12.65 109.58
C ILE R 60 43.17 13.54 110.32
N LEU R 61 44.26 13.87 109.66
CA LEU R 61 45.24 14.79 110.22
C LEU R 61 44.88 16.22 109.83
N LYS R 62 45.54 17.16 110.49
CA LYS R 62 45.27 18.58 110.34
C LYS R 62 46.54 19.26 109.84
N PHE R 63 46.70 19.34 108.53
CA PHE R 63 47.81 20.10 107.98
C PHE R 63 47.40 20.70 106.64
N PRO R 64 47.98 21.84 106.27
CA PRO R 64 47.70 22.42 104.95
C PRO R 64 48.21 21.53 103.84
N HIS R 65 47.57 21.63 102.69
CA HIS R 65 47.95 20.81 101.55
C HIS R 65 49.32 21.24 101.04
N SER R 66 50.03 20.29 100.44
CA SER R 66 51.35 20.52 99.84
C SER R 66 52.36 21.01 100.87
N ALA R 67 52.26 20.51 102.10
CA ALA R 67 53.27 20.79 103.09
C ALA R 67 54.46 19.84 102.91
N HIS R 68 55.57 20.16 103.57
CA HIS R 68 56.75 19.35 103.44
C HIS R 68 56.65 18.08 104.27
N GLN R 69 57.70 17.28 104.21
CA GLN R 69 57.74 16.02 104.95
C GLN R 69 57.73 16.26 106.45
N LYS R 70 58.35 17.35 106.89
CA LYS R 70 58.47 17.62 108.31
C LYS R 70 57.11 17.73 108.97
N TYR R 71 56.23 18.57 108.42
CA TYR R 71 54.94 18.82 109.05
C TYR R 71 54.07 17.58 109.03
N VAL R 72 54.11 16.82 107.95
CA VAL R 72 53.36 15.57 107.89
C VAL R 72 53.85 14.60 108.95
N ARG R 73 55.17 14.48 109.09
CA ARG R 73 55.70 13.56 110.09
C ARG R 73 55.31 13.98 111.49
N GLN R 74 55.38 15.28 111.78
CA GLN R 74 54.99 15.75 113.11
C GLN R 74 53.51 15.51 113.38
N ALA R 75 52.66 15.82 112.40
CA ALA R 75 51.24 15.60 112.58
C ALA R 75 50.93 14.12 112.74
N TRP R 76 51.74 13.27 112.14
CA TRP R 76 51.57 11.83 112.33
C TRP R 76 51.98 11.42 113.73
N GLN R 77 53.14 11.90 114.19
CA GLN R 77 53.69 11.47 115.47
C GLN R 77 52.79 11.88 116.63
N LYS R 78 52.46 13.16 116.70
CA LYS R 78 51.42 13.60 117.62
C LYS R 78 50.11 12.97 117.21
N ALA R 79 49.35 12.48 118.18
CA ALA R 79 48.21 11.61 117.93
C ALA R 79 48.67 10.41 117.08
N ASP R 80 49.51 9.60 117.73
CA ASP R 80 50.24 8.52 117.07
C ASP R 80 49.31 7.61 116.28
N ILE R 81 49.44 7.68 114.96
CA ILE R 81 48.54 6.93 114.10
C ILE R 81 48.83 5.45 114.16
N ASN R 82 50.10 5.07 114.38
CA ASN R 82 50.48 3.67 114.33
C ASN R 82 49.79 2.87 115.43
N THR R 83 49.90 3.33 116.67
CA THR R 83 49.26 2.63 117.78
C THR R 83 47.74 2.65 117.63
N LYS R 84 47.19 3.79 117.22
CA LYS R 84 45.75 3.90 117.04
C LYS R 84 45.24 2.91 116.01
N TRP R 85 45.96 2.79 114.90
CA TRP R 85 45.55 1.88 113.84
C TRP R 85 45.69 0.43 114.29
N ALA R 86 46.81 0.08 114.91
CA ALA R 86 46.99 -1.29 115.37
C ALA R 86 45.99 -1.66 116.45
N ALA R 87 45.41 -0.66 117.12
CA ALA R 87 44.34 -0.94 118.06
C ALA R 87 43.02 -1.21 117.35
N THR R 88 42.88 -0.79 116.10
CA THR R 88 41.61 -0.96 115.41
C THR R 88 41.40 -2.42 115.06
N ARG R 89 40.13 -2.78 114.89
CA ARG R 89 39.79 -4.13 114.47
C ARG R 89 40.36 -4.44 113.09
N TRP R 90 40.50 -3.42 112.25
CA TRP R 90 40.91 -3.63 110.88
C TRP R 90 42.35 -4.13 110.81
N ALA R 91 43.25 -3.45 111.51
CA ALA R 91 44.66 -3.83 111.47
C ALA R 91 44.86 -5.22 112.06
N LYS R 92 44.21 -5.50 113.17
CA LYS R 92 44.38 -6.81 113.78
C LYS R 92 43.69 -7.91 112.98
N LYS R 93 42.65 -7.58 112.21
CA LYS R 93 42.13 -8.54 111.25
C LYS R 93 43.15 -8.86 110.18
N ILE R 94 43.83 -7.82 109.69
CA ILE R 94 44.90 -8.05 108.72
C ILE R 94 45.99 -8.92 109.32
N GLU R 95 46.35 -8.64 110.58
CA GLU R 95 47.33 -9.45 111.27
C GLU R 95 46.87 -10.89 111.41
N ALA R 96 45.58 -11.08 111.70
CA ALA R 96 45.04 -12.43 111.81
C ALA R 96 45.14 -13.17 110.50
N ARG R 97 44.81 -12.50 109.39
CA ARG R 97 44.96 -13.13 108.09
C ARG R 97 46.42 -13.51 107.83
N GLU R 98 47.34 -12.62 108.19
CA GLU R 98 48.75 -12.93 108.01
C GLU R 98 49.16 -14.16 108.81
N ARG R 99 48.85 -14.18 110.10
CA ARG R 99 49.33 -15.27 110.94
C ARG R 99 48.58 -16.58 110.66
N LYS R 100 47.38 -16.51 110.11
CA LYS R 100 46.74 -17.73 109.64
C LYS R 100 47.40 -18.21 108.36
N ALA R 101 47.87 -17.28 107.53
CA ALA R 101 48.55 -17.67 106.31
C ALA R 101 49.85 -18.38 106.59
N LYS R 102 50.68 -17.84 107.49
CA LYS R 102 51.98 -18.40 107.80
C LYS R 102 51.92 -19.49 108.86
N MET R 103 50.72 -19.91 109.25
CA MET R 103 50.54 -20.98 110.20
C MET R 103 51.09 -22.29 109.63
N THR R 104 51.95 -22.96 110.41
CA THR R 104 52.70 -24.11 109.92
C THR R 104 51.87 -25.39 110.07
N ASP R 105 52.49 -26.51 109.69
CA ASP R 105 51.79 -27.79 109.77
C ASP R 105 51.57 -28.23 111.22
N PHE R 106 52.61 -28.17 112.05
CA PHE R 106 52.42 -28.47 113.46
C PHE R 106 51.43 -27.51 114.08
N ASP R 107 51.51 -26.25 113.69
CA ASP R 107 50.53 -25.27 114.12
C ASP R 107 49.14 -25.66 113.66
N ARG R 108 49.03 -26.18 112.44
CA ARG R 108 47.73 -26.62 111.93
C ARG R 108 47.16 -27.74 112.78
N PHE R 109 48.00 -28.71 113.15
CA PHE R 109 47.55 -29.83 113.96
C PHE R 109 47.11 -29.36 115.35
N LYS R 110 47.90 -28.49 115.98
CA LYS R 110 47.53 -27.99 117.30
C LYS R 110 46.22 -27.21 117.22
N VAL R 111 46.07 -26.38 116.20
CA VAL R 111 44.84 -25.64 116.00
C VAL R 111 43.67 -26.58 115.82
N MET R 112 43.86 -27.64 115.03
CA MET R 112 42.77 -28.58 114.77
C MET R 112 42.32 -29.25 116.06
N LYS R 113 43.26 -29.70 116.88
CA LYS R 113 42.89 -30.32 118.15
C LYS R 113 42.15 -29.32 119.05
N ALA R 114 42.69 -28.11 119.15
CA ALA R 114 42.07 -27.11 120.03
C ALA R 114 40.67 -26.78 119.56
N LYS R 115 40.49 -26.60 118.25
CA LYS R 115 39.19 -26.27 117.70
C LYS R 115 38.21 -27.42 117.90
N LYS R 116 38.67 -28.66 117.73
CA LYS R 116 37.85 -29.82 118.02
C LYS R 116 37.28 -29.75 119.44
N MET R 117 38.17 -29.56 120.42
CA MET R 117 37.72 -29.59 121.80
C MET R 117 36.81 -28.41 122.10
N ARG R 118 37.17 -27.22 121.64
CA ARG R 118 36.38 -26.02 121.92
C ARG R 118 35.00 -26.13 121.32
N ASN R 119 34.91 -26.61 120.08
CA ASN R 119 33.62 -26.77 119.44
C ASN R 119 32.77 -27.80 120.17
N ARG R 120 33.39 -28.90 120.61
CA ARG R 120 32.60 -29.90 121.31
C ARG R 120 32.06 -29.36 122.64
N ILE R 121 32.88 -28.59 123.36
CA ILE R 121 32.39 -28.02 124.61
C ILE R 121 31.23 -27.08 124.35
N ILE R 122 31.39 -26.21 123.34
CA ILE R 122 30.34 -25.24 123.03
C ILE R 122 29.07 -25.98 122.62
N LYS R 123 29.21 -27.06 121.87
CA LYS R 123 28.03 -27.79 121.40
C LYS R 123 27.31 -28.46 122.56
N ASN R 124 28.05 -29.03 123.51
CA ASN R 124 27.39 -29.59 124.69
C ASN R 124 26.66 -28.51 125.47
N GLU R 125 27.27 -27.34 125.62
CA GLU R 125 26.57 -26.29 126.36
C GLU R 125 25.35 -25.80 125.60
N VAL R 126 25.42 -25.74 124.27
CA VAL R 126 24.27 -25.36 123.48
C VAL R 126 23.14 -26.37 123.66
N LYS R 127 23.47 -27.67 123.65
CA LYS R 127 22.44 -28.67 123.88
C LYS R 127 21.84 -28.54 125.27
N LYS R 128 22.68 -28.23 126.27
CA LYS R 128 22.16 -28.01 127.62
C LYS R 128 21.18 -26.84 127.63
N LEU R 129 21.53 -25.75 126.95
CA LEU R 129 20.63 -24.61 126.92
C LEU R 129 19.34 -24.92 126.20
N GLN R 130 19.41 -25.68 125.10
CA GLN R 130 18.19 -26.05 124.40
C GLN R 130 17.29 -26.91 125.27
N LYS R 131 17.88 -27.91 125.95
CA LYS R 131 17.06 -28.77 126.79
C LYS R 131 16.46 -28.02 127.95
N ALA R 132 17.19 -27.05 128.50
CA ALA R 132 16.60 -26.20 129.53
C ALA R 132 15.46 -25.36 128.95
N ALA R 133 15.64 -24.82 127.75
CA ALA R 133 14.64 -23.95 127.15
C ALA R 133 13.42 -24.71 126.66
N LEU R 134 13.51 -26.02 126.51
CA LEU R 134 12.40 -26.77 125.94
C LEU R 134 11.29 -27.04 126.94
N LEU R 135 11.51 -26.81 128.22
CA LEU R 135 10.50 -27.11 129.23
C LEU R 135 9.63 -25.89 129.56
N LYS R 136 9.04 -25.30 128.53
CA LYS R 136 8.13 -24.18 128.69
C LYS R 136 6.72 -24.62 128.34
N ALA R 137 5.76 -24.30 129.21
CA ALA R 137 4.36 -24.65 129.00
C ALA R 137 3.51 -23.71 129.86
N SER R 138 2.85 -22.75 129.22
CA SER R 138 1.94 -21.84 129.91
C SER R 138 0.84 -21.38 128.96
N PRO R 139 -0.43 -21.56 129.34
CA PRO R 139 -1.60 -21.23 128.50
C PRO R 139 -1.64 -19.76 128.08
N GLY S 1 64.21 -63.54 -59.26
CA GLY S 1 63.85 -63.11 -57.93
C GLY S 1 62.63 -62.22 -57.92
N ALA S 2 61.48 -62.78 -58.34
CA ALA S 2 60.26 -62.00 -58.44
C ALA S 2 59.83 -61.42 -57.09
N TYR S 3 60.13 -62.12 -56.00
CA TYR S 3 59.81 -61.58 -54.69
C TYR S 3 60.48 -60.23 -54.47
N LYS S 4 61.70 -60.06 -54.97
CA LYS S 4 62.38 -58.78 -54.84
C LYS S 4 61.64 -57.69 -55.60
N TYR S 5 61.16 -58.02 -56.80
CA TYR S 5 60.39 -57.04 -57.57
C TYR S 5 59.12 -56.67 -56.83
N ILE S 6 58.47 -57.65 -56.21
CA ILE S 6 57.23 -57.36 -55.50
C ILE S 6 57.51 -56.51 -54.27
N GLN S 7 58.59 -56.82 -53.55
CA GLN S 7 58.98 -56.02 -52.39
C GLN S 7 59.23 -54.57 -52.81
N GLU S 8 59.96 -54.39 -53.90
CA GLU S 8 60.26 -53.04 -54.33
C GLU S 8 59.02 -52.35 -54.85
N LEU S 9 58.09 -53.13 -55.43
CA LEU S 9 56.83 -52.59 -55.90
C LEU S 9 56.00 -52.03 -54.76
N TRP S 10 55.84 -52.81 -53.70
CA TRP S 10 54.95 -52.42 -52.62
C TRP S 10 55.49 -51.28 -51.79
N ARG S 11 56.74 -50.90 -52.00
CA ARG S 11 57.27 -49.69 -51.38
C ARG S 11 56.84 -48.44 -52.13
N LYS S 12 55.96 -48.57 -53.11
CA LYS S 12 55.62 -47.48 -54.02
C LYS S 12 54.12 -47.23 -53.96
N LYS S 13 53.60 -47.15 -52.74
CA LYS S 13 52.17 -47.16 -52.47
C LYS S 13 51.42 -46.01 -53.13
N GLN S 14 52.07 -44.89 -53.41
CA GLN S 14 51.41 -43.75 -54.02
C GLN S 14 51.51 -43.78 -55.53
N SER S 15 52.08 -44.83 -56.11
CA SER S 15 52.08 -44.97 -57.55
C SER S 15 50.67 -45.27 -58.05
N ASP S 16 50.45 -45.02 -59.34
CA ASP S 16 49.13 -45.18 -59.94
C ASP S 16 48.65 -46.61 -59.80
N VAL S 17 49.50 -47.57 -60.13
CA VAL S 17 49.11 -48.98 -60.06
C VAL S 17 48.79 -49.37 -58.63
N MET S 18 49.63 -48.98 -57.67
CA MET S 18 49.38 -49.34 -56.30
C MET S 18 48.16 -48.61 -55.75
N ARG S 19 48.00 -47.33 -56.13
CA ARG S 19 46.82 -46.59 -55.70
C ARG S 19 45.55 -47.28 -56.16
N PHE S 20 45.50 -47.67 -57.44
CA PHE S 20 44.32 -48.32 -57.97
C PHE S 20 44.06 -49.66 -57.28
N LEU S 21 45.09 -50.50 -57.18
CA LEU S 21 44.90 -51.80 -56.58
C LEU S 21 44.47 -51.69 -55.13
N LEU S 22 45.07 -50.75 -54.40
CA LEU S 22 44.72 -50.58 -53.00
C LEU S 22 43.30 -50.06 -52.84
N ARG S 23 42.86 -49.15 -53.71
CA ARG S 23 41.48 -48.67 -53.60
C ARG S 23 40.49 -49.80 -53.89
N VAL S 24 40.78 -50.60 -54.92
CA VAL S 24 39.89 -51.71 -55.25
C VAL S 24 39.81 -52.69 -54.08
N ARG S 25 40.97 -53.08 -53.55
CA ARG S 25 40.98 -54.04 -52.46
C ARG S 25 40.37 -53.47 -51.20
N CYS S 26 40.57 -52.18 -50.95
CA CYS S 26 39.97 -51.56 -49.78
C CYS S 26 38.44 -51.59 -49.87
N TRP S 27 37.90 -51.27 -51.05
CA TRP S 27 36.46 -51.37 -51.20
C TRP S 27 35.99 -52.79 -51.01
N GLN S 28 36.71 -53.75 -51.60
CA GLN S 28 36.27 -55.14 -51.54
C GLN S 28 36.29 -55.65 -50.10
N TYR S 29 37.37 -55.38 -49.38
CA TYR S 29 37.44 -55.81 -47.99
C TYR S 29 36.40 -55.09 -47.16
N ARG S 30 36.03 -53.87 -47.56
CA ARG S 30 34.97 -53.16 -46.86
C ARG S 30 33.64 -53.88 -46.99
N GLN S 31 33.46 -54.64 -48.07
CA GLN S 31 32.18 -55.30 -48.32
C GLN S 31 32.01 -56.59 -47.53
N LEU S 32 33.04 -57.07 -46.85
CA LEU S 32 32.98 -58.36 -46.20
C LEU S 32 32.68 -58.21 -44.71
N SER S 33 32.81 -59.30 -43.98
CA SER S 33 32.67 -59.26 -42.53
C SER S 33 33.86 -58.55 -41.91
N ALA S 34 33.71 -58.16 -40.64
CA ALA S 34 34.82 -57.58 -39.91
C ALA S 34 35.94 -58.58 -39.72
N LEU S 35 35.59 -59.84 -39.47
CA LEU S 35 36.55 -60.93 -39.34
C LEU S 35 36.23 -61.96 -40.41
N HIS S 36 37.27 -62.44 -41.11
CA HIS S 36 37.05 -63.32 -42.23
C HIS S 36 38.35 -64.00 -42.62
N ARG S 37 38.33 -65.31 -42.75
CA ARG S 37 39.52 -66.04 -43.17
C ARG S 37 39.83 -65.73 -44.63
N ALA S 38 41.08 -65.37 -44.89
CA ALA S 38 41.36 -65.36 -46.31
C ALA S 38 41.89 -66.73 -46.75
N PRO S 39 41.58 -67.17 -47.97
CA PRO S 39 42.11 -68.48 -48.39
C PRO S 39 43.60 -68.46 -48.62
N ARG S 40 44.14 -67.41 -49.22
CA ARG S 40 45.57 -67.34 -49.50
C ARG S 40 46.03 -65.92 -49.18
N PRO S 41 47.31 -65.74 -48.85
CA PRO S 41 47.79 -64.40 -48.51
C PRO S 41 47.64 -63.43 -49.66
N THR S 42 47.28 -62.19 -49.33
CA THR S 42 47.23 -61.13 -50.33
C THR S 42 48.63 -60.63 -50.67
N ARG S 43 49.53 -60.61 -49.68
CA ARG S 43 50.93 -60.24 -49.89
C ARG S 43 51.77 -61.45 -49.46
N PRO S 44 51.97 -62.43 -50.33
CA PRO S 44 52.75 -63.59 -49.95
C PRO S 44 54.19 -63.27 -49.58
N ASP S 45 54.81 -62.29 -50.23
CA ASP S 45 56.20 -61.97 -49.94
C ASP S 45 56.36 -61.43 -48.53
N LYS S 46 55.52 -60.46 -48.16
CA LYS S 46 55.52 -59.95 -46.79
C LYS S 46 55.21 -61.06 -45.79
N ALA S 47 54.34 -61.98 -46.18
CA ALA S 47 53.98 -63.07 -45.29
C ALA S 47 55.18 -63.96 -45.00
N ARG S 48 55.85 -64.44 -46.05
CA ARG S 48 56.99 -65.30 -45.83
C ARG S 48 58.16 -64.52 -45.23
N ARG S 49 58.16 -63.20 -45.39
CA ARG S 49 59.10 -62.38 -44.64
C ARG S 49 58.80 -62.43 -43.15
N LEU S 50 57.52 -62.37 -42.79
CA LEU S 50 57.14 -62.49 -41.39
C LEU S 50 57.20 -63.92 -40.90
N GLY S 51 57.43 -64.89 -41.78
CA GLY S 51 57.60 -66.25 -41.34
C GLY S 51 56.55 -67.21 -41.83
N TYR S 52 55.64 -66.72 -42.66
CA TYR S 52 54.63 -67.60 -43.24
C TYR S 52 55.28 -68.60 -44.18
N LYS S 53 54.72 -69.79 -44.22
CA LYS S 53 55.24 -70.85 -45.06
C LYS S 53 54.07 -71.49 -45.79
N ALA S 54 54.27 -71.81 -47.07
CA ALA S 54 53.20 -72.36 -47.90
C ALA S 54 53.04 -73.84 -47.58
N LYS S 55 52.33 -74.11 -46.49
CA LYS S 55 52.04 -75.48 -46.10
C LYS S 55 50.85 -75.47 -45.14
N GLN S 56 50.21 -76.64 -45.00
CA GLN S 56 49.01 -76.73 -44.18
C GLN S 56 49.32 -76.39 -42.74
N GLY S 57 48.36 -75.76 -42.09
CA GLY S 57 48.54 -75.22 -40.76
C GLY S 57 48.73 -73.73 -40.72
N TYR S 58 49.10 -73.12 -41.84
CA TYR S 58 49.17 -71.68 -41.98
C TYR S 58 47.89 -71.18 -42.60
N VAL S 59 47.18 -70.29 -41.91
CA VAL S 59 45.97 -69.70 -42.43
C VAL S 59 46.08 -68.18 -42.29
N ILE S 60 45.34 -67.48 -43.15
CA ILE S 60 45.36 -66.03 -43.21
C ILE S 60 43.97 -65.53 -42.88
N TYR S 61 43.87 -64.65 -41.90
CA TYR S 61 42.59 -64.06 -41.54
C TYR S 61 42.67 -62.56 -41.79
N ARG S 62 41.78 -62.06 -42.64
CA ARG S 62 41.70 -60.63 -42.90
C ARG S 62 40.90 -59.99 -41.78
N ILE S 63 41.50 -59.02 -41.10
CA ILE S 63 40.88 -58.36 -39.96
C ILE S 63 40.70 -56.88 -40.28
N ARG S 64 39.54 -56.36 -39.89
CA ARG S 64 39.18 -54.97 -40.08
C ARG S 64 38.96 -54.33 -38.72
N VAL S 65 39.59 -53.19 -38.48
CA VAL S 65 39.44 -52.48 -37.21
C VAL S 65 39.12 -51.02 -37.48
N ARG S 66 38.53 -50.37 -36.49
CA ARG S 66 38.12 -48.99 -36.60
C ARG S 66 39.28 -48.08 -36.24
N ARG S 67 39.43 -46.99 -37.00
CA ARG S 67 40.53 -46.07 -36.74
C ARG S 67 40.16 -45.12 -35.61
N GLY S 68 40.98 -44.10 -35.43
CA GLY S 68 40.74 -43.07 -34.44
C GLY S 68 41.32 -43.45 -33.09
N GLY S 69 41.24 -42.49 -32.17
CA GLY S 69 41.79 -42.67 -30.84
C GLY S 69 40.87 -43.48 -29.96
N ARG S 70 41.17 -43.46 -28.67
CA ARG S 70 40.38 -44.16 -27.66
C ARG S 70 39.62 -43.13 -26.84
N LYS S 71 38.35 -42.95 -27.14
CA LYS S 71 37.50 -42.10 -26.33
C LYS S 71 37.23 -42.79 -24.99
N ARG S 72 37.34 -42.03 -23.92
CA ARG S 72 37.17 -42.61 -22.58
C ARG S 72 35.72 -43.01 -22.37
N PRO S 73 35.45 -44.26 -22.03
CA PRO S 73 34.06 -44.73 -21.92
C PRO S 73 33.42 -44.33 -20.60
N VAL S 74 33.23 -43.04 -20.42
CA VAL S 74 32.62 -42.53 -19.20
C VAL S 74 31.25 -41.96 -19.55
N PRO S 75 30.27 -42.04 -18.67
CA PRO S 75 28.92 -41.55 -19.00
C PRO S 75 28.90 -40.04 -19.12
N LYS S 76 28.38 -39.55 -20.25
CA LYS S 76 28.25 -38.13 -20.54
C LYS S 76 29.57 -37.40 -20.45
N GLY S 77 30.69 -38.08 -20.68
CA GLY S 77 31.97 -37.43 -20.58
C GLY S 77 32.35 -36.99 -19.19
N ALA S 78 31.74 -37.55 -18.16
CA ALA S 78 32.03 -37.17 -16.78
C ALA S 78 33.11 -38.09 -16.23
N THR S 79 34.32 -37.56 -16.07
CA THR S 79 35.39 -38.24 -15.35
C THR S 79 35.59 -37.45 -14.07
N TYR S 80 35.02 -37.95 -12.98
CA TYR S 80 35.12 -37.24 -11.71
C TYR S 80 36.55 -37.34 -11.19
N GLY S 81 37.19 -36.20 -11.01
CA GLY S 81 38.55 -36.19 -10.49
C GLY S 81 39.19 -34.83 -10.71
N LYS S 82 40.51 -34.83 -10.54
CA LYS S 82 41.26 -33.60 -10.69
C LYS S 82 41.29 -33.16 -12.15
N PRO S 83 41.53 -31.87 -12.40
CA PRO S 83 41.41 -31.35 -13.78
C PRO S 83 42.37 -32.01 -14.76
N VAL S 84 43.43 -32.66 -14.30
CA VAL S 84 44.30 -33.38 -15.21
C VAL S 84 43.63 -34.66 -15.72
N HIS S 85 42.48 -35.03 -15.17
CA HIS S 85 41.81 -36.26 -15.55
C HIS S 85 40.47 -36.04 -16.22
N HIS S 86 40.16 -34.80 -16.62
CA HIS S 86 38.98 -34.62 -17.45
C HIS S 86 39.22 -34.98 -18.91
N GLY S 87 40.37 -35.55 -19.23
CA GLY S 87 40.64 -35.97 -20.59
C GLY S 87 39.66 -37.01 -21.09
N VAL S 88 38.85 -36.64 -22.07
CA VAL S 88 37.88 -37.55 -22.68
C VAL S 88 38.19 -37.80 -24.15
N ASN S 89 38.11 -36.76 -24.97
CA ASN S 89 38.54 -36.89 -26.35
C ASN S 89 40.05 -36.70 -26.42
N GLN S 90 40.60 -36.97 -27.61
CA GLN S 90 42.02 -36.84 -27.91
C GLN S 90 42.89 -37.75 -27.04
N LEU S 91 42.29 -38.77 -26.41
CA LEU S 91 43.07 -39.80 -25.75
C LEU S 91 43.54 -40.82 -26.77
N LYS S 92 44.68 -41.42 -26.51
CA LYS S 92 45.28 -42.33 -27.47
C LYS S 92 45.67 -43.64 -26.78
N PHE S 93 45.46 -44.74 -27.50
CA PHE S 93 45.65 -46.06 -26.92
C PHE S 93 47.10 -46.49 -27.05
N ALA S 94 47.62 -47.10 -25.99
CA ALA S 94 49.05 -47.38 -25.90
C ALA S 94 49.50 -48.38 -26.95
N ARG S 95 48.68 -49.36 -27.27
CA ARG S 95 48.98 -50.36 -28.27
C ARG S 95 48.54 -49.88 -29.65
N SER S 96 48.95 -50.63 -30.66
CA SER S 96 48.65 -50.24 -32.03
C SER S 96 47.37 -50.92 -32.51
N LEU S 97 46.80 -50.36 -33.58
CA LEU S 97 45.67 -51.02 -34.23
C LEU S 97 46.07 -52.38 -34.79
N GLN S 98 47.32 -52.53 -35.20
CA GLN S 98 47.80 -53.83 -35.62
C GLN S 98 47.73 -54.81 -34.47
N SER S 99 48.09 -54.37 -33.27
CA SER S 99 47.98 -55.22 -32.10
C SER S 99 46.53 -55.58 -31.82
N VAL S 100 45.62 -54.64 -32.01
CA VAL S 100 44.21 -54.92 -31.78
C VAL S 100 43.71 -55.95 -32.77
N ALA S 101 44.11 -55.82 -34.03
CA ALA S 101 43.72 -56.80 -35.03
C ALA S 101 44.25 -58.17 -34.68
N GLU S 102 45.51 -58.24 -34.25
CA GLU S 102 46.07 -59.52 -33.84
C GLU S 102 45.31 -60.09 -32.64
N GLU S 103 44.93 -59.22 -31.70
CA GLU S 103 44.23 -59.69 -30.51
C GLU S 103 42.87 -60.26 -30.86
N ARG S 104 42.11 -59.57 -31.70
CA ARG S 104 40.82 -60.09 -32.10
C ARG S 104 40.96 -61.39 -32.88
N ALA S 105 41.96 -61.47 -33.77
CA ALA S 105 42.17 -62.69 -34.52
C ALA S 105 42.49 -63.86 -33.60
N GLY S 106 43.36 -63.63 -32.62
CA GLY S 106 43.72 -64.69 -31.69
C GLY S 106 42.56 -65.09 -30.81
N ARG S 107 41.73 -64.13 -30.42
CA ARG S 107 40.61 -64.43 -29.54
C ARG S 107 39.53 -65.22 -30.26
N HIS S 108 39.29 -64.90 -31.52
CA HIS S 108 38.23 -65.60 -32.23
C HIS S 108 38.56 -67.07 -32.43
N CYS S 109 39.75 -67.36 -32.93
CA CYS S 109 40.21 -68.74 -33.09
C CYS S 109 41.19 -69.10 -31.98
N GLY S 110 40.62 -69.49 -30.84
CA GLY S 110 41.43 -69.71 -29.65
C GLY S 110 42.41 -70.86 -29.78
N ALA S 111 42.14 -71.82 -30.66
CA ALA S 111 42.99 -72.99 -30.76
C ALA S 111 44.28 -72.75 -31.52
N LEU S 112 44.39 -71.65 -32.25
CA LEU S 112 45.56 -71.38 -33.07
C LEU S 112 46.57 -70.54 -32.30
N ARG S 113 47.67 -70.25 -32.97
CA ARG S 113 48.72 -69.38 -32.44
C ARG S 113 49.03 -68.29 -33.46
N VAL S 114 49.00 -67.05 -32.99
CA VAL S 114 49.27 -65.92 -33.88
C VAL S 114 50.76 -65.83 -34.15
N LEU S 115 51.14 -65.78 -35.42
CA LEU S 115 52.55 -65.60 -35.76
C LEU S 115 52.89 -64.14 -35.98
N ASN S 116 52.31 -63.52 -37.01
CA ASN S 116 52.56 -62.13 -37.32
C ASN S 116 51.44 -61.63 -38.21
N SER S 117 51.35 -60.31 -38.35
CA SER S 117 50.30 -59.70 -39.15
C SER S 117 50.91 -58.55 -39.93
N TYR S 118 50.20 -58.13 -40.97
CA TYR S 118 50.72 -57.10 -41.84
C TYR S 118 49.55 -56.30 -42.41
N TRP S 119 49.80 -55.02 -42.62
CA TRP S 119 48.80 -54.13 -43.17
C TRP S 119 48.53 -54.48 -44.62
N VAL S 120 47.27 -54.45 -45.02
CA VAL S 120 46.86 -54.77 -46.38
C VAL S 120 46.01 -53.70 -47.02
N GLY S 121 45.62 -52.68 -46.29
CA GLY S 121 44.72 -51.66 -46.81
C GLY S 121 44.19 -50.83 -45.68
N GLU S 122 43.93 -49.56 -45.99
CA GLU S 122 43.33 -48.70 -44.98
C GLU S 122 42.35 -47.76 -45.64
N ASP S 123 41.37 -47.35 -44.85
CA ASP S 123 40.35 -46.38 -45.24
C ASP S 123 40.45 -45.20 -44.29
N SER S 124 39.51 -44.27 -44.42
CA SER S 124 39.38 -43.24 -43.40
C SER S 124 38.95 -43.85 -42.07
N THR S 125 38.05 -44.83 -42.12
CA THR S 125 37.47 -45.40 -40.92
C THR S 125 37.87 -46.84 -40.65
N TYR S 126 38.61 -47.48 -41.54
CA TYR S 126 39.04 -48.84 -41.33
C TYR S 126 40.51 -49.00 -41.68
N LYS S 127 41.22 -49.79 -40.88
CA LYS S 127 42.54 -50.28 -41.22
C LYS S 127 42.47 -51.79 -41.30
N PHE S 128 42.97 -52.35 -42.39
CA PHE S 128 42.87 -53.77 -42.66
C PHE S 128 44.22 -54.43 -42.47
N PHE S 129 44.24 -55.49 -41.66
CA PHE S 129 45.43 -56.29 -41.45
C PHE S 129 45.10 -57.75 -41.73
N GLU S 130 46.10 -58.47 -42.19
CA GLU S 130 46.00 -59.90 -42.43
C GLU S 130 46.94 -60.59 -41.45
N VAL S 131 46.40 -61.50 -40.65
CA VAL S 131 47.13 -62.15 -39.57
C VAL S 131 47.44 -63.57 -39.96
N ILE S 132 48.69 -63.99 -39.75
CA ILE S 132 49.11 -65.34 -40.04
C ILE S 132 48.98 -66.17 -38.78
N LEU S 133 48.15 -67.21 -38.83
CA LEU S 133 47.98 -68.11 -37.70
C LEU S 133 48.74 -69.40 -37.98
N ILE S 134 49.02 -70.13 -36.91
CA ILE S 134 49.67 -71.42 -37.01
C ILE S 134 48.88 -72.41 -36.18
N ASP S 135 48.51 -73.53 -36.79
CA ASP S 135 47.91 -74.60 -36.02
C ASP S 135 49.00 -75.40 -35.33
N PRO S 136 49.03 -75.40 -33.99
CA PRO S 136 50.09 -76.14 -33.29
C PRO S 136 49.85 -77.63 -33.23
N PHE S 137 48.69 -78.11 -33.66
CA PHE S 137 48.37 -79.52 -33.54
C PHE S 137 48.34 -80.23 -34.88
N HIS S 138 48.68 -79.56 -35.97
CA HIS S 138 48.82 -80.24 -37.23
C HIS S 138 50.20 -80.89 -37.32
N LYS S 139 50.23 -82.12 -37.83
CA LYS S 139 51.48 -82.88 -37.88
C LYS S 139 52.55 -82.17 -38.69
N ALA S 140 52.17 -81.54 -39.80
CA ALA S 140 53.15 -80.85 -40.62
C ALA S 140 53.83 -79.74 -39.84
N ILE S 141 53.05 -79.00 -39.05
CA ILE S 141 53.65 -78.07 -38.09
C ILE S 141 54.35 -78.82 -36.98
N ARG S 142 53.73 -79.87 -36.47
CA ARG S 142 54.20 -80.51 -35.26
C ARG S 142 55.49 -81.28 -35.48
N ARG S 143 55.67 -81.84 -36.66
CA ARG S 143 56.84 -82.67 -36.94
C ARG S 143 58.03 -81.86 -37.44
N ASN S 144 57.92 -80.54 -37.47
CA ASN S 144 58.95 -79.71 -38.08
C ASN S 144 59.69 -78.94 -37.01
N PRO S 145 61.00 -79.14 -36.85
CA PRO S 145 61.78 -78.21 -36.03
C PRO S 145 61.85 -76.85 -36.71
N ASP S 146 62.38 -75.88 -35.97
CA ASP S 146 62.30 -74.45 -36.27
C ASP S 146 60.87 -73.95 -36.22
N THR S 147 59.91 -74.83 -35.95
CA THR S 147 58.51 -74.48 -35.87
C THR S 147 57.88 -74.99 -34.59
N GLN S 148 58.42 -76.07 -34.01
CA GLN S 148 57.84 -76.69 -32.82
C GLN S 148 57.82 -75.74 -31.64
N TRP S 149 58.63 -74.69 -31.69
CA TRP S 149 58.65 -73.70 -30.63
C TRP S 149 57.27 -73.07 -30.41
N ILE S 150 56.52 -72.84 -31.49
CA ILE S 150 55.18 -72.29 -31.34
C ILE S 150 54.25 -73.29 -30.69
N THR S 151 54.59 -74.58 -30.74
CA THR S 151 53.73 -75.60 -30.17
C THR S 151 53.91 -75.74 -28.67
N LYS S 152 54.97 -75.17 -28.10
CA LYS S 152 55.16 -75.22 -26.67
C LYS S 152 54.02 -74.49 -25.96
N PRO S 153 53.60 -74.99 -24.79
CA PRO S 153 52.50 -74.34 -24.08
C PRO S 153 52.79 -72.92 -23.71
N VAL S 154 54.07 -72.60 -23.45
CA VAL S 154 54.45 -71.26 -23.03
C VAL S 154 54.22 -70.24 -24.13
N HIS S 155 54.00 -70.68 -25.36
CA HIS S 155 53.88 -69.76 -26.48
C HIS S 155 52.45 -69.64 -26.99
N LYS S 156 51.46 -69.72 -26.11
CA LYS S 156 50.08 -69.54 -26.50
C LYS S 156 49.66 -68.10 -26.22
N HIS S 157 48.83 -67.55 -27.11
CA HIS S 157 48.29 -66.19 -26.97
C HIS S 157 49.40 -65.17 -26.79
N ARG S 158 50.33 -65.14 -27.74
CA ARG S 158 51.43 -64.19 -27.67
C ARG S 158 50.91 -62.75 -27.73
N GLU S 159 49.92 -62.50 -28.57
CA GLU S 159 49.38 -61.16 -28.73
C GLU S 159 48.65 -60.66 -27.49
N MET S 160 48.10 -61.57 -26.69
CA MET S 160 47.41 -61.15 -25.49
C MET S 160 48.37 -60.82 -24.36
N ARG S 161 49.62 -61.16 -24.52
CA ARG S 161 50.68 -60.69 -23.64
C ARG S 161 51.65 -59.75 -24.36
N GLY S 162 51.28 -59.27 -25.54
CA GLY S 162 52.10 -58.32 -26.28
C GLY S 162 53.42 -58.90 -26.75
N LEU S 163 53.43 -60.16 -27.17
CA LEU S 163 54.66 -60.85 -27.52
C LEU S 163 54.86 -61.01 -29.02
N THR S 164 53.87 -60.65 -29.83
CA THR S 164 54.05 -60.63 -31.28
C THR S 164 54.94 -59.46 -31.67
N SER S 165 55.18 -59.30 -32.97
CA SER S 165 55.99 -58.18 -33.43
C SER S 165 55.30 -56.85 -33.13
N ALA S 166 54.04 -56.71 -33.56
CA ALA S 166 53.34 -55.45 -33.37
C ALA S 166 53.10 -55.17 -31.89
N GLY S 167 52.72 -56.20 -31.14
CA GLY S 167 52.49 -56.01 -29.71
C GLY S 167 53.75 -55.69 -28.94
N ARG S 168 54.90 -56.11 -29.46
CA ARG S 168 56.15 -55.81 -28.78
C ARG S 168 56.55 -54.36 -28.94
N LYS S 169 56.19 -53.73 -30.05
CA LYS S 169 56.59 -52.35 -30.30
C LYS S 169 56.00 -51.40 -29.28
N SER S 170 54.89 -51.78 -28.64
CA SER S 170 54.25 -50.92 -27.68
C SER S 170 54.78 -51.11 -26.26
N ARG S 171 55.63 -52.11 -26.03
CA ARG S 171 56.17 -52.32 -24.68
C ARG S 171 57.33 -51.39 -24.37
N GLY S 172 57.93 -50.77 -25.38
CA GLY S 172 59.07 -49.91 -25.12
C GLY S 172 60.37 -50.64 -24.88
N LEU S 173 60.56 -51.81 -25.48
CA LEU S 173 61.81 -52.52 -25.31
C LEU S 173 62.89 -51.93 -26.20
N GLY S 174 64.12 -52.33 -25.94
CA GLY S 174 65.25 -51.89 -26.72
C GLY S 174 66.51 -51.92 -25.88
N LYS S 175 67.62 -51.61 -26.54
CA LYS S 175 68.93 -51.59 -25.91
C LYS S 175 69.52 -50.19 -25.98
N GLY S 176 70.07 -49.73 -24.87
CA GLY S 176 70.72 -48.45 -24.83
C GLY S 176 70.00 -47.45 -23.97
N HIS S 177 70.25 -46.17 -24.25
CA HIS S 177 69.73 -45.10 -23.41
C HIS S 177 68.25 -44.82 -23.65
N LYS S 178 67.74 -45.07 -24.86
CA LYS S 178 66.35 -44.73 -25.14
C LYS S 178 65.34 -45.61 -24.43
N PHE S 179 65.75 -46.69 -23.79
CA PHE S 179 64.81 -47.66 -23.27
C PHE S 179 65.16 -48.04 -21.85
N HIS S 180 65.41 -47.04 -21.02
CA HIS S 180 65.69 -47.28 -19.62
C HIS S 180 64.47 -47.74 -18.84
N HIS S 181 63.28 -47.59 -19.40
CA HIS S 181 62.08 -47.88 -18.61
C HIS S 181 61.77 -49.36 -18.56
N THR S 182 62.30 -50.15 -19.49
CA THR S 182 62.00 -51.57 -19.53
C THR S 182 63.23 -52.42 -19.21
N ILE S 183 64.20 -51.83 -18.53
CA ILE S 183 65.39 -52.57 -18.13
C ILE S 183 64.97 -53.63 -17.12
N GLY S 184 65.17 -54.90 -17.47
CA GLY S 184 64.75 -55.99 -16.63
C GLY S 184 63.62 -56.83 -17.19
N GLY S 185 63.07 -56.48 -18.35
CA GLY S 185 62.03 -57.31 -18.95
C GLY S 185 60.79 -56.54 -19.36
N SER S 186 60.43 -55.53 -18.59
CA SER S 186 59.24 -54.74 -18.87
C SER S 186 59.34 -53.44 -18.09
N ARG S 187 58.36 -52.56 -18.31
CA ARG S 187 58.24 -51.38 -17.47
C ARG S 187 57.95 -51.78 -16.03
N ARG S 188 57.08 -52.75 -15.84
CA ARG S 188 56.65 -53.10 -14.49
C ARG S 188 57.78 -53.78 -13.72
N ALA S 189 58.58 -54.59 -14.40
CA ALA S 189 59.72 -55.21 -13.73
C ALA S 189 60.72 -54.17 -13.27
N ALA S 190 61.04 -53.21 -14.15
CA ALA S 190 61.95 -52.15 -13.77
C ALA S 190 61.39 -51.32 -12.63
N TRP S 191 60.08 -51.04 -12.68
CA TRP S 191 59.46 -50.27 -11.61
C TRP S 191 59.52 -51.01 -10.28
N ARG S 192 59.31 -52.33 -10.32
CA ARG S 192 59.45 -53.11 -9.10
C ARG S 192 60.87 -53.04 -8.57
N ARG S 193 61.86 -53.22 -9.45
CA ARG S 193 63.24 -53.25 -8.99
C ARG S 193 63.68 -51.90 -8.45
N ARG S 194 63.20 -50.82 -9.07
CA ARG S 194 63.56 -49.49 -8.60
C ARG S 194 62.70 -49.02 -7.44
N ASN S 195 61.59 -49.70 -7.16
CA ASN S 195 60.71 -49.31 -6.08
C ASN S 195 60.71 -50.30 -4.93
N THR S 196 61.54 -51.32 -5.00
CA THR S 196 61.67 -52.27 -3.90
C THR S 196 62.79 -51.83 -2.98
N LEU S 197 62.49 -51.75 -1.69
CA LEU S 197 63.48 -51.39 -0.69
C LEU S 197 64.22 -52.64 -0.27
N GLN S 198 65.47 -52.78 -0.69
CA GLN S 198 66.27 -53.94 -0.33
C GLN S 198 66.68 -53.82 1.13
N LEU S 199 66.17 -54.71 1.97
CA LEU S 199 66.51 -54.75 3.38
C LEU S 199 67.34 -56.00 3.62
N HIS S 200 68.65 -55.82 3.71
CA HIS S 200 69.54 -56.96 3.84
C HIS S 200 69.49 -57.47 5.28
N ARG S 201 70.16 -58.60 5.50
CA ARG S 201 70.23 -59.17 6.84
C ARG S 201 71.00 -58.26 7.79
N TYR S 202 72.08 -57.68 7.31
CA TYR S 202 72.94 -56.82 8.13
C TYR S 202 72.77 -55.39 7.63
N ARG S 203 72.40 -54.49 8.54
CA ARG S 203 72.45 -53.06 8.25
C ARG S 203 73.35 -52.37 9.25
N GLU T 1 35.61 -29.23 90.54
CA GLU T 1 35.38 -29.92 91.81
C GLU T 1 34.50 -31.14 91.56
N VAL T 2 34.00 -31.73 92.65
CA VAL T 2 33.20 -32.95 92.52
C VAL T 2 31.71 -32.72 92.77
N GLN T 3 31.34 -31.73 93.58
CA GLN T 3 29.95 -31.46 93.83
C GLN T 3 29.37 -30.67 92.67
N VAL T 4 28.05 -30.57 92.64
CA VAL T 4 27.38 -29.79 91.62
C VAL T 4 27.46 -28.31 91.98
N LEU T 5 27.78 -27.49 91.01
CA LEU T 5 27.84 -26.05 91.20
C LEU T 5 26.43 -25.50 91.11
N VAL T 6 26.03 -24.74 92.11
CA VAL T 6 24.67 -24.22 92.21
C VAL T 6 24.72 -22.70 92.12
N LEU T 7 24.15 -22.14 91.07
CA LEU T 7 24.20 -20.70 90.83
C LEU T 7 22.81 -20.08 90.84
N ASP T 8 22.67 -18.98 91.55
CA ASP T 8 21.46 -18.20 91.54
C ASP T 8 21.57 -17.13 90.45
N GLY T 9 20.62 -17.12 89.52
CA GLY T 9 20.73 -16.23 88.39
C GLY T 9 20.30 -14.80 88.64
N ARG T 10 19.76 -14.50 89.81
CA ARG T 10 19.24 -13.17 90.06
C ARG T 10 20.38 -12.16 90.07
N GLY T 11 20.17 -11.02 89.42
CA GLY T 11 21.17 -9.98 89.37
C GLY T 11 22.36 -10.29 88.50
N HIS T 12 22.34 -11.40 87.77
CA HIS T 12 23.46 -11.80 86.94
C HIS T 12 23.17 -11.44 85.48
N LEU T 13 24.15 -10.87 84.82
CA LEU T 13 24.03 -10.57 83.40
C LEU T 13 24.04 -11.87 82.60
N LEU T 14 23.33 -11.85 81.47
CA LEU T 14 23.17 -13.08 80.69
C LEU T 14 24.50 -13.56 80.12
N GLY T 15 25.17 -12.71 79.33
CA GLY T 15 26.32 -13.17 78.60
C GLY T 15 27.47 -13.60 79.49
N ARG T 16 27.76 -12.81 80.52
CA ARG T 16 28.87 -13.14 81.40
C ARG T 16 28.62 -14.47 82.10
N LEU T 17 27.42 -14.63 82.66
CA LEU T 17 27.08 -15.84 83.39
C LEU T 17 27.10 -17.05 82.46
N ALA T 18 26.57 -16.90 81.25
CA ALA T 18 26.56 -18.02 80.32
C ALA T 18 27.98 -18.42 79.92
N ALA T 19 28.87 -17.44 79.70
CA ALA T 19 30.25 -17.77 79.34
C ALA T 19 30.95 -18.50 80.46
N ILE T 20 30.77 -18.03 81.70
CA ILE T 20 31.42 -18.69 82.83
C ILE T 20 30.89 -20.11 83.00
N VAL T 21 29.58 -20.27 82.88
CA VAL T 21 28.97 -21.60 82.99
C VAL T 21 29.50 -22.52 81.90
N ALA T 22 29.66 -21.98 80.69
CA ALA T 22 30.20 -22.79 79.59
C ALA T 22 31.59 -23.27 79.92
N LYS T 23 32.43 -22.38 80.46
CA LYS T 23 33.78 -22.81 80.78
C LYS T 23 33.77 -23.88 81.87
N GLN T 24 32.95 -23.70 82.90
CA GLN T 24 32.93 -24.66 83.99
C GLN T 24 32.42 -26.02 83.52
N VAL T 25 31.37 -26.04 82.70
CA VAL T 25 30.87 -27.33 82.26
C VAL T 25 31.85 -27.97 81.28
N LEU T 26 32.62 -27.17 80.55
CA LEU T 26 33.65 -27.77 79.71
C LEU T 26 34.84 -28.22 80.51
N LEU T 27 34.83 -27.99 81.82
CA LEU T 27 35.83 -28.53 82.71
C LEU T 27 35.33 -29.75 83.47
N GLY T 28 34.23 -30.35 83.04
CA GLY T 28 33.70 -31.52 83.71
C GLY T 28 33.15 -31.26 85.09
N ARG T 29 32.44 -30.17 85.28
CA ARG T 29 31.79 -29.86 86.55
C ARG T 29 30.29 -29.75 86.35
N LYS T 30 29.54 -30.37 87.25
CA LYS T 30 28.08 -30.30 87.19
C LYS T 30 27.64 -28.92 87.66
N VAL T 31 26.91 -28.21 86.82
CA VAL T 31 26.50 -26.84 87.13
C VAL T 31 24.99 -26.73 86.99
N VAL T 32 24.35 -26.14 88.00
CA VAL T 32 22.91 -25.96 88.03
C VAL T 32 22.63 -24.49 88.29
N VAL T 33 21.76 -23.89 87.47
CA VAL T 33 21.39 -22.49 87.61
C VAL T 33 19.93 -22.42 88.02
N VAL T 34 19.66 -21.72 89.12
CA VAL T 34 18.31 -21.60 89.64
C VAL T 34 17.87 -20.14 89.52
N ARG T 35 16.56 -19.95 89.56
CA ARG T 35 15.95 -18.62 89.42
C ARG T 35 16.42 -17.95 88.13
N CYS T 36 16.36 -18.69 87.04
CA CYS T 36 16.81 -18.18 85.76
C CYS T 36 15.97 -17.00 85.27
N GLU T 37 14.75 -16.85 85.77
CA GLU T 37 13.91 -15.72 85.38
C GLU T 37 14.46 -14.39 85.87
N GLY T 38 15.34 -14.41 86.87
CA GLY T 38 15.90 -13.20 87.43
C GLY T 38 17.12 -12.68 86.73
N ILE T 39 17.49 -13.26 85.60
CA ILE T 39 18.65 -12.80 84.86
C ILE T 39 18.39 -11.40 84.30
N ASN T 40 19.39 -10.54 84.41
CA ASN T 40 19.32 -9.20 83.87
C ASN T 40 20.09 -9.11 82.57
N ILE T 41 19.57 -8.31 81.64
CA ILE T 41 20.22 -8.08 80.36
C ILE T 41 20.48 -6.60 80.22
N SER T 42 21.68 -6.24 79.78
CA SER T 42 22.03 -4.84 79.61
C SER T 42 21.19 -4.20 78.50
N GLY T 43 21.01 -2.90 78.62
CA GLY T 43 20.17 -2.20 77.67
C GLY T 43 18.73 -2.11 78.15
N ASN T 44 18.00 -1.15 77.59
CA ASN T 44 16.62 -0.95 78.00
C ASN T 44 15.74 -2.10 77.50
N PHE T 45 14.56 -2.20 78.12
CA PHE T 45 13.69 -3.35 77.89
C PHE T 45 13.25 -3.43 76.43
N TYR T 46 12.96 -2.29 75.82
CA TYR T 46 12.43 -2.30 74.47
C TYR T 46 13.43 -2.88 73.48
N ARG T 47 14.72 -2.55 73.65
CA ARG T 47 15.73 -3.03 72.72
C ARG T 47 15.87 -4.55 72.79
N ASN T 48 15.90 -5.10 74.00
CA ASN T 48 16.04 -6.54 74.13
C ASN T 48 14.79 -7.24 73.61
N LYS T 49 13.62 -6.64 73.81
CA LYS T 49 12.41 -7.20 73.23
C LYS T 49 12.48 -7.20 71.71
N LEU T 50 13.01 -6.13 71.13
CA LEU T 50 13.17 -6.07 69.69
C LEU T 50 14.11 -7.16 69.19
N LYS T 51 15.21 -7.38 69.91
CA LYS T 51 16.16 -8.42 69.52
C LYS T 51 15.50 -9.79 69.56
N TYR T 52 14.72 -10.05 70.62
CA TYR T 52 14.05 -11.35 70.69
C TYR T 52 13.00 -11.50 69.61
N LEU T 53 12.31 -10.42 69.24
CA LEU T 53 11.35 -10.53 68.16
C LEU T 53 12.04 -10.80 66.83
N ALA T 54 13.19 -10.18 66.60
CA ALA T 54 13.98 -10.50 65.41
C ALA T 54 14.38 -11.96 65.43
N PHE T 55 14.73 -12.47 66.61
CA PHE T 55 14.95 -13.90 66.76
C PHE T 55 13.73 -14.70 66.36
N LEU T 56 12.54 -14.25 66.79
CA LEU T 56 11.31 -14.98 66.49
C LEU T 56 11.03 -15.03 65.01
N ARG T 57 11.43 -13.99 64.28
CA ARG T 57 11.19 -13.98 62.84
C ARG T 57 12.00 -15.04 62.13
N LYS T 58 13.18 -15.39 62.64
CA LYS T 58 14.03 -16.36 61.97
C LYS T 58 13.40 -17.73 62.08
N ARG T 59 12.71 -18.15 61.02
CA ARG T 59 12.14 -19.49 60.95
C ARG T 59 12.40 -20.05 59.56
N MET T 60 12.37 -21.39 59.47
CA MET T 60 12.58 -22.03 58.19
C MET T 60 11.36 -21.79 57.31
N ASN T 61 11.56 -21.09 56.20
CA ASN T 61 10.44 -20.70 55.37
C ASN T 61 9.74 -21.90 54.76
N THR T 62 10.50 -22.94 54.41
CA THR T 62 9.91 -24.14 53.83
C THR T 62 8.97 -24.82 54.81
N ASN T 63 9.41 -25.03 56.04
CA ASN T 63 8.60 -25.69 57.06
C ASN T 63 9.08 -25.27 58.43
N PRO T 64 8.24 -24.56 59.20
CA PRO T 64 8.65 -24.13 60.52
C PRO T 64 8.80 -25.26 61.50
N SER T 65 8.23 -26.43 61.21
CA SER T 65 8.42 -27.56 62.09
C SER T 65 9.89 -27.94 62.20
N ARG T 66 10.62 -27.83 61.09
CA ARG T 66 12.05 -28.07 61.09
C ARG T 66 12.84 -26.85 61.53
N GLY T 67 12.17 -25.72 61.71
CA GLY T 67 12.84 -24.46 61.85
C GLY T 67 13.45 -24.23 63.22
N PRO T 68 14.03 -23.05 63.41
CA PRO T 68 14.66 -22.74 64.69
C PRO T 68 13.64 -22.75 65.81
N TYR T 69 13.87 -23.61 66.80
CA TYR T 69 12.94 -23.79 67.90
C TYR T 69 13.13 -22.63 68.87
N HIS T 70 12.12 -21.76 68.95
CA HIS T 70 12.16 -20.61 69.83
C HIS T 70 11.62 -21.01 71.19
N PHE T 71 12.50 -21.13 72.17
CA PHE T 71 12.08 -21.42 73.53
C PHE T 71 11.66 -20.14 74.21
N ARG T 72 10.67 -20.24 75.09
CA ARG T 72 10.14 -19.05 75.74
C ARG T 72 10.39 -19.03 77.24
N ALA T 73 10.62 -20.18 77.87
CA ALA T 73 10.92 -20.17 79.30
C ALA T 73 12.32 -19.61 79.54
N PRO T 74 12.50 -18.79 80.58
CA PRO T 74 13.81 -18.17 80.80
C PRO T 74 14.94 -19.15 80.95
N SER T 75 14.70 -20.27 81.64
CA SER T 75 15.74 -21.27 81.79
C SER T 75 16.15 -21.83 80.44
N ARG T 76 15.17 -22.11 79.59
CA ARG T 76 15.50 -22.62 78.27
C ARG T 76 16.25 -21.58 77.44
N ILE T 77 15.97 -20.31 77.67
CA ILE T 77 16.68 -19.25 76.93
C ILE T 77 18.14 -19.21 77.35
N PHE T 78 18.39 -19.27 78.67
CA PHE T 78 19.77 -19.32 79.14
C PHE T 78 20.48 -20.56 78.62
N TRP T 79 19.78 -21.70 78.64
CA TRP T 79 20.35 -22.93 78.14
C TRP T 79 20.71 -22.82 76.67
N ARG T 80 19.84 -22.18 75.89
CA ARG T 80 20.13 -22.00 74.47
C ARG T 80 21.30 -21.05 74.25
N THR T 81 21.42 -20.03 75.11
CA THR T 81 22.58 -19.14 75.01
C THR T 81 23.88 -19.89 75.26
N VAL T 82 23.88 -20.71 76.31
CA VAL T 82 25.08 -21.50 76.61
C VAL T 82 25.38 -22.45 75.46
N ARG T 83 24.34 -23.05 74.88
CA ARG T 83 24.53 -23.84 73.67
C ARG T 83 25.15 -23.00 72.56
N GLY T 84 24.81 -21.72 72.53
CA GLY T 84 25.48 -20.81 71.62
C GLY T 84 26.97 -20.71 71.90
N MET T 85 27.35 -20.82 73.17
CA MET T 85 28.77 -20.81 73.48
C MET T 85 29.41 -22.19 73.52
N LEU T 86 28.68 -23.24 73.24
CA LEU T 86 29.37 -24.52 73.29
C LEU T 86 29.52 -25.11 71.90
N PRO T 87 30.52 -25.95 71.69
CA PRO T 87 30.57 -26.74 70.45
C PRO T 87 29.62 -27.92 70.52
N HIS T 88 28.33 -27.60 70.52
CA HIS T 88 27.27 -28.55 70.86
C HIS T 88 27.06 -29.63 69.80
N LYS T 89 27.68 -29.53 68.64
CA LYS T 89 27.50 -30.53 67.61
C LYS T 89 28.49 -31.68 67.70
N THR T 90 29.33 -31.70 68.74
CA THR T 90 30.24 -32.81 68.97
C THR T 90 29.83 -33.56 70.23
N LYS T 91 30.48 -34.70 70.44
CA LYS T 91 30.19 -35.48 71.64
C LYS T 91 30.68 -34.77 72.89
N ARG T 92 31.82 -34.07 72.80
CA ARG T 92 32.27 -33.27 73.92
C ARG T 92 31.27 -32.20 74.29
N GLY T 93 30.77 -31.47 73.29
CA GLY T 93 29.82 -30.42 73.56
C GLY T 93 28.53 -30.94 74.17
N GLN T 94 27.99 -32.03 73.60
CA GLN T 94 26.76 -32.58 74.12
C GLN T 94 26.95 -33.12 75.53
N ALA T 95 28.07 -33.82 75.76
CA ALA T 95 28.33 -34.39 77.07
C ALA T 95 28.47 -33.30 78.12
N ALA T 96 29.15 -32.20 77.78
CA ALA T 96 29.21 -31.06 78.70
C ALA T 96 27.84 -30.44 78.89
N LEU T 97 27.05 -30.38 77.81
CA LEU T 97 25.73 -29.77 77.88
C LEU T 97 24.83 -30.52 78.84
N ASP T 98 24.97 -31.84 78.90
CA ASP T 98 24.15 -32.63 79.82
C ASP T 98 24.55 -32.38 81.28
N ARG T 99 25.67 -31.74 81.51
CA ARG T 99 26.05 -31.46 82.89
C ARG T 99 25.50 -30.18 83.37
N LEU T 100 24.72 -29.48 82.56
CA LEU T 100 24.09 -28.23 82.96
C LEU T 100 22.59 -28.45 83.06
N LYS T 101 22.03 -28.07 84.21
CA LYS T 101 20.61 -28.11 84.45
C LYS T 101 20.16 -26.71 84.83
N VAL T 102 19.15 -26.19 84.15
CA VAL T 102 18.66 -24.85 84.40
C VAL T 102 17.20 -24.94 84.82
N PHE T 103 16.77 -24.01 85.66
CA PHE T 103 15.42 -24.05 86.18
C PHE T 103 14.87 -22.65 86.35
N ASP T 104 13.57 -22.52 86.13
CA ASP T 104 12.84 -21.31 86.47
C ASP T 104 12.50 -21.34 87.95
N GLY T 105 12.81 -20.27 88.65
CA GLY T 105 12.62 -20.31 90.08
C GLY T 105 13.66 -21.22 90.71
N ILE T 106 13.35 -21.65 91.94
CA ILE T 106 14.26 -22.54 92.65
C ILE T 106 13.52 -23.80 93.06
N PRO T 107 13.89 -24.94 92.53
CA PRO T 107 13.17 -26.18 92.81
C PRO T 107 13.43 -26.69 94.21
N PRO T 108 12.54 -27.53 94.74
CA PRO T 108 12.73 -28.11 96.07
C PRO T 108 13.99 -28.94 96.21
N PRO T 109 14.50 -29.61 95.17
CA PRO T 109 15.80 -30.26 95.35
C PRO T 109 16.94 -29.32 95.69
N TYR T 110 16.83 -28.03 95.37
CA TYR T 110 17.91 -27.10 95.62
C TYR T 110 17.56 -25.92 96.52
N ASP T 111 16.29 -25.67 96.81
CA ASP T 111 15.95 -24.52 97.63
C ASP T 111 16.44 -24.64 99.05
N LYS T 112 16.72 -25.86 99.51
CA LYS T 112 17.26 -26.12 100.85
C LYS T 112 18.77 -26.13 100.85
N LYS T 113 19.40 -25.80 99.73
CA LYS T 113 20.84 -25.81 99.59
C LYS T 113 21.32 -24.39 99.31
N LYS T 114 22.58 -24.14 99.64
CA LYS T 114 23.17 -22.83 99.39
C LYS T 114 23.32 -22.63 97.89
N ARG T 115 23.60 -21.39 97.50
CA ARG T 115 23.75 -21.03 96.09
C ARG T 115 25.01 -20.20 95.91
N MET T 116 25.79 -20.52 94.88
CA MET T 116 26.98 -19.74 94.62
C MET T 116 26.62 -18.48 93.83
N VAL T 117 27.55 -17.53 93.82
CA VAL T 117 27.40 -16.27 93.11
C VAL T 117 28.66 -16.00 92.32
N VAL T 118 28.51 -15.57 91.08
CA VAL T 118 29.66 -15.21 90.25
C VAL T 118 29.80 -13.70 90.22
N PRO T 119 30.80 -13.14 90.90
CA PRO T 119 30.94 -11.68 90.91
C PRO T 119 31.16 -11.08 89.54
N ALA T 120 31.89 -11.75 88.67
CA ALA T 120 32.19 -11.18 87.36
C ALA T 120 30.98 -11.15 86.44
N ALA T 121 29.86 -11.74 86.84
CA ALA T 121 28.65 -11.72 86.04
C ALA T 121 27.54 -10.91 86.67
N LEU T 122 27.72 -10.41 87.88
CA LEU T 122 26.69 -9.63 88.54
C LEU T 122 26.50 -8.30 87.85
N LYS T 123 25.23 -7.90 87.69
CA LYS T 123 24.92 -6.63 87.06
C LYS T 123 25.46 -5.47 87.87
N VAL T 124 25.45 -5.60 89.20
CA VAL T 124 25.79 -4.50 90.08
C VAL T 124 27.22 -4.03 89.84
N VAL T 125 28.12 -4.94 89.48
CA VAL T 125 29.51 -4.57 89.31
C VAL T 125 29.93 -4.50 87.86
N ARG T 126 29.21 -5.16 86.96
CA ARG T 126 29.57 -5.12 85.55
C ARG T 126 28.82 -4.06 84.76
N LEU T 127 27.95 -3.30 85.42
CA LEU T 127 27.13 -2.31 84.74
C LEU T 127 27.19 -1.00 85.47
N LYS T 128 27.35 0.08 84.73
CA LYS T 128 27.35 1.40 85.32
C LYS T 128 25.96 1.72 85.87
N PRO T 129 25.87 2.47 86.96
CA PRO T 129 24.56 2.69 87.60
C PRO T 129 23.57 3.42 86.73
N THR T 130 24.02 4.18 85.74
CA THR T 130 23.10 4.94 84.91
C THR T 130 22.59 4.16 83.72
N ARG T 131 22.94 2.88 83.59
CA ARG T 131 22.54 2.14 82.41
C ARG T 131 21.28 1.32 82.68
N LYS T 132 20.38 1.34 81.70
CA LYS T 132 19.12 0.63 81.79
C LYS T 132 19.33 -0.85 81.58
N PHE T 133 18.54 -1.66 82.27
CA PHE T 133 18.65 -3.10 82.17
C PHE T 133 17.25 -3.69 82.20
N ALA T 134 17.13 -4.88 81.61
CA ALA T 134 15.85 -5.55 81.50
C ALA T 134 15.89 -6.86 82.27
N TYR T 135 14.75 -7.25 82.80
CA TYR T 135 14.60 -8.50 83.52
C TYR T 135 14.24 -9.60 82.54
N LEU T 136 14.87 -10.76 82.69
CA LEU T 136 14.57 -11.88 81.81
C LEU T 136 13.13 -12.35 82.00
N GLY T 137 12.66 -12.36 83.25
CA GLY T 137 11.31 -12.85 83.51
C GLY T 137 10.24 -12.03 82.81
N ARG T 138 10.37 -10.71 82.88
CA ARG T 138 9.39 -9.84 82.22
C ARG T 138 9.41 -10.01 80.71
N LEU T 139 10.61 -10.09 80.14
CA LEU T 139 10.72 -10.28 78.70
C LEU T 139 10.09 -11.60 78.27
N ALA T 140 10.37 -12.66 79.02
CA ALA T 140 9.80 -13.96 78.71
C ALA T 140 8.28 -13.93 78.82
N HIS T 141 7.77 -13.29 79.87
CA HIS T 141 6.32 -13.25 80.05
C HIS T 141 5.66 -12.48 78.92
N GLU T 142 6.29 -11.40 78.47
CA GLU T 142 5.67 -10.63 77.39
C GLU T 142 6.00 -11.15 76.00
N VAL T 143 6.83 -12.18 75.87
CA VAL T 143 7.03 -12.80 74.57
C VAL T 143 6.20 -14.07 74.41
N GLY T 144 5.68 -14.63 75.50
CA GLY T 144 4.81 -15.79 75.38
C GLY T 144 4.96 -16.82 76.47
N TRP T 145 5.88 -16.61 77.40
CA TRP T 145 6.01 -17.53 78.53
C TRP T 145 4.78 -17.42 79.41
N LYS T 146 4.17 -18.56 79.70
CA LYS T 146 2.88 -18.60 80.38
C LYS T 146 2.99 -18.83 81.88
N TYR T 147 4.19 -18.89 82.43
CA TYR T 147 4.37 -19.28 83.82
C TYR T 147 5.09 -18.22 84.63
N GLN T 148 4.83 -16.95 84.35
CA GLN T 148 5.33 -15.90 85.22
C GLN T 148 4.60 -15.91 86.56
N ALA T 149 3.28 -15.94 86.54
CA ALA T 149 2.51 -15.72 87.76
C ALA T 149 2.63 -16.90 88.71
N VAL T 150 2.50 -18.12 88.17
CA VAL T 150 2.59 -19.30 89.03
C VAL T 150 3.98 -19.42 89.63
N THR T 151 5.01 -19.07 88.87
CA THR T 151 6.36 -19.10 89.41
C THR T 151 6.54 -18.02 90.47
N ALA T 152 5.90 -16.87 90.28
CA ALA T 152 5.96 -15.82 91.31
C ALA T 152 5.33 -16.31 92.61
N THR T 153 4.18 -16.97 92.50
CA THR T 153 3.52 -17.48 93.70
C THR T 153 4.40 -18.52 94.40
N LEU T 154 4.98 -19.44 93.62
CA LEU T 154 5.84 -20.45 94.21
C LEU T 154 7.09 -19.86 94.83
N GLU T 155 7.65 -18.82 94.19
CA GLU T 155 8.79 -18.14 94.78
C GLU T 155 8.41 -17.48 96.09
N GLU T 156 7.20 -16.95 96.17
CA GLU T 156 6.74 -16.37 97.43
C GLU T 156 6.65 -17.43 98.52
N LYS T 157 6.11 -18.61 98.18
CA LYS T 157 6.03 -19.69 99.16
C LYS T 157 7.43 -20.09 99.63
N ARG T 158 8.36 -20.21 98.68
CA ARG T 158 9.72 -20.58 99.05
C ARG T 158 10.35 -19.54 99.94
N LYS T 159 10.11 -18.26 99.66
CA LYS T 159 10.64 -17.20 100.48
C LYS T 159 10.07 -17.26 101.89
N GLU T 160 8.78 -17.58 102.01
CA GLU T 160 8.18 -17.72 103.33
C GLU T 160 8.88 -18.80 104.14
N LYS T 161 9.02 -19.98 103.52
CA LYS T 161 9.62 -21.11 104.22
C LYS T 161 11.08 -20.82 104.57
N ALA T 162 11.80 -20.17 103.66
CA ALA T 162 13.20 -19.86 103.90
C ALA T 162 13.35 -18.80 104.97
N LYS T 163 12.42 -17.85 105.05
CA LYS T 163 12.46 -16.86 106.13
C LYS T 163 12.25 -17.53 107.48
N ILE T 164 11.34 -18.50 107.53
CA ILE T 164 11.16 -19.25 108.77
C ILE T 164 12.44 -19.98 109.15
N HIS T 165 13.07 -20.62 108.16
CA HIS T 165 14.33 -21.31 108.40
C HIS T 165 15.41 -20.34 108.88
N TYR T 166 15.46 -19.16 108.29
CA TYR T 166 16.45 -18.16 108.66
C TYR T 166 16.24 -17.67 110.08
N ARG T 167 14.98 -17.51 110.48
CA ARG T 167 14.71 -17.14 111.87
C ARG T 167 15.19 -18.22 112.81
N LYS T 168 14.97 -19.49 112.44
CA LYS T 168 15.48 -20.59 113.24
C LYS T 168 17.00 -20.49 113.38
N LYS T 169 17.68 -20.25 112.27
CA LYS T 169 19.13 -20.19 112.29
C LYS T 169 19.62 -19.00 113.11
N LYS T 170 18.90 -17.87 113.04
CA LYS T 170 19.27 -16.72 113.85
C LYS T 170 19.16 -17.05 115.32
N GLN T 171 18.09 -17.75 115.70
CA GLN T 171 17.97 -18.13 117.10
C GLN T 171 19.10 -19.06 117.52
N LEU T 172 19.46 -20.00 116.64
CA LEU T 172 20.58 -20.89 116.94
C LEU T 172 21.86 -20.10 117.14
N MET T 173 22.09 -19.10 116.29
CA MET T 173 23.31 -18.29 116.40
C MET T 173 23.31 -17.50 117.70
N ARG T 174 22.16 -16.93 118.07
CA ARG T 174 22.06 -16.21 119.33
C ARG T 174 22.37 -17.12 120.50
N LEU T 175 21.78 -18.32 120.49
CA LEU T 175 22.00 -19.25 121.59
C LEU T 175 23.44 -19.72 121.61
N ARG T 176 24.06 -19.88 120.45
CA ARG T 176 25.47 -20.26 120.40
C ARG T 176 26.33 -19.18 121.05
N LYS T 177 26.08 -17.93 120.70
CA LYS T 177 26.85 -16.85 121.31
C LYS T 177 26.62 -16.80 122.81
N GLN T 178 25.38 -17.05 123.25
CA GLN T 178 25.11 -17.06 124.68
C GLN T 178 25.87 -18.18 125.38
N ALA T 179 25.91 -19.37 124.77
CA ALA T 179 26.65 -20.47 125.37
C ALA T 179 28.14 -20.15 125.44
N GLU T 180 28.68 -19.52 124.39
CA GLU T 180 30.05 -19.06 124.42
C GLU T 180 30.29 -18.10 125.57
N LYS T 181 29.29 -17.24 125.84
CA LYS T 181 29.35 -16.39 127.02
C LYS T 181 29.38 -17.22 128.30
N ASN T 182 28.56 -18.26 128.38
CA ASN T 182 28.45 -19.01 129.63
C ASN T 182 29.76 -19.72 129.98
N VAL T 183 30.31 -20.48 129.04
CA VAL T 183 31.52 -21.23 129.29
C VAL T 183 32.67 -20.53 128.57
N GLU T 184 33.59 -20.01 129.36
CA GLU T 184 34.84 -19.44 128.85
C GLU T 184 36.04 -19.82 129.71
N LYS T 185 35.83 -20.20 130.96
CA LYS T 185 36.92 -20.72 131.78
C LYS T 185 37.45 -22.01 131.18
N LYS T 186 36.56 -22.88 130.74
CA LYS T 186 36.89 -24.14 130.10
C LYS T 186 37.13 -23.98 128.61
N ILE T 187 37.18 -22.75 128.11
CA ILE T 187 37.31 -22.49 126.70
C ILE T 187 38.60 -21.76 126.35
N ASP T 188 39.06 -20.86 127.23
CA ASP T 188 40.14 -19.94 126.88
C ASP T 188 41.45 -20.65 126.56
N LYS T 189 41.64 -21.89 127.05
CA LYS T 189 42.85 -22.63 126.74
C LYS T 189 43.04 -22.83 125.25
N TYR T 190 41.94 -22.93 124.51
CA TYR T 190 42.02 -23.05 123.06
C TYR T 190 41.80 -21.72 122.35
N THR T 191 41.06 -20.81 123.00
CA THR T 191 40.92 -19.46 122.46
C THR T 191 42.28 -18.79 122.31
N GLU T 192 43.15 -19.01 123.29
CA GLU T 192 44.48 -18.40 123.21
C GLU T 192 45.26 -18.95 122.02
N VAL T 193 45.17 -20.25 121.77
CA VAL T 193 45.86 -20.84 120.62
C VAL T 193 45.31 -20.26 119.33
N LEU T 194 43.98 -20.17 119.23
CA LEU T 194 43.37 -19.65 118.01
C LEU T 194 43.78 -18.20 117.76
N LYS T 195 43.80 -17.39 118.82
CA LYS T 195 44.23 -16.01 118.65
C LYS T 195 45.71 -15.93 118.30
N THR T 196 46.50 -16.88 118.80
CA THR T 196 47.91 -16.93 118.43
C THR T 196 48.08 -17.23 116.94
N HIS T 197 47.27 -18.14 116.41
CA HIS T 197 47.39 -18.56 115.03
C HIS T 197 46.48 -17.81 114.08
N GLY T 198 45.55 -17.00 114.59
CA GLY T 198 44.78 -16.11 113.76
C GLY T 198 43.31 -16.44 113.64
N LEU T 199 42.92 -17.68 113.85
CA LEU T 199 41.50 -18.00 113.84
C LEU T 199 40.82 -17.28 115.00
N LEU T 200 39.59 -16.84 114.76
CA LEU T 200 38.75 -16.27 115.80
C LEU T 200 39.43 -15.05 116.42
N VAL T 201 39.49 -13.99 115.62
CA VAL T 201 39.96 -12.68 116.05
C VAL T 201 39.40 -12.31 117.41
N VAL U 1 28.33 -83.77 51.92
CA VAL U 1 28.81 -82.63 51.17
C VAL U 1 29.09 -81.50 52.15
N ARG U 2 29.87 -80.52 51.70
CA ARG U 2 30.34 -79.45 52.57
C ARG U 2 29.18 -78.51 52.88
N TYR U 3 28.45 -78.79 53.96
CA TYR U 3 27.47 -77.85 54.47
C TYR U 3 28.18 -76.71 55.17
N SER U 4 27.65 -75.51 55.00
CA SER U 4 28.09 -74.40 55.82
C SER U 4 27.56 -74.56 57.23
N LEU U 5 28.38 -74.20 58.21
CA LEU U 5 28.02 -74.24 59.63
C LEU U 5 27.63 -75.65 60.06
N ASP U 6 28.62 -76.53 60.01
CA ASP U 6 28.38 -77.90 60.44
C ASP U 6 27.99 -77.93 61.91
N PRO U 7 27.10 -78.84 62.31
CA PRO U 7 26.63 -78.86 63.70
C PRO U 7 27.72 -79.28 64.65
N GLU U 8 27.55 -78.90 65.92
CA GLU U 8 28.53 -79.24 66.95
C GLU U 8 28.65 -80.75 67.12
N ASN U 9 27.52 -81.46 66.99
CA ASN U 9 27.46 -82.90 67.22
C ASN U 9 26.75 -83.62 66.08
N PRO U 10 27.46 -83.99 65.05
CA PRO U 10 26.81 -84.58 63.89
C PRO U 10 26.32 -86.01 64.13
N THR U 11 25.66 -86.19 65.27
CA THR U 11 24.92 -87.38 65.59
C THR U 11 23.50 -87.07 66.02
N LYS U 12 23.26 -85.93 66.66
CA LYS U 12 21.94 -85.48 67.03
C LYS U 12 21.33 -84.58 65.97
N SER U 13 21.93 -84.52 64.80
CA SER U 13 21.55 -83.56 63.78
C SER U 13 21.30 -84.27 62.45
N CYS U 14 20.37 -83.70 61.68
CA CYS U 14 20.05 -84.19 60.35
C CYS U 14 20.14 -83.03 59.37
N LYS U 15 20.36 -83.36 58.11
CA LYS U 15 20.65 -82.37 57.09
C LYS U 15 19.72 -82.52 55.91
N SER U 16 19.36 -81.39 55.31
CA SER U 16 18.55 -81.36 54.10
C SER U 16 19.06 -80.23 53.22
N ARG U 17 19.08 -80.49 51.91
CA ARG U 17 19.69 -79.58 50.97
C ARG U 17 18.82 -79.53 49.71
N GLY U 18 18.79 -78.36 49.09
CA GLY U 18 18.13 -78.21 47.81
C GLY U 18 18.93 -77.32 46.89
N SER U 19 18.82 -77.53 45.59
CA SER U 19 19.55 -76.73 44.62
C SER U 19 18.67 -76.40 43.43
N ASN U 20 18.84 -75.19 42.89
CA ASN U 20 18.10 -74.71 41.74
C ASN U 20 16.60 -74.87 41.93
N LEU U 21 16.13 -74.41 43.08
CA LEU U 21 14.72 -74.51 43.40
C LEU U 21 13.98 -73.30 42.81
N ARG U 22 13.01 -73.57 41.95
CA ARG U 22 12.39 -72.52 41.15
C ARG U 22 11.43 -71.67 42.00
N VAL U 23 12.03 -70.90 42.90
CA VAL U 23 11.32 -69.97 43.75
C VAL U 23 12.07 -68.65 43.78
N HIS U 24 11.37 -67.60 44.17
CA HIS U 24 12.00 -66.30 44.29
C HIS U 24 13.00 -66.32 45.44
N PHE U 25 14.19 -65.79 45.20
CA PHE U 25 15.26 -65.95 46.19
C PHE U 25 15.01 -65.06 47.40
N LYS U 26 14.61 -63.80 47.17
CA LYS U 26 14.39 -62.89 48.28
C LYS U 26 13.23 -63.36 49.15
N ASN U 27 12.16 -63.83 48.53
CA ASN U 27 11.04 -64.36 49.29
C ASN U 27 11.49 -65.54 50.13
N THR U 28 12.31 -66.41 49.54
CA THR U 28 12.84 -67.55 50.29
C THR U 28 13.69 -67.10 51.45
N ARG U 29 14.51 -66.07 51.25
CA ARG U 29 15.38 -65.60 52.32
C ARG U 29 14.57 -65.05 53.48
N GLU U 30 13.56 -64.24 53.16
CA GLU U 30 12.71 -63.71 54.22
C GLU U 30 11.99 -64.83 54.95
N THR U 31 11.52 -65.84 54.22
CA THR U 31 10.84 -66.95 54.86
C THR U 31 11.78 -67.73 55.78
N ALA U 32 12.99 -67.99 55.31
CA ALA U 32 13.94 -68.75 56.11
C ALA U 32 14.33 -67.99 57.36
N GLN U 33 14.50 -66.68 57.26
CA GLN U 33 14.74 -65.90 58.46
C GLN U 33 13.53 -65.93 59.38
N ALA U 34 12.33 -66.01 58.81
CA ALA U 34 11.13 -66.06 59.64
C ALA U 34 11.08 -67.33 60.47
N ILE U 35 11.41 -68.47 59.86
CA ILE U 35 11.25 -69.74 60.57
C ILE U 35 12.49 -70.15 61.36
N LYS U 36 13.50 -69.29 61.43
CA LYS U 36 14.74 -69.67 62.09
C LYS U 36 14.54 -69.83 63.58
N GLY U 37 15.06 -70.93 64.13
CA GLY U 37 15.01 -71.17 65.56
C GLY U 37 13.73 -71.81 66.06
N MET U 38 12.91 -72.36 65.17
CA MET U 38 11.63 -72.90 65.60
C MET U 38 11.70 -74.41 65.79
N HIS U 39 10.82 -74.92 66.65
CA HIS U 39 10.57 -76.35 66.68
C HIS U 39 9.91 -76.79 65.39
N ILE U 40 10.16 -78.05 65.03
CA ILE U 40 9.75 -78.52 63.71
C ILE U 40 8.24 -78.53 63.55
N ARG U 41 7.51 -78.96 64.58
CA ARG U 41 6.06 -78.93 64.51
C ARG U 41 5.54 -77.49 64.46
N LYS U 42 6.15 -76.61 65.26
CA LYS U 42 5.76 -75.21 65.23
C LYS U 42 6.06 -74.59 63.87
N ALA U 43 7.21 -74.92 63.31
CA ALA U 43 7.54 -74.42 61.97
C ALA U 43 6.56 -74.93 60.93
N THR U 44 6.16 -76.20 61.03
CA THR U 44 5.27 -76.78 60.04
C THR U 44 3.89 -76.14 60.12
N LYS U 45 3.33 -76.04 61.32
CA LYS U 45 2.04 -75.38 61.45
C LYS U 45 2.12 -73.93 61.02
N TYR U 46 3.28 -73.29 61.24
CA TYR U 46 3.42 -71.90 60.86
C TYR U 46 3.42 -71.74 59.35
N LEU U 47 4.13 -72.63 58.64
CA LEU U 47 4.13 -72.55 57.19
C LEU U 47 2.74 -72.86 56.63
N LYS U 48 2.04 -73.79 57.25
CA LYS U 48 0.67 -74.06 56.82
C LYS U 48 -0.21 -72.84 57.02
N ASP U 49 0.01 -72.11 58.12
CA ASP U 49 -0.73 -70.88 58.34
C ASP U 49 -0.36 -69.81 57.30
N VAL U 50 0.91 -69.79 56.87
CA VAL U 50 1.30 -68.91 55.79
C VAL U 50 0.52 -69.24 54.53
N THR U 51 0.35 -70.54 54.27
CA THR U 51 -0.41 -70.96 53.09
C THR U 51 -1.83 -70.45 53.14
N LEU U 52 -2.46 -70.50 54.31
CA LEU U 52 -3.84 -70.07 54.46
C LEU U 52 -3.98 -68.59 54.77
N GLN U 53 -2.88 -67.83 54.67
CA GLN U 53 -2.88 -66.40 54.99
C GLN U 53 -3.38 -66.13 56.41
N LYS U 54 -3.00 -67.00 57.35
CA LYS U 54 -3.26 -66.77 58.75
C LYS U 54 -2.05 -66.28 59.52
N GLN U 55 -0.84 -66.54 59.02
CA GLN U 55 0.37 -66.00 59.62
C GLN U 55 1.26 -65.50 58.49
N CYS U 56 1.76 -64.27 58.65
CA CYS U 56 2.53 -63.62 57.60
C CYS U 56 4.00 -63.57 57.98
N VAL U 57 4.85 -63.64 56.96
CA VAL U 57 6.29 -63.62 57.20
C VAL U 57 6.77 -62.16 57.16
N PRO U 58 7.63 -61.75 58.08
CA PRO U 58 8.10 -60.36 58.05
C PRO U 58 9.17 -60.19 56.99
N PHE U 59 8.92 -59.27 56.06
CA PHE U 59 9.90 -58.93 55.04
C PHE U 59 10.80 -57.86 55.60
N ARG U 60 11.96 -58.25 56.12
CA ARG U 60 12.80 -57.28 56.79
C ARG U 60 13.84 -56.64 55.88
N ARG U 61 14.58 -57.44 55.13
CA ARG U 61 15.62 -56.84 54.31
C ARG U 61 15.11 -56.44 52.92
N TYR U 62 14.45 -57.36 52.23
CA TYR U 62 13.97 -57.09 50.88
C TYR U 62 12.50 -56.67 50.94
N ASN U 63 12.27 -55.50 51.54
CA ASN U 63 10.93 -55.00 51.79
C ASN U 63 10.52 -53.91 50.82
N GLY U 64 11.24 -53.77 49.71
CA GLY U 64 10.96 -52.70 48.79
C GLY U 64 9.57 -52.76 48.20
N GLY U 65 8.73 -51.79 48.57
CA GLY U 65 7.38 -51.73 48.08
C GLY U 65 6.42 -52.69 48.73
N VAL U 66 6.86 -53.45 49.72
CA VAL U 66 6.00 -54.45 50.34
C VAL U 66 4.93 -53.75 51.17
N GLY U 67 3.69 -54.17 51.00
CA GLY U 67 2.59 -53.56 51.72
C GLY U 67 2.59 -53.95 53.18
N ARG U 68 1.64 -53.37 53.90
CA ARG U 68 1.50 -53.58 55.33
C ARG U 68 0.35 -54.53 55.60
N CYS U 69 0.56 -55.43 56.55
CA CYS U 69 -0.49 -56.37 56.95
C CYS U 69 -0.51 -56.48 58.47
N ALA U 70 -1.70 -56.75 59.00
CA ALA U 70 -1.90 -56.70 60.44
C ALA U 70 -1.08 -57.75 61.17
N GLN U 71 -0.95 -58.94 60.59
CA GLN U 71 -0.26 -60.04 61.25
C GLN U 71 1.22 -59.77 61.45
N ALA U 72 1.78 -58.75 60.79
CA ALA U 72 3.17 -58.38 60.99
C ALA U 72 3.45 -57.92 62.41
N LYS U 73 2.43 -57.49 63.14
CA LYS U 73 2.63 -56.99 64.50
C LYS U 73 3.02 -58.08 65.47
N GLN U 74 2.81 -59.36 65.11
CA GLN U 74 3.42 -60.44 65.88
C GLN U 74 4.91 -60.24 65.99
N TRP U 75 5.56 -59.90 64.90
CA TRP U 75 6.94 -59.50 64.96
C TRP U 75 7.02 -58.02 65.21
N GLY U 76 8.21 -57.53 65.50
CA GLY U 76 8.39 -56.11 65.67
C GLY U 76 8.53 -55.41 64.33
N TRP U 77 7.69 -55.80 63.37
CA TRP U 77 7.83 -55.37 61.99
C TRP U 77 6.49 -54.88 61.49
N THR U 78 6.48 -54.39 60.26
CA THR U 78 5.31 -53.73 59.73
C THR U 78 4.91 -54.34 58.40
N GLN U 79 5.89 -54.67 57.59
CA GLN U 79 5.66 -55.24 56.27
C GLN U 79 5.64 -56.76 56.38
N GLY U 80 4.76 -57.38 55.61
CA GLY U 80 4.69 -58.83 55.61
C GLY U 80 3.91 -59.33 54.41
N ARG U 81 4.09 -60.62 54.12
CA ARG U 81 3.43 -61.25 52.98
C ARG U 81 3.30 -62.74 53.26
N TRP U 82 2.65 -63.45 52.35
CA TRP U 82 2.38 -64.87 52.48
C TRP U 82 2.89 -65.61 51.25
N PRO U 83 4.17 -65.89 51.19
CA PRO U 83 4.73 -66.57 50.02
C PRO U 83 4.32 -68.02 49.95
N LYS U 84 3.40 -68.35 49.04
CA LYS U 84 2.92 -69.73 48.97
C LYS U 84 4.00 -70.68 48.48
N LYS U 85 4.67 -70.33 47.40
CA LYS U 85 5.66 -71.22 46.81
C LYS U 85 6.83 -71.46 47.76
N SER U 86 7.27 -70.41 48.45
CA SER U 86 8.33 -70.57 49.45
C SER U 86 7.88 -71.51 50.55
N ALA U 87 6.63 -71.36 50.99
CA ALA U 87 6.11 -72.22 52.05
C ALA U 87 6.10 -73.68 51.62
N GLU U 88 5.64 -73.94 50.39
CA GLU U 88 5.60 -75.32 49.91
C GLU U 88 7.01 -75.90 49.79
N PHE U 89 7.95 -75.10 49.29
CA PHE U 89 9.30 -75.62 49.12
C PHE U 89 9.95 -75.91 50.47
N LEU U 90 9.77 -75.02 51.43
CA LEU U 90 10.31 -75.29 52.75
C LEU U 90 9.62 -76.47 53.40
N LEU U 91 8.35 -76.68 53.10
CA LEU U 91 7.66 -77.84 53.63
C LEU U 91 8.24 -79.14 53.07
N HIS U 92 8.51 -79.18 51.77
CA HIS U 92 9.13 -80.37 51.21
C HIS U 92 10.50 -80.60 51.80
N MET U 93 11.29 -79.53 51.96
CA MET U 93 12.62 -79.69 52.54
C MET U 93 12.53 -80.18 53.97
N LEU U 94 11.54 -79.69 54.72
CA LEU U 94 11.39 -80.09 56.10
C LEU U 94 10.95 -81.54 56.22
N LYS U 95 10.07 -82.00 55.33
CA LYS U 95 9.69 -83.41 55.33
C LYS U 95 10.86 -84.30 54.95
N ASN U 96 11.70 -83.84 54.03
CA ASN U 96 12.91 -84.59 53.69
C ASN U 96 13.84 -84.70 54.90
N ALA U 97 14.00 -83.59 55.63
CA ALA U 97 14.82 -83.61 56.84
C ALA U 97 14.21 -84.54 57.89
N GLU U 98 12.88 -84.56 57.98
CA GLU U 98 12.23 -85.47 58.91
C GLU U 98 12.49 -86.92 58.53
N SER U 99 12.46 -87.23 57.24
CA SER U 99 12.77 -88.59 56.80
C SER U 99 14.20 -88.95 57.15
N ASN U 100 15.13 -88.03 56.96
CA ASN U 100 16.51 -88.29 57.34
C ASN U 100 16.65 -88.51 58.84
N ALA U 101 15.92 -87.72 59.64
CA ALA U 101 15.96 -87.89 61.08
C ALA U 101 15.41 -89.25 61.48
N GLU U 102 14.34 -89.69 60.81
CA GLU U 102 13.85 -91.04 61.04
C GLU U 102 14.90 -92.07 60.71
N LEU U 103 15.59 -91.90 59.59
CA LEU U 103 16.59 -92.87 59.17
C LEU U 103 17.75 -92.93 60.17
N LYS U 104 18.09 -91.78 60.77
CA LYS U 104 19.08 -91.81 61.84
C LYS U 104 18.52 -92.35 63.14
N GLY U 105 17.22 -92.62 63.20
CA GLY U 105 16.62 -93.24 64.37
C GLY U 105 16.60 -92.35 65.59
N LEU U 106 16.37 -91.06 65.42
CA LEU U 106 16.24 -90.11 66.51
C LEU U 106 14.87 -89.46 66.40
N ASP U 107 14.19 -89.26 67.53
CA ASP U 107 12.79 -88.86 67.47
C ASP U 107 12.65 -87.45 66.91
N VAL U 108 11.63 -87.26 66.08
CA VAL U 108 11.42 -85.99 65.40
C VAL U 108 10.58 -85.04 66.23
N ASP U 109 10.26 -85.41 67.47
CA ASP U 109 9.50 -84.56 68.36
C ASP U 109 10.38 -83.53 69.04
N SER U 110 11.69 -83.58 68.83
CA SER U 110 12.63 -82.76 69.55
C SER U 110 13.57 -81.97 68.64
N LEU U 111 13.10 -81.58 67.46
CA LEU U 111 13.98 -80.94 66.49
C LEU U 111 13.77 -79.43 66.46
N VAL U 112 14.87 -78.70 66.38
CA VAL U 112 14.86 -77.25 66.34
C VAL U 112 15.76 -76.82 65.19
N ILE U 113 15.29 -75.85 64.41
CA ILE U 113 16.03 -75.39 63.23
C ILE U 113 17.15 -74.48 63.72
N GLU U 114 18.34 -75.05 63.92
CA GLU U 114 19.47 -74.25 64.36
C GLU U 114 20.15 -73.52 63.22
N HIS U 115 20.09 -74.06 62.01
CA HIS U 115 20.77 -73.46 60.86
C HIS U 115 19.91 -73.59 59.63
N ILE U 116 19.88 -72.52 58.84
CA ILE U 116 19.21 -72.52 57.55
C ILE U 116 19.89 -71.48 56.69
N GLN U 117 20.00 -71.76 55.40
CA GLN U 117 20.71 -70.86 54.52
C GLN U 117 20.10 -70.88 53.13
N VAL U 118 19.90 -69.70 52.56
CA VAL U 118 19.41 -69.54 51.19
C VAL U 118 20.46 -68.78 50.40
N ASN U 119 20.85 -69.33 49.26
CA ASN U 119 21.83 -68.70 48.40
C ASN U 119 21.31 -68.68 46.97
N LYS U 120 21.62 -67.60 46.27
CA LYS U 120 21.14 -67.43 44.90
C LYS U 120 21.69 -68.53 43.99
N ALA U 121 20.79 -69.14 43.24
CA ALA U 121 21.13 -70.13 42.24
C ALA U 121 21.50 -69.44 40.93
N PRO U 122 22.15 -70.15 40.00
CA PRO U 122 22.43 -69.54 38.70
C PRO U 122 21.16 -69.06 38.02
N LYS U 123 21.25 -67.89 37.41
CA LYS U 123 20.09 -67.27 36.78
C LYS U 123 19.83 -67.90 35.42
N MET U 124 18.56 -67.98 35.06
CA MET U 124 18.15 -68.49 33.77
C MET U 124 17.55 -67.38 32.94
N ARG U 125 17.85 -67.38 31.65
CA ARG U 125 17.51 -66.27 30.76
C ARG U 125 16.16 -66.49 30.11
N ARG U 126 15.32 -65.46 30.15
CA ARG U 126 14.11 -65.40 29.36
C ARG U 126 14.07 -64.04 28.68
N ARG U 127 13.20 -63.91 27.69
CA ARG U 127 13.24 -62.79 26.76
C ARG U 127 11.90 -62.07 26.75
N THR U 128 11.95 -60.75 26.67
CA THR U 128 10.74 -59.94 26.56
C THR U 128 10.92 -58.93 25.43
N TYR U 129 9.88 -58.13 25.20
CA TYR U 129 9.86 -57.15 24.13
C TYR U 129 9.43 -55.80 24.67
N ARG U 130 10.09 -54.75 24.19
CA ARG U 130 9.84 -53.39 24.64
C ARG U 130 9.35 -52.52 23.50
N ALA U 131 9.21 -51.22 23.77
CA ALA U 131 8.45 -50.34 22.91
C ALA U 131 9.11 -50.14 21.56
N HIS U 132 10.43 -50.10 21.51
CA HIS U 132 11.05 -49.75 20.24
C HIS U 132 11.79 -50.94 19.66
N GLY U 133 11.18 -52.11 19.75
CA GLY U 133 11.82 -53.31 19.26
C GLY U 133 13.01 -53.73 20.08
N ARG U 134 13.11 -53.23 21.30
CA ARG U 134 14.23 -53.54 22.18
C ARG U 134 13.94 -54.80 22.96
N ILE U 135 15.00 -55.51 23.30
CA ILE U 135 14.91 -56.74 24.07
C ILE U 135 15.47 -56.49 25.46
N ASN U 136 14.74 -56.93 26.47
CA ASN U 136 15.21 -56.84 27.83
C ASN U 136 15.32 -58.23 28.40
N PRO U 137 16.28 -58.46 29.29
CA PRO U 137 16.35 -59.75 29.97
C PRO U 137 15.11 -59.96 30.83
N TYR U 138 14.71 -61.22 30.94
CA TYR U 138 13.59 -61.63 31.76
C TYR U 138 14.05 -62.69 32.74
N MET U 139 15.13 -62.39 33.45
CA MET U 139 15.88 -63.38 34.19
C MET U 139 15.06 -64.00 35.31
N SER U 140 15.40 -65.24 35.64
CA SER U 140 14.85 -65.91 36.81
C SER U 140 15.89 -65.93 37.92
N SER U 141 15.40 -66.02 39.15
CA SER U 141 16.26 -66.00 40.33
C SER U 141 15.92 -67.18 41.24
N PRO U 142 16.33 -68.39 40.87
CA PRO U 142 16.18 -69.52 41.78
C PRO U 142 17.17 -69.42 42.92
N CYS U 143 17.11 -70.39 43.84
CA CYS U 143 17.98 -70.35 44.99
C CYS U 143 18.34 -71.75 45.47
N HIS U 144 19.54 -71.89 46.03
CA HIS U 144 19.94 -73.10 46.74
C HIS U 144 19.68 -72.93 48.22
N ILE U 145 19.17 -73.99 48.86
CA ILE U 145 18.81 -73.97 50.26
C ILE U 145 19.50 -75.12 50.97
N GLU U 146 20.05 -74.85 52.15
CA GLU U 146 20.48 -75.91 53.04
C GLU U 146 20.03 -75.58 54.44
N MET U 147 19.85 -76.62 55.25
CA MET U 147 19.46 -76.44 56.65
C MET U 147 19.98 -77.61 57.47
N ILE U 148 20.10 -77.39 58.78
CA ILE U 148 20.50 -78.41 59.73
C ILE U 148 19.60 -78.35 60.93
N LEU U 149 18.99 -79.48 61.27
CA LEU U 149 18.17 -79.62 62.47
C LEU U 149 19.01 -80.22 63.59
N THR U 150 18.44 -80.26 64.79
CA THR U 150 19.16 -80.79 65.94
C THR U 150 18.19 -81.21 67.03
N GLU U 151 18.46 -82.36 67.64
CA GLU U 151 17.69 -82.79 68.80
C GLU U 151 18.00 -81.92 69.99
N LYS U 152 17.02 -81.18 70.47
CA LYS U 152 17.12 -80.44 71.72
C LYS U 152 15.71 -80.18 72.21
N GLU U 153 15.53 -80.31 73.53
CA GLU U 153 14.20 -80.18 74.08
C GLU U 153 14.27 -79.80 75.55
N GLY V 1 63.41 -20.72 55.06
CA GLY V 1 63.78 -20.20 53.76
C GLY V 1 65.13 -19.53 53.75
N VAL V 2 65.96 -19.87 52.77
CA VAL V 2 67.24 -19.23 52.56
C VAL V 2 67.30 -18.74 51.12
N ASP V 3 67.82 -17.53 50.93
CA ASP V 3 67.79 -16.87 49.63
C ASP V 3 69.04 -17.22 48.83
N ILE V 4 69.07 -18.46 48.35
CA ILE V 4 70.15 -18.96 47.50
C ILE V 4 69.52 -19.66 46.30
N ARG V 5 70.28 -19.72 45.21
CA ARG V 5 69.84 -20.35 43.98
C ARG V 5 70.57 -21.67 43.80
N HIS V 6 69.80 -22.75 43.67
CA HIS V 6 70.36 -24.09 43.69
C HIS V 6 70.69 -24.61 42.30
N ASN V 7 70.49 -23.81 41.26
CA ASN V 7 70.62 -24.32 39.91
C ASN V 7 72.03 -24.74 39.57
N LYS V 8 73.04 -24.12 40.17
CA LYS V 8 74.43 -24.47 39.92
C LYS V 8 75.03 -25.27 41.06
N ASP V 9 74.17 -25.89 41.88
CA ASP V 9 74.65 -26.62 43.05
C ASP V 9 75.49 -27.82 42.63
N ARG V 10 75.02 -28.55 41.63
CA ARG V 10 75.70 -29.76 41.16
C ARG V 10 76.72 -29.38 40.10
N LYS V 11 77.99 -29.35 40.49
CA LYS V 11 79.06 -29.22 39.51
C LYS V 11 79.02 -30.42 38.59
N VAL V 12 78.90 -30.19 37.30
CA VAL V 12 78.88 -31.27 36.32
C VAL V 12 80.30 -31.49 35.86
N ARG V 13 80.89 -32.62 36.25
CA ARG V 13 82.24 -32.95 35.85
C ARG V 13 82.41 -34.46 35.94
N ARG V 14 83.43 -34.95 35.24
CA ARG V 14 83.75 -36.37 35.25
C ARG V 14 84.48 -36.73 36.54
N LYS V 15 83.91 -37.65 37.30
CA LYS V 15 84.54 -38.11 38.53
C LYS V 15 85.11 -39.52 38.43
N GLU V 16 84.80 -40.22 37.35
CA GLU V 16 85.26 -41.57 37.12
C GLU V 16 85.12 -41.86 35.63
N PRO V 17 85.93 -42.75 35.08
CA PRO V 17 85.80 -43.05 33.65
C PRO V 17 84.46 -43.67 33.35
N LYS V 18 83.88 -43.27 32.21
CA LYS V 18 82.64 -43.89 31.78
C LYS V 18 82.86 -45.29 31.24
N SER V 19 84.10 -45.60 30.84
CA SER V 19 84.37 -46.89 30.23
C SER V 19 84.38 -48.00 31.27
N GLN V 20 84.40 -49.24 30.79
CA GLN V 20 84.50 -50.42 31.63
C GLN V 20 85.84 -51.12 31.46
N ASP V 21 86.80 -50.48 30.82
CA ASP V 21 88.11 -51.08 30.60
C ASP V 21 88.79 -51.33 31.93
N ILE V 22 89.08 -52.59 32.22
CA ILE V 22 89.69 -52.93 33.50
C ILE V 22 91.11 -52.38 33.59
N TYR V 23 91.86 -52.42 32.50
CA TYR V 23 93.21 -51.85 32.54
C TYR V 23 93.16 -50.37 32.79
N LEU V 24 92.23 -49.68 32.13
CA LEU V 24 92.06 -48.26 32.36
C LEU V 24 91.69 -48.01 33.82
N ARG V 25 90.79 -48.80 34.37
CA ARG V 25 90.40 -48.61 35.77
C ARG V 25 91.57 -48.85 36.71
N LEU V 26 92.42 -49.83 36.42
CA LEU V 26 93.56 -50.12 37.29
C LEU V 26 94.54 -48.95 37.29
N LEU V 27 94.90 -48.47 36.11
CA LEU V 27 95.83 -47.35 36.07
C LEU V 27 95.19 -46.08 36.61
N VAL V 28 93.86 -45.94 36.51
CA VAL V 28 93.18 -44.83 37.15
C VAL V 28 93.27 -44.94 38.66
N LYS V 29 93.15 -46.16 39.20
CA LYS V 29 93.36 -46.34 40.63
C LYS V 29 94.75 -45.90 41.01
N LEU V 30 95.75 -46.30 40.22
CA LEU V 30 97.13 -45.98 40.55
C LEU V 30 97.36 -44.47 40.56
N TYR V 31 96.95 -43.79 39.49
CA TYR V 31 97.14 -42.35 39.46
C TYR V 31 96.23 -41.60 40.43
N ARG V 32 95.09 -42.16 40.80
CA ARG V 32 94.30 -41.58 41.88
C ARG V 32 95.09 -41.58 43.17
N PHE V 33 95.69 -42.73 43.48
CA PHE V 33 96.54 -42.80 44.67
C PHE V 33 97.70 -41.82 44.58
N LEU V 34 98.34 -41.74 43.42
CA LEU V 34 99.49 -40.85 43.29
C LEU V 34 99.11 -39.40 43.45
N ALA V 35 98.00 -38.98 42.84
CA ALA V 35 97.57 -37.60 42.98
C ALA V 35 97.14 -37.29 44.40
N ARG V 36 96.53 -38.25 45.09
CA ARG V 36 96.10 -37.97 46.45
C ARG V 36 97.27 -37.89 47.41
N ARG V 37 98.30 -38.70 47.19
CA ARG V 37 99.39 -38.80 48.15
C ARG V 37 100.64 -38.03 47.75
N THR V 38 100.55 -37.15 46.76
CA THR V 38 101.69 -36.32 46.39
C THR V 38 101.25 -34.87 46.24
N ASN V 39 102.23 -33.99 46.13
CA ASN V 39 102.00 -32.58 45.86
C ASN V 39 102.15 -32.24 44.38
N SER V 40 102.40 -33.23 43.54
CA SER V 40 102.64 -32.97 42.13
C SER V 40 101.32 -32.77 41.39
N THR V 41 101.07 -31.55 40.93
CA THR V 41 99.86 -31.27 40.16
C THR V 41 99.86 -32.00 38.83
N PHE V 42 101.05 -32.41 38.36
CA PHE V 42 101.14 -33.23 37.16
C PHE V 42 100.26 -34.46 37.28
N ASN V 43 100.29 -35.12 38.44
CA ASN V 43 99.46 -36.30 38.64
C ASN V 43 97.99 -35.96 38.57
N GLN V 44 97.60 -34.82 39.15
CA GLN V 44 96.20 -34.40 39.06
C GLN V 44 95.77 -34.18 37.62
N VAL V 45 96.63 -33.53 36.83
CA VAL V 45 96.29 -33.26 35.44
C VAL V 45 96.12 -34.57 34.68
N VAL V 46 97.05 -35.49 34.88
CA VAL V 46 96.97 -36.78 34.19
C VAL V 46 95.71 -37.52 34.62
N LEU V 47 95.42 -37.50 35.92
CA LEU V 47 94.26 -38.21 36.44
C LEU V 47 92.97 -37.67 35.85
N LYS V 48 92.83 -36.34 35.82
CA LYS V 48 91.59 -35.79 35.30
C LYS V 48 91.52 -35.90 33.78
N ARG V 49 92.66 -36.10 33.12
CA ARG V 49 92.63 -36.45 31.72
C ARG V 49 92.19 -37.90 31.51
N LEU V 50 92.46 -38.77 32.48
CA LEU V 50 92.05 -40.16 32.33
C LEU V 50 90.55 -40.34 32.35
N PHE V 51 89.84 -39.52 33.13
CA PHE V 51 88.39 -39.59 33.13
C PHE V 51 87.79 -39.17 31.79
N MET V 52 88.53 -38.39 31.01
CA MET V 52 87.97 -37.72 29.86
C MET V 52 87.57 -38.73 28.79
N SER V 53 86.57 -38.35 28.01
CA SER V 53 86.06 -39.20 26.95
C SER V 53 87.07 -39.27 25.80
N ARG V 54 86.74 -40.10 24.81
CA ARG V 54 87.63 -40.26 23.67
C ARG V 54 87.79 -38.96 22.91
N THR V 55 86.69 -38.24 22.68
CA THR V 55 86.75 -37.03 21.88
C THR V 55 87.59 -35.96 22.55
N ASN V 56 87.51 -35.86 23.87
CA ASN V 56 88.32 -34.90 24.60
C ASN V 56 89.75 -35.39 24.80
N ARG V 57 90.10 -36.56 24.27
CA ARG V 57 91.46 -37.08 24.28
C ARG V 57 91.85 -37.37 22.84
N PRO V 58 92.10 -36.33 22.05
CA PRO V 58 92.32 -36.53 20.63
C PRO V 58 93.62 -37.25 20.37
N PRO V 59 93.71 -38.01 19.27
CA PRO V 59 94.97 -38.68 18.95
C PRO V 59 96.06 -37.68 18.63
N LEU V 60 97.28 -38.03 19.04
CA LEU V 60 98.43 -37.15 18.86
C LEU V 60 99.24 -37.63 17.67
N SER V 61 99.38 -36.77 16.67
CA SER V 61 100.18 -37.10 15.52
C SER V 61 101.66 -37.14 15.90
N LEU V 62 102.41 -37.97 15.18
CA LEU V 62 103.84 -38.02 15.41
C LEU V 62 104.50 -36.69 15.07
N SER V 63 104.06 -36.07 13.97
CA SER V 63 104.71 -34.85 13.51
C SER V 63 104.56 -33.72 14.52
N ARG V 64 103.35 -33.55 15.05
CA ARG V 64 103.15 -32.50 16.03
C ARG V 64 103.98 -32.75 17.29
N MET V 65 104.04 -34.01 17.73
CA MET V 65 104.82 -34.30 18.92
C MET V 65 106.30 -34.04 18.68
N ILE V 66 106.79 -34.37 17.50
CA ILE V 66 108.18 -34.09 17.17
C ILE V 66 108.42 -32.59 17.18
N ARG V 67 107.47 -31.83 16.61
CA ARG V 67 107.59 -30.38 16.60
C ARG V 67 107.65 -29.82 18.01
N LYS V 68 106.82 -30.33 18.91
CA LYS V 68 106.78 -29.79 20.27
C LYS V 68 107.98 -30.21 21.08
N MET V 69 108.46 -31.45 20.93
CA MET V 69 109.67 -31.88 21.59
C MET V 69 110.90 -31.16 21.06
N LYS V 70 110.84 -30.65 19.83
CA LYS V 70 111.95 -29.96 19.20
C LYS V 70 112.30 -28.65 19.89
N LEU V 71 111.43 -28.14 20.75
CA LEU V 71 111.63 -26.85 21.36
C LEU V 71 112.87 -26.87 22.27
N PRO V 72 113.55 -25.72 22.41
CA PRO V 72 114.74 -25.68 23.25
C PRO V 72 114.42 -25.98 24.71
N GLY V 73 115.35 -26.66 25.37
CA GLY V 73 115.19 -26.99 26.76
C GLY V 73 114.34 -28.20 27.05
N ARG V 74 113.77 -28.83 26.03
CA ARG V 74 112.97 -30.03 26.21
C ARG V 74 113.74 -31.29 25.81
N GLU V 75 115.05 -31.16 25.62
CA GLU V 75 115.87 -32.33 25.36
C GLU V 75 115.84 -33.25 26.57
N ASN V 76 115.86 -34.56 26.31
CA ASN V 76 115.92 -35.58 27.36
C ASN V 76 114.75 -35.50 28.31
N LYS V 77 113.58 -35.10 27.81
CA LYS V 77 112.37 -35.16 28.60
C LYS V 77 111.44 -36.22 28.04
N THR V 78 110.48 -36.63 28.85
CA THR V 78 109.53 -37.66 28.46
C THR V 78 108.24 -37.01 27.97
N ALA V 79 107.90 -37.25 26.71
CA ALA V 79 106.64 -36.77 26.17
C ALA V 79 105.52 -37.66 26.67
N VAL V 80 104.48 -37.06 27.23
CA VAL V 80 103.37 -37.79 27.83
C VAL V 80 102.08 -37.28 27.22
N VAL V 81 101.25 -38.19 26.72
CA VAL V 81 99.94 -37.85 26.21
C VAL V 81 98.95 -38.91 26.66
N VAL V 82 97.75 -38.48 27.08
CA VAL V 82 96.69 -39.40 27.48
C VAL V 82 95.88 -39.68 26.23
N GLY V 83 96.32 -40.68 25.47
CA GLY V 83 95.61 -41.04 24.27
C GLY V 83 96.47 -41.92 23.37
N THR V 84 96.22 -41.80 22.07
CA THR V 84 96.87 -42.63 21.08
C THR V 84 97.82 -41.79 20.24
N ILE V 85 99.09 -42.17 20.21
CA ILE V 85 100.03 -41.54 19.30
C ILE V 85 99.75 -42.02 17.90
N THR V 86 99.73 -41.09 16.95
CA THR V 86 99.35 -41.37 15.58
C THR V 86 100.56 -41.25 14.68
N ASP V 87 100.77 -42.24 13.82
CA ASP V 87 101.82 -42.15 12.82
C ASP V 87 101.52 -41.07 11.80
N ASP V 88 102.53 -40.27 11.50
CA ASP V 88 102.44 -39.22 10.48
C ASP V 88 103.42 -39.54 9.36
N VAL V 89 102.88 -39.81 8.17
CA VAL V 89 103.73 -40.09 7.01
C VAL V 89 104.33 -38.82 6.42
N ARG V 90 103.89 -37.64 6.85
CA ARG V 90 104.39 -36.42 6.25
C ARG V 90 105.78 -36.03 6.74
N VAL V 91 106.28 -36.70 7.77
CA VAL V 91 107.62 -36.41 8.28
C VAL V 91 108.57 -37.47 7.74
N GLN V 92 109.83 -37.10 7.58
CA GLN V 92 110.84 -38.00 7.01
C GLN V 92 111.83 -38.50 8.05
N GLU V 93 112.29 -37.63 8.94
CA GLU V 93 113.33 -37.99 9.89
C GLU V 93 112.75 -38.07 11.30
N VAL V 94 112.91 -39.22 11.92
CA VAL V 94 112.37 -39.48 13.25
C VAL V 94 113.52 -39.43 14.25
N PRO V 95 113.57 -38.45 15.13
CA PRO V 95 114.61 -38.41 16.16
C PRO V 95 114.29 -39.38 17.29
N LYS V 96 115.28 -39.60 18.15
CA LYS V 96 115.12 -40.46 19.32
C LYS V 96 114.07 -39.88 20.25
N LEU V 97 113.19 -40.73 20.77
CA LEU V 97 112.09 -40.26 21.61
C LEU V 97 111.80 -41.23 22.75
N LYS V 98 111.72 -40.69 23.97
CA LYS V 98 111.26 -41.42 25.14
C LYS V 98 109.87 -40.92 25.46
N VAL V 99 108.85 -41.73 25.17
CA VAL V 99 107.46 -41.29 25.20
C VAL V 99 106.62 -42.26 26.02
N CYS V 100 105.70 -41.71 26.81
CA CYS V 100 104.62 -42.47 27.42
C CYS V 100 103.30 -42.02 26.84
N ALA V 101 102.42 -42.97 26.57
CA ALA V 101 101.11 -42.67 26.03
C ALA V 101 100.15 -43.79 26.36
N LEU V 102 98.87 -43.51 26.24
CA LEU V 102 97.87 -44.52 26.54
C LEU V 102 97.83 -45.59 25.47
N ARG V 103 97.99 -45.20 24.21
CA ARG V 103 97.98 -46.15 23.10
C ARG V 103 98.94 -45.68 22.01
N VAL V 104 99.45 -46.63 21.24
CA VAL V 104 100.36 -46.35 20.14
C VAL V 104 99.92 -47.15 18.93
N THR V 105 99.79 -46.49 17.79
CA THR V 105 99.57 -47.20 16.54
C THR V 105 100.82 -48.02 16.21
N SER V 106 100.60 -49.24 15.70
CA SER V 106 101.70 -50.17 15.48
C SER V 106 102.73 -49.60 14.51
N ARG V 107 102.27 -48.92 13.47
CA ARG V 107 103.21 -48.27 12.56
C ARG V 107 104.02 -47.21 13.30
N ALA V 108 103.36 -46.40 14.11
CA ALA V 108 104.07 -45.40 14.89
C ALA V 108 105.05 -46.05 15.86
N ARG V 109 104.63 -47.16 16.47
CA ARG V 109 105.51 -47.86 17.39
C ARG V 109 106.75 -48.38 16.70
N SER V 110 106.59 -48.99 15.53
CA SER V 110 107.73 -49.48 14.78
C SER V 110 108.65 -48.35 14.38
N ARG V 111 108.08 -47.21 13.97
CA ARG V 111 108.92 -46.09 13.58
C ARG V 111 109.71 -45.56 14.77
N ILE V 112 109.07 -45.42 15.93
CA ILE V 112 109.75 -44.87 17.09
C ILE V 112 110.86 -45.81 17.54
N LEU V 113 110.56 -47.11 17.59
CA LEU V 113 111.56 -48.07 18.02
C LEU V 113 112.71 -48.16 17.02
N ARG V 114 112.42 -47.97 15.73
CA ARG V 114 113.47 -47.92 14.74
C ARG V 114 114.44 -46.78 15.01
N ALA V 115 113.92 -45.63 15.42
CA ALA V 115 114.77 -44.50 15.70
C ALA V 115 115.51 -44.64 17.00
N GLY V 116 115.55 -45.80 17.63
CA GLY V 116 116.23 -45.95 18.89
C GLY V 116 115.50 -45.34 20.05
N GLY V 117 114.24 -44.96 19.88
CA GLY V 117 113.49 -44.32 20.94
C GLY V 117 113.09 -45.30 22.02
N LYS V 118 112.27 -44.82 22.94
CA LYS V 118 111.81 -45.65 24.04
C LYS V 118 110.32 -45.42 24.26
N ILE V 119 109.61 -46.50 24.52
CA ILE V 119 108.15 -46.49 24.62
C ILE V 119 107.76 -47.05 25.98
N LEU V 120 106.91 -46.32 26.70
CA LEU V 120 106.48 -46.72 28.03
C LEU V 120 104.97 -46.63 28.15
N THR V 121 104.39 -47.60 28.84
CA THR V 121 103.02 -47.47 29.29
C THR V 121 102.99 -46.57 30.51
N PHE V 122 101.78 -46.34 31.04
CA PHE V 122 101.66 -45.40 32.13
C PHE V 122 102.12 -45.98 33.46
N ASP V 123 102.04 -47.30 33.64
CA ASP V 123 102.62 -47.89 34.83
C ASP V 123 104.13 -47.73 34.84
N GLN V 124 104.77 -47.96 33.70
CA GLN V 124 106.21 -47.79 33.63
C GLN V 124 106.59 -46.32 33.80
N LEU V 125 105.74 -45.42 33.30
CA LEU V 125 105.95 -44.01 33.54
C LEU V 125 105.91 -43.68 35.02
N ALA V 126 104.89 -44.19 35.71
CA ALA V 126 104.74 -43.89 37.14
C ALA V 126 105.91 -44.46 37.92
N LEU V 127 106.37 -45.66 37.56
CA LEU V 127 107.60 -46.18 38.15
C LEU V 127 108.77 -45.26 37.86
N ASP V 128 108.83 -44.73 36.64
CA ASP V 128 109.97 -43.92 36.24
C ASP V 128 110.02 -42.61 36.99
N SER V 129 108.92 -41.87 37.02
CA SER V 129 108.90 -40.55 37.64
C SER V 129 107.52 -40.30 38.20
N PRO V 130 107.28 -40.69 39.44
CA PRO V 130 105.94 -40.50 40.04
C PRO V 130 105.50 -39.05 40.07
N LYS V 131 106.42 -38.13 40.31
CA LYS V 131 106.10 -36.72 40.33
C LYS V 131 106.06 -36.10 38.94
N GLY V 132 106.30 -36.89 37.90
CA GLY V 132 106.40 -36.36 36.57
C GLY V 132 107.59 -35.46 36.37
N CYS V 133 108.72 -35.77 36.99
CA CYS V 133 109.90 -34.94 36.87
C CYS V 133 110.43 -34.97 35.45
N GLY V 134 110.59 -33.80 34.86
CA GLY V 134 111.11 -33.70 33.51
C GLY V 134 110.26 -34.36 32.46
N THR V 135 108.95 -34.19 32.53
CA THR V 135 108.04 -34.81 31.58
C THR V 135 107.27 -33.72 30.84
N VAL V 136 107.16 -33.89 29.53
CA VAL V 136 106.47 -32.94 28.68
C VAL V 136 105.06 -33.44 28.48
N LEU V 137 104.09 -32.66 28.94
CA LEU V 137 102.68 -33.02 28.80
C LEU V 137 102.13 -32.37 27.55
N LEU V 138 101.77 -33.19 26.56
CA LEU V 138 101.20 -32.71 25.33
C LEU V 138 99.78 -33.22 25.16
N SER V 139 98.99 -32.45 24.42
CA SER V 139 97.64 -32.84 24.08
C SER V 139 97.39 -32.53 22.61
N GLY V 140 96.67 -33.41 21.94
CA GLY V 140 96.38 -33.24 20.54
C GLY V 140 95.41 -32.10 20.31
N PRO V 141 95.14 -31.79 19.06
CA PRO V 141 94.20 -30.70 18.78
C PRO V 141 92.81 -31.04 19.27
N ARG V 142 92.37 -30.33 20.30
CA ARG V 142 91.06 -30.61 20.88
C ARG V 142 89.95 -30.21 19.92
N LYS V 143 90.17 -29.17 19.14
CA LYS V 143 89.22 -28.71 18.15
C LYS V 143 89.56 -29.16 16.74
N GLY V 144 90.31 -30.26 16.62
CA GLY V 144 90.60 -30.84 15.32
C GLY V 144 89.61 -31.92 14.93
N ARG V 145 88.33 -31.67 15.16
CA ARG V 145 87.26 -32.60 14.83
C ARG V 145 86.37 -31.94 13.80
N GLU V 146 85.68 -32.76 13.01
CA GLU V 146 84.81 -32.23 11.97
C GLU V 146 83.66 -31.42 12.55
N VAL V 147 83.17 -31.79 13.72
CA VAL V 147 81.96 -31.17 14.26
C VAL V 147 82.17 -29.69 14.53
N TYR V 148 83.40 -29.27 14.82
CA TYR V 148 83.66 -27.88 15.17
C TYR V 148 83.54 -26.94 13.98
N ARG V 149 83.53 -27.47 12.77
CA ARG V 149 83.33 -26.62 11.60
C ARG V 149 81.89 -26.17 11.49
N HIS V 150 80.95 -26.99 11.97
CA HIS V 150 79.55 -26.60 11.94
C HIS V 150 79.19 -25.67 13.09
N PHE V 151 79.99 -25.65 14.15
CA PHE V 151 79.65 -24.84 15.31
C PHE V 151 79.93 -23.37 15.05
N GLY V 152 79.30 -22.52 15.85
CA GLY V 152 79.50 -21.10 15.73
C GLY V 152 78.19 -20.35 15.49
N LYS V 153 78.26 -19.26 14.74
CA LYS V 153 77.06 -18.54 14.38
C LYS V 153 76.29 -19.33 13.31
N ALA V 154 75.05 -18.93 13.09
CA ALA V 154 74.23 -19.63 12.11
C ALA V 154 74.74 -19.38 10.70
N PRO V 155 74.57 -20.35 9.81
CA PRO V 155 75.06 -20.17 8.43
C PRO V 155 74.47 -18.98 7.72
N GLY V 156 73.19 -18.70 7.94
CA GLY V 156 72.55 -17.61 7.23
C GLY V 156 72.71 -16.29 7.93
N THR V 157 73.88 -16.06 8.51
CA THR V 157 74.13 -14.82 9.24
C THR V 157 75.39 -14.16 8.72
N PRO V 158 75.44 -12.83 8.75
CA PRO V 158 76.64 -12.14 8.26
C PRO V 158 77.84 -12.48 9.11
N HIS V 159 79.02 -12.42 8.50
CA HIS V 159 80.30 -12.61 9.16
C HIS V 159 80.43 -14.02 9.74
N SER V 160 79.58 -14.93 9.28
CA SER V 160 79.59 -16.31 9.74
C SER V 160 80.23 -17.18 8.67
N HIS V 161 81.11 -18.07 9.10
CA HIS V 161 81.83 -18.95 8.20
C HIS V 161 81.73 -20.38 8.68
N THR V 162 80.51 -20.79 9.02
CA THR V 162 80.26 -22.09 9.61
C THR V 162 79.74 -23.06 8.57
N LYS V 163 80.17 -24.30 8.66
CA LYS V 163 79.81 -25.27 7.64
C LYS V 163 78.37 -25.74 7.83
N PRO V 164 77.51 -25.53 6.86
CA PRO V 164 76.13 -25.99 6.98
C PRO V 164 76.02 -27.49 6.76
N TYR V 165 74.87 -28.03 7.14
CA TYR V 165 74.60 -29.45 6.97
C TYR V 165 73.86 -29.66 5.66
N VAL V 166 74.51 -30.30 4.70
CA VAL V 166 73.91 -30.62 3.41
C VAL V 166 74.15 -32.08 3.10
N ARG V 167 73.15 -32.72 2.47
CA ARG V 167 73.28 -34.12 2.13
C ARG V 167 74.17 -34.31 0.91
N SER V 168 74.53 -33.23 0.23
CA SER V 168 75.53 -33.29 -0.82
C SER V 168 76.12 -31.92 -1.03
N LYS V 169 77.34 -31.88 -1.57
CA LYS V 169 77.98 -30.63 -1.96
C LYS V 169 77.95 -30.53 -3.47
N GLY V 170 77.43 -29.42 -3.97
CA GLY V 170 77.32 -29.22 -5.40
C GLY V 170 76.74 -27.85 -5.66
N ARG V 171 76.62 -27.53 -6.94
CA ARG V 171 76.07 -26.22 -7.29
C ARG V 171 74.59 -26.12 -6.99
N LYS V 172 73.90 -27.25 -6.92
CA LYS V 172 72.46 -27.25 -6.69
C LYS V 172 72.10 -27.31 -5.22
N PHE V 173 73.05 -27.50 -4.33
CA PHE V 173 72.77 -27.72 -2.91
C PHE V 173 73.15 -26.49 -2.11
N GLU V 174 72.16 -25.64 -1.87
CA GLU V 174 72.27 -24.51 -0.95
C GLU V 174 73.33 -23.51 -1.41
N ARG V 175 73.11 -22.97 -2.60
CA ARG V 175 74.00 -21.96 -3.16
C ARG V 175 73.29 -20.79 -3.82
N ALA V 176 71.96 -20.80 -3.88
CA ALA V 176 71.30 -19.80 -4.72
C ALA V 176 70.85 -18.54 -3.97
N ARG V 177 69.91 -18.66 -3.04
CA ARG V 177 69.31 -17.50 -2.41
C ARG V 177 69.75 -17.43 -0.96
N GLY V 178 70.59 -16.44 -0.65
CA GLY V 178 71.25 -16.37 0.63
C GLY V 178 72.73 -16.61 0.55
N ARG V 179 73.29 -16.71 -0.65
CA ARG V 179 74.72 -16.87 -0.84
C ARG V 179 75.31 -15.89 -1.81
N ARG V 180 74.51 -15.21 -2.62
CA ARG V 180 75.01 -14.30 -3.63
C ARG V 180 73.96 -13.25 -3.88
N ALA V 181 74.43 -12.03 -4.17
CA ALA V 181 73.53 -10.90 -4.32
C ALA V 181 72.61 -11.05 -5.51
N SER V 182 72.97 -11.89 -6.48
CA SER V 182 72.15 -12.05 -7.68
C SER V 182 70.82 -12.74 -7.38
N ARG V 183 70.68 -13.39 -6.23
CA ARG V 183 69.43 -14.05 -5.84
C ARG V 183 69.07 -13.58 -4.44
N GLY V 184 68.41 -12.43 -4.36
CA GLY V 184 67.91 -11.93 -3.10
C GLY V 184 68.95 -11.23 -2.26
N TYR V 185 69.83 -12.00 -1.61
CA TYR V 185 70.78 -11.43 -0.68
C TYR V 185 71.95 -12.40 -0.55
N LYS V 186 73.03 -11.90 0.05
CA LYS V 186 74.22 -12.71 0.26
C LYS V 186 74.49 -12.98 1.74
N ASN V 187 74.61 -11.94 2.55
CA ASN V 187 75.10 -11.96 3.93
C ASN V 187 75.98 -13.15 4.34
N SER W 1 -10.80 -89.53 29.79
CA SER W 1 -9.96 -88.50 30.37
C SER W 1 -10.05 -87.22 29.54
N MET W 2 -9.44 -87.25 28.37
CA MET W 2 -9.48 -86.13 27.42
C MET W 2 -10.03 -86.67 26.12
N LEU W 3 -11.22 -86.21 25.71
CA LEU W 3 -11.96 -86.81 24.62
C LEU W 3 -12.12 -85.87 23.44
N ARG W 4 -11.13 -85.00 23.23
CA ARG W 4 -11.17 -84.09 22.09
C ARG W 4 -11.14 -84.85 20.78
N LEU W 5 -10.29 -85.88 20.70
CA LEU W 5 -10.27 -86.72 19.51
C LEU W 5 -11.61 -87.41 19.29
N GLN W 6 -12.19 -87.93 20.37
CA GLN W 6 -13.49 -88.59 20.25
C GLN W 6 -14.56 -87.60 19.83
N LYS W 7 -14.52 -86.38 20.39
CA LYS W 7 -15.48 -85.37 19.98
C LYS W 7 -15.33 -85.01 18.52
N ARG W 8 -14.08 -84.87 18.05
CA ARG W 8 -13.84 -84.56 16.65
C ARG W 8 -14.38 -85.66 15.76
N LEU W 9 -14.11 -86.91 16.12
CA LEU W 9 -14.56 -88.03 15.30
C LEU W 9 -16.08 -88.11 15.29
N ALA W 10 -16.72 -87.89 16.43
CA ALA W 10 -18.16 -87.92 16.49
C ALA W 10 -18.76 -86.81 15.64
N SER W 11 -18.18 -85.61 15.70
CA SER W 11 -18.69 -84.51 14.91
C SER W 11 -18.55 -84.80 13.42
N SER W 12 -17.42 -85.39 13.02
CA SER W 12 -17.23 -85.69 11.61
C SER W 12 -18.20 -86.76 11.13
N VAL W 13 -18.34 -87.84 11.89
CA VAL W 13 -19.18 -88.94 11.43
C VAL W 13 -20.65 -88.54 11.44
N LEU W 14 -21.11 -87.90 12.52
CA LEU W 14 -22.49 -87.46 12.60
C LEU W 14 -22.79 -86.31 11.65
N ARG W 15 -21.77 -85.72 11.03
CA ARG W 15 -21.91 -84.67 10.04
C ARG W 15 -22.60 -83.44 10.64
N CYS W 16 -22.35 -83.20 11.90
CA CYS W 16 -22.81 -82.02 12.63
C CYS W 16 -21.63 -81.42 13.37
N GLY W 17 -21.79 -80.17 13.78
CA GLY W 17 -20.73 -79.51 14.50
C GLY W 17 -20.51 -80.11 15.87
N LYS W 18 -19.38 -79.74 16.47
CA LYS W 18 -19.09 -80.21 17.82
C LYS W 18 -20.09 -79.70 18.84
N LYS W 19 -20.82 -78.64 18.52
CA LYS W 19 -21.82 -78.12 19.43
C LYS W 19 -22.92 -79.14 19.69
N LYS W 20 -23.36 -79.83 18.64
CA LYS W 20 -24.48 -80.75 18.75
C LYS W 20 -24.10 -82.14 19.25
N VAL W 21 -22.81 -82.43 19.38
CA VAL W 21 -22.39 -83.77 19.78
C VAL W 21 -22.49 -83.89 21.29
N TRP W 22 -23.24 -84.87 21.76
CA TRP W 22 -23.40 -85.12 23.19
C TRP W 22 -22.65 -86.39 23.54
N LEU W 23 -21.70 -86.29 24.44
CA LEU W 23 -20.97 -87.44 24.96
C LEU W 23 -21.43 -87.74 26.37
N ASP W 24 -21.63 -89.00 26.66
CA ASP W 24 -22.14 -89.39 27.95
C ASP W 24 -21.07 -89.21 29.01
N PRO W 25 -21.27 -88.34 30.02
CA PRO W 25 -20.27 -88.20 31.07
C PRO W 25 -20.11 -89.45 31.92
N ASN W 26 -21.13 -90.29 32.05
CA ASN W 26 -21.01 -91.46 32.89
C ASN W 26 -20.10 -92.53 32.28
N GLU W 27 -20.23 -92.80 30.99
CA GLU W 27 -19.35 -93.78 30.36
C GLU W 27 -18.18 -93.12 29.67
N THR W 28 -17.47 -92.27 30.41
CA THR W 28 -16.28 -91.64 29.87
C THR W 28 -15.21 -92.69 29.57
N ASN W 29 -15.07 -93.67 30.46
CA ASN W 29 -14.07 -94.71 30.27
C ASN W 29 -14.34 -95.49 28.99
N GLU W 30 -15.61 -95.82 28.75
CA GLU W 30 -15.95 -96.60 27.56
C GLU W 30 -15.68 -95.81 26.29
N ILE W 31 -15.98 -94.51 26.30
CA ILE W 31 -15.74 -93.69 25.14
C ILE W 31 -14.25 -93.57 24.86
N ALA W 32 -13.44 -93.37 25.91
CA ALA W 32 -12.02 -93.08 25.71
C ALA W 32 -11.30 -94.21 25.00
N ASN W 33 -11.84 -95.42 25.06
CA ASN W 33 -11.25 -96.53 24.32
C ASN W 33 -11.50 -96.43 22.83
N ALA W 34 -12.48 -95.65 22.40
CA ALA W 34 -12.81 -95.56 20.99
C ALA W 34 -11.88 -94.56 20.31
N ASN W 35 -11.00 -95.07 19.45
CA ASN W 35 -10.11 -94.21 18.68
C ASN W 35 -10.28 -94.40 17.18
N SER W 36 -11.37 -95.02 16.73
CA SER W 36 -11.59 -95.23 15.32
C SER W 36 -13.03 -94.83 14.98
N ARG W 37 -13.21 -94.40 13.73
CA ARG W 37 -14.53 -94.00 13.29
C ARG W 37 -15.52 -95.15 13.34
N GLN W 38 -15.05 -96.37 13.11
CA GLN W 38 -15.94 -97.52 13.26
C GLN W 38 -16.38 -97.67 14.70
N GLN W 39 -15.45 -97.51 15.64
CA GLN W 39 -15.81 -97.56 17.06
C GLN W 39 -16.74 -96.41 17.42
N ILE W 40 -16.53 -95.24 16.82
CA ILE W 40 -17.44 -94.13 17.06
C ILE W 40 -18.84 -94.48 16.56
N ARG W 41 -18.93 -95.10 15.39
CA ARG W 41 -20.23 -95.51 14.88
C ARG W 41 -20.88 -96.52 15.79
N LYS W 42 -20.10 -97.46 16.33
CA LYS W 42 -20.66 -98.42 17.27
C LYS W 42 -21.21 -97.73 18.51
N LEU W 43 -20.46 -96.76 19.03
CA LEU W 43 -20.94 -96.02 20.19
C LEU W 43 -22.21 -95.24 19.87
N ILE W 44 -22.28 -94.68 18.65
CA ILE W 44 -23.48 -93.98 18.23
C ILE W 44 -24.67 -94.92 18.23
N LYS W 45 -24.48 -96.12 17.67
CA LYS W 45 -25.56 -97.10 17.61
C LYS W 45 -26.00 -97.49 19.00
N ASP W 46 -25.05 -97.69 19.91
CA ASP W 46 -25.40 -98.10 21.26
C ASP W 46 -26.09 -96.99 22.05
N GLY W 47 -25.90 -95.74 21.65
CA GLY W 47 -26.54 -94.63 22.33
C GLY W 47 -25.67 -93.86 23.29
N LEU W 48 -24.37 -94.15 23.37
CA LEU W 48 -23.50 -93.33 24.18
C LEU W 48 -23.26 -91.96 23.59
N ILE W 49 -23.45 -91.78 22.28
CA ILE W 49 -23.24 -90.51 21.63
C ILE W 49 -24.55 -90.08 21.00
N ILE W 50 -24.95 -88.85 21.28
CA ILE W 50 -26.24 -88.33 20.85
C ILE W 50 -26.02 -87.03 20.11
N ARG W 51 -26.67 -86.89 18.96
CA ARG W 51 -26.66 -85.64 18.22
C ARG W 51 -27.76 -84.76 18.79
N LYS W 52 -27.36 -83.71 19.52
CA LYS W 52 -28.34 -82.89 20.24
C LYS W 52 -29.21 -82.12 19.25
N PRO W 53 -30.47 -81.87 19.61
CA PRO W 53 -31.38 -81.18 18.70
C PRO W 53 -30.96 -79.74 18.47
N VAL W 54 -31.34 -79.25 17.28
CA VAL W 54 -30.99 -77.90 16.87
C VAL W 54 -31.71 -76.89 17.76
N THR W 55 -30.98 -75.84 18.17
CA THR W 55 -31.54 -74.80 19.02
C THR W 55 -32.76 -74.16 18.35
N VAL W 56 -33.79 -73.92 19.14
CA VAL W 56 -35.08 -73.51 18.60
C VAL W 56 -35.04 -72.03 18.23
N HIS W 57 -35.40 -71.74 16.99
CA HIS W 57 -35.64 -70.37 16.50
C HIS W 57 -37.02 -70.40 15.85
N SER W 58 -38.04 -69.98 16.59
CA SER W 58 -39.38 -69.98 16.04
C SER W 58 -39.70 -68.64 15.41
N ARG W 59 -40.47 -68.69 14.32
CA ARG W 59 -40.89 -67.51 13.58
C ARG W 59 -42.32 -67.13 13.91
N ALA W 60 -42.86 -67.68 15.00
CA ALA W 60 -44.25 -67.43 15.36
C ALA W 60 -44.48 -65.94 15.63
N ARG W 61 -43.56 -65.30 16.33
CA ARG W 61 -43.59 -63.85 16.49
C ARG W 61 -43.56 -63.16 15.13
N CYS W 62 -42.67 -63.64 14.25
CA CYS W 62 -42.59 -63.07 12.91
C CYS W 62 -43.88 -63.29 12.15
N ARG W 63 -44.46 -64.49 12.24
CA ARG W 63 -45.70 -64.75 11.50
C ARG W 63 -46.83 -63.86 12.01
N LYS W 64 -46.91 -63.70 13.34
CA LYS W 64 -47.94 -62.85 13.93
C LYS W 64 -47.79 -61.41 13.46
N ASN W 65 -46.56 -60.88 13.50
CA ASN W 65 -46.33 -59.52 13.04
C ASN W 65 -46.62 -59.38 11.56
N THR W 66 -46.30 -60.41 10.77
CA THR W 66 -46.59 -60.36 9.35
C THR W 66 -48.08 -60.29 9.10
N LEU W 67 -48.86 -61.08 9.83
CA LEU W 67 -50.31 -61.04 9.66
C LEU W 67 -50.86 -59.67 10.05
N ALA W 68 -50.34 -59.10 11.14
CA ALA W 68 -50.78 -57.76 11.54
C ALA W 68 -50.45 -56.74 10.45
N ARG W 69 -49.28 -56.87 9.83
CA ARG W 69 -48.93 -55.97 8.74
C ARG W 69 -49.85 -56.17 7.55
N ARG W 70 -50.26 -57.42 7.29
CA ARG W 70 -51.26 -57.67 6.26
C ARG W 70 -52.55 -56.92 6.56
N LYS W 71 -52.99 -56.97 7.81
CA LYS W 71 -54.20 -56.23 8.17
C LYS W 71 -53.97 -54.73 8.18
N GLY W 72 -52.72 -54.28 8.10
CA GLY W 72 -52.40 -52.86 8.05
C GLY W 72 -51.74 -52.29 9.28
N ARG W 73 -51.49 -53.09 10.32
CA ARG W 73 -50.86 -52.55 11.50
C ARG W 73 -49.35 -52.41 11.30
N HIS W 74 -48.76 -51.56 12.13
CA HIS W 74 -47.32 -51.28 12.13
C HIS W 74 -46.80 -50.85 10.77
N MET W 75 -47.63 -50.20 9.96
CA MET W 75 -47.14 -49.52 8.76
C MET W 75 -47.00 -48.02 9.03
N GLY W 76 -48.11 -47.35 9.35
CA GLY W 76 -48.13 -45.99 9.86
C GLY W 76 -47.22 -44.99 9.17
N ILE W 77 -46.76 -44.00 9.93
CA ILE W 77 -45.81 -43.03 9.42
C ILE W 77 -44.49 -43.11 10.18
N GLY W 78 -44.55 -43.24 11.50
CA GLY W 78 -43.35 -43.41 12.27
C GLY W 78 -42.70 -44.76 12.13
N LYS W 79 -43.36 -45.72 11.49
CA LYS W 79 -42.77 -47.02 11.21
C LYS W 79 -42.13 -47.09 9.83
N ARG W 80 -42.03 -45.97 9.14
CA ARG W 80 -41.44 -45.93 7.82
C ARG W 80 -40.08 -45.23 7.91
N LYS W 81 -39.04 -45.93 7.48
CA LYS W 81 -37.70 -45.36 7.47
C LYS W 81 -37.22 -44.97 6.09
N GLY W 82 -37.60 -45.72 5.06
CA GLY W 82 -37.13 -45.45 3.73
C GLY W 82 -37.92 -44.38 3.03
N THR W 83 -37.38 -43.93 1.90
CA THR W 83 -38.08 -42.99 1.04
C THR W 83 -39.33 -43.64 0.46
N ALA W 84 -40.31 -42.80 0.12
CA ALA W 84 -41.53 -43.31 -0.51
C ALA W 84 -41.20 -44.08 -1.78
N ASN W 85 -40.22 -43.61 -2.55
CA ASN W 85 -39.74 -44.38 -3.67
C ASN W 85 -38.95 -45.60 -3.21
N ALA W 86 -38.21 -45.47 -2.11
CA ALA W 86 -37.39 -46.59 -1.64
C ALA W 86 -38.25 -47.77 -1.22
N ARG W 87 -39.34 -47.51 -0.50
CA ARG W 87 -40.22 -48.60 -0.09
C ARG W 87 -40.91 -49.24 -1.29
N MET W 88 -41.34 -48.42 -2.25
CA MET W 88 -42.05 -48.91 -3.43
C MET W 88 -41.61 -48.05 -4.60
N PRO W 89 -40.72 -48.56 -5.46
CA PRO W 89 -40.18 -47.72 -6.54
C PRO W 89 -41.25 -47.27 -7.51
N GLU W 90 -41.14 -46.01 -7.93
CA GLU W 90 -42.08 -45.48 -8.90
C GLU W 90 -41.97 -46.21 -10.23
N LYS W 91 -40.75 -46.54 -10.63
CA LYS W 91 -40.55 -47.21 -11.92
C LYS W 91 -41.22 -48.58 -11.93
N VAL W 92 -41.17 -49.30 -10.82
CA VAL W 92 -41.86 -50.58 -10.73
C VAL W 92 -43.36 -50.40 -10.89
N THR W 93 -43.91 -49.39 -10.23
CA THR W 93 -45.35 -49.15 -10.33
C THR W 93 -45.73 -48.80 -11.76
N TRP W 94 -44.92 -47.98 -12.42
CA TRP W 94 -45.20 -47.65 -13.81
C TRP W 94 -45.13 -48.89 -14.70
N MET W 95 -44.16 -49.77 -14.43
CA MET W 95 -44.08 -51.01 -15.19
C MET W 95 -45.33 -51.86 -15.01
N ARG W 96 -45.76 -52.03 -13.76
CA ARG W 96 -46.93 -52.86 -13.51
C ARG W 96 -48.15 -52.28 -14.19
N ARG W 97 -48.32 -50.96 -14.07
CA ARG W 97 -49.46 -50.30 -14.68
C ARG W 97 -49.46 -50.47 -16.20
N MET W 98 -48.31 -50.22 -16.83
CA MET W 98 -48.26 -50.29 -18.28
C MET W 98 -48.45 -51.71 -18.77
N ARG W 99 -47.86 -52.69 -18.08
CA ARG W 99 -48.04 -54.08 -18.50
C ARG W 99 -49.49 -54.48 -18.40
N ILE W 100 -50.17 -54.11 -17.29
CA ILE W 100 -51.56 -54.48 -17.13
C ILE W 100 -52.43 -53.82 -18.19
N LEU W 101 -52.22 -52.53 -18.42
CA LEU W 101 -53.05 -51.80 -19.38
C LEU W 101 -52.82 -52.30 -20.79
N ARG W 102 -51.56 -52.55 -21.17
CA ARG W 102 -51.30 -53.08 -22.49
C ARG W 102 -51.88 -54.47 -22.65
N ARG W 103 -51.79 -55.30 -21.62
CA ARG W 103 -52.42 -56.62 -21.68
C ARG W 103 -53.91 -56.51 -21.89
N LEU W 104 -54.56 -55.60 -21.15
CA LEU W 104 -56.00 -55.44 -21.28
C LEU W 104 -56.38 -54.96 -22.67
N LEU W 105 -55.64 -53.98 -23.19
CA LEU W 105 -55.96 -53.46 -24.51
C LEU W 105 -55.78 -54.51 -25.58
N ARG W 106 -54.70 -55.32 -25.48
CA ARG W 106 -54.52 -56.39 -26.44
C ARG W 106 -55.64 -57.40 -26.36
N ARG W 107 -56.04 -57.77 -25.13
CA ARG W 107 -57.15 -58.71 -24.99
C ARG W 107 -58.42 -58.15 -25.61
N TYR W 108 -58.65 -56.84 -25.46
CA TYR W 108 -59.80 -56.22 -26.10
C TYR W 108 -59.69 -56.29 -27.62
N ARG W 109 -58.50 -56.04 -28.17
CA ARG W 109 -58.34 -56.03 -29.62
C ARG W 109 -58.59 -57.40 -30.20
N GLU W 110 -58.01 -58.44 -29.59
CA GLU W 110 -58.28 -59.78 -30.10
C GLU W 110 -59.60 -60.36 -29.62
N SER W 111 -60.32 -59.65 -28.76
CA SER W 111 -61.72 -59.95 -28.51
C SER W 111 -62.65 -59.07 -29.32
N LYS W 112 -62.08 -58.24 -30.20
CA LYS W 112 -62.82 -57.46 -31.19
C LYS W 112 -63.77 -56.44 -30.59
N LYS W 113 -63.59 -56.10 -29.32
CA LYS W 113 -64.32 -54.96 -28.78
C LYS W 113 -63.84 -53.66 -29.38
N ILE W 114 -62.58 -53.61 -29.81
CA ILE W 114 -61.97 -52.41 -30.37
C ILE W 114 -61.31 -52.76 -31.69
N ASP W 115 -61.05 -51.72 -32.48
CA ASP W 115 -60.44 -51.86 -33.79
C ASP W 115 -58.95 -51.59 -33.71
N ARG W 116 -58.30 -51.56 -34.87
CA ARG W 116 -56.88 -51.22 -34.91
C ARG W 116 -56.65 -49.78 -34.46
N HIS W 117 -57.45 -48.84 -34.97
CA HIS W 117 -57.15 -47.44 -34.73
C HIS W 117 -57.45 -47.04 -33.30
N MET W 118 -58.57 -47.52 -32.75
CA MET W 118 -58.86 -47.23 -31.35
C MET W 118 -57.80 -47.82 -30.45
N TYR W 119 -57.36 -49.04 -30.74
CA TYR W 119 -56.29 -49.63 -29.96
C TYR W 119 -55.01 -48.83 -30.06
N HIS W 120 -54.67 -48.37 -31.27
CA HIS W 120 -53.44 -47.60 -31.44
C HIS W 120 -53.49 -46.29 -30.68
N SER W 121 -54.61 -45.58 -30.79
CA SER W 121 -54.76 -44.32 -30.09
C SER W 121 -54.70 -44.53 -28.58
N LEU W 122 -55.36 -45.58 -28.10
CA LEU W 122 -55.33 -45.83 -26.67
C LEU W 122 -53.96 -46.30 -26.21
N TYR W 123 -53.22 -46.98 -27.09
CA TYR W 123 -51.85 -47.35 -26.76
C TYR W 123 -51.01 -46.10 -26.54
N LEU W 124 -51.11 -45.14 -27.45
CA LEU W 124 -50.38 -43.90 -27.26
C LEU W 124 -50.90 -43.13 -26.06
N LYS W 125 -52.19 -43.22 -25.77
CA LYS W 125 -52.76 -42.47 -24.65
C LYS W 125 -52.28 -43.02 -23.33
N VAL W 126 -52.32 -44.35 -23.15
CA VAL W 126 -51.82 -44.94 -21.93
C VAL W 126 -50.31 -44.75 -21.82
N LYS W 127 -49.62 -44.73 -22.96
CA LYS W 127 -48.21 -44.39 -22.92
C LYS W 127 -48.02 -42.97 -22.44
N GLY W 128 -48.96 -42.09 -22.74
CA GLY W 128 -48.95 -40.72 -22.29
C GLY W 128 -49.43 -40.50 -20.88
N ASN W 129 -49.79 -41.57 -20.18
CA ASN W 129 -50.22 -41.52 -18.78
C ASN W 129 -51.46 -40.64 -18.62
N VAL W 130 -52.55 -41.07 -19.25
CA VAL W 130 -53.83 -40.39 -19.13
C VAL W 130 -54.87 -41.23 -18.43
N PHE W 131 -54.58 -42.48 -18.10
CA PHE W 131 -55.46 -43.32 -17.31
C PHE W 131 -54.69 -43.85 -16.12
N LYS W 132 -55.37 -44.03 -14.99
CA LYS W 132 -54.69 -44.38 -13.75
C LYS W 132 -54.75 -45.87 -13.44
N ASN W 133 -55.70 -46.61 -13.99
CA ASN W 133 -55.77 -48.05 -13.75
C ASN W 133 -56.71 -48.69 -14.75
N LYS W 134 -57.03 -49.96 -14.50
CA LYS W 134 -57.82 -50.75 -15.44
C LYS W 134 -59.24 -50.23 -15.56
N ARG W 135 -59.89 -49.92 -14.44
CA ARG W 135 -61.31 -49.59 -14.46
C ARG W 135 -61.57 -48.29 -15.21
N ILE W 136 -60.74 -47.27 -14.99
CA ILE W 136 -60.94 -45.98 -15.64
C ILE W 136 -60.80 -46.12 -17.14
N LEU W 137 -59.76 -46.83 -17.58
CA LEU W 137 -59.57 -47.08 -18.99
C LEU W 137 -60.74 -47.85 -19.58
N MET W 138 -61.23 -48.85 -18.85
CA MET W 138 -62.31 -49.67 -19.38
C MET W 138 -63.61 -48.87 -19.55
N GLU W 139 -63.93 -48.04 -18.56
CA GLU W 139 -65.12 -47.21 -18.70
C GLU W 139 -64.96 -46.19 -19.80
N HIS W 140 -63.76 -45.63 -19.97
CA HIS W 140 -63.52 -44.74 -21.09
C HIS W 140 -63.69 -45.47 -22.41
N ILE W 141 -63.26 -46.72 -22.47
CA ILE W 141 -63.44 -47.52 -23.66
C ILE W 141 -64.92 -47.70 -23.96
N HIS W 142 -65.71 -47.95 -22.91
CA HIS W 142 -67.15 -48.12 -23.10
C HIS W 142 -67.78 -46.86 -23.65
N LYS W 143 -67.36 -45.72 -23.11
CA LYS W 143 -67.85 -44.44 -23.61
C LYS W 143 -67.49 -44.24 -25.07
N LEU W 144 -66.24 -44.59 -25.43
CA LEU W 144 -65.81 -44.46 -26.81
C LEU W 144 -66.61 -45.36 -27.74
N LYS W 145 -66.89 -46.59 -27.32
CA LYS W 145 -67.68 -47.49 -28.13
C LYS W 145 -69.10 -46.97 -28.30
N ALA W 146 -69.67 -46.42 -27.23
CA ALA W 146 -71.02 -45.86 -27.34
C ALA W 146 -71.05 -44.72 -28.34
N ASP W 147 -70.08 -43.81 -28.28
CA ASP W 147 -70.05 -42.71 -29.23
C ASP W 147 -69.82 -43.20 -30.64
N LYS W 148 -68.95 -44.20 -30.82
CA LYS W 148 -68.68 -44.72 -32.15
C LYS W 148 -69.91 -45.39 -32.73
N ALA W 149 -70.64 -46.15 -31.91
CA ALA W 149 -71.86 -46.79 -32.39
C ALA W 149 -72.93 -45.77 -32.74
N ARG W 150 -73.10 -44.74 -31.91
CA ARG W 150 -74.07 -43.69 -32.21
C ARG W 150 -73.72 -42.97 -33.51
N LYS W 151 -72.44 -42.64 -33.68
CA LYS W 151 -71.98 -42.03 -34.91
C LYS W 151 -72.24 -42.93 -36.10
N LYS W 152 -71.99 -44.22 -35.96
CA LYS W 152 -72.18 -45.13 -37.07
C LYS W 152 -73.66 -45.29 -37.40
N LEU W 153 -74.52 -45.23 -36.39
CA LEU W 153 -75.96 -45.23 -36.62
C LEU W 153 -76.39 -44.03 -37.46
N LEU W 154 -75.99 -42.83 -37.03
CA LEU W 154 -76.39 -41.65 -37.77
C LEU W 154 -75.82 -41.69 -39.19
N ALA W 155 -74.56 -42.09 -39.31
CA ALA W 155 -73.93 -42.16 -40.63
C ALA W 155 -74.61 -43.20 -41.51
N ASP W 156 -75.01 -44.33 -40.94
CA ASP W 156 -75.57 -45.40 -41.76
C ASP W 156 -76.97 -45.04 -42.24
N GLN W 157 -77.78 -44.40 -41.40
CA GLN W 157 -79.09 -43.98 -41.89
C GLN W 157 -78.96 -42.85 -42.90
N ALA W 158 -77.99 -41.96 -42.71
CA ALA W 158 -77.75 -40.92 -43.71
C ALA W 158 -77.34 -41.54 -45.04
N GLU W 159 -76.46 -42.54 -45.01
CA GLU W 159 -76.06 -43.22 -46.23
C GLU W 159 -77.22 -43.97 -46.87
N ALA W 160 -78.10 -44.55 -46.06
CA ALA W 160 -79.28 -45.21 -46.62
C ALA W 160 -80.16 -44.22 -47.37
N ARG W 161 -80.40 -43.04 -46.77
CA ARG W 161 -81.23 -42.05 -47.44
C ARG W 161 -80.56 -41.55 -48.72
N ARG W 162 -79.25 -41.28 -48.68
CA ARG W 162 -78.55 -40.81 -49.86
C ARG W 162 -78.56 -41.87 -50.96
N SER W 163 -78.34 -43.13 -50.58
CA SER W 163 -78.35 -44.21 -51.55
C SER W 163 -79.72 -44.36 -52.19
N LYS W 164 -80.78 -44.21 -51.40
CA LYS W 164 -82.12 -44.30 -51.96
C LYS W 164 -82.38 -43.19 -52.95
N THR W 165 -81.95 -41.97 -52.63
CA THR W 165 -82.13 -40.86 -53.55
C THR W 165 -81.34 -41.10 -54.84
N LYS W 166 -80.09 -41.55 -54.73
CA LYS W 166 -79.30 -41.80 -55.93
C LYS W 166 -79.90 -42.93 -56.75
N GLU W 167 -80.43 -43.96 -56.09
CA GLU W 167 -81.06 -45.07 -56.78
C GLU W 167 -82.29 -44.60 -57.56
N ALA W 168 -83.12 -43.77 -56.95
CA ALA W 168 -84.27 -43.23 -57.66
C ALA W 168 -83.81 -42.35 -58.81
N ARG W 169 -82.72 -41.60 -58.62
CA ARG W 169 -82.20 -40.73 -59.66
C ARG W 169 -81.73 -41.53 -60.86
N LYS W 170 -81.01 -42.62 -60.62
CA LYS W 170 -80.38 -43.36 -61.71
C LYS W 170 -81.37 -44.23 -62.49
N ARG W 171 -82.66 -44.14 -62.18
CA ARG W 171 -83.66 -44.87 -62.95
C ARG W 171 -84.88 -44.06 -63.34
N ARG W 172 -85.20 -42.97 -62.63
CA ARG W 172 -86.33 -42.17 -63.06
C ARG W 172 -86.01 -41.51 -64.40
N GLU W 173 -84.77 -41.01 -64.55
CA GLU W 173 -84.37 -40.51 -65.86
C GLU W 173 -84.25 -41.63 -66.86
N GLU W 174 -84.01 -42.87 -66.41
CA GLU W 174 -83.95 -43.99 -67.34
C GLU W 174 -85.30 -44.23 -68.00
N ARG W 175 -86.37 -44.33 -67.22
CA ARG W 175 -87.64 -44.50 -67.91
C ARG W 175 -88.15 -43.19 -68.51
N LEU W 176 -87.64 -42.04 -68.04
CA LEU W 176 -87.92 -40.79 -68.74
C LEU W 176 -87.38 -40.83 -70.17
N GLN W 177 -86.11 -41.20 -70.34
CA GLN W 177 -85.54 -41.29 -71.68
C GLN W 177 -86.13 -42.45 -72.46
N ALA W 178 -86.58 -43.51 -71.77
CA ALA W 178 -87.29 -44.58 -72.45
C ALA W 178 -88.55 -44.05 -73.10
N LYS W 179 -89.29 -43.19 -72.39
CA LYS W 179 -90.44 -42.52 -72.98
C LYS W 179 -90.01 -41.54 -74.07
N LYS W 180 -88.92 -40.80 -73.85
CA LYS W 180 -88.53 -39.75 -74.78
C LYS W 180 -88.16 -40.33 -76.14
N GLU W 181 -87.28 -41.33 -76.17
CA GLU W 181 -86.80 -41.91 -77.41
C GLU W 181 -87.42 -43.27 -77.72
N GLU W 182 -88.71 -43.45 -77.46
CA GLU W 182 -89.41 -44.59 -78.04
C GLU W 182 -90.07 -44.24 -79.37
N ILE W 183 -90.06 -42.97 -79.76
CA ILE W 183 -90.65 -42.55 -81.02
C ILE W 183 -89.59 -42.41 -82.10
N ILE W 184 -88.41 -41.89 -81.73
CA ILE W 184 -87.32 -41.72 -82.69
C ILE W 184 -86.85 -43.08 -83.19
N LYS W 185 -86.83 -44.08 -82.31
CA LYS W 185 -86.40 -45.43 -82.71
C LYS W 185 -87.33 -46.02 -83.76
N THR W 186 -88.61 -45.69 -83.74
CA THR W 186 -89.55 -46.16 -84.75
C THR W 186 -89.91 -45.08 -85.76
N LEU W 187 -89.28 -43.92 -85.70
CA LEU W 187 -89.57 -42.77 -86.55
C LEU W 187 -91.03 -42.36 -86.43
N LYS X 1 55.72 8.06 65.13
CA LYS X 1 56.06 8.28 66.53
C LYS X 1 55.08 7.56 67.45
N ALA X 2 55.58 6.57 68.18
CA ALA X 2 54.74 5.83 69.11
C ALA X 2 54.58 6.61 70.41
N SER X 3 54.09 5.93 71.44
CA SER X 3 53.84 6.59 72.70
C SER X 3 54.26 5.63 73.82
N GLY X 4 53.80 5.90 75.03
CA GLY X 4 54.20 5.14 76.20
C GLY X 4 54.12 6.05 77.41
N THR X 5 55.23 6.17 78.14
CA THR X 5 55.39 7.21 79.14
C THR X 5 56.48 8.15 78.65
N LEU X 6 56.08 9.31 78.15
CA LEU X 6 56.99 10.18 77.43
C LEU X 6 58.05 10.76 78.35
N ARG X 7 59.16 11.18 77.75
CA ARG X 7 60.24 11.84 78.46
C ARG X 7 60.65 13.11 77.73
N GLU X 8 60.98 14.14 78.50
CA GLU X 8 61.42 15.40 77.94
C GLU X 8 62.89 15.32 77.58
N TYR X 9 63.24 15.80 76.39
CA TYR X 9 64.62 15.76 75.92
C TYR X 9 65.04 17.16 75.51
N LYS X 10 66.21 17.58 75.97
CA LYS X 10 66.78 18.85 75.55
C LYS X 10 67.80 18.58 74.45
N VAL X 11 67.44 18.90 73.23
CA VAL X 11 68.23 18.56 72.06
C VAL X 11 68.83 19.84 71.50
N VAL X 12 70.13 19.82 71.24
CA VAL X 12 70.81 20.93 70.60
C VAL X 12 71.51 20.41 69.35
N GLY X 13 71.29 21.11 68.24
CA GLY X 13 71.88 20.71 66.97
C GLY X 13 72.26 21.92 66.13
N ARG X 14 72.96 21.65 65.05
CA ARG X 14 73.47 22.70 64.18
C ARG X 14 73.77 22.12 62.81
N CYS X 15 73.93 23.01 61.84
CA CYS X 15 74.44 22.62 60.54
C CYS X 15 75.91 22.26 60.64
N LEU X 16 76.39 21.50 59.67
CA LEU X 16 77.81 21.25 59.58
C LEU X 16 78.52 22.51 59.10
N PRO X 17 79.67 22.84 59.67
CA PRO X 17 80.39 24.04 59.22
C PRO X 17 80.82 23.94 57.77
N THR X 18 80.78 25.07 57.10
CA THR X 18 81.03 25.16 55.66
C THR X 18 82.06 26.24 55.43
N PRO X 19 82.74 26.23 54.27
CA PRO X 19 83.64 27.33 53.90
C PRO X 19 82.87 28.57 53.46
N LYS X 20 81.78 28.84 54.14
CA LYS X 20 80.91 30.00 54.06
C LYS X 20 80.69 30.61 55.43
N CYS X 21 80.60 29.77 56.46
CA CYS X 21 80.46 30.20 57.84
C CYS X 21 81.08 29.13 58.73
N HIS X 22 82.03 29.53 59.57
CA HIS X 22 82.74 28.55 60.39
C HIS X 22 81.91 28.06 61.56
N THR X 23 81.12 28.94 62.17
CA THR X 23 80.32 28.60 63.34
C THR X 23 78.85 28.82 63.00
N PRO X 24 78.15 27.77 62.57
CA PRO X 24 76.71 27.89 62.40
C PRO X 24 76.04 28.10 63.75
N PRO X 25 74.91 28.79 63.77
CA PRO X 25 74.20 29.01 65.04
C PRO X 25 73.67 27.71 65.60
N LEU X 26 73.65 27.62 66.93
CA LEU X 26 73.15 26.45 67.62
C LEU X 26 71.67 26.64 67.96
N TYR X 27 70.91 25.57 67.83
CA TYR X 27 69.48 25.61 68.08
C TYR X 27 69.09 24.52 69.06
N ARG X 28 68.17 24.86 69.96
CA ARG X 28 67.73 23.98 71.03
C ARG X 28 66.23 23.81 70.96
N MET X 29 65.75 22.60 71.24
CA MET X 29 64.33 22.35 71.33
C MET X 29 64.04 21.44 72.51
N ARG X 30 62.80 21.51 72.98
CA ARG X 30 62.27 20.54 73.94
C ARG X 30 61.36 19.58 73.18
N ILE X 31 61.73 18.30 73.17
CA ILE X 31 60.99 17.29 72.44
C ILE X 31 60.58 16.20 73.42
N PHE X 32 59.34 15.75 73.32
CA PHE X 32 58.81 14.68 74.16
C PHE X 32 58.72 13.41 73.33
N ALA X 33 59.49 12.41 73.69
CA ALA X 33 59.57 11.16 72.95
C ALA X 33 59.73 10.01 73.94
N PRO X 34 59.36 8.79 73.53
CA PRO X 34 59.64 7.63 74.40
C PRO X 34 61.12 7.41 74.66
N ASN X 35 61.98 7.70 73.69
CA ASN X 35 63.40 7.45 73.85
C ASN X 35 64.17 8.49 73.04
N HIS X 36 65.50 8.38 73.08
CA HIS X 36 66.32 9.43 72.50
C HIS X 36 66.34 9.37 70.97
N VAL X 37 66.16 8.18 70.40
CA VAL X 37 66.22 8.06 68.94
C VAL X 37 65.07 8.82 68.30
N VAL X 38 63.85 8.60 68.79
CA VAL X 38 62.71 9.35 68.32
C VAL X 38 62.90 10.83 68.62
N ALA X 39 63.54 11.14 69.75
CA ALA X 39 63.79 12.54 70.09
C ALA X 39 64.63 13.20 69.01
N LYS X 40 65.70 12.52 68.57
CA LYS X 40 66.55 13.11 67.55
C LYS X 40 65.84 13.21 66.21
N SER X 41 65.08 12.18 65.85
CA SER X 41 64.37 12.23 64.57
C SER X 41 63.36 13.36 64.54
N ARG X 42 62.61 13.53 65.63
CA ARG X 42 61.66 14.62 65.69
C ARG X 42 62.35 15.97 65.74
N PHE X 43 63.52 16.05 66.39
CA PHE X 43 64.30 17.28 66.32
C PHE X 43 64.62 17.64 64.89
N TRP X 44 65.11 16.67 64.12
CA TRP X 44 65.44 16.94 62.73
C TRP X 44 64.21 17.37 61.96
N TYR X 45 63.09 16.71 62.20
CA TYR X 45 61.85 17.07 61.49
C TYR X 45 61.44 18.50 61.80
N PHE X 46 61.48 18.88 63.07
CA PHE X 46 61.03 20.21 63.45
C PHE X 46 61.98 21.29 62.95
N VAL X 47 63.29 21.05 63.01
CA VAL X 47 64.20 22.06 62.50
C VAL X 47 64.15 22.11 60.98
N SER X 48 63.76 21.00 60.34
CA SER X 48 63.49 21.04 58.92
C SER X 48 62.30 21.94 58.63
N GLN X 49 61.29 21.90 59.49
CA GLN X 49 60.13 22.76 59.28
C GLN X 49 60.47 24.22 59.52
N LEU X 50 61.24 24.51 60.56
CA LEU X 50 61.47 25.90 60.94
C LEU X 50 62.58 26.54 60.10
N LYS X 51 63.79 26.02 60.21
CA LYS X 51 64.87 26.47 59.33
C LYS X 51 65.00 25.53 58.14
N LYS X 52 65.95 25.83 57.27
CA LYS X 52 66.18 25.02 56.08
C LYS X 52 67.42 24.15 56.33
N MET X 53 67.18 23.02 56.98
CA MET X 53 68.25 22.17 57.45
C MET X 53 67.90 20.70 57.20
N LYS X 54 68.93 19.86 57.15
CA LYS X 54 68.73 18.44 56.96
C LYS X 54 69.56 17.65 57.97
N LYS X 55 69.12 16.43 58.22
CA LYS X 55 69.86 15.54 59.12
C LYS X 55 71.23 15.24 58.57
N SER X 56 71.33 14.94 57.27
CA SER X 56 72.64 14.66 56.70
C SER X 56 73.52 15.90 56.69
N SER X 57 72.96 17.03 56.27
CA SER X 57 73.73 18.25 56.15
C SER X 57 74.04 18.89 57.49
N GLY X 58 73.37 18.47 58.57
CA GLY X 58 73.61 19.06 59.87
C GLY X 58 74.08 18.03 60.86
N GLU X 59 74.13 18.40 62.14
CA GLU X 59 74.53 17.47 63.18
C GLU X 59 73.88 17.85 64.50
N ILE X 60 73.80 16.86 65.39
CA ILE X 60 73.21 17.01 66.71
C ILE X 60 74.34 16.98 67.73
N VAL X 61 74.37 17.96 68.61
CA VAL X 61 75.49 18.06 69.54
C VAL X 61 75.13 17.65 70.97
N TYR X 62 73.85 17.65 71.33
CA TYR X 62 73.48 17.29 72.69
C TYR X 62 72.07 16.75 72.73
N CYS X 63 71.85 15.73 73.56
CA CYS X 63 70.53 15.15 73.75
C CYS X 63 70.45 14.62 75.17
N GLY X 64 70.02 15.46 76.10
CA GLY X 64 69.95 15.09 77.50
C GLY X 64 68.53 15.16 78.02
N GLN X 65 68.18 14.17 78.84
CA GLN X 65 66.84 14.11 79.39
C GLN X 65 66.63 15.26 80.37
N VAL X 66 65.46 15.87 80.30
CA VAL X 66 65.12 17.02 81.12
C VAL X 66 64.39 16.51 82.35
N PHE X 67 65.11 16.37 83.46
CA PHE X 67 64.47 15.94 84.69
C PHE X 67 63.58 17.06 85.23
N GLU X 68 62.40 16.68 85.70
CA GLU X 68 61.50 17.65 86.29
C GLU X 68 62.09 18.20 87.57
N LYS X 69 62.07 19.52 87.70
CA LYS X 69 62.67 20.17 88.86
C LYS X 69 61.75 20.19 90.07
N SER X 70 60.54 19.66 89.98
CA SER X 70 59.67 19.49 91.14
C SER X 70 58.64 18.42 90.84
N PRO X 71 59.04 17.16 90.85
CA PRO X 71 58.08 16.07 90.63
C PRO X 71 57.20 15.79 91.84
N LEU X 72 57.42 16.46 92.96
CA LEU X 72 56.61 16.29 94.14
C LEU X 72 55.63 17.43 94.36
N ARG X 73 55.51 18.34 93.41
CA ARG X 73 54.63 19.49 93.55
C ARG X 73 53.54 19.42 92.48
N VAL X 74 52.29 19.52 92.89
CA VAL X 74 51.20 19.60 91.94
C VAL X 74 51.29 20.93 91.21
N LYS X 75 51.09 20.89 89.89
CA LYS X 75 51.15 22.11 89.11
C LYS X 75 50.26 21.97 87.90
N ASN X 76 49.86 23.13 87.36
CA ASN X 76 48.94 23.20 86.25
C ASN X 76 49.71 23.48 84.97
N PHE X 77 49.61 22.57 84.01
CA PHE X 77 50.34 22.68 82.77
C PHE X 77 49.45 23.24 81.69
N GLY X 78 49.90 24.32 81.06
CA GLY X 78 49.24 24.86 79.89
C GLY X 78 49.97 24.40 78.64
N ILE X 79 49.20 23.94 77.66
CA ILE X 79 49.76 23.39 76.43
C ILE X 79 49.11 24.08 75.25
N TRP X 80 49.92 24.63 74.35
CA TRP X 80 49.46 25.07 73.06
C TRP X 80 49.91 24.06 72.03
N LEU X 81 49.02 23.66 71.14
CA LEU X 81 49.34 22.63 70.16
C LEU X 81 48.55 22.88 68.89
N ARG X 82 49.08 22.33 67.80
CA ARG X 82 48.36 22.26 66.55
C ARG X 82 48.37 20.83 66.06
N TYR X 83 47.24 20.40 65.50
CA TYR X 83 47.12 19.04 65.03
C TYR X 83 46.22 19.03 63.82
N ASP X 84 46.29 17.93 63.06
CA ASP X 84 45.49 17.76 61.86
C ASP X 84 44.27 16.92 62.19
N SER X 85 43.09 17.45 61.90
CA SER X 85 41.86 16.67 62.03
C SER X 85 41.66 15.88 60.74
N ARG X 86 40.51 15.20 60.63
CA ARG X 86 40.23 14.46 59.41
C ARG X 86 40.00 15.39 58.22
N SER X 87 39.81 16.68 58.45
CA SER X 87 39.51 17.59 57.36
C SER X 87 40.22 18.92 57.51
N GLY X 88 41.41 18.93 58.08
CA GLY X 88 42.16 20.16 58.17
C GLY X 88 43.06 20.18 59.39
N THR X 89 43.50 21.39 59.71
CA THR X 89 44.39 21.64 60.83
C THR X 89 43.79 22.71 61.73
N HIS X 90 44.04 22.58 63.03
CA HIS X 90 43.52 23.52 64.01
C HIS X 90 44.58 23.79 65.06
N ASN X 91 44.32 24.80 65.90
CA ASN X 91 45.19 25.12 67.01
C ASN X 91 44.40 25.03 68.31
N MET X 92 44.94 24.28 69.27
CA MET X 92 44.25 24.05 70.53
C MET X 92 45.14 24.44 71.69
N TYR X 93 44.51 24.95 72.74
CA TYR X 93 45.15 25.18 74.02
C TYR X 93 44.47 24.34 75.08
N ARG X 94 45.26 23.57 75.81
CA ARG X 94 44.73 22.65 76.80
C ARG X 94 45.41 22.86 78.15
N GLU X 95 44.74 22.38 79.20
CA GLU X 95 45.21 22.51 80.56
C GLU X 95 45.11 21.16 81.25
N TYR X 96 46.08 20.88 82.13
CA TYR X 96 46.11 19.62 82.85
C TYR X 96 46.76 19.82 84.20
N ARG X 97 46.61 18.83 85.07
CA ARG X 97 47.23 18.82 86.39
C ARG X 97 48.13 17.60 86.47
N ASP X 98 49.42 17.83 86.68
CA ASP X 98 50.34 16.70 86.79
C ASP X 98 51.60 17.17 87.50
N LEU X 99 52.42 16.19 87.90
CA LEU X 99 53.64 16.46 88.64
C LEU X 99 54.83 16.66 87.70
N THR X 100 54.90 15.90 86.62
CA THR X 100 56.00 16.00 85.68
C THR X 100 55.49 16.52 84.35
N THR X 101 56.32 17.35 83.71
CA THR X 101 55.93 17.94 82.43
C THR X 101 55.71 16.87 81.38
N ALA X 102 56.60 15.87 81.34
CA ALA X 102 56.46 14.80 80.36
C ALA X 102 55.20 14.01 80.61
N GLY X 103 54.85 13.78 81.87
CA GLY X 103 53.60 13.11 82.17
C GLY X 103 52.40 13.90 81.69
N ALA X 104 52.45 15.22 81.86
CA ALA X 104 51.36 16.06 81.37
C ALA X 104 51.26 16.00 79.86
N VAL X 105 52.40 16.00 79.17
CA VAL X 105 52.37 15.87 77.72
C VAL X 105 51.77 14.53 77.32
N THR X 106 52.13 13.47 78.06
CA THR X 106 51.52 12.16 77.82
C THR X 106 50.02 12.23 78.00
N GLN X 107 49.57 12.89 79.05
CA GLN X 107 48.15 13.01 79.32
C GLN X 107 47.46 13.77 78.20
N CYS X 108 48.11 14.81 77.69
CA CYS X 108 47.55 15.57 76.58
C CYS X 108 47.45 14.72 75.33
N TYR X 109 48.47 13.91 75.05
CA TYR X 109 48.41 13.03 73.90
C TYR X 109 47.26 12.06 74.02
N ARG X 110 47.11 11.44 75.18
CA ARG X 110 46.00 10.51 75.38
C ARG X 110 44.66 11.23 75.24
N ASP X 111 44.57 12.45 75.76
CA ASP X 111 43.34 13.21 75.66
C ASP X 111 43.00 13.53 74.21
N MET X 112 44.00 13.92 73.42
CA MET X 112 43.71 14.23 72.03
C MET X 112 43.29 12.98 71.27
N GLY X 113 43.95 11.85 71.52
CA GLY X 113 43.53 10.62 70.88
C GLY X 113 42.12 10.23 71.25
N ALA X 114 41.75 10.41 72.52
CA ALA X 114 40.41 10.02 72.95
C ALA X 114 39.36 10.97 72.41
N ARG X 115 39.57 12.27 72.54
CA ARG X 115 38.51 13.23 72.24
C ARG X 115 38.47 13.65 70.79
N HIS X 116 39.49 13.32 69.99
CA HIS X 116 39.50 13.79 68.61
C HIS X 116 40.02 12.74 67.65
N ARG X 117 40.29 11.53 68.13
CA ARG X 117 40.86 10.45 67.31
C ARG X 117 42.17 10.87 66.68
N ALA X 118 42.89 11.76 67.34
CA ALA X 118 44.13 12.30 66.81
C ALA X 118 45.26 11.34 67.13
N ARG X 119 45.85 10.77 66.09
CA ARG X 119 47.03 9.96 66.31
C ARG X 119 48.25 10.86 66.51
N ALA X 120 49.32 10.26 67.00
CA ALA X 120 50.48 11.05 67.41
C ALA X 120 51.12 11.79 66.24
N HIS X 121 51.21 11.17 65.07
CA HIS X 121 51.95 11.77 63.97
C HIS X 121 51.30 13.05 63.45
N SER X 122 50.02 13.25 63.71
CA SER X 122 49.35 14.44 63.26
C SER X 122 49.52 15.62 64.21
N ILE X 123 50.09 15.40 65.38
CA ILE X 123 50.06 16.37 66.46
C ILE X 123 51.37 17.12 66.51
N GLN X 124 51.30 18.45 66.57
CA GLN X 124 52.46 19.32 66.76
C GLN X 124 52.28 20.07 68.07
N ILE X 125 53.01 19.64 69.10
CA ILE X 125 53.04 20.38 70.35
C ILE X 125 54.04 21.51 70.19
N MET X 126 53.63 22.73 70.52
CA MET X 126 54.50 23.87 70.29
C MET X 126 54.88 24.62 71.55
N LYS X 127 54.06 24.62 72.60
CA LYS X 127 54.47 25.35 73.79
C LYS X 127 53.85 24.72 75.02
N VAL X 128 54.71 24.33 75.97
CA VAL X 128 54.30 23.72 77.22
C VAL X 128 54.85 24.58 78.35
N GLU X 129 53.99 24.90 79.32
CA GLU X 129 54.43 25.75 80.42
C GLU X 129 53.50 25.61 81.60
N GLU X 130 54.09 25.58 82.80
CA GLU X 130 53.32 25.68 84.02
C GLU X 130 52.62 27.02 84.07
N ILE X 131 51.38 27.04 84.54
CA ILE X 131 50.61 28.27 84.64
C ILE X 131 50.03 28.38 86.04
N ALA X 132 49.82 29.62 86.47
CA ALA X 132 49.25 29.87 87.78
C ALA X 132 47.80 29.37 87.83
N ALA X 133 47.39 28.95 89.03
CA ALA X 133 46.04 28.43 89.21
C ALA X 133 44.99 29.48 88.87
N SER X 134 45.26 30.74 89.16
CA SER X 134 44.40 31.82 88.71
C SER X 134 44.32 31.92 87.19
N LYS X 135 45.42 31.64 86.50
CA LYS X 135 45.46 31.70 85.04
C LYS X 135 44.74 30.55 84.38
N CYS X 136 44.30 29.55 85.15
CA CYS X 136 43.61 28.42 84.55
C CYS X 136 42.25 28.84 84.00
N ARG X 137 41.93 28.35 82.81
CA ARG X 137 40.69 28.69 82.13
C ARG X 137 39.71 27.53 82.03
N ARG X 138 40.19 26.29 82.03
CA ARG X 138 39.30 25.14 81.96
C ARG X 138 38.73 24.87 83.33
N PRO X 139 37.41 24.93 83.51
CA PRO X 139 36.84 24.62 84.82
C PRO X 139 37.09 23.19 85.26
N ALA X 140 37.39 22.30 84.31
CA ALA X 140 37.78 20.94 84.67
C ALA X 140 39.03 20.92 85.52
N VAL X 141 39.90 21.92 85.39
CA VAL X 141 41.08 22.03 86.23
C VAL X 141 40.85 22.99 87.39
N LYS X 142 40.09 24.06 87.14
CA LYS X 142 39.84 25.06 88.18
C LYS X 142 39.15 24.46 89.39
N GLN X 143 38.27 23.49 89.17
CA GLN X 143 37.46 22.93 90.25
C GLN X 143 38.30 22.16 91.26
N PHE X 144 39.54 21.84 90.94
CA PHE X 144 40.46 21.27 91.93
C PHE X 144 41.23 22.32 92.70
N HIS X 145 40.94 23.60 92.48
CA HIS X 145 41.64 24.67 93.21
C HIS X 145 40.89 24.99 94.50
N ASP X 146 40.91 24.02 95.42
CA ASP X 146 40.30 24.19 96.73
C ASP X 146 41.29 23.83 97.81
N SER X 147 41.58 24.80 98.69
CA SER X 147 42.37 24.50 99.87
C SER X 147 41.63 23.62 100.85
N LYS X 148 40.32 23.48 100.69
CA LYS X 148 39.50 22.62 101.54
C LYS X 148 38.69 21.65 100.71
N ILE X 149 39.33 21.00 99.74
CA ILE X 149 38.64 20.05 98.88
C ILE X 149 38.16 18.86 99.70
N LYS X 150 37.00 18.33 99.33
CA LYS X 150 36.46 17.15 100.01
C LYS X 150 35.48 16.46 99.10
N PHE X 151 35.53 15.13 99.05
CA PHE X 151 34.56 14.33 98.33
C PHE X 151 34.72 12.88 98.75
N PRO X 152 33.69 12.07 98.61
CA PRO X 152 33.84 10.64 98.88
C PRO X 152 34.17 9.87 97.61
N LEU X 153 34.27 8.55 97.72
CA LEU X 153 34.33 7.68 96.56
C LEU X 153 32.96 7.08 96.37
N PRO X 154 32.22 7.48 95.34
CA PRO X 154 30.78 7.23 95.29
C PRO X 154 30.38 5.77 95.25
N HIS X 155 30.91 5.04 94.26
CA HIS X 155 30.43 3.70 93.95
C HIS X 155 31.62 2.83 93.62
N ARG X 156 32.18 2.19 94.64
CA ARG X 156 33.41 1.42 94.49
C ARG X 156 33.09 0.07 93.86
N VAL X 157 33.37 -0.06 92.57
CA VAL X 157 33.16 -1.32 91.89
C VAL X 157 34.28 -2.27 92.24
N LEU X 158 33.93 -3.51 92.58
CA LEU X 158 34.92 -4.56 92.81
C LEU X 158 35.76 -4.78 91.55
N ARG X 159 37.06 -4.94 91.74
CA ARG X 159 37.92 -5.37 90.64
C ARG X 159 38.34 -6.82 90.75
N ARG X 160 38.36 -7.39 91.95
CA ARG X 160 38.77 -8.77 92.15
C ARG X 160 37.65 -9.73 91.76
N GLN X 161 37.19 -9.59 90.52
CA GLN X 161 36.00 -10.32 90.09
C GLN X 161 36.25 -11.81 89.90
N HIS X 162 37.49 -12.28 90.00
CA HIS X 162 37.77 -13.67 89.77
C HIS X 162 38.52 -14.32 90.93
N LYS X 163 38.79 -13.58 91.99
CA LYS X 163 39.44 -14.12 93.17
C LYS X 163 38.59 -13.75 94.37
N PRO X 164 37.63 -14.59 94.73
CA PRO X 164 37.30 -15.88 94.12
C PRO X 164 36.48 -15.71 92.86
N ARG X 165 36.47 -16.70 91.97
CA ARG X 165 35.55 -16.63 90.84
C ARG X 165 34.12 -16.93 91.27
N PHE X 166 33.95 -17.67 92.36
CA PHE X 166 32.63 -18.01 92.88
C PHE X 166 32.62 -17.82 94.39
N THR X 167 31.47 -17.44 94.92
CA THR X 167 31.34 -17.12 96.33
C THR X 167 29.89 -17.31 96.77
N THR X 168 29.67 -17.14 98.07
CA THR X 168 28.32 -17.20 98.61
C THR X 168 27.73 -15.81 98.84
N LYS X 169 28.56 -14.82 99.14
CA LYS X 169 28.07 -13.49 99.47
C LYS X 169 28.10 -12.60 98.24
N ARG X 170 27.26 -11.58 98.24
CA ARG X 170 27.30 -10.60 97.18
C ARG X 170 28.16 -9.41 97.63
N PRO X 171 29.06 -8.92 96.77
CA PRO X 171 29.96 -7.85 97.18
C PRO X 171 29.21 -6.56 97.44
N ASN X 172 29.76 -5.75 98.34
CA ASN X 172 29.23 -4.44 98.64
C ASN X 172 30.06 -3.37 97.93
N THR X 173 29.37 -2.35 97.40
CA THR X 173 30.03 -1.25 96.73
C THR X 173 30.24 -0.05 97.65
N PHE X 174 29.71 -0.10 98.86
CA PHE X 174 29.75 1.02 99.78
C PHE X 174 30.87 0.80 100.78
N PHE X 175 31.78 1.76 100.87
CA PHE X 175 32.88 1.67 101.82
C PHE X 175 33.15 3.02 102.46
N THR Y 1 53.00 -0.90 18.49
CA THR Y 1 52.15 -0.22 17.51
C THR Y 1 52.78 1.09 17.08
N ASN Y 2 53.84 1.49 17.78
CA ASN Y 2 54.54 2.73 17.48
C ASN Y 2 55.16 2.64 16.09
N THR Y 3 55.32 3.80 15.45
CA THR Y 3 56.07 3.78 14.21
C THR Y 3 57.53 3.52 14.50
N LYS Y 4 58.26 3.09 13.47
CA LYS Y 4 59.65 2.73 13.63
C LYS Y 4 60.58 3.70 12.90
N GLY Y 5 60.20 4.96 12.83
CA GLY Y 5 61.04 5.95 12.18
C GLY Y 5 62.35 6.14 12.92
N LYS Y 6 63.37 6.56 12.17
CA LYS Y 6 64.69 6.69 12.76
C LYS Y 6 64.78 7.83 13.76
N ARG Y 7 63.82 8.75 13.77
CA ARG Y 7 63.88 9.89 14.68
C ARG Y 7 62.56 10.11 15.40
N ARG Y 8 61.79 9.05 15.61
CA ARG Y 8 60.55 9.19 16.36
C ARG Y 8 60.86 9.50 17.81
N GLY Y 9 60.20 10.51 18.36
CA GLY Y 9 60.37 10.87 19.73
C GLY Y 9 61.55 11.76 20.03
N THR Y 10 62.32 12.15 19.02
CA THR Y 10 63.48 13.00 19.22
C THR Y 10 63.13 14.47 19.11
N ARG Y 11 61.89 14.84 19.41
CA ARG Y 11 61.45 16.22 19.25
C ARG Y 11 62.23 17.15 20.15
N TYR Y 12 62.47 16.76 21.39
CA TYR Y 12 63.30 17.55 22.29
C TYR Y 12 64.69 16.98 22.49
N MET Y 13 64.91 15.72 22.13
CA MET Y 13 66.24 15.14 22.31
C MET Y 13 67.27 15.83 21.44
N PHE Y 14 66.93 16.08 20.18
CA PHE Y 14 67.87 16.69 19.25
C PHE Y 14 67.74 18.20 19.16
N SER Y 15 66.78 18.79 19.86
CA SER Y 15 66.59 20.22 19.75
C SER Y 15 67.75 20.96 20.40
N ARG Y 16 68.11 22.08 19.78
CA ARG Y 16 69.14 22.91 20.36
C ARG Y 16 68.65 23.55 21.66
N PRO Y 17 69.55 23.82 22.60
CA PRO Y 17 69.14 24.52 23.81
C PRO Y 17 68.67 25.93 23.48
N PHE Y 18 67.88 26.48 24.40
CA PHE Y 18 67.31 27.79 24.22
C PHE Y 18 68.40 28.82 23.99
N ARG Y 19 68.20 29.66 22.97
CA ARG Y 19 69.13 30.73 22.61
C ARG Y 19 70.54 30.18 22.36
N LYS Y 20 70.61 29.01 21.75
CA LYS Y 20 71.91 28.47 21.37
C LYS Y 20 71.82 27.88 19.97
N HIS Y 21 70.92 28.42 19.18
CA HIS Y 21 70.80 28.05 17.78
C HIS Y 21 71.90 28.73 17.00
N GLY Y 22 72.09 28.33 15.75
CA GLY Y 22 73.03 29.02 14.89
C GLY Y 22 74.28 28.26 14.56
N VAL Y 23 75.39 28.98 14.39
CA VAL Y 23 76.62 28.38 13.93
C VAL Y 23 77.22 27.53 15.04
N VAL Y 24 77.68 26.34 14.67
CA VAL Y 24 78.37 25.46 15.60
C VAL Y 24 79.69 26.10 16.00
N PRO Y 25 80.00 26.21 17.28
CA PRO Y 25 81.31 26.73 17.69
C PRO Y 25 82.42 25.87 17.13
N LEU Y 26 83.44 26.53 16.58
CA LEU Y 26 84.46 25.81 15.82
C LEU Y 26 85.46 25.10 16.71
N ALA Y 27 85.49 25.38 18.01
CA ALA Y 27 86.38 24.64 18.89
C ALA Y 27 86.00 23.17 18.93
N THR Y 28 84.75 22.84 18.64
CA THR Y 28 84.35 21.44 18.54
C THR Y 28 85.06 20.76 17.38
N TYR Y 29 85.16 21.45 16.24
CA TYR Y 29 85.90 20.88 15.12
C TYR Y 29 87.39 20.83 15.39
N MET Y 30 87.87 21.58 16.38
CA MET Y 30 89.30 21.60 16.66
C MET Y 30 89.72 20.53 17.66
N ARG Y 31 88.78 19.80 18.25
CA ARG Y 31 89.14 18.79 19.23
C ARG Y 31 89.88 17.63 18.56
N ILE Y 32 90.97 17.23 19.19
CA ILE Y 32 91.81 16.14 18.71
C ILE Y 32 91.36 14.86 19.37
N TYR Y 33 91.12 13.83 18.56
CA TYR Y 33 90.68 12.54 19.04
C TYR Y 33 91.66 11.48 18.58
N LYS Y 34 92.18 10.69 19.52
CA LYS Y 34 93.05 9.56 19.20
C LYS Y 34 92.27 8.26 19.33
N LYS Y 35 92.90 7.18 18.89
CA LYS Y 35 92.33 5.86 19.11
C LYS Y 35 92.47 5.49 20.58
N GLY Y 36 91.39 4.98 21.16
CA GLY Y 36 91.39 4.52 22.52
C GLY Y 36 90.84 5.50 23.52
N ASP Y 37 90.61 6.74 23.13
CA ASP Y 37 90.04 7.70 24.05
C ASP Y 37 88.54 7.48 24.23
N ILE Y 38 87.99 8.07 25.28
CA ILE Y 38 86.61 7.86 25.69
C ILE Y 38 85.83 9.14 25.44
N VAL Y 39 84.75 9.04 24.68
CA VAL Y 39 84.00 10.21 24.25
C VAL Y 39 82.53 10.04 24.62
N ASP Y 40 81.84 11.16 24.72
CA ASP Y 40 80.42 11.19 25.04
C ASP Y 40 79.64 11.56 23.79
N ILE Y 41 78.57 10.82 23.53
CA ILE Y 41 77.74 11.05 22.36
C ILE Y 41 76.58 11.96 22.75
N LYS Y 42 76.54 13.14 22.15
CA LYS Y 42 75.46 14.10 22.43
C LYS Y 42 74.53 14.25 21.24
N GLY Y 43 75.06 14.53 20.05
CA GLY Y 43 74.23 14.51 18.87
C GLY Y 43 73.39 15.74 18.66
N MET Y 44 74.00 16.91 18.50
CA MET Y 44 73.22 18.10 18.19
C MET Y 44 72.61 17.96 16.81
N GLY Y 45 71.44 18.56 16.65
CA GLY Y 45 70.69 18.44 15.41
C GLY Y 45 71.04 19.51 14.40
N THR Y 46 72.09 20.28 14.68
CA THR Y 46 72.50 21.31 13.74
C THR Y 46 72.97 20.70 12.43
N VAL Y 47 73.81 19.68 12.50
CA VAL Y 47 74.37 19.02 11.33
C VAL Y 47 73.72 17.66 11.19
N GLN Y 48 72.96 17.49 10.12
CA GLN Y 48 72.16 16.29 9.92
C GLN Y 48 72.99 15.09 9.50
N LYS Y 49 74.18 15.28 8.97
CA LYS Y 49 75.01 14.19 8.52
C LYS Y 49 75.74 13.58 9.71
N GLY Y 50 76.00 12.27 9.62
CA GLY Y 50 76.67 11.59 10.69
C GLY Y 50 75.92 11.57 11.99
N MET Y 51 74.61 11.73 11.96
CA MET Y 51 73.84 11.73 13.19
C MET Y 51 73.75 10.31 13.75
N PRO Y 52 74.12 10.11 15.01
CA PRO Y 52 73.95 8.80 15.62
C PRO Y 52 72.49 8.51 15.87
N HIS Y 53 72.18 7.23 16.06
CA HIS Y 53 70.82 6.85 16.39
C HIS Y 53 70.44 7.35 17.78
N LYS Y 54 69.15 7.50 18.01
CA LYS Y 54 68.67 8.08 19.26
C LYS Y 54 69.02 7.21 20.46
N CYS Y 55 69.16 5.90 20.27
CA CYS Y 55 69.49 5.03 21.38
C CYS Y 55 70.91 5.23 21.88
N TYR Y 56 71.76 5.95 21.14
CA TYR Y 56 73.13 6.18 21.57
C TYR Y 56 73.32 7.56 22.19
N HIS Y 57 72.27 8.37 22.25
CA HIS Y 57 72.37 9.70 22.84
C HIS Y 57 72.75 9.58 24.30
N GLY Y 58 73.73 10.35 24.73
CA GLY Y 58 74.15 10.35 26.11
C GLY Y 58 74.96 9.15 26.52
N LYS Y 59 75.16 8.19 25.64
CA LYS Y 59 76.02 7.05 25.94
C LYS Y 59 77.48 7.47 25.83
N THR Y 60 78.36 6.55 26.20
CA THR Y 60 79.78 6.83 26.26
C THR Y 60 80.57 5.62 25.78
N GLY Y 61 81.43 5.82 24.79
CA GLY Y 61 82.16 4.73 24.18
C GLY Y 61 83.61 5.09 23.96
N ARG Y 62 84.30 4.21 23.25
CA ARG Y 62 85.72 4.35 22.96
C ARG Y 62 85.91 4.46 21.45
N VAL Y 63 86.70 5.45 21.04
CA VAL Y 63 86.97 5.65 19.62
C VAL Y 63 87.98 4.61 19.15
N TYR Y 64 87.66 3.94 18.04
CA TYR Y 64 88.56 2.99 17.45
C TYR Y 64 89.06 3.39 16.06
N ASN Y 65 88.29 4.14 15.29
CA ASN Y 65 88.71 4.50 13.94
C ASN Y 65 88.53 5.98 13.74
N VAL Y 66 89.41 6.58 12.94
CA VAL Y 66 89.41 8.02 12.69
C VAL Y 66 89.33 8.23 11.18
N THR Y 67 88.53 9.21 10.78
CA THR Y 67 88.39 9.58 9.37
C THR Y 67 88.60 11.09 9.22
N GLN Y 68 88.22 11.61 8.05
CA GLN Y 68 88.34 13.03 7.80
C GLN Y 68 87.39 13.84 8.67
N HIS Y 69 86.15 13.39 8.82
CA HIS Y 69 85.11 14.18 9.44
C HIS Y 69 84.36 13.47 10.54
N ALA Y 70 84.61 12.18 10.75
CA ALA Y 70 83.90 11.39 11.75
C ALA Y 70 84.88 10.45 12.42
N VAL Y 71 84.39 9.73 13.42
CA VAL Y 71 85.18 8.71 14.10
C VAL Y 71 84.35 7.45 14.24
N GLY Y 72 85.04 6.32 14.38
CA GLY Y 72 84.41 5.05 14.66
C GLY Y 72 84.44 4.81 16.16
N ILE Y 73 83.29 4.47 16.72
CA ILE Y 73 83.12 4.35 18.15
C ILE Y 73 82.62 2.95 18.47
N VAL Y 74 83.23 2.33 19.47
CA VAL Y 74 82.68 1.11 20.07
C VAL Y 74 81.91 1.55 21.31
N VAL Y 75 80.62 1.23 21.35
CA VAL Y 75 79.76 1.60 22.45
C VAL Y 75 78.95 0.38 22.87
N ASN Y 76 78.65 0.28 24.16
CA ASN Y 76 77.82 -0.80 24.67
C ASN Y 76 76.35 -0.45 24.53
N LYS Y 77 75.57 -1.43 24.08
CA LYS Y 77 74.12 -1.28 23.95
C LYS Y 77 73.46 -2.53 24.49
N GLN Y 78 72.41 -2.34 25.29
CA GLN Y 78 71.69 -3.46 25.90
C GLN Y 78 70.47 -3.81 25.05
N VAL Y 79 70.36 -5.08 24.69
CA VAL Y 79 69.22 -5.58 23.94
C VAL Y 79 68.65 -6.76 24.72
N LYS Y 80 67.44 -6.59 25.25
CA LYS Y 80 66.74 -7.63 26.00
C LYS Y 80 67.64 -8.08 27.15
N GLY Y 81 68.14 -9.31 27.15
CA GLY Y 81 68.97 -9.77 28.23
C GLY Y 81 70.45 -9.89 27.91
N LYS Y 82 70.90 -9.18 26.89
CA LYS Y 82 72.31 -9.24 26.50
C LYS Y 82 72.81 -7.85 26.15
N ILE Y 83 74.09 -7.63 26.43
CA ILE Y 83 74.78 -6.40 26.05
C ILE Y 83 75.82 -6.76 25.02
N LEU Y 84 75.79 -6.07 23.88
CA LEU Y 84 76.67 -6.36 22.77
C LEU Y 84 77.36 -5.09 22.32
N ALA Y 85 78.57 -5.25 21.79
CA ALA Y 85 79.41 -4.12 21.41
C ALA Y 85 79.03 -3.68 20.00
N LYS Y 86 78.49 -2.47 19.91
CA LYS Y 86 78.16 -1.92 18.61
C LYS Y 86 79.27 -0.99 18.13
N ARG Y 87 79.39 -0.89 16.81
CA ARG Y 87 80.31 0.03 16.17
C ARG Y 87 79.49 0.97 15.28
N ILE Y 88 79.67 2.27 15.47
CA ILE Y 88 78.96 3.28 14.70
C ILE Y 88 79.93 4.36 14.26
N ASN Y 89 79.61 5.04 13.17
CA ASN Y 89 80.41 6.14 12.65
C ASN Y 89 79.65 7.44 12.90
N VAL Y 90 80.28 8.33 13.66
CA VAL Y 90 79.62 9.55 14.11
C VAL Y 90 80.52 10.73 13.82
N ARG Y 91 79.96 11.77 13.20
CA ARG Y 91 80.73 12.98 12.95
C ARG Y 91 81.05 13.70 14.25
N ILE Y 92 82.16 14.46 14.22
CA ILE Y 92 82.69 15.07 15.42
C ILE Y 92 81.80 16.16 15.99
N GLU Y 93 80.79 16.60 15.26
CA GLU Y 93 79.87 17.61 15.80
C GLU Y 93 79.08 17.07 16.97
N HIS Y 94 78.96 15.76 17.09
CA HIS Y 94 78.07 15.14 18.05
C HIS Y 94 78.80 14.66 19.30
N ILE Y 95 80.13 14.73 19.35
CA ILE Y 95 80.87 14.08 20.41
C ILE Y 95 81.75 15.09 21.12
N LYS Y 96 82.15 14.74 22.34
CA LYS Y 96 83.12 15.50 23.10
C LYS Y 96 83.75 14.56 24.11
N HIS Y 97 84.94 14.94 24.56
CA HIS Y 97 85.74 14.08 25.42
C HIS Y 97 85.04 13.87 26.76
N SER Y 98 85.34 12.73 27.39
CA SER Y 98 84.79 12.40 28.70
C SER Y 98 85.74 12.89 29.78
N LYS Y 99 85.28 13.85 30.59
CA LYS Y 99 86.13 14.39 31.63
C LYS Y 99 86.42 13.40 32.73
N SER Y 100 85.59 12.37 32.89
CA SER Y 100 85.88 11.35 33.89
C SER Y 100 87.19 10.66 33.59
N ARG Y 101 87.41 10.35 32.31
CA ARG Y 101 88.68 9.77 31.91
C ARG Y 101 89.83 10.73 32.21
N ASP Y 102 89.62 12.02 31.98
CA ASP Y 102 90.67 13.00 32.26
C ASP Y 102 91.02 13.01 33.75
N SER Y 103 90.00 12.98 34.60
CA SER Y 103 90.24 12.94 36.03
C SER Y 103 90.98 11.68 36.43
N PHE Y 104 90.62 10.55 35.83
CA PHE Y 104 91.30 9.31 36.18
C PHE Y 104 92.77 9.34 35.78
N LEU Y 105 93.07 9.80 34.57
CA LEU Y 105 94.47 9.87 34.14
C LEU Y 105 95.25 10.85 35.00
N LYS Y 106 94.64 11.98 35.35
CA LYS Y 106 95.30 12.92 36.24
C LYS Y 106 95.59 12.25 37.57
N ARG Y 107 94.64 11.49 38.09
CA ARG Y 107 94.83 10.83 39.38
C ARG Y 107 95.97 9.83 39.31
N VAL Y 108 96.05 9.06 38.24
CA VAL Y 108 97.13 8.07 38.10
C VAL Y 108 98.48 8.77 37.99
N LYS Y 109 98.57 9.81 37.17
CA LYS Y 109 99.85 10.51 37.01
C LYS Y 109 100.30 11.11 38.34
N GLU Y 110 99.36 11.76 39.05
CA GLU Y 110 99.68 12.36 40.33
C GLU Y 110 100.10 11.30 41.33
N ASN Y 111 99.45 10.14 41.31
CA ASN Y 111 99.79 9.09 42.25
C ASN Y 111 101.17 8.52 41.95
N ASP Y 112 101.53 8.41 40.68
CA ASP Y 112 102.87 7.97 40.33
C ASP Y 112 103.91 8.94 40.85
N GLN Y 113 103.64 10.24 40.70
CA GLN Y 113 104.54 11.25 41.24
C GLN Y 113 104.66 11.13 42.76
N LYS Y 114 103.53 10.90 43.43
CA LYS Y 114 103.55 10.69 44.87
C LYS Y 114 104.38 9.47 45.24
N LYS Y 115 104.23 8.39 44.49
CA LYS Y 115 104.97 7.16 44.77
C LYS Y 115 106.47 7.41 44.68
N LYS Y 116 106.91 8.06 43.61
CA LYS Y 116 108.33 8.33 43.46
C LYS Y 116 108.84 9.22 44.58
N GLU Y 117 108.08 10.27 44.91
CA GLU Y 117 108.53 11.19 45.96
C GLU Y 117 108.60 10.50 47.31
N ALA Y 118 107.60 9.68 47.63
CA ALA Y 118 107.58 8.99 48.91
C ALA Y 118 108.71 7.98 49.01
N LYS Y 119 108.95 7.22 47.94
CA LYS Y 119 110.06 6.29 47.95
C LYS Y 119 111.39 7.02 48.09
N GLU Y 120 111.46 8.25 47.57
CA GLU Y 120 112.63 9.08 47.82
C GLU Y 120 112.75 9.42 49.29
N LYS Y 121 111.66 9.86 49.91
CA LYS Y 121 111.69 10.27 51.30
C LYS Y 121 111.33 9.14 52.27
N GLY Y 122 111.14 7.94 51.76
CA GLY Y 122 111.01 6.78 52.64
C GLY Y 122 109.69 6.56 53.35
N THR Y 123 109.09 7.63 53.88
CA THR Y 123 107.87 7.48 54.67
C THR Y 123 106.69 7.12 53.78
N TRP Y 124 105.88 6.18 54.24
CA TRP Y 124 104.74 5.71 53.47
C TRP Y 124 103.66 6.79 53.38
N VAL Y 125 102.85 6.71 52.33
CA VAL Y 125 101.70 7.60 52.14
C VAL Y 125 100.54 6.79 51.58
N GLN Y 126 99.33 7.21 51.93
CA GLN Y 126 98.10 6.58 51.44
C GLN Y 126 97.81 7.03 50.01
N LEU Y 127 97.39 6.10 49.18
CA LEU Y 127 96.95 6.44 47.83
C LEU Y 127 95.51 6.07 47.55
N LYS Y 128 95.09 4.86 47.94
CA LYS Y 128 93.72 4.45 47.69
C LYS Y 128 92.74 5.37 48.40
N ARG Y 129 91.95 6.09 47.61
CA ARG Y 129 91.05 7.09 48.16
C ARG Y 129 89.97 6.42 49.00
N GLN Y 130 89.55 7.08 49.98
CA GLN Y 130 88.58 6.42 50.84
C GLN Y 130 87.23 7.11 50.77
N PRO Y 131 86.15 6.37 51.00
CA PRO Y 131 84.84 7.01 51.11
C PRO Y 131 84.78 7.93 52.32
N ALA Y 132 83.68 8.64 52.44
CA ALA Y 132 83.53 9.60 53.51
C ALA Y 132 83.55 8.88 54.85
N PRO Y 133 84.52 9.16 55.71
CA PRO Y 133 84.60 8.48 56.99
C PRO Y 133 83.62 9.07 57.98
N PRO Y 134 83.23 8.32 59.01
CA PRO Y 134 82.40 8.88 60.07
C PRO Y 134 83.13 10.03 60.76
N ARG Y 135 82.36 11.05 61.15
CA ARG Y 135 82.97 12.24 61.73
C ARG Y 135 83.57 11.92 63.09
N GLU Y 136 84.78 12.42 63.30
CA GLU Y 136 85.50 12.25 64.55
C GLU Y 136 84.95 13.19 65.61
N ALA Y 137 85.55 13.13 66.79
CA ALA Y 137 85.17 14.00 67.88
C ALA Y 137 85.62 15.42 67.60
N HIS Y 138 84.82 16.38 68.05
CA HIS Y 138 85.17 17.79 67.97
C HIS Y 138 84.35 18.55 68.99
N PHE Y 139 84.81 19.74 69.35
CA PHE Y 139 84.17 20.55 70.37
C PHE Y 139 83.45 21.74 69.75
N VAL Y 140 82.26 22.03 70.25
CA VAL Y 140 81.43 23.12 69.77
C VAL Y 140 81.30 24.15 70.88
N ARG Y 141 81.78 25.36 70.60
CA ARG Y 141 81.84 26.42 71.61
C ARG Y 141 80.53 27.19 71.65
N THR Y 142 80.02 27.40 72.86
CA THR Y 142 78.87 28.29 73.04
C THR Y 142 79.25 29.75 72.95
N ASN Y 143 80.50 30.09 73.31
CA ASN Y 143 81.00 31.46 73.24
C ASN Y 143 80.12 32.44 74.03
N GLY Y 144 79.62 31.97 75.17
CA GLY Y 144 78.78 32.82 75.99
C GLY Y 144 77.45 33.16 75.38
N LYS Y 145 77.00 32.41 74.38
CA LYS Y 145 75.73 32.64 73.72
C LYS Y 145 74.87 31.39 73.85
N GLU Y 146 73.69 31.55 74.39
CA GLU Y 146 72.79 30.41 74.53
C GLU Y 146 72.27 30.00 73.16
N PRO Y 147 72.24 28.71 72.84
CA PRO Y 147 71.59 28.27 71.59
C PRO Y 147 70.13 28.67 71.57
N GLU Y 148 69.66 29.06 70.38
CA GLU Y 148 68.34 29.64 70.25
C GLU Y 148 67.25 28.57 70.34
N LEU Y 149 66.24 28.84 71.15
CA LEU Y 149 65.14 27.90 71.32
C LEU Y 149 64.12 28.06 70.20
N LEU Y 150 63.73 26.95 69.59
CA LEU Y 150 62.82 26.96 68.47
C LEU Y 150 61.59 26.12 68.78
N GLU Y 151 60.42 26.66 68.46
CA GLU Y 151 59.17 25.93 68.59
C GLU Y 151 58.35 26.10 67.32
N PRO Y 152 57.53 25.11 66.98
CA PRO Y 152 56.68 25.25 65.79
C PRO Y 152 55.71 26.40 65.94
N ILE Y 153 55.45 27.09 64.82
CA ILE Y 153 54.54 28.22 64.82
C ILE Y 153 53.11 27.68 64.77
N PRO Y 154 52.14 28.42 65.29
CA PRO Y 154 50.74 28.00 65.13
C PRO Y 154 50.34 28.03 63.67
N TYR Y 155 49.47 27.10 63.28
CA TYR Y 155 49.00 27.08 61.91
C TYR Y 155 47.98 28.19 61.69
N GLU Y 156 47.95 28.70 60.47
CA GLU Y 156 46.92 29.61 60.03
C GLU Y 156 46.72 29.43 58.53
N PHE Y 157 45.50 29.62 58.08
CA PHE Y 157 45.23 29.51 56.65
C PHE Y 157 45.66 30.79 55.97
N MET Y 158 46.56 30.66 54.98
CA MET Y 158 47.15 31.81 54.32
C MET Y 158 46.51 32.12 52.98
N ALA Y 159 46.50 31.15 52.07
CA ALA Y 159 45.97 31.36 50.74
C ALA Y 159 45.67 30.03 50.05
N GLN Z 1 -61.74 -92.50 1.67
CA GLN Z 1 -62.27 -91.30 2.30
C GLN Z 1 -62.54 -91.53 3.79
N VAL Z 2 -61.96 -92.61 4.33
CA VAL Z 2 -62.04 -92.92 5.75
C VAL Z 2 -60.61 -93.00 6.28
N LEU Z 3 -60.32 -92.24 7.33
CA LEU Z 3 -58.95 -92.13 7.82
C LEU Z 3 -58.58 -93.30 8.71
N LYS Z 4 -59.31 -93.48 9.81
CA LYS Z 4 -59.17 -94.63 10.70
C LYS Z 4 -57.73 -94.76 11.23
N PHE Z 5 -57.35 -93.75 12.01
CA PHE Z 5 -56.11 -93.83 12.77
C PHE Z 5 -56.33 -94.64 14.03
N THR Z 6 -55.25 -95.25 14.54
CA THR Z 6 -55.35 -96.17 15.65
C THR Z 6 -54.19 -95.93 16.62
N LEU Z 7 -54.51 -95.94 17.90
CA LEU Z 7 -53.52 -95.78 18.96
C LEU Z 7 -53.43 -97.07 19.76
N ASP Z 8 -52.20 -97.57 19.91
CA ASP Z 8 -51.95 -98.78 20.70
C ASP Z 8 -51.51 -98.33 22.09
N CYS Z 9 -52.24 -98.79 23.11
CA CYS Z 9 -51.92 -98.51 24.51
C CYS Z 9 -51.99 -99.83 25.27
N THR Z 10 -50.88 -100.54 25.32
CA THR Z 10 -50.84 -101.86 25.94
C THR Z 10 -49.83 -101.96 27.07
N HIS Z 11 -48.61 -101.49 26.85
CA HIS Z 11 -47.59 -101.57 27.90
C HIS Z 11 -47.97 -100.80 29.17
N PRO Z 12 -48.40 -99.54 29.13
CA PRO Z 12 -48.78 -98.89 30.38
C PRO Z 12 -50.00 -99.50 31.03
N VAL Z 13 -50.92 -100.07 30.25
CA VAL Z 13 -52.11 -100.63 30.89
C VAL Z 13 -51.81 -102.02 31.44
N GLU Z 14 -50.85 -102.75 30.88
CA GLU Z 14 -50.45 -104.00 31.50
C GLU Z 14 -49.57 -103.78 32.71
N ASP Z 15 -48.78 -102.72 32.73
CA ASP Z 15 -48.11 -102.35 33.98
C ASP Z 15 -49.01 -101.57 34.91
N GLY Z 16 -50.20 -101.17 34.43
CA GLY Z 16 -51.21 -100.61 35.31
C GLY Z 16 -51.00 -99.19 35.72
N ILE Z 17 -49.95 -98.53 35.22
CA ILE Z 17 -49.70 -97.14 35.58
C ILE Z 17 -50.81 -96.21 35.12
N MET Z 18 -51.52 -96.57 34.05
CA MET Z 18 -52.62 -95.76 33.55
C MET Z 18 -53.55 -96.66 32.78
N ASP Z 19 -54.75 -96.15 32.51
CA ASP Z 19 -55.80 -96.92 31.86
C ASP Z 19 -56.23 -96.25 30.56
N ALA Z 20 -56.59 -97.07 29.59
CA ALA Z 20 -57.03 -96.54 28.30
C ALA Z 20 -58.41 -95.94 28.39
N ALA Z 21 -59.20 -96.32 29.39
CA ALA Z 21 -60.54 -95.75 29.53
C ALA Z 21 -60.46 -94.25 29.80
N ASN Z 22 -59.55 -93.84 30.69
CA ASN Z 22 -59.34 -92.42 30.94
C ASN Z 22 -58.82 -91.71 29.71
N PHE Z 23 -57.95 -92.36 28.95
CA PHE Z 23 -57.45 -91.75 27.72
C PHE Z 23 -58.58 -91.51 26.73
N GLU Z 24 -59.44 -92.52 26.53
CA GLU Z 24 -60.57 -92.35 25.64
C GLU Z 24 -61.49 -91.25 26.13
N GLN Z 25 -61.73 -91.22 27.44
CA GLN Z 25 -62.58 -90.19 28.03
C GLN Z 25 -61.96 -88.81 27.89
N PHE Z 26 -60.64 -88.76 27.79
CA PHE Z 26 -59.95 -87.50 27.51
C PHE Z 26 -60.09 -87.08 26.06
N LEU Z 27 -60.16 -88.04 25.15
CA LEU Z 27 -60.04 -87.71 23.73
C LEU Z 27 -61.21 -86.88 23.22
N GLN Z 28 -62.44 -87.25 23.57
CA GLN Z 28 -63.60 -86.80 22.81
C GLN Z 28 -63.88 -85.30 23.00
N GLU Z 29 -63.33 -84.70 24.04
CA GLU Z 29 -63.59 -83.28 24.27
C GLU Z 29 -62.42 -82.38 23.88
N ARG Z 30 -61.23 -82.94 23.67
CA ARG Z 30 -60.10 -82.12 23.27
C ARG Z 30 -59.86 -82.15 21.77
N ILE Z 31 -60.42 -83.13 21.07
CA ILE Z 31 -60.29 -83.18 19.62
C ILE Z 31 -61.08 -82.04 19.02
N LYS Z 32 -60.43 -81.24 18.19
CA LYS Z 32 -61.04 -80.05 17.61
C LYS Z 32 -61.43 -80.32 16.16
N VAL Z 33 -62.68 -80.01 15.83
CA VAL Z 33 -63.17 -80.08 14.47
C VAL Z 33 -63.57 -78.67 14.07
N ASN Z 34 -62.96 -78.17 13.00
CA ASN Z 34 -63.15 -76.78 12.54
C ASN Z 34 -62.83 -75.80 13.66
N GLY Z 35 -61.80 -76.11 14.45
CA GLY Z 35 -61.38 -75.24 15.52
C GLY Z 35 -62.29 -75.20 16.72
N LYS Z 36 -63.23 -76.13 16.84
CA LYS Z 36 -64.17 -76.15 17.96
C LYS Z 36 -63.99 -77.44 18.74
N ALA Z 37 -63.88 -77.32 20.05
CA ALA Z 37 -63.85 -78.50 20.90
C ALA Z 37 -65.26 -79.03 21.09
N GLY Z 38 -65.35 -80.30 21.48
CA GLY Z 38 -66.66 -80.84 21.81
C GLY Z 38 -67.34 -81.47 20.62
N ASN Z 39 -68.28 -82.37 20.93
CA ASN Z 39 -69.26 -83.04 20.07
C ASN Z 39 -68.66 -83.69 18.84
N LEU Z 40 -67.33 -83.83 18.80
CA LEU Z 40 -66.62 -84.47 17.70
C LEU Z 40 -67.01 -83.87 16.36
N GLY Z 41 -67.22 -82.56 16.35
CA GLY Z 41 -67.71 -81.90 15.15
C GLY Z 41 -69.05 -82.44 14.69
N GLY Z 42 -69.94 -82.70 15.65
CA GLY Z 42 -71.22 -83.27 15.30
C GLY Z 42 -71.18 -84.76 14.99
N GLY Z 43 -70.15 -85.46 15.44
CA GLY Z 43 -70.09 -86.88 15.24
C GLY Z 43 -69.60 -87.33 13.88
N VAL Z 44 -68.93 -86.46 13.13
CA VAL Z 44 -68.28 -86.89 11.90
C VAL Z 44 -67.13 -87.84 12.23
N VAL Z 45 -66.45 -87.60 13.34
CA VAL Z 45 -65.34 -88.42 13.78
C VAL Z 45 -65.81 -89.24 14.98
N THR Z 46 -65.62 -90.54 14.94
CA THR Z 46 -66.04 -91.41 16.03
C THR Z 46 -64.85 -91.80 16.89
N ILE Z 47 -65.15 -92.49 17.99
CA ILE Z 47 -64.15 -92.94 18.94
C ILE Z 47 -64.62 -94.27 19.54
N GLU Z 48 -63.71 -95.22 19.70
CA GLU Z 48 -64.02 -96.49 20.31
C GLU Z 48 -62.73 -97.13 20.83
N ARG Z 49 -62.88 -98.29 21.45
CA ARG Z 49 -61.78 -98.93 22.15
C ARG Z 49 -61.92 -100.45 22.11
N SER Z 50 -60.78 -101.13 22.01
CA SER Z 50 -60.70 -102.57 22.10
C SER Z 50 -60.07 -103.02 23.42
N LYS Z 51 -60.13 -102.13 24.42
CA LYS Z 51 -59.69 -102.36 25.80
C LYS Z 51 -58.17 -102.41 25.91
N SER Z 52 -57.48 -102.45 24.78
CA SER Z 52 -56.07 -102.04 24.72
C SER Z 52 -55.76 -101.23 23.48
N LYS Z 53 -56.51 -101.38 22.40
CA LYS Z 53 -56.33 -100.62 21.18
C LYS Z 53 -57.44 -99.57 21.08
N ILE Z 54 -57.07 -98.37 20.69
CA ILE Z 54 -58.03 -97.30 20.45
C ILE Z 54 -57.83 -96.79 19.04
N THR Z 55 -58.86 -96.92 18.21
CA THR Z 55 -58.82 -96.40 16.86
C THR Z 55 -59.69 -95.15 16.78
N VAL Z 56 -59.31 -94.25 15.88
CA VAL Z 56 -60.07 -93.04 15.61
C VAL Z 56 -60.39 -93.03 14.12
N THR Z 57 -61.67 -93.13 13.80
CA THR Z 57 -62.13 -93.18 12.42
C THR Z 57 -62.60 -91.79 12.00
N SER Z 58 -62.01 -91.27 10.94
CA SER Z 58 -62.32 -89.94 10.43
C SER Z 58 -62.60 -90.03 8.94
N GLU Z 59 -63.43 -89.11 8.46
CA GLU Z 59 -63.76 -88.99 7.06
C GLU Z 59 -63.54 -87.58 6.53
N VAL Z 60 -62.76 -86.78 7.25
CA VAL Z 60 -62.47 -85.40 6.88
C VAL Z 60 -60.95 -85.24 6.91
N PRO Z 61 -60.42 -84.19 6.25
CA PRO Z 61 -58.99 -83.88 6.39
C PRO Z 61 -58.58 -83.78 7.85
N PHE Z 62 -57.69 -84.67 8.27
CA PHE Z 62 -57.46 -84.93 9.68
C PHE Z 62 -56.11 -85.61 9.86
N SER Z 63 -55.25 -84.99 10.66
CA SER Z 63 -53.84 -85.35 10.72
C SER Z 63 -53.55 -86.35 11.83
N LYS Z 64 -52.72 -87.34 11.51
CA LYS Z 64 -52.23 -88.26 12.52
C LYS Z 64 -51.38 -87.55 13.55
N ARG Z 65 -50.62 -86.54 13.13
CA ARG Z 65 -49.77 -85.81 14.05
C ARG Z 65 -50.59 -85.09 15.11
N TYR Z 66 -51.83 -84.73 14.80
CA TYR Z 66 -52.70 -84.18 15.82
C TYR Z 66 -52.96 -85.19 16.93
N LEU Z 67 -53.17 -86.45 16.56
CA LEU Z 67 -53.32 -87.49 17.56
C LEU Z 67 -52.04 -87.64 18.37
N LYS Z 68 -50.89 -87.57 17.71
CA LYS Z 68 -49.64 -87.64 18.44
C LYS Z 68 -49.53 -86.48 19.43
N TYR Z 69 -49.92 -85.28 19.01
CA TYR Z 69 -49.87 -84.13 19.89
C TYR Z 69 -50.78 -84.29 21.09
N LEU Z 70 -51.99 -84.77 20.84
CA LEU Z 70 -52.93 -84.96 21.94
C LEU Z 70 -52.43 -86.02 22.91
N THR Z 71 -51.83 -87.09 22.38
CA THR Z 71 -51.26 -88.11 23.24
C THR Z 71 -50.12 -87.57 24.07
N LYS Z 72 -49.24 -86.78 23.47
CA LYS Z 72 -48.16 -86.16 24.22
C LYS Z 72 -48.71 -85.26 25.32
N LYS Z 73 -49.75 -84.51 25.00
CA LYS Z 73 -50.36 -83.63 25.98
C LYS Z 73 -50.94 -84.42 27.13
N TYR Z 74 -51.60 -85.54 26.84
CA TYR Z 74 -52.18 -86.37 27.90
C TYR Z 74 -51.09 -86.96 28.79
N LEU Z 75 -50.00 -87.44 28.19
CA LEU Z 75 -48.90 -87.98 28.97
C LEU Z 75 -48.27 -86.92 29.85
N LYS Z 76 -48.13 -85.71 29.31
CA LYS Z 76 -47.66 -84.60 30.13
C LYS Z 76 -48.63 -84.32 31.27
N LYS Z 77 -49.93 -84.48 31.01
CA LYS Z 77 -50.92 -84.32 32.06
C LYS Z 77 -50.72 -85.36 33.16
N ASN Z 78 -50.25 -86.54 32.80
CA ASN Z 78 -50.21 -87.67 33.72
C ASN Z 78 -48.80 -87.95 34.24
N ASN Z 79 -47.86 -87.04 34.05
CA ASN Z 79 -46.46 -87.22 34.46
C ASN Z 79 -45.85 -88.46 33.83
N LEU Z 80 -46.40 -88.88 32.71
CA LEU Z 80 -45.91 -90.05 32.01
C LEU Z 80 -44.91 -89.70 30.92
N ARG Z 81 -44.64 -88.41 30.73
CA ARG Z 81 -43.79 -88.00 29.62
C ARG Z 81 -42.35 -88.43 29.85
N ASP Z 82 -41.95 -88.58 31.11
CA ASP Z 82 -40.58 -89.01 31.40
C ASP Z 82 -40.34 -90.49 31.13
N TRP Z 83 -41.36 -91.34 31.23
CA TRP Z 83 -41.16 -92.77 31.14
C TRP Z 83 -41.56 -93.34 29.79
N LEU Z 84 -42.58 -92.77 29.17
CA LEU Z 84 -43.17 -93.34 27.98
C LEU Z 84 -42.90 -92.44 26.78
N ARG Z 85 -43.01 -93.04 25.60
CA ARG Z 85 -42.66 -92.33 24.38
C ARG Z 85 -43.54 -92.83 23.26
N VAL Z 86 -44.31 -91.92 22.67
CA VAL Z 86 -45.15 -92.24 21.52
C VAL Z 86 -44.23 -92.52 20.35
N VAL Z 87 -44.47 -93.63 19.66
CA VAL Z 87 -43.70 -94.02 18.49
C VAL Z 87 -44.68 -94.43 17.41
N ALA Z 88 -44.48 -93.91 16.20
CA ALA Z 88 -45.24 -94.37 15.05
C ALA Z 88 -44.78 -95.78 14.73
N ASN Z 89 -45.48 -96.77 15.28
CA ASN Z 89 -45.12 -98.16 15.03
C ASN Z 89 -45.34 -98.56 13.58
N SER Z 90 -46.28 -97.91 12.90
CA SER Z 90 -46.54 -98.17 11.49
C SER Z 90 -47.28 -96.98 10.91
N LYS Z 91 -47.64 -97.09 9.63
CA LYS Z 91 -48.51 -96.10 9.04
C LYS Z 91 -49.86 -96.14 9.74
N GLU Z 92 -50.49 -94.96 9.82
CA GLU Z 92 -51.81 -94.74 10.44
C GLU Z 92 -51.94 -95.42 11.80
N SER Z 93 -50.82 -95.64 12.51
CA SER Z 93 -50.87 -96.26 13.82
C SER Z 93 -49.75 -95.70 14.68
N TYR Z 94 -50.05 -95.52 15.96
CA TYR Z 94 -49.06 -95.12 16.94
C TYR Z 94 -48.92 -96.19 18.01
N GLU Z 95 -47.95 -95.99 18.88
CA GLU Z 95 -47.68 -96.91 19.97
C GLU Z 95 -46.78 -96.20 20.96
N LEU Z 96 -47.18 -96.15 22.21
CA LEU Z 96 -46.36 -95.55 23.26
C LEU Z 96 -45.57 -96.67 23.94
N ARG Z 97 -44.29 -96.41 24.16
CA ARG Z 97 -43.40 -97.42 24.71
C ARG Z 97 -42.40 -96.75 25.64
N TYR Z 98 -41.79 -97.57 26.49
CA TYR Z 98 -40.85 -97.09 27.48
C TYR Z 98 -39.55 -96.65 26.82
N PHE Z 99 -38.72 -95.97 27.60
CA PHE Z 99 -37.44 -95.51 27.09
C PHE Z 99 -36.39 -96.59 27.31
N GLN Z 100 -35.95 -97.21 26.22
CA GLN Z 100 -35.04 -98.35 26.28
C GLN Z 100 -33.68 -97.84 26.73
N ILE Z 101 -33.37 -98.04 28.01
CA ILE Z 101 -32.09 -97.61 28.55
C ILE Z 101 -31.01 -98.56 28.08
N SER AA 1 -36.36 -0.11 59.60
CA SER AA 1 -35.72 -0.34 58.31
C SER AA 1 -35.88 -1.79 57.86
N GLY AA 2 -34.82 -2.58 58.00
CA GLY AA 2 -34.85 -3.97 57.62
C GLY AA 2 -34.07 -4.25 56.34
N ALA AA 3 -33.03 -5.06 56.45
CA ALA AA 3 -32.14 -5.34 55.32
C ALA AA 3 -32.55 -6.60 54.59
N LYS AA 4 -31.87 -6.86 53.48
CA LYS AA 4 -32.17 -8.04 52.69
C LYS AA 4 -31.27 -9.20 53.09
N PHE AA 5 -31.87 -10.33 53.38
CA PHE AA 5 -31.10 -11.54 53.65
C PHE AA 5 -30.46 -12.05 52.37
N ARG AA 6 -29.41 -12.85 52.54
CA ARG AA 6 -28.75 -13.44 51.40
C ARG AA 6 -29.67 -14.43 50.70
N ILE AA 7 -29.68 -14.37 49.36
CA ILE AA 7 -30.50 -15.23 48.54
C ILE AA 7 -29.62 -15.83 47.45
N SER AA 8 -30.09 -16.95 46.90
CA SER AA 8 -29.38 -17.56 45.79
C SER AA 8 -29.54 -16.69 44.54
N LEU AA 9 -28.44 -16.41 43.86
CA LEU AA 9 -28.47 -15.40 42.80
C LEU AA 9 -28.96 -15.97 41.47
N GLY AA 10 -28.20 -16.91 40.89
CA GLY AA 10 -28.66 -17.64 39.74
C GLY AA 10 -28.74 -16.88 38.42
N LEU AA 11 -28.37 -15.60 38.38
CA LEU AA 11 -28.38 -14.81 37.15
C LEU AA 11 -27.09 -14.02 37.05
N PRO AA 12 -26.02 -14.65 36.59
CA PRO AA 12 -24.74 -13.94 36.52
C PRO AA 12 -24.67 -12.99 35.34
N VAL AA 13 -23.53 -12.34 35.14
CA VAL AA 13 -23.36 -11.42 34.02
C VAL AA 13 -23.44 -12.20 32.71
N GLY AA 14 -24.21 -11.68 31.78
CA GLY AA 14 -24.51 -12.39 30.56
C GLY AA 14 -25.88 -13.03 30.53
N ALA AA 15 -26.59 -13.04 31.66
CA ALA AA 15 -27.96 -13.49 31.69
C ALA AA 15 -28.84 -12.51 30.93
N VAL AA 16 -29.77 -13.04 30.15
CA VAL AA 16 -30.70 -12.24 29.37
C VAL AA 16 -32.09 -12.46 29.93
N ILE AA 17 -32.73 -11.39 30.37
CA ILE AA 17 -34.01 -11.46 31.05
C ILE AA 17 -35.04 -10.65 30.29
N ASN AA 18 -36.30 -10.92 30.58
CA ASN AA 18 -37.38 -10.17 29.97
C ASN AA 18 -37.43 -8.75 30.52
N CYS AA 19 -37.91 -7.84 29.68
CA CYS AA 19 -38.10 -6.45 30.06
C CYS AA 19 -39.57 -6.26 30.38
N ALA AA 20 -39.94 -6.55 31.63
CA ALA AA 20 -41.33 -6.72 32.01
C ALA AA 20 -42.13 -5.43 32.04
N ASP AA 21 -41.48 -4.27 31.98
CA ASP AA 21 -42.18 -3.00 32.00
C ASP AA 21 -42.61 -2.61 30.59
N ASN AA 22 -43.21 -1.42 30.48
CA ASN AA 22 -43.76 -0.94 29.22
C ASN AA 22 -42.84 0.06 28.53
N THR AA 23 -41.53 -0.03 28.79
CA THR AA 23 -40.61 0.95 28.22
C THR AA 23 -40.40 0.77 26.73
N GLY AA 24 -40.84 -0.34 26.15
CA GLY AA 24 -40.62 -0.62 24.75
C GLY AA 24 -39.48 -1.56 24.47
N ALA AA 25 -38.59 -1.77 25.43
CA ALA AA 25 -37.53 -2.75 25.26
C ALA AA 25 -38.06 -4.15 25.48
N LYS AA 26 -37.46 -5.12 24.83
CA LYS AA 26 -37.94 -6.49 24.92
C LYS AA 26 -37.11 -7.36 25.86
N ASN AA 27 -35.84 -7.03 26.07
CA ASN AA 27 -35.00 -7.85 26.93
C ASN AA 27 -33.94 -6.98 27.58
N LEU AA 28 -33.25 -7.57 28.55
CA LEU AA 28 -32.15 -6.91 29.25
C LEU AA 28 -30.93 -7.81 29.20
N TYR AA 29 -29.76 -7.21 29.02
CA TYR AA 29 -28.51 -7.95 29.00
C TYR AA 29 -27.65 -7.41 30.14
N ILE AA 30 -27.61 -8.14 31.24
CA ILE AA 30 -26.87 -7.70 32.42
C ILE AA 30 -25.39 -7.71 32.11
N ILE AA 31 -24.71 -6.60 32.43
CA ILE AA 31 -23.27 -6.54 32.28
C ILE AA 31 -22.54 -6.47 33.61
N SER AA 32 -23.19 -6.02 34.68
CA SER AA 32 -22.60 -6.05 36.02
C SER AA 32 -23.69 -5.77 37.04
N VAL AA 33 -23.36 -6.05 38.29
CA VAL AA 33 -24.28 -5.90 39.42
C VAL AA 33 -23.70 -4.83 40.34
N LYS AA 34 -24.55 -3.90 40.76
CA LYS AA 34 -24.10 -2.87 41.68
C LYS AA 34 -23.75 -3.48 43.03
N GLY AA 35 -22.73 -2.91 43.67
CA GLY AA 35 -22.36 -3.35 45.00
C GLY AA 35 -21.68 -4.70 45.08
N ILE AA 36 -21.10 -5.18 43.98
CA ILE AA 36 -20.41 -6.46 43.98
C ILE AA 36 -18.92 -6.19 43.84
N LYS AA 37 -18.15 -6.63 44.83
CA LYS AA 37 -16.72 -6.31 44.85
C LYS AA 37 -15.97 -7.16 43.83
N GLY AA 38 -15.99 -8.48 44.00
CA GLY AA 38 -15.38 -9.37 43.05
C GLY AA 38 -14.62 -10.47 43.72
N ARG AA 39 -14.15 -11.40 42.88
CA ARG AA 39 -13.42 -12.60 43.26
C ARG AA 39 -12.89 -13.24 41.99
N LEU AA 40 -11.62 -13.63 42.03
CA LEU AA 40 -10.92 -14.02 40.81
C LEU AA 40 -11.66 -15.12 40.08
N ASN AA 41 -12.14 -14.79 38.88
CA ASN AA 41 -12.96 -15.63 38.03
C ASN AA 41 -14.28 -16.00 38.67
N ARG AA 42 -14.78 -15.22 39.63
CA ARG AA 42 -16.17 -15.36 40.04
C ARG AA 42 -17.00 -14.23 39.44
N LEU AA 43 -18.03 -14.60 38.71
CA LEU AA 43 -18.83 -13.63 37.97
C LEU AA 43 -19.71 -12.83 38.91
N PRO AA 44 -19.89 -11.53 38.66
CA PRO AA 44 -20.86 -10.76 39.45
C PRO AA 44 -22.27 -11.20 39.11
N ALA AA 45 -22.89 -11.91 40.04
CA ALA AA 45 -24.22 -12.43 39.85
C ALA AA 45 -25.21 -11.60 40.64
N ALA AA 46 -26.50 -11.83 40.38
CA ALA AA 46 -27.55 -11.06 41.02
C ALA AA 46 -28.77 -11.93 41.27
N GLY AA 47 -29.52 -11.60 42.32
CA GLY AA 47 -30.82 -12.16 42.57
C GLY AA 47 -31.90 -11.12 42.44
N VAL AA 48 -33.10 -11.49 42.88
CA VAL AA 48 -34.23 -10.57 42.82
C VAL AA 48 -33.99 -9.41 43.78
N GLY AA 49 -34.39 -8.21 43.35
CA GLY AA 49 -34.15 -7.02 44.12
C GLY AA 49 -32.76 -6.43 43.98
N ASP AA 50 -31.98 -6.88 43.01
CA ASP AA 50 -30.62 -6.39 42.84
C ASP AA 50 -30.58 -5.33 41.75
N MET AA 51 -29.97 -4.20 42.07
CA MET AA 51 -29.72 -3.20 41.06
C MET AA 51 -28.59 -3.68 40.16
N VAL AA 52 -28.84 -3.70 38.85
CA VAL AA 52 -27.83 -4.13 37.89
C VAL AA 52 -27.72 -3.06 36.81
N MET AA 53 -26.56 -3.04 36.17
CA MET AA 53 -26.35 -2.26 34.96
C MET AA 53 -26.55 -3.19 33.78
N ALA AA 54 -27.38 -2.77 32.83
CA ALA AA 54 -27.68 -3.62 31.69
C ALA AA 54 -27.99 -2.77 30.48
N THR AA 55 -27.84 -3.38 29.32
CA THR AA 55 -28.23 -2.78 28.05
C THR AA 55 -29.32 -3.64 27.44
N VAL AA 56 -30.16 -3.04 26.62
CA VAL AA 56 -31.26 -3.76 26.00
C VAL AA 56 -30.81 -4.23 24.62
N LYS AA 57 -31.09 -5.49 24.30
CA LYS AA 57 -30.63 -6.06 23.05
C LYS AA 57 -31.64 -5.89 21.93
N LYS AA 58 -32.91 -6.13 22.20
CA LYS AA 58 -33.95 -5.96 21.21
C LYS AA 58 -35.09 -5.13 21.80
N GLY AA 59 -35.65 -4.25 20.99
CA GLY AA 59 -36.65 -3.31 21.44
C GLY AA 59 -36.53 -2.03 20.64
N LYS AA 60 -37.00 -0.93 21.26
CA LYS AA 60 -36.99 0.36 20.59
C LYS AA 60 -35.57 0.84 20.37
N PRO AA 61 -35.26 1.40 19.20
CA PRO AA 61 -33.87 1.79 18.90
C PRO AA 61 -33.30 2.84 19.82
N GLU AA 62 -34.12 3.76 20.32
CA GLU AA 62 -33.61 4.87 21.13
C GLU AA 62 -33.14 4.43 22.50
N LEU AA 63 -33.26 3.15 22.82
CA LEU AA 63 -32.80 2.63 24.09
C LEU AA 63 -31.67 1.63 23.93
N ARG AA 64 -31.38 1.18 22.71
CA ARG AA 64 -30.64 -0.05 22.53
C ARG AA 64 -29.17 0.11 22.91
N LYS AA 65 -28.47 1.03 22.27
CA LYS AA 65 -27.04 1.13 22.49
C LYS AA 65 -26.70 2.11 23.60
N LYS AA 66 -27.27 1.86 24.78
CA LYS AA 66 -26.98 2.62 25.98
C LYS AA 66 -26.96 1.65 27.16
N VAL AA 67 -26.38 2.11 28.27
CA VAL AA 67 -26.29 1.33 29.49
C VAL AA 67 -27.34 1.86 30.45
N HIS AA 68 -28.14 0.95 31.01
CA HIS AA 68 -29.21 1.43 31.87
C HIS AA 68 -29.21 0.70 33.19
N PRO AA 69 -29.46 1.39 34.29
CA PRO AA 69 -29.67 0.71 35.57
C PRO AA 69 -30.95 -0.11 35.53
N ALA AA 70 -30.92 -1.26 36.20
CA ALA AA 70 -32.07 -2.16 36.20
C ALA AA 70 -32.11 -2.95 37.50
N VAL AA 71 -33.30 -3.44 37.82
CA VAL AA 71 -33.55 -4.16 39.05
C VAL AA 71 -34.24 -5.48 38.71
N VAL AA 72 -33.75 -6.57 39.28
CA VAL AA 72 -34.37 -7.88 39.09
C VAL AA 72 -35.62 -7.98 39.96
N ILE AA 73 -36.71 -8.43 39.36
CA ILE AA 73 -37.95 -8.64 40.10
C ILE AA 73 -38.41 -10.09 40.08
N ARG AA 74 -37.96 -10.90 39.13
CA ARG AA 74 -38.29 -12.32 39.08
C ARG AA 74 -37.06 -13.10 38.65
N GLN AA 75 -36.87 -14.27 39.24
CA GLN AA 75 -35.74 -15.13 38.89
C GLN AA 75 -36.21 -16.57 38.82
N ARG AA 76 -35.57 -17.34 37.95
CA ARG AA 76 -35.95 -18.74 37.79
C ARG AA 76 -35.21 -19.64 38.74
N LYS AA 77 -34.20 -19.13 39.44
CA LYS AA 77 -33.50 -19.93 40.42
C LYS AA 77 -34.26 -19.89 41.73
N SER AA 78 -34.56 -21.07 42.28
CA SER AA 78 -35.30 -21.13 43.53
C SER AA 78 -34.49 -20.51 44.66
N TYR AA 79 -35.15 -19.75 45.52
CA TYR AA 79 -34.47 -19.19 46.67
C TYR AA 79 -35.32 -19.37 47.91
N ARG AA 80 -34.66 -19.39 49.05
CA ARG AA 80 -35.31 -19.60 50.34
C ARG AA 80 -35.78 -18.27 50.89
N ARG AA 81 -36.95 -18.26 51.52
CA ARG AA 81 -37.50 -17.05 52.10
C ARG AA 81 -37.57 -17.15 53.62
N LYS AA 82 -36.56 -17.76 54.23
CA LYS AA 82 -36.35 -17.69 55.67
C LYS AA 82 -37.49 -18.27 56.51
N ASP AA 83 -38.50 -18.84 55.86
CA ASP AA 83 -39.62 -19.46 56.56
C ASP AA 83 -39.97 -20.80 55.94
N GLY AA 84 -38.97 -21.46 55.35
CA GLY AA 84 -39.15 -22.78 54.79
C GLY AA 84 -39.76 -22.82 53.41
N VAL AA 85 -39.95 -21.68 52.76
CA VAL AA 85 -40.56 -21.66 51.44
C VAL AA 85 -39.48 -21.40 50.41
N PHE AA 86 -39.32 -22.31 49.46
CA PHE AA 86 -38.45 -22.13 48.32
C PHE AA 86 -39.30 -21.63 47.17
N LEU AA 87 -38.94 -20.48 46.62
CA LEU AA 87 -39.74 -19.85 45.60
C LEU AA 87 -38.90 -19.58 44.36
N TYR AA 88 -39.47 -19.85 43.20
CA TYR AA 88 -38.85 -19.53 41.92
C TYR AA 88 -39.95 -19.12 40.95
N PHE AA 89 -39.61 -18.26 40.02
CA PHE AA 89 -40.59 -17.75 39.08
C PHE AA 89 -40.49 -18.47 37.75
N GLU AA 90 -41.50 -18.26 36.92
CA GLU AA 90 -41.53 -18.88 35.60
C GLU AA 90 -40.42 -18.33 34.72
N ASP AA 91 -40.11 -17.05 34.84
CA ASP AA 91 -39.11 -16.44 33.97
C ASP AA 91 -38.27 -15.45 34.75
N ASN AA 92 -37.05 -15.25 34.29
CA ASN AA 92 -36.19 -14.18 34.78
C ASN AA 92 -36.57 -12.89 34.07
N ALA AA 93 -36.88 -11.86 34.83
CA ALA AA 93 -37.27 -10.58 34.25
C ALA AA 93 -36.85 -9.45 35.16
N GLY AA 94 -36.66 -8.27 34.57
CA GLY AA 94 -36.32 -7.10 35.33
C GLY AA 94 -36.90 -5.87 34.67
N VAL AA 95 -36.81 -4.75 35.38
CA VAL AA 95 -37.32 -3.47 34.90
C VAL AA 95 -36.21 -2.44 34.98
N ILE AA 96 -36.32 -1.41 34.16
CA ILE AA 96 -35.32 -0.36 34.08
C ILE AA 96 -35.71 0.78 34.99
N VAL AA 97 -34.80 1.17 35.86
CA VAL AA 97 -35.00 2.27 36.79
C VAL AA 97 -33.83 3.24 36.62
N ASN AA 98 -33.89 4.36 37.32
CA ASN AA 98 -32.76 5.25 37.44
C ASN AA 98 -32.02 4.92 38.74
N ASN AA 99 -30.93 5.66 38.97
CA ASN AA 99 -30.13 5.42 40.17
C ASN AA 99 -30.88 5.72 41.46
N LYS AA 100 -31.96 6.50 41.39
CA LYS AA 100 -32.67 6.91 42.58
C LYS AA 100 -33.77 5.92 42.97
N GLY AA 101 -34.01 4.89 42.15
CA GLY AA 101 -34.92 3.84 42.47
C GLY AA 101 -36.17 3.78 41.62
N GLU AA 102 -36.72 4.93 41.23
CA GLU AA 102 -37.99 4.93 40.51
C GLU AA 102 -37.80 4.44 39.08
N MET AA 103 -38.83 3.79 38.56
CA MET AA 103 -38.74 3.16 37.25
C MET AA 103 -38.81 4.19 36.14
N LYS AA 104 -38.30 3.80 34.97
CA LYS AA 104 -38.52 4.60 33.77
C LYS AA 104 -39.94 4.42 33.25
N GLY AA 105 -40.47 3.21 33.35
CA GLY AA 105 -41.79 2.90 32.84
C GLY AA 105 -42.89 3.22 33.83
N SER AA 106 -44.08 2.71 33.53
CA SER AA 106 -45.26 2.99 34.34
C SER AA 106 -46.02 1.75 34.79
N ALA AA 107 -45.90 0.63 34.10
CA ALA AA 107 -46.64 -0.57 34.43
C ALA AA 107 -45.71 -1.76 34.38
N ILE AA 108 -46.06 -2.81 35.14
CA ILE AA 108 -45.24 -3.99 35.25
C ILE AA 108 -46.07 -5.20 34.86
N THR AA 109 -45.53 -5.99 33.93
CA THR AA 109 -46.17 -7.24 33.55
C THR AA 109 -45.69 -8.35 34.48
N GLY AA 110 -46.64 -9.09 35.03
CA GLY AA 110 -46.32 -10.22 35.87
C GLY AA 110 -46.08 -9.84 37.30
N PRO AA 111 -45.95 -10.84 38.17
CA PRO AA 111 -45.79 -10.56 39.59
C PRO AA 111 -44.38 -10.07 39.89
N VAL AA 112 -44.19 -9.68 41.15
CA VAL AA 112 -42.92 -9.20 41.66
C VAL AA 112 -42.58 -10.01 42.90
N ALA AA 113 -41.31 -10.43 42.99
CA ALA AA 113 -40.85 -11.10 44.20
C ALA AA 113 -40.98 -10.17 45.40
N LYS AA 114 -41.40 -10.75 46.52
CA LYS AA 114 -41.71 -9.95 47.69
C LYS AA 114 -40.50 -9.18 48.20
N GLU AA 115 -39.32 -9.80 48.15
CA GLU AA 115 -38.12 -9.13 48.64
C GLU AA 115 -37.87 -7.84 47.87
N CYS AA 116 -37.97 -7.90 46.54
CA CYS AA 116 -37.72 -6.73 45.72
C CYS AA 116 -38.76 -5.65 45.97
N ALA AA 117 -40.03 -6.05 46.06
CA ALA AA 117 -41.10 -5.08 46.25
C ALA AA 117 -40.96 -4.37 47.59
N ASP AA 118 -40.62 -5.11 48.64
CA ASP AA 118 -40.34 -4.46 49.92
C ASP AA 118 -39.13 -3.53 49.82
N LEU AA 119 -38.11 -3.95 49.07
CA LEU AA 119 -36.90 -3.15 48.98
C LEU AA 119 -37.10 -1.82 48.25
N TRP AA 120 -37.78 -1.82 47.11
CA TRP AA 120 -38.00 -0.60 46.34
C TRP AA 120 -39.46 -0.19 46.43
N PRO AA 121 -39.77 0.86 47.20
CA PRO AA 121 -41.17 1.32 47.26
C PRO AA 121 -41.72 1.77 45.91
N ARG AA 122 -40.88 2.38 45.07
CA ARG AA 122 -41.37 2.87 43.79
C ARG AA 122 -41.74 1.73 42.86
N ILE AA 123 -40.94 0.67 42.85
CA ILE AA 123 -41.30 -0.50 42.06
C ILE AA 123 -42.56 -1.14 42.61
N ALA AA 124 -42.71 -1.15 43.93
CA ALA AA 124 -43.91 -1.71 44.54
C ALA AA 124 -45.15 -0.92 44.16
N SER AA 125 -45.04 0.40 44.03
CA SER AA 125 -46.18 1.22 43.63
C SER AA 125 -46.65 0.85 42.24
N ASN AA 126 -45.75 0.39 41.38
CA ASN AA 126 -46.13 -0.07 40.05
C ASN AA 126 -46.34 -1.57 39.98
N ALA AA 127 -46.20 -2.28 41.10
CA ALA AA 127 -46.27 -3.73 41.06
C ALA AA 127 -47.69 -4.19 40.74
N GLY AA 128 -47.82 -4.99 39.68
CA GLY AA 128 -49.12 -5.55 39.35
C GLY AA 128 -49.61 -6.52 40.40
N SER AA 129 -48.72 -7.37 40.91
CA SER AA 129 -49.04 -8.24 42.02
C SER AA 129 -47.75 -8.56 42.75
N ILE AA 130 -47.89 -8.92 44.02
CA ILE AA 130 -46.74 -9.29 44.85
C ILE AA 130 -46.88 -10.76 45.18
N ALA AA 131 -45.87 -11.53 44.81
CA ALA AA 131 -45.83 -12.95 45.12
C ALA AA 131 -44.53 -13.25 45.84
N MET BA 1 -47.68 -25.31 62.27
CA MET BA 1 -48.40 -24.34 63.09
C MET BA 1 -48.79 -23.13 62.26
N LYS BA 2 -48.05 -22.89 61.18
CA LYS BA 2 -48.40 -21.84 60.24
C LYS BA 2 -49.50 -22.36 59.31
N VAL BA 3 -49.73 -21.64 58.20
CA VAL BA 3 -50.72 -22.04 57.23
C VAL BA 3 -50.30 -23.36 56.59
N GLU BA 4 -51.20 -24.33 56.61
CA GLU BA 4 -50.99 -25.58 55.92
C GLU BA 4 -51.36 -25.42 54.45
N LEU BA 5 -50.57 -26.03 53.57
CA LEU BA 5 -50.75 -25.85 52.14
C LEU BA 5 -51.25 -27.14 51.50
N CYS BA 6 -51.74 -27.02 50.28
CA CYS BA 6 -52.16 -28.16 49.48
C CYS BA 6 -51.36 -28.20 48.19
N SER BA 7 -50.97 -29.39 47.79
CA SER BA 7 -50.08 -29.56 46.65
C SER BA 7 -50.89 -29.82 45.38
N PHE BA 8 -50.18 -30.15 44.30
CA PHE BA 8 -50.81 -30.69 43.11
C PHE BA 8 -51.55 -31.98 43.40
N SER BA 9 -51.00 -32.80 44.30
CA SER BA 9 -51.63 -34.05 44.69
C SER BA 9 -52.63 -33.87 45.82
N GLY BA 10 -52.80 -32.66 46.33
CA GLY BA 10 -53.74 -32.43 47.40
C GLY BA 10 -53.27 -32.77 48.79
N TYR BA 11 -52.03 -33.20 48.94
CA TYR BA 11 -51.50 -33.47 50.27
C TYR BA 11 -51.28 -32.17 51.03
N LYS BA 12 -51.28 -32.27 52.36
CA LYS BA 12 -50.83 -31.16 53.17
C LYS BA 12 -49.33 -31.00 53.03
N ILE BA 13 -48.86 -29.76 52.97
CA ILE BA 13 -47.45 -29.46 52.93
C ILE BA 13 -47.08 -28.75 54.21
N TYR BA 14 -46.25 -29.40 55.03
CA TYR BA 14 -45.81 -28.81 56.27
C TYR BA 14 -44.74 -27.76 55.97
N PRO BA 15 -44.58 -26.78 56.87
CA PRO BA 15 -43.56 -25.75 56.64
C PRO BA 15 -42.18 -26.38 56.53
N GLY BA 16 -41.35 -25.78 55.69
CA GLY BA 16 -40.03 -26.31 55.44
C GLY BA 16 -39.99 -27.44 54.44
N HIS BA 17 -41.09 -27.73 53.76
CA HIS BA 17 -41.14 -28.81 52.78
C HIS BA 17 -41.59 -28.27 51.43
N GLY BA 18 -41.15 -28.95 50.40
CA GLY BA 18 -41.59 -28.61 49.07
C GLY BA 18 -41.04 -27.29 48.61
N ARG BA 19 -41.71 -26.73 47.60
CA ARG BA 19 -41.30 -25.50 46.97
C ARG BA 19 -42.55 -24.73 46.58
N ARG BA 20 -42.39 -23.43 46.35
CA ARG BA 20 -43.48 -22.61 45.90
C ARG BA 20 -43.19 -22.12 44.50
N TYR BA 21 -44.16 -22.28 43.60
CA TYR BA 21 -44.01 -21.86 42.21
C TYR BA 21 -45.07 -20.82 41.87
N ALA BA 22 -44.62 -19.71 41.32
CA ALA BA 22 -45.52 -18.67 40.81
C ALA BA 22 -45.24 -18.46 39.34
N ARG BA 23 -46.28 -18.58 38.53
CA ARG BA 23 -46.18 -18.37 37.09
C ARG BA 23 -46.14 -16.88 36.78
N THR BA 24 -45.87 -16.57 35.52
CA THR BA 24 -45.86 -15.17 35.10
C THR BA 24 -47.27 -14.60 35.06
N ASP BA 25 -48.26 -15.43 34.74
CA ASP BA 25 -49.62 -14.92 34.55
C ASP BA 25 -50.24 -14.38 35.82
N GLY BA 26 -49.77 -14.79 36.99
CA GLY BA 26 -50.33 -14.33 38.25
C GLY BA 26 -50.88 -15.39 39.16
N LYS BA 27 -50.67 -16.67 38.87
CA LYS BA 27 -51.06 -17.75 39.76
C LYS BA 27 -49.85 -18.32 40.47
N VAL BA 28 -50.03 -18.65 41.75
CA VAL BA 28 -48.97 -19.20 42.58
C VAL BA 28 -49.37 -20.61 42.96
N PHE BA 29 -48.45 -21.55 42.81
CA PHE BA 29 -48.70 -22.94 43.18
C PHE BA 29 -47.59 -23.42 44.11
N GLN BA 30 -47.89 -24.49 44.81
CA GLN BA 30 -46.91 -25.14 45.67
C GLN BA 30 -46.99 -26.64 45.44
N PHE BA 31 -45.86 -27.32 45.57
CA PHE BA 31 -45.76 -28.74 45.33
C PHE BA 31 -45.08 -29.41 46.50
N LEU BA 32 -45.59 -30.59 46.86
CA LEU BA 32 -45.06 -31.30 48.02
C LEU BA 32 -43.62 -31.72 47.80
N ASN BA 33 -43.29 -32.16 46.59
CA ASN BA 33 -41.96 -32.69 46.33
C ASN BA 33 -41.65 -32.50 44.85
N ALA BA 34 -40.47 -32.97 44.45
CA ALA BA 34 -40.08 -32.85 43.06
C ALA BA 34 -40.93 -33.73 42.15
N LYS BA 35 -41.50 -34.82 42.68
CA LYS BA 35 -42.37 -35.64 41.87
C LYS BA 35 -43.63 -34.90 41.48
N CYS BA 36 -44.29 -34.27 42.46
CA CYS BA 36 -45.49 -33.50 42.15
C CYS BA 36 -45.19 -32.33 41.24
N GLU BA 37 -44.10 -31.64 41.50
CA GLU BA 37 -43.75 -30.50 40.66
C GLU BA 37 -43.46 -30.95 39.23
N SER BA 38 -42.75 -32.06 39.07
CA SER BA 38 -42.45 -32.57 37.73
C SER BA 38 -43.72 -32.97 37.01
N ALA BA 39 -44.65 -33.61 37.73
CA ALA BA 39 -45.93 -33.96 37.12
C ALA BA 39 -46.69 -32.72 36.69
N PHE BA 40 -46.65 -31.67 37.49
CA PHE BA 40 -47.26 -30.41 37.10
C PHE BA 40 -46.57 -29.83 35.87
N LEU BA 41 -45.26 -29.99 35.78
CA LEU BA 41 -44.50 -29.34 34.73
C LEU BA 41 -44.69 -30.01 33.38
N SER BA 42 -45.15 -31.25 33.37
CA SER BA 42 -45.55 -31.88 32.11
C SER BA 42 -47.02 -31.65 31.81
N LYS BA 43 -47.70 -30.86 32.65
CA LYS BA 43 -49.13 -30.59 32.52
C LYS BA 43 -49.95 -31.88 32.55
N ARG BA 44 -49.53 -32.81 33.39
CA ARG BA 44 -50.32 -34.02 33.58
C ARG BA 44 -51.52 -33.71 34.44
N ASN BA 45 -52.67 -34.21 34.02
CA ASN BA 45 -53.88 -33.97 34.78
C ASN BA 45 -53.80 -34.68 36.13
N PRO BA 46 -54.16 -34.02 37.22
CA PRO BA 46 -54.18 -34.70 38.52
C PRO BA 46 -55.17 -35.84 38.61
N ARG BA 47 -56.29 -35.76 37.88
CA ARG BA 47 -57.37 -36.71 38.08
C ARG BA 47 -57.07 -38.09 37.51
N GLN BA 48 -55.98 -38.26 36.76
CA GLN BA 48 -55.68 -39.53 36.14
C GLN BA 48 -54.50 -40.25 36.78
N ILE BA 49 -53.98 -39.71 37.87
CA ILE BA 49 -52.87 -40.33 38.59
C ILE BA 49 -53.42 -40.93 39.87
N ASN BA 50 -53.20 -42.24 40.05
CA ASN BA 50 -53.97 -43.01 41.01
C ASN BA 50 -53.76 -42.55 42.44
N TRP BA 51 -52.58 -42.04 42.78
CA TRP BA 51 -52.30 -41.68 44.16
C TRP BA 51 -52.58 -40.21 44.46
N THR BA 52 -53.09 -39.45 43.51
CA THR BA 52 -53.49 -38.08 43.80
C THR BA 52 -54.82 -38.06 44.53
N VAL BA 53 -54.97 -37.08 45.42
CA VAL BA 53 -56.22 -36.94 46.19
C VAL BA 53 -57.38 -36.69 45.24
N LEU BA 54 -57.15 -35.92 44.18
CA LEU BA 54 -58.23 -35.57 43.27
C LEU BA 54 -58.79 -36.80 42.59
N TYR BA 55 -57.92 -37.70 42.13
CA TYR BA 55 -58.39 -38.97 41.59
C TYR BA 55 -59.17 -39.75 42.64
N ARG BA 56 -58.70 -39.71 43.89
CA ARG BA 56 -59.37 -40.47 44.94
C ARG BA 56 -60.79 -39.97 45.16
N ARG BA 57 -60.99 -38.66 45.21
CA ARG BA 57 -62.33 -38.15 45.41
C ARG BA 57 -63.18 -38.30 44.16
N LYS BA 58 -62.57 -38.28 42.98
CA LYS BA 58 -63.36 -38.48 41.78
C LYS BA 58 -63.90 -39.90 41.70
N HIS BA 59 -63.06 -40.88 42.04
CA HIS BA 59 -63.48 -42.26 41.91
C HIS BA 59 -64.18 -42.79 43.14
N LYS BA 60 -64.46 -41.94 44.13
CA LYS BA 60 -65.18 -42.33 45.34
C LYS BA 60 -64.45 -43.44 46.08
N LYS BA 61 -63.13 -43.39 46.05
CA LYS BA 61 -62.32 -44.44 46.65
C LYS BA 61 -62.37 -44.35 48.17
N GLY BA 62 -62.40 -45.49 48.82
CA GLY BA 62 -62.44 -45.52 50.28
C GLY BA 62 -63.78 -45.23 50.89
N GLN BA 63 -64.50 -44.25 50.35
CA GLN BA 63 -65.76 -43.81 50.92
C GLN BA 63 -66.86 -43.74 49.86
N THR BA 72 -84.45 -39.32 52.39
CA THR BA 72 -85.76 -39.95 52.19
C THR BA 72 -86.74 -38.97 51.55
N ARG BA 73 -87.96 -38.96 52.09
CA ARG BA 73 -88.99 -38.00 51.72
C ARG BA 73 -89.45 -37.26 52.96
N ARG BA 74 -89.78 -35.97 52.81
CA ARG BA 74 -90.23 -35.15 53.93
C ARG BA 74 -90.93 -33.90 53.45
N ALA BA 75 -92.01 -33.53 54.14
CA ALA BA 75 -92.74 -32.29 53.85
C ALA BA 75 -93.54 -31.95 55.11
N VAL BA 76 -93.28 -30.79 55.70
CA VAL BA 76 -93.80 -30.43 57.01
C VAL BA 76 -94.79 -29.27 56.84
N LYS BA 77 -95.92 -29.37 57.53
CA LYS BA 77 -96.97 -28.37 57.49
C LYS BA 77 -97.36 -27.99 58.91
N PHE BA 78 -97.52 -26.69 59.16
CA PHE BA 78 -98.01 -26.20 60.44
C PHE BA 78 -99.12 -25.17 60.21
N GLN BA 79 -99.90 -24.95 61.25
CA GLN BA 79 -100.97 -23.98 61.25
C GLN BA 79 -100.50 -22.72 61.96
N ARG BA 80 -100.62 -21.57 61.30
CA ARG BA 80 -100.20 -20.29 61.86
C ARG BA 80 -101.37 -19.31 61.84
N ALA BA 81 -101.41 -18.45 62.85
CA ALA BA 81 -102.43 -17.42 62.91
C ALA BA 81 -102.25 -16.40 61.78
N ILE BA 82 -103.36 -15.76 61.42
CA ILE BA 82 -103.40 -14.75 60.39
C ILE BA 82 -103.86 -13.44 61.02
N THR BA 83 -103.25 -12.34 60.63
CA THR BA 83 -103.68 -11.03 61.10
C THR BA 83 -105.15 -10.83 60.74
N GLY BA 84 -106.00 -10.79 61.76
CA GLY BA 84 -107.43 -10.73 61.55
C GLY BA 84 -108.14 -12.05 61.74
N ALA BA 85 -107.40 -13.15 61.87
CA ALA BA 85 -108.00 -14.46 62.13
C ALA BA 85 -107.03 -15.25 62.99
N SER BA 86 -107.23 -15.19 64.31
CA SER BA 86 -106.32 -15.82 65.24
C SER BA 86 -106.47 -17.34 65.19
N LEU BA 87 -105.59 -18.02 65.92
CA LEU BA 87 -105.62 -19.48 65.93
C LEU BA 87 -106.93 -20.01 66.50
N ALA BA 88 -107.40 -19.40 67.59
CA ALA BA 88 -108.69 -19.79 68.14
C ALA BA 88 -109.81 -19.52 67.14
N ASP BA 89 -109.75 -18.38 66.44
CA ASP BA 89 -110.79 -18.03 65.48
C ASP BA 89 -110.84 -19.04 64.35
N ILE BA 90 -109.69 -19.38 63.78
CA ILE BA 90 -109.67 -20.29 62.64
C ILE BA 90 -110.05 -21.70 63.08
N MET BA 91 -109.63 -22.11 64.28
CA MET BA 91 -110.02 -23.43 64.76
C MET BA 91 -111.52 -23.50 64.99
N ALA BA 92 -112.13 -22.42 65.49
CA ALA BA 92 -113.58 -22.40 65.59
C ALA BA 92 -114.24 -22.47 64.22
N LYS BA 93 -113.71 -21.71 63.25
CA LYS BA 93 -114.35 -21.64 61.94
C LYS BA 93 -114.28 -22.98 61.21
N ARG BA 94 -113.11 -23.59 61.12
CA ARG BA 94 -113.00 -24.83 60.39
C ARG BA 94 -113.46 -26.05 61.20
N ASN BA 95 -114.16 -25.83 62.31
CA ASN BA 95 -114.74 -26.91 63.09
C ASN BA 95 -116.25 -26.77 63.25
N GLN BA 96 -116.96 -26.43 62.18
CA GLN BA 96 -118.41 -26.38 62.17
C GLN BA 96 -119.06 -27.57 61.46
N LYS BA 97 -118.38 -28.72 61.42
CA LYS BA 97 -118.93 -29.87 60.70
C LYS BA 97 -120.27 -30.38 61.20
N PRO BA 98 -120.56 -30.48 62.54
CA PRO BA 98 -121.79 -31.20 62.93
C PRO BA 98 -123.06 -30.46 62.55
N GLU BA 99 -123.40 -30.51 61.26
CA GLU BA 99 -124.62 -29.97 60.64
C GLU BA 99 -124.70 -28.45 60.67
N VAL BA 100 -123.71 -27.77 61.25
CA VAL BA 100 -123.73 -26.31 61.28
C VAL BA 100 -123.60 -25.75 59.86
N ARG BA 101 -122.68 -26.31 59.08
CA ARG BA 101 -122.45 -25.84 57.72
C ARG BA 101 -123.65 -26.12 56.84
N LYS BA 102 -124.30 -27.26 57.05
CA LYS BA 102 -125.55 -27.53 56.37
C LYS BA 102 -126.60 -26.49 56.72
N ALA BA 103 -126.61 -26.04 57.98
CA ALA BA 103 -127.53 -24.98 58.38
C ALA BA 103 -127.22 -23.68 57.64
N GLN BA 104 -125.94 -23.32 57.52
CA GLN BA 104 -125.60 -22.11 56.80
C GLN BA 104 -126.01 -22.20 55.33
N ARG BA 105 -125.73 -23.32 54.68
CA ARG BA 105 -126.07 -23.39 53.26
C ARG BA 105 -127.58 -23.40 53.05
N GLU BA 106 -128.33 -24.07 53.93
CA GLU BA 106 -129.79 -24.09 53.77
C GLU BA 106 -130.40 -22.71 54.05
N GLN BA 107 -129.90 -22.00 55.07
CA GLN BA 107 -130.42 -20.66 55.32
C GLN BA 107 -130.04 -19.71 54.20
N ALA BA 108 -128.86 -19.88 53.61
CA ALA BA 108 -128.49 -19.08 52.45
C ALA BA 108 -129.39 -19.39 51.25
N ILE BA 109 -129.73 -20.67 51.04
CA ILE BA 109 -130.55 -21.04 49.89
C ILE BA 109 -131.96 -20.46 50.04
N ARG BA 110 -132.56 -20.57 51.23
CA ARG BA 110 -133.88 -19.98 51.41
C ARG BA 110 -133.84 -18.45 51.30
N ALA BA 111 -132.77 -17.83 51.81
CA ALA BA 111 -132.64 -16.39 51.67
C ALA BA 111 -132.58 -15.98 50.20
N ALA BA 112 -131.77 -16.69 49.41
CA ALA BA 112 -131.74 -16.50 47.97
C ALA BA 112 -133.08 -16.81 47.34
N LYS BA 113 -133.87 -17.70 47.95
CA LYS BA 113 -135.19 -18.01 47.41
C LYS BA 113 -136.14 -16.82 47.55
N GLU BA 114 -136.21 -16.21 48.73
CA GLU BA 114 -137.09 -15.03 48.80
C GLU BA 114 -136.52 -13.85 48.01
N ALA BA 115 -135.19 -13.77 47.90
CA ALA BA 115 -134.60 -12.77 47.01
C ALA BA 115 -135.04 -12.98 45.57
N LYS BA 116 -135.04 -14.24 45.11
CA LYS BA 116 -135.47 -14.53 43.75
C LYS BA 116 -136.97 -14.31 43.57
N LYS BA 117 -137.77 -14.53 44.62
CA LYS BA 117 -139.20 -14.27 44.50
C LYS BA 117 -139.48 -12.77 44.41
N ALA BA 118 -138.78 -11.96 45.20
CA ALA BA 118 -138.89 -10.52 45.02
C ALA BA 118 -138.40 -10.09 43.64
N LYS BA 119 -137.33 -10.72 43.16
CA LYS BA 119 -136.82 -10.45 41.83
C LYS BA 119 -137.84 -10.78 40.74
N GLN BA 120 -138.52 -11.93 40.87
CA GLN BA 120 -139.55 -12.31 39.91
C GLN BA 120 -140.72 -11.35 39.95
N ALA BA 121 -141.15 -10.96 41.15
CA ALA BA 121 -142.28 -10.05 41.27
C ALA BA 121 -141.97 -8.68 40.68
N SER BA 122 -140.75 -8.18 40.90
CA SER BA 122 -140.36 -6.86 40.41
C SER BA 122 -139.78 -6.90 39.00
N LYS BA 123 -139.60 -8.08 38.40
CA LYS BA 123 -138.94 -8.20 37.12
C LYS BA 123 -139.94 -8.32 35.96
N LYS BA 124 -140.86 -9.27 36.05
CA LYS BA 124 -141.88 -9.41 35.03
C LYS BA 124 -142.94 -8.33 35.18
N LYS CA 1 19.08 -73.81 -72.08
CA LYS CA 1 17.77 -73.39 -72.59
C LYS CA 1 16.65 -73.95 -71.72
N LYS CA 2 17.02 -74.49 -70.56
CA LYS CA 2 16.07 -75.09 -69.65
C LYS CA 2 16.06 -74.46 -68.26
N LYS CA 3 17.13 -73.79 -67.86
CA LYS CA 3 17.25 -73.26 -66.51
C LYS CA 3 16.55 -71.91 -66.41
N ILE CA 4 15.73 -71.74 -65.38
CA ILE CA 4 15.01 -70.50 -65.14
C ILE CA 4 14.86 -70.31 -63.64
N ARG CA 5 14.74 -69.06 -63.22
CA ARG CA 5 14.49 -68.69 -61.83
C ARG CA 5 13.14 -67.98 -61.77
N THR CA 6 12.15 -68.64 -61.18
CA THR CA 6 10.83 -68.05 -60.99
C THR CA 6 10.71 -67.29 -59.69
N SER CA 7 11.73 -67.35 -58.84
CA SER CA 7 11.64 -66.71 -57.54
C SER CA 7 12.67 -65.60 -57.43
N PRO CA 8 12.29 -64.45 -56.85
CA PRO CA 8 13.25 -63.37 -56.63
C PRO CA 8 14.20 -63.61 -55.48
N THR CA 9 14.07 -64.74 -54.79
CA THR CA 9 14.87 -65.06 -53.62
C THR CA 9 15.76 -66.25 -53.92
N PHE CA 10 17.02 -66.17 -53.50
CA PHE CA 10 17.94 -67.28 -53.60
C PHE CA 10 17.95 -68.05 -52.28
N ARG CA 11 17.61 -69.33 -52.34
CA ARG CA 11 17.68 -70.18 -51.17
C ARG CA 11 19.01 -70.94 -51.16
N ARG CA 12 19.45 -71.31 -49.98
CA ARG CA 12 20.61 -72.18 -49.87
C ARG CA 12 20.27 -73.53 -50.48
N PRO CA 13 21.00 -73.97 -51.50
CA PRO CA 13 20.71 -75.28 -52.09
C PRO CA 13 20.93 -76.40 -51.09
N LYS CA 14 20.05 -77.37 -51.14
CA LYS CA 14 20.10 -78.50 -50.23
C LYS CA 14 21.20 -79.46 -50.69
N THR CA 15 22.11 -79.81 -49.78
CA THR CA 15 23.20 -80.71 -50.10
C THR CA 15 23.13 -81.95 -49.22
N LEU CA 16 23.54 -83.08 -49.77
CA LEU CA 16 23.45 -84.35 -49.06
C LEU CA 16 24.39 -84.36 -47.85
N ARG CA 17 23.90 -84.95 -46.76
CA ARG CA 17 24.59 -84.99 -45.48
C ARG CA 17 24.88 -86.44 -45.14
N LEU CA 18 26.13 -86.73 -44.79
CA LEU CA 18 26.50 -88.09 -44.45
C LEU CA 18 26.20 -88.40 -42.99
N ARG CA 19 25.92 -89.66 -42.73
CA ARG CA 19 25.85 -90.14 -41.36
C ARG CA 19 27.26 -90.26 -40.79
N ARG CA 20 27.37 -90.06 -39.48
CA ARG CA 20 28.64 -90.23 -38.81
C ARG CA 20 29.14 -91.66 -38.96
N GLN CA 21 30.42 -91.80 -39.29
CA GLN CA 21 31.04 -93.11 -39.52
C GLN CA 21 32.28 -93.19 -38.65
N PRO CA 22 32.11 -93.31 -37.35
CA PRO CA 22 33.24 -93.13 -36.43
C PRO CA 22 34.28 -94.23 -36.59
N LYS CA 23 35.53 -93.81 -36.74
CA LYS CA 23 36.63 -94.74 -36.88
C LYS CA 23 36.94 -95.48 -35.58
N TYR CA 24 36.34 -95.06 -34.48
CA TYR CA 24 36.55 -95.67 -33.18
C TYR CA 24 35.40 -95.25 -32.30
N PRO CA 25 34.78 -96.16 -31.54
CA PRO CA 25 33.76 -95.75 -30.59
C PRO CA 25 34.39 -94.94 -29.47
N ARG CA 26 33.72 -93.85 -29.10
CA ARG CA 26 34.31 -92.94 -28.14
C ARG CA 26 34.40 -93.56 -26.75
N LYS CA 27 33.41 -94.34 -26.35
CA LYS CA 27 33.47 -95.10 -25.11
C LYS CA 27 33.68 -96.55 -25.45
N SER CA 28 34.50 -97.24 -24.64
CA SER CA 28 34.87 -98.61 -24.93
C SER CA 28 33.66 -99.53 -24.88
N ALA CA 29 32.81 -99.40 -23.86
CA ALA CA 29 31.67 -100.28 -23.70
C ALA CA 29 30.46 -99.47 -23.30
N PRO CA 30 29.26 -99.92 -23.67
CA PRO CA 30 28.05 -99.26 -23.16
C PRO CA 30 27.95 -99.41 -21.65
N ARG CA 31 27.58 -98.33 -21.00
CA ARG CA 31 27.40 -98.35 -19.56
C ARG CA 31 26.20 -99.23 -19.20
N ARG CA 32 26.39 -100.15 -18.27
CA ARG CA 32 25.30 -101.04 -17.92
C ARG CA 32 24.22 -100.25 -17.20
N ASN CA 33 23.00 -100.78 -17.26
CA ASN CA 33 21.86 -100.10 -16.66
C ASN CA 33 22.00 -100.10 -15.15
N LYS CA 34 22.41 -98.95 -14.59
CA LYS CA 34 22.41 -98.82 -13.14
C LYS CA 34 21.00 -98.79 -12.58
N LEU CA 35 20.00 -98.58 -13.43
CA LEU CA 35 18.61 -98.63 -13.01
C LEU CA 35 17.98 -99.97 -13.38
N ASP CA 36 18.48 -101.03 -12.77
CA ASP CA 36 17.92 -102.36 -12.99
C ASP CA 36 16.77 -102.59 -12.00
N HIS CA 37 16.15 -103.76 -12.09
CA HIS CA 37 14.95 -104.01 -11.30
C HIS CA 37 15.26 -104.13 -9.81
N TYR CA 38 16.44 -104.64 -9.45
CA TYR CA 38 16.80 -104.69 -8.05
C TYR CA 38 17.07 -103.31 -7.49
N ALA CA 39 17.58 -102.39 -8.31
CA ALA CA 39 17.75 -101.02 -7.83
C ALA CA 39 16.43 -100.26 -7.82
N ILE CA 40 15.48 -100.65 -8.68
CA ILE CA 40 14.21 -99.93 -8.76
C ILE CA 40 13.45 -100.05 -7.45
N ILE CA 41 13.34 -101.27 -6.92
CA ILE CA 41 12.59 -101.53 -5.71
C ILE CA 41 13.59 -101.52 -4.55
N LYS CA 42 13.38 -100.62 -3.60
CA LYS CA 42 14.28 -100.59 -2.45
C LYS CA 42 13.84 -101.60 -1.40
N PHE CA 43 12.63 -101.44 -0.86
CA PHE CA 43 12.13 -102.36 0.15
C PHE CA 43 10.63 -102.14 0.31
N PRO CA 44 9.87 -103.20 0.55
CA PRO CA 44 8.44 -103.04 0.80
C PRO CA 44 8.18 -102.37 2.14
N LEU CA 45 7.05 -101.68 2.21
CA LEU CA 45 6.68 -100.97 3.41
C LEU CA 45 5.63 -101.75 4.19
N THR CA 46 5.78 -101.78 5.51
CA THR CA 46 4.95 -102.61 6.37
C THR CA 46 4.29 -101.82 7.49
N THR CA 47 3.88 -100.59 7.23
CA THR CA 47 3.17 -99.83 8.25
C THR CA 47 1.72 -100.27 8.31
N GLU CA 48 0.96 -99.61 9.18
CA GLU CA 48 -0.45 -99.93 9.34
C GLU CA 48 -1.23 -99.61 8.09
N SER CA 49 -0.93 -98.48 7.45
CA SER CA 49 -1.59 -98.13 6.20
C SER CA 49 -1.24 -99.15 5.12
N ALA CA 50 0.01 -99.59 5.08
CA ALA CA 50 0.41 -100.59 4.10
C ALA CA 50 -0.33 -101.90 4.31
N MET CA 51 -0.42 -102.35 5.56
CA MET CA 51 -1.15 -103.59 5.84
C MET CA 51 -2.62 -103.45 5.50
N LYS CA 52 -3.21 -102.29 5.80
CA LYS CA 52 -4.61 -102.06 5.46
C LYS CA 52 -4.81 -102.13 3.95
N LYS CA 53 -3.88 -101.53 3.20
CA LYS CA 53 -3.95 -101.59 1.74
C LYS CA 53 -3.82 -103.02 1.24
N ILE CA 54 -2.92 -103.79 1.85
CA ILE CA 54 -2.69 -105.16 1.40
C ILE CA 54 -3.93 -106.01 1.61
N GLU CA 55 -4.47 -105.98 2.82
CA GLU CA 55 -5.59 -106.86 3.13
C GLU CA 55 -6.92 -106.31 2.65
N ASP CA 56 -6.96 -105.07 2.18
CA ASP CA 56 -8.22 -104.47 1.79
C ASP CA 56 -8.34 -104.27 0.29
N ASN CA 57 -7.41 -103.53 -0.31
CA ASN CA 57 -7.48 -103.19 -1.72
C ASN CA 57 -6.67 -104.13 -2.59
N ASN CA 58 -6.12 -105.20 -2.02
CA ASN CA 58 -5.25 -106.13 -2.73
C ASN CA 58 -4.06 -105.40 -3.36
N THR CA 59 -3.54 -104.40 -2.65
CA THR CA 59 -2.55 -103.49 -3.19
C THR CA 59 -1.31 -103.50 -2.32
N LEU CA 60 -0.16 -103.70 -2.93
CA LEU CA 60 1.11 -103.71 -2.22
C LEU CA 60 1.70 -102.31 -2.17
N VAL CA 61 2.53 -102.08 -1.15
CA VAL CA 61 3.19 -100.79 -0.94
C VAL CA 61 4.68 -101.01 -0.98
N PHE CA 62 5.37 -100.29 -1.86
CA PHE CA 62 6.81 -100.40 -2.01
C PHE CA 62 7.46 -99.03 -1.89
N ILE CA 63 8.71 -99.04 -1.47
CA ILE CA 63 9.55 -97.86 -1.51
C ILE CA 63 10.54 -98.06 -2.64
N VAL CA 64 10.52 -97.14 -3.60
CA VAL CA 64 11.24 -97.32 -4.85
C VAL CA 64 12.16 -96.12 -5.05
N ASP CA 65 13.09 -96.27 -5.98
CA ASP CA 65 13.97 -95.17 -6.33
C ASP CA 65 13.17 -94.05 -6.98
N VAL CA 66 13.62 -92.81 -6.75
CA VAL CA 66 12.92 -91.67 -7.29
C VAL CA 66 13.02 -91.60 -8.81
N LYS CA 67 14.06 -92.18 -9.40
CA LYS CA 67 14.25 -92.10 -10.84
C LYS CA 67 13.37 -93.07 -11.62
N ALA CA 68 12.55 -93.87 -10.94
CA ALA CA 68 11.73 -94.87 -11.61
C ALA CA 68 10.33 -94.32 -11.87
N ASN CA 69 9.83 -94.58 -13.06
CA ASN CA 69 8.47 -94.20 -13.40
C ASN CA 69 7.53 -95.38 -13.16
N LYS CA 70 6.29 -95.22 -13.62
CA LYS CA 70 5.30 -96.26 -13.43
C LYS CA 70 5.65 -97.52 -14.21
N HIS CA 71 6.08 -97.37 -15.46
CA HIS CA 71 6.35 -98.53 -16.28
C HIS CA 71 7.50 -99.35 -15.72
N GLN CA 72 8.56 -98.69 -15.29
CA GLN CA 72 9.71 -99.41 -14.77
C GLN CA 72 9.36 -100.16 -13.49
N ILE CA 73 8.60 -99.54 -12.59
CA ILE CA 73 8.18 -100.21 -11.36
C ILE CA 73 7.31 -101.41 -11.69
N LYS CA 74 6.38 -101.23 -12.62
CA LYS CA 74 5.48 -102.31 -13.01
C LYS CA 74 6.27 -103.49 -13.56
N GLN CA 75 7.24 -103.21 -14.44
CA GLN CA 75 8.05 -104.28 -15.00
C GLN CA 75 8.90 -104.95 -13.94
N ALA CA 76 9.47 -104.18 -13.01
CA ALA CA 76 10.31 -104.75 -11.98
C ALA CA 76 9.52 -105.69 -11.08
N VAL CA 77 8.33 -105.27 -10.66
CA VAL CA 77 7.50 -106.13 -9.83
C VAL CA 77 7.12 -107.37 -10.61
N LYS CA 78 6.68 -107.19 -11.86
CA LYS CA 78 6.29 -108.32 -12.71
C LYS CA 78 7.43 -109.32 -12.84
N LYS CA 79 8.66 -108.83 -12.93
CA LYS CA 79 9.79 -109.74 -13.10
C LYS CA 79 10.12 -110.46 -11.80
N LEU CA 80 10.54 -109.71 -10.79
CA LEU CA 80 11.11 -110.33 -9.61
C LEU CA 80 10.07 -110.84 -8.63
N TYR CA 81 8.79 -110.75 -8.96
CA TYR CA 81 7.77 -111.43 -8.17
C TYR CA 81 6.89 -112.37 -8.97
N ASP CA 82 7.08 -112.45 -10.29
CA ASP CA 82 6.36 -113.40 -11.14
C ASP CA 82 4.85 -113.25 -11.01
N ILE CA 83 4.39 -112.00 -10.87
CA ILE CA 83 2.98 -111.71 -10.73
C ILE CA 83 2.64 -110.55 -11.65
N ASP CA 84 1.37 -110.43 -11.99
CA ASP CA 84 0.88 -109.34 -12.82
C ASP CA 84 0.09 -108.35 -11.97
N VAL CA 85 0.11 -107.08 -12.39
CA VAL CA 85 -0.44 -105.99 -11.61
C VAL CA 85 -1.58 -105.36 -12.40
N ALA CA 86 -2.41 -104.58 -11.71
CA ALA CA 86 -3.45 -103.83 -12.40
C ALA CA 86 -2.96 -102.44 -12.79
N LYS CA 87 -2.61 -101.62 -11.80
CA LYS CA 87 -2.16 -100.25 -12.06
C LYS CA 87 -1.27 -99.82 -10.90
N VAL CA 88 -0.60 -98.70 -11.09
CA VAL CA 88 0.38 -98.20 -10.13
C VAL CA 88 0.05 -96.75 -9.79
N ASN CA 89 -0.04 -96.47 -8.50
CA ASN CA 89 -0.10 -95.10 -8.01
C ASN CA 89 1.25 -94.70 -7.46
N THR CA 90 1.64 -93.46 -7.71
CA THR CA 90 2.96 -92.99 -7.34
C THR CA 90 2.85 -91.64 -6.65
N LEU CA 91 3.55 -91.49 -5.52
CA LEU CA 91 3.75 -90.21 -4.88
C LEU CA 91 5.19 -90.15 -4.39
N ILE CA 92 5.55 -89.02 -3.79
CA ILE CA 92 6.86 -88.85 -3.18
C ILE CA 92 6.65 -88.47 -1.73
N ARG CA 93 7.24 -89.26 -0.82
CA ARG CA 93 7.16 -88.93 0.58
C ARG CA 93 7.95 -87.66 0.86
N PRO CA 94 7.52 -86.88 1.85
CA PRO CA 94 8.24 -85.64 2.17
C PRO CA 94 9.63 -85.87 2.71
N ASP CA 95 10.00 -87.12 2.98
CA ASP CA 95 11.37 -87.46 3.35
C ASP CA 95 12.27 -87.65 2.14
N GLY CA 96 11.73 -87.54 0.94
CA GLY CA 96 12.51 -87.69 -0.28
C GLY CA 96 12.35 -89.01 -0.98
N GLU CA 97 11.64 -89.96 -0.39
CA GLU CA 97 11.51 -91.27 -1.01
C GLU CA 97 10.23 -91.36 -1.83
N LYS CA 98 10.24 -92.26 -2.80
CA LYS CA 98 9.09 -92.49 -3.66
C LYS CA 98 8.34 -93.72 -3.18
N LYS CA 99 7.07 -93.54 -2.84
CA LYS CA 99 6.21 -94.62 -2.36
C LYS CA 99 5.24 -94.99 -3.47
N ALA CA 100 5.11 -96.28 -3.73
CA ALA CA 100 4.29 -96.77 -4.83
C ALA CA 100 3.20 -97.68 -4.30
N TYR CA 101 1.96 -97.36 -4.61
CA TYR CA 101 0.84 -98.26 -4.41
C TYR CA 101 0.69 -99.11 -5.66
N VAL CA 102 0.98 -100.39 -5.53
CA VAL CA 102 0.93 -101.32 -6.66
C VAL CA 102 -0.27 -102.24 -6.45
N ARG CA 103 -1.23 -102.15 -7.36
CA ARG CA 103 -2.44 -102.95 -7.25
C ARG CA 103 -2.33 -104.16 -8.16
N LEU CA 104 -2.41 -105.35 -7.56
CA LEU CA 104 -2.23 -106.58 -8.30
C LEU CA 104 -3.43 -106.84 -9.20
N ALA CA 105 -3.24 -107.75 -10.15
CA ALA CA 105 -4.33 -108.19 -10.98
C ALA CA 105 -5.38 -108.90 -10.13
N PRO CA 106 -6.65 -108.84 -10.52
CA PRO CA 106 -7.72 -109.43 -9.68
C PRO CA 106 -7.57 -110.91 -9.45
N ASP CA 107 -6.90 -111.65 -10.34
CA ASP CA 107 -6.69 -113.06 -10.09
C ASP CA 107 -5.65 -113.33 -9.02
N TYR CA 108 -4.79 -112.36 -8.71
CA TYR CA 108 -3.77 -112.51 -7.69
C TYR CA 108 -4.25 -111.93 -6.38
N ASP CA 109 -4.08 -112.69 -5.30
CA ASP CA 109 -4.31 -112.20 -3.95
C ASP CA 109 -3.08 -111.45 -3.49
N ALA CA 110 -3.27 -110.33 -2.80
CA ALA CA 110 -2.12 -109.62 -2.25
C ALA CA 110 -1.63 -110.28 -0.98
N LEU CA 111 -2.54 -110.84 -0.17
CA LEU CA 111 -2.16 -111.28 1.16
C LEU CA 111 -1.14 -112.41 1.09
N ASP CA 112 -1.45 -113.45 0.33
CA ASP CA 112 -0.52 -114.56 0.17
C ASP CA 112 0.77 -114.16 -0.54
N VAL CA 113 0.71 -113.19 -1.46
CA VAL CA 113 1.92 -112.70 -2.07
C VAL CA 113 2.82 -112.06 -1.02
N ALA CA 114 2.24 -111.24 -0.16
CA ALA CA 114 3.00 -110.66 0.94
C ALA CA 114 3.53 -111.73 1.88
N ASN CA 115 2.78 -112.83 2.02
CA ASN CA 115 3.26 -113.94 2.84
C ASN CA 115 4.52 -114.55 2.25
N LYS CA 116 4.48 -114.90 0.96
CA LYS CA 116 5.66 -115.53 0.38
C LYS CA 116 6.81 -114.54 0.22
N ILE CA 117 6.51 -113.24 0.16
CA ILE CA 117 7.57 -112.25 0.24
C ILE CA 117 8.20 -112.24 1.62
N GLY CA 118 7.37 -112.35 2.66
CA GLY CA 118 7.89 -112.37 4.01
C GLY CA 118 7.78 -111.03 4.70
N ILE CA 119 6.63 -110.38 4.56
CA ILE CA 119 6.40 -109.08 5.17
C ILE CA 119 5.12 -109.11 6.00
N ILE CA 120 4.62 -110.32 6.27
CA ILE CA 120 3.40 -110.46 7.04
C ILE CA 120 3.66 -109.99 8.48
N MET DA 1 73.35 -86.90 18.99
CA MET DA 1 71.90 -86.71 18.97
C MET DA 1 71.33 -86.95 17.59
N LYS DA 2 70.07 -86.60 17.43
CA LYS DA 2 69.39 -86.75 16.15
C LYS DA 2 69.97 -85.81 15.11
N PHE DA 3 70.39 -86.36 13.96
CA PHE DA 3 70.93 -85.57 12.88
C PHE DA 3 70.08 -85.53 11.64
N ASN DA 4 69.24 -86.52 11.42
CA ASN DA 4 68.44 -86.56 10.18
C ASN DA 4 67.48 -85.39 10.17
N PRO DA 5 67.60 -84.47 9.21
CA PRO DA 5 66.73 -83.29 9.19
C PRO DA 5 65.30 -83.58 8.74
N PHE DA 6 64.98 -84.82 8.39
CA PHE DA 6 63.65 -85.15 7.92
C PHE DA 6 62.80 -85.87 8.95
N VAL DA 7 63.35 -86.15 10.13
CA VAL DA 7 62.55 -86.59 11.27
C VAL DA 7 62.61 -85.50 12.32
N THR DA 8 61.45 -85.00 12.69
CA THR DA 8 61.35 -83.79 13.48
C THR DA 8 61.79 -84.04 14.92
N SER DA 9 62.14 -82.96 15.59
CA SER DA 9 62.33 -82.98 17.04
C SER DA 9 61.23 -82.23 17.75
N ASP DA 10 60.20 -81.81 17.02
CA ASP DA 10 59.12 -81.03 17.62
C ASP DA 10 58.33 -81.87 18.60
N ARG DA 11 58.08 -81.29 19.78
CA ARG DA 11 57.22 -81.96 20.76
C ARG DA 11 55.80 -82.11 20.23
N SER DA 12 55.24 -81.03 19.69
CA SER DA 12 53.87 -81.09 19.20
C SER DA 12 53.73 -82.04 18.03
N LYS DA 13 54.72 -82.06 17.13
CA LYS DA 13 54.64 -82.96 15.99
C LYS DA 13 54.67 -84.41 16.43
N ASN DA 14 55.56 -84.75 17.39
CA ASN DA 14 55.59 -86.10 17.91
C ASN DA 14 54.27 -86.46 18.58
N ARG DA 15 53.71 -85.53 19.35
CA ARG DA 15 52.46 -85.81 20.04
C ARG DA 15 51.34 -86.06 19.04
N LYS DA 16 51.27 -85.22 17.98
CA LYS DA 16 50.25 -85.39 16.96
C LYS DA 16 50.39 -86.72 16.26
N ARG DA 17 51.62 -87.09 15.88
CA ARG DA 17 51.82 -88.38 15.23
C ARG DA 17 51.38 -89.52 16.13
N HIS DA 18 51.77 -89.47 17.39
CA HIS DA 18 51.50 -90.57 18.30
C HIS DA 18 50.02 -90.73 18.57
N PHE DA 19 49.31 -89.61 18.73
CA PHE DA 19 47.89 -89.72 19.02
C PHE DA 19 47.06 -90.08 17.80
N ASN DA 20 47.41 -89.56 16.62
CA ASN DA 20 46.63 -89.77 15.41
C ASN DA 20 47.14 -90.95 14.60
N ALA DA 21 48.00 -91.77 15.19
CA ALA DA 21 48.63 -92.85 14.44
C ALA DA 21 47.58 -93.88 14.03
N PRO DA 22 47.63 -94.36 12.79
CA PRO DA 22 46.73 -95.43 12.38
C PRO DA 22 47.09 -96.74 13.07
N SER DA 23 46.18 -97.71 12.95
CA SER DA 23 46.29 -98.94 13.72
C SER DA 23 47.54 -99.74 13.36
N HIS DA 24 47.85 -99.83 12.05
CA HIS DA 24 48.93 -100.72 11.63
C HIS DA 24 50.29 -100.27 12.12
N ILE DA 25 50.42 -99.05 12.61
CA ILE DA 25 51.62 -98.63 13.31
C ILE DA 25 51.40 -98.49 14.80
N ARG DA 26 50.16 -98.33 15.26
CA ARG DA 26 49.87 -98.47 16.68
C ARG DA 26 50.26 -99.85 17.18
N ARG DA 27 50.20 -100.84 16.30
CA ARG DA 27 50.74 -102.16 16.63
C ARG DA 27 52.21 -102.07 17.00
N LYS DA 28 53.00 -101.36 16.20
CA LYS DA 28 54.42 -101.21 16.52
C LYS DA 28 54.61 -100.41 17.80
N ILE DA 29 53.80 -99.37 17.98
CA ILE DA 29 53.93 -98.53 19.16
C ILE DA 29 53.64 -99.32 20.43
N MET DA 30 52.55 -100.07 20.43
CA MET DA 30 52.16 -100.85 21.60
C MET DA 30 52.99 -102.12 21.68
N SER DA 31 54.26 -101.94 22.03
CA SER DA 31 55.22 -103.04 22.06
C SER DA 31 55.73 -103.26 23.48
N SER DA 32 56.17 -104.48 23.74
CA SER DA 32 56.58 -104.85 25.08
C SER DA 32 57.89 -105.62 25.06
N PRO DA 33 58.70 -105.50 26.11
CA PRO DA 33 59.92 -106.29 26.20
C PRO DA 33 59.64 -107.74 26.53
N LEU DA 34 60.60 -108.59 26.20
CA LEU DA 34 60.52 -110.01 26.54
C LEU DA 34 61.24 -110.27 27.85
N SER DA 35 60.95 -111.43 28.45
CA SER DA 35 61.63 -111.80 29.67
C SER DA 35 63.05 -112.22 29.37
N LYS DA 36 63.80 -112.47 30.45
CA LYS DA 36 65.21 -112.85 30.30
C LYS DA 36 65.35 -114.18 29.57
N GLU DA 37 64.47 -115.13 29.87
CA GLU DA 37 64.53 -116.43 29.20
C GLU DA 37 64.29 -116.29 27.71
N LEU DA 38 63.33 -115.45 27.33
CA LEU DA 38 63.02 -115.26 25.92
C LEU DA 38 64.14 -114.51 25.21
N ARG DA 39 64.66 -113.46 25.86
CA ARG DA 39 65.76 -112.71 25.26
C ARG DA 39 67.01 -113.57 25.10
N GLN DA 40 67.23 -114.49 26.04
CA GLN DA 40 68.32 -115.45 25.86
C GLN DA 40 68.01 -116.41 24.73
N LYS DA 41 66.78 -116.91 24.66
CA LYS DA 41 66.44 -117.89 23.64
C LYS DA 41 66.37 -117.25 22.27
N TYR DA 42 65.72 -116.10 22.18
CA TYR DA 42 65.66 -115.33 20.94
C TYR DA 42 66.37 -114.01 21.15
N ASN DA 43 67.34 -113.71 20.28
CA ASN DA 43 68.18 -112.53 20.44
C ASN DA 43 67.41 -111.26 20.07
N VAL DA 44 66.29 -111.05 20.75
CA VAL DA 44 65.45 -109.88 20.57
C VAL DA 44 65.09 -109.33 21.93
N ARG DA 45 64.69 -108.07 21.95
CA ARG DA 45 64.37 -107.39 23.19
C ARG DA 45 62.88 -107.06 23.31
N SER DA 46 62.32 -106.33 22.36
CA SER DA 46 60.93 -105.92 22.42
C SER DA 46 60.12 -106.68 21.39
N MET DA 47 58.80 -106.60 21.53
CA MET DA 47 57.93 -107.35 20.65
C MET DA 47 56.59 -106.62 20.56
N PRO DA 48 56.01 -106.53 19.36
CA PRO DA 48 54.64 -106.04 19.26
C PRO DA 48 53.70 -106.96 20.03
N ILE DA 49 52.69 -106.38 20.66
CA ILE DA 49 51.81 -107.16 21.50
C ILE DA 49 50.84 -107.94 20.63
N ARG DA 50 50.34 -109.05 21.18
CA ARG DA 50 49.55 -110.01 20.42
C ARG DA 50 48.43 -110.53 21.30
N LYS DA 51 47.38 -111.04 20.67
CA LYS DA 51 46.13 -111.32 21.36
C LYS DA 51 46.31 -112.34 22.48
N ASP DA 52 47.08 -113.39 22.25
CA ASP DA 52 47.11 -114.52 23.17
C ASP DA 52 48.51 -114.85 23.63
N ASP DA 53 49.25 -113.85 24.09
CA ASP DA 53 50.51 -114.09 24.76
C ASP DA 53 50.37 -113.85 26.25
N GLU DA 54 51.15 -114.57 27.04
CA GLU DA 54 51.10 -114.48 28.49
C GLU DA 54 52.19 -113.56 28.98
N VAL DA 55 51.79 -112.52 29.72
CA VAL DA 55 52.69 -111.50 30.21
C VAL DA 55 52.49 -111.35 31.71
N GLN DA 56 53.31 -110.49 32.30
CA GLN DA 56 53.13 -110.09 33.68
C GLN DA 56 53.43 -108.60 33.81
N VAL DA 57 52.84 -107.98 34.83
CA VAL DA 57 52.89 -106.53 34.99
C VAL DA 57 54.00 -106.16 35.95
N VAL DA 58 54.90 -105.29 35.50
CA VAL DA 58 56.07 -104.91 36.30
C VAL DA 58 55.92 -103.56 36.97
N ARG DA 59 54.79 -102.89 36.80
CA ARG DA 59 54.58 -101.58 37.39
C ARG DA 59 53.13 -101.46 37.83
N GLY DA 60 52.81 -100.32 38.41
CA GLY DA 60 51.42 -100.01 38.71
C GLY DA 60 50.88 -100.80 39.87
N HIS DA 61 49.56 -100.72 40.02
CA HIS DA 61 48.88 -101.35 41.15
C HIS DA 61 49.05 -102.85 41.18
N TYR DA 62 49.13 -103.50 40.03
CA TYR DA 62 49.05 -104.95 39.94
C TYR DA 62 50.41 -105.60 39.70
N LYS DA 63 51.46 -105.10 40.35
CA LYS DA 63 52.76 -105.76 40.27
C LYS DA 63 52.67 -107.16 40.83
N GLY DA 64 53.43 -108.07 40.25
CA GLY DA 64 53.47 -109.43 40.75
C GLY DA 64 54.00 -110.38 39.72
N GLN DA 65 54.25 -111.60 40.16
CA GLN DA 65 54.80 -112.65 39.32
C GLN DA 65 53.74 -113.56 38.72
N GLN DA 66 52.46 -113.29 38.96
CA GLN DA 66 51.42 -114.09 38.36
C GLN DA 66 51.46 -113.91 36.85
N ILE DA 67 51.14 -114.98 36.12
CA ILE DA 67 51.22 -114.97 34.67
C ILE DA 67 49.80 -114.99 34.12
N GLY DA 68 49.42 -113.92 33.45
CA GLY DA 68 48.10 -113.79 32.87
C GLY DA 68 48.18 -113.71 31.36
N LYS DA 69 47.17 -114.25 30.70
CA LYS DA 69 47.09 -114.16 29.25
C LYS DA 69 46.35 -112.89 28.86
N VAL DA 70 46.88 -112.21 27.84
CA VAL DA 70 46.20 -111.03 27.30
C VAL DA 70 44.85 -111.44 26.74
N VAL DA 71 43.83 -110.65 27.04
CA VAL DA 71 42.47 -110.98 26.61
C VAL DA 71 41.89 -109.95 25.65
N GLN DA 72 42.47 -108.76 25.53
CA GLN DA 72 41.99 -107.82 24.53
C GLN DA 72 43.03 -106.73 24.24
N VAL DA 73 43.35 -106.56 22.97
CA VAL DA 73 44.28 -105.53 22.53
C VAL DA 73 43.41 -104.36 22.07
N TYR DA 74 43.22 -103.39 22.95
CA TYR DA 74 42.35 -102.25 22.63
C TYR DA 74 43.25 -101.13 22.12
N ARG DA 75 43.57 -101.20 20.83
CA ARG DA 75 44.54 -100.28 20.25
C ARG DA 75 44.06 -98.85 20.19
N LYS DA 76 42.74 -98.63 20.19
CA LYS DA 76 42.23 -97.27 20.09
C LYS DA 76 42.65 -96.43 21.27
N LYS DA 77 42.60 -96.99 22.48
CA LYS DA 77 42.96 -96.27 23.68
C LYS DA 77 44.35 -96.62 24.19
N TYR DA 78 45.16 -97.29 23.37
CA TYR DA 78 46.55 -97.58 23.71
C TYR DA 78 46.66 -98.40 24.99
N VAL DA 79 45.68 -99.28 25.22
CA VAL DA 79 45.62 -100.05 26.45
C VAL DA 79 45.25 -101.49 26.12
N ILE DA 80 45.55 -102.40 27.05
CA ILE DA 80 45.26 -103.80 26.86
C ILE DA 80 44.65 -104.38 28.12
N TYR DA 81 43.99 -105.52 27.96
CA TYR DA 81 43.30 -106.22 29.04
C TYR DA 81 43.98 -107.58 29.26
N ILE DA 82 44.10 -107.98 30.52
CA ILE DA 82 44.67 -109.27 30.88
C ILE DA 82 43.63 -110.02 31.70
N GLU DA 83 43.86 -111.32 31.87
CA GLU DA 83 42.84 -112.23 32.37
C GLU DA 83 42.33 -111.82 33.75
N ARG DA 84 43.20 -111.78 34.74
CA ARG DA 84 42.76 -111.51 36.11
C ARG DA 84 42.88 -110.04 36.49
N VAL DA 85 43.33 -109.18 35.58
CA VAL DA 85 43.48 -107.75 35.88
C VAL DA 85 42.09 -107.15 35.75
N GLN DA 86 41.37 -107.13 36.87
CA GLN DA 86 40.00 -106.65 36.87
C GLN DA 86 39.67 -106.08 38.23
N ARG DA 87 38.64 -105.25 38.26
CA ARG DA 87 38.17 -104.65 39.50
C ARG DA 87 36.66 -104.70 39.52
N GLU DA 88 36.10 -104.74 40.73
CA GLU DA 88 34.66 -104.67 40.88
C GLU DA 88 34.19 -103.23 40.83
N LYS DA 89 33.17 -102.99 40.03
CA LYS DA 89 32.54 -101.69 39.98
C LYS DA 89 31.41 -101.66 41.01
N ALA DA 90 30.64 -100.57 41.02
CA ALA DA 90 29.64 -100.38 42.07
C ALA DA 90 28.59 -101.48 42.03
N ASN DA 91 28.09 -101.80 40.83
CA ASN DA 91 27.06 -102.81 40.66
C ASN DA 91 27.61 -104.24 40.76
N GLY DA 92 28.88 -104.41 41.13
CA GLY DA 92 29.40 -105.71 41.48
C GLY DA 92 29.83 -106.58 40.31
N THR DA 93 29.90 -106.04 39.10
CA THR DA 93 30.45 -106.80 37.98
C THR DA 93 31.93 -106.49 37.83
N THR DA 94 32.66 -107.46 37.29
CA THR DA 94 34.09 -107.30 37.06
C THR DA 94 34.31 -106.69 35.69
N VAL DA 95 35.22 -105.73 35.62
CA VAL DA 95 35.59 -105.08 34.37
C VAL DA 95 37.11 -105.14 34.22
N HIS DA 96 37.56 -105.40 32.99
CA HIS DA 96 38.98 -105.49 32.74
C HIS DA 96 39.62 -104.11 32.89
N VAL DA 97 40.86 -104.10 33.37
CA VAL DA 97 41.58 -102.87 33.61
C VAL DA 97 42.61 -102.70 32.52
N GLY DA 98 42.43 -101.67 31.68
CA GLY DA 98 43.37 -101.42 30.61
C GLY DA 98 44.66 -100.86 31.15
N ILE DA 99 45.77 -101.48 30.77
CA ILE DA 99 47.09 -101.00 31.18
C ILE DA 99 47.96 -100.87 29.94
N HIS DA 100 48.98 -100.03 30.04
CA HIS DA 100 49.81 -99.76 28.89
C HIS DA 100 50.76 -100.94 28.63
N PRO DA 101 50.90 -101.35 27.36
CA PRO DA 101 51.77 -102.50 27.06
C PRO DA 101 53.23 -102.24 27.34
N SER DA 102 53.65 -100.98 27.45
CA SER DA 102 55.05 -100.71 27.77
C SER DA 102 55.41 -101.17 29.17
N LYS DA 103 54.43 -101.41 30.02
CA LYS DA 103 54.68 -101.72 31.41
C LYS DA 103 54.53 -103.21 31.72
N VAL DA 104 54.43 -104.05 30.70
CA VAL DA 104 54.37 -105.49 30.91
C VAL DA 104 55.53 -106.13 30.15
N VAL DA 105 55.87 -107.33 30.59
CA VAL DA 105 56.95 -108.10 29.98
C VAL DA 105 56.38 -109.44 29.54
N ILE DA 106 56.68 -109.82 28.30
CA ILE DA 106 56.08 -111.01 27.72
C ILE DA 106 56.83 -112.23 28.20
N THR DA 107 56.09 -113.22 28.67
CA THR DA 107 56.67 -114.46 29.18
C THR DA 107 56.59 -115.61 28.19
N ARG DA 108 55.48 -115.74 27.47
CA ARG DA 108 55.31 -116.83 26.52
C ARG DA 108 54.59 -116.30 25.30
N LEU DA 109 55.30 -116.24 24.18
CA LEU DA 109 54.77 -115.65 22.96
C LEU DA 109 53.70 -116.52 22.34
N LYS DA 110 52.73 -115.88 21.72
CA LYS DA 110 51.84 -116.56 20.79
C LYS DA 110 52.53 -116.58 19.44
N LEU DA 111 52.86 -117.78 18.96
CA LEU DA 111 53.76 -117.95 17.83
C LEU DA 111 53.01 -118.51 16.63
N ASP DA 112 53.25 -117.91 15.46
CA ASP DA 112 52.85 -118.48 14.19
C ASP DA 112 54.00 -118.27 13.22
N LYS DA 113 53.76 -118.55 11.94
CA LYS DA 113 54.81 -118.30 10.95
C LYS DA 113 55.10 -116.81 10.85
N ASP DA 114 54.09 -115.97 11.05
CA ASP DA 114 54.33 -114.53 10.99
C ASP DA 114 55.22 -114.08 12.14
N ARG DA 115 54.86 -114.47 13.37
CA ARG DA 115 55.66 -114.08 14.53
C ARG DA 115 57.05 -114.66 14.44
N LYS DA 116 57.16 -115.93 14.03
CA LYS DA 116 58.48 -116.53 13.86
C LYS DA 116 59.30 -115.75 12.87
N LYS DA 117 58.77 -115.55 11.66
CA LYS DA 117 59.48 -114.83 10.62
C LYS DA 117 59.97 -113.48 11.11
N ILE DA 118 59.13 -112.75 11.85
CA ILE DA 118 59.56 -111.50 12.44
C ILE DA 118 60.70 -111.74 13.44
N LEU DA 119 60.64 -112.85 14.17
CA LEU DA 119 61.65 -113.08 15.20
C LEU DA 119 63.01 -113.33 14.58
N GLU DA 120 63.07 -114.19 13.54
CA GLU DA 120 64.37 -114.37 12.90
C GLU DA 120 64.79 -113.14 12.11
N ARG DA 121 63.84 -112.34 11.62
CA ARG DA 121 64.27 -111.09 10.98
C ARG DA 121 64.96 -110.18 11.98
N LYS DA 122 64.38 -110.02 13.16
CA LYS DA 122 64.98 -109.16 14.17
C LYS DA 122 66.29 -109.72 14.68
N ALA DA 123 66.34 -111.03 14.90
CA ALA DA 123 67.59 -111.64 15.37
C ALA DA 123 68.68 -111.50 14.31
N LYS DA 124 68.32 -111.66 13.04
CA LYS DA 124 69.26 -111.48 11.94
C LYS DA 124 69.83 -110.07 11.93
N SER DA 125 68.95 -109.07 12.05
CA SER DA 125 69.42 -107.69 12.03
C SER DA 125 70.33 -107.40 13.21
N ARG DA 126 69.97 -107.89 14.39
CA ARG DA 126 70.79 -107.63 15.56
C ARG DA 126 72.14 -108.34 15.44
N GLN DA 127 72.15 -109.55 14.89
CA GLN DA 127 73.41 -110.26 14.70
C GLN DA 127 74.30 -109.55 13.68
N VAL DA 128 73.72 -109.06 12.59
CA VAL DA 128 74.50 -108.33 11.60
C VAL DA 128 75.10 -107.07 12.21
N GLY DA 129 74.31 -106.35 13.00
CA GLY DA 129 74.83 -105.17 13.67
C GLY DA 129 75.96 -105.48 14.63
N LYS DA 130 75.80 -106.54 15.43
CA LYS DA 130 76.86 -106.93 16.36
C LYS DA 130 78.12 -107.34 15.62
N GLU DA 131 77.97 -107.99 14.47
CA GLU DA 131 79.15 -108.36 13.70
C GLU DA 131 79.80 -107.16 13.05
N LYS DA 132 79.01 -106.16 12.68
CA LYS DA 132 79.58 -104.91 12.17
C LYS DA 132 80.40 -104.20 13.24
N GLY DA 133 79.84 -104.09 14.45
CA GLY DA 133 80.47 -103.33 15.51
C GLY DA 133 81.45 -104.07 16.38
N LYS DA 134 81.78 -105.31 16.03
CA LYS DA 134 82.66 -106.13 16.87
C LYS DA 134 84.11 -105.67 16.82
N GLY EA 1 -43.52 -59.30 -71.66
CA GLY EA 1 -44.21 -60.58 -71.79
C GLY EA 1 -43.66 -61.62 -70.85
N LYS EA 2 -44.46 -62.64 -70.56
CA LYS EA 2 -44.02 -63.72 -69.70
C LYS EA 2 -42.85 -64.45 -70.35
N PHE EA 3 -41.75 -64.60 -69.61
CA PHE EA 3 -40.57 -65.23 -70.17
C PHE EA 3 -40.24 -66.57 -69.54
N MET EA 4 -40.82 -66.92 -68.40
CA MET EA 4 -40.56 -68.23 -67.82
C MET EA 4 -41.22 -69.27 -68.70
N LYS EA 5 -40.46 -69.79 -69.65
CA LYS EA 5 -40.96 -70.67 -70.69
C LYS EA 5 -40.12 -71.95 -70.70
N PRO EA 6 -40.71 -73.06 -71.14
CA PRO EA 6 -39.95 -74.31 -71.20
C PRO EA 6 -38.73 -74.17 -72.09
N GLY EA 7 -37.64 -74.80 -71.67
CA GLY EA 7 -36.39 -74.75 -72.39
C GLY EA 7 -35.48 -73.61 -72.00
N LYS EA 8 -35.98 -72.64 -71.24
CA LYS EA 8 -35.17 -71.50 -70.86
C LYS EA 8 -34.27 -71.83 -69.69
N VAL EA 9 -33.01 -71.44 -69.80
CA VAL EA 9 -32.01 -71.72 -68.77
C VAL EA 9 -32.23 -70.77 -67.60
N VAL EA 10 -32.26 -71.33 -66.38
CA VAL EA 10 -32.43 -70.55 -65.18
C VAL EA 10 -31.32 -70.91 -64.20
N LEU EA 11 -31.31 -70.22 -63.07
CA LEU EA 11 -30.29 -70.43 -62.05
C LEU EA 11 -30.96 -70.63 -60.70
N VAL EA 12 -30.44 -71.58 -59.94
CA VAL EA 12 -31.02 -71.91 -58.64
C VAL EA 12 -30.37 -71.05 -57.57
N LEU EA 13 -31.19 -70.37 -56.77
CA LEU EA 13 -30.71 -69.48 -55.73
C LEU EA 13 -30.71 -70.11 -54.34
N ALA EA 14 -31.67 -70.97 -54.03
CA ALA EA 14 -31.82 -71.51 -52.70
C ALA EA 14 -31.86 -73.03 -52.76
N GLY EA 15 -31.47 -73.66 -51.66
CA GLY EA 15 -31.54 -75.10 -51.55
C GLY EA 15 -30.21 -75.77 -51.78
N ARG EA 16 -30.25 -77.11 -51.73
CA ARG EA 16 -29.03 -77.90 -51.82
C ARG EA 16 -28.37 -77.75 -53.19
N TYR EA 17 -29.15 -77.46 -54.23
CA TYR EA 17 -28.60 -77.22 -55.55
C TYR EA 17 -28.41 -75.74 -55.84
N SER EA 18 -28.07 -74.97 -54.82
CA SER EA 18 -27.84 -73.54 -55.00
C SER EA 18 -26.63 -73.33 -55.90
N GLY EA 19 -26.70 -72.28 -56.71
CA GLY EA 19 -25.59 -71.99 -57.61
C GLY EA 19 -25.44 -72.95 -58.76
N ARG EA 20 -26.45 -73.77 -59.04
CA ARG EA 20 -26.36 -74.72 -60.13
C ARG EA 20 -27.19 -74.25 -61.31
N LYS EA 21 -26.63 -74.38 -62.50
CA LYS EA 21 -27.38 -74.08 -63.71
C LYS EA 21 -28.41 -75.16 -63.97
N ALA EA 22 -29.54 -74.76 -64.53
CA ALA EA 22 -30.62 -75.68 -64.81
C ALA EA 22 -31.50 -75.10 -65.90
N VAL EA 23 -32.45 -75.90 -66.36
CA VAL EA 23 -33.35 -75.51 -67.44
C VAL EA 23 -34.78 -75.75 -67.01
N ILE EA 24 -35.66 -74.82 -67.38
CA ILE EA 24 -37.07 -74.94 -67.06
C ILE EA 24 -37.65 -76.12 -67.82
N VAL EA 25 -38.42 -76.95 -67.11
CA VAL EA 25 -39.12 -78.06 -67.74
C VAL EA 25 -40.58 -77.73 -68.01
N LYS EA 26 -41.28 -77.22 -67.00
CA LYS EA 26 -42.70 -76.93 -67.15
C LYS EA 26 -43.08 -75.81 -66.18
N ASN EA 27 -43.38 -74.64 -66.73
CA ASN EA 27 -43.81 -73.52 -65.91
C ASN EA 27 -45.24 -73.73 -65.43
N ILE EA 28 -45.52 -73.28 -64.22
CA ILE EA 28 -46.84 -73.38 -63.62
C ILE EA 28 -47.43 -72.00 -63.34
N ASP EA 29 -46.67 -71.18 -62.62
CA ASP EA 29 -46.84 -69.72 -62.46
C ASP EA 29 -48.28 -69.29 -62.16
N ASP EA 30 -49.09 -70.16 -61.55
CA ASP EA 30 -50.41 -69.76 -61.10
C ASP EA 30 -50.82 -70.31 -59.75
N GLY EA 31 -50.10 -71.27 -59.18
CA GLY EA 31 -50.61 -71.86 -57.96
C GLY EA 31 -51.54 -73.03 -58.26
N THR EA 32 -51.31 -74.13 -57.54
CA THR EA 32 -52.08 -75.34 -57.77
C THR EA 32 -52.80 -75.80 -56.51
N SER EA 33 -53.10 -74.89 -55.60
CA SER EA 33 -53.80 -75.15 -54.34
C SER EA 33 -52.95 -76.01 -53.40
N ASP EA 34 -51.80 -76.47 -53.90
CA ASP EA 34 -50.76 -77.08 -53.08
C ASP EA 34 -49.51 -76.23 -53.03
N ARG EA 35 -49.19 -75.55 -54.13
CA ARG EA 35 -48.10 -74.60 -54.18
C ARG EA 35 -48.69 -73.31 -54.74
N PRO EA 36 -49.33 -72.51 -53.89
CA PRO EA 36 -50.01 -71.31 -54.38
C PRO EA 36 -49.08 -70.31 -55.06
N TYR EA 37 -47.80 -70.33 -54.75
CA TYR EA 37 -46.87 -69.43 -55.42
C TYR EA 37 -46.68 -69.86 -56.87
N SER EA 38 -45.94 -69.04 -57.59
CA SER EA 38 -45.60 -69.34 -58.97
C SER EA 38 -44.33 -70.18 -59.01
N HIS EA 39 -44.44 -71.40 -59.53
CA HIS EA 39 -43.33 -72.34 -59.51
C HIS EA 39 -43.17 -72.96 -60.88
N ALA EA 40 -42.17 -73.84 -61.00
CA ALA EA 40 -41.91 -74.53 -62.25
C ALA EA 40 -41.13 -75.81 -61.96
N LEU EA 41 -41.49 -76.88 -62.66
CA LEU EA 41 -40.70 -78.10 -62.58
C LEU EA 41 -39.40 -77.89 -63.32
N VAL EA 42 -38.29 -78.26 -62.70
CA VAL EA 42 -36.96 -77.95 -63.21
C VAL EA 42 -36.12 -79.21 -63.16
N ALA EA 43 -35.45 -79.53 -64.26
CA ALA EA 43 -34.44 -80.56 -64.31
C ALA EA 43 -33.09 -79.89 -64.47
N GLY EA 44 -32.15 -80.21 -63.60
CA GLY EA 44 -30.85 -79.59 -63.65
C GLY EA 44 -29.73 -80.58 -63.37
N ILE EA 45 -28.50 -80.10 -63.36
CA ILE EA 45 -27.33 -80.93 -63.15
C ILE EA 45 -26.74 -80.61 -61.80
N ASP EA 46 -26.30 -81.64 -61.08
CA ASP EA 46 -25.66 -81.38 -59.79
C ASP EA 46 -24.16 -81.26 -59.95
N ARG EA 47 -23.54 -82.19 -60.65
CA ARG EA 47 -22.09 -82.22 -60.82
C ARG EA 47 -21.75 -81.95 -62.28
N TYR EA 48 -20.95 -80.92 -62.52
CA TYR EA 48 -20.60 -80.55 -63.87
C TYR EA 48 -19.55 -81.51 -64.43
N PRO EA 49 -19.54 -81.70 -65.75
CA PRO EA 49 -18.45 -82.47 -66.36
C PRO EA 49 -17.13 -81.73 -66.18
N ARG EA 50 -16.07 -82.50 -65.96
CA ARG EA 50 -14.77 -81.89 -65.71
C ARG EA 50 -14.14 -81.39 -67.00
N LYS EA 51 -13.16 -80.51 -66.84
CA LYS EA 51 -12.44 -79.97 -67.99
C LYS EA 51 -11.62 -81.07 -68.64
N VAL EA 52 -11.59 -81.07 -69.99
CA VAL EA 52 -10.92 -82.11 -70.76
C VAL EA 52 -9.83 -81.47 -71.61
N THR EA 53 -8.73 -82.20 -71.81
CA THR EA 53 -7.60 -81.74 -72.59
C THR EA 53 -7.34 -82.70 -73.74
N ALA EA 54 -6.48 -82.27 -74.66
CA ALA EA 54 -6.09 -83.12 -75.78
C ALA EA 54 -5.34 -84.35 -75.30
N ALA EA 55 -4.47 -84.20 -74.31
CA ALA EA 55 -3.68 -85.32 -73.80
C ALA EA 55 -4.31 -85.88 -72.53
N MET EA 56 -5.43 -86.57 -72.71
CA MET EA 56 -6.10 -87.21 -71.58
C MET EA 56 -6.40 -88.68 -71.79
N GLY EA 57 -6.77 -89.09 -72.99
CA GLY EA 57 -7.07 -90.49 -73.19
C GLY EA 57 -8.56 -90.77 -73.22
N LYS EA 58 -8.95 -91.74 -74.04
CA LYS EA 58 -10.35 -91.97 -74.33
C LYS EA 58 -11.11 -92.39 -73.08
N LYS EA 59 -10.53 -93.31 -72.31
CA LYS EA 59 -11.16 -93.76 -71.07
C LYS EA 59 -11.26 -92.63 -70.06
N LYS EA 60 -10.18 -91.86 -69.90
CA LYS EA 60 -10.21 -90.74 -68.96
C LYS EA 60 -11.20 -89.68 -69.40
N ILE EA 61 -11.26 -89.41 -70.70
CA ILE EA 61 -12.21 -88.41 -71.21
C ILE EA 61 -13.64 -88.87 -70.98
N ALA EA 62 -13.91 -90.15 -71.22
CA ALA EA 62 -15.24 -90.69 -70.95
C ALA EA 62 -15.58 -90.59 -69.47
N LYS EA 63 -14.61 -90.90 -68.61
CA LYS EA 63 -14.86 -90.85 -67.17
C LYS EA 63 -15.17 -89.43 -66.72
N ARG EA 64 -14.41 -88.45 -67.21
CA ARG EA 64 -14.64 -87.07 -66.82
C ARG EA 64 -15.86 -86.47 -67.51
N SER EA 65 -16.44 -87.19 -68.46
CA SER EA 65 -17.61 -86.69 -69.19
C SER EA 65 -18.92 -87.04 -68.50
N LYS EA 66 -18.90 -87.83 -67.44
CA LYS EA 66 -20.13 -88.26 -66.80
C LYS EA 66 -20.75 -87.12 -66.01
N ILE EA 67 -22.08 -87.06 -66.01
CA ILE EA 67 -22.82 -85.93 -65.47
C ILE EA 67 -23.96 -86.42 -64.60
N LYS EA 68 -24.07 -85.87 -63.39
CA LYS EA 68 -25.12 -86.24 -62.45
C LYS EA 68 -26.16 -85.13 -62.39
N SER EA 69 -27.41 -85.48 -62.64
CA SER EA 69 -28.48 -84.52 -62.76
C SER EA 69 -29.38 -84.56 -61.54
N PHE EA 70 -30.46 -83.77 -61.59
CA PHE EA 70 -31.46 -83.75 -60.54
C PHE EA 70 -32.74 -83.16 -61.10
N VAL EA 71 -33.83 -83.34 -60.37
CA VAL EA 71 -35.11 -82.72 -60.68
C VAL EA 71 -35.70 -82.13 -59.40
N LYS EA 72 -36.27 -80.92 -59.52
CA LYS EA 72 -36.82 -80.20 -58.38
C LYS EA 72 -38.00 -79.35 -58.85
N VAL EA 73 -38.81 -78.93 -57.89
CA VAL EA 73 -39.86 -77.95 -58.13
C VAL EA 73 -39.54 -76.72 -57.30
N TYR EA 74 -39.20 -75.63 -57.96
CA TYR EA 74 -38.67 -74.45 -57.31
C TYR EA 74 -39.67 -73.31 -57.42
N ASN EA 75 -39.80 -72.55 -56.33
CA ASN EA 75 -40.54 -71.30 -56.40
C ASN EA 75 -39.82 -70.33 -57.32
N TYR EA 76 -40.60 -69.47 -57.99
CA TYR EA 76 -39.99 -68.51 -58.91
C TYR EA 76 -39.04 -67.58 -58.17
N ASN EA 77 -39.38 -67.23 -56.93
CA ASN EA 77 -38.52 -66.37 -56.12
C ASN EA 77 -37.18 -67.01 -55.82
N HIS EA 78 -37.05 -68.32 -56.00
CA HIS EA 78 -35.78 -69.00 -55.85
C HIS EA 78 -35.13 -69.31 -57.19
N LEU EA 79 -35.63 -68.73 -58.28
CA LEU EA 79 -35.12 -69.00 -59.61
C LEU EA 79 -34.59 -67.73 -60.25
N MET EA 80 -33.43 -67.83 -60.88
CA MET EA 80 -32.84 -66.70 -61.60
C MET EA 80 -32.90 -66.96 -63.10
N PRO EA 81 -33.76 -66.27 -63.83
CA PRO EA 81 -33.86 -66.53 -65.27
C PRO EA 81 -32.69 -65.95 -66.03
N THR EA 82 -32.40 -66.56 -67.17
CA THR EA 82 -31.36 -66.10 -68.08
C THR EA 82 -31.96 -65.90 -69.46
N ARG EA 83 -31.21 -65.21 -70.31
CA ARG EA 83 -31.59 -65.12 -71.71
C ARG EA 83 -31.31 -66.40 -72.49
N TYR EA 84 -30.50 -67.28 -71.93
CA TYR EA 84 -30.15 -68.51 -72.63
C TYR EA 84 -31.32 -69.48 -72.60
N SER EA 85 -31.32 -70.40 -73.56
CA SER EA 85 -32.36 -71.41 -73.64
C SER EA 85 -31.81 -72.62 -74.39
N VAL EA 86 -32.28 -73.81 -74.03
CA VAL EA 86 -31.86 -75.05 -74.67
C VAL EA 86 -33.10 -75.85 -75.03
N ASP EA 87 -33.08 -76.46 -76.21
CA ASP EA 87 -34.20 -77.26 -76.72
C ASP EA 87 -33.99 -78.75 -76.49
N ILE EA 88 -33.68 -79.17 -75.27
CA ILE EA 88 -33.41 -80.58 -75.04
C ILE EA 88 -34.72 -81.35 -74.95
N PRO EA 89 -34.90 -82.37 -75.77
CA PRO EA 89 -36.19 -83.07 -75.82
C PRO EA 89 -36.38 -84.05 -74.68
N LEU EA 90 -36.51 -83.50 -73.47
CA LEU EA 90 -36.82 -84.32 -72.31
C LEU EA 90 -38.23 -84.87 -72.40
N ASP EA 91 -38.38 -86.13 -71.99
CA ASP EA 91 -39.67 -86.78 -72.07
C ASP EA 91 -40.56 -86.28 -70.94
N LYS EA 92 -41.73 -85.73 -71.31
CA LYS EA 92 -42.63 -85.19 -70.30
C LYS EA 92 -43.31 -86.28 -69.50
N THR EA 93 -43.59 -87.43 -70.13
CA THR EA 93 -44.21 -88.53 -69.39
C THR EA 93 -43.25 -89.13 -68.38
N VAL EA 94 -41.94 -88.97 -68.60
CA VAL EA 94 -40.94 -89.37 -67.62
C VAL EA 94 -40.66 -88.26 -66.63
N VAL EA 95 -40.55 -87.03 -67.10
CA VAL EA 95 -40.32 -85.87 -66.25
C VAL EA 95 -41.66 -85.18 -66.07
N ASN EA 96 -42.38 -85.58 -65.03
CA ASN EA 96 -43.68 -85.00 -64.72
C ASN EA 96 -43.74 -84.58 -63.26
N LYS EA 97 -44.73 -83.75 -62.91
CA LYS EA 97 -44.72 -83.15 -61.58
C LYS EA 97 -44.95 -84.17 -60.47
N ASP EA 98 -45.79 -85.17 -60.71
CA ASP EA 98 -46.13 -86.12 -59.66
C ASP EA 98 -45.06 -87.18 -59.46
N VAL EA 99 -43.87 -87.01 -60.04
CA VAL EA 99 -42.80 -87.98 -59.87
C VAL EA 99 -42.22 -87.97 -58.47
N PHE EA 100 -42.41 -86.88 -57.73
CA PHE EA 100 -41.75 -86.67 -56.45
C PHE EA 100 -42.32 -87.54 -55.35
N ARG EA 101 -43.45 -88.22 -55.60
CA ARG EA 101 -44.01 -89.14 -54.63
C ARG EA 101 -43.39 -90.54 -54.71
N ASP EA 102 -42.60 -90.82 -55.75
CA ASP EA 102 -42.04 -92.15 -55.89
C ASP EA 102 -40.54 -92.06 -56.19
N PRO EA 103 -39.68 -92.53 -55.29
CA PRO EA 103 -38.23 -92.46 -55.54
C PRO EA 103 -37.81 -93.25 -56.76
N ALA EA 104 -38.50 -94.34 -57.10
CA ALA EA 104 -38.10 -95.13 -58.25
C ALA EA 104 -38.25 -94.34 -59.54
N LEU EA 105 -39.43 -93.75 -59.75
CA LEU EA 105 -39.62 -92.92 -60.92
C LEU EA 105 -38.78 -91.66 -60.85
N LYS EA 106 -38.48 -91.17 -59.64
CA LYS EA 106 -37.55 -90.05 -59.54
C LYS EA 106 -36.19 -90.45 -60.08
N ARG EA 107 -35.73 -91.65 -59.72
CA ARG EA 107 -34.46 -92.14 -60.25
C ARG EA 107 -34.53 -92.32 -61.76
N LYS EA 108 -35.66 -92.80 -62.26
CA LYS EA 108 -35.80 -92.99 -63.70
C LYS EA 108 -35.77 -91.66 -64.43
N ALA EA 109 -36.46 -90.65 -63.89
CA ALA EA 109 -36.44 -89.33 -64.50
C ALA EA 109 -35.04 -88.72 -64.42
N ARG EA 110 -34.34 -88.93 -63.32
CA ARG EA 110 -32.98 -88.41 -63.22
C ARG EA 110 -32.06 -89.09 -64.22
N ARG EA 111 -32.26 -90.40 -64.43
CA ARG EA 111 -31.51 -91.10 -65.47
C ARG EA 111 -31.82 -90.51 -66.84
N GLU EA 112 -33.09 -90.19 -67.09
CA GLU EA 112 -33.50 -89.53 -68.33
C GLU EA 112 -32.75 -88.22 -68.53
N ALA EA 113 -32.78 -87.37 -67.52
CA ALA EA 113 -32.11 -86.08 -67.62
C ALA EA 113 -30.62 -86.27 -67.81
N LYS EA 114 -30.03 -87.24 -67.12
CA LYS EA 114 -28.60 -87.46 -67.22
C LYS EA 114 -28.20 -87.91 -68.61
N VAL EA 115 -28.94 -88.86 -69.19
CA VAL EA 115 -28.56 -89.34 -70.51
C VAL EA 115 -28.76 -88.24 -71.55
N LYS EA 116 -29.83 -87.47 -71.43
CA LYS EA 116 -30.06 -86.39 -72.38
C LYS EA 116 -28.98 -85.31 -72.25
N PHE EA 117 -28.61 -84.97 -71.01
CA PHE EA 117 -27.62 -83.92 -70.80
C PHE EA 117 -26.24 -84.36 -71.24
N GLU EA 118 -25.91 -85.64 -71.04
CA GLU EA 118 -24.62 -86.13 -71.49
C GLU EA 118 -24.54 -86.18 -73.01
N GLU EA 119 -25.61 -86.64 -73.67
CA GLU EA 119 -25.56 -86.70 -75.12
C GLU EA 119 -25.56 -85.30 -75.74
N ARG EA 120 -26.25 -84.34 -75.12
CA ARG EA 120 -26.14 -82.97 -75.59
C ARG EA 120 -24.79 -82.36 -75.23
N TYR EA 121 -24.17 -82.84 -74.15
CA TYR EA 121 -22.85 -82.33 -73.78
C TYR EA 121 -21.83 -82.74 -74.82
N LYS EA 122 -22.03 -83.89 -75.43
CA LYS EA 122 -21.25 -84.24 -76.62
C LYS EA 122 -21.63 -83.29 -77.75
N THR EA 123 -20.76 -83.21 -78.75
CA THR EA 123 -20.82 -82.28 -79.88
C THR EA 123 -20.63 -80.83 -79.46
N GLY EA 124 -20.42 -80.58 -78.18
CA GLY EA 124 -19.98 -79.27 -77.73
C GLY EA 124 -20.91 -78.12 -78.02
N LYS EA 125 -22.21 -78.31 -77.85
CA LYS EA 125 -23.16 -77.21 -77.93
C LYS EA 125 -23.56 -76.79 -76.52
N ASN EA 126 -24.12 -75.58 -76.43
CA ASN EA 126 -24.57 -75.01 -75.16
C ASN EA 126 -23.43 -74.98 -74.16
N LYS EA 127 -22.24 -74.64 -74.65
CA LYS EA 127 -21.02 -74.77 -73.86
C LYS EA 127 -21.10 -73.96 -72.58
N TRP EA 128 -21.76 -72.81 -72.62
CA TRP EA 128 -22.00 -72.06 -71.40
C TRP EA 128 -22.84 -72.84 -70.42
N PHE EA 129 -23.90 -73.50 -70.90
CA PHE EA 129 -24.80 -74.18 -69.97
C PHE EA 129 -24.08 -75.28 -69.22
N PHE EA 130 -23.09 -75.91 -69.85
CA PHE EA 130 -22.37 -77.00 -69.22
C PHE EA 130 -21.19 -76.52 -68.39
N GLN EA 131 -20.88 -75.23 -68.42
CA GLN EA 131 -19.82 -74.69 -67.58
C GLN EA 131 -20.35 -74.40 -66.19
N LYS EA 132 -19.53 -74.68 -65.19
CA LYS EA 132 -19.90 -74.34 -63.82
C LYS EA 132 -19.76 -72.84 -63.61
N LEU EA 133 -20.80 -72.22 -63.10
CA LEU EA 133 -20.74 -70.81 -62.79
C LEU EA 133 -19.72 -70.55 -61.70
N ARG EA 134 -18.89 -69.54 -61.90
CA ARG EA 134 -17.85 -69.20 -60.97
C ARG EA 134 -18.33 -68.03 -60.12
N PHE EA 135 -18.42 -68.24 -58.82
CA PHE EA 135 -18.81 -67.18 -57.91
C PHE EA 135 -18.18 -67.40 -56.54
N PRO FA 1 67.79 -51.88 22.81
CA PRO FA 1 67.35 -52.17 24.18
C PRO FA 1 66.28 -51.21 24.66
N SER FA 2 65.04 -51.71 24.70
CA SER FA 2 63.93 -50.89 25.17
C SER FA 2 64.00 -50.59 26.66
N ARG FA 3 64.67 -51.44 27.43
CA ARG FA 3 64.68 -51.30 28.88
C ARG FA 3 65.52 -50.13 29.37
N LEU FA 4 66.22 -49.44 28.47
CA LEU FA 4 67.03 -48.30 28.84
C LEU FA 4 66.50 -46.99 28.29
N ARG FA 5 65.21 -46.93 27.96
CA ARG FA 5 64.66 -45.79 27.25
C ARG FA 5 63.76 -44.97 28.15
N LYS FA 6 63.47 -43.75 27.69
CA LYS FA 6 62.65 -42.82 28.47
C LYS FA 6 61.23 -43.33 28.65
N THR FA 7 60.73 -44.13 27.71
CA THR FA 7 59.36 -44.62 27.79
C THR FA 7 59.14 -45.44 29.04
N ARG FA 8 60.13 -46.24 29.44
CA ARG FA 8 60.04 -46.97 30.69
C ARG FA 8 60.01 -46.04 31.90
N LYS FA 9 60.47 -44.80 31.74
CA LYS FA 9 60.48 -43.86 32.85
C LYS FA 9 59.29 -42.91 32.86
N LEU FA 10 58.53 -42.83 31.78
CA LEU FA 10 57.40 -41.91 31.75
C LEU FA 10 56.07 -42.60 32.01
N ARG FA 11 56.08 -43.87 32.35
CA ARG FA 11 54.86 -44.54 32.76
C ARG FA 11 54.32 -43.91 34.03
N GLY FA 12 53.03 -43.59 34.04
CA GLY FA 12 52.42 -42.90 35.14
C GLY FA 12 52.37 -41.39 34.98
N HIS FA 13 53.08 -40.85 34.01
CA HIS FA 13 53.01 -39.43 33.67
C HIS FA 13 52.17 -39.28 32.41
N VAL FA 14 51.00 -38.65 32.54
CA VAL FA 14 49.96 -38.76 31.53
C VAL FA 14 50.41 -38.13 30.22
N SER FA 15 51.23 -37.09 30.29
CA SER FA 15 51.58 -36.34 29.10
C SER FA 15 52.73 -36.95 28.32
N HIS FA 16 53.41 -37.95 28.88
CA HIS FA 16 54.46 -38.66 28.17
C HIS FA 16 55.54 -37.73 27.64
N GLY FA 17 55.88 -36.72 28.42
CA GLY FA 17 56.94 -35.82 28.01
C GLY FA 17 56.59 -34.91 26.86
N HIS FA 18 55.32 -34.83 26.49
CA HIS FA 18 54.88 -33.94 25.43
C HIS FA 18 54.05 -32.78 25.96
N GLY FA 19 53.90 -32.66 27.26
CA GLY FA 19 53.22 -31.48 27.78
C GLY FA 19 51.72 -31.63 27.81
N ARG FA 20 51.09 -30.89 28.72
CA ARG FA 20 49.65 -30.89 28.82
C ARG FA 20 48.98 -29.90 27.89
N ILE FA 21 49.58 -28.73 27.69
CA ILE FA 21 48.90 -27.66 26.96
C ILE FA 21 49.04 -27.90 25.47
N GLY FA 22 50.28 -27.91 24.97
CA GLY FA 22 50.47 -28.11 23.54
C GLY FA 22 50.15 -29.50 23.06
N LYS FA 23 50.26 -30.49 23.94
CA LYS FA 23 49.98 -31.90 23.61
C LYS FA 23 50.84 -32.40 22.46
N HIS FA 24 50.53 -33.60 21.98
CA HIS FA 24 51.30 -34.24 20.92
C HIS FA 24 50.33 -34.59 19.79
N ARG FA 25 50.09 -33.64 18.90
CA ARG FA 25 49.14 -33.84 17.82
C ARG FA 25 49.89 -34.38 16.60
N LYS FA 26 49.12 -34.67 15.55
CA LYS FA 26 49.62 -35.42 14.41
C LYS FA 26 50.75 -34.71 13.68
N HIS FA 27 50.47 -33.54 13.12
CA HIS FA 27 51.44 -32.83 12.29
C HIS FA 27 51.20 -31.35 12.38
N PRO FA 28 51.57 -30.72 13.49
CA PRO FA 28 51.41 -29.27 13.60
C PRO FA 28 52.46 -28.55 12.74
N GLY FA 29 51.99 -27.64 11.90
CA GLY FA 29 52.87 -26.87 11.07
C GLY FA 29 53.07 -27.42 9.67
N GLY FA 30 52.74 -28.69 9.45
CA GLY FA 30 52.90 -29.31 8.16
C GLY FA 30 53.68 -30.61 8.25
N ARG FA 31 53.86 -31.23 7.08
CA ARG FA 31 54.54 -32.50 6.95
C ARG FA 31 55.81 -32.32 6.13
N GLY FA 32 56.87 -33.02 6.52
CA GLY FA 32 58.12 -32.94 5.79
C GLY FA 32 58.68 -31.53 5.84
N ASN FA 33 59.16 -31.06 4.70
CA ASN FA 33 59.69 -29.70 4.60
C ASN FA 33 58.60 -28.72 4.19
N ALA FA 34 57.52 -28.70 4.96
CA ALA FA 34 56.37 -27.88 4.64
C ALA FA 34 56.63 -26.41 4.95
N GLY FA 35 56.21 -25.54 4.05
CA GLY FA 35 56.25 -24.11 4.27
C GLY FA 35 57.63 -23.56 4.51
N GLY FA 36 58.62 -24.00 3.74
CA GLY FA 36 59.96 -23.48 3.91
C GLY FA 36 60.12 -22.03 3.52
N LEU FA 37 59.10 -21.43 2.91
CA LEU FA 37 59.18 -20.05 2.49
C LEU FA 37 58.16 -19.15 3.15
N HIS FA 38 57.21 -19.70 3.89
CA HIS FA 38 56.15 -18.91 4.48
C HIS FA 38 56.19 -18.91 6.01
N HIS FA 39 56.22 -20.06 6.66
CA HIS FA 39 56.29 -20.09 8.10
C HIS FA 39 57.53 -20.80 8.64
N HIS FA 40 58.20 -21.61 7.83
CA HIS FA 40 59.53 -22.09 8.19
C HIS FA 40 60.62 -21.28 7.49
N ARG FA 41 60.28 -20.09 7.01
CA ARG FA 41 61.26 -19.28 6.29
C ARG FA 41 62.43 -18.89 7.19
N ILE FA 42 62.16 -18.55 8.44
CA ILE FA 42 63.20 -18.10 9.34
C ILE FA 42 64.24 -19.19 9.55
N ASN FA 43 63.78 -20.40 9.88
CA ASN FA 43 64.71 -21.48 10.15
C ASN FA 43 65.52 -21.85 8.92
N PHE FA 44 64.86 -21.91 7.77
CA PHE FA 44 65.55 -22.27 6.54
C PHE FA 44 66.62 -21.26 6.18
N ASP FA 45 66.30 -19.97 6.23
CA ASP FA 45 67.30 -18.97 5.91
C ASP FA 45 68.40 -18.92 6.96
N LYS FA 46 68.05 -19.18 8.22
CA LYS FA 46 69.05 -19.13 9.27
C LYS FA 46 70.06 -20.26 9.13
N TYR FA 47 69.59 -21.47 8.83
CA TYR FA 47 70.47 -22.62 8.86
C TYR FA 47 70.82 -23.18 7.49
N HIS FA 48 70.09 -22.81 6.44
CA HIS FA 48 70.35 -23.32 5.09
C HIS FA 48 70.24 -22.18 4.08
N PRO FA 49 71.25 -21.33 4.02
CA PRO FA 49 71.29 -20.31 2.96
C PRO FA 49 71.44 -20.95 1.59
N GLY FA 50 70.88 -20.28 0.59
CA GLY FA 50 71.04 -20.72 -0.78
C GLY FA 50 70.12 -21.85 -1.20
N TYR FA 51 69.18 -22.24 -0.35
CA TYR FA 51 68.38 -23.43 -0.62
C TYR FA 51 67.49 -23.25 -1.83
N PHE FA 52 66.90 -22.08 -2.00
CA PHE FA 52 65.89 -21.85 -3.03
C PHE FA 52 66.49 -21.20 -4.26
N GLY FA 53 66.16 -21.75 -5.44
CA GLY FA 53 66.49 -21.14 -6.70
C GLY FA 53 67.47 -21.97 -7.51
N LYS FA 54 67.79 -21.46 -8.70
CA LYS FA 54 68.78 -22.05 -9.58
C LYS FA 54 69.95 -21.10 -9.78
N VAL FA 55 71.15 -21.64 -9.84
CA VAL FA 55 72.36 -20.89 -10.19
C VAL FA 55 73.22 -21.75 -11.09
N GLY FA 56 73.64 -21.19 -12.22
CA GLY FA 56 74.63 -21.84 -13.06
C GLY FA 56 74.01 -22.69 -14.14
N MET FA 57 74.89 -23.25 -14.95
CA MET FA 57 74.50 -24.09 -16.08
C MET FA 57 74.14 -25.47 -15.59
N LYS FA 58 73.16 -26.09 -16.23
CA LYS FA 58 72.90 -27.50 -16.02
C LYS FA 58 73.50 -28.33 -17.14
N HIS FA 59 73.75 -29.60 -16.86
CA HIS FA 59 74.37 -30.50 -17.83
C HIS FA 59 73.69 -31.86 -17.76
N TYR FA 60 73.07 -32.27 -18.86
CA TYR FA 60 72.44 -33.58 -18.92
C TYR FA 60 73.49 -34.67 -19.14
N HIS FA 61 73.15 -35.88 -18.68
CA HIS FA 61 73.95 -37.08 -18.92
C HIS FA 61 75.39 -36.90 -18.43
N LEU FA 62 75.52 -36.36 -17.23
CA LEU FA 62 76.84 -36.21 -16.63
C LEU FA 62 77.44 -37.58 -16.37
N LYS FA 63 78.65 -37.80 -16.88
CA LYS FA 63 79.37 -39.05 -16.66
C LYS FA 63 80.53 -38.76 -15.73
N ARG FA 64 80.51 -39.41 -14.57
CA ARG FA 64 81.51 -39.12 -13.55
C ARG FA 64 82.87 -39.65 -13.95
N ASN FA 65 82.91 -40.61 -14.87
CA ASN FA 65 84.18 -41.23 -15.25
C ASN FA 65 85.11 -40.24 -15.95
N GLN FA 66 84.57 -39.39 -16.82
CA GLN FA 66 85.41 -38.41 -17.51
C GLN FA 66 86.08 -37.47 -16.51
N SER FA 67 85.33 -37.03 -15.52
CA SER FA 67 85.82 -36.10 -14.52
C SER FA 67 86.67 -36.76 -13.45
N PHE FA 68 86.83 -38.07 -13.49
CA PHE FA 68 87.61 -38.77 -12.49
C PHE FA 68 89.07 -38.36 -12.61
N CYS FA 69 89.60 -37.77 -11.55
CA CYS FA 69 90.98 -37.29 -11.58
C CYS FA 69 91.50 -37.19 -10.15
N PRO FA 70 91.98 -38.29 -9.57
CA PRO FA 70 92.46 -38.24 -8.19
C PRO FA 70 93.69 -37.36 -8.07
N THR FA 71 93.80 -36.70 -6.92
CA THR FA 71 94.86 -35.76 -6.66
C THR FA 71 95.67 -36.22 -5.46
N VAL FA 72 96.96 -35.91 -5.49
CA VAL FA 72 97.88 -36.26 -4.42
C VAL FA 72 98.75 -35.04 -4.14
N ASN FA 73 99.02 -34.80 -2.86
CA ASN FA 73 99.86 -33.69 -2.46
C ASN FA 73 101.32 -34.12 -2.41
N LEU FA 74 102.20 -33.13 -2.30
CA LEU FA 74 103.62 -33.43 -2.38
C LEU FA 74 104.14 -34.10 -1.12
N ASP FA 75 103.53 -33.83 0.03
CA ASP FA 75 104.01 -34.45 1.26
C ASP FA 75 103.83 -35.97 1.24
N LYS FA 76 102.67 -36.46 0.81
CA LYS FA 76 102.39 -37.88 0.78
C LYS FA 76 103.09 -38.59 -0.36
N LEU FA 77 103.84 -37.85 -1.19
CA LEU FA 77 104.36 -38.41 -2.42
C LEU FA 77 105.33 -39.56 -2.17
N TRP FA 78 106.24 -39.38 -1.21
CA TRP FA 78 107.21 -40.44 -0.95
C TRP FA 78 106.60 -41.64 -0.28
N THR FA 79 105.42 -41.52 0.30
CA THR FA 79 104.76 -42.65 0.93
C THR FA 79 104.33 -43.70 -0.07
N LEU FA 80 104.17 -43.32 -1.33
CA LEU FA 80 103.68 -44.24 -2.35
C LEU FA 80 104.65 -45.38 -2.61
N VAL FA 81 105.95 -45.16 -2.46
CA VAL FA 81 106.94 -46.20 -2.74
C VAL FA 81 107.47 -46.73 -1.42
N SER FA 82 108.18 -47.85 -1.48
CA SER FA 82 108.70 -48.49 -0.29
C SER FA 82 109.77 -47.65 0.37
N GLU FA 83 109.98 -47.88 1.67
CA GLU FA 83 111.07 -47.21 2.37
C GLU FA 83 112.42 -47.59 1.80
N GLN FA 84 112.55 -48.82 1.31
CA GLN FA 84 113.81 -49.25 0.73
C GLN FA 84 114.19 -48.38 -0.46
N THR FA 85 113.20 -48.02 -1.29
CA THR FA 85 113.45 -47.13 -2.41
C THR FA 85 114.03 -45.80 -1.95
N ARG FA 86 113.37 -45.17 -0.97
CA ARG FA 86 113.78 -43.83 -0.58
C ARG FA 86 115.13 -43.85 0.12
N VAL FA 87 115.38 -44.84 0.97
CA VAL FA 87 116.66 -44.88 1.65
C VAL FA 87 117.78 -45.19 0.66
N ASN FA 88 117.51 -46.04 -0.34
CA ASN FA 88 118.50 -46.30 -1.37
C ASN FA 88 118.82 -45.04 -2.16
N ALA FA 89 117.78 -44.26 -2.48
CA ALA FA 89 118.01 -43.00 -3.18
C ALA FA 89 118.81 -42.04 -2.32
N ALA FA 90 118.50 -41.99 -1.02
CA ALA FA 90 119.20 -41.06 -0.13
C ALA FA 90 120.67 -41.40 -0.01
N LYS FA 91 121.01 -42.69 0.08
CA LYS FA 91 122.39 -43.08 0.26
C LYS FA 91 123.08 -43.39 -1.06
N ASN FA 92 122.42 -43.18 -2.19
CA ASN FA 92 123.08 -43.39 -3.48
C ASN FA 92 124.22 -42.40 -3.67
N LYS FA 93 125.37 -42.91 -4.08
CA LYS FA 93 126.50 -42.05 -4.36
C LYS FA 93 126.31 -41.35 -5.69
N THR FA 94 125.78 -42.07 -6.67
CA THR FA 94 125.58 -41.50 -8.00
C THR FA 94 124.42 -40.51 -7.98
N GLY FA 95 124.27 -39.80 -9.10
CA GLY FA 95 123.21 -38.82 -9.20
C GLY FA 95 121.90 -39.43 -9.65
N ALA FA 96 121.85 -40.76 -9.63
CA ALA FA 96 120.65 -41.46 -10.07
C ALA FA 96 119.47 -41.16 -9.16
N ALA FA 97 118.31 -40.94 -9.75
CA ALA FA 97 117.11 -40.67 -8.99
C ALA FA 97 116.03 -41.68 -9.33
N PRO FA 98 115.22 -42.09 -8.35
CA PRO FA 98 114.16 -43.06 -8.64
C PRO FA 98 113.02 -42.43 -9.42
N ILE FA 99 112.08 -43.28 -9.81
CA ILE FA 99 110.93 -42.85 -10.59
C ILE FA 99 109.68 -43.20 -9.81
N ILE FA 100 108.75 -42.23 -9.72
CA ILE FA 100 107.49 -42.40 -9.01
C ILE FA 100 106.38 -42.33 -10.04
N ASP FA 101 105.56 -43.38 -10.09
CA ASP FA 101 104.41 -43.42 -10.99
C ASP FA 101 103.15 -43.33 -10.14
N VAL FA 102 102.58 -42.12 -10.07
CA VAL FA 102 101.34 -41.95 -9.33
C VAL FA 102 100.17 -42.63 -10.05
N VAL FA 103 100.26 -42.80 -11.37
CA VAL FA 103 99.18 -43.45 -12.09
C VAL FA 103 99.12 -44.93 -11.73
N ARG FA 104 100.27 -45.58 -11.60
CA ARG FA 104 100.30 -46.91 -11.03
C ARG FA 104 99.74 -46.89 -9.62
N SER FA 105 100.09 -45.88 -8.84
CA SER FA 105 99.57 -45.74 -7.50
C SER FA 105 98.13 -45.23 -7.47
N GLY FA 106 97.59 -44.81 -8.61
CA GLY FA 106 96.22 -44.39 -8.67
C GLY FA 106 95.98 -42.90 -8.52
N TYR FA 107 96.85 -42.06 -9.06
CA TYR FA 107 96.65 -40.62 -9.05
C TYR FA 107 96.99 -40.06 -10.43
N TYR FA 108 96.29 -39.00 -10.81
CA TYR FA 108 96.50 -38.41 -12.12
C TYR FA 108 97.15 -37.04 -12.02
N LYS FA 109 96.70 -36.21 -11.11
CA LYS FA 109 97.18 -34.85 -10.96
C LYS FA 109 97.95 -34.73 -9.65
N VAL FA 110 99.03 -33.97 -9.67
CA VAL FA 110 99.88 -33.78 -8.51
C VAL FA 110 99.66 -32.36 -7.98
N LEU FA 111 99.36 -32.27 -6.70
CA LEU FA 111 99.16 -30.98 -6.04
C LEU FA 111 100.34 -30.65 -5.15
N GLY FA 112 100.60 -29.35 -5.00
CA GLY FA 112 101.86 -28.91 -4.45
C GLY FA 112 101.90 -28.58 -2.98
N LYS FA 113 100.98 -29.13 -2.20
CA LYS FA 113 100.98 -28.87 -0.77
C LYS FA 113 102.17 -29.55 -0.09
N GLY FA 114 102.87 -28.80 0.74
CA GLY FA 114 103.94 -29.35 1.56
C GLY FA 114 105.33 -28.99 1.06
N LYS FA 115 106.31 -29.74 1.56
CA LYS FA 115 107.68 -29.64 1.08
C LYS FA 115 108.27 -31.04 0.99
N LEU FA 116 109.31 -31.16 0.21
CA LEU FA 116 109.90 -32.43 -0.17
C LEU FA 116 111.29 -32.59 0.43
N PRO FA 117 111.72 -33.83 0.67
CA PRO FA 117 113.11 -34.05 1.05
C PRO FA 117 114.06 -33.62 -0.06
N LYS FA 118 115.21 -33.08 0.35
CA LYS FA 118 116.18 -32.53 -0.59
C LYS FA 118 116.89 -33.66 -1.32
N GLN FA 119 116.19 -34.22 -2.32
CA GLN FA 119 116.81 -35.17 -3.23
C GLN FA 119 116.01 -35.20 -4.50
N PRO FA 120 116.66 -35.28 -5.66
CA PRO FA 120 115.91 -35.35 -6.92
C PRO FA 120 115.21 -36.68 -7.09
N VAL FA 121 114.11 -36.64 -7.83
CA VAL FA 121 113.30 -37.83 -8.10
C VAL FA 121 112.41 -37.51 -9.30
N ILE FA 122 112.18 -38.51 -10.13
CA ILE FA 122 111.37 -38.34 -11.33
C ILE FA 122 109.95 -38.77 -11.04
N VAL FA 123 108.99 -37.93 -11.42
CA VAL FA 123 107.57 -38.18 -11.15
C VAL FA 123 106.86 -38.33 -12.48
N LYS FA 124 106.11 -39.42 -12.62
CA LYS FA 124 105.28 -39.67 -13.78
C LYS FA 124 103.83 -39.38 -13.39
N ALA FA 125 103.17 -38.49 -14.12
CA ALA FA 125 101.81 -38.11 -13.76
C ALA FA 125 101.05 -37.67 -14.99
N LYS FA 126 99.72 -37.64 -14.86
CA LYS FA 126 98.89 -37.09 -15.92
C LYS FA 126 98.91 -35.57 -15.89
N PHE FA 127 98.88 -34.98 -14.69
CA PHE FA 127 98.83 -33.53 -14.56
C PHE FA 127 99.69 -33.09 -13.38
N PHE FA 128 100.19 -31.85 -13.48
CA PHE FA 128 100.98 -31.24 -12.42
C PHE FA 128 100.48 -29.83 -12.16
N SER FA 129 100.35 -29.48 -10.90
CA SER FA 129 100.15 -28.07 -10.58
C SER FA 129 101.48 -27.34 -10.70
N ARG FA 130 101.41 -26.06 -11.02
CA ARG FA 130 102.61 -25.27 -11.28
C ARG FA 130 103.55 -25.28 -10.09
N ARG FA 131 103.01 -25.07 -8.90
CA ARG FA 131 103.86 -25.01 -7.72
C ARG FA 131 104.46 -26.36 -7.39
N ALA FA 132 103.75 -27.45 -7.69
CA ALA FA 132 104.32 -28.77 -7.50
C ALA FA 132 105.51 -29.00 -8.41
N GLU FA 133 105.38 -28.61 -9.68
CA GLU FA 133 106.49 -28.69 -10.60
C GLU FA 133 107.66 -27.84 -10.11
N GLU FA 134 107.35 -26.65 -9.61
CA GLU FA 134 108.37 -25.76 -9.11
C GLU FA 134 109.11 -26.37 -7.93
N LYS FA 135 108.38 -27.01 -7.01
CA LYS FA 135 109.01 -27.65 -5.87
C LYS FA 135 109.84 -28.85 -6.30
N ILE FA 136 109.36 -29.63 -7.26
CA ILE FA 136 110.12 -30.78 -7.73
C ILE FA 136 111.43 -30.32 -8.36
N LYS FA 137 111.36 -29.25 -9.16
CA LYS FA 137 112.58 -28.69 -9.72
C LYS FA 137 113.48 -28.13 -8.63
N SER FA 138 112.89 -27.67 -7.51
CA SER FA 138 113.68 -27.08 -6.44
C SER FA 138 114.62 -28.10 -5.83
N VAL FA 139 114.15 -29.34 -5.66
CA VAL FA 139 114.99 -30.40 -5.16
C VAL FA 139 115.68 -31.07 -6.33
N GLY FA 140 115.58 -30.45 -7.50
CA GLY FA 140 116.27 -30.97 -8.67
C GLY FA 140 115.62 -32.18 -9.30
N GLY FA 141 114.40 -32.51 -8.89
CA GLY FA 141 113.67 -33.62 -9.49
C GLY FA 141 113.19 -33.28 -10.88
N ALA FA 142 112.70 -34.30 -11.57
CA ALA FA 142 112.26 -34.15 -12.95
C ALA FA 142 110.77 -34.45 -13.05
N CYS FA 143 110.06 -33.59 -13.79
CA CYS FA 143 108.64 -33.74 -14.02
C CYS FA 143 108.42 -34.25 -15.43
N VAL FA 144 107.77 -35.41 -15.57
CA VAL FA 144 107.42 -35.95 -16.87
C VAL FA 144 105.95 -36.33 -16.86
N LEU FA 145 105.35 -36.34 -18.05
CA LEU FA 145 103.93 -36.59 -18.19
C LEU FA 145 103.69 -37.99 -18.73
N VAL FA 146 102.53 -38.53 -18.38
CA VAL FA 146 102.02 -39.78 -18.95
C VAL FA 146 100.57 -39.57 -19.34
N ALA FA 147 100.09 -40.45 -20.21
CA ALA FA 147 98.70 -40.41 -20.63
C ALA FA 147 97.97 -41.64 -20.12
N ALA GA 1 38.29 -14.77 21.27
CA ALA GA 1 38.61 -13.92 20.12
C ALA GA 1 39.83 -13.07 20.42
N LYS GA 2 39.60 -11.89 20.99
CA LYS GA 2 40.72 -11.00 21.29
C LYS GA 2 41.56 -11.57 22.42
N SER GA 3 42.78 -11.08 22.51
CA SER GA 3 43.77 -11.62 23.43
C SER GA 3 44.69 -10.49 23.88
N LYS GA 4 45.63 -10.82 24.76
CA LYS GA 4 46.63 -9.85 25.15
C LYS GA 4 47.52 -9.52 23.97
N ASN GA 5 47.92 -8.26 23.88
CA ASN GA 5 48.56 -7.71 22.69
C ASN GA 5 50.08 -7.64 22.84
N HIS GA 6 50.57 -7.03 23.91
CA HIS GA 6 51.99 -6.93 24.15
C HIS GA 6 52.23 -6.63 25.63
N THR GA 7 53.29 -7.21 26.17
CA THR GA 7 53.79 -6.78 27.47
C THR GA 7 55.23 -7.21 27.62
N THR GA 8 55.93 -6.57 28.56
CA THR GA 8 57.30 -6.91 28.91
C THR GA 8 57.39 -7.41 30.34
N HIS GA 9 56.28 -7.82 30.93
CA HIS GA 9 56.31 -8.32 32.29
C HIS GA 9 57.13 -9.60 32.36
N ASN GA 10 57.92 -9.72 33.43
CA ASN GA 10 58.74 -10.89 33.72
C ASN GA 10 59.86 -11.04 32.69
N GLN GA 11 59.97 -10.09 31.77
CA GLN GA 11 61.14 -10.08 30.87
C GLN GA 11 62.40 -9.74 31.64
N SER GA 12 62.31 -8.85 32.63
CA SER GA 12 63.48 -8.52 33.41
C SER GA 12 64.01 -9.74 34.15
N ARG GA 13 63.11 -10.51 34.76
CA ARG GA 13 63.53 -11.71 35.48
C ARG GA 13 64.11 -12.75 34.54
N LYS GA 14 63.51 -12.91 33.36
CA LYS GA 14 64.04 -13.83 32.37
C LYS GA 14 65.44 -13.40 31.93
N TRP GA 15 65.65 -12.10 31.76
CA TRP GA 15 66.98 -11.60 31.42
C TRP GA 15 67.98 -11.91 32.52
N HIS GA 16 67.59 -11.70 33.76
CA HIS GA 16 68.54 -11.78 34.85
C HIS GA 16 68.81 -13.20 35.33
N ARG GA 17 67.97 -14.17 34.96
CA ARG GA 17 68.22 -15.54 35.45
C ARG GA 17 69.57 -16.05 35.00
N ASN GA 18 69.96 -15.77 33.76
CA ASN GA 18 71.31 -16.06 33.32
C ASN GA 18 72.25 -14.89 33.51
N GLY GA 19 71.74 -13.76 33.99
CA GLY GA 19 72.58 -12.60 34.20
C GLY GA 19 72.87 -11.84 32.93
N ILE GA 20 72.83 -10.52 33.01
CA ILE GA 20 73.07 -9.66 31.86
C ILE GA 20 74.59 -9.51 31.78
N LYS GA 21 75.19 -10.22 30.82
CA LYS GA 21 76.63 -10.33 30.78
C LYS GA 21 77.22 -9.30 29.81
N LYS GA 22 78.17 -8.51 30.30
CA LYS GA 22 78.86 -7.57 29.43
C LYS GA 22 79.76 -8.33 28.45
N PRO GA 23 80.02 -7.76 27.27
CA PRO GA 23 80.89 -8.43 26.31
C PRO GA 23 82.29 -8.59 26.88
N ARG GA 24 82.95 -9.68 26.47
CA ARG GA 24 84.26 -10.05 27.00
C ARG GA 24 85.31 -9.04 26.55
N SER GA 25 85.73 -8.19 27.47
CA SER GA 25 86.80 -7.24 27.20
C SER GA 25 88.11 -8.00 27.04
N GLN GA 26 88.59 -8.11 25.81
CA GLN GA 26 89.79 -8.88 25.54
C GLN GA 26 90.77 -8.00 24.80
N ARG GA 27 92.06 -8.22 25.05
CA ARG GA 27 93.09 -7.43 24.41
C ARG GA 27 93.08 -7.65 22.90
N TYR GA 28 93.68 -6.69 22.19
CA TYR GA 28 93.92 -6.77 20.74
C TYR GA 28 92.60 -6.88 19.97
N GLU GA 29 91.83 -5.80 20.03
CA GLU GA 29 90.55 -5.71 19.33
C GLU GA 29 90.75 -5.96 17.84
N SER GA 30 89.69 -6.42 17.20
CA SER GA 30 89.74 -6.66 15.77
C SER GA 30 89.92 -5.36 15.02
N LEU GA 31 90.65 -5.43 13.91
CA LEU GA 31 90.87 -4.29 13.04
C LEU GA 31 89.82 -4.19 11.94
N LYS GA 32 88.67 -4.83 12.15
CA LYS GA 32 87.60 -4.79 11.17
C LYS GA 32 86.96 -3.41 11.13
N GLY GA 33 86.69 -2.92 9.93
CA GLY GA 33 86.00 -1.66 9.76
C GLY GA 33 86.86 -0.43 9.89
N VAL GA 34 88.15 -0.58 10.10
CA VAL GA 34 89.06 0.56 10.14
C VAL GA 34 89.26 1.05 8.71
N ASP GA 35 89.67 2.31 8.55
CA ASP GA 35 89.86 2.93 7.25
C ASP GA 35 90.85 2.11 6.42
N PRO GA 36 90.47 1.64 5.23
CA PRO GA 36 91.36 0.76 4.46
C PRO GA 36 92.71 1.36 4.10
N LYS GA 37 92.78 2.65 3.83
CA LYS GA 37 94.07 3.26 3.53
C LYS GA 37 95.00 3.16 4.73
N PHE GA 38 94.48 3.47 5.92
CA PHE GA 38 95.26 3.33 7.14
C PHE GA 38 95.65 1.89 7.36
N LEU GA 39 94.75 0.95 7.07
CA LEU GA 39 95.06 -0.45 7.26
C LEU GA 39 96.21 -0.90 6.37
N ARG GA 40 96.20 -0.48 5.10
CA ARG GA 40 97.25 -0.95 4.21
C ARG GA 40 98.58 -0.27 4.54
N ASN GA 41 98.55 0.99 4.97
CA ASN GA 41 99.79 1.58 5.45
C ASN GA 41 100.29 0.87 6.69
N MET GA 42 99.37 0.44 7.55
CA MET GA 42 99.74 -0.31 8.74
C MET GA 42 100.39 -1.63 8.36
N ARG GA 43 99.85 -2.29 7.34
CA ARG GA 43 100.45 -3.54 6.88
C ARG GA 43 101.85 -3.31 6.33
N PHE GA 44 102.03 -2.21 5.59
CA PHE GA 44 103.36 -1.87 5.11
C PHE GA 44 104.31 -1.63 6.27
N ALA GA 45 103.84 -0.93 7.31
CA ALA GA 45 104.67 -0.67 8.47
C ALA GA 45 105.05 -1.97 9.18
N LYS GA 46 104.10 -2.87 9.32
CA LYS GA 46 104.40 -4.17 9.91
C LYS GA 46 105.35 -4.97 9.03
N LYS GA 47 105.10 -4.98 7.72
CA LYS GA 47 105.90 -5.79 6.82
C LYS GA 47 107.36 -5.36 6.84
N HIS GA 48 107.60 -4.06 6.86
CA HIS GA 48 108.96 -3.54 6.80
C HIS GA 48 109.58 -3.39 8.17
N ASN GA 49 109.00 -4.03 9.19
CA ASN GA 49 109.62 -4.05 10.51
C ASN GA 49 110.89 -4.89 10.54
N LYS GA 50 110.98 -5.90 9.67
CA LYS GA 50 112.09 -6.84 9.69
C LYS GA 50 113.42 -6.13 9.47
N LYS GA 51 113.45 -5.23 8.49
CA LYS GA 51 114.66 -4.47 8.22
C LYS GA 51 114.93 -3.49 9.34
N GLY GA 52 116.19 -3.08 9.46
CA GLY GA 52 116.59 -2.27 10.58
C GLY GA 52 116.73 -3.02 11.88
N LEU GA 53 116.64 -4.35 11.84
CA LEU GA 53 116.76 -5.13 13.07
C LEU GA 53 118.14 -5.00 13.67
N LYS GA 54 119.17 -4.88 12.82
CA LYS GA 54 120.53 -4.72 13.33
C LYS GA 54 120.65 -3.43 14.14
N LYS GA 55 120.12 -2.33 13.61
CA LYS GA 55 120.14 -1.08 14.36
C LYS GA 55 119.35 -1.19 15.64
N MET GA 56 118.21 -1.90 15.59
CA MET GA 56 117.35 -2.04 16.75
C MET GA 56 118.05 -2.79 17.88
N GLN GA 57 118.66 -3.93 17.55
CA GLN GA 57 119.37 -4.68 18.57
C GLN GA 57 120.65 -3.97 18.99
N ALA GA 58 121.23 -3.15 18.10
CA ALA GA 58 122.36 -2.33 18.51
C ALA GA 58 121.95 -1.33 19.58
N ASN GA 59 120.81 -0.66 19.37
CA ASN GA 59 120.29 0.24 20.39
C ASN GA 59 119.98 -0.53 21.68
N ASN GA 60 119.40 -1.72 21.55
CA ASN GA 60 119.08 -2.52 22.72
C ASN GA 60 120.33 -2.86 23.51
N ALA GA 61 121.38 -3.30 22.82
CA ALA GA 61 122.60 -3.71 23.48
C ALA GA 61 123.31 -2.52 24.14
N LYS GA 62 123.41 -1.40 23.43
CA LYS GA 62 124.09 -0.25 24.01
C LYS GA 62 123.31 0.30 25.20
N ALA GA 63 121.98 0.33 25.12
CA ALA GA 63 121.19 0.80 26.25
C ALA GA 63 121.31 -0.16 27.43
N MET GA 64 121.29 -1.46 27.16
CA MET GA 64 121.45 -2.44 28.23
C MET GA 64 122.81 -2.28 28.91
N SER GA 65 123.87 -2.10 28.12
CA SER GA 65 125.20 -1.93 28.68
C SER GA 65 125.31 -0.64 29.48
N ALA GA 66 124.69 0.44 28.99
CA ALA GA 66 124.73 1.70 29.71
C ALA GA 66 123.98 1.61 31.04
N ARG GA 67 122.81 0.97 31.02
CA ARG GA 67 122.09 0.76 32.27
C ARG GA 67 122.89 -0.10 33.22
N ALA GA 68 123.59 -1.11 32.68
CA ALA GA 68 124.41 -1.98 33.52
C ALA GA 68 125.55 -1.21 34.17
N GLU GA 69 126.23 -0.35 33.42
CA GLU GA 69 127.32 0.41 34.03
C GLU GA 69 126.78 1.49 34.96
N ALA GA 70 125.53 1.91 34.77
CA ALA GA 70 124.91 2.82 35.72
C ALA GA 70 124.58 2.11 37.03
N ILE GA 71 123.98 0.92 36.95
CA ILE GA 71 123.56 0.21 38.15
C ILE GA 71 124.77 -0.34 38.90
N LYS GA 72 125.69 -0.98 38.20
CA LYS GA 72 126.82 -1.65 38.83
C LYS GA 72 127.88 -0.68 39.34
N ALA GA 73 127.74 0.61 39.02
CA ALA GA 73 128.65 1.61 39.58
C ALA GA 73 128.33 1.82 41.06
N LEU GA 74 128.86 0.95 41.91
CA LEU GA 74 128.70 1.04 43.35
C LEU GA 74 129.99 1.54 43.98
N VAL GA 75 129.86 2.52 44.87
CA VAL GA 75 130.94 3.15 45.65
C VAL GA 75 132.24 3.32 44.85
N VAL GA 88 114.67 0.15 75.85
CA VAL GA 88 113.56 -0.23 76.71
C VAL GA 88 113.32 -1.73 76.65
N SER GA 89 112.15 -2.17 77.10
CA SER GA 89 111.78 -3.58 77.04
C SER GA 89 110.76 -3.84 75.94
N ARG GA 90 109.66 -3.07 75.92
CA ARG GA 90 108.55 -3.28 74.99
C ARG GA 90 108.01 -4.71 75.12
N LYS GA 91 107.45 -4.97 76.31
CA LYS GA 91 107.16 -6.34 76.73
C LYS GA 91 106.34 -7.10 75.70
N LEU GA 92 105.34 -6.45 75.12
CA LEU GA 92 104.52 -7.11 74.11
C LEU GA 92 105.36 -7.47 72.88
N ASP GA 93 106.20 -6.53 72.43
CA ASP GA 93 107.07 -6.81 71.29
C ASP GA 93 108.04 -7.94 71.59
N ARG GA 94 108.61 -7.94 72.79
CA ARG GA 94 109.56 -9.00 73.15
C ARG GA 94 108.87 -10.35 73.17
N LEU GA 95 107.66 -10.41 73.71
CA LEU GA 95 106.93 -11.67 73.71
C LEU GA 95 106.56 -12.11 72.30
N ALA GA 96 106.23 -11.15 71.44
CA ALA GA 96 105.99 -11.49 70.04
C ALA GA 96 107.24 -12.06 69.38
N TYR GA 97 108.40 -11.46 69.68
CA TYR GA 97 109.66 -11.96 69.16
C TYR GA 97 109.95 -13.38 69.64
N ILE GA 98 109.71 -13.64 70.92
CA ILE GA 98 109.94 -14.98 71.46
C ILE GA 98 108.97 -15.96 70.83
N ALA GA 99 107.74 -15.53 70.57
CA ALA GA 99 106.71 -16.41 70.04
C ALA GA 99 106.94 -16.79 68.59
N HIS GA 100 107.89 -16.17 67.90
CA HIS GA 100 108.22 -16.61 66.56
C HIS GA 100 108.79 -18.01 66.60
N PRO GA 101 108.37 -18.90 65.70
CA PRO GA 101 108.92 -20.27 65.71
C PRO GA 101 110.42 -20.33 65.50
N LYS GA 102 110.98 -19.41 64.72
CA LYS GA 102 112.42 -19.39 64.46
C LYS GA 102 113.17 -18.34 65.26
N LEU GA 103 112.71 -17.08 65.22
CA LEU GA 103 113.44 -16.02 65.89
C LEU GA 103 113.52 -16.24 67.39
N GLY GA 104 112.44 -16.74 67.99
CA GLY GA 104 112.36 -16.95 69.40
C GLY GA 104 112.79 -18.33 69.87
N LYS GA 105 113.45 -19.10 69.02
CA LYS GA 105 113.89 -20.43 69.44
C LYS GA 105 114.92 -20.34 70.56
N ARG GA 106 115.96 -19.54 70.35
CA ARG GA 106 117.03 -19.43 71.35
C ARG GA 106 116.52 -18.82 72.65
N ALA GA 107 115.59 -17.87 72.57
CA ALA GA 107 115.08 -17.23 73.78
C ALA GA 107 114.31 -18.23 74.64
N ARG GA 108 113.44 -19.01 74.02
CA ARG GA 108 112.70 -19.99 74.80
C ARG GA 108 113.60 -21.14 75.23
N ALA GA 109 114.66 -21.43 74.48
CA ALA GA 109 115.68 -22.33 74.99
C ALA GA 109 116.31 -21.76 76.27
N ARG GA 110 116.62 -20.46 76.26
CA ARG GA 110 117.23 -19.84 77.42
C ARG GA 110 116.32 -19.91 78.63
N ILE GA 111 115.04 -19.61 78.45
CA ILE GA 111 114.14 -19.62 79.60
C ILE GA 111 113.85 -21.04 80.04
N ALA GA 112 113.93 -22.01 79.13
CA ALA GA 112 113.83 -23.41 79.54
C ALA GA 112 114.99 -23.79 80.44
N LYS GA 113 116.21 -23.42 80.04
CA LYS GA 113 117.36 -23.69 80.88
C LYS GA 113 117.27 -22.95 82.20
N GLY GA 114 116.71 -21.74 82.19
CA GLY GA 114 116.50 -21.01 83.41
C GLY GA 114 115.50 -21.69 84.33
N LEU GA 115 114.48 -22.31 83.74
CA LEU GA 115 113.50 -23.04 84.54
C LEU GA 115 114.07 -24.36 85.02
N ARG GA 116 115.16 -24.81 84.39
CA ARG GA 116 115.79 -26.06 84.82
C ARG GA 116 116.92 -25.85 85.81
N LEU GA 117 117.95 -25.10 85.41
CA LEU GA 117 119.16 -25.04 86.20
C LEU GA 117 119.01 -24.12 87.41
N CYS GA 118 119.70 -24.48 88.48
CA CYS GA 118 119.81 -23.63 89.66
C CYS GA 118 121.28 -23.48 89.99
N ARG GA 119 121.75 -22.23 90.06
CA ARG GA 119 123.14 -21.97 90.33
C ARG GA 119 123.27 -20.82 91.32
N PRO GA 120 124.25 -20.88 92.21
CA PRO GA 120 124.44 -19.80 93.17
C PRO GA 120 125.11 -18.59 92.50
N LYS GA 121 125.11 -17.47 93.22
CA LYS GA 121 125.68 -16.22 92.76
C LYS GA 121 125.14 -15.79 91.40
N LYS HA 1 -37.09 -29.68 -66.55
CA LYS HA 1 -38.43 -29.95 -67.07
C LYS HA 1 -38.77 -31.42 -66.93
N SER HA 2 -37.74 -32.27 -67.10
CA SER HA 2 -37.96 -33.71 -67.04
C SER HA 2 -38.43 -34.16 -65.66
N LEU HA 3 -37.80 -33.64 -64.61
CA LEU HA 3 -38.13 -34.08 -63.25
C LEU HA 3 -39.55 -33.67 -62.88
N GLU HA 4 -39.91 -32.41 -63.13
CA GLU HA 4 -41.25 -31.96 -62.78
C GLU HA 4 -42.31 -32.68 -63.60
N SER HA 5 -42.05 -32.92 -64.90
CA SER HA 5 -43.02 -33.63 -65.73
C SER HA 5 -43.20 -35.06 -65.25
N ILE HA 6 -42.10 -35.74 -64.92
CA ILE HA 6 -42.22 -37.13 -64.50
C ILE HA 6 -42.89 -37.20 -63.13
N ASN HA 7 -42.65 -36.23 -62.25
CA ASN HA 7 -43.35 -36.22 -60.98
C ASN HA 7 -44.84 -36.00 -61.18
N SER HA 8 -45.21 -35.08 -62.07
CA SER HA 8 -46.63 -34.82 -62.32
C SER HA 8 -47.32 -36.06 -62.90
N ARG HA 9 -46.69 -36.69 -63.89
CA ARG HA 9 -47.29 -37.88 -64.50
C ARG HA 9 -47.37 -39.01 -63.49
N LEU HA 10 -46.35 -39.17 -62.65
CA LEU HA 10 -46.38 -40.20 -61.63
C LEU HA 10 -47.48 -39.94 -60.62
N GLN HA 11 -47.68 -38.68 -60.25
CA GLN HA 11 -48.78 -38.31 -59.36
C GLN HA 11 -50.11 -38.68 -59.99
N LEU HA 12 -50.25 -38.45 -61.29
CA LEU HA 12 -51.50 -38.77 -61.96
C LEU HA 12 -51.67 -40.26 -62.19
N VAL HA 13 -50.57 -41.03 -62.18
CA VAL HA 13 -50.70 -42.49 -62.16
C VAL HA 13 -51.44 -42.93 -60.91
N MET HA 14 -51.05 -42.36 -59.78
CA MET HA 14 -51.79 -42.56 -58.54
C MET HA 14 -53.21 -42.06 -58.72
N LYS HA 15 -54.16 -42.73 -58.06
CA LYS HA 15 -55.56 -42.31 -58.00
C LYS HA 15 -56.24 -42.52 -59.35
N SER HA 16 -55.48 -42.88 -60.38
CA SER HA 16 -56.02 -43.07 -61.71
C SER HA 16 -55.52 -44.32 -62.42
N GLY HA 17 -54.41 -44.91 -61.99
CA GLY HA 17 -53.91 -46.11 -62.61
C GLY HA 17 -53.60 -47.16 -61.56
N LYS HA 18 -53.27 -48.36 -62.04
CA LYS HA 18 -52.88 -49.44 -61.15
C LYS HA 18 -51.37 -49.65 -61.23
N TYR HA 19 -50.77 -49.87 -60.08
CA TYR HA 19 -49.33 -49.95 -59.93
C TYR HA 19 -49.02 -50.81 -58.71
N VAL HA 20 -47.76 -50.86 -58.32
CA VAL HA 20 -47.37 -51.60 -57.13
C VAL HA 20 -46.08 -51.01 -56.60
N LEU HA 21 -45.88 -51.11 -55.30
CA LEU HA 21 -44.73 -50.54 -54.63
C LEU HA 21 -43.93 -51.65 -53.97
N GLY HA 22 -42.61 -51.63 -54.18
CA GLY HA 22 -41.75 -52.55 -53.48
C GLY HA 22 -41.04 -53.55 -54.35
N TYR HA 23 -39.89 -54.01 -53.85
CA TYR HA 23 -38.98 -54.83 -54.65
C TYR HA 23 -39.60 -56.17 -55.01
N LYS HA 24 -40.11 -56.89 -54.00
CA LYS HA 24 -40.60 -58.24 -54.23
C LYS HA 24 -41.82 -58.23 -55.15
N GLN HA 25 -42.77 -57.33 -54.88
CA GLN HA 25 -43.95 -57.26 -55.74
C GLN HA 25 -43.59 -56.78 -57.13
N THR HA 26 -42.60 -55.90 -57.27
CA THR HA 26 -42.16 -55.48 -58.59
C THR HA 26 -41.62 -56.67 -59.37
N LEU HA 27 -40.77 -57.48 -58.73
CA LEU HA 27 -40.23 -58.65 -59.42
C LEU HA 27 -41.33 -59.63 -59.79
N LYS HA 28 -42.29 -59.82 -58.88
CA LYS HA 28 -43.40 -60.71 -59.16
C LYS HA 28 -44.20 -60.23 -60.37
N MET HA 29 -44.49 -58.94 -60.42
CA MET HA 29 -45.29 -58.42 -61.53
C MET HA 29 -44.52 -58.47 -62.83
N ILE HA 30 -43.20 -58.25 -62.76
CA ILE HA 30 -42.38 -58.34 -63.96
C ILE HA 30 -42.40 -59.75 -64.52
N ARG HA 31 -42.15 -60.74 -63.66
CA ARG HA 31 -42.13 -62.11 -64.15
C ARG HA 31 -43.52 -62.60 -64.53
N GLN HA 32 -44.57 -61.93 -64.07
CA GLN HA 32 -45.88 -62.20 -64.66
C GLN HA 32 -46.15 -61.37 -65.90
N GLY HA 33 -45.20 -60.55 -66.33
CA GLY HA 33 -45.26 -59.97 -67.65
C GLY HA 33 -46.27 -58.88 -67.84
N LYS HA 34 -46.93 -58.42 -66.77
CA LYS HA 34 -47.91 -57.35 -66.88
C LYS HA 34 -47.36 -56.03 -66.35
N ALA HA 35 -46.07 -55.93 -66.11
CA ALA HA 35 -45.45 -54.68 -65.68
C ALA HA 35 -44.95 -53.94 -66.90
N LYS HA 36 -45.51 -52.74 -67.15
CA LYS HA 36 -45.16 -51.99 -68.34
C LYS HA 36 -44.05 -50.98 -68.13
N LEU HA 37 -43.87 -50.47 -66.92
CA LEU HA 37 -42.77 -49.55 -66.67
C LEU HA 37 -42.28 -49.71 -65.24
N VAL HA 38 -40.97 -49.66 -65.06
CA VAL HA 38 -40.35 -49.78 -63.76
C VAL HA 38 -39.49 -48.55 -63.53
N ILE HA 39 -39.61 -47.95 -62.36
CA ILE HA 39 -38.86 -46.76 -62.00
C ILE HA 39 -37.92 -47.11 -60.86
N LEU HA 40 -36.64 -46.81 -61.02
CA LEU HA 40 -35.64 -47.15 -60.03
C LEU HA 40 -35.11 -45.87 -59.38
N ALA HA 41 -35.25 -45.78 -58.07
CA ALA HA 41 -34.55 -44.75 -57.33
C ALA HA 41 -33.06 -45.06 -57.32
N ASN HA 42 -32.25 -44.01 -57.49
CA ASN HA 42 -30.81 -44.22 -57.59
C ASN HA 42 -30.20 -44.73 -56.29
N ASN HA 43 -30.90 -44.58 -55.17
CA ASN HA 43 -30.43 -45.18 -53.93
C ASN HA 43 -30.60 -46.69 -53.93
N CYS HA 44 -31.07 -47.27 -55.02
CA CYS HA 44 -31.19 -48.71 -55.12
C CYS HA 44 -29.80 -49.36 -55.01
N PRO HA 45 -29.71 -50.53 -54.41
CA PRO HA 45 -28.46 -51.30 -54.51
C PRO HA 45 -28.15 -51.59 -55.97
N ALA HA 46 -26.87 -51.47 -56.30
CA ALA HA 46 -26.45 -51.68 -57.69
C ALA HA 46 -26.74 -53.11 -58.13
N LEU HA 47 -26.53 -54.07 -57.24
CA LEU HA 47 -26.89 -55.44 -57.55
C LEU HA 47 -28.37 -55.56 -57.85
N ARG HA 48 -29.20 -54.97 -56.98
CA ARG HA 48 -30.65 -55.02 -57.20
C ARG HA 48 -31.03 -54.28 -58.47
N LYS HA 49 -30.41 -53.13 -58.71
CA LYS HA 49 -30.67 -52.36 -59.92
C LYS HA 49 -30.39 -53.20 -61.16
N SER HA 50 -29.23 -53.84 -61.20
CA SER HA 50 -28.84 -54.61 -62.36
C SER HA 50 -29.74 -55.82 -62.55
N GLU HA 51 -30.10 -56.49 -61.45
CA GLU HA 51 -30.97 -57.65 -61.56
C GLU HA 51 -32.34 -57.25 -62.09
N ILE HA 52 -32.86 -56.12 -61.62
CA ILE HA 52 -34.13 -55.63 -62.15
C ILE HA 52 -33.99 -55.29 -63.63
N GLU HA 53 -32.86 -54.69 -64.03
CA GLU HA 53 -32.66 -54.37 -65.43
C GLU HA 53 -32.66 -55.62 -66.30
N TYR HA 54 -31.98 -56.67 -65.84
CA TYR HA 54 -31.95 -57.91 -66.60
C TYR HA 54 -33.34 -58.50 -66.72
N TYR HA 55 -34.10 -58.47 -65.63
CA TYR HA 55 -35.49 -58.90 -65.69
C TYR HA 55 -36.27 -58.10 -66.72
N ALA HA 56 -36.05 -56.79 -66.75
CA ALA HA 56 -36.77 -55.93 -67.68
C ALA HA 56 -36.42 -56.27 -69.12
N MET HA 57 -35.13 -56.49 -69.40
CA MET HA 57 -34.74 -56.82 -70.76
C MET HA 57 -35.32 -58.15 -71.19
N LEU HA 58 -35.35 -59.11 -70.27
CA LEU HA 58 -35.99 -60.39 -70.58
C LEU HA 58 -37.48 -60.19 -70.86
N ALA HA 59 -38.14 -59.36 -70.06
CA ALA HA 59 -39.56 -59.14 -70.18
C ALA HA 59 -39.91 -58.03 -71.16
N LYS HA 60 -38.90 -57.41 -71.76
CA LYS HA 60 -39.10 -56.35 -72.76
C LYS HA 60 -39.99 -55.24 -72.23
N THR HA 61 -39.65 -54.75 -71.03
CA THR HA 61 -40.35 -53.62 -70.44
C THR HA 61 -39.34 -52.52 -70.13
N GLY HA 62 -39.84 -51.29 -70.14
CA GLY HA 62 -38.97 -50.13 -70.01
C GLY HA 62 -38.58 -49.85 -68.57
N VAL HA 63 -37.46 -49.15 -68.42
CA VAL HA 63 -36.96 -48.74 -67.12
C VAL HA 63 -36.63 -47.26 -67.18
N HIS HA 64 -37.13 -46.50 -66.21
CA HIS HA 64 -36.66 -45.15 -65.97
C HIS HA 64 -35.83 -45.13 -64.70
N HIS HA 65 -34.65 -44.54 -64.79
CA HIS HA 65 -33.80 -44.33 -63.63
C HIS HA 65 -34.23 -43.02 -63.00
N TYR HA 66 -34.89 -43.09 -61.86
CA TYR HA 66 -35.43 -41.90 -61.23
C TYR HA 66 -34.32 -40.98 -60.77
N SER HA 67 -34.47 -39.68 -61.05
CA SER HA 67 -33.45 -38.70 -60.71
C SER HA 67 -33.72 -38.12 -59.32
N GLY HA 68 -33.88 -39.03 -58.37
CA GLY HA 68 -34.09 -38.67 -56.99
C GLY HA 68 -33.41 -39.65 -56.05
N ASN HA 69 -34.17 -40.23 -55.14
CA ASN HA 69 -33.73 -41.33 -54.30
C ASN HA 69 -34.97 -42.00 -53.73
N ASN HA 70 -34.76 -43.04 -52.92
CA ASN HA 70 -35.89 -43.80 -52.40
C ASN HA 70 -36.81 -42.93 -51.55
N ILE HA 71 -36.25 -41.99 -50.79
CA ILE HA 71 -37.07 -41.07 -50.02
C ILE HA 71 -37.89 -40.18 -50.94
N GLU HA 72 -37.23 -39.54 -51.90
CA GLU HA 72 -37.96 -38.66 -52.80
C GLU HA 72 -38.91 -39.43 -53.69
N LEU HA 73 -38.55 -40.66 -54.05
CA LEU HA 73 -39.49 -41.47 -54.82
C LEU HA 73 -40.73 -41.77 -54.00
N GLY HA 74 -40.55 -42.09 -52.73
CA GLY HA 74 -41.69 -42.28 -51.85
C GLY HA 74 -42.54 -41.04 -51.76
N THR HA 75 -41.89 -39.87 -51.68
CA THR HA 75 -42.64 -38.62 -51.64
C THR HA 75 -43.42 -38.39 -52.91
N ALA HA 76 -42.83 -38.72 -54.05
CA ALA HA 76 -43.52 -38.54 -55.33
C ALA HA 76 -44.72 -39.47 -55.43
N CYS HA 77 -44.58 -40.71 -54.96
CA CYS HA 77 -45.70 -41.63 -55.01
C CYS HA 77 -46.80 -41.30 -54.02
N GLY HA 78 -46.60 -40.30 -53.17
CA GLY HA 78 -47.60 -39.94 -52.20
C GLY HA 78 -47.55 -40.73 -50.91
N LYS HA 79 -46.55 -41.55 -50.72
CA LYS HA 79 -46.45 -42.35 -49.52
C LYS HA 79 -45.41 -41.76 -48.57
N TYR HA 80 -45.55 -42.07 -47.29
CA TYR HA 80 -44.66 -41.55 -46.27
C TYR HA 80 -43.56 -42.54 -45.91
N TYR HA 81 -43.43 -43.61 -46.68
CA TYR HA 81 -42.36 -44.58 -46.50
C TYR HA 81 -41.53 -44.60 -47.78
N ARG HA 82 -40.25 -44.93 -47.63
CA ARG HA 82 -39.36 -44.98 -48.78
C ARG HA 82 -39.82 -46.07 -49.72
N VAL HA 83 -39.78 -45.80 -51.02
CA VAL HA 83 -39.95 -46.83 -52.03
C VAL HA 83 -38.71 -46.86 -52.90
N CYS HA 84 -38.16 -48.05 -53.08
CA CYS HA 84 -36.94 -48.21 -53.87
C CYS HA 84 -37.21 -48.65 -55.29
N THR HA 85 -38.26 -49.43 -55.51
CA THR HA 85 -38.59 -49.92 -56.84
C THR HA 85 -40.10 -50.02 -56.97
N LEU HA 86 -40.61 -49.68 -58.15
CA LEU HA 86 -42.04 -49.69 -58.38
C LEU HA 86 -42.31 -50.10 -59.82
N ALA HA 87 -43.51 -50.62 -60.04
CA ALA HA 87 -43.94 -51.04 -61.36
C ALA HA 87 -45.33 -50.48 -61.66
N ILE HA 88 -45.57 -50.14 -62.91
CA ILE HA 88 -46.84 -49.59 -63.35
C ILE HA 88 -47.58 -50.65 -64.15
N ILE HA 89 -48.74 -51.04 -63.67
CA ILE HA 89 -49.57 -51.97 -64.41
C ILE HA 89 -50.16 -51.28 -65.64
N ASP HA 90 -50.65 -50.04 -65.45
CA ASP HA 90 -51.26 -49.29 -66.53
C ASP HA 90 -51.25 -47.81 -66.17
N PRO HA 91 -50.77 -46.95 -67.05
CA PRO HA 91 -50.67 -45.53 -66.71
C PRO HA 91 -52.01 -44.83 -66.63
N GLY HA 92 -52.80 -44.93 -67.69
CA GLY HA 92 -54.04 -44.18 -67.78
C GLY HA 92 -53.87 -42.69 -67.92
N ASP HA 93 -52.63 -42.21 -68.09
CA ASP HA 93 -52.42 -40.78 -68.25
C ASP HA 93 -51.37 -40.45 -69.33
N SER HA 94 -51.18 -41.33 -70.30
CA SER HA 94 -50.30 -41.10 -71.46
C SER HA 94 -48.84 -40.91 -71.07
N ASP HA 95 -48.45 -41.29 -69.85
CA ASP HA 95 -47.04 -41.40 -69.56
C ASP HA 95 -46.39 -42.47 -70.42
N ILE HA 96 -47.06 -43.61 -70.58
CA ILE HA 96 -46.62 -44.67 -71.47
C ILE HA 96 -47.30 -44.44 -72.81
N ILE HA 97 -46.51 -44.04 -73.79
CA ILE HA 97 -47.02 -43.92 -75.15
C ILE HA 97 -47.25 -45.31 -75.72
N ARG HA 98 -48.41 -45.53 -76.31
CA ARG HA 98 -48.85 -46.86 -76.73
C ARG HA 98 -47.97 -47.41 -77.85
N ASN IA 1 -26.31 -84.14 66.81
CA ASN IA 1 -26.34 -84.84 65.53
C ASN IA 1 -25.42 -84.19 64.51
N GLU IA 2 -25.13 -84.91 63.43
CA GLU IA 2 -24.28 -84.37 62.39
C GLU IA 2 -24.75 -84.69 60.98
N VAL IA 3 -25.89 -85.37 60.82
CA VAL IA 3 -26.35 -85.73 59.49
C VAL IA 3 -27.65 -84.97 59.30
N VAL IA 4 -27.72 -83.81 59.92
CA VAL IA 4 -28.93 -82.98 59.85
C VAL IA 4 -28.99 -82.33 58.48
N THR IA 5 -30.21 -82.22 57.96
CA THR IA 5 -30.49 -81.41 56.78
C THR IA 5 -31.51 -80.35 57.15
N ARG IA 6 -31.28 -79.13 56.68
CA ARG IA 6 -32.10 -78.00 57.06
C ARG IA 6 -32.43 -77.19 55.83
N GLU IA 7 -33.49 -76.38 55.95
CA GLU IA 7 -33.90 -75.49 54.87
C GLU IA 7 -33.78 -74.05 55.34
N TYR IA 8 -33.24 -73.20 54.48
CA TYR IA 8 -33.12 -71.78 54.73
C TYR IA 8 -33.58 -71.01 53.51
N THR IA 9 -33.69 -69.70 53.66
CA THR IA 9 -33.77 -68.78 52.55
C THR IA 9 -32.65 -67.77 52.68
N ILE IA 10 -32.13 -67.32 51.54
CA ILE IA 10 -30.99 -66.42 51.51
C ILE IA 10 -31.40 -65.13 50.84
N ASN IA 11 -31.18 -64.02 51.53
CA ASN IA 11 -31.35 -62.69 50.94
C ASN IA 11 -30.17 -62.46 50.01
N ILE IA 12 -30.32 -62.92 48.77
CA ILE IA 12 -29.28 -62.72 47.77
C ILE IA 12 -29.12 -61.24 47.47
N HIS IA 13 -30.23 -60.51 47.44
CA HIS IA 13 -30.17 -59.09 47.14
C HIS IA 13 -29.37 -58.34 48.19
N LYS IA 14 -29.51 -58.74 49.45
CA LYS IA 14 -28.71 -58.14 50.51
C LYS IA 14 -27.22 -58.40 50.28
N ARG IA 15 -26.88 -59.62 49.89
CA ARG IA 15 -25.48 -60.01 49.80
C ARG IA 15 -24.81 -59.58 48.50
N ILE IA 16 -25.59 -59.16 47.52
CA ILE IA 16 -25.06 -58.73 46.23
C ILE IA 16 -25.12 -57.21 46.06
N HIS IA 17 -25.88 -56.52 46.91
CA HIS IA 17 -26.01 -55.07 46.84
C HIS IA 17 -24.65 -54.39 46.79
N GLY IA 18 -24.36 -53.73 45.67
CA GLY IA 18 -23.11 -53.05 45.47
C GLY IA 18 -22.11 -53.79 44.61
N VAL IA 19 -22.43 -54.97 44.14
CA VAL IA 19 -21.54 -55.73 43.27
C VAL IA 19 -21.73 -55.27 41.83
N GLY IA 20 -20.62 -55.09 41.13
CA GLY IA 20 -20.68 -54.70 39.73
C GLY IA 20 -21.39 -55.73 38.89
N PHE IA 21 -21.83 -55.30 37.70
CA PHE IA 21 -22.74 -56.10 36.90
C PHE IA 21 -22.10 -57.43 36.51
N LYS IA 22 -20.85 -57.40 36.07
CA LYS IA 22 -20.22 -58.61 35.56
C LYS IA 22 -19.68 -59.49 36.66
N LYS IA 23 -19.99 -59.18 37.91
CA LYS IA 23 -19.58 -59.99 39.04
C LYS IA 23 -20.74 -60.52 39.86
N ARG IA 24 -21.98 -60.23 39.47
CA ARG IA 24 -23.09 -60.47 40.38
C ARG IA 24 -23.37 -61.95 40.56
N ALA IA 25 -23.45 -62.71 39.47
CA ALA IA 25 -23.65 -64.14 39.62
C ALA IA 25 -22.47 -64.84 40.29
N PRO IA 26 -21.19 -64.60 39.90
CA PRO IA 26 -20.10 -65.27 40.62
C PRO IA 26 -20.07 -64.93 42.09
N ARG IA 27 -20.33 -63.67 42.43
CA ARG IA 27 -20.37 -63.34 43.85
C ARG IA 27 -21.58 -63.97 44.51
N ALA IA 28 -22.66 -64.17 43.78
CA ALA IA 28 -23.79 -64.89 44.37
C ALA IA 28 -23.39 -66.31 44.73
N LEU IA 29 -22.66 -66.98 43.86
CA LEU IA 29 -22.18 -68.32 44.18
C LEU IA 29 -21.24 -68.30 45.37
N LYS IA 30 -20.32 -67.34 45.41
CA LYS IA 30 -19.38 -67.27 46.51
C LYS IA 30 -20.09 -66.98 47.83
N GLU IA 31 -21.09 -66.11 47.81
CA GLU IA 31 -21.86 -65.81 49.02
C GLU IA 31 -22.67 -67.01 49.47
N ILE IA 32 -23.24 -67.76 48.53
CA ILE IA 32 -23.97 -68.97 48.91
C ILE IA 32 -23.03 -69.96 49.57
N ARG IA 33 -21.84 -70.15 49.00
CA ARG IA 33 -20.88 -71.09 49.57
C ARG IA 33 -20.42 -70.62 50.95
N LYS IA 34 -20.16 -69.33 51.10
CA LYS IA 34 -19.75 -68.79 52.40
C LYS IA 34 -20.87 -68.92 53.42
N PHE IA 35 -22.11 -68.69 52.99
CA PHE IA 35 -23.25 -68.85 53.88
C PHE IA 35 -23.37 -70.29 54.34
N ALA IA 36 -23.17 -71.24 53.43
CA ALA IA 36 -23.21 -72.64 53.81
C ALA IA 36 -22.11 -72.97 54.81
N MET IA 37 -20.91 -72.46 54.57
CA MET IA 37 -19.80 -72.72 55.49
C MET IA 37 -20.11 -72.14 56.87
N LYS IA 38 -20.68 -70.95 56.90
CA LYS IA 38 -21.05 -70.32 58.16
C LYS IA 38 -22.11 -71.15 58.89
N GLU IA 39 -23.10 -71.65 58.17
CA GLU IA 39 -24.23 -72.29 58.82
C GLU IA 39 -23.90 -73.71 59.27
N MET IA 40 -23.08 -74.43 58.52
CA MET IA 40 -22.83 -75.83 58.81
C MET IA 40 -21.40 -76.13 59.24
N GLY IA 41 -20.49 -75.16 59.12
CA GLY IA 41 -19.14 -75.34 59.60
C GLY IA 41 -18.35 -76.39 58.86
N THR IA 42 -18.59 -76.55 57.56
CA THR IA 42 -17.86 -77.53 56.74
C THR IA 42 -17.14 -76.76 55.64
N PRO IA 43 -15.81 -76.79 55.60
CA PRO IA 43 -15.11 -76.16 54.47
C PRO IA 43 -15.40 -76.82 53.15
N ASP IA 44 -15.85 -78.07 53.15
CA ASP IA 44 -16.25 -78.75 51.92
C ASP IA 44 -17.73 -78.46 51.69
N VAL IA 45 -18.01 -77.60 50.72
CA VAL IA 45 -19.38 -77.23 50.35
C VAL IA 45 -19.55 -77.49 48.86
N ARG IA 46 -20.49 -78.36 48.52
CA ARG IA 46 -20.84 -78.64 47.14
C ARG IA 46 -22.17 -78.00 46.82
N ILE IA 47 -22.26 -77.40 45.64
CA ILE IA 47 -23.47 -76.75 45.18
C ILE IA 47 -24.10 -77.58 44.09
N ASP IA 48 -25.38 -77.91 44.26
CA ASP IA 48 -26.11 -78.64 43.24
C ASP IA 48 -26.13 -77.87 41.92
N THR IA 49 -25.90 -78.58 40.84
CA THR IA 49 -25.89 -77.95 39.52
C THR IA 49 -27.24 -77.29 39.22
N ARG IA 50 -28.32 -77.90 39.69
CA ARG IA 50 -29.63 -77.31 39.51
C ARG IA 50 -29.74 -75.97 40.23
N LEU IA 51 -29.15 -75.89 41.43
CA LEU IA 51 -29.14 -74.62 42.13
C LEU IA 51 -28.34 -73.58 41.37
N ASN IA 52 -27.19 -73.96 40.81
CA ASN IA 52 -26.41 -73.04 40.01
C ASN IA 52 -27.21 -72.57 38.81
N LYS IA 53 -27.99 -73.46 38.23
CA LYS IA 53 -28.91 -73.06 37.16
C LYS IA 53 -29.91 -72.04 37.66
N ALA IA 54 -30.44 -72.26 38.86
CA ALA IA 54 -31.43 -71.35 39.41
C ALA IA 54 -30.85 -69.96 39.63
N VAL IA 55 -29.62 -69.89 40.14
CA VAL IA 55 -28.98 -68.59 40.34
C VAL IA 55 -28.76 -67.90 39.01
N TRP IA 56 -28.32 -68.64 38.00
CA TRP IA 56 -28.01 -68.08 36.70
C TRP IA 56 -29.23 -67.96 35.81
N ALA IA 57 -30.44 -68.22 36.36
CA ALA IA 57 -31.62 -68.33 35.53
C ALA IA 57 -31.96 -67.03 34.82
N LYS IA 58 -31.79 -65.89 35.51
CA LYS IA 58 -32.10 -64.59 34.93
C LYS IA 58 -30.85 -63.84 34.49
N GLY IA 59 -29.86 -64.55 33.98
CA GLY IA 59 -28.67 -63.89 33.51
C GLY IA 59 -27.71 -63.59 34.64
N ILE IA 60 -26.65 -62.86 34.28
CA ILE IA 60 -25.50 -62.70 35.17
C ILE IA 60 -25.60 -61.47 36.06
N ARG IA 61 -26.46 -60.51 35.73
CA ARG IA 61 -26.58 -59.31 36.53
C ARG IA 61 -27.91 -59.20 37.28
N ASN IA 62 -29.00 -59.67 36.70
CA ASN IA 62 -30.29 -59.62 37.38
C ASN IA 62 -30.52 -60.91 38.19
N VAL IA 63 -29.66 -61.09 39.18
CA VAL IA 63 -29.73 -62.23 40.09
C VAL IA 63 -31.03 -62.13 40.89
N PRO IA 64 -31.72 -63.23 41.16
CA PRO IA 64 -32.92 -63.17 41.99
C PRO IA 64 -32.63 -62.61 43.36
N TYR IA 65 -33.58 -61.85 43.89
CA TYR IA 65 -33.41 -61.20 45.19
C TYR IA 65 -33.29 -62.22 46.31
N ARG IA 66 -34.13 -63.24 46.28
CA ARG IA 66 -34.23 -64.21 47.35
C ARG IA 66 -34.26 -65.59 46.74
N ILE IA 67 -33.89 -66.59 47.53
CA ILE IA 67 -33.90 -67.97 47.07
C ILE IA 67 -34.03 -68.88 48.28
N ARG IA 68 -34.69 -70.03 48.08
CA ARG IA 68 -34.95 -70.98 49.15
C ARG IA 68 -34.12 -72.23 48.91
N VAL IA 69 -33.26 -72.55 49.86
CA VAL IA 69 -32.28 -73.61 49.69
C VAL IA 69 -32.41 -74.61 50.82
N ARG IA 70 -31.85 -75.80 50.60
CA ARG IA 70 -31.83 -76.84 51.60
C ARG IA 70 -30.40 -77.28 51.84
N LEU IA 71 -29.89 -77.02 53.04
CA LEU IA 71 -28.55 -77.38 53.42
C LEU IA 71 -28.56 -78.82 53.92
N SER IA 72 -27.70 -79.65 53.34
CA SER IA 72 -27.65 -81.06 53.67
C SER IA 72 -26.22 -81.43 54.03
N ARG IA 73 -25.95 -81.57 55.33
CA ARG IA 73 -24.65 -82.02 55.79
C ARG IA 73 -24.62 -83.54 55.73
N LYS IA 74 -23.64 -84.07 55.02
CA LYS IA 74 -23.53 -85.50 54.82
C LYS IA 74 -22.13 -85.97 55.19
N ARG IA 75 -22.00 -87.25 55.47
CA ARG IA 75 -20.71 -87.83 55.75
C ARG IA 75 -19.81 -87.72 54.53
N ASN IA 76 -18.60 -87.22 54.73
CA ASN IA 76 -17.54 -87.37 53.74
C ASN IA 76 -16.82 -88.69 53.92
N GLU IA 77 -17.40 -89.63 54.66
CA GLU IA 77 -16.77 -90.92 54.92
C GLU IA 77 -16.82 -91.77 53.67
N ASP IA 78 -16.10 -91.33 52.63
CA ASP IA 78 -15.96 -92.07 51.40
C ASP IA 78 -14.52 -92.44 51.10
N GLU IA 79 -13.56 -91.61 51.50
CA GLU IA 79 -12.14 -91.91 51.34
C GLU IA 79 -11.38 -91.15 52.41
N ASP IA 80 -10.08 -91.39 52.48
CA ASP IA 80 -9.22 -90.72 53.45
C ASP IA 80 -9.10 -89.27 53.02
N SER IA 81 -9.91 -88.41 53.61
CA SER IA 81 -10.01 -87.01 53.22
C SER IA 81 -9.74 -86.13 54.43
N PRO IA 82 -9.26 -84.91 54.21
CA PRO IA 82 -9.02 -84.00 55.35
C PRO IA 82 -10.28 -83.64 56.11
N ASN IA 83 -11.44 -83.75 55.49
CA ASN IA 83 -12.71 -83.38 56.12
C ASN IA 83 -13.66 -84.56 56.05
N LYS IA 84 -14.29 -84.88 57.16
CA LYS IA 84 -15.19 -86.03 57.22
C LYS IA 84 -16.66 -85.65 57.12
N LEU IA 85 -16.98 -84.37 57.05
CA LEU IA 85 -18.33 -83.91 56.84
C LEU IA 85 -18.36 -82.82 55.79
N TYR IA 86 -19.29 -82.95 54.86
CA TYR IA 86 -19.40 -82.03 53.73
C TYR IA 86 -20.86 -81.60 53.58
N THR IA 87 -21.05 -80.46 52.93
CA THR IA 87 -22.37 -79.85 52.82
C THR IA 87 -22.82 -79.83 51.37
N LEU IA 88 -23.99 -80.42 51.12
CA LEU IA 88 -24.64 -80.35 49.83
C LEU IA 88 -25.76 -79.34 49.90
N VAL IA 89 -25.78 -78.41 48.96
CA VAL IA 89 -26.80 -77.36 48.90
C VAL IA 89 -27.60 -77.58 47.63
N THR IA 90 -28.91 -77.75 47.78
CA THR IA 90 -29.80 -78.01 46.66
C THR IA 90 -30.92 -76.98 46.61
N TYR IA 91 -31.49 -76.81 45.43
CA TYR IA 91 -32.46 -75.75 45.17
C TYR IA 91 -33.85 -76.21 45.56
N VAL IA 92 -34.58 -75.36 46.26
CA VAL IA 92 -35.95 -75.67 46.66
C VAL IA 92 -36.89 -74.71 45.94
N PRO IA 93 -37.57 -75.15 44.88
CA PRO IA 93 -38.46 -74.26 44.14
C PRO IA 93 -39.68 -73.91 44.98
N VAL IA 94 -39.91 -72.60 45.16
CA VAL IA 94 -41.01 -72.12 45.97
C VAL IA 94 -41.81 -71.11 45.17
N THR IA 95 -43.05 -70.89 45.62
CA THR IA 95 -43.90 -69.88 45.01
C THR IA 95 -43.74 -68.51 45.65
N THR IA 96 -43.72 -68.45 46.97
CA THR IA 96 -43.59 -67.18 47.68
C THR IA 96 -42.66 -67.36 48.86
N PHE IA 97 -42.08 -66.25 49.31
CA PHE IA 97 -41.14 -66.25 50.41
C PHE IA 97 -41.73 -65.74 51.71
N LYS IA 98 -43.00 -65.33 51.69
CA LYS IA 98 -43.61 -64.74 52.88
C LYS IA 98 -43.76 -65.80 53.97
N ASN IA 99 -43.48 -65.40 55.20
CA ASN IA 99 -43.72 -66.23 56.39
C ASN IA 99 -42.95 -67.54 56.35
N LEU IA 100 -41.86 -67.60 55.58
CA LEU IA 100 -41.04 -68.81 55.54
C LEU IA 100 -39.95 -68.69 56.59
N GLN IA 101 -39.86 -69.69 57.45
CA GLN IA 101 -38.86 -69.69 58.50
C GLN IA 101 -37.80 -70.74 58.20
N THR IA 102 -36.68 -70.61 58.89
CA THR IA 102 -35.69 -71.68 58.91
C THR IA 102 -36.31 -72.88 59.60
N VAL IA 103 -36.62 -73.92 58.83
CA VAL IA 103 -37.35 -75.08 59.32
C VAL IA 103 -36.44 -76.30 59.24
N ASN IA 104 -36.57 -77.17 60.22
CA ASN IA 104 -35.83 -78.43 60.18
C ASN IA 104 -36.58 -79.42 59.32
N VAL IA 105 -35.91 -79.90 58.28
CA VAL IA 105 -36.47 -80.92 57.41
C VAL IA 105 -35.90 -82.26 57.82
N ASP IA 106 -36.79 -83.25 57.93
CA ASP IA 106 -36.40 -84.59 58.31
C ASP IA 106 -35.85 -85.34 57.09
N GLU IA 107 -35.71 -86.65 57.22
CA GLU IA 107 -35.13 -87.45 56.16
C GLU IA 107 -36.14 -87.68 55.05
N ALA JA 1 68.82 -68.44 76.47
CA ALA JA 1 67.81 -69.15 75.70
C ALA JA 1 68.18 -69.18 74.22
N ALA JA 2 67.73 -68.16 73.49
CA ALA JA 2 68.04 -68.04 72.07
C ALA JA 2 69.43 -67.46 71.87
N LEU JA 3 69.94 -67.60 70.64
CA LEU JA 3 71.21 -67.00 70.28
C LEU JA 3 71.08 -65.48 70.27
N ARG JA 4 72.11 -64.81 70.76
CA ARG JA 4 71.96 -63.36 70.86
C ARG JA 4 72.80 -62.64 69.81
N PRO JA 5 72.37 -61.47 69.36
CA PRO JA 5 73.19 -60.68 68.45
C PRO JA 5 74.33 -60.01 69.21
N LEU JA 6 75.30 -59.52 68.44
CA LEU JA 6 76.46 -58.87 69.05
C LEU JA 6 76.06 -57.61 69.79
N VAL JA 7 75.21 -56.79 69.18
CA VAL JA 7 74.66 -55.60 69.81
C VAL JA 7 73.17 -55.54 69.48
N LYS JA 8 72.40 -54.97 70.40
CA LYS JA 8 70.95 -54.85 70.24
C LYS JA 8 70.58 -53.40 70.49
N PRO JA 9 70.81 -52.52 69.53
CA PRO JA 9 70.53 -51.10 69.74
C PRO JA 9 69.04 -50.82 69.73
N LYS JA 10 68.70 -49.59 70.12
CA LYS JA 10 67.31 -49.17 70.19
C LYS JA 10 66.82 -48.81 68.79
N ILE JA 11 66.04 -49.69 68.20
CA ILE JA 11 65.56 -49.50 66.84
C ILE JA 11 64.56 -48.36 66.82
N VAL JA 12 64.73 -47.44 65.87
CA VAL JA 12 63.90 -46.25 65.74
C VAL JA 12 63.16 -46.34 64.41
N LYS JA 13 61.83 -46.28 64.47
CA LYS JA 13 61.01 -46.27 63.27
C LYS JA 13 60.36 -44.90 63.16
N LYS JA 14 60.75 -44.13 62.15
CA LYS JA 14 60.16 -42.81 61.96
C LYS JA 14 58.66 -42.92 61.71
N ARG JA 15 58.27 -43.85 60.84
CA ARG JA 15 56.87 -44.18 60.64
C ARG JA 15 56.70 -45.68 60.65
N THR JA 16 55.88 -46.17 61.56
CA THR JA 16 55.56 -47.59 61.59
C THR JA 16 54.42 -47.95 60.67
N LYS JA 17 53.41 -47.08 60.57
CA LYS JA 17 52.26 -47.36 59.73
C LYS JA 17 52.65 -47.34 58.26
N LYS JA 18 51.75 -47.84 57.42
CA LYS JA 18 52.01 -47.97 55.99
C LYS JA 18 51.57 -46.72 55.26
N PHE JA 19 52.24 -46.46 54.14
CA PHE JA 19 51.82 -45.42 53.21
C PHE JA 19 50.81 -46.05 52.26
N ILE JA 20 49.57 -45.63 52.36
CA ILE JA 20 48.52 -46.17 51.49
C ILE JA 20 48.27 -45.22 50.34
N ARG JA 21 47.75 -45.76 49.24
CA ARG JA 21 47.49 -44.95 48.06
C ARG JA 21 46.29 -44.05 48.30
N HIS JA 22 46.31 -42.88 47.66
CA HIS JA 22 45.20 -41.95 47.73
C HIS JA 22 43.92 -42.59 47.20
N GLN JA 23 42.82 -42.38 47.91
CA GLN JA 23 41.50 -42.83 47.51
C GLN JA 23 41.39 -44.35 47.44
N SER JA 24 42.46 -45.06 47.79
CA SER JA 24 42.50 -46.52 47.63
C SER JA 24 41.54 -47.22 48.56
N ASP JA 25 41.15 -46.58 49.66
CA ASP JA 25 40.08 -47.13 50.48
C ASP JA 25 38.73 -47.05 49.77
N ARG JA 26 38.54 -46.06 48.92
CA ARG JA 26 37.23 -45.81 48.32
C ARG JA 26 36.93 -46.68 47.11
N TYR JA 27 37.90 -47.42 46.60
CA TYR JA 27 37.67 -48.25 45.43
C TYR JA 27 38.39 -49.58 45.60
N VAL JA 28 37.67 -50.66 45.31
CA VAL JA 28 38.29 -51.97 45.37
C VAL JA 28 39.33 -52.11 44.27
N LYS JA 29 39.07 -51.54 43.09
CA LYS JA 29 40.03 -51.65 42.00
C LYS JA 29 41.33 -50.93 42.32
N ILE JA 30 41.33 -49.99 43.25
CA ILE JA 30 42.53 -49.22 43.58
C ILE JA 30 43.20 -49.93 44.76
N LYS JA 31 44.31 -50.60 44.48
CA LYS JA 31 45.03 -51.31 45.52
C LYS JA 31 45.69 -50.33 46.49
N ARG JA 32 46.17 -50.85 47.61
CA ARG JA 32 46.84 -50.03 48.59
C ARG JA 32 48.33 -49.88 48.33
N ASN JA 33 48.83 -50.40 47.22
CA ASN JA 33 50.20 -50.12 46.81
C ASN JA 33 50.34 -48.66 46.47
N TRP JA 34 51.49 -48.08 46.86
CA TRP JA 34 51.66 -46.65 46.70
C TRP JA 34 51.88 -46.28 45.24
N ARG JA 35 51.27 -45.18 44.81
CA ARG JA 35 51.54 -44.58 43.52
C ARG JA 35 51.58 -43.07 43.73
N LYS JA 36 52.49 -42.40 43.07
CA LYS JA 36 52.59 -40.96 43.26
C LYS JA 36 51.46 -40.26 42.51
N PRO JA 37 50.61 -39.50 43.20
CA PRO JA 37 49.53 -38.80 42.49
C PRO JA 37 50.09 -37.64 41.68
N ARG JA 38 49.67 -37.56 40.41
CA ARG JA 38 50.15 -36.52 39.52
C ARG JA 38 49.01 -35.71 38.92
N GLY JA 39 47.86 -35.69 39.57
CA GLY JA 39 46.75 -34.90 39.06
C GLY JA 39 47.01 -33.42 39.20
N ILE JA 40 46.33 -32.64 38.35
CA ILE JA 40 46.51 -31.19 38.38
C ILE JA 40 45.83 -30.59 39.60
N ASP JA 41 44.74 -31.20 40.07
CA ASP JA 41 44.00 -30.69 41.21
C ASP JA 41 44.26 -31.49 42.47
N ASN JA 42 45.22 -32.40 42.44
CA ASN JA 42 45.37 -33.37 43.51
C ASN JA 42 45.82 -32.69 44.79
N ARG JA 43 44.99 -32.76 45.83
CA ARG JA 43 45.35 -32.14 47.09
C ARG JA 43 46.46 -32.89 47.80
N VAL JA 44 46.47 -34.22 47.69
CA VAL JA 44 47.54 -35.00 48.31
C VAL JA 44 48.88 -34.64 47.70
N ARG JA 45 48.93 -34.51 46.37
CA ARG JA 45 50.17 -34.11 45.72
C ARG JA 45 50.59 -32.73 46.19
N ARG JA 46 49.63 -31.81 46.32
CA ARG JA 46 49.99 -30.48 46.78
C ARG JA 46 50.27 -30.42 48.27
N ARG JA 47 50.05 -31.51 49.01
CA ARG JA 47 50.35 -31.57 50.44
C ARG JA 47 49.48 -30.59 51.23
N PHE JA 48 48.17 -30.67 51.00
CA PHE JA 48 47.25 -29.97 51.87
C PHE JA 48 47.25 -30.62 53.25
N LYS JA 49 46.96 -29.81 54.27
CA LYS JA 49 47.02 -30.31 55.64
C LYS JA 49 45.94 -31.37 55.86
N GLY JA 50 46.23 -32.29 56.77
CA GLY JA 50 45.25 -33.29 57.15
C GLY JA 50 44.98 -34.34 56.11
N GLN JA 51 45.80 -34.42 55.07
CA GLN JA 51 45.61 -35.42 54.02
C GLN JA 51 46.54 -36.61 54.24
N ILE JA 52 46.58 -37.49 53.25
CA ILE JA 52 47.44 -38.67 53.32
C ILE JA 52 48.88 -38.24 53.08
N LEU JA 53 49.77 -38.69 53.95
CA LEU JA 53 51.18 -38.33 53.85
C LEU JA 53 51.79 -38.91 52.57
N MET JA 54 52.72 -38.16 51.99
CA MET JA 54 53.35 -38.87 50.89
C MET JA 54 54.74 -39.34 51.28
N PRO JA 55 55.16 -40.50 50.80
CA PRO JA 55 56.51 -40.98 51.10
C PRO JA 55 57.57 -40.05 50.53
N ASN JA 56 58.67 -39.91 51.26
CA ASN JA 56 59.78 -39.09 50.81
C ASN JA 56 61.04 -39.53 51.54
N ILE JA 57 62.17 -38.92 51.15
CA ILE JA 57 63.45 -39.30 51.70
C ILE JA 57 63.55 -39.01 53.18
N GLY JA 58 62.72 -38.12 53.71
CA GLY JA 58 62.81 -37.78 55.12
C GLY JA 58 62.39 -38.90 56.03
N TYR JA 59 61.77 -39.94 55.48
CA TYR JA 59 61.35 -41.07 56.27
C TYR JA 59 62.39 -42.16 56.30
N GLY JA 60 63.57 -41.91 55.75
CA GLY JA 60 64.59 -42.94 55.70
C GLY JA 60 65.11 -43.27 57.08
N SER JA 61 65.14 -44.57 57.39
CA SER JA 61 65.57 -45.01 58.71
C SER JA 61 67.08 -44.87 58.85
N ASN JA 62 67.52 -44.90 60.10
CA ASN JA 62 68.94 -44.74 60.41
C ASN JA 62 69.76 -45.86 59.80
N LYS JA 63 70.91 -45.51 59.22
CA LYS JA 63 71.68 -46.49 58.46
C LYS JA 63 72.26 -47.59 59.32
N LYS JA 64 72.55 -47.33 60.60
CA LYS JA 64 73.04 -48.41 61.45
C LYS JA 64 71.99 -49.50 61.63
N THR JA 65 70.75 -49.11 61.88
CA THR JA 65 69.71 -50.06 62.23
C THR JA 65 68.78 -50.38 61.07
N LYS JA 66 69.15 -49.99 59.86
CA LYS JA 66 68.32 -50.32 58.71
C LYS JA 66 68.32 -51.82 58.49
N HIS JA 67 67.18 -52.34 58.04
CA HIS JA 67 66.96 -53.76 57.78
C HIS JA 67 67.06 -54.61 59.04
N MET JA 68 66.97 -54.01 60.21
CA MET JA 68 67.14 -54.78 61.45
C MET JA 68 65.82 -55.39 61.87
N LEU JA 69 65.86 -56.68 62.18
CA LEU JA 69 64.70 -57.37 62.69
C LEU JA 69 64.47 -56.99 64.15
N PRO JA 70 63.26 -57.21 64.67
CA PRO JA 70 63.02 -56.97 66.10
C PRO JA 70 63.95 -57.75 66.99
N SER JA 71 64.36 -58.94 66.57
CA SER JA 71 65.35 -59.70 67.32
C SER JA 71 66.73 -59.03 67.31
N GLY JA 72 66.96 -58.10 66.39
CA GLY JA 72 68.23 -57.41 66.31
C GLY JA 72 69.15 -57.87 65.21
N PHE JA 73 68.92 -59.06 64.65
CA PHE JA 73 69.72 -59.55 63.54
C PHE JA 73 69.26 -58.90 62.25
N ARG JA 74 69.92 -59.28 61.16
CA ARG JA 74 69.47 -58.93 59.82
C ARG JA 74 69.11 -60.19 59.07
N LYS JA 75 68.05 -60.12 58.30
CA LYS JA 75 67.47 -61.30 57.68
C LYS JA 75 68.23 -61.69 56.43
N PHE JA 76 68.49 -62.98 56.30
CA PHE JA 76 69.11 -63.52 55.10
C PHE JA 76 68.35 -64.77 54.70
N LEU JA 77 68.27 -65.03 53.40
CA LEU JA 77 67.48 -66.14 52.89
C LEU JA 77 68.40 -67.25 52.39
N VAL JA 78 68.06 -68.49 52.75
CA VAL JA 78 68.86 -69.65 52.38
C VAL JA 78 67.98 -70.65 51.64
N HIS JA 79 68.61 -71.69 51.11
CA HIS JA 79 67.88 -72.73 50.40
C HIS JA 79 68.31 -74.14 50.78
N ASN JA 80 69.58 -74.36 51.10
CA ASN JA 80 70.05 -75.65 51.56
C ASN JA 80 71.32 -75.45 52.37
N VAL JA 81 71.96 -76.58 52.70
CA VAL JA 81 73.08 -76.56 53.64
C VAL JA 81 74.25 -75.76 53.07
N LYS JA 82 74.49 -75.88 51.77
CA LYS JA 82 75.64 -75.21 51.16
C LYS JA 82 75.53 -73.69 51.30
N GLU JA 83 74.30 -73.17 51.32
CA GLU JA 83 74.14 -71.74 51.54
C GLU JA 83 74.15 -71.35 53.01
N LEU JA 84 74.58 -72.24 53.90
CA LEU JA 84 74.61 -71.89 55.31
C LEU JA 84 76.01 -71.52 55.78
N GLU JA 85 77.05 -72.14 55.22
CA GLU JA 85 78.41 -71.88 55.65
C GLU JA 85 78.83 -70.44 55.43
N VAL JA 86 78.14 -69.72 54.55
CA VAL JA 86 78.44 -68.32 54.32
C VAL JA 86 78.15 -67.47 55.55
N LEU JA 87 77.32 -67.95 56.45
CA LEU JA 87 76.97 -67.21 57.65
C LEU JA 87 77.85 -67.57 58.82
N LEU JA 88 78.83 -68.45 58.62
CA LEU JA 88 79.60 -68.96 59.73
C LEU JA 88 80.44 -67.87 60.39
N MET JA 89 81.01 -66.97 59.60
CA MET JA 89 81.77 -65.87 60.15
C MET JA 89 80.93 -64.63 60.40
N CYS JA 90 79.64 -64.66 60.11
CA CYS JA 90 78.73 -63.59 60.44
C CYS JA 90 77.66 -64.04 61.43
N ASN JA 91 78.05 -64.88 62.39
CA ASN JA 91 77.08 -65.51 63.29
C ASN JA 91 76.32 -64.50 64.13
N LYS JA 92 77.02 -63.52 64.69
CA LYS JA 92 76.44 -62.68 65.73
C LYS JA 92 75.66 -61.50 65.17
N SER JA 93 75.51 -61.40 63.85
CA SER JA 93 74.84 -60.26 63.24
C SER JA 93 73.84 -60.61 62.15
N TYR JA 94 73.79 -61.85 61.68
CA TYR JA 94 72.90 -62.21 60.60
C TYR JA 94 72.16 -63.50 60.95
N CYS JA 95 70.96 -63.64 60.37
CA CYS JA 95 70.12 -64.81 60.60
C CYS JA 95 69.57 -65.30 59.27
N ALA JA 96 69.21 -66.57 59.24
CA ALA JA 96 68.80 -67.25 58.01
C ALA JA 96 67.33 -67.65 58.07
N GLU JA 97 66.63 -67.49 56.95
CA GLU JA 97 65.28 -68.01 56.78
C GLU JA 97 65.29 -69.11 55.74
N ILE JA 98 64.66 -70.24 56.07
CA ILE JA 98 64.46 -71.29 55.10
C ILE JA 98 63.43 -70.83 54.08
N ALA JA 99 63.71 -71.10 52.80
CA ALA JA 99 62.80 -70.71 51.74
C ALA JA 99 61.49 -71.49 51.82
N HIS JA 100 60.42 -70.87 51.31
CA HIS JA 100 59.09 -71.44 51.49
C HIS JA 100 58.88 -72.72 50.69
N ASN JA 101 59.71 -72.97 49.69
CA ASN JA 101 59.56 -74.18 48.89
C ASN JA 101 60.56 -75.26 49.25
N VAL JA 102 61.24 -75.14 50.39
CA VAL JA 102 62.18 -76.18 50.81
C VAL JA 102 61.41 -77.35 51.40
N SER JA 103 61.81 -78.56 51.04
CA SER JA 103 61.13 -79.76 51.52
C SER JA 103 61.31 -79.90 53.03
N SER JA 104 60.41 -80.68 53.63
CA SER JA 104 60.42 -80.84 55.07
C SER JA 104 61.71 -81.51 55.55
N LYS JA 105 62.11 -82.61 54.89
CA LYS JA 105 63.30 -83.29 55.37
C LYS JA 105 64.55 -82.45 55.15
N ASN JA 106 64.60 -81.68 54.07
CA ASN JA 106 65.78 -80.87 53.82
C ASN JA 106 65.90 -79.74 54.82
N ARG JA 107 64.78 -79.08 55.13
CA ARG JA 107 64.84 -78.03 56.15
C ARG JA 107 65.11 -78.61 57.53
N LYS JA 108 64.77 -79.89 57.75
CA LYS JA 108 65.22 -80.56 58.96
C LYS JA 108 66.75 -80.51 59.09
N ALA JA 109 67.44 -80.95 58.03
CA ALA JA 109 68.90 -80.98 58.09
C ALA JA 109 69.47 -79.58 58.15
N ILE JA 110 68.82 -78.63 57.49
CA ILE JA 110 69.26 -77.23 57.60
C ILE JA 110 69.19 -76.77 59.04
N VAL JA 111 68.08 -77.08 59.72
CA VAL JA 111 67.93 -76.69 61.12
C VAL JA 111 69.00 -77.34 61.97
N GLU JA 112 69.26 -78.63 61.72
CA GLU JA 112 70.26 -79.32 62.52
C GLU JA 112 71.65 -78.72 62.30
N ARG JA 113 72.00 -78.43 61.05
CA ARG JA 113 73.29 -77.81 60.76
C ARG JA 113 73.39 -76.43 61.39
N ALA JA 114 72.32 -75.63 61.32
CA ALA JA 114 72.36 -74.31 61.92
C ALA JA 114 72.53 -74.38 63.42
N ALA JA 115 71.90 -75.38 64.03
CA ALA JA 115 72.13 -75.62 65.45
C ALA JA 115 73.59 -75.99 65.71
N GLN JA 116 74.17 -76.82 64.83
CA GLN JA 116 75.57 -77.19 64.99
C GLN JA 116 76.47 -75.97 64.91
N LEU JA 117 76.20 -75.09 63.96
CA LEU JA 117 76.98 -73.88 63.79
C LEU JA 117 76.46 -72.74 64.65
N ALA JA 118 75.43 -72.99 65.46
CA ALA JA 118 74.86 -71.98 66.35
C ALA JA 118 74.42 -70.74 65.58
N ILE JA 119 73.85 -70.93 64.41
CA ILE JA 119 73.34 -69.81 63.61
C ILE JA 119 71.83 -69.75 63.77
N ARG JA 120 71.33 -68.57 64.11
CA ARG JA 120 69.92 -68.41 64.42
C ARG JA 120 69.07 -68.49 63.16
N VAL JA 121 67.96 -69.22 63.27
CA VAL JA 121 66.97 -69.35 62.20
C VAL JA 121 65.63 -68.86 62.72
N THR JA 122 65.01 -67.93 61.98
CA THR JA 122 63.77 -67.33 62.44
C THR JA 122 62.60 -68.28 62.37
N ASN JA 123 62.66 -69.31 61.53
CA ASN JA 123 61.57 -70.27 61.38
C ASN JA 123 62.13 -71.67 61.58
N PRO JA 124 62.51 -72.01 62.81
CA PRO JA 124 63.11 -73.32 63.04
C PRO JA 124 62.10 -74.44 63.06
N ASN JA 125 60.83 -74.12 63.34
CA ASN JA 125 59.74 -75.09 63.38
C ASN JA 125 58.67 -74.64 62.40
N ALA JA 126 58.83 -75.04 61.14
CA ALA JA 126 57.99 -74.54 60.06
C ALA JA 126 57.34 -75.64 59.23
N ARG JA 127 57.83 -76.87 59.28
CA ARG JA 127 57.20 -77.96 58.51
C ARG JA 127 57.30 -79.21 59.37
N LEU JA 128 56.20 -79.53 60.03
CA LEU JA 128 56.18 -80.63 60.99
C LEU JA 128 54.75 -81.06 61.33
N SER KA 1 44.95 -42.87 103.90
CA SER KA 1 44.62 -42.03 105.05
C SER KA 1 44.18 -40.64 104.60
N GLY KA 2 44.55 -40.27 103.37
CA GLY KA 2 44.21 -38.98 102.85
C GLY KA 2 44.38 -38.96 101.34
N ARG KA 3 43.91 -37.86 100.74
CA ARG KA 3 43.89 -37.76 99.28
C ARG KA 3 45.30 -37.83 98.70
N LEU KA 4 46.25 -37.18 99.36
CA LEU KA 4 47.68 -37.33 99.07
C LEU KA 4 48.11 -36.89 97.67
N TRP KA 5 47.19 -36.31 96.91
CA TRP KA 5 47.54 -35.69 95.63
C TRP KA 5 46.59 -34.54 95.35
N SER KA 6 47.05 -33.61 94.52
CA SER KA 6 46.24 -32.45 94.16
C SER KA 6 45.27 -32.83 93.06
N LYS KA 7 44.05 -32.34 93.17
CA LYS KA 7 43.09 -32.50 92.09
C LYS KA 7 43.46 -31.61 90.92
N ALA KA 8 43.35 -32.15 89.71
CA ALA KA 8 43.63 -31.41 88.50
C ALA KA 8 42.73 -31.94 87.39
N ILE KA 9 42.50 -31.10 86.39
CA ILE KA 9 41.58 -31.40 85.31
C ILE KA 9 42.32 -31.33 83.97
N PHE KA 10 42.18 -32.38 83.18
CA PHE KA 10 42.75 -32.42 81.84
C PHE KA 10 41.96 -31.46 80.95
N ALA KA 11 42.49 -30.26 80.76
CA ALA KA 11 41.81 -29.27 79.94
C ALA KA 11 41.81 -29.66 78.46
N GLY KA 12 42.96 -30.05 77.94
CA GLY KA 12 43.07 -30.34 76.53
C GLY KA 12 44.53 -30.37 76.12
N TYR KA 13 44.75 -30.29 74.82
CA TYR KA 13 46.10 -30.28 74.29
C TYR KA 13 46.57 -28.86 74.01
N LYS KA 14 47.88 -28.66 74.09
CA LYS KA 14 48.47 -27.46 73.52
C LYS KA 14 48.13 -27.40 72.04
N ARG KA 15 47.63 -26.25 71.61
CA ARG KA 15 47.04 -26.16 70.29
C ARG KA 15 46.99 -24.72 69.83
N GLY KA 16 46.91 -24.55 68.52
CA GLY KA 16 46.48 -23.30 67.93
C GLY KA 16 44.99 -23.33 67.74
N LEU KA 17 44.51 -22.50 66.82
CA LEU KA 17 43.10 -22.55 66.49
C LEU KA 17 42.78 -23.78 65.67
N ARG KA 18 43.64 -24.11 64.70
CA ARG KA 18 43.40 -25.23 63.81
C ARG KA 18 44.59 -26.18 63.73
N ASN KA 19 45.41 -26.26 64.78
CA ASN KA 19 46.50 -27.22 64.82
C ASN KA 19 46.64 -27.75 66.24
N GLN KA 20 46.57 -29.07 66.37
CA GLN KA 20 46.52 -29.71 67.67
C GLN KA 20 47.81 -30.49 67.91
N ARG KA 21 48.49 -30.17 69.00
CA ARG KA 21 49.72 -30.86 69.38
C ARG KA 21 49.34 -31.86 70.47
N GLU KA 22 49.21 -33.12 70.09
CA GLU KA 22 48.75 -34.11 71.06
C GLU KA 22 49.88 -34.70 71.88
N HIS KA 23 51.13 -34.34 71.61
CA HIS KA 23 52.22 -34.89 72.41
C HIS KA 23 52.19 -34.36 73.83
N THR KA 24 51.60 -33.20 74.05
CA THR KA 24 51.54 -32.59 75.36
C THR KA 24 50.11 -32.22 75.70
N ALA KA 25 49.84 -32.03 76.99
CA ALA KA 25 48.50 -31.83 77.48
C ALA KA 25 48.43 -30.60 78.39
N LEU KA 26 47.25 -30.00 78.43
CA LEU KA 26 46.99 -28.82 79.25
C LEU KA 26 46.16 -29.22 80.45
N LEU KA 27 46.62 -28.87 81.64
CA LEU KA 27 45.98 -29.28 82.88
C LEU KA 27 45.54 -28.06 83.66
N LYS KA 28 44.46 -28.23 84.42
CA LYS KA 28 43.97 -27.20 85.34
C LYS KA 28 43.95 -27.78 86.74
N ILE KA 29 44.87 -27.32 87.57
CA ILE KA 29 44.96 -27.77 88.95
C ILE KA 29 43.97 -26.98 89.81
N GLU KA 30 43.19 -27.70 90.61
CA GLU KA 30 42.22 -27.07 91.47
C GLU KA 30 42.88 -26.12 92.47
N GLY KA 31 42.36 -24.91 92.56
CA GLY KA 31 42.86 -23.93 93.50
C GLY KA 31 44.07 -23.14 93.04
N VAL KA 32 44.45 -23.23 91.78
CA VAL KA 32 45.57 -22.48 91.23
C VAL KA 32 45.01 -21.60 90.12
N TYR KA 33 45.03 -20.28 90.32
CA TYR KA 33 44.36 -19.36 89.41
C TYR KA 33 45.26 -18.22 88.96
N ALA KA 34 46.58 -18.40 89.04
CA ALA KA 34 47.52 -17.39 88.57
C ALA KA 34 48.78 -18.10 88.10
N ARG KA 35 49.56 -17.39 87.28
CA ARG KA 35 50.77 -18.01 86.76
C ARG KA 35 51.85 -18.11 87.82
N ASP KA 36 52.02 -17.07 88.63
CA ASP KA 36 53.10 -17.08 89.62
C ASP KA 36 52.91 -18.12 90.70
N GLU KA 37 51.69 -18.60 90.91
CA GLU KA 37 51.44 -19.65 91.88
C GLU KA 37 51.70 -21.04 91.33
N THR KA 38 52.19 -21.15 90.10
CA THR KA 38 52.39 -22.45 89.50
C THR KA 38 53.78 -23.00 89.70
N GLU KA 39 54.69 -22.23 90.31
CA GLU KA 39 56.07 -22.69 90.44
C GLU KA 39 56.17 -23.95 91.27
N PHE KA 40 55.31 -24.09 92.27
CA PHE KA 40 55.38 -25.26 93.13
C PHE KA 40 55.07 -26.54 92.38
N TYR KA 41 54.15 -26.47 91.42
CA TYR KA 41 53.73 -27.67 90.71
C TYR KA 41 54.61 -27.99 89.51
N LEU KA 42 55.62 -27.18 89.23
CA LEU KA 42 56.54 -27.50 88.16
C LEU KA 42 57.36 -28.73 88.51
N GLY KA 43 57.46 -29.67 87.58
CA GLY KA 43 58.25 -30.87 87.77
C GLY KA 43 57.55 -31.97 88.53
N LYS KA 44 56.40 -31.69 89.13
CA LYS KA 44 55.70 -32.70 89.90
C LYS KA 44 55.19 -33.80 88.99
N ARG KA 45 55.02 -34.99 89.56
CA ARG KA 45 54.52 -36.12 88.80
C ARG KA 45 53.01 -36.06 88.69
N CYS KA 46 52.50 -36.16 87.47
CA CYS KA 46 51.07 -36.14 87.23
C CYS KA 46 50.67 -37.39 86.45
N ALA KA 47 49.61 -38.05 86.92
CA ALA KA 47 49.22 -39.34 86.40
C ALA KA 47 47.73 -39.36 86.10
N TYR KA 48 47.35 -40.09 85.07
CA TYR KA 48 45.96 -40.28 84.70
C TYR KA 48 45.56 -41.69 85.06
N VAL KA 49 44.57 -41.83 85.93
CA VAL KA 49 44.16 -43.12 86.46
C VAL KA 49 42.77 -43.45 85.92
N TYR KA 50 42.61 -44.64 85.37
CA TYR KA 50 41.36 -45.06 84.78
C TYR KA 50 41.20 -46.56 84.95
N LYS KA 51 39.97 -47.02 84.79
CA LYS KA 51 39.63 -48.43 84.93
C LYS KA 51 39.37 -49.04 83.56
N ALA KA 52 39.71 -50.32 83.41
CA ALA KA 52 39.57 -51.01 82.13
C ALA KA 52 38.87 -52.33 82.39
N LYS KA 53 38.69 -53.10 81.32
CA LYS KA 53 38.00 -54.38 81.37
C LYS KA 53 38.89 -55.50 81.92
N ASN KA 54 40.14 -55.53 81.49
CA ASN KA 54 41.01 -56.63 81.88
C ASN KA 54 41.78 -56.29 83.14
N ASN KA 55 42.08 -57.31 83.93
CA ASN KA 55 42.94 -57.13 85.08
C ASN KA 55 44.37 -56.85 84.64
N THR KA 56 45.05 -55.99 85.38
CA THR KA 56 46.47 -55.71 85.14
C THR KA 56 47.22 -55.83 86.44
N VAL KA 57 48.51 -56.15 86.32
CA VAL KA 57 49.36 -56.25 87.50
C VAL KA 57 49.50 -54.88 88.13
N THR KA 58 49.66 -54.87 89.44
CA THR KA 58 49.80 -53.65 90.20
C THR KA 58 51.02 -53.75 91.08
N PRO KA 59 51.89 -52.74 91.11
CA PRO KA 59 53.11 -52.83 91.92
C PRO KA 59 52.80 -52.99 93.40
N GLY KA 60 53.20 -54.14 93.94
CA GLY KA 60 52.94 -54.43 95.35
C GLY KA 60 51.48 -54.60 95.69
N GLY KA 61 50.74 -55.33 94.89
CA GLY KA 61 49.33 -55.54 95.18
C GLY KA 61 48.73 -56.57 94.24
N LYS KA 62 47.47 -56.90 94.52
CA LYS KA 62 46.76 -57.87 93.71
C LYS KA 62 46.38 -57.27 92.36
N PRO KA 63 46.25 -58.10 91.33
CA PRO KA 63 45.80 -57.58 90.03
C PRO KA 63 44.40 -56.98 90.15
N ASN KA 64 44.19 -55.91 89.38
CA ASN KA 64 42.95 -55.15 89.45
C ASN KA 64 42.74 -54.47 88.11
N LYS KA 65 41.64 -53.76 87.98
CA LYS KA 65 41.30 -53.12 86.72
C LYS KA 65 42.01 -51.80 86.51
N THR KA 66 42.71 -51.29 87.52
CA THR KA 66 43.25 -49.94 87.46
C THR KA 66 44.38 -49.85 86.46
N ARG KA 67 44.34 -48.83 85.61
CA ARG KA 67 45.44 -48.51 84.72
C ARG KA 67 45.79 -47.03 84.84
N VAL KA 68 47.10 -46.76 84.70
CA VAL KA 68 47.65 -45.43 84.91
C VAL KA 68 48.62 -45.10 83.78
N ILE KA 69 48.55 -43.87 83.29
CA ILE KA 69 49.53 -43.32 82.38
C ILE KA 69 50.34 -42.29 83.16
N TRP KA 70 51.65 -42.36 83.04
CA TRP KA 70 52.52 -41.50 83.82
C TRP KA 70 53.04 -40.32 83.01
N GLY KA 71 53.25 -39.21 83.70
CA GLY KA 71 53.84 -38.03 83.11
C GLY KA 71 54.21 -37.04 84.21
N LYS KA 72 54.76 -35.91 83.80
CA LYS KA 72 55.09 -34.90 84.79
C LYS KA 72 54.79 -33.52 84.22
N VAL KA 73 54.50 -32.59 85.11
CA VAL KA 73 54.19 -31.22 84.73
C VAL KA 73 55.48 -30.54 84.29
N THR KA 74 55.44 -29.88 83.14
CA THR KA 74 56.63 -29.27 82.57
C THR KA 74 56.74 -27.78 82.86
N ARG KA 75 55.76 -26.99 82.43
CA ARG KA 75 55.89 -25.54 82.56
C ARG KA 75 54.51 -24.93 82.69
N ALA KA 76 54.48 -23.72 83.25
CA ALA KA 76 53.23 -22.99 83.37
C ALA KA 76 52.78 -22.48 82.01
N HIS KA 77 51.48 -22.49 81.80
CA HIS KA 77 50.89 -22.11 80.53
C HIS KA 77 49.98 -20.93 80.77
N GLY KA 78 49.93 -20.00 79.82
CA GLY KA 78 49.04 -18.87 79.98
C GLY KA 78 49.40 -18.01 81.17
N ASN KA 79 48.37 -17.43 81.79
CA ASN KA 79 48.54 -16.62 82.98
C ASN KA 79 47.64 -17.05 84.13
N SER KA 80 46.70 -17.96 83.89
CA SER KA 80 45.69 -18.31 84.89
C SER KA 80 45.90 -19.70 85.48
N GLY KA 81 47.14 -20.06 85.79
CA GLY KA 81 47.40 -21.33 86.43
C GLY KA 81 47.47 -22.52 85.50
N MET KA 82 47.37 -22.31 84.19
CA MET KA 82 47.49 -23.42 83.26
C MET KA 82 48.92 -23.97 83.28
N VAL KA 83 49.02 -25.30 83.17
CA VAL KA 83 50.32 -25.96 83.17
C VAL KA 83 50.37 -26.96 82.03
N ARG KA 84 51.59 -27.34 81.67
CA ARG KA 84 51.83 -28.25 80.57
C ARG KA 84 52.42 -29.55 81.10
N ALA KA 85 51.92 -30.67 80.59
CA ALA KA 85 52.34 -31.97 81.07
C ALA KA 85 52.66 -32.90 79.90
N LYS KA 86 53.86 -33.48 79.94
CA LYS KA 86 54.30 -34.47 78.98
C LYS KA 86 54.18 -35.85 79.61
N PHE KA 87 53.52 -36.77 78.93
CA PHE KA 87 53.30 -38.09 79.50
C PHE KA 87 54.11 -39.14 78.74
N ARG KA 88 54.19 -40.33 79.34
CA ARG KA 88 54.88 -41.44 78.70
C ARG KA 88 54.20 -41.82 77.39
N SER KA 89 52.90 -41.62 77.32
CA SER KA 89 52.14 -41.76 76.08
C SER KA 89 51.16 -40.62 75.96
N ASN KA 90 50.80 -40.28 74.72
CA ASN KA 90 49.80 -39.25 74.51
C ASN KA 90 48.48 -39.66 75.14
N LEU KA 91 47.89 -38.73 75.88
CA LEU KA 91 46.69 -39.03 76.62
C LEU KA 91 45.51 -39.25 75.68
N PRO KA 92 44.62 -40.19 75.99
CA PRO KA 92 43.41 -40.34 75.18
C PRO KA 92 42.51 -39.14 75.35
N ALA KA 93 41.81 -38.79 74.27
CA ALA KA 93 40.98 -37.60 74.30
C ALA KA 93 39.76 -37.76 75.20
N LYS KA 94 39.35 -39.00 75.49
CA LYS KA 94 38.18 -39.20 76.33
C LYS KA 94 38.35 -38.66 77.73
N ALA KA 95 39.58 -38.43 78.17
CA ALA KA 95 39.86 -37.99 79.52
C ALA KA 95 39.72 -36.49 79.69
N ILE KA 96 39.34 -35.76 78.64
CA ILE KA 96 39.16 -34.32 78.76
C ILE KA 96 38.05 -34.05 79.78
N GLY KA 97 38.35 -33.20 80.75
CA GLY KA 97 37.39 -32.90 81.79
C GLY KA 97 37.33 -33.91 82.91
N HIS KA 98 38.22 -34.89 82.92
CA HIS KA 98 38.26 -35.89 83.98
C HIS KA 98 39.45 -35.62 84.89
N ARG KA 99 39.52 -36.38 85.98
CA ARG KA 99 40.48 -36.11 87.03
C ARG KA 99 41.88 -36.49 86.62
N ILE KA 100 42.84 -35.63 86.97
CA ILE KA 100 44.25 -35.94 86.89
C ILE KA 100 44.86 -35.68 88.26
N ARG KA 101 45.61 -36.65 88.78
CA ARG KA 101 46.26 -36.52 90.07
C ARG KA 101 47.67 -35.99 89.88
N VAL KA 102 48.06 -35.04 90.73
CA VAL KA 102 49.42 -34.55 90.81
C VAL KA 102 50.03 -35.09 92.09
N MET KA 103 51.02 -35.97 91.96
CA MET KA 103 51.36 -36.88 93.04
C MET KA 103 52.25 -36.24 94.10
N LEU KA 104 52.75 -35.03 93.87
CA LEU KA 104 53.65 -34.29 94.76
C LEU KA 104 54.99 -34.98 94.95
N TYR KA 105 55.32 -35.98 94.14
CA TYR KA 105 56.47 -36.83 94.44
C TYR KA 105 57.80 -36.10 94.33
N PRO KA 106 58.13 -35.41 93.23
CA PRO KA 106 59.47 -34.79 93.23
C PRO KA 106 59.47 -33.49 94.04
N SER KA 107 59.50 -33.66 95.35
CA SER KA 107 59.38 -32.52 96.26
C SER KA 107 60.62 -31.65 96.19
N ARG KA 108 60.42 -30.33 96.23
CA ARG KA 108 61.51 -29.38 96.36
C ARG KA 108 61.46 -28.62 97.68
N ILE KA 109 60.57 -29.01 98.59
CA ILE KA 109 60.46 -28.35 99.88
C ILE KA 109 60.53 -29.37 100.99
N VAL LA 1 -27.65 -71.36 6.05
CA VAL LA 1 -27.81 -72.37 5.01
C VAL LA 1 -26.47 -73.02 4.73
N GLN LA 2 -26.47 -74.11 3.98
CA GLN LA 2 -25.21 -74.76 3.64
C GLN LA 2 -24.46 -73.88 2.64
N ARG LA 3 -23.30 -73.38 3.06
CA ARG LA 3 -22.51 -72.50 2.22
C ARG LA 3 -21.51 -73.36 1.46
N LEU LA 4 -20.99 -72.80 0.36
CA LEU LA 4 -20.26 -73.60 -0.59
C LEU LA 4 -18.80 -73.17 -0.68
N THR LA 5 -17.98 -74.07 -1.23
CA THR LA 5 -16.56 -73.82 -1.41
C THR LA 5 -16.14 -74.26 -2.81
N TYR LA 6 -15.06 -73.65 -3.30
CA TYR LA 6 -14.48 -74.10 -4.55
C TYR LA 6 -13.90 -75.50 -4.36
N ARG LA 7 -14.02 -76.32 -5.40
CA ARG LA 7 -13.42 -77.64 -5.37
C ARG LA 7 -12.03 -77.69 -5.99
N ARG LA 8 -11.56 -76.59 -6.56
CA ARG LA 8 -10.24 -76.55 -7.15
C ARG LA 8 -9.42 -75.48 -6.45
N ARG LA 9 -8.12 -75.48 -6.72
CA ARG LA 9 -7.20 -74.58 -6.05
C ARG LA 9 -7.25 -73.16 -6.59
N LEU LA 10 -7.97 -72.94 -7.68
CA LEU LA 10 -8.11 -71.61 -8.25
C LEU LA 10 -9.12 -70.85 -7.40
N SER LA 11 -8.65 -69.86 -6.65
CA SER LA 11 -9.48 -69.12 -5.71
C SER LA 11 -9.85 -67.73 -6.22
N TYR LA 12 -9.96 -67.55 -7.53
CA TYR LA 12 -10.33 -66.28 -8.10
C TYR LA 12 -11.44 -66.46 -9.13
N ASN LA 13 -12.27 -65.44 -9.27
CA ASN LA 13 -13.42 -65.51 -10.17
C ASN LA 13 -13.03 -65.13 -11.60
N THR LA 14 -12.17 -65.96 -12.20
CA THR LA 14 -11.71 -65.73 -13.55
C THR LA 14 -12.81 -66.05 -14.55
N ALA LA 15 -12.48 -65.93 -15.83
CA ALA LA 15 -13.38 -66.41 -16.87
C ALA LA 15 -13.34 -67.93 -16.99
N SER LA 16 -12.30 -68.55 -16.44
CA SER LA 16 -12.16 -70.00 -16.49
C SER LA 16 -12.64 -70.70 -15.22
N ASN LA 17 -13.18 -69.95 -14.27
CA ASN LA 17 -13.56 -70.48 -12.97
C ASN LA 17 -15.04 -70.23 -12.70
N LYS LA 18 -15.89 -70.46 -13.71
CA LYS LA 18 -17.31 -70.22 -13.58
C LYS LA 18 -18.01 -71.50 -13.19
N THR LA 19 -18.85 -71.43 -12.17
CA THR LA 19 -19.48 -72.61 -11.59
C THR LA 19 -20.99 -72.44 -11.57
N ARG LA 20 -21.68 -73.57 -11.48
CA ARG LA 20 -23.11 -73.60 -11.26
C ARG LA 20 -23.41 -74.56 -10.12
N LEU LA 21 -24.60 -74.41 -9.56
CA LEU LA 21 -25.02 -75.20 -8.42
C LEU LA 21 -25.58 -76.53 -8.90
N SER LA 22 -25.56 -77.53 -8.01
CA SER LA 22 -26.19 -78.81 -8.31
C SER LA 22 -26.43 -79.59 -7.03
N ARG LA 23 -27.53 -80.34 -7.02
CA ARG LA 23 -27.88 -81.22 -5.91
C ARG LA 23 -27.45 -82.63 -6.25
N THR LA 24 -26.58 -83.19 -5.43
CA THR LA 24 -26.16 -84.57 -5.60
C THR LA 24 -27.27 -85.52 -5.19
N PRO LA 25 -27.19 -86.78 -5.58
CA PRO LA 25 -28.08 -87.79 -5.00
C PRO LA 25 -27.93 -87.89 -3.49
N GLY LA 26 -26.80 -87.44 -2.95
CA GLY LA 26 -26.63 -87.33 -1.52
C GLY LA 26 -27.30 -86.11 -0.92
N ASN LA 27 -28.08 -85.38 -1.72
CA ASN LA 27 -28.86 -84.24 -1.28
C ASN LA 27 -27.97 -83.19 -0.60
N ARG LA 28 -26.92 -82.81 -1.32
CA ARG LA 28 -26.03 -81.76 -0.90
C ARG LA 28 -25.68 -80.92 -2.12
N ILE LA 29 -25.40 -79.65 -1.90
CA ILE LA 29 -25.13 -78.71 -2.97
C ILE LA 29 -23.63 -78.59 -3.16
N VAL LA 30 -23.16 -78.78 -4.39
CA VAL LA 30 -21.77 -78.56 -4.73
C VAL LA 30 -21.70 -77.80 -6.04
N TYR LA 31 -20.54 -77.21 -6.28
CA TYR LA 31 -20.30 -76.48 -7.51
C TYR LA 31 -19.97 -77.45 -8.63
N LEU LA 32 -20.48 -77.18 -9.82
CA LEU LA 32 -20.06 -77.85 -11.04
C LEU LA 32 -19.34 -76.84 -11.91
N TYR LA 33 -18.06 -77.09 -12.17
CA TYR LA 33 -17.26 -76.15 -12.92
C TYR LA 33 -17.72 -76.16 -14.37
N THR LA 34 -18.32 -75.06 -14.80
CA THR LA 34 -19.00 -75.01 -16.08
C THR LA 34 -18.00 -74.88 -17.22
N LYS LA 35 -18.51 -75.10 -18.43
CA LYS LA 35 -17.76 -74.88 -19.65
C LYS LA 35 -18.11 -73.52 -20.25
N LYS LA 36 -17.16 -72.95 -20.97
CA LYS LA 36 -17.43 -71.69 -21.64
C LYS LA 36 -18.46 -71.87 -22.74
N VAL LA 37 -19.16 -70.78 -23.05
CA VAL LA 37 -20.27 -70.82 -24.00
C VAL LA 37 -19.70 -70.75 -25.41
N GLY LA 38 -20.10 -71.71 -26.26
CA GLY LA 38 -19.73 -71.66 -27.65
C GLY LA 38 -20.55 -70.65 -28.43
N LYS LA 39 -20.11 -70.38 -29.65
CA LYS LA 39 -20.76 -69.39 -30.50
C LYS LA 39 -20.96 -69.95 -31.91
N ALA LA 40 -22.09 -69.61 -32.51
CA ALA LA 40 -22.32 -69.95 -33.90
C ALA LA 40 -21.38 -69.13 -34.78
N PRO LA 41 -20.97 -69.68 -35.92
CA PRO LA 41 -20.02 -68.96 -36.78
C PRO LA 41 -20.61 -67.70 -37.37
N LYS LA 42 -19.73 -66.74 -37.65
CA LYS LA 42 -20.08 -65.53 -38.38
C LYS LA 42 -19.97 -65.77 -39.88
N SER LA 43 -20.76 -65.02 -40.64
CA SER LA 43 -20.71 -65.14 -42.09
C SER LA 43 -19.42 -64.57 -42.63
N ALA LA 44 -18.85 -65.28 -43.61
CA ALA LA 44 -17.62 -64.82 -44.25
C ALA LA 44 -17.85 -63.63 -45.17
N CYS LA 45 -19.11 -63.27 -45.44
CA CYS LA 45 -19.37 -62.07 -46.23
C CYS LA 45 -18.83 -60.84 -45.55
N GLY LA 46 -18.92 -60.81 -44.22
CA GLY LA 46 -18.50 -59.64 -43.47
C GLY LA 46 -19.46 -58.48 -43.55
N VAL LA 47 -20.74 -58.74 -43.82
CA VAL LA 47 -21.73 -57.69 -44.00
C VAL LA 47 -22.85 -57.80 -42.98
N CYS LA 48 -23.58 -58.89 -42.99
CA CYS LA 48 -24.69 -59.00 -42.05
C CYS LA 48 -24.21 -59.60 -40.73
N PRO LA 49 -24.68 -59.06 -39.60
CA PRO LA 49 -24.08 -59.42 -38.31
C PRO LA 49 -24.57 -60.74 -37.76
N GLY LA 50 -25.59 -61.34 -38.36
CA GLY LA 50 -26.16 -62.55 -37.81
C GLY LA 50 -25.19 -63.72 -37.88
N ARG LA 51 -25.34 -64.63 -36.93
CA ARG LA 51 -24.52 -65.83 -36.89
C ARG LA 51 -25.27 -66.97 -37.58
N LEU LA 52 -24.51 -67.87 -38.18
CA LEU LA 52 -25.10 -68.90 -39.02
C LEU LA 52 -26.00 -69.83 -38.22
N ARG LA 53 -27.10 -70.23 -38.84
CA ARG LA 53 -28.03 -71.16 -38.23
C ARG LA 53 -27.58 -72.58 -38.49
N GLY LA 54 -28.21 -73.53 -37.79
CA GLY LA 54 -28.00 -74.92 -38.06
C GLY LA 54 -26.62 -75.44 -37.73
N VAL LA 55 -25.78 -74.64 -37.08
CA VAL LA 55 -24.44 -75.05 -36.69
C VAL LA 55 -24.38 -75.04 -35.18
N ARG LA 56 -23.93 -76.15 -34.60
CA ARG LA 56 -23.92 -76.27 -33.16
C ARG LA 56 -22.82 -75.40 -32.57
N ALA LA 57 -23.19 -74.56 -31.61
CA ALA LA 57 -22.28 -73.57 -31.03
C ALA LA 57 -21.53 -74.22 -29.89
N VAL LA 58 -20.26 -74.56 -30.11
CA VAL LA 58 -19.44 -75.19 -29.10
C VAL LA 58 -18.06 -74.55 -29.13
N ARG LA 59 -17.25 -74.90 -28.15
CA ARG LA 59 -15.86 -74.49 -28.15
C ARG LA 59 -15.14 -75.12 -29.33
N PRO LA 60 -14.16 -74.44 -29.90
CA PRO LA 60 -13.55 -74.93 -31.15
C PRO LA 60 -12.93 -76.30 -31.04
N LYS LA 61 -12.32 -76.63 -29.91
CA LYS LA 61 -11.72 -77.95 -29.77
C LYS LA 61 -12.74 -79.05 -29.62
N VAL LA 62 -13.99 -78.71 -29.30
CA VAL LA 62 -15.06 -79.70 -29.33
C VAL LA 62 -15.42 -80.06 -30.76
N LEU LA 63 -15.32 -79.10 -31.70
CA LEU LA 63 -15.70 -79.36 -33.09
C LEU LA 63 -14.86 -80.44 -33.74
N MET LA 64 -13.69 -80.73 -33.18
CA MET LA 64 -12.86 -81.79 -33.75
C MET LA 64 -13.55 -83.14 -33.69
N ARG LA 65 -14.33 -83.40 -32.65
CA ARG LA 65 -14.98 -84.69 -32.47
C ARG LA 65 -16.45 -84.66 -32.86
N LEU LA 66 -16.93 -83.59 -33.48
CA LEU LA 66 -18.29 -83.56 -33.99
C LEU LA 66 -18.33 -84.13 -35.40
N SER LA 67 -19.47 -84.73 -35.74
CA SER LA 67 -19.65 -85.26 -37.08
C SER LA 67 -19.77 -84.13 -38.09
N LYS LA 68 -19.44 -84.44 -39.34
CA LYS LA 68 -19.37 -83.42 -40.38
C LYS LA 68 -20.72 -82.73 -40.60
N THR LA 69 -21.81 -83.48 -40.47
CA THR LA 69 -23.12 -82.89 -40.69
C THR LA 69 -23.40 -81.76 -39.70
N LYS LA 70 -23.01 -81.95 -38.44
CA LYS LA 70 -23.25 -80.93 -37.45
C LYS LA 70 -22.45 -79.65 -37.67
N LYS LA 71 -21.43 -79.68 -38.51
CA LYS LA 71 -20.54 -78.53 -38.66
C LYS LA 71 -20.73 -77.79 -39.98
N HIS LA 72 -21.72 -78.14 -40.78
CA HIS LA 72 -21.98 -77.39 -41.99
C HIS LA 72 -23.45 -77.55 -42.39
N VAL LA 73 -23.79 -76.93 -43.51
CA VAL LA 73 -25.13 -76.97 -44.08
C VAL LA 73 -25.00 -77.44 -45.52
N SER LA 74 -25.89 -78.34 -45.94
CA SER LA 74 -25.84 -78.89 -47.28
C SER LA 74 -26.29 -77.80 -48.26
N ARG LA 75 -25.36 -76.91 -48.56
CA ARG LA 75 -25.55 -75.83 -49.52
C ARG LA 75 -24.16 -75.33 -49.89
N ALA LA 76 -24.03 -74.84 -51.12
CA ALA LA 76 -22.77 -74.24 -51.53
C ALA LA 76 -22.44 -73.09 -50.59
N TYR LA 77 -21.20 -73.08 -50.09
CA TYR LA 77 -20.76 -72.21 -49.01
C TYR LA 77 -21.56 -72.40 -47.74
N GLY LA 78 -22.30 -73.50 -47.61
CA GLY LA 78 -23.04 -73.77 -46.40
C GLY LA 78 -22.13 -74.05 -45.23
N GLY LA 79 -22.49 -73.57 -44.05
CA GLY LA 79 -21.62 -73.72 -42.92
C GLY LA 79 -20.47 -72.76 -42.89
N SER LA 80 -20.39 -71.83 -43.84
CA SER LA 80 -19.36 -70.81 -43.83
C SER LA 80 -19.87 -69.44 -44.23
N MET LA 81 -20.97 -69.36 -44.96
CA MET LA 81 -21.55 -68.09 -45.36
C MET LA 81 -23.07 -68.17 -45.26
N CYS LA 82 -23.68 -67.03 -44.98
CA CYS LA 82 -25.13 -66.95 -44.87
C CYS LA 82 -25.79 -67.13 -46.23
N ALA LA 83 -27.05 -67.54 -46.19
CA ALA LA 83 -27.77 -67.85 -47.43
C ALA LA 83 -27.98 -66.61 -48.29
N LYS LA 84 -28.42 -65.51 -47.67
CA LYS LA 84 -28.77 -64.32 -48.44
C LYS LA 84 -27.58 -63.78 -49.21
N CYS LA 85 -26.43 -63.68 -48.54
CA CYS LA 85 -25.26 -63.15 -49.22
C CYS LA 85 -24.70 -64.11 -50.25
N VAL LA 86 -24.91 -65.42 -50.08
CA VAL LA 86 -24.57 -66.36 -51.13
C VAL LA 86 -25.44 -66.12 -52.36
N ARG LA 87 -26.75 -65.93 -52.15
CA ARG LA 87 -27.65 -65.64 -53.27
C ARG LA 87 -27.25 -64.34 -53.95
N ASP LA 88 -26.92 -63.33 -53.15
CA ASP LA 88 -26.46 -62.07 -53.71
C ASP LA 88 -25.21 -62.27 -54.55
N ARG LA 89 -24.28 -63.09 -54.06
CA ARG LA 89 -23.05 -63.30 -54.82
C ARG LA 89 -23.32 -64.03 -56.13
N ILE LA 90 -24.22 -65.00 -56.11
CA ILE LA 90 -24.54 -65.70 -57.35
C ILE LA 90 -25.13 -64.72 -58.36
N LYS LA 91 -26.08 -63.90 -57.90
CA LYS LA 91 -26.67 -62.90 -58.78
C LYS LA 91 -25.61 -61.93 -59.28
N ARG LA 92 -24.73 -61.48 -58.39
CA ARG LA 92 -23.70 -60.52 -58.75
C ARG LA 92 -22.77 -61.08 -59.81
N ALA LA 93 -22.28 -62.30 -59.60
CA ALA LA 93 -21.35 -62.89 -60.54
C ALA LA 93 -22.00 -63.09 -61.89
N PHE LA 94 -23.23 -63.59 -61.89
CA PHE LA 94 -23.89 -63.82 -63.17
C PHE LA 94 -24.10 -62.51 -63.92
N LEU LA 95 -24.55 -61.48 -63.21
CA LEU LA 95 -24.79 -60.20 -63.87
C LEU LA 95 -23.49 -59.60 -64.37
N ILE LA 96 -22.40 -59.71 -63.62
CA ILE LA 96 -21.15 -59.10 -64.05
C ILE LA 96 -20.58 -59.84 -65.26
N GLU LA 97 -20.67 -61.17 -65.28
CA GLU LA 97 -20.18 -61.87 -66.46
C GLU LA 97 -21.05 -61.56 -67.68
N GLU LA 98 -22.36 -61.43 -67.47
CA GLU LA 98 -23.21 -61.02 -68.58
C GLU LA 98 -22.85 -59.62 -69.05
N GLN LA 99 -22.50 -58.75 -68.11
CA GLN LA 99 -22.03 -57.41 -68.44
C GLN LA 99 -20.76 -57.47 -69.28
N LYS LA 100 -19.85 -58.38 -68.93
CA LYS LA 100 -18.64 -58.55 -69.72
C LYS LA 100 -18.99 -58.97 -71.14
N ILE LA 101 -19.94 -59.89 -71.28
CA ILE LA 101 -20.38 -60.30 -72.60
C ILE LA 101 -20.95 -59.11 -73.37
N VAL LA 102 -21.76 -58.30 -72.70
CA VAL LA 102 -22.43 -57.18 -73.36
C VAL LA 102 -21.40 -56.16 -73.82
N VAL LA 103 -20.44 -55.82 -72.97
CA VAL LA 103 -19.45 -54.83 -73.36
C VAL LA 103 -18.53 -55.37 -74.44
N LYS LA 104 -18.25 -56.67 -74.43
CA LYS LA 104 -17.46 -57.25 -75.50
C LYS LA 104 -18.21 -57.17 -76.82
N VAL LA 105 -19.51 -57.44 -76.80
CA VAL LA 105 -20.31 -57.32 -78.01
C VAL LA 105 -20.36 -55.87 -78.48
N LEU LA 106 -20.53 -54.95 -77.54
CA LEU LA 106 -20.62 -53.54 -77.87
C LEU LA 106 -19.33 -53.04 -78.53
N LYS LA 107 -18.18 -53.44 -78.00
CA LYS LA 107 -16.92 -53.03 -78.61
C LYS LA 107 -16.65 -53.82 -79.88
N ALA LA 108 -17.21 -55.02 -80.02
CA ALA LA 108 -17.01 -55.81 -81.23
C ALA LA 108 -17.76 -55.22 -82.41
N GLN LA 109 -18.99 -54.78 -82.17
CA GLN LA 109 -19.75 -54.11 -83.22
C GLN LA 109 -19.28 -52.68 -83.46
N ALA LA 110 -18.61 -52.07 -82.47
CA ALA LA 110 -18.20 -50.68 -82.63
C ALA LA 110 -17.02 -50.51 -83.56
N GLN LA 111 -16.22 -51.56 -83.75
CA GLN LA 111 -15.09 -51.48 -84.65
C GLN LA 111 -15.47 -51.77 -86.11
N SER LA 112 -16.76 -51.87 -86.41
CA SER LA 112 -17.21 -52.13 -87.77
C SER LA 112 -16.80 -51.02 -88.74
N GLN LA 113 -16.64 -49.80 -88.25
CA GLN LA 113 -16.26 -48.66 -89.09
C GLN LA 113 -14.78 -48.36 -88.91
N LYS LA 114 -14.08 -48.22 -90.03
CA LYS LA 114 -12.69 -47.80 -90.02
C LYS LA 114 -12.60 -46.29 -89.87
N ALA MA 1 31.05 -117.47 5.62
CA ALA MA 1 31.26 -118.10 4.33
C ALA MA 1 31.33 -117.06 3.23
N LYS MA 2 32.36 -116.21 3.29
CA LYS MA 2 32.54 -115.15 2.32
C LYS MA 2 33.00 -115.70 0.98
N ILE MA 3 32.99 -114.84 -0.02
CA ILE MA 3 33.48 -115.16 -1.36
C ILE MA 3 34.69 -114.30 -1.66
N LYS MA 4 35.71 -114.90 -2.27
CA LYS MA 4 36.95 -114.22 -2.54
C LYS MA 4 36.96 -113.68 -3.96
N ALA MA 5 37.94 -112.84 -4.25
CA ALA MA 5 38.07 -112.31 -5.59
C ALA MA 5 38.95 -113.17 -6.48
N ARG MA 6 39.89 -113.92 -5.89
CA ARG MA 6 40.80 -114.72 -6.69
C ARG MA 6 40.06 -115.79 -7.46
N ASP MA 7 39.22 -116.58 -6.78
CA ASP MA 7 38.49 -117.64 -7.43
C ASP MA 7 37.47 -117.13 -8.44
N LEU MA 8 37.03 -115.88 -8.30
CA LEU MA 8 36.06 -115.33 -9.23
C LEU MA 8 36.65 -115.07 -10.60
N ARG MA 9 37.95 -114.77 -10.68
CA ARG MA 9 38.54 -114.40 -11.96
C ARG MA 9 38.53 -115.56 -12.95
N GLY MA 10 38.71 -116.79 -12.45
CA GLY MA 10 38.74 -117.95 -13.32
C GLY MA 10 37.41 -118.26 -13.98
N LYS MA 11 36.30 -118.02 -13.30
CA LYS MA 11 34.99 -118.33 -13.85
C LYS MA 11 34.67 -117.42 -15.03
N LYS MA 12 33.64 -117.79 -15.76
CA LYS MA 12 33.22 -117.03 -16.93
C LYS MA 12 31.87 -116.34 -16.68
N LYS MA 13 31.37 -115.72 -17.74
CA LYS MA 13 30.37 -114.66 -17.58
C LYS MA 13 29.03 -115.20 -17.08
N GLU MA 14 28.64 -116.39 -17.52
CA GLU MA 14 27.30 -116.88 -17.19
C GLU MA 14 27.15 -117.10 -15.69
N GLU MA 15 28.07 -117.85 -15.09
CA GLU MA 15 27.97 -118.09 -13.67
C GLU MA 15 28.28 -116.86 -12.85
N LEU MA 16 29.14 -115.96 -13.36
CA LEU MA 16 29.33 -114.68 -12.70
C LEU MA 16 28.04 -113.90 -12.60
N LEU MA 17 27.35 -113.77 -13.73
CA LEU MA 17 26.08 -113.04 -13.74
C LEU MA 17 25.05 -113.72 -12.88
N LYS MA 18 25.03 -115.06 -12.90
CA LYS MA 18 24.07 -115.79 -12.09
C LYS MA 18 24.30 -115.56 -10.61
N GLN MA 19 25.54 -115.65 -10.17
CA GLN MA 19 25.82 -115.45 -8.75
C GLN MA 19 25.59 -113.99 -8.35
N LEU MA 20 25.86 -113.07 -9.27
CA LEU MA 20 25.57 -111.67 -9.00
C LEU MA 20 24.08 -111.44 -8.80
N ASP MA 21 23.27 -112.04 -9.66
CA ASP MA 21 21.82 -111.93 -9.51
C ASP MA 21 21.36 -112.57 -8.20
N ASP MA 22 21.95 -113.71 -7.85
CA ASP MA 22 21.60 -114.34 -6.58
C ASP MA 22 21.92 -113.43 -5.41
N LEU MA 23 23.06 -112.76 -5.48
CA LEU MA 23 23.44 -111.84 -4.41
C LEU MA 23 22.47 -110.67 -4.33
N LYS MA 24 22.05 -110.15 -5.49
CA LYS MA 24 21.05 -109.09 -5.48
C LYS MA 24 19.75 -109.57 -4.84
N VAL MA 25 19.33 -110.79 -5.17
CA VAL MA 25 18.09 -111.32 -4.61
C VAL MA 25 18.20 -111.45 -3.10
N GLU MA 26 19.34 -111.96 -2.62
CA GLU MA 26 19.51 -112.12 -1.19
C GLU MA 26 19.59 -110.76 -0.49
N LEU MA 27 20.15 -109.75 -1.17
CA LEU MA 27 20.16 -108.41 -0.58
C LEU MA 27 18.76 -107.87 -0.44
N SER MA 28 17.92 -108.06 -1.46
CA SER MA 28 16.52 -107.65 -1.33
C SER MA 28 15.85 -108.39 -0.19
N GLN MA 29 16.16 -109.67 -0.03
CA GLN MA 29 15.61 -110.44 1.08
C GLN MA 29 16.04 -109.84 2.42
N LEU MA 30 17.29 -109.45 2.54
CA LEU MA 30 17.76 -108.90 3.80
C LEU MA 30 17.14 -107.54 4.08
N ARG MA 31 16.90 -106.74 3.04
CA ARG MA 31 16.16 -105.50 3.23
C ARG MA 31 14.76 -105.78 3.74
N VAL MA 32 14.11 -106.78 3.15
CA VAL MA 32 12.78 -107.18 3.59
C VAL MA 32 12.80 -107.57 5.07
N ALA MA 33 13.81 -108.33 5.46
CA ALA MA 33 13.94 -108.68 6.87
C ALA MA 33 14.16 -107.44 7.73
N LYS MA 34 14.96 -106.50 7.25
CA LYS MA 34 15.28 -105.31 8.04
C LYS MA 34 14.03 -104.49 8.32
N VAL MA 35 13.18 -104.30 7.32
CA VAL MA 35 11.97 -103.52 7.58
C VAL MA 35 10.99 -104.33 8.42
N THR MA 36 11.13 -105.65 8.44
CA THR MA 36 10.27 -106.52 9.24
C THR MA 36 10.92 -107.00 10.52
N GLY MA 37 11.69 -106.14 11.19
CA GLY MA 37 12.31 -106.51 12.44
C GLY MA 37 13.59 -107.30 12.25
N GLY MA 38 13.44 -108.58 11.89
CA GLY MA 38 14.58 -109.39 11.55
C GLY MA 38 15.50 -109.67 12.73
N ALA MA 39 16.72 -110.07 12.42
CA ALA MA 39 17.69 -110.47 13.42
C ALA MA 39 18.99 -109.70 13.22
N ALA MA 40 19.75 -109.57 14.30
CA ALA MA 40 21.00 -108.84 14.25
C ALA MA 40 21.98 -109.48 13.28
N SER MA 41 22.00 -110.81 13.23
CA SER MA 41 22.83 -111.49 12.26
C SER MA 41 22.42 -111.14 10.84
N LYS MA 42 21.11 -111.12 10.58
CA LYS MA 42 20.63 -110.79 9.25
C LYS MA 42 20.95 -109.35 8.89
N LEU MA 43 20.84 -108.43 9.85
CA LEU MA 43 21.19 -107.05 9.58
C LEU MA 43 22.67 -106.92 9.27
N SER MA 44 23.52 -107.60 10.04
CA SER MA 44 24.95 -107.54 9.77
C SER MA 44 25.30 -108.18 8.44
N LYS MA 45 24.48 -109.14 8.00
CA LYS MA 45 24.72 -109.82 6.74
C LYS MA 45 24.63 -108.88 5.55
N ILE MA 46 23.97 -107.74 5.71
CA ILE MA 46 23.77 -106.81 4.59
C ILE MA 46 25.11 -106.30 4.08
N ARG MA 47 26.01 -105.95 5.00
CA ARG MA 47 27.30 -105.41 4.61
C ARG MA 47 28.09 -106.41 3.78
N VAL MA 48 28.10 -107.67 4.20
CA VAL MA 48 28.84 -108.70 3.49
C VAL MA 48 28.28 -108.89 2.10
N VAL MA 49 26.95 -108.89 1.98
CA VAL MA 49 26.33 -109.04 0.68
C VAL MA 49 26.66 -107.87 -0.23
N ARG MA 50 26.63 -106.65 0.31
CA ARG MA 50 26.97 -105.49 -0.51
C ARG MA 50 28.40 -105.56 -0.99
N LYS MA 51 29.32 -105.95 -0.12
CA LYS MA 51 30.72 -106.03 -0.51
C LYS MA 51 30.95 -107.14 -1.52
N SER MA 52 30.27 -108.28 -1.37
CA SER MA 52 30.37 -109.33 -2.37
C SER MA 52 29.83 -108.87 -3.71
N ILE MA 53 28.74 -108.10 -3.69
CA ILE MA 53 28.19 -107.57 -4.94
C ILE MA 53 29.20 -106.66 -5.61
N ALA MA 54 29.82 -105.77 -4.83
CA ALA MA 54 30.84 -104.90 -5.38
C ALA MA 54 31.99 -105.70 -5.95
N ARG MA 55 32.37 -106.77 -5.25
CA ARG MA 55 33.47 -107.61 -5.71
C ARG MA 55 33.17 -108.25 -7.05
N VAL MA 56 31.95 -108.81 -7.19
CA VAL MA 56 31.57 -109.45 -8.43
C VAL MA 56 31.52 -108.44 -9.57
N LEU MA 57 30.92 -107.28 -9.31
CA LEU MA 57 30.81 -106.26 -10.35
C LEU MA 57 32.17 -105.78 -10.80
N THR MA 58 33.09 -105.55 -9.86
CA THR MA 58 34.40 -105.04 -10.25
C THR MA 58 35.24 -106.11 -10.93
N VAL MA 59 35.05 -107.38 -10.58
CA VAL MA 59 35.74 -108.45 -11.30
C VAL MA 59 35.26 -108.50 -12.74
N ILE MA 60 33.94 -108.42 -12.93
CA ILE MA 60 33.39 -108.42 -14.28
C ILE MA 60 33.92 -107.24 -15.07
N ASN MA 61 33.92 -106.07 -14.45
CA ASN MA 61 34.39 -104.88 -15.15
C ASN MA 61 35.87 -104.98 -15.50
N GLN MA 62 36.70 -105.47 -14.58
CA GLN MA 62 38.12 -105.63 -14.89
C GLN MA 62 38.32 -106.60 -16.03
N THR MA 63 37.59 -107.71 -16.03
CA THR MA 63 37.75 -108.69 -17.10
C THR MA 63 37.34 -108.10 -18.45
N GLN MA 64 36.20 -107.43 -18.50
CA GLN MA 64 35.74 -106.87 -19.77
C GLN MA 64 36.68 -105.75 -20.24
N LYS MA 65 37.14 -104.94 -19.30
CA LYS MA 65 38.03 -103.83 -19.65
C LYS MA 65 39.34 -104.35 -20.20
N GLU MA 66 39.92 -105.38 -19.59
CA GLU MA 66 41.18 -105.89 -20.07
C GLU MA 66 41.01 -106.65 -21.39
N ASN MA 67 39.84 -107.27 -21.59
CA ASN MA 67 39.56 -107.88 -22.88
C ASN MA 67 39.55 -106.82 -23.96
N LEU MA 68 38.91 -105.68 -23.68
CA LEU MA 68 38.88 -104.60 -24.66
C LEU MA 68 40.26 -103.99 -24.87
N ARG MA 69 41.04 -103.87 -23.79
CA ARG MA 69 42.41 -103.37 -23.93
C ARG MA 69 43.23 -104.29 -24.81
N LYS MA 70 43.03 -105.60 -24.68
CA LYS MA 70 43.65 -106.56 -25.57
C LYS MA 70 43.17 -106.36 -27.00
N PHE MA 71 41.86 -106.17 -27.17
CA PHE MA 71 41.28 -106.06 -28.50
C PHE MA 71 41.81 -104.84 -29.25
N TYR MA 72 41.91 -103.71 -28.58
CA TYR MA 72 42.31 -102.46 -29.21
C TYR MA 72 43.81 -102.25 -29.23
N LYS MA 73 44.59 -103.19 -28.73
CA LYS MA 73 46.03 -103.05 -28.79
C LYS MA 73 46.49 -103.15 -30.22
N GLY MA 74 47.43 -102.29 -30.61
CA GLY MA 74 47.97 -102.30 -31.95
C GLY MA 74 47.15 -101.57 -32.99
N LYS MA 75 46.08 -100.89 -32.59
CA LYS MA 75 45.24 -100.16 -33.52
C LYS MA 75 45.57 -98.67 -33.47
N LYS MA 76 45.47 -98.01 -34.62
CA LYS MA 76 45.82 -96.60 -34.70
C LYS MA 76 44.88 -95.76 -33.85
N TYR MA 77 43.58 -96.04 -33.91
CA TYR MA 77 42.58 -95.25 -33.19
C TYR MA 77 41.97 -96.10 -32.09
N LYS MA 78 41.83 -95.51 -30.91
CA LYS MA 78 41.37 -96.25 -29.75
C LYS MA 78 40.32 -95.42 -29.02
N PRO MA 79 39.40 -96.09 -28.32
CA PRO MA 79 38.44 -95.35 -27.49
C PRO MA 79 39.17 -94.54 -26.42
N LEU MA 80 38.55 -93.43 -26.05
CA LEU MA 80 39.24 -92.44 -25.23
C LEU MA 80 39.62 -92.98 -23.87
N ASP MA 81 38.72 -93.72 -23.23
CA ASP MA 81 39.00 -94.23 -21.90
C ASP MA 81 40.18 -95.19 -21.87
N LEU MA 82 40.37 -95.97 -22.93
CA LEU MA 82 41.51 -96.87 -23.03
C LEU MA 82 42.82 -96.12 -23.10
N ARG MA 83 42.82 -94.92 -23.66
CA ARG MA 83 44.03 -94.13 -23.76
C ARG MA 83 44.45 -93.70 -22.36
N PRO MA 84 45.74 -93.43 -22.16
CA PRO MA 84 46.19 -92.98 -20.84
C PRO MA 84 45.58 -91.65 -20.44
N LYS MA 85 45.53 -91.41 -19.14
CA LYS MA 85 44.97 -90.18 -18.61
C LYS MA 85 46.00 -89.47 -17.75
N LYS MA 86 47.20 -89.28 -18.30
CA LYS MA 86 48.28 -88.65 -17.57
C LYS MA 86 47.87 -87.28 -17.07
N THR MA 87 47.68 -86.33 -17.98
CA THR MA 87 47.34 -84.95 -17.65
C THR MA 87 47.00 -84.27 -18.96
N ARG MA 88 46.01 -83.36 -18.91
CA ARG MA 88 45.59 -82.66 -20.10
C ARG MA 88 46.78 -82.00 -20.80
N ALA MA 89 47.56 -81.22 -20.05
CA ALA MA 89 48.74 -80.62 -20.63
C ALA MA 89 49.73 -81.69 -21.08
N MET MA 90 49.87 -82.76 -20.30
CA MET MA 90 50.79 -83.83 -20.67
C MET MA 90 50.34 -84.52 -21.94
N ARG MA 91 49.04 -84.68 -22.13
CA ARG MA 91 48.56 -85.22 -23.40
C ARG MA 91 48.78 -84.23 -24.54
N ARG MA 92 48.76 -82.94 -24.26
CA ARG MA 92 48.99 -81.98 -25.33
C ARG MA 92 50.44 -81.94 -25.77
N ARG MA 93 51.39 -82.24 -24.87
CA ARG MA 93 52.78 -82.02 -25.21
C ARG MA 93 53.30 -83.10 -26.15
N LEU MA 94 54.53 -82.89 -26.62
CA LEU MA 94 55.10 -83.70 -27.70
C LEU MA 94 55.60 -85.05 -27.19
N ASN MA 95 55.60 -86.04 -28.08
CA ASN MA 95 56.15 -87.35 -27.73
C ASN MA 95 57.66 -87.33 -27.88
N LYS MA 96 58.29 -88.46 -27.53
CA LYS MA 96 59.75 -88.54 -27.56
C LYS MA 96 60.31 -88.35 -28.96
N HIS MA 97 59.69 -89.00 -29.95
CA HIS MA 97 60.23 -88.95 -31.31
C HIS MA 97 60.20 -87.53 -31.87
N GLU MA 98 59.05 -86.87 -31.77
CA GLU MA 98 58.95 -85.51 -32.25
C GLU MA 98 59.65 -84.52 -31.32
N GLU MA 99 59.94 -84.89 -30.08
CA GLU MA 99 60.68 -84.00 -29.21
C GLU MA 99 62.17 -84.01 -29.54
N ASN MA 100 62.71 -85.18 -29.89
CA ASN MA 100 64.15 -85.34 -29.98
C ASN MA 100 64.72 -85.21 -31.39
N LEU MA 101 63.89 -85.26 -32.42
CA LEU MA 101 64.42 -85.25 -33.78
C LEU MA 101 65.03 -83.90 -34.12
N LYS MA 102 66.01 -83.91 -35.02
CA LYS MA 102 66.86 -82.76 -35.27
C LYS MA 102 66.98 -82.49 -36.77
N THR MA 103 67.16 -81.21 -37.11
CA THR MA 103 67.27 -80.79 -38.49
C THR MA 103 68.61 -81.20 -39.08
N LYS MA 104 68.67 -81.19 -40.41
CA LYS MA 104 69.91 -81.54 -41.11
C LYS MA 104 71.04 -80.61 -40.73
N LYS MA 105 70.76 -79.31 -40.64
CA LYS MA 105 71.79 -78.36 -40.23
C LYS MA 105 72.30 -78.67 -38.83
N GLN MA 106 71.37 -78.98 -37.91
CA GLN MA 106 71.76 -79.20 -36.53
C GLN MA 106 72.66 -80.43 -36.41
N GLN MA 107 72.23 -81.55 -36.98
CA GLN MA 107 73.04 -82.75 -36.91
C GLN MA 107 74.34 -82.57 -37.67
N ARG MA 108 74.34 -81.72 -38.70
CA ARG MA 108 75.61 -81.40 -39.35
C ARG MA 108 76.55 -80.70 -38.39
N LYS MA 109 76.03 -79.76 -37.60
CA LYS MA 109 76.87 -79.13 -36.58
C LYS MA 109 77.37 -80.14 -35.58
N GLU MA 110 76.49 -81.00 -35.09
CA GLU MA 110 76.88 -81.94 -34.04
C GLU MA 110 77.91 -82.93 -34.56
N ARG MA 111 77.76 -83.36 -35.80
CA ARG MA 111 78.78 -84.23 -36.40
C ARG MA 111 80.08 -83.49 -36.58
N LEU MA 112 80.03 -82.28 -37.14
CA LEU MA 112 81.26 -81.59 -37.52
C LEU MA 112 81.99 -81.03 -36.31
N TYR MA 113 81.28 -80.42 -35.37
CA TYR MA 113 81.89 -79.77 -34.22
C TYR MA 113 81.28 -80.33 -32.95
N PRO MA 114 81.76 -81.47 -32.49
CA PRO MA 114 81.26 -82.05 -31.24
C PRO MA 114 81.93 -81.43 -30.03
N LEU MA 115 81.27 -81.55 -28.90
CA LEU MA 115 81.87 -81.12 -27.63
C LEU MA 115 82.94 -82.12 -27.22
N ARG MA 116 84.10 -81.61 -26.82
CA ARG MA 116 85.23 -82.46 -26.53
C ARG MA 116 85.48 -82.54 -25.03
N LYS MA 117 86.10 -83.65 -24.63
CA LYS MA 117 86.50 -83.86 -23.25
C LYS MA 117 87.97 -83.45 -23.12
N TYR MA 118 88.25 -82.51 -22.23
CA TYR MA 118 89.58 -81.93 -22.21
C TYR MA 118 89.94 -81.52 -20.78
N ALA MA 119 91.23 -81.34 -20.56
CA ALA MA 119 91.75 -80.89 -19.28
C ALA MA 119 92.81 -79.82 -19.53
N VAL MA 120 93.05 -78.99 -18.51
CA VAL MA 120 93.98 -77.87 -18.62
C VAL MA 120 95.07 -78.04 -17.56
N LYS MA 121 96.33 -78.06 -18.01
CA LYS MA 121 97.44 -78.02 -17.08
C LYS MA 121 97.61 -76.61 -16.53
N ALA MA 122 98.07 -76.53 -15.29
CA ALA MA 122 98.27 -75.25 -14.63
C ALA MA 122 99.34 -74.42 -15.33
N ALA NA 1 112.29 -34.98 -22.17
CA ALA NA 1 112.53 -34.87 -23.61
C ALA NA 1 111.73 -33.71 -24.19
N LEU NA 2 111.73 -33.62 -25.51
CA LEU NA 2 111.00 -32.55 -26.18
C LEU NA 2 109.50 -32.70 -26.01
N ARG NA 3 108.96 -33.87 -26.32
CA ARG NA 3 107.54 -34.09 -26.22
C ARG NA 3 107.26 -35.41 -25.51
N TYR NA 4 106.17 -35.43 -24.76
CA TYR NA 4 105.72 -36.56 -23.96
C TYR NA 4 104.27 -36.85 -24.30
N PRO NA 5 103.79 -38.07 -24.06
CA PRO NA 5 102.35 -38.32 -24.18
C PRO NA 5 101.57 -37.45 -23.20
N MET NA 6 100.43 -36.96 -23.66
CA MET NA 6 99.63 -36.02 -22.89
C MET NA 6 98.19 -36.50 -22.84
N ALA NA 7 97.48 -36.07 -21.80
CA ALA NA 7 96.06 -36.37 -21.70
C ALA NA 7 95.19 -35.32 -22.36
N VAL NA 8 95.74 -34.13 -22.65
CA VAL NA 8 95.01 -33.08 -23.33
C VAL NA 8 95.88 -32.54 -24.45
N GLY NA 9 95.26 -31.74 -25.30
CA GLY NA 9 95.94 -31.19 -26.46
C GLY NA 9 95.46 -31.86 -27.74
N LEU NA 10 96.06 -31.42 -28.84
CA LEU NA 10 95.67 -31.94 -30.15
C LEU NA 10 96.17 -33.36 -30.35
N ASN NA 11 97.20 -33.76 -29.61
CA ASN NA 11 97.74 -35.11 -29.68
C ASN NA 11 97.61 -35.85 -28.36
N LYS NA 12 96.45 -35.73 -27.72
CA LYS NA 12 96.23 -36.42 -26.47
C LYS NA 12 96.04 -37.91 -26.71
N GLY NA 13 95.98 -38.65 -25.61
CA GLY NA 13 95.68 -40.08 -25.68
C GLY NA 13 96.93 -40.91 -25.75
N HIS NA 14 96.84 -42.12 -25.20
CA HIS NA 14 97.99 -43.03 -25.19
C HIS NA 14 98.33 -43.46 -26.61
N LYS NA 15 99.59 -43.84 -26.81
CA LYS NA 15 100.08 -44.14 -28.15
C LYS NA 15 100.21 -45.65 -28.35
N VAL NA 16 99.45 -46.19 -29.30
CA VAL NA 16 99.51 -47.59 -29.66
C VAL NA 16 99.48 -47.71 -31.18
N THR NA 17 99.96 -48.86 -31.68
CA THR NA 17 99.95 -49.12 -33.11
C THR NA 17 98.54 -49.52 -33.51
N LYS NA 18 97.92 -48.75 -34.39
CA LYS NA 18 96.56 -49.03 -34.80
C LYS NA 18 96.50 -50.29 -35.66
N ASN NA 19 95.53 -51.14 -35.38
CA ASN NA 19 95.34 -52.37 -36.14
C ASN NA 19 94.51 -52.09 -37.38
N VAL NA 20 95.17 -52.07 -38.53
CA VAL NA 20 94.46 -51.95 -39.79
C VAL NA 20 93.96 -53.32 -40.20
N SER NA 21 92.68 -53.40 -40.54
CA SER NA 21 92.06 -54.67 -40.88
C SER NA 21 90.86 -54.40 -41.78
N LYS NA 22 90.37 -55.47 -42.39
CA LYS NA 22 89.25 -55.33 -43.30
C LYS NA 22 88.01 -54.87 -42.54
N PRO NA 23 87.22 -53.96 -43.11
CA PRO NA 23 85.98 -53.53 -42.45
C PRO NA 23 85.01 -54.70 -42.38
N ARG NA 24 84.20 -54.70 -41.32
CA ARG NA 24 83.27 -55.80 -41.14
C ARG NA 24 82.18 -55.76 -42.21
N HIS NA 25 81.69 -56.95 -42.55
CA HIS NA 25 80.68 -57.09 -43.59
C HIS NA 25 79.36 -56.45 -43.20
N SER NA 26 79.13 -56.22 -41.91
CA SER NA 26 77.93 -55.50 -41.49
C SER NA 26 78.00 -54.02 -41.88
N ARG NA 27 79.19 -53.43 -41.79
CA ARG NA 27 79.36 -52.04 -42.22
C ARG NA 27 79.01 -51.87 -43.68
N ARG NA 28 79.11 -52.92 -44.47
CA ARG NA 28 78.79 -52.88 -45.89
C ARG NA 28 77.32 -52.56 -46.15
N ARG NA 29 76.47 -52.68 -45.12
CA ARG NA 29 75.03 -52.55 -45.31
C ARG NA 29 74.65 -51.21 -45.94
N GLY NA 30 73.71 -51.25 -46.87
CA GLY NA 30 73.22 -50.05 -47.51
C GLY NA 30 73.82 -49.75 -48.86
N ARG NA 31 74.89 -50.44 -49.25
CA ARG NA 31 75.51 -50.21 -50.54
C ARG NA 31 74.59 -50.65 -51.67
N LEU NA 32 74.42 -49.79 -52.67
CA LEU NA 32 73.65 -50.17 -53.85
C LEU NA 32 74.47 -51.09 -54.73
N THR NA 33 73.86 -52.18 -55.18
CA THR NA 33 74.51 -53.11 -56.07
C THR NA 33 74.02 -52.90 -57.50
N LYS NA 34 74.60 -53.68 -58.41
CA LYS NA 34 74.15 -53.64 -59.79
C LYS NA 34 72.75 -54.21 -59.94
N HIS NA 35 72.51 -55.40 -59.37
CA HIS NA 35 71.21 -56.06 -59.56
C HIS NA 35 70.10 -55.29 -58.87
N THR NA 36 70.33 -54.82 -57.65
CA THR NA 36 69.31 -54.04 -56.95
C THR NA 36 69.00 -52.76 -57.69
N LYS NA 37 70.04 -52.12 -58.24
CA LYS NA 37 69.82 -50.93 -59.07
C LYS NA 37 68.96 -51.27 -60.28
N PHE NA 38 69.25 -52.40 -60.94
CA PHE NA 38 68.46 -52.80 -62.09
C PHE NA 38 66.99 -53.01 -61.72
N VAL NA 39 66.75 -53.70 -60.61
CA VAL NA 39 65.39 -53.99 -60.19
C VAL NA 39 64.65 -52.71 -59.84
N ARG NA 40 65.32 -51.81 -59.12
CA ARG NA 40 64.66 -50.57 -58.74
C ARG NA 40 64.38 -49.69 -59.95
N ASP NA 41 65.27 -49.71 -60.95
CA ASP NA 41 64.98 -48.99 -62.19
C ASP NA 41 63.79 -49.61 -62.90
N MET NA 42 63.69 -50.94 -62.91
CA MET NA 42 62.50 -51.59 -63.44
C MET NA 42 61.24 -51.09 -62.78
N ILE NA 43 61.23 -51.11 -61.45
CA ILE NA 43 60.03 -50.72 -60.71
C ILE NA 43 59.72 -49.24 -60.95
N ARG NA 44 60.76 -48.41 -61.01
CA ARG NA 44 60.58 -46.99 -61.26
C ARG NA 44 59.91 -46.75 -62.60
N GLU NA 45 60.41 -47.40 -63.66
CA GLU NA 45 59.81 -47.14 -64.96
C GLU NA 45 58.47 -47.84 -65.13
N VAL NA 46 58.17 -48.83 -64.29
CA VAL NA 46 56.85 -49.45 -64.36
C VAL NA 46 55.81 -48.57 -63.66
N CYS NA 47 56.12 -48.12 -62.45
CA CYS NA 47 55.13 -47.44 -61.64
C CYS NA 47 54.91 -46.00 -62.10
N GLY NA 48 55.97 -45.20 -62.13
CA GLY NA 48 55.88 -43.79 -62.41
C GLY NA 48 56.46 -42.98 -61.27
N PHE NA 49 55.66 -42.05 -60.76
CA PHE NA 49 56.07 -41.23 -59.64
C PHE NA 49 54.90 -40.91 -58.73
N ALA NA 50 55.20 -40.63 -57.48
CA ALA NA 50 54.20 -40.13 -56.56
C ALA NA 50 53.82 -38.70 -56.95
N PRO NA 51 52.57 -38.30 -56.71
CA PRO NA 51 52.13 -36.98 -57.15
C PRO NA 51 52.98 -35.84 -56.61
N TYR NA 52 53.45 -35.93 -55.38
CA TYR NA 52 54.30 -34.89 -54.84
C TYR NA 52 55.66 -34.86 -55.53
N GLU NA 53 56.16 -36.03 -55.94
CA GLU NA 53 57.36 -36.03 -56.77
C GLU NA 53 57.11 -35.26 -58.06
N ARG NA 54 55.97 -35.48 -58.70
CA ARG NA 54 55.67 -34.78 -59.94
C ARG NA 54 55.52 -33.28 -59.71
N ARG NA 55 54.89 -32.89 -58.60
CA ARG NA 55 54.75 -31.46 -58.31
C ARG NA 55 56.11 -30.81 -58.12
N ALA NA 56 57.00 -31.49 -57.39
CA ALA NA 56 58.35 -30.97 -57.24
C ALA NA 56 59.08 -30.91 -58.56
N MET NA 57 58.80 -31.87 -59.45
CA MET NA 57 59.40 -31.82 -60.78
C MET NA 57 58.94 -30.60 -61.55
N GLU NA 58 57.66 -30.23 -61.41
CA GLU NA 58 57.19 -28.99 -62.02
C GLU NA 58 57.85 -27.77 -61.38
N LEU NA 59 58.07 -27.80 -60.06
CA LEU NA 59 58.76 -26.70 -59.42
C LEU NA 59 60.17 -26.54 -59.94
N LEU NA 60 60.86 -27.66 -60.17
CA LEU NA 60 62.23 -27.60 -60.66
C LEU NA 60 62.31 -27.33 -62.15
N LYS NA 61 61.24 -27.62 -62.89
CA LYS NA 61 61.24 -27.30 -64.32
C LYS NA 61 61.26 -25.81 -64.55
N VAL NA 62 60.52 -25.06 -63.72
CA VAL NA 62 60.56 -23.60 -63.77
C VAL NA 62 61.70 -23.13 -62.87
N SER NA 63 62.44 -24.09 -62.32
CA SER NA 63 63.69 -23.84 -61.60
C SER NA 63 63.50 -22.92 -60.40
N LYS NA 64 62.42 -23.14 -59.65
CA LYS NA 64 62.24 -22.49 -58.35
C LYS NA 64 62.88 -23.40 -57.30
N ASP NA 65 64.22 -23.42 -57.33
CA ASP NA 65 64.97 -24.43 -56.59
C ASP NA 65 64.73 -24.34 -55.09
N LYS NA 66 64.79 -23.14 -54.53
CA LYS NA 66 64.56 -22.98 -53.10
C LYS NA 66 63.12 -23.36 -52.75
N ARG NA 67 62.17 -22.94 -53.57
CA ARG NA 67 60.78 -23.31 -53.33
C ARG NA 67 60.58 -24.83 -53.42
N ALA NA 68 61.22 -25.47 -54.39
CA ALA NA 68 61.10 -26.91 -54.51
C ALA NA 68 61.71 -27.61 -53.29
N LEU NA 69 62.84 -27.12 -52.81
CA LEU NA 69 63.45 -27.70 -51.63
C LEU NA 69 62.57 -27.51 -50.41
N LYS NA 70 61.94 -26.34 -50.27
CA LYS NA 70 61.03 -26.13 -49.16
C LYS NA 70 59.86 -27.09 -49.24
N PHE NA 71 59.32 -27.30 -50.44
CA PHE NA 71 58.20 -28.21 -50.61
C PHE NA 71 58.58 -29.64 -50.24
N ILE NA 72 59.71 -30.13 -50.75
CA ILE NA 72 60.12 -31.49 -50.46
C ILE NA 72 60.50 -31.63 -48.98
N LYS NA 73 61.08 -30.59 -48.39
CA LYS NA 73 61.33 -30.60 -46.95
C LYS NA 73 60.03 -30.72 -46.19
N LYS NA 74 59.00 -30.00 -46.61
CA LYS NA 74 57.70 -30.08 -45.95
C LYS NA 74 57.08 -31.46 -46.11
N ARG NA 75 57.30 -32.10 -47.25
CA ARG NA 75 56.67 -33.39 -47.50
C ARG NA 75 57.43 -34.54 -46.83
N VAL NA 76 58.70 -34.70 -47.19
CA VAL NA 76 59.48 -35.85 -46.72
C VAL NA 76 59.75 -35.72 -45.22
N GLY NA 77 60.21 -34.55 -44.78
CA GLY NA 77 60.33 -34.32 -43.35
C GLY NA 77 61.65 -33.77 -42.83
N THR NA 78 62.77 -34.18 -43.40
CA THR NA 78 64.07 -33.75 -42.94
C THR NA 78 64.86 -33.14 -44.08
N HIS NA 79 65.85 -32.33 -43.71
CA HIS NA 79 66.59 -31.56 -44.70
C HIS NA 79 67.48 -32.47 -45.55
N ILE NA 80 68.14 -33.44 -44.93
CA ILE NA 80 69.06 -34.30 -45.68
C ILE NA 80 68.29 -35.15 -46.68
N ARG NA 81 67.19 -35.74 -46.24
CA ARG NA 81 66.35 -36.53 -47.14
C ARG NA 81 65.83 -35.65 -48.26
N ALA NA 82 65.47 -34.41 -47.94
CA ALA NA 82 65.01 -33.48 -48.97
C ALA NA 82 66.09 -33.19 -50.00
N LYS NA 83 67.32 -32.97 -49.54
CA LYS NA 83 68.41 -32.70 -50.49
C LYS NA 83 68.64 -33.88 -51.40
N ARG NA 84 68.68 -35.09 -50.84
CA ARG NA 84 68.95 -36.26 -51.68
C ARG NA 84 67.81 -36.48 -52.67
N LYS NA 85 66.56 -36.34 -52.22
CA LYS NA 85 65.42 -36.51 -53.12
C LYS NA 85 65.42 -35.45 -54.22
N ARG NA 86 65.76 -34.21 -53.86
CA ARG NA 86 65.84 -33.15 -54.85
C ARG NA 86 66.91 -33.46 -55.89
N GLU NA 87 68.04 -34.02 -55.45
CA GLU NA 87 69.08 -34.40 -56.39
C GLU NA 87 68.58 -35.50 -57.32
N GLU NA 88 67.85 -36.47 -56.77
CA GLU NA 88 67.27 -37.52 -57.61
C GLU NA 88 66.35 -36.93 -58.67
N LEU NA 89 65.48 -36.01 -58.27
CA LEU NA 89 64.53 -35.44 -59.21
C LEU NA 89 65.22 -34.58 -60.25
N SER NA 90 66.25 -33.83 -59.86
CA SER NA 90 67.02 -33.07 -60.82
C SER NA 90 67.67 -34.01 -61.83
N ASN NA 91 68.18 -35.14 -61.35
CA ASN NA 91 68.81 -36.10 -62.24
C ASN NA 91 67.80 -36.66 -63.24
N VAL NA 92 66.60 -36.99 -62.78
CA VAL NA 92 65.64 -37.57 -63.73
C VAL NA 92 65.13 -36.52 -64.70
N LEU NA 93 65.03 -35.25 -64.26
CA LEU NA 93 64.68 -34.19 -65.20
C LEU NA 93 65.74 -34.05 -66.28
N ALA NA 94 67.02 -34.09 -65.88
CA ALA NA 94 68.09 -34.03 -66.87
C ALA NA 94 68.03 -35.23 -67.81
N ALA NA 95 67.73 -36.41 -67.26
CA ALA NA 95 67.67 -37.62 -68.07
C ALA NA 95 66.57 -37.52 -69.12
N MET NA 96 65.38 -37.10 -68.70
CA MET NA 96 64.29 -37.01 -69.66
C MET NA 96 64.50 -35.87 -70.64
N ARG NA 97 65.14 -34.78 -70.21
CA ARG NA 97 65.43 -33.70 -71.15
C ARG NA 97 66.41 -34.15 -72.22
N LYS NA 98 67.48 -34.86 -71.82
CA LYS NA 98 68.43 -35.33 -72.83
C LYS NA 98 67.83 -36.43 -73.68
N ALA NA 99 66.87 -37.20 -73.16
CA ALA NA 99 66.20 -38.19 -74.00
C ALA NA 99 65.32 -37.52 -75.04
N ALA NA 100 64.55 -36.51 -74.63
CA ALA NA 100 63.62 -35.85 -75.54
C ALA NA 100 64.31 -34.86 -76.46
N ALA NA 101 65.53 -34.44 -76.13
CA ALA NA 101 66.23 -33.48 -76.99
C ALA NA 101 66.59 -34.10 -78.33
N LYS NA 102 66.98 -35.37 -78.33
CA LYS NA 102 67.39 -36.05 -79.54
C LYS NA 102 66.27 -36.94 -80.08
N THR OA 1 2.76 -46.55 6.00
CA THR OA 1 3.85 -46.69 6.96
C THR OA 1 5.08 -47.24 6.28
N LYS OA 2 6.24 -46.67 6.59
CA LYS OA 2 7.49 -47.19 6.05
C LYS OA 2 8.10 -48.30 6.89
N GLY OA 3 7.55 -48.59 8.07
CA GLY OA 3 8.19 -49.54 8.95
C GLY OA 3 7.50 -50.89 9.05
N THR OA 4 6.83 -51.12 10.19
CA THR OA 4 6.27 -52.43 10.49
C THR OA 4 5.17 -52.80 9.50
N SER OA 5 4.27 -51.87 9.19
CA SER OA 5 3.20 -52.17 8.26
C SER OA 5 3.73 -52.47 6.87
N SER OA 6 4.84 -51.82 6.51
CA SER OA 6 5.48 -52.11 5.23
C SER OA 6 5.99 -53.54 5.16
N PHE OA 7 6.44 -54.08 6.29
CA PHE OA 7 7.01 -55.41 6.31
C PHE OA 7 5.97 -56.52 6.13
N GLY OA 8 4.68 -56.18 6.13
CA GLY OA 8 3.68 -57.19 5.89
C GLY OA 8 3.40 -57.50 4.43
N LYS OA 9 3.94 -56.71 3.51
CA LYS OA 9 3.61 -56.87 2.09
C LYS OA 9 4.66 -57.64 1.31
N ARG OA 10 5.64 -58.24 1.98
CA ARG OA 10 6.69 -58.97 1.28
C ARG OA 10 6.29 -60.44 1.19
N ARG OA 11 5.81 -60.83 0.00
CA ARG OA 11 5.39 -62.20 -0.26
C ARG OA 11 5.81 -62.66 -1.64
N ASN OA 12 6.88 -62.09 -2.21
CA ASN OA 12 7.36 -62.46 -3.53
C ASN OA 12 8.87 -62.55 -3.50
N LYS OA 13 9.40 -63.75 -3.68
CA LYS OA 13 10.84 -63.97 -3.58
C LYS OA 13 11.54 -63.35 -4.77
N THR OA 14 12.42 -62.37 -4.49
CA THR OA 14 13.23 -61.82 -5.57
C THR OA 14 14.30 -62.80 -6.01
N HIS OA 15 14.99 -63.41 -5.05
CA HIS OA 15 16.10 -64.30 -5.33
C HIS OA 15 15.70 -65.74 -5.05
N THR OA 16 16.36 -66.67 -5.72
CA THR OA 16 16.14 -68.08 -5.53
C THR OA 16 17.47 -68.81 -5.60
N LEU OA 17 17.41 -70.13 -5.54
CA LEU OA 17 18.62 -70.93 -5.61
C LEU OA 17 19.20 -70.92 -7.01
N CYS OA 18 20.51 -70.73 -7.09
CA CYS OA 18 21.26 -70.82 -8.33
C CYS OA 18 21.63 -72.27 -8.58
N ARG OA 19 21.35 -72.78 -9.78
CA ARG OA 19 21.73 -74.15 -10.07
C ARG OA 19 23.24 -74.32 -10.11
N ARG OA 20 23.95 -73.23 -10.36
CA ARG OA 20 25.38 -73.19 -10.12
C ARG OA 20 25.62 -72.72 -8.69
N CYS OA 21 26.72 -73.16 -8.10
CA CYS OA 21 27.26 -72.64 -6.85
C CYS OA 21 26.30 -72.82 -5.67
N GLY OA 22 25.09 -73.31 -5.92
CA GLY OA 22 24.15 -73.65 -4.86
C GLY OA 22 23.79 -72.53 -3.91
N SER OA 23 23.95 -71.29 -4.33
CA SER OA 23 23.63 -70.18 -3.45
C SER OA 23 22.19 -69.73 -3.66
N LYS OA 24 21.68 -68.98 -2.69
CA LYS OA 24 20.35 -68.39 -2.79
C LYS OA 24 20.47 -66.93 -3.22
N ALA OA 25 21.06 -66.75 -4.41
CA ALA OA 25 21.28 -65.42 -4.95
C ALA OA 25 20.95 -65.34 -6.42
N TYR OA 26 20.17 -66.29 -6.93
CA TYR OA 26 19.81 -66.28 -8.35
C TYR OA 26 18.64 -65.34 -8.53
N HIS OA 27 18.88 -64.22 -9.20
CA HIS OA 27 17.81 -63.26 -9.45
C HIS OA 27 16.80 -63.84 -10.40
N LEU OA 28 15.58 -64.04 -9.90
CA LEU OA 28 14.52 -64.57 -10.76
C LEU OA 28 14.18 -63.60 -11.87
N GLN OA 29 14.12 -62.31 -11.56
CA GLN OA 29 13.61 -61.35 -12.52
C GLN OA 29 14.70 -60.90 -13.49
N LYS OA 30 15.96 -61.21 -13.20
CA LYS OA 30 17.06 -60.94 -14.11
C LYS OA 30 17.69 -62.21 -14.67
N SER OA 31 17.32 -63.37 -14.14
CA SER OA 31 17.87 -64.66 -14.59
C SER OA 31 19.38 -64.70 -14.41
N THR OA 32 19.85 -64.36 -13.21
CA THR OA 32 21.27 -64.27 -12.94
C THR OA 32 21.53 -64.55 -11.47
N CYS OA 33 22.66 -65.20 -11.18
CA CYS OA 33 23.13 -65.33 -9.82
C CYS OA 33 23.88 -64.07 -9.42
N GLY OA 34 23.54 -63.53 -8.24
CA GLY OA 34 24.25 -62.38 -7.75
C GLY OA 34 25.59 -62.67 -7.13
N LYS OA 35 25.96 -63.95 -7.04
CA LYS OA 35 27.20 -64.38 -6.42
C LYS OA 35 28.19 -64.93 -7.45
N CYS OA 36 27.71 -65.76 -8.38
CA CYS OA 36 28.54 -66.33 -9.42
C CYS OA 36 28.23 -65.81 -10.81
N GLY OA 37 27.05 -65.24 -11.02
CA GLY OA 37 26.64 -64.82 -12.35
C GLY OA 37 26.50 -66.01 -13.27
N TYR OA 38 25.54 -66.88 -12.96
CA TYR OA 38 25.50 -68.20 -13.59
C TYR OA 38 25.45 -68.19 -15.12
N PRO OA 39 24.59 -67.40 -15.78
CA PRO OA 39 24.58 -67.44 -17.25
C PRO OA 39 25.90 -67.03 -17.86
N ALA OA 40 26.65 -66.15 -17.21
CA ALA OA 40 27.98 -65.83 -17.70
C ALA OA 40 28.89 -67.05 -17.59
N LYS OA 41 29.74 -67.23 -18.58
CA LYS OA 41 30.59 -68.41 -18.62
C LYS OA 41 31.59 -68.40 -17.47
N ARG OA 42 32.12 -67.24 -17.13
CA ARG OA 42 33.16 -67.14 -16.12
C ARG OA 42 32.57 -66.83 -14.76
N LYS OA 43 33.21 -67.37 -13.73
CA LYS OA 43 32.74 -67.17 -12.36
C LYS OA 43 32.91 -65.72 -11.94
N ARG OA 44 31.94 -65.22 -11.18
CA ARG OA 44 32.00 -63.87 -10.64
C ARG OA 44 32.99 -63.85 -9.48
N LYS OA 45 34.02 -63.02 -9.61
CA LYS OA 45 35.11 -62.97 -8.65
C LYS OA 45 35.67 -61.56 -8.62
N TYR OA 46 36.01 -61.07 -7.43
CA TYR OA 46 36.58 -59.74 -7.29
C TYR OA 46 37.68 -59.74 -6.24
N ASN OA 47 38.71 -58.94 -6.49
CA ASN OA 47 39.80 -58.87 -5.53
C ASN OA 47 39.46 -58.01 -4.33
N TRP OA 48 38.43 -57.18 -4.40
CA TRP OA 48 38.15 -56.30 -3.26
C TRP OA 48 37.39 -56.99 -2.15
N SER OA 49 37.05 -58.27 -2.31
CA SER OA 49 36.52 -59.06 -1.21
C SER OA 49 37.31 -60.36 -1.17
N ALA OA 50 38.48 -60.32 -0.53
CA ALA OA 50 39.28 -61.53 -0.42
C ALA OA 50 38.62 -62.56 0.48
N LYS OA 51 37.87 -62.11 1.47
CA LYS OA 51 37.11 -63.03 2.30
C LYS OA 51 36.09 -63.78 1.45
N ALA OA 52 35.42 -63.08 0.55
CA ALA OA 52 34.47 -63.73 -0.33
C ALA OA 52 35.18 -64.73 -1.24
N LYS OA 53 36.36 -64.37 -1.74
CA LYS OA 53 37.09 -65.30 -2.61
C LYS OA 53 37.50 -66.55 -1.85
N ARG OA 54 37.99 -66.39 -0.62
CA ARG OA 54 38.40 -67.57 0.12
C ARG OA 54 37.23 -68.38 0.63
N ARG OA 55 36.04 -67.79 0.68
CA ARG OA 55 34.86 -68.61 0.98
C ARG OA 55 34.62 -69.66 -0.08
N ASN OA 56 35.08 -69.42 -1.31
CA ASN OA 56 34.70 -70.26 -2.45
C ASN OA 56 35.91 -70.76 -3.22
N THR OA 57 37.12 -70.49 -2.76
CA THR OA 57 38.30 -70.80 -3.56
C THR OA 57 38.52 -72.30 -3.62
N THR OA 58 39.50 -72.70 -4.43
CA THR OA 58 39.81 -74.10 -4.60
C THR OA 58 40.35 -74.69 -3.30
N GLY OA 59 39.88 -75.87 -2.96
CA GLY OA 59 40.21 -76.52 -1.71
C GLY OA 59 39.14 -76.41 -0.66
N THR OA 60 38.22 -75.47 -0.81
CA THR OA 60 37.12 -75.32 0.13
C THR OA 60 36.10 -76.44 0.03
N GLY OA 61 36.04 -77.13 -1.11
CA GLY OA 61 35.02 -78.14 -1.31
C GLY OA 61 35.52 -79.54 -1.14
N ARG OA 62 35.36 -80.37 -2.18
CA ARG OA 62 35.72 -81.77 -2.09
C ARG OA 62 37.04 -82.08 -2.78
N MET OA 63 37.27 -81.51 -3.96
CA MET OA 63 38.46 -81.76 -4.75
C MET OA 63 38.63 -83.25 -5.04
N ARG OA 64 37.57 -83.85 -5.57
CA ARG OA 64 37.58 -85.28 -5.84
C ARG OA 64 38.65 -85.64 -6.86
N HIS OA 65 38.73 -84.87 -7.94
CA HIS OA 65 39.77 -85.10 -8.93
C HIS OA 65 41.13 -84.60 -8.47
N LEU OA 66 41.15 -83.47 -7.75
CA LEU OA 66 42.44 -82.86 -7.40
C LEU OA 66 43.19 -83.66 -6.35
N LYS OA 67 42.49 -84.26 -5.38
CA LYS OA 67 43.20 -85.07 -4.39
C LYS OA 67 43.87 -86.25 -5.06
N ILE OA 68 43.16 -86.89 -5.99
CA ILE OA 68 43.73 -88.01 -6.72
C ILE OA 68 44.87 -87.53 -7.60
N VAL OA 69 44.76 -86.31 -8.14
CA VAL OA 69 45.87 -85.74 -8.89
C VAL OA 69 47.10 -85.62 -8.01
N TYR OA 70 46.93 -85.09 -6.80
CA TYR OA 70 48.06 -84.93 -5.90
C TYR OA 70 48.68 -86.27 -5.56
N ARG OA 71 47.85 -87.27 -5.29
CA ARG OA 71 48.39 -88.59 -5.02
C ARG OA 71 49.13 -89.14 -6.24
N ARG OA 72 48.54 -88.98 -7.42
CA ARG OA 72 49.20 -89.49 -8.62
C ARG OA 72 50.47 -88.72 -8.96
N PHE OA 73 50.58 -87.47 -8.52
CA PHE OA 73 51.73 -86.67 -8.90
C PHE OA 73 53.01 -87.18 -8.27
N ARG OA 74 52.91 -87.82 -7.11
CA ARG OA 74 54.11 -88.29 -6.44
C ARG OA 74 54.76 -89.46 -7.14
N HIS OA 75 54.04 -90.18 -8.00
CA HIS OA 75 54.61 -91.35 -8.67
C HIS OA 75 54.66 -91.18 -10.18
N GLY OA 76 54.89 -89.96 -10.66
CA GLY OA 76 55.06 -89.74 -12.08
C GLY OA 76 53.83 -90.01 -12.90
N PHE OA 77 52.65 -90.03 -12.28
CA PHE OA 77 51.39 -90.24 -12.98
C PHE OA 77 51.40 -91.55 -13.77
N ARG OA 78 51.96 -92.60 -13.17
CA ARG OA 78 52.06 -93.86 -13.89
C ARG OA 78 50.67 -94.43 -14.15
N GLU OA 79 50.51 -95.07 -15.30
CA GLU OA 79 49.26 -95.74 -15.62
C GLU OA 79 49.57 -97.05 -16.31
N GLY OA 80 48.57 -97.92 -16.33
CA GLY OA 80 48.73 -99.20 -16.98
C GLY OA 80 49.61 -100.17 -16.25
N THR OA 81 49.94 -99.90 -14.99
CA THR OA 81 50.81 -100.76 -14.22
C THR OA 81 50.11 -101.20 -12.95
N THR OA 82 50.67 -102.23 -12.33
CA THR OA 82 50.19 -102.80 -11.08
C THR OA 82 51.39 -103.20 -10.24
N PRO OA 83 51.23 -103.30 -8.93
CA PRO OA 83 52.28 -103.89 -8.10
C PRO OA 83 52.51 -105.36 -8.49
N LYS OA 84 53.74 -105.80 -8.28
CA LYS OA 84 54.14 -107.16 -8.64
C LYS OA 84 53.35 -108.18 -7.83
N PRO OA 85 52.71 -109.16 -8.47
CA PRO OA 85 51.81 -110.07 -7.75
C PRO OA 85 52.58 -110.99 -6.80
N LYS OA 86 51.88 -111.43 -5.77
CA LYS OA 86 52.43 -112.38 -4.80
C LYS OA 86 51.99 -113.81 -5.14
N PRO PA 1 -24.85 -94.50 -20.00
CA PRO PA 1 -25.97 -95.44 -19.97
C PRO PA 1 -26.89 -95.26 -21.15
N ARG PA 2 -27.60 -96.32 -21.52
CA ARG PA 2 -28.55 -96.26 -22.62
C ARG PA 2 -29.82 -97.01 -22.24
N LYS PA 3 -30.93 -96.58 -22.81
CA LYS PA 3 -32.23 -97.21 -22.60
C LYS PA 3 -32.57 -98.07 -23.81
N ILE PA 4 -32.45 -99.37 -23.67
CA ILE PA 4 -32.82 -100.28 -24.73
C ILE PA 4 -34.33 -100.20 -24.92
N GLU PA 5 -34.76 -100.06 -26.18
CA GLU PA 5 -36.16 -99.78 -26.45
C GLU PA 5 -37.02 -101.05 -26.46
N GLU PA 6 -36.73 -101.97 -27.38
CA GLU PA 6 -37.53 -103.18 -27.50
C GLU PA 6 -36.70 -104.42 -27.17
N ILE PA 7 -37.42 -105.54 -27.09
CA ILE PA 7 -36.85 -106.76 -26.55
C ILE PA 7 -35.78 -107.33 -27.47
N LYS PA 8 -35.97 -107.25 -28.79
CA LYS PA 8 -35.00 -107.79 -29.71
C LYS PA 8 -33.66 -107.11 -29.59
N ASP PA 9 -33.66 -105.78 -29.41
CA ASP PA 9 -32.40 -105.07 -29.25
C ASP PA 9 -31.65 -105.57 -28.03
N PHE PA 10 -32.38 -105.78 -26.94
CA PHE PA 10 -31.74 -106.30 -25.73
C PHE PA 10 -31.21 -107.70 -25.97
N LEU PA 11 -31.92 -108.49 -26.77
CA LEU PA 11 -31.46 -109.85 -27.06
C LEU PA 11 -30.14 -109.84 -27.82
N LEU PA 12 -30.05 -109.06 -28.89
CA LEU PA 12 -28.77 -109.13 -29.59
C LEU PA 12 -27.70 -108.29 -28.92
N THR PA 13 -28.07 -107.44 -27.97
CA THR PA 13 -27.05 -106.78 -27.16
C THR PA 13 -26.45 -107.73 -26.14
N ALA PA 14 -27.30 -108.57 -25.53
CA ALA PA 14 -26.82 -109.53 -24.52
C ALA PA 14 -25.93 -110.60 -25.13
N ARG PA 15 -26.03 -110.81 -26.44
CA ARG PA 15 -25.22 -111.81 -27.14
C ARG PA 15 -23.90 -111.25 -27.63
N ARG PA 16 -23.45 -110.14 -27.09
CA ARG PA 16 -22.21 -109.54 -27.54
C ARG PA 16 -21.00 -110.25 -26.91
N LYS PA 17 -19.84 -110.00 -27.50
CA LYS PA 17 -18.60 -110.56 -26.97
C LYS PA 17 -18.21 -109.90 -25.65
N ASP PA 18 -18.54 -108.62 -25.49
CA ASP PA 18 -18.10 -107.82 -24.36
C ASP PA 18 -19.10 -107.77 -23.21
N ALA PA 19 -20.23 -108.47 -23.33
CA ALA PA 19 -21.23 -108.46 -22.26
C ALA PA 19 -20.69 -109.18 -21.05
N LYS PA 20 -20.32 -108.41 -20.01
CA LYS PA 20 -19.72 -109.01 -18.83
C LYS PA 20 -20.75 -109.78 -18.00
N SER PA 21 -21.85 -109.11 -17.65
CA SER PA 21 -22.90 -109.74 -16.88
C SER PA 21 -24.18 -108.93 -17.07
N VAL PA 22 -25.30 -109.54 -16.73
CA VAL PA 22 -26.60 -108.88 -16.81
C VAL PA 22 -27.17 -108.82 -15.40
N LYS PA 23 -27.80 -107.68 -15.08
CA LYS PA 23 -28.43 -107.46 -13.79
C LYS PA 23 -29.92 -107.35 -13.99
N ILE PA 24 -30.68 -108.08 -13.17
CA ILE PA 24 -32.14 -108.07 -13.23
C ILE PA 24 -32.64 -107.33 -11.99
N LYS PA 25 -33.38 -106.25 -12.22
CA LYS PA 25 -33.92 -105.42 -11.14
C LYS PA 25 -35.43 -105.51 -11.18
N LYS PA 26 -36.03 -105.95 -10.08
CA LYS PA 26 -37.48 -106.00 -9.95
C LYS PA 26 -37.94 -104.81 -9.11
N ASN PA 27 -38.45 -103.79 -9.78
CA ASN PA 27 -39.00 -102.63 -9.09
C ASN PA 27 -40.50 -102.85 -8.87
N LYS PA 28 -41.12 -101.92 -8.14
CA LYS PA 28 -42.54 -102.06 -7.85
C LYS PA 28 -43.38 -101.83 -9.10
N ASP PA 29 -42.98 -100.89 -9.95
CA ASP PA 29 -43.74 -100.60 -11.16
C ASP PA 29 -43.35 -101.48 -12.34
N ASN PA 30 -42.15 -102.05 -12.35
CA ASN PA 30 -41.66 -102.76 -13.51
C ASN PA 30 -40.47 -103.62 -13.10
N VAL PA 31 -39.97 -104.38 -14.07
CA VAL PA 31 -38.75 -105.16 -13.91
C VAL PA 31 -37.73 -104.66 -14.91
N LYS PA 32 -36.58 -104.23 -14.41
CA LYS PA 32 -35.54 -103.65 -15.24
C LYS PA 32 -34.44 -104.67 -15.49
N PHE PA 33 -33.95 -104.72 -16.72
CA PHE PA 33 -32.88 -105.61 -17.11
C PHE PA 33 -31.66 -104.76 -17.40
N LYS PA 34 -30.57 -105.01 -16.69
CA LYS PA 34 -29.38 -104.17 -16.74
C LYS PA 34 -28.23 -105.01 -17.25
N VAL PA 35 -28.00 -104.97 -18.56
CA VAL PA 35 -26.85 -105.64 -19.16
C VAL PA 35 -25.68 -104.68 -19.15
N ARG PA 36 -24.50 -105.19 -18.81
CA ARG PA 36 -23.28 -104.40 -18.71
C ARG PA 36 -22.47 -104.63 -19.97
N CYS PA 37 -22.29 -103.58 -20.75
CA CYS PA 37 -21.45 -103.69 -21.94
C CYS PA 37 -20.15 -102.94 -21.72
N SER PA 38 -19.26 -102.99 -22.71
CA SER PA 38 -17.94 -102.41 -22.55
C SER PA 38 -18.01 -100.90 -22.36
N ARG PA 39 -19.01 -100.26 -22.97
CA ARG PA 39 -19.13 -98.82 -22.85
C ARG PA 39 -20.36 -98.38 -22.07
N TYR PA 40 -21.55 -98.85 -22.44
CA TYR PA 40 -22.77 -98.40 -21.79
C TYR PA 40 -23.43 -99.54 -21.03
N LEU PA 41 -24.03 -99.18 -19.89
CA LEU PA 41 -24.90 -100.07 -19.15
C LEU PA 41 -26.27 -100.00 -19.79
N TYR PA 42 -26.53 -100.90 -20.71
CA TYR PA 42 -27.78 -100.89 -21.45
C TYR PA 42 -28.89 -101.40 -20.54
N THR PA 43 -29.98 -100.64 -20.47
CA THR PA 43 -31.09 -100.92 -19.58
C THR PA 43 -32.34 -101.15 -20.42
N LEU PA 44 -33.05 -102.23 -20.12
CA LEU PA 44 -34.36 -102.49 -20.70
C LEU PA 44 -35.38 -102.60 -19.59
N VAL PA 45 -36.47 -101.85 -19.71
CA VAL PA 45 -37.53 -101.82 -18.71
C VAL PA 45 -38.74 -102.57 -19.27
N ILE PA 46 -39.25 -103.50 -18.48
CA ILE PA 46 -40.41 -104.29 -18.86
C ILE PA 46 -41.53 -104.01 -17.86
N THR PA 47 -42.68 -103.59 -18.37
CA THR PA 47 -43.77 -103.17 -17.49
C THR PA 47 -44.40 -104.35 -16.77
N ASP PA 48 -44.71 -105.42 -17.48
CA ASP PA 48 -45.44 -106.54 -16.89
C ASP PA 48 -44.46 -107.53 -16.26
N LYS PA 49 -44.96 -108.73 -15.95
CA LYS PA 49 -44.14 -109.79 -15.38
C LYS PA 49 -43.93 -110.98 -16.30
N GLU PA 50 -44.95 -111.38 -17.06
CA GLU PA 50 -44.83 -112.58 -17.88
C GLU PA 50 -43.79 -112.41 -18.98
N LYS PA 51 -43.73 -111.23 -19.58
CA LYS PA 51 -42.66 -110.95 -20.54
C LYS PA 51 -41.31 -110.91 -19.85
N ALA PA 52 -41.27 -110.39 -18.62
CA ALA PA 52 -40.03 -110.41 -17.87
C ALA PA 52 -39.58 -111.84 -17.59
N GLU PA 53 -40.52 -112.72 -17.21
CA GLU PA 53 -40.20 -114.12 -17.01
C GLU PA 53 -39.70 -114.76 -18.30
N LYS PA 54 -40.38 -114.45 -19.41
CA LYS PA 54 -39.96 -114.99 -20.70
C LYS PA 54 -38.54 -114.57 -21.05
N LEU PA 55 -38.21 -113.30 -20.83
CA LEU PA 55 -36.84 -112.86 -21.06
C LEU PA 55 -35.87 -113.54 -20.12
N LYS PA 56 -36.29 -113.75 -18.87
CA LYS PA 56 -35.40 -114.38 -17.89
C LYS PA 56 -35.02 -115.79 -18.32
N GLN PA 57 -35.99 -116.57 -18.81
CA GLN PA 57 -35.62 -117.89 -19.32
C GLN PA 57 -35.00 -117.87 -20.71
N SER PA 58 -35.16 -116.77 -21.46
CA SER PA 58 -34.63 -116.74 -22.81
C SER PA 58 -33.24 -116.13 -22.90
N LEU PA 59 -32.60 -115.86 -21.77
CA LEU PA 59 -31.26 -115.29 -21.79
C LEU PA 59 -30.25 -116.27 -22.36
N PRO PA 60 -29.21 -115.78 -23.03
CA PRO PA 60 -28.13 -116.68 -23.46
C PRO PA 60 -27.32 -117.12 -22.26
N PRO PA 61 -26.97 -118.39 -22.17
CA PRO PA 61 -26.18 -118.91 -21.05
C PRO PA 61 -24.73 -118.47 -21.17
N GLY PA 62 -23.89 -119.01 -20.29
CA GLY PA 62 -22.51 -118.60 -20.26
C GLY PA 62 -22.32 -117.19 -19.77
N LEU PA 63 -23.35 -116.60 -19.18
CA LEU PA 63 -23.31 -115.22 -18.70
C LEU PA 63 -23.83 -115.22 -17.27
N ALA PA 64 -23.27 -114.35 -16.44
CA ALA PA 64 -23.80 -114.17 -15.11
C ALA PA 64 -25.21 -113.60 -15.18
N VAL PA 65 -26.10 -114.16 -14.37
CA VAL PA 65 -27.51 -113.79 -14.42
C VAL PA 65 -27.82 -113.16 -13.08
N LYS PA 66 -26.86 -112.42 -12.54
CA LYS PA 66 -26.94 -111.89 -11.19
C LYS PA 66 -28.20 -111.07 -10.96
N GLU PA 67 -28.86 -111.34 -9.83
CA GLU PA 67 -30.10 -110.68 -9.46
C GLU PA 67 -29.79 -109.58 -8.46
N LEU PA 68 -30.46 -108.43 -8.62
CA LEU PA 68 -30.25 -107.30 -7.74
C LEU PA 68 -31.15 -107.32 -6.52
N LYS PA 69 -31.71 -108.48 -6.17
CA LYS PA 69 -32.62 -108.56 -5.04
C LYS PA 69 -32.25 -109.74 -4.13
N SER QA 1 3.53 -72.88 0.60
CA SER QA 1 2.62 -73.16 -0.50
C SER QA 1 2.57 -74.64 -0.77
N SER QA 2 1.40 -75.12 -1.21
CA SER QA 2 1.30 -76.51 -1.62
C SER QA 2 1.95 -76.73 -2.98
N HIS QA 3 1.87 -75.74 -3.87
CA HIS QA 3 2.59 -75.78 -5.14
C HIS QA 3 4.08 -75.65 -4.86
N LYS QA 4 4.87 -76.55 -5.43
CA LYS QA 4 6.31 -76.53 -5.20
C LYS QA 4 6.98 -77.33 -6.30
N THR QA 5 8.21 -76.97 -6.59
CA THR QA 5 8.99 -77.69 -7.60
C THR QA 5 9.64 -78.91 -6.98
N PHE QA 6 10.07 -79.83 -7.84
CA PHE QA 6 10.69 -81.05 -7.36
C PHE QA 6 11.95 -80.76 -6.57
N ARG QA 7 12.78 -79.85 -7.08
CA ARG QA 7 14.05 -79.59 -6.42
C ARG QA 7 13.84 -78.98 -5.04
N ILE QA 8 12.87 -78.07 -4.93
CA ILE QA 8 12.56 -77.49 -3.63
C ILE QA 8 12.07 -78.54 -2.67
N LYS QA 9 11.24 -79.46 -3.17
CA LYS QA 9 10.74 -80.53 -2.32
C LYS QA 9 11.88 -81.42 -1.83
N ARG QA 10 12.83 -81.72 -2.70
CA ARG QA 10 13.99 -82.50 -2.27
C ARG QA 10 14.78 -81.75 -1.21
N PHE QA 11 14.95 -80.45 -1.40
CA PHE QA 11 15.71 -79.66 -0.43
C PHE QA 11 15.02 -79.66 0.93
N LEU QA 12 13.71 -79.50 0.93
CA LEU QA 12 12.97 -79.57 2.18
C LEU QA 12 13.06 -80.95 2.80
N ALA QA 13 13.10 -81.99 1.98
CA ALA QA 13 13.25 -83.34 2.51
C ALA QA 13 14.57 -83.49 3.25
N LYS QA 14 15.66 -83.02 2.65
CA LYS QA 14 16.95 -83.12 3.32
C LYS QA 14 16.95 -82.32 4.62
N LYS QA 15 16.40 -81.10 4.58
CA LYS QA 15 16.32 -80.30 5.80
C LYS QA 15 15.51 -81.00 6.87
N GLN QA 16 14.45 -81.70 6.48
CA GLN QA 16 13.70 -82.51 7.43
C GLN QA 16 14.59 -83.58 8.04
N LYS QA 17 15.27 -84.35 7.19
CA LYS QA 17 16.00 -85.51 7.68
C LYS QA 17 17.11 -85.10 8.63
N GLN QA 18 17.78 -84.00 8.35
CA GLN QA 18 18.87 -83.57 9.22
C GLN QA 18 18.40 -82.68 10.36
N ASN QA 19 17.14 -82.80 10.78
CA ASN QA 19 16.67 -82.14 12.01
C ASN QA 19 16.11 -83.19 12.96
N ARG QA 20 16.99 -83.75 13.78
CA ARG QA 20 16.63 -84.77 14.74
C ARG QA 20 17.75 -84.89 15.75
N PRO QA 21 17.46 -85.37 16.96
CA PRO QA 21 18.51 -85.49 17.98
C PRO QA 21 19.53 -86.55 17.58
N ILE QA 22 20.72 -86.41 18.15
CA ILE QA 22 21.84 -87.30 17.85
C ILE QA 22 21.53 -88.70 18.39
N PRO QA 23 22.11 -89.74 17.83
CA PRO QA 23 21.95 -91.07 18.42
C PRO QA 23 22.59 -91.14 19.80
N GLN QA 24 21.99 -91.96 20.66
CA GLN QA 24 22.44 -92.04 22.04
C GLN QA 24 23.80 -92.69 22.16
N TRP QA 25 24.05 -93.74 21.38
CA TRP QA 25 25.31 -94.46 21.50
C TRP QA 25 26.49 -93.64 21.01
N ILE QA 26 26.25 -92.50 20.38
CA ILE QA 26 27.34 -91.62 20.00
C ILE QA 26 28.08 -91.12 21.23
N ARG QA 27 27.34 -90.73 22.28
CA ARG QA 27 27.99 -90.22 23.48
C ARG QA 27 28.73 -91.30 24.26
N MET QA 28 28.54 -92.58 23.91
CA MET QA 28 29.32 -93.63 24.55
C MET QA 28 30.66 -93.86 23.86
N LYS QA 29 30.91 -93.24 22.71
CA LYS QA 29 32.17 -93.43 22.03
C LYS QA 29 33.31 -92.78 22.80
N THR QA 30 34.50 -93.36 22.63
CA THR QA 30 35.69 -92.85 23.29
C THR QA 30 36.10 -91.53 22.67
N GLY QA 31 36.29 -90.51 23.51
CA GLY QA 31 36.68 -89.20 23.04
C GLY QA 31 35.61 -88.53 22.19
N ASN QA 32 34.36 -88.60 22.64
CA ASN QA 32 33.29 -87.98 21.89
C ASN QA 32 33.37 -86.46 21.93
N LYS QA 33 33.30 -85.88 23.14
CA LYS QA 33 33.28 -84.44 23.37
C LYS QA 33 32.09 -83.74 22.71
N ILE QA 34 31.09 -84.50 22.27
CA ILE QA 34 29.91 -83.94 21.62
C ILE QA 34 28.72 -84.21 22.53
N ARG QA 35 28.00 -83.15 22.88
CA ARG QA 35 26.87 -83.28 23.79
C ARG QA 35 25.54 -83.38 23.07
N TYR QA 36 25.29 -82.54 22.08
CA TYR QA 36 24.01 -82.55 21.38
C TYR QA 36 24.19 -81.87 20.04
N ASN QA 37 23.21 -82.08 19.16
CA ASN QA 37 23.22 -81.41 17.87
C ASN QA 37 22.91 -79.94 18.06
N SER QA 38 23.93 -79.10 17.95
CA SER QA 38 23.70 -77.66 17.95
C SER QA 38 23.04 -77.17 16.67
N LYS QA 39 23.05 -77.98 15.62
CA LYS QA 39 22.49 -77.61 14.34
C LYS QA 39 21.01 -77.93 14.24
N ARG QA 40 20.37 -78.19 15.37
CA ARG QA 40 18.94 -78.42 15.38
C ARG QA 40 18.19 -77.16 14.95
N ARG QA 41 17.10 -77.34 14.24
CA ARG QA 41 16.32 -76.25 13.69
C ARG QA 41 14.84 -76.44 14.01
N HIS QA 42 14.20 -75.38 14.47
CA HIS QA 42 12.76 -75.37 14.64
C HIS QA 42 12.14 -74.47 13.59
N TRP QA 43 10.93 -74.82 13.17
CA TRP QA 43 10.26 -74.12 12.08
C TRP QA 43 9.78 -72.73 12.48
N ARG QA 44 9.79 -72.41 13.77
CA ARG QA 44 9.29 -71.11 14.21
C ARG QA 44 10.38 -70.17 14.69
N ARG QA 45 11.47 -70.68 15.28
CA ARG QA 45 12.56 -69.81 15.70
C ARG QA 45 13.23 -69.17 14.51
N THR QA 46 13.87 -69.98 13.67
CA THR QA 46 14.54 -69.50 12.48
C THR QA 46 13.90 -70.13 11.25
N LYS QA 47 13.94 -69.42 10.14
CA LYS QA 47 13.34 -69.91 8.92
C LYS QA 47 14.43 -70.50 8.03
N LEU QA 48 14.01 -71.17 6.96
CA LEU QA 48 14.97 -71.74 6.05
C LEU QA 48 15.65 -70.65 5.23
N GLY QA 49 16.73 -71.04 4.55
CA GLY QA 49 17.45 -70.08 3.72
C GLY QA 49 16.61 -69.53 2.60
N LEU QA 50 15.85 -70.39 1.94
CA LEU QA 50 14.98 -69.97 0.85
C LEU QA 50 13.67 -69.41 1.39
N ILE RA 1 -21.66 28.76 70.31
CA ILE RA 1 -21.01 30.03 70.61
C ILE RA 1 -19.94 29.86 71.68
N ILE RA 2 -18.80 30.50 71.47
CA ILE RA 2 -17.70 30.50 72.43
C ILE RA 2 -17.28 31.94 72.66
N GLU RA 3 -17.19 32.34 73.92
CA GLU RA 3 -16.71 33.66 74.27
C GLU RA 3 -15.20 33.75 74.04
N PRO RA 4 -14.67 34.96 73.83
CA PRO RA 4 -13.26 35.08 73.41
C PRO RA 4 -12.24 34.52 74.38
N SER RA 5 -12.46 34.60 75.70
CA SER RA 5 -11.41 34.14 76.61
C SER RA 5 -11.36 32.62 76.65
N LEU RA 6 -12.52 31.96 76.68
CA LEU RA 6 -12.53 30.51 76.50
C LEU RA 6 -11.99 30.12 75.14
N ARG RA 7 -12.24 30.94 74.13
CA ARG RA 7 -11.66 30.70 72.82
C ARG RA 7 -10.14 30.71 72.88
N GLN RA 8 -9.58 31.68 73.59
CA GLN RA 8 -8.13 31.75 73.74
C GLN RA 8 -7.61 30.56 74.53
N LEU RA 9 -8.36 30.14 75.55
CA LEU RA 9 -7.97 28.97 76.32
C LEU RA 9 -7.91 27.73 75.44
N ALA RA 10 -8.92 27.53 74.61
CA ALA RA 10 -8.92 26.38 73.71
C ALA RA 10 -7.81 26.48 72.68
N GLN RA 11 -7.57 27.69 72.16
CA GLN RA 11 -6.55 27.87 71.15
C GLN RA 11 -5.15 27.68 71.71
N LYS RA 12 -4.96 27.88 73.02
CA LYS RA 12 -3.65 27.61 73.61
C LYS RA 12 -3.30 26.13 73.53
N TYR RA 13 -4.28 25.25 73.72
CA TYR RA 13 -4.04 23.82 73.52
C TYR RA 13 -4.20 23.40 72.07
N ASN RA 14 -4.83 24.22 71.23
CA ASN RA 14 -5.25 23.80 69.91
C ASN RA 14 -4.53 24.50 68.77
N CYS RA 15 -4.17 25.77 68.92
CA CYS RA 15 -3.64 26.53 67.80
C CYS RA 15 -2.27 27.11 68.10
N ASP RA 16 -2.06 27.56 69.34
CA ASP RA 16 -0.81 28.23 69.72
C ASP RA 16 0.29 27.19 69.80
N LYS RA 17 0.69 26.67 68.65
CA LYS RA 17 1.66 25.59 68.63
C LYS RA 17 2.48 25.64 67.35
N MET RA 18 3.73 25.22 67.48
CA MET RA 18 4.68 25.18 66.38
C MET RA 18 4.59 23.85 65.66
N ILE RA 19 4.94 23.86 64.38
CA ILE RA 19 4.92 22.68 63.53
C ILE RA 19 6.32 22.47 62.96
N CYS RA 20 6.84 21.27 63.12
CA CYS RA 20 8.10 20.91 62.49
C CYS RA 20 7.90 20.83 60.99
N ARG RA 21 8.79 21.46 60.23
CA ARG RA 21 8.70 21.37 58.78
C ARG RA 21 9.15 20.02 58.26
N LYS RA 22 9.80 19.22 59.09
CA LYS RA 22 10.27 17.93 58.60
C LYS RA 22 9.39 16.78 59.04
N CYS RA 23 8.78 16.84 60.22
CA CYS RA 23 7.99 15.72 60.69
C CYS RA 23 6.60 16.12 61.19
N TYR RA 24 6.18 17.36 60.97
CA TYR RA 24 4.83 17.82 61.31
C TYR RA 24 4.52 17.65 62.79
N ALA RA 25 5.53 17.75 63.65
CA ALA RA 25 5.28 17.61 65.08
C ALA RA 25 4.63 18.87 65.63
N ARG RA 26 3.66 18.65 66.52
CA ARG RA 26 2.95 19.75 67.17
C ARG RA 26 3.74 20.14 68.41
N LEU RA 27 4.44 21.27 68.34
CA LEU RA 27 5.35 21.68 69.38
C LEU RA 27 4.83 22.91 70.09
N HIS RA 28 5.31 23.11 71.31
CA HIS RA 28 4.90 24.27 72.09
C HIS RA 28 5.36 25.55 71.40
N PRO RA 29 4.64 26.66 71.60
CA PRO RA 29 4.90 27.86 70.79
C PRO RA 29 6.29 28.43 70.97
N ARG RA 30 6.98 28.09 72.06
CA ARG RA 30 8.32 28.58 72.31
C ARG RA 30 9.41 27.60 71.86
N ALA RA 31 9.03 26.54 71.16
CA ALA RA 31 10.00 25.54 70.74
C ALA RA 31 10.97 26.12 69.72
N VAL RA 32 12.19 25.60 69.75
CA VAL RA 32 13.22 25.95 68.79
C VAL RA 32 13.62 24.74 67.94
N ASN RA 33 13.72 23.58 68.57
CA ASN RA 33 14.15 22.36 67.90
C ASN RA 33 13.11 21.27 68.12
N CYS RA 34 12.88 20.47 67.09
CA CYS RA 34 11.90 19.40 67.21
C CYS RA 34 12.38 18.32 68.17
N ARG RA 35 11.44 17.75 68.90
CA ARG RA 35 11.76 16.74 69.90
C ARG RA 35 11.75 15.33 69.35
N LYS RA 36 11.46 15.16 68.07
CA LYS RA 36 11.30 13.84 67.47
C LYS RA 36 12.58 13.41 66.78
N LYS RA 37 13.01 12.18 67.07
CA LYS RA 37 14.26 11.68 66.50
C LYS RA 37 14.19 11.56 64.98
N LYS RA 38 13.06 11.12 64.45
CA LYS RA 38 13.01 10.72 63.05
C LYS RA 38 13.30 11.88 62.10
N CYS RA 39 13.05 13.11 62.50
CA CYS RA 39 13.44 14.25 61.69
C CYS RA 39 14.82 14.76 62.06
N GLY RA 40 15.50 14.12 62.99
CA GLY RA 40 16.84 14.54 63.37
C GLY RA 40 16.91 15.78 64.22
N HIS RA 41 15.82 16.11 64.93
CA HIS RA 41 15.79 17.23 65.87
C HIS RA 41 16.09 18.55 65.18
N THR RA 42 15.51 18.74 64.00
CA THR RA 42 15.75 19.94 63.23
C THR RA 42 15.11 21.15 63.91
N ASN RA 43 15.60 22.33 63.53
CA ASN RA 43 15.04 23.60 63.96
C ASN RA 43 14.07 24.17 62.96
N ASN RA 44 13.84 23.48 61.85
CA ASN RA 44 13.01 24.01 60.77
C ASN RA 44 11.56 23.91 61.20
N LEU RA 45 11.07 24.99 61.81
CA LEU RA 45 9.75 25.04 62.40
C LEU RA 45 8.95 26.17 61.79
N ARG RA 46 7.64 26.01 61.76
CA ARG RA 46 6.71 27.01 61.28
C ARG RA 46 5.57 27.14 62.28
N PRO RA 47 4.95 28.31 62.36
CA PRO RA 47 3.73 28.42 63.16
C PRO RA 47 2.61 27.62 62.51
N LYS RA 48 1.69 27.14 63.35
CA LYS RA 48 0.52 26.48 62.82
C LYS RA 48 -0.35 27.48 62.08
N LYS RA 49 -0.80 27.10 60.88
CA LYS RA 49 -1.60 28.01 60.08
C LYS RA 49 -2.97 28.19 60.70
N LYS RA 50 -3.36 29.45 60.89
CA LYS RA 50 -4.58 29.79 61.59
C LYS RA 50 -5.79 29.50 60.71
N VAL RA 51 -6.97 29.82 61.23
CA VAL RA 51 -8.19 29.77 60.43
C VAL RA 51 -8.47 31.07 59.71
N LYS RA 52 -7.72 32.12 59.99
CA LYS RA 52 -7.98 33.45 59.44
C LYS RA 52 -7.69 33.48 57.95
N MET SA 1 -22.83 20.89 -25.71
CA MET SA 1 -22.12 19.76 -26.30
C MET SA 1 -22.85 19.19 -27.48
N ARG SA 2 -22.09 18.53 -28.35
CA ARG SA 2 -22.69 17.65 -29.34
C ARG SA 2 -23.47 16.56 -28.63
N ALA SA 3 -24.66 16.25 -29.14
CA ALA SA 3 -25.54 15.31 -28.45
C ALA SA 3 -24.93 13.93 -28.39
N LYS SA 4 -24.18 13.54 -29.43
CA LYS SA 4 -23.56 12.23 -29.43
C LYS SA 4 -22.54 12.08 -28.31
N TRP SA 5 -21.77 13.14 -28.04
CA TRP SA 5 -20.81 13.05 -26.95
C TRP SA 5 -21.48 13.03 -25.59
N ARG SA 6 -22.60 13.74 -25.42
CA ARG SA 6 -23.36 13.61 -24.19
C ARG SA 6 -23.90 12.20 -24.03
N LYS SA 7 -24.31 11.59 -25.14
CA LYS SA 7 -24.72 10.20 -25.12
C LYS SA 7 -23.59 9.30 -24.65
N LYS SA 8 -22.39 9.54 -25.16
CA LYS SA 8 -21.23 8.76 -24.75
C LYS SA 8 -20.93 8.94 -23.27
N ARG SA 9 -21.00 10.17 -22.79
CA ARG SA 9 -20.74 10.45 -21.38
C ARG SA 9 -21.78 9.76 -20.49
N MET SA 10 -23.04 9.82 -20.90
CA MET SA 10 -24.09 9.16 -20.14
C MET SA 10 -23.87 7.65 -20.10
N ARG SA 11 -23.47 7.07 -21.22
CA ARG SA 11 -23.22 5.63 -21.25
C ARG SA 11 -22.06 5.24 -20.34
N ARG SA 12 -20.99 6.05 -20.34
CA ARG SA 12 -19.88 5.81 -19.43
C ARG SA 12 -20.33 5.86 -17.98
N LEU SA 13 -21.13 6.87 -17.66
CA LEU SA 13 -21.65 6.99 -16.30
C LEU SA 13 -22.51 5.80 -15.93
N LYS SA 14 -23.30 5.32 -16.89
CA LYS SA 14 -24.18 4.18 -16.61
C LYS SA 14 -23.37 2.91 -16.36
N ARG SA 15 -22.29 2.70 -17.13
CA ARG SA 15 -21.43 1.56 -16.87
C ARG SA 15 -20.80 1.65 -15.49
N LYS SA 16 -20.34 2.84 -15.11
CA LYS SA 16 -19.76 3.00 -13.77
C LYS SA 16 -20.80 2.73 -12.68
N ARG SA 17 -22.01 3.22 -12.88
CA ARG SA 17 -23.07 2.99 -11.89
C ARG SA 17 -23.40 1.52 -11.77
N ARG SA 18 -23.47 0.82 -12.90
CA ARG SA 18 -23.72 -0.62 -12.85
C ARG SA 18 -22.60 -1.33 -12.13
N LYS SA 19 -21.36 -0.91 -12.35
CA LYS SA 19 -20.24 -1.51 -11.64
C LYS SA 19 -20.35 -1.29 -10.13
N MET SA 20 -20.72 -0.07 -9.72
CA MET SA 20 -20.89 0.21 -8.30
C MET SA 20 -21.99 -0.64 -7.68
N ARG SA 21 -23.14 -0.71 -8.35
CA ARG SA 21 -24.25 -1.49 -7.82
C ARG SA 21 -23.91 -2.98 -7.83
N GLN SA 22 -23.07 -3.41 -8.76
CA GLN SA 22 -22.56 -4.77 -8.76
C GLN SA 22 -21.67 -5.04 -7.55
N ARG SA 23 -20.82 -4.07 -7.19
CA ARG SA 23 -19.85 -4.29 -6.12
C ARG SA 23 -20.54 -4.55 -4.77
N SER SA 24 -21.73 -4.01 -4.57
CA SER SA 24 -22.48 -4.28 -3.36
C SER SA 24 -22.92 -5.75 -3.28
N VAL TA 1 58.40 13.24 -14.86
CA VAL TA 1 59.61 14.03 -14.74
C VAL TA 1 60.18 14.38 -16.10
N ASN TA 2 61.21 15.21 -16.11
CA ASN TA 2 61.88 15.63 -17.33
C ASN TA 2 63.37 15.37 -17.19
N VAL TA 3 63.95 14.71 -18.18
CA VAL TA 3 65.39 14.49 -18.21
C VAL TA 3 65.88 14.85 -19.61
N PRO TA 4 67.11 15.34 -19.75
CA PRO TA 4 67.59 15.74 -21.07
C PRO TA 4 67.83 14.53 -21.96
N LYS TA 5 67.77 14.78 -23.27
CA LYS TA 5 68.07 13.73 -24.23
C LYS TA 5 69.52 13.29 -24.19
N THR TA 6 70.42 14.10 -23.63
CA THR TA 6 71.82 13.78 -23.55
C THR TA 6 72.38 14.21 -22.20
N ARG TA 7 73.48 13.58 -21.81
CA ARG TA 7 74.22 13.98 -20.63
C ARG TA 7 75.63 13.42 -20.73
N ARG TA 8 76.53 14.02 -19.95
CA ARG TA 8 77.91 13.59 -19.86
C ARG TA 8 78.09 12.82 -18.56
N THR TA 9 78.25 11.51 -18.66
CA THR TA 9 78.42 10.68 -17.49
C THR TA 9 79.56 9.70 -17.73
N PHE TA 10 79.88 8.93 -16.70
CA PHE TA 10 80.88 7.88 -16.82
C PHE TA 10 80.45 6.86 -17.85
N CYS TA 11 81.43 6.36 -18.61
CA CYS TA 11 81.22 5.25 -19.53
C CYS TA 11 82.14 4.12 -19.09
N LYS TA 12 81.57 2.93 -18.90
CA LYS TA 12 82.36 1.80 -18.40
C LYS TA 12 83.38 1.36 -19.43
N LYS TA 13 82.98 1.26 -20.69
CA LYS TA 13 83.93 0.81 -21.72
C LYS TA 13 84.98 1.87 -21.99
N CYS TA 14 84.59 3.14 -22.02
CA CYS TA 14 85.58 4.20 -22.12
C CYS TA 14 86.34 4.37 -20.82
N GLY TA 15 85.73 4.05 -19.69
CA GLY TA 15 86.41 4.21 -18.43
C GLY TA 15 86.52 5.63 -17.93
N LYS TA 16 85.79 6.56 -18.54
CA LYS TA 16 85.82 7.95 -18.11
C LYS TA 16 84.48 8.60 -18.47
N HIS TA 17 84.40 9.91 -18.23
CA HIS TA 17 83.18 10.64 -18.51
C HIS TA 17 83.06 10.87 -20.00
N GLN TA 18 81.92 10.49 -20.56
CA GLN TA 18 81.67 10.59 -21.99
C GLN TA 18 80.26 11.10 -22.20
N PRO TA 19 80.00 11.75 -23.33
CA PRO TA 19 78.61 12.08 -23.68
C PRO TA 19 77.83 10.81 -23.95
N HIS TA 20 76.52 10.87 -23.66
CA HIS TA 20 75.64 9.72 -23.86
C HIS TA 20 74.31 10.18 -24.41
N LYS TA 21 73.76 9.41 -25.36
CA LYS TA 21 72.37 9.59 -25.77
C LYS TA 21 71.47 8.83 -24.82
N VAL TA 22 70.41 9.49 -24.37
CA VAL TA 22 69.49 8.92 -23.39
C VAL TA 22 68.16 8.67 -24.08
N THR TA 23 67.72 7.43 -24.06
CA THR TA 23 66.39 7.03 -24.51
C THR TA 23 65.77 6.14 -23.44
N GLN TA 24 64.48 5.87 -23.58
CA GLN TA 24 63.76 5.08 -22.59
C GLN TA 24 63.77 3.61 -22.96
N TYR TA 25 64.20 2.78 -22.03
CA TYR TA 25 64.25 1.34 -22.24
C TYR TA 25 62.85 0.75 -22.38
N LYS TA 26 62.72 -0.21 -23.26
CA LYS TA 26 61.46 -0.92 -23.47
C LYS TA 26 61.71 -2.41 -23.34
N LYS TA 27 60.79 -3.10 -22.66
CA LYS TA 27 60.94 -4.54 -22.51
C LYS TA 27 60.81 -5.22 -23.87
N GLY TA 28 61.74 -6.11 -24.16
CA GLY TA 28 61.77 -6.73 -25.46
C GLY TA 28 60.64 -7.72 -25.65
N LYS TA 29 60.50 -8.13 -26.91
CA LYS TA 29 59.59 -9.21 -27.26
C LYS TA 29 59.98 -10.48 -26.52
N ASP TA 30 58.98 -11.25 -26.10
CA ASP TA 30 59.26 -12.56 -25.56
C ASP TA 30 59.83 -13.47 -26.64
N SER TA 31 60.84 -14.27 -26.26
CA SER TA 31 61.58 -15.04 -27.25
C SER TA 31 60.78 -16.22 -27.79
N LEU TA 32 59.86 -16.76 -26.99
CA LEU TA 32 59.06 -17.94 -27.33
C LEU TA 32 59.94 -19.17 -27.45
N TYR TA 33 61.25 -19.00 -27.22
CA TYR TA 33 62.16 -20.12 -27.15
C TYR TA 33 63.16 -20.00 -26.01
N ALA TA 34 62.90 -19.10 -25.06
CA ALA TA 34 63.64 -19.15 -23.81
C ALA TA 34 63.25 -20.42 -23.08
N GLN TA 35 64.16 -20.90 -22.23
CA GLN TA 35 63.91 -22.14 -21.50
C GLN TA 35 62.63 -22.04 -20.68
N GLY TA 36 62.38 -20.88 -20.09
CA GLY TA 36 61.17 -20.72 -19.30
C GLY TA 36 59.92 -20.84 -20.13
N LYS TA 37 59.90 -20.21 -21.29
CA LYS TA 37 58.70 -20.29 -22.13
C LYS TA 37 58.50 -21.70 -22.63
N ARG TA 38 59.60 -22.40 -22.96
CA ARG TA 38 59.51 -23.78 -23.40
C ARG TA 38 58.92 -24.66 -22.31
N ARG TA 39 59.42 -24.53 -21.08
CA ARG TA 39 58.90 -25.34 -19.99
C ARG TA 39 57.44 -25.00 -19.70
N TYR TA 40 57.10 -23.72 -19.77
CA TYR TA 40 55.72 -23.29 -19.58
C TYR TA 40 54.81 -23.94 -20.61
N ASP TA 41 55.21 -23.93 -21.87
CA ASP TA 41 54.37 -24.48 -22.91
C ASP TA 41 54.26 -26.00 -22.77
N ARG TA 42 55.35 -26.66 -22.40
CA ARG TA 42 55.30 -28.10 -22.18
C ARG TA 42 54.35 -28.44 -21.06
N LYS TA 43 54.40 -27.69 -19.96
CA LYS TA 43 53.52 -27.95 -18.83
C LYS TA 43 52.06 -27.70 -19.20
N GLN TA 44 51.79 -26.61 -19.94
CA GLN TA 44 50.41 -26.27 -20.25
C GLN TA 44 49.81 -27.16 -21.33
N SER TA 45 50.63 -27.94 -22.04
CA SER TA 45 50.10 -28.86 -23.03
C SER TA 45 49.26 -29.94 -22.36
N GLY TA 46 48.28 -30.44 -23.10
CA GLY TA 46 47.43 -31.49 -22.57
C GLY TA 46 46.37 -30.94 -21.65
N TYR TA 47 45.62 -31.82 -21.03
CA TYR TA 47 44.57 -31.43 -20.09
C TYR TA 47 45.18 -30.97 -18.78
N GLY TA 48 44.34 -30.34 -17.97
CA GLY TA 48 44.81 -29.77 -16.72
C GLY TA 48 44.70 -28.25 -16.75
N GLY TA 49 44.55 -27.70 -17.95
CA GLY TA 49 44.37 -26.27 -18.09
C GLY TA 49 45.56 -25.48 -17.58
N GLN TA 50 45.26 -24.48 -16.77
CA GLN TA 50 46.30 -23.61 -16.23
C GLN TA 50 47.17 -24.36 -15.24
N THR TA 51 48.48 -24.16 -15.32
CA THR TA 51 49.43 -24.77 -14.41
C THR TA 51 50.33 -23.77 -13.71
N LYS TA 52 50.18 -22.47 -13.97
CA LYS TA 52 50.98 -21.46 -13.31
C LYS TA 52 50.08 -20.36 -12.79
N PRO TA 53 50.48 -19.70 -11.70
CA PRO TA 53 49.64 -18.63 -11.14
C PRO TA 53 49.50 -17.46 -12.09
N ILE TA 54 48.33 -16.82 -12.02
CA ILE TA 54 48.02 -15.62 -12.80
C ILE TA 54 47.77 -14.49 -11.82
N PHE TA 55 48.53 -13.41 -11.95
CA PHE TA 55 48.63 -12.41 -10.89
C PHE TA 55 47.29 -11.77 -10.58
N ARG TA 56 46.74 -11.01 -11.54
CA ARG TA 56 45.40 -10.39 -11.49
C ARG TA 56 45.08 -9.73 -10.15
N LYS TA 57 46.10 -9.17 -9.50
CA LYS TA 57 45.92 -8.46 -8.24
C LYS TA 57 46.76 -7.19 -8.24
N LYS TA 58 46.72 -6.47 -9.36
CA LYS TA 58 47.62 -5.35 -9.57
C LYS TA 58 47.40 -4.26 -8.52
N ALA TA 59 48.49 -3.76 -7.98
CA ALA TA 59 48.44 -2.69 -6.99
C ALA TA 59 49.28 -1.48 -7.37
N LYS TA 60 50.46 -1.68 -7.93
CA LYS TA 60 51.29 -0.56 -8.34
C LYS TA 60 50.66 0.19 -9.50
N THR TA 61 50.67 1.51 -9.41
CA THR TA 61 50.13 2.35 -10.45
C THR TA 61 51.18 2.84 -11.43
N THR TA 62 52.44 2.88 -11.02
CA THR TA 62 53.52 3.38 -11.84
C THR TA 62 54.62 2.34 -11.92
N LYS TA 63 55.63 2.65 -12.74
CA LYS TA 63 56.80 1.80 -12.86
C LYS TA 63 58.04 2.67 -12.78
N LYS TA 64 59.14 2.08 -12.33
CA LYS TA 64 60.42 2.78 -12.34
C LYS TA 64 60.82 3.05 -13.77
N ILE TA 65 61.31 4.26 -14.03
CA ILE TA 65 61.71 4.63 -15.38
C ILE TA 65 63.13 4.18 -15.63
N VAL TA 66 63.34 3.46 -16.72
CA VAL TA 66 64.66 2.95 -17.07
C VAL TA 66 65.19 3.77 -18.24
N LEU TA 67 66.39 4.30 -18.08
CA LEU TA 67 67.03 5.12 -19.09
C LEU TA 67 68.02 4.28 -19.88
N ARG TA 68 68.01 4.45 -21.20
CA ARG TA 68 68.96 3.77 -22.07
C ARG TA 68 70.05 4.76 -22.47
N LEU TA 69 71.17 4.73 -21.76
CA LEU TA 69 72.33 5.51 -22.14
C LEU TA 69 73.05 4.82 -23.29
N GLU TA 70 73.66 5.61 -24.16
CA GLU TA 70 74.47 5.08 -25.25
C GLU TA 70 75.62 6.02 -25.51
N CYS TA 71 76.84 5.52 -25.35
CA CYS TA 71 78.03 6.34 -25.49
C CYS TA 71 78.15 6.84 -26.93
N VAL TA 72 78.52 8.12 -27.07
CA VAL TA 72 78.62 8.73 -28.40
C VAL TA 72 79.89 8.34 -29.13
N GLU TA 73 80.77 7.59 -28.52
CA GLU TA 73 82.01 7.22 -29.18
C GLU TA 73 81.72 6.29 -30.36
N PRO TA 74 82.18 6.64 -31.56
CA PRO TA 74 81.98 5.75 -32.71
C PRO TA 74 82.60 4.39 -32.52
N ASN TA 75 83.66 4.32 -31.73
CA ASN TA 75 84.32 3.06 -31.43
C ASN TA 75 83.86 2.45 -30.12
N CYS TA 76 82.95 3.12 -29.41
CA CYS TA 76 82.37 2.63 -28.16
C CYS TA 76 80.89 2.96 -28.18
N ARG TA 77 80.09 2.03 -28.68
CA ARG TA 77 78.65 2.24 -28.78
C ARG TA 77 77.91 1.60 -27.60
N SER TA 78 78.55 1.58 -26.43
CA SER TA 78 78.06 0.81 -25.30
C SER TA 78 76.76 1.38 -24.76
N LYS TA 79 75.94 0.50 -24.18
CA LYS TA 79 74.64 0.87 -23.65
C LYS TA 79 74.52 0.47 -22.19
N ARG TA 80 74.08 1.41 -21.37
CA ARG TA 80 73.84 1.16 -19.95
C ARG TA 80 72.43 1.57 -19.61
N MET TA 81 71.86 0.89 -18.62
CA MET TA 81 70.51 1.17 -18.15
C MET TA 81 70.57 1.85 -16.80
N LEU TA 82 69.91 2.99 -16.68
CA LEU TA 82 69.75 3.67 -15.40
C LEU TA 82 68.28 3.62 -15.01
N ALA TA 83 68.04 3.34 -13.74
CA ALA TA 83 66.70 3.38 -13.17
C ALA TA 83 66.56 4.61 -12.29
N ILE TA 84 65.42 5.29 -12.40
CA ILE TA 84 65.15 6.44 -11.55
C ILE TA 84 63.91 6.16 -10.72
N LYS TA 85 63.53 7.12 -9.88
CA LYS TA 85 62.40 6.94 -9.00
C LYS TA 85 61.10 6.93 -9.81
N ARG TA 86 60.06 6.40 -9.18
CA ARG TA 86 58.76 6.22 -9.84
C ARG TA 86 58.16 7.56 -10.22
N CYS TA 87 57.52 7.63 -11.38
CA CYS TA 87 56.85 8.85 -11.80
C CYS TA 87 55.63 8.51 -12.63
N LYS TA 88 54.72 9.47 -12.75
CA LYS TA 88 53.52 9.28 -13.55
C LYS TA 88 53.67 9.80 -14.98
N HIS TA 89 54.25 10.97 -15.16
CA HIS TA 89 54.56 11.47 -16.49
C HIS TA 89 56.06 11.51 -16.65
N PHE TA 90 56.55 10.93 -17.73
CA PHE TA 90 57.97 10.94 -18.04
C PHE TA 90 58.16 11.41 -19.47
N GLU TA 91 59.17 12.25 -19.68
CA GLU TA 91 59.38 12.87 -20.97
C GLU TA 91 60.87 13.04 -21.21
N LEU TA 92 61.22 13.12 -22.49
CA LEU TA 92 62.61 13.19 -22.92
C LEU TA 92 62.84 14.53 -23.61
N GLY TA 93 63.75 15.33 -23.07
CA GLY TA 93 64.09 16.60 -23.69
C GLY TA 93 62.91 17.54 -23.81
N GLY TA 94 62.07 17.60 -22.79
CA GLY TA 94 60.95 18.50 -22.80
C GLY TA 94 61.38 19.93 -22.59
N ASP TA 95 60.42 20.84 -22.73
CA ASP TA 95 60.72 22.27 -22.63
C ASP TA 95 61.16 22.61 -21.22
N LYS TA 96 62.37 23.12 -21.08
CA LYS TA 96 62.89 23.46 -19.77
C LYS TA 96 62.20 24.70 -19.24
N LYS TA 97 61.82 24.65 -17.97
CA LYS TA 97 61.08 25.73 -17.34
C LYS TA 97 61.97 26.94 -17.12
N ARG TA 98 61.34 28.10 -17.00
CA ARG TA 98 62.00 29.33 -16.57
C ARG TA 98 61.34 29.83 -15.29
N LYS TA 99 61.94 30.84 -14.68
CA LYS TA 99 61.50 31.32 -13.38
C LYS TA 99 60.65 32.58 -13.50
N GLY TA 100 61.14 33.61 -14.15
CA GLY TA 100 60.42 34.86 -14.22
C GLY TA 100 59.52 35.02 -15.43
N GLN TA 101 58.49 34.18 -15.54
CA GLN TA 101 57.53 34.27 -16.62
C GLN TA 101 56.13 34.48 -16.05
N VAL TA 102 55.16 34.58 -16.94
CA VAL TA 102 53.77 34.79 -16.53
C VAL TA 102 52.97 33.52 -16.77
N ILE TA 103 52.18 33.14 -15.77
CA ILE TA 103 51.31 31.97 -15.87
C ILE TA 103 50.22 32.25 -16.88
N GLN TA 104 49.78 31.22 -17.61
CA GLN TA 104 48.67 31.40 -18.52
C GLN TA 104 47.40 31.73 -17.74
N PHE TA 105 46.70 32.76 -18.18
CA PHE TA 105 45.57 33.31 -17.43
C PHE TA 105 44.27 32.68 -17.89
N ALA UA 1 -43.05 -32.00 -19.98
CA ALA UA 1 -42.77 -30.58 -19.89
C ALA UA 1 -41.30 -30.28 -20.18
N LYS UA 2 -41.00 -29.05 -20.57
CA LYS UA 2 -39.62 -28.67 -20.79
C LYS UA 2 -38.87 -28.63 -19.47
N ARG UA 3 -37.70 -29.26 -19.44
CA ARG UA 3 -37.00 -29.48 -18.18
C ARG UA 3 -35.97 -28.41 -17.87
N THR UA 4 -35.34 -27.82 -18.88
CA THR UA 4 -34.33 -26.80 -18.69
C THR UA 4 -34.62 -25.62 -19.60
N LYS UA 5 -34.07 -24.45 -19.24
CA LYS UA 5 -34.34 -23.24 -20.00
C LYS UA 5 -33.42 -23.12 -21.21
N LYS UA 6 -32.12 -23.26 -21.02
CA LYS UA 6 -31.19 -23.04 -22.12
C LYS UA 6 -30.10 -24.10 -22.27
N VAL UA 7 -29.79 -24.88 -21.23
CA VAL UA 7 -28.62 -25.74 -21.29
C VAL UA 7 -28.84 -26.92 -22.24
N GLY UA 8 -30.02 -27.50 -22.23
CA GLY UA 8 -30.23 -28.70 -23.01
C GLY UA 8 -29.41 -29.87 -22.51
N ILE UA 9 -28.60 -30.47 -23.39
CA ILE UA 9 -27.93 -31.71 -23.04
C ILE UA 9 -26.78 -31.50 -22.07
N VAL UA 10 -26.22 -30.29 -21.98
CA VAL UA 10 -25.02 -30.09 -21.19
C VAL UA 10 -25.40 -29.95 -19.72
N GLY UA 11 -26.69 -30.14 -19.43
CA GLY UA 11 -27.12 -30.17 -18.04
C GLY UA 11 -26.46 -31.24 -17.23
N LYS UA 12 -25.99 -32.31 -17.87
CA LYS UA 12 -25.27 -33.35 -17.15
C LYS UA 12 -23.99 -32.83 -16.52
N TYR UA 13 -23.41 -31.78 -17.08
CA TYR UA 13 -22.18 -31.23 -16.55
C TYR UA 13 -22.41 -30.38 -15.31
N GLY UA 14 -23.65 -30.06 -15.00
CA GLY UA 14 -23.92 -29.27 -13.83
C GLY UA 14 -23.33 -27.88 -13.96
N THR UA 15 -22.93 -27.31 -12.84
CA THR UA 15 -22.39 -25.97 -12.79
C THR UA 15 -20.94 -25.91 -13.24
N ARG UA 16 -20.32 -27.05 -13.52
CA ARG UA 16 -18.89 -27.12 -13.76
C ARG UA 16 -18.55 -26.64 -15.17
N TYR UA 17 -17.25 -26.39 -15.37
CA TYR UA 17 -16.58 -26.17 -16.64
C TYR UA 17 -16.94 -24.84 -17.30
N GLY UA 18 -17.63 -23.94 -16.62
CA GLY UA 18 -17.85 -22.62 -17.19
C GLY UA 18 -19.01 -22.56 -18.17
N ALA UA 19 -19.55 -21.37 -18.37
CA ALA UA 19 -20.70 -21.24 -19.27
C ALA UA 19 -20.28 -21.34 -20.72
N SER UA 20 -19.25 -20.59 -21.12
CA SER UA 20 -18.92 -20.48 -22.54
C SER UA 20 -18.41 -21.80 -23.09
N LEU UA 21 -17.67 -22.56 -22.30
CA LEU UA 21 -17.22 -23.87 -22.75
C LEU UA 21 -18.40 -24.79 -22.99
N ARG UA 22 -19.36 -24.80 -22.07
CA ARG UA 22 -20.55 -25.61 -22.26
C ARG UA 22 -21.35 -25.15 -23.48
N LYS UA 23 -21.45 -23.85 -23.68
CA LYS UA 23 -22.13 -23.31 -24.85
C LYS UA 23 -21.46 -23.77 -26.13
N MET UA 24 -20.13 -23.74 -26.16
CA MET UA 24 -19.41 -24.22 -27.33
C MET UA 24 -19.66 -25.70 -27.57
N VAL UA 25 -19.54 -26.52 -26.52
CA VAL UA 25 -19.62 -27.96 -26.69
C VAL UA 25 -21.04 -28.44 -26.93
N LYS UA 26 -22.03 -27.59 -26.71
CA LYS UA 26 -23.41 -28.03 -26.79
C LYS UA 26 -23.76 -28.52 -28.20
N LYS UA 27 -23.50 -27.70 -29.22
CA LYS UA 27 -23.83 -28.11 -30.57
C LYS UA 27 -22.95 -29.26 -31.05
N ILE UA 28 -21.70 -29.30 -30.60
CA ILE UA 28 -20.82 -30.40 -30.99
C ILE UA 28 -21.37 -31.71 -30.47
N GLU UA 29 -21.79 -31.76 -29.20
CA GLU UA 29 -22.39 -32.96 -28.67
C GLU UA 29 -23.70 -33.29 -29.39
N ILE UA 30 -24.50 -32.26 -29.69
CA ILE UA 30 -25.76 -32.48 -30.39
C ILE UA 30 -25.51 -33.20 -31.71
N SER UA 31 -24.57 -32.67 -32.50
CA SER UA 31 -24.23 -33.31 -33.75
C SER UA 31 -23.64 -34.70 -33.54
N GLN UA 32 -22.84 -34.87 -32.49
CA GLN UA 32 -22.17 -36.14 -32.25
C GLN UA 32 -23.17 -37.25 -32.00
N HIS UA 33 -24.11 -37.02 -31.09
CA HIS UA 33 -25.05 -38.07 -30.73
C HIS UA 33 -26.30 -38.07 -31.60
N ALA UA 34 -26.39 -37.16 -32.57
CA ALA UA 34 -27.53 -37.17 -33.48
C ALA UA 34 -27.46 -38.37 -34.41
N LYS UA 35 -28.59 -38.69 -35.01
CA LYS UA 35 -28.67 -39.75 -36.00
C LYS UA 35 -28.98 -39.14 -37.36
N TYR UA 36 -28.18 -39.51 -38.36
CA TYR UA 36 -28.28 -38.95 -39.70
C TYR UA 36 -28.98 -39.93 -40.62
N THR UA 37 -29.50 -39.40 -41.72
CA THR UA 37 -30.09 -40.25 -42.74
C THR UA 37 -28.99 -40.84 -43.60
N CYS UA 38 -28.91 -42.16 -43.64
CA CYS UA 38 -27.91 -42.82 -44.46
C CYS UA 38 -28.18 -42.52 -45.93
N SER UA 39 -27.11 -42.24 -46.68
CA SER UA 39 -27.23 -41.96 -48.10
C SER UA 39 -27.18 -43.22 -48.94
N PHE UA 40 -27.08 -44.39 -48.34
CA PHE UA 40 -27.06 -45.65 -49.06
C PHE UA 40 -28.39 -46.38 -48.94
N CYS UA 41 -28.86 -46.60 -47.71
CA CYS UA 41 -30.11 -47.30 -47.48
C CYS UA 41 -31.29 -46.36 -47.34
N GLY UA 42 -31.05 -45.06 -47.23
CA GLY UA 42 -32.12 -44.09 -47.11
C GLY UA 42 -32.72 -43.99 -45.73
N LYS UA 43 -32.25 -44.76 -44.77
CA LYS UA 43 -32.82 -44.76 -43.43
C LYS UA 43 -32.08 -43.77 -42.55
N THR UA 44 -32.75 -43.35 -41.48
CA THR UA 44 -32.13 -42.46 -40.49
C THR UA 44 -31.59 -43.28 -39.33
N LYS UA 45 -30.57 -44.09 -39.63
CA LYS UA 45 -29.91 -44.90 -38.63
C LYS UA 45 -28.40 -44.75 -38.70
N MET UA 46 -27.91 -43.64 -39.24
CA MET UA 46 -26.47 -43.40 -39.32
C MET UA 46 -26.04 -42.67 -38.05
N LYS UA 47 -25.41 -43.40 -37.15
CA LYS UA 47 -24.96 -42.87 -35.89
C LYS UA 47 -23.47 -43.16 -35.74
N ARG UA 48 -22.82 -42.34 -34.93
CA ARG UA 48 -21.38 -42.43 -34.79
C ARG UA 48 -21.01 -43.65 -33.97
N ARG UA 49 -19.96 -44.36 -34.42
CA ARG UA 49 -19.44 -45.51 -33.71
C ARG UA 49 -18.20 -45.14 -32.90
N ALA UA 50 -17.28 -44.40 -33.51
CA ALA UA 50 -16.20 -43.75 -32.79
C ALA UA 50 -15.93 -42.41 -33.45
N VAL UA 51 -14.90 -41.70 -33.02
CA VAL UA 51 -14.55 -40.43 -33.64
C VAL UA 51 -14.17 -40.69 -35.09
N GLY UA 52 -14.66 -39.86 -36.00
CA GLY UA 52 -14.36 -40.00 -37.40
C GLY UA 52 -15.09 -41.11 -38.11
N ILE UA 53 -15.60 -42.10 -37.38
CA ILE UA 53 -16.23 -43.27 -37.97
C ILE UA 53 -17.72 -43.20 -37.75
N TRP UA 54 -18.47 -43.26 -38.85
CA TRP UA 54 -19.92 -43.27 -38.80
C TRP UA 54 -20.40 -44.56 -39.41
N HIS UA 55 -21.31 -45.25 -38.71
CA HIS UA 55 -21.82 -46.53 -39.15
C HIS UA 55 -23.33 -46.44 -39.30
N CYS UA 56 -23.87 -47.20 -40.23
CA CYS UA 56 -25.32 -47.31 -40.39
C CYS UA 56 -25.77 -48.66 -39.84
N GLY UA 57 -26.76 -48.62 -38.95
CA GLY UA 57 -27.23 -49.86 -38.35
C GLY UA 57 -27.92 -50.76 -39.35
N SER UA 58 -28.65 -50.19 -40.30
CA SER UA 58 -29.45 -51.01 -41.19
C SER UA 58 -28.58 -51.67 -42.26
N CYS UA 59 -27.99 -50.87 -43.13
CA CYS UA 59 -27.26 -51.47 -44.26
C CYS UA 59 -25.85 -51.88 -43.90
N MET UA 60 -25.42 -51.62 -42.66
CA MET UA 60 -24.05 -51.94 -42.22
C MET UA 60 -23.01 -51.29 -43.11
N LYS UA 61 -23.33 -50.12 -43.64
CA LYS UA 61 -22.37 -49.32 -44.38
C LYS UA 61 -21.69 -48.38 -43.41
N THR UA 62 -20.39 -48.56 -43.23
CA THR UA 62 -19.60 -47.71 -42.36
C THR UA 62 -18.81 -46.73 -43.19
N VAL UA 63 -18.95 -45.45 -42.86
CA VAL UA 63 -18.35 -44.37 -43.64
C VAL UA 63 -17.44 -43.57 -42.74
N ALA UA 64 -16.24 -43.26 -43.23
CA ALA UA 64 -15.30 -42.40 -42.52
C ALA UA 64 -15.81 -40.97 -42.60
N GLY UA 65 -16.09 -40.37 -41.46
CA GLY UA 65 -16.66 -39.05 -41.41
C GLY UA 65 -15.86 -38.12 -40.53
N GLY UA 66 -16.49 -36.99 -40.18
CA GLY UA 66 -15.86 -35.99 -39.37
C GLY UA 66 -15.77 -36.42 -37.92
N ALA UA 67 -15.13 -35.56 -37.12
CA ALA UA 67 -15.00 -35.83 -35.70
C ALA UA 67 -16.36 -35.92 -35.03
N TRP UA 68 -17.27 -35.01 -35.38
CA TRP UA 68 -18.55 -34.91 -34.72
C TRP UA 68 -19.73 -34.86 -35.66
N THR UA 69 -19.54 -34.46 -36.91
CA THR UA 69 -20.59 -34.47 -37.91
C THR UA 69 -20.35 -35.65 -38.85
N TYR UA 70 -21.41 -36.05 -39.55
CA TYR UA 70 -21.27 -37.19 -40.45
C TYR UA 70 -20.32 -36.88 -41.58
N ASN UA 71 -20.37 -35.65 -42.11
CA ASN UA 71 -19.37 -35.18 -43.06
C ASN UA 71 -19.09 -33.72 -42.78
N THR UA 72 -17.83 -33.33 -42.96
CA THR UA 72 -17.43 -31.96 -42.78
C THR UA 72 -17.71 -31.17 -44.06
N THR UA 73 -18.06 -29.91 -43.88
CA THR UA 73 -18.26 -29.04 -45.04
C THR UA 73 -16.98 -28.90 -45.85
N SER UA 74 -15.84 -28.90 -45.17
CA SER UA 74 -14.56 -28.88 -45.86
C SER UA 74 -14.45 -30.06 -46.82
N ALA UA 75 -14.83 -31.24 -46.34
CA ALA UA 75 -14.78 -32.43 -47.19
C ALA UA 75 -15.74 -32.34 -48.36
N VAL UA 76 -16.93 -31.77 -48.15
CA VAL UA 76 -17.90 -31.64 -49.24
C VAL UA 76 -17.35 -30.71 -50.32
N THR UA 77 -16.78 -29.58 -49.90
CA THR UA 77 -16.18 -28.66 -50.86
C THR UA 77 -15.03 -29.32 -51.61
N VAL UA 78 -14.22 -30.11 -50.90
CA VAL UA 78 -13.12 -30.80 -51.55
C VAL UA 78 -13.64 -31.80 -52.57
N LYS UA 79 -14.72 -32.50 -52.22
CA LYS UA 79 -15.30 -33.47 -53.16
C LYS UA 79 -15.79 -32.78 -54.42
N SER UA 80 -16.45 -31.64 -54.26
CA SER UA 80 -16.88 -30.87 -55.43
C SER UA 80 -15.68 -30.44 -56.26
N ALA UA 81 -14.62 -29.98 -55.59
CA ALA UA 81 -13.43 -29.56 -56.30
C ALA UA 81 -12.82 -30.71 -57.09
N ILE UA 82 -12.73 -31.89 -56.48
CA ILE UA 82 -12.12 -33.03 -57.15
C ILE UA 82 -12.96 -33.45 -58.36
N ARG UA 83 -14.28 -33.46 -58.20
CA ARG UA 83 -15.12 -33.79 -59.35
C ARG UA 83 -14.92 -32.78 -60.47
N ARG UA 84 -14.82 -31.50 -60.12
CA ARG UA 84 -14.59 -30.47 -61.13
C ARG UA 84 -13.26 -30.66 -61.83
N LEU UA 85 -12.22 -30.98 -61.06
CA LEU UA 85 -10.91 -31.18 -61.67
C LEU UA 85 -10.90 -32.40 -62.59
N LYS UA 86 -11.56 -33.49 -62.19
CA LYS UA 86 -11.55 -34.66 -63.06
C LYS UA 86 -12.33 -34.38 -64.34
N GLU UA 87 -13.48 -33.73 -64.22
CA GLU UA 87 -14.26 -33.43 -65.41
C GLU UA 87 -13.58 -32.40 -66.30
N LEU UA 88 -12.72 -31.55 -65.73
CA LEU UA 88 -11.96 -30.62 -66.55
C LEU UA 88 -10.78 -31.31 -67.22
N LYS UA 89 -10.15 -32.26 -66.54
CA LYS UA 89 -8.94 -32.88 -67.04
C LYS UA 89 -9.20 -33.62 -68.34
N ASP UA 90 -10.30 -34.35 -68.42
CA ASP UA 90 -10.66 -35.08 -69.62
C ASP UA 90 -11.51 -34.20 -70.54
N GLN UA 91 -11.73 -34.71 -71.74
CA GLN UA 91 -12.53 -34.01 -72.74
C GLN UA 91 -13.29 -35.00 -73.61
N SER VA 1 97.68 -61.27 37.13
CA SER VA 1 97.82 -60.61 38.42
C SER VA 1 96.54 -60.69 39.23
N ALA VA 2 96.69 -60.65 40.55
CA ALA VA 2 95.53 -60.74 41.43
C ALA VA 2 94.59 -59.57 41.22
N HIS VA 3 95.13 -58.36 41.04
CA HIS VA 3 94.28 -57.20 40.88
C HIS VA 3 93.48 -57.28 39.58
N LEU VA 4 94.13 -57.68 38.49
CA LEU VA 4 93.43 -57.78 37.23
C LEU VA 4 92.32 -58.82 37.30
N GLN VA 5 92.61 -59.98 37.88
CA GLN VA 5 91.59 -61.00 38.04
C GLN VA 5 90.46 -60.51 38.91
N TRP VA 6 90.77 -59.77 39.98
CA TRP VA 6 89.72 -59.23 40.84
C TRP VA 6 88.82 -58.28 40.08
N MET VA 7 89.41 -57.41 39.26
CA MET VA 7 88.60 -56.57 38.39
C MET VA 7 87.74 -57.40 37.48
N VAL VA 8 88.24 -58.53 37.00
CA VAL VA 8 87.44 -59.40 36.14
C VAL VA 8 86.25 -59.95 36.91
N VAL VA 9 86.46 -60.37 38.15
CA VAL VA 9 85.45 -61.14 38.87
C VAL VA 9 84.89 -60.38 40.06
N ARG VA 10 85.08 -59.06 40.12
CA ARG VA 10 84.51 -58.30 41.24
C ARG VA 10 82.99 -58.31 41.23
N ASN VA 11 82.37 -58.61 40.07
CA ASN VA 11 80.93 -58.60 39.96
C ASN VA 11 80.36 -59.77 39.19
N CYS VA 12 81.18 -60.61 38.57
CA CYS VA 12 80.70 -61.75 37.80
C CYS VA 12 81.47 -62.99 38.23
N SER VA 13 80.88 -63.78 39.13
CA SER VA 13 81.50 -65.00 39.60
C SER VA 13 80.40 -65.97 39.99
N SER VA 14 80.66 -67.26 39.76
CA SER VA 14 79.70 -68.27 40.19
C SER VA 14 79.54 -68.28 41.70
N PHE VA 15 80.58 -67.92 42.43
CA PHE VA 15 80.53 -67.94 43.88
C PHE VA 15 79.94 -66.67 44.46
N LEU VA 16 79.60 -65.71 43.62
CA LEU VA 16 79.01 -64.46 44.07
C LEU VA 16 77.55 -64.67 44.42
N ILE VA 17 77.14 -64.20 45.59
CA ILE VA 17 75.75 -64.28 46.05
C ILE VA 17 75.33 -62.91 46.54
N LYS VA 18 74.23 -62.39 45.97
CA LYS VA 18 73.70 -61.08 46.32
C LYS VA 18 72.25 -61.25 46.71
N ARG VA 19 71.98 -61.33 48.02
CA ARG VA 19 70.64 -61.50 48.53
C ARG VA 19 70.46 -60.57 49.73
N ASN VA 20 69.29 -59.93 49.79
CA ASN VA 20 68.87 -59.16 50.95
C ASN VA 20 69.89 -58.09 51.33
N LYS VA 21 70.26 -57.26 50.36
CA LYS VA 21 71.20 -56.15 50.55
C LYS VA 21 72.58 -56.62 50.99
N GLN VA 22 72.87 -57.91 50.96
CA GLN VA 22 74.20 -58.38 51.35
C GLN VA 22 74.88 -59.07 50.19
N THR VA 23 76.17 -59.31 50.39
CA THR VA 23 77.02 -59.97 49.42
C THR VA 23 77.84 -61.04 50.13
N TYR VA 24 78.10 -62.14 49.42
CA TYR VA 24 78.90 -63.23 49.95
C TYR VA 24 79.59 -63.94 48.80
N SER VA 25 80.73 -64.54 49.10
CA SER VA 25 81.49 -65.32 48.14
C SER VA 25 81.63 -66.74 48.66
N THR VA 26 81.49 -67.71 47.78
CA THR VA 26 81.55 -69.12 48.17
C THR VA 26 82.72 -69.86 47.54
N GLU VA 27 83.82 -69.18 47.27
CA GLU VA 27 85.01 -69.92 46.91
C GLU VA 27 85.54 -70.63 48.15
N PRO VA 28 86.20 -71.78 47.98
CA PRO VA 28 86.61 -72.58 49.15
C PRO VA 28 87.55 -71.87 50.11
N ASN VA 29 88.45 -71.02 49.61
CA ASN VA 29 89.50 -70.45 50.45
C ASN VA 29 89.15 -69.07 50.98
N ASN VA 30 87.88 -68.77 51.20
CA ASN VA 30 87.45 -67.42 51.56
C ASN VA 30 87.16 -67.38 53.04
N LEU VA 31 88.11 -66.85 53.82
CA LEU VA 31 87.83 -66.50 55.19
C LEU VA 31 86.85 -65.34 55.23
N LYS VA 32 85.89 -65.42 56.15
CA LYS VA 32 84.76 -64.51 56.32
C LYS VA 32 83.74 -64.67 55.21
N ALA VA 33 84.05 -65.51 54.22
CA ALA VA 33 83.13 -65.82 53.12
C ALA VA 33 82.57 -64.57 52.47
N ARG VA 34 83.37 -63.51 52.49
CA ARG VA 34 82.90 -62.21 52.01
C ARG VA 34 83.52 -61.89 50.66
N ASN VA 35 82.77 -61.14 49.86
CA ASN VA 35 83.24 -60.66 48.57
C ASN VA 35 84.19 -59.50 48.82
N SER VA 36 85.48 -59.75 48.68
CA SER VA 36 86.47 -58.70 48.86
C SER VA 36 87.77 -59.15 48.20
N PHE VA 37 88.52 -58.16 47.73
CA PHE VA 37 89.82 -58.46 47.15
C PHE VA 37 90.74 -59.10 48.17
N ARG VA 38 90.76 -58.57 49.39
CA ARG VA 38 91.69 -59.06 50.39
C ARG VA 38 91.37 -60.51 50.78
N TYR VA 39 90.09 -60.82 50.97
CA TYR VA 39 89.67 -62.15 51.41
C TYR VA 39 89.36 -63.09 50.27
N ASN VA 40 89.59 -62.69 49.02
CA ASN VA 40 89.42 -63.62 47.93
C ASN VA 40 90.41 -64.77 48.08
N GLY VA 41 89.93 -65.99 47.89
CA GLY VA 41 90.78 -67.14 48.06
C GLY VA 41 91.22 -67.74 46.75
N LEU VA 42 91.08 -66.99 45.66
CA LEU VA 42 91.36 -67.56 44.36
C LEU VA 42 92.42 -66.77 43.60
N ILE VA 43 92.25 -65.45 43.58
CA ILE VA 43 93.07 -64.60 42.72
C ILE VA 43 94.49 -64.41 43.23
N HIS VA 44 94.72 -64.57 44.53
CA HIS VA 44 95.98 -64.14 45.10
C HIS VA 44 97.07 -65.16 44.89
N ARG VA 45 98.29 -64.65 44.74
CA ARG VA 45 99.45 -65.53 44.61
C ARG VA 45 99.61 -66.41 45.82
N LYS VA 46 99.38 -65.87 47.01
CA LYS VA 46 99.40 -66.64 48.24
C LYS VA 46 98.07 -66.48 48.95
N THR VA 47 97.42 -67.60 49.25
CA THR VA 47 96.13 -67.63 49.93
C THR VA 47 96.20 -68.61 51.07
N VAL VA 48 95.31 -68.41 52.05
CA VAL VA 48 95.22 -69.28 53.20
C VAL VA 48 93.74 -69.51 53.51
N GLY VA 49 93.40 -70.73 53.86
CA GLY VA 49 92.02 -71.08 54.16
C GLY VA 49 91.97 -72.16 55.22
N VAL VA 50 90.88 -72.14 56.00
CA VAL VA 50 90.66 -73.09 57.07
C VAL VA 50 89.40 -73.89 56.75
N GLU VA 51 89.50 -75.20 56.87
CA GLU VA 51 88.40 -76.10 56.56
C GLU VA 51 88.23 -77.08 57.70
N PRO VA 52 87.01 -77.50 57.99
CA PRO VA 52 86.81 -78.58 58.95
C PRO VA 52 87.37 -79.88 58.39
N ALA VA 53 87.80 -80.76 59.28
CA ALA VA 53 88.31 -82.04 58.84
C ALA VA 53 87.17 -82.90 58.31
N ALA VA 54 87.54 -83.99 57.61
CA ALA VA 54 86.54 -84.90 57.10
C ALA VA 54 85.74 -85.53 58.23
N ASP VA 55 86.42 -85.99 59.27
CA ASP VA 55 85.74 -86.44 60.47
C ASP VA 55 85.43 -85.24 61.35
N GLY VA 56 84.43 -85.40 62.22
CA GLY VA 56 83.98 -84.29 63.04
C GLY VA 56 84.90 -83.95 64.18
N LYS VA 57 86.21 -83.88 63.91
CA LYS VA 57 87.18 -83.47 64.90
C LYS VA 57 88.38 -82.88 64.17
N GLY VA 58 88.98 -81.87 64.79
CA GLY VA 58 90.12 -81.23 64.20
C GLY VA 58 89.74 -80.38 62.99
N VAL VA 59 90.72 -79.60 62.52
CA VAL VA 59 90.52 -78.74 61.37
C VAL VA 59 91.62 -79.01 60.36
N VAL VA 60 91.41 -78.50 59.16
CA VAL VA 60 92.38 -78.60 58.08
C VAL VA 60 92.77 -77.19 57.68
N VAL VA 61 94.07 -76.95 57.55
CA VAL VA 61 94.58 -75.67 57.08
C VAL VA 61 95.25 -75.89 55.73
N VAL VA 62 94.86 -75.07 54.76
CA VAL VA 62 95.37 -75.17 53.40
C VAL VA 62 96.02 -73.85 53.03
N ILE VA 63 97.22 -73.93 52.44
CA ILE VA 63 97.94 -72.74 52.01
C ILE VA 63 98.36 -72.93 50.57
N LYS VA 64 98.32 -71.85 49.81
CA LYS VA 64 98.65 -71.85 48.39
C LYS VA 64 100.15 -71.77 48.23
N ARG VA 65 100.72 -72.67 47.43
CA ARG VA 65 102.14 -72.65 47.22
C ARG VA 65 102.51 -71.60 46.17
N ARG VA 66 103.74 -71.10 46.28
CA ARG VA 66 104.23 -70.10 45.34
C ARG VA 66 104.50 -70.68 43.97
N SER VA 67 104.93 -71.95 43.90
CA SER VA 67 105.48 -72.46 42.65
C SER VA 67 104.40 -72.82 41.65
N GLY VA 68 103.56 -73.79 41.98
CA GLY VA 68 102.63 -74.32 41.00
C GLY VA 68 101.38 -73.49 40.81
N GLN VA 69 101.54 -72.21 40.48
CA GLN VA 69 100.38 -71.32 40.36
C GLN VA 69 99.49 -71.72 39.21
N ARG VA 70 100.06 -72.08 38.08
CA ARG VA 70 99.27 -72.57 36.95
C ARG VA 70 98.96 -74.05 37.05
N LYS VA 71 99.23 -74.67 38.20
CA LYS VA 71 99.11 -76.11 38.37
C LYS VA 71 98.20 -76.39 39.56
N PRO VA 72 96.88 -76.30 39.37
CA PRO VA 72 95.95 -76.36 40.51
C PRO VA 72 95.89 -77.70 41.22
N ALA VA 73 96.32 -78.79 40.59
CA ALA VA 73 96.30 -80.08 41.28
C ALA VA 73 97.24 -80.08 42.46
N THR VA 74 98.40 -79.44 42.32
CA THR VA 74 99.40 -79.40 43.36
C THR VA 74 99.64 -78.00 43.89
N SER VA 75 98.76 -77.06 43.56
CA SER VA 75 98.94 -75.68 43.98
C SER VA 75 98.65 -75.46 45.46
N TYR VA 76 98.11 -76.46 46.14
CA TYR VA 76 97.63 -76.29 47.51
C TYR VA 76 98.21 -77.38 48.39
N VAL VA 77 98.59 -77.01 49.60
CA VAL VA 77 99.06 -77.96 50.61
C VAL VA 77 98.10 -77.90 51.78
N ARG VA 78 97.55 -79.05 52.15
CA ARG VA 78 96.55 -79.16 53.21
C ARG VA 78 97.19 -79.80 54.43
N THR VA 79 96.98 -79.19 55.59
CA THR VA 79 97.51 -79.70 56.84
C THR VA 79 96.37 -79.92 57.83
N THR VA 80 96.41 -81.05 58.51
CA THR VA 80 95.37 -81.43 59.47
C THR VA 80 95.90 -81.26 60.88
N ILE VA 81 95.23 -80.42 61.66
CA ILE VA 81 95.55 -80.21 63.06
C ILE VA 81 94.37 -80.71 63.87
N ASN VA 82 94.63 -81.55 64.85
CA ASN VA 82 93.57 -82.13 65.67
C ASN VA 82 94.01 -82.14 67.13
N LYS VA 83 94.64 -81.05 67.56
CA LYS VA 83 95.06 -80.88 68.94
C LYS VA 83 93.95 -80.18 69.71
N ASN VA 84 94.27 -79.74 70.93
CA ASN VA 84 93.30 -78.96 71.69
C ASN VA 84 93.16 -77.58 71.07
N ALA VA 85 92.24 -76.80 71.65
CA ALA VA 85 91.91 -75.50 71.06
C ALA VA 85 93.10 -74.57 71.05
N ARG VA 86 93.73 -74.38 72.21
CA ARG VA 86 94.83 -73.43 72.32
C ARG VA 86 96.00 -73.87 71.46
N ALA VA 87 96.28 -75.17 71.42
CA ALA VA 87 97.38 -75.67 70.61
C ALA VA 87 97.13 -75.41 69.13
N THR VA 88 95.92 -75.66 68.67
CA THR VA 88 95.59 -75.42 67.27
C THR VA 88 95.69 -73.94 66.94
N LEU VA 89 95.20 -73.09 67.84
CA LEU VA 89 95.29 -71.65 67.63
C LEU VA 89 96.74 -71.20 67.54
N SER VA 90 97.59 -71.72 68.44
CA SER VA 90 99.00 -71.35 68.43
C SER VA 90 99.67 -71.83 67.15
N SER VA 91 99.33 -73.04 66.69
CA SER VA 91 99.92 -73.56 65.47
C SER VA 91 99.56 -72.68 64.28
N ILE VA 92 98.29 -72.31 64.17
CA ILE VA 92 97.87 -71.47 63.04
C ILE VA 92 98.53 -70.11 63.13
N ARG VA 93 98.61 -69.54 64.34
CA ARG VA 93 99.23 -68.25 64.51
C ARG VA 93 100.69 -68.29 64.09
N HIS VA 94 101.40 -69.34 64.49
CA HIS VA 94 102.81 -69.43 64.13
C HIS VA 94 102.98 -69.61 62.62
N MET VA 95 102.11 -70.42 62.00
CA MET VA 95 102.22 -70.61 60.56
C MET VA 95 101.98 -69.32 59.80
N ILE VA 96 101.00 -68.54 60.21
CA ILE VA 96 100.73 -67.28 59.51
C ILE VA 96 101.81 -66.24 59.79
N ARG VA 97 102.22 -66.12 61.05
CA ARG VA 97 103.07 -65.01 61.46
C ARG VA 97 104.53 -65.29 61.15
N LYS VA 98 105.06 -66.39 61.67
CA LYS VA 98 106.49 -66.65 61.56
C LYS VA 98 106.91 -66.88 60.12
N ASN VA 99 106.05 -67.49 59.32
CA ASN VA 99 106.29 -67.58 57.88
C ASN VA 99 106.04 -66.27 57.16
N LYS VA 100 105.39 -65.30 57.82
CA LYS VA 100 104.98 -64.05 57.20
C LYS VA 100 104.19 -64.31 55.93
N TYR VA 101 103.28 -65.28 56.01
CA TYR VA 101 102.42 -65.66 54.88
C TYR VA 101 101.10 -64.93 55.05
N ARG VA 102 100.99 -63.76 54.43
CA ARG VA 102 99.79 -62.92 54.49
C ARG VA 102 99.39 -62.65 55.94
N PRO VA 103 100.17 -61.87 56.68
CA PRO VA 103 99.89 -61.69 58.12
C PRO VA 103 98.54 -61.06 58.39
N ASP VA 104 97.99 -60.32 57.44
CA ASP VA 104 96.71 -59.65 57.62
C ASP VA 104 95.53 -60.60 57.75
N LEU VA 105 95.72 -61.88 57.43
CA LEU VA 105 94.67 -62.88 57.56
C LEU VA 105 94.81 -63.70 58.83
N ARG VA 106 95.57 -63.19 59.80
CA ARG VA 106 95.82 -63.96 61.02
C ARG VA 106 94.59 -64.07 61.89
N MET VA 107 94.05 -62.93 62.32
CA MET VA 107 92.92 -62.94 63.24
C MET VA 107 91.69 -63.57 62.61
N ALA VA 108 91.46 -63.33 61.32
CA ALA VA 108 90.28 -63.89 60.66
C ALA VA 108 90.36 -65.40 60.61
N ALA VA 109 91.51 -65.93 60.19
CA ALA VA 109 91.66 -67.38 60.13
C ALA VA 109 91.56 -67.99 61.51
N ILE VA 110 92.14 -67.34 62.52
CA ILE VA 110 92.05 -67.85 63.87
C ILE VA 110 90.60 -67.88 64.34
N ARG VA 111 89.86 -66.82 64.05
CA ARG VA 111 88.45 -66.78 64.43
C ARG VA 111 87.67 -67.88 63.75
N ARG VA 112 87.92 -68.11 62.46
CA ARG VA 112 87.21 -69.16 61.74
C ARG VA 112 87.54 -70.53 62.32
N ALA VA 113 88.81 -70.78 62.64
CA ALA VA 113 89.17 -72.04 63.26
C ALA VA 113 88.50 -72.20 64.61
N SER VA 114 88.42 -71.09 65.36
CA SER VA 114 87.73 -71.12 66.64
C SER VA 114 86.27 -71.52 66.45
N ALA VA 115 85.62 -70.95 65.45
CA ALA VA 115 84.23 -71.27 65.19
C ALA VA 115 84.07 -72.73 64.80
N ILE VA 116 84.98 -73.24 63.96
CA ILE VA 116 84.85 -74.61 63.51
C ILE VA 116 85.02 -75.57 64.69
N LEU VA 117 86.01 -75.31 65.54
CA LEU VA 117 86.20 -76.16 66.71
C LEU VA 117 85.02 -76.06 67.66
N ARG VA 118 84.46 -74.86 67.81
CA ARG VA 118 83.32 -74.68 68.69
C ARG VA 118 82.10 -75.42 68.14
N SER VA 119 82.00 -75.55 66.83
CA SER VA 119 80.94 -76.37 66.25
C SER VA 119 81.24 -77.84 66.42
N GLN VA 120 82.51 -78.21 66.46
CA GLN VA 120 82.86 -79.63 66.56
C GLN VA 120 82.54 -80.22 67.91
N LYS VA 121 82.53 -79.41 68.97
CA LYS VA 121 82.29 -79.94 70.29
C LYS VA 121 80.84 -80.44 70.38
N PRO VA 122 80.60 -81.47 71.20
CA PRO VA 122 79.23 -81.97 71.37
C PRO VA 122 78.35 -80.92 72.02
N VAL VA 123 77.06 -80.96 71.65
CA VAL VA 123 76.14 -79.97 72.19
C VAL VA 123 75.79 -80.32 73.63
N MET VA 124 75.53 -79.28 74.41
CA MET VA 124 75.16 -79.40 75.80
C MET VA 124 73.68 -79.76 75.90
N VAL VA 125 73.23 -79.99 77.13
CA VAL VA 125 71.83 -80.32 77.37
C VAL VA 125 71.13 -79.21 78.15
N ASP WA 1 30.28 53.30 72.10
CA ASP WA 1 29.08 54.14 72.22
C ASP WA 1 28.46 54.01 73.60
N ARG WA 2 28.30 52.78 74.08
CA ARG WA 2 27.71 52.57 75.40
C ARG WA 2 28.58 53.18 76.49
N ALA WA 3 29.90 53.02 76.38
CA ALA WA 3 30.80 53.60 77.38
C ALA WA 3 30.70 55.12 77.38
N THR WA 4 30.70 55.72 76.18
CA THR WA 4 30.56 57.17 76.08
C THR WA 4 29.18 57.62 76.57
N TRP WA 5 28.15 56.84 76.25
CA TRP WA 5 26.80 57.15 76.72
C TRP WA 5 26.76 57.19 78.24
N LYS WA 6 27.34 56.18 78.89
CA LYS WA 6 27.33 56.12 80.34
C LYS WA 6 28.19 57.21 80.96
N SER WA 7 29.34 57.51 80.36
CA SER WA 7 30.21 58.56 80.88
C SER WA 7 29.54 59.92 80.77
N ASN WA 8 28.93 60.21 79.63
CA ASN WA 8 28.19 61.45 79.47
C ASN WA 8 27.01 61.49 80.44
N TYR WA 9 26.42 60.33 80.72
CA TYR WA 9 25.34 60.28 81.69
C TYR WA 9 25.84 60.65 83.08
N PHE WA 10 26.99 60.12 83.48
CA PHE WA 10 27.58 60.49 84.76
C PHE WA 10 27.85 61.98 84.84
N LEU WA 11 28.43 62.54 83.77
CA LEU WA 11 28.70 63.98 83.77
C LEU WA 11 27.41 64.78 83.86
N LYS WA 12 26.37 64.38 83.13
CA LYS WA 12 25.10 65.09 83.20
C LYS WA 12 24.51 65.04 84.59
N ILE WA 13 24.53 63.86 85.23
CA ILE WA 13 23.92 63.74 86.55
C ILE WA 13 24.69 64.53 87.58
N ILE WA 14 26.03 64.50 87.51
CA ILE WA 14 26.80 65.21 88.52
C ILE WA 14 26.64 66.72 88.36
N GLN WA 15 26.64 67.23 87.11
CA GLN WA 15 26.46 68.66 86.92
C GLN WA 15 25.04 69.08 87.28
N LEU WA 16 24.06 68.20 87.07
CA LEU WA 16 22.69 68.52 87.44
C LEU WA 16 22.52 68.56 88.96
N LEU WA 17 23.12 67.60 89.67
CA LEU WA 17 22.98 67.60 91.13
C LEU WA 17 23.74 68.75 91.76
N ASP WA 18 24.82 69.21 91.11
CA ASP WA 18 25.50 70.39 91.61
C ASP WA 18 24.74 71.67 91.26
N ASP WA 19 24.05 71.69 90.11
CA ASP WA 19 23.31 72.88 89.70
C ASP WA 19 22.14 73.17 90.63
N TYR WA 20 21.28 72.19 90.87
CA TYR WA 20 20.06 72.42 91.62
C TYR WA 20 20.24 71.90 93.04
N PRO WA 21 20.05 72.74 94.06
CA PRO WA 21 20.17 72.25 95.44
C PRO WA 21 18.91 71.61 95.99
N LYS WA 22 17.78 71.74 95.30
CA LYS WA 22 16.52 71.16 95.75
C LYS WA 22 16.02 70.20 94.68
N CYS WA 23 15.62 69.00 95.11
CA CYS WA 23 15.18 67.97 94.18
C CYS WA 23 14.13 67.11 94.86
N PHE WA 24 13.09 66.76 94.11
CA PHE WA 24 12.06 65.85 94.60
C PHE WA 24 12.14 64.56 93.79
N ILE WA 25 12.32 63.44 94.46
CA ILE WA 25 12.26 62.16 93.78
C ILE WA 25 10.78 61.91 93.48
N VAL WA 26 10.51 61.37 92.29
CA VAL WA 26 9.14 61.21 91.84
C VAL WA 26 8.99 59.82 91.25
N GLY WA 27 7.95 59.10 91.68
CA GLY WA 27 7.74 57.75 91.19
C GLY WA 27 7.08 57.75 89.83
N ALA WA 28 7.61 56.91 88.95
CA ALA WA 28 7.09 56.77 87.60
C ALA WA 28 6.37 55.44 87.48
N ASP WA 29 5.05 55.50 87.41
CA ASP WA 29 4.19 54.34 87.18
C ASP WA 29 4.13 54.09 85.67
N ASN WA 30 3.16 53.32 85.22
CA ASN WA 30 3.04 53.06 83.79
C ASN WA 30 2.60 54.34 83.09
N VAL WA 31 3.60 55.16 82.74
CA VAL WA 31 3.38 56.45 82.10
C VAL WA 31 3.70 56.32 80.62
N GLY WA 32 3.32 57.34 79.85
CA GLY WA 32 3.50 57.33 78.42
C GLY WA 32 4.57 58.28 77.92
N SER WA 33 5.04 58.00 76.69
CA SER WA 33 5.99 58.90 76.03
C SER WA 33 5.34 60.23 75.69
N LYS WA 34 4.08 60.23 75.28
CA LYS WA 34 3.35 61.48 75.12
C LYS WA 34 3.27 62.22 76.44
N GLN WA 35 3.08 61.48 77.54
CA GLN WA 35 3.13 62.11 78.87
C GLN WA 35 4.52 62.66 79.16
N MET WA 36 5.56 61.94 78.73
CA MET WA 36 6.91 62.46 78.90
C MET WA 36 7.09 63.77 78.17
N GLN WA 37 6.62 63.85 76.92
CA GLN WA 37 6.76 65.08 76.15
C GLN WA 37 5.89 66.20 76.69
N GLN WA 38 4.70 65.86 77.19
CA GLN WA 38 3.83 66.85 77.83
C GLN WA 38 4.49 67.44 79.07
N ILE WA 39 5.03 66.59 79.94
CA ILE WA 39 5.75 67.07 81.12
C ILE WA 39 6.98 67.88 80.71
N ARG WA 40 7.67 67.44 79.66
CA ARG WA 40 8.92 68.09 79.26
C ARG WA 40 8.64 69.48 78.71
N MET WA 41 7.59 69.62 77.90
CA MET WA 41 7.17 70.94 77.43
C MET WA 41 6.69 71.81 78.59
N SER WA 42 5.91 71.23 79.51
CA SER WA 42 5.29 72.02 80.56
C SER WA 42 6.19 72.25 81.75
N LEU WA 43 7.43 71.74 81.72
CA LEU WA 43 8.34 71.90 82.84
C LEU WA 43 9.68 72.52 82.46
N ARG WA 44 10.09 72.44 81.20
CA ARG WA 44 11.38 72.98 80.79
C ARG WA 44 11.47 74.49 80.92
N GLY WA 45 10.34 75.18 81.12
CA GLY WA 45 10.39 76.62 81.32
C GLY WA 45 11.06 77.02 82.62
N LYS WA 46 10.78 76.30 83.71
CA LYS WA 46 11.25 76.70 85.02
C LYS WA 46 12.20 75.71 85.68
N ALA WA 47 12.24 74.46 85.25
CA ALA WA 47 13.02 73.44 85.95
C ALA WA 47 13.34 72.32 84.97
N VAL WA 48 13.92 71.24 85.50
CA VAL WA 48 14.27 70.06 84.72
C VAL WA 48 13.87 68.81 85.52
N VAL WA 49 13.48 67.77 84.78
CA VAL WA 49 13.09 66.49 85.37
C VAL WA 49 14.02 65.41 84.82
N LEU WA 50 14.25 64.39 85.64
CA LEU WA 50 15.17 63.33 85.28
C LEU WA 50 14.49 61.97 85.41
N MET WA 51 14.69 61.10 84.42
CA MET WA 51 14.14 59.76 84.45
C MET WA 51 15.05 58.84 83.66
N GLY WA 52 15.92 58.11 84.37
CA GLY WA 52 16.82 57.15 83.77
C GLY WA 52 16.93 55.91 84.63
N LYS WA 53 18.04 55.18 84.46
CA LYS WA 53 18.25 53.90 85.10
C LYS WA 53 18.65 54.09 86.57
N ASN WA 54 18.10 53.24 87.44
CA ASN WA 54 18.40 53.33 88.87
C ASN WA 54 19.87 53.07 89.13
N THR WA 55 20.48 52.12 88.41
CA THR WA 55 21.89 51.82 88.64
C THR WA 55 22.75 53.03 88.36
N MET WA 56 22.46 53.74 87.28
CA MET WA 56 23.13 55.01 87.01
C MET WA 56 22.92 56.00 88.15
N MET WA 57 21.71 56.05 88.70
CA MET WA 57 21.43 57.00 89.78
C MET WA 57 22.31 56.70 90.99
N ARG WA 58 22.31 55.43 91.43
CA ARG WA 58 23.08 55.04 92.60
C ARG WA 58 24.57 55.28 92.38
N LYS WA 59 25.10 54.92 91.20
CA LYS WA 59 26.53 55.11 90.97
C LYS WA 59 26.90 56.57 90.93
N ALA WA 60 26.13 57.40 90.21
CA ALA WA 60 26.48 58.81 90.08
C ALA WA 60 26.41 59.53 91.41
N ILE WA 61 25.41 59.20 92.24
CA ILE WA 61 25.31 59.91 93.52
C ILE WA 61 26.12 59.25 94.63
N ARG WA 62 26.70 58.08 94.38
CA ARG WA 62 27.48 57.41 95.41
C ARG WA 62 28.97 57.61 95.21
N GLY WA 63 29.47 57.38 93.99
CA GLY WA 63 30.90 57.49 93.75
C GLY WA 63 31.43 58.91 93.91
N HIS WA 64 30.69 59.88 93.38
CA HIS WA 64 31.10 61.28 93.40
C HIS WA 64 30.41 62.02 94.54
N LEU WA 65 30.13 61.30 95.61
CA LEU WA 65 29.58 61.86 96.84
C LEU WA 65 30.56 62.79 97.53
N GLU WA 66 31.84 62.75 97.15
CA GLU WA 66 32.84 63.60 97.76
C GLU WA 66 32.58 65.08 97.53
N ASN WA 67 31.81 65.45 96.50
CA ASN WA 67 31.62 66.86 96.21
C ASN WA 67 30.75 67.54 97.26
N ASN WA 68 29.78 66.84 97.85
CA ASN WA 68 29.02 67.41 98.93
C ASN WA 68 28.54 66.31 99.87
N PRO WA 69 28.61 66.52 101.18
CA PRO WA 69 28.02 65.56 102.11
C PRO WA 69 26.51 65.72 102.19
N ALA WA 70 25.87 64.98 103.11
CA ALA WA 70 24.41 64.99 103.28
C ALA WA 70 23.70 64.60 101.98
N LEU WA 71 24.22 63.56 101.33
CA LEU WA 71 23.66 63.06 100.08
C LEU WA 71 23.49 61.56 100.04
N GLU WA 72 24.14 60.80 100.94
CA GLU WA 72 24.06 59.34 100.92
C GLU WA 72 22.70 58.81 101.37
N LYS WA 73 21.88 59.64 101.99
CA LYS WA 73 20.64 59.14 102.57
C LYS WA 73 19.52 58.98 101.56
N LEU WA 74 19.79 59.27 100.27
CA LEU WA 74 18.83 58.90 99.23
C LEU WA 74 19.08 57.48 98.72
N LEU WA 75 20.33 57.01 98.80
CA LEU WA 75 20.73 55.72 98.23
C LEU WA 75 19.85 54.54 98.66
N PRO WA 76 19.50 54.35 99.96
CA PRO WA 76 18.62 53.22 100.28
C PRO WA 76 17.15 53.53 100.03
N HIS WA 77 16.88 54.59 99.28
CA HIS WA 77 15.51 54.98 98.97
C HIS WA 77 15.27 55.20 97.48
N ILE WA 78 16.31 55.23 96.65
CA ILE WA 78 16.15 55.31 95.19
C ILE WA 78 16.00 53.92 94.62
N ARG WA 79 14.78 53.39 94.60
CA ARG WA 79 14.53 52.04 94.10
C ARG WA 79 13.28 52.06 93.23
N GLY WA 80 13.22 51.11 92.30
CA GLY WA 80 12.09 51.01 91.41
C GLY WA 80 12.13 52.02 90.27
N ASN WA 81 11.04 52.04 89.51
CA ASN WA 81 10.92 52.89 88.33
C ASN WA 81 10.71 54.34 88.79
N VAL WA 82 11.80 54.96 89.25
CA VAL WA 82 11.75 56.27 89.87
C VAL WA 82 12.75 57.21 89.21
N GLY WA 83 12.48 58.50 89.33
CA GLY WA 83 13.35 59.53 88.81
C GLY WA 83 13.29 60.82 89.62
N PHE WA 84 14.11 61.81 89.26
CA PHE WA 84 14.16 63.08 89.98
C PHE WA 84 13.57 64.20 89.15
N VAL WA 85 13.02 65.20 89.82
CA VAL WA 85 12.76 66.50 89.23
C VAL WA 85 13.57 67.52 90.00
N PHE WA 86 14.33 68.35 89.27
CA PHE WA 86 15.22 69.33 89.88
C PHE WA 86 14.63 70.71 89.70
N THR WA 87 14.34 71.38 90.82
CA THR WA 87 13.70 72.69 90.80
C THR WA 87 14.46 73.63 91.72
N LYS WA 88 14.40 74.91 91.40
CA LYS WA 88 14.85 75.97 92.29
C LYS WA 88 13.71 76.56 93.09
N GLU WA 89 12.49 76.05 92.89
CA GLU WA 89 11.30 76.59 93.54
C GLU WA 89 11.03 75.79 94.81
N ASP WA 90 9.99 76.17 95.55
CA ASP WA 90 9.65 75.51 96.79
C ASP WA 90 8.72 74.32 96.53
N LEU WA 91 8.32 73.67 97.61
CA LEU WA 91 7.67 72.36 97.50
C LEU WA 91 6.25 72.49 96.96
N THR WA 92 5.48 73.45 97.46
CA THR WA 92 4.08 73.55 97.07
C THR WA 92 3.92 73.89 95.59
N GLU WA 93 4.72 74.82 95.07
CA GLU WA 93 4.62 75.24 93.68
C GLU WA 93 4.91 74.07 92.73
N ILE WA 94 5.68 73.09 93.17
CA ILE WA 94 5.94 71.92 92.34
C ILE WA 94 4.86 70.87 92.55
N ARG WA 95 4.53 70.59 93.81
CA ARG WA 95 3.61 69.50 94.13
C ARG WA 95 2.22 69.77 93.56
N ASP WA 96 1.73 71.01 93.70
CA ASP WA 96 0.37 71.29 93.26
C ASP WA 96 0.24 71.20 91.75
N MET WA 97 1.23 71.71 91.00
CA MET WA 97 1.14 71.65 89.55
C MET WA 97 1.36 70.23 89.05
N LEU WA 98 2.23 69.48 89.73
CA LEU WA 98 2.50 68.11 89.27
C LEU WA 98 1.34 67.19 89.58
N LEU WA 99 0.62 67.43 90.67
CA LEU WA 99 -0.61 66.70 90.93
C LEU WA 99 -1.80 67.27 90.15
N ALA WA 100 -1.63 68.44 89.54
CA ALA WA 100 -2.68 69.01 88.71
C ALA WA 100 -2.63 68.52 87.27
N ASN WA 101 -1.44 68.41 86.69
CA ASN WA 101 -1.29 68.05 85.28
C ASN WA 101 -1.21 66.53 85.09
N LYS WA 102 -2.28 65.84 85.49
CA LYS WA 102 -2.34 64.39 85.39
C LYS WA 102 -3.15 64.01 84.15
N VAL WA 103 -2.55 63.21 83.29
CA VAL WA 103 -3.20 62.85 82.02
C VAL WA 103 -4.39 61.94 82.30
N PRO WA 104 -5.56 62.18 81.70
CA PRO WA 104 -6.69 61.25 81.87
C PRO WA 104 -6.48 59.96 81.11
N ALA WA 105 -5.68 59.06 81.69
CA ALA WA 105 -5.38 57.79 81.04
C ALA WA 105 -6.63 56.94 80.92
N ALA WA 106 -6.73 56.20 79.82
CA ALA WA 106 -7.83 55.28 79.60
C ALA WA 106 -7.55 53.97 80.34
N ALA WA 107 -8.34 52.94 80.06
CA ALA WA 107 -8.17 51.62 80.66
C ALA WA 107 -7.49 50.73 79.63
N ARG WA 108 -6.16 50.79 79.58
CA ARG WA 108 -5.41 49.93 78.66
C ARG WA 108 -5.57 48.48 79.07
N ALA WA 109 -5.67 47.60 78.08
CA ALA WA 109 -5.83 46.18 78.34
C ALA WA 109 -4.60 45.63 79.05
N GLY WA 110 -4.83 44.77 80.05
CA GLY WA 110 -3.75 44.25 80.85
C GLY WA 110 -3.24 45.21 81.91
N ALA WA 111 -4.04 46.20 82.30
CA ALA WA 111 -3.67 47.15 83.33
C ALA WA 111 -4.59 47.00 84.54
N ILE WA 112 -3.99 47.01 85.73
CA ILE WA 112 -4.78 46.86 86.95
C ILE WA 112 -5.49 48.16 87.27
N ALA WA 113 -6.64 48.06 87.94
CA ALA WA 113 -7.47 49.21 88.30
C ALA WA 113 -7.73 49.20 89.79
N PRO WA 114 -6.79 49.70 90.60
CA PRO WA 114 -7.03 49.78 92.05
C PRO WA 114 -8.21 50.66 92.42
N CYS WA 115 -8.48 51.71 91.64
CA CYS WA 115 -9.67 52.51 91.87
C CYS WA 115 -10.92 51.75 91.45
N GLU WA 116 -12.07 52.29 91.83
CA GLU WA 116 -13.36 51.73 91.45
C GLU WA 116 -14.21 52.81 90.80
N VAL WA 117 -14.79 52.49 89.65
CA VAL WA 117 -15.67 53.38 88.91
C VAL WA 117 -16.88 52.57 88.45
N THR WA 118 -17.95 53.28 88.10
CA THR WA 118 -19.16 52.64 87.59
C THR WA 118 -19.90 53.62 86.69
N VAL WA 119 -20.19 53.18 85.47
CA VAL WA 119 -20.93 54.04 84.52
C VAL WA 119 -22.35 54.24 85.03
N PRO WA 120 -22.93 55.43 84.89
CA PRO WA 120 -24.37 55.57 85.19
C PRO WA 120 -25.22 55.09 84.02
N ALA WA 121 -26.53 55.23 84.14
CA ALA WA 121 -27.46 54.83 83.08
C ALA WA 121 -27.71 56.06 82.21
N GLN WA 122 -27.11 56.08 81.03
CA GLN WA 122 -27.28 57.22 80.15
C GLN WA 122 -27.17 56.77 78.70
N ASN WA 123 -27.69 57.60 77.81
CA ASN WA 123 -27.61 57.34 76.38
C ASN WA 123 -26.16 57.44 75.90
N THR WA 124 -25.79 56.53 75.01
CA THR WA 124 -24.44 56.54 74.46
C THR WA 124 -24.24 57.71 73.50
N GLY WA 125 -25.27 58.04 72.72
CA GLY WA 125 -25.17 59.06 71.69
C GLY WA 125 -24.67 58.56 70.35
N LEU WA 126 -24.32 57.28 70.25
CA LEU WA 126 -23.86 56.68 69.01
C LEU WA 126 -24.96 55.80 68.41
N GLY WA 127 -24.77 55.44 67.14
CA GLY WA 127 -25.75 54.65 66.43
C GLY WA 127 -25.85 53.23 66.96
N PRO WA 128 -26.95 52.53 66.62
CA PRO WA 128 -27.21 51.18 67.13
C PRO WA 128 -26.45 50.09 66.38
N GLU WA 129 -25.14 50.26 66.27
CA GLU WA 129 -24.27 49.31 65.57
C GLU WA 129 -23.12 48.83 66.45
N LYS WA 130 -23.16 49.11 67.75
CA LYS WA 130 -22.11 48.70 68.68
C LYS WA 130 -22.67 47.83 69.80
N THR WA 131 -23.86 47.26 69.61
CA THR WA 131 -24.51 46.48 70.64
C THR WA 131 -23.88 45.11 70.83
N SER WA 132 -22.99 44.68 69.93
CA SER WA 132 -22.37 43.37 70.05
C SER WA 132 -21.51 43.26 71.31
N PHE WA 133 -20.75 44.32 71.61
CA PHE WA 133 -19.92 44.33 72.82
C PHE WA 133 -20.80 44.26 74.07
N PHE WA 134 -21.93 44.96 74.06
CA PHE WA 134 -22.85 44.93 75.19
C PHE WA 134 -23.48 43.55 75.34
N GLN WA 135 -23.84 42.90 74.23
CA GLN WA 135 -24.44 41.57 74.28
C GLN WA 135 -23.42 40.52 74.73
N ALA WA 136 -22.17 40.65 74.30
CA ALA WA 136 -21.13 39.75 74.79
C ALA WA 136 -20.87 39.97 76.28
N LEU WA 137 -20.87 41.23 76.72
CA LEU WA 137 -20.70 41.51 78.14
C LEU WA 137 -21.93 41.12 78.94
N GLY WA 138 -23.12 41.33 78.39
CA GLY WA 138 -24.34 41.05 79.12
C GLY WA 138 -25.03 42.30 79.63
N ILE WA 139 -25.09 43.33 78.80
CA ILE WA 139 -25.72 44.60 79.16
C ILE WA 139 -27.01 44.75 78.36
N THR WA 140 -28.09 45.10 79.04
CA THR WA 140 -29.39 45.24 78.41
C THR WA 140 -29.44 46.57 77.67
N THR WA 141 -29.46 46.52 76.34
CA THR WA 141 -29.48 47.71 75.50
C THR WA 141 -30.63 47.61 74.51
N LYS WA 142 -31.29 48.73 74.25
CA LYS WA 142 -32.47 48.75 73.40
C LYS WA 142 -32.43 49.96 72.49
N ILE WA 143 -33.21 49.89 71.40
CA ILE WA 143 -33.26 50.96 70.41
C ILE WA 143 -34.14 52.10 70.92
N SER WA 144 -33.67 53.34 70.73
CA SER WA 144 -34.41 54.51 71.16
C SER WA 144 -33.89 55.71 70.38
N ARG WA 145 -34.71 56.24 69.47
CA ARG WA 145 -34.40 57.43 68.68
C ARG WA 145 -33.11 57.25 67.87
N GLY WA 146 -32.77 56.01 67.55
CA GLY WA 146 -31.54 55.72 66.83
C GLY WA 146 -30.29 55.69 67.67
N THR WA 147 -30.42 55.75 69.00
CA THR WA 147 -29.25 55.76 69.87
C THR WA 147 -29.41 54.67 70.93
N ILE WA 148 -28.27 54.20 71.43
CA ILE WA 148 -28.24 53.12 72.40
C ILE WA 148 -28.40 53.70 73.80
N GLU WA 149 -29.32 53.10 74.57
CA GLU WA 149 -29.67 53.57 75.90
C GLU WA 149 -29.41 52.47 76.91
N ILE WA 150 -28.86 52.85 78.06
CA ILE WA 150 -28.60 51.91 79.15
C ILE WA 150 -29.77 52.05 80.13
N LEU WA 151 -30.57 51.00 80.22
CA LEU WA 151 -31.80 51.08 81.01
C LEU WA 151 -31.61 50.68 82.47
N SER WA 152 -30.45 50.18 82.86
CA SER WA 152 -30.28 49.66 84.20
C SER WA 152 -28.88 49.98 84.71
N ASP WA 153 -28.77 50.14 86.04
CA ASP WA 153 -27.48 50.35 86.67
C ASP WA 153 -26.87 49.01 87.06
N VAL WA 154 -25.66 48.75 86.55
CA VAL WA 154 -24.94 47.52 86.85
C VAL WA 154 -23.50 47.88 87.19
N GLN WA 155 -22.86 47.04 87.99
CA GLN WA 155 -21.48 47.24 88.40
C GLN WA 155 -20.54 46.99 87.22
N LEU WA 156 -19.62 47.93 86.99
CA LEU WA 156 -18.72 47.89 85.84
C LEU WA 156 -17.40 47.20 86.14
N ILE WA 157 -16.61 47.76 87.07
CA ILE WA 157 -15.30 47.23 87.40
C ILE WA 157 -15.08 47.39 88.90
N LYS WA 158 -14.36 46.45 89.47
CA LYS WA 158 -14.08 46.44 90.90
C LYS WA 158 -12.68 47.00 91.15
N THR WA 159 -12.24 46.89 92.40
CA THR WA 159 -10.91 47.34 92.76
C THR WA 159 -9.92 46.20 92.63
N GLY WA 160 -8.82 46.46 91.92
CA GLY WA 160 -7.75 45.50 91.77
C GLY WA 160 -8.13 44.23 91.01
N ASP WA 161 -8.81 44.39 89.88
CA ASP WA 161 -9.13 43.27 89.01
C ASP WA 161 -8.56 43.50 87.63
N LYS WA 162 -8.36 42.42 86.89
CA LYS WA 162 -7.83 42.52 85.53
C LYS WA 162 -8.90 43.06 84.58
N VAL WA 163 -8.51 44.06 83.79
CA VAL WA 163 -9.40 44.71 82.84
C VAL WA 163 -9.51 43.86 81.59
N GLY WA 164 -10.72 43.39 81.30
CA GLY WA 164 -10.93 42.56 80.13
C GLY WA 164 -10.83 43.33 78.84
N ALA WA 165 -10.54 42.59 77.77
CA ALA WA 165 -10.40 43.21 76.45
C ALA WA 165 -11.72 43.81 75.98
N SER WA 166 -12.83 43.08 76.17
CA SER WA 166 -14.13 43.64 75.85
C SER WA 166 -14.43 44.86 76.70
N GLU WA 167 -14.10 44.79 78.00
CA GLU WA 167 -14.31 45.94 78.86
C GLU WA 167 -13.35 47.07 78.53
N ALA WA 168 -12.11 46.74 78.14
CA ALA WA 168 -11.16 47.78 77.77
C ALA WA 168 -11.63 48.54 76.53
N THR WA 169 -12.06 47.81 75.50
CA THR WA 169 -12.56 48.48 74.31
C THR WA 169 -13.92 49.14 74.56
N LEU WA 170 -14.68 48.64 75.54
CA LEU WA 170 -15.94 49.29 75.90
C LEU WA 170 -15.70 50.64 76.55
N LEU WA 171 -14.80 50.69 77.54
CA LEU WA 171 -14.43 51.95 78.14
C LEU WA 171 -13.73 52.86 77.14
N ASN WA 172 -13.06 52.29 76.14
CA ASN WA 172 -12.53 53.10 75.05
C ASN WA 172 -13.64 53.77 74.26
N MET WA 173 -14.63 53.00 73.81
CA MET WA 173 -15.69 53.54 72.97
C MET WA 173 -16.75 54.31 73.74
N LEU WA 174 -16.86 54.07 75.05
CA LEU WA 174 -17.86 54.79 75.83
C LEU WA 174 -17.50 56.25 76.03
N ASN WA 175 -16.20 56.58 76.04
CA ASN WA 175 -15.71 57.94 76.25
C ASN WA 175 -16.22 58.53 77.57
N ILE WA 176 -15.92 57.83 78.66
CA ILE WA 176 -16.25 58.29 80.01
C ILE WA 176 -14.95 58.57 80.74
N SER WA 177 -15.05 59.02 82.00
CA SER WA 177 -13.87 59.33 82.80
C SER WA 177 -13.33 58.05 83.42
N PRO WA 178 -12.15 57.57 83.00
CA PRO WA 178 -11.64 56.32 83.57
C PRO WA 178 -10.69 56.54 84.74
N PHE WA 179 -10.30 55.45 85.40
CA PHE WA 179 -9.22 55.53 86.37
C PHE WA 179 -7.91 55.88 85.67
N SER WA 180 -7.14 56.75 86.28
CA SER WA 180 -5.90 57.24 85.68
C SER WA 180 -4.84 57.43 86.75
N PHE WA 181 -3.59 57.38 86.33
CA PHE WA 181 -2.45 57.55 87.23
C PHE WA 181 -1.26 58.02 86.39
N GLY WA 182 -0.26 58.55 87.07
CA GLY WA 182 0.87 59.10 86.38
C GLY WA 182 2.08 59.31 87.28
N LEU WA 183 2.82 60.38 86.96
CA LEU WA 183 4.09 60.66 87.63
C LEU WA 183 3.82 61.28 89.01
N VAL WA 184 4.08 60.52 90.07
CA VAL WA 184 3.71 60.88 91.43
C VAL WA 184 4.95 60.89 92.31
N ILE WA 185 5.06 61.89 93.17
CA ILE WA 185 6.26 62.08 93.99
C ILE WA 185 6.31 61.04 95.10
N GLN WA 186 7.47 60.38 95.24
CA GLN WA 186 7.73 59.54 96.39
C GLN WA 186 8.00 60.37 97.63
N GLN WA 187 9.04 61.20 97.58
CA GLN WA 187 9.44 62.03 98.71
C GLN WA 187 10.28 63.18 98.18
N VAL WA 188 10.74 64.04 99.07
CA VAL WA 188 11.41 65.28 98.67
C VAL WA 188 12.85 65.26 99.20
N PHE WA 189 13.66 66.17 98.65
CA PHE WA 189 15.06 66.30 99.06
C PHE WA 189 15.50 67.75 98.84
N ASP WA 190 15.44 68.54 99.91
CA ASP WA 190 15.82 69.96 99.86
C ASP WA 190 17.11 70.14 100.66
N ASN WA 191 18.25 69.92 100.00
CA ASN WA 191 19.57 70.05 100.63
C ASN WA 191 19.68 69.21 101.90
N GLY WA 192 19.14 68.00 101.84
CA GLY WA 192 19.22 67.07 102.95
C GLY WA 192 18.00 67.02 103.84
N SER WA 193 16.81 67.02 103.24
CA SER WA 193 15.57 67.00 104.01
C SER WA 193 14.62 66.00 103.39
N ILE WA 194 13.88 65.29 104.25
CA ILE WA 194 12.96 64.25 103.82
C ILE WA 194 11.57 64.60 104.34
N TYR WA 195 10.72 65.10 103.45
CA TYR WA 195 9.30 65.29 103.72
C TYR WA 195 8.53 64.51 102.65
N ASN WA 196 7.21 64.67 102.64
CA ASN WA 196 6.38 63.99 101.65
C ASN WA 196 6.60 64.58 100.26
N PRO XA 1 -22.38 68.92 69.84
CA PRO XA 1 -21.32 69.26 68.89
C PRO XA 1 -21.88 69.46 67.49
N ASN XA 2 -23.06 70.08 67.41
CA ASN XA 2 -23.76 70.36 66.15
C ASN XA 2 -24.11 69.07 65.40
N GLU XA 3 -24.22 67.96 66.15
CA GLU XA 3 -24.64 66.64 65.70
C GLU XA 3 -23.68 65.99 64.71
N ILE XA 4 -22.57 66.64 64.37
CA ILE XA 4 -21.59 66.10 63.44
C ILE XA 4 -20.32 66.93 63.59
N LYS XA 5 -19.18 66.32 63.28
CA LYS XA 5 -17.90 67.02 63.40
C LYS XA 5 -17.01 66.63 62.23
N VAL XA 6 -15.95 67.41 62.03
CA VAL XA 6 -15.14 67.38 60.81
C VAL XA 6 -13.71 67.00 61.16
N VAL XA 7 -13.55 66.16 62.19
CA VAL XA 7 -12.23 65.84 62.73
C VAL XA 7 -11.34 65.16 61.69
N TYR XA 8 -11.94 64.47 60.72
CA TYR XA 8 -11.15 63.67 59.79
C TYR XA 8 -10.22 64.53 58.93
N LEU XA 9 -9.02 64.00 58.72
CA LEU XA 9 -8.03 64.55 57.81
C LEU XA 9 -8.32 64.09 56.37
N ARG XA 10 -7.60 64.69 55.42
CA ARG XA 10 -7.68 64.26 54.04
C ARG XA 10 -6.28 64.14 53.45
N CYS XA 11 -6.12 63.15 52.58
CA CYS XA 11 -4.84 62.88 51.94
C CYS XA 11 -5.01 62.82 50.43
N THR XA 12 -5.67 63.83 49.87
CA THR XA 12 -5.78 63.99 48.42
C THR XA 12 -5.49 65.44 48.06
N GLY XA 13 -4.91 65.64 46.89
CA GLY XA 13 -4.51 66.98 46.49
C GLY XA 13 -3.86 66.94 45.12
N GLY XA 14 -3.35 68.09 44.72
CA GLY XA 14 -2.79 68.24 43.38
C GLY XA 14 -3.90 68.34 42.36
N GLU XA 15 -4.12 67.27 41.61
CA GLU XA 15 -5.25 67.20 40.70
C GLU XA 15 -6.55 67.08 41.52
N VAL XA 16 -7.66 67.49 40.90
CA VAL XA 16 -8.94 67.53 41.61
C VAL XA 16 -9.35 66.14 42.09
N GLY XA 17 -9.33 65.16 41.19
CA GLY XA 17 -9.68 63.79 41.55
C GLY XA 17 -11.16 63.56 41.65
N ALA XA 18 -11.78 64.05 42.73
CA ALA XA 18 -13.22 63.98 42.97
C ALA XA 18 -13.77 62.57 42.86
N THR XA 19 -14.32 62.22 41.70
CA THR XA 19 -14.88 60.89 41.50
C THR XA 19 -13.81 59.82 41.56
N SER XA 20 -12.65 60.07 40.96
CA SER XA 20 -11.53 59.13 41.09
C SER XA 20 -10.92 59.20 42.47
N ALA XA 21 -11.13 60.30 43.19
CA ALA XA 21 -10.57 60.45 44.52
C ALA XA 21 -11.34 59.59 45.52
N LEU XA 22 -10.82 59.54 46.74
CA LEU XA 22 -11.44 58.79 47.82
C LEU XA 22 -12.50 59.59 48.56
N ALA XA 23 -12.71 60.86 48.20
CA ALA XA 23 -13.60 61.73 48.97
C ALA XA 23 -15.02 61.20 49.13
N PRO XA 24 -15.69 60.63 48.11
CA PRO XA 24 -17.01 60.03 48.36
C PRO XA 24 -16.96 58.82 49.29
N LYS XA 25 -15.79 58.25 49.57
CA LYS XA 25 -15.71 57.19 50.57
C LYS XA 25 -15.77 57.76 51.97
N ILE XA 26 -15.24 58.97 52.19
CA ILE XA 26 -15.45 59.65 53.46
C ILE XA 26 -16.91 60.04 53.63
N GLY XA 27 -17.57 60.42 52.53
CA GLY XA 27 -18.95 60.86 52.51
C GLY XA 27 -19.95 60.19 53.44
N PRO XA 28 -19.95 58.86 53.52
CA PRO XA 28 -20.86 58.18 54.46
C PRO XA 28 -20.66 58.55 55.92
N LEU XA 29 -19.50 59.09 56.28
CA LEU XA 29 -19.24 59.40 57.69
C LEU XA 29 -20.06 60.59 58.17
N GLY XA 30 -20.15 61.64 57.35
CA GLY XA 30 -20.83 62.84 57.80
C GLY XA 30 -22.02 63.29 56.98
N LEU XA 31 -22.01 62.96 55.69
CA LEU XA 31 -23.04 63.31 54.69
C LEU XA 31 -23.17 64.82 54.47
N SER XA 32 -22.38 65.65 55.15
CA SER XA 32 -22.48 67.10 55.02
C SER XA 32 -21.81 67.62 53.74
N PRO XA 33 -20.51 67.32 53.46
CA PRO XA 33 -19.92 67.88 52.24
C PRO XA 33 -20.50 67.33 50.96
N LYS XA 34 -20.45 66.01 50.79
CA LYS XA 34 -20.83 65.32 49.55
C LYS XA 34 -20.01 65.90 48.38
N LYS XA 35 -20.55 65.79 47.17
CA LYS XA 35 -19.83 66.25 45.99
C LYS XA 35 -19.74 67.77 45.95
N VAL XA 36 -20.85 68.45 46.25
CA VAL XA 36 -20.84 69.92 46.31
C VAL XA 36 -19.93 70.47 47.40
N GLY XA 37 -19.58 69.65 48.40
CA GLY XA 37 -18.69 70.08 49.44
C GLY XA 37 -17.24 69.76 49.16
N ASP XA 38 -16.95 68.56 48.65
CA ASP XA 38 -15.55 68.23 48.40
C ASP XA 38 -15.02 68.95 47.16
N ASP XA 39 -15.90 69.29 46.20
CA ASP XA 39 -15.46 70.07 45.06
C ASP XA 39 -15.03 71.47 45.49
N ILE XA 40 -15.81 72.11 46.36
CA ILE XA 40 -15.43 73.45 46.82
C ILE XA 40 -14.32 73.38 47.87
N ALA XA 41 -14.12 72.22 48.50
CA ALA XA 41 -12.93 72.04 49.31
C ALA XA 41 -11.67 71.95 48.45
N LYS XA 42 -11.77 71.24 47.32
CA LYS XA 42 -10.64 71.15 46.38
C LYS XA 42 -10.35 72.49 45.71
N ALA XA 43 -11.39 73.24 45.34
CA ALA XA 43 -11.18 74.44 44.53
C ALA XA 43 -10.30 75.46 45.25
N THR XA 44 -10.58 75.70 46.53
CA THR XA 44 -9.74 76.60 47.32
C THR XA 44 -8.43 75.95 47.75
N GLY XA 45 -8.34 74.63 47.67
CA GLY XA 45 -7.12 73.89 47.93
C GLY XA 45 -6.38 73.43 46.70
N ASP XA 46 -6.66 74.01 45.52
CA ASP XA 46 -5.97 73.61 44.30
C ASP XA 46 -4.48 73.90 44.38
N TRP XA 47 -4.11 75.08 44.86
CA TRP XA 47 -2.74 75.34 45.26
C TRP XA 47 -2.64 75.48 46.77
N LYS XA 48 -1.41 75.66 47.24
CA LYS XA 48 -1.07 75.57 48.66
C LYS XA 48 -1.56 74.24 49.25
N GLY XA 49 -0.99 73.14 48.74
CA GLY XA 49 0.03 72.96 47.72
C GLY XA 49 -0.42 72.20 46.49
N LEU XA 50 0.56 71.65 45.75
CA LEU XA 50 0.31 70.94 44.50
C LEU XA 50 0.56 69.43 44.62
N ARG XA 51 0.62 68.92 45.84
CA ARG XA 51 0.98 67.53 46.12
C ARG XA 51 -0.21 66.83 46.76
N ILE XA 52 0.04 65.65 47.34
CA ILE XA 52 -1.00 64.94 48.09
C ILE XA 52 -1.62 65.88 49.13
N THR XA 53 -0.79 66.63 49.85
CA THR XA 53 -1.23 67.75 50.69
C THR XA 53 -2.21 67.29 51.78
N VAL XA 54 -1.66 66.51 52.70
CA VAL XA 54 -2.42 66.08 53.87
C VAL XA 54 -2.86 67.31 54.64
N LYS XA 55 -4.16 67.48 54.82
CA LYS XA 55 -4.69 68.70 55.42
C LYS XA 55 -6.01 68.41 56.13
N LEU XA 56 -6.35 69.30 57.06
CA LEU XA 56 -7.58 69.20 57.84
C LEU XA 56 -8.49 70.37 57.51
N THR XA 57 -9.79 70.09 57.36
CA THR XA 57 -10.76 71.11 57.01
C THR XA 57 -11.71 71.33 58.18
N ILE XA 58 -12.37 72.48 58.18
CA ILE XA 58 -13.36 72.84 59.19
C ILE XA 58 -14.71 73.00 58.51
N GLN XA 59 -15.74 72.37 59.07
CA GLN XA 59 -17.06 72.32 58.47
C GLN XA 59 -17.94 73.43 59.04
N ASN XA 60 -18.58 74.18 58.15
CA ASN XA 60 -19.57 75.18 58.53
C ASN XA 60 -20.98 74.72 58.22
N ARG XA 61 -21.18 73.41 58.04
CA ARG XA 61 -22.46 72.74 57.86
C ARG XA 61 -23.08 73.02 56.50
N GLN XA 62 -22.50 73.94 55.73
CA GLN XA 62 -22.90 74.18 54.36
C GLN XA 62 -21.71 74.19 53.41
N ALA XA 63 -20.58 74.74 53.87
CA ALA XA 63 -19.33 74.76 53.11
C ALA XA 63 -18.18 74.52 54.08
N GLN XA 64 -17.04 74.14 53.52
CA GLN XA 64 -15.88 73.78 54.32
C GLN XA 64 -14.75 74.78 54.10
N ILE XA 65 -14.06 75.12 55.18
CA ILE XA 65 -12.84 75.89 55.10
C ILE XA 65 -11.68 74.97 55.45
N GLU XA 66 -10.57 75.12 54.73
CA GLU XA 66 -9.46 74.17 54.79
C GLU XA 66 -8.19 74.87 55.27
N VAL XA 67 -7.51 74.23 56.23
CA VAL XA 67 -6.21 74.68 56.71
C VAL XA 67 -5.20 73.57 56.46
N VAL XA 68 -4.03 73.93 55.94
CA VAL XA 68 -2.99 72.98 55.58
C VAL XA 68 -1.91 73.02 56.66
N PRO XA 69 -1.72 71.95 57.42
CA PRO XA 69 -0.58 71.89 58.34
C PRO XA 69 0.73 71.97 57.58
N SER XA 70 1.71 72.64 58.19
CA SER XA 70 2.99 72.91 57.52
C SER XA 70 3.94 71.73 57.71
N ALA XA 71 3.66 70.66 56.98
CA ALA XA 71 4.60 69.55 56.88
C ALA XA 71 5.82 69.99 56.11
N SER XA 72 6.99 69.56 56.57
CA SER XA 72 8.25 70.07 56.03
C SER XA 72 8.45 69.64 54.58
N ALA XA 73 8.30 68.35 54.30
CA ALA XA 73 8.44 67.87 52.93
C ALA XA 73 7.36 68.46 52.03
N LEU XA 74 6.15 68.64 52.57
CA LEU XA 74 5.06 69.22 51.79
C LEU XA 74 5.40 70.63 51.35
N ILE XA 75 5.84 71.49 52.27
CA ILE XA 75 6.13 72.87 51.91
C ILE XA 75 7.39 72.97 51.07
N ILE XA 76 8.37 72.07 51.27
CA ILE XA 76 9.55 72.15 50.42
C ILE XA 76 9.25 71.70 49.00
N LYS XA 77 8.32 70.75 48.82
CA LYS XA 77 7.92 70.40 47.47
C LYS XA 77 7.03 71.48 46.86
N ALA XA 78 6.29 72.20 47.70
CA ALA XA 78 5.54 73.36 47.21
C ALA XA 78 6.48 74.46 46.74
N LEU XA 79 7.62 74.64 47.44
CA LEU XA 79 8.55 75.69 47.08
C LEU XA 79 9.35 75.33 45.83
N LYS XA 80 9.83 74.10 45.73
CA LYS XA 80 10.49 73.67 44.52
C LYS XA 80 9.48 73.46 43.40
N GLU XA 81 9.96 73.54 42.17
CA GLU XA 81 9.09 73.39 41.01
C GLU XA 81 9.81 72.63 39.88
N ILE XA 98 23.13 73.82 45.83
CA ILE XA 98 22.13 74.85 46.10
C ILE XA 98 21.73 74.84 47.57
N THR XA 99 21.58 76.03 48.14
CA THR XA 99 21.30 76.19 49.57
C THR XA 99 19.86 76.60 49.86
N PHE XA 100 19.40 77.70 49.24
CA PHE XA 100 18.09 78.32 49.49
C PHE XA 100 17.72 78.31 50.99
N ASP XA 101 18.65 78.81 51.80
CA ASP XA 101 18.47 78.80 53.25
C ASP XA 101 17.29 79.68 53.66
N GLU XA 102 17.02 80.74 52.91
CA GLU XA 102 15.99 81.69 53.33
C GLU XA 102 14.60 81.07 53.30
N ILE XA 103 14.26 80.30 52.25
CA ILE XA 103 12.91 79.77 52.15
C ILE XA 103 12.68 78.68 53.20
N VAL XA 104 13.68 77.86 53.47
CA VAL XA 104 13.53 76.85 54.52
C VAL XA 104 13.49 77.49 55.90
N ASN XA 105 14.25 78.56 56.13
CA ASN XA 105 14.22 79.20 57.43
C ASN XA 105 12.91 79.96 57.66
N ILE XA 106 12.28 80.44 56.58
CA ILE XA 106 10.99 81.08 56.74
C ILE XA 106 9.83 80.10 56.67
N ALA XA 107 10.07 78.86 56.25
CA ALA XA 107 8.99 77.88 56.13
C ALA XA 107 8.44 77.44 57.47
N ARG XA 108 9.27 77.38 58.51
CA ARG XA 108 8.86 76.92 59.83
C ARG XA 108 8.31 78.03 60.69
N GLN XA 109 8.26 79.27 60.19
CA GLN XA 109 7.83 80.40 61.02
C GLN XA 109 6.34 80.34 61.29
N MET XA 110 5.55 79.86 60.34
CA MET XA 110 4.10 79.83 60.46
C MET XA 110 3.57 78.50 60.93
N ARG XA 111 4.44 77.55 61.30
CA ARG XA 111 3.98 76.23 61.65
C ARG XA 111 3.76 76.11 63.16
N HIS XA 112 3.45 74.89 63.60
CA HIS XA 112 3.09 74.66 64.99
C HIS XA 112 4.30 74.84 65.91
N ARG XA 113 5.48 74.43 65.46
CA ARG XA 113 6.75 74.63 66.17
C ARG XA 113 6.76 73.99 67.55
N SER XA 114 6.20 72.78 67.66
CA SER XA 114 6.37 72.00 68.89
C SER XA 114 7.51 70.99 68.79
N LEU XA 115 7.35 69.98 67.92
CA LEU XA 115 8.39 69.00 67.55
C LEU XA 115 9.20 68.47 68.73
N ALA XA 116 8.62 68.49 69.93
CA ALA XA 116 9.31 68.14 71.18
C ALA XA 116 10.63 68.92 71.33
N ARG XA 117 10.60 70.17 70.92
CA ARG XA 117 11.80 70.99 70.81
C ARG XA 117 12.37 71.35 72.18
N GLU XA 118 13.64 71.72 72.16
CA GLU XA 118 14.26 72.49 73.23
C GLU XA 118 14.90 73.78 72.72
N LEU XA 119 14.97 73.98 71.42
CA LEU XA 119 15.59 75.16 70.85
C LEU XA 119 15.01 75.38 69.46
N SER XA 120 15.13 76.61 68.97
CA SER XA 120 14.71 76.92 67.61
C SER XA 120 15.61 76.23 66.58
N GLY XA 121 16.90 76.09 66.89
CA GLY XA 121 17.80 75.40 65.98
C GLY XA 121 17.47 73.94 65.77
N THR XA 122 16.69 73.36 66.68
CA THR XA 122 16.28 71.96 66.52
C THR XA 122 15.37 71.79 65.31
N ILE XA 123 14.49 72.76 65.05
CA ILE XA 123 13.55 72.64 63.95
C ILE XA 123 14.27 72.73 62.61
N LYS XA 124 15.16 73.72 62.47
CA LYS XA 124 15.85 73.90 61.20
C LYS XA 124 16.80 72.75 60.91
N GLU XA 125 17.37 72.13 61.95
CA GLU XA 125 18.14 70.92 61.75
C GLU XA 125 17.27 69.78 61.24
N ILE XA 126 16.01 69.74 61.67
CA ILE XA 126 15.08 68.74 61.15
C ILE XA 126 14.80 69.00 59.68
N LEU XA 127 14.55 70.26 59.32
CA LEU XA 127 14.21 70.57 57.93
C LEU XA 127 15.43 70.53 57.01
N GLY XA 128 16.63 70.62 57.56
CA GLY XA 128 17.82 70.60 56.72
C GLY XA 128 18.01 69.27 56.00
N THR XA 129 17.86 68.16 56.73
CA THR XA 129 17.95 66.84 56.14
C THR XA 129 16.60 66.27 55.74
N ALA XA 130 15.49 66.95 56.05
CA ALA XA 130 14.21 66.58 55.48
C ALA XA 130 14.13 66.93 54.00
N GLN XA 131 15.09 67.70 53.50
CA GLN XA 131 15.25 68.00 52.08
C GLN XA 131 16.10 66.98 51.36
N SER XA 132 16.55 65.93 52.04
CA SER XA 132 17.50 64.98 51.47
C SER XA 132 16.95 64.26 50.24
N VAL XA 133 15.64 64.07 50.15
CA VAL XA 133 15.03 63.36 49.04
C VAL XA 133 14.95 64.24 47.80
N HIS XA 141 24.51 67.17 48.92
CA HIS XA 141 23.52 66.70 49.89
C HIS XA 141 23.27 67.74 50.99
N PRO XA 142 21.99 67.98 51.32
CA PRO XA 142 21.62 68.97 52.35
C PRO XA 142 21.83 68.45 53.77
N HIS XA 143 22.94 67.78 54.00
CA HIS XA 143 23.28 67.24 55.31
C HIS XA 143 24.60 67.75 55.83
N ASP XA 144 25.42 68.38 54.98
CA ASP XA 144 26.65 69.01 55.46
C ASP XA 144 26.34 70.20 56.36
N ILE XA 145 25.20 70.85 56.16
CA ILE XA 145 24.76 71.87 57.10
C ILE XA 145 24.45 71.25 58.46
N ILE XA 146 23.91 70.02 58.44
CA ILE XA 146 23.46 69.37 59.68
C ILE XA 146 24.63 69.03 60.58
N ASP XA 147 25.73 68.54 60.00
CA ASP XA 147 26.86 68.09 60.80
C ASP XA 147 27.52 69.25 61.55
N ASP XA 148 27.77 70.35 60.85
CA ASP XA 148 28.37 71.54 61.45
C ASP XA 148 27.60 72.77 60.98
N ILE XA 149 26.76 73.29 61.87
CA ILE XA 149 26.01 74.52 61.63
C ILE XA 149 26.45 75.58 62.64
N ASN XA 150 26.69 76.79 62.14
CA ASN XA 150 27.15 77.89 62.98
C ASN XA 150 26.52 79.21 62.59
N SER XA 151 25.28 79.19 62.10
CA SER XA 151 24.59 80.39 61.68
C SER XA 151 23.11 80.30 62.04
N GLY XA 152 22.55 81.43 62.49
CA GLY XA 152 21.12 81.49 62.79
C GLY XA 152 20.69 80.57 63.92
N ALA XA 153 21.56 80.38 64.92
CA ALA XA 153 21.24 79.49 66.03
C ALA XA 153 20.10 80.03 66.88
N VAL XA 154 20.09 81.34 67.12
CA VAL XA 154 19.04 81.98 67.91
C VAL XA 154 18.22 82.87 66.98
N GLU XA 155 18.12 82.47 65.72
CA GLU XA 155 17.56 83.33 64.68
C GLU XA 155 16.10 83.66 64.94
N CYS XA 156 15.27 82.63 65.14
CA CYS XA 156 13.85 82.87 65.36
C CYS XA 156 13.55 83.62 66.65
N PRO XA 157 14.11 83.27 67.82
CA PRO XA 157 13.74 84.09 68.98
C PRO XA 157 14.47 85.43 69.01
N MET YA 1 -8.13 110.13 -42.38
CA MET YA 1 -6.97 110.76 -41.78
C MET YA 1 -6.63 110.10 -40.44
N ALA YA 2 -5.96 110.84 -39.54
CA ALA YA 2 -5.56 110.26 -38.26
C ALA YA 2 -6.78 109.89 -37.41
N VAL YA 3 -7.82 110.73 -37.43
CA VAL YA 3 -9.01 110.44 -36.67
C VAL YA 3 -9.76 109.26 -37.28
N GLN YA 4 -9.93 109.24 -38.59
CA GLN YA 4 -10.68 108.18 -39.25
C GLN YA 4 -9.82 106.94 -39.45
N ILE YA 5 -10.34 105.80 -39.03
CA ILE YA 5 -9.63 104.53 -39.14
C ILE YA 5 -9.55 104.09 -40.58
N SER YA 6 -8.74 103.07 -40.85
CA SER YA 6 -8.53 102.59 -42.21
C SER YA 6 -9.80 101.95 -42.75
N LYS YA 7 -9.72 101.57 -44.03
CA LYS YA 7 -10.87 100.95 -44.68
C LYS YA 7 -11.23 99.63 -44.02
N LYS YA 8 -10.23 98.82 -43.69
CA LYS YA 8 -10.47 97.47 -43.17
C LYS YA 8 -11.19 97.53 -41.82
N ARG YA 9 -10.63 98.29 -40.88
CA ARG YA 9 -11.27 98.45 -39.59
C ARG YA 9 -12.63 99.10 -39.72
N LYS YA 10 -12.80 99.97 -40.72
CA LYS YA 10 -14.10 100.58 -40.99
C LYS YA 10 -15.13 99.51 -41.36
N PHE YA 11 -14.79 98.61 -42.27
CA PHE YA 11 -15.73 97.56 -42.64
C PHE YA 11 -15.98 96.61 -41.48
N VAL YA 12 -14.94 96.36 -40.67
CA VAL YA 12 -15.11 95.51 -39.49
C VAL YA 12 -16.07 96.13 -38.50
N ALA YA 13 -15.91 97.43 -38.22
CA ALA YA 13 -16.80 98.11 -37.30
C ALA YA 13 -18.22 98.17 -37.85
N ASP YA 14 -18.36 98.33 -39.16
CA ASP YA 14 -19.69 98.28 -39.76
C ASP YA 14 -20.35 96.93 -39.54
N GLY YA 15 -19.61 95.84 -39.77
CA GLY YA 15 -20.15 94.52 -39.54
C GLY YA 15 -20.52 94.29 -38.09
N ILE YA 16 -19.67 94.76 -37.17
CA ILE YA 16 -19.94 94.62 -35.75
C ILE YA 16 -21.19 95.40 -35.36
N PHE YA 17 -21.31 96.62 -35.86
CA PHE YA 17 -22.49 97.43 -35.60
C PHE YA 17 -23.75 96.74 -36.10
N LYS YA 18 -23.70 96.20 -37.31
CA LYS YA 18 -24.86 95.52 -37.88
C LYS YA 18 -25.24 94.29 -37.07
N ALA YA 19 -24.24 93.49 -36.70
CA ALA YA 19 -24.52 92.28 -35.93
C ALA YA 19 -25.09 92.60 -34.56
N GLU YA 20 -24.53 93.60 -33.88
CA GLU YA 20 -25.04 93.97 -32.57
C GLU YA 20 -26.46 94.50 -32.66
N LEU YA 21 -26.74 95.35 -33.66
CA LEU YA 21 -28.09 95.86 -33.82
C LEU YA 21 -29.08 94.75 -34.12
N ASN YA 22 -28.72 93.83 -35.02
CA ASN YA 22 -29.61 92.72 -35.33
C ASN YA 22 -29.87 91.86 -34.10
N GLU YA 23 -28.82 91.59 -33.32
CA GLU YA 23 -29.00 90.75 -32.15
C GLU YA 23 -29.85 91.43 -31.10
N PHE YA 24 -29.65 92.73 -30.91
CA PHE YA 24 -30.45 93.47 -29.94
C PHE YA 24 -31.91 93.51 -30.36
N LEU YA 25 -32.18 93.76 -31.64
CA LEU YA 25 -33.57 93.78 -32.09
C LEU YA 25 -34.19 92.40 -32.01
N THR YA 26 -33.39 91.35 -32.20
CA THR YA 26 -33.89 90.00 -32.01
C THR YA 26 -34.30 89.77 -30.56
N ARG YA 27 -33.41 90.08 -29.62
CA ARG YA 27 -33.71 89.88 -28.21
C ARG YA 27 -34.81 90.80 -27.72
N GLU YA 28 -35.05 91.93 -28.37
CA GLU YA 28 -36.04 92.90 -27.92
C GLU YA 28 -37.37 92.76 -28.65
N LEU YA 29 -37.34 92.59 -29.98
CA LEU YA 29 -38.56 92.46 -30.77
C LEU YA 29 -38.93 91.02 -31.04
N ALA YA 30 -38.68 90.12 -30.09
CA ALA YA 30 -38.91 88.70 -30.31
C ALA YA 30 -40.39 88.41 -30.56
N GLU YA 31 -41.28 88.99 -29.76
CA GLU YA 31 -42.70 88.67 -29.90
C GLU YA 31 -43.38 89.46 -31.00
N ASP YA 32 -42.78 90.54 -31.49
CA ASP YA 32 -43.42 91.42 -32.46
C ASP YA 32 -43.23 90.93 -33.89
N GLY YA 33 -42.89 89.66 -34.06
CA GLY YA 33 -42.68 89.11 -35.39
C GLY YA 33 -41.50 89.73 -36.11
N TYR YA 34 -40.39 89.94 -35.40
CA TYR YA 34 -39.18 90.47 -36.01
C TYR YA 34 -38.70 89.58 -37.14
N SER YA 35 -38.39 90.19 -38.29
CA SER YA 35 -37.94 89.46 -39.45
C SER YA 35 -36.50 89.80 -39.81
N GLY YA 36 -36.15 91.07 -39.85
CA GLY YA 36 -34.79 91.47 -40.16
C GLY YA 36 -34.63 92.96 -40.07
N VAL YA 37 -33.37 93.40 -40.11
CA VAL YA 37 -33.03 94.81 -40.03
C VAL YA 37 -32.21 95.18 -41.25
N GLU YA 38 -32.48 96.37 -41.79
CA GLU YA 38 -31.72 96.91 -42.91
C GLU YA 38 -31.28 98.32 -42.55
N VAL YA 39 -29.99 98.61 -42.71
CA VAL YA 39 -29.44 99.93 -42.41
C VAL YA 39 -28.95 100.57 -43.69
N ARG YA 40 -29.40 101.80 -43.93
CA ARG YA 40 -28.98 102.60 -45.08
C ARG YA 40 -28.16 103.76 -44.52
N VAL YA 41 -26.90 103.84 -44.95
CA VAL YA 41 -25.93 104.75 -44.34
C VAL YA 41 -25.53 105.82 -45.34
N THR YA 42 -25.59 107.06 -44.89
CA THR YA 42 -25.03 108.22 -45.58
C THR YA 42 -24.22 109.02 -44.57
N PRO YA 43 -23.17 109.70 -45.02
CA PRO YA 43 -22.40 110.54 -44.08
C PRO YA 43 -23.24 111.63 -43.43
N THR YA 44 -24.29 112.10 -44.10
CA THR YA 44 -25.21 113.04 -43.47
C THR YA 44 -25.95 112.38 -42.31
N ARG YA 45 -26.54 111.22 -42.56
CA ARG YA 45 -27.28 110.51 -41.53
C ARG YA 45 -27.43 109.06 -41.98
N THR YA 46 -27.85 108.21 -41.06
CA THR YA 46 -28.11 106.81 -41.36
C THR YA 46 -29.60 106.54 -41.24
N GLU YA 47 -30.05 105.52 -41.96
CA GLU YA 47 -31.42 105.06 -41.87
C GLU YA 47 -31.42 103.60 -41.45
N ILE YA 48 -32.21 103.27 -40.45
CA ILE YA 48 -32.40 101.90 -40.00
C ILE YA 48 -33.79 101.47 -40.40
N ILE YA 49 -33.90 100.31 -41.06
CA ILE YA 49 -35.18 99.76 -41.47
C ILE YA 49 -35.34 98.41 -40.79
N ILE YA 50 -36.44 98.23 -40.08
CA ILE YA 50 -36.72 97.00 -39.35
C ILE YA 50 -37.86 96.27 -40.06
N LEU YA 51 -37.64 95.01 -40.39
CA LEU YA 51 -38.67 94.18 -40.99
C LEU YA 51 -39.35 93.38 -39.89
N ALA YA 52 -40.66 93.54 -39.75
CA ALA YA 52 -41.40 92.81 -38.74
C ALA YA 52 -42.83 92.59 -39.22
N THR YA 53 -43.44 91.53 -38.71
CA THR YA 53 -44.82 91.25 -39.09
C THR YA 53 -45.80 92.22 -38.43
N ARG YA 54 -45.63 92.47 -37.13
CA ARG YA 54 -46.55 93.32 -36.37
C ARG YA 54 -45.96 94.71 -36.24
N THR YA 55 -46.11 95.50 -37.32
CA THR YA 55 -45.67 96.88 -37.27
C THR YA 55 -46.53 97.70 -36.31
N GLN YA 56 -47.83 97.43 -36.28
CA GLN YA 56 -48.72 98.12 -35.36
C GLN YA 56 -48.39 97.81 -33.91
N ASN YA 57 -47.73 96.69 -33.64
CA ASN YA 57 -47.33 96.32 -32.29
C ASN YA 57 -45.97 96.86 -31.91
N VAL YA 58 -45.02 96.89 -32.84
CA VAL YA 58 -43.70 97.40 -32.52
C VAL YA 58 -43.76 98.90 -32.31
N LEU YA 59 -44.65 99.60 -32.99
CA LEU YA 59 -44.87 101.01 -32.76
C LEU YA 59 -45.75 101.14 -31.52
N GLY YA 60 -45.27 101.89 -30.53
CA GLY YA 60 -46.01 102.03 -29.29
C GLY YA 60 -47.19 102.95 -29.41
N GLU YA 61 -47.62 103.50 -28.28
CA GLU YA 61 -48.73 104.44 -28.26
C GLU YA 61 -48.29 105.74 -28.91
N LYS YA 62 -48.89 106.06 -30.05
CA LYS YA 62 -48.52 107.24 -30.85
C LYS YA 62 -47.03 107.21 -31.19
N GLY YA 63 -46.52 106.03 -31.50
CA GLY YA 63 -45.11 105.88 -31.78
C GLY YA 63 -44.21 105.96 -30.56
N ARG YA 64 -44.71 105.54 -29.40
CA ARG YA 64 -43.89 105.62 -28.19
C ARG YA 64 -42.73 104.64 -28.25
N ARG YA 65 -43.00 103.38 -28.60
CA ARG YA 65 -41.97 102.36 -28.54
C ARG YA 65 -40.89 102.58 -29.60
N ILE YA 66 -41.30 103.02 -30.79
CA ILE YA 66 -40.30 103.30 -31.81
C ILE YA 66 -39.43 104.47 -31.40
N ARG YA 67 -40.00 105.48 -30.73
CA ARG YA 67 -39.20 106.55 -30.17
C ARG YA 67 -38.23 106.00 -29.12
N GLU YA 68 -38.71 105.08 -28.29
CA GLU YA 68 -37.88 104.50 -27.24
C GLU YA 68 -36.66 103.84 -27.84
N LEU YA 69 -36.87 102.98 -28.83
CA LEU YA 69 -35.75 102.25 -29.42
C LEU YA 69 -34.84 103.19 -30.22
N THR YA 70 -35.41 104.24 -30.81
CA THR YA 70 -34.57 105.23 -31.48
C THR YA 70 -33.64 105.91 -30.49
N ALA YA 71 -34.17 106.27 -29.33
CA ALA YA 71 -33.32 106.85 -28.29
C ALA YA 71 -32.30 105.85 -27.79
N VAL YA 72 -32.68 104.57 -27.72
CA VAL YA 72 -31.77 103.52 -27.28
C VAL YA 72 -30.56 103.45 -28.22
N VAL YA 73 -30.82 103.32 -29.53
CA VAL YA 73 -29.72 103.20 -30.47
C VAL YA 73 -28.96 104.51 -30.58
N GLN YA 74 -29.63 105.64 -30.37
CA GLN YA 74 -28.96 106.94 -30.37
C GLN YA 74 -27.92 107.00 -29.26
N LYS YA 75 -28.32 106.63 -28.05
CA LYS YA 75 -27.42 106.74 -26.92
C LYS YA 75 -26.42 105.60 -26.87
N ARG YA 76 -26.69 104.50 -27.58
CA ARG YA 76 -25.80 103.35 -27.47
C ARG YA 76 -24.55 103.52 -28.31
N PHE YA 77 -24.70 103.62 -29.62
CA PHE YA 77 -23.54 103.78 -30.49
C PHE YA 77 -23.08 105.23 -30.57
N GLY YA 78 -23.78 106.14 -29.91
CA GLY YA 78 -23.35 107.53 -29.88
C GLY YA 78 -23.38 108.22 -31.22
N PHE YA 79 -24.51 108.14 -31.93
CA PHE YA 79 -24.67 108.93 -33.12
C PHE YA 79 -24.81 110.40 -32.74
N PRO YA 80 -24.59 111.32 -33.67
CA PRO YA 80 -25.08 112.68 -33.48
C PRO YA 80 -26.60 112.66 -33.42
N GLU YA 81 -27.15 113.59 -32.64
CA GLU YA 81 -28.58 113.62 -32.41
C GLU YA 81 -29.35 113.90 -33.70
N GLY YA 82 -30.39 113.11 -33.93
CA GLY YA 82 -31.18 113.30 -35.13
C GLY YA 82 -30.51 112.85 -36.41
N SER YA 83 -29.50 111.98 -36.31
CA SER YA 83 -28.82 111.45 -37.48
C SER YA 83 -29.19 110.01 -37.76
N VAL YA 84 -30.18 109.46 -37.06
CA VAL YA 84 -30.63 108.09 -37.25
C VAL YA 84 -32.15 108.07 -37.22
N GLU YA 85 -32.75 107.30 -38.12
CA GLU YA 85 -34.20 107.21 -38.23
C GLU YA 85 -34.62 105.76 -38.26
N LEU YA 86 -35.69 105.44 -37.56
CA LEU YA 86 -36.16 104.07 -37.39
C LEU YA 86 -37.44 103.88 -38.17
N TYR YA 87 -37.37 103.15 -39.28
CA TYR YA 87 -38.52 102.82 -40.09
C TYR YA 87 -38.86 101.34 -39.93
N ALA YA 88 -40.14 101.08 -39.67
CA ALA YA 88 -40.66 99.73 -39.56
C ALA YA 88 -41.34 99.39 -40.87
N GLU YA 89 -40.90 98.31 -41.50
CA GLU YA 89 -41.46 97.87 -42.77
C GLU YA 89 -42.19 96.56 -42.56
N LYS YA 90 -43.46 96.54 -42.93
CA LYS YA 90 -44.26 95.32 -42.82
C LYS YA 90 -43.82 94.36 -43.91
N VAL YA 91 -43.46 93.14 -43.52
CA VAL YA 91 -42.94 92.18 -44.48
C VAL YA 91 -44.06 91.70 -45.39
N ALA YA 92 -43.67 91.20 -46.55
CA ALA YA 92 -44.59 90.59 -47.50
C ALA YA 92 -44.37 89.09 -47.48
N THR YA 93 -45.45 88.32 -47.49
CA THR YA 93 -45.41 86.86 -47.47
C THR YA 93 -44.62 86.35 -46.26
N ARG YA 94 -45.21 86.58 -45.09
CA ARG YA 94 -44.57 86.20 -43.83
C ARG YA 94 -44.32 84.71 -43.75
N GLY YA 95 -45.00 83.90 -44.55
CA GLY YA 95 -44.73 82.48 -44.58
C GLY YA 95 -43.36 82.13 -45.10
N LEU YA 96 -42.73 83.02 -45.85
CA LEU YA 96 -41.41 82.79 -46.40
C LEU YA 96 -40.27 83.21 -45.46
N CYS YA 97 -40.55 84.00 -44.44
CA CYS YA 97 -39.51 84.48 -43.55
C CYS YA 97 -39.18 83.40 -42.54
N ALA YA 98 -38.00 82.80 -42.66
CA ALA YA 98 -37.61 81.73 -41.75
C ALA YA 98 -37.55 82.21 -40.32
N ILE YA 99 -37.03 83.42 -40.11
CA ILE YA 99 -36.93 83.96 -38.75
C ILE YA 99 -38.32 84.15 -38.15
N ALA YA 100 -39.23 84.76 -38.92
CA ALA YA 100 -40.57 85.02 -38.40
C ALA YA 100 -41.32 83.74 -38.11
N GLN YA 101 -41.24 82.76 -39.01
CA GLN YA 101 -41.91 81.50 -38.76
C GLN YA 101 -41.30 80.77 -37.57
N ALA YA 102 -39.97 80.85 -37.43
CA ALA YA 102 -39.32 80.25 -36.27
C ALA YA 102 -39.79 80.89 -34.98
N GLU YA 103 -39.93 82.22 -34.97
CA GLU YA 103 -40.39 82.89 -33.76
C GLU YA 103 -41.86 82.58 -33.48
N SER YA 104 -42.68 82.49 -34.52
CA SER YA 104 -44.08 82.11 -34.30
C SER YA 104 -44.18 80.69 -33.74
N LEU YA 105 -43.37 79.77 -34.26
CA LEU YA 105 -43.35 78.42 -33.73
C LEU YA 105 -42.88 78.40 -32.28
N ARG YA 106 -41.84 79.15 -31.96
CA ARG YA 106 -41.34 79.17 -30.60
C ARG YA 106 -42.37 79.76 -29.66
N TYR YA 107 -43.07 80.80 -30.10
CA TYR YA 107 -44.16 81.36 -29.33
C TYR YA 107 -45.27 80.33 -29.11
N LYS YA 108 -45.58 79.56 -30.15
CA LYS YA 108 -46.59 78.52 -30.04
C LYS YA 108 -46.19 77.46 -29.02
N LEU YA 109 -44.93 77.00 -29.10
CA LEU YA 109 -44.48 75.93 -28.22
C LEU YA 109 -44.37 76.40 -26.78
N LEU YA 110 -43.90 77.63 -26.58
CA LEU YA 110 -43.90 78.19 -25.24
C LEU YA 110 -45.33 78.38 -24.72
N GLY YA 111 -46.28 78.58 -25.64
CA GLY YA 111 -47.68 78.63 -25.25
C GLY YA 111 -48.16 77.31 -24.67
N GLY YA 112 -47.63 76.20 -25.16
CA GLY YA 112 -47.99 74.91 -24.61
C GLY YA 112 -48.71 74.02 -25.62
N LEU YA 113 -48.74 74.45 -26.87
CA LEU YA 113 -49.39 73.68 -27.90
C LEU YA 113 -48.67 72.36 -28.13
N ALA YA 114 -49.40 71.39 -28.68
CA ALA YA 114 -48.77 70.13 -29.03
C ALA YA 114 -47.73 70.34 -30.11
N VAL YA 115 -46.51 69.89 -29.82
CA VAL YA 115 -45.39 70.12 -30.74
C VAL YA 115 -45.66 69.48 -32.09
N ARG YA 116 -46.32 68.33 -32.10
CA ARG YA 116 -46.67 67.68 -33.35
C ARG YA 116 -47.63 68.53 -34.16
N ARG YA 117 -48.74 68.94 -33.53
CA ARG YA 117 -49.71 69.76 -34.23
C ARG YA 117 -49.16 71.14 -34.58
N ALA YA 118 -48.35 71.71 -33.68
CA ALA YA 118 -47.75 73.01 -33.99
C ALA YA 118 -46.83 72.92 -35.20
N CYS YA 119 -46.00 71.87 -35.25
CA CYS YA 119 -45.12 71.69 -36.39
C CYS YA 119 -45.91 71.47 -37.67
N TYR YA 120 -46.96 70.65 -37.61
CA TYR YA 120 -47.79 70.41 -38.79
C TYR YA 120 -48.44 71.70 -39.27
N GLY YA 121 -48.99 72.49 -38.35
CA GLY YA 121 -49.64 73.74 -38.74
C GLY YA 121 -48.66 74.73 -39.33
N VAL YA 122 -47.48 74.86 -38.73
CA VAL YA 122 -46.49 75.78 -39.25
C VAL YA 122 -46.02 75.35 -40.63
N LEU YA 123 -45.78 74.05 -40.81
CA LEU YA 123 -45.36 73.55 -42.10
C LEU YA 123 -46.44 73.78 -43.16
N ARG YA 124 -47.69 73.52 -42.80
CA ARG YA 124 -48.79 73.75 -43.72
C ARG YA 124 -48.88 75.21 -44.10
N PHE YA 125 -48.72 76.11 -43.13
CA PHE YA 125 -48.77 77.53 -43.45
C PHE YA 125 -47.63 77.95 -44.35
N ILE YA 126 -46.42 77.44 -44.09
CA ILE YA 126 -45.28 77.82 -44.91
C ILE YA 126 -45.47 77.35 -46.34
N MET YA 127 -45.95 76.12 -46.51
CA MET YA 127 -46.22 75.66 -47.86
C MET YA 127 -47.42 76.34 -48.50
N GLU YA 128 -48.36 76.84 -47.69
CA GLU YA 128 -49.52 77.52 -48.25
C GLU YA 128 -49.18 78.93 -48.66
N SER YA 129 -48.17 79.53 -48.03
CA SER YA 129 -47.69 80.83 -48.48
C SER YA 129 -47.02 80.72 -49.84
N GLY YA 130 -46.61 79.53 -50.24
CA GLY YA 130 -46.02 79.31 -51.54
C GLY YA 130 -44.52 79.16 -51.49
N ALA YA 131 -44.03 77.92 -51.53
CA ALA YA 131 -42.61 77.66 -51.48
C ALA YA 131 -42.32 76.37 -52.23
N LYS YA 132 -41.08 76.22 -52.69
CA LYS YA 132 -40.70 75.00 -53.39
C LYS YA 132 -40.24 73.92 -52.44
N GLY YA 133 -40.24 74.19 -51.14
CA GLY YA 133 -39.90 73.19 -50.15
C GLY YA 133 -39.74 73.79 -48.79
N CYS YA 134 -39.78 72.94 -47.76
CA CYS YA 134 -39.57 73.40 -46.40
C CYS YA 134 -39.01 72.24 -45.58
N GLU YA 135 -38.44 72.58 -44.43
CA GLU YA 135 -37.87 71.57 -43.54
C GLU YA 135 -37.74 72.18 -42.16
N VAL YA 136 -38.32 71.51 -41.17
CA VAL YA 136 -38.27 71.95 -39.77
C VAL YA 136 -37.75 70.80 -38.92
N VAL YA 137 -36.89 71.11 -37.96
CA VAL YA 137 -36.34 70.12 -37.03
C VAL YA 137 -36.59 70.61 -35.62
N VAL YA 138 -37.10 69.73 -34.78
CA VAL YA 138 -37.30 69.98 -33.36
C VAL YA 138 -36.42 69.01 -32.60
N SER YA 139 -35.52 69.53 -31.76
CA SER YA 139 -34.58 68.73 -31.02
C SER YA 139 -34.57 69.14 -29.56
N GLY YA 140 -34.60 68.16 -28.66
CA GLY YA 140 -34.61 68.43 -27.24
C GLY YA 140 -35.13 67.24 -26.47
N LYS YA 141 -35.65 67.54 -25.28
CA LYS YA 141 -36.09 66.51 -24.33
C LYS YA 141 -37.55 66.13 -24.58
N LEU YA 142 -37.84 65.69 -25.79
CA LEU YA 142 -39.19 65.25 -26.12
C LEU YA 142 -39.52 63.97 -25.35
N ARG YA 143 -40.82 63.82 -25.04
CA ARG YA 143 -41.32 62.69 -24.27
C ARG YA 143 -40.60 62.59 -22.92
N GLY YA 144 -39.63 61.68 -22.81
CA GLY YA 144 -38.90 61.47 -21.57
C GLY YA 144 -37.64 62.30 -21.47
N GLN YA 145 -36.76 61.88 -20.54
CA GLN YA 145 -35.51 62.59 -20.32
C GLN YA 145 -34.58 62.48 -21.51
N ARG YA 146 -34.62 61.35 -22.22
CA ARG YA 146 -33.72 61.13 -23.34
C ARG YA 146 -34.01 62.13 -24.45
N ALA YA 147 -32.94 62.65 -25.05
CA ALA YA 147 -33.10 63.59 -26.16
C ALA YA 147 -33.52 62.86 -27.42
N LYS YA 148 -34.47 63.44 -28.13
CA LYS YA 148 -34.87 62.97 -29.45
C LYS YA 148 -35.09 64.18 -30.36
N SER YA 149 -35.04 63.92 -31.66
CA SER YA 149 -35.22 64.95 -32.66
C SER YA 149 -36.22 64.49 -33.71
N MET YA 150 -37.26 65.30 -33.94
CA MET YA 150 -38.24 65.03 -34.98
C MET YA 150 -38.10 66.05 -36.09
N LYS YA 151 -37.87 65.57 -37.29
CA LYS YA 151 -37.68 66.40 -38.47
C LYS YA 151 -38.86 66.19 -39.42
N PHE YA 152 -39.55 67.27 -39.75
CA PHE YA 152 -40.69 67.21 -40.66
C PHE YA 152 -40.28 67.99 -41.91
N VAL YA 153 -40.33 67.32 -43.05
CA VAL YA 153 -39.82 67.88 -44.29
C VAL YA 153 -40.72 67.44 -45.43
N ASP YA 154 -41.02 68.39 -46.34
CA ASP YA 154 -41.72 68.09 -47.57
C ASP YA 154 -41.27 69.07 -48.65
N GLY YA 155 -41.50 68.69 -49.89
CA GLY YA 155 -41.04 69.55 -50.95
C GLY YA 155 -39.54 69.41 -51.19
N LEU YA 156 -39.05 70.22 -52.11
CA LEU YA 156 -37.67 70.14 -52.56
C LEU YA 156 -36.77 70.88 -51.57
N MET YA 157 -35.60 70.29 -51.32
CA MET YA 157 -34.65 70.89 -50.39
C MET YA 157 -33.25 70.50 -50.80
N ILE YA 158 -32.52 71.42 -51.39
CA ILE YA 158 -31.13 71.20 -51.74
C ILE YA 158 -30.28 71.45 -50.51
N HIS YA 159 -29.04 70.98 -50.55
CA HIS YA 159 -28.16 71.11 -49.39
C HIS YA 159 -26.80 71.65 -49.77
N SER YA 160 -26.40 71.48 -51.02
CA SER YA 160 -25.01 71.64 -51.42
C SER YA 160 -24.85 72.74 -52.46
N GLY YA 161 -23.63 73.22 -52.59
CA GLY YA 161 -23.28 74.18 -53.61
C GLY YA 161 -23.58 75.61 -53.21
N ASP YA 162 -23.23 76.51 -54.12
CA ASP YA 162 -23.60 77.92 -53.95
C ASP YA 162 -25.10 78.17 -53.84
N PRO YA 163 -25.98 77.61 -54.69
CA PRO YA 163 -27.37 78.09 -54.72
C PRO YA 163 -28.12 77.94 -53.41
N VAL YA 164 -27.67 77.09 -52.49
CA VAL YA 164 -28.35 77.00 -51.20
C VAL YA 164 -28.23 78.32 -50.43
N ASN YA 165 -27.26 79.16 -50.79
CA ASN YA 165 -27.08 80.44 -50.13
C ASN YA 165 -28.24 81.38 -50.42
N TYR YA 166 -28.61 81.53 -51.68
CA TYR YA 166 -29.64 82.45 -52.11
C TYR YA 166 -30.95 81.76 -52.48
N TYR YA 167 -31.12 80.51 -52.09
CA TYR YA 167 -32.40 79.83 -52.23
C TYR YA 167 -32.98 79.38 -50.90
N VAL YA 168 -32.14 79.09 -49.92
CA VAL YA 168 -32.57 78.56 -48.63
C VAL YA 168 -32.24 79.58 -47.56
N ASP YA 169 -33.24 79.93 -46.77
CA ASP YA 169 -33.06 80.80 -45.62
C ASP YA 169 -33.03 79.92 -44.37
N THR YA 170 -32.22 80.30 -43.39
CA THR YA 170 -31.98 79.49 -42.20
C THR YA 170 -32.27 80.29 -40.95
N ALA YA 171 -33.03 79.69 -40.02
CA ALA YA 171 -33.34 80.34 -38.76
C ALA YA 171 -33.13 79.37 -37.62
N VAL YA 172 -32.36 79.80 -36.61
CA VAL YA 172 -31.99 78.96 -35.48
C VAL YA 172 -32.45 79.63 -34.20
N ARG YA 173 -33.34 78.95 -33.46
CA ARG YA 173 -33.90 79.50 -32.24
C ARG YA 173 -33.89 78.45 -31.13
N HIS YA 174 -33.92 78.95 -29.89
CA HIS YA 174 -33.95 78.11 -28.70
C HIS YA 174 -35.24 78.34 -27.95
N VAL YA 175 -35.83 77.26 -27.44
CA VAL YA 175 -37.06 77.33 -26.66
C VAL YA 175 -36.74 76.96 -25.23
N LEU YA 176 -36.94 77.90 -24.31
CA LEU YA 176 -36.68 77.67 -22.90
C LEU YA 176 -37.87 76.94 -22.31
N LEU YA 177 -37.82 75.62 -22.34
CA LEU YA 177 -38.87 74.81 -21.77
C LEU YA 177 -38.51 74.41 -20.34
N ARG YA 178 -39.53 73.94 -19.60
CA ARG YA 178 -39.31 73.59 -18.21
C ARG YA 178 -38.36 72.41 -18.08
N GLN YA 179 -38.37 71.51 -19.05
CA GLN YA 179 -37.39 70.43 -19.12
C GLN YA 179 -36.01 70.91 -19.51
N GLY YA 180 -35.90 72.04 -20.19
CA GLY YA 180 -34.63 72.54 -20.67
C GLY YA 180 -34.82 73.33 -21.96
N VAL YA 181 -33.80 73.30 -22.81
CA VAL YA 181 -33.78 74.07 -24.04
C VAL YA 181 -34.07 73.15 -25.21
N LEU YA 182 -35.05 73.53 -26.02
CA LEU YA 182 -35.38 72.83 -27.26
C LEU YA 182 -34.97 73.70 -28.43
N GLY YA 183 -34.20 73.13 -29.36
CA GLY YA 183 -33.73 73.86 -30.52
C GLY YA 183 -34.65 73.68 -31.70
N ILE YA 184 -34.81 74.75 -32.47
CA ILE YA 184 -35.67 74.74 -33.65
C ILE YA 184 -34.88 75.31 -34.82
N LYS YA 185 -34.87 74.57 -35.93
CA LYS YA 185 -34.24 75.02 -37.17
C LYS YA 185 -35.23 74.87 -38.30
N VAL YA 186 -35.35 75.91 -39.13
CA VAL YA 186 -36.29 75.93 -40.24
C VAL YA 186 -35.54 76.32 -41.50
N LYS YA 187 -35.71 75.54 -42.56
CA LYS YA 187 -35.13 75.85 -43.85
C LYS YA 187 -36.24 76.04 -44.87
N ILE YA 188 -36.21 77.15 -45.59
CA ILE YA 188 -37.21 77.46 -46.59
C ILE YA 188 -36.52 77.65 -47.93
N MET YA 189 -36.90 76.83 -48.91
CA MET YA 189 -36.45 77.01 -50.28
C MET YA 189 -37.26 78.12 -50.92
N LEU YA 190 -36.64 79.29 -51.10
CA LEU YA 190 -37.35 80.41 -51.66
C LEU YA 190 -37.68 80.15 -53.13
N PRO YA 191 -38.93 80.33 -53.52
CA PRO YA 191 -39.30 80.07 -54.92
C PRO YA 191 -38.68 81.07 -55.86
N TRP YA 192 -38.41 80.62 -57.08
CA TRP YA 192 -37.78 81.48 -58.07
C TRP YA 192 -38.78 82.47 -58.64
N ASP YA 193 -38.35 83.73 -58.75
CA ASP YA 193 -39.15 84.73 -59.41
C ASP YA 193 -38.21 85.74 -60.05
N PRO YA 194 -38.43 86.10 -61.31
CA PRO YA 194 -37.59 87.12 -61.94
C PRO YA 194 -37.68 88.47 -61.26
N THR YA 195 -38.83 88.80 -60.69
CA THR YA 195 -38.96 90.05 -59.95
C THR YA 195 -38.04 90.06 -58.74
N GLY YA 196 -37.98 88.94 -58.03
CA GLY YA 196 -37.03 88.79 -56.96
C GLY YA 196 -37.44 89.35 -55.62
N LYS YA 197 -38.58 90.01 -55.55
CA LYS YA 197 -39.03 90.57 -54.28
C LYS YA 197 -39.71 89.53 -53.40
N ILE YA 198 -39.83 88.29 -53.88
CA ILE YA 198 -40.30 87.18 -53.05
C ILE YA 198 -39.30 86.05 -52.99
N GLY YA 199 -38.30 86.01 -53.87
CA GLY YA 199 -37.35 84.93 -53.91
C GLY YA 199 -36.15 85.28 -54.76
N PRO YA 200 -35.31 84.29 -55.06
CA PRO YA 200 -34.11 84.58 -55.85
C PRO YA 200 -34.45 85.03 -57.26
N LYS YA 201 -33.66 85.99 -57.75
CA LYS YA 201 -33.82 86.51 -59.09
C LYS YA 201 -33.27 85.55 -60.14
N LYS YA 202 -32.14 84.93 -59.82
CA LYS YA 202 -31.54 83.97 -60.72
C LYS YA 202 -32.27 82.63 -60.64
N PRO YA 203 -32.27 81.86 -61.73
CA PRO YA 203 -32.78 80.50 -61.65
C PRO YA 203 -31.75 79.55 -61.06
N LEU YA 204 -32.20 78.34 -60.77
CA LEU YA 204 -31.31 77.32 -60.25
C LEU YA 204 -30.27 76.97 -61.31
N PRO YA 205 -29.04 76.61 -60.90
CA PRO YA 205 -27.99 76.35 -61.88
C PRO YA 205 -28.30 75.23 -62.86
N ASP YA 206 -28.95 74.16 -62.41
CA ASP YA 206 -29.28 73.05 -63.28
C ASP YA 206 -30.70 73.12 -63.84
N HIS YA 207 -31.51 74.07 -63.38
CA HIS YA 207 -32.82 74.28 -63.96
C HIS YA 207 -32.66 74.75 -65.40
N VAL YA 208 -33.45 74.18 -66.30
CA VAL YA 208 -33.38 74.50 -67.72
C VAL YA 208 -34.77 74.89 -68.20
N SER YA 209 -34.85 75.99 -68.93
CA SER YA 209 -36.06 76.41 -69.60
C SER YA 209 -35.76 76.67 -71.07
N ILE YA 210 -36.66 76.22 -71.95
CA ILE YA 210 -36.49 76.31 -73.39
C ILE YA 210 -37.70 77.06 -73.96
N VAL YA 211 -37.44 78.06 -74.80
CA VAL YA 211 -38.55 78.77 -75.43
C VAL YA 211 -39.19 77.86 -76.48
N GLU YA 212 -40.51 77.87 -76.52
CA GLU YA 212 -41.24 76.97 -77.41
C GLU YA 212 -41.11 77.44 -78.86
N PRO YA 213 -40.90 76.53 -79.80
CA PRO YA 213 -40.89 76.91 -81.22
C PRO YA 213 -42.28 77.25 -81.72
N LYS YA 214 -42.31 78.11 -82.72
CA LYS YA 214 -43.55 78.47 -83.40
C LYS YA 214 -43.76 77.47 -84.53
N ASP YA 215 -44.76 77.70 -85.38
CA ASP YA 215 -44.89 76.83 -86.55
C ASP YA 215 -43.98 77.28 -87.69
N GLU YA 216 -44.20 78.48 -88.23
CA GLU YA 216 -43.43 79.04 -89.36
C GLU YA 216 -43.17 78.00 -90.44
N ILE YA 217 -44.25 77.37 -90.89
CA ILE YA 217 -44.12 76.23 -91.79
C ILE YA 217 -43.55 76.67 -93.14
N LEU YA 218 -44.12 77.73 -93.70
CA LEU YA 218 -43.87 78.21 -95.05
C LEU YA 218 -43.95 77.04 -96.02
N PRO YA 219 -45.15 76.53 -96.32
CA PRO YA 219 -45.29 75.41 -97.25
C PRO YA 219 -45.65 75.81 -98.68
N THR YA 220 -45.66 77.11 -99.00
CA THR YA 220 -46.27 77.57 -100.23
C THR YA 220 -45.22 77.93 -101.28
N THR YA 221 -45.70 78.34 -102.44
CA THR YA 221 -44.85 78.75 -103.53
C THR YA 221 -44.11 80.05 -103.16
N PRO YA 222 -42.89 80.23 -103.68
CA PRO YA 222 -42.18 81.48 -103.45
C PRO YA 222 -42.92 82.68 -104.04
N ILE YA 223 -42.87 83.80 -103.32
CA ILE YA 223 -43.47 85.05 -103.74
C ILE YA 223 -42.49 86.19 -103.48
N SER YA 224 -42.83 87.38 -103.97
CA SER YA 224 -42.01 88.57 -103.76
C SER YA 224 -42.95 89.70 -103.34
N GLU YA 225 -42.85 90.12 -102.08
CA GLU YA 225 -43.76 91.08 -101.50
C GLU YA 225 -43.12 92.47 -101.51
N GLN YA 226 -43.81 93.44 -102.11
CA GLN YA 226 -43.31 94.80 -102.23
C GLN YA 226 -43.74 95.61 -101.01
N LYS YA 227 -42.78 96.17 -100.30
CA LYS YA 227 -43.07 96.96 -99.10
C LYS YA 227 -41.91 97.88 -98.74
N ASP ZA 1 27.28 69.63 -82.61
CA ASP ZA 1 26.62 70.91 -82.80
C ASP ZA 1 26.05 71.44 -81.49
N ILE ZA 2 25.29 70.60 -80.79
CA ILE ZA 2 24.67 71.02 -79.55
C ILE ZA 2 25.71 71.26 -78.47
N LYS ZA 3 26.65 70.33 -78.30
CA LYS ZA 3 27.82 70.50 -77.44
C LYS ZA 3 27.40 70.80 -76.00
N LEU ZA 4 26.80 69.79 -75.37
CA LEU ZA 4 26.46 69.86 -73.96
C LEU ZA 4 27.67 70.28 -73.13
N PHE ZA 5 27.47 71.30 -72.30
CA PHE ZA 5 28.52 71.89 -71.48
C PHE ZA 5 29.65 72.47 -72.30
N GLY ZA 6 29.36 72.95 -73.52
CA GLY ZA 6 30.33 73.65 -74.32
C GLY ZA 6 31.23 72.76 -75.17
N LYS ZA 7 31.24 71.46 -74.93
CA LYS ZA 7 32.06 70.53 -75.70
C LYS ZA 7 31.36 69.18 -75.71
N TRP ZA 8 32.12 68.11 -75.97
CA TRP ZA 8 31.64 66.73 -75.87
C TRP ZA 8 30.46 66.51 -76.82
N SER ZA 9 30.80 66.57 -78.12
CA SER ZA 9 29.81 66.42 -79.19
C SER ZA 9 29.04 65.11 -79.02
N THR ZA 10 27.74 65.19 -79.29
CA THR ZA 10 26.84 64.09 -79.01
C THR ZA 10 26.73 63.09 -80.16
N ASP ZA 11 27.17 63.47 -81.36
CA ASP ZA 11 26.95 62.63 -82.53
C ASP ZA 11 27.77 61.35 -82.51
N ASP ZA 12 29.02 61.42 -82.05
CA ASP ZA 12 29.94 60.29 -82.11
C ASP ZA 12 29.54 59.12 -81.22
N VAL ZA 13 28.80 59.38 -80.16
CA VAL ZA 13 28.45 58.35 -79.19
C VAL ZA 13 27.57 57.30 -79.86
N GLN ZA 14 27.89 56.03 -79.64
CA GLN ZA 14 27.17 54.93 -80.25
C GLN ZA 14 26.60 54.04 -79.18
N ILE ZA 15 25.35 53.61 -79.36
CA ILE ZA 15 24.69 52.70 -78.44
C ILE ZA 15 24.92 51.28 -78.93
N ASN ZA 16 25.59 50.47 -78.12
CA ASN ZA 16 25.98 49.14 -78.57
C ASN ZA 16 24.81 48.18 -78.68
N ASP ZA 17 23.89 48.17 -77.72
CA ASP ZA 17 22.81 47.20 -77.71
C ASP ZA 17 21.52 47.90 -78.11
N ILE ZA 18 20.72 47.22 -78.92
CA ILE ZA 18 19.41 47.73 -79.29
C ILE ZA 18 18.39 47.57 -78.17
N SER ZA 19 18.80 47.03 -77.02
CA SER ZA 19 17.87 46.81 -75.92
C SER ZA 19 17.40 48.11 -75.29
N LEU ZA 20 18.28 49.12 -75.20
CA LEU ZA 20 17.97 50.35 -74.49
C LEU ZA 20 18.06 51.59 -75.36
N GLN ZA 21 18.28 51.43 -76.66
CA GLN ZA 21 18.45 52.60 -77.52
C GLN ZA 21 17.16 53.36 -77.75
N ASP ZA 22 16.00 52.78 -77.43
CA ASP ZA 22 14.75 53.52 -77.44
C ASP ZA 22 14.54 54.31 -76.17
N TYR ZA 23 15.44 54.20 -75.20
CA TYR ZA 23 15.27 54.87 -73.92
C TYR ZA 23 16.44 55.75 -73.52
N ILE ZA 24 17.55 55.66 -74.21
CA ILE ZA 24 18.63 56.62 -74.02
C ILE ZA 24 18.43 57.77 -74.99
N ALA ZA 25 18.56 58.99 -74.49
CA ALA ZA 25 18.21 60.19 -75.24
C ALA ZA 25 19.39 61.13 -75.33
N VAL ZA 26 20.54 60.59 -75.76
CA VAL ZA 26 21.74 61.40 -75.94
C VAL ZA 26 21.88 61.92 -77.35
N LYS ZA 27 20.95 61.57 -78.24
CA LYS ZA 27 21.08 61.91 -79.64
C LYS ZA 27 20.70 63.37 -79.86
N GLU ZA 28 21.08 63.91 -81.02
CA GLU ZA 28 20.93 65.35 -81.27
C GLU ZA 28 19.47 65.79 -81.19
N LYS ZA 29 18.54 64.88 -81.47
CA LYS ZA 29 17.12 65.18 -81.27
C LYS ZA 29 16.82 65.44 -79.82
N TYR ZA 30 17.65 64.93 -78.91
CA TYR ZA 30 17.48 65.08 -77.47
C TYR ZA 30 18.72 65.70 -76.82
N ALA ZA 31 19.72 66.07 -77.61
CA ALA ZA 31 20.89 66.73 -77.07
C ALA ZA 31 20.55 68.18 -76.71
N LYS ZA 32 20.98 68.61 -75.53
CA LYS ZA 32 20.72 69.95 -75.04
C LYS ZA 32 22.01 70.57 -74.53
N TYR ZA 33 22.10 71.89 -74.62
CA TYR ZA 33 23.30 72.59 -74.17
C TYR ZA 33 23.56 72.38 -72.69
N LEU ZA 34 22.51 72.31 -71.88
CA LEU ZA 34 22.68 72.32 -70.46
C LEU ZA 34 21.61 71.43 -69.86
N PRO ZA 35 21.94 70.55 -68.93
CA PRO ZA 35 20.93 69.62 -68.41
C PRO ZA 35 20.02 70.28 -67.37
N HIS ZA 36 19.15 71.17 -67.82
CA HIS ZA 36 18.13 71.72 -66.95
C HIS ZA 36 16.95 72.16 -67.80
N SER ZA 37 15.76 71.70 -67.46
CA SER ZA 37 14.56 72.02 -68.23
C SER ZA 37 13.35 71.70 -67.36
N ALA ZA 38 12.35 72.57 -67.37
CA ALA ZA 38 11.06 72.30 -66.73
C ALA ZA 38 10.21 71.51 -67.73
N GLY ZA 39 10.66 70.30 -68.03
CA GLY ZA 39 10.14 69.51 -69.13
C GLY ZA 39 8.86 68.76 -68.86
N ARG ZA 40 8.33 68.81 -67.64
CA ARG ZA 40 7.06 68.16 -67.29
C ARG ZA 40 7.08 66.67 -67.64
N TYR ZA 41 8.24 66.05 -67.45
CA TYR ZA 41 8.43 64.66 -67.84
C TYR ZA 41 7.74 63.69 -66.90
N ALA ZA 42 7.37 64.13 -65.70
CA ALA ZA 42 6.67 63.27 -64.75
C ALA ZA 42 5.17 63.30 -64.94
N ALA ZA 43 4.66 64.13 -65.86
CA ALA ZA 43 3.23 64.32 -65.99
C ALA ZA 43 2.55 63.08 -66.55
N LYS ZA 44 3.27 62.30 -67.35
CA LYS ZA 44 2.67 61.15 -68.01
C LYS ZA 44 3.63 59.97 -67.94
N ARG ZA 45 3.07 58.78 -68.05
CA ARG ZA 45 3.87 57.57 -68.20
C ARG ZA 45 4.69 57.65 -69.48
N PHE ZA 46 5.91 57.12 -69.40
CA PHE ZA 46 6.84 56.98 -70.54
C PHE ZA 46 7.32 58.32 -71.10
N ARG ZA 47 7.03 59.43 -70.42
CA ARG ZA 47 7.61 60.69 -70.88
C ARG ZA 47 9.07 60.81 -70.49
N LYS ZA 48 9.53 60.04 -69.51
CA LYS ZA 48 10.94 60.06 -69.14
C LYS ZA 48 11.82 59.41 -70.20
N ALA ZA 49 11.23 58.66 -71.12
CA ALA ZA 49 12.02 58.04 -72.19
C ALA ZA 49 12.66 59.10 -73.09
N GLN ZA 50 11.90 60.11 -73.47
CA GLN ZA 50 12.45 61.20 -74.27
C GLN ZA 50 13.33 62.13 -73.46
N CYS ZA 51 13.26 62.07 -72.13
CA CYS ZA 51 14.11 62.92 -71.31
C CYS ZA 51 15.56 62.48 -71.44
N PRO ZA 52 16.49 63.41 -71.69
CA PRO ZA 52 17.90 63.02 -71.80
C PRO ZA 52 18.41 62.41 -70.50
N ILE ZA 53 19.30 61.42 -70.64
CA ILE ZA 53 19.78 60.70 -69.48
C ILE ZA 53 20.72 61.55 -68.64
N VAL ZA 54 21.31 62.60 -69.22
CA VAL ZA 54 22.08 63.53 -68.42
C VAL ZA 54 21.18 64.22 -67.40
N GLU ZA 55 20.01 64.66 -67.85
CA GLU ZA 55 19.01 65.21 -66.94
C GLU ZA 55 18.58 64.17 -65.92
N ARG ZA 56 18.44 62.92 -66.34
CA ARG ZA 56 18.04 61.88 -65.39
C ARG ZA 56 19.09 61.69 -64.31
N LEU ZA 57 20.36 61.70 -64.69
CA LEU ZA 57 21.42 61.61 -63.69
C LEU ZA 57 21.40 62.80 -62.75
N THR ZA 58 21.21 64.01 -63.31
CA THR ZA 58 21.16 65.20 -62.48
C THR ZA 58 20.00 65.16 -61.49
N ASN ZA 59 18.82 64.77 -61.96
CA ASN ZA 59 17.67 64.65 -61.07
C ASN ZA 59 17.88 63.57 -60.02
N SER ZA 60 18.47 62.45 -60.42
CA SER ZA 60 18.65 61.32 -59.52
C SER ZA 60 19.73 61.54 -58.49
N MET ZA 61 20.69 62.42 -58.76
CA MET ZA 61 21.82 62.62 -57.86
C MET ZA 61 21.45 63.38 -56.60
N MET ZA 62 20.50 64.29 -56.68
CA MET ZA 62 20.12 65.16 -55.56
C MET ZA 62 19.09 64.40 -54.70
N MET ZA 63 19.57 63.85 -53.59
CA MET ZA 63 18.77 63.00 -52.71
C MET ZA 63 19.15 63.29 -51.27
N HIS ZA 64 18.51 62.55 -50.36
CA HIS ZA 64 18.89 62.49 -48.95
C HIS ZA 64 18.72 63.83 -48.25
N GLY ZA 65 17.53 64.41 -48.38
CA GLY ZA 65 17.13 65.50 -47.50
C GLY ZA 65 17.88 66.79 -47.69
N ARG ZA 66 19.20 66.75 -47.50
CA ARG ZA 66 20.00 67.94 -47.68
C ARG ZA 66 19.99 68.40 -49.13
N ASN ZA 67 19.64 67.52 -50.05
CA ASN ZA 67 19.65 67.82 -51.47
C ASN ZA 67 18.29 67.45 -52.06
N ASN ZA 68 17.36 68.39 -51.99
CA ASN ZA 68 16.08 68.26 -52.67
C ASN ZA 68 15.72 69.47 -53.51
N GLY ZA 69 16.53 70.53 -53.47
CA GLY ZA 69 16.37 71.65 -54.37
C GLY ZA 69 17.70 72.03 -54.98
N LYS ZA 70 18.77 71.43 -54.46
CA LYS ZA 70 20.12 71.74 -54.90
C LYS ZA 70 20.41 71.08 -56.25
N LYS ZA 71 19.81 71.66 -57.29
CA LYS ZA 71 19.97 71.08 -58.63
C LYS ZA 71 21.17 71.67 -59.36
N LEU ZA 72 21.41 72.97 -59.24
CA LEU ZA 72 22.54 73.56 -59.96
C LEU ZA 72 23.87 73.06 -59.42
N MET ZA 73 23.94 72.81 -58.11
CA MET ZA 73 25.14 72.19 -57.56
C MET ZA 73 25.34 70.81 -58.16
N THR ZA 74 24.25 70.07 -58.33
CA THR ZA 74 24.36 68.78 -59.01
C THR ZA 74 24.80 68.94 -60.45
N VAL ZA 75 24.34 70.00 -61.12
CA VAL ZA 75 24.73 70.23 -62.51
C VAL ZA 75 26.23 70.50 -62.59
N ARG ZA 76 26.74 71.34 -61.69
CA ARG ZA 76 28.18 71.60 -61.66
C ARG ZA 76 28.94 70.33 -61.30
N ILE ZA 77 28.32 69.46 -60.49
CA ILE ZA 77 28.93 68.17 -60.17
C ILE ZA 77 29.06 67.32 -61.42
N VAL ZA 78 28.00 67.29 -62.23
CA VAL ZA 78 28.01 66.51 -63.46
C VAL ZA 78 29.07 67.05 -64.41
N LYS ZA 79 29.15 68.37 -64.54
CA LYS ZA 79 30.14 68.96 -65.44
C LYS ZA 79 31.56 68.63 -64.96
N HIS ZA 80 31.81 68.76 -63.65
CA HIS ZA 80 33.14 68.45 -63.13
C HIS ZA 80 33.47 66.98 -63.31
N ALA ZA 81 32.51 66.10 -63.07
CA ALA ZA 81 32.78 64.67 -63.23
C ALA ZA 81 33.03 64.31 -64.68
N PHE ZA 82 32.32 64.96 -65.60
CA PHE ZA 82 32.62 64.78 -67.02
C PHE ZA 82 34.03 65.23 -67.34
N GLU ZA 83 34.43 66.39 -66.79
CA GLU ZA 83 35.80 66.84 -66.96
C GLU ZA 83 36.76 65.76 -66.48
N ILE ZA 84 36.49 65.20 -65.30
CA ILE ZA 84 37.40 64.26 -64.67
C ILE ZA 84 37.51 62.98 -65.50
N ILE ZA 85 36.37 62.45 -65.96
CA ILE ZA 85 36.42 61.21 -66.71
C ILE ZA 85 37.01 61.43 -68.09
N HIS ZA 86 36.83 62.60 -68.69
CA HIS ZA 86 37.50 62.87 -69.95
C HIS ZA 86 39.01 62.97 -69.73
N LEU ZA 87 39.43 63.48 -68.58
CA LEU ZA 87 40.86 63.56 -68.32
C LEU ZA 87 41.45 62.18 -68.02
N LEU ZA 88 40.73 61.35 -67.26
CA LEU ZA 88 41.24 60.04 -66.89
C LEU ZA 88 41.14 59.04 -68.04
N THR ZA 89 40.25 59.27 -68.99
CA THR ZA 89 40.01 58.32 -70.07
C THR ZA 89 40.33 58.88 -71.44
N GLY ZA 90 39.94 60.12 -71.74
CA GLY ZA 90 40.23 60.72 -73.02
C GLY ZA 90 39.10 60.67 -74.02
N GLU ZA 91 38.09 59.83 -73.81
CA GLU ZA 91 37.01 59.69 -74.76
C GLU ZA 91 35.86 60.63 -74.41
N ASN ZA 92 34.75 60.45 -75.11
CA ASN ZA 92 33.56 61.24 -74.82
C ASN ZA 92 32.96 60.81 -73.50
N PRO ZA 93 32.75 61.73 -72.55
CA PRO ZA 93 32.10 61.36 -71.29
C PRO ZA 93 30.72 60.74 -71.50
N LEU ZA 94 29.99 61.19 -72.52
CA LEU ZA 94 28.65 60.69 -72.76
C LEU ZA 94 28.68 59.22 -73.17
N GLN ZA 95 29.69 58.82 -73.94
CA GLN ZA 95 29.84 57.41 -74.29
C GLN ZA 95 30.11 56.57 -73.06
N VAL ZA 96 30.93 57.08 -72.15
CA VAL ZA 96 31.17 56.39 -70.89
C VAL ZA 96 29.88 56.24 -70.10
N LEU ZA 97 29.08 57.31 -70.06
CA LEU ZA 97 27.80 57.26 -69.37
C LEU ZA 97 26.88 56.22 -70.00
N VAL ZA 98 26.82 56.19 -71.32
CA VAL ZA 98 25.95 55.25 -72.02
C VAL ZA 98 26.37 53.82 -71.74
N ASN ZA 99 27.67 53.54 -71.84
CA ASN ZA 99 28.15 52.19 -71.58
C ASN ZA 99 27.91 51.78 -70.14
N ALA ZA 100 28.10 52.73 -69.21
CA ALA ZA 100 27.84 52.46 -67.81
C ALA ZA 100 26.37 52.12 -67.57
N ILE ZA 101 25.47 52.87 -68.20
CA ILE ZA 101 24.05 52.57 -68.08
C ILE ZA 101 23.76 51.19 -68.65
N ILE ZA 102 24.42 50.84 -69.75
CA ILE ZA 102 24.19 49.53 -70.36
C ILE ZA 102 24.59 48.42 -69.40
N ASN ZA 103 25.78 48.54 -68.81
CA ASN ZA 103 26.29 47.44 -67.99
C ASN ZA 103 25.73 47.43 -66.56
N SER ZA 104 25.13 48.53 -66.10
CA SER ZA 104 24.58 48.54 -64.75
C SER ZA 104 23.10 48.17 -64.70
N GLY ZA 105 22.44 48.04 -65.85
CA GLY ZA 105 21.06 47.65 -65.90
C GLY ZA 105 20.89 46.18 -65.59
N PRO ZA 106 20.27 45.87 -64.44
CA PRO ZA 106 20.08 44.47 -64.05
C PRO ZA 106 19.02 43.81 -64.91
N ARG ZA 107 19.41 42.73 -65.59
CA ARG ZA 107 18.61 42.14 -66.65
C ARG ZA 107 17.33 41.48 -66.15
N GLU ZA 108 17.34 40.96 -64.93
CA GLU ZA 108 16.13 40.35 -64.36
C GLU ZA 108 16.17 40.50 -62.84
N ASP ZA 109 15.00 40.39 -62.23
CA ASP ZA 109 14.86 40.56 -60.80
C ASP ZA 109 13.76 39.62 -60.32
N SER ZA 110 13.59 39.53 -59.00
CA SER ZA 110 12.61 38.64 -58.39
C SER ZA 110 11.63 39.45 -57.57
N THR ZA 111 10.35 39.11 -57.68
CA THR ZA 111 9.33 39.71 -56.85
C THR ZA 111 8.09 38.81 -56.81
N ARG ZA 112 7.46 38.74 -55.66
CA ARG ZA 112 6.23 37.99 -55.42
C ARG ZA 112 5.75 38.33 -54.02
N ILE ZA 113 4.75 37.62 -53.53
CA ILE ZA 113 4.12 37.93 -52.25
C ILE ZA 113 4.22 36.78 -51.26
N GLY ZA 114 3.99 35.53 -51.70
CA GLY ZA 114 3.89 34.42 -50.79
C GLY ZA 114 5.18 34.01 -50.08
N ARG ZA 115 5.19 32.80 -49.53
CA ARG ZA 115 6.33 32.29 -48.77
C ARG ZA 115 7.60 32.28 -49.60
N ALA ZA 116 8.58 33.06 -49.17
CA ALA ZA 116 9.81 33.22 -49.93
C ALA ZA 116 10.64 31.95 -49.91
N GLY ZA 117 11.07 31.51 -51.08
CA GLY ZA 117 12.02 30.42 -51.16
C GLY ZA 117 13.37 30.89 -50.65
N THR ZA 118 13.94 31.88 -51.32
CA THR ZA 118 15.13 32.58 -50.83
C THR ZA 118 14.83 34.03 -50.48
N VAL ZA 119 14.31 34.81 -51.45
CA VAL ZA 119 13.82 36.16 -51.21
C VAL ZA 119 12.42 36.35 -51.79
N ARG ZA 120 12.25 35.97 -53.07
CA ARG ZA 120 10.95 36.07 -53.73
C ARG ZA 120 10.63 34.74 -54.42
N ARG ZA 121 9.33 34.53 -54.67
CA ARG ZA 121 8.88 33.24 -55.18
C ARG ZA 121 9.27 33.03 -56.64
N GLN ZA 122 9.24 34.08 -57.46
CA GLN ZA 122 9.47 33.95 -58.90
C GLN ZA 122 10.60 34.86 -59.36
N ALA ZA 123 11.15 34.52 -60.52
CA ALA ZA 123 12.16 35.34 -61.19
C ALA ZA 123 11.57 35.89 -62.49
N VAL ZA 124 11.71 37.20 -62.70
CA VAL ZA 124 11.07 37.89 -63.81
C VAL ZA 124 12.10 38.76 -64.51
N ASP ZA 125 12.13 38.69 -65.84
CA ASP ZA 125 12.93 39.60 -66.64
C ASP ZA 125 12.24 40.97 -66.75
N VAL ZA 126 13.06 42.01 -66.90
CA VAL ZA 126 12.61 43.38 -66.72
C VAL ZA 126 12.50 44.07 -68.07
N SER ZA 127 11.78 45.18 -68.07
CA SER ZA 127 11.68 46.04 -69.24
C SER ZA 127 12.90 46.96 -69.33
N PRO ZA 128 13.21 47.47 -70.53
CA PRO ZA 128 14.34 48.38 -70.66
C PRO ZA 128 14.26 49.63 -69.82
N LEU ZA 129 13.06 50.18 -69.63
CA LEU ZA 129 12.93 51.39 -68.84
C LEU ZA 129 13.36 51.16 -67.39
N ARG ZA 130 12.95 50.03 -66.82
CA ARG ZA 130 13.41 49.70 -65.48
C ARG ZA 130 14.91 49.48 -65.43
N ARG ZA 131 15.49 48.89 -66.49
CA ARG ZA 131 16.94 48.78 -66.57
C ARG ZA 131 17.60 50.14 -66.44
N VAL ZA 132 17.17 51.10 -67.26
CA VAL ZA 132 17.78 52.42 -67.26
C VAL ZA 132 17.61 53.09 -65.90
N ASN ZA 133 16.39 53.06 -65.38
CA ASN ZA 133 16.10 53.75 -64.13
C ASN ZA 133 16.93 53.16 -63.00
N GLN ZA 134 16.99 51.83 -62.92
CA GLN ZA 134 17.71 51.20 -61.83
C GLN ZA 134 19.21 51.40 -61.97
N ALA ZA 135 19.72 51.42 -63.21
CA ALA ZA 135 21.13 51.71 -63.43
C ALA ZA 135 21.47 53.09 -62.92
N ILE ZA 136 20.65 54.09 -63.26
CA ILE ZA 136 20.90 55.45 -62.80
C ILE ZA 136 20.84 55.53 -61.29
N TRP ZA 137 19.82 54.90 -60.70
CA TRP ZA 137 19.65 54.94 -59.25
C TRP ZA 137 20.83 54.31 -58.55
N LEU ZA 138 21.30 53.18 -59.08
CA LEU ZA 138 22.44 52.48 -58.51
C LEU ZA 138 23.69 53.33 -58.59
N LEU ZA 139 23.88 54.01 -59.72
CA LEU ZA 139 25.06 54.86 -59.88
C LEU ZA 139 25.06 55.98 -58.86
N CYS ZA 140 23.92 56.64 -58.70
CA CYS ZA 140 23.85 57.74 -57.74
C CYS ZA 140 24.05 57.25 -56.31
N THR ZA 141 23.48 56.09 -55.99
CA THR ZA 141 23.68 55.52 -54.66
C THR ZA 141 25.16 55.20 -54.42
N GLY ZA 142 25.81 54.61 -55.43
CA GLY ZA 142 27.21 54.27 -55.28
C GLY ZA 142 28.07 55.50 -55.06
N ALA ZA 143 27.83 56.55 -55.83
CA ALA ZA 143 28.60 57.79 -55.64
C ALA ZA 143 28.33 58.39 -54.26
N ARG ZA 144 27.06 58.41 -53.84
CA ARG ZA 144 26.68 59.03 -52.58
C ARG ZA 144 27.36 58.36 -51.39
N GLU ZA 145 27.24 57.04 -51.28
CA GLU ZA 145 27.89 56.38 -50.15
C GLU ZA 145 29.36 56.06 -50.42
N ALA ZA 146 29.87 56.38 -51.60
CA ALA ZA 146 31.31 56.38 -51.77
C ALA ZA 146 31.92 57.66 -51.19
N ALA ZA 147 31.23 58.78 -51.31
CA ALA ZA 147 31.80 60.05 -50.89
C ALA ZA 147 31.35 60.50 -49.51
N PHE ZA 148 30.67 59.64 -48.75
CA PHE ZA 148 30.01 60.09 -47.52
C PHE ZA 148 30.98 60.64 -46.48
N ARG ZA 149 31.86 59.80 -45.96
CA ARG ZA 149 32.69 60.21 -44.84
C ARG ZA 149 34.17 60.09 -45.16
N ASN ZA 150 34.56 60.58 -46.33
CA ASN ZA 150 35.96 60.54 -46.75
C ASN ZA 150 36.32 61.85 -47.43
N ILE ZA 151 37.62 62.13 -47.49
CA ILE ZA 151 38.07 63.38 -48.08
C ILE ZA 151 37.82 63.38 -49.59
N LYS ZA 152 37.75 62.22 -50.22
CA LYS ZA 152 37.54 62.16 -51.65
C LYS ZA 152 36.15 62.69 -51.99
N THR ZA 153 36.11 63.79 -52.75
CA THR ZA 153 34.88 64.54 -52.93
C THR ZA 153 33.90 63.77 -53.81
N ILE ZA 154 32.68 64.33 -53.92
CA ILE ZA 154 31.61 63.63 -54.62
C ILE ZA 154 31.90 63.51 -56.10
N ALA ZA 155 32.60 64.49 -56.68
CA ALA ZA 155 32.84 64.48 -58.11
C ALA ZA 155 33.68 63.28 -58.52
N GLU ZA 156 34.77 63.02 -57.78
CA GLU ZA 156 35.64 61.90 -58.14
C GLU ZA 156 34.94 60.57 -57.91
N CYS ZA 157 34.11 60.49 -56.86
CA CYS ZA 157 33.36 59.27 -56.62
C CYS ZA 157 32.41 58.99 -57.79
N LEU ZA 158 31.72 60.02 -58.25
CA LEU ZA 158 30.85 59.84 -59.41
C LEU ZA 158 31.67 59.45 -60.63
N ALA ZA 159 32.84 60.07 -60.79
CA ALA ZA 159 33.68 59.84 -61.95
C ALA ZA 159 34.14 58.39 -62.00
N ASP ZA 160 34.73 57.90 -60.92
CA ASP ZA 160 35.23 56.53 -60.96
C ASP ZA 160 34.12 55.49 -60.88
N GLU ZA 161 32.98 55.84 -60.28
CA GLU ZA 161 31.82 54.95 -60.36
C GLU ZA 161 31.41 54.75 -61.81
N LEU ZA 162 31.29 55.84 -62.57
CA LEU ZA 162 30.92 55.71 -63.97
C LEU ZA 162 32.01 55.02 -64.78
N ILE ZA 163 33.29 55.28 -64.47
CA ILE ZA 163 34.36 54.64 -65.22
C ILE ZA 163 34.34 53.13 -64.99
N ASN ZA 164 34.21 52.72 -63.72
CA ASN ZA 164 34.18 51.29 -63.41
C ASN ZA 164 32.93 50.62 -63.97
N ALA ZA 165 31.81 51.34 -63.97
CA ALA ZA 165 30.59 50.75 -64.52
C ALA ZA 165 30.65 50.69 -66.05
N ALA ZA 166 31.39 51.61 -66.67
CA ALA ZA 166 31.53 51.58 -68.12
C ALA ZA 166 32.30 50.37 -68.60
N LYS ZA 167 33.18 49.83 -67.75
CA LYS ZA 167 33.91 48.62 -68.08
C LYS ZA 167 33.35 47.40 -67.35
N GLY ZA 168 33.15 47.51 -66.05
CA GLY ZA 168 32.80 46.37 -65.23
C GLY ZA 168 34.03 45.86 -64.52
N SER ZA 169 34.15 46.17 -63.23
CA SER ZA 169 35.37 45.81 -62.49
C SER ZA 169 35.09 45.32 -61.08
N SER ZA 170 33.84 45.18 -60.68
CA SER ZA 170 33.42 44.82 -59.32
C SER ZA 170 33.91 45.81 -58.27
N ASN ZA 171 34.48 46.94 -58.69
CA ASN ZA 171 34.87 48.01 -57.79
C ASN ZA 171 33.84 49.11 -57.73
N SER ZA 172 32.70 48.93 -58.37
CA SER ZA 172 31.62 49.90 -58.34
C SER ZA 172 30.40 49.29 -57.65
N TYR ZA 173 29.73 50.10 -56.84
CA TYR ZA 173 28.57 49.64 -56.10
C TYR ZA 173 27.47 49.14 -57.03
N ALA ZA 174 27.33 49.78 -58.19
CA ALA ZA 174 26.20 49.49 -59.07
C ALA ZA 174 26.25 48.06 -59.58
N ILE ZA 175 27.37 47.65 -60.16
CA ILE ZA 175 27.40 46.30 -60.75
C ILE ZA 175 27.57 45.24 -59.69
N LYS ZA 176 28.14 45.57 -58.52
CA LYS ZA 176 28.11 44.64 -57.41
C LYS ZA 176 26.67 44.30 -57.04
N LYS ZA 177 25.84 45.34 -56.87
CA LYS ZA 177 24.45 45.12 -56.52
C LYS ZA 177 23.70 44.42 -57.65
N LYS ZA 178 24.05 44.75 -58.89
CA LYS ZA 178 23.43 44.09 -60.04
C LYS ZA 178 23.73 42.61 -60.05
N ASP ZA 179 24.99 42.25 -59.76
CA ASP ZA 179 25.37 40.84 -59.74
C ASP ZA 179 24.66 40.11 -58.62
N GLU ZA 180 24.51 40.77 -57.46
CA GLU ZA 180 23.72 40.16 -56.40
C GLU ZA 180 22.30 39.89 -56.86
N LEU ZA 181 21.69 40.88 -57.54
CA LEU ZA 181 20.33 40.71 -58.04
C LEU ZA 181 20.24 39.56 -59.03
N GLU ZA 182 21.21 39.47 -59.94
CA GLU ZA 182 21.16 38.41 -60.94
C GLU ZA 182 21.33 37.04 -60.30
N ARG ZA 183 22.22 36.94 -59.30
CA ARG ZA 183 22.37 35.67 -58.59
C ARG ZA 183 21.08 35.29 -57.89
N VAL ZA 184 20.44 36.26 -57.24
CA VAL ZA 184 19.17 35.99 -56.56
C VAL ZA 184 18.12 35.52 -57.55
N ALA ZA 185 18.04 36.20 -58.69
CA ALA ZA 185 17.03 35.84 -59.69
C ALA ZA 185 17.29 34.45 -60.26
N LYS ZA 186 18.55 34.12 -60.54
CA LYS ZA 186 18.84 32.80 -61.09
C LYS ZA 186 18.56 31.71 -60.08
N SER ZA 187 18.92 31.94 -58.82
CA SER ZA 187 18.59 30.97 -57.78
C SER ZA 187 17.08 30.81 -57.63
N ASN ZA 188 16.35 31.91 -57.68
CA ASN ZA 188 14.90 31.87 -57.58
C ASN ZA 188 14.21 31.62 -58.92
N ARG ZA 189 14.91 31.03 -59.88
CA ARG ZA 189 14.29 30.70 -61.15
C ARG ZA 189 13.15 29.72 -60.95
N MET AB 1 -27.58 99.60 -1.85
CA MET AB 1 -26.56 100.49 -2.39
C MET AB 1 -26.39 101.73 -1.51
N LEU AB 2 -25.19 101.92 -1.00
CA LEU AB 2 -24.84 103.09 -0.20
C LEU AB 2 -24.70 104.34 -1.05
N MET AB 3 -25.13 104.29 -2.30
CA MET AB 3 -25.01 105.42 -3.20
C MET AB 3 -25.79 106.62 -2.68
N PRO AB 4 -25.27 107.82 -2.81
CA PRO AB 4 -25.86 108.98 -2.14
C PRO AB 4 -27.14 109.43 -2.84
N LYS AB 5 -27.73 110.50 -2.30
CA LYS AB 5 -28.87 111.13 -2.97
C LYS AB 5 -28.42 111.93 -4.19
N LYS AB 6 -27.29 112.62 -4.07
CA LYS AB 6 -26.87 113.57 -5.11
C LYS AB 6 -26.78 112.93 -6.48
N ASN AB 7 -26.47 111.63 -6.55
CA ASN AB 7 -26.50 110.92 -7.80
C ASN AB 7 -27.78 110.13 -8.02
N ARG AB 8 -28.49 109.77 -6.95
CA ARG AB 8 -29.76 109.08 -7.11
C ARG AB 8 -30.75 109.95 -7.87
N ILE AB 9 -30.92 111.19 -7.41
CA ILE AB 9 -31.83 112.11 -8.10
C ILE AB 9 -31.29 112.48 -9.48
N ALA AB 10 -29.97 112.57 -9.64
CA ALA AB 10 -29.40 112.88 -10.95
C ALA AB 10 -29.73 111.78 -11.97
N ILE AB 11 -29.52 110.53 -11.56
CA ILE AB 11 -29.85 109.41 -12.44
C ILE AB 11 -31.35 109.37 -12.69
N TYR AB 12 -32.15 109.67 -11.67
CA TYR AB 12 -33.60 109.63 -11.83
C TYR AB 12 -34.08 110.69 -12.81
N GLU AB 13 -33.50 111.90 -12.75
CA GLU AB 13 -33.93 112.95 -13.66
C GLU AB 13 -33.40 112.70 -15.07
N LEU AB 14 -32.24 112.05 -15.19
CA LEU AB 14 -31.82 111.62 -16.53
C LEU AB 14 -32.79 110.59 -17.09
N LEU AB 15 -33.21 109.64 -16.26
CA LEU AB 15 -34.16 108.62 -16.67
C LEU AB 15 -35.53 109.21 -17.01
N PHE AB 16 -35.89 110.31 -16.36
CA PHE AB 16 -37.19 110.90 -16.64
C PHE AB 16 -37.14 111.89 -17.79
N LYS AB 17 -35.95 112.43 -18.08
CA LYS AB 17 -35.83 113.37 -19.19
C LYS AB 17 -36.08 112.67 -20.52
N GLU AB 18 -35.57 111.45 -20.68
CA GLU AB 18 -35.85 110.63 -21.85
C GLU AB 18 -36.25 109.24 -21.39
N GLY AB 19 -37.17 108.61 -22.11
CA GLY AB 19 -37.83 107.40 -21.66
C GLY AB 19 -36.94 106.20 -21.43
N VAL AB 20 -35.71 106.22 -21.93
CA VAL AB 20 -34.77 105.12 -21.78
C VAL AB 20 -33.44 105.67 -21.29
N MET AB 21 -32.51 104.76 -21.03
CA MET AB 21 -31.14 105.11 -20.72
C MET AB 21 -30.27 103.89 -21.01
N VAL AB 22 -29.04 104.15 -21.42
CA VAL AB 22 -28.15 103.10 -21.93
C VAL AB 22 -26.98 102.95 -20.97
N ALA AB 23 -26.74 101.71 -20.52
CA ALA AB 23 -25.67 101.44 -19.56
C ALA AB 23 -24.90 100.20 -19.99
N LYS AB 24 -23.58 100.29 -19.97
CA LYS AB 24 -22.73 99.16 -20.32
C LYS AB 24 -22.32 98.40 -19.07
N LYS AB 25 -22.27 97.09 -19.17
CA LYS AB 25 -21.99 96.23 -18.03
C LYS AB 25 -20.50 96.24 -17.68
N ASP AB 26 -20.09 97.16 -16.80
CA ASP AB 26 -18.74 97.16 -16.27
C ASP AB 26 -18.82 97.79 -14.88
N VAL AB 27 -18.78 96.93 -13.84
CA VAL AB 27 -18.87 97.42 -12.48
C VAL AB 27 -17.60 98.15 -12.04
N HIS AB 28 -16.50 97.94 -12.76
CA HIS AB 28 -15.25 98.59 -12.43
C HIS AB 28 -15.00 99.85 -13.24
N MET AB 29 -15.97 100.25 -14.05
CA MET AB 29 -15.90 101.53 -14.75
C MET AB 29 -15.98 102.66 -13.74
N PRO AB 30 -15.03 103.61 -13.74
CA PRO AB 30 -15.06 104.66 -12.72
C PRO AB 30 -16.28 105.55 -12.83
N LYS AB 31 -16.84 105.66 -14.03
CA LYS AB 31 -17.86 106.67 -14.32
C LYS AB 31 -18.75 106.20 -15.45
N HIS AB 32 -20.05 106.36 -15.28
CA HIS AB 32 -20.97 106.15 -16.38
C HIS AB 32 -20.86 107.31 -17.34
N PRO AB 33 -20.69 107.06 -18.67
CA PRO AB 33 -20.22 108.12 -19.57
C PRO AB 33 -21.04 109.40 -19.62
N GLU AB 34 -22.33 109.32 -19.90
CA GLU AB 34 -23.08 110.58 -19.90
C GLU AB 34 -23.28 111.06 -18.46
N LEU AB 35 -23.74 112.31 -18.33
CA LEU AB 35 -23.64 113.07 -17.08
C LEU AB 35 -22.25 112.93 -16.47
N ALA AB 36 -21.23 113.10 -17.32
CA ALA AB 36 -19.84 112.82 -16.96
C ALA AB 36 -19.35 113.65 -15.78
N ASP AB 37 -19.87 114.86 -15.61
CA ASP AB 37 -19.44 115.74 -14.54
C ASP AB 37 -20.07 115.40 -13.20
N LYS AB 38 -21.05 114.50 -13.18
CA LYS AB 38 -21.73 114.15 -11.95
C LYS AB 38 -20.96 113.18 -11.09
N ASN AB 39 -19.88 112.60 -11.62
CA ASN AB 39 -18.99 111.71 -10.87
C ASN AB 39 -19.77 110.55 -10.23
N VAL AB 40 -20.34 109.72 -11.09
CA VAL AB 40 -21.20 108.61 -10.67
C VAL AB 40 -20.57 107.32 -11.15
N PRO AB 41 -20.11 106.45 -10.28
CA PRO AB 41 -19.58 105.16 -10.72
C PRO AB 41 -20.67 104.32 -11.37
N ASN AB 42 -20.26 103.51 -12.35
CA ASN AB 42 -21.19 102.72 -13.11
C ASN AB 42 -21.93 101.71 -12.25
N LEU AB 43 -21.30 101.24 -11.17
CA LEU AB 43 -21.94 100.27 -10.29
C LEU AB 43 -23.17 100.86 -9.63
N HIS AB 44 -23.07 102.11 -9.19
CA HIS AB 44 -24.21 102.78 -8.56
C HIS AB 44 -25.39 102.90 -9.51
N VAL AB 45 -25.13 103.32 -10.76
CA VAL AB 45 -26.24 103.49 -11.69
C VAL AB 45 -26.83 102.13 -12.06
N MET AB 46 -25.99 101.11 -12.20
CA MET AB 46 -26.53 99.78 -12.50
C MET AB 46 -27.42 99.27 -11.38
N LYS AB 47 -26.97 99.40 -10.13
CA LYS AB 47 -27.80 98.87 -9.04
C LYS AB 47 -29.03 99.72 -8.80
N ALA AB 48 -28.95 101.04 -9.05
CA ALA AB 48 -30.15 101.86 -8.95
C ALA AB 48 -31.19 101.43 -9.98
N MET AB 49 -30.74 101.21 -11.22
CA MET AB 49 -31.67 100.77 -12.25
C MET AB 49 -32.20 99.38 -11.95
N GLN AB 50 -31.37 98.53 -11.36
CA GLN AB 50 -31.80 97.19 -10.98
C GLN AB 50 -32.86 97.25 -9.88
N SER AB 51 -32.68 98.15 -8.90
CA SER AB 51 -33.70 98.31 -7.87
C SER AB 51 -35.00 98.81 -8.45
N LEU AB 52 -34.91 99.76 -9.39
CA LEU AB 52 -36.12 100.24 -10.04
C LEU AB 52 -36.82 99.13 -10.82
N LYS AB 53 -36.04 98.28 -11.48
CA LYS AB 53 -36.60 97.11 -12.17
C LYS AB 53 -37.26 96.16 -11.19
N SER AB 54 -36.63 95.95 -10.03
CA SER AB 54 -37.21 95.10 -9.00
C SER AB 54 -38.55 95.63 -8.55
N ARG AB 55 -38.67 96.95 -8.41
CA ARG AB 55 -39.97 97.53 -8.12
C ARG AB 55 -40.80 97.77 -9.37
N GLY AB 56 -40.33 97.30 -10.53
CA GLY AB 56 -41.17 97.19 -11.70
C GLY AB 56 -41.37 98.46 -12.50
N TYR AB 57 -40.80 99.58 -12.08
CA TYR AB 57 -41.01 100.83 -12.78
C TYR AB 57 -40.26 100.91 -14.10
N VAL AB 58 -39.36 99.97 -14.36
CA VAL AB 58 -38.52 99.98 -15.55
C VAL AB 58 -38.26 98.52 -15.94
N LYS AB 59 -38.24 98.25 -17.25
CA LYS AB 59 -37.89 96.92 -17.74
C LYS AB 59 -36.56 96.99 -18.47
N GLU AB 60 -35.88 95.85 -18.55
CA GLU AB 60 -34.47 95.79 -18.91
C GLU AB 60 -34.26 94.82 -20.06
N GLN AB 61 -33.57 95.28 -21.10
CA GLN AB 61 -33.18 94.43 -22.21
C GLN AB 61 -31.67 94.30 -22.24
N PHE AB 62 -31.19 93.07 -22.30
CA PHE AB 62 -29.76 92.79 -22.21
C PHE AB 62 -29.23 92.33 -23.57
N ALA AB 63 -28.43 93.16 -24.21
CA ALA AB 63 -27.68 92.77 -25.40
C ALA AB 63 -26.31 92.25 -24.96
N TRP AB 64 -25.38 92.16 -25.91
CA TRP AB 64 -24.07 91.56 -25.69
C TRP AB 64 -23.43 91.97 -24.37
N ARG AB 65 -23.19 93.27 -24.18
CA ARG AB 65 -22.60 93.77 -22.95
C ARG AB 65 -23.25 95.10 -22.54
N HIS AB 66 -24.58 95.18 -22.62
CA HIS AB 66 -25.22 96.45 -22.37
C HIS AB 66 -26.59 96.27 -21.74
N PHE AB 67 -27.08 97.36 -21.15
CA PHE AB 67 -28.43 97.45 -20.62
C PHE AB 67 -29.19 98.57 -21.33
N TYR AB 68 -30.48 98.36 -21.54
CA TYR AB 68 -31.32 99.22 -22.37
C TYR AB 68 -32.62 99.53 -21.67
N TRP AB 69 -32.51 99.97 -20.41
CA TRP AB 69 -33.67 100.06 -19.53
C TRP AB 69 -34.79 100.90 -20.13
N TYR AB 70 -36.00 100.33 -20.16
CA TYR AB 70 -37.19 100.98 -20.67
C TYR AB 70 -38.10 101.34 -19.50
N LEU AB 71 -38.24 102.63 -19.24
CA LEU AB 71 -39.13 103.09 -18.18
C LEU AB 71 -40.57 102.71 -18.50
N THR AB 72 -41.33 102.38 -17.45
CA THR AB 72 -42.70 101.93 -17.59
C THR AB 72 -43.69 102.99 -17.12
N ASN AB 73 -44.96 102.74 -17.43
CA ASN AB 73 -46.02 103.65 -17.04
C ASN AB 73 -46.13 103.76 -15.53
N GLU AB 74 -45.88 102.66 -14.81
CA GLU AB 74 -45.79 102.72 -13.36
C GLU AB 74 -44.57 103.48 -12.88
N GLY AB 75 -43.62 103.75 -13.77
CA GLY AB 75 -42.47 104.57 -13.42
C GLY AB 75 -42.75 106.03 -13.60
N ILE AB 76 -43.78 106.34 -14.41
CA ILE AB 76 -44.13 107.74 -14.68
C ILE AB 76 -44.45 108.47 -13.38
N GLN AB 77 -45.49 108.00 -12.69
CA GLN AB 77 -45.93 108.67 -11.47
C GLN AB 77 -44.89 108.56 -10.36
N TYR AB 78 -44.08 107.49 -10.37
CA TYR AB 78 -43.07 107.34 -9.34
C TYR AB 78 -41.96 108.37 -9.52
N LEU AB 79 -41.51 108.58 -10.75
CA LEU AB 79 -40.57 109.67 -11.01
C LEU AB 79 -41.21 111.01 -10.72
N ARG AB 80 -42.51 111.13 -10.99
CA ARG AB 80 -43.19 112.40 -10.76
C ARG AB 80 -43.19 112.78 -9.29
N ASP AB 81 -43.63 111.86 -8.44
CA ASP AB 81 -43.71 112.16 -7.01
C ASP AB 81 -42.40 111.92 -6.27
N TYR AB 82 -41.36 111.43 -6.96
CA TYR AB 82 -40.04 111.40 -6.34
C TYR AB 82 -39.24 112.64 -6.72
N LEU AB 83 -39.55 113.24 -7.87
CA LEU AB 83 -38.93 114.48 -8.29
C LEU AB 83 -39.72 115.72 -7.89
N HIS AB 84 -40.89 115.55 -7.28
CA HIS AB 84 -41.80 116.64 -6.95
C HIS AB 84 -42.09 117.50 -8.20
N LEU AB 85 -42.66 116.85 -9.20
CA LEU AB 85 -42.91 117.48 -10.47
C LEU AB 85 -44.35 117.18 -10.89
N PRO AB 86 -45.14 118.19 -11.27
CA PRO AB 86 -46.56 117.96 -11.50
C PRO AB 86 -46.78 117.13 -12.75
N PRO AB 87 -47.94 116.50 -12.88
CA PRO AB 87 -48.22 115.73 -14.09
C PRO AB 87 -48.47 116.57 -15.33
N GLU AB 88 -47.55 117.45 -15.65
CA GLU AB 88 -47.59 118.20 -16.90
C GLU AB 88 -46.26 118.13 -17.63
N ILE AB 89 -45.18 117.83 -16.92
CA ILE AB 89 -43.89 117.59 -17.56
C ILE AB 89 -43.74 116.08 -17.77
N VAL AB 90 -43.46 115.69 -19.01
CA VAL AB 90 -43.40 114.28 -19.40
C VAL AB 90 -42.01 114.00 -19.91
N PRO AB 91 -41.61 112.72 -19.96
CA PRO AB 91 -40.38 112.36 -20.68
C PRO AB 91 -40.49 112.65 -22.16
N ALA AB 92 -39.34 112.66 -22.82
CA ALA AB 92 -39.27 113.07 -24.23
C ALA AB 92 -40.11 112.16 -25.12
N THR AB 93 -40.05 110.85 -24.87
CA THR AB 93 -40.77 109.90 -25.71
C THR AB 93 -42.28 110.03 -25.57
N LEU AB 94 -42.77 110.70 -24.54
CA LEU AB 94 -44.20 110.77 -24.28
C LEU AB 94 -44.89 111.73 -25.24
N ARG AB 95 -44.51 113.01 -25.19
CA ARG AB 95 -45.06 114.03 -26.07
C ARG AB 95 -43.93 114.67 -26.85
N ARG AB 96 -44.24 115.05 -28.09
CA ARG AB 96 -43.29 115.77 -28.94
C ARG AB 96 -44.05 116.77 -29.80
N SER AB 97 -43.77 118.06 -29.56
CA SER AB 97 -44.34 119.17 -30.33
C SER AB 97 -45.86 119.24 -30.31
N ARG AB 98 -46.49 118.63 -29.32
CA ARG AB 98 -47.95 118.69 -29.19
C ARG AB 98 -48.38 119.17 -27.81
N VAL BB 1 -54.08 131.49 14.70
CA VAL BB 1 -52.94 130.59 14.75
C VAL BB 1 -52.83 129.78 13.46
N MET BB 2 -53.97 129.60 12.78
CA MET BB 2 -54.00 128.77 11.58
C MET BB 2 -53.21 129.38 10.43
N ASP BB 3 -53.20 130.72 10.33
CA ASP BB 3 -52.49 131.39 9.26
C ASP BB 3 -51.00 131.07 9.29
N VAL BB 4 -50.35 131.38 10.42
CA VAL BB 4 -48.92 131.12 10.54
C VAL BB 4 -48.65 129.62 10.57
N ASN BB 5 -49.60 128.83 11.07
CA ASN BB 5 -49.39 127.38 11.15
C ASN BB 5 -49.30 126.79 9.75
N THR BB 6 -50.28 127.10 8.89
CA THR BB 6 -50.20 126.66 7.50
C THR BB 6 -49.05 127.33 6.76
N ALA BB 7 -48.65 128.53 7.20
CA ALA BB 7 -47.49 129.17 6.59
C ALA BB 7 -46.23 128.34 6.80
N LEU BB 8 -45.95 127.92 8.04
CA LEU BB 8 -44.76 127.08 8.17
C LEU BB 8 -44.99 125.67 7.64
N GLN BB 9 -46.25 125.23 7.55
CA GLN BB 9 -46.51 123.95 6.89
C GLN BB 9 -46.04 123.98 5.44
N GLU BB 10 -46.44 125.01 4.69
CA GLU BB 10 -45.99 125.11 3.31
C GLU BB 10 -44.49 125.41 3.23
N VAL BB 11 -43.94 126.14 4.21
CA VAL BB 11 -42.50 126.41 4.20
C VAL BB 11 -41.71 125.10 4.37
N LEU BB 12 -42.09 124.27 5.35
CA LEU BB 12 -41.40 122.99 5.51
C LEU BB 12 -41.69 122.05 4.36
N LYS BB 13 -42.86 122.20 3.71
CA LYS BB 13 -43.15 121.43 2.53
C LYS BB 13 -42.16 121.75 1.42
N THR BB 14 -41.95 123.05 1.14
CA THR BB 14 -40.93 123.43 0.19
C THR BB 14 -39.55 123.01 0.66
N ALA BB 15 -39.35 122.93 1.98
CA ALA BB 15 -38.07 122.45 2.50
C ALA BB 15 -37.83 120.97 2.16
N LEU BB 16 -38.85 120.13 2.27
CA LEU BB 16 -38.73 118.74 1.77
C LEU BB 16 -38.52 118.73 0.26
N ILE BB 17 -39.15 119.66 -0.45
CA ILE BB 17 -38.92 119.72 -1.88
C ILE BB 17 -37.46 119.92 -2.17
N HIS BB 18 -36.81 120.84 -1.45
CA HIS BB 18 -35.40 121.11 -1.63
C HIS BB 18 -34.58 120.39 -0.55
N ASP BB 19 -33.34 120.83 -0.37
CA ASP BB 19 -32.40 120.21 0.55
C ASP BB 19 -32.23 120.99 1.86
N GLY BB 20 -32.68 122.23 1.92
CA GLY BB 20 -32.46 123.04 3.11
C GLY BB 20 -33.37 122.66 4.26
N LEU BB 21 -33.15 121.48 4.83
CA LEU BB 21 -34.03 120.94 5.85
C LEU BB 21 -33.31 120.65 7.17
N ALA BB 22 -32.22 119.87 7.14
CA ALA BB 22 -31.36 119.59 8.29
C ALA BB 22 -32.16 119.07 9.49
N ARG BB 23 -32.76 117.89 9.29
CA ARG BB 23 -33.46 117.19 10.37
C ARG BB 23 -32.43 116.52 11.26
N GLY BB 24 -32.27 117.02 12.47
CA GLY BB 24 -31.27 116.52 13.40
C GLY BB 24 -30.49 117.71 13.92
N ILE BB 25 -30.17 117.67 15.21
CA ILE BB 25 -29.54 118.81 15.87
C ILE BB 25 -28.12 119.05 15.37
N ARG BB 26 -27.42 118.00 14.93
CA ARG BB 26 -26.05 118.21 14.46
C ARG BB 26 -26.02 119.03 13.18
N GLU BB 27 -26.81 118.63 12.18
CA GLU BB 27 -26.91 119.42 10.96
C GLU BB 27 -27.51 120.79 11.24
N ALA BB 28 -28.43 120.87 12.19
CA ALA BB 28 -29.01 122.16 12.56
C ALA BB 28 -27.93 123.10 13.09
N ALA BB 29 -27.09 122.61 13.99
CA ALA BB 29 -26.01 123.43 14.52
C ALA BB 29 -25.00 123.80 13.44
N LYS BB 30 -24.73 122.87 12.52
CA LYS BB 30 -23.83 123.19 11.42
C LYS BB 30 -24.42 124.29 10.54
N ALA BB 31 -25.74 124.25 10.34
CA ALA BB 31 -26.40 125.34 9.64
C ALA BB 31 -26.32 126.64 10.42
N LEU BB 32 -26.40 126.55 11.74
CA LEU BB 32 -26.42 127.74 12.59
C LEU BB 32 -25.08 128.46 12.56
N ASP BB 33 -24.03 127.80 13.02
CA ASP BB 33 -22.75 128.46 13.22
C ASP BB 33 -22.10 128.93 11.93
N LYS BB 34 -22.52 128.41 10.79
CA LYS BB 34 -22.07 128.89 9.50
C LYS BB 34 -22.84 130.11 9.03
N ARG BB 35 -23.82 130.57 9.82
CA ARG BB 35 -24.77 131.63 9.48
C ARG BB 35 -25.57 131.31 8.21
N GLN BB 36 -25.57 130.05 7.79
CA GLN BB 36 -26.39 129.62 6.66
C GLN BB 36 -27.71 129.05 7.16
N ALA BB 37 -28.56 129.94 7.65
CA ALA BB 37 -29.84 129.53 8.22
C ALA BB 37 -30.83 130.67 8.11
N HIS BB 38 -32.10 130.33 8.21
CA HIS BB 38 -33.18 131.30 8.18
C HIS BB 38 -34.18 131.12 9.30
N LEU BB 39 -34.54 129.88 9.63
CA LEU BB 39 -35.51 129.58 10.66
C LEU BB 39 -35.05 128.40 11.50
N CYS BB 40 -35.58 128.33 12.72
CA CYS BB 40 -35.33 127.23 13.62
C CYS BB 40 -36.60 127.00 14.43
N VAL BB 41 -37.19 125.82 14.30
CA VAL BB 41 -38.39 125.46 15.04
C VAL BB 41 -37.99 124.52 16.16
N LEU BB 42 -38.73 124.54 17.26
CA LEU BB 42 -38.48 123.67 18.39
C LEU BB 42 -39.75 123.00 18.84
N ALA BB 43 -39.66 121.70 19.12
CA ALA BB 43 -40.76 120.99 19.78
C ALA BB 43 -40.83 121.47 21.22
N SER BB 44 -41.96 122.05 21.60
CA SER BB 44 -42.14 122.48 22.98
C SER BB 44 -42.30 121.31 23.93
N ASN BB 45 -42.42 120.08 23.41
CA ASN BB 45 -42.48 118.88 24.22
C ASN BB 45 -41.16 118.13 24.06
N CYS BB 46 -40.22 118.40 24.96
CA CYS BB 46 -38.96 117.68 25.03
C CYS BB 46 -38.57 117.48 26.48
N ASP BB 47 -38.40 116.23 26.89
CA ASP BB 47 -38.07 115.94 28.28
C ASP BB 47 -36.66 116.35 28.64
N GLU BB 48 -35.76 116.33 27.66
CA GLU BB 48 -34.34 116.50 27.94
C GLU BB 48 -34.10 117.95 28.36
N PRO BB 49 -33.46 118.19 29.51
CA PRO BB 49 -33.42 119.56 30.07
C PRO BB 49 -32.76 120.60 29.17
N MET BB 50 -31.51 120.36 28.76
CA MET BB 50 -30.79 121.34 27.97
C MET BB 50 -30.88 121.11 26.47
N TYR BB 51 -31.65 120.12 26.03
CA TYR BB 51 -31.95 119.98 24.60
C TYR BB 51 -32.70 121.21 24.09
N VAL BB 52 -33.71 121.67 24.85
CA VAL BB 52 -34.42 122.89 24.48
C VAL BB 52 -33.65 124.14 24.83
N LYS BB 53 -32.45 124.01 25.39
CA LYS BB 53 -31.66 125.13 25.86
C LYS BB 53 -30.43 125.39 25.01
N LEU BB 54 -29.71 124.33 24.60
CA LEU BB 54 -28.62 124.52 23.65
C LEU BB 54 -29.12 125.15 22.37
N VAL BB 55 -30.23 124.66 21.83
CA VAL BB 55 -30.71 125.13 20.53
C VAL BB 55 -31.18 126.58 20.64
N GLU BB 56 -31.89 126.93 21.71
CA GLU BB 56 -32.34 128.31 21.83
C GLU BB 56 -31.18 129.25 22.08
N ALA BB 57 -30.18 128.81 22.85
CA ALA BB 57 -29.00 129.63 23.05
C ALA BB 57 -28.31 129.90 21.72
N LEU BB 58 -28.12 128.85 20.92
CA LEU BB 58 -27.43 129.01 19.63
C LEU BB 58 -28.23 129.91 18.70
N CYS BB 59 -29.55 129.75 18.66
CA CYS BB 59 -30.34 130.59 17.77
C CYS BB 59 -30.37 132.03 18.24
N ALA BB 60 -30.35 132.26 19.56
CA ALA BB 60 -30.38 133.63 20.07
C ALA BB 60 -29.04 134.33 19.89
N GLU BB 61 -27.94 133.56 19.90
CA GLU BB 61 -26.62 134.15 19.68
C GLU BB 61 -26.52 134.78 18.30
N HIS BB 62 -27.11 134.13 17.30
CA HIS BB 62 -27.16 134.68 15.96
C HIS BB 62 -28.47 135.43 15.78
N GLN BB 63 -28.81 135.77 14.54
CA GLN BB 63 -30.05 136.50 14.25
C GLN BB 63 -30.94 135.60 13.39
N ILE BB 64 -31.71 134.74 14.06
CA ILE BB 64 -32.58 133.76 13.41
C ILE BB 64 -33.84 133.60 14.26
N ASN BB 65 -34.98 133.41 13.59
CA ASN BB 65 -36.24 133.19 14.30
C ASN BB 65 -36.22 131.90 15.09
N LEU BB 66 -37.05 131.85 16.14
CA LEU BB 66 -37.33 130.64 16.90
C LEU BB 66 -38.82 130.42 16.96
N ILE BB 67 -39.26 129.20 16.66
CA ILE BB 67 -40.67 128.84 16.68
C ILE BB 67 -40.84 127.60 17.55
N LYS BB 68 -41.87 127.62 18.37
CA LYS BB 68 -42.18 126.49 19.25
C LYS BB 68 -43.40 125.75 18.72
N VAL BB 69 -43.22 124.45 18.47
CA VAL BB 69 -44.30 123.59 18.02
C VAL BB 69 -44.66 122.64 19.16
N ASP BB 70 -45.92 122.23 19.18
CA ASP BB 70 -46.50 121.58 20.36
C ASP BB 70 -45.80 120.26 20.69
N ASP BB 71 -45.68 119.36 19.73
CA ASP BB 71 -45.20 118.02 20.01
C ASP BB 71 -44.18 117.59 18.96
N ASN BB 72 -43.21 116.78 19.39
CA ASN BB 72 -42.20 116.27 18.48
C ASN BB 72 -42.77 115.36 17.41
N LYS BB 73 -43.73 114.51 17.78
CA LYS BB 73 -44.26 113.54 16.83
C LYS BB 73 -45.08 114.20 15.74
N LYS BB 74 -45.87 115.21 16.10
CA LYS BB 74 -46.61 115.95 15.08
C LYS BB 74 -45.67 116.66 14.12
N LEU BB 75 -44.61 117.26 14.65
CA LEU BB 75 -43.61 117.89 13.80
C LEU BB 75 -42.93 116.87 12.89
N GLY BB 76 -42.65 115.68 13.42
CA GLY BB 76 -42.05 114.65 12.59
C GLY BB 76 -42.96 114.17 11.48
N GLU BB 77 -44.25 114.01 11.80
CA GLU BB 77 -45.22 113.65 10.77
C GLU BB 77 -45.31 114.74 9.71
N TRP BB 78 -45.23 116.00 10.14
CA TRP BB 78 -45.29 117.11 9.19
C TRP BB 78 -44.06 117.13 8.29
N VAL BB 79 -42.88 116.87 8.87
CA VAL BB 79 -41.63 116.90 8.10
C VAL BB 79 -41.40 115.62 7.32
N GLY BB 80 -42.31 114.66 7.41
CA GLY BB 80 -42.18 113.43 6.65
C GLY BB 80 -41.04 112.55 7.08
N LEU BB 81 -40.80 112.44 8.39
CA LEU BB 81 -39.81 111.51 8.92
C LEU BB 81 -40.45 110.17 9.29
N CYS BB 82 -41.23 109.63 8.37
CA CYS BB 82 -41.95 108.39 8.59
C CYS BB 82 -42.11 107.68 7.26
N LYS BB 83 -42.95 106.64 7.23
CA LYS BB 83 -43.18 105.91 5.99
C LYS BB 83 -43.95 106.74 4.97
N ILE BB 84 -44.66 107.77 5.42
CA ILE BB 84 -45.49 108.62 4.57
C ILE BB 84 -46.47 107.75 3.81
N ASP BB 85 -47.47 107.23 4.53
CA ASP BB 85 -48.49 106.35 3.96
C ASP BB 85 -49.86 106.76 4.48
N ARG BB 86 -50.14 108.06 4.43
CA ARG BB 86 -51.33 108.62 5.07
C ARG BB 86 -52.63 108.05 4.53
N GLU BB 87 -52.64 107.62 3.27
CA GLU BB 87 -53.85 107.07 2.68
C GLU BB 87 -54.27 105.75 3.33
N GLY BB 88 -53.31 104.93 3.75
CA GLY BB 88 -53.65 103.65 4.33
C GLY BB 88 -53.04 103.32 5.68
N LYS BB 89 -51.90 103.92 6.02
CA LYS BB 89 -51.11 103.45 7.14
C LYS BB 89 -50.80 104.60 8.09
N PRO BB 90 -50.73 104.33 9.40
CA PRO BB 90 -50.40 105.39 10.36
C PRO BB 90 -49.03 106.00 10.14
N ARG BB 91 -48.09 105.26 9.55
CA ARG BB 91 -46.75 105.76 9.24
C ARG BB 91 -46.06 106.27 10.51
N LYS BB 92 -45.78 105.30 11.40
CA LYS BB 92 -45.11 105.57 12.66
C LYS BB 92 -43.84 106.37 12.43
N VAL BB 93 -43.71 107.49 13.16
CA VAL BB 93 -42.73 108.51 12.86
C VAL BB 93 -41.69 108.55 13.97
N VAL BB 94 -40.46 108.89 13.59
CA VAL BB 94 -39.38 109.09 14.56
C VAL BB 94 -39.62 110.43 15.23
N GLY BB 95 -38.91 110.68 16.32
CA GLY BB 95 -39.05 111.96 17.00
C GLY BB 95 -38.26 113.06 16.33
N CYS BB 96 -38.96 113.95 15.61
CA CYS BB 96 -38.34 115.11 15.00
C CYS BB 96 -38.69 116.34 15.82
N SER BB 97 -37.66 116.99 16.38
CA SER BB 97 -37.85 118.14 17.25
C SER BB 97 -37.03 119.34 16.79
N CYS BB 98 -36.54 119.32 15.56
CA CYS BB 98 -35.66 120.39 15.07
C CYS BB 98 -35.67 120.40 13.55
N VAL BB 99 -36.03 121.55 12.97
CA VAL BB 99 -35.99 121.78 11.53
C VAL BB 99 -35.44 123.18 11.28
N VAL BB 100 -34.49 123.29 10.34
CA VAL BB 100 -33.89 124.57 9.98
C VAL BB 100 -34.02 124.76 8.48
N VAL BB 101 -34.58 125.90 8.07
CA VAL BB 101 -34.94 126.16 6.68
C VAL BB 101 -33.80 126.90 5.98
N LYS BB 102 -33.40 126.40 4.81
CA LYS BB 102 -32.35 127.05 4.02
C LYS BB 102 -32.78 127.22 2.57
N ASP BB 103 -33.90 126.61 2.18
CA ASP BB 103 -34.23 126.53 0.76
C ASP BB 103 -34.78 127.85 0.22
N TYR BB 104 -35.96 128.28 0.72
CA TYR BB 104 -36.73 129.35 0.09
C TYR BB 104 -36.88 129.12 -1.41
N GLY BB 105 -37.23 127.88 -1.78
CA GLY BB 105 -37.43 127.58 -3.19
C GLY BB 105 -38.62 128.29 -3.78
N LYS BB 106 -39.73 128.30 -3.05
CA LYS BB 106 -40.93 129.02 -3.46
C LYS BB 106 -41.46 129.84 -2.29
N GLU BB 107 -41.94 131.04 -2.59
CA GLU BB 107 -42.34 132.01 -1.58
C GLU BB 107 -43.82 132.31 -1.77
N SER BB 108 -44.68 131.47 -1.19
CA SER BB 108 -46.13 131.67 -1.25
C SER BB 108 -46.70 132.16 0.07
N GLN BB 109 -46.48 131.42 1.15
CA GLN BB 109 -46.89 131.85 2.48
C GLN BB 109 -45.69 132.05 3.40
N ALA BB 110 -44.47 131.97 2.87
CA ALA BB 110 -43.29 132.30 3.64
C ALA BB 110 -43.29 133.76 4.07
N LYS BB 111 -43.94 134.63 3.29
CA LYS BB 111 -44.12 136.01 3.69
C LYS BB 111 -44.96 136.11 4.96
N ASP BB 112 -45.89 135.17 5.17
CA ASP BB 112 -46.67 135.17 6.41
C ASP BB 112 -45.79 134.88 7.62
N VAL BB 113 -44.88 133.91 7.49
CA VAL BB 113 -43.92 133.65 8.55
C VAL BB 113 -43.01 134.84 8.75
N ILE BB 114 -42.66 135.52 7.65
CA ILE BB 114 -41.84 136.73 7.73
C ILE BB 114 -42.54 137.79 8.56
N GLU BB 115 -43.82 138.00 8.29
CA GLU BB 115 -44.60 138.97 9.05
C GLU BB 115 -44.74 138.56 10.50
N GLU BB 116 -44.89 137.26 10.76
CA GLU BB 116 -44.99 136.80 12.13
C GLU BB 116 -43.68 137.03 12.89
N TYR BB 117 -42.54 136.78 12.24
CA TYR BB 117 -41.26 137.08 12.86
C TYR BB 117 -41.08 138.57 13.08
N PHE BB 118 -41.54 139.39 12.13
CA PHE BB 118 -41.46 140.84 12.32
C PHE BB 118 -42.30 141.28 13.51
N LYS BB 119 -43.50 140.73 13.65
CA LYS BB 119 -44.33 141.03 14.82
C LYS BB 119 -43.64 140.54 16.09
N CYS BB 120 -42.91 139.43 15.99
CA CYS BB 120 -42.12 138.96 17.13
C CYS BB 120 -41.02 139.94 17.51
N LYS BB 121 -40.36 140.53 16.51
CA LYS BB 121 -39.25 141.44 16.76
C LYS BB 121 -39.70 142.88 16.98
N LYS BB 122 -40.98 143.18 16.84
CA LYS BB 122 -41.46 144.54 17.10
C LYS BB 122 -42.12 144.65 18.47
N THR CB 1 32.33 91.64 0.90
CA THR CB 1 32.96 92.33 -0.22
C THR CB 1 32.18 92.05 -1.51
N TYR CB 2 31.41 93.05 -1.94
CA TYR CB 2 30.49 92.87 -3.07
C TYR CB 2 31.17 93.19 -4.39
N ARG CB 3 31.81 94.34 -4.48
CA ARG CB 3 32.55 94.73 -5.68
C ARG CB 3 33.89 95.35 -5.31
N GLY CB 4 34.55 94.80 -4.30
CA GLY CB 4 35.79 95.31 -3.80
C GLY CB 4 35.64 96.30 -2.66
N VAL CB 5 34.50 96.95 -2.56
CA VAL CB 5 34.22 97.85 -1.47
C VAL CB 5 33.80 97.03 -0.27
N ASP CB 6 33.96 97.60 0.92
CA ASP CB 6 33.57 96.90 2.13
C ASP CB 6 32.10 97.16 2.44
N LEU CB 7 31.62 96.46 3.47
CA LEU CB 7 30.22 96.58 3.86
C LEU CB 7 29.88 97.98 4.35
N ASP CB 8 30.74 98.58 5.18
CA ASP CB 8 30.42 99.86 5.80
C ASP CB 8 30.28 100.96 4.75
N GLN CB 9 31.13 100.96 3.74
CA GLN CB 9 30.94 101.89 2.63
C GLN CB 9 29.64 101.61 1.88
N LEU CB 10 29.22 100.35 1.84
CA LEU CB 10 27.97 100.03 1.17
C LEU CB 10 26.78 100.57 1.97
N LEU CB 11 26.91 100.70 3.28
CA LEU CB 11 25.84 101.26 4.08
C LEU CB 11 25.54 102.72 3.69
N ASP CB 12 26.58 103.54 3.51
CA ASP CB 12 26.38 104.91 3.07
C ASP CB 12 26.56 105.08 1.56
N MET CB 13 26.26 104.04 0.79
CA MET CB 13 26.38 104.07 -0.65
C MET CB 13 24.99 104.32 -1.24
N SER CB 14 24.74 105.55 -1.68
CA SER CB 14 23.40 105.88 -2.13
C SER CB 14 23.06 105.19 -3.45
N TYR CB 15 21.78 105.27 -3.82
CA TYR CB 15 21.24 104.43 -4.88
C TYR CB 15 21.91 104.69 -6.22
N GLU CB 16 22.08 105.97 -6.58
CA GLU CB 16 22.51 106.31 -7.93
C GLU CB 16 23.93 105.83 -8.21
N GLN CB 17 24.84 105.99 -7.25
CA GLN CB 17 26.18 105.49 -7.43
C GLN CB 17 26.28 104.00 -7.16
N LEU CB 18 25.28 103.41 -6.52
CA LEU CB 18 25.29 101.97 -6.31
C LEU CB 18 24.77 101.21 -7.53
N MET CB 19 23.94 101.84 -8.36
CA MET CB 19 23.40 101.15 -9.53
C MET CB 19 24.50 100.72 -10.48
N GLN CB 20 25.60 101.46 -10.53
CA GLN CB 20 26.75 101.02 -11.31
C GLN CB 20 27.29 99.71 -10.75
N LEU CB 21 27.35 99.59 -9.42
CA LEU CB 21 27.89 98.39 -8.82
C LEU CB 21 26.96 97.19 -8.99
N TYR CB 22 25.66 97.44 -9.11
CA TYR CB 22 24.74 96.34 -9.31
C TYR CB 22 24.82 95.83 -10.75
N SER CB 23 24.30 94.63 -10.96
CA SER CB 23 24.26 94.05 -12.28
C SER CB 23 23.20 94.75 -13.13
N ALA CB 24 23.02 94.27 -14.36
CA ALA CB 24 22.13 94.95 -15.30
C ALA CB 24 20.69 94.95 -14.81
N ARG CB 25 20.20 93.79 -14.35
CA ARG CB 25 18.80 93.69 -13.95
C ARG CB 25 18.52 94.53 -12.71
N GLN CB 26 19.41 94.49 -11.73
CA GLN CB 26 19.22 95.30 -10.53
C GLN CB 26 19.33 96.78 -10.85
N ARG CB 27 20.22 97.15 -11.76
CA ARG CB 27 20.34 98.54 -12.14
C ARG CB 27 19.08 99.04 -12.83
N ARG CB 28 18.50 98.20 -13.69
CA ARG CB 28 17.21 98.54 -14.26
C ARG CB 28 16.13 98.62 -13.19
N ARG CB 29 16.23 97.77 -12.17
CA ARG CB 29 15.20 97.74 -11.14
C ARG CB 29 15.23 99.00 -10.30
N LEU CB 30 16.42 99.45 -9.90
CA LEU CB 30 16.54 100.71 -9.18
C LEU CB 30 16.28 101.91 -10.07
N ASN CB 31 16.62 101.81 -11.35
CA ASN CB 31 16.35 102.89 -12.29
C ASN CB 31 14.85 103.12 -12.42
N ARG CB 32 14.07 102.04 -12.46
CA ARG CB 32 12.62 102.19 -12.39
C ARG CB 32 12.18 102.49 -10.97
N GLY CB 33 10.99 103.06 -10.86
CA GLY CB 33 10.56 103.68 -9.61
C GLY CB 33 10.28 102.66 -8.53
N LEU CB 34 10.87 102.86 -7.36
CA LEU CB 34 10.51 102.08 -6.19
C LEU CB 34 9.13 102.48 -5.70
N ARG CB 35 8.32 101.49 -5.37
CA ARG CB 35 6.96 101.76 -4.94
C ARG CB 35 6.87 101.82 -3.42
N ARG CB 36 5.67 102.11 -2.93
CA ARG CB 36 5.45 102.35 -1.52
C ARG CB 36 5.63 101.08 -0.71
N LYS CB 37 5.42 99.91 -1.33
CA LYS CB 37 5.58 98.64 -0.62
C LYS CB 37 7.04 98.44 -0.21
N GLN CB 38 7.97 98.67 -1.13
CA GLN CB 38 9.39 98.53 -0.83
C GLN CB 38 9.81 99.50 0.27
N HIS CB 39 9.36 100.75 0.17
CA HIS CB 39 9.74 101.75 1.15
C HIS CB 39 9.19 101.40 2.53
N SER CB 40 7.95 100.89 2.57
CA SER CB 40 7.36 100.48 3.83
C SER CB 40 8.14 99.33 4.46
N LEU CB 41 8.55 98.36 3.64
CA LEU CB 41 9.37 97.27 4.16
C LEU CB 41 10.70 97.80 4.70
N LEU CB 42 11.32 98.72 3.97
CA LEU CB 42 12.58 99.28 4.44
C LEU CB 42 12.41 100.01 5.76
N LYS CB 43 11.33 100.78 5.91
CA LYS CB 43 11.06 101.46 7.16
C LYS CB 43 10.84 100.46 8.30
N ARG CB 44 10.14 99.35 8.00
CA ARG CB 44 9.91 98.36 9.03
C ARG CB 44 11.22 97.73 9.50
N LEU CB 45 12.09 97.36 8.55
CA LEU CB 45 13.39 96.82 8.96
C LEU CB 45 14.24 97.83 9.69
N ARG CB 46 14.19 99.10 9.28
CA ARG CB 46 14.96 100.11 9.98
C ARG CB 46 14.47 100.25 11.42
N LYS CB 47 13.15 100.30 11.61
CA LYS CB 47 12.61 100.43 12.95
C LYS CB 47 12.97 99.22 13.81
N ALA CB 48 12.85 98.02 13.23
CA ALA CB 48 13.17 96.81 13.99
C ALA CB 48 14.65 96.74 14.33
N LYS CB 49 15.51 97.10 13.37
CA LYS CB 49 16.95 97.03 13.57
C LYS CB 49 17.39 98.03 14.63
N LYS CB 50 16.81 99.22 14.63
CA LYS CB 50 17.15 100.20 15.66
C LYS CB 50 16.59 99.77 17.02
N GLU CB 51 15.41 99.16 17.03
CA GLU CB 51 14.89 98.66 18.30
C GLU CB 51 15.45 97.27 18.63
N ALA CB 52 16.29 96.71 17.78
CA ALA CB 52 16.92 95.43 18.09
C ALA CB 52 17.88 95.58 19.27
N PRO CB 53 17.90 94.62 20.18
CA PRO CB 53 18.80 94.70 21.33
C PRO CB 53 20.25 94.59 20.89
N PRO CB 54 21.17 95.18 21.66
CA PRO CB 54 22.59 95.08 21.31
C PRO CB 54 23.07 93.65 21.38
N MET CB 55 24.09 93.36 20.57
CA MET CB 55 24.69 92.03 20.39
C MET CB 55 23.65 90.93 20.20
N GLU CB 56 22.45 91.30 19.75
CA GLU CB 56 21.34 90.37 19.66
C GLU CB 56 20.59 90.66 18.36
N LYS CB 57 20.23 89.60 17.65
CA LYS CB 57 19.59 89.77 16.36
C LYS CB 57 18.18 90.34 16.53
N PRO CB 58 17.68 91.07 15.52
CA PRO CB 58 16.36 91.70 15.66
C PRO CB 58 15.22 90.68 15.65
N GLU CB 59 14.00 91.15 15.88
CA GLU CB 59 12.86 90.27 15.74
C GLU CB 59 12.55 90.05 14.27
N VAL CB 60 11.72 89.05 14.00
CA VAL CB 60 11.40 88.69 12.62
C VAL CB 60 10.27 89.56 12.10
N VAL CB 61 10.35 89.95 10.84
CA VAL CB 61 9.29 90.65 10.14
C VAL CB 61 8.94 89.85 8.90
N LYS CB 62 7.66 89.72 8.62
CA LYS CB 62 7.18 88.90 7.53
C LYS CB 62 6.84 89.78 6.32
N THR CB 63 6.73 89.14 5.15
CA THR CB 63 6.32 89.83 3.93
C THR CB 63 5.98 88.82 2.85
N HIS CB 64 4.94 89.12 2.07
CA HIS CB 64 4.70 88.35 0.86
C HIS CB 64 5.71 88.69 -0.22
N LEU CB 65 6.04 89.98 -0.37
CA LEU CB 65 6.83 90.38 -1.53
C LEU CB 65 8.24 89.82 -1.41
N ARG CB 66 8.67 89.11 -2.45
CA ARG CB 66 9.96 88.47 -2.50
C ARG CB 66 10.81 88.97 -3.66
N ASP CB 67 10.22 89.78 -4.53
CA ASP CB 67 10.93 90.44 -5.61
C ASP CB 67 11.77 91.60 -5.12
N MET CB 68 11.69 91.93 -3.83
CA MET CB 68 12.61 92.90 -3.24
C MET CB 68 14.04 92.44 -3.45
N ILE CB 69 14.86 93.34 -3.98
CA ILE CB 69 16.28 93.07 -4.08
C ILE CB 69 16.91 93.38 -2.74
N ILE CB 70 18.01 92.71 -2.41
CA ILE CB 70 18.62 92.88 -1.10
C ILE CB 70 19.57 94.07 -1.15
N LEU CB 71 19.37 94.96 -0.27
CA LEU CB 71 20.25 96.10 -0.07
C LEU CB 71 21.27 95.79 1.03
N PRO CB 72 22.48 96.33 0.92
CA PRO CB 72 23.47 96.14 2.00
C PRO CB 72 23.03 96.74 3.31
N GLU CB 73 22.08 97.66 3.29
CA GLU CB 73 21.55 98.24 4.52
C GLU CB 73 20.60 97.29 5.24
N MET CB 74 20.31 96.12 4.67
CA MET CB 74 19.49 95.12 5.34
C MET CB 74 20.29 93.91 5.81
N VAL CB 75 21.63 94.00 5.79
CA VAL CB 75 22.44 92.85 6.14
C VAL CB 75 22.27 92.52 7.62
N GLY CB 76 21.94 91.27 7.91
CA GLY CB 76 21.74 90.85 9.28
C GLY CB 76 20.33 90.99 9.80
N SER CB 77 19.33 91.09 8.93
CA SER CB 77 17.96 91.26 9.40
C SER CB 77 17.26 89.90 9.51
N MET CB 78 16.12 89.91 10.19
CA MET CB 78 15.19 88.78 10.21
C MET CB 78 13.99 89.16 9.36
N VAL CB 79 13.91 88.59 8.16
CA VAL CB 79 12.80 88.85 7.26
C VAL CB 79 12.11 87.53 6.97
N GLY CB 80 10.73 87.58 6.93
CA GLY CB 80 9.94 86.43 6.64
C GLY CB 80 9.38 86.50 5.24
N VAL CB 81 9.96 85.70 4.35
CA VAL CB 81 9.53 85.64 2.96
C VAL CB 81 8.48 84.55 2.82
N TYR CB 82 7.35 84.90 2.22
CA TYR CB 82 6.28 83.93 2.02
C TYR CB 82 6.69 82.91 0.96
N ASN CB 83 6.34 81.65 1.20
CA ASN CB 83 6.62 80.58 0.24
C ASN CB 83 5.39 80.12 -0.52
N GLY CB 84 4.28 80.84 -0.40
CA GLY CB 84 3.00 80.38 -0.89
C GLY CB 84 2.16 79.73 0.20
N LYS CB 85 2.79 79.32 1.28
CA LYS CB 85 2.12 78.75 2.44
C LYS CB 85 2.52 79.40 3.75
N THR CB 86 3.83 79.55 3.99
CA THR CB 86 4.38 80.07 5.24
C THR CB 86 5.39 81.15 4.95
N PHE CB 87 5.72 81.92 5.98
CA PHE CB 87 6.77 82.91 5.93
C PHE CB 87 8.04 82.28 6.49
N ASN CB 88 9.08 82.22 5.67
CA ASN CB 88 10.32 81.56 6.06
C ASN CB 88 11.36 82.61 6.41
N GLN CB 89 11.81 82.60 7.67
CA GLN CB 89 12.85 83.51 8.11
C GLN CB 89 14.15 83.20 7.39
N VAL CB 90 14.90 84.25 7.06
CA VAL CB 90 16.18 84.08 6.37
C VAL CB 90 17.15 85.14 6.83
N GLU CB 91 18.37 84.71 7.10
CA GLU CB 91 19.47 85.62 7.40
C GLU CB 91 19.84 86.40 6.14
N ILE CB 92 20.29 87.64 6.33
CA ILE CB 92 20.82 88.42 5.23
C ILE CB 92 22.32 88.51 5.44
N LYS CB 93 23.06 87.69 4.72
CA LYS CB 93 24.51 87.68 4.76
C LYS CB 93 25.07 88.84 3.93
N PRO CB 94 26.32 89.24 4.18
CA PRO CB 94 26.92 90.34 3.42
C PRO CB 94 27.31 89.97 1.99
N GLU CB 95 26.84 88.84 1.49
CA GLU CB 95 27.10 88.42 0.13
C GLU CB 95 25.82 88.21 -0.66
N MET CB 96 24.68 88.57 -0.09
CA MET CB 96 23.37 88.30 -0.65
C MET CB 96 22.79 89.53 -1.35
N ILE CB 97 23.61 90.55 -1.60
CA ILE CB 97 23.07 91.84 -2.03
C ILE CB 97 22.43 91.73 -3.41
N GLY CB 98 23.14 91.14 -4.36
CA GLY CB 98 22.61 91.03 -5.70
C GLY CB 98 21.62 89.90 -5.88
N HIS CB 99 20.85 89.60 -4.84
CA HIS CB 99 19.91 88.49 -4.85
C HIS CB 99 18.52 88.93 -4.44
N TYR CB 100 17.52 88.29 -5.02
CA TYR CB 100 16.14 88.46 -4.64
C TYR CB 100 15.87 87.78 -3.30
N LEU CB 101 14.85 88.27 -2.60
CA LEU CB 101 14.43 87.58 -1.39
C LEU CB 101 13.88 86.20 -1.70
N GLY CB 102 13.18 86.06 -2.82
CA GLY CB 102 12.55 84.80 -3.14
C GLY CB 102 13.51 83.71 -3.56
N GLU CB 103 14.77 84.06 -3.77
CA GLU CB 103 15.77 83.07 -4.13
C GLU CB 103 16.15 82.18 -2.96
N PHE CB 104 15.69 82.50 -1.76
CA PHE CB 104 16.07 81.76 -0.57
C PHE CB 104 14.87 81.15 0.16
N SER CB 105 13.66 81.47 -0.25
CA SER CB 105 12.46 80.80 0.24
C SER CB 105 11.96 79.94 -0.91
N ILE CB 106 12.35 78.66 -0.89
CA ILE CB 106 11.98 77.75 -1.97
C ILE CB 106 10.47 77.58 -1.98
N THR CB 107 9.90 77.52 -3.18
CA THR CB 107 8.46 77.41 -3.34
C THR CB 107 7.95 75.99 -3.30
N TYR CB 108 8.84 74.99 -3.37
CA TYR CB 108 8.41 73.61 -3.33
C TYR CB 108 9.38 72.80 -2.49
N LYS CB 109 8.93 71.79 -1.97
CA LYS CB 109 9.88 70.90 -1.35
C LYS CB 109 10.46 69.94 -2.39
N PRO CB 110 11.68 69.46 -2.18
CA PRO CB 110 12.33 68.61 -3.19
C PRO CB 110 11.58 67.30 -3.39
N VAL CB 111 11.83 66.66 -4.53
CA VAL CB 111 11.12 65.44 -4.89
C VAL CB 111 11.97 64.22 -4.55
N LYS CB 112 11.39 63.31 -3.76
CA LYS CB 112 11.92 61.97 -3.52
C LYS CB 112 10.99 61.02 -4.25
N HIS CB 113 11.47 60.44 -5.35
CA HIS CB 113 10.58 59.66 -6.19
C HIS CB 113 10.25 58.31 -5.55
N GLY CB 114 8.98 58.09 -5.29
CA GLY CB 114 8.47 56.80 -4.89
C GLY CB 114 8.20 55.91 -6.08
N ARG CB 115 7.63 54.75 -5.81
CA ARG CB 115 7.41 53.78 -6.88
C ARG CB 115 6.32 54.27 -7.82
N PRO CB 116 6.58 54.31 -9.13
CA PRO CB 116 5.54 54.73 -10.07
C PRO CB 116 4.35 53.80 -10.05
N GLY CB 117 3.18 54.37 -10.33
CA GLY CB 117 1.94 53.61 -10.24
C GLY CB 117 1.54 52.93 -11.53
N ILE CB 118 0.26 53.00 -11.86
CA ILE CB 118 -0.27 52.27 -13.00
C ILE CB 118 0.24 52.84 -14.31
N GLY CB 119 0.68 54.10 -14.31
CA GLY CB 119 1.09 54.74 -15.53
C GLY CB 119 2.40 54.20 -16.07
N ALA CB 120 2.67 54.56 -17.33
CA ALA CB 120 3.86 54.15 -18.07
C ALA CB 120 4.01 52.63 -18.10
N THR CB 121 2.91 51.96 -18.48
CA THR CB 121 2.88 50.51 -18.59
C THR CB 121 3.86 50.03 -19.65
N SER DB 1 17.71 103.41 -93.08
CA SER DB 1 18.29 104.75 -93.02
C SER DB 1 18.09 105.37 -91.65
N LYS DB 2 16.97 106.07 -91.47
CA LYS DB 2 16.62 106.68 -90.20
C LYS DB 2 15.15 106.42 -89.88
N GLY DB 3 14.70 105.18 -90.09
CA GLY DB 3 13.33 104.81 -89.85
C GLY DB 3 13.05 104.64 -88.37
N PRO DB 4 12.12 105.43 -87.86
CA PRO DB 4 11.74 105.30 -86.44
C PRO DB 4 10.51 104.42 -86.25
N LEU DB 5 10.13 104.21 -84.99
CA LEU DB 5 8.92 103.46 -84.63
C LEU DB 5 8.95 102.04 -85.17
N GLN DB 6 9.98 101.29 -84.80
CA GLN DB 6 10.09 99.87 -85.11
C GLN DB 6 10.48 99.16 -83.82
N SER DB 7 9.50 98.82 -83.00
CA SER DB 7 9.78 98.26 -81.69
C SER DB 7 8.59 97.42 -81.24
N VAL DB 8 8.88 96.41 -80.41
CA VAL DB 8 7.85 95.56 -79.85
C VAL DB 8 8.07 95.43 -78.35
N GLN DB 9 6.99 95.13 -77.63
CA GLN DB 9 7.01 94.94 -76.19
C GLN DB 9 6.43 93.56 -75.89
N VAL DB 10 7.28 92.60 -75.56
CA VAL DB 10 6.88 91.21 -75.42
C VAL DB 10 7.39 90.68 -74.09
N PHE DB 11 6.60 89.82 -73.44
CA PHE DB 11 6.91 89.30 -72.13
C PHE DB 11 7.06 87.77 -72.13
N GLY DB 12 7.64 87.27 -71.06
CA GLY DB 12 7.68 85.84 -70.80
C GLY DB 12 7.58 85.58 -69.31
N ARG DB 13 6.83 84.53 -68.96
CA ARG DB 13 6.48 84.25 -67.58
C ARG DB 13 6.91 82.84 -67.18
N LYS DB 14 7.32 82.71 -65.91
CA LYS DB 14 7.69 81.42 -65.36
C LYS DB 14 7.61 81.49 -63.85
N LYS DB 15 6.60 80.86 -63.26
CA LYS DB 15 6.42 80.82 -61.80
C LYS DB 15 6.44 82.24 -61.21
N THR DB 16 5.42 83.01 -61.60
CA THR DB 16 5.26 84.43 -61.24
C THR DB 16 6.56 85.23 -61.37
N ALA DB 17 7.37 84.89 -62.36
CA ALA DB 17 8.52 85.69 -62.76
C ALA DB 17 8.25 86.17 -64.19
N THR DB 18 8.01 87.47 -64.34
CA THR DB 18 7.75 88.04 -65.65
C THR DB 18 8.97 88.81 -66.14
N ALA DB 19 9.17 88.79 -67.45
CA ALA DB 19 10.29 89.47 -68.08
C ALA DB 19 9.80 90.07 -69.38
N VAL DB 20 9.78 91.39 -69.48
CA VAL DB 20 9.26 92.10 -70.64
C VAL DB 20 10.43 92.51 -71.52
N ALA DB 21 10.38 92.13 -72.79
CA ALA DB 21 11.42 92.48 -73.75
C ALA DB 21 10.92 93.60 -74.65
N HIS DB 22 11.62 94.73 -74.62
CA HIS DB 22 11.35 95.84 -75.52
C HIS DB 22 12.41 95.80 -76.62
N CYS DB 23 12.19 94.92 -77.60
CA CYS DB 23 13.06 94.86 -78.76
C CYS DB 23 12.89 96.12 -79.59
N LYS DB 24 13.96 96.52 -80.27
CA LYS DB 24 13.99 97.84 -80.88
C LYS DB 24 14.97 97.86 -82.04
N ARG DB 25 14.61 98.61 -83.08
CA ARG DB 25 15.48 98.77 -84.23
C ARG DB 25 16.80 99.39 -83.81
N GLY DB 26 17.89 98.87 -84.36
CA GLY DB 26 19.21 99.37 -84.05
C GLY DB 26 20.26 98.32 -84.31
N ASN DB 27 21.39 98.46 -83.63
CA ASN DB 27 22.42 97.43 -83.69
C ASN DB 27 22.00 96.22 -82.89
N GLY DB 28 22.72 95.12 -83.08
CA GLY DB 28 22.44 93.92 -82.33
C GLY DB 28 23.11 93.90 -80.97
N LEU DB 29 22.35 94.25 -79.93
CA LEU DB 29 22.84 94.22 -78.57
C LEU DB 29 21.66 93.92 -77.66
N ILE DB 30 21.94 93.23 -76.56
CA ILE DB 30 20.91 92.79 -75.63
C ILE DB 30 21.36 93.11 -74.22
N LYS DB 31 20.47 93.72 -73.45
CA LYS DB 31 20.70 93.92 -72.02
C LYS DB 31 19.49 93.46 -71.24
N VAL DB 32 19.74 93.02 -70.02
CA VAL DB 32 18.72 92.70 -69.03
C VAL DB 32 19.02 93.53 -67.80
N ASN DB 33 18.08 94.38 -67.41
CA ASN DB 33 18.26 95.33 -66.31
C ASN DB 33 19.49 96.20 -66.54
N GLY DB 34 19.82 96.45 -67.79
CA GLY DB 34 21.02 97.19 -68.15
C GLY DB 34 22.29 96.39 -68.11
N ARG DB 35 22.22 95.08 -67.85
CA ARG DB 35 23.42 94.26 -67.79
C ARG DB 35 23.54 93.39 -69.03
N PRO DB 36 24.75 93.03 -69.45
CA PRO DB 36 24.90 92.20 -70.64
C PRO DB 36 24.26 90.84 -70.45
N LEU DB 37 23.86 90.24 -71.57
CA LEU DB 37 23.20 88.93 -71.50
C LEU DB 37 24.12 87.87 -70.90
N GLU DB 38 25.36 87.83 -71.34
CA GLU DB 38 26.28 86.75 -70.95
C GLU DB 38 26.67 86.81 -69.49
N MET DB 39 26.52 87.95 -68.85
CA MET DB 39 27.01 88.16 -67.49
C MET DB 39 25.81 88.22 -66.55
N ILE DB 40 25.42 87.06 -66.04
CA ILE DB 40 24.23 86.94 -65.20
C ILE DB 40 24.60 86.17 -63.95
N GLU DB 41 23.74 86.31 -62.93
CA GLU DB 41 24.06 85.76 -61.61
C GLU DB 41 24.25 84.25 -61.62
N PRO DB 42 23.31 83.42 -62.12
CA PRO DB 42 23.66 81.99 -62.21
C PRO DB 42 24.41 81.68 -63.50
N ARG DB 43 25.73 81.91 -63.46
CA ARG DB 43 26.58 81.72 -64.64
C ARG DB 43 26.52 80.30 -65.19
N THR DB 44 26.18 79.34 -64.34
CA THR DB 44 25.98 77.96 -64.81
C THR DB 44 24.94 77.93 -65.91
N LEU DB 45 23.92 78.77 -65.80
CA LEU DB 45 22.87 78.86 -66.80
C LEU DB 45 23.16 79.88 -67.87
N GLN DB 46 24.43 80.14 -68.16
CA GLN DB 46 24.75 81.04 -69.27
C GLN DB 46 24.21 80.50 -70.58
N TYR DB 47 24.24 79.18 -70.75
CA TYR DB 47 23.85 78.60 -72.04
C TYR DB 47 22.35 78.73 -72.28
N LYS DB 48 21.54 78.68 -71.23
CA LYS DB 48 20.10 78.85 -71.40
C LYS DB 48 19.78 80.24 -71.93
N LEU DB 49 20.45 81.26 -71.40
CA LEU DB 49 20.23 82.62 -71.90
C LEU DB 49 20.70 82.75 -73.35
N LEU DB 50 21.87 82.21 -73.65
CA LEU DB 50 22.43 82.30 -75.00
C LEU DB 50 21.74 81.36 -75.97
N GLU DB 51 20.82 80.54 -75.47
CA GLU DB 51 20.24 79.45 -76.27
C GLU DB 51 19.53 79.95 -77.52
N PRO DB 52 18.63 80.94 -77.47
CA PRO DB 52 18.05 81.43 -78.75
C PRO DB 52 19.09 81.94 -79.72
N VAL DB 53 20.11 82.64 -79.22
CA VAL DB 53 21.17 83.11 -80.09
C VAL DB 53 21.97 81.94 -80.65
N LEU DB 54 22.33 80.99 -79.79
CA LEU DB 54 23.12 79.86 -80.24
C LEU DB 54 22.33 78.95 -81.17
N LEU DB 55 21.01 78.87 -80.96
CA LEU DB 55 20.18 78.05 -81.84
C LEU DB 55 20.02 78.72 -83.20
N LEU DB 56 19.79 80.03 -83.21
CA LEU DB 56 19.42 80.72 -84.44
C LEU DB 56 20.62 81.32 -85.17
N GLY DB 57 21.58 81.87 -84.44
CA GLY DB 57 22.67 82.56 -85.09
C GLY DB 57 22.61 84.05 -84.82
N LYS DB 58 23.73 84.72 -85.09
CA LYS DB 58 23.85 86.13 -84.71
C LYS DB 58 23.25 87.08 -85.74
N GLU DB 59 23.17 86.68 -87.01
CA GLU DB 59 22.70 87.59 -88.05
C GLU DB 59 21.25 87.99 -87.83
N ARG DB 60 20.42 87.05 -87.41
CA ARG DB 60 19.04 87.39 -87.08
C ARG DB 60 18.95 88.30 -85.87
N PHE DB 61 20.05 88.47 -85.15
CA PHE DB 61 20.09 89.29 -83.94
C PHE DB 61 20.83 90.60 -84.14
N ALA DB 62 21.42 90.83 -85.32
CA ALA DB 62 22.29 91.98 -85.51
C ALA DB 62 21.55 93.29 -85.66
N GLY DB 63 20.26 93.25 -86.00
CA GLY DB 63 19.55 94.48 -86.29
C GLY DB 63 18.55 94.86 -85.22
N VAL DB 64 18.70 94.30 -84.03
CA VAL DB 64 17.71 94.46 -82.98
C VAL DB 64 18.39 94.85 -81.68
N ASP DB 65 17.84 95.86 -81.03
CA ASP DB 65 18.28 96.30 -79.70
C ASP DB 65 17.19 95.89 -78.73
N ILE DB 66 17.55 95.10 -77.72
CA ILE DB 66 16.59 94.46 -76.84
C ILE DB 66 16.98 94.76 -75.40
N ARG DB 67 15.99 95.18 -74.59
CA ARG DB 67 16.21 95.45 -73.18
C ARG DB 67 15.08 94.81 -72.38
N VAL DB 68 15.45 94.13 -71.29
CA VAL DB 68 14.53 93.28 -70.54
C VAL DB 68 14.48 93.73 -69.09
N ARG DB 69 13.28 93.75 -68.51
CA ARG DB 69 13.08 94.06 -67.11
C ARG DB 69 12.31 92.93 -66.45
N VAL DB 70 12.77 92.51 -65.27
CA VAL DB 70 12.17 91.42 -64.51
C VAL DB 70 11.80 91.94 -63.13
N LYS DB 71 10.57 91.65 -62.71
CA LYS DB 71 10.09 92.08 -61.39
C LYS DB 71 9.34 90.93 -60.71
N GLY DB 72 9.96 89.75 -60.66
CA GLY DB 72 9.33 88.66 -59.94
C GLY DB 72 10.15 87.39 -59.98
N GLY DB 73 9.69 86.40 -59.24
CA GLY DB 73 10.25 85.07 -59.22
C GLY DB 73 11.57 84.98 -58.46
N GLY DB 74 12.29 83.90 -58.73
CA GLY DB 74 13.57 83.60 -58.13
C GLY DB 74 14.72 83.92 -59.05
N HIS DB 75 15.65 82.98 -59.16
CA HIS DB 75 16.78 83.15 -60.08
C HIS DB 75 16.58 82.36 -61.36
N VAL DB 76 16.43 81.04 -61.25
CA VAL DB 76 16.33 80.22 -62.44
C VAL DB 76 15.01 80.44 -63.16
N ALA DB 77 13.91 80.64 -62.43
CA ALA DB 77 12.66 80.99 -63.07
C ALA DB 77 12.79 82.34 -63.77
N GLN DB 78 13.57 83.24 -63.18
CA GLN DB 78 13.86 84.50 -63.83
C GLN DB 78 14.62 84.28 -65.13
N ILE DB 79 15.58 83.35 -65.13
CA ILE DB 79 16.32 83.03 -66.34
C ILE DB 79 15.38 82.50 -67.41
N TYR DB 80 14.48 81.61 -67.03
CA TYR DB 80 13.53 81.05 -67.98
C TYR DB 80 12.61 82.12 -68.53
N ALA DB 81 12.17 83.04 -67.67
CA ALA DB 81 11.34 84.14 -68.14
C ALA DB 81 12.08 84.99 -69.16
N ILE DB 82 13.37 85.28 -68.91
CA ILE DB 82 14.13 86.10 -69.84
C ILE DB 82 14.31 85.39 -71.17
N ARG DB 83 14.68 84.11 -71.15
CA ARG DB 83 14.91 83.42 -72.41
C ARG DB 83 13.62 83.24 -73.20
N GLN DB 84 12.52 82.91 -72.52
CA GLN DB 84 11.22 82.87 -73.15
C GLN DB 84 10.87 84.21 -73.77
N SER DB 85 11.13 85.30 -73.03
CA SER DB 85 10.79 86.62 -73.51
C SER DB 85 11.62 87.00 -74.72
N ILE DB 86 12.89 86.60 -74.74
CA ILE DB 86 13.74 86.85 -75.89
C ILE DB 86 13.18 86.13 -77.12
N SER DB 87 12.84 84.85 -76.96
CA SER DB 87 12.32 84.10 -78.10
C SER DB 87 11.01 84.69 -78.61
N LYS DB 88 10.09 84.99 -77.68
CA LYS DB 88 8.79 85.50 -78.08
C LYS DB 88 8.90 86.89 -78.70
N ALA DB 89 9.77 87.74 -78.15
CA ALA DB 89 9.97 89.06 -78.72
C ALA DB 89 10.56 88.98 -80.11
N LEU DB 90 11.53 88.07 -80.31
CA LEU DB 90 12.12 87.93 -81.64
C LEU DB 90 11.08 87.46 -82.64
N VAL DB 91 10.27 86.47 -82.28
CA VAL DB 91 9.30 85.97 -83.24
C VAL DB 91 8.19 87.00 -83.49
N ALA DB 92 7.86 87.81 -82.49
CA ALA DB 92 6.88 88.88 -82.73
C ALA DB 92 7.46 89.94 -83.67
N TYR DB 93 8.73 90.33 -83.44
CA TYR DB 93 9.38 91.29 -84.33
C TYR DB 93 9.42 90.76 -85.74
N TYR DB 94 9.71 89.47 -85.89
CA TYR DB 94 9.76 88.85 -87.22
C TYR DB 94 8.38 88.69 -87.82
N GLN DB 95 7.34 88.55 -87.01
CA GLN DB 95 6.00 88.45 -87.55
C GLN DB 95 5.51 89.81 -88.04
N LYS DB 96 5.86 90.89 -87.34
CA LYS DB 96 5.29 92.18 -87.68
C LYS DB 96 6.14 92.95 -88.68
N TYR DB 97 7.37 93.28 -88.30
CA TYR DB 97 8.19 94.22 -89.07
C TYR DB 97 8.86 93.57 -90.27
N VAL DB 98 8.75 92.27 -90.43
CA VAL DB 98 9.20 91.56 -91.62
C VAL DB 98 8.21 90.43 -91.88
N ASP DB 99 8.46 89.68 -92.95
CA ASP DB 99 7.51 88.65 -93.39
C ASP DB 99 7.37 87.55 -92.36
N GLU DB 100 6.24 86.85 -92.40
CA GLU DB 100 6.07 85.67 -91.57
C GLU DB 100 6.87 84.48 -92.05
N ALA DB 101 7.54 84.58 -93.20
CA ALA DB 101 8.40 83.49 -93.64
C ALA DB 101 9.57 83.28 -92.68
N SER DB 102 10.30 84.35 -92.39
CA SER DB 102 11.37 84.26 -91.40
C SER DB 102 10.81 83.91 -90.04
N LYS DB 103 9.64 84.47 -89.70
CA LYS DB 103 9.00 84.15 -88.43
C LYS DB 103 8.76 82.65 -88.30
N LYS DB 104 8.20 82.02 -89.33
CA LYS DB 104 7.85 80.61 -89.22
C LYS DB 104 9.07 79.72 -89.29
N GLU DB 105 10.05 80.06 -90.13
CA GLU DB 105 11.25 79.25 -90.20
C GLU DB 105 12.32 79.66 -89.19
N ILE DB 106 11.95 80.43 -88.17
CA ILE DB 106 12.62 80.35 -86.88
C ILE DB 106 11.73 79.74 -85.81
N LYS DB 107 10.40 79.90 -85.92
CA LYS DB 107 9.48 79.31 -84.98
C LYS DB 107 9.56 77.80 -84.98
N ASP DB 108 9.80 77.20 -86.14
CA ASP DB 108 9.92 75.75 -86.21
C ASP DB 108 11.10 75.24 -85.37
N ILE DB 109 12.29 75.85 -85.53
CA ILE DB 109 13.43 75.42 -84.72
C ILE DB 109 13.14 75.65 -83.24
N LEU DB 110 12.53 76.79 -82.91
CA LEU DB 110 12.20 77.05 -81.52
C LEU DB 110 11.23 76.01 -80.97
N ILE DB 111 10.28 75.56 -81.79
CA ILE DB 111 9.30 74.59 -81.32
C ILE DB 111 9.94 73.22 -81.13
N GLN DB 112 10.50 72.65 -82.21
CA GLN DB 112 11.06 71.31 -82.03
C GLN DB 112 12.44 71.33 -81.40
N TYR DB 113 12.85 72.43 -80.76
CA TYR DB 113 13.94 72.33 -79.81
C TYR DB 113 13.46 72.48 -78.37
N ASP DB 114 12.59 73.46 -78.10
CA ASP DB 114 12.09 73.67 -76.76
C ASP DB 114 10.73 74.36 -76.82
N ARG DB 115 9.67 73.62 -76.53
CA ARG DB 115 8.32 74.19 -76.55
C ARG DB 115 8.18 75.30 -75.52
N THR DB 116 8.88 75.21 -74.40
CA THR DB 116 8.77 76.21 -73.33
C THR DB 116 9.33 77.56 -73.74
N LEU DB 117 10.16 77.61 -74.77
CA LEU DB 117 10.72 78.89 -75.20
C LEU DB 117 9.65 79.86 -75.65
N LEU DB 118 8.50 79.36 -76.12
CA LEU DB 118 7.46 80.23 -76.63
C LEU DB 118 6.16 80.14 -75.86
N VAL DB 119 5.92 79.07 -75.11
CA VAL DB 119 4.70 78.88 -74.34
C VAL DB 119 5.08 78.72 -72.87
N ALA DB 120 4.44 79.50 -72.01
CA ALA DB 120 4.75 79.47 -70.59
C ALA DB 120 4.19 78.20 -69.93
N ASP DB 121 4.87 77.76 -68.89
CA ASP DB 121 4.40 76.64 -68.11
C ASP DB 121 3.32 77.10 -67.15
N PRO DB 122 2.08 76.64 -67.29
CA PRO DB 122 0.98 77.19 -66.48
C PRO DB 122 1.10 76.88 -65.00
N ARG DB 123 1.87 75.87 -64.61
CA ARG DB 123 1.95 75.51 -63.20
C ARG DB 123 2.64 76.64 -62.43
N ARG DB 124 2.07 77.03 -61.29
CA ARG DB 124 2.74 77.97 -60.42
C ARG DB 124 3.05 77.36 -59.06
N CYS DB 125 2.04 76.94 -58.30
CA CYS DB 125 2.19 76.42 -56.95
C CYS DB 125 0.95 75.58 -56.65
N GLU DB 126 0.77 75.25 -55.38
CA GLU DB 126 -0.49 74.64 -54.94
C GLU DB 126 -0.74 75.07 -53.50
N SER DB 127 -1.99 75.38 -53.19
CA SER DB 127 -2.32 75.94 -51.88
C SER DB 127 -2.08 74.92 -50.77
N LYS DB 128 -1.46 75.39 -49.69
CA LYS DB 128 -1.31 74.58 -48.50
C LYS DB 128 -2.67 74.45 -47.80
N LYS DB 129 -2.93 73.28 -47.25
CA LYS DB 129 -4.16 73.02 -46.53
C LYS DB 129 -3.91 72.94 -45.04
N PHE DB 130 -4.98 73.03 -44.26
CA PHE DB 130 -4.87 73.08 -42.81
C PHE DB 130 -4.68 71.72 -42.18
N GLY DB 131 -4.38 70.70 -42.96
CA GLY DB 131 -4.18 69.37 -42.41
C GLY DB 131 -2.77 68.87 -42.59
N GLY DB 132 -1.92 69.70 -43.20
CA GLY DB 132 -0.55 69.33 -43.43
C GLY DB 132 0.35 70.53 -43.59
N PRO DB 133 1.65 70.31 -43.50
CA PRO DB 133 2.59 71.43 -43.63
C PRO DB 133 2.68 71.98 -45.04
N GLY DB 134 2.55 71.12 -46.06
CA GLY DB 134 2.71 71.56 -47.43
C GLY DB 134 1.42 71.51 -48.22
N ALA DB 135 1.54 71.39 -49.53
CA ALA DB 135 0.35 71.36 -50.38
C ALA DB 135 -0.34 70.00 -50.31
N ARG DB 136 0.43 68.91 -50.25
CA ARG DB 136 -0.14 67.58 -50.24
C ARG DB 136 0.22 66.75 -49.03
N ALA DB 137 1.37 67.00 -48.40
CA ALA DB 137 1.75 66.24 -47.23
C ALA DB 137 0.82 66.53 -46.06
N ARG DB 138 0.83 65.63 -45.08
CA ARG DB 138 0.05 65.77 -43.86
C ARG DB 138 0.98 65.57 -42.67
N TYR DB 139 0.60 66.13 -41.53
CA TYR DB 139 1.38 65.92 -40.31
C TYR DB 139 1.36 64.46 -39.91
N GLN DB 140 2.43 64.02 -39.26
CA GLN DB 140 2.58 62.63 -38.91
C GLN DB 140 1.55 62.22 -37.87
N LYS DB 141 0.85 61.13 -38.13
CA LYS DB 141 -0.19 60.65 -37.22
C LYS DB 141 0.29 59.41 -36.49
N SER DB 142 -0.16 59.27 -35.25
CA SER DB 142 0.19 58.14 -34.41
C SER DB 142 -1.07 57.62 -33.74
N TYR DB 143 -1.06 56.32 -33.41
CA TYR DB 143 -2.25 55.67 -32.90
C TYR DB 143 -2.18 55.35 -31.42
N ARG DB 144 -0.98 55.34 -30.83
CA ARG DB 144 -0.83 54.91 -29.45
C ARG DB 144 -0.09 55.96 -28.63
N MET EB 1 -11.29 59.70 -69.44
CA MET EB 1 -12.25 59.21 -68.45
C MET EB 1 -13.04 60.36 -67.83
N GLY EB 2 -14.11 60.02 -67.12
CA GLY EB 2 -14.90 61.00 -66.41
C GLY EB 2 -15.56 62.04 -67.27
N ARG EB 3 -15.99 61.67 -68.48
CA ARG EB 3 -16.66 62.58 -69.39
C ARG EB 3 -18.11 62.16 -69.64
N VAL EB 4 -18.65 61.30 -68.77
CA VAL EB 4 -20.02 60.85 -68.93
C VAL EB 4 -20.97 61.97 -68.56
N ARG EB 5 -21.93 62.23 -69.44
CA ARG EB 5 -22.87 63.31 -69.23
C ARG EB 5 -24.04 62.82 -68.39
N THR EB 6 -24.79 63.76 -67.83
CA THR EB 6 -25.88 63.44 -66.93
C THR EB 6 -27.21 63.80 -67.56
N LYS EB 7 -28.29 63.52 -66.82
CA LYS EB 7 -29.64 63.80 -67.32
C LYS EB 7 -29.83 65.28 -67.57
N THR EB 8 -29.14 66.13 -66.80
CA THR EB 8 -29.32 67.56 -66.93
C THR EB 8 -28.94 68.03 -68.33
N VAL EB 9 -27.81 67.56 -68.84
CA VAL EB 9 -27.37 67.95 -70.18
C VAL EB 9 -28.01 67.08 -71.25
N LYS EB 10 -28.17 65.78 -70.98
CA LYS EB 10 -28.69 64.87 -72.00
C LYS EB 10 -30.15 65.19 -72.32
N LYS EB 11 -30.99 65.31 -71.30
CA LYS EB 11 -32.39 65.64 -71.53
C LYS EB 11 -32.53 67.00 -72.18
N ALA EB 12 -31.70 67.95 -71.75
CA ALA EB 12 -31.74 69.29 -72.34
C ALA EB 12 -31.37 69.24 -73.81
N ALA EB 13 -30.33 68.48 -74.15
CA ALA EB 13 -29.93 68.36 -75.55
C ALA EB 13 -31.02 67.71 -76.37
N ARG EB 14 -31.64 66.65 -75.84
CA ARG EB 14 -32.73 65.98 -76.56
C ARG EB 14 -33.89 66.94 -76.79
N VAL EB 15 -34.27 67.70 -75.76
CA VAL EB 15 -35.40 68.60 -75.88
C VAL EB 15 -35.11 69.69 -76.89
N ILE EB 16 -33.92 70.29 -76.82
CA ILE EB 16 -33.65 71.39 -77.73
C ILE EB 16 -33.46 70.89 -79.16
N ILE EB 17 -32.96 69.67 -79.33
CA ILE EB 17 -32.86 69.10 -80.67
C ILE EB 17 -34.24 68.87 -81.23
N GLU EB 18 -35.14 68.31 -80.43
CA GLU EB 18 -36.48 68.04 -80.92
C GLU EB 18 -37.30 69.31 -81.11
N LYS EB 19 -36.94 70.40 -80.44
CA LYS EB 19 -37.70 71.63 -80.58
C LYS EB 19 -37.20 72.50 -81.72
N TYR EB 20 -35.90 72.46 -82.00
CA TYR EB 20 -35.29 73.33 -83.00
C TYR EB 20 -34.32 72.55 -83.87
N TYR EB 21 -34.75 71.40 -84.38
CA TYR EB 21 -33.86 70.59 -85.21
C TYR EB 21 -33.44 71.32 -86.47
N THR EB 22 -34.35 72.14 -87.02
CA THR EB 22 -34.03 72.84 -88.25
C THR EB 22 -32.91 73.85 -88.05
N ARG EB 23 -32.98 74.61 -86.95
CA ARG EB 23 -32.01 75.69 -86.75
C ARG EB 23 -30.62 75.17 -86.40
N LEU EB 24 -30.54 73.98 -85.82
CA LEU EB 24 -29.27 73.48 -85.33
C LEU EB 24 -28.35 73.07 -86.49
N GLY EB 25 -27.07 72.89 -86.16
CA GLY EB 25 -26.08 72.43 -87.10
C GLY EB 25 -25.09 71.54 -86.41
N ASN EB 26 -24.13 71.01 -87.19
CA ASN EB 26 -23.13 70.12 -86.64
C ASN EB 26 -21.90 70.84 -86.12
N ASP EB 27 -21.82 72.16 -86.27
CA ASP EB 27 -20.75 72.94 -85.64
C ASP EB 27 -21.04 73.06 -84.16
N PHE EB 28 -20.00 72.83 -83.35
CA PHE EB 28 -20.14 73.06 -81.91
C PHE EB 28 -20.40 74.52 -81.60
N HIS EB 29 -19.73 75.42 -82.32
CA HIS EB 29 -19.83 76.84 -82.01
C HIS EB 29 -21.20 77.39 -82.43
N THR EB 30 -21.71 76.95 -83.57
CA THR EB 30 -23.05 77.36 -83.96
C THR EB 30 -24.07 76.92 -82.93
N ASN EB 31 -23.90 75.70 -82.40
CA ASN EB 31 -24.83 75.22 -81.40
C ASN EB 31 -24.70 75.98 -80.09
N LYS EB 32 -23.46 76.27 -79.67
CA LYS EB 32 -23.30 77.03 -78.44
C LYS EB 32 -23.73 78.48 -78.62
N ARG EB 33 -23.90 78.93 -79.86
CA ARG EB 33 -24.47 80.24 -80.10
C ARG EB 33 -25.98 80.22 -80.26
N VAL EB 34 -26.57 79.05 -80.55
CA VAL EB 34 -28.03 79.00 -80.57
C VAL EB 34 -28.61 78.68 -79.21
N CYS EB 35 -27.82 78.06 -78.32
CA CYS EB 35 -28.34 77.62 -77.02
C CYS EB 35 -28.86 78.80 -76.21
N GLU EB 36 -28.23 79.96 -76.32
CA GLU EB 36 -28.63 81.10 -75.50
C GLU EB 36 -30.04 81.58 -75.84
N GLU EB 37 -30.40 81.61 -77.11
CA GLU EB 37 -31.73 82.10 -77.45
C GLU EB 37 -32.78 81.01 -77.48
N ILE EB 38 -32.42 79.77 -77.78
CA ILE EB 38 -33.42 78.71 -77.71
C ILE EB 38 -33.70 78.30 -76.28
N ALA EB 39 -32.81 78.62 -75.35
CA ALA EB 39 -33.01 78.21 -73.96
C ALA EB 39 -32.22 79.14 -73.04
N ILE EB 40 -32.72 79.30 -71.83
CA ILE EB 40 -32.03 80.07 -70.81
C ILE EB 40 -31.20 79.08 -70.01
N ILE EB 41 -29.92 79.00 -70.35
CA ILE EB 41 -28.98 78.11 -69.68
C ILE EB 41 -28.27 78.91 -68.59
N PRO EB 42 -28.40 78.51 -67.33
CA PRO EB 42 -27.76 79.28 -66.25
C PRO EB 42 -26.24 79.30 -66.33
N SER EB 43 -25.62 78.31 -66.95
CA SER EB 43 -24.17 78.20 -66.97
C SER EB 43 -23.64 78.15 -68.39
N LYS EB 44 -22.63 78.99 -68.65
CA LYS EB 44 -21.91 78.90 -69.92
C LYS EB 44 -21.30 77.51 -70.09
N LYS EB 45 -20.74 76.97 -69.03
CA LYS EB 45 -20.25 75.60 -69.06
C LYS EB 45 -21.36 74.63 -69.42
N LEU EB 46 -22.51 74.76 -68.76
CA LEU EB 46 -23.64 73.90 -69.06
C LEU EB 46 -24.07 74.07 -70.50
N ARG EB 47 -24.09 75.32 -70.97
CA ARG EB 47 -24.55 75.62 -72.32
C ARG EB 47 -23.64 74.98 -73.37
N ASN EB 48 -22.33 75.18 -73.25
CA ASN EB 48 -21.45 74.63 -74.26
C ASN EB 48 -21.36 73.11 -74.17
N LYS EB 49 -21.50 72.55 -72.96
CA LYS EB 49 -21.56 71.10 -72.83
C LYS EB 49 -22.78 70.54 -73.55
N ILE EB 50 -23.93 71.18 -73.36
CA ILE EB 50 -25.14 70.76 -74.08
C ILE EB 50 -24.94 70.92 -75.57
N ALA EB 51 -24.23 71.97 -75.99
CA ALA EB 51 -23.97 72.18 -77.40
C ALA EB 51 -23.14 71.05 -77.98
N GLY EB 52 -22.08 70.63 -77.29
CA GLY EB 52 -21.28 69.52 -77.77
C GLY EB 52 -22.07 68.23 -77.83
N TYR EB 53 -22.90 67.98 -76.82
CA TYR EB 53 -23.76 66.80 -76.87
C TYR EB 53 -24.74 66.88 -78.03
N VAL EB 54 -25.25 68.07 -78.34
CA VAL EB 54 -26.11 68.24 -79.50
C VAL EB 54 -25.36 67.92 -80.78
N THR EB 55 -24.10 68.34 -80.87
CA THR EB 55 -23.31 67.99 -82.03
C THR EB 55 -23.23 66.48 -82.20
N HIS EB 56 -22.92 65.78 -81.11
CA HIS EB 56 -22.80 64.33 -81.18
C HIS EB 56 -24.13 63.69 -81.56
N LEU EB 57 -25.22 64.15 -80.95
CA LEU EB 57 -26.52 63.55 -81.21
C LEU EB 57 -27.00 63.84 -82.62
N MET EB 58 -26.68 65.01 -83.17
CA MET EB 58 -27.03 65.27 -84.56
C MET EB 58 -26.19 64.44 -85.51
N LYS EB 59 -24.93 64.18 -85.16
CA LYS EB 59 -24.14 63.24 -85.95
C LYS EB 59 -24.80 61.86 -85.95
N ARG EB 60 -25.26 61.41 -84.78
CA ARG EB 60 -25.96 60.13 -84.72
C ARG EB 60 -27.26 60.17 -85.52
N ILE EB 61 -27.97 61.29 -85.48
CA ILE EB 61 -29.25 61.40 -86.18
C ILE EB 61 -29.04 61.33 -87.69
N GLN EB 62 -28.08 62.09 -88.20
CA GLN EB 62 -27.80 62.09 -89.62
C GLN EB 62 -27.19 60.78 -90.07
N ARG EB 63 -26.58 60.01 -89.16
CA ARG EB 63 -26.13 58.69 -89.54
C ARG EB 63 -27.13 57.58 -89.18
N GLY EB 64 -28.19 57.90 -88.43
CA GLY EB 64 -29.15 56.89 -88.05
C GLY EB 64 -30.38 57.39 -87.31
N PRO EB 65 -31.48 56.63 -87.39
CA PRO EB 65 -32.72 57.05 -86.72
C PRO EB 65 -32.65 56.97 -85.20
N VAL EB 66 -32.10 58.01 -84.57
CA VAL EB 66 -32.00 58.04 -83.12
C VAL EB 66 -33.39 58.15 -82.50
N ARG EB 67 -33.52 57.67 -81.26
CA ARG EB 67 -34.80 57.70 -80.55
C ARG EB 67 -35.25 59.12 -80.23
N GLY EB 68 -34.38 60.12 -80.40
CA GLY EB 68 -34.82 61.50 -80.40
C GLY EB 68 -35.84 61.74 -81.49
N ILE EB 69 -36.93 62.44 -81.16
CA ILE EB 69 -38.03 62.60 -82.10
C ILE EB 69 -37.66 63.64 -83.15
N SER EB 70 -38.10 63.40 -84.40
CA SER EB 70 -37.78 64.27 -85.52
C SER EB 70 -38.87 64.13 -86.57
N ILE EB 71 -39.46 65.26 -86.97
CA ILE EB 71 -40.63 65.23 -87.84
C ILE EB 71 -40.26 64.67 -89.21
N LYS EB 72 -39.06 64.95 -89.69
CA LYS EB 72 -38.67 64.44 -91.00
C LYS EB 72 -38.48 62.92 -90.97
N LEU EB 73 -37.77 62.41 -89.96
CA LEU EB 73 -37.65 60.97 -89.83
C LEU EB 73 -39.00 60.33 -89.59
N GLN EB 74 -39.87 60.98 -88.82
CA GLN EB 74 -41.20 60.43 -88.56
C GLN EB 74 -42.05 60.38 -89.82
N GLU EB 75 -42.00 61.42 -90.66
CA GLU EB 75 -42.79 61.38 -91.88
C GLU EB 75 -42.22 60.40 -92.89
N GLU EB 76 -40.89 60.25 -92.92
CA GLU EB 76 -40.31 59.23 -93.79
C GLU EB 76 -40.72 57.84 -93.34
N GLU EB 77 -40.72 57.61 -92.02
CA GLU EB 77 -41.24 56.35 -91.48
C GLU EB 77 -42.70 56.17 -91.82
N ARG EB 78 -43.48 57.25 -91.71
CA ARG EB 78 -44.91 57.22 -92.05
C ARG EB 78 -45.10 56.73 -93.47
N GLU EB 79 -44.41 57.37 -94.42
CA GLU EB 79 -44.53 57.00 -95.82
C GLU EB 79 -44.05 55.58 -96.08
N ARG EB 80 -42.90 55.22 -95.51
CA ARG EB 80 -42.37 53.88 -95.73
C ARG EB 80 -43.23 52.79 -95.12
N ARG EB 81 -44.05 53.14 -94.14
CA ARG EB 81 -44.98 52.19 -93.53
C ARG EB 81 -46.32 52.19 -94.27
N ASP EB 82 -47.00 53.34 -94.28
CA ASP EB 82 -48.38 53.40 -94.77
C ASP EB 82 -48.50 53.33 -96.28
N ASN EB 83 -47.42 52.97 -96.98
CA ASN EB 83 -47.45 52.84 -98.42
C ASN EB 83 -46.62 51.62 -98.80
N TYR EB 84 -46.26 51.55 -100.07
CA TYR EB 84 -45.45 50.48 -100.64
C TYR EB 84 -46.16 49.13 -100.53
N VAL EB 85 -47.46 49.13 -100.83
CA VAL EB 85 -48.15 47.90 -101.13
C VAL EB 85 -47.86 47.58 -102.60
N PRO EB 86 -47.36 46.40 -102.91
CA PRO EB 86 -47.03 46.09 -104.30
C PRO EB 86 -48.26 46.01 -105.17
N GLU EB 87 -48.07 46.28 -106.46
CA GLU EB 87 -49.18 46.27 -107.41
C GLU EB 87 -49.79 44.87 -107.51
N VAL EB 88 -48.98 43.84 -107.29
CA VAL EB 88 -49.44 42.47 -107.21
C VAL EB 88 -49.21 41.99 -105.79
N SER EB 89 -50.23 41.35 -105.22
CA SER EB 89 -50.17 41.05 -103.80
C SER EB 89 -49.14 39.96 -103.54
N ALA EB 90 -48.83 39.76 -102.26
CA ALA EB 90 -47.99 38.66 -101.84
C ALA EB 90 -48.79 37.39 -101.60
N LEU EB 91 -50.11 37.46 -101.73
CA LEU EB 91 -50.98 36.32 -101.44
C LEU EB 91 -51.72 35.83 -102.68
N ASP EB 92 -51.43 36.40 -103.85
CA ASP EB 92 -52.12 36.06 -105.09
C ASP EB 92 -51.29 35.13 -105.95
N GLN EB 93 -50.56 34.22 -105.30
CA GLN EB 93 -49.76 33.25 -106.02
C GLN EB 93 -50.64 32.39 -106.91
N GLU EB 94 -50.11 32.01 -108.07
CA GLU EB 94 -50.93 31.32 -109.05
C GLU EB 94 -51.33 29.93 -108.57
N ILE EB 95 -50.43 29.23 -107.88
CA ILE EB 95 -50.70 27.89 -107.36
C ILE EB 95 -50.36 27.86 -105.88
N ILE EB 96 -51.07 27.03 -105.13
CA ILE EB 96 -50.84 26.85 -103.71
C ILE EB 96 -50.36 25.42 -103.48
N GLU EB 97 -49.16 25.29 -102.93
CA GLU EB 97 -48.55 23.99 -102.67
C GLU EB 97 -49.21 23.39 -101.43
N VAL EB 98 -50.21 22.53 -101.64
CA VAL EB 98 -51.13 22.14 -100.59
C VAL EB 98 -50.73 20.77 -100.05
N ASP EB 99 -50.91 20.58 -98.76
CA ASP EB 99 -50.68 19.29 -98.14
C ASP EB 99 -51.94 18.43 -98.31
N PRO EB 100 -51.79 17.17 -98.71
CA PRO EB 100 -52.98 16.30 -98.88
C PRO EB 100 -53.87 16.20 -97.64
N ASP EB 101 -53.30 16.26 -96.44
CA ASP EB 101 -54.14 16.31 -95.24
C ASP EB 101 -54.94 17.61 -95.20
N THR EB 102 -54.31 18.73 -95.53
CA THR EB 102 -55.06 19.97 -95.66
C THR EB 102 -56.06 19.90 -96.81
N LYS EB 103 -55.73 19.16 -97.86
CA LYS EB 103 -56.69 18.98 -98.95
C LYS EB 103 -57.92 18.22 -98.47
N GLU EB 104 -57.71 17.21 -97.62
CA GLU EB 104 -58.84 16.50 -97.04
C GLU EB 104 -59.66 17.41 -96.17
N MET EB 105 -58.99 18.27 -95.39
CA MET EB 105 -59.74 19.23 -94.58
C MET EB 105 -60.57 20.15 -95.46
N LEU EB 106 -60.01 20.61 -96.56
CA LEU EB 106 -60.73 21.48 -97.47
C LEU EB 106 -61.90 20.76 -98.10
N LYS EB 107 -61.70 19.49 -98.45
CA LYS EB 107 -62.78 18.70 -99.04
C LYS EB 107 -63.92 18.53 -98.05
N LEU EB 108 -63.59 18.32 -96.77
CA LEU EB 108 -64.62 18.28 -95.74
C LEU EB 108 -65.31 19.62 -95.60
N LEU EB 109 -64.55 20.72 -95.72
CA LEU EB 109 -65.14 22.04 -95.59
C LEU EB 109 -66.06 22.36 -96.76
N ASP EB 110 -65.98 21.57 -97.83
CA ASP EB 110 -66.62 21.60 -99.15
C ASP EB 110 -65.91 22.54 -100.10
N PHE EB 111 -64.84 23.21 -99.68
CA PHE EB 111 -64.06 24.04 -100.56
C PHE EB 111 -62.92 23.30 -101.22
N GLY EB 112 -63.00 21.97 -101.24
CA GLY EB 112 -62.03 21.19 -101.99
C GLY EB 112 -62.24 21.34 -103.47
N SER EB 113 -61.25 20.85 -104.24
CA SER EB 113 -61.27 20.90 -105.69
C SER EB 113 -61.40 22.34 -106.20
N LEU EB 114 -60.39 23.15 -105.89
CA LEU EB 114 -60.27 24.49 -106.42
C LEU EB 114 -59.11 24.55 -107.41
N SER EB 115 -59.25 25.41 -108.41
CA SER EB 115 -58.32 25.44 -109.54
C SER EB 115 -56.89 25.75 -109.14
N ASN EB 116 -56.67 26.68 -108.21
CA ASN EB 116 -55.33 27.14 -107.88
C ASN EB 116 -54.63 26.23 -106.89
N LEU EB 117 -55.17 25.05 -106.61
CA LEU EB 117 -54.60 24.16 -105.63
C LEU EB 117 -53.88 23.03 -106.35
N GLN EB 118 -52.64 22.76 -105.95
CA GLN EB 118 -51.88 21.66 -106.51
C GLN EB 118 -51.33 20.81 -105.37
N VAL EB 119 -51.64 19.51 -105.42
CA VAL EB 119 -51.32 18.60 -104.33
C VAL EB 119 -49.82 18.37 -104.29
N THR EB 120 -49.24 18.51 -103.10
CA THR EB 120 -47.84 18.16 -102.89
C THR EB 120 -47.74 16.72 -102.40
N GLN EB 121 -46.57 16.14 -102.63
CA GLN EB 121 -46.31 14.80 -102.12
C GLN EB 121 -45.95 14.89 -100.65
N PRO EB 122 -46.65 14.18 -99.76
CA PRO EB 122 -46.30 14.22 -98.33
C PRO EB 122 -44.92 13.62 -98.09
N THR EB 123 -44.23 14.16 -97.09
CA THR EB 123 -42.87 13.72 -96.80
C THR EB 123 -42.89 12.32 -96.18
N VAL EB 124 -41.72 11.69 -96.21
CA VAL EB 124 -41.55 10.32 -95.75
C VAL EB 124 -40.41 10.29 -94.73
N GLY EB 125 -40.69 9.79 -93.54
CA GLY EB 125 -39.65 9.62 -92.54
C GLY EB 125 -40.02 10.04 -91.15
N MET EB 126 -40.87 11.07 -91.04
CA MET EB 126 -41.34 11.60 -89.75
C MET EB 126 -40.15 11.93 -88.84
N ASN EB 127 -39.15 12.57 -89.44
CA ASN EB 127 -37.85 12.78 -88.82
C ASN EB 127 -37.72 14.14 -88.15
N PHE EB 128 -38.83 14.70 -87.67
CA PHE EB 128 -38.77 15.97 -86.97
C PHE EB 128 -38.22 15.73 -85.56
N LYS EB 129 -38.29 16.76 -84.72
CA LYS EB 129 -37.77 16.77 -83.34
C LYS EB 129 -36.25 16.78 -83.36
N THR EB 130 -35.64 17.65 -82.56
CA THR EB 130 -34.20 17.54 -82.42
C THR EB 130 -33.86 16.31 -81.58
N PRO EB 131 -32.67 15.74 -81.76
CA PRO EB 131 -32.25 14.65 -80.88
C PRO EB 131 -32.22 15.13 -79.44
N ARG EB 132 -32.83 14.35 -78.56
CA ARG EB 132 -32.97 14.77 -77.17
C ARG EB 132 -31.60 14.82 -76.49
N GLY EB 133 -31.41 15.85 -75.67
CA GLY EB 133 -30.21 15.98 -74.87
C GLY EB 133 -29.02 16.53 -75.62
N PRO EB 134 -27.86 16.55 -74.95
CA PRO EB 134 -26.63 17.05 -75.58
C PRO EB 134 -26.08 16.09 -76.63
N VAL EB 135 -24.86 16.35 -77.10
CA VAL EB 135 -24.21 15.67 -78.23
C VAL EB 135 -24.97 15.97 -79.51
N MET FB 1 56.77 78.96 -46.89
CA MET FB 1 55.43 78.50 -47.21
C MET FB 1 55.47 77.17 -47.98
N SER FB 2 54.76 76.17 -47.42
CA SER FB 2 54.71 74.82 -47.97
C SER FB 2 56.10 74.20 -48.08
N LEU FB 3 57.01 74.60 -47.21
CA LEU FB 3 58.33 74.00 -47.18
C LEU FB 3 58.26 72.66 -46.45
N VAL FB 4 59.42 72.08 -46.16
CA VAL FB 4 59.51 70.86 -45.38
C VAL FB 4 59.16 71.20 -43.94
N ILE FB 5 58.93 70.17 -43.12
CA ILE FB 5 58.60 70.40 -41.72
C ILE FB 5 59.76 71.13 -41.04
N PRO FB 6 59.50 72.22 -40.33
CA PRO FB 6 60.60 72.95 -39.70
C PRO FB 6 61.26 72.12 -38.60
N GLU FB 7 62.54 72.38 -38.40
CA GLU FB 7 63.34 71.55 -37.51
C GLU FB 7 62.92 71.75 -36.06
N LYS FB 8 62.58 72.98 -35.69
CA LYS FB 8 62.04 73.27 -34.36
C LYS FB 8 60.51 73.26 -34.35
N PHE FB 9 59.92 72.19 -34.87
CA PHE FB 9 58.47 72.02 -34.90
C PHE FB 9 58.09 70.92 -33.92
N GLN FB 10 57.79 71.31 -32.69
CA GLN FB 10 57.19 70.38 -31.75
C GLN FB 10 55.75 70.13 -32.15
N HIS FB 11 55.31 68.89 -32.01
CA HIS FB 11 53.97 68.55 -32.49
C HIS FB 11 52.90 69.03 -31.53
N ILE FB 12 53.18 69.07 -30.23
CA ILE FB 12 52.28 69.69 -29.27
C ILE FB 12 53.10 70.64 -28.41
N LEU FB 13 52.41 71.58 -27.79
CA LEU FB 13 53.06 72.61 -26.99
C LEU FB 13 52.64 72.48 -25.53
N ARG FB 14 53.15 73.36 -24.69
CA ARG FB 14 52.75 73.46 -23.29
C ARG FB 14 52.45 74.92 -22.99
N VAL FB 15 51.17 75.21 -22.79
CA VAL FB 15 50.69 76.56 -22.50
C VAL FB 15 50.22 76.59 -21.06
N LEU FB 16 50.77 77.52 -20.27
CA LEU FB 16 50.43 77.67 -18.86
C LEU FB 16 50.66 76.35 -18.14
N ASN FB 17 49.61 75.54 -18.02
CA ASN FB 17 49.74 74.20 -17.49
C ASN FB 17 49.17 73.15 -18.41
N THR FB 18 48.64 73.55 -19.58
CA THR FB 18 47.96 72.62 -20.47
C THR FB 18 48.73 72.47 -21.77
N ASN FB 19 48.38 71.43 -22.51
CA ASN FB 19 49.02 71.13 -23.79
C ASN FB 19 48.04 71.35 -24.94
N ILE FB 20 48.57 71.90 -26.03
CA ILE FB 20 47.78 72.25 -27.19
C ILE FB 20 48.38 71.56 -28.42
N ASP FB 21 47.53 71.25 -29.38
CA ASP FB 21 47.98 70.56 -30.57
C ASP FB 21 48.66 71.54 -31.52
N GLY FB 22 49.97 71.37 -31.71
CA GLY FB 22 50.65 72.20 -32.67
C GLY FB 22 50.43 71.80 -34.10
N ARG FB 23 49.84 70.62 -34.33
CA ARG FB 23 49.53 70.21 -35.69
C ARG FB 23 48.47 71.10 -36.32
N ARG FB 24 47.56 71.65 -35.52
CA ARG FB 24 46.49 72.46 -36.06
C ARG FB 24 46.89 73.94 -36.07
N LYS FB 25 46.04 74.76 -36.69
CA LYS FB 25 46.35 76.17 -36.87
C LYS FB 25 46.31 76.90 -35.54
N ILE FB 26 47.15 77.93 -35.44
CA ILE FB 26 47.28 78.70 -34.21
C ILE FB 26 45.95 79.35 -33.85
N ALA FB 27 45.19 79.80 -34.86
CA ALA FB 27 43.89 80.39 -34.60
C ALA FB 27 42.92 79.40 -33.98
N PHE FB 28 43.19 78.11 -34.11
CA PHE FB 28 42.33 77.07 -33.59
C PHE FB 28 43.04 76.12 -32.63
N ALA FB 29 44.37 76.16 -32.58
CA ALA FB 29 45.10 75.31 -31.64
C ALA FB 29 44.86 75.77 -30.20
N ILE FB 30 45.02 77.07 -29.92
CA ILE FB 30 44.88 77.55 -28.56
C ILE FB 30 43.44 77.53 -28.07
N THR FB 31 42.49 77.29 -28.97
CA THR FB 31 41.11 77.05 -28.55
C THR FB 31 41.00 75.84 -27.64
N ALA FB 32 41.99 74.93 -27.70
CA ALA FB 32 42.05 73.82 -26.76
C ALA FB 32 42.16 74.28 -25.31
N ILE FB 33 42.72 75.46 -25.06
CA ILE FB 33 42.80 75.97 -23.71
C ILE FB 33 41.40 76.32 -23.24
N LYS FB 34 41.02 75.83 -22.05
CA LYS FB 34 39.72 76.14 -21.51
C LYS FB 34 39.62 77.64 -21.21
N GLY FB 35 38.46 78.21 -21.49
CA GLY FB 35 38.29 79.64 -21.40
C GLY FB 35 38.75 80.39 -22.62
N VAL FB 36 39.30 79.70 -23.61
CA VAL FB 36 39.77 80.32 -24.84
C VAL FB 36 38.92 79.83 -25.99
N GLY FB 37 38.27 80.76 -26.68
CA GLY FB 37 37.43 80.40 -27.80
C GLY FB 37 37.96 80.92 -29.11
N ARG FB 38 37.24 80.63 -30.19
CA ARG FB 38 37.71 81.01 -31.52
C ARG FB 38 37.81 82.52 -31.67
N ARG FB 39 36.83 83.26 -31.14
CA ARG FB 39 36.90 84.70 -31.23
C ARG FB 39 38.03 85.26 -30.39
N TYR FB 40 38.19 84.73 -29.18
CA TYR FB 40 39.29 85.17 -28.33
C TYR FB 40 40.62 84.88 -28.98
N ALA FB 41 40.77 83.68 -29.55
CA ALA FB 41 41.99 83.33 -30.27
C ALA FB 41 42.22 84.29 -31.44
N HIS FB 42 41.16 84.58 -32.19
CA HIS FB 42 41.28 85.46 -33.34
C HIS FB 42 41.76 86.84 -32.92
N VAL FB 43 41.17 87.39 -31.86
CA VAL FB 43 41.52 88.75 -31.48
C VAL FB 43 42.94 88.80 -30.90
N VAL FB 44 43.32 87.80 -30.11
CA VAL FB 44 44.67 87.87 -29.54
C VAL FB 44 45.70 87.66 -30.63
N LEU FB 45 45.39 86.88 -31.66
CA LEU FB 45 46.35 86.71 -32.74
C LEU FB 45 46.42 87.96 -33.61
N ARG FB 46 45.29 88.62 -33.86
CA ARG FB 46 45.32 89.82 -34.67
C ARG FB 46 46.09 90.94 -33.97
N LYS FB 47 45.86 91.12 -32.67
CA LYS FB 47 46.63 92.12 -31.94
C LYS FB 47 47.99 91.60 -31.50
N ALA FB 48 48.30 90.35 -31.80
CA ALA FB 48 49.65 89.83 -31.60
C ALA FB 48 50.54 90.01 -32.82
N ASP FB 49 49.98 90.48 -33.94
CA ASP FB 49 50.69 90.63 -35.21
C ASP FB 49 51.41 89.33 -35.56
N ILE FB 50 50.63 88.28 -35.69
CA ILE FB 50 51.13 86.96 -36.04
C ILE FB 50 50.32 86.44 -37.21
N ASP FB 51 51.03 85.94 -38.23
CA ASP FB 51 50.37 85.42 -39.40
C ASP FB 51 49.47 84.25 -39.02
N LEU FB 52 48.21 84.32 -39.42
CA LEU FB 52 47.22 83.33 -39.03
C LEU FB 52 47.39 82.01 -39.74
N THR FB 53 47.99 82.00 -40.93
CA THR FB 53 48.02 80.83 -41.79
C THR FB 53 49.19 79.90 -41.49
N LYS FB 54 49.74 79.96 -40.29
CA LYS FB 54 50.81 79.06 -39.90
C LYS FB 54 50.38 78.28 -38.66
N ARG FB 55 50.89 77.06 -38.55
CA ARG FB 55 50.52 76.19 -37.45
C ARG FB 55 51.18 76.63 -36.15
N ALA FB 56 50.70 76.05 -35.05
CA ALA FB 56 51.23 76.42 -33.75
C ALA FB 56 52.65 75.95 -33.55
N GLY FB 57 53.00 74.78 -34.08
CA GLY FB 57 54.30 74.19 -33.80
C GLY FB 57 55.46 74.91 -34.45
N GLU FB 58 55.21 75.69 -35.50
CA GLU FB 58 56.26 76.39 -36.22
C GLU FB 58 56.51 77.79 -35.70
N LEU FB 59 55.86 78.17 -34.60
CA LEU FB 59 56.18 79.44 -33.94
C LEU FB 59 57.49 79.32 -33.17
N THR FB 60 57.95 80.46 -32.66
CA THR FB 60 59.12 80.50 -31.79
C THR FB 60 58.69 80.92 -30.39
N GLU FB 61 59.67 80.95 -29.48
CA GLU FB 61 59.37 81.20 -28.08
C GLU FB 61 58.93 82.64 -27.84
N ASP FB 62 59.55 83.60 -28.52
CA ASP FB 62 59.17 85.00 -28.31
C ASP FB 62 57.74 85.25 -28.74
N GLU FB 63 57.34 84.70 -29.88
CA GLU FB 63 55.96 84.84 -30.34
C GLU FB 63 54.99 84.24 -29.33
N VAL FB 64 55.26 83.01 -28.88
CA VAL FB 64 54.31 82.34 -28.00
C VAL FB 64 54.25 83.02 -26.64
N GLU FB 65 55.38 83.56 -26.16
CA GLU FB 65 55.33 84.25 -24.87
C GLU FB 65 54.65 85.60 -25.00
N ARG FB 66 54.75 86.25 -26.18
CA ARG FB 66 53.93 87.42 -26.43
C ARG FB 66 52.45 87.07 -26.37
N VAL FB 67 52.08 85.93 -26.97
CA VAL FB 67 50.69 85.48 -26.90
C VAL FB 67 50.28 85.25 -25.45
N ILE FB 68 51.15 84.59 -24.68
CA ILE FB 68 50.85 84.33 -23.27
C ILE FB 68 50.65 85.63 -22.51
N THR FB 69 51.54 86.59 -22.75
CA THR FB 69 51.49 87.85 -22.01
C THR FB 69 50.23 88.64 -22.36
N ILE FB 70 49.85 88.64 -23.63
CA ILE FB 70 48.59 89.27 -24.01
C ILE FB 70 47.42 88.58 -23.33
N MET FB 71 47.43 87.25 -23.33
CA MET FB 71 46.30 86.49 -22.78
C MET FB 71 46.16 86.74 -21.27
N GLN FB 72 47.29 86.75 -20.55
CA GLN FB 72 47.25 86.90 -19.10
C GLN FB 72 46.63 88.24 -18.69
N ASN FB 73 47.03 89.33 -19.33
CA ASN FB 73 46.54 90.66 -18.98
C ASN FB 73 46.17 91.42 -20.24
N PRO FB 74 45.05 91.08 -20.87
CA PRO FB 74 44.67 91.76 -22.12
C PRO FB 74 44.10 93.15 -21.92
N ARG FB 75 43.95 93.60 -20.67
CA ARG FB 75 43.44 94.95 -20.42
C ARG FB 75 44.35 96.00 -21.03
N GLN FB 76 45.65 95.84 -20.90
CA GLN FB 76 46.58 96.84 -21.40
C GLN FB 76 46.80 96.74 -22.89
N TYR FB 77 46.24 95.73 -23.55
CA TYR FB 77 46.53 95.47 -24.94
C TYR FB 77 45.33 95.80 -25.83
N LYS FB 78 44.54 96.79 -25.42
CA LYS FB 78 43.46 97.39 -26.19
C LYS FB 78 42.33 96.40 -26.48
N ILE FB 79 42.35 95.23 -25.85
CA ILE FB 79 41.25 94.28 -25.92
C ILE FB 79 40.06 94.97 -25.25
N PRO FB 80 38.91 95.08 -25.90
CA PRO FB 80 37.82 95.86 -25.33
C PRO FB 80 37.27 95.21 -24.08
N ASP FB 81 36.75 96.08 -23.20
CA ASP FB 81 36.37 95.67 -21.85
C ASP FB 81 35.31 94.59 -21.88
N TRP FB 82 34.33 94.73 -22.76
CA TRP FB 82 33.16 93.87 -22.86
C TRP FB 82 33.46 92.54 -23.49
N PHE FB 83 34.67 92.30 -24.00
CA PHE FB 83 34.98 91.06 -24.67
C PHE FB 83 35.37 89.96 -23.70
N LEU FB 84 35.63 90.30 -22.44
CA LEU FB 84 36.26 89.41 -21.48
C LEU FB 84 35.27 88.42 -20.88
N ASN FB 85 35.80 87.39 -20.23
CA ASN FB 85 34.94 86.42 -19.55
C ASN FB 85 34.52 86.90 -18.16
N ARG FB 86 35.48 87.08 -17.25
CA ARG FB 86 35.14 87.33 -15.85
C ARG FB 86 35.09 88.84 -15.64
N GLN FB 87 33.97 89.43 -16.03
CA GLN FB 87 33.76 90.86 -15.90
C GLN FB 87 32.96 91.15 -14.63
N LYS FB 88 33.39 92.17 -13.90
CA LYS FB 88 32.66 92.67 -12.74
C LYS FB 88 32.52 91.57 -11.68
N ASP FB 89 33.68 91.18 -11.15
CA ASP FB 89 33.77 90.03 -10.26
C ASP FB 89 32.92 90.23 -9.02
N VAL FB 90 32.44 89.11 -8.47
CA VAL FB 90 31.56 89.16 -7.32
C VAL FB 90 32.35 89.39 -6.02
N LYS FB 91 33.65 89.11 -6.03
CA LYS FB 91 34.46 89.28 -4.83
C LYS FB 91 35.03 90.69 -4.74
N ASP FB 92 35.68 91.15 -5.82
CA ASP FB 92 36.38 92.41 -5.81
C ASP FB 92 35.93 93.39 -6.88
N GLY FB 93 35.05 92.98 -7.78
CA GLY FB 93 34.54 93.90 -8.80
C GLY FB 93 35.59 94.43 -9.75
N LYS FB 94 36.52 93.58 -10.17
CA LYS FB 94 37.57 93.97 -11.10
C LYS FB 94 37.47 93.15 -12.38
N TYR FB 95 37.67 93.81 -13.51
CA TYR FB 95 37.40 93.22 -14.82
C TYR FB 95 38.61 92.39 -15.24
N SER FB 96 38.40 91.09 -15.45
CA SER FB 96 39.52 90.20 -15.64
C SER FB 96 39.16 89.10 -16.64
N GLN FB 97 40.12 88.71 -17.44
CA GLN FB 97 39.96 87.52 -18.27
C GLN FB 97 40.63 86.33 -17.59
N VAL FB 98 39.90 85.22 -17.54
CA VAL FB 98 40.38 83.99 -16.91
C VAL FB 98 40.77 83.01 -18.01
N LEU FB 99 41.88 82.28 -17.80
CA LEU FB 99 42.51 81.55 -18.88
C LEU FB 99 42.70 80.06 -18.64
N ALA FB 100 42.66 79.60 -17.41
CA ALA FB 100 43.11 78.24 -17.12
C ALA FB 100 42.30 77.70 -15.95
N ASN FB 101 42.82 76.65 -15.32
CA ASN FB 101 42.20 76.00 -14.16
C ASN FB 101 41.78 76.98 -13.07
N GLY FB 102 42.28 78.22 -13.09
CA GLY FB 102 41.65 79.27 -12.32
C GLY FB 102 40.17 79.37 -12.63
N LEU FB 103 39.78 79.17 -13.89
CA LEU FB 103 38.37 79.13 -14.24
C LEU FB 103 37.65 78.02 -13.51
N ASP FB 104 38.27 76.84 -13.45
CA ASP FB 104 37.61 75.70 -12.82
C ASP FB 104 37.41 75.93 -11.33
N ASN FB 105 38.47 76.35 -10.64
CA ASN FB 105 38.32 76.59 -9.22
C ASN FB 105 37.45 77.79 -8.92
N LYS FB 106 37.43 78.80 -9.80
CA LYS FB 106 36.55 79.95 -9.60
C LYS FB 106 35.09 79.56 -9.77
N LEU FB 107 34.79 78.74 -10.77
CA LEU FB 107 33.44 78.21 -10.92
C LEU FB 107 33.05 77.38 -9.70
N ARG FB 108 33.97 76.54 -9.22
CA ARG FB 108 33.70 75.73 -8.05
C ARG FB 108 33.40 76.61 -6.84
N GLU FB 109 34.20 77.64 -6.61
CA GLU FB 109 33.97 78.47 -5.43
C GLU FB 109 32.73 79.31 -5.59
N ASP FB 110 32.37 79.69 -6.82
CA ASP FB 110 31.10 80.37 -7.02
C ASP FB 110 29.93 79.46 -6.70
N LEU FB 111 30.00 78.19 -7.13
CA LEU FB 111 28.92 77.26 -6.80
C LEU FB 111 28.82 77.03 -5.31
N GLU FB 112 29.96 76.86 -4.64
CA GLU FB 112 29.89 76.64 -3.19
C GLU FB 112 29.43 77.89 -2.48
N ARG FB 113 29.74 79.07 -3.02
CA ARG FB 113 29.22 80.30 -2.45
C ARG FB 113 27.72 80.37 -2.60
N LEU FB 114 27.21 79.97 -3.76
CA LEU FB 114 25.77 79.92 -3.98
C LEU FB 114 25.11 78.95 -3.03
N LYS FB 115 25.72 77.78 -2.83
CA LYS FB 115 25.21 76.82 -1.86
C LYS FB 115 25.25 77.39 -0.45
N LYS FB 116 26.33 78.08 -0.09
CA LYS FB 116 26.50 78.59 1.26
C LYS FB 116 25.48 79.67 1.57
N ILE FB 117 25.23 80.57 0.60
CA ILE FB 117 24.14 81.53 0.78
C ILE FB 117 22.79 80.89 0.54
N ARG FB 118 22.77 79.62 0.11
CA ARG FB 118 21.53 78.86 -0.10
C ARG FB 118 20.67 79.49 -1.18
N ALA FB 119 21.27 79.81 -2.32
CA ALA FB 119 20.47 80.29 -3.44
C ALA FB 119 19.70 79.15 -4.08
N HIS FB 120 18.55 79.48 -4.65
CA HIS FB 120 17.77 78.49 -5.38
C HIS FB 120 18.57 77.92 -6.54
N ARG FB 121 19.26 78.78 -7.27
CA ARG FB 121 20.18 78.30 -8.29
C ARG FB 121 21.29 77.46 -7.68
N GLY FB 122 21.81 77.89 -6.52
CA GLY FB 122 22.82 77.10 -5.85
C GLY FB 122 22.29 75.77 -5.35
N LEU FB 123 21.07 75.75 -4.84
CA LEU FB 123 20.51 74.49 -4.37
C LEU FB 123 20.26 73.54 -5.54
N ARG FB 124 19.81 74.06 -6.68
CA ARG FB 124 19.69 73.22 -7.87
C ARG FB 124 21.04 72.66 -8.28
N HIS FB 125 22.09 73.48 -8.23
CA HIS FB 125 23.42 72.97 -8.51
C HIS FB 125 23.82 71.89 -7.53
N PHE FB 126 23.44 72.05 -6.27
CA PHE FB 126 23.74 71.05 -5.26
C PHE FB 126 23.05 69.73 -5.59
N TRP FB 127 21.80 69.80 -6.04
CA TRP FB 127 21.06 68.59 -6.36
C TRP FB 127 21.34 68.08 -7.77
N GLY FB 128 22.18 68.76 -8.53
CA GLY FB 128 22.47 68.33 -9.89
C GLY FB 128 21.35 68.56 -10.88
N LEU FB 129 20.46 69.51 -10.61
CA LEU FB 129 19.33 69.77 -11.47
C LEU FB 129 19.61 70.95 -12.39
N ARG FB 130 18.67 71.23 -13.29
CA ARG FB 130 18.77 72.40 -14.12
C ARG FB 130 18.51 73.64 -13.28
N VAL FB 131 19.25 74.71 -13.57
CA VAL FB 131 19.12 75.94 -12.81
C VAL FB 131 18.42 77.04 -13.58
N ARG FB 132 18.31 76.91 -14.90
CA ARG FB 132 17.77 77.97 -15.75
C ARG FB 132 16.26 77.86 -15.92
N GLY FB 133 15.61 77.01 -15.14
CA GLY FB 133 14.17 76.89 -15.19
C GLY FB 133 13.62 76.03 -16.30
N GLN FB 134 14.46 75.23 -16.96
CA GLN FB 134 13.98 74.34 -18.02
C GLN FB 134 13.11 73.24 -17.44
N HIS FB 135 12.38 72.57 -18.32
CA HIS FB 135 11.47 71.52 -17.90
C HIS FB 135 12.24 70.22 -17.64
N THR FB 136 12.09 69.69 -16.43
CA THR FB 136 12.75 68.47 -16.02
C THR FB 136 11.82 67.26 -16.00
N LYS FB 137 10.55 67.45 -16.36
CA LYS FB 137 9.60 66.34 -16.37
C LYS FB 137 10.01 65.27 -17.36
N THR FB 138 10.45 65.67 -18.55
CA THR FB 138 10.58 64.76 -19.67
C THR FB 138 11.98 64.66 -20.25
N THR FB 139 12.85 65.63 -20.00
CA THR FB 139 14.13 65.73 -20.68
C THR FB 139 15.27 65.49 -19.69
N GLY FB 140 16.46 65.25 -20.25
CA GLY FB 140 17.63 65.01 -19.42
C GLY FB 140 17.55 63.76 -18.58
N ARG FB 141 16.89 62.72 -19.07
CA ARG FB 141 16.80 61.47 -18.31
C ARG FB 141 18.12 60.73 -18.33
N ARG FB 142 19.02 61.07 -19.25
CA ARG FB 142 20.26 60.32 -19.37
C ARG FB 142 21.19 60.60 -18.21
N GLY FB 143 21.26 61.85 -17.75
CA GLY FB 143 22.18 62.22 -16.70
C GLY FB 143 21.92 61.56 -15.36
N ARG FB 144 20.70 61.07 -15.15
CA ARG FB 144 20.35 60.33 -13.94
C ARG FB 144 20.19 58.84 -14.20
N THR FB 145 19.63 58.47 -15.34
CA THR FB 145 19.53 57.08 -15.77
C THR FB 145 20.11 56.91 -17.17
N PRO GB 1 34.43 102.77 -76.85
CA PRO GB 1 33.79 101.72 -76.05
C PRO GB 1 33.45 102.17 -74.65
N GLY GB 2 32.31 102.84 -74.48
CA GLY GB 2 31.89 103.23 -73.15
C GLY GB 2 31.59 102.03 -72.28
N VAL GB 3 32.22 102.01 -71.11
CA VAL GB 3 32.16 100.88 -70.20
C VAL GB 3 31.60 101.34 -68.86
N THR GB 4 30.45 100.83 -68.49
CA THR GB 4 29.84 101.08 -67.19
C THR GB 4 30.19 99.93 -66.24
N VAL GB 5 29.89 100.12 -64.96
CA VAL GB 5 30.17 99.07 -63.99
C VAL GB 5 29.21 97.90 -64.19
N LYS GB 6 28.12 98.13 -64.90
CA LYS GB 6 27.13 97.09 -65.17
C LYS GB 6 27.61 96.07 -66.19
N ASP GB 7 28.71 96.34 -66.88
CA ASP GB 7 29.18 95.49 -67.96
C ASP GB 7 30.38 94.64 -67.58
N VAL GB 8 30.82 94.70 -66.32
CA VAL GB 8 31.91 93.85 -65.84
C VAL GB 8 31.42 93.08 -64.62
N ASN GB 9 32.02 91.92 -64.39
CA ASN GB 9 31.61 91.10 -63.27
C ASN GB 9 31.89 91.82 -61.97
N GLN GB 10 30.84 91.98 -61.16
CA GLN GB 10 30.88 92.88 -60.03
C GLN GB 10 31.79 92.38 -58.92
N GLN GB 11 32.13 91.10 -58.92
CA GLN GB 11 32.87 90.52 -57.80
C GLN GB 11 34.34 90.94 -57.84
N GLU GB 12 35.04 90.62 -58.94
CA GLU GB 12 36.42 91.09 -59.04
C GLU GB 12 36.44 92.60 -59.20
N PHE GB 13 35.35 93.19 -59.70
CA PHE GB 13 35.27 94.65 -59.79
C PHE GB 13 35.31 95.27 -58.40
N VAL GB 14 34.50 94.76 -57.47
CA VAL GB 14 34.53 95.31 -56.13
C VAL GB 14 35.83 94.94 -55.44
N ARG GB 15 36.44 93.81 -55.81
CA ARG GB 15 37.74 93.48 -55.24
C ARG GB 15 38.81 94.45 -55.70
N ALA GB 16 38.81 94.81 -56.98
CA ALA GB 16 39.75 95.81 -57.47
C ALA GB 16 39.47 97.17 -56.87
N LEU GB 17 38.19 97.49 -56.66
CA LEU GB 17 37.84 98.73 -55.98
C LEU GB 17 38.39 98.75 -54.57
N ALA GB 18 38.29 97.64 -53.86
CA ALA GB 18 38.85 97.55 -52.52
C ALA GB 18 40.37 97.67 -52.55
N ALA GB 19 41.01 97.06 -53.56
CA ALA GB 19 42.46 97.16 -53.68
C ALA GB 19 42.90 98.60 -53.93
N PHE GB 20 42.20 99.30 -54.82
CA PHE GB 20 42.49 100.70 -55.07
C PHE GB 20 42.27 101.54 -53.82
N LEU GB 21 41.19 101.26 -53.09
CA LEU GB 21 40.91 101.97 -51.85
C LEU GB 21 42.01 101.72 -50.82
N LYS GB 22 42.53 100.49 -50.76
CA LYS GB 22 43.67 100.19 -49.92
C LYS GB 22 44.90 100.99 -50.32
N LYS GB 23 45.28 100.93 -51.59
CA LYS GB 23 46.52 101.56 -52.00
C LYS GB 23 46.40 103.07 -52.03
N SER GB 24 45.21 103.59 -52.32
CA SER GB 24 44.92 105.00 -52.13
C SER GB 24 44.30 105.22 -50.76
N GLY GB 25 45.07 104.87 -49.73
CA GLY GB 25 44.56 104.84 -48.37
C GLY GB 25 44.47 106.20 -47.70
N LYS GB 26 43.24 106.69 -47.56
CA LYS GB 26 42.96 107.93 -46.83
C LYS GB 26 41.82 107.71 -45.85
N LEU GB 27 41.47 106.46 -45.59
CA LEU GB 27 40.19 106.14 -44.97
C LEU GB 27 40.19 106.48 -43.48
N LYS GB 28 38.99 106.69 -42.96
CA LYS GB 28 38.79 106.85 -41.52
C LYS GB 28 38.48 105.46 -40.98
N VAL GB 29 39.54 104.66 -40.83
CA VAL GB 29 39.41 103.32 -40.29
C VAL GB 29 39.22 103.42 -38.79
N PRO GB 30 38.11 102.93 -38.25
CA PRO GB 30 37.92 102.97 -36.80
C PRO GB 30 38.86 101.99 -36.10
N GLU GB 31 39.07 102.26 -34.81
CA GLU GB 31 40.01 101.48 -34.01
C GLU GB 31 39.49 100.09 -33.69
N TRP GB 32 38.18 99.85 -33.82
CA TRP GB 32 37.59 98.57 -33.45
C TRP GB 32 37.39 97.64 -34.64
N VAL GB 33 38.17 97.80 -35.70
CA VAL GB 33 38.04 96.91 -36.84
C VAL GB 33 38.56 95.51 -36.54
N ASP GB 34 39.58 95.38 -35.70
CA ASP GB 34 40.21 94.10 -35.48
C ASP GB 34 39.41 93.18 -34.57
N THR GB 35 38.40 93.70 -33.89
CA THR GB 35 37.76 92.96 -32.81
C THR GB 35 36.34 92.53 -33.13
N VAL GB 36 35.50 93.45 -33.56
CA VAL GB 36 34.06 93.20 -33.56
C VAL GB 36 33.70 92.27 -34.71
N LYS GB 37 32.58 91.57 -34.56
CA LYS GB 37 32.03 90.79 -35.64
C LYS GB 37 31.37 91.71 -36.66
N LEU GB 38 31.07 91.16 -37.84
CA LEU GB 38 30.40 91.98 -38.83
C LEU GB 38 28.89 92.02 -38.65
N ALA GB 39 28.32 91.14 -37.81
CA ALA GB 39 26.89 91.14 -37.58
C ALA GB 39 26.56 90.31 -36.35
N LYS GB 40 25.31 90.42 -35.92
CA LYS GB 40 24.78 89.55 -34.87
C LYS GB 40 24.88 88.09 -35.28
N HIS GB 41 24.41 87.76 -36.46
CA HIS GB 41 24.31 86.38 -36.93
C HIS GB 41 25.66 85.79 -37.34
N LYS GB 42 26.61 86.61 -37.74
CA LYS GB 42 27.94 86.08 -37.99
C LYS GB 42 28.57 85.60 -36.69
N GLU GB 43 29.27 84.47 -36.78
CA GLU GB 43 29.84 83.83 -35.62
C GLU GB 43 31.36 83.90 -35.57
N LEU GB 44 32.01 84.42 -36.61
CA LEU GB 44 33.43 84.76 -36.57
C LEU GB 44 33.63 86.14 -37.14
N ALA GB 45 34.75 86.76 -36.77
CA ALA GB 45 35.18 87.97 -37.46
C ALA GB 45 35.58 87.61 -38.88
N PRO GB 46 35.47 88.56 -39.81
CA PRO GB 46 35.91 88.29 -41.19
C PRO GB 46 37.38 87.90 -41.23
N TYR GB 47 37.70 86.94 -42.10
CA TYR GB 47 39.03 86.35 -42.10
C TYR GB 47 40.08 87.33 -42.58
N ASP GB 48 39.77 88.09 -43.63
CA ASP GB 48 40.75 89.00 -44.21
C ASP GB 48 40.93 90.22 -43.31
N GLU GB 49 42.12 90.82 -43.39
CA GLU GB 49 42.44 91.95 -42.55
C GLU GB 49 41.68 93.20 -42.97
N ASN GB 50 41.93 93.67 -44.19
CA ASN GB 50 41.32 94.90 -44.67
C ASN GB 50 39.91 94.66 -45.22
N TRP GB 51 39.11 93.96 -44.43
CA TRP GB 51 37.71 93.73 -44.79
C TRP GB 51 36.93 95.04 -44.85
N PHE GB 52 37.37 96.05 -44.09
CA PHE GB 52 36.67 97.32 -44.08
C PHE GB 52 36.69 97.97 -45.46
N TYR GB 53 37.82 97.88 -46.16
CA TYR GB 53 37.91 98.46 -47.48
C TYR GB 53 36.99 97.73 -48.45
N THR GB 54 36.92 96.41 -48.33
CA THR GB 54 36.00 95.63 -49.15
C THR GB 54 34.55 96.03 -48.91
N ARG GB 55 34.19 96.18 -47.63
CA ARG GB 55 32.82 96.50 -47.30
C ARG GB 55 32.46 97.90 -47.76
N ALA GB 56 33.40 98.84 -47.61
CA ALA GB 56 33.16 100.21 -48.10
C ALA GB 56 33.04 100.23 -49.62
N ALA GB 57 33.84 99.43 -50.31
CA ALA GB 57 33.71 99.30 -51.76
C ALA GB 57 32.34 98.75 -52.14
N SER GB 58 31.86 97.76 -51.39
CA SER GB 58 30.54 97.20 -51.66
C SER GB 58 29.44 98.23 -51.43
N THR GB 59 29.56 99.03 -50.36
CA THR GB 59 28.58 100.08 -50.10
C THR GB 59 28.60 101.12 -51.22
N ALA GB 60 29.80 101.45 -51.71
CA ALA GB 60 29.90 102.35 -52.86
C ALA GB 60 29.20 101.77 -54.08
N ARG GB 61 29.41 100.47 -54.32
CA ARG GB 61 28.77 99.82 -55.46
C ARG GB 61 27.25 99.86 -55.33
N HIS GB 62 26.75 99.61 -54.12
CA HIS GB 62 25.31 99.61 -53.91
C HIS GB 62 24.72 101.01 -54.07
N LEU GB 63 25.40 102.03 -53.54
CA LEU GB 63 24.92 103.39 -53.75
C LEU GB 63 25.01 103.79 -55.22
N TYR GB 64 25.94 103.20 -55.97
CA TYR GB 64 25.92 103.39 -57.42
C TYR GB 64 24.66 102.76 -58.00
N LEU GB 65 24.28 101.58 -57.50
CA LEU GB 65 23.12 100.88 -58.02
C LEU GB 65 21.83 101.64 -57.73
N ARG GB 66 21.68 102.14 -56.51
CA ARG GB 66 20.47 102.86 -56.12
C ARG GB 66 20.78 103.77 -54.93
N GLY GB 67 20.18 104.96 -54.93
CA GLY GB 67 20.53 105.99 -53.97
C GLY GB 67 19.55 106.08 -52.82
N GLY GB 68 19.92 106.90 -51.83
CA GLY GB 68 19.10 107.11 -50.66
C GLY GB 68 19.15 106.02 -49.62
N ALA GB 69 20.05 105.06 -49.76
CA ALA GB 69 20.11 103.92 -48.85
C ALA GB 69 20.69 104.34 -47.51
N GLY GB 70 19.89 104.26 -46.46
CA GLY GB 70 20.33 104.59 -45.12
C GLY GB 70 21.11 103.46 -44.49
N VAL GB 71 21.45 103.66 -43.22
CA VAL GB 71 22.19 102.66 -42.48
C VAL GB 71 21.37 101.37 -42.38
N GLY GB 72 20.09 101.50 -42.02
CA GLY GB 72 19.22 100.35 -41.99
C GLY GB 72 19.10 99.69 -43.34
N SER GB 73 19.12 100.51 -44.40
CA SER GB 73 19.14 99.96 -45.75
C SER GB 73 20.36 99.06 -45.94
N MET GB 74 21.54 99.58 -45.60
CA MET GB 74 22.75 98.82 -45.84
C MET GB 74 22.76 97.52 -45.06
N THR GB 75 22.31 97.57 -43.79
CA THR GB 75 22.20 96.33 -43.03
C THR GB 75 21.19 95.38 -43.67
N LYS GB 76 20.16 95.91 -44.31
CA LYS GB 76 19.22 95.05 -45.02
C LYS GB 76 19.92 94.33 -46.17
N ILE GB 77 20.79 95.03 -46.92
CA ILE GB 77 21.62 94.30 -47.88
C ILE GB 77 22.55 93.34 -47.17
N TYR GB 78 23.25 93.82 -46.14
CA TYR GB 78 24.26 93.01 -45.48
C TYR GB 78 23.67 92.12 -44.41
N GLY GB 79 22.38 91.82 -44.48
CA GLY GB 79 21.79 90.86 -43.59
C GLY GB 79 22.29 89.46 -43.88
N GLY GB 80 21.94 88.55 -42.98
CA GLY GB 80 22.38 87.18 -43.14
C GLY GB 80 21.54 86.21 -42.34
N ARG GB 81 21.90 84.94 -42.47
CA ARG GB 81 21.10 83.85 -41.96
C ARG GB 81 21.57 83.48 -40.56
N GLN GB 82 20.79 83.83 -39.55
CA GLN GB 82 21.10 83.46 -38.18
C GLN GB 82 20.63 82.03 -37.94
N ARG GB 83 21.59 81.13 -37.75
CA ARG GB 83 21.27 79.74 -37.52
C ARG GB 83 20.57 79.50 -36.19
N ASN GB 84 20.71 80.43 -35.25
CA ASN GB 84 19.96 80.46 -33.99
C ASN GB 84 20.09 79.15 -33.20
N GLY GB 85 21.17 78.42 -33.43
CA GLY GB 85 21.40 77.17 -32.74
C GLY GB 85 20.35 76.12 -32.96
N VAL GB 86 19.90 75.48 -31.87
CA VAL GB 86 19.02 74.34 -31.96
C VAL GB 86 17.62 74.76 -32.41
N MET GB 87 17.27 76.03 -32.24
CA MET GB 87 16.03 76.53 -32.78
C MET GB 87 16.17 76.77 -34.28
N PRO GB 88 15.06 76.74 -35.02
CA PRO GB 88 15.14 76.91 -36.48
C PRO GB 88 15.72 78.26 -36.85
N SER GB 89 16.43 78.27 -37.97
CA SER GB 89 17.14 79.47 -38.38
C SER GB 89 16.18 80.57 -38.81
N HIS GB 90 16.73 81.76 -38.98
CA HIS GB 90 15.96 82.93 -39.36
C HIS GB 90 16.86 83.83 -40.19
N PHE GB 91 16.44 85.08 -40.37
CA PHE GB 91 17.22 86.08 -41.06
C PHE GB 91 17.58 87.20 -40.10
N SER GB 92 18.85 87.57 -40.09
CA SER GB 92 19.30 88.68 -39.25
C SER GB 92 20.05 89.69 -40.11
N ARG GB 93 19.95 90.95 -39.69
CA ARG GB 93 20.43 92.08 -40.45
C ARG GB 93 21.90 92.31 -40.16
N GLY GB 94 22.44 93.41 -40.69
CA GLY GB 94 23.84 93.73 -40.51
C GLY GB 94 24.08 94.60 -39.28
N SER GB 95 25.36 94.92 -39.06
CA SER GB 95 25.75 95.78 -37.96
C SER GB 95 25.44 97.23 -38.30
N LYS GB 96 24.67 97.89 -37.44
CA LYS GB 96 24.29 99.28 -37.70
C LYS GB 96 25.50 100.20 -37.65
N SER GB 97 26.31 100.09 -36.59
CA SER GB 97 27.43 101.02 -36.45
C SER GB 97 28.49 100.78 -37.51
N VAL GB 98 28.69 99.53 -37.92
CA VAL GB 98 29.70 99.25 -38.94
C VAL GB 98 29.31 99.95 -40.25
N ALA GB 99 28.05 99.80 -40.64
CA ALA GB 99 27.57 100.48 -41.84
C ALA GB 99 27.62 102.00 -41.69
N ARG GB 100 27.26 102.50 -40.50
CA ARG GB 100 27.28 103.94 -40.27
C ARG GB 100 28.71 104.48 -40.38
N ARG GB 101 29.67 103.78 -39.80
CA ARG GB 101 31.06 104.21 -39.84
C ARG GB 101 31.63 104.11 -41.25
N VAL GB 102 31.23 103.08 -41.99
CA VAL GB 102 31.63 102.98 -43.39
C VAL GB 102 31.09 104.18 -44.16
N LEU GB 103 29.83 104.53 -43.92
CA LEU GB 103 29.25 105.67 -44.61
C LEU GB 103 30.00 106.94 -44.27
N GLN GB 104 30.24 107.17 -42.98
CA GLN GB 104 30.96 108.37 -42.56
C GLN GB 104 32.33 108.44 -43.20
N ALA GB 105 33.00 107.30 -43.29
CA ALA GB 105 34.28 107.28 -44.02
C ALA GB 105 34.07 107.55 -45.50
N LEU GB 106 32.89 107.20 -46.02
CA LEU GB 106 32.63 107.44 -47.43
C LEU GB 106 32.51 108.94 -47.73
N GLU GB 107 31.80 109.70 -46.87
CA GLU GB 107 31.89 111.14 -47.09
C GLU GB 107 33.21 111.72 -46.56
N GLY GB 108 34.00 110.94 -45.82
CA GLY GB 108 35.34 111.38 -45.53
C GLY GB 108 36.18 111.50 -46.79
N LEU GB 109 35.97 110.62 -47.75
CA LEU GB 109 36.54 110.74 -49.08
C LEU GB 109 35.60 111.45 -50.05
N LYS GB 110 34.57 112.12 -49.53
CA LYS GB 110 33.64 112.99 -50.28
C LYS GB 110 33.12 112.34 -51.56
N MET GB 111 33.10 111.01 -51.62
CA MET GB 111 32.46 110.30 -52.71
C MET GB 111 30.98 110.06 -52.47
N VAL GB 112 30.49 110.34 -51.27
CA VAL GB 112 29.10 110.12 -50.90
C VAL GB 112 28.56 111.38 -50.26
N GLU GB 113 27.37 111.78 -50.67
CA GLU GB 113 26.70 112.91 -50.06
C GLU GB 113 25.26 112.53 -49.73
N LYS GB 114 24.73 113.19 -48.71
CA LYS GB 114 23.36 112.95 -48.29
C LYS GB 114 22.39 113.52 -49.31
N ASP GB 115 21.20 112.93 -49.36
CA ASP GB 115 20.16 113.44 -50.24
C ASP GB 115 19.46 114.63 -49.59
N GLN GB 116 18.63 115.30 -50.41
CA GLN GB 116 17.65 116.24 -49.85
C GLN GB 116 16.68 115.50 -48.94
N ASP GB 117 16.38 114.26 -49.28
CA ASP GB 117 15.59 113.36 -48.45
C ASP GB 117 16.52 112.60 -47.51
N GLY GB 118 15.97 111.65 -46.75
CA GLY GB 118 16.79 110.84 -45.87
C GLY GB 118 17.64 109.84 -46.61
N GLY GB 119 18.85 109.63 -46.11
CA GLY GB 119 19.79 108.76 -46.77
C GLY GB 119 20.85 109.53 -47.55
N ARG GB 120 21.72 108.77 -48.20
CA ARG GB 120 22.86 109.34 -48.90
C ARG GB 120 23.11 108.61 -50.21
N LYS GB 121 23.73 109.32 -51.15
CA LYS GB 121 24.01 108.82 -52.50
C LYS GB 121 25.44 109.18 -52.89
N LEU GB 122 25.83 108.76 -54.08
CA LEU GB 122 27.16 109.03 -54.60
C LEU GB 122 27.22 110.39 -55.27
N THR GB 123 28.42 110.95 -55.31
CA THR GB 123 28.68 112.19 -56.02
C THR GB 123 29.14 111.90 -57.44
N PRO GB 124 28.94 112.86 -58.36
CA PRO GB 124 29.37 112.63 -59.75
C PRO GB 124 30.83 112.26 -59.91
N GLN GB 125 31.73 112.83 -59.09
CA GLN GB 125 33.13 112.46 -59.20
C GLN GB 125 33.40 111.08 -58.60
N GLY GB 126 32.64 110.68 -57.59
CA GLY GB 126 32.70 109.29 -57.16
C GLY GB 126 32.20 108.35 -58.24
N GLN GB 127 31.13 108.74 -58.94
CA GLN GB 127 30.66 107.99 -60.09
C GLN GB 127 31.75 107.88 -61.15
N ARG GB 128 32.47 108.99 -61.37
CA ARG GB 128 33.62 108.99 -62.27
C ARG GB 128 34.68 108.00 -61.83
N ASP GB 129 34.98 107.98 -60.52
CA ASP GB 129 35.98 107.06 -60.00
C ASP GB 129 35.58 105.62 -60.25
N LEU GB 130 34.32 105.29 -59.91
CA LEU GB 130 33.80 103.95 -60.16
C LEU GB 130 33.87 103.60 -61.63
N ASP GB 131 33.50 104.54 -62.50
CA ASP GB 131 33.47 104.24 -63.93
C ASP GB 131 34.87 104.04 -64.49
N ARG GB 132 35.84 104.82 -64.01
CA ARG GB 132 37.22 104.63 -64.46
C ARG GB 132 37.75 103.29 -64.04
N ILE GB 133 37.47 102.89 -62.79
CA ILE GB 133 37.93 101.59 -62.32
C ILE GB 133 37.22 100.47 -63.07
N ALA GB 134 35.94 100.67 -63.41
CA ALA GB 134 35.22 99.68 -64.21
C ALA GB 134 35.84 99.53 -65.59
N GLY GB 135 36.18 100.65 -66.23
CA GLY GB 135 36.80 100.56 -67.54
C GLY GB 135 38.15 99.89 -67.50
N GLN GB 136 38.94 100.20 -66.47
CA GLN GB 136 40.28 99.62 -66.39
C GLN GB 136 40.23 98.14 -66.02
N VAL GB 137 39.26 97.73 -65.19
CA VAL GB 137 39.15 96.30 -64.91
C VAL GB 137 38.52 95.58 -66.10
N ALA GB 138 37.71 96.27 -66.90
CA ALA GB 138 37.23 95.70 -68.14
C ALA GB 138 38.39 95.44 -69.09
N ALA GB 139 39.30 96.41 -69.19
CA ALA GB 139 40.49 96.22 -70.01
C ALA GB 139 41.33 95.08 -69.49
N ALA GB 140 41.45 94.96 -68.17
CA ALA GB 140 42.24 93.88 -67.58
C ALA GB 140 41.63 92.51 -67.86
N ASN GB 141 40.31 92.38 -67.70
CA ASN GB 141 39.67 91.08 -67.91
C ASN GB 141 39.63 90.71 -69.39
N LYS GB 142 39.33 91.67 -70.25
CA LYS GB 142 39.44 91.44 -71.68
C LYS GB 142 40.90 91.16 -72.05
N LYS GB 143 41.78 92.10 -71.74
CA LYS GB 143 43.21 91.98 -72.01
C LYS GB 143 44.01 92.03 -70.71
CA ALA HB 1 -14.97 127.90 -59.21
C ALA HB 1 -14.12 126.77 -59.76
N ILE HB 2 -12.85 127.06 -60.02
CA ILE HB 2 -11.90 126.06 -60.51
C ILE HB 2 -11.71 125.07 -59.37
N HIS HB 3 -12.29 123.88 -59.52
CA HIS HB 3 -12.19 122.85 -58.51
C HIS HB 3 -11.80 121.55 -59.18
N ARG HB 4 -10.95 120.78 -58.49
CA ARG HB 4 -10.48 119.50 -58.99
C ARG HB 4 -10.65 118.50 -57.86
N ILE HB 5 -11.67 117.64 -57.97
CA ILE HB 5 -12.10 116.84 -56.84
C ILE HB 5 -11.75 115.38 -57.08
N ARG HB 6 -11.67 114.64 -55.97
CA ARG HB 6 -11.43 113.20 -55.99
C ARG HB 6 -12.55 112.50 -55.26
N ILE HB 7 -13.12 111.48 -55.91
CA ILE HB 7 -14.21 110.69 -55.35
C ILE HB 7 -13.76 109.23 -55.34
N THR HB 8 -13.89 108.59 -54.20
CA THR HB 8 -13.61 107.17 -54.07
C THR HB 8 -14.91 106.43 -53.76
N LEU HB 9 -15.05 105.24 -54.31
CA LEU HB 9 -16.20 104.39 -54.05
C LEU HB 9 -15.70 103.03 -53.62
N THR HB 10 -16.23 102.52 -52.51
CA THR HB 10 -15.83 101.21 -52.01
C THR HB 10 -17.01 100.51 -51.36
N SER HB 11 -17.02 99.19 -51.49
CA SER HB 11 -17.99 98.34 -50.81
C SER HB 11 -17.41 96.95 -50.72
N ARG HB 12 -18.25 95.98 -50.36
CA ARG HB 12 -17.87 94.57 -50.30
C ARG HB 12 -18.12 93.84 -51.60
N ASN HB 13 -19.12 94.24 -52.38
CA ASN HB 13 -19.50 93.53 -53.60
C ASN HB 13 -18.88 94.21 -54.81
N VAL HB 14 -19.13 93.65 -55.99
CA VAL HB 14 -18.63 94.24 -57.21
C VAL HB 14 -19.77 94.88 -58.00
N LYS HB 15 -20.96 94.27 -57.97
CA LYS HB 15 -22.06 94.71 -58.82
C LYS HB 15 -22.51 96.12 -58.46
N SER HB 16 -22.65 96.39 -57.17
CA SER HB 16 -23.12 97.71 -56.75
C SER HB 16 -22.10 98.79 -57.08
N LEU HB 17 -20.81 98.50 -56.86
CA LEU HB 17 -19.77 99.43 -57.25
C LEU HB 17 -19.78 99.67 -58.75
N GLU HB 18 -19.99 98.61 -59.54
CA GLU HB 18 -20.03 98.78 -60.98
C GLU HB 18 -21.19 99.66 -61.41
N LYS HB 19 -22.38 99.42 -60.84
CA LYS HB 19 -23.52 100.23 -61.27
C LYS HB 19 -23.39 101.67 -60.80
N VAL HB 20 -22.78 101.91 -59.64
CA VAL HB 20 -22.52 103.28 -59.20
C VAL HB 20 -21.49 103.94 -60.10
N CYS HB 21 -20.39 103.24 -60.39
CA CYS HB 21 -19.38 103.78 -61.26
C CYS HB 21 -19.90 103.99 -62.67
N ALA HB 22 -20.96 103.30 -63.05
CA ALA HB 22 -21.55 103.54 -64.36
C ALA HB 22 -22.51 104.72 -64.34
N ASP HB 23 -23.47 104.74 -63.39
CA ASP HB 23 -24.50 105.76 -63.42
C ASP HB 23 -23.94 107.14 -63.10
N LEU HB 24 -22.96 107.22 -62.19
CA LEU HB 24 -22.36 108.50 -61.87
C LEU HB 24 -21.65 109.10 -63.09
N ILE HB 25 -20.84 108.30 -63.78
CA ILE HB 25 -20.11 108.85 -64.92
C ILE HB 25 -21.07 109.16 -66.06
N ARG HB 26 -22.12 108.35 -66.24
CA ARG HB 26 -23.09 108.68 -67.27
C ARG HB 26 -23.77 110.00 -66.97
N GLY HB 27 -24.15 110.22 -65.71
CA GLY HB 27 -24.73 111.50 -65.34
C GLY HB 27 -23.77 112.64 -65.57
N ALA HB 28 -22.48 112.41 -65.32
CA ALA HB 28 -21.48 113.45 -65.57
C ALA HB 28 -21.38 113.77 -67.06
N LYS HB 29 -21.38 112.77 -67.92
CA LYS HB 29 -21.31 113.04 -69.35
C LYS HB 29 -22.56 113.77 -69.83
N GLU HB 30 -23.73 113.36 -69.32
CA GLU HB 30 -24.96 114.10 -69.59
C GLU HB 30 -24.88 115.52 -69.08
N LYS HB 31 -24.12 115.74 -68.00
CA LYS HB 31 -23.96 117.05 -67.39
C LYS HB 31 -22.60 117.62 -67.73
N ASN HB 32 -22.04 117.23 -68.89
CA ASN HB 32 -20.81 117.70 -69.54
C ASN HB 32 -19.71 118.19 -68.62
N LEU HB 33 -19.27 117.31 -67.74
CA LEU HB 33 -17.97 117.39 -67.10
C LEU HB 33 -17.13 116.28 -67.72
N LYS HB 34 -15.89 116.62 -68.10
CA LYS HB 34 -14.95 115.58 -68.48
C LYS HB 34 -14.53 114.80 -67.25
N VAL HB 35 -14.37 113.49 -67.42
CA VAL HB 35 -14.21 112.58 -66.29
C VAL HB 35 -12.88 111.86 -66.42
N LYS HB 36 -12.14 111.82 -65.32
CA LYS HB 36 -10.97 110.94 -65.23
C LYS HB 36 -11.43 109.49 -65.17
N GLY HB 37 -10.73 108.62 -65.90
CA GLY HB 37 -11.13 107.24 -66.04
C GLY HB 37 -11.24 106.48 -64.73
N PRO HB 38 -12.15 105.52 -64.65
CA PRO HB 38 -12.37 104.78 -63.40
C PRO HB 38 -11.16 103.93 -63.06
N VAL HB 39 -10.64 104.13 -61.85
CA VAL HB 39 -9.44 103.44 -61.40
C VAL HB 39 -9.84 102.44 -60.31
N ARG HB 40 -9.56 101.17 -60.55
CA ARG HB 40 -9.83 100.11 -59.59
C ARG HB 40 -8.55 99.80 -58.84
N MET HB 41 -8.56 100.05 -57.52
CA MET HB 41 -7.44 99.69 -56.69
C MET HB 41 -7.40 98.18 -56.49
N PRO HB 42 -6.26 97.62 -56.13
CA PRO HB 42 -6.20 96.17 -55.85
C PRO HB 42 -7.14 95.78 -54.72
N THR HB 43 -7.75 94.61 -54.87
CA THR HB 43 -8.77 94.19 -53.93
C THR HB 43 -8.16 93.82 -52.58
N LYS HB 44 -8.69 94.40 -51.52
CA LYS HB 44 -8.41 93.94 -50.17
C LYS HB 44 -9.07 92.59 -49.96
N THR HB 45 -8.32 91.66 -49.40
CA THR HB 45 -8.82 90.32 -49.10
C THR HB 45 -8.47 90.01 -47.64
N LEU HB 46 -9.41 90.28 -46.75
CA LEU HB 46 -9.22 89.95 -45.34
C LEU HB 46 -9.46 88.45 -45.14
N ARG HB 47 -8.40 87.73 -44.83
CA ARG HB 47 -8.44 86.29 -44.64
C ARG HB 47 -8.38 86.00 -43.15
N ILE HB 48 -9.33 85.23 -42.65
CA ILE HB 48 -9.35 84.81 -41.26
C ILE HB 48 -9.65 83.32 -41.23
N THR HB 49 -8.75 82.54 -40.63
CA THR HB 49 -8.89 81.09 -40.55
C THR HB 49 -9.04 80.69 -39.10
N THR HB 50 -10.04 79.86 -38.82
CA THR HB 50 -10.40 79.51 -37.45
C THR HB 50 -10.84 78.06 -37.39
N ARG HB 51 -10.50 77.37 -36.30
CA ARG HB 51 -10.95 76.00 -36.09
C ARG HB 51 -12.46 75.92 -36.09
N LYS HB 52 -13.00 74.95 -36.84
CA LYS HB 52 -14.45 74.80 -36.91
C LYS HB 52 -15.03 74.42 -35.56
N THR HB 53 -14.37 73.55 -34.83
CA THR HB 53 -14.89 73.12 -33.55
C THR HB 53 -14.86 74.26 -32.53
N PRO HB 54 -15.91 74.39 -31.73
CA PRO HB 54 -15.85 75.25 -30.55
C PRO HB 54 -15.31 74.54 -29.31
N CYS HB 55 -14.70 73.36 -29.48
CA CYS HB 55 -14.30 72.53 -28.37
C CYS HB 55 -12.81 72.24 -28.38
N GLY HB 56 -12.24 72.09 -29.58
CA GLY HB 56 -10.88 71.63 -29.72
C GLY HB 56 -10.72 70.14 -29.82
N GLU HB 57 -11.78 69.37 -29.60
CA GLU HB 57 -11.78 67.94 -29.79
C GLU HB 57 -12.31 67.61 -31.18
N GLY HB 58 -11.56 66.84 -31.93
CA GLY HB 58 -11.98 66.48 -33.26
C GLY HB 58 -10.79 66.32 -34.17
N SER HB 59 -11.03 66.50 -35.47
CA SER HB 59 -10.05 66.24 -36.49
C SER HB 59 -9.36 67.50 -37.00
N LYS HB 60 -9.37 68.57 -36.20
CA LYS HB 60 -8.65 69.81 -36.51
C LYS HB 60 -9.07 70.37 -37.86
N THR HB 61 -10.34 70.75 -37.95
CA THR HB 61 -10.87 71.41 -39.13
C THR HB 61 -10.83 72.91 -38.91
N TRP HB 62 -10.08 73.61 -39.76
CA TRP HB 62 -9.98 75.06 -39.72
C TRP HB 62 -10.87 75.66 -40.79
N ASP HB 63 -11.77 76.55 -40.38
CA ASP HB 63 -12.61 77.29 -41.29
C ASP HB 63 -11.96 78.63 -41.59
N ARG HB 64 -11.99 79.02 -42.85
CA ARG HB 64 -11.37 80.26 -43.32
C ARG HB 64 -12.45 81.20 -43.82
N PHE HB 65 -12.27 82.50 -43.57
CA PHE HB 65 -13.24 83.52 -43.92
C PHE HB 65 -12.60 84.62 -44.73
N GLN HB 66 -13.33 85.10 -45.74
CA GLN HB 66 -12.84 86.10 -46.67
C GLN HB 66 -13.82 87.25 -46.77
N MET HB 67 -13.27 88.46 -46.73
CA MET HB 67 -14.05 89.68 -46.99
C MET HB 67 -13.34 90.48 -48.06
N ARG HB 68 -13.79 90.33 -49.30
CA ARG HB 68 -13.23 91.07 -50.42
C ARG HB 68 -13.69 92.51 -50.35
N ILE HB 69 -12.74 93.43 -50.23
CA ILE HB 69 -13.03 94.86 -50.24
C ILE HB 69 -12.53 95.42 -51.56
N HIS HB 70 -13.46 95.92 -52.37
CA HIS HB 70 -13.15 96.52 -53.66
C HIS HB 70 -13.35 98.03 -53.55
N LYS HB 71 -12.45 98.78 -54.18
CA LYS HB 71 -12.56 100.23 -54.14
C LYS HB 71 -12.17 100.81 -55.49
N ARG HB 72 -12.88 101.86 -55.88
CA ARG HB 72 -12.68 102.52 -57.16
C ARG HB 72 -12.45 104.01 -56.94
N LEU HB 73 -11.58 104.59 -57.75
CA LEU HB 73 -11.29 106.01 -57.71
C LEU HB 73 -11.66 106.65 -59.03
N ILE HB 74 -12.55 107.63 -58.98
CA ILE HB 74 -12.94 108.42 -60.14
C ILE HB 74 -12.83 109.89 -59.76
N ASP HB 75 -12.19 110.69 -60.61
CA ASP HB 75 -11.98 112.10 -60.34
C ASP HB 75 -12.87 112.91 -61.27
N LEU HB 76 -13.54 113.91 -60.72
CA LEU HB 76 -14.31 114.86 -61.52
C LEU HB 76 -13.52 116.16 -61.64
N HIS HB 77 -13.20 116.54 -62.87
CA HIS HB 77 -12.48 117.77 -63.14
C HIS HB 77 -13.23 118.55 -64.21
N SER HB 78 -13.60 119.78 -63.88
CA SER HB 78 -14.32 120.65 -64.79
C SER HB 78 -13.71 122.04 -64.77
N PRO HB 79 -13.80 122.77 -65.89
CA PRO HB 79 -13.50 124.20 -65.84
C PRO HB 79 -14.42 124.97 -64.92
N SER HB 80 -15.67 124.53 -64.81
CA SER HB 80 -16.62 125.22 -63.96
C SER HB 80 -16.53 124.66 -62.54
N GLU HB 81 -17.43 125.11 -61.67
CA GLU HB 81 -17.53 124.53 -60.34
C GLU HB 81 -18.15 123.14 -60.43
N ILE HB 82 -17.92 122.34 -59.40
CA ILE HB 82 -18.35 120.96 -59.36
C ILE HB 82 -19.42 120.73 -58.31
N VAL HB 83 -19.14 121.09 -57.05
CA VAL HB 83 -20.02 120.72 -55.95
C VAL HB 83 -21.35 121.43 -56.05
N LYS HB 84 -21.34 122.72 -56.42
CA LYS HB 84 -22.60 123.40 -56.69
C LYS HB 84 -23.31 122.82 -57.89
N GLN HB 85 -22.55 122.24 -58.84
CA GLN HB 85 -23.15 121.65 -60.02
C GLN HB 85 -23.71 120.26 -59.71
N ILE HB 86 -22.84 119.34 -59.33
CA ILE HB 86 -23.27 117.98 -58.99
C ILE HB 86 -23.42 117.88 -57.48
N THR HB 87 -24.61 117.47 -57.04
CA THR HB 87 -24.93 117.28 -55.64
C THR HB 87 -25.54 115.93 -55.37
N SER HB 88 -26.30 115.39 -56.32
CA SER HB 88 -26.97 114.11 -56.15
C SER HB 88 -25.98 112.98 -55.94
N ILE HB 89 -26.31 112.08 -55.02
CA ILE HB 89 -25.42 111.01 -54.62
C ILE HB 89 -25.82 109.68 -55.25
N SER HB 90 -27.11 109.34 -55.22
CA SER HB 90 -27.65 108.08 -55.76
C SER HB 90 -26.88 106.88 -55.21
N ILE HB 91 -26.96 106.72 -53.90
CA ILE HB 91 -26.15 105.74 -53.18
C ILE HB 91 -27.08 104.74 -52.51
N GLU HB 92 -26.85 103.46 -52.81
CA GLU HB 92 -27.52 102.37 -52.14
C GLU HB 92 -26.81 102.04 -50.83
N PRO HB 93 -27.51 101.42 -49.88
CA PRO HB 93 -26.84 100.95 -48.67
C PRO HB 93 -25.80 99.88 -48.99
N GLY HB 94 -24.73 99.88 -48.20
CA GLY HB 94 -23.69 98.88 -48.36
C GLY HB 94 -22.41 99.39 -49.01
N VAL HB 95 -22.50 100.47 -49.77
CA VAL HB 95 -21.36 101.06 -50.45
C VAL HB 95 -20.99 102.36 -49.76
N GLU HB 96 -19.68 102.57 -49.58
CA GLU HB 96 -19.18 103.78 -48.93
C GLU HB 96 -18.69 104.75 -49.99
N VAL HB 97 -18.97 106.02 -49.77
CA VAL HB 97 -18.54 107.11 -50.65
C VAL HB 97 -17.83 108.17 -49.83
N GLU HB 98 -16.71 108.65 -50.34
CA GLU HB 98 -15.99 109.74 -49.72
C GLU HB 98 -15.47 110.66 -50.81
N VAL HB 99 -15.75 111.96 -50.67
CA VAL HB 99 -15.42 112.95 -51.69
C VAL HB 99 -14.37 113.88 -51.12
N THR HB 100 -13.22 113.96 -51.78
CA THR HB 100 -12.14 114.84 -51.39
C THR HB 100 -11.82 115.79 -52.53
N ILE HB 101 -10.89 116.70 -52.24
CA ILE HB 101 -10.48 117.73 -53.17
C ILE HB 101 -9.02 117.49 -53.55
N ALA HB 102 -8.53 118.26 -54.51
CA ALA HB 102 -7.13 118.16 -54.91
C ALA HB 102 -6.19 118.55 -53.79
N ASP HB 103 -6.51 119.60 -53.04
CA ASP HB 103 -5.65 120.01 -51.92
C ASP HB 103 -5.67 118.97 -50.81
N ALA HB 104 -6.80 118.30 -50.60
CA ALA HB 104 -6.84 117.19 -49.66
C ALA HB 104 -6.01 116.04 -50.21
N ARG IB 1 40.24 50.62 -40.24
CA ARG IB 1 39.57 51.90 -40.43
C ARG IB 1 39.34 52.62 -39.11
N ASP IB 2 40.41 53.19 -38.54
CA ASP IB 2 40.31 53.98 -37.33
C ASP IB 2 40.73 55.43 -37.54
N LYS IB 3 41.96 55.67 -38.00
CA LYS IB 3 42.49 57.03 -38.02
C LYS IB 3 43.45 57.16 -39.20
N LEU IB 4 43.53 58.37 -39.74
CA LEU IB 4 44.34 58.61 -40.94
C LEU IB 4 45.60 59.41 -40.70
N ASN IB 5 45.72 60.07 -39.53
CA ASN IB 5 46.88 60.87 -39.09
C ASN IB 5 47.58 61.61 -40.22
N ASN IB 6 46.80 62.34 -41.02
CA ASN IB 6 47.32 63.00 -42.20
C ASN IB 6 48.40 64.01 -41.84
N LEU IB 7 49.40 64.13 -42.70
CA LEU IB 7 50.50 65.04 -42.45
C LEU IB 7 50.10 66.47 -42.76
N VAL IB 8 50.36 67.36 -41.81
CA VAL IB 8 50.00 68.76 -41.99
C VAL IB 8 51.08 69.52 -42.75
N LEU IB 9 52.33 69.12 -42.63
CA LEU IB 9 53.45 69.79 -43.25
C LEU IB 9 54.31 68.77 -43.97
N PHE IB 10 54.99 69.22 -45.02
CA PHE IB 10 55.79 68.30 -45.80
C PHE IB 10 57.03 67.89 -45.03
N ASP IB 11 57.54 66.70 -45.36
CA ASP IB 11 58.87 66.29 -44.92
C ASP IB 11 59.66 65.88 -46.16
N LYS IB 12 60.91 65.46 -45.94
CA LYS IB 12 61.83 65.31 -47.07
C LYS IB 12 61.42 64.16 -47.96
N ALA IB 13 61.03 63.03 -47.37
CA ALA IB 13 60.73 61.85 -48.17
C ALA IB 13 59.44 62.03 -48.96
N THR IB 14 58.58 62.95 -48.55
CA THR IB 14 57.36 63.22 -49.29
C THR IB 14 57.46 64.45 -50.17
N TYR IB 15 58.34 65.40 -49.85
CA TYR IB 15 58.50 66.57 -50.70
C TYR IB 15 59.02 66.18 -52.08
N ASP IB 16 60.12 65.43 -52.12
CA ASP IB 16 60.63 64.91 -53.38
C ASP IB 16 59.66 63.93 -54.02
N LYS IB 17 58.91 63.21 -53.20
CA LYS IB 17 57.91 62.29 -53.71
C LYS IB 17 56.85 63.05 -54.49
N LEU IB 18 56.46 64.21 -53.98
CA LEU IB 18 55.59 65.11 -54.73
C LEU IB 18 56.30 65.64 -55.97
N CYS IB 19 57.59 65.96 -55.84
CA CYS IB 19 58.31 66.58 -56.94
C CYS IB 19 58.49 65.66 -58.13
N LYS IB 20 58.68 64.35 -57.92
CA LYS IB 20 59.24 63.52 -58.99
C LYS IB 20 58.23 62.66 -59.75
N GLU IB 21 57.02 62.43 -59.25
CA GLU IB 21 56.07 61.72 -60.10
C GLU IB 21 54.67 62.31 -60.17
N VAL IB 22 54.36 63.35 -59.42
CA VAL IB 22 52.98 63.88 -59.41
C VAL IB 22 52.54 64.37 -60.79
N PRO IB 23 53.32 65.18 -61.52
CA PRO IB 23 52.82 65.63 -62.83
C PRO IB 23 53.00 64.60 -63.92
N ASN IB 24 52.64 63.35 -63.66
CA ASN IB 24 52.83 62.26 -64.61
C ASN IB 24 51.57 61.52 -64.99
N TYR IB 25 50.58 61.44 -64.10
CA TYR IB 25 49.32 60.77 -64.36
C TYR IB 25 48.25 61.78 -64.72
N LYS IB 26 47.11 61.25 -65.18
CA LYS IB 26 46.13 62.08 -65.88
C LYS IB 26 45.40 63.02 -64.93
N LEU IB 27 44.97 62.50 -63.79
CA LEU IB 27 44.12 63.25 -62.87
C LEU IB 27 44.97 63.83 -61.74
N ILE IB 28 44.76 65.11 -61.44
CA ILE IB 28 45.39 65.79 -60.32
C ILE IB 28 44.31 66.56 -59.59
N THR IB 29 43.98 66.12 -58.38
CA THR IB 29 43.06 66.81 -57.49
C THR IB 29 43.66 66.86 -56.11
N PRO IB 30 43.24 67.82 -55.28
CA PRO IB 30 43.62 67.75 -53.86
C PRO IB 30 43.17 66.46 -53.20
N ALA IB 31 42.03 65.92 -53.63
CA ALA IB 31 41.56 64.65 -53.07
C ALA IB 31 42.56 63.53 -53.34
N VAL IB 32 42.97 63.36 -54.59
CA VAL IB 32 43.88 62.26 -54.91
C VAL IB 32 45.26 62.52 -54.31
N VAL IB 33 45.71 63.78 -54.29
CA VAL IB 33 47.00 64.08 -53.69
C VAL IB 33 47.01 63.73 -52.21
N SER IB 34 45.97 64.14 -51.50
CA SER IB 34 45.90 63.83 -50.07
C SER IB 34 45.81 62.32 -49.86
N GLU IB 35 45.00 61.64 -50.66
CA GLU IB 35 44.74 60.23 -50.39
C GLU IB 35 45.89 59.31 -50.81
N ARG IB 36 46.69 59.69 -51.81
CA ARG IB 36 47.81 58.85 -52.21
C ARG IB 36 49.14 59.36 -51.70
N LEU IB 37 49.16 60.51 -51.02
CA LEU IB 37 50.37 61.04 -50.42
C LEU IB 37 50.25 61.18 -48.91
N LYS IB 38 49.11 60.84 -48.32
CA LYS IB 38 48.92 60.77 -46.87
C LYS IB 38 49.17 62.11 -46.18
N ILE IB 39 48.81 63.20 -46.85
CA ILE IB 39 48.97 64.53 -46.32
C ILE IB 39 47.60 65.08 -45.97
N ARG IB 40 47.59 66.23 -45.29
CA ARG IB 40 46.34 66.75 -44.73
C ARG IB 40 45.34 67.08 -45.83
N GLY IB 41 45.68 67.99 -46.71
CA GLY IB 41 44.79 68.31 -47.81
C GLY IB 41 44.70 69.80 -48.05
N SER IB 42 44.70 70.58 -46.97
CA SER IB 42 45.06 71.98 -47.11
C SER IB 42 46.50 72.10 -47.58
N LEU IB 43 47.37 71.24 -47.05
CA LEU IB 43 48.71 71.09 -47.58
C LEU IB 43 48.68 70.67 -49.03
N ALA IB 44 47.75 69.78 -49.39
CA ALA IB 44 47.64 69.37 -50.78
C ALA IB 44 47.28 70.54 -51.68
N ARG IB 45 46.31 71.36 -51.26
CA ARG IB 45 45.93 72.52 -52.05
C ARG IB 45 47.10 73.49 -52.19
N ALA IB 46 47.81 73.73 -51.09
CA ALA IB 46 48.94 74.66 -51.14
C ALA IB 46 50.02 74.14 -52.07
N ALA IB 47 50.32 72.85 -52.00
CA ALA IB 47 51.32 72.28 -52.89
C ALA IB 47 50.86 72.36 -54.34
N LEU IB 48 49.57 72.13 -54.59
CA LEU IB 48 49.08 72.20 -55.96
C LEU IB 48 49.17 73.61 -56.52
N GLN IB 49 48.82 74.62 -55.72
CA GLN IB 49 48.94 75.97 -56.26
C GLN IB 49 50.39 76.39 -56.40
N GLU IB 50 51.29 75.89 -55.54
CA GLU IB 50 52.71 76.14 -55.74
C GLU IB 50 53.20 75.52 -57.03
N LEU IB 51 52.80 74.27 -57.31
CA LEU IB 51 53.21 73.63 -58.55
C LEU IB 51 52.57 74.30 -59.76
N LEU IB 52 51.38 74.87 -59.57
CA LEU IB 52 50.76 75.67 -60.62
C LEU IB 52 51.60 76.90 -60.94
N SER IB 53 52.03 77.62 -59.89
CA SER IB 53 52.86 78.80 -60.08
C SER IB 53 54.18 78.44 -60.73
N LYS IB 54 54.77 77.31 -60.32
CA LYS IB 54 55.95 76.81 -61.00
C LYS IB 54 55.66 76.42 -62.44
N GLY IB 55 54.40 76.09 -62.75
CA GLY IB 55 53.99 75.91 -64.13
C GLY IB 55 54.14 74.51 -64.69
N LEU IB 56 54.38 73.51 -63.85
CA LEU IB 56 54.50 72.13 -64.32
C LEU IB 56 53.21 71.34 -64.11
N ILE IB 57 52.12 72.01 -63.74
CA ILE IB 57 50.80 71.40 -63.66
C ILE IB 57 49.80 72.34 -64.33
N LYS IB 58 48.98 71.80 -65.21
CA LYS IB 58 48.04 72.60 -66.00
C LYS IB 58 46.68 72.61 -65.32
N LEU IB 59 46.12 73.81 -65.17
CA LEU IB 59 44.80 73.97 -64.57
C LEU IB 59 43.72 73.89 -65.64
N VAL IB 60 42.59 73.26 -65.28
CA VAL IB 60 41.43 73.20 -66.14
C VAL IB 60 40.18 73.77 -65.46
N SER IB 61 39.91 73.40 -64.21
CA SER IB 61 38.60 73.64 -63.61
C SER IB 61 38.55 74.86 -62.72
N LYS IB 62 39.33 74.88 -61.64
CA LYS IB 62 39.33 75.96 -60.64
C LYS IB 62 37.89 76.32 -60.23
N HIS IB 63 37.24 75.35 -59.60
CA HIS IB 63 35.96 75.60 -58.96
C HIS IB 63 36.17 75.70 -57.45
N ARG IB 64 35.32 76.49 -56.80
CA ARG IB 64 35.54 76.84 -55.39
C ARG IB 64 35.51 75.61 -54.50
N ALA IB 65 34.81 74.57 -54.91
CA ALA IB 65 34.71 73.35 -54.13
C ALA IB 65 35.28 72.14 -54.85
N GLN IB 66 35.60 72.26 -56.14
CA GLN IB 66 36.01 71.09 -56.91
C GLN IB 66 37.02 71.57 -57.96
N VAL IB 67 38.30 71.55 -57.61
CA VAL IB 67 39.37 72.00 -58.49
C VAL IB 67 40.08 70.77 -59.05
N ILE IB 68 40.29 70.77 -60.37
CA ILE IB 68 40.87 69.64 -61.08
C ILE IB 68 42.06 70.15 -61.87
N TYR IB 69 43.15 69.38 -61.86
CA TYR IB 69 44.36 69.72 -62.58
C TYR IB 69 44.75 68.56 -63.48
N THR IB 70 45.50 68.89 -64.53
CA THR IB 70 46.06 67.87 -65.39
C THR IB 70 47.53 68.17 -65.57
N ARG IB 71 48.30 67.13 -65.88
CA ARG IB 71 49.68 67.37 -66.23
C ARG IB 71 49.74 68.10 -67.56
N ASN IB 72 50.87 68.75 -67.80
CA ASN IB 72 51.05 69.38 -69.09
C ASN IB 72 51.22 68.32 -70.18
N THR IB 73 50.83 68.68 -71.39
CA THR IB 73 50.81 67.72 -72.49
C THR IB 73 52.21 67.26 -72.84
N LYS IB 74 52.33 66.00 -73.24
CA LYS IB 74 53.57 65.44 -73.75
C LYS IB 74 53.50 65.33 -75.27
N GLY IB 75 54.46 65.95 -75.94
CA GLY IB 75 54.49 66.00 -77.38
C GLY IB 75 54.80 67.39 -77.91
N ARG JB 1 27.95 25.86 -73.58
CA ARG JB 1 26.99 25.11 -72.78
C ARG JB 1 25.80 25.97 -72.40
N VAL JB 2 26.07 27.07 -71.70
CA VAL JB 2 25.01 27.94 -71.20
C VAL JB 2 24.33 28.64 -72.37
N GLN JB 3 23.08 29.01 -72.17
CA GLN JB 3 22.34 29.71 -73.22
C GLN JB 3 22.93 31.10 -73.45
N PRO JB 4 23.24 31.46 -74.69
CA PRO JB 4 23.68 32.84 -74.96
C PRO JB 4 22.50 33.79 -74.89
N ILE JB 5 22.83 35.07 -74.65
CA ILE JB 5 21.79 36.09 -74.57
C ILE JB 5 21.16 36.27 -75.94
N LYS JB 6 19.83 36.26 -75.96
CA LYS JB 6 19.09 36.43 -77.20
C LYS JB 6 17.98 37.44 -76.99
N LEU JB 7 17.63 38.14 -78.06
CA LEU JB 7 16.73 39.29 -77.96
C LEU JB 7 15.33 38.92 -78.43
N ALA JB 8 14.37 39.75 -78.05
CA ALA JB 8 12.97 39.51 -78.40
C ALA JB 8 12.19 40.82 -78.25
N ARG JB 9 11.10 40.94 -78.99
CA ARG JB 9 10.26 42.12 -78.98
C ARG JB 9 8.87 41.80 -78.45
N VAL JB 10 8.33 42.70 -77.63
CA VAL JB 10 6.95 42.59 -77.19
C VAL JB 10 6.04 42.84 -78.39
N THR JB 11 5.03 42.00 -78.54
CA THR JB 11 3.97 42.21 -79.52
C THR JB 11 2.71 42.80 -78.90
N LYS JB 12 2.31 42.30 -77.73
CA LYS JB 12 1.01 42.61 -77.19
C LYS JB 12 1.05 42.46 -75.67
N VAL JB 13 0.38 43.38 -74.97
CA VAL JB 13 0.35 43.39 -73.53
C VAL JB 13 -0.92 42.68 -73.09
N LEU JB 14 -0.77 41.63 -72.28
CA LEU JB 14 -1.94 40.91 -71.80
C LEU JB 14 -2.53 41.62 -70.58
N GLY JB 15 -1.74 41.80 -69.53
CA GLY JB 15 -2.20 42.51 -68.36
C GLY JB 15 -1.25 42.33 -67.20
N ARG JB 16 -1.54 43.07 -66.13
CA ARG JB 16 -0.73 43.02 -64.92
C ARG JB 16 -0.93 41.68 -64.21
N THR JB 17 0.05 41.32 -63.38
CA THR JB 17 -0.04 40.11 -62.59
C THR JB 17 0.79 40.28 -61.32
N GLY JB 18 0.95 39.18 -60.58
CA GLY JB 18 1.59 39.21 -59.28
C GLY JB 18 0.67 39.51 -58.13
N SER JB 19 -0.61 39.77 -58.41
CA SER JB 19 -1.65 40.12 -57.45
C SER JB 19 -1.33 41.40 -56.67
N GLN JB 20 -0.27 42.11 -57.02
CA GLN JB 20 -0.06 43.49 -56.64
C GLN JB 20 0.09 44.40 -57.84
N GLY JB 21 -0.05 43.87 -59.05
CA GLY JB 21 0.16 44.65 -60.24
C GLY JB 21 1.61 44.99 -60.51
N GLN JB 22 2.53 44.41 -59.73
CA GLN JB 22 3.94 44.75 -59.84
C GLN JB 22 4.58 44.18 -61.10
N CYS JB 23 3.92 43.23 -61.76
CA CYS JB 23 4.43 42.66 -63.00
C CYS JB 23 3.32 42.61 -64.04
N THR JB 24 3.68 42.84 -65.29
CA THR JB 24 2.75 42.74 -66.41
C THR JB 24 3.16 41.59 -67.30
N GLN JB 25 2.16 40.89 -67.83
CA GLN JB 25 2.38 39.74 -68.71
C GLN JB 25 2.14 40.16 -70.14
N VAL JB 26 3.09 39.86 -71.02
CA VAL JB 26 3.03 40.28 -72.41
C VAL JB 26 3.41 39.11 -73.31
N ARG JB 27 3.01 39.19 -74.56
CA ARG JB 27 3.36 38.19 -75.56
C ARG JB 27 4.53 38.73 -76.38
N VAL JB 28 5.66 38.04 -76.29
CA VAL JB 28 6.94 38.56 -76.77
C VAL JB 28 7.42 37.69 -77.93
N GLU JB 29 7.96 38.35 -78.96
CA GLU JB 29 8.31 37.71 -80.22
C GLU JB 29 9.83 37.66 -80.37
N PHE JB 30 10.34 36.49 -80.78
CA PHE JB 30 11.77 36.29 -80.90
C PHE JB 30 12.34 37.03 -82.09
N MET JB 31 13.58 37.51 -81.93
CA MET JB 31 14.28 38.16 -83.02
C MET JB 31 14.80 37.15 -84.04
N ASP JB 32 15.34 36.03 -83.58
CA ASP JB 32 15.92 35.06 -84.49
C ASP JB 32 14.85 34.33 -85.28
N ASP JB 33 13.74 33.99 -84.63
CA ASP JB 33 12.62 33.31 -85.29
C ASP JB 33 11.39 34.17 -85.04
N THR JB 34 10.99 34.92 -86.07
CA THR JB 34 9.82 35.78 -85.95
C THR JB 34 8.55 34.96 -85.77
N SER JB 35 8.48 33.78 -86.40
CA SER JB 35 7.32 32.92 -86.21
C SER JB 35 7.25 32.35 -84.80
N ARG JB 36 8.37 32.27 -84.09
CA ARG JB 36 8.38 31.87 -82.70
C ARG JB 36 8.11 33.07 -81.80
N SER JB 37 7.13 32.95 -80.92
CA SER JB 37 6.83 33.97 -79.92
C SER JB 37 6.26 33.28 -78.69
N ILE JB 38 6.82 33.58 -77.53
CA ILE JB 38 6.37 32.95 -76.29
C ILE JB 38 5.79 34.02 -75.37
N ILE JB 39 5.29 33.59 -74.22
CA ILE JB 39 4.61 34.47 -73.27
C ILE JB 39 5.53 34.67 -72.08
N ARG JB 40 5.82 35.93 -71.76
CA ARG JB 40 6.68 36.25 -70.63
C ARG JB 40 6.09 37.41 -69.83
N ASN JB 41 6.17 37.29 -68.51
CA ASN JB 41 5.80 38.38 -67.62
C ASN JB 41 7.01 39.28 -67.40
N VAL JB 42 6.78 40.58 -67.35
CA VAL JB 42 7.84 41.55 -67.14
C VAL JB 42 7.39 42.59 -66.14
N LYS JB 43 8.36 43.29 -65.55
CA LYS JB 43 8.14 44.27 -64.51
C LYS JB 43 8.64 45.63 -64.99
N GLY JB 44 8.22 46.68 -64.29
CA GLY JB 44 8.57 48.01 -64.71
C GLY JB 44 7.59 48.51 -65.74
N PRO JB 45 7.71 49.78 -66.14
CA PRO JB 45 6.80 50.33 -67.15
C PRO JB 45 7.08 49.72 -68.51
N VAL JB 46 6.06 49.09 -69.08
CA VAL JB 46 6.20 48.32 -70.32
C VAL JB 46 5.16 48.77 -71.32
N ARG JB 47 5.59 49.04 -72.54
CA ARG JB 47 4.69 49.26 -73.67
C ARG JB 47 5.17 48.44 -74.84
N GLU JB 48 4.23 47.86 -75.58
CA GLU JB 48 4.56 46.85 -76.58
C GLU JB 48 5.39 47.44 -77.70
N GLY JB 49 6.16 46.59 -78.37
CA GLY JB 49 7.02 46.98 -79.45
C GLY JB 49 8.45 47.23 -79.04
N ASP JB 50 8.70 47.45 -77.76
CA ASP JB 50 10.07 47.54 -77.28
C ASP JB 50 10.66 46.14 -77.15
N VAL JB 51 11.94 46.08 -76.86
CA VAL JB 51 12.67 44.83 -76.85
C VAL JB 51 13.26 44.61 -75.47
N LEU JB 52 13.60 43.35 -75.19
CA LEU JB 52 14.17 43.00 -73.90
C LEU JB 52 15.06 41.77 -74.05
N THR JB 53 16.02 41.67 -73.15
CA THR JB 53 16.96 40.56 -73.16
C THR JB 53 16.31 39.31 -72.59
N LEU JB 54 16.76 38.16 -73.07
CA LEU JB 54 16.37 36.86 -72.53
C LEU JB 54 17.62 36.12 -72.10
N LEU JB 55 17.98 36.25 -70.83
CA LEU JB 55 19.06 35.44 -70.28
C LEU JB 55 18.72 33.97 -70.34
N GLU JB 56 17.49 33.62 -69.98
CA GLU JB 56 16.96 32.28 -70.11
C GLU JB 56 15.75 32.35 -71.03
N SER JB 57 15.59 31.33 -71.87
CA SER JB 57 14.59 31.42 -72.94
C SER JB 57 13.18 31.25 -72.40
N GLU JB 58 12.86 30.07 -71.87
CA GLU JB 58 11.47 29.73 -71.53
C GLU JB 58 11.31 29.57 -70.02
N ARG JB 59 10.36 30.30 -69.45
CA ARG JB 59 10.02 30.14 -68.04
C ARG JB 59 8.64 29.55 -67.86
N GLU JB 60 7.60 30.22 -68.36
CA GLU JB 60 6.23 29.80 -68.10
C GLU JB 60 5.29 30.64 -68.93
N ALA JB 61 4.18 30.05 -69.33
CA ALA JB 61 3.10 30.75 -70.01
C ALA JB 61 1.79 30.39 -69.34
N ARG JB 62 1.01 31.39 -68.96
CA ARG JB 62 -0.25 31.14 -68.28
C ARG JB 62 -1.16 32.34 -68.50
N ARG JB 63 -2.27 32.11 -69.22
CA ARG JB 63 -3.23 33.18 -69.47
C ARG JB 63 -3.84 33.66 -68.16
N LEU JB 64 -3.94 34.97 -68.03
CA LEU JB 64 -4.41 35.60 -66.80
C LEU JB 64 -5.83 35.18 -66.42
N GLY KB 1 -13.17 95.69 0.33
CA GLY KB 1 -12.16 96.68 0.65
C GLY KB 1 -12.56 98.07 0.22
N HIS KB 2 -11.68 99.04 0.44
CA HIS KB 2 -11.95 100.40 0.00
C HIS KB 2 -11.42 100.59 -1.41
N GLN KB 3 -11.41 101.84 -1.86
CA GLN KB 3 -11.02 102.19 -3.22
C GLN KB 3 -9.55 101.88 -3.51
N GLN KB 4 -8.74 101.69 -2.48
CA GLN KB 4 -7.30 101.59 -2.67
C GLN KB 4 -6.83 100.16 -2.96
N LEU KB 5 -7.72 99.17 -2.87
CA LEU KB 5 -7.32 97.80 -3.17
C LEU KB 5 -8.36 97.00 -3.93
N TYR KB 6 -9.60 97.50 -4.06
CA TYR KB 6 -10.63 96.76 -4.79
C TYR KB 6 -10.25 96.56 -6.26
N TRP KB 7 -9.68 97.59 -6.88
CA TRP KB 7 -9.29 97.51 -8.28
C TRP KB 7 -7.90 98.09 -8.49
N SER KB 8 -7.05 98.00 -7.47
CA SER KB 8 -5.72 98.58 -7.55
C SER KB 8 -4.79 97.77 -8.44
N HIS KB 9 -5.09 96.50 -8.67
CA HIS KB 9 -4.20 95.64 -9.43
C HIS KB 9 -4.21 96.04 -10.91
N PRO KB 10 -3.06 96.38 -11.49
CA PRO KB 10 -3.05 96.94 -12.84
C PRO KB 10 -3.52 95.94 -13.90
N ARG KB 11 -4.34 96.42 -14.82
CA ARG KB 11 -4.71 95.70 -16.04
C ARG KB 11 -4.68 96.62 -17.23
N LYS KB 12 -3.60 97.39 -17.37
CA LYS KB 12 -3.44 98.27 -18.51
C LYS KB 12 -2.89 97.57 -19.74
N PHE KB 13 -2.70 96.26 -19.69
CA PHE KB 13 -2.29 95.47 -20.84
C PHE KB 13 -2.56 94.00 -20.52
N GLY KB 14 -2.34 93.14 -21.50
CA GLY KB 14 -2.39 91.72 -21.23
C GLY KB 14 -3.77 91.12 -21.41
N GLN KB 15 -3.82 89.81 -21.18
CA GLN KB 15 -5.05 89.04 -21.39
C GLN KB 15 -6.15 89.48 -20.45
N GLY KB 16 -5.82 89.78 -19.19
CA GLY KB 16 -6.82 90.29 -18.27
C GLY KB 16 -7.31 91.68 -18.59
N SER KB 17 -6.61 92.39 -19.47
CA SER KB 17 -7.09 93.68 -19.94
C SER KB 17 -8.15 93.56 -21.01
N ARG KB 18 -8.37 92.37 -21.56
CA ARG KB 18 -9.26 92.18 -22.69
C ARG KB 18 -10.34 91.16 -22.35
N SER KB 19 -11.52 91.34 -22.93
CA SER KB 19 -12.61 90.40 -22.79
C SER KB 19 -13.36 90.35 -24.12
N CYS KB 20 -14.11 89.27 -24.33
CA CYS KB 20 -14.90 89.16 -25.54
C CYS KB 20 -15.92 90.28 -25.60
N ARG KB 21 -15.98 90.96 -26.73
CA ARG KB 21 -16.94 92.04 -26.88
C ARG KB 21 -18.38 91.54 -26.90
N VAL KB 22 -18.59 90.23 -27.03
CA VAL KB 22 -19.92 89.64 -26.99
C VAL KB 22 -20.15 88.87 -25.70
N CYS KB 23 -19.41 87.78 -25.49
CA CYS KB 23 -19.69 86.87 -24.38
C CYS KB 23 -18.82 87.14 -23.16
N SER KB 24 -18.01 88.19 -23.19
CA SER KB 24 -17.19 88.60 -22.05
C SER KB 24 -16.23 87.50 -21.61
N ASN KB 25 -15.88 86.61 -22.54
CA ASN KB 25 -14.85 85.62 -22.25
C ASN KB 25 -13.48 86.15 -22.63
N ARG KB 26 -12.45 85.56 -22.05
CA ARG KB 26 -11.07 86.01 -22.23
C ARG KB 26 -10.22 85.01 -23.00
N HIS KB 27 -10.86 84.08 -23.71
CA HIS KB 27 -10.13 83.02 -24.39
C HIS KB 27 -10.54 82.96 -25.86
N GLY KB 28 -9.55 82.78 -26.72
CA GLY KB 28 -9.83 82.65 -28.14
C GLY KB 28 -10.30 83.92 -28.80
N LEU KB 29 -9.95 85.08 -28.24
CA LEU KB 29 -10.30 86.33 -28.88
C LEU KB 29 -9.49 86.53 -30.15
N ILE KB 30 -10.07 87.29 -31.06
CA ILE KB 30 -9.44 87.64 -32.32
C ILE KB 30 -9.21 89.14 -32.28
N ARG KB 31 -7.97 89.56 -32.06
CA ARG KB 31 -7.63 90.97 -32.02
C ARG KB 31 -7.23 91.49 -33.39
N LYS KB 32 -7.26 90.65 -34.41
CA LYS KB 32 -6.99 91.10 -35.76
C LYS KB 32 -8.10 92.03 -36.22
N TYR KB 33 -7.71 93.13 -36.86
CA TYR KB 33 -8.62 94.17 -37.32
C TYR KB 33 -9.45 94.75 -36.19
N GLY KB 34 -8.92 94.73 -34.97
CA GLY KB 34 -9.64 95.26 -33.82
C GLY KB 34 -10.95 94.57 -33.55
N LEU KB 35 -11.02 93.26 -33.79
CA LEU KB 35 -12.30 92.57 -33.71
C LEU KB 35 -12.72 92.38 -32.26
N ASN KB 36 -11.80 91.98 -31.40
CA ASN KB 36 -12.03 91.86 -29.95
C ASN KB 36 -13.18 90.92 -29.63
N MET KB 37 -13.30 89.85 -30.42
CA MET KB 37 -14.41 88.92 -30.29
C MET KB 37 -13.88 87.52 -30.04
N CYS KB 38 -14.63 86.76 -29.24
CA CYS KB 38 -14.30 85.37 -29.02
C CYS KB 38 -14.39 84.58 -30.32
N ARG KB 39 -13.64 83.50 -30.37
CA ARG KB 39 -13.63 82.61 -31.54
C ARG KB 39 -15.01 82.03 -31.81
N GLN KB 40 -15.66 81.50 -30.79
CA GLN KB 40 -16.97 80.89 -30.98
C GLN KB 40 -18.01 81.93 -31.39
N CYS KB 41 -17.95 83.11 -30.79
CA CYS KB 41 -18.85 84.19 -31.18
C CYS KB 41 -18.56 84.66 -32.60
N PHE KB 42 -17.29 84.65 -32.99
CA PHE KB 42 -16.95 84.97 -34.37
C PHE KB 42 -17.59 83.96 -35.32
N ARG KB 43 -17.55 82.68 -34.96
CA ARG KB 43 -18.27 81.67 -35.74
C ARG KB 43 -19.75 81.97 -35.78
N GLN KB 44 -20.31 82.43 -34.65
CA GLN KB 44 -21.74 82.69 -34.57
C GLN KB 44 -22.15 83.83 -35.50
N TYR KB 45 -21.32 84.87 -35.60
CA TYR KB 45 -21.74 86.11 -36.23
C TYR KB 45 -21.05 86.41 -37.55
N ALA KB 46 -20.12 85.56 -38.01
CA ALA KB 46 -19.31 85.89 -39.18
C ALA KB 46 -20.15 86.17 -40.41
N LYS KB 47 -21.28 85.49 -40.55
CA LYS KB 47 -22.22 85.87 -41.59
C LYS KB 47 -22.71 87.30 -41.41
N ASP KB 48 -23.03 87.68 -40.17
CA ASP KB 48 -23.59 89.01 -39.93
C ASP KB 48 -22.58 90.11 -40.20
N ILE KB 49 -21.33 89.92 -39.74
CA ILE KB 49 -20.29 90.86 -40.11
C ILE KB 49 -20.06 90.84 -41.61
N GLY KB 50 -20.00 89.65 -42.19
CA GLY KB 50 -19.87 89.56 -43.63
C GLY KB 50 -18.73 88.69 -44.11
N PHE KB 51 -17.92 88.20 -43.17
CA PHE KB 51 -16.90 87.22 -43.51
C PHE KB 51 -17.59 85.93 -43.93
N ILE KB 52 -17.54 85.64 -45.22
CA ILE KB 52 -18.15 84.43 -45.77
C ILE KB 52 -17.05 83.51 -46.25
N LYS KB 53 -17.46 82.29 -46.59
CA LYS KB 53 -16.54 81.25 -47.03
C LYS KB 53 -16.52 81.18 -48.55
N LEU KB 54 -15.33 81.17 -49.12
CA LEU KB 54 -15.14 80.92 -50.54
C LEU KB 54 -14.37 79.64 -50.80
N ASP KB 55 -13.32 79.40 -50.03
CA ASP KB 55 -12.44 78.26 -50.19
C ASP KB 55 -12.15 77.62 -48.84
N TYR LB 1 -13.19 72.53 5.01
CA TYR LB 1 -13.13 73.90 5.52
C TYR LB 1 -12.27 73.95 6.77
N THR LB 2 -12.92 74.19 7.91
CA THR LB 2 -12.29 74.18 9.23
C THR LB 2 -11.14 75.20 9.26
N THR LB 3 -11.54 76.45 9.18
CA THR LB 3 -10.57 77.54 9.16
C THR LB 3 -9.80 77.57 10.47
N PRO LB 4 -8.47 77.67 10.44
CA PRO LB 4 -7.71 77.70 11.70
C PRO LB 4 -8.06 78.86 12.62
N LYS LB 5 -8.44 80.00 12.05
CA LYS LB 5 -8.81 81.16 12.86
C LYS LB 5 -10.31 81.13 13.16
N LYS LB 6 -10.67 81.76 14.26
CA LYS LB 6 -12.08 81.98 14.56
C LYS LB 6 -12.67 82.99 13.57
N ASN LB 7 -13.99 83.03 13.52
CA ASN LB 7 -14.66 83.89 12.55
C ASN LB 7 -14.44 85.35 12.92
N LYS LB 8 -13.99 86.15 11.95
CA LYS LB 8 -13.54 87.50 12.22
C LYS LB 8 -14.67 88.39 12.72
N HIS LB 9 -14.43 89.03 13.86
CA HIS LB 9 -15.42 89.92 14.46
C HIS LB 9 -15.41 91.28 13.76
N LYS LB 10 -16.52 91.61 13.12
CA LYS LB 10 -16.69 92.94 12.54
C LYS LB 10 -16.83 93.99 13.64
N ARG LB 11 -16.32 95.19 13.34
CA ARG LB 11 -16.40 96.31 14.28
C ARG LB 11 -17.85 96.67 14.58
N LYS LB 12 -18.12 96.90 15.86
CA LYS LB 12 -19.41 97.39 16.32
C LYS LB 12 -19.23 98.83 16.79
N LYS LB 13 -20.09 99.73 16.30
CA LYS LB 13 -19.98 101.13 16.68
C LYS LB 13 -20.26 101.33 18.16
N VAL LB 14 -19.77 102.47 18.68
CA VAL LB 14 -19.91 102.78 20.08
C VAL LB 14 -21.32 103.13 20.48
N LYS LB 15 -22.21 103.41 19.51
CA LYS LB 15 -23.62 103.71 19.76
C LYS LB 15 -23.76 104.93 20.68
N LEU LB 16 -23.30 106.07 20.16
CA LEU LB 16 -23.27 107.29 20.94
C LEU LB 16 -24.66 107.91 21.06
N ALA LB 17 -24.96 108.44 22.23
CA ALA LB 17 -26.18 109.21 22.47
C ALA LB 17 -25.98 110.62 21.92
N VAL LB 18 -26.81 111.55 22.40
CA VAL LB 18 -26.70 112.95 21.97
C VAL LB 18 -25.30 113.48 22.24
N LEU LB 19 -24.78 114.24 21.27
CA LEU LB 19 -23.40 114.68 21.27
C LEU LB 19 -23.06 115.60 22.45
N LYS LB 20 -23.67 116.79 22.53
CA LYS LB 20 -23.56 117.67 23.70
C LYS LB 20 -22.12 118.00 24.10
N TYR LB 21 -21.20 118.09 23.14
CA TYR LB 21 -19.85 118.54 23.49
C TYR LB 21 -19.62 120.01 23.16
N TYR LB 22 -20.43 120.89 23.75
CA TYR LB 22 -20.19 122.34 23.77
C TYR LB 22 -21.20 122.98 24.72
N LYS LB 23 -20.71 123.90 25.56
CA LYS LB 23 -21.45 124.36 26.73
C LYS LB 23 -21.54 125.88 26.74
N VAL LB 24 -22.69 126.39 27.20
CA VAL LB 24 -22.88 127.81 27.47
C VAL LB 24 -23.34 127.96 28.92
N ASP LB 25 -23.02 129.12 29.50
CA ASP LB 25 -23.37 129.42 30.87
C ASP LB 25 -23.79 130.87 30.98
N GLU LB 26 -24.10 131.27 32.22
CA GLU LB 26 -24.50 132.63 32.61
C GLU LB 26 -25.45 133.25 31.59
N ASN LB 27 -26.60 132.57 31.43
CA ASN LB 27 -27.64 132.95 30.46
C ASN LB 27 -27.13 132.85 29.03
N GLY LB 28 -26.14 132.01 28.79
CA GLY LB 28 -25.78 131.65 27.43
C GLY LB 28 -24.62 132.42 26.85
N LYS LB 29 -23.44 131.80 26.82
CA LYS LB 29 -22.27 132.37 26.15
C LYS LB 29 -21.53 131.22 25.48
N ILE LB 30 -21.40 131.29 24.15
CA ILE LB 30 -20.94 130.14 23.38
C ILE LB 30 -19.49 129.81 23.72
N SER LB 31 -19.22 128.52 23.88
CA SER LB 31 -17.87 128.04 24.16
C SER LB 31 -17.66 126.78 23.34
N ARG LB 32 -17.02 126.93 22.18
CA ARG LB 32 -16.55 125.77 21.43
C ARG LB 32 -15.47 125.07 22.24
N LEU LB 33 -15.80 123.93 22.84
CA LEU LB 33 -14.78 123.13 23.52
C LEU LB 33 -14.10 122.16 22.57
N ARG LB 34 -14.43 122.24 21.28
CA ARG LB 34 -13.79 121.42 20.26
C ARG LB 34 -13.08 122.33 19.26
N ARG LB 35 -11.96 121.84 18.74
CA ARG LB 35 -11.25 122.55 17.69
C ARG LB 35 -12.10 122.60 16.43
N GLU LB 36 -11.98 123.72 15.71
CA GLU LB 36 -12.70 123.91 14.46
C GLU LB 36 -11.81 123.56 13.28
N CYS LB 37 -12.32 122.75 12.37
CA CYS LB 37 -11.58 122.43 11.16
C CYS LB 37 -11.53 123.67 10.27
N PRO LB 38 -10.35 124.16 9.93
CA PRO LB 38 -10.24 125.47 9.27
C PRO LB 38 -10.55 125.44 7.78
N SER LB 39 -10.54 124.28 7.15
CA SER LB 39 -10.63 124.20 5.71
C SER LB 39 -12.04 124.54 5.25
N ASP LB 40 -12.12 125.02 4.00
CA ASP LB 40 -13.41 125.28 3.38
C ASP LB 40 -14.21 124.00 3.20
N GLU LB 41 -13.52 122.90 2.87
CA GLU LB 41 -14.22 121.63 2.66
C GLU LB 41 -14.80 121.10 3.98
N CYS LB 42 -14.09 121.28 5.09
CA CYS LB 42 -14.67 120.99 6.38
C CYS LB 42 -15.72 122.03 6.74
N GLY LB 43 -15.40 123.30 6.56
CA GLY LB 43 -16.28 124.38 6.92
C GLY LB 43 -16.10 124.84 8.35
N ALA LB 44 -16.69 126.00 8.63
CA ALA LB 44 -16.70 126.55 9.98
C ALA LB 44 -17.79 125.94 10.85
N GLY LB 45 -18.57 125.01 10.30
CA GLY LB 45 -19.64 124.38 11.03
C GLY LB 45 -19.20 123.18 11.85
N VAL LB 46 -18.39 122.31 11.27
CA VAL LB 46 -18.01 121.10 11.96
C VAL LB 46 -16.94 121.38 13.00
N PHE LB 47 -16.80 120.45 13.93
CA PHE LB 47 -15.74 120.47 14.93
C PHE LB 47 -14.71 119.41 14.57
N MET LB 48 -13.54 119.52 15.17
CA MET LB 48 -12.50 118.51 15.00
C MET LB 48 -12.48 117.54 16.17
N ALA LB 49 -11.70 116.47 16.00
CA ALA LB 49 -11.54 115.49 17.06
C ALA LB 49 -10.67 116.05 18.19
N SER LB 50 -10.80 115.44 19.35
CA SER LB 50 -10.11 115.85 20.57
C SER LB 50 -9.31 114.69 21.13
N HIS LB 51 -8.58 114.03 20.24
CA HIS LB 51 -7.72 112.92 20.61
C HIS LB 51 -6.65 113.37 21.61
N PHE LB 52 -6.08 112.40 22.32
CA PHE LB 52 -5.14 112.71 23.39
C PHE LB 52 -3.85 113.36 22.89
N ASP LB 53 -3.53 113.24 21.61
CA ASP LB 53 -2.31 113.84 21.11
C ASP LB 53 -2.44 114.51 19.75
N ARG LB 54 -3.62 114.50 19.14
CA ARG LB 54 -3.81 115.17 17.85
C ARG LB 54 -5.27 115.60 17.75
N HIS LB 55 -5.59 116.26 16.65
CA HIS LB 55 -6.98 116.62 16.36
C HIS LB 55 -7.30 116.26 14.91
N TYR LB 56 -8.45 115.61 14.73
CA TYR LB 56 -8.88 115.10 13.44
C TYR LB 56 -10.12 115.85 12.97
N CYS LB 57 -10.11 116.27 11.71
CA CYS LB 57 -11.28 116.89 11.09
C CYS LB 57 -12.01 115.81 10.32
N GLY LB 58 -13.32 115.71 10.54
CA GLY LB 58 -14.06 114.60 9.97
C GLY LB 58 -14.08 114.60 8.46
N LYS LB 59 -14.19 115.77 7.85
CA LYS LB 59 -14.17 115.88 6.39
C LYS LB 59 -12.80 116.25 5.85
N CYS LB 60 -12.16 117.28 6.40
CA CYS LB 60 -10.88 117.73 5.86
C CYS LB 60 -9.78 116.73 6.12
N CYS LB 61 -9.98 115.80 7.06
CA CYS LB 61 -8.99 114.80 7.49
C CYS LB 61 -7.64 115.43 7.81
N LEU LB 62 -7.64 116.70 8.20
CA LEU LB 62 -6.44 117.33 8.70
C LEU LB 62 -6.17 116.89 10.12
N THR LB 63 -4.92 116.63 10.42
CA THR LB 63 -4.49 116.21 11.75
C THR LB 63 -3.58 117.29 12.31
N TYR LB 64 -4.06 118.01 13.33
CA TYR LB 64 -3.27 119.01 14.02
C TYR LB 64 -2.57 118.35 15.20
N CYS LB 65 -1.26 118.22 15.10
CA CYS LB 65 -0.44 117.44 16.02
C CYS LB 65 0.28 118.37 16.98
N PHE LB 66 0.18 118.07 18.28
CA PHE LB 66 0.83 118.85 19.31
C PHE LB 66 1.69 117.93 20.17
N ASN LB 67 2.90 118.39 20.48
CA ASN LB 67 3.84 117.64 21.31
C ASN LB 67 3.79 118.12 22.75
N THR MB 1 -14.24 73.18 -124.02
CA THR MB 1 -12.79 73.06 -123.94
C THR MB 1 -12.27 73.65 -122.65
N GLU MB 2 -13.20 74.08 -121.80
CA GLU MB 2 -12.88 74.67 -120.51
C GLU MB 2 -13.37 73.76 -119.40
N GLN MB 3 -12.57 73.66 -118.34
CA GLN MB 3 -12.95 72.89 -117.17
C GLN MB 3 -12.16 73.40 -115.97
N MET MB 4 -12.76 73.25 -114.80
CA MET MB 4 -12.19 73.80 -113.57
C MET MB 4 -11.42 72.71 -112.86
N THR MB 5 -10.18 73.00 -112.50
CA THR MB 5 -9.31 72.00 -111.88
C THR MB 5 -8.56 72.62 -110.72
N LEU MB 6 -7.81 71.78 -110.01
CA LEU MB 6 -6.93 72.25 -108.94
C LEU MB 6 -5.82 73.12 -109.53
N ARG MB 7 -5.34 74.04 -108.72
CA ARG MB 7 -4.11 74.74 -109.05
C ARG MB 7 -3.18 74.68 -107.85
N GLY MB 8 -3.75 74.45 -106.68
CA GLY MB 8 -2.96 74.31 -105.48
C GLY MB 8 -3.79 74.54 -104.24
N THR MB 9 -3.08 74.58 -103.11
CA THR MB 9 -3.65 74.83 -101.80
C THR MB 9 -2.76 75.81 -101.05
N LEU MB 10 -3.36 76.54 -100.12
CA LEU MB 10 -2.62 77.44 -99.24
C LEU MB 10 -2.69 76.88 -97.83
N LYS MB 11 -1.54 76.75 -97.19
CA LYS MB 11 -1.45 76.25 -95.83
C LYS MB 11 -0.94 77.34 -94.91
N GLY MB 12 -1.08 77.12 -93.61
CA GLY MB 12 -0.64 78.09 -92.63
C GLY MB 12 -1.79 78.51 -91.74
N HIS MB 13 -3.00 78.17 -92.17
CA HIS MB 13 -4.18 78.48 -91.39
C HIS MB 13 -4.47 77.36 -90.42
N ASN MB 14 -4.98 77.74 -89.24
CA ASN MB 14 -5.34 76.80 -88.19
C ASN MB 14 -6.84 76.85 -87.93
N GLY MB 15 -7.61 77.17 -88.96
CA GLY MB 15 -9.05 77.25 -88.79
C GLY MB 15 -9.74 77.27 -90.14
N TRP MB 16 -11.06 77.09 -90.09
CA TRP MB 16 -11.87 77.13 -91.29
C TRP MB 16 -11.70 78.48 -91.96
N VAL MB 17 -11.51 78.48 -93.27
CA VAL MB 17 -11.39 79.74 -94.01
C VAL MB 17 -12.80 80.30 -94.17
N THR MB 18 -13.14 81.31 -93.35
CA THR MB 18 -14.50 81.81 -93.35
C THR MB 18 -14.78 82.67 -94.59
N GLN MB 19 -13.81 83.47 -95.02
CA GLN MB 19 -14.07 84.42 -96.09
C GLN MB 19 -12.82 84.66 -96.92
N ILE MB 20 -13.01 84.75 -98.24
CA ILE MB 20 -11.96 85.06 -99.20
C ILE MB 20 -12.30 86.41 -99.84
N ALA MB 21 -11.33 87.31 -99.87
CA ALA MB 21 -11.47 88.58 -100.58
C ALA MB 21 -10.32 88.74 -101.56
N THR MB 22 -10.64 89.11 -102.80
CA THR MB 22 -9.65 89.29 -103.84
C THR MB 22 -9.79 90.69 -104.41
N THR MB 23 -8.70 91.18 -105.00
CA THR MB 23 -8.68 92.53 -105.51
C THR MB 23 -8.23 92.55 -106.96
N PRO MB 24 -8.71 93.51 -107.74
CA PRO MB 24 -8.24 93.63 -109.12
C PRO MB 24 -6.86 94.26 -109.22
N GLN MB 25 -6.57 95.24 -108.36
CA GLN MB 25 -5.32 95.99 -108.48
C GLN MB 25 -4.11 95.15 -108.11
N PHE MB 26 -4.29 94.10 -107.30
CA PHE MB 26 -3.22 93.18 -106.93
C PHE MB 26 -3.68 91.77 -107.25
N PRO MB 27 -3.60 91.35 -108.51
CA PRO MB 27 -4.06 90.00 -108.89
C PRO MB 27 -3.27 88.89 -108.24
N ASP MB 28 -2.03 89.15 -107.81
CA ASP MB 28 -1.21 88.16 -107.13
C ASP MB 28 -1.17 88.37 -105.63
N MET MB 29 -2.09 89.16 -105.07
CA MET MB 29 -2.22 89.30 -103.63
C MET MB 29 -3.68 89.10 -103.24
N ILE MB 30 -3.93 88.17 -102.33
CA ILE MB 30 -5.25 87.93 -101.77
C ILE MB 30 -5.12 87.76 -100.26
N LEU MB 31 -6.26 87.62 -99.60
CA LEU MB 31 -6.30 87.44 -98.16
C LEU MB 31 -7.47 86.54 -97.79
N SER MB 32 -7.31 85.79 -96.70
CA SER MB 32 -8.27 84.80 -96.26
C SER MB 32 -8.54 84.97 -94.77
N ALA MB 33 -9.81 85.04 -94.40
CA ALA MB 33 -10.17 85.05 -93.00
C ALA MB 33 -10.20 83.63 -92.45
N SER MB 34 -10.05 83.49 -91.14
CA SER MB 34 -10.02 82.18 -90.51
C SER MB 34 -10.58 82.25 -89.10
N ARG MB 35 -10.91 81.08 -88.56
CA ARG MB 35 -11.41 80.93 -87.21
C ARG MB 35 -10.29 80.83 -86.18
N ASP MB 36 -9.09 81.28 -86.53
CA ASP MB 36 -7.99 81.38 -85.59
C ASP MB 36 -7.80 82.80 -85.12
N LYS MB 37 -8.85 83.62 -85.23
CA LYS MB 37 -8.84 85.05 -84.91
C LYS MB 37 -7.84 85.83 -85.74
N THR MB 38 -7.31 85.24 -86.81
CA THR MB 38 -6.31 85.88 -87.65
C THR MB 38 -6.72 85.80 -89.10
N ILE MB 39 -6.45 86.89 -89.83
CA ILE MB 39 -6.61 86.95 -91.27
C ILE MB 39 -5.21 87.02 -91.86
N ILE MB 40 -4.90 86.09 -92.75
CA ILE MB 40 -3.61 86.02 -93.40
C ILE MB 40 -3.76 86.54 -94.82
N MET MB 41 -2.98 87.55 -95.17
CA MET MB 41 -2.94 88.03 -96.55
C MET MB 41 -1.77 87.37 -97.27
N TRP MB 42 -2.00 87.04 -98.54
CA TRP MB 42 -1.13 86.17 -99.29
C TRP MB 42 -0.55 86.90 -100.49
N LYS MB 43 0.71 86.63 -100.80
CA LYS MB 43 1.28 87.00 -102.08
C LYS MB 43 1.35 85.76 -102.95
N LEU MB 44 0.69 85.82 -104.10
CA LEU MB 44 0.49 84.64 -104.94
C LEU MB 44 1.80 84.40 -105.70
N THR MB 45 2.52 83.37 -105.28
CA THR MB 45 3.76 82.95 -105.95
C THR MB 45 3.42 81.69 -106.74
N ARG MB 46 3.03 81.88 -108.00
CA ARG MB 46 2.54 80.79 -108.83
C ARG MB 46 3.71 79.92 -109.27
N ASP MB 47 4.16 79.08 -108.36
CA ASP MB 47 5.29 78.21 -108.65
C ASP MB 47 4.93 76.76 -108.41
N GLU MB 48 5.90 75.86 -108.59
CA GLU MB 48 5.71 74.44 -108.43
C GLU MB 48 5.69 73.98 -106.97
N THR MB 49 6.23 74.80 -106.06
CA THR MB 49 6.21 74.45 -104.65
C THR MB 49 4.82 74.65 -104.06
N ASN MB 50 4.35 75.89 -104.06
CA ASN MB 50 3.00 76.23 -103.65
C ASN MB 50 2.50 77.34 -104.55
N TYR MB 51 1.19 77.55 -104.55
CA TYR MB 51 0.66 78.57 -105.45
C TYR MB 51 0.68 79.96 -104.81
N GLY MB 52 0.74 80.03 -103.47
CA GLY MB 52 0.78 81.30 -102.78
C GLY MB 52 1.52 81.19 -101.46
N ILE MB 53 1.84 82.35 -100.89
CA ILE MB 53 2.60 82.42 -99.64
C ILE MB 53 2.02 83.52 -98.77
N PRO MB 54 1.97 83.34 -97.44
CA PRO MB 54 1.53 84.44 -96.57
C PRO MB 54 2.49 85.63 -96.64
N GLN MB 55 1.94 86.82 -96.44
CA GLN MB 55 2.74 88.03 -96.40
C GLN MB 55 2.55 88.85 -95.14
N ARG MB 56 1.33 88.96 -94.64
CA ARG MB 56 1.07 89.66 -93.39
C ARG MB 56 -0.13 89.00 -92.74
N ALA MB 57 -0.20 89.08 -91.41
CA ALA MB 57 -1.28 88.46 -90.64
C ALA MB 57 -2.03 89.54 -89.88
N LEU MB 58 -3.34 89.45 -89.90
CA LEU MB 58 -4.20 90.45 -89.26
C LEU MB 58 -4.59 89.92 -87.89
N ARG MB 59 -3.94 90.43 -86.85
CA ARG MB 59 -4.19 89.99 -85.48
C ARG MB 59 -4.66 91.18 -84.66
N GLY MB 60 -5.64 90.92 -83.80
CA GLY MB 60 -6.28 91.98 -83.04
C GLY MB 60 -7.75 91.69 -82.78
N HIS MB 61 -8.31 90.75 -83.53
CA HIS MB 61 -9.65 90.24 -83.23
C HIS MB 61 -9.58 89.27 -82.07
N SER MB 62 -10.65 89.21 -81.28
CA SER MB 62 -10.62 88.38 -80.09
C SER MB 62 -11.31 87.03 -80.26
N HIS MB 63 -11.99 86.78 -81.38
CA HIS MB 63 -12.69 85.53 -81.55
C HIS MB 63 -12.70 85.20 -83.04
N PHE MB 64 -13.58 84.27 -83.44
CA PHE MB 64 -13.66 83.89 -84.85
C PHE MB 64 -13.99 85.08 -85.73
N VAL MB 65 -13.25 85.20 -86.81
CA VAL MB 65 -13.44 86.29 -87.77
C VAL MB 65 -14.37 85.82 -88.87
N SER MB 66 -15.52 86.48 -88.99
CA SER MB 66 -16.52 86.03 -89.95
C SER MB 66 -16.21 86.50 -91.36
N ASP MB 67 -16.23 87.81 -91.57
CA ASP MB 67 -16.28 88.37 -92.90
C ASP MB 67 -15.14 89.36 -93.10
N VAL MB 68 -14.49 89.26 -94.27
CA VAL MB 68 -13.42 90.18 -94.65
C VAL MB 68 -13.75 90.73 -96.03
N VAL MB 69 -13.62 92.05 -96.19
CA VAL MB 69 -13.84 92.70 -97.46
C VAL MB 69 -12.79 93.79 -97.63
N ILE MB 70 -12.30 93.93 -98.86
CA ILE MB 70 -11.31 94.94 -99.21
C ILE MB 70 -11.99 96.26 -99.53
N SER MB 71 -11.20 97.31 -99.69
CA SER MB 71 -11.68 98.56 -100.24
C SER MB 71 -11.66 98.50 -101.76
N SER MB 72 -12.08 99.59 -102.40
CA SER MB 72 -11.98 99.67 -103.86
C SER MB 72 -10.52 99.65 -104.31
N ASP MB 73 -9.68 100.43 -103.65
CA ASP MB 73 -8.25 100.45 -103.95
C ASP MB 73 -7.51 99.31 -103.28
N GLY MB 74 -8.11 98.67 -102.29
CA GLY MB 74 -7.47 97.61 -101.54
C GLY MB 74 -6.55 98.08 -100.44
N GLN MB 75 -6.33 99.39 -100.31
CA GLN MB 75 -5.39 99.89 -99.31
C GLN MB 75 -5.95 99.74 -97.91
N PHE MB 76 -7.27 99.65 -97.78
CA PHE MB 76 -7.89 99.36 -96.51
C PHE MB 76 -8.72 98.10 -96.66
N ALA MB 77 -8.78 97.32 -95.58
CA ALA MB 77 -9.59 96.11 -95.56
C ALA MB 77 -10.48 96.14 -94.33
N LEU MB 78 -11.76 95.84 -94.53
CA LEU MB 78 -12.72 95.77 -93.44
C LEU MB 78 -12.86 94.31 -93.01
N SER MB 79 -12.82 94.10 -91.70
CA SER MB 79 -12.85 92.76 -91.13
C SER MB 79 -13.97 92.67 -90.11
N GLY MB 80 -14.64 91.54 -90.07
CA GLY MB 80 -15.71 91.32 -89.11
C GLY MB 80 -15.55 90.01 -88.36
N SER MB 81 -15.66 90.07 -87.04
CA SER MB 81 -15.42 88.89 -86.20
C SER MB 81 -16.58 88.71 -85.24
N TRP MB 82 -16.53 87.59 -84.52
CA TRP MB 82 -17.54 87.29 -83.51
C TRP MB 82 -17.44 88.18 -82.29
N ASP MB 83 -16.34 88.92 -82.14
CA ASP MB 83 -16.13 89.73 -80.96
C ASP MB 83 -17.11 90.90 -80.85
N GLY MB 84 -18.09 91.00 -81.75
CA GLY MB 84 -19.00 92.12 -81.75
C GLY MB 84 -18.46 93.38 -82.35
N THR MB 85 -17.23 93.34 -82.88
CA THR MB 85 -16.54 94.53 -83.37
C THR MB 85 -16.08 94.34 -84.81
N LEU MB 86 -16.01 95.46 -85.53
CA LEU MB 86 -15.44 95.51 -86.86
C LEU MB 86 -14.12 96.26 -86.82
N ARG MB 87 -13.07 95.65 -87.33
CA ARG MB 87 -11.75 96.24 -87.34
C ARG MB 87 -11.34 96.52 -88.78
N LEU MB 88 -10.92 97.75 -89.04
CA LEU MB 88 -10.45 98.18 -90.35
C LEU MB 88 -8.94 98.22 -90.36
N TRP MB 89 -8.35 97.73 -91.43
CA TRP MB 89 -6.91 97.50 -91.49
C TRP MB 89 -6.31 98.19 -92.69
N ASP MB 90 -5.16 98.83 -92.52
CA ASP MB 90 -4.38 99.31 -93.64
C ASP MB 90 -3.33 98.28 -94.02
N LEU MB 91 -3.31 97.92 -95.30
CA LEU MB 91 -2.53 96.77 -95.71
C LEU MB 91 -1.03 97.04 -95.74
N THR MB 92 -0.65 98.32 -95.82
CA THR MB 92 0.77 98.66 -95.82
C THR MB 92 1.42 98.25 -94.50
N THR MB 93 0.73 98.47 -93.39
CA THR MB 93 1.28 98.19 -92.08
C THR MB 93 0.58 97.04 -91.37
N GLY MB 94 -0.55 96.57 -91.89
CA GLY MB 94 -1.31 95.54 -91.21
C GLY MB 94 -1.79 95.97 -89.85
N THR MB 95 -2.20 97.22 -89.73
CA THR MB 95 -2.57 97.82 -88.45
C THR MB 95 -4.06 98.14 -88.42
N THR MB 96 -4.68 97.85 -87.29
CA THR MB 96 -6.09 98.17 -87.08
C THR MB 96 -6.23 99.68 -86.93
N THR MB 97 -6.63 100.36 -87.99
CA THR MB 97 -6.78 101.81 -87.94
C THR MB 97 -8.15 102.24 -87.43
N ARG MB 98 -9.10 101.33 -87.31
CA ARG MB 98 -10.44 101.70 -86.85
C ARG MB 98 -11.11 100.49 -86.22
N ARG MB 99 -11.91 100.75 -85.19
CA ARG MB 99 -12.76 99.74 -84.58
C ARG MB 99 -14.20 100.25 -84.55
N PHE MB 100 -15.12 99.42 -85.00
CA PHE MB 100 -16.54 99.75 -84.99
C PHE MB 100 -17.21 98.90 -83.92
N VAL MB 101 -17.92 99.57 -83.01
CA VAL MB 101 -18.53 98.90 -81.87
C VAL MB 101 -20.00 99.31 -81.79
N GLY MB 102 -20.81 98.44 -81.20
CA GLY MB 102 -22.24 98.64 -81.15
C GLY MB 102 -23.01 97.35 -81.29
N HIS MB 103 -22.43 96.36 -81.96
CA HIS MB 103 -23.03 95.03 -81.97
C HIS MB 103 -22.66 94.29 -80.69
N THR MB 104 -23.68 93.89 -79.94
CA THR MB 104 -23.49 93.15 -78.70
C THR MB 104 -23.40 91.65 -78.90
N LYS MB 105 -23.52 91.18 -80.14
CA LYS MB 105 -23.50 89.75 -80.41
C LYS MB 105 -22.51 89.51 -81.55
N ASP MB 106 -22.43 88.27 -82.01
CA ASP MB 106 -21.45 87.92 -83.03
C ASP MB 106 -21.79 88.60 -84.35
N VAL MB 107 -20.82 89.31 -84.91
CA VAL MB 107 -20.98 89.95 -86.21
C VAL MB 107 -20.63 88.94 -87.30
N LEU MB 108 -21.56 88.73 -88.22
CA LEU MB 108 -21.41 87.69 -89.23
C LEU MB 108 -21.28 88.24 -90.65
N SER MB 109 -21.56 89.52 -90.86
CA SER MB 109 -21.58 90.07 -92.20
C SER MB 109 -21.04 91.49 -92.20
N VAL MB 110 -20.15 91.79 -93.14
CA VAL MB 110 -19.69 93.15 -93.39
C VAL MB 110 -19.77 93.41 -94.88
N ALA MB 111 -19.90 94.68 -95.25
CA ALA MB 111 -19.92 95.06 -96.65
C ALA MB 111 -19.43 96.50 -96.77
N PHE MB 112 -18.70 96.77 -97.84
CA PHE MB 112 -18.06 98.06 -98.07
C PHE MB 112 -18.63 98.65 -99.34
N SER MB 113 -19.09 99.90 -99.27
CA SER MB 113 -19.76 100.51 -100.40
C SER MB 113 -18.77 100.84 -101.50
N SER MB 114 -19.30 100.95 -102.72
CA SER MB 114 -18.47 101.23 -103.89
C SER MB 114 -17.81 102.60 -103.79
N ASP MB 115 -18.53 103.58 -103.26
CA ASP MB 115 -17.99 104.92 -103.07
C ASP MB 115 -17.06 105.02 -101.88
N ASN MB 116 -16.94 103.94 -101.09
CA ASN MB 116 -15.98 103.83 -100.00
C ASN MB 116 -16.28 104.83 -98.88
N ARG MB 117 -17.57 105.00 -98.58
CA ARG MB 117 -18.04 105.91 -97.54
C ARG MB 117 -19.07 105.24 -96.64
N GLN MB 118 -19.70 104.18 -97.15
CA GLN MB 118 -20.79 103.52 -96.45
C GLN MB 118 -20.41 102.10 -96.06
N ILE MB 119 -20.64 101.77 -94.79
CA ILE MB 119 -20.31 100.48 -94.22
C ILE MB 119 -21.53 99.95 -93.48
N VAL MB 120 -21.90 98.70 -93.77
CA VAL MB 120 -23.07 98.08 -93.17
C VAL MB 120 -22.63 96.78 -92.49
N SER MB 121 -23.23 96.50 -91.33
CA SER MB 121 -22.87 95.35 -90.53
C SER MB 121 -24.12 94.67 -90.00
N GLY MB 122 -24.12 93.34 -90.01
CA GLY MB 122 -25.22 92.56 -89.48
C GLY MB 122 -24.73 91.47 -88.55
N SER MB 123 -25.30 91.41 -87.36
CA SER MB 123 -24.84 90.52 -86.31
C SER MB 123 -25.97 89.60 -85.85
N ARG MB 124 -25.66 88.75 -84.87
CA ARG MB 124 -26.65 87.86 -84.30
C ARG MB 124 -27.68 88.58 -83.43
N ASP MB 125 -27.47 89.86 -83.14
CA ASP MB 125 -28.42 90.63 -82.35
C ASP MB 125 -29.64 91.05 -83.15
N LYS MB 126 -29.83 90.47 -84.35
CA LYS MB 126 -30.98 90.77 -85.21
C LYS MB 126 -31.02 92.23 -85.59
N THR MB 127 -29.86 92.88 -85.62
CA THR MB 127 -29.76 94.31 -85.83
C THR MB 127 -28.74 94.56 -86.93
N ILE MB 128 -29.07 95.46 -87.84
CA ILE MB 128 -28.17 95.86 -88.90
C ILE MB 128 -27.74 97.30 -88.64
N LYS MB 129 -26.43 97.53 -88.69
CA LYS MB 129 -25.88 98.82 -88.32
C LYS MB 129 -25.18 99.45 -89.50
N LEU MB 130 -25.46 100.73 -89.72
CA LEU MB 130 -24.91 101.51 -90.82
C LEU MB 130 -23.76 102.35 -90.30
N TRP MB 131 -22.67 102.39 -91.05
CA TRP MB 131 -21.45 103.05 -90.59
C TRP MB 131 -20.88 103.94 -91.68
N ASN MB 132 -20.18 104.97 -91.23
CA ASN MB 132 -19.25 105.71 -92.04
C ASN MB 132 -17.85 105.16 -91.81
N THR MB 133 -16.91 105.54 -92.67
CA THR MB 133 -15.53 105.14 -92.46
C THR MB 133 -14.99 105.74 -91.17
N LEU MB 134 -15.57 106.85 -90.73
CA LEU MB 134 -15.13 107.59 -89.56
C LEU MB 134 -15.31 106.82 -88.25
N GLY MB 135 -16.08 105.75 -88.26
CA GLY MB 135 -16.26 104.94 -87.06
C GLY MB 135 -17.51 105.25 -86.26
N VAL MB 136 -18.57 105.74 -86.90
CA VAL MB 136 -19.81 106.10 -86.22
C VAL MB 136 -20.94 105.27 -86.80
N CYS MB 137 -21.72 104.65 -85.92
CA CYS MB 137 -22.92 103.93 -86.36
C CYS MB 137 -23.96 104.94 -86.78
N LYS MB 138 -24.02 105.23 -88.07
CA LYS MB 138 -24.92 106.27 -88.58
C LYS MB 138 -26.38 105.88 -88.35
N TYR MB 139 -26.76 104.67 -88.76
CA TYR MB 139 -28.13 104.22 -88.66
C TYR MB 139 -28.17 102.83 -88.05
N THR MB 140 -29.21 102.58 -87.27
CA THR MB 140 -29.44 101.29 -86.62
C THR MB 140 -30.73 100.72 -87.21
N VAL MB 141 -30.60 99.70 -88.05
CA VAL MB 141 -31.78 99.12 -88.70
C VAL MB 141 -32.37 98.06 -87.78
N GLN MB 142 -33.38 98.44 -87.01
CA GLN MB 142 -34.06 97.52 -86.11
C GLN MB 142 -35.56 97.40 -86.34
N ASP MB 143 -36.19 98.37 -87.00
CA ASP MB 143 -37.61 98.28 -87.30
C ASP MB 143 -37.82 97.51 -88.60
N GLU MB 144 -38.70 96.51 -88.54
CA GLU MB 144 -39.04 95.67 -89.69
C GLU MB 144 -37.80 94.94 -90.24
N SER MB 145 -36.80 94.78 -89.39
CA SER MB 145 -35.60 94.06 -89.77
C SER MB 145 -35.85 92.57 -89.60
N HIS MB 146 -34.78 91.77 -89.68
CA HIS MB 146 -34.93 90.34 -89.51
C HIS MB 146 -35.29 90.00 -88.08
N SER MB 147 -36.35 89.19 -87.93
CA SER MB 147 -36.74 88.71 -86.61
C SER MB 147 -35.77 87.67 -86.07
N GLU MB 148 -34.84 87.21 -86.90
CA GLU MB 148 -33.78 86.28 -86.53
C GLU MB 148 -32.44 86.94 -86.80
N TRP MB 149 -31.38 86.14 -86.73
CA TRP MB 149 -30.03 86.61 -87.04
C TRP MB 149 -29.95 87.21 -88.43
N VAL MB 150 -28.96 88.06 -88.65
CA VAL MB 150 -28.65 88.59 -89.98
C VAL MB 150 -27.37 87.91 -90.45
N SER MB 151 -27.48 87.11 -91.50
CA SER MB 151 -26.36 86.28 -91.91
C SER MB 151 -25.42 86.98 -92.88
N CYS MB 152 -25.93 87.50 -93.98
CA CYS MB 152 -25.07 88.19 -94.96
C CYS MB 152 -25.77 89.45 -95.46
N VAL MB 153 -24.98 90.51 -95.67
CA VAL MB 153 -25.46 91.76 -96.21
C VAL MB 153 -24.49 92.20 -97.30
N ARG MB 154 -25.02 92.75 -98.39
CA ARG MB 154 -24.18 93.18 -99.51
C ARG MB 154 -24.72 94.45 -100.15
N PHE MB 155 -23.82 95.38 -100.44
CA PHE MB 155 -24.16 96.55 -101.24
C PHE MB 155 -24.43 96.16 -102.69
N SER MB 156 -25.08 97.06 -103.41
CA SER MB 156 -25.25 96.90 -104.84
C SER MB 156 -24.09 97.58 -105.58
N PRO MB 157 -23.32 96.85 -106.38
CA PRO MB 157 -22.18 97.47 -107.08
C PRO MB 157 -22.59 98.55 -108.07
N ASN MB 158 -23.82 98.53 -108.56
CA ASN MB 158 -24.28 99.57 -109.47
C ASN MB 158 -24.30 100.92 -108.75
N SER MB 159 -23.78 101.94 -109.43
CA SER MB 159 -23.74 103.28 -108.83
C SER MB 159 -25.14 103.82 -108.60
N SER MB 160 -26.10 103.41 -109.43
CA SER MB 160 -27.47 103.83 -109.27
C SER MB 160 -28.13 103.04 -108.12
N ASN MB 161 -29.35 103.47 -107.78
CA ASN MB 161 -30.33 102.89 -106.84
C ASN MB 161 -29.67 102.14 -105.69
N PRO MB 162 -28.96 102.85 -104.79
CA PRO MB 162 -28.20 102.17 -103.73
C PRO MB 162 -29.08 101.38 -102.78
N ILE MB 163 -28.98 100.06 -102.87
CA ILE MB 163 -29.77 99.13 -102.08
C ILE MB 163 -28.85 98.03 -101.58
N ILE MB 164 -29.25 97.42 -100.48
CA ILE MB 164 -28.48 96.33 -99.89
C ILE MB 164 -29.39 95.13 -99.67
N VAL MB 165 -28.91 93.97 -100.08
CA VAL MB 165 -29.56 92.71 -99.74
C VAL MB 165 -29.24 92.40 -98.30
N SER MB 166 -30.10 91.61 -97.66
CA SER MB 166 -29.92 91.27 -96.26
C SER MB 166 -30.56 89.92 -96.01
N CYS MB 167 -29.76 88.87 -95.99
CA CYS MB 167 -30.25 87.53 -95.72
C CYS MB 167 -30.03 87.19 -94.26
N GLY MB 168 -30.94 86.40 -93.71
CA GLY MB 168 -30.85 85.99 -92.33
C GLY MB 168 -31.43 84.62 -92.08
N TRP MB 169 -31.44 84.20 -90.82
CA TRP MB 169 -31.89 82.86 -90.48
C TRP MB 169 -33.40 82.76 -90.39
N ASP MB 170 -34.10 83.86 -90.59
CA ASP MB 170 -35.55 83.87 -90.72
C ASP MB 170 -36.00 83.53 -92.13
N LYS MB 171 -35.08 83.04 -92.97
CA LYS MB 171 -35.34 82.61 -94.35
C LYS MB 171 -35.73 83.75 -95.26
N LEU MB 172 -35.49 84.99 -94.84
CA LEU MB 172 -35.93 86.16 -95.61
C LEU MB 172 -34.73 86.99 -96.03
N VAL MB 173 -34.71 87.38 -97.28
CA VAL MB 173 -33.81 88.43 -97.75
C VAL MB 173 -34.63 89.72 -97.87
N LYS MB 174 -34.07 90.80 -97.36
CA LYS MB 174 -34.75 92.08 -97.39
C LYS MB 174 -33.83 93.13 -98.00
N VAL MB 175 -34.37 93.88 -98.97
CA VAL MB 175 -33.62 94.92 -99.65
C VAL MB 175 -34.13 96.27 -99.16
N TRP MB 176 -33.20 97.18 -98.91
CA TRP MB 176 -33.50 98.42 -98.22
C TRP MB 176 -32.96 99.58 -99.03
N ASN MB 177 -33.80 100.58 -99.29
CA ASN MB 177 -33.34 101.77 -100.00
C ASN MB 177 -32.44 102.59 -99.09
N LEU MB 178 -31.18 102.69 -99.46
CA LEU MB 178 -30.21 103.45 -98.68
C LEU MB 178 -30.48 104.94 -98.71
N ALA MB 179 -31.32 105.41 -99.64
CA ALA MB 179 -31.66 106.82 -99.70
C ALA MB 179 -32.45 107.26 -98.47
N ASN MB 180 -33.43 106.44 -98.06
CA ASN MB 180 -34.24 106.77 -96.89
C ASN MB 180 -34.07 105.76 -95.77
N CYS MB 181 -33.25 104.73 -95.99
CA CYS MB 181 -33.04 103.65 -95.02
C CYS MB 181 -34.37 102.99 -94.67
N LYS MB 182 -35.07 102.51 -95.70
CA LYS MB 182 -36.41 101.97 -95.53
C LYS MB 182 -36.55 100.71 -96.36
N LEU MB 183 -37.53 99.89 -96.01
CA LEU MB 183 -37.77 98.66 -96.77
C LEU MB 183 -38.29 98.97 -98.17
N LYS MB 184 -37.92 98.11 -99.11
CA LYS MB 184 -38.37 98.23 -100.49
C LYS MB 184 -39.25 97.06 -100.91
N THR MB 185 -38.75 95.83 -100.78
CA THR MB 185 -39.56 94.66 -101.07
C THR MB 185 -39.01 93.46 -100.29
N ASN MB 186 -39.87 92.45 -100.14
CA ASN MB 186 -39.55 91.23 -99.41
C ASN MB 186 -39.62 90.06 -100.38
N HIS MB 187 -38.74 89.08 -100.18
CA HIS MB 187 -38.64 87.92 -101.04
C HIS MB 187 -38.74 86.68 -100.19
N ILE MB 188 -39.86 85.96 -100.32
CA ILE MB 188 -40.18 84.86 -99.42
C ILE MB 188 -40.34 83.59 -100.22
N GLY MB 189 -40.00 82.46 -99.59
CA GLY MB 189 -40.07 81.17 -100.25
C GLY MB 189 -39.00 80.18 -99.82
N HIS MB 190 -38.04 80.63 -99.01
CA HIS MB 190 -37.03 79.72 -98.48
C HIS MB 190 -37.65 78.79 -97.46
N THR MB 191 -37.27 77.51 -97.50
CA THR MB 191 -37.73 76.53 -96.53
C THR MB 191 -36.74 76.28 -95.42
N GLY MB 192 -35.54 76.85 -95.51
CA GLY MB 192 -34.53 76.70 -94.48
C GLY MB 192 -33.77 77.99 -94.34
N TYR MB 193 -33.04 78.10 -93.23
CA TYR MB 193 -32.33 79.35 -92.96
C TYR MB 193 -31.21 79.57 -93.97
N LEU MB 194 -30.84 80.83 -94.12
CA LEU MB 194 -29.96 81.26 -95.20
C LEU MB 194 -28.52 81.34 -94.70
N ASN MB 195 -27.58 81.21 -95.61
CA ASN MB 195 -26.16 81.32 -95.27
C ASN MB 195 -25.48 82.51 -95.90
N THR MB 196 -25.83 82.86 -97.13
CA THR MB 196 -25.12 83.93 -97.83
C THR MB 196 -25.97 84.40 -99.00
N VAL MB 197 -25.61 85.56 -99.52
CA VAL MB 197 -26.26 86.15 -100.69
C VAL MB 197 -25.31 87.18 -101.30
N THR MB 198 -25.24 87.21 -102.62
CA THR MB 198 -24.42 88.20 -103.33
C THR MB 198 -25.24 88.81 -104.46
N VAL MB 199 -24.87 90.04 -104.81
CA VAL MB 199 -25.49 90.77 -105.92
C VAL MB 199 -24.65 90.56 -107.16
N SER MB 200 -25.31 90.30 -108.29
CA SER MB 200 -24.60 90.15 -109.54
C SER MB 200 -23.94 91.47 -109.92
N PRO MB 201 -22.86 91.41 -110.72
CA PRO MB 201 -22.13 92.65 -111.07
C PRO MB 201 -23.00 93.70 -111.74
N ASP MB 202 -23.98 93.29 -112.54
CA ASP MB 202 -24.89 94.26 -113.13
C ASP MB 202 -25.87 94.85 -112.12
N GLY MB 203 -25.92 94.30 -110.91
CA GLY MB 203 -26.95 94.67 -109.97
C GLY MB 203 -28.33 94.23 -110.41
N SER MB 204 -28.45 93.02 -110.97
CA SER MB 204 -29.73 92.48 -111.39
C SER MB 204 -30.06 91.11 -110.81
N LEU MB 205 -29.08 90.37 -110.30
CA LEU MB 205 -29.32 89.05 -109.71
C LEU MB 205 -28.84 89.06 -108.28
N CYS MB 206 -29.71 88.61 -107.36
CA CYS MB 206 -29.41 88.54 -105.94
C CYS MB 206 -29.67 87.13 -105.42
N ALA MB 207 -29.09 86.15 -106.10
CA ALA MB 207 -29.23 84.76 -105.69
C ALA MB 207 -28.70 84.57 -104.27
N SER MB 208 -29.39 83.72 -103.51
CA SER MB 208 -29.04 83.42 -102.14
C SER MB 208 -29.11 81.92 -101.91
N GLY MB 209 -28.33 81.43 -100.95
CA GLY MB 209 -28.36 80.02 -100.60
C GLY MB 209 -28.41 79.86 -99.10
N GLY MB 210 -28.85 78.68 -98.67
CA GLY MB 210 -28.92 78.41 -97.25
C GLY MB 210 -29.24 76.97 -96.89
N LYS MB 211 -29.88 76.78 -95.74
CA LYS MB 211 -30.18 75.44 -95.23
C LYS MB 211 -31.09 74.66 -96.16
N ASP MB 212 -31.95 75.36 -96.89
CA ASP MB 212 -32.95 74.72 -97.73
C ASP MB 212 -32.35 73.92 -98.89
N GLY MB 213 -31.05 74.07 -99.17
CA GLY MB 213 -30.42 73.24 -100.17
C GLY MB 213 -30.82 73.53 -101.59
N GLN MB 214 -31.40 74.70 -101.85
CA GLN MB 214 -31.81 75.12 -103.18
C GLN MB 214 -31.55 76.60 -103.32
N ALA MB 215 -31.33 77.06 -104.55
CA ALA MB 215 -31.01 78.45 -104.82
C ALA MB 215 -32.24 79.19 -105.33
N MET MB 216 -32.34 80.46 -104.94
CA MET MB 216 -33.46 81.32 -105.31
C MET MB 216 -32.93 82.49 -106.11
N LEU MB 217 -33.49 82.69 -107.30
CA LEU MB 217 -33.07 83.77 -108.18
C LEU MB 217 -34.17 84.82 -108.20
N TRP MB 218 -33.80 86.08 -108.03
CA TRP MB 218 -34.72 87.19 -108.09
C TRP MB 218 -34.25 88.15 -109.18
N ASP MB 219 -34.92 89.30 -109.26
CA ASP MB 219 -34.48 90.40 -110.10
C ASP MB 219 -34.46 91.67 -109.27
N LEU MB 220 -33.58 92.61 -109.65
CA LEU MB 220 -33.38 93.81 -108.86
C LEU MB 220 -34.01 95.05 -109.46
N ASN MB 221 -34.14 95.13 -110.79
CA ASN MB 221 -34.73 96.30 -111.41
C ASN MB 221 -36.18 96.49 -110.96
N GLU MB 222 -36.95 95.40 -110.92
CA GLU MB 222 -38.32 95.43 -110.47
C GLU MB 222 -38.51 94.80 -109.10
N GLY MB 223 -38.03 93.58 -108.93
CA GLY MB 223 -38.16 92.87 -107.67
C GLY MB 223 -39.26 91.83 -107.75
N LYS MB 224 -38.87 90.60 -108.04
CA LYS MB 224 -39.79 89.48 -108.22
C LYS MB 224 -38.96 88.22 -108.40
N HIS MB 225 -39.63 87.08 -108.29
CA HIS MB 225 -38.92 85.81 -108.45
C HIS MB 225 -38.44 85.63 -109.87
N LEU MB 226 -37.24 85.07 -110.02
CA LEU MB 226 -36.67 84.76 -111.33
C LEU MB 226 -36.54 83.26 -111.55
N TYR MB 227 -35.84 82.56 -110.66
CA TYR MB 227 -35.64 81.14 -110.85
C TYR MB 227 -35.41 80.50 -109.49
N THR MB 228 -35.80 79.24 -109.36
CA THR MB 228 -35.53 78.44 -108.18
C THR MB 228 -34.60 77.31 -108.57
N LEU MB 229 -33.31 77.50 -108.34
CA LEU MB 229 -32.30 76.51 -108.67
C LEU MB 229 -32.11 75.59 -107.47
N ASP MB 230 -31.74 74.34 -107.75
CA ASP MB 230 -31.63 73.34 -106.70
C ASP MB 230 -30.24 72.71 -106.73
N GLY MB 231 -29.73 72.41 -105.54
CA GLY MB 231 -28.41 71.84 -105.40
C GLY MB 231 -28.43 70.60 -104.51
N GLY MB 232 -27.25 69.99 -104.38
CA GLY MB 232 -27.15 68.72 -103.67
C GLY MB 232 -27.45 68.84 -102.19
N ASP MB 233 -26.92 69.86 -101.54
CA ASP MB 233 -27.05 70.00 -100.09
C ASP MB 233 -27.07 71.48 -99.75
N ILE MB 234 -26.81 71.80 -98.48
CA ILE MB 234 -26.84 73.18 -98.00
C ILE MB 234 -25.88 74.05 -98.80
N ILE MB 235 -26.31 75.27 -99.09
CA ILE MB 235 -25.50 76.25 -99.80
C ILE MB 235 -25.00 77.23 -98.75
N ASN MB 236 -23.72 77.17 -98.44
CA ASN MB 236 -23.14 78.02 -97.42
C ASN MB 236 -22.22 79.10 -97.98
N ALA MB 237 -21.96 79.11 -99.29
CA ALA MB 237 -21.15 80.16 -99.89
C ALA MB 237 -21.65 80.39 -101.31
N LEU MB 238 -21.74 81.66 -101.69
CA LEU MB 238 -22.22 82.05 -103.01
C LEU MB 238 -21.36 83.19 -103.54
N CYS MB 239 -21.09 83.14 -104.84
CA CYS MB 239 -20.39 84.24 -105.51
C CYS MB 239 -20.57 84.08 -107.00
N PHE MB 240 -20.79 85.21 -107.67
CA PHE MB 240 -20.90 85.23 -109.11
C PHE MB 240 -19.51 85.35 -109.72
N SER MB 241 -19.37 84.85 -110.94
CA SER MB 241 -18.16 85.13 -111.71
C SER MB 241 -18.30 86.52 -112.30
N PRO MB 242 -17.37 87.44 -112.03
CA PRO MB 242 -17.55 88.83 -112.51
C PRO MB 242 -17.55 88.94 -114.01
N ASN MB 243 -16.62 88.27 -114.69
CA ASN MB 243 -16.50 88.34 -116.14
C ASN MB 243 -17.64 87.65 -116.86
N ARG MB 244 -18.32 86.70 -116.22
CA ARG MB 244 -19.35 85.91 -116.85
C ARG MB 244 -20.67 86.11 -116.11
N TYR MB 245 -21.66 85.31 -116.51
CA TYR MB 245 -22.91 85.20 -115.76
C TYR MB 245 -22.92 83.98 -114.87
N TRP MB 246 -21.76 83.35 -114.69
CA TRP MB 246 -21.68 82.10 -113.96
C TRP MB 246 -22.00 82.29 -112.48
N LEU MB 247 -22.56 81.25 -111.89
CA LEU MB 247 -22.94 81.24 -110.49
C LEU MB 247 -22.42 79.96 -109.87
N CYS MB 248 -21.48 80.08 -108.93
CA CYS MB 248 -20.91 78.94 -108.24
C CYS MB 248 -21.18 79.05 -106.75
N ALA MB 249 -21.37 77.91 -106.12
CA ALA MB 249 -21.66 77.83 -104.70
C ALA MB 249 -20.83 76.72 -104.09
N ALA MB 250 -20.75 76.74 -102.76
CA ALA MB 250 -20.11 75.68 -102.00
C ALA MB 250 -21.21 74.71 -101.58
N THR MB 251 -21.33 73.61 -102.32
CA THR MB 251 -22.31 72.57 -102.01
C THR MB 251 -21.70 71.61 -100.99
N GLY MB 252 -21.62 72.09 -99.75
CA GLY MB 252 -21.07 71.32 -98.66
C GLY MB 252 -19.62 70.95 -98.90
N PRO MB 253 -19.36 69.66 -99.11
CA PRO MB 253 -18.00 69.21 -99.39
C PRO MB 253 -17.61 69.29 -100.86
N SER MB 254 -18.45 69.86 -101.71
CA SER MB 254 -18.16 69.92 -103.14
C SER MB 254 -18.50 71.31 -103.66
N ILE MB 255 -17.89 71.66 -104.78
CA ILE MB 255 -18.09 72.96 -105.42
C ILE MB 255 -18.86 72.73 -106.71
N LYS MB 256 -19.97 73.45 -106.86
CA LYS MB 256 -20.84 73.27 -108.02
C LYS MB 256 -21.02 74.60 -108.73
N ILE MB 257 -20.86 74.59 -110.05
CA ILE MB 257 -20.97 75.77 -110.89
C ILE MB 257 -22.11 75.58 -111.88
N TRP MB 258 -22.96 76.60 -111.99
CA TRP MB 258 -24.06 76.63 -112.94
C TRP MB 258 -23.80 77.74 -113.94
N ASP MB 259 -24.02 77.46 -115.21
CA ASP MB 259 -24.08 78.52 -116.21
C ASP MB 259 -25.52 78.96 -116.32
N LEU MB 260 -25.81 80.21 -115.91
CA LEU MB 260 -27.17 80.63 -115.69
C LEU MB 260 -28.03 80.61 -116.95
N GLU MB 261 -27.41 80.78 -118.12
CA GLU MB 261 -28.18 80.70 -119.35
C GLU MB 261 -28.72 79.30 -119.59
N GLY MB 262 -27.94 78.28 -119.26
CA GLY MB 262 -28.42 76.92 -119.38
C GLY MB 262 -29.09 76.36 -118.15
N LYS MB 263 -28.88 76.97 -116.98
CA LYS MB 263 -29.33 76.44 -115.69
C LYS MB 263 -28.88 75.00 -115.52
N ILE MB 264 -27.62 74.73 -115.87
CA ILE MB 264 -27.13 73.37 -115.99
C ILE MB 264 -25.81 73.23 -115.25
N ILE MB 265 -25.51 72.00 -114.82
CA ILE MB 265 -24.22 71.71 -114.20
C ILE MB 265 -23.15 71.67 -115.27
N VAL MB 266 -22.15 72.55 -115.13
CA VAL MB 266 -21.02 72.55 -116.06
C VAL MB 266 -19.78 71.90 -115.47
N ASP MB 267 -19.60 71.94 -114.15
CA ASP MB 267 -18.50 71.22 -113.52
C ASP MB 267 -18.82 71.05 -112.04
N GLU MB 268 -18.15 70.09 -111.42
CA GLU MB 268 -18.30 69.82 -110.00
C GLU MB 268 -16.95 69.43 -109.43
N LEU MB 269 -16.60 70.00 -108.28
CA LEU MB 269 -15.31 69.79 -107.65
C LEU MB 269 -15.50 69.13 -106.30
N LYS MB 270 -15.21 67.82 -106.23
CA LYS MB 270 -15.43 67.02 -105.03
C LYS MB 270 -14.17 66.86 -104.20
N GLN MB 271 -13.28 67.85 -104.23
CA GLN MB 271 -12.09 68.00 -103.38
C GLN MB 271 -11.00 66.99 -103.66
N GLU MB 272 -11.24 66.00 -104.52
CA GLU MB 272 -10.24 65.00 -104.88
C GLU MB 272 -9.68 64.30 -103.64
N VAL MB 273 -10.56 63.92 -102.72
CA VAL MB 273 -10.19 63.20 -101.52
C VAL MB 273 -10.60 61.74 -101.69
N ILE MB 274 -9.69 60.83 -101.35
CA ILE MB 274 -9.90 59.41 -101.57
C ILE MB 274 -9.64 58.59 -100.30
N SER MB 275 -9.64 59.25 -99.14
CA SER MB 275 -9.43 58.54 -97.88
C SER MB 275 -10.56 57.55 -97.63
N THR MB 276 -11.80 57.95 -97.96
CA THR MB 276 -13.04 57.18 -97.87
C THR MB 276 -13.11 56.31 -96.61
N SER MB 277 -12.72 56.89 -95.48
CA SER MB 277 -12.75 56.18 -94.21
C SER MB 277 -14.18 55.84 -93.77
N SER MB 278 -15.18 56.48 -94.37
CA SER MB 278 -16.59 56.20 -94.14
C SER MB 278 -17.02 56.51 -92.71
N LYS MB 279 -16.18 57.23 -91.96
CA LYS MB 279 -16.53 57.70 -90.63
C LYS MB 279 -16.56 59.21 -90.54
N ALA MB 280 -15.58 59.89 -91.14
CA ALA MB 280 -15.53 61.34 -91.16
C ALA MB 280 -15.97 61.84 -92.52
N GLU MB 281 -16.86 62.82 -92.50
CA GLU MB 281 -17.27 63.47 -93.74
C GLU MB 281 -16.11 64.28 -94.30
N PRO MB 282 -16.05 64.44 -95.62
CA PRO MB 282 -15.03 65.30 -96.21
C PRO MB 282 -15.21 66.74 -95.72
N PRO MB 283 -14.11 67.48 -95.58
CA PRO MB 283 -14.22 68.84 -95.05
C PRO MB 283 -15.10 69.71 -95.93
N GLN MB 284 -15.84 70.60 -95.28
CA GLN MB 284 -16.85 71.39 -95.97
C GLN MB 284 -16.23 72.68 -96.50
N CYS MB 285 -16.78 73.19 -97.60
CA CYS MB 285 -16.35 74.46 -98.15
C CYS MB 285 -17.24 75.57 -97.61
N THR MB 286 -16.63 76.56 -96.97
CA THR MB 286 -17.37 77.65 -96.37
C THR MB 286 -17.20 78.98 -97.09
N SER MB 287 -16.08 79.19 -97.78
CA SER MB 287 -15.85 80.45 -98.47
C SER MB 287 -15.56 80.18 -99.94
N LEU MB 288 -15.85 81.18 -100.77
CA LEU MB 288 -15.76 81.03 -102.23
C LEU MB 288 -15.66 82.41 -102.84
N ALA MB 289 -14.60 82.66 -103.60
CA ALA MB 289 -14.45 83.96 -104.23
C ALA MB 289 -13.67 83.82 -105.53
N TRP MB 290 -14.16 84.50 -106.57
CA TRP MB 290 -13.54 84.53 -107.88
C TRP MB 290 -12.37 85.50 -107.90
N SER MB 291 -11.55 85.39 -108.93
CA SER MB 291 -10.54 86.39 -109.23
C SER MB 291 -11.18 87.54 -110.01
N ALA MB 292 -10.44 88.65 -110.09
CA ALA MB 292 -10.94 89.81 -110.84
C ALA MB 292 -11.05 89.47 -112.32
N ASP MB 293 -10.05 88.78 -112.86
CA ASP MB 293 -10.10 88.38 -114.26
C ASP MB 293 -11.10 87.26 -114.51
N GLY MB 294 -11.61 86.64 -113.44
CA GLY MB 294 -12.54 85.54 -113.58
C GLY MB 294 -11.92 84.25 -114.05
N GLN MB 295 -10.58 84.14 -113.99
CA GLN MB 295 -9.93 82.95 -114.50
C GLN MB 295 -9.75 81.89 -113.41
N THR MB 296 -9.37 82.31 -112.20
CA THR MB 296 -9.11 81.36 -111.12
C THR MB 296 -10.05 81.61 -109.97
N LEU MB 297 -10.33 80.55 -109.20
CA LEU MB 297 -11.31 80.60 -108.13
C LEU MB 297 -10.72 80.00 -106.86
N PHE MB 298 -11.10 80.57 -105.73
CA PHE MB 298 -10.60 80.19 -104.41
C PHE MB 298 -11.74 79.66 -103.57
N ALA MB 299 -11.55 78.49 -102.96
CA ALA MB 299 -12.56 77.86 -102.12
C ALA MB 299 -11.95 77.55 -100.76
N GLY MB 300 -12.50 78.16 -99.71
CA GLY MB 300 -12.02 77.94 -98.35
C GLY MB 300 -12.78 76.81 -97.69
N TYR MB 301 -12.04 75.94 -97.01
CA TYR MB 301 -12.60 74.74 -96.44
C TYR MB 301 -12.44 74.71 -94.92
N THR MB 302 -13.04 73.68 -94.32
CA THR MB 302 -13.02 73.46 -92.88
C THR MB 302 -11.80 72.68 -92.42
N ASP MB 303 -10.87 72.38 -93.33
CA ASP MB 303 -9.68 71.60 -93.03
C ASP MB 303 -8.50 72.47 -92.64
N ASN MB 304 -8.75 73.71 -92.19
CA ASN MB 304 -7.70 74.69 -91.95
C ASN MB 304 -6.88 74.92 -93.21
N LEU MB 305 -7.55 75.03 -94.35
CA LEU MB 305 -6.90 75.12 -95.64
C LEU MB 305 -7.86 75.74 -96.66
N VAL MB 306 -7.28 76.38 -97.66
CA VAL MB 306 -8.02 76.93 -98.80
C VAL MB 306 -7.39 76.41 -100.08
N ARG MB 307 -8.23 76.08 -101.05
CA ARG MB 307 -7.81 75.52 -102.33
C ARG MB 307 -8.07 76.51 -103.44
N VAL MB 308 -7.07 76.72 -104.31
CA VAL MB 308 -7.20 77.59 -105.47
C VAL MB 308 -7.53 76.72 -106.69
N TRP MB 309 -8.53 77.15 -107.45
CA TRP MB 309 -9.03 76.42 -108.60
C TRP MB 309 -8.74 77.22 -109.87
N GLN MB 310 -8.52 76.50 -110.96
CA GLN MB 310 -8.19 77.13 -112.23
C GLN MB 310 -9.05 76.55 -113.34
N VAL MB 311 -9.54 77.42 -114.22
CA VAL MB 311 -10.29 76.99 -115.39
C VAL MB 311 -9.29 76.60 -116.48
N THR MB 312 -9.63 75.57 -117.24
CA THR MB 312 -8.83 75.22 -118.40
C THR MB 312 -9.13 76.18 -119.54
N ILE MB 313 -8.08 76.74 -120.13
CA ILE MB 313 -8.22 77.67 -121.25
C ILE MB 313 -8.70 76.93 -122.50
N GLY NB 1 -70.52 32.79 -87.57
CA GLY NB 1 -71.92 33.05 -87.82
C GLY NB 1 -72.62 31.90 -88.53
N ALA NB 2 -73.88 31.67 -88.17
CA ALA NB 2 -74.65 30.56 -88.71
C ALA NB 2 -75.33 30.88 -90.04
N LEU NB 3 -75.22 32.11 -90.52
CA LEU NB 3 -75.85 32.50 -91.76
C LEU NB 3 -74.97 32.17 -92.96
N ASP NB 4 -75.62 31.92 -94.10
CA ASP NB 4 -74.86 31.73 -95.33
C ASP NB 4 -74.22 33.03 -95.79
N VAL NB 5 -74.86 34.17 -95.52
CA VAL NB 5 -74.26 35.45 -95.82
C VAL NB 5 -73.00 35.66 -94.99
N LEU NB 6 -72.95 35.07 -93.80
CA LEU NB 6 -71.72 35.06 -93.01
C LEU NB 6 -70.93 33.76 -93.20
N GLN NB 7 -70.39 33.56 -94.40
CA GLN NB 7 -69.58 32.39 -94.68
C GLN NB 7 -68.30 32.78 -95.41
N MET NB 8 -67.28 31.95 -95.22
CA MET NB 8 -66.03 32.11 -95.92
C MET NB 8 -66.23 31.88 -97.42
N LYS NB 9 -65.49 32.63 -98.24
CA LYS NB 9 -65.54 32.49 -99.69
C LYS NB 9 -64.24 31.88 -100.20
N GLU NB 10 -64.28 31.46 -101.47
CA GLU NB 10 -63.10 30.82 -102.08
C GLU NB 10 -61.92 31.76 -102.06
N GLU NB 11 -62.15 33.07 -102.26
CA GLU NB 11 -61.07 34.03 -102.17
C GLU NB 11 -60.47 34.06 -100.77
N ASP NB 12 -61.32 33.99 -99.75
CA ASP NB 12 -60.83 33.93 -98.38
C ASP NB 12 -60.00 32.66 -98.16
N VAL NB 13 -60.45 31.54 -98.71
CA VAL NB 13 -59.70 30.30 -98.61
C VAL NB 13 -58.34 30.46 -99.28
N LEU NB 14 -58.33 31.11 -100.44
CA LEU NB 14 -57.09 31.33 -101.16
C LEU NB 14 -56.13 32.16 -100.33
N LYS NB 15 -56.63 33.24 -99.72
CA LYS NB 15 -55.79 34.05 -98.86
C LYS NB 15 -55.23 33.23 -97.70
N PHE NB 16 -56.10 32.46 -97.04
CA PHE NB 16 -55.68 31.73 -95.85
C PHE NB 16 -54.60 30.72 -96.20
N LEU NB 17 -54.78 30.01 -97.30
CA LEU NB 17 -53.75 29.06 -97.71
C LEU NB 17 -52.48 29.78 -98.12
N ALA NB 18 -52.60 30.94 -98.74
CA ALA NB 18 -51.43 31.67 -99.17
C ALA NB 18 -50.59 32.12 -97.97
N ALA NB 19 -51.24 32.63 -96.93
CA ALA NB 19 -50.50 33.15 -95.79
C ALA NB 19 -50.14 32.07 -94.78
N GLY NB 20 -50.48 30.82 -95.05
CA GLY NB 20 -50.21 29.78 -94.09
C GLY NB 20 -51.36 29.63 -93.12
N THR NB 21 -51.22 30.24 -91.93
CA THR NB 21 -52.24 30.43 -90.91
C THR NB 21 -53.00 29.15 -90.57
N HIS NB 22 -52.45 28.01 -90.98
CA HIS NB 22 -52.94 26.71 -90.56
C HIS NB 22 -51.82 25.77 -90.18
N LEU NB 23 -50.58 26.09 -90.53
CA LEU NB 23 -49.42 25.31 -90.10
C LEU NB 23 -49.06 25.78 -88.71
N GLY NB 24 -49.57 25.11 -87.69
CA GLY NB 24 -49.24 25.44 -86.32
C GLY NB 24 -47.91 24.84 -85.92
N GLY NB 25 -47.57 25.04 -84.65
CA GLY NB 25 -46.36 24.49 -84.10
C GLY NB 25 -46.49 22.99 -83.87
N THR NB 26 -45.34 22.38 -83.57
CA THR NB 26 -45.34 20.95 -83.29
C THR NB 26 -46.01 20.61 -81.96
N ASN NB 27 -46.17 21.58 -81.07
CA ASN NB 27 -46.81 21.37 -79.79
C ASN NB 27 -48.27 21.78 -79.87
N LEU NB 28 -49.07 21.23 -78.97
CA LEU NB 28 -50.48 21.54 -78.88
C LEU NB 28 -50.89 21.68 -77.43
N ASP NB 29 -51.51 22.81 -77.09
CA ASP NB 29 -52.13 22.95 -75.80
C ASP NB 29 -53.47 22.23 -75.80
N PHE NB 30 -53.77 21.56 -74.70
CA PHE NB 30 -54.98 20.73 -74.65
C PHE NB 30 -56.23 21.57 -74.75
N GLN NB 31 -56.17 22.82 -74.29
CA GLN NB 31 -57.28 23.75 -74.45
C GLN NB 31 -57.51 24.12 -75.91
N MET NB 32 -56.50 23.96 -76.76
CA MET NB 32 -56.58 24.30 -78.17
C MET NB 32 -56.97 23.12 -79.03
N GLU NB 33 -57.11 21.92 -78.44
CA GLU NB 33 -57.23 20.71 -79.23
C GLU NB 33 -58.50 20.69 -80.07
N GLN NB 34 -59.54 21.36 -79.61
CA GLN NB 34 -60.80 21.37 -80.34
C GLN NB 34 -60.71 22.07 -81.68
N TYR NB 35 -59.63 22.79 -81.95
CA TYR NB 35 -59.50 23.57 -83.16
C TYR NB 35 -58.72 22.86 -84.25
N ILE NB 36 -57.98 21.81 -83.89
CA ILE NB 36 -56.99 21.22 -84.77
C ILE NB 36 -57.64 20.17 -85.65
N TYR NB 37 -57.38 20.25 -86.96
CA TYR NB 37 -57.83 19.21 -87.88
C TYR NB 37 -57.04 17.92 -87.71
N LYS NB 38 -55.74 17.96 -88.00
CA LYS NB 38 -54.93 16.75 -87.94
C LYS NB 38 -53.47 17.14 -87.91
N ARG NB 39 -52.67 16.24 -87.33
CA ARG NB 39 -51.23 16.44 -87.18
C ARG NB 39 -50.52 15.80 -88.36
N LYS NB 40 -49.76 16.58 -89.10
CA LYS NB 40 -49.04 16.06 -90.26
C LYS NB 40 -47.89 15.15 -89.81
N SER NB 41 -47.38 14.39 -90.77
CA SER NB 41 -46.17 13.61 -90.54
C SER NB 41 -44.96 14.51 -90.29
N ASP NB 42 -45.05 15.78 -90.65
CA ASP NB 42 -44.09 16.77 -90.18
C ASP NB 42 -44.17 16.99 -88.69
N GLY NB 43 -45.24 16.52 -88.04
CA GLY NB 43 -45.54 16.90 -86.68
C GLY NB 43 -46.29 18.20 -86.57
N ILE NB 44 -46.51 18.89 -87.68
CA ILE NB 44 -47.19 20.17 -87.67
C ILE NB 44 -48.70 19.93 -87.58
N TYR NB 45 -49.34 20.57 -86.61
CA TYR NB 45 -50.78 20.45 -86.47
C TYR NB 45 -51.48 21.34 -87.50
N ILE NB 46 -52.65 20.90 -87.94
CA ILE NB 46 -53.46 21.64 -88.90
C ILE NB 46 -54.74 22.07 -88.21
N ILE NB 47 -55.05 23.36 -88.28
CA ILE NB 47 -56.23 23.91 -87.62
C ILE NB 47 -57.39 23.90 -88.59
N ASN NB 48 -58.56 23.48 -88.11
CA ASN NB 48 -59.75 23.50 -88.96
C ASN NB 48 -60.11 24.94 -89.26
N LEU NB 49 -59.97 25.32 -90.53
CA LEU NB 49 -60.11 26.72 -90.93
C LEU NB 49 -61.53 27.24 -90.71
N LYS NB 50 -62.54 26.37 -90.84
CA LYS NB 50 -63.90 26.81 -90.56
C LYS NB 50 -64.06 27.18 -89.10
N ARG NB 51 -63.41 26.43 -88.21
CA ARG NB 51 -63.43 26.79 -86.80
C ARG NB 51 -62.79 28.16 -86.61
N THR NB 52 -61.70 28.42 -87.32
CA THR NB 52 -61.05 29.72 -87.25
C THR NB 52 -61.96 30.83 -87.74
N TRP NB 53 -62.66 30.59 -88.84
CA TRP NB 53 -63.59 31.58 -89.38
C TRP NB 53 -64.69 31.90 -88.39
N GLU NB 54 -65.25 30.87 -87.76
CA GLU NB 54 -66.28 31.11 -86.76
C GLU NB 54 -65.73 31.91 -85.60
N LYS NB 55 -64.52 31.59 -85.15
CA LYS NB 55 -63.94 32.33 -84.04
C LYS NB 55 -63.72 33.79 -84.41
N LEU NB 56 -63.25 34.04 -85.63
CA LEU NB 56 -62.99 35.42 -86.05
C LEU NB 56 -64.28 36.20 -86.18
N LEU NB 57 -65.33 35.58 -86.71
CA LEU NB 57 -66.61 36.28 -86.82
C LEU NB 57 -67.22 36.54 -85.45
N LEU NB 58 -67.06 35.59 -84.52
CA LEU NB 58 -67.49 35.84 -83.15
C LEU NB 58 -66.74 37.02 -82.56
N ALA NB 59 -65.43 37.09 -82.80
CA ALA NB 59 -64.66 38.23 -82.34
C ALA NB 59 -65.18 39.52 -82.93
N ALA NB 60 -65.54 39.49 -84.23
CA ALA NB 60 -66.06 40.69 -84.87
C ALA NB 60 -67.39 41.12 -84.26
N ARG NB 61 -68.27 40.16 -83.97
CA ARG NB 61 -69.53 40.49 -83.31
C ARG NB 61 -69.28 41.11 -81.96
N ALA NB 62 -68.31 40.58 -81.21
CA ALA NB 62 -67.95 41.17 -79.94
C ALA NB 62 -67.42 42.59 -80.12
N ILE NB 63 -66.63 42.80 -81.18
CA ILE NB 63 -66.01 44.09 -81.40
C ILE NB 63 -67.06 45.15 -81.68
N VAL NB 64 -67.96 44.86 -82.61
CA VAL NB 64 -68.95 45.86 -82.99
C VAL NB 64 -69.99 46.10 -81.91
N ALA NB 65 -69.99 45.28 -80.86
CA ALA NB 65 -70.90 45.49 -79.74
C ALA NB 65 -70.59 46.75 -78.96
N ILE NB 66 -69.44 47.36 -79.18
CA ILE NB 66 -69.01 48.54 -78.43
C ILE NB 66 -69.43 49.77 -79.20
N GLU NB 67 -70.04 50.73 -78.50
CA GLU NB 67 -70.47 51.96 -79.15
C GLU NB 67 -69.27 52.82 -79.55
N ASN NB 68 -68.34 53.03 -78.63
CA ASN NB 68 -67.19 53.90 -78.87
C ASN NB 68 -66.09 53.11 -79.54
N PRO NB 69 -65.70 53.44 -80.77
CA PRO NB 69 -64.60 52.71 -81.41
C PRO NB 69 -63.28 52.83 -80.67
N ALA NB 70 -63.08 53.88 -79.89
CA ALA NB 70 -61.85 54.02 -79.12
C ALA NB 70 -61.84 53.16 -77.87
N ASP NB 71 -62.98 52.61 -77.46
CA ASP NB 71 -63.02 51.82 -76.23
C ASP NB 71 -62.32 50.48 -76.37
N VAL NB 72 -61.91 50.10 -77.56
CA VAL NB 72 -61.18 48.86 -77.78
C VAL NB 72 -59.73 49.21 -78.07
N SER NB 73 -58.82 48.37 -77.60
CA SER NB 73 -57.39 48.60 -77.76
C SER NB 73 -56.75 47.37 -78.38
N VAL NB 74 -55.71 47.60 -79.19
CA VAL NB 74 -54.97 46.54 -79.86
C VAL NB 74 -53.51 46.67 -79.46
N ILE NB 75 -52.89 45.55 -79.13
CA ILE NB 75 -51.51 45.54 -78.63
C ILE NB 75 -50.71 44.49 -79.40
N SER NB 76 -49.53 44.86 -79.87
CA SER NB 76 -48.61 43.96 -80.54
C SER NB 76 -47.21 44.24 -80.00
N SER NB 77 -46.80 43.52 -78.96
CA SER NB 77 -45.45 43.69 -78.46
C SER NB 77 -44.42 43.25 -79.49
N ARG NB 78 -44.66 42.12 -80.14
CA ARG NB 78 -43.74 41.66 -81.16
C ARG NB 78 -43.84 42.55 -82.39
N ASN NB 79 -42.69 42.82 -83.00
CA ASN NB 79 -42.66 43.72 -84.15
C ASN NB 79 -43.46 43.16 -85.32
N THR NB 80 -43.50 41.84 -85.45
CA THR NB 80 -44.29 41.19 -86.50
C THR NB 80 -45.78 41.31 -86.15
N GLY NB 81 -46.32 42.50 -86.42
CA GLY NB 81 -47.70 42.75 -86.13
C GLY NB 81 -47.96 44.17 -85.66
N GLN NB 82 -46.90 44.91 -85.35
CA GLN NB 82 -47.08 46.32 -85.02
C GLN NB 82 -47.66 47.08 -86.21
N ARG NB 83 -47.16 46.79 -87.41
CA ARG NB 83 -47.72 47.44 -88.59
C ARG NB 83 -49.18 47.07 -88.77
N ALA NB 84 -49.51 45.79 -88.58
CA ALA NB 84 -50.89 45.35 -88.73
C ALA NB 84 -51.81 46.02 -87.73
N VAL NB 85 -51.40 46.11 -86.47
CA VAL NB 85 -52.29 46.71 -85.48
C VAL NB 85 -52.42 48.21 -85.71
N LEU NB 86 -51.34 48.88 -86.13
CA LEU NB 86 -51.45 50.29 -86.44
C LEU NB 86 -52.43 50.53 -87.57
N LYS NB 87 -52.34 49.73 -88.63
CA LYS NB 87 -53.26 49.92 -89.75
C LYS NB 87 -54.68 49.53 -89.35
N PHE NB 88 -54.80 48.56 -88.44
CA PHE NB 88 -56.11 48.17 -87.93
C PHE NB 88 -56.75 49.32 -87.17
N ALA NB 89 -55.97 49.97 -86.32
CA ALA NB 89 -56.47 51.13 -85.58
C ALA NB 89 -56.84 52.26 -86.53
N ALA NB 90 -56.02 52.48 -87.56
CA ALA NB 90 -56.31 53.54 -88.50
C ALA NB 90 -57.60 53.28 -89.27
N ALA NB 91 -57.79 52.04 -89.73
CA ALA NB 91 -58.96 51.75 -90.55
C ALA NB 91 -60.22 51.69 -89.72
N THR NB 92 -60.15 51.09 -88.52
CA THR NB 92 -61.33 50.87 -87.71
C THR NB 92 -61.50 51.88 -86.59
N GLY NB 93 -60.61 52.86 -86.48
CA GLY NB 93 -60.72 53.84 -85.42
C GLY NB 93 -60.32 53.35 -84.06
N ALA NB 94 -59.69 52.17 -83.97
CA ALA NB 94 -59.32 51.60 -82.69
C ALA NB 94 -58.13 52.35 -82.10
N THR NB 95 -57.82 52.05 -80.85
CA THR NB 95 -56.71 52.68 -80.15
C THR NB 95 -55.50 51.76 -80.22
N PRO NB 96 -54.40 52.18 -80.81
CA PRO NB 96 -53.24 51.31 -80.95
C PRO NB 96 -52.23 51.46 -79.83
N ILE NB 97 -51.66 50.31 -79.45
CA ILE NB 97 -50.47 50.26 -78.61
C ILE NB 97 -49.52 49.28 -79.28
N ALA NB 98 -48.29 49.71 -79.52
CA ALA NB 98 -47.31 48.88 -80.19
C ALA NB 98 -46.04 48.81 -79.38
N GLY NB 99 -45.25 47.77 -79.64
CA GLY NB 99 -43.95 47.66 -79.00
C GLY NB 99 -44.08 47.43 -77.52
N ARG NB 100 -43.22 48.10 -76.76
CA ARG NB 100 -43.14 47.85 -75.33
C ARG NB 100 -44.36 48.41 -74.64
N PHE NB 101 -45.10 47.53 -73.97
CA PHE NB 101 -46.28 47.91 -73.20
C PHE NB 101 -45.85 48.12 -71.77
N THR NB 102 -45.83 49.37 -71.33
CA THR NB 102 -45.40 49.66 -69.98
C THR NB 102 -46.42 49.14 -68.97
N PRO NB 103 -45.99 48.58 -67.85
CA PRO NB 103 -46.93 48.04 -66.88
C PRO NB 103 -47.68 49.16 -66.15
N GLY NB 104 -48.80 48.78 -65.56
CA GLY NB 104 -49.62 49.74 -64.83
C GLY NB 104 -50.47 50.63 -65.72
N THR NB 105 -50.39 50.45 -67.04
CA THR NB 105 -51.15 51.28 -67.95
C THR NB 105 -52.64 51.10 -67.73
N PHE NB 106 -53.08 49.88 -67.49
CA PHE NB 106 -54.46 49.61 -67.15
C PHE NB 106 -54.70 49.66 -65.65
N THR NB 107 -53.67 49.77 -64.86
CA THR NB 107 -53.90 49.71 -63.42
C THR NB 107 -53.54 50.99 -62.70
N ASN NB 108 -52.32 51.48 -62.88
CA ASN NB 108 -51.87 52.70 -62.21
C ASN NB 108 -52.52 53.90 -62.88
N GLN NB 109 -53.40 54.58 -62.15
CA GLN NB 109 -54.21 55.66 -62.70
C GLN NB 109 -53.55 57.01 -62.57
N ILE NB 110 -52.28 57.06 -62.21
CA ILE NB 110 -51.62 58.32 -61.95
C ILE NB 110 -50.95 58.87 -63.20
N GLN NB 111 -50.21 58.03 -63.91
CA GLN NB 111 -49.50 58.47 -65.10
C GLN NB 111 -50.48 58.81 -66.22
N ALA NB 112 -50.04 59.70 -67.10
CA ALA NB 112 -50.88 60.11 -68.22
C ALA NB 112 -51.11 58.99 -69.21
N ALA NB 113 -50.19 58.03 -69.30
CA ALA NB 113 -50.38 56.91 -70.19
C ALA NB 113 -51.50 55.98 -69.73
N PHE NB 114 -52.00 56.17 -68.52
CA PHE NB 114 -53.09 55.35 -68.01
C PHE NB 114 -54.30 55.44 -68.92
N ARG NB 115 -54.86 54.28 -69.24
CA ARG NB 115 -56.08 54.21 -70.03
C ARG NB 115 -56.85 52.99 -69.59
N GLU NB 116 -58.16 53.05 -69.77
CA GLU NB 116 -59.05 51.95 -69.40
C GLU NB 116 -60.02 51.68 -70.55
N PRO NB 117 -59.73 50.69 -71.38
CA PRO NB 117 -60.62 50.33 -72.47
C PRO NB 117 -61.73 49.41 -71.99
N ARG NB 118 -62.71 49.17 -72.86
CA ARG NB 118 -63.79 48.24 -72.60
C ARG NB 118 -63.53 46.87 -73.21
N LEU NB 119 -62.45 46.72 -73.96
CA LEU NB 119 -62.12 45.47 -74.61
C LEU NB 119 -60.63 45.45 -74.89
N LEU NB 120 -60.04 44.25 -74.88
CA LEU NB 120 -58.61 44.07 -75.08
C LEU NB 120 -58.39 43.14 -76.26
N VAL NB 121 -57.44 43.48 -77.13
CA VAL NB 121 -57.10 42.65 -78.27
C VAL NB 121 -55.61 42.37 -78.21
N VAL NB 122 -55.24 41.10 -78.33
CA VAL NB 122 -53.89 40.63 -78.04
C VAL NB 122 -53.32 39.92 -79.27
N THR NB 123 -52.09 40.27 -79.63
CA THR NB 123 -51.43 39.60 -80.74
C THR NB 123 -51.02 38.18 -80.38
N ASP NB 124 -50.37 37.99 -79.24
CA ASP NB 124 -49.91 36.67 -78.84
C ASP NB 124 -49.97 36.55 -77.33
N PRO NB 125 -50.48 35.44 -76.79
CA PRO NB 125 -50.60 35.33 -75.33
C PRO NB 125 -49.27 35.37 -74.60
N ARG NB 126 -48.30 34.56 -75.02
CA ARG NB 126 -47.02 34.53 -74.31
C ARG NB 126 -46.27 35.85 -74.45
N ALA NB 127 -46.22 36.40 -75.67
CA ALA NB 127 -45.53 37.67 -75.86
C ALA NB 127 -46.25 38.80 -75.13
N ASP NB 128 -47.58 38.80 -75.14
CA ASP NB 128 -48.37 39.85 -74.51
C ASP NB 128 -48.93 39.36 -73.19
N HIS NB 129 -48.13 38.57 -72.45
CA HIS NB 129 -48.60 38.08 -71.17
C HIS NB 129 -48.79 39.20 -70.18
N GLN NB 130 -47.97 40.25 -70.27
CA GLN NB 130 -48.10 41.35 -69.31
C GLN NB 130 -49.42 42.10 -69.46
N PRO NB 131 -49.83 42.57 -70.65
CA PRO NB 131 -51.16 43.19 -70.73
C PRO NB 131 -52.28 42.22 -70.41
N LEU NB 132 -52.10 40.94 -70.75
CA LEU NB 132 -53.10 39.93 -70.41
C LEU NB 132 -53.29 39.84 -68.91
N THR NB 133 -52.18 39.85 -68.18
CA THR NB 133 -52.26 39.81 -66.72
C THR NB 133 -52.99 41.02 -66.18
N GLU NB 134 -52.72 42.19 -66.75
CA GLU NB 134 -53.36 43.41 -66.27
C GLU NB 134 -54.85 43.41 -66.59
N ALA NB 135 -55.26 42.63 -67.58
CA ALA NB 135 -56.66 42.58 -67.94
C ALA NB 135 -57.51 41.97 -66.85
N SER NB 136 -56.92 41.19 -65.95
CA SER NB 136 -57.67 40.50 -64.90
C SER NB 136 -58.03 41.41 -63.74
N TYR NB 137 -57.55 42.64 -63.72
CA TYR NB 137 -57.75 43.54 -62.60
C TYR NB 137 -58.85 44.55 -62.84
N VAL NB 138 -59.33 44.69 -64.07
CA VAL NB 138 -60.15 45.83 -64.44
C VAL NB 138 -61.41 45.34 -65.14
N ASN NB 139 -61.69 44.04 -65.06
CA ASN NB 139 -62.84 43.41 -65.70
C ASN NB 139 -62.83 43.69 -67.20
N LEU NB 140 -61.80 43.18 -67.86
CA LEU NB 140 -61.58 43.47 -69.26
C LEU NB 140 -61.70 42.21 -70.10
N PRO NB 141 -62.75 42.06 -70.91
CA PRO NB 141 -62.79 40.94 -71.86
C PRO NB 141 -61.69 41.10 -72.90
N THR NB 142 -61.21 39.97 -73.41
CA THR NB 142 -59.97 39.98 -74.18
C THR NB 142 -60.03 38.99 -75.35
N ILE NB 143 -59.56 39.44 -76.50
CA ILE NB 143 -59.40 38.59 -77.69
C ILE NB 143 -57.92 38.50 -78.01
N ALA NB 144 -57.45 37.29 -78.29
CA ALA NB 144 -56.05 37.07 -78.58
C ALA NB 144 -55.92 36.24 -79.85
N LEU NB 145 -54.80 36.43 -80.55
CA LEU NB 145 -54.54 35.70 -81.79
C LEU NB 145 -53.62 34.55 -81.46
N CYS NB 146 -54.20 33.38 -81.22
CA CYS NB 146 -53.50 32.28 -80.58
C CYS NB 146 -53.00 31.27 -81.60
N ASN NB 147 -51.96 30.54 -81.22
CA ASN NB 147 -51.48 29.40 -81.99
C ASN NB 147 -51.71 28.11 -81.21
N THR NB 148 -51.24 27.00 -81.76
CA THR NB 148 -51.52 25.70 -81.17
C THR NB 148 -50.91 25.55 -79.78
N ASP NB 149 -49.83 26.26 -79.49
CA ASP NB 149 -49.13 26.17 -78.23
C ASP NB 149 -49.51 27.28 -77.26
N SER NB 150 -50.38 28.17 -77.69
CA SER NB 150 -50.61 29.40 -76.94
C SER NB 150 -51.45 29.12 -75.70
N PRO NB 151 -51.03 29.60 -74.53
CA PRO NB 151 -51.88 29.49 -73.35
C PRO NB 151 -53.08 30.41 -73.44
N LEU NB 152 -54.12 30.07 -72.68
CA LEU NB 152 -55.38 30.80 -72.70
C LEU NB 152 -55.77 31.26 -71.30
N ARG NB 153 -54.78 31.58 -70.46
CA ARG NB 153 -55.06 31.84 -69.06
C ARG NB 153 -56.02 33.00 -68.88
N TYR NB 154 -55.91 34.02 -69.72
CA TYR NB 154 -56.82 35.16 -69.64
C TYR NB 154 -57.43 35.49 -71.00
N VAL NB 155 -57.54 34.50 -71.87
CA VAL NB 155 -58.05 34.71 -73.21
C VAL NB 155 -59.51 34.31 -73.24
N ASP NB 156 -60.32 35.05 -73.99
CA ASP NB 156 -61.75 34.83 -74.04
C ASP NB 156 -62.27 34.50 -75.42
N ILE NB 157 -61.76 35.13 -76.48
CA ILE NB 157 -62.28 34.95 -77.82
C ILE NB 157 -61.13 34.44 -78.70
N ALA NB 158 -60.29 33.58 -78.12
CA ALA NB 158 -59.11 33.02 -78.77
C ALA NB 158 -59.38 32.62 -80.22
N ILE NB 159 -58.63 33.21 -81.13
CA ILE NB 159 -58.72 32.91 -82.55
C ILE NB 159 -57.58 31.96 -82.90
N PRO NB 160 -57.86 30.71 -83.19
CA PRO NB 160 -56.81 29.70 -83.42
C PRO NB 160 -56.36 29.67 -84.87
N CYS NB 161 -55.60 30.69 -85.26
CA CYS NB 161 -55.14 30.79 -86.64
C CYS NB 161 -53.63 30.65 -86.75
N ASN NB 162 -52.86 31.55 -86.13
CA ASN NB 162 -51.41 31.53 -86.11
C ASN NB 162 -50.98 32.77 -85.33
N ASN NB 163 -49.71 32.80 -84.97
CA ASN NB 163 -49.08 34.03 -84.54
C ASN NB 163 -47.64 34.13 -85.00
N LYS NB 164 -47.17 33.19 -85.81
CA LYS NB 164 -45.77 33.06 -86.18
C LYS NB 164 -45.44 33.66 -87.53
N GLY NB 165 -46.17 33.26 -88.58
CA GLY NB 165 -45.90 33.78 -89.91
C GLY NB 165 -46.36 35.22 -90.04
N ALA NB 166 -45.44 36.08 -90.48
CA ALA NB 166 -45.76 37.50 -90.58
C ALA NB 166 -46.91 37.72 -91.55
N HIS NB 167 -46.88 37.02 -92.69
CA HIS NB 167 -47.95 37.15 -93.65
C HIS NB 167 -49.27 36.68 -93.07
N SER NB 168 -49.24 35.62 -92.27
CA SER NB 168 -50.45 35.16 -91.60
C SER NB 168 -50.98 36.23 -90.67
N VAL NB 169 -50.11 36.88 -89.91
CA VAL NB 169 -50.53 37.92 -88.99
C VAL NB 169 -51.20 39.06 -89.74
N GLY NB 170 -50.56 39.51 -90.82
CA GLY NB 170 -51.17 40.55 -91.62
C GLY NB 170 -52.50 40.13 -92.20
N LEU NB 171 -52.58 38.89 -92.64
CA LEU NB 171 -53.83 38.40 -93.23
C LEU NB 171 -54.95 38.36 -92.21
N MET NB 172 -54.69 37.82 -91.02
CA MET NB 172 -55.74 37.70 -90.02
C MET NB 172 -56.17 39.08 -89.53
N TRP NB 173 -55.24 40.01 -89.38
CA TRP NB 173 -55.61 41.35 -88.97
C TRP NB 173 -56.42 42.05 -90.05
N TRP NB 174 -56.02 41.89 -91.31
CA TRP NB 174 -56.77 42.45 -92.43
C TRP NB 174 -58.17 41.87 -92.49
N MET NB 175 -58.29 40.56 -92.27
CA MET NB 175 -59.59 39.89 -92.27
C MET NB 175 -60.48 40.43 -91.16
N LEU NB 176 -59.92 40.57 -89.95
CA LEU NB 176 -60.71 41.06 -88.84
C LEU NB 176 -61.18 42.48 -89.08
N ALA NB 177 -60.28 43.33 -89.60
CA ALA NB 177 -60.69 44.69 -89.93
C ALA NB 177 -61.79 44.70 -90.97
N ARG NB 178 -61.66 43.86 -92.00
CA ARG NB 178 -62.67 43.80 -93.04
C ARG NB 178 -64.02 43.38 -92.45
N GLU NB 179 -64.00 42.39 -91.58
CA GLU NB 179 -65.25 41.90 -91.02
C GLU NB 179 -65.91 42.92 -90.11
N VAL NB 180 -65.13 43.59 -89.25
CA VAL NB 180 -65.73 44.56 -88.34
C VAL NB 180 -66.23 45.77 -89.11
N LEU NB 181 -65.57 46.11 -90.22
CA LEU NB 181 -66.09 47.20 -91.04
C LEU NB 181 -67.38 46.80 -91.74
N ARG NB 182 -67.43 45.57 -92.26
CA ARG NB 182 -68.63 45.15 -92.99
C ARG NB 182 -69.80 44.91 -92.06
N MET NB 183 -69.54 44.59 -90.79
CA MET NB 183 -70.62 44.51 -89.83
C MET NB 183 -71.28 45.86 -89.64
N ARG NB 184 -70.49 46.91 -89.50
CA ARG NB 184 -71.03 48.26 -89.43
C ARG NB 184 -71.40 48.74 -90.83
N GLY NB 185 -72.04 49.90 -90.88
CA GLY NB 185 -72.44 50.47 -92.15
C GLY NB 185 -71.30 51.12 -92.87
N THR NB 186 -70.28 50.34 -93.23
CA THR NB 186 -69.12 50.86 -93.93
C THR NB 186 -68.97 50.27 -95.32
N ILE NB 187 -68.97 48.94 -95.44
CA ILE NB 187 -68.83 48.26 -96.70
C ILE NB 187 -70.13 47.50 -96.97
N SER NB 188 -70.58 47.53 -98.22
CA SER NB 188 -71.87 46.99 -98.61
C SER NB 188 -71.87 45.47 -98.73
N ARG NB 189 -70.84 44.79 -98.19
CA ARG NB 189 -70.73 43.33 -98.21
C ARG NB 189 -70.63 42.76 -99.61
N GLU NB 190 -70.66 43.62 -100.63
CA GLU NB 190 -70.83 43.19 -102.00
C GLU NB 190 -69.50 43.15 -102.76
N HIS NB 191 -68.88 44.23 -102.90
CA HIS NB 191 -67.63 44.20 -103.63
C HIS NB 191 -66.46 43.93 -102.68
N PRO NB 192 -65.36 43.38 -103.21
CA PRO NB 192 -64.21 43.11 -102.34
C PRO NB 192 -63.65 44.38 -101.74
N TRP NB 193 -63.08 44.24 -100.55
CA TRP NB 193 -62.52 45.38 -99.85
C TRP NB 193 -61.36 45.98 -100.63
N GLU NB 194 -61.34 47.30 -100.70
CA GLU NB 194 -60.33 48.00 -101.48
C GLU NB 194 -58.94 47.94 -100.86
N VAL NB 195 -58.83 47.44 -99.64
CA VAL NB 195 -57.56 47.45 -98.92
C VAL NB 195 -56.85 46.12 -99.15
N MET NB 196 -55.65 46.19 -99.71
CA MET NB 196 -54.84 45.00 -99.92
C MET NB 196 -54.27 44.52 -98.59
N PRO NB 197 -54.23 43.21 -98.35
CA PRO NB 197 -53.67 42.70 -97.09
C PRO NB 197 -52.20 42.99 -96.90
N ASP NB 198 -51.46 43.31 -97.97
CA ASP NB 198 -50.05 43.61 -97.83
C ASP NB 198 -49.80 44.81 -96.95
N LEU NB 199 -50.74 45.75 -96.88
CA LEU NB 199 -50.58 46.94 -96.04
C LEU NB 199 -50.42 46.58 -94.58
N TYR NB 200 -50.98 45.46 -94.17
CA TYR NB 200 -50.87 44.97 -92.81
C TYR NB 200 -49.72 43.98 -92.63
N PHE NB 201 -48.92 43.76 -93.67
CA PHE NB 201 -47.83 42.81 -93.56
C PHE NB 201 -46.61 43.49 -92.96
N TYR NB 202 -46.12 42.95 -91.85
CA TYR NB 202 -44.84 43.40 -91.35
C TYR NB 202 -43.75 42.97 -92.31
N ARG NB 203 -42.80 43.86 -92.55
CA ARG NB 203 -41.71 43.60 -93.47
C ARG NB 203 -40.39 43.70 -92.72
N ASP NB 204 -39.49 42.77 -93.00
CA ASP NB 204 -38.18 42.79 -92.37
C ASP NB 204 -37.36 43.94 -92.91
N PRO NB 205 -36.58 44.62 -92.04
CA PRO NB 205 -35.92 45.87 -92.46
C PRO NB 205 -35.04 45.73 -93.68
N GLU NB 206 -34.48 44.55 -93.92
CA GLU NB 206 -33.69 44.33 -95.12
C GLU NB 206 -34.53 44.30 -96.38
N GLU NB 207 -35.86 44.28 -96.27
CA GLU NB 207 -36.69 44.62 -97.41
C GLU NB 207 -36.96 46.12 -97.50
N ILE NB 208 -37.23 46.79 -96.37
CA ILE NB 208 -37.52 48.23 -96.43
C ILE NB 208 -36.30 48.99 -96.93
N GLU NB 209 -35.11 48.43 -96.71
CA GLU NB 209 -33.87 49.12 -97.05
C GLU NB 209 -33.40 48.86 -98.48
N LYS NB 210 -34.06 47.98 -99.23
CA LYS NB 210 -33.60 47.70 -100.58
C LYS NB 210 -34.75 47.69 -101.59
N GLU NB 211 -35.96 47.42 -101.12
CA GLU NB 211 -37.10 47.37 -102.02
C GLU NB 211 -37.47 48.76 -102.52
N GLU NB 212 -37.31 49.78 -101.69
CA GLU NB 212 -37.64 51.14 -102.10
C GLU NB 212 -36.68 51.63 -103.19
N GLN NB 213 -35.39 51.32 -103.07
CA GLN NB 213 -34.47 51.71 -104.12
C GLN NB 213 -34.60 50.82 -105.35
N ALA NB 214 -34.98 49.55 -105.17
CA ALA NB 214 -35.28 48.70 -106.31
C ALA NB 214 -36.47 49.24 -107.10
N ALA NB 215 -37.51 49.69 -106.39
CA ALA NB 215 -38.66 50.30 -107.04
C ALA NB 215 -38.26 51.60 -107.71
N ALA NB 216 -37.34 52.35 -107.10
CA ALA NB 216 -36.83 53.56 -107.75
C ALA NB 216 -36.13 53.23 -109.06
N GLU NB 217 -35.32 52.18 -109.07
CA GLU NB 217 -34.64 51.78 -110.31
C GLU NB 217 -35.65 51.32 -111.36
N LYS NB 218 -36.68 50.58 -110.94
CA LYS NB 218 -37.71 50.14 -111.87
C LYS NB 218 -38.48 51.32 -112.45
N ALA NB 219 -38.78 52.33 -111.63
CA ALA NB 219 -39.55 53.46 -112.11
C ALA NB 219 -38.73 54.35 -113.03
N VAL NB 220 -37.48 54.64 -112.65
CA VAL NB 220 -36.65 55.54 -113.45
C VAL NB 220 -36.28 54.91 -114.79
N THR NB 221 -36.26 53.58 -114.86
CA THR NB 221 -35.88 52.88 -116.09
C THR NB 221 -37.08 52.18 -116.72
N VAL OB 1 34.87 3.10 -62.16
CA VAL OB 1 35.04 4.50 -62.52
C VAL OB 1 34.74 4.68 -64.00
N VAL OB 2 35.15 3.70 -64.81
CA VAL OB 2 34.96 3.78 -66.25
C VAL OB 2 33.49 3.59 -66.58
N ASP OB 3 33.01 4.30 -67.62
CA ASP OB 3 31.60 4.25 -67.97
C ASP OB 3 31.23 2.86 -68.51
N PRO OB 4 30.13 2.29 -68.01
CA PRO OB 4 29.77 0.92 -68.43
C PRO OB 4 29.39 0.80 -69.89
N PHE OB 5 28.90 1.87 -70.52
CA PHE OB 5 28.40 1.76 -71.88
C PHE OB 5 29.50 1.48 -72.89
N SER OB 6 30.77 1.61 -72.51
CA SER OB 6 31.84 1.14 -73.36
C SER OB 6 31.77 -0.36 -73.58
N LYS OB 7 31.37 -1.11 -72.56
CA LYS OB 7 31.33 -2.56 -72.60
C LYS OB 7 30.09 -3.06 -73.30
N LYS OB 8 29.16 -2.17 -73.64
CA LYS OB 8 27.92 -2.53 -74.29
C LYS OB 8 28.10 -2.51 -75.80
N ASP OB 9 27.42 -3.43 -76.47
CA ASP OB 9 27.41 -3.48 -77.92
C ASP OB 9 25.98 -3.59 -78.41
N TRP OB 10 25.77 -3.23 -79.67
CA TRP OB 10 24.42 -3.06 -80.20
C TRP OB 10 23.98 -4.26 -81.01
N TYR OB 11 22.69 -4.58 -80.86
CA TYR OB 11 22.05 -5.63 -81.64
C TYR OB 11 20.79 -5.08 -82.28
N ASP OB 12 20.42 -5.67 -83.42
CA ASP OB 12 19.31 -5.19 -84.22
C ASP OB 12 18.08 -6.02 -83.90
N VAL OB 13 16.91 -5.38 -83.96
CA VAL OB 13 15.64 -6.02 -83.63
C VAL OB 13 14.91 -6.36 -84.92
N LYS OB 14 14.48 -7.61 -85.06
CA LYS OB 14 13.81 -8.09 -86.26
C LYS OB 14 12.41 -8.56 -85.92
N ALA OB 15 11.45 -8.17 -86.73
CA ALA OB 15 10.08 -8.66 -86.66
C ALA OB 15 9.92 -9.92 -87.50
N PRO OB 16 8.87 -10.70 -87.26
CA PRO OB 16 8.58 -11.85 -88.14
C PRO OB 16 8.16 -11.42 -89.54
N ALA OB 17 8.09 -12.38 -90.46
CA ALA OB 17 7.87 -12.08 -91.88
C ALA OB 17 6.46 -11.60 -92.18
N MET OB 18 5.54 -11.67 -91.23
CA MET OB 18 4.18 -11.23 -91.48
C MET OB 18 4.12 -9.74 -91.76
N PHE OB 19 4.92 -8.95 -91.06
CA PHE OB 19 4.92 -7.51 -91.20
C PHE OB 19 5.95 -7.10 -92.23
N ASN OB 20 5.59 -6.09 -93.03
CA ASN OB 20 6.42 -5.67 -94.15
C ASN OB 20 7.60 -4.78 -93.74
N ILE OB 21 7.69 -4.38 -92.48
CA ILE OB 21 8.93 -3.81 -91.95
C ILE OB 21 9.55 -4.84 -91.02
N ARG OB 22 10.78 -5.23 -91.30
CA ARG OB 22 11.49 -6.19 -90.45
C ARG OB 22 12.38 -5.52 -89.42
N ASN OB 23 12.91 -4.34 -89.72
CA ASN OB 23 13.79 -3.63 -88.80
C ASN OB 23 12.94 -2.86 -87.82
N ILE OB 24 12.64 -3.47 -86.68
CA ILE OB 24 11.95 -2.76 -85.61
C ILE OB 24 12.85 -1.69 -85.02
N GLY OB 25 14.10 -2.05 -84.76
CA GLY OB 25 15.03 -1.08 -84.22
C GLY OB 25 16.29 -1.74 -83.72
N LYS OB 26 16.98 -1.04 -82.83
CA LYS OB 26 18.24 -1.50 -82.27
C LYS OB 26 18.12 -1.69 -80.77
N THR OB 27 18.93 -2.61 -80.25
CA THR OB 27 19.04 -2.85 -78.83
C THR OB 27 20.50 -3.06 -78.47
N LEU OB 28 20.79 -2.95 -77.18
CA LEU OB 28 22.16 -3.09 -76.69
C LEU OB 28 22.16 -4.05 -75.52
N VAL OB 29 23.37 -4.51 -75.17
CA VAL OB 29 23.55 -5.41 -74.05
C VAL OB 29 25.02 -5.37 -73.66
N THR OB 30 25.29 -5.67 -72.39
CA THR OB 30 26.68 -5.84 -71.97
C THR OB 30 27.26 -7.09 -72.61
N ARG OB 31 28.50 -6.99 -73.07
CA ARG OB 31 29.16 -8.13 -73.70
C ARG OB 31 29.30 -9.30 -72.72
N THR OB 32 29.45 -10.49 -73.28
CA THR OB 32 29.60 -11.69 -72.49
C THR OB 32 30.86 -11.61 -71.62
N GLN OB 33 30.67 -11.63 -70.31
CA GLN OB 33 31.78 -11.54 -69.36
C GLN OB 33 31.73 -12.75 -68.45
N GLY OB 34 32.68 -13.67 -68.64
CA GLY OB 34 32.75 -14.84 -67.80
C GLY OB 34 31.51 -15.70 -67.90
N THR OB 35 30.91 -16.00 -66.75
CA THR OB 35 29.72 -16.82 -66.70
C THR OB 35 28.52 -16.18 -67.40
N LYS OB 36 28.32 -14.87 -67.21
CA LYS OB 36 27.14 -14.23 -67.75
C LYS OB 36 27.26 -14.09 -69.25
N ILE OB 37 26.19 -14.46 -69.97
CA ILE OB 37 26.18 -14.51 -71.42
C ILE OB 37 25.23 -13.44 -71.93
N ALA OB 38 25.70 -12.64 -72.90
CA ALA OB 38 24.88 -11.57 -73.46
C ALA OB 38 23.66 -12.12 -74.19
N SER OB 39 23.79 -13.32 -74.78
CA SER OB 39 22.68 -13.89 -75.53
C SER OB 39 21.47 -14.11 -74.64
N ASP OB 40 21.70 -14.57 -73.40
CA ASP OB 40 20.60 -14.76 -72.47
C ASP OB 40 19.93 -13.45 -72.10
N GLY OB 41 20.73 -12.40 -71.85
CA GLY OB 41 20.14 -11.11 -71.54
C GLY OB 41 19.34 -10.56 -72.71
N LEU OB 42 19.77 -10.85 -73.93
CA LEU OB 42 19.00 -10.45 -75.10
C LEU OB 42 17.67 -11.18 -75.19
N LYS OB 43 17.64 -12.47 -74.87
CA LYS OB 43 16.43 -13.26 -75.02
C LYS OB 43 15.37 -12.82 -74.03
N GLY OB 44 14.11 -13.07 -74.38
CA GLY OB 44 13.01 -12.82 -73.47
C GLY OB 44 12.62 -11.37 -73.32
N ARG OB 45 13.19 -10.48 -74.11
CA ARG OB 45 12.84 -9.06 -74.05
C ARG OB 45 11.65 -8.77 -74.94
N VAL OB 46 10.75 -7.93 -74.45
CA VAL OB 46 9.52 -7.57 -75.14
C VAL OB 46 9.68 -6.16 -75.68
N PHE OB 47 9.35 -5.99 -76.97
CA PHE OB 47 9.42 -4.69 -77.63
C PHE OB 47 8.00 -4.28 -77.99
N GLU OB 48 7.34 -3.57 -77.08
CA GLU OB 48 6.00 -3.08 -77.33
C GLU OB 48 6.08 -2.08 -78.46
N VAL OB 49 5.61 -2.47 -79.64
CA VAL OB 49 5.72 -1.65 -80.84
C VAL OB 49 4.35 -1.52 -81.47
N SER OB 50 4.11 -0.38 -82.11
CA SER OB 50 2.84 -0.13 -82.76
C SER OB 50 2.72 -0.95 -84.03
N LEU OB 51 1.63 -0.74 -84.74
CA LEU OB 51 1.40 -1.41 -86.01
C LEU OB 51 1.71 -0.50 -87.19
N ALA OB 52 1.54 0.81 -87.04
CA ALA OB 52 1.79 1.73 -88.13
C ALA OB 52 3.27 1.81 -88.47
N ASP OB 53 4.14 1.53 -87.51
CA ASP OB 53 5.57 1.41 -87.77
C ASP OB 53 5.96 -0.03 -88.09
N LEU OB 54 5.00 -0.95 -88.06
CA LEU OB 54 5.21 -2.32 -88.50
C LEU OB 54 4.57 -2.62 -89.84
N GLN OB 55 3.50 -1.91 -90.18
CA GLN OB 55 2.81 -2.08 -91.44
C GLN OB 55 2.81 -0.76 -92.20
N ASN OB 56 2.72 -0.87 -93.53
CA ASN OB 56 2.93 0.30 -94.39
C ASN OB 56 1.90 1.39 -94.12
N ASP OB 57 0.63 1.01 -93.99
CA ASP OB 57 -0.43 2.01 -93.95
C ASP OB 57 -1.54 1.64 -92.99
N GLU OB 58 -1.26 0.81 -91.99
CA GLU OB 58 -2.32 0.39 -91.10
C GLU OB 58 -2.55 1.45 -90.02
N VAL OB 59 -3.45 1.14 -89.08
CA VAL OB 59 -3.81 2.07 -88.03
C VAL OB 59 -2.70 2.14 -86.99
N ALA OB 60 -2.80 3.11 -86.09
CA ALA OB 60 -1.75 3.37 -85.13
C ALA OB 60 -2.12 3.06 -83.69
N PHE OB 61 -3.40 2.82 -83.40
CA PHE OB 61 -3.81 2.57 -82.03
C PHE OB 61 -3.59 1.13 -81.59
N ARG OB 62 -2.93 0.32 -82.42
CA ARG OB 62 -2.66 -1.08 -82.12
C ARG OB 62 -1.19 -1.24 -81.80
N LYS OB 63 -0.88 -1.96 -80.73
CA LYS OB 63 0.49 -2.28 -80.38
C LYS OB 63 0.65 -3.79 -80.25
N PHE OB 64 1.89 -4.25 -80.37
CA PHE OB 64 2.22 -5.66 -80.26
C PHE OB 64 3.33 -5.84 -79.25
N LYS OB 65 3.40 -7.03 -78.66
CA LYS OB 65 4.45 -7.32 -77.68
C LYS OB 65 5.74 -7.77 -78.35
N LEU OB 66 5.69 -8.86 -79.11
CA LEU OB 66 6.83 -9.33 -79.91
C LEU OB 66 8.07 -9.58 -79.04
N ILE OB 67 7.94 -10.57 -78.15
CA ILE OB 67 9.05 -10.93 -77.30
C ILE OB 67 10.16 -11.58 -78.13
N THR OB 68 11.40 -11.39 -77.70
CA THR OB 68 12.56 -11.97 -78.36
C THR OB 68 12.74 -13.41 -77.92
N GLU OB 69 13.07 -14.30 -78.86
CA GLU OB 69 13.33 -15.71 -78.54
C GLU OB 69 14.77 -16.13 -78.79
N ASP OB 70 15.39 -15.65 -79.87
CA ASP OB 70 16.75 -16.02 -80.18
C ASP OB 70 17.49 -14.83 -80.77
N VAL OB 71 18.80 -14.85 -80.61
CA VAL OB 71 19.69 -13.87 -81.23
C VAL OB 71 20.88 -14.62 -81.81
N GLN OB 72 21.29 -14.25 -83.01
CA GLN OB 72 22.45 -14.84 -83.66
C GLN OB 72 23.06 -13.81 -84.60
N GLY OB 73 24.38 -13.83 -84.70
CA GLY OB 73 25.06 -12.75 -85.40
C GLY OB 73 24.90 -11.47 -84.61
N LYS OB 74 24.35 -10.45 -85.27
CA LYS OB 74 24.02 -9.20 -84.61
C LYS OB 74 22.53 -8.90 -84.67
N ASN OB 75 21.71 -9.91 -84.97
CA ASN OB 75 20.28 -9.73 -85.20
C ASN OB 75 19.48 -10.47 -84.15
N CYS OB 76 18.54 -9.78 -83.51
CA CYS OB 76 17.64 -10.41 -82.56
C CYS OB 76 16.38 -10.89 -83.25
N LEU OB 77 15.92 -12.08 -82.87
CA LEU OB 77 14.72 -12.68 -83.44
C LEU OB 77 13.60 -12.60 -82.42
N THR OB 78 12.45 -12.10 -82.86
CA THR OB 78 11.28 -11.95 -82.01
C THR OB 78 10.15 -12.83 -82.52
N ASN OB 79 9.12 -12.96 -81.69
CA ASN OB 79 7.90 -13.64 -82.09
C ASN OB 79 6.75 -13.09 -81.28
N PHE OB 80 5.54 -13.30 -81.80
CA PHE OB 80 4.33 -12.75 -81.23
C PHE OB 80 4.16 -13.14 -79.77
N HIS OB 81 3.70 -12.20 -78.97
CA HIS OB 81 3.54 -12.44 -77.54
C HIS OB 81 2.22 -11.85 -77.05
N GLY OB 82 1.66 -10.93 -77.81
CA GLY OB 82 0.37 -10.35 -77.49
C GLY OB 82 0.21 -9.00 -78.16
N MET OB 83 -1.04 -8.59 -78.28
CA MET OB 83 -1.34 -7.26 -78.81
C MET OB 83 -2.30 -6.54 -77.87
N ASP OB 84 -2.27 -5.21 -77.97
CA ASP OB 84 -3.12 -4.39 -77.13
C ASP OB 84 -3.43 -3.08 -77.83
N LEU OB 85 -4.52 -2.45 -77.40
CA LEU OB 85 -4.89 -1.15 -77.92
C LEU OB 85 -4.16 -0.04 -77.15
N THR OB 86 -4.19 1.17 -77.70
CA THR OB 86 -3.56 2.29 -77.04
C THR OB 86 -4.49 2.90 -76.00
N ARG OB 87 -3.89 3.55 -75.01
CA ARG OB 87 -4.67 4.14 -73.92
C ARG OB 87 -5.65 5.18 -74.42
N ASP OB 88 -5.19 6.08 -75.28
CA ASP OB 88 -6.04 7.17 -75.74
C ASP OB 88 -7.22 6.66 -76.55
N LYS OB 89 -6.98 5.69 -77.44
CA LYS OB 89 -8.06 5.15 -78.24
C LYS OB 89 -9.07 4.42 -77.35
N MET OB 90 -8.58 3.63 -76.41
CA MET OB 90 -9.47 2.91 -75.52
C MET OB 90 -10.34 3.86 -74.71
N CYS OB 91 -9.74 4.93 -74.20
CA CYS OB 91 -10.52 5.87 -73.41
C CYS OB 91 -11.48 6.68 -74.27
N SER OB 92 -11.09 7.00 -75.51
CA SER OB 92 -11.97 7.76 -76.38
C SER OB 92 -13.17 6.92 -76.82
N MET OB 93 -12.99 5.60 -76.91
CA MET OB 93 -14.10 4.76 -77.33
C MET OB 93 -15.20 4.69 -76.26
N VAL OB 94 -14.82 4.69 -74.99
CA VAL OB 94 -15.80 4.56 -73.92
C VAL OB 94 -16.55 5.87 -73.76
N LYS OB 95 -17.87 5.81 -73.86
CA LYS OB 95 -18.71 7.00 -73.78
C LYS OB 95 -19.96 6.67 -73.01
N LYS OB 96 -20.57 7.70 -72.44
CA LYS OB 96 -21.84 7.56 -71.75
C LYS OB 96 -22.95 7.32 -72.76
N TRP OB 97 -24.14 6.99 -72.25
CA TRP OB 97 -25.33 6.83 -73.08
C TRP OB 97 -25.15 5.74 -74.12
N GLN OB 98 -24.33 4.75 -73.80
CA GLN OB 98 -24.14 3.59 -74.66
C GLN OB 98 -23.68 2.44 -73.78
N THR OB 99 -23.95 1.23 -74.27
CA THR OB 99 -23.60 0.01 -73.57
C THR OB 99 -22.41 -0.63 -74.27
N MET OB 100 -21.42 -1.06 -73.50
CA MET OB 100 -20.31 -1.79 -74.08
C MET OB 100 -20.38 -3.24 -73.66
N ILE OB 101 -19.89 -4.11 -74.54
CA ILE OB 101 -19.85 -5.54 -74.31
C ILE OB 101 -18.41 -6.00 -74.38
N GLU OB 102 -17.98 -6.72 -73.36
CA GLU OB 102 -16.63 -7.28 -73.32
C GLU OB 102 -16.74 -8.79 -73.16
N ALA OB 103 -15.85 -9.52 -73.81
CA ALA OB 103 -15.75 -10.96 -73.62
C ALA OB 103 -14.30 -11.39 -73.70
N HIS OB 104 -13.95 -12.36 -72.87
CA HIS OB 104 -12.62 -12.94 -72.84
C HIS OB 104 -12.74 -14.43 -73.06
N VAL OB 105 -11.80 -14.98 -73.83
CA VAL OB 105 -11.80 -16.41 -74.13
C VAL OB 105 -10.37 -16.91 -74.07
N ASP OB 106 -10.20 -18.06 -73.44
CA ASP OB 106 -8.92 -18.79 -73.47
C ASP OB 106 -9.01 -19.79 -74.61
N VAL OB 107 -8.19 -19.60 -75.64
CA VAL OB 107 -8.27 -20.42 -76.83
C VAL OB 107 -6.88 -20.88 -77.22
N LYS OB 108 -6.77 -22.16 -77.57
CA LYS OB 108 -5.51 -22.78 -77.98
C LYS OB 108 -5.44 -22.79 -79.50
N THR OB 109 -4.23 -22.66 -80.04
CA THR OB 109 -4.08 -22.69 -81.48
C THR OB 109 -3.81 -24.13 -81.95
N THR OB 110 -3.65 -24.29 -83.26
CA THR OB 110 -3.34 -25.61 -83.80
C THR OB 110 -1.95 -26.06 -83.39
N ASP OB 111 -1.00 -25.14 -83.32
CA ASP OB 111 0.38 -25.44 -83.00
C ASP OB 111 0.66 -25.42 -81.51
N GLY OB 112 -0.34 -25.18 -80.68
CA GLY OB 112 -0.18 -25.25 -79.25
C GLY OB 112 -0.02 -23.93 -78.54
N TYR OB 113 -0.07 -22.80 -79.26
CA TYR OB 113 -0.05 -21.51 -78.60
C TYR OB 113 -1.39 -21.25 -77.94
N LEU OB 114 -1.34 -20.69 -76.73
CA LEU OB 114 -2.52 -20.42 -75.93
C LEU OB 114 -2.67 -18.91 -75.76
N LEU OB 115 -3.88 -18.40 -75.99
CA LEU OB 115 -4.14 -16.97 -75.96
C LEU OB 115 -5.41 -16.67 -75.19
N ARG OB 116 -5.41 -15.52 -74.52
CA ARG OB 116 -6.61 -14.95 -73.92
C ARG OB 116 -7.01 -13.70 -74.70
N LEU OB 117 -7.96 -13.84 -75.61
CA LEU OB 117 -8.43 -12.71 -76.40
C LEU OB 117 -9.48 -11.94 -75.60
N PHE OB 118 -9.45 -10.62 -75.73
CA PHE OB 118 -10.47 -9.75 -75.16
C PHE OB 118 -11.13 -8.98 -76.29
N CYS OB 119 -12.44 -9.14 -76.42
CA CYS OB 119 -13.20 -8.47 -77.46
C CYS OB 119 -14.08 -7.40 -76.84
N VAL OB 120 -14.09 -6.23 -77.47
CA VAL OB 120 -14.85 -5.08 -76.96
C VAL OB 120 -15.74 -4.56 -78.08
N GLY OB 121 -16.92 -4.11 -77.68
CA GLY OB 121 -17.85 -3.52 -78.62
C GLY OB 121 -18.62 -2.41 -77.93
N PHE OB 122 -19.29 -1.61 -78.74
CA PHE OB 122 -20.12 -0.53 -78.21
C PHE OB 122 -21.39 -0.39 -79.03
N THR OB 123 -22.51 -0.26 -78.33
CA THR OB 123 -23.79 -0.05 -78.98
C THR OB 123 -23.77 1.25 -79.76
N LYS OB 124 -24.26 1.20 -81.00
CA LYS OB 124 -24.33 2.36 -81.86
C LYS OB 124 -25.74 2.89 -81.88
N LYS OB 125 -25.90 4.20 -81.69
CA LYS OB 125 -27.19 4.84 -81.85
C LYS OB 125 -27.41 5.17 -83.32
N ARG OB 126 -28.67 5.16 -83.73
CA ARG OB 126 -29.00 5.44 -85.11
C ARG OB 126 -28.80 6.91 -85.42
N ASN OB 127 -28.59 7.21 -86.70
CA ASN OB 127 -28.46 8.60 -87.13
C ASN OB 127 -29.76 9.36 -86.95
N ASN OB 128 -30.90 8.71 -87.22
CA ASN OB 128 -32.20 9.33 -87.02
C ASN OB 128 -32.70 9.19 -85.59
N GLN OB 129 -31.92 8.57 -84.71
CA GLN OB 129 -32.37 8.35 -83.35
C GLN OB 129 -32.51 9.67 -82.61
N ILE OB 130 -33.65 9.84 -81.96
CA ILE OB 130 -33.88 11.00 -81.12
C ILE OB 130 -33.55 10.73 -79.66
N ARG OB 131 -33.76 9.49 -79.18
CA ARG OB 131 -33.45 9.17 -77.80
C ARG OB 131 -31.96 9.34 -77.54
N LYS OB 132 -31.64 10.01 -76.44
CA LYS OB 132 -30.23 10.25 -76.12
C LYS OB 132 -29.53 8.95 -75.76
N THR OB 133 -30.19 8.08 -75.01
CA THR OB 133 -29.57 6.85 -74.54
C THR OB 133 -29.95 5.68 -75.44
N SER OB 134 -28.96 4.81 -75.71
CA SER OB 134 -29.18 3.59 -76.47
C SER OB 134 -28.64 2.44 -75.62
N TYR OB 135 -29.50 1.91 -74.75
CA TYR OB 135 -29.15 0.82 -73.85
C TYR OB 135 -29.74 -0.48 -74.38
N ALA OB 136 -28.90 -1.48 -74.57
CA ALA OB 136 -29.35 -2.79 -74.98
C ALA OB 136 -29.95 -3.52 -73.79
N GLN OB 137 -30.99 -4.30 -74.05
CA GLN OB 137 -31.51 -5.17 -73.02
C GLN OB 137 -30.46 -6.22 -72.66
N HIS OB 138 -30.54 -6.73 -71.43
CA HIS OB 138 -29.46 -7.55 -70.91
C HIS OB 138 -29.37 -8.88 -71.63
N GLN OB 139 -30.51 -9.46 -72.02
CA GLN OB 139 -30.48 -10.73 -72.73
C GLN OB 139 -29.90 -10.57 -74.12
N GLN OB 140 -30.20 -9.44 -74.77
CA GLN OB 140 -29.53 -9.12 -76.02
C GLN OB 140 -28.03 -9.01 -75.81
N VAL OB 141 -27.62 -8.46 -74.67
CA VAL OB 141 -26.20 -8.37 -74.36
C VAL OB 141 -25.60 -9.76 -74.21
N ARG OB 142 -26.31 -10.66 -73.53
CA ARG OB 142 -25.81 -12.03 -73.38
C ARG OB 142 -25.67 -12.71 -74.72
N GLN OB 143 -26.66 -12.54 -75.60
CA GLN OB 143 -26.61 -13.14 -76.92
C GLN OB 143 -25.42 -12.61 -77.71
N ILE OB 144 -25.20 -11.29 -77.65
CA ILE OB 144 -24.10 -10.68 -78.37
C ILE OB 144 -22.77 -11.18 -77.84
N ARG OB 145 -22.62 -11.24 -76.52
CA ARG OB 145 -21.37 -11.72 -75.94
C ARG OB 145 -21.09 -13.15 -76.34
N LYS OB 146 -22.11 -14.02 -76.26
CA LYS OB 146 -21.91 -15.40 -76.64
C LYS OB 146 -21.54 -15.53 -78.11
N LYS OB 147 -22.22 -14.75 -78.95
CA LYS OB 147 -21.92 -14.78 -80.38
C LYS OB 147 -20.49 -14.36 -80.65
N MET OB 148 -20.04 -13.30 -80.00
CA MET OB 148 -18.69 -12.84 -80.29
C MET OB 148 -17.64 -13.70 -79.61
N MET OB 149 -18.01 -14.51 -78.61
CA MET OB 149 -17.08 -15.51 -78.14
C MET OB 149 -16.96 -16.66 -79.13
N GLU OB 150 -18.08 -17.11 -79.68
CA GLU OB 150 -18.04 -18.26 -80.58
C GLU OB 150 -17.52 -17.91 -81.96
N ILE OB 151 -17.49 -16.63 -82.34
CA ILE OB 151 -16.78 -16.24 -83.54
C ILE OB 151 -15.44 -15.57 -83.20
N MET OB 152 -14.93 -15.82 -82.01
CA MET OB 152 -13.49 -15.75 -81.77
C MET OB 152 -12.86 -17.11 -81.64
N THR OB 153 -13.61 -18.09 -81.13
CA THR OB 153 -13.05 -19.42 -80.96
C THR OB 153 -12.66 -20.05 -82.29
N ARG OB 154 -13.59 -20.10 -83.24
CA ARG OB 154 -13.40 -20.92 -84.43
C ARG OB 154 -12.40 -20.32 -85.40
N GLU OB 155 -12.08 -19.04 -85.29
CA GLU OB 155 -11.05 -18.44 -86.13
C GLU OB 155 -9.67 -18.63 -85.55
N VAL OB 156 -9.55 -19.26 -84.38
CA VAL OB 156 -8.27 -19.53 -83.75
C VAL OB 156 -8.02 -21.03 -83.60
N GLN OB 157 -9.06 -21.79 -83.28
CA GLN OB 157 -8.91 -23.22 -83.05
C GLN OB 157 -8.46 -23.94 -84.30
N THR OB 158 -8.90 -23.48 -85.47
CA THR OB 158 -8.73 -24.20 -86.71
C THR OB 158 -7.67 -23.60 -87.62
N ASN OB 159 -6.72 -22.85 -87.07
CA ASN OB 159 -5.65 -22.29 -87.88
C ASN OB 159 -4.45 -21.99 -87.01
N ASP OB 160 -3.31 -21.82 -87.66
CA ASP OB 160 -2.03 -21.65 -86.96
C ASP OB 160 -1.87 -20.22 -86.48
N LEU OB 161 -0.87 -20.03 -85.62
CA LEU OB 161 -0.59 -18.73 -85.04
C LEU OB 161 -0.29 -17.68 -86.11
N LYS OB 162 0.40 -18.07 -87.17
CA LYS OB 162 0.85 -17.11 -88.17
C LYS OB 162 -0.33 -16.47 -88.90
N GLU OB 163 -1.25 -17.28 -89.41
CA GLU OB 163 -2.41 -16.74 -90.09
C GLU OB 163 -3.49 -16.30 -89.12
N VAL OB 164 -3.23 -16.34 -87.81
CA VAL OB 164 -4.04 -15.62 -86.86
C VAL OB 164 -3.49 -14.22 -86.66
N VAL OB 165 -2.17 -14.13 -86.49
CA VAL OB 165 -1.53 -12.83 -86.31
C VAL OB 165 -1.75 -11.95 -87.52
N ASN OB 166 -1.65 -12.53 -88.73
CA ASN OB 166 -1.87 -11.72 -89.92
C ASN OB 166 -3.31 -11.25 -90.04
N LYS OB 167 -4.28 -12.09 -89.66
CA LYS OB 167 -5.67 -11.73 -89.81
C LYS OB 167 -6.17 -10.80 -88.72
N LEU OB 168 -5.54 -10.76 -87.56
CA LEU OB 168 -5.88 -9.76 -86.58
C LEU OB 168 -5.24 -8.41 -86.89
N ILE OB 169 -4.33 -8.37 -87.86
CA ILE OB 169 -3.67 -7.12 -88.24
C ILE OB 169 -4.70 -6.07 -88.69
N PRO OB 170 -5.65 -6.38 -89.56
CA PRO OB 170 -6.71 -5.40 -89.84
C PRO OB 170 -7.95 -5.56 -88.97
N ASP OB 171 -7.89 -6.36 -87.92
CA ASP OB 171 -9.04 -6.67 -87.06
C ASP OB 171 -10.20 -7.22 -87.90
N SER OB 172 -9.87 -8.12 -88.83
CA SER OB 172 -10.89 -8.74 -89.66
C SER OB 172 -11.90 -9.49 -88.81
N ILE OB 173 -11.43 -10.12 -87.72
CA ILE OB 173 -12.35 -10.75 -86.78
C ILE OB 173 -13.30 -9.71 -86.22
N GLY OB 174 -12.76 -8.54 -85.85
CA GLY OB 174 -13.62 -7.47 -85.35
C GLY OB 174 -14.63 -7.01 -86.38
N LYS OB 175 -14.21 -6.92 -87.64
CA LYS OB 175 -15.12 -6.48 -88.69
C LYS OB 175 -16.26 -7.46 -88.89
N ASP OB 176 -15.97 -8.76 -88.93
CA ASP OB 176 -17.06 -9.71 -89.10
C ASP OB 176 -17.90 -9.81 -87.83
N ILE OB 177 -17.31 -9.58 -86.67
CA ILE OB 177 -18.09 -9.51 -85.43
C ILE OB 177 -19.11 -8.40 -85.55
N GLU OB 178 -18.66 -7.23 -86.01
CA GLU OB 178 -19.57 -6.10 -86.21
C GLU OB 178 -20.63 -6.43 -87.24
N LYS OB 179 -20.24 -7.13 -88.31
CA LYS OB 179 -21.19 -7.49 -89.36
C LYS OB 179 -22.26 -8.44 -88.84
N ALA OB 180 -21.87 -9.40 -88.01
CA ALA OB 180 -22.81 -10.43 -87.60
C ALA OB 180 -23.80 -9.94 -86.55
N CYS OB 181 -23.38 -9.02 -85.70
CA CYS OB 181 -24.21 -8.62 -84.56
C CYS OB 181 -25.33 -7.66 -84.93
N GLN OB 182 -25.37 -7.18 -86.18
CA GLN OB 182 -26.36 -6.18 -86.55
C GLN OB 182 -27.79 -6.68 -86.46
N SER OB 183 -27.99 -8.00 -86.40
CA SER OB 183 -29.33 -8.52 -86.20
C SER OB 183 -29.84 -8.35 -84.78
N ILE OB 184 -28.96 -8.27 -83.80
CA ILE OB 184 -29.38 -8.08 -82.42
C ILE OB 184 -29.40 -6.59 -82.11
N TYR OB 185 -28.22 -5.97 -82.16
CA TYR OB 185 -28.11 -4.58 -81.88
C TYR OB 185 -26.93 -4.06 -82.67
N PRO OB 186 -27.06 -2.93 -83.36
CA PRO OB 186 -25.91 -2.37 -84.09
C PRO OB 186 -24.79 -1.97 -83.16
N LEU OB 187 -23.56 -2.12 -83.65
CA LEU OB 187 -22.37 -1.68 -82.95
C LEU OB 187 -21.51 -0.84 -83.88
N HIS OB 188 -20.74 0.07 -83.29
CA HIS OB 188 -19.85 0.89 -84.10
C HIS OB 188 -18.38 0.67 -83.77
N ASP OB 189 -17.99 0.74 -82.50
CA ASP OB 189 -16.59 0.56 -82.12
C ASP OB 189 -16.41 -0.88 -81.69
N VAL OB 190 -15.99 -1.71 -82.65
CA VAL OB 190 -15.78 -3.13 -82.43
C VAL OB 190 -14.30 -3.42 -82.68
N PHE OB 191 -13.63 -3.93 -81.64
CA PHE OB 191 -12.22 -4.24 -81.74
C PHE OB 191 -11.89 -5.40 -80.80
N VAL OB 192 -10.72 -6.00 -81.03
CA VAL OB 192 -10.16 -6.95 -80.08
C VAL OB 192 -9.21 -6.15 -79.20
N ARG OB 193 -9.63 -5.88 -77.97
CA ARG OB 193 -8.91 -4.97 -77.10
C ARG OB 193 -7.53 -5.48 -76.75
N LYS OB 194 -7.41 -6.78 -76.46
CA LYS OB 194 -6.18 -7.32 -75.93
C LYS OB 194 -6.14 -8.82 -76.17
N VAL OB 195 -4.95 -9.33 -76.45
CA VAL OB 195 -4.70 -10.76 -76.39
C VAL OB 195 -3.38 -10.98 -75.66
N LYS OB 196 -3.33 -12.01 -74.84
CA LYS OB 196 -2.11 -12.31 -74.09
C LYS OB 196 -1.74 -13.77 -74.29
N MET OB 197 -0.44 -14.01 -74.43
CA MET OB 197 0.07 -15.37 -74.49
C MET OB 197 0.03 -15.99 -73.11
N LEU OB 198 -0.50 -17.20 -73.02
CA LEU OB 198 -0.56 -17.91 -71.75
C LEU OB 198 0.53 -18.97 -71.63
N LYS OB 199 0.77 -19.73 -72.69
CA LYS OB 199 1.83 -20.73 -72.71
C LYS OB 199 2.44 -20.76 -74.10
N LYS OB 200 3.64 -21.31 -74.18
CA LYS OB 200 4.27 -21.49 -75.48
C LYS OB 200 4.70 -22.94 -75.65
N PRO OB 201 4.62 -23.47 -76.87
CA PRO OB 201 5.01 -24.86 -77.14
C PRO OB 201 6.49 -25.08 -77.47
N LYS OB 202 7.31 -25.14 -76.42
CA LYS OB 202 8.60 -25.80 -76.44
C LYS OB 202 9.66 -25.02 -77.23
N PHE OB 203 9.23 -23.98 -77.94
CA PHE OB 203 10.12 -23.14 -78.75
C PHE OB 203 10.86 -24.00 -79.79
N GLU OB 204 10.07 -24.46 -80.76
CA GLU OB 204 10.63 -25.19 -81.88
C GLU OB 204 11.45 -24.23 -82.73
N LEU OB 205 12.76 -24.53 -82.88
CA LEU OB 205 13.66 -23.58 -83.52
C LEU OB 205 13.34 -23.41 -85.00
N GLY OB 206 13.03 -24.50 -85.70
CA GLY OB 206 12.72 -24.39 -87.11
C GLY OB 206 11.48 -23.54 -87.37
N LYS OB 207 10.50 -23.62 -86.46
CA LYS OB 207 9.33 -22.78 -86.58
C LYS OB 207 9.69 -21.30 -86.48
N LEU OB 208 10.52 -20.94 -85.49
CA LEU OB 208 10.92 -19.54 -85.38
C LEU OB 208 11.67 -19.10 -86.62
N MET OB 209 12.57 -19.95 -87.11
CA MET OB 209 13.34 -19.59 -88.29
C MET OB 209 12.47 -19.39 -89.51
N GLU OB 210 11.48 -20.25 -89.73
CA GLU OB 210 10.64 -20.08 -90.90
C GLU OB 210 9.70 -18.90 -90.73
N LEU OB 211 9.29 -18.61 -89.49
CA LEU OB 211 8.44 -17.44 -89.27
C LEU OB 211 9.19 -16.16 -89.58
N HIS OB 212 10.46 -16.08 -89.19
CA HIS OB 212 11.28 -14.95 -89.65
C HIS OB 212 11.68 -15.13 -91.11
N GLY OB 213 12.03 -16.36 -91.48
CA GLY OB 213 12.46 -16.62 -92.84
C GLY OB 213 11.36 -17.08 -93.76
N GLU OB 214 11.64 -18.08 -94.59
CA GLU OB 214 10.67 -18.60 -95.54
C GLU OB 214 10.10 -19.94 -95.10
N GLU PB 1 -63.85 70.76 -55.43
CA GLU PB 1 -62.42 70.86 -55.69
C GLU PB 1 -61.86 69.50 -56.06
N TRP PB 2 -62.70 68.48 -56.01
CA TRP PB 2 -62.31 67.13 -56.39
C TRP PB 2 -62.36 66.98 -57.91
N MET PB 3 -61.24 66.61 -58.49
CA MET PB 3 -61.16 66.43 -59.94
C MET PB 3 -60.77 64.99 -60.22
N PRO PB 4 -61.74 64.11 -60.46
CA PRO PB 4 -61.40 62.71 -60.73
C PRO PB 4 -60.89 62.52 -62.14
N VAL PB 5 -60.00 61.56 -62.30
CA VAL PB 5 -59.62 61.07 -63.61
C VAL PB 5 -59.93 59.56 -63.62
N THR PB 6 -61.16 59.26 -64.03
CA THR PB 6 -61.70 57.89 -64.04
C THR PB 6 -63.04 57.94 -64.75
N LYS PB 7 -63.35 56.96 -65.59
CA LYS PB 7 -64.70 56.87 -66.14
C LYS PB 7 -65.71 56.70 -65.03
N LEU PB 8 -65.45 55.74 -64.14
CA LEU PB 8 -66.35 55.50 -63.01
C LEU PB 8 -66.47 56.73 -62.13
N GLY PB 9 -65.34 57.35 -61.80
CA GLY PB 9 -65.37 58.54 -60.96
C GLY PB 9 -66.11 59.69 -61.62
N ARG PB 10 -65.94 59.83 -62.93
CA ARG PB 10 -66.66 60.90 -63.61
C ARG PB 10 -68.16 60.64 -63.63
N LEU PB 11 -68.57 59.40 -63.90
CA LEU PB 11 -69.99 59.09 -63.91
C LEU PB 11 -70.59 59.29 -62.52
N VAL PB 12 -69.84 58.95 -61.48
CA VAL PB 12 -70.32 59.22 -60.12
C VAL PB 12 -70.45 60.71 -59.88
N LYS PB 13 -69.45 61.49 -60.31
CA LYS PB 13 -69.40 62.90 -59.95
C LYS PB 13 -70.55 63.67 -60.56
N ASP PB 14 -70.90 63.39 -61.80
CA ASP PB 14 -71.94 64.15 -62.51
C ASP PB 14 -73.31 63.50 -62.42
N MET PB 15 -73.59 62.80 -61.32
CA MET PB 15 -74.92 62.29 -61.00
C MET PB 15 -75.41 61.31 -62.06
N LYS PB 16 -74.51 60.49 -62.58
CA LYS PB 16 -74.90 59.45 -63.52
C LYS PB 16 -75.05 58.09 -62.87
N ILE PB 17 -74.43 57.90 -61.71
CA ILE PB 17 -74.54 56.67 -60.93
C ILE PB 17 -75.19 57.02 -59.60
N LYS PB 18 -76.33 56.38 -59.32
CA LYS PB 18 -77.12 56.73 -58.15
C LYS PB 18 -76.94 55.78 -57.00
N SER PB 19 -76.39 54.59 -57.25
CA SER PB 19 -76.25 53.59 -56.21
C SER PB 19 -74.86 52.98 -56.23
N LEU PB 20 -74.34 52.73 -55.03
CA LEU PB 20 -73.12 51.94 -54.90
C LEU PB 20 -73.31 50.52 -55.41
N GLU PB 21 -74.54 50.00 -55.33
CA GLU PB 21 -74.79 48.63 -55.74
C GLU PB 21 -74.70 48.49 -57.26
N GLU PB 22 -74.94 49.58 -57.99
CA GLU PB 22 -74.68 49.57 -59.42
C GLU PB 22 -73.20 49.30 -59.69
N ILE PB 23 -72.32 49.90 -58.91
CA ILE PB 23 -70.90 49.63 -59.05
C ILE PB 23 -70.60 48.19 -58.64
N TYR PB 24 -71.15 47.77 -57.52
CA TYR PB 24 -70.84 46.44 -56.98
C TYR PB 24 -71.30 45.35 -57.92
N LEU PB 25 -72.41 45.57 -58.63
CA LEU PB 25 -73.02 44.52 -59.44
C LEU PB 25 -72.09 44.09 -60.58
N PHE PB 26 -71.39 45.04 -61.18
CA PHE PB 26 -70.42 44.74 -62.21
C PHE PB 26 -69.03 44.51 -61.67
N SER PB 27 -68.84 44.56 -60.34
CA SER PB 27 -67.56 44.30 -59.69
C SER PB 27 -66.46 45.21 -60.23
N LEU PB 28 -66.80 46.45 -60.49
CA LEU PB 28 -65.85 47.41 -61.03
C LEU PB 28 -64.83 47.77 -59.97
N PRO PB 29 -63.62 48.19 -60.34
CA PRO PB 29 -62.63 48.56 -59.33
C PRO PB 29 -62.86 49.96 -58.81
N ILE PB 30 -62.90 50.09 -57.49
CA ILE PB 30 -62.97 51.38 -56.82
C ILE PB 30 -61.54 51.90 -56.69
N LYS PB 31 -61.18 52.86 -57.54
CA LYS PB 31 -59.79 53.29 -57.66
C LYS PB 31 -59.56 54.70 -57.13
N GLU PB 32 -60.55 55.29 -56.47
CA GLU PB 32 -60.36 56.55 -55.76
C GLU PB 32 -61.35 56.62 -54.62
N SER PB 33 -60.90 57.15 -53.48
CA SER PB 33 -61.73 57.17 -52.28
C SER PB 33 -62.83 58.22 -52.33
N GLU PB 34 -62.76 59.14 -53.28
CA GLU PB 34 -63.73 60.23 -53.37
C GLU PB 34 -65.02 59.82 -54.05
N ILE PB 35 -65.32 58.52 -54.12
CA ILE PB 35 -66.56 58.08 -54.75
C ILE PB 35 -67.60 57.70 -53.71
N ILE PB 36 -67.22 56.81 -52.78
CA ILE PB 36 -68.18 56.32 -51.79
C ILE PB 36 -68.66 57.41 -50.85
N ASP PB 37 -67.81 58.38 -50.54
CA ASP PB 37 -68.22 59.51 -49.71
C ASP PB 37 -69.31 60.32 -50.39
N PHE PB 38 -69.32 60.35 -51.72
CA PHE PB 38 -70.47 60.91 -52.39
C PHE PB 38 -71.73 60.13 -52.05
N PHE PB 39 -71.65 58.80 -52.06
CA PHE PB 39 -72.81 58.00 -51.69
C PHE PB 39 -73.04 58.04 -50.19
N LEU PB 40 -72.06 57.59 -49.42
CA LEU PB 40 -72.20 57.52 -47.96
C LEU PB 40 -71.70 58.78 -47.29
N GLY PB 41 -72.23 59.93 -47.73
CA GLY PB 41 -71.88 61.19 -47.14
C GLY PB 41 -72.45 61.36 -45.75
N ALA PB 42 -71.61 61.79 -44.81
CA ALA PB 42 -71.99 62.05 -43.43
C ALA PB 42 -72.58 60.82 -42.75
N SER PB 43 -72.37 59.65 -43.34
CA SER PB 43 -72.83 58.39 -42.78
C SER PB 43 -71.69 57.43 -42.52
N LEU PB 44 -70.46 57.80 -42.88
CA LEU PB 44 -69.34 56.89 -42.73
C LEU PB 44 -68.64 57.07 -41.39
N LYS PB 45 -69.08 56.31 -40.40
CA LYS PB 45 -68.39 56.29 -39.12
C LYS PB 45 -67.00 55.68 -39.30
N ASP PB 46 -66.09 56.09 -38.42
CA ASP PB 46 -64.70 55.70 -38.53
C ASP PB 46 -64.19 55.24 -37.17
N GLU PB 47 -63.26 54.29 -37.20
CA GLU PB 47 -62.58 53.86 -35.99
C GLU PB 47 -61.23 53.29 -36.33
N VAL PB 48 -60.27 53.51 -35.44
CA VAL PB 48 -58.90 53.03 -35.60
C VAL PB 48 -58.72 51.84 -34.68
N LEU PB 49 -58.24 50.72 -35.23
CA LEU PB 49 -58.09 49.52 -34.42
C LEU PB 49 -56.79 49.54 -33.61
N LYS PB 50 -55.66 49.62 -34.29
CA LYS PB 50 -54.39 49.45 -33.61
C LYS PB 50 -53.33 50.26 -34.34
N ILE PB 51 -52.36 50.74 -33.57
CA ILE PB 51 -51.18 51.37 -34.12
C ILE PB 51 -49.97 50.59 -33.65
N MET PB 52 -49.26 49.98 -34.59
CA MET PB 52 -48.12 49.17 -34.25
C MET PB 52 -46.87 49.70 -34.93
N PRO PB 53 -45.79 49.89 -34.20
CA PRO PB 53 -44.53 50.38 -34.75
C PRO PB 53 -43.59 49.27 -35.22
N VAL PB 54 -43.83 48.78 -36.43
CA VAL PB 54 -42.90 47.83 -37.03
C VAL PB 54 -41.58 48.53 -37.33
N GLN PB 55 -40.50 47.75 -37.31
CA GLN PB 55 -39.17 48.31 -37.40
C GLN PB 55 -38.34 47.52 -38.40
N LYS PB 56 -37.41 48.22 -39.04
CA LYS PB 56 -36.48 47.61 -39.99
C LYS PB 56 -35.07 47.97 -39.58
N GLN PB 57 -34.25 46.95 -39.30
CA GLN PB 57 -32.88 47.19 -38.87
C GLN PB 57 -32.07 47.78 -40.01
N THR PB 58 -31.30 48.83 -39.69
CA THR PB 58 -30.46 49.47 -40.69
C THR PB 58 -29.04 49.63 -40.18
N ARG PB 59 -28.22 50.38 -40.92
CA ARG PB 59 -26.85 50.62 -40.51
C ARG PB 59 -26.78 51.40 -39.20
N ALA PB 60 -27.48 52.53 -39.16
CA ALA PB 60 -27.47 53.38 -37.97
C ALA PB 60 -28.72 53.11 -37.14
N GLY PB 61 -28.69 52.00 -36.42
CA GLY PB 61 -29.84 51.59 -35.66
C GLY PB 61 -30.96 51.14 -36.56
N GLN PB 62 -32.14 51.01 -35.98
CA GLN PB 62 -33.32 50.59 -36.70
C GLN PB 62 -34.31 51.74 -36.82
N ARG PB 63 -34.94 51.84 -37.98
CA ARG PB 63 -35.95 52.86 -38.21
C ARG PB 63 -37.33 52.28 -37.95
N THR PB 64 -38.26 53.14 -37.59
CA THR PB 64 -39.61 52.72 -37.21
C THR PB 64 -40.63 53.35 -38.14
N ARG PB 65 -41.49 52.51 -38.70
CA ARG PB 65 -42.68 52.97 -39.40
C ARG PB 65 -43.92 52.48 -38.66
N PHE PB 66 -44.96 53.29 -38.69
CA PHE PB 66 -46.19 53.02 -37.97
C PHE PB 66 -47.23 52.50 -38.94
N LYS PB 67 -47.86 51.39 -38.59
CA LYS PB 67 -48.85 50.74 -39.44
C LYS PB 67 -50.21 50.87 -38.77
N ALA PB 68 -51.18 51.39 -39.51
CA ALA PB 68 -52.47 51.76 -38.95
C ALA PB 68 -53.55 50.81 -39.46
N PHE PB 69 -54.39 50.34 -38.54
CA PHE PB 69 -55.55 49.52 -38.88
C PHE PB 69 -56.81 50.32 -38.58
N VAL PB 70 -57.55 50.66 -39.62
CA VAL PB 70 -58.72 51.52 -39.52
C VAL PB 70 -59.90 50.79 -40.12
N ALA PB 71 -61.01 50.75 -39.38
CA ALA PB 71 -62.23 50.12 -39.83
C ALA PB 71 -63.33 51.17 -39.96
N ILE PB 72 -63.95 51.25 -41.13
CA ILE PB 72 -65.04 52.17 -41.39
C ILE PB 72 -66.18 51.39 -42.04
N GLY PB 73 -67.35 52.04 -42.09
CA GLY PB 73 -68.52 51.45 -42.72
C GLY PB 73 -69.79 51.83 -42.01
N ASP PB 74 -70.84 52.18 -42.77
CA ASP PB 74 -72.09 52.57 -42.14
C ASP PB 74 -72.75 51.35 -41.50
N TYR PB 75 -73.57 51.61 -40.49
CA TYR PB 75 -74.12 50.54 -39.68
C TYR PB 75 -75.34 49.94 -40.37
N ASN PB 76 -75.24 49.75 -41.69
CA ASN PB 76 -76.39 49.32 -42.48
C ASN PB 76 -76.04 48.27 -43.53
N GLY PB 77 -74.80 47.81 -43.59
CA GLY PB 77 -74.47 46.78 -44.55
C GLY PB 77 -73.21 47.05 -45.34
N HIS PB 78 -72.44 48.04 -44.94
CA HIS PB 78 -71.16 48.31 -45.57
C HIS PB 78 -70.09 48.46 -44.50
N VAL PB 79 -68.89 47.98 -44.82
CA VAL PB 79 -67.78 48.03 -43.90
C VAL PB 79 -66.49 48.09 -44.72
N GLY PB 80 -65.46 48.67 -44.13
CA GLY PB 80 -64.19 48.79 -44.84
C GLY PB 80 -63.05 48.88 -43.86
N LEU PB 81 -62.08 47.99 -44.05
CA LEU PB 81 -60.87 47.95 -43.24
C LEU PB 81 -59.68 48.19 -44.13
N GLY PB 82 -58.78 49.06 -43.71
CA GLY PB 82 -57.58 49.34 -44.47
C GLY PB 82 -56.36 49.32 -43.58
N VAL PB 83 -55.27 48.79 -44.10
CA VAL PB 83 -54.00 48.71 -43.39
C VAL PB 83 -52.97 49.53 -44.16
N LYS PB 84 -52.48 50.58 -43.53
CA LYS PB 84 -51.46 51.42 -44.15
C LYS PB 84 -50.32 51.62 -43.17
N CYS PB 85 -49.09 51.47 -43.66
CA CYS PB 85 -47.89 51.72 -42.88
C CYS PB 85 -47.20 52.96 -43.40
N SER PB 86 -46.92 53.89 -42.50
CA SER PB 86 -46.23 55.11 -42.85
C SER PB 86 -45.21 55.42 -41.76
N LYS PB 87 -44.43 56.47 -41.99
CA LYS PB 87 -43.48 56.89 -40.99
C LYS PB 87 -44.14 57.72 -39.90
N GLU PB 88 -45.20 58.44 -40.25
CA GLU PB 88 -45.90 59.31 -39.32
C GLU PB 88 -47.25 58.70 -38.94
N VAL PB 89 -47.70 58.99 -37.72
CA VAL PB 89 -48.98 58.47 -37.27
C VAL PB 89 -50.12 59.07 -38.09
N ALA PB 90 -50.10 60.37 -38.29
CA ALA PB 90 -51.20 61.03 -39.00
C ALA PB 90 -51.28 60.58 -40.46
N THR PB 91 -50.14 60.51 -41.14
CA THR PB 91 -50.13 60.08 -42.53
C THR PB 91 -50.60 58.65 -42.66
N ALA PB 92 -50.16 57.79 -41.75
CA ALA PB 92 -50.63 56.41 -41.74
C ALA PB 92 -52.14 56.35 -41.50
N ILE PB 93 -52.65 57.20 -40.62
CA ILE PB 93 -54.08 57.22 -40.35
C ILE PB 93 -54.85 57.60 -41.62
N ARG PB 94 -54.42 58.65 -42.30
CA ARG PB 94 -55.12 59.06 -43.51
C ARG PB 94 -55.02 57.99 -44.59
N GLY PB 95 -53.84 57.37 -44.73
CA GLY PB 95 -53.69 56.32 -45.71
C GLY PB 95 -54.58 55.13 -45.44
N ALA PB 96 -54.67 54.74 -44.16
CA ALA PB 96 -55.54 53.62 -43.79
C ALA PB 96 -57.00 53.97 -44.04
N ILE PB 97 -57.39 55.22 -43.76
CA ILE PB 97 -58.76 55.64 -44.03
C ILE PB 97 -59.06 55.53 -45.52
N ILE PB 98 -58.13 56.00 -46.35
CA ILE PB 98 -58.33 55.93 -47.80
C ILE PB 98 -58.43 54.48 -48.26
N LEU PB 99 -57.54 53.62 -47.74
CA LEU PB 99 -57.54 52.23 -48.17
C LEU PB 99 -58.82 51.52 -47.76
N ALA PB 100 -59.30 51.76 -46.54
CA ALA PB 100 -60.57 51.19 -46.13
C ALA PB 100 -61.71 51.73 -46.98
N LYS PB 101 -61.60 52.99 -47.39
CA LYS PB 101 -62.61 53.57 -48.27
C LYS PB 101 -62.64 52.83 -49.60
N LEU PB 102 -61.47 52.50 -50.15
CA LEU PB 102 -61.44 51.71 -51.36
C LEU PB 102 -62.00 50.31 -51.11
N SER PB 103 -61.65 49.71 -49.99
CA SER PB 103 -62.03 48.34 -49.68
C SER PB 103 -63.33 48.31 -48.87
N ILE PB 104 -64.35 48.98 -49.39
CA ILE PB 104 -65.69 48.90 -48.82
C ILE PB 104 -66.44 47.79 -49.54
N VAL PB 105 -66.91 46.81 -48.78
CA VAL PB 105 -67.65 45.71 -49.38
C VAL PB 105 -69.05 45.68 -48.78
N PRO PB 106 -70.06 45.28 -49.55
CA PRO PB 106 -71.40 45.16 -48.99
C PRO PB 106 -71.52 43.93 -48.12
N VAL PB 107 -72.58 43.91 -47.32
CA VAL PB 107 -72.82 42.82 -46.38
C VAL PB 107 -74.18 42.23 -46.67
N ARG PB 108 -74.24 40.90 -46.77
CA ARG PB 108 -75.52 40.22 -46.89
C ARG PB 108 -76.03 39.88 -45.50
N ARG PB 109 -77.25 40.28 -45.19
CA ARG PB 109 -77.85 40.01 -43.90
C ARG PB 109 -79.00 39.03 -44.08
N GLY PB 110 -79.09 38.06 -43.19
CA GLY PB 110 -80.14 37.08 -43.28
C GLY PB 110 -80.99 37.00 -42.04
N TYR PB 111 -81.69 35.88 -41.89
CA TYR PB 111 -82.55 35.62 -40.74
C TYR PB 111 -82.16 34.29 -40.12
N TRP PB 112 -82.04 34.29 -38.81
CA TRP PB 112 -81.74 33.07 -38.07
C TRP PB 112 -82.87 32.05 -38.23
N GLY PB 113 -84.10 32.54 -38.35
CA GLY PB 113 -85.26 31.70 -38.52
C GLY PB 113 -86.50 32.56 -38.46
N ASN PB 114 -87.54 32.17 -39.18
CA ASN PB 114 -88.84 32.86 -39.16
C ASN PB 114 -88.66 34.33 -39.55
N LYS PB 115 -88.27 34.52 -40.82
CA LYS PB 115 -88.06 35.83 -41.40
C LYS PB 115 -89.29 36.71 -41.17
N ILE PB 116 -89.18 37.74 -40.34
CA ILE PB 116 -90.33 38.55 -40.00
C ILE PB 116 -90.20 39.92 -40.63
N GLY PB 117 -89.11 40.61 -40.33
CA GLY PB 117 -88.92 41.98 -40.79
C GLY PB 117 -87.60 42.17 -41.50
N LYS PB 118 -86.78 43.07 -40.98
CA LYS PB 118 -85.48 43.31 -41.58
C LYS PB 118 -84.53 42.18 -41.19
N PRO PB 119 -83.55 41.86 -42.04
CA PRO PB 119 -82.56 40.87 -41.65
C PRO PB 119 -81.65 41.40 -40.56
N HIS PB 120 -81.06 40.48 -39.79
CA HIS PB 120 -80.25 40.88 -38.65
C HIS PB 120 -78.96 40.11 -38.47
N THR PB 121 -78.83 38.91 -39.03
CA THR PB 121 -77.65 38.10 -38.81
C THR PB 121 -77.09 37.63 -40.16
N VAL PB 122 -75.97 36.93 -40.10
CA VAL PB 122 -75.32 36.42 -41.31
C VAL PB 122 -76.20 35.37 -41.95
N PRO PB 123 -76.33 35.36 -43.28
CA PRO PB 123 -77.24 34.41 -43.93
C PRO PB 123 -76.85 32.96 -43.73
N CYS PB 124 -75.56 32.66 -43.63
CA CYS PB 124 -75.11 31.30 -43.39
C CYS PB 124 -73.75 31.39 -42.75
N LYS PB 125 -73.26 30.28 -42.24
CA LYS PB 125 -71.93 30.29 -41.65
C LYS PB 125 -70.90 30.52 -42.75
N VAL PB 126 -70.09 31.55 -42.57
CA VAL PB 126 -69.01 31.87 -43.49
C VAL PB 126 -67.71 31.84 -42.72
N THR PB 127 -66.64 31.48 -43.42
CA THR PB 127 -65.34 31.30 -42.78
C THR PB 127 -64.38 32.37 -43.27
N GLY PB 128 -63.70 33.02 -42.33
CA GLY PB 128 -62.60 33.92 -42.64
C GLY PB 128 -61.29 33.18 -42.41
N ARG PB 129 -60.28 33.55 -43.20
CA ARG PB 129 -58.98 32.90 -43.12
C ARG PB 129 -57.90 33.89 -43.50
N CYS PB 130 -57.08 34.26 -42.53
CA CYS PB 130 -55.92 35.12 -42.80
C CYS PB 130 -54.83 34.75 -41.81
N GLY PB 131 -53.61 34.58 -42.30
CA GLY PB 131 -52.57 34.04 -41.45
C GLY PB 131 -52.99 32.67 -40.96
N SER PB 132 -52.79 32.42 -39.68
CA SER PB 132 -53.35 31.24 -39.04
C SER PB 132 -54.67 31.53 -38.37
N VAL PB 133 -55.24 32.71 -38.58
CA VAL PB 133 -56.49 33.09 -37.95
C VAL PB 133 -57.64 32.61 -38.81
N LEU PB 134 -58.48 31.75 -38.24
CA LEU PB 134 -59.71 31.31 -38.88
C LEU PB 134 -60.87 31.79 -38.04
N VAL PB 135 -61.80 32.49 -38.68
CA VAL PB 135 -62.95 33.09 -38.01
C VAL PB 135 -64.21 32.52 -38.63
N ARG PB 136 -65.12 32.07 -37.79
CA ARG PB 136 -66.38 31.49 -38.25
C ARG PB 136 -67.54 32.22 -37.62
N LEU PB 137 -68.51 32.61 -38.46
CA LEU PB 137 -69.66 33.39 -38.02
C LEU PB 137 -70.90 32.53 -38.10
N ILE PB 138 -71.58 32.36 -36.96
CA ILE PB 138 -72.79 31.55 -36.94
C ILE PB 138 -74.00 32.48 -36.89
N PRO PB 139 -75.02 32.25 -37.72
CA PRO PB 139 -76.24 33.05 -37.64
C PRO PB 139 -76.88 32.93 -36.26
N ALA PB 140 -77.42 34.04 -35.77
CA ALA PB 140 -77.91 34.12 -34.41
C ALA PB 140 -79.32 34.69 -34.39
N PRO PB 141 -80.15 34.23 -33.46
CA PRO PB 141 -81.51 34.76 -33.34
C PRO PB 141 -81.48 36.23 -32.92
N ARG PB 142 -82.62 36.89 -33.14
CA ARG PB 142 -82.76 38.29 -32.78
C ARG PB 142 -82.52 38.52 -31.30
N GLY PB 143 -81.83 39.61 -30.99
CA GLY PB 143 -81.67 40.05 -29.62
C GLY PB 143 -80.50 39.47 -28.87
N THR PB 144 -79.76 38.52 -29.46
CA THR PB 144 -78.62 37.97 -28.75
C THR PB 144 -77.43 38.92 -28.73
N GLY PB 145 -77.43 39.93 -29.58
CA GLY PB 145 -76.27 40.79 -29.71
C GLY PB 145 -75.15 40.03 -30.38
N ILE PB 146 -73.97 40.65 -30.37
CA ILE PB 146 -72.77 40.04 -30.94
C ILE PB 146 -71.96 39.46 -29.81
N VAL PB 147 -71.79 38.14 -29.81
CA VAL PB 147 -70.86 37.47 -28.91
C VAL PB 147 -69.61 37.12 -29.71
N SER PB 148 -68.50 37.72 -29.30
CA SER PB 148 -67.26 37.67 -30.09
C SER PB 148 -66.17 38.35 -29.27
N ALA PB 149 -64.95 38.27 -29.79
CA ALA PB 149 -63.86 39.08 -29.27
C ALA PB 149 -64.12 40.54 -29.60
N PRO PB 150 -63.59 41.47 -28.81
CA PRO PB 150 -63.86 42.90 -29.07
C PRO PB 150 -63.43 43.35 -30.45
N VAL PB 151 -62.29 42.86 -30.94
CA VAL PB 151 -61.79 43.30 -32.24
C VAL PB 151 -62.76 42.95 -33.38
N PRO PB 152 -63.24 41.72 -33.51
CA PRO PB 152 -64.29 41.49 -34.51
C PRO PB 152 -65.64 42.03 -34.08
N LYS PB 153 -65.86 42.24 -32.78
CA LYS PB 153 -67.13 42.79 -32.34
C LYS PB 153 -67.38 44.16 -32.95
N LYS PB 154 -66.40 45.07 -32.82
CA LYS PB 154 -66.61 46.41 -33.36
C LYS PB 154 -66.76 46.38 -34.87
N LEU PB 155 -66.02 45.50 -35.54
CA LEU PB 155 -66.11 45.40 -36.99
C LEU PB 155 -67.50 44.93 -37.42
N LEU PB 156 -68.02 43.89 -36.77
CA LEU PB 156 -69.36 43.42 -37.11
C LEU PB 156 -70.40 44.47 -36.76
N MET PB 157 -70.18 45.21 -35.67
CA MET PB 157 -71.14 46.21 -35.25
C MET PB 157 -71.25 47.31 -36.29
N MET PB 158 -70.11 47.87 -36.71
CA MET PB 158 -70.17 48.96 -37.68
C MET PB 158 -70.62 48.48 -39.06
N ALA PB 159 -70.69 47.18 -39.28
CA ALA PB 159 -71.17 46.67 -40.55
C ALA PB 159 -72.69 46.54 -40.61
N GLY PB 160 -73.39 46.73 -39.49
CA GLY PB 160 -74.83 46.62 -39.50
C GLY PB 160 -75.39 45.30 -39.05
N ILE PB 161 -74.56 44.42 -38.47
CA ILE PB 161 -75.06 43.15 -37.94
C ILE PB 161 -75.57 43.36 -36.51
N ASP PB 162 -76.69 42.74 -36.19
CA ASP PB 162 -77.24 42.85 -34.84
C ASP PB 162 -76.85 41.68 -33.97
N ASP PB 163 -76.97 40.46 -34.48
CA ASP PB 163 -76.65 39.26 -33.72
C ASP PB 163 -75.79 38.34 -34.57
N CYS PB 164 -74.76 37.74 -33.95
CA CYS PB 164 -73.93 36.75 -34.62
C CYS PB 164 -73.10 35.96 -33.63
N TYR PB 165 -73.19 34.64 -33.68
CA TYR PB 165 -72.26 33.81 -32.91
C TYR PB 165 -70.94 33.73 -33.64
N THR PB 166 -69.86 33.80 -32.88
CA THR PB 166 -68.53 33.86 -33.47
C THR PB 166 -67.64 32.80 -32.84
N SER PB 167 -66.87 32.11 -33.68
CA SER PB 167 -65.84 31.20 -33.22
C SER PB 167 -64.56 31.51 -33.99
N ALA PB 168 -63.46 31.58 -33.28
CA ALA PB 168 -62.16 31.85 -33.88
C ALA PB 168 -61.17 30.78 -33.44
N ARG PB 169 -60.19 30.52 -34.30
CA ARG PB 169 -59.12 29.60 -33.96
C ARG PB 169 -57.79 30.19 -34.44
N GLY PB 170 -56.75 29.93 -33.67
CA GLY PB 170 -55.41 30.36 -34.01
C GLY PB 170 -54.90 31.40 -33.03
N CYS PB 171 -53.78 32.02 -33.42
CA CYS PB 171 -53.15 33.07 -32.62
C CYS PB 171 -53.91 34.37 -32.87
N THR PB 172 -55.06 34.48 -32.21
CA THR PB 172 -55.97 35.60 -32.41
C THR PB 172 -55.36 36.94 -31.99
N ALA PB 173 -54.32 36.93 -31.16
CA ALA PB 173 -53.68 38.17 -30.74
C ALA PB 173 -53.03 38.90 -31.90
N THR PB 174 -52.80 38.21 -33.02
CA THR PB 174 -52.34 38.86 -34.23
C THR PB 174 -53.48 39.74 -34.71
N LEU PB 175 -53.48 40.99 -34.27
CA LEU PB 175 -54.65 41.84 -34.47
C LEU PB 175 -54.91 42.07 -35.96
N GLY PB 176 -53.86 42.31 -36.73
CA GLY PB 176 -54.05 42.60 -38.15
C GLY PB 176 -54.69 41.45 -38.88
N ASN PB 177 -54.15 40.24 -38.72
CA ASN PB 177 -54.72 39.09 -39.40
C ASN PB 177 -56.07 38.73 -38.79
N PHE PB 178 -56.23 38.94 -37.48
CA PHE PB 178 -57.48 38.65 -36.82
C PHE PB 178 -58.61 39.48 -37.41
N ALA PB 179 -58.37 40.76 -37.66
CA ALA PB 179 -59.39 41.58 -38.29
C ALA PB 179 -59.50 41.31 -39.78
N LYS PB 180 -58.37 41.00 -40.42
CA LYS PB 180 -58.40 40.78 -41.86
C LYS PB 180 -59.23 39.56 -42.23
N ALA PB 181 -59.11 38.49 -41.46
CA ALA PB 181 -59.91 37.29 -41.73
C ALA PB 181 -61.39 37.57 -41.52
N THR PB 182 -61.73 38.35 -40.49
CA THR PB 182 -63.12 38.74 -40.30
C THR PB 182 -63.63 39.58 -41.47
N PHE PB 183 -62.80 40.50 -41.98
CA PHE PB 183 -63.14 41.19 -43.21
C PHE PB 183 -63.39 40.21 -44.35
N ASP PB 184 -62.53 39.21 -44.47
CA ASP PB 184 -62.65 38.25 -45.56
C ASP PB 184 -63.94 37.47 -45.46
N ALA PB 185 -64.30 37.03 -44.26
CA ALA PB 185 -65.56 36.32 -44.07
C ALA PB 185 -66.75 37.23 -44.35
N ILE PB 186 -66.68 38.49 -43.93
CA ILE PB 186 -67.73 39.44 -44.27
C ILE PB 186 -67.81 39.63 -45.77
N SER PB 187 -66.66 39.64 -46.44
CA SER PB 187 -66.64 39.84 -47.88
C SER PB 187 -67.38 38.73 -48.62
N LYS PB 188 -67.21 37.47 -48.19
CA LYS PB 188 -67.78 36.35 -48.92
C LYS PB 188 -69.22 36.08 -48.56
N THR PB 189 -69.93 37.05 -47.97
CA THR PB 189 -71.35 36.86 -47.72
C THR PB 189 -72.12 36.67 -49.01
N TYR PB 190 -71.87 37.51 -50.01
CA TYR PB 190 -72.53 37.32 -51.28
C TYR PB 190 -71.88 36.21 -52.09
N SER PB 191 -70.59 35.97 -51.90
CA SER PB 191 -69.90 34.95 -52.68
C SER PB 191 -70.47 33.57 -52.38
N TYR PB 192 -71.00 33.35 -51.19
CA TYR PB 192 -71.69 32.10 -50.91
C TYR PB 192 -73.00 32.05 -51.70
N LEU PB 193 -73.31 30.87 -52.21
CA LEU PB 193 -74.46 30.66 -53.08
C LEU PB 193 -75.57 29.98 -52.29
N THR PB 194 -76.79 30.52 -52.41
CA THR PB 194 -77.93 30.09 -51.61
C THR PB 194 -79.12 29.81 -52.51
N PRO PB 195 -80.08 28.99 -52.05
CA PRO PB 195 -81.22 28.63 -52.91
C PRO PB 195 -82.03 29.82 -53.38
N ASP PB 196 -82.10 30.90 -52.60
CA ASP PB 196 -82.83 32.07 -53.05
C ASP PB 196 -82.21 32.73 -54.26
N LEU PB 197 -80.91 32.59 -54.43
CA LEU PB 197 -80.19 33.17 -55.55
C LEU PB 197 -80.16 32.25 -56.75
N TRP PB 198 -80.87 31.12 -56.68
CA TRP PB 198 -80.92 30.16 -57.77
C TRP PB 198 -81.56 30.74 -59.02
N LYS PB 199 -82.37 31.77 -58.88
CA LYS PB 199 -83.03 32.36 -60.04
C LYS PB 199 -81.99 32.97 -60.98
N GLU PB 200 -82.18 32.74 -62.28
CA GLU PB 200 -81.22 33.21 -63.25
C GLU PB 200 -81.26 34.73 -63.32
N THR PB 201 -80.10 35.36 -63.13
CA THR PB 201 -80.03 36.80 -63.06
C THR PB 201 -80.20 37.41 -64.45
N VAL PB 202 -81.01 38.44 -64.53
CA VAL PB 202 -81.15 39.21 -65.76
C VAL PB 202 -79.92 40.11 -65.90
N PHE PB 203 -79.42 40.24 -67.12
CA PHE PB 203 -78.23 41.04 -67.39
C PHE PB 203 -78.64 42.43 -67.85
N THR PB 204 -78.08 43.44 -67.20
CA THR PB 204 -78.34 44.83 -67.52
C THR PB 204 -77.12 45.45 -68.19
N LYS PB 205 -77.35 46.57 -68.87
CA LYS PB 205 -76.25 47.28 -69.50
C LYS PB 205 -75.28 47.83 -68.47
N SER PB 206 -73.99 47.67 -68.76
CA SER PB 206 -72.97 48.26 -67.91
C SER PB 206 -73.06 49.78 -67.98
N PRO PB 207 -72.77 50.47 -66.87
CA PRO PB 207 -72.77 51.93 -66.91
C PRO PB 207 -71.79 52.50 -67.91
N TYR PB 208 -70.69 51.77 -68.18
CA TYR PB 208 -69.75 52.23 -69.19
C TYR PB 208 -70.37 52.26 -70.58
N GLN PB 209 -71.16 51.26 -70.93
CA GLN PB 209 -71.85 51.32 -72.21
C GLN PB 209 -73.17 52.07 -72.13
N GLU PB 210 -73.77 52.16 -70.95
CA GLU PB 210 -75.05 52.86 -70.85
C GLU PB 210 -74.87 54.37 -70.97
N PHE PB 211 -73.75 54.91 -70.52
CA PHE PB 211 -73.45 56.33 -70.58
C PHE PB 211 -72.21 56.58 -71.41
N THR PB 212 -72.00 55.78 -72.46
CA THR PB 212 -70.75 55.87 -73.21
C THR PB 212 -70.60 57.18 -73.96
N ASP PB 213 -71.69 57.72 -74.52
CA ASP PB 213 -71.59 58.98 -75.24
C ASP PB 213 -71.25 60.13 -74.29
N HIS PB 214 -71.83 60.12 -73.10
CA HIS PB 214 -71.53 61.14 -72.12
C HIS PB 214 -70.08 61.08 -71.68
N LEU PB 215 -69.53 59.87 -71.58
CA LEU PB 215 -68.11 59.72 -71.31
C LEU PB 215 -67.27 60.26 -72.45
N VAL PB 216 -67.72 60.04 -73.69
CA VAL PB 216 -67.02 60.59 -74.85
C VAL PB 216 -66.99 62.11 -74.80
N LYS PB 217 -68.15 62.71 -74.54
CA LYS PB 217 -68.24 64.18 -74.51
C LYS PB 217 -67.41 64.76 -73.36
N THR PB 218 -67.61 64.24 -72.16
CA THR PB 218 -67.05 64.85 -70.96
C THR PB 218 -65.66 64.29 -70.64
N HIS PB 219 -65.58 62.98 -70.42
CA HIS PB 219 -64.32 62.36 -70.01
C HIS PB 219 -63.52 61.98 -71.25
N THR PB 220 -62.93 63.00 -71.88
CA THR PB 220 -62.09 62.78 -73.06
C THR PB 220 -60.79 62.07 -72.69
N ALA QB 1 -81.08 -3.00 8.04
CA ALA QB 1 -81.81 -2.73 9.27
C ALA QB 1 -81.98 -3.98 10.10
N ARG QB 2 -82.30 -3.81 11.39
CA ARG QB 2 -82.51 -4.92 12.29
C ARG QB 2 -83.98 -5.30 12.41
N GLY QB 3 -84.86 -4.68 11.63
CA GLY QB 3 -86.27 -4.99 11.69
C GLY QB 3 -87.09 -4.05 10.82
N PRO QB 4 -88.40 -4.12 10.97
CA PRO QB 4 -89.28 -3.32 10.11
C PRO QB 4 -89.15 -1.83 10.40
N LYS QB 5 -89.35 -1.05 9.35
CA LYS QB 5 -89.40 0.40 9.46
C LYS QB 5 -90.77 0.83 9.96
N LYS QB 6 -90.79 1.67 10.99
CA LYS QB 6 -92.05 2.20 11.50
C LYS QB 6 -92.04 3.72 11.49
N HIS QB 7 -91.30 4.31 10.56
CA HIS QB 7 -91.27 5.75 10.36
C HIS QB 7 -91.40 6.02 8.87
N LEU QB 8 -91.89 7.22 8.54
CA LEU QB 8 -92.02 7.61 7.14
C LEU QB 8 -91.70 9.08 7.01
N LYS QB 9 -90.72 9.40 6.16
CA LYS QB 9 -90.30 10.78 5.96
C LYS QB 9 -91.37 11.54 5.19
N ARG QB 10 -91.46 12.84 5.48
CA ARG QB 10 -92.49 13.66 4.84
C ARG QB 10 -92.29 13.70 3.34
N VAL QB 11 -91.06 13.87 2.89
CA VAL QB 11 -90.79 13.85 1.46
C VAL QB 11 -90.96 12.46 0.88
N ALA QB 12 -90.93 11.42 1.71
CA ALA QB 12 -91.01 10.05 1.24
C ALA QB 12 -92.43 9.55 1.09
N ALA QB 13 -93.43 10.35 1.45
CA ALA QB 13 -94.80 9.91 1.33
C ALA QB 13 -95.18 9.74 -0.13
N PRO QB 14 -96.11 8.83 -0.43
CA PRO QB 14 -96.61 8.74 -1.79
C PRO QB 14 -97.19 10.08 -2.24
N LYS QB 15 -96.92 10.42 -3.50
CA LYS QB 15 -97.17 11.79 -3.96
C LYS QB 15 -98.65 12.14 -3.90
N HIS QB 16 -99.52 11.15 -4.08
CA HIS QB 16 -100.96 11.40 -4.13
C HIS QB 16 -101.53 11.84 -2.80
N TRP QB 17 -100.77 11.75 -1.70
CA TRP QB 17 -101.26 12.27 -0.44
C TRP QB 17 -101.27 13.79 -0.43
N MET QB 18 -100.59 14.42 -1.40
CA MET QB 18 -100.62 15.87 -1.60
C MET QB 18 -100.18 16.62 -0.35
N LEU QB 19 -99.28 16.02 0.41
CA LEU QB 19 -98.74 16.65 1.60
C LEU QB 19 -97.77 17.74 1.21
N ASP QB 20 -97.57 18.71 2.10
CA ASP QB 20 -96.65 19.79 1.83
C ASP QB 20 -95.27 19.42 2.37
N LYS QB 21 -94.36 20.40 2.44
CA LYS QB 21 -93.00 20.13 2.88
C LYS QB 21 -92.59 20.86 4.14
N LEU QB 22 -93.37 21.84 4.60
CA LEU QB 22 -92.94 22.67 5.71
C LEU QB 22 -93.59 22.29 7.04
N THR QB 23 -94.62 21.44 7.02
CA THR QB 23 -95.28 21.06 8.26
C THR QB 23 -94.36 20.26 9.17
N GLY QB 24 -93.64 19.29 8.61
CA GLY QB 24 -92.80 18.46 9.45
C GLY QB 24 -91.94 17.53 8.63
N VAL QB 25 -91.34 16.57 9.34
CA VAL QB 25 -90.37 15.67 8.76
C VAL QB 25 -91.06 14.36 8.44
N PHE QB 26 -92.15 14.08 9.15
CA PHE QB 26 -92.71 12.74 9.19
C PHE QB 26 -94.11 12.70 8.60
N ALA QB 27 -94.42 11.56 8.00
CA ALA QB 27 -95.71 11.26 7.41
C ALA QB 27 -96.50 10.32 8.32
N PRO QB 28 -97.81 10.19 8.12
CA PRO QB 28 -98.62 9.33 9.01
C PRO QB 28 -98.06 7.94 9.23
N ARG QB 29 -97.39 7.35 8.24
CA ARG QB 29 -96.89 5.97 8.31
C ARG QB 29 -98.05 5.07 8.70
N PRO QB 30 -99.00 4.85 7.79
CA PRO QB 30 -100.22 4.13 8.15
C PRO QB 30 -99.94 2.68 8.54
N SER QB 31 -100.79 2.15 9.40
CA SER QB 31 -100.63 0.80 9.89
C SER QB 31 -100.91 -0.22 8.79
N THR QB 32 -100.73 -1.49 9.13
CA THR QB 32 -101.06 -2.57 8.22
C THR QB 32 -102.56 -2.71 8.09
N GLY QB 33 -103.01 -3.11 6.90
CA GLY QB 33 -104.42 -3.24 6.63
C GLY QB 33 -104.70 -3.92 5.31
N PRO QB 34 -105.94 -3.80 4.82
CA PRO QB 34 -106.29 -4.45 3.55
C PRO QB 34 -105.52 -3.93 2.35
N HIS QB 35 -105.13 -2.66 2.34
CA HIS QB 35 -104.54 -2.02 1.18
C HIS QB 35 -103.11 -1.59 1.48
N LYS QB 36 -102.27 -1.67 0.46
CA LYS QB 36 -100.87 -1.26 0.61
C LYS QB 36 -100.78 0.23 0.85
N LEU QB 37 -99.78 0.63 1.63
CA LEU QB 37 -99.63 2.02 2.03
C LEU QB 37 -99.44 2.95 0.84
N ARG QB 38 -98.92 2.42 -0.27
CA ARG QB 38 -98.68 3.25 -1.44
C ARG QB 38 -99.97 3.82 -2.01
N GLU QB 39 -101.02 3.00 -2.07
CA GLU QB 39 -102.28 3.40 -2.67
C GLU QB 39 -103.40 3.45 -1.65
N CYS QB 40 -103.05 3.51 -0.37
CA CYS QB 40 -104.02 3.64 0.70
C CYS QB 40 -104.17 5.11 1.06
N LEU QB 41 -105.17 5.39 1.90
CA LEU QB 41 -105.39 6.75 2.37
C LEU QB 41 -105.62 6.72 3.88
N PRO QB 42 -104.61 7.06 4.67
CA PRO QB 42 -104.79 7.08 6.13
C PRO QB 42 -105.86 8.09 6.53
N LEU QB 43 -106.59 7.76 7.59
CA LEU QB 43 -107.73 8.57 7.97
C LEU QB 43 -107.33 9.96 8.43
N ILE QB 44 -106.12 10.10 8.99
CA ILE QB 44 -105.70 11.39 9.52
C ILE QB 44 -105.64 12.44 8.42
N ILE QB 45 -105.04 12.11 7.28
CA ILE QB 45 -104.94 13.11 6.23
C ILE QB 45 -106.29 13.34 5.59
N PHE QB 46 -107.10 12.30 5.44
CA PHE QB 46 -108.39 12.47 4.78
C PHE QB 46 -109.32 13.33 5.63
N LEU QB 47 -109.16 13.28 6.95
CA LEU QB 47 -109.97 14.10 7.83
C LEU QB 47 -109.30 15.41 8.22
N ARG QB 48 -108.05 15.63 7.83
CA ARG QB 48 -107.36 16.87 8.15
C ARG QB 48 -107.19 17.79 6.95
N ASN QB 49 -106.72 17.28 5.83
CA ASN QB 49 -106.38 18.11 4.67
C ASN QB 49 -107.38 17.96 3.54
N ARG QB 50 -108.08 16.83 3.46
CA ARG QB 50 -109.19 16.67 2.53
C ARG QB 50 -110.47 17.32 3.03
N LEU QB 51 -110.95 16.91 4.20
CA LEU QB 51 -112.21 17.41 4.73
C LEU QB 51 -112.03 18.59 5.68
N LYS QB 52 -110.81 18.83 6.17
CA LYS QB 52 -110.53 19.90 7.13
C LYS QB 52 -111.39 19.79 8.39
N TYR QB 53 -111.93 18.60 8.66
CA TYR QB 53 -112.70 18.42 9.87
C TYR QB 53 -111.82 18.51 11.10
N ALA QB 54 -110.53 18.22 10.96
CA ALA QB 54 -109.55 18.35 12.01
C ALA QB 54 -108.39 19.22 11.54
N LEU QB 55 -107.77 19.93 12.48
CA LEU QB 55 -106.64 20.79 12.16
C LEU QB 55 -105.31 20.19 12.60
N THR QB 56 -105.29 19.43 13.68
CA THR QB 56 -104.08 18.80 14.17
C THR QB 56 -104.37 17.32 14.43
N GLY QB 57 -103.30 16.56 14.64
CA GLY QB 57 -103.46 15.13 14.84
C GLY QB 57 -104.27 14.78 16.07
N ASP QB 58 -104.14 15.59 17.13
CA ASP QB 58 -104.91 15.33 18.33
C ASP QB 58 -106.40 15.47 18.07
N GLU QB 59 -106.78 16.41 17.21
CA GLU QB 59 -108.20 16.60 16.93
C GLU QB 59 -108.79 15.38 16.24
N VAL QB 60 -108.13 14.88 15.21
CA VAL QB 60 -108.64 13.68 14.55
C VAL QB 60 -108.52 12.48 15.48
N LYS QB 61 -107.56 12.50 16.40
CA LYS QB 61 -107.45 11.43 17.40
C LYS QB 61 -108.68 11.41 18.29
N LYS QB 62 -109.11 12.58 18.77
CA LYS QB 62 -110.33 12.66 19.55
C LYS QB 62 -111.54 12.26 18.71
N ILE QB 63 -111.56 12.67 17.44
CA ILE QB 63 -112.68 12.34 16.56
C ILE QB 63 -112.83 10.83 16.44
N CYS QB 64 -111.71 10.14 16.19
CA CYS QB 64 -111.75 8.69 16.03
C CYS QB 64 -112.08 8.00 17.34
N MET QB 65 -111.48 8.46 18.45
CA MET QB 65 -111.67 7.78 19.71
C MET QB 65 -113.05 8.06 20.32
N GLN QB 66 -113.74 9.08 19.82
CA GLN QB 66 -115.16 9.24 20.09
C GLN QB 66 -116.01 8.41 19.14
N ARG QB 67 -115.39 7.55 18.32
CA ARG QB 67 -116.08 6.52 17.54
C ARG QB 67 -117.05 7.13 16.53
N PHE QB 68 -116.52 8.02 15.69
CA PHE QB 68 -117.33 8.63 14.65
C PHE QB 68 -117.03 8.11 13.25
N ILE QB 69 -115.86 7.52 13.03
CA ILE QB 69 -115.50 7.03 11.70
C ILE QB 69 -115.93 5.59 11.57
N LYS QB 70 -116.80 5.30 10.61
CA LYS QB 70 -117.22 3.94 10.28
C LYS QB 70 -116.71 3.61 8.89
N ILE QB 71 -116.02 2.48 8.76
CA ILE QB 71 -115.46 2.04 7.49
C ILE QB 71 -115.91 0.60 7.26
N ASP QB 72 -116.43 0.33 6.06
CA ASP QB 72 -117.03 -0.96 5.71
C ASP QB 72 -118.10 -1.35 6.73
N GLY QB 73 -118.86 -0.37 7.19
CA GLY QB 73 -119.84 -0.61 8.21
C GLY QB 73 -119.27 -0.88 9.58
N LYS QB 74 -117.95 -0.76 9.75
CA LYS QB 74 -117.30 -0.96 11.04
C LYS QB 74 -116.59 0.30 11.46
N VAL QB 75 -116.71 0.62 12.74
CA VAL QB 75 -116.01 1.77 13.29
C VAL QB 75 -114.55 1.41 13.48
N ARG QB 76 -113.66 2.17 12.86
CA ARG QB 76 -112.23 2.02 13.03
C ARG QB 76 -111.70 3.27 13.70
N THR QB 77 -111.10 3.10 14.88
CA THR QB 77 -110.55 4.22 15.62
C THR QB 77 -109.06 4.41 15.35
N ASP QB 78 -108.48 3.59 14.47
CA ASP QB 78 -107.05 3.69 14.17
C ASP QB 78 -106.78 4.98 13.40
N ILE QB 79 -105.92 5.83 13.96
CA ILE QB 79 -105.56 7.07 13.29
C ILE QB 79 -104.82 6.79 11.98
N THR QB 80 -104.11 5.67 11.92
CA THR QB 80 -103.31 5.32 10.75
C THR QB 80 -103.91 4.12 10.03
N TYR QB 81 -105.21 4.09 9.90
CA TYR QB 81 -105.85 3.00 9.20
C TYR QB 81 -105.72 3.23 7.70
N PRO QB 82 -105.15 2.29 6.95
CA PRO QB 82 -105.05 2.45 5.50
C PRO QB 82 -106.40 2.23 4.83
N ALA QB 83 -107.05 3.29 4.36
CA ALA QB 83 -108.36 3.14 3.74
C ALA QB 83 -108.29 2.32 2.47
N GLY QB 84 -107.65 2.84 1.44
CA GLY QB 84 -107.60 2.14 0.17
C GLY QB 84 -108.64 2.63 -0.81
N PHE QB 85 -109.13 1.68 -1.61
CA PHE QB 85 -109.97 2.02 -2.76
C PHE QB 85 -111.44 1.69 -2.50
N MET QB 86 -112.29 2.68 -2.81
CA MET QB 86 -113.76 2.56 -2.83
C MET QB 86 -114.32 1.93 -1.56
N ASP QB 87 -113.69 2.24 -0.43
CA ASP QB 87 -114.26 1.91 0.87
C ASP QB 87 -115.21 3.03 1.28
N VAL QB 88 -116.40 2.65 1.73
CA VAL QB 88 -117.37 3.63 2.17
C VAL QB 88 -116.96 4.15 3.54
N ILE QB 89 -116.92 5.47 3.68
CA ILE QB 89 -116.71 6.11 4.97
C ILE QB 89 -118.04 6.66 5.45
N SER QB 90 -118.56 6.08 6.53
CA SER QB 90 -119.83 6.50 7.11
C SER QB 90 -119.57 7.40 8.30
N ILE QB 91 -120.14 8.58 8.26
CA ILE QB 91 -120.12 9.51 9.38
C ILE QB 91 -121.57 9.79 9.74
N ASP QB 92 -122.08 9.07 10.72
CA ASP QB 92 -123.51 9.13 11.02
C ASP QB 92 -123.89 10.32 11.88
N LYS QB 93 -122.92 11.15 12.26
CA LYS QB 93 -123.26 12.31 13.08
C LYS QB 93 -123.52 13.54 12.23
N THR QB 94 -122.64 13.83 11.26
CA THR QB 94 -122.85 14.95 10.36
C THR QB 94 -123.61 14.56 9.10
N GLY QB 95 -123.94 13.27 8.94
CA GLY QB 95 -124.84 12.83 7.90
C GLY QB 95 -124.35 12.95 6.46
N GLU QB 96 -123.16 12.46 6.18
CA GLU QB 96 -122.68 12.35 4.81
C GLU QB 96 -121.93 11.02 4.64
N ASN QB 97 -121.68 10.66 3.39
CA ASN QB 97 -121.08 9.39 3.06
C ASN QB 97 -120.05 9.59 1.96
N PHE QB 98 -118.92 8.89 2.07
CA PHE QB 98 -117.83 9.03 1.12
C PHE QB 98 -117.42 7.67 0.57
N ARG QB 99 -117.33 7.62 -0.75
CA ARG QB 99 -116.71 6.51 -1.45
C ARG QB 99 -115.35 6.99 -1.93
N LEU QB 100 -114.30 6.24 -1.61
CA LEU QB 100 -112.93 6.69 -1.88
C LEU QB 100 -112.52 6.28 -3.29
N ILE QB 101 -112.63 7.19 -4.23
CA ILE QB 101 -112.38 6.93 -5.64
C ILE QB 101 -111.34 7.93 -6.15
N TYR QB 102 -110.41 7.43 -6.97
CA TYR QB 102 -109.43 8.30 -7.61
C TYR QB 102 -110.10 9.30 -8.54
N ASP QB 103 -109.46 10.45 -8.71
CA ASP QB 103 -109.96 11.48 -9.62
C ASP QB 103 -109.39 11.24 -11.01
N THR QB 104 -109.64 12.16 -11.93
CA THR QB 104 -109.03 12.09 -13.24
C THR QB 104 -107.52 12.30 -13.17
N LYS QB 105 -107.02 12.88 -12.09
CA LYS QB 105 -105.61 13.22 -11.94
C LYS QB 105 -104.86 12.18 -11.14
N GLY QB 106 -105.42 10.98 -11.00
CA GLY QB 106 -104.79 9.91 -10.25
C GLY QB 106 -104.68 10.16 -8.76
N ARG QB 107 -105.68 10.81 -8.17
CA ARG QB 107 -105.69 11.12 -6.74
C ARG QB 107 -107.09 10.85 -6.18
N PHE QB 108 -107.14 10.33 -4.96
CA PHE QB 108 -108.41 10.10 -4.31
C PHE QB 108 -109.17 11.41 -4.15
N ALA QB 109 -110.47 11.38 -4.40
CA ALA QB 109 -111.29 12.58 -4.38
C ALA QB 109 -112.34 12.50 -3.29
N VAL QB 110 -112.83 13.67 -2.87
CA VAL QB 110 -113.91 13.77 -1.89
C VAL QB 110 -115.22 13.60 -2.65
N HIS QB 111 -115.70 12.36 -2.75
CA HIS QB 111 -116.92 12.04 -3.45
C HIS QB 111 -118.00 11.74 -2.42
N ARG QB 112 -119.15 12.38 -2.56
CA ARG QB 112 -120.27 12.20 -1.65
C ARG QB 112 -121.29 11.26 -2.26
N ILE QB 113 -121.83 10.36 -1.45
CA ILE QB 113 -122.77 9.34 -1.91
C ILE QB 113 -123.96 9.28 -0.97
N THR QB 114 -125.04 8.72 -1.48
CA THR QB 114 -126.23 8.51 -0.70
C THR QB 114 -126.07 7.30 0.22
N PRO QB 115 -126.73 7.31 1.39
CA PRO QB 115 -126.61 6.16 2.30
C PRO QB 115 -127.03 4.84 1.68
N GLU QB 116 -128.09 4.85 0.88
CA GLU QB 116 -128.53 3.62 0.24
C GLU QB 116 -127.52 3.11 -0.79
N GLU QB 117 -126.82 4.01 -1.48
CA GLU QB 117 -125.73 3.58 -2.33
C GLU QB 117 -124.55 3.13 -1.48
N ALA QB 118 -124.36 3.74 -0.31
CA ALA QB 118 -123.25 3.41 0.56
C ALA QB 118 -123.36 2.00 1.14
N LYS QB 119 -124.55 1.41 1.13
CA LYS QB 119 -124.76 0.11 1.76
C LYS QB 119 -124.02 -1.01 1.04
N TYR QB 120 -123.62 -0.79 -0.21
CA TYR QB 120 -122.87 -1.79 -0.95
C TYR QB 120 -121.47 -1.28 -1.24
N LYS QB 121 -120.68 -2.10 -1.94
CA LYS QB 121 -119.30 -1.79 -2.25
C LYS QB 121 -118.80 -2.76 -3.30
N LEU QB 122 -118.04 -2.26 -4.27
CA LEU QB 122 -117.46 -3.10 -5.30
C LEU QB 122 -116.11 -3.63 -4.86
N CYS QB 123 -115.79 -4.83 -5.31
CA CYS QB 123 -114.50 -5.45 -5.06
C CYS QB 123 -114.05 -6.22 -6.29
N LYS QB 124 -112.74 -6.30 -6.47
CA LYS QB 124 -112.12 -7.10 -7.52
C LYS QB 124 -111.48 -8.31 -6.88
N VAL QB 125 -111.86 -9.50 -7.34
CA VAL QB 125 -111.27 -10.71 -6.80
C VAL QB 125 -109.82 -10.80 -7.25
N ARG QB 126 -108.95 -11.18 -6.32
CA ARG QB 126 -107.53 -11.34 -6.65
C ARG QB 126 -107.10 -12.79 -6.80
N LYS QB 127 -107.63 -13.70 -5.97
CA LYS QB 127 -107.27 -15.10 -6.11
C LYS QB 127 -108.39 -15.96 -5.56
N ILE QB 128 -108.63 -17.08 -6.24
CA ILE QB 128 -109.68 -18.03 -5.89
C ILE QB 128 -109.02 -19.39 -5.72
N PHE QB 129 -109.29 -20.03 -4.59
CA PHE QB 129 -108.73 -21.33 -4.29
C PHE QB 129 -109.73 -22.15 -3.50
N VAL QB 130 -109.62 -23.47 -3.61
CA VAL QB 130 -110.48 -24.39 -2.89
C VAL QB 130 -109.73 -24.83 -1.64
N GLY QB 131 -110.42 -24.82 -0.49
CA GLY QB 131 -109.84 -25.17 0.78
C GLY QB 131 -110.20 -26.58 1.21
N THR QB 132 -109.94 -26.86 2.49
CA THR QB 132 -110.13 -28.19 3.01
C THR QB 132 -111.59 -28.62 2.90
N LYS QB 133 -111.80 -29.93 2.80
CA LYS QB 133 -113.11 -30.54 2.58
C LYS QB 133 -113.79 -29.99 1.33
N GLY QB 134 -112.99 -29.60 0.34
CA GLY QB 134 -113.53 -29.07 -0.90
C GLY QB 134 -114.34 -27.81 -0.73
N ILE QB 135 -113.97 -26.97 0.22
CA ILE QB 135 -114.66 -25.71 0.48
C ILE QB 135 -113.99 -24.62 -0.34
N PRO QB 136 -114.66 -24.04 -1.32
CA PRO QB 136 -114.04 -22.98 -2.12
C PRO QB 136 -113.82 -21.73 -1.28
N HIS QB 137 -112.88 -20.92 -1.73
CA HIS QB 137 -112.56 -19.68 -1.04
C HIS QB 137 -112.36 -18.58 -2.07
N LEU QB 138 -112.45 -17.33 -1.61
CA LEU QB 138 -112.33 -16.20 -2.51
C LEU QB 138 -111.65 -15.07 -1.77
N VAL QB 139 -110.61 -14.49 -2.38
CA VAL QB 139 -109.87 -13.38 -1.82
C VAL QB 139 -110.11 -12.16 -2.69
N THR QB 140 -110.47 -11.05 -2.06
CA THR QB 140 -110.80 -9.83 -2.77
C THR QB 140 -109.53 -9.05 -3.09
N HIS QB 141 -109.69 -7.90 -3.75
CA HIS QB 141 -108.61 -6.92 -3.81
C HIS QB 141 -108.33 -6.31 -2.44
N ASP QB 142 -109.31 -6.36 -1.54
CA ASP QB 142 -109.07 -6.09 -0.14
C ASP QB 142 -108.57 -7.37 0.51
N ALA QB 143 -108.26 -7.31 1.80
CA ALA QB 143 -107.84 -8.50 2.53
C ALA QB 143 -109.03 -9.33 3.01
N ARG QB 144 -110.24 -8.87 2.78
CA ARG QB 144 -111.43 -9.60 3.17
C ARG QB 144 -111.53 -10.86 2.30
N THR QB 145 -111.84 -11.99 2.91
CA THR QB 145 -112.04 -13.23 2.17
C THR QB 145 -113.40 -13.80 2.51
N ILE QB 146 -113.96 -14.55 1.57
CA ILE QB 146 -115.30 -15.12 1.71
C ILE QB 146 -115.28 -16.57 1.27
N ARG QB 147 -116.33 -17.27 1.67
CA ARG QB 147 -116.50 -18.68 1.36
C ARG QB 147 -117.78 -18.88 0.56
N TYR QB 148 -117.76 -19.92 -0.27
CA TYR QB 148 -118.90 -20.31 -1.12
C TYR QB 148 -119.29 -19.20 -2.07
N PRO QB 149 -118.49 -18.84 -3.04
CA PRO QB 149 -118.89 -17.87 -4.05
C PRO QB 149 -119.53 -18.57 -5.24
N ASP QB 150 -119.99 -17.76 -6.18
CA ASP QB 150 -120.53 -18.30 -7.42
C ASP QB 150 -119.42 -19.01 -8.20
N PRO QB 151 -119.62 -20.26 -8.61
CA PRO QB 151 -118.59 -20.94 -9.42
C PRO QB 151 -118.32 -20.24 -10.73
N LEU QB 152 -119.25 -19.42 -11.22
CA LEU QB 152 -118.97 -18.61 -12.39
C LEU QB 152 -117.83 -17.63 -12.16
N ILE QB 153 -117.64 -17.17 -10.93
CA ILE QB 153 -116.65 -16.12 -10.66
C ILE QB 153 -115.26 -16.69 -10.85
N LYS QB 154 -114.48 -16.06 -11.73
CA LYS QB 154 -113.11 -16.41 -12.04
C LYS QB 154 -112.18 -15.32 -11.51
N VAL QB 155 -110.91 -15.44 -11.88
CA VAL QB 155 -109.89 -14.48 -11.47
C VAL QB 155 -110.26 -13.09 -12.03
N ASN QB 156 -109.79 -12.06 -11.31
CA ASN QB 156 -109.88 -10.63 -11.64
C ASN QB 156 -111.23 -10.24 -12.26
N ASP QB 157 -112.29 -10.75 -11.67
CA ASP QB 157 -113.63 -10.28 -11.94
C ASP QB 157 -113.99 -9.19 -10.93
N THR QB 158 -115.25 -8.81 -10.92
CA THR QB 158 -115.75 -7.82 -9.97
C THR QB 158 -117.09 -8.28 -9.41
N ILE QB 159 -117.23 -8.20 -8.09
CA ILE QB 159 -118.42 -8.68 -7.39
C ILE QB 159 -119.02 -7.53 -6.59
N GLN QB 160 -120.34 -7.58 -6.41
CA GLN QB 160 -121.05 -6.58 -5.62
C GLN QB 160 -121.22 -7.12 -4.20
N ILE QB 161 -120.75 -6.35 -3.22
CA ILE QB 161 -120.81 -6.76 -1.83
C ILE QB 161 -121.63 -5.75 -1.04
N ASP QB 162 -122.74 -6.20 -0.48
CA ASP QB 162 -123.51 -5.39 0.45
C ASP QB 162 -122.87 -5.45 1.83
N LEU QB 163 -122.86 -4.32 2.53
CA LEU QB 163 -122.21 -4.28 3.82
C LEU QB 163 -123.05 -5.00 4.87
N GLU QB 164 -122.39 -5.29 6.00
CA GLU QB 164 -122.97 -5.90 7.20
C GLU QB 164 -123.38 -7.35 6.99
N THR QB 165 -123.16 -7.88 5.81
CA THR QB 165 -123.34 -9.30 5.56
C THR QB 165 -122.06 -9.96 5.07
N GLY QB 166 -121.22 -9.22 4.36
CA GLY QB 166 -120.07 -9.81 3.73
C GLY QB 166 -120.40 -10.78 2.62
N LYS QB 167 -121.62 -10.76 2.11
CA LYS QB 167 -122.06 -11.71 1.09
C LYS QB 167 -122.06 -11.05 -0.29
N ILE QB 168 -122.07 -11.91 -1.30
CA ILE QB 168 -122.05 -11.49 -2.70
C ILE QB 168 -123.48 -11.30 -3.15
N THR QB 169 -123.78 -10.14 -3.75
CA THR QB 169 -125.08 -9.93 -4.36
C THR QB 169 -125.05 -10.02 -5.87
N ASP QB 170 -124.03 -9.47 -6.52
CA ASP QB 170 -123.92 -9.61 -7.97
C ASP QB 170 -122.45 -9.54 -8.35
N PHE QB 171 -122.15 -10.07 -9.52
CA PHE QB 171 -120.76 -10.13 -9.96
C PHE QB 171 -120.69 -9.78 -11.43
N ILE QB 172 -119.63 -9.08 -11.80
CA ILE QB 172 -119.39 -8.63 -13.17
C ILE QB 172 -118.21 -9.42 -13.72
N LYS QB 173 -118.43 -10.13 -14.80
CA LYS QB 173 -117.36 -10.86 -15.44
C LYS QB 173 -116.39 -9.89 -16.10
N PHE QB 174 -115.12 -10.30 -16.15
CA PHE QB 174 -114.12 -9.58 -16.93
C PHE QB 174 -114.26 -10.02 -18.38
N ASP QB 175 -114.80 -9.14 -19.21
CA ASP QB 175 -115.01 -9.44 -20.63
C ASP QB 175 -114.74 -8.18 -21.44
N THR QB 176 -114.44 -8.38 -22.72
CA THR QB 176 -114.25 -7.26 -23.62
C THR QB 176 -115.55 -6.47 -23.74
N GLY QB 177 -115.44 -5.15 -23.66
CA GLY QB 177 -116.59 -4.29 -23.80
C GLY QB 177 -117.24 -3.85 -22.51
N ASN QB 178 -116.64 -4.16 -21.37
CA ASN QB 178 -117.16 -3.74 -20.08
C ASN QB 178 -116.45 -2.49 -19.59
N LEU QB 179 -117.20 -1.64 -18.90
CA LEU QB 179 -116.61 -0.44 -18.32
C LEU QB 179 -115.65 -0.81 -17.20
N CYS QB 180 -114.52 -0.11 -17.13
CA CYS QB 180 -113.48 -0.40 -16.16
C CYS QB 180 -112.93 0.91 -15.61
N MET QB 181 -111.88 0.79 -14.81
CA MET QB 181 -111.17 1.94 -14.27
C MET QB 181 -109.76 1.51 -13.92
N VAL QB 182 -108.77 2.25 -14.40
CA VAL QB 182 -107.38 1.90 -14.20
C VAL QB 182 -106.99 2.27 -12.77
N THR QB 183 -106.43 1.29 -12.05
CA THR QB 183 -106.08 1.48 -10.64
C THR QB 183 -104.57 1.52 -10.42
N GLY QB 184 -103.81 2.00 -11.38
CA GLY QB 184 -102.39 2.12 -11.19
C GLY QB 184 -101.73 2.81 -12.37
N GLY QB 185 -100.56 3.36 -12.09
CA GLY QB 185 -99.74 3.91 -13.14
C GLY QB 185 -100.28 5.21 -13.72
N ALA QB 186 -99.84 5.50 -14.94
CA ALA QB 186 -100.08 6.80 -15.54
C ALA QB 186 -101.58 7.07 -15.73
N ASN QB 187 -102.33 6.06 -16.16
CA ASN QB 187 -103.75 6.23 -16.39
C ASN QB 187 -104.59 6.09 -15.13
N LEU QB 188 -104.02 6.33 -13.96
CA LEU QB 188 -104.78 6.17 -12.72
C LEU QB 188 -106.00 7.09 -12.70
N GLY QB 189 -107.14 6.51 -12.35
CA GLY QB 189 -108.36 7.26 -12.24
C GLY QB 189 -109.14 7.43 -13.52
N ARG QB 190 -108.66 6.91 -14.64
CA ARG QB 190 -109.35 7.05 -15.92
C ARG QB 190 -110.46 6.03 -16.01
N ILE QB 191 -111.56 6.41 -16.65
CA ILE QB 191 -112.67 5.51 -16.90
C ILE QB 191 -112.68 5.13 -18.38
N GLY QB 192 -112.79 3.85 -18.67
CA GLY QB 192 -112.78 3.41 -20.04
C GLY QB 192 -113.42 2.04 -20.20
N VAL QB 193 -113.40 1.55 -21.42
CA VAL QB 193 -114.08 0.32 -21.82
C VAL QB 193 -113.04 -0.68 -22.27
N ILE QB 194 -113.18 -1.93 -21.83
CA ILE QB 194 -112.28 -3.01 -22.22
C ILE QB 194 -112.39 -3.26 -23.71
N THR QB 195 -111.36 -2.89 -24.47
CA THR QB 195 -111.36 -3.07 -25.91
C THR QB 195 -110.54 -4.28 -26.35
N ASN QB 196 -109.32 -4.41 -25.84
CA ASN QB 196 -108.44 -5.48 -26.26
C ASN QB 196 -107.60 -5.91 -25.08
N ARG QB 197 -107.29 -7.20 -25.04
CA ARG QB 197 -106.45 -7.79 -24.01
C ARG QB 197 -105.50 -8.78 -24.67
N GLU QB 198 -104.22 -8.45 -24.69
CA GLU QB 198 -103.20 -9.42 -25.07
C GLU QB 198 -102.57 -9.99 -23.81
N ARG QB 199 -102.49 -11.32 -23.78
CA ARG QB 199 -101.90 -12.03 -22.66
C ARG QB 199 -100.52 -12.54 -23.04
N HIS QB 200 -99.54 -12.23 -22.21
CA HIS QB 200 -98.18 -12.73 -22.41
C HIS QB 200 -97.89 -13.77 -21.35
N PRO QB 201 -97.71 -15.04 -21.73
CA PRO QB 201 -97.40 -16.07 -20.74
C PRO QB 201 -96.10 -15.75 -20.02
N GLY QB 202 -96.08 -16.02 -18.72
CA GLY QB 202 -94.93 -15.70 -17.92
C GLY QB 202 -94.65 -14.21 -17.79
N SER QB 203 -95.62 -13.35 -18.06
CA SER QB 203 -95.40 -11.92 -17.97
C SER QB 203 -96.73 -11.25 -17.64
N PHE QB 204 -96.73 -9.93 -17.67
CA PHE QB 204 -97.91 -9.14 -17.33
C PHE QB 204 -98.81 -9.04 -18.55
N ASP QB 205 -100.05 -9.46 -18.40
CA ASP QB 205 -101.03 -9.27 -19.46
C ASP QB 205 -101.30 -7.79 -19.65
N VAL QB 206 -101.52 -7.40 -20.91
CA VAL QB 206 -101.76 -6.02 -21.26
C VAL QB 206 -103.17 -5.91 -21.81
N VAL QB 207 -103.93 -4.96 -21.30
CA VAL QB 207 -105.31 -4.73 -21.70
C VAL QB 207 -105.42 -3.32 -22.26
N HIS QB 208 -106.13 -3.19 -23.39
CA HIS QB 208 -106.26 -1.93 -24.10
C HIS QB 208 -107.61 -1.31 -23.78
N VAL QB 209 -107.59 -0.05 -23.35
CA VAL QB 209 -108.76 0.62 -22.82
C VAL QB 209 -109.00 1.92 -23.58
N LYS QB 210 -110.22 2.09 -24.08
CA LYS QB 210 -110.64 3.33 -24.72
C LYS QB 210 -111.66 4.01 -23.83
N ASP QB 211 -111.51 5.31 -23.63
CA ASP QB 211 -112.42 6.06 -22.78
C ASP QB 211 -113.63 6.52 -23.58
N ALA QB 212 -114.43 7.41 -23.00
CA ALA QB 212 -115.58 7.95 -23.71
C ALA QB 212 -115.17 8.86 -24.85
N ASN QB 213 -114.09 9.62 -24.66
CA ASN QB 213 -113.62 10.54 -25.70
C ASN QB 213 -112.91 9.84 -26.82
N GLY QB 214 -112.81 8.52 -26.80
CA GLY QB 214 -112.06 7.79 -27.80
C GLY QB 214 -110.57 7.78 -27.57
N ASN QB 215 -110.10 8.40 -26.50
CA ASN QB 215 -108.69 8.41 -26.19
C ASN QB 215 -108.28 7.02 -25.74
N SER QB 216 -107.71 6.24 -26.65
CA SER QB 216 -107.39 4.85 -26.38
C SER QB 216 -106.07 4.77 -25.63
N PHE QB 217 -106.00 3.89 -24.64
CA PHE QB 217 -104.79 3.67 -23.86
C PHE QB 217 -104.77 2.22 -23.41
N ALA QB 218 -103.75 1.88 -22.62
CA ALA QB 218 -103.59 0.51 -22.17
C ALA QB 218 -102.79 0.51 -20.88
N THR QB 219 -102.85 -0.61 -20.17
CA THR QB 219 -102.12 -0.77 -18.92
C THR QB 219 -102.02 -2.24 -18.60
N ARG QB 220 -101.29 -2.54 -17.54
CA ARG QB 220 -101.17 -3.91 -17.07
C ARG QB 220 -102.50 -4.40 -16.50
N LEU QB 221 -102.77 -5.69 -16.70
CA LEU QB 221 -104.04 -6.27 -16.27
C LEU QB 221 -104.20 -6.19 -14.76
N SER QB 222 -103.10 -6.15 -14.01
CA SER QB 222 -103.18 -6.06 -12.56
C SER QB 222 -103.66 -4.71 -12.06
N ASN QB 223 -103.77 -3.71 -12.95
CA ASN QB 223 -104.16 -2.37 -12.54
C ASN QB 223 -105.56 -1.98 -13.02
N ILE QB 224 -106.41 -2.95 -13.34
CA ILE QB 224 -107.72 -2.68 -13.92
C ILE QB 224 -108.79 -3.13 -12.93
N PHE QB 225 -109.76 -2.25 -12.68
CA PHE QB 225 -110.91 -2.58 -11.84
C PHE QB 225 -112.16 -2.39 -12.71
N VAL QB 226 -112.81 -3.50 -13.04
CA VAL QB 226 -114.06 -3.44 -13.79
C VAL QB 226 -115.13 -2.83 -12.90
N ILE QB 227 -115.84 -1.83 -13.42
CA ILE QB 227 -116.81 -1.09 -12.61
C ILE QB 227 -118.23 -1.16 -13.16
N GLY QB 228 -118.41 -1.57 -14.40
CA GLY QB 228 -119.73 -1.54 -15.01
C GLY QB 228 -119.96 -2.71 -15.93
N LYS QB 229 -121.23 -3.06 -16.10
CA LYS QB 229 -121.64 -4.15 -16.98
C LYS QB 229 -121.79 -3.58 -18.37
N GLY QB 230 -120.70 -3.67 -19.15
CA GLY QB 230 -120.72 -3.17 -20.50
C GLY QB 230 -120.46 -1.68 -20.60
N ASN QB 231 -121.48 -0.88 -20.27
CA ASN QB 231 -121.39 0.57 -20.41
C ASN QB 231 -121.92 1.37 -19.23
N LYS QB 232 -122.82 0.84 -18.41
CA LYS QB 232 -123.29 1.58 -17.25
C LYS QB 232 -122.51 1.19 -16.02
N PRO QB 233 -121.89 2.14 -15.32
CA PRO QB 233 -121.20 1.82 -14.08
C PRO QB 233 -122.19 1.41 -13.00
N TRP QB 234 -121.72 0.58 -12.06
CA TRP QB 234 -122.54 0.19 -10.94
C TRP QB 234 -122.38 1.11 -9.74
N ILE QB 235 -121.55 2.16 -9.85
CA ILE QB 235 -121.36 3.14 -8.80
C ILE QB 235 -121.49 4.53 -9.39
N SER QB 236 -121.62 5.51 -8.50
CA SER QB 236 -121.71 6.91 -8.90
C SER QB 236 -120.30 7.42 -9.19
N LEU QB 237 -120.09 7.86 -10.41
CA LEU QB 237 -118.78 8.34 -10.80
C LEU QB 237 -118.53 9.74 -10.23
N PRO QB 238 -117.28 10.07 -9.92
CA PRO QB 238 -116.97 11.44 -9.50
C PRO QB 238 -116.97 12.40 -10.69
N ARG QB 239 -116.78 13.69 -10.41
CA ARG QB 239 -116.85 14.69 -11.47
C ARG QB 239 -115.74 14.48 -12.49
N GLY QB 240 -116.03 14.82 -13.74
CA GLY QB 240 -115.16 14.52 -14.84
C GLY QB 240 -115.36 13.13 -15.41
N LYS QB 241 -116.17 12.30 -14.76
CA LYS QB 241 -116.48 10.94 -15.21
C LYS QB 241 -115.23 10.12 -15.45
N GLY QB 242 -114.16 10.43 -14.71
CA GLY QB 242 -112.89 9.77 -14.92
C GLY QB 242 -112.36 9.91 -16.32
N ILE QB 243 -112.53 11.07 -16.93
CA ILE QB 243 -112.10 11.31 -18.30
C ILE QB 243 -110.86 12.20 -18.24
N ARG QB 244 -109.71 11.63 -18.62
CA ARG QB 244 -108.47 12.37 -18.60
C ARG QB 244 -108.47 13.39 -19.73
N LEU QB 245 -108.38 14.67 -19.37
CA LEU QB 245 -108.31 15.74 -20.34
C LEU QB 245 -107.00 16.50 -20.16
N THR QB 246 -106.33 16.81 -21.26
CA THR QB 246 -105.02 17.40 -21.18
C THR QB 246 -105.10 18.85 -20.73
N ILE QB 247 -103.92 19.42 -20.44
CA ILE QB 247 -103.85 20.80 -19.96
C ILE QB 247 -104.33 21.78 -21.02
N ALA QB 248 -104.26 21.37 -22.29
CA ALA QB 248 -104.78 22.23 -23.35
C ALA QB 248 -106.27 22.49 -23.15
N GLU QB 249 -107.06 21.43 -22.96
CA GLU QB 249 -108.47 21.59 -22.66
C GLU QB 249 -108.72 21.67 -21.16
N GLU QB 250 -107.71 22.04 -20.37
CA GLU QB 250 -107.90 22.33 -18.96
C GLU QB 250 -107.70 23.81 -18.66
N ARG QB 251 -106.69 24.42 -19.28
CA ARG QB 251 -106.43 25.84 -19.10
C ARG QB 251 -107.59 26.69 -19.60
N ASP QB 252 -108.13 26.36 -20.77
CA ASP QB 252 -109.27 27.10 -21.28
C ASP QB 252 -110.51 26.88 -20.43
N LYS QB 253 -110.67 25.69 -19.87
CA LYS QB 253 -111.77 25.46 -18.93
C LYS QB 253 -111.61 26.33 -17.71
N ARG QB 254 -110.37 26.49 -17.23
CA ARG QB 254 -110.12 27.40 -16.12
C ARG QB 254 -110.45 28.84 -16.51
N LEU QB 255 -110.12 29.23 -17.74
CA LEU QB 255 -110.45 30.57 -18.21
C LEU QB 255 -111.95 30.80 -18.21
N ALA QB 256 -112.71 29.83 -18.72
CA ALA QB 256 -114.15 29.96 -18.76
C ALA QB 256 -114.76 30.00 -17.35
N ALA QB 257 -114.25 29.16 -16.45
CA ALA QB 257 -114.74 29.18 -15.07
C ALA QB 257 -114.40 30.50 -14.38
N LYS QB 258 -113.21 31.02 -14.64
CA LYS QB 258 -112.82 32.32 -14.12
C LYS QB 258 -113.74 33.42 -14.64
N GLN QB 259 -114.07 33.38 -15.92
CA GLN QB 259 -114.96 34.37 -16.52
C GLN QB 259 -116.36 34.28 -15.92
N SER QB 260 -116.89 33.07 -15.80
CA SER QB 260 -118.26 32.91 -15.29
C SER QB 260 -118.35 33.26 -13.81
N SER QB 261 -117.31 32.93 -13.04
CA SER QB 261 -117.28 33.22 -11.62
C SER QB 261 -116.95 34.67 -11.31
N GLY QB 262 -116.49 35.43 -12.30
CA GLY QB 262 -116.15 36.83 -12.09
C GLY QB 262 -117.20 37.80 -12.60
N MET RB 1 -68.57 -13.60 63.19
CA MET RB 1 -69.43 -14.26 62.20
C MET RB 1 -70.88 -14.18 62.63
N LYS RB 2 -71.63 -13.31 61.97
CA LYS RB 2 -73.01 -13.08 62.33
C LYS RB 2 -73.85 -14.28 61.94
N LEU RB 3 -74.99 -14.45 62.63
CA LEU RB 3 -75.86 -15.58 62.40
C LEU RB 3 -77.30 -15.09 62.32
N ASN RB 4 -77.86 -15.11 61.10
CA ASN RB 4 -79.28 -14.86 60.91
C ASN RB 4 -80.00 -16.15 61.24
N ILE RB 5 -80.77 -16.14 62.32
CA ILE RB 5 -81.39 -17.35 62.85
C ILE RB 5 -82.90 -17.18 62.76
N SER RB 6 -83.55 -18.10 62.05
CA SER RB 6 -84.98 -18.02 61.79
C SER RB 6 -85.64 -19.34 62.13
N PHE RB 7 -86.78 -19.28 62.79
CA PHE RB 7 -87.61 -20.47 63.00
C PHE RB 7 -88.84 -20.33 62.13
N PRO RB 8 -89.07 -21.25 61.20
CA PRO RB 8 -90.13 -21.05 60.20
C PRO RB 8 -91.52 -20.94 60.78
N ALA RB 9 -91.85 -21.71 61.82
CA ALA RB 9 -93.23 -21.72 62.28
C ALA RB 9 -93.61 -20.44 63.01
N THR RB 10 -92.67 -19.79 63.67
CA THR RB 10 -92.95 -18.54 64.35
C THR RB 10 -92.36 -17.33 63.66
N GLY RB 11 -91.58 -17.52 62.61
CA GLY RB 11 -90.88 -16.39 62.02
C GLY RB 11 -89.86 -15.87 63.01
N CYS RB 12 -89.90 -14.57 63.25
CA CYS RB 12 -89.06 -13.91 64.25
C CYS RB 12 -87.59 -14.21 64.01
N GLN RB 13 -87.14 -14.03 62.78
CA GLN RB 13 -85.73 -14.17 62.49
C GLN RB 13 -84.96 -13.08 63.21
N LYS RB 14 -83.75 -13.41 63.64
CA LYS RB 14 -82.93 -12.45 64.35
C LYS RB 14 -81.47 -12.73 64.03
N LEU RB 15 -80.63 -11.74 64.33
CA LEU RB 15 -79.20 -11.84 64.07
C LEU RB 15 -78.50 -12.18 65.37
N ILE RB 16 -77.61 -13.17 65.31
CA ILE RB 16 -76.85 -13.62 66.47
C ILE RB 16 -75.37 -13.48 66.17
N GLU RB 17 -74.65 -12.83 67.07
CA GLU RB 17 -73.21 -12.61 66.94
C GLU RB 17 -72.50 -13.57 67.90
N VAL RB 18 -71.50 -14.29 67.38
CA VAL RB 18 -70.67 -15.15 68.20
C VAL RB 18 -69.21 -14.87 67.88
N ASP RB 19 -68.32 -15.26 68.80
CA ASP RB 19 -66.89 -15.13 68.54
C ASP RB 19 -66.13 -16.34 69.03
N ASP RB 20 -66.82 -17.44 69.32
CA ASP RB 20 -66.17 -18.69 69.67
C ASP RB 20 -66.05 -19.53 68.41
N GLU RB 21 -64.82 -19.70 67.93
CA GLU RB 21 -64.60 -20.58 66.79
C GLU RB 21 -64.93 -22.02 67.14
N ARG RB 22 -64.74 -22.39 68.42
CA ARG RB 22 -65.11 -23.72 68.87
C ARG RB 22 -66.60 -23.98 68.65
N LYS RB 23 -67.42 -23.00 69.02
CA LYS RB 23 -68.86 -23.11 68.79
C LYS RB 23 -69.18 -23.20 67.31
N LEU RB 24 -68.44 -22.48 66.47
CA LEU RB 24 -68.71 -22.44 65.05
C LEU RB 24 -68.07 -23.59 64.29
N ARG RB 25 -67.11 -24.28 64.90
CA ARG RB 25 -66.38 -25.33 64.21
C ARG RB 25 -67.26 -26.54 63.94
N THR RB 26 -68.32 -26.74 64.72
CA THR RB 26 -69.27 -27.80 64.44
C THR RB 26 -69.99 -27.57 63.12
N PHE RB 27 -69.98 -26.33 62.62
CA PHE RB 27 -70.58 -26.02 61.33
C PHE RB 27 -69.63 -26.22 60.16
N TYR RB 28 -68.34 -26.39 60.42
CA TYR RB 28 -67.36 -26.33 59.36
C TYR RB 28 -67.45 -27.53 58.42
N GLU RB 29 -67.04 -27.30 57.16
CA GLU RB 29 -67.04 -28.31 56.11
C GLU RB 29 -68.39 -29.00 55.98
N LYS RB 30 -69.44 -28.19 55.91
CA LYS RB 30 -70.78 -28.67 55.65
C LYS RB 30 -71.36 -27.91 54.47
N ARG RB 31 -72.26 -28.56 53.75
CA ARG RB 31 -72.91 -27.90 52.64
C ARG RB 31 -74.26 -27.32 53.07
N MET RB 32 -74.90 -26.64 52.13
CA MET RB 32 -76.17 -26.01 52.40
C MET RB 32 -77.28 -27.05 52.48
N ALA RB 33 -78.41 -26.63 53.05
CA ALA RB 33 -79.60 -27.48 53.21
C ALA RB 33 -79.31 -28.73 54.02
N THR RB 34 -78.34 -28.64 54.94
CA THR RB 34 -77.96 -29.77 55.77
C THR RB 34 -78.37 -29.53 57.21
N GLU RB 35 -79.15 -30.46 57.75
CA GLU RB 35 -79.60 -30.40 59.14
C GLU RB 35 -78.41 -30.67 60.05
N VAL RB 36 -78.06 -29.69 60.87
CA VAL RB 36 -76.89 -29.78 61.74
C VAL RB 36 -77.35 -29.70 63.18
N ALA RB 37 -76.89 -30.64 64.00
CA ALA RB 37 -77.20 -30.63 65.43
C ALA RB 37 -76.53 -29.41 66.07
N ALA RB 38 -77.32 -28.39 66.36
CA ALA RB 38 -76.80 -27.14 66.91
C ALA RB 38 -76.78 -27.15 68.43
N ASP RB 39 -76.24 -28.21 69.02
CA ASP RB 39 -76.14 -28.31 70.46
C ASP RB 39 -74.81 -27.78 70.99
N ALA RB 40 -73.91 -27.36 70.09
CA ALA RB 40 -72.62 -26.80 70.50
C ALA RB 40 -72.69 -25.31 70.81
N LEU RB 41 -73.85 -24.69 70.63
CA LEU RB 41 -74.03 -23.28 70.99
C LEU RB 41 -74.63 -23.15 72.40
N GLY RB 42 -73.96 -23.74 73.37
CA GLY RB 42 -74.39 -23.63 74.75
C GLY RB 42 -75.56 -24.53 75.05
N GLU RB 43 -75.92 -24.55 76.35
CA GLU RB 43 -77.01 -25.39 76.82
C GLU RB 43 -78.35 -24.93 76.27
N GLU RB 44 -78.52 -23.62 76.09
CA GLU RB 44 -79.78 -23.09 75.59
C GLU RB 44 -80.10 -23.60 74.19
N TRP RB 45 -79.09 -23.98 73.43
CA TRP RB 45 -79.28 -24.51 72.10
C TRP RB 45 -79.17 -26.03 72.06
N LYS RB 46 -79.12 -26.67 73.22
CA LYS RB 46 -79.14 -28.13 73.25
C LYS RB 46 -80.49 -28.63 72.76
N GLY RB 47 -80.48 -29.81 72.14
CA GLY RB 47 -81.70 -30.35 71.59
C GLY RB 47 -82.23 -29.59 70.40
N TYR RB 48 -81.39 -28.77 69.77
CA TYR RB 48 -81.79 -27.93 68.64
C TYR RB 48 -81.02 -28.35 67.40
N VAL RB 49 -81.75 -28.71 66.35
CA VAL RB 49 -81.17 -29.06 65.06
C VAL RB 49 -81.50 -27.95 64.08
N VAL RB 50 -80.48 -27.43 63.40
CA VAL RB 50 -80.63 -26.28 62.53
C VAL RB 50 -80.09 -26.65 61.16
N ARG RB 51 -80.56 -25.94 60.14
CA ARG RB 51 -80.15 -26.18 58.76
C ARG RB 51 -79.40 -24.97 58.24
N ILE RB 52 -78.27 -25.23 57.58
CA ILE RB 52 -77.50 -24.17 56.95
C ILE RB 52 -78.23 -23.75 55.68
N SER RB 53 -78.97 -22.64 55.76
CA SER RB 53 -79.85 -22.22 54.68
C SER RB 53 -79.22 -21.20 53.75
N GLY RB 54 -77.99 -20.77 54.02
CA GLY RB 54 -77.32 -19.83 53.15
C GLY RB 54 -76.39 -18.95 53.95
N GLY RB 55 -75.94 -17.88 53.30
CA GLY RB 55 -75.03 -16.95 53.93
C GLY RB 55 -74.37 -16.07 52.88
N ASN RB 56 -73.39 -15.29 53.33
CA ASN RB 56 -72.66 -14.41 52.45
C ASN RB 56 -71.19 -14.43 52.80
N ASP RB 57 -70.35 -14.10 51.82
CA ASP RB 57 -68.92 -14.11 52.01
C ASP RB 57 -68.50 -12.86 52.79
N LYS RB 58 -67.20 -12.78 53.10
CA LYS RB 58 -66.67 -11.62 53.82
C LYS RB 58 -66.83 -10.34 53.02
N GLN RB 59 -66.84 -10.42 51.69
CA GLN RB 59 -67.00 -9.26 50.85
C GLN RB 59 -68.42 -9.14 50.29
N GLY RB 60 -69.41 -9.63 51.02
CA GLY RB 60 -70.79 -9.51 50.60
C GLY RB 60 -71.22 -10.49 49.53
N PHE RB 61 -70.34 -11.40 49.12
CA PHE RB 61 -70.69 -12.37 48.09
C PHE RB 61 -71.57 -13.47 48.67
N PRO RB 62 -72.79 -13.63 48.18
CA PRO RB 62 -73.65 -14.71 48.68
C PRO RB 62 -73.19 -16.06 48.17
N MET RB 63 -73.50 -17.08 48.96
CA MET RB 63 -73.24 -18.46 48.54
C MET RB 63 -74.39 -18.95 47.68
N LYS RB 64 -74.06 -19.84 46.76
CA LYS RB 64 -75.05 -20.49 45.91
C LYS RB 64 -75.02 -21.99 46.18
N GLN RB 65 -76.21 -22.59 46.22
CA GLN RB 65 -76.30 -24.04 46.35
C GLN RB 65 -75.72 -24.71 45.13
N GLY RB 66 -74.96 -25.79 45.35
CA GLY RB 66 -74.44 -26.58 44.26
C GLY RB 66 -73.09 -26.15 43.74
N VAL RB 67 -72.51 -25.08 44.28
CA VAL RB 67 -71.20 -24.64 43.80
C VAL RB 67 -70.14 -25.68 44.13
N LEU RB 68 -70.29 -26.37 45.27
CA LEU RB 68 -69.43 -27.49 45.65
C LEU RB 68 -67.96 -27.08 45.71
N THR RB 69 -67.71 -25.93 46.32
CA THR RB 69 -66.35 -25.51 46.62
C THR RB 69 -66.40 -24.59 47.84
N HIS RB 70 -65.22 -24.30 48.37
CA HIS RB 70 -65.07 -23.27 49.38
C HIS RB 70 -64.28 -22.13 48.75
N GLY RB 71 -64.87 -20.94 48.74
CA GLY RB 71 -64.27 -19.79 48.11
C GLY RB 71 -65.20 -19.18 47.10
N ARG RB 72 -64.63 -18.37 46.21
CA ARG RB 72 -65.41 -17.59 45.26
C ARG RB 72 -65.01 -17.92 43.84
N VAL RB 73 -66.03 -18.06 42.99
CA VAL RB 73 -65.85 -18.20 41.54
C VAL RB 73 -66.83 -17.29 40.84
N ARG RB 74 -66.62 -17.12 39.55
CA ARG RB 74 -67.48 -16.32 38.69
C ARG RB 74 -68.35 -17.25 37.84
N LEU RB 75 -69.64 -16.97 37.80
CA LEU RB 75 -70.59 -17.82 37.11
C LEU RB 75 -71.52 -16.98 36.25
N LEU RB 76 -71.76 -17.42 35.02
CA LEU RB 76 -72.69 -16.76 34.12
C LEU RB 76 -74.10 -17.12 34.55
N LEU RB 77 -74.77 -16.19 35.23
CA LEU RB 77 -76.07 -16.45 35.80
C LEU RB 77 -77.17 -15.91 34.91
N SER RB 78 -78.08 -16.79 34.51
CA SER RB 78 -79.22 -16.41 33.71
C SER RB 78 -80.37 -16.04 34.63
N LYS RB 79 -81.56 -15.88 34.05
CA LYS RB 79 -82.74 -15.54 34.83
C LYS RB 79 -83.10 -16.67 35.79
N GLY RB 80 -83.40 -16.30 37.04
CA GLY RB 80 -83.98 -17.24 37.97
C GLY RB 80 -83.05 -18.32 38.47
N HIS RB 81 -81.74 -18.12 38.41
CA HIS RB 81 -80.83 -19.12 38.94
C HIS RB 81 -80.66 -18.95 40.45
N SER RB 82 -80.00 -17.86 40.85
CA SER RB 82 -79.84 -17.36 42.20
C SER RB 82 -78.96 -16.14 42.12
N CYS RB 83 -78.93 -15.35 43.20
CA CYS RB 83 -77.97 -14.27 43.38
C CYS RB 83 -77.97 -13.28 42.23
N TYR RB 84 -79.08 -13.19 41.50
CA TYR RB 84 -79.14 -12.46 40.24
C TYR RB 84 -80.57 -12.25 39.76
N ARG RB 85 -80.86 -11.07 39.23
CA ARG RB 85 -82.07 -10.87 38.47
C ARG RB 85 -81.75 -10.06 37.22
N PRO RB 86 -82.34 -10.40 36.08
CA PRO RB 86 -81.99 -9.70 34.84
C PRO RB 86 -82.56 -8.29 34.82
N ARG RB 87 -81.79 -7.36 34.25
CA ARG RB 87 -82.29 -6.00 34.06
C ARG RB 87 -83.27 -5.95 32.90
N ARG RB 88 -83.05 -6.77 31.89
CA ARG RB 88 -83.97 -6.89 30.76
C ARG RB 88 -84.04 -8.35 30.35
N THR RB 89 -85.09 -8.69 29.61
CA THR RB 89 -85.42 -10.08 29.35
C THR RB 89 -84.34 -10.75 28.53
N GLY RB 90 -83.93 -11.96 28.95
CA GLY RB 90 -82.93 -12.72 28.26
C GLY RB 90 -81.51 -12.40 28.64
N GLU RB 91 -81.29 -11.36 29.43
CA GLU RB 91 -79.94 -10.97 29.82
C GLU RB 91 -79.32 -12.01 30.74
N ARG RB 92 -78.11 -12.45 30.40
CA ARG RB 92 -77.33 -13.29 31.29
C ARG RB 92 -76.04 -12.56 31.63
N LYS RB 93 -75.70 -12.55 32.91
CA LYS RB 93 -74.58 -11.79 33.43
C LYS RB 93 -73.66 -12.69 34.21
N ARG RB 94 -72.36 -12.51 34.03
CA ARG RB 94 -71.39 -13.23 34.84
C ARG RB 94 -71.13 -12.47 36.13
N LYS RB 95 -71.21 -13.18 37.25
CA LYS RB 95 -71.08 -12.59 38.57
C LYS RB 95 -70.29 -13.54 39.45
N SER RB 96 -69.73 -13.01 40.53
CA SER RB 96 -68.94 -13.81 41.46
C SER RB 96 -69.82 -14.28 42.61
N VAL RB 97 -69.73 -15.56 42.94
CA VAL RB 97 -70.55 -16.16 43.98
C VAL RB 97 -69.69 -17.00 44.91
N ARG RB 98 -70.15 -17.15 46.15
CA ARG RB 98 -69.46 -17.97 47.13
C ARG RB 98 -69.88 -19.43 47.02
N GLY RB 99 -68.95 -20.32 47.32
CA GLY RB 99 -69.24 -21.74 47.32
C GLY RB 99 -70.20 -22.13 48.42
N CYS RB 100 -70.88 -23.26 48.19
CA CYS RB 100 -71.90 -23.71 49.13
C CYS RB 100 -71.31 -24.26 50.42
N ILE RB 101 -70.06 -24.71 50.40
CA ILE RB 101 -69.42 -25.20 51.62
C ILE RB 101 -69.06 -24.04 52.52
N VAL RB 102 -69.50 -24.10 53.77
CA VAL RB 102 -69.27 -23.06 54.76
C VAL RB 102 -67.95 -23.32 55.46
N ASP RB 103 -67.22 -22.23 55.72
CA ASP RB 103 -65.96 -22.30 56.46
C ASP RB 103 -65.90 -21.08 57.37
N ALA RB 104 -64.70 -20.77 57.87
CA ALA RB 104 -64.54 -19.66 58.79
C ALA RB 104 -64.82 -18.31 58.14
N ASN RB 105 -64.44 -18.16 56.87
CA ASN RB 105 -64.41 -16.85 56.22
C ASN RB 105 -65.79 -16.46 55.68
N LEU RB 106 -66.69 -16.14 56.60
CA LEU RB 106 -68.01 -15.62 56.25
C LEU RB 106 -68.35 -14.45 57.16
N SER RB 107 -69.17 -13.55 56.63
CA SER RB 107 -69.68 -12.45 57.45
C SER RB 107 -70.95 -12.87 58.17
N VAL RB 108 -71.86 -13.52 57.45
CA VAL RB 108 -73.11 -14.00 58.02
C VAL RB 108 -73.30 -15.45 57.61
N LEU RB 109 -74.18 -16.12 58.35
CA LEU RB 109 -74.59 -17.49 58.05
C LEU RB 109 -76.09 -17.58 58.25
N ASN RB 110 -76.80 -18.00 57.22
CA ASN RB 110 -78.25 -18.19 57.34
C ASN RB 110 -78.52 -19.56 57.92
N LEU RB 111 -79.14 -19.59 59.09
CA LEU RB 111 -79.48 -20.85 59.74
C LEU RB 111 -80.94 -20.87 60.10
N VAL RB 112 -81.61 -21.95 59.72
CA VAL RB 112 -83.05 -22.11 59.93
C VAL RB 112 -83.28 -23.36 60.75
N ILE RB 113 -83.99 -23.23 61.87
CA ILE RB 113 -84.15 -24.35 62.79
C ILE RB 113 -85.07 -25.39 62.17
N VAL RB 114 -84.62 -26.63 62.15
CA VAL RB 114 -85.46 -27.72 61.63
C VAL RB 114 -86.43 -28.22 62.70
N LYS RB 115 -85.95 -28.47 63.91
CA LYS RB 115 -86.79 -29.05 64.95
C LYS RB 115 -86.68 -28.26 66.24
N LYS RB 116 -87.79 -28.23 66.98
CA LYS RB 116 -87.87 -27.50 68.23
C LYS RB 116 -87.19 -28.26 69.35
N GLY RB 117 -86.54 -27.51 70.25
CA GLY RB 117 -85.81 -28.08 71.36
C GLY RB 117 -86.69 -28.32 72.57
N GLU RB 118 -86.07 -28.24 73.74
CA GLU RB 118 -86.77 -28.50 74.99
C GLU RB 118 -87.38 -27.26 75.63
N LYS RB 119 -86.80 -26.08 75.38
CA LYS RB 119 -87.24 -24.84 76.03
C LYS RB 119 -87.42 -23.77 74.95
N ASP RB 120 -87.71 -22.55 75.41
CA ASP RB 120 -87.98 -21.44 74.52
C ASP RB 120 -86.79 -20.49 74.47
N ILE RB 121 -86.25 -20.28 73.27
CA ILE RB 121 -85.12 -19.37 73.07
C ILE RB 121 -85.58 -17.93 73.27
N PRO RB 122 -84.83 -17.10 73.99
CA PRO RB 122 -85.26 -15.71 74.20
C PRO RB 122 -85.29 -14.93 72.90
N GLY RB 123 -86.44 -14.34 72.60
CA GLY RB 123 -86.60 -13.44 71.49
C GLY RB 123 -86.80 -14.09 70.14
N LEU RB 124 -86.81 -15.42 70.05
CA LEU RB 124 -86.96 -16.06 68.75
C LEU RB 124 -88.15 -17.01 68.69
N THR RB 125 -88.31 -17.91 69.65
CA THR RB 125 -89.35 -18.92 69.60
C THR RB 125 -90.67 -18.46 70.21
N ASP RB 126 -90.70 -17.28 70.80
CA ASP RB 126 -91.92 -16.73 71.37
C ASP RB 126 -92.41 -15.57 70.51
N THR RB 127 -93.59 -15.05 70.87
CA THR RB 127 -94.25 -13.95 70.15
C THR RB 127 -94.46 -14.32 68.67
N THR RB 128 -95.31 -15.33 68.48
CA THR RB 128 -95.61 -15.82 67.14
C THR RB 128 -96.24 -14.73 66.30
N VAL RB 129 -95.50 -14.23 65.32
CA VAL RB 129 -96.01 -13.15 64.48
C VAL RB 129 -96.94 -13.74 63.41
N PRO RB 130 -98.18 -13.29 63.34
CA PRO RB 130 -99.11 -13.86 62.34
C PRO RB 130 -98.77 -13.38 60.94
N ARG RB 131 -99.02 -14.26 59.98
CA ARG RB 131 -98.83 -13.93 58.58
C ARG RB 131 -99.83 -12.84 58.19
N ARG RB 132 -99.40 -11.95 57.30
CA ARG RB 132 -100.15 -10.73 57.04
C ARG RB 132 -101.53 -11.02 56.47
N LEU RB 133 -101.58 -11.58 55.26
CA LEU RB 133 -102.82 -11.69 54.50
C LEU RB 133 -103.03 -13.13 54.07
N GLY RB 134 -104.29 -13.57 54.12
CA GLY RB 134 -104.62 -14.96 53.92
C GLY RB 134 -104.86 -15.31 52.47
N PRO RB 135 -105.43 -16.49 52.25
CA PRO RB 135 -105.60 -17.00 50.88
C PRO RB 135 -106.56 -16.15 50.06
N LYS RB 136 -106.27 -16.06 48.77
CA LYS RB 136 -107.06 -15.28 47.82
C LYS RB 136 -107.79 -16.13 46.80
N ARG RB 137 -107.33 -17.36 46.56
CA ARG RB 137 -108.06 -18.27 45.69
C ARG RB 137 -109.13 -19.00 46.48
N ALA RB 138 -110.27 -19.25 45.83
CA ALA RB 138 -111.40 -19.86 46.52
C ALA RB 138 -111.04 -21.23 47.08
N SER RB 139 -110.37 -22.04 46.28
CA SER RB 139 -109.92 -23.34 46.78
C SER RB 139 -108.91 -23.18 47.92
N ARG RB 140 -108.15 -22.09 47.92
CA ARG RB 140 -107.15 -21.92 48.97
C ARG RB 140 -107.76 -21.48 50.30
N ILE RB 141 -108.96 -20.89 50.30
CA ILE RB 141 -109.66 -20.76 51.58
C ILE RB 141 -110.42 -22.04 51.88
N ARG RB 142 -110.82 -22.78 50.85
CA ARG RB 142 -111.55 -24.02 51.05
C ARG RB 142 -110.71 -25.05 51.79
N LYS RB 143 -109.44 -25.18 51.42
CA LYS RB 143 -108.55 -26.11 52.11
C LYS RB 143 -108.36 -25.72 53.56
N LEU RB 144 -108.23 -24.42 53.83
CA LEU RB 144 -107.89 -23.96 55.16
C LEU RB 144 -109.08 -24.02 56.11
N PHE RB 145 -110.28 -23.75 55.62
CA PHE RB 145 -111.47 -23.78 56.46
C PHE RB 145 -112.32 -25.03 56.21
N ASN RB 146 -111.83 -25.97 55.40
CA ASN RB 146 -112.50 -27.25 55.17
C ASN RB 146 -113.91 -27.08 54.61
N LEU RB 147 -113.98 -26.57 53.38
CA LEU RB 147 -115.26 -26.37 52.72
C LEU RB 147 -115.57 -27.53 51.78
N SER RB 148 -116.80 -28.02 51.85
CA SER RB 148 -117.20 -29.10 50.94
C SER RB 148 -117.62 -28.54 49.58
N LYS RB 149 -118.73 -27.81 49.56
CA LYS RB 149 -119.27 -27.25 48.32
C LYS RB 149 -120.17 -26.07 48.68
N GLU RB 150 -119.70 -24.85 48.39
CA GLU RB 150 -120.52 -23.64 48.43
C GLU RB 150 -121.21 -23.47 49.77
N ASP RB 151 -120.42 -23.40 50.83
CA ASP RB 151 -120.92 -23.32 52.20
C ASP RB 151 -120.46 -21.99 52.79
N ASP RB 152 -121.23 -20.94 52.55
CA ASP RB 152 -120.94 -19.59 53.05
C ASP RB 152 -119.56 -19.13 52.60
N VAL RB 153 -119.29 -19.27 51.31
CA VAL RB 153 -117.99 -18.89 50.77
C VAL RB 153 -117.76 -17.40 50.89
N ARG RB 154 -118.80 -16.60 50.70
CA ARG RB 154 -118.66 -15.15 50.80
C ARG RB 154 -118.26 -14.74 52.21
N GLN RB 155 -118.93 -15.27 53.23
CA GLN RB 155 -118.75 -14.78 54.59
C GLN RB 155 -117.71 -15.56 55.39
N TYR RB 156 -117.07 -16.56 54.79
CA TYR RB 156 -115.94 -17.20 55.45
C TYR RB 156 -114.61 -16.59 55.01
N VAL RB 157 -114.64 -15.56 54.16
CA VAL RB 157 -113.40 -14.93 53.74
C VAL RB 157 -112.82 -14.16 54.92
N VAL RB 158 -111.50 -14.09 54.97
CA VAL RB 158 -110.82 -13.36 56.03
C VAL RB 158 -110.99 -11.87 55.79
N ARG RB 159 -111.59 -11.18 56.75
CA ARG RB 159 -111.66 -9.73 56.72
C ARG RB 159 -110.48 -9.17 57.47
N LYS RB 160 -109.70 -8.31 56.80
CA LYS RB 160 -108.56 -7.70 57.45
C LYS RB 160 -109.02 -6.43 58.14
N PRO RB 161 -108.92 -6.34 59.45
CA PRO RB 161 -109.24 -5.08 60.13
C PRO RB 161 -108.03 -4.18 60.21
N LEU RB 162 -108.14 -3.00 59.62
CA LEU RB 162 -107.07 -2.01 59.63
C LEU RB 162 -107.61 -0.68 60.17
N ASN RB 163 -106.81 -0.03 61.01
CA ASN RB 163 -107.21 1.19 61.69
C ASN RB 163 -106.02 2.14 61.77
N LYS RB 164 -106.30 3.44 61.82
CA LYS RB 164 -105.30 4.46 62.11
C LYS RB 164 -105.96 5.60 62.89
N GLU RB 165 -105.14 6.59 63.25
CA GLU RB 165 -105.61 7.69 64.09
C GLU RB 165 -106.73 8.45 63.39
N GLY RB 166 -106.42 9.09 62.26
CA GLY RB 166 -107.44 9.76 61.49
C GLY RB 166 -108.32 8.83 60.70
N LYS RB 167 -107.96 7.55 60.64
CA LYS RB 167 -108.78 6.59 59.91
C LYS RB 167 -110.02 6.23 60.71
N LYS RB 168 -111.17 6.47 60.12
CA LYS RB 168 -112.43 5.98 60.64
C LYS RB 168 -112.46 4.48 60.41
N PRO RB 169 -112.83 3.67 61.41
CA PRO RB 169 -112.62 2.22 61.32
C PRO RB 169 -113.28 1.59 60.10
N ARG RB 170 -112.57 0.63 59.52
CA ARG RB 170 -112.99 -0.01 58.28
C ARG RB 170 -112.36 -1.39 58.19
N THR RB 171 -113.16 -2.35 57.77
CA THR RB 171 -112.69 -3.70 57.49
C THR RB 171 -112.36 -3.82 56.01
N LYS RB 172 -111.38 -4.67 55.69
CA LYS RB 172 -110.89 -4.80 54.34
C LYS RB 172 -111.03 -6.25 53.88
N ALA RB 173 -111.45 -6.42 52.63
CA ALA RB 173 -111.68 -7.73 52.07
C ALA RB 173 -110.96 -7.84 50.73
N PRO RB 174 -110.55 -9.04 50.33
CA PRO RB 174 -109.93 -9.22 49.03
C PRO RB 174 -110.94 -9.50 47.93
N LYS RB 175 -110.47 -9.40 46.70
CA LYS RB 175 -111.20 -9.95 45.56
C LYS RB 175 -110.76 -11.39 45.37
N ILE RB 176 -111.64 -12.32 45.72
CA ILE RB 176 -111.30 -13.74 45.65
C ILE RB 176 -111.45 -14.24 44.22
N GLN RB 177 -110.51 -15.10 43.81
CA GLN RB 177 -110.41 -15.54 42.42
C GLN RB 177 -110.73 -17.02 42.28
N ARG RB 178 -111.04 -17.41 41.03
CA ARG RB 178 -111.42 -18.77 40.66
C ARG RB 178 -112.67 -19.22 41.44
N LEU RB 179 -113.77 -18.57 41.13
CA LEU RB 179 -115.07 -18.81 41.74
C LEU RB 179 -116.06 -19.32 40.70
N VAL RB 180 -117.30 -19.52 41.15
CA VAL RB 180 -118.45 -19.61 40.27
C VAL RB 180 -119.24 -18.33 40.45
N THR RB 181 -119.56 -17.68 39.34
CA THR RB 181 -120.16 -16.37 39.38
C THR RB 181 -121.14 -16.23 38.22
N PRO RB 182 -122.27 -15.53 38.42
CA PRO RB 182 -123.18 -15.28 37.30
C PRO RB 182 -122.52 -14.62 36.10
N ARG RB 183 -121.50 -13.79 36.32
CA ARG RB 183 -120.74 -13.27 35.19
C ARG RB 183 -120.05 -14.38 34.43
N VAL RB 184 -119.42 -15.31 35.15
CA VAL RB 184 -118.74 -16.42 34.51
C VAL RB 184 -119.72 -17.32 33.78
N LEU RB 185 -120.87 -17.60 34.42
CA LEU RB 185 -121.87 -18.43 33.77
C LEU RB 185 -122.44 -17.73 32.53
N GLN RB 186 -122.59 -16.41 32.61
CA GLN RB 186 -123.04 -15.66 31.44
C GLN RB 186 -122.02 -15.77 30.31
N HIS RB 187 -120.73 -15.70 30.66
CA HIS RB 187 -119.69 -15.84 29.65
C HIS RB 187 -119.73 -17.21 28.99
N LYS RB 188 -119.91 -18.26 29.80
CA LYS RB 188 -119.94 -19.61 29.26
C LYS RB 188 -121.16 -19.82 28.37
N ARG RB 189 -122.32 -19.31 28.79
CA ARG RB 189 -123.48 -19.39 27.92
C ARG RB 189 -123.25 -18.61 26.64
N ARG RB 190 -122.52 -17.49 26.75
CA ARG RB 190 -122.19 -16.69 25.57
C ARG RB 190 -121.38 -17.50 24.58
N ARG RB 191 -120.34 -18.18 25.05
CA ARG RB 191 -119.46 -18.91 24.14
C ARG RB 191 -120.16 -20.12 23.55
N ILE RB 192 -120.99 -20.81 24.34
CA ILE RB 192 -121.77 -21.92 23.78
C ILE RB 192 -122.74 -21.42 22.72
N ALA RB 193 -123.36 -20.26 22.97
CA ALA RB 193 -124.24 -19.67 21.97
C ALA RB 193 -123.47 -19.36 20.69
N LEU RB 194 -122.28 -18.75 20.82
CA LEU RB 194 -121.42 -18.49 19.68
C LEU RB 194 -121.18 -19.76 18.87
N LYS RB 195 -120.87 -20.85 19.56
CA LYS RB 195 -120.77 -22.13 18.89
C LYS RB 195 -122.05 -22.47 18.13
N LYS RB 196 -123.21 -22.17 18.73
CA LYS RB 196 -124.47 -22.50 18.08
C LYS RB 196 -124.63 -21.74 16.77
N GLN RB 197 -124.50 -20.42 16.77
CA GLN RB 197 -124.77 -19.75 15.50
C GLN RB 197 -123.64 -19.96 14.52
N ARG RB 198 -122.43 -20.28 15.01
CA ARG RB 198 -121.36 -20.61 14.08
C ARG RB 198 -121.69 -21.91 13.35
N THR RB 199 -122.19 -22.92 14.08
CA THR RB 199 -122.59 -24.18 13.45
C THR RB 199 -123.76 -23.98 12.50
N LYS RB 200 -124.75 -23.19 12.92
CA LYS RB 200 -125.89 -22.89 12.07
C LYS RB 200 -125.45 -22.18 10.81
N LYS RB 201 -124.56 -21.19 10.95
CA LYS RB 201 -124.00 -20.48 9.81
C LYS RB 201 -123.33 -21.44 8.85
N ASN RB 202 -122.51 -22.35 9.38
CA ASN RB 202 -121.80 -23.28 8.52
C ASN RB 202 -122.77 -24.16 7.75
N LYS RB 203 -123.79 -24.70 8.42
CA LYS RB 203 -124.71 -25.61 7.75
C LYS RB 203 -125.55 -24.89 6.71
N GLU RB 204 -126.03 -23.68 7.04
CA GLU RB 204 -126.87 -22.96 6.08
C GLU RB 204 -126.05 -22.47 4.89
N GLU RB 205 -124.79 -22.08 5.11
CA GLU RB 205 -123.93 -21.70 4.00
C GLU RB 205 -123.65 -22.89 3.10
N ALA RB 206 -123.40 -24.06 3.69
CA ALA RB 206 -123.21 -25.26 2.88
C ALA RB 206 -124.45 -25.57 2.06
N ALA RB 207 -125.63 -25.39 2.65
CA ALA RB 207 -126.87 -25.61 1.91
C ALA RB 207 -127.02 -24.63 0.76
N GLU RB 208 -126.72 -23.35 0.99
CA GLU RB 208 -126.82 -22.35 -0.07
C GLU RB 208 -125.86 -22.66 -1.22
N TYR RB 209 -124.62 -22.98 -0.87
CA TYR RB 209 -123.65 -23.33 -1.90
C TYR RB 209 -124.09 -24.58 -2.66
N ALA RB 210 -124.67 -25.55 -1.94
CA ALA RB 210 -125.17 -26.74 -2.61
C ALA RB 210 -126.26 -26.41 -3.61
N LYS RB 211 -127.19 -25.53 -3.21
CA LYS RB 211 -128.23 -25.09 -4.12
C LYS RB 211 -127.65 -24.43 -5.37
N LEU RB 212 -126.70 -23.51 -5.17
CA LEU RB 212 -126.15 -22.78 -6.30
C LEU RB 212 -125.34 -23.69 -7.22
N LEU RB 213 -124.54 -24.59 -6.64
CA LEU RB 213 -123.78 -25.55 -7.43
C LEU RB 213 -124.69 -26.49 -8.20
N ALA RB 214 -125.79 -26.92 -7.58
CA ALA RB 214 -126.76 -27.76 -8.28
C ALA RB 214 -127.33 -27.01 -9.47
N LYS RB 215 -127.68 -25.74 -9.28
CA LYS RB 215 -128.21 -24.96 -10.39
C LYS RB 215 -127.19 -24.78 -11.50
N ARG RB 216 -125.92 -24.56 -11.15
CA ARG RB 216 -124.90 -24.34 -12.17
C ARG RB 216 -124.60 -25.62 -12.95
N MET RB 217 -124.52 -26.76 -12.25
CA MET RB 217 -124.36 -28.03 -12.96
C MET RB 217 -125.59 -28.36 -13.79
N LYS RB 218 -126.77 -27.96 -13.32
CA LYS RB 218 -127.98 -28.09 -14.13
C LYS RB 218 -127.84 -27.29 -15.42
N GLU RB 219 -127.33 -26.07 -15.33
CA GLU RB 219 -127.13 -25.25 -16.52
C GLU RB 219 -126.12 -25.90 -17.46
N ALA RB 220 -125.04 -26.44 -16.91
CA ALA RB 220 -124.02 -27.07 -17.75
C ALA RB 220 -124.55 -28.31 -18.46
N LYS RB 221 -125.29 -29.16 -17.75
CA LYS RB 221 -125.81 -30.36 -18.38
C LYS RB 221 -126.92 -30.02 -19.36
N GLU RB 222 -127.67 -28.95 -19.10
CA GLU RB 222 -128.63 -28.47 -20.10
C GLU RB 222 -127.91 -27.99 -21.34
N LYS RB 223 -126.76 -27.33 -21.17
CA LYS RB 223 -125.97 -26.90 -22.32
C LYS RB 223 -125.48 -28.09 -23.12
N ARG RB 224 -125.05 -29.15 -22.42
CA ARG RB 224 -124.63 -30.36 -23.11
C ARG RB 224 -125.79 -31.00 -23.87
N GLN RB 225 -126.95 -31.05 -23.23
CA GLN RB 225 -128.15 -31.56 -23.88
C GLN RB 225 -128.54 -30.72 -25.08
N GLU RB 226 -128.35 -29.40 -25.00
CA GLU RB 226 -128.72 -28.51 -26.08
C GLU RB 226 -127.78 -28.68 -27.27
N GLN RB 227 -126.49 -28.88 -26.99
CA GLN RB 227 -125.54 -29.20 -28.06
C GLN RB 227 -125.91 -30.52 -28.71
N ILE RB 228 -126.32 -31.50 -27.90
CA ILE RB 228 -126.79 -32.79 -28.43
C ILE RB 228 -127.98 -32.58 -29.35
N ALA RB 229 -128.92 -31.71 -28.94
CA ALA RB 229 -130.10 -31.43 -29.74
C ALA RB 229 -129.73 -30.74 -31.05
N LYS RB 230 -128.77 -29.82 -30.99
CA LYS RB 230 -128.30 -29.16 -32.22
C LYS RB 230 -127.69 -30.17 -33.20
N ARG RB 231 -126.81 -31.04 -32.70
CA ARG RB 231 -126.17 -32.01 -33.60
C ARG RB 231 -127.13 -33.11 -34.06
N ARG RB 232 -128.21 -33.36 -33.31
CA ARG RB 232 -129.22 -34.33 -33.70
C ARG RB 232 -130.28 -33.74 -34.64
N ARG RB 233 -130.49 -32.42 -34.61
CA ARG RB 233 -131.59 -31.83 -35.35
C ARG RB 233 -131.25 -31.54 -36.81
N LEU RB 234 -130.02 -31.80 -37.23
CA LEU RB 234 -129.60 -31.54 -38.61
C LEU RB 234 -128.48 -32.51 -38.98
N SER RB 235 -128.82 -33.57 -39.71
CA SER RB 235 -127.84 -34.55 -40.17
C SER RB 235 -127.98 -34.93 -41.64
N SER RB 236 -129.08 -34.59 -42.29
CA SER RB 236 -129.27 -34.92 -43.70
C SER RB 236 -129.84 -33.76 -44.52
N LEU RB 237 -130.55 -32.83 -43.88
CA LEU RB 237 -131.15 -31.72 -44.62
C LEU RB 237 -130.11 -30.67 -44.98
N SER SB 1 -115.64 -26.18 -81.12
CA SER SB 1 -114.37 -25.61 -81.55
C SER SB 1 -113.21 -26.52 -81.17
N ALA SB 2 -112.07 -26.34 -81.82
CA ALA SB 2 -110.90 -27.18 -81.62
C ALA SB 2 -109.87 -26.42 -80.81
N LYS SB 3 -109.58 -26.91 -79.60
CA LYS SB 3 -108.52 -26.36 -78.76
C LYS SB 3 -107.79 -27.56 -78.15
N ILE SB 4 -106.59 -27.84 -78.65
CA ILE SB 4 -105.84 -29.01 -78.23
C ILE SB 4 -104.48 -28.66 -77.64
N VAL SB 5 -103.93 -27.49 -77.96
CA VAL SB 5 -102.58 -27.11 -77.54
C VAL SB 5 -102.69 -25.87 -76.64
N LYS SB 6 -103.04 -26.11 -75.38
CA LYS SB 6 -103.18 -25.02 -74.42
C LYS SB 6 -103.09 -25.57 -73.00
N PRO SB 7 -101.87 -25.81 -72.49
CA PRO SB 7 -101.75 -26.14 -71.07
C PRO SB 7 -101.42 -24.93 -70.23
N ASN SB 8 -102.06 -24.79 -69.07
CA ASN SB 8 -101.71 -23.79 -68.07
C ASN SB 8 -102.48 -24.13 -66.80
N GLY SB 9 -102.48 -23.20 -65.85
CA GLY SB 9 -103.11 -23.46 -64.56
C GLY SB 9 -104.61 -23.67 -64.65
N GLU SB 10 -105.31 -22.81 -65.39
CA GLU SB 10 -106.75 -22.92 -65.49
C GLU SB 10 -107.13 -23.82 -66.65
N LYS SB 11 -108.38 -24.26 -66.66
CA LYS SB 11 -108.86 -25.05 -67.77
C LYS SB 11 -109.20 -24.19 -68.99
N PRO SB 12 -110.07 -23.18 -68.90
CA PRO SB 12 -110.61 -22.56 -70.12
C PRO SB 12 -109.64 -21.57 -70.74
N ASP SB 13 -110.13 -20.91 -71.80
CA ASP SB 13 -109.39 -19.87 -72.49
C ASP SB 13 -110.38 -18.96 -73.21
N GLU SB 14 -109.89 -17.78 -73.59
CA GLU SB 14 -110.65 -16.86 -74.42
C GLU SB 14 -109.69 -16.35 -75.48
N PHE SB 15 -110.11 -16.38 -76.74
CA PHE SB 15 -109.34 -15.84 -77.86
C PHE SB 15 -108.10 -16.67 -78.13
N GLU SB 16 -107.77 -17.58 -77.21
CA GLU SB 16 -106.67 -18.49 -77.42
C GLU SB 16 -107.13 -19.77 -78.09
N SER SB 17 -108.44 -20.02 -78.11
CA SER SB 17 -108.98 -21.07 -78.95
C SER SB 17 -108.66 -20.80 -80.41
N GLY SB 18 -108.80 -19.55 -80.83
CA GLY SB 18 -108.47 -19.20 -82.20
C GLY SB 18 -106.99 -19.37 -82.52
N ILE SB 19 -106.12 -18.95 -81.60
CA ILE SB 19 -104.69 -19.07 -81.89
C ILE SB 19 -104.25 -20.52 -81.85
N SER SB 20 -104.82 -21.31 -80.93
CA SER SB 20 -104.53 -22.74 -80.92
C SER SB 20 -105.05 -23.41 -82.17
N GLN SB 21 -106.20 -22.96 -82.68
CA GLN SB 21 -106.71 -23.45 -83.95
C GLN SB 21 -105.72 -23.16 -85.06
N ALA SB 22 -105.31 -21.89 -85.19
CA ALA SB 22 -104.35 -21.51 -86.22
C ALA SB 22 -103.06 -22.29 -86.09
N LEU SB 23 -102.70 -22.66 -84.86
CA LEU SB 23 -101.51 -23.46 -84.65
C LEU SB 23 -101.73 -24.90 -85.09
N LEU SB 24 -102.96 -25.39 -85.01
CA LEU SB 24 -103.19 -26.78 -85.39
C LEU SB 24 -103.39 -26.95 -86.88
N GLU SB 25 -103.95 -25.95 -87.58
CA GLU SB 25 -103.90 -25.98 -89.03
C GLU SB 25 -102.62 -25.37 -89.57
N LEU SB 26 -101.60 -25.23 -88.75
CA LEU SB 26 -100.29 -24.95 -89.31
C LEU SB 26 -99.66 -26.21 -89.94
N GLU SB 27 -100.47 -27.27 -90.03
CA GLU SB 27 -100.02 -28.53 -90.58
C GLU SB 27 -99.74 -28.38 -92.08
N MET SB 28 -99.01 -29.36 -92.62
CA MET SB 28 -98.55 -29.41 -94.02
C MET SB 28 -97.91 -28.09 -94.45
N ASN SB 29 -97.15 -27.51 -93.54
CA ASN SB 29 -96.37 -26.32 -93.82
C ASN SB 29 -95.04 -26.75 -94.46
N SER SB 30 -94.09 -25.82 -94.53
CA SER SB 30 -92.77 -26.12 -95.12
C SER SB 30 -91.95 -26.91 -94.10
N ASP SB 31 -92.43 -28.12 -93.79
CA ASP SB 31 -91.77 -29.06 -92.89
C ASP SB 31 -91.45 -28.41 -91.54
N LEU SB 32 -92.50 -28.07 -90.81
CA LEU SB 32 -92.35 -27.47 -89.49
C LEU SB 32 -93.01 -28.26 -88.38
N LYS SB 33 -94.10 -28.97 -88.69
CA LYS SB 33 -94.90 -29.63 -87.66
C LYS SB 33 -94.15 -30.75 -86.96
N ALA SB 34 -93.11 -31.31 -87.59
CA ALA SB 34 -92.31 -32.32 -86.92
C ALA SB 34 -91.62 -31.76 -85.68
N GLN SB 35 -91.03 -30.58 -85.81
CA GLN SB 35 -90.41 -29.91 -84.68
C GLN SB 35 -91.33 -28.91 -84.00
N LEU SB 36 -92.61 -28.92 -84.35
CA LEU SB 36 -93.58 -28.03 -83.72
C LEU SB 36 -94.59 -28.78 -82.87
N ARG SB 37 -94.83 -30.04 -83.17
CA ARG SB 37 -95.92 -30.78 -82.50
C ARG SB 37 -95.60 -31.05 -81.03
N GLU SB 38 -94.32 -31.14 -80.67
CA GLU SB 38 -93.94 -31.41 -79.29
C GLU SB 38 -93.92 -30.16 -78.43
N LEU SB 39 -94.23 -29.00 -79.01
CA LEU SB 39 -94.24 -27.74 -78.29
C LEU SB 39 -95.67 -27.35 -77.93
N ASN SB 40 -95.80 -26.49 -76.92
CA ASN SB 40 -97.11 -26.08 -76.45
C ASN SB 40 -97.07 -24.65 -75.96
N ILE SB 41 -98.25 -24.05 -75.82
CA ILE SB 41 -98.40 -22.61 -75.60
C ILE SB 41 -99.06 -22.39 -74.25
N THR SB 42 -98.45 -21.53 -73.43
CA THR SB 42 -99.04 -21.24 -72.13
C THR SB 42 -100.26 -20.33 -72.26
N ALA SB 43 -100.09 -19.14 -72.80
CA ALA SB 43 -101.20 -18.19 -72.89
C ALA SB 43 -100.92 -17.20 -74.01
N ALA SB 44 -101.93 -16.41 -74.34
CA ALA SB 44 -101.82 -15.41 -75.40
C ALA SB 44 -102.60 -14.17 -74.97
N LYS SB 45 -102.27 -13.04 -75.59
CA LYS SB 45 -102.88 -11.79 -75.21
C LYS SB 45 -102.73 -10.77 -76.33
N GLU SB 46 -103.83 -10.07 -76.64
CA GLU SB 46 -103.84 -8.96 -77.57
C GLU SB 46 -103.96 -7.65 -76.82
N ILE SB 47 -103.08 -6.70 -77.12
CA ILE SB 47 -103.17 -5.35 -76.58
C ILE SB 47 -103.05 -4.37 -77.73
N GLU SB 48 -103.42 -3.13 -77.46
CA GLU SB 48 -103.24 -2.04 -78.39
C GLU SB 48 -101.94 -1.31 -78.08
N VAL SB 49 -101.14 -1.08 -79.12
CA VAL SB 49 -99.86 -0.41 -79.00
C VAL SB 49 -99.83 0.77 -79.95
N GLY SB 50 -99.31 1.91 -79.47
CA GLY SB 50 -99.21 3.10 -80.29
C GLY SB 50 -100.54 3.70 -80.63
N GLY SB 51 -100.93 3.61 -81.90
CA GLY SB 51 -102.15 4.22 -82.39
C GLY SB 51 -103.29 3.23 -82.50
N GLY SB 52 -103.52 2.73 -83.71
CA GLY SB 52 -104.53 1.72 -83.93
C GLY SB 52 -103.93 0.39 -84.35
N ARG SB 53 -102.82 0.00 -83.73
CA ARG SB 53 -102.12 -1.22 -84.09
C ARG SB 53 -102.26 -2.28 -83.01
N LYS SB 54 -102.65 -3.47 -83.42
CA LYS SB 54 -102.79 -4.60 -82.52
C LYS SB 54 -101.53 -5.46 -82.56
N ALA SB 55 -101.09 -5.87 -81.39
CA ALA SB 55 -99.94 -6.75 -81.25
C ALA SB 55 -100.30 -7.93 -80.38
N ILE SB 56 -99.82 -9.11 -80.77
CA ILE SB 56 -100.10 -10.35 -80.06
C ILE SB 56 -98.90 -10.73 -79.21
N ILE SB 57 -99.16 -11.10 -77.97
CA ILE SB 57 -98.14 -11.58 -77.04
C ILE SB 57 -98.48 -13.01 -76.69
N ILE SB 58 -97.50 -13.89 -76.77
CA ILE SB 58 -97.72 -15.32 -76.64
C ILE SB 58 -96.86 -15.82 -75.49
N PHE SB 59 -97.48 -16.59 -74.58
CA PHE SB 59 -96.78 -17.15 -73.43
C PHE SB 59 -96.45 -18.62 -73.68
N VAL SB 60 -95.21 -18.98 -73.39
CA VAL SB 60 -94.67 -20.31 -73.70
C VAL SB 60 -93.93 -20.82 -72.48
N PRO SB 61 -93.74 -22.13 -72.33
CA PRO SB 61 -92.98 -22.64 -71.18
C PRO SB 61 -91.51 -22.23 -71.23
N VAL SB 62 -90.97 -21.93 -70.05
CA VAL SB 62 -89.54 -21.68 -69.94
C VAL SB 62 -88.70 -22.85 -70.43
N PRO SB 63 -89.02 -24.12 -70.09
CA PRO SB 63 -88.19 -25.21 -70.63
C PRO SB 63 -88.17 -25.30 -72.15
N GLN SB 64 -89.26 -24.97 -72.83
CA GLN SB 64 -89.28 -24.99 -74.28
C GLN SB 64 -88.92 -23.66 -74.89
N LEU SB 65 -88.56 -22.68 -74.07
CA LEU SB 65 -88.20 -21.36 -74.59
C LEU SB 65 -87.04 -21.46 -75.55
N LYS SB 66 -86.03 -22.25 -75.19
CA LYS SB 66 -84.86 -22.41 -76.06
C LYS SB 66 -85.26 -23.03 -77.39
N SER SB 67 -86.14 -24.03 -77.35
CA SER SB 67 -86.59 -24.68 -78.57
C SER SB 67 -87.44 -23.75 -79.41
N PHE SB 68 -88.27 -22.93 -78.77
CA PHE SB 68 -89.15 -22.02 -79.50
C PHE SB 68 -88.34 -21.01 -80.29
N GLN SB 69 -87.29 -20.48 -79.67
CA GLN SB 69 -86.51 -19.41 -80.30
C GLN SB 69 -85.80 -19.90 -81.54
N LYS SB 70 -85.40 -21.17 -81.57
CA LYS SB 70 -84.65 -21.72 -82.70
C LYS SB 70 -85.42 -21.57 -84.00
N ILE SB 71 -86.75 -21.70 -83.94
CA ILE SB 71 -87.60 -21.56 -85.10
C ILE SB 71 -88.49 -20.33 -85.02
N GLN SB 72 -88.28 -19.49 -84.00
CA GLN SB 72 -89.18 -18.35 -83.78
C GLN SB 72 -89.29 -17.46 -85.01
N VAL SB 73 -88.14 -17.01 -85.52
CA VAL SB 73 -88.08 -16.15 -86.68
C VAL SB 73 -88.73 -16.81 -87.89
N ARG SB 74 -88.77 -18.14 -87.94
CA ARG SB 74 -89.47 -18.83 -89.01
C ARG SB 74 -90.96 -18.49 -88.96
N LEU SB 75 -91.64 -18.85 -87.88
CA LEU SB 75 -93.09 -18.79 -87.88
C LEU SB 75 -93.64 -17.43 -87.46
N VAL SB 76 -92.79 -16.46 -87.09
CA VAL SB 76 -93.34 -15.13 -86.82
C VAL SB 76 -94.04 -14.58 -88.06
N ARG SB 77 -93.41 -14.73 -89.23
CA ARG SB 77 -94.03 -14.25 -90.45
C ARG SB 77 -95.30 -15.04 -90.76
N GLU SB 78 -95.32 -16.34 -90.45
CA GLU SB 78 -96.51 -17.13 -90.70
C GLU SB 78 -97.66 -16.69 -89.81
N LEU SB 79 -97.38 -16.39 -88.55
CA LEU SB 79 -98.41 -15.85 -87.67
C LEU SB 79 -98.89 -14.50 -88.15
N GLU SB 80 -97.99 -13.69 -88.72
CA GLU SB 80 -98.43 -12.42 -89.30
C GLU SB 80 -99.31 -12.65 -90.52
N LYS SB 81 -99.01 -13.67 -91.32
CA LYS SB 81 -99.88 -13.99 -92.45
C LYS SB 81 -101.24 -14.48 -91.97
N LYS SB 82 -101.25 -15.25 -90.88
CA LYS SB 82 -102.51 -15.59 -90.23
C LYS SB 82 -103.25 -14.35 -89.76
N PHE SB 83 -102.55 -13.48 -89.03
CA PHE SB 83 -103.13 -12.30 -88.42
C PHE SB 83 -102.45 -11.07 -89.01
N SER SB 84 -103.00 -10.57 -90.11
CA SER SB 84 -102.39 -9.46 -90.82
C SER SB 84 -102.45 -8.19 -89.98
N GLY SB 85 -101.47 -7.31 -90.20
CA GLY SB 85 -101.40 -6.06 -89.47
C GLY SB 85 -101.11 -6.22 -88.00
N LYS SB 86 -100.57 -7.36 -87.58
CA LYS SB 86 -100.35 -7.65 -86.17
C LYS SB 86 -98.93 -8.13 -86.01
N HIS SB 87 -98.24 -7.63 -84.98
CA HIS SB 87 -96.87 -8.04 -84.70
C HIS SB 87 -96.84 -9.09 -83.60
N VAL SB 88 -95.95 -10.05 -83.77
CA VAL SB 88 -95.94 -11.26 -82.97
C VAL SB 88 -94.69 -11.28 -82.10
N VAL SB 89 -94.88 -11.52 -80.81
CA VAL SB 89 -93.77 -11.67 -79.87
C VAL SB 89 -94.00 -12.91 -79.02
N PHE SB 90 -92.90 -13.51 -78.59
CA PHE SB 90 -92.93 -14.72 -77.77
C PHE SB 90 -92.29 -14.42 -76.42
N ILE SB 91 -93.05 -14.60 -75.35
CA ILE SB 91 -92.60 -14.33 -73.99
C ILE SB 91 -92.87 -15.57 -73.14
N ALA SB 92 -91.96 -15.87 -72.22
CA ALA SB 92 -92.12 -17.02 -71.33
C ALA SB 92 -92.60 -16.56 -69.96
N GLN SB 93 -93.60 -17.26 -69.43
CA GLN SB 93 -94.09 -16.97 -68.09
C GLN SB 93 -93.03 -17.34 -67.07
N ARG SB 94 -92.73 -16.43 -66.16
CA ARG SB 94 -91.60 -16.60 -65.24
C ARG SB 94 -92.00 -16.75 -63.78
N ARG SB 95 -93.29 -16.59 -63.44
CA ARG SB 95 -93.82 -16.89 -62.11
C ARG SB 95 -93.08 -16.08 -61.04
N ILE SB 96 -93.31 -14.76 -61.11
CA ILE SB 96 -92.69 -13.81 -60.20
C ILE SB 96 -92.98 -14.21 -58.76
N LEU SB 97 -91.93 -14.28 -57.94
CA LEU SB 97 -92.16 -14.65 -56.56
C LEU SB 97 -91.98 -13.47 -55.63
N PRO SB 98 -92.96 -13.22 -54.77
CA PRO SB 98 -92.91 -12.04 -53.90
C PRO SB 98 -91.73 -12.08 -52.95
N LYS SB 99 -91.21 -10.90 -52.65
CA LYS SB 99 -90.07 -10.79 -51.77
C LYS SB 99 -90.51 -11.08 -50.34
N PRO SB 100 -89.84 -11.99 -49.65
CA PRO SB 100 -90.31 -12.39 -48.31
C PRO SB 100 -90.14 -11.28 -47.29
N THR SB 101 -91.27 -10.81 -46.77
CA THR SB 101 -91.28 -9.84 -45.70
C THR SB 101 -91.07 -10.55 -44.35
N ARG SB 102 -91.31 -9.84 -43.26
CA ARG SB 102 -91.22 -10.43 -41.94
C ARG SB 102 -92.54 -11.07 -41.49
N LYS SB 103 -93.55 -11.08 -42.36
CA LYS SB 103 -94.85 -11.65 -42.02
C LYS SB 103 -94.95 -13.11 -42.45
N LYS SB 107 -95.58 -22.81 -43.86
CA LYS SB 107 -94.75 -22.69 -42.67
C LYS SB 107 -93.33 -23.14 -42.96
N ASN SB 108 -93.14 -23.78 -44.10
CA ASN SB 108 -91.85 -24.36 -44.47
C ASN SB 108 -91.58 -23.99 -45.92
N LYS SB 109 -90.96 -22.84 -46.16
CA LYS SB 109 -90.75 -22.32 -47.49
C LYS SB 109 -89.28 -22.34 -47.82
N GLN SB 110 -88.95 -22.79 -49.03
CA GLN SB 110 -87.59 -22.77 -49.52
C GLN SB 110 -87.17 -21.34 -49.84
N LYS SB 111 -85.87 -21.13 -49.87
CA LYS SB 111 -85.34 -19.81 -50.21
C LYS SB 111 -85.65 -19.48 -51.66
N ARG SB 112 -86.03 -18.24 -51.90
CA ARG SB 112 -86.46 -17.81 -53.23
C ARG SB 112 -85.27 -17.84 -54.19
N PRO SB 113 -85.34 -18.58 -55.29
CA PRO SB 113 -84.25 -18.56 -56.26
C PRO SB 113 -84.14 -17.21 -56.94
N ARG SB 114 -82.91 -16.85 -57.31
CA ARG SB 114 -82.68 -15.58 -57.96
C ARG SB 114 -83.34 -15.53 -59.33
N SER SB 115 -83.51 -16.68 -59.98
CA SER SB 115 -84.22 -16.72 -61.25
C SER SB 115 -85.70 -16.42 -61.08
N ARG SB 116 -86.22 -16.61 -59.88
CA ARG SB 116 -87.60 -16.25 -59.58
C ARG SB 116 -87.74 -14.83 -59.09
N THR SB 117 -86.63 -14.13 -58.88
CA THR SB 117 -86.70 -12.75 -58.42
C THR SB 117 -87.13 -11.83 -59.56
N LEU SB 118 -87.69 -10.69 -59.16
CA LEU SB 118 -88.46 -9.87 -60.08
C LEU SB 118 -87.60 -9.13 -61.09
N THR SB 119 -86.46 -8.61 -60.66
CA THR SB 119 -85.57 -7.92 -61.59
C THR SB 119 -85.05 -8.89 -62.64
N ALA SB 120 -84.71 -10.11 -62.23
CA ALA SB 120 -84.31 -11.14 -63.18
C ALA SB 120 -85.45 -11.42 -64.16
N VAL SB 121 -86.68 -11.47 -63.66
CA VAL SB 121 -87.82 -11.71 -64.53
C VAL SB 121 -87.93 -10.60 -65.58
N HIS SB 122 -87.86 -9.35 -65.13
CA HIS SB 122 -88.07 -8.23 -66.05
C HIS SB 122 -86.96 -8.15 -67.10
N ASP SB 123 -85.70 -8.22 -66.70
CA ASP SB 123 -84.68 -8.09 -67.74
C ASP SB 123 -84.55 -9.35 -68.58
N ALA SB 124 -84.96 -10.51 -68.07
CA ALA SB 124 -85.01 -11.69 -68.92
C ALA SB 124 -86.09 -11.55 -69.98
N ILE SB 125 -87.30 -11.15 -69.58
CA ILE SB 125 -88.38 -11.04 -70.56
C ILE SB 125 -88.12 -9.88 -71.51
N LEU SB 126 -87.46 -8.83 -71.04
CA LEU SB 126 -87.02 -7.79 -71.95
C LEU SB 126 -85.99 -8.33 -72.94
N GLU SB 127 -85.11 -9.20 -72.46
CA GLU SB 127 -84.10 -9.79 -73.33
C GLU SB 127 -84.74 -10.66 -74.40
N ASP SB 128 -85.74 -11.46 -74.03
CA ASP SB 128 -86.34 -12.36 -75.00
C ASP SB 128 -87.48 -11.72 -75.78
N LEU SB 129 -87.83 -10.47 -75.49
CA LEU SB 129 -88.84 -9.79 -76.28
C LEU SB 129 -88.30 -9.41 -77.65
N VAL SB 130 -86.99 -9.25 -77.76
CA VAL SB 130 -86.35 -8.71 -78.95
C VAL SB 130 -85.47 -9.78 -79.58
N PHE SB 131 -85.91 -11.03 -79.51
CA PHE SB 131 -85.03 -12.17 -79.76
C PHE SB 131 -84.21 -12.13 -81.05
N PRO SB 132 -84.75 -11.70 -82.20
CA PRO SB 132 -83.87 -11.63 -83.39
C PRO SB 132 -82.66 -10.74 -83.20
N SER SB 133 -82.74 -9.78 -82.27
CA SER SB 133 -81.60 -8.97 -81.88
C SER SB 133 -81.20 -9.29 -80.44
N GLU SB 134 -80.23 -8.53 -79.93
CA GLU SB 134 -79.74 -8.70 -78.58
C GLU SB 134 -79.55 -7.32 -77.96
N ILE SB 135 -79.34 -7.30 -76.64
CA ILE SB 135 -79.03 -6.06 -75.95
C ILE SB 135 -77.52 -5.95 -75.82
N VAL SB 136 -76.92 -4.98 -76.51
CA VAL SB 136 -75.51 -4.69 -76.33
C VAL SB 136 -75.28 -3.71 -75.21
N GLY SB 137 -76.34 -3.09 -74.70
CA GLY SB 137 -76.20 -2.11 -73.64
C GLY SB 137 -77.53 -1.63 -73.11
N LYS SB 138 -77.56 -1.26 -71.83
CA LYS SB 138 -78.75 -0.76 -71.18
C LYS SB 138 -78.43 0.55 -70.49
N ARG SB 139 -79.29 1.54 -70.68
CA ARG SB 139 -79.12 2.85 -70.07
C ARG SB 139 -80.43 3.25 -69.40
N ILE SB 140 -80.33 3.72 -68.16
CA ILE SB 140 -81.48 4.15 -67.39
C ILE SB 140 -81.34 5.64 -67.11
N ARG SB 141 -82.31 6.43 -67.56
CA ARG SB 141 -82.32 7.86 -67.34
C ARG SB 141 -83.40 8.23 -66.34
N VAL SB 142 -83.09 9.17 -65.45
CA VAL SB 142 -84.06 9.68 -64.49
C VAL SB 142 -84.52 11.04 -64.97
N LYS SB 143 -85.83 11.18 -65.18
CA LYS SB 143 -86.37 12.34 -65.89
C LYS SB 143 -86.86 13.43 -64.94
N LEU SB 144 -85.93 13.90 -64.11
CA LEU SB 144 -86.03 15.13 -63.33
C LEU SB 144 -87.10 15.06 -62.23
N ASP SB 145 -87.89 14.00 -62.17
CA ASP SB 145 -88.94 13.91 -61.16
C ASP SB 145 -89.08 12.49 -60.62
N GLY SB 146 -88.08 11.64 -60.83
CA GLY SB 146 -88.12 10.27 -60.42
C GLY SB 146 -88.57 9.30 -61.49
N SER SB 147 -89.24 9.79 -62.53
CA SER SB 147 -89.65 8.93 -63.61
C SER SB 147 -88.43 8.39 -64.34
N ARG SB 148 -88.43 7.08 -64.56
CA ARG SB 148 -87.27 6.35 -65.02
C ARG SB 148 -87.47 5.95 -66.48
N LEU SB 149 -86.57 6.42 -67.34
CA LEU SB 149 -86.62 6.05 -68.75
C LEU SB 149 -85.42 5.18 -69.07
N ILE SB 150 -85.67 4.03 -69.67
CA ILE SB 150 -84.63 3.07 -69.96
C ILE SB 150 -84.40 3.05 -71.47
N LYS SB 151 -83.17 3.31 -71.88
CA LYS SB 151 -82.78 3.18 -73.27
C LYS SB 151 -82.07 1.85 -73.47
N VAL SB 152 -82.55 1.07 -74.42
CA VAL SB 152 -82.00 -0.26 -74.70
C VAL SB 152 -81.22 -0.18 -76.01
N HIS SB 153 -79.98 -0.62 -75.97
CA HIS SB 153 -79.11 -0.57 -77.15
C HIS SB 153 -79.09 -1.94 -77.80
N LEU SB 154 -79.57 -2.01 -79.03
CA LEU SB 154 -79.74 -3.28 -79.71
C LEU SB 154 -78.48 -3.65 -80.48
N ASP SB 155 -78.57 -4.74 -81.25
CA ASP SB 155 -77.40 -5.30 -81.90
C ASP SB 155 -76.87 -4.37 -82.98
N LYS SB 156 -77.75 -3.89 -83.87
CA LYS SB 156 -77.43 -3.16 -85.10
C LYS SB 156 -76.83 -4.12 -86.12
N ALA SB 157 -76.59 -5.37 -85.71
CA ALA SB 157 -76.16 -6.40 -86.65
C ALA SB 157 -77.25 -6.68 -87.66
N GLN SB 158 -78.51 -6.53 -87.25
CA GLN SB 158 -79.64 -6.55 -88.14
C GLN SB 158 -80.47 -5.30 -87.94
N GLN SB 159 -81.00 -4.78 -89.05
CA GLN SB 159 -81.94 -3.67 -89.00
C GLN SB 159 -83.07 -3.85 -90.00
N ASN SB 160 -83.44 -5.09 -90.29
CA ASN SB 160 -84.35 -5.39 -91.37
C ASN SB 160 -85.72 -5.86 -90.92
N ASN SB 161 -85.82 -6.50 -89.75
CA ASN SB 161 -87.06 -7.12 -89.32
C ASN SB 161 -87.41 -6.84 -87.87
N VAL SB 162 -86.73 -5.91 -87.20
CA VAL SB 162 -87.03 -5.63 -85.81
C VAL SB 162 -87.30 -4.13 -85.66
N GLU SB 163 -86.68 -3.34 -86.52
CA GLU SB 163 -86.74 -1.89 -86.43
C GLU SB 163 -88.16 -1.34 -86.47
N HIS SB 164 -89.09 -2.04 -87.10
CA HIS SB 164 -90.46 -1.56 -87.16
C HIS SB 164 -91.30 -2.00 -85.98
N LYS SB 165 -90.76 -2.85 -85.11
CA LYS SB 165 -91.50 -3.35 -83.96
C LYS SB 165 -91.12 -2.65 -82.66
N VAL SB 166 -90.28 -1.61 -82.73
CA VAL SB 166 -89.73 -1.04 -81.51
C VAL SB 166 -90.81 -0.37 -80.68
N GLU SB 167 -91.75 0.33 -81.32
CA GLU SB 167 -92.84 0.94 -80.60
C GLU SB 167 -93.75 -0.12 -79.99
N THR SB 168 -93.97 -1.22 -80.74
CA THR SB 168 -94.74 -2.33 -80.18
C THR SB 168 -94.02 -2.94 -78.99
N PHE SB 169 -92.69 -3.03 -79.07
CA PHE SB 169 -91.91 -3.55 -77.96
C PHE SB 169 -92.07 -2.69 -76.72
N SER SB 170 -91.97 -1.37 -76.91
CA SER SB 170 -92.17 -0.44 -75.79
C SER SB 170 -93.58 -0.56 -75.24
N GLY SB 171 -94.57 -0.71 -76.12
CA GLY SB 171 -95.94 -0.81 -75.66
C GLY SB 171 -96.19 -2.04 -74.83
N VAL SB 172 -95.70 -3.20 -75.28
CA VAL SB 172 -95.93 -4.43 -74.53
C VAL SB 172 -95.19 -4.38 -73.21
N TYR SB 173 -93.98 -3.80 -73.20
CA TYR SB 173 -93.24 -3.71 -71.94
C TYR SB 173 -93.95 -2.79 -70.96
N LYS SB 174 -94.44 -1.65 -71.42
CA LYS SB 174 -95.23 -0.79 -70.54
C LYS SB 174 -96.48 -1.51 -70.05
N LYS SB 175 -97.08 -2.33 -70.91
CA LYS SB 175 -98.29 -3.04 -70.53
C LYS SB 175 -98.03 -4.03 -69.41
N LEU SB 176 -97.05 -4.91 -69.58
CA LEU SB 176 -96.88 -6.03 -68.65
C LEU SB 176 -95.75 -5.80 -67.66
N THR SB 177 -95.09 -4.68 -67.71
CA THR SB 177 -94.12 -4.36 -66.65
C THR SB 177 -94.54 -3.13 -65.86
N GLY SB 178 -95.02 -2.09 -66.53
CA GLY SB 178 -95.40 -0.86 -65.87
C GLY SB 178 -94.41 0.28 -65.99
N LYS SB 179 -93.41 0.16 -66.86
CA LYS SB 179 -92.44 1.22 -67.05
C LYS SB 179 -92.18 1.42 -68.54
N ASP SB 180 -91.60 2.57 -68.88
CA ASP SB 180 -91.37 2.97 -70.26
C ASP SB 180 -89.94 2.66 -70.67
N VAL SB 181 -89.79 2.03 -71.83
CA VAL SB 181 -88.49 1.72 -72.40
C VAL SB 181 -88.48 2.19 -73.84
N ASN SB 182 -87.44 2.92 -74.22
CA ASN SB 182 -87.25 3.32 -75.60
C ASN SB 182 -86.08 2.55 -76.21
N PHE SB 183 -86.17 2.34 -77.51
CA PHE SB 183 -85.22 1.51 -78.24
C PHE SB 183 -84.43 2.35 -79.22
N GLU SB 184 -83.19 1.95 -79.44
CA GLU SB 184 -82.30 2.70 -80.31
C GLU SB 184 -81.17 1.80 -80.76
N PHE SB 185 -80.48 2.22 -81.81
CA PHE SB 185 -79.40 1.45 -82.40
C PHE SB 185 -78.13 2.27 -82.40
N PRO SB 186 -77.10 1.86 -81.68
CA PRO SB 186 -75.86 2.62 -81.64
C PRO SB 186 -74.99 2.27 -82.85
N GLU SB 187 -73.82 2.90 -82.90
CA GLU SB 187 -72.86 2.64 -83.96
C GLU SB 187 -72.07 1.38 -83.61
N PHE SB 188 -71.01 1.10 -84.38
CA PHE SB 188 -70.23 -0.11 -84.12
C PHE SB 188 -69.47 0.04 -82.81
N GLN SB 189 -69.31 -1.08 -82.11
CA GLN SB 189 -68.60 -1.09 -80.83
C GLN SB 189 -67.31 -1.91 -80.94
N GLY TB 1 -71.31 -17.82 14.23
CA GLY TB 1 -70.90 -19.21 14.32
C GLY TB 1 -70.70 -19.85 12.96
N ILE TB 2 -71.24 -21.06 12.80
CA ILE TB 2 -71.21 -21.72 11.50
C ILE TB 2 -71.98 -20.85 10.52
N SER TB 3 -71.41 -20.64 9.34
CA SER TB 3 -71.94 -19.68 8.39
C SER TB 3 -72.50 -20.39 7.17
N ARG TB 4 -73.58 -19.85 6.62
CA ARG TB 4 -74.13 -20.30 5.36
C ARG TB 4 -74.23 -19.17 4.34
N ASP TB 5 -73.31 -18.21 4.40
CA ASP TB 5 -73.31 -17.15 3.42
C ASP TB 5 -72.74 -17.66 2.10
N ASN TB 6 -72.50 -16.73 1.18
CA ASN TB 6 -71.80 -17.05 -0.04
C ASN TB 6 -70.64 -16.11 -0.32
N TRP TB 7 -70.45 -15.08 0.48
CA TRP TB 7 -69.32 -14.18 0.27
C TRP TB 7 -68.03 -14.72 0.81
N HIS TB 8 -68.06 -15.79 1.59
CA HIS TB 8 -66.83 -16.42 2.05
C HIS TB 8 -66.18 -17.28 0.98
N LYS TB 9 -66.84 -17.50 -0.15
CA LYS TB 9 -66.28 -18.32 -1.21
C LYS TB 9 -65.62 -17.46 -2.28
N ARG TB 10 -64.84 -18.12 -3.12
CA ARG TB 10 -64.21 -17.45 -4.25
C ARG TB 10 -65.25 -17.15 -5.33
N ARG TB 11 -64.93 -16.16 -6.18
CA ARG TB 11 -65.84 -15.83 -7.25
C ARG TB 11 -65.76 -16.87 -8.37
N LYS TB 12 -66.65 -16.70 -9.35
CA LYS TB 12 -66.69 -17.62 -10.50
C LYS TB 12 -65.39 -17.58 -11.28
N THR TB 13 -64.84 -16.38 -11.48
CA THR TB 13 -63.54 -16.29 -12.12
C THR TB 13 -62.43 -16.85 -11.25
N GLY TB 14 -62.59 -16.81 -9.93
CA GLY TB 14 -61.55 -17.24 -9.02
C GLY TB 14 -60.99 -16.15 -8.14
N GLY TB 15 -61.47 -14.92 -8.28
CA GLY TB 15 -60.96 -13.85 -7.44
C GLY TB 15 -61.41 -13.97 -6.00
N LYS TB 16 -60.56 -13.48 -5.11
CA LYS TB 16 -60.86 -13.46 -3.69
C LYS TB 16 -61.94 -12.43 -3.43
N ARG TB 17 -62.92 -12.77 -2.60
CA ARG TB 17 -63.96 -11.83 -2.23
C ARG TB 17 -63.73 -11.29 -0.82
N LYS TB 18 -64.04 -10.02 -0.64
CA LYS TB 18 -63.89 -9.32 0.62
C LYS TB 18 -65.24 -9.10 1.26
N PRO TB 19 -65.45 -9.55 2.50
CA PRO TB 19 -66.75 -9.36 3.15
C PRO TB 19 -66.98 -7.91 3.50
N TYR TB 20 -68.15 -7.40 3.15
CA TYR TB 20 -68.53 -6.03 3.44
C TYR TB 20 -69.40 -5.90 4.69
N HIS TB 21 -69.69 -7.00 5.37
CA HIS TB 21 -70.36 -6.96 6.66
C HIS TB 21 -69.92 -8.18 7.46
N LYS TB 22 -70.04 -8.08 8.77
CA LYS TB 22 -69.74 -9.22 9.61
C LYS TB 22 -70.90 -10.20 9.60
N LYS TB 23 -70.73 -11.32 10.30
CA LYS TB 23 -71.70 -12.42 10.23
C LYS TB 23 -73.05 -12.00 10.77
N ARG TB 24 -74.09 -12.33 10.02
CA ARG TB 24 -75.47 -12.07 10.43
C ARG TB 24 -76.10 -13.33 11.00
N LYS TB 25 -77.12 -13.14 11.83
CA LYS TB 25 -77.76 -14.27 12.48
C LYS TB 25 -78.53 -15.12 11.49
N TYR TB 26 -79.19 -14.50 10.52
CA TYR TB 26 -80.04 -15.26 9.61
C TYR TB 26 -79.25 -16.14 8.66
N GLU TB 27 -77.97 -15.89 8.46
CA GLU TB 27 -77.11 -16.82 7.73
C GLU TB 27 -76.34 -17.74 8.68
N LEU TB 28 -77.04 -18.35 9.64
CA LEU TB 28 -76.36 -19.17 10.63
C LEU TB 28 -76.22 -20.59 10.13
N GLY TB 29 -75.40 -21.36 10.85
CA GLY TB 29 -75.32 -22.78 10.67
C GLY TB 29 -75.36 -23.46 12.02
N ARG TB 30 -75.77 -24.72 12.01
CA ARG TB 30 -75.89 -25.49 13.23
C ARG TB 30 -75.22 -26.83 13.05
N PRO TB 31 -74.70 -27.41 14.13
CA PRO TB 31 -74.07 -28.73 14.02
C PRO TB 31 -75.10 -29.80 13.65
N ALA TB 32 -74.61 -30.84 13.00
CA ALA TB 32 -75.46 -31.95 12.58
C ALA TB 32 -76.05 -32.65 13.79
N ALA TB 33 -77.28 -33.12 13.63
CA ALA TB 33 -77.91 -33.89 14.70
C ALA TB 33 -77.17 -35.19 14.95
N ASN TB 34 -76.71 -35.85 13.88
CA ASN TB 34 -76.05 -37.15 13.97
C ASN TB 34 -76.92 -38.16 14.71
N THR TB 35 -78.08 -38.44 14.12
CA THR TB 35 -79.04 -39.34 14.72
C THR TB 35 -78.45 -40.75 14.81
N LYS TB 36 -78.32 -41.25 16.02
CA LYS TB 36 -77.87 -42.61 16.25
C LYS TB 36 -79.08 -43.49 16.58
N ILE TB 37 -78.82 -44.75 16.91
CA ILE TB 37 -79.87 -45.73 17.18
C ILE TB 37 -79.93 -45.95 18.67
N GLY TB 38 -81.13 -45.88 19.24
CA GLY TB 38 -81.32 -46.08 20.65
C GLY TB 38 -82.71 -45.69 21.10
N PRO TB 39 -82.85 -45.44 22.40
CA PRO TB 39 -84.13 -44.94 22.92
C PRO TB 39 -84.43 -43.56 22.34
N ARG TB 40 -85.72 -43.26 22.21
CA ARG TB 40 -86.13 -41.98 21.65
C ARG TB 40 -85.57 -40.82 22.48
N ARG TB 41 -84.90 -39.89 21.80
CA ARG TB 41 -84.40 -38.70 22.46
C ARG TB 41 -84.37 -37.58 21.44
N ILE TB 42 -85.38 -36.73 21.48
CA ILE TB 42 -85.53 -35.64 20.53
C ILE TB 42 -85.34 -34.33 21.26
N HIS TB 43 -84.39 -33.54 20.80
CA HIS TB 43 -84.14 -32.21 21.36
C HIS TB 43 -84.92 -31.21 20.52
N THR TB 44 -85.63 -30.33 21.19
CA THR TB 44 -86.37 -29.26 20.51
C THR TB 44 -85.49 -28.03 20.44
N VAL TB 45 -85.35 -27.47 19.24
CA VAL TB 45 -84.53 -26.29 19.01
C VAL TB 45 -85.40 -25.21 18.37
N ARG TB 46 -85.23 -23.98 18.85
CA ARG TB 46 -85.94 -22.84 18.29
C ARG TB 46 -85.21 -22.36 17.04
N VAL TB 47 -85.99 -22.06 16.00
CA VAL TB 47 -85.43 -21.70 14.71
C VAL TB 47 -85.95 -20.33 14.29
N ARG TB 48 -85.62 -19.93 13.06
CA ARG TB 48 -86.05 -18.65 12.54
C ARG TB 48 -87.57 -18.53 12.59
N GLY TB 49 -88.05 -17.34 12.96
CA GLY TB 49 -89.47 -17.10 13.04
C GLY TB 49 -90.14 -17.69 14.25
N GLY TB 50 -89.38 -18.19 15.22
CA GLY TB 50 -89.97 -18.78 16.39
C GLY TB 50 -90.58 -20.14 16.17
N ASN TB 51 -90.36 -20.75 15.01
CA ASN TB 51 -90.89 -22.07 14.74
C ASN TB 51 -90.09 -23.14 15.47
N LYS TB 52 -90.39 -24.39 15.19
CA LYS TB 52 -89.91 -25.52 15.96
C LYS TB 52 -89.23 -26.52 15.04
N LYS TB 53 -88.12 -27.09 15.50
CA LYS TB 53 -87.44 -28.17 14.80
C LYS TB 53 -87.10 -29.27 15.79
N TYR TB 54 -87.13 -30.51 15.31
CA TYR TB 54 -86.91 -31.68 16.15
C TYR TB 54 -85.60 -32.34 15.73
N ARG TB 55 -84.61 -32.31 16.61
CA ARG TB 55 -83.36 -33.02 16.40
C ARG TB 55 -83.46 -34.40 17.03
N ALA TB 56 -83.87 -35.38 16.23
CA ALA TB 56 -83.92 -36.77 16.70
C ALA TB 56 -82.48 -37.23 16.88
N LEU TB 57 -82.08 -37.48 18.13
CA LEU TB 57 -80.70 -37.89 18.35
C LEU TB 57 -80.56 -39.41 18.40
N ARG TB 58 -81.47 -40.09 19.09
CA ARG TB 58 -81.42 -41.54 19.16
C ARG TB 58 -82.81 -42.08 18.86
N LEU TB 59 -82.89 -43.04 17.94
CA LEU TB 59 -84.16 -43.60 17.52
C LEU TB 59 -84.06 -45.11 17.43
N ASP TB 60 -85.20 -45.78 17.53
CA ASP TB 60 -85.28 -47.21 17.30
C ASP TB 60 -86.48 -47.64 16.48
N VAL TB 61 -87.52 -46.82 16.38
CA VAL TB 61 -88.75 -47.19 15.69
C VAL TB 61 -89.11 -46.11 14.69
N GLY TB 62 -89.87 -46.50 13.68
CA GLY TB 62 -90.32 -45.56 12.67
C GLY TB 62 -91.44 -46.16 11.86
N ASN TB 63 -92.19 -45.30 11.19
CA ASN TB 63 -93.32 -45.72 10.38
C ASN TB 63 -92.83 -45.94 8.96
N PHE TB 64 -93.16 -47.09 8.39
CA PHE TB 64 -92.72 -47.42 7.04
C PHE TB 64 -93.88 -48.03 6.26
N SER TB 65 -93.87 -47.80 4.96
CA SER TB 65 -94.91 -48.27 4.07
C SER TB 65 -94.36 -49.34 3.15
N TRP TB 66 -95.13 -50.41 2.96
CA TRP TB 66 -94.73 -51.43 2.00
C TRP TB 66 -94.70 -50.85 0.59
N GLY TB 67 -95.68 -50.04 0.23
CA GLY TB 67 -95.71 -49.47 -1.09
C GLY TB 67 -96.43 -50.35 -2.08
N SER TB 68 -95.85 -51.52 -2.38
CA SER TB 68 -96.51 -52.45 -3.29
C SER TB 68 -97.84 -52.92 -2.72
N GLU TB 69 -97.85 -53.28 -1.45
CA GLU TB 69 -99.08 -53.66 -0.78
C GLU TB 69 -99.80 -52.45 -0.19
N CYS TB 70 -99.19 -51.28 -0.26
CA CYS TB 70 -99.72 -50.04 0.33
C CYS TB 70 -99.95 -50.22 1.83
N CYS TB 71 -99.20 -51.14 2.43
CA CYS TB 71 -99.32 -51.46 3.84
C CYS TB 71 -98.29 -50.64 4.59
N THR TB 72 -98.74 -49.90 5.58
CA THR TB 72 -97.88 -48.98 6.32
C THR TB 72 -98.04 -49.24 7.82
N ARG TB 73 -96.95 -49.65 8.46
CA ARG TB 73 -96.94 -49.90 9.89
C ARG TB 73 -95.73 -49.24 10.52
N LYS TB 74 -95.79 -49.09 11.84
CA LYS TB 74 -94.70 -48.51 12.63
C LYS TB 74 -93.90 -49.65 13.25
N THR TB 75 -92.74 -49.95 12.66
CA THR TB 75 -91.91 -51.06 13.11
C THR TB 75 -90.65 -50.53 13.78
N ARG TB 76 -89.78 -51.46 14.16
CA ARG TB 76 -88.54 -51.13 14.87
C ARG TB 76 -87.37 -51.16 13.90
N ILE TB 77 -86.48 -50.21 14.03
CA ILE TB 77 -85.26 -50.15 13.23
C ILE TB 77 -84.18 -50.95 13.92
N ILE TB 78 -83.53 -51.85 13.20
CA ILE TB 78 -82.44 -52.62 13.79
C ILE TB 78 -81.12 -51.92 13.55
N ASP TB 79 -80.74 -51.71 12.29
CA ASP TB 79 -79.45 -51.11 12.00
C ASP TB 79 -79.45 -50.58 10.57
N VAL TB 80 -78.43 -49.78 10.27
CA VAL TB 80 -78.20 -49.22 8.95
C VAL TB 80 -77.20 -50.12 8.23
N VAL TB 81 -77.51 -50.47 6.98
CA VAL TB 81 -76.69 -51.40 6.23
C VAL TB 81 -75.95 -50.75 5.08
N TYR TB 82 -76.41 -49.61 4.58
CA TYR TB 82 -75.78 -48.97 3.44
C TYR TB 82 -76.16 -47.50 3.41
N ASN TB 83 -75.23 -46.68 2.97
CA ASN TB 83 -75.47 -45.26 2.77
C ASN TB 83 -74.74 -44.84 1.51
N ALA TB 84 -75.40 -44.01 0.70
CA ALA TB 84 -74.75 -43.55 -0.52
C ALA TB 84 -73.66 -42.53 -0.23
N SER TB 85 -73.92 -41.57 0.64
CA SER TB 85 -73.00 -40.45 0.79
C SER TB 85 -71.72 -40.84 1.51
N ASN TB 86 -71.83 -41.59 2.60
CA ASN TB 86 -70.64 -41.95 3.36
C ASN TB 86 -70.79 -43.30 4.04
N ASN TB 87 -69.76 -44.13 3.88
CA ASN TB 87 -69.71 -45.41 4.56
C ASN TB 87 -69.55 -45.25 6.07
N GLU TB 88 -68.83 -44.22 6.49
CA GLU TB 88 -68.67 -43.95 7.91
C GLU TB 88 -70.01 -43.76 8.59
N LEU TB 89 -71.01 -43.27 7.85
CA LEU TB 89 -72.35 -43.20 8.39
C LEU TB 89 -72.87 -44.58 8.74
N VAL TB 90 -72.64 -45.57 7.87
CA VAL TB 90 -73.07 -46.92 8.15
C VAL TB 90 -72.32 -47.48 9.34
N ARG TB 91 -71.02 -47.23 9.40
CA ARG TB 91 -70.23 -47.80 10.50
C ARG TB 91 -70.63 -47.20 11.83
N THR TB 92 -71.00 -45.93 11.84
CA THR TB 92 -71.42 -45.26 13.07
C THR TB 92 -72.87 -45.50 13.43
N LYS TB 93 -73.60 -46.28 12.63
CA LYS TB 93 -75.02 -46.54 12.83
C LYS TB 93 -75.80 -45.22 12.87
N THR TB 94 -75.49 -44.37 11.91
CA THR TB 94 -76.06 -43.03 11.82
C THR TB 94 -77.25 -43.03 10.88
N LEU TB 95 -78.37 -42.49 11.35
CA LEU TB 95 -79.58 -42.42 10.55
C LEU TB 95 -79.62 -41.07 9.83
N VAL TB 96 -79.76 -41.12 8.50
CA VAL TB 96 -79.96 -39.91 7.71
C VAL TB 96 -81.12 -40.12 6.76
N LYS TB 97 -81.38 -39.13 5.91
CA LYS TB 97 -82.55 -39.16 5.05
C LYS TB 97 -82.49 -40.32 4.05
N ASN TB 98 -81.31 -40.61 3.52
CA ASN TB 98 -81.20 -41.53 2.40
C ASN TB 98 -80.62 -42.89 2.74
N CYS TB 99 -80.00 -43.06 3.90
CA CYS TB 99 -79.40 -44.34 4.24
C CYS TB 99 -80.48 -45.39 4.46
N ILE TB 100 -80.17 -46.62 4.08
CA ILE TB 100 -81.14 -47.71 4.16
C ILE TB 100 -80.88 -48.51 5.43
N VAL TB 101 -81.95 -49.01 6.03
CA VAL TB 101 -81.90 -49.63 7.35
C VAL TB 101 -82.43 -51.05 7.25
N LEU TB 102 -82.46 -51.72 8.40
CA LEU TB 102 -83.15 -52.99 8.55
C LEU TB 102 -84.27 -52.84 9.56
N ILE TB 103 -85.45 -53.32 9.19
CA ILE TB 103 -86.65 -53.20 10.01
C ILE TB 103 -87.25 -54.57 10.21
N ASP TB 104 -87.92 -54.75 11.34
CA ASP TB 104 -88.58 -56.02 11.61
C ASP TB 104 -89.75 -56.23 10.67
N SER TB 105 -89.93 -57.46 10.21
CA SER TB 105 -91.01 -57.79 9.31
C SER TB 105 -92.31 -58.11 10.04
N THR TB 106 -92.29 -58.08 11.36
CA THR TB 106 -93.40 -58.63 12.14
C THR TB 106 -94.74 -57.94 11.89
N PRO TB 107 -94.87 -56.60 11.92
CA PRO TB 107 -96.19 -56.03 11.66
C PRO TB 107 -96.68 -56.28 10.25
N TYR TB 108 -95.81 -56.13 9.25
CA TYR TB 108 -96.20 -56.38 7.85
C TYR TB 108 -96.57 -57.84 7.63
N ARG TB 109 -95.83 -58.75 8.26
CA ARG TB 109 -96.12 -60.19 8.21
C ARG TB 109 -97.46 -60.53 8.83
N GLN TB 110 -97.75 -59.97 10.00
CA GLN TB 110 -99.03 -60.21 10.64
C GLN TB 110 -100.17 -59.63 9.81
N TRP TB 111 -99.94 -58.45 9.23
CA TRP TB 111 -100.89 -57.89 8.28
C TRP TB 111 -101.09 -58.84 7.09
N TYR TB 112 -100.03 -59.53 6.67
CA TYR TB 112 -100.10 -60.38 5.47
C TYR TB 112 -101.02 -61.57 5.69
N GLU TB 113 -100.87 -62.22 6.84
CA GLU TB 113 -101.90 -63.20 7.20
C GLU TB 113 -103.28 -62.57 7.37
N SER TB 114 -103.36 -61.43 8.03
CA SER TB 114 -104.66 -60.91 8.39
C SER TB 114 -105.48 -60.58 7.15
N HIS TB 115 -104.82 -60.14 6.10
CA HIS TB 115 -105.50 -59.77 4.88
C HIS TB 115 -105.42 -60.85 3.81
N TYR TB 116 -104.54 -61.84 3.98
CA TYR TB 116 -104.37 -62.86 2.96
C TYR TB 116 -104.44 -64.29 3.47
N ALA TB 117 -104.19 -64.52 4.76
CA ALA TB 117 -104.21 -65.86 5.35
C ALA TB 117 -103.23 -66.82 4.66
N LEU TB 118 -102.06 -66.31 4.29
CA LEU TB 118 -100.98 -67.16 3.83
C LEU TB 118 -99.87 -67.21 4.87
N PRO TB 119 -99.26 -68.38 5.06
CA PRO TB 119 -98.03 -68.42 5.86
C PRO TB 119 -96.97 -67.57 5.19
N LEU TB 120 -96.21 -66.86 6.02
CA LEU TB 120 -95.18 -65.97 5.50
C LEU TB 120 -94.04 -65.93 6.51
N GLY TB 121 -92.84 -66.25 6.04
CA GLY TB 121 -91.71 -66.40 6.93
C GLY TB 121 -91.71 -67.68 7.74
N ARG TB 122 -92.65 -68.58 7.49
CA ARG TB 122 -92.71 -69.81 8.26
C ARG TB 122 -91.96 -70.94 7.55
N LYS TB 123 -91.37 -71.81 8.35
CA LYS TB 123 -90.49 -72.86 7.85
C LYS TB 123 -91.22 -74.19 7.71
N LYS TB 124 -91.71 -74.73 8.83
CA LYS TB 124 -92.47 -75.97 8.80
C LYS TB 124 -93.89 -75.79 9.29
N GLY TB 125 -94.20 -74.70 9.96
CA GLY TB 125 -95.52 -74.51 10.55
C GLY TB 125 -95.68 -75.25 11.86
N ALA TB 126 -96.92 -75.26 12.35
CA ALA TB 126 -97.31 -75.96 13.58
C ALA TB 126 -96.48 -75.51 14.78
N LYS TB 127 -96.28 -74.19 14.88
CA LYS TB 127 -95.47 -73.61 15.95
C LYS TB 127 -96.21 -72.59 16.79
N LEU TB 128 -97.20 -71.89 16.23
CA LEU TB 128 -97.90 -70.80 16.90
C LEU TB 128 -99.37 -71.12 16.95
N THR TB 129 -99.67 -72.36 17.32
CA THR TB 129 -100.99 -72.95 17.04
C THR TB 129 -102.21 -72.17 17.53
N PRO TB 130 -102.26 -71.61 18.75
CA PRO TB 130 -103.52 -70.98 19.19
C PRO TB 130 -103.96 -69.80 18.35
N GLU TB 131 -103.06 -69.18 17.59
CA GLU TB 131 -103.41 -68.06 16.74
C GLU TB 131 -103.51 -68.47 15.28
N GLU TB 132 -102.50 -69.17 14.77
CA GLU TB 132 -102.50 -69.56 13.37
C GLU TB 132 -103.58 -70.59 13.06
N GLU TB 133 -103.92 -71.48 14.00
CA GLU TB 133 -105.07 -72.36 13.80
C GLU TB 133 -106.37 -71.57 13.70
N GLU TB 134 -106.51 -70.53 14.52
CA GLU TB 134 -107.68 -69.67 14.46
C GLU TB 134 -107.77 -68.93 13.13
N ILE TB 135 -106.64 -68.41 12.65
CA ILE TB 135 -106.64 -67.59 11.45
C ILE TB 135 -106.66 -68.40 10.16
N LEU TB 136 -106.24 -69.67 10.17
CA LEU TB 136 -106.29 -70.43 8.93
C LEU TB 136 -107.69 -70.89 8.61
N ASN TB 137 -108.46 -71.26 9.64
CA ASN TB 137 -109.81 -71.80 9.46
C ASN TB 137 -110.88 -70.72 9.53
N LYS TB 138 -110.97 -70.03 10.67
CA LYS TB 138 -111.87 -68.89 10.90
C LYS TB 138 -113.35 -69.28 10.85
N LYS TB 139 -113.63 -70.56 10.58
CA LYS TB 139 -114.97 -71.10 10.37
C LYS TB 139 -115.89 -70.17 9.59
N ARG TB 140 -115.42 -69.66 8.46
CA ARG TB 140 -116.16 -68.60 7.79
C ARG TB 140 -117.06 -69.16 6.70
N SER TB 141 -117.98 -68.31 6.22
CA SER TB 141 -119.08 -68.74 5.38
C SER TB 141 -118.66 -68.81 3.91
N LYS TB 142 -119.66 -69.04 3.05
CA LYS TB 142 -119.40 -69.12 1.61
C LYS TB 142 -118.87 -67.79 1.08
N LYS TB 143 -119.49 -66.68 1.48
CA LYS TB 143 -119.16 -65.39 0.89
C LYS TB 143 -117.78 -64.92 1.30
N ILE TB 144 -117.46 -65.05 2.59
CA ILE TB 144 -116.16 -64.63 3.07
C ILE TB 144 -115.05 -65.48 2.45
N GLN TB 145 -115.27 -66.78 2.39
CA GLN TB 145 -114.28 -67.66 1.78
C GLN TB 145 -114.13 -67.39 0.29
N LYS TB 146 -115.23 -67.05 -0.38
CA LYS TB 146 -115.15 -66.71 -1.80
C LYS TB 146 -114.37 -65.42 -2.00
N LYS TB 147 -114.57 -64.45 -1.10
CA LYS TB 147 -113.76 -63.23 -1.14
C LYS TB 147 -112.29 -63.56 -0.95
N TYR TB 148 -111.97 -64.40 0.02
CA TYR TB 148 -110.57 -64.68 0.32
C TYR TB 148 -109.88 -65.43 -0.82
N ASP TB 149 -110.48 -66.52 -1.30
CA ASP TB 149 -109.83 -67.22 -2.39
C ASP TB 149 -109.98 -66.49 -3.72
N GLU TB 150 -110.81 -65.45 -3.77
CA GLU TB 150 -110.69 -64.48 -4.85
C GLU TB 150 -109.42 -63.66 -4.69
N ARG TB 151 -109.06 -63.32 -3.46
CA ARG TB 151 -107.85 -62.52 -3.26
C ARG TB 151 -106.57 -63.35 -3.29
N LYS TB 152 -106.66 -64.67 -3.43
CA LYS TB 152 -105.45 -65.48 -3.40
C LYS TB 152 -104.65 -65.36 -4.70
N LYS TB 153 -105.31 -65.10 -5.81
CA LYS TB 153 -104.65 -65.18 -7.12
C LYS TB 153 -103.58 -64.10 -7.26
N ASN TB 154 -103.73 -62.97 -6.56
CA ASN TB 154 -102.75 -61.91 -6.59
C ASN TB 154 -101.98 -61.80 -5.27
N ALA TB 155 -101.91 -62.88 -4.51
CA ALA TB 155 -101.11 -62.92 -3.28
C ALA TB 155 -99.69 -63.40 -3.56
N LYS TB 156 -99.05 -62.78 -4.55
CA LYS TB 156 -97.69 -63.15 -4.94
C LYS TB 156 -96.71 -62.15 -4.39
N ILE TB 157 -95.65 -62.65 -3.78
CA ILE TB 157 -94.61 -61.84 -3.17
C ILE TB 157 -93.28 -62.24 -3.77
N SER TB 158 -92.40 -61.25 -3.98
CA SER TB 158 -91.13 -61.51 -4.63
C SER TB 158 -90.29 -62.52 -3.87
N SER TB 159 -89.55 -63.34 -4.63
CA SER TB 159 -88.69 -64.34 -4.01
C SER TB 159 -87.65 -63.68 -3.11
N LEU TB 160 -87.10 -62.55 -3.53
CA LEU TB 160 -86.21 -61.80 -2.66
C LEU TB 160 -86.96 -61.31 -1.42
N LEU TB 161 -88.17 -60.78 -1.63
CA LEU TB 161 -89.01 -60.41 -0.51
C LEU TB 161 -89.39 -61.64 0.33
N GLU TB 162 -89.67 -62.77 -0.33
CA GLU TB 162 -89.96 -64.00 0.38
C GLU TB 162 -88.83 -64.40 1.32
N GLU TB 163 -87.60 -64.42 0.81
CA GLU TB 163 -86.48 -64.84 1.63
C GLU TB 163 -86.18 -63.80 2.70
N GLN TB 164 -86.42 -62.52 2.40
CA GLN TB 164 -86.33 -61.50 3.42
C GLN TB 164 -87.28 -61.78 4.57
N PHE TB 165 -88.52 -62.15 4.25
CA PHE TB 165 -89.50 -62.44 5.28
C PHE TB 165 -89.13 -63.70 6.04
N GLN TB 166 -88.49 -64.64 5.36
CA GLN TB 166 -87.95 -65.81 6.04
C GLN TB 166 -86.90 -65.40 7.07
N GLN TB 167 -86.05 -64.43 6.71
CA GLN TB 167 -85.04 -63.94 7.64
C GLN TB 167 -85.64 -63.15 8.79
N GLY TB 168 -86.82 -62.58 8.62
CA GLY TB 168 -87.43 -61.81 9.67
C GLY TB 168 -87.05 -60.35 9.73
N LYS TB 169 -86.12 -59.91 8.88
CA LYS TB 169 -85.74 -58.50 8.82
C LYS TB 169 -85.95 -57.99 7.40
N LEU TB 170 -86.65 -56.88 7.28
CA LEU TB 170 -86.81 -56.22 5.99
C LEU TB 170 -85.85 -55.05 5.89
N LEU TB 171 -85.38 -54.79 4.67
CA LEU TB 171 -84.49 -53.67 4.41
C LEU TB 171 -85.27 -52.60 3.65
N ALA TB 172 -85.21 -51.38 4.15
CA ALA TB 172 -86.01 -50.28 3.62
C ALA TB 172 -85.17 -49.01 3.63
N CYS TB 173 -85.53 -48.08 2.75
CA CYS TB 173 -84.84 -46.81 2.64
C CYS TB 173 -85.57 -45.76 3.45
N ILE TB 174 -84.83 -44.98 4.22
CA ILE TB 174 -85.42 -43.85 4.92
C ILE TB 174 -85.89 -42.81 3.91
N ALA TB 175 -86.95 -42.10 4.27
CA ALA TB 175 -87.45 -41.00 3.46
C ALA TB 175 -87.47 -39.66 4.17
N SER TB 176 -87.89 -39.63 5.43
CA SER TB 176 -87.93 -38.39 6.18
C SER TB 176 -86.52 -37.93 6.51
N ARG TB 177 -86.43 -36.72 7.07
CA ARG TB 177 -85.13 -36.21 7.49
C ARG TB 177 -85.03 -36.27 9.00
N PRO TB 178 -84.29 -37.21 9.57
CA PRO TB 178 -84.03 -37.17 11.01
C PRO TB 178 -83.29 -35.89 11.35
N GLY TB 179 -83.63 -35.32 12.50
CA GLY TB 179 -83.09 -34.04 12.86
C GLY TB 179 -83.79 -32.87 12.21
N GLN TB 180 -84.83 -33.11 11.44
CA GLN TB 180 -85.71 -32.07 10.92
C GLN TB 180 -87.16 -32.29 11.27
N CYS TB 181 -87.59 -33.55 11.40
CA CYS TB 181 -88.93 -33.86 11.81
C CYS TB 181 -88.98 -34.70 13.08
N GLY TB 182 -87.85 -35.26 13.51
CA GLY TB 182 -87.84 -36.09 14.70
C GLY TB 182 -88.36 -37.47 14.49
N ARG TB 183 -88.68 -37.85 13.26
CA ARG TB 183 -89.19 -39.18 12.94
C ARG TB 183 -88.42 -39.70 11.74
N ALA TB 184 -88.36 -41.02 11.62
CA ALA TB 184 -87.48 -41.67 10.66
C ALA TB 184 -88.29 -42.45 9.66
N ASP TB 185 -89.32 -41.82 9.12
CA ASP TB 185 -90.20 -42.51 8.19
C ASP TB 185 -89.48 -42.86 6.90
N GLY TB 186 -89.96 -43.92 6.25
CA GLY TB 186 -89.41 -44.34 4.99
C GLY TB 186 -90.36 -45.27 4.29
N TYR TB 187 -89.84 -45.97 3.29
CA TYR TB 187 -90.62 -46.88 2.48
C TYR TB 187 -89.84 -48.17 2.28
N VAL TB 188 -90.56 -49.28 2.19
CA VAL TB 188 -89.90 -50.57 2.08
C VAL TB 188 -89.34 -50.74 0.68
N LEU TB 189 -88.06 -51.07 0.60
CA LEU TB 189 -87.41 -51.29 -0.68
C LEU TB 189 -87.93 -52.56 -1.34
N GLU TB 190 -88.10 -52.52 -2.65
CA GLU TB 190 -88.58 -53.67 -3.39
C GLU TB 190 -88.35 -53.43 -4.87
N GLY TB 191 -88.19 -54.53 -5.62
CA GLY TB 191 -88.05 -54.44 -7.06
C GLY TB 191 -86.63 -54.19 -7.52
N LYS TB 192 -86.50 -53.42 -8.62
CA LYS TB 192 -85.19 -53.16 -9.20
C LYS TB 192 -84.27 -52.45 -8.23
N GLU TB 193 -84.82 -51.51 -7.46
CA GLU TB 193 -84.05 -50.83 -6.43
C GLU TB 193 -83.51 -51.80 -5.40
N LEU TB 194 -84.34 -52.79 -5.03
CA LEU TB 194 -83.89 -53.82 -4.10
C LEU TB 194 -82.72 -54.61 -4.70
N GLU TB 195 -82.82 -54.97 -5.97
CA GLU TB 195 -81.74 -55.72 -6.61
C GLU TB 195 -80.45 -54.91 -6.66
N PHE TB 196 -80.57 -53.62 -7.00
CA PHE TB 196 -79.40 -52.74 -7.04
C PHE TB 196 -78.74 -52.65 -5.67
N TYR TB 197 -79.53 -52.41 -4.63
CA TYR TB 197 -78.94 -52.27 -3.31
C TYR TB 197 -78.38 -53.58 -2.80
N LEU TB 198 -79.03 -54.70 -3.13
CA LEU TB 198 -78.50 -56.00 -2.74
C LEU TB 198 -77.17 -56.27 -3.44
N ARG TB 199 -77.05 -55.89 -4.70
CA ARG TB 199 -75.78 -56.04 -5.38
C ARG TB 199 -74.72 -55.13 -4.77
N LYS TB 200 -75.12 -53.92 -4.35
CA LYS TB 200 -74.18 -53.03 -3.67
C LYS TB 200 -73.65 -53.67 -2.39
N ILE TB 201 -74.55 -54.25 -1.59
CA ILE TB 201 -74.14 -54.86 -0.33
C ILE TB 201 -73.33 -56.12 -0.59
N LYS TB 202 -73.71 -56.91 -1.60
CA LYS TB 202 -72.97 -58.11 -1.96
C LYS TB 202 -71.53 -57.79 -2.38
N ALA TB 203 -71.36 -56.84 -3.29
CA ALA TB 203 -70.01 -56.45 -3.71
C ALA TB 203 -69.28 -55.75 -2.58
N ARG TB 204 -70.03 -55.17 -1.64
CA ARG TB 204 -69.40 -54.48 -0.53
C ARG TB 204 -68.65 -55.45 0.38
N LYS TB 205 -69.32 -56.51 0.81
CA LYS TB 205 -68.72 -57.44 1.75
C LYS TB 205 -69.22 -58.84 1.48
N GLY TB 206 -68.41 -59.84 1.80
CA GLY TB 206 -68.76 -61.22 1.58
C GLY TB 206 -68.89 -61.57 0.11
N PRO UB 1 -83.61 14.90 9.53
CA PRO UB 1 -83.26 15.95 10.48
C PRO UB 1 -84.17 17.17 10.41
N VAL UB 2 -83.63 18.32 10.07
CA VAL UB 2 -84.43 19.55 10.08
C VAL UB 2 -85.46 19.50 8.95
N ALA UB 3 -86.56 20.24 9.15
CA ALA UB 3 -87.68 20.24 8.22
C ALA UB 3 -87.66 21.44 7.28
N ARG UB 4 -86.50 22.04 7.06
CA ARG UB 4 -86.40 23.27 6.30
C ARG UB 4 -86.56 22.97 4.81
N SER UB 5 -86.30 23.97 3.98
CA SER UB 5 -86.33 23.78 2.53
C SER UB 5 -85.01 24.09 1.86
N TRP UB 6 -84.33 25.16 2.30
CA TRP UB 6 -83.09 25.69 1.74
C TRP UB 6 -83.09 25.66 0.21
N VAL UB 7 -84.22 25.97 -0.41
CA VAL UB 7 -84.33 26.06 -1.85
C VAL UB 7 -84.00 27.49 -2.24
N CYS UB 8 -82.84 27.69 -2.85
CA CYS UB 8 -82.37 29.03 -3.15
C CYS UB 8 -81.61 29.03 -4.46
N ARG UB 9 -81.88 30.05 -5.26
CA ARG UB 9 -81.15 30.25 -6.51
C ARG UB 9 -80.80 31.72 -6.63
N LYS UB 10 -79.71 31.99 -7.35
CA LYS UB 10 -79.32 33.36 -7.63
C LYS UB 10 -80.22 33.96 -8.70
N THR UB 11 -80.28 35.29 -8.73
CA THR UB 11 -81.13 36.00 -9.68
C THR UB 11 -80.36 36.93 -10.61
N TYR UB 12 -79.04 36.84 -10.62
CA TYR UB 12 -78.23 37.69 -11.49
C TYR UB 12 -76.91 37.02 -11.75
N VAL UB 13 -76.27 37.42 -12.84
CA VAL UB 13 -75.01 36.84 -13.29
C VAL UB 13 -74.00 37.96 -13.45
N THR UB 14 -72.83 37.81 -12.84
CA THR UB 14 -71.77 38.77 -13.00
C THR UB 14 -71.28 38.77 -14.45
N PRO UB 15 -70.82 39.91 -14.96
CA PRO UB 15 -70.38 39.98 -16.35
C PRO UB 15 -69.20 39.05 -16.61
N ARG UB 16 -69.15 38.51 -17.82
CA ARG UB 16 -68.08 37.60 -18.19
C ARG UB 16 -66.73 38.29 -18.08
N ARG UB 17 -66.61 39.51 -18.58
CA ARG UB 17 -65.36 40.23 -18.53
C ARG UB 17 -65.61 41.62 -17.99
N PRO UB 18 -64.79 42.10 -17.07
CA PRO UB 18 -64.96 43.45 -16.53
C PRO UB 18 -64.13 44.47 -17.29
N PHE UB 19 -64.39 45.73 -16.96
CA PHE UB 19 -63.53 46.86 -17.33
C PHE UB 19 -63.46 47.03 -18.85
N GLU UB 20 -64.63 47.21 -19.44
CA GLU UB 20 -64.75 47.63 -20.83
C GLU UB 20 -65.70 48.82 -20.88
N LYS UB 21 -65.36 49.83 -21.67
CA LYS UB 21 -66.08 51.10 -21.61
C LYS UB 21 -67.49 50.96 -22.12
N SER UB 22 -67.72 50.07 -23.09
CA SER UB 22 -69.06 49.90 -23.64
C SER UB 22 -70.03 49.42 -22.57
N ARG UB 23 -69.66 48.34 -21.88
CA ARG UB 23 -70.53 47.80 -20.84
C ARG UB 23 -70.71 48.79 -19.71
N LEU UB 24 -69.63 49.46 -19.32
CA LEU UB 24 -69.70 50.44 -18.24
C LEU UB 24 -70.66 51.56 -18.58
N ASP UB 25 -70.55 52.11 -19.79
CA ASP UB 25 -71.38 53.24 -20.16
C ASP UB 25 -72.82 52.82 -20.36
N GLN UB 26 -73.04 51.63 -20.95
CA GLN UB 26 -74.40 51.12 -21.10
C GLN UB 26 -75.07 50.96 -19.74
N GLU UB 27 -74.40 50.29 -18.81
CA GLU UB 27 -74.98 50.02 -17.52
C GLU UB 27 -75.18 51.29 -16.72
N LEU UB 28 -74.23 52.23 -16.81
CA LEU UB 28 -74.40 53.50 -16.12
C LEU UB 28 -75.55 54.30 -16.71
N LYS UB 29 -75.71 54.28 -18.03
CA LYS UB 29 -76.82 54.99 -18.65
C LYS UB 29 -78.14 54.44 -18.16
N LEU UB 30 -78.28 53.12 -18.13
CA LEU UB 30 -79.52 52.52 -17.67
C LEU UB 30 -79.74 52.81 -16.19
N ILE UB 31 -78.69 52.77 -15.39
CA ILE UB 31 -78.82 53.05 -13.96
C ILE UB 31 -79.29 54.48 -13.73
N GLY UB 32 -78.67 55.43 -14.43
CA GLY UB 32 -79.05 56.82 -14.25
C GLY UB 32 -80.46 57.11 -14.74
N GLU UB 33 -80.83 56.57 -15.90
CA GLU UB 33 -82.16 56.83 -16.41
C GLU UB 33 -83.23 56.15 -15.57
N TYR UB 34 -82.92 55.00 -14.99
CA TYR UB 34 -83.86 54.31 -14.12
C TYR UB 34 -83.58 54.53 -12.64
N GLY UB 35 -82.55 55.29 -12.30
CA GLY UB 35 -82.31 55.66 -10.91
C GLY UB 35 -82.07 54.49 -9.98
N LEU UB 36 -81.26 53.52 -10.40
CA LEU UB 36 -81.09 52.29 -9.64
C LEU UB 36 -79.89 52.38 -8.72
N ARG UB 37 -79.89 51.52 -7.69
CA ARG UB 37 -78.89 51.62 -6.64
C ARG UB 37 -77.52 51.12 -7.05
N ASN UB 38 -77.44 49.98 -7.73
CA ASN UB 38 -76.14 49.40 -8.05
C ASN UB 38 -76.28 48.43 -9.21
N LYS UB 39 -75.13 47.95 -9.70
CA LYS UB 39 -75.07 47.12 -10.89
C LYS UB 39 -75.69 45.74 -10.70
N ARG UB 40 -75.87 45.30 -9.46
CA ARG UB 40 -76.44 43.98 -9.22
C ARG UB 40 -77.88 43.91 -9.74
N GLU UB 41 -78.65 44.95 -9.52
CA GLU UB 41 -80.08 44.94 -9.82
C GLU UB 41 -80.38 45.29 -11.26
N VAL UB 42 -79.36 45.56 -12.08
CA VAL UB 42 -79.57 45.69 -13.52
C VAL UB 42 -79.12 44.38 -14.17
N TRP UB 43 -78.09 43.76 -13.60
CA TRP UB 43 -77.74 42.41 -14.04
C TRP UB 43 -78.85 41.44 -13.70
N ARG UB 44 -79.62 41.72 -12.66
CA ARG UB 44 -80.75 40.87 -12.32
C ARG UB 44 -81.78 40.87 -13.43
N VAL UB 45 -82.17 42.05 -13.92
CA VAL UB 45 -83.18 42.09 -14.97
C VAL UB 45 -82.60 41.59 -16.29
N LYS UB 46 -81.30 41.80 -16.52
CA LYS UB 46 -80.69 41.23 -17.72
C LYS UB 46 -80.70 39.72 -17.66
N PHE UB 47 -80.44 39.16 -16.48
CA PHE UB 47 -80.55 37.71 -16.27
C PHE UB 47 -81.97 37.22 -16.52
N THR UB 48 -82.95 37.95 -16.01
CA THR UB 48 -84.34 37.54 -16.19
C THR UB 48 -84.71 37.51 -17.66
N LEU UB 49 -84.31 38.55 -18.39
CA LEU UB 49 -84.54 38.57 -19.84
C LEU UB 49 -83.81 37.44 -20.53
N ALA UB 50 -82.58 37.14 -20.09
CA ALA UB 50 -81.82 36.07 -20.71
C ALA UB 50 -82.52 34.74 -20.53
N LYS UB 51 -83.04 34.47 -19.32
CA LYS UB 51 -83.78 33.23 -19.10
C LYS UB 51 -85.04 33.19 -19.95
N ILE UB 52 -85.74 34.32 -20.06
CA ILE UB 52 -86.95 34.36 -20.87
C ILE UB 52 -86.61 34.06 -22.33
N ARG UB 53 -85.56 34.68 -22.85
CA ARG UB 53 -85.19 34.49 -24.25
C ARG UB 53 -84.69 33.08 -24.48
N LYS UB 54 -83.99 32.52 -23.50
CA LYS UB 54 -83.58 31.13 -23.56
C LYS UB 54 -84.78 30.20 -23.72
N ALA UB 55 -85.78 30.37 -22.86
CA ALA UB 55 -86.96 29.53 -22.95
C ALA UB 55 -87.69 29.75 -24.27
N ALA UB 56 -87.78 31.00 -24.71
CA ALA UB 56 -88.48 31.29 -25.96
C ALA UB 56 -87.79 30.65 -27.15
N ARG UB 57 -86.47 30.76 -27.21
CA ARG UB 57 -85.72 30.14 -28.31
C ARG UB 57 -85.85 28.63 -28.27
N GLU UB 58 -85.79 28.05 -27.07
CA GLU UB 58 -85.95 26.61 -26.95
C GLU UB 58 -87.33 26.18 -27.44
N LEU UB 59 -88.36 26.97 -27.09
CA LEU UB 59 -89.70 26.67 -27.58
C LEU UB 59 -89.76 26.78 -29.10
N LEU UB 60 -89.08 27.78 -29.66
CA LEU UB 60 -89.05 27.92 -31.11
C LEU UB 60 -88.40 26.72 -31.77
N THR UB 61 -87.44 26.09 -31.08
CA THR UB 61 -86.85 24.88 -31.64
C THR UB 61 -87.86 23.76 -31.77
N LEU UB 62 -88.87 23.75 -30.90
CA LEU UB 62 -89.90 22.72 -30.99
C LEU UB 62 -90.71 22.87 -32.27
N ASP UB 63 -91.23 21.74 -32.73
CA ASP UB 63 -92.09 21.71 -33.91
C ASP UB 63 -93.35 22.52 -33.67
N GLU UB 64 -93.87 23.10 -34.74
CA GLU UB 64 -95.17 23.75 -34.65
C GLU UB 64 -96.24 22.72 -34.33
N LYS UB 65 -97.28 23.17 -33.62
CA LYS UB 65 -98.48 22.42 -33.27
C LYS UB 65 -98.18 21.38 -32.19
N ASP UB 66 -96.94 21.23 -31.75
CA ASP UB 66 -96.62 20.39 -30.61
C ASP UB 66 -97.28 20.99 -29.38
N PRO UB 67 -98.17 20.26 -28.70
CA PRO UB 67 -98.92 20.87 -27.59
C PRO UB 67 -98.05 21.36 -26.45
N ARG UB 68 -96.87 20.77 -26.22
CA ARG UB 68 -95.97 21.32 -25.22
C ARG UB 68 -95.54 22.73 -25.62
N ARG UB 69 -95.09 22.89 -26.87
CA ARG UB 69 -94.69 24.19 -27.38
C ARG UB 69 -95.85 25.18 -27.30
N LEU UB 70 -97.03 24.76 -27.76
CA LEU UB 70 -98.16 25.68 -27.81
C LEU UB 70 -98.59 26.10 -26.41
N PHE UB 71 -98.72 25.14 -25.51
CA PHE UB 71 -99.17 25.44 -24.15
C PHE UB 71 -98.19 26.38 -23.45
N GLU UB 72 -96.89 26.06 -23.53
CA GLU UB 72 -95.92 26.91 -22.86
C GLU UB 72 -95.79 28.27 -23.53
N GLY UB 73 -95.94 28.33 -24.85
CA GLY UB 73 -95.89 29.61 -25.54
C GLY UB 73 -97.02 30.52 -25.12
N ASN UB 74 -98.24 29.99 -25.07
CA ASN UB 74 -99.36 30.80 -24.59
C ASN UB 74 -99.19 31.17 -23.14
N ALA UB 75 -98.62 30.28 -22.33
CA ALA UB 75 -98.36 30.63 -20.93
C ALA UB 75 -97.44 31.83 -20.83
N LEU UB 76 -96.30 31.77 -21.54
CA LEU UB 76 -95.34 32.86 -21.48
C LEU UB 76 -95.93 34.14 -22.06
N LEU UB 77 -96.69 34.04 -23.15
CA LEU UB 77 -97.29 35.21 -23.75
C LEU UB 77 -98.29 35.84 -22.79
N ARG UB 78 -99.07 35.01 -22.09
CA ARG UB 78 -100.02 35.55 -21.13
C ARG UB 78 -99.31 36.28 -19.99
N ARG UB 79 -98.23 35.69 -19.48
CA ARG UB 79 -97.49 36.37 -18.43
C ARG UB 79 -96.90 37.68 -18.92
N LEU UB 80 -96.38 37.68 -20.15
CA LEU UB 80 -95.76 38.88 -20.69
C LEU UB 80 -96.78 39.99 -20.91
N VAL UB 81 -97.96 39.65 -21.42
CA VAL UB 81 -98.96 40.70 -21.60
C VAL UB 81 -99.58 41.10 -20.27
N ARG UB 82 -99.54 40.23 -19.26
CA ARG UB 82 -99.99 40.66 -17.94
C ARG UB 82 -99.03 41.67 -17.35
N ILE UB 83 -97.72 41.43 -17.45
CA ILE UB 83 -96.78 42.44 -17.00
C ILE UB 83 -96.69 43.61 -17.97
N GLY UB 84 -97.33 43.50 -19.13
CA GLY UB 84 -97.50 44.63 -20.01
C GLY UB 84 -96.30 44.99 -20.85
N VAL UB 85 -95.22 44.22 -20.79
CA VAL UB 85 -94.05 44.51 -21.61
C VAL UB 85 -94.29 44.25 -23.09
N LEU UB 86 -95.38 43.57 -23.44
CA LEU UB 86 -95.66 43.22 -24.82
C LEU UB 86 -97.00 43.79 -25.24
N ASP UB 87 -97.05 44.32 -26.46
CA ASP UB 87 -98.31 44.73 -27.05
C ASP UB 87 -99.25 43.55 -27.16
N GLU UB 88 -100.54 43.80 -26.90
CA GLU UB 88 -101.52 42.73 -26.89
C GLU UB 88 -101.65 42.02 -28.25
N GLY UB 89 -101.49 42.75 -29.35
CA GLY UB 89 -101.57 42.11 -30.64
C GLY UB 89 -100.33 41.35 -31.05
N LYS UB 90 -99.27 41.43 -30.26
CA LYS UB 90 -97.99 40.80 -30.59
C LYS UB 90 -97.87 39.41 -29.96
N MET UB 91 -98.84 38.55 -30.23
CA MET UB 91 -98.85 37.21 -29.64
C MET UB 91 -98.13 36.21 -30.54
N LYS UB 92 -96.83 36.45 -30.71
CA LYS UB 92 -95.97 35.55 -31.47
C LYS UB 92 -94.71 35.28 -30.67
N LEU UB 93 -94.13 34.10 -30.90
CA LEU UB 93 -92.86 33.78 -30.27
C LEU UB 93 -91.72 34.65 -30.79
N ASP UB 94 -91.80 35.10 -32.05
CA ASP UB 94 -90.71 35.88 -32.61
C ASP UB 94 -90.56 37.23 -31.91
N TYR UB 95 -91.68 37.89 -31.61
CA TYR UB 95 -91.61 39.21 -30.98
C TYR UB 95 -91.09 39.14 -29.56
N ILE UB 96 -90.97 37.93 -29.00
CA ILE UB 96 -90.27 37.77 -27.73
C ILE UB 96 -88.80 38.10 -27.91
N LEU UB 97 -88.24 37.78 -29.07
CA LEU UB 97 -86.83 38.05 -29.32
C LEU UB 97 -86.51 39.54 -29.35
N GLY UB 98 -87.45 40.38 -29.80
CA GLY UB 98 -87.19 41.79 -29.91
C GLY UB 98 -87.31 42.58 -28.63
N LEU UB 99 -87.60 41.91 -27.52
CA LEU UB 99 -87.74 42.59 -26.24
C LEU UB 99 -86.39 43.09 -25.74
N LYS UB 100 -86.44 44.16 -24.95
CA LYS UB 100 -85.25 44.74 -24.38
C LYS UB 100 -85.45 44.95 -22.89
N ILE UB 101 -84.34 45.02 -22.16
CA ILE UB 101 -84.38 45.18 -20.72
C ILE UB 101 -85.01 46.50 -20.30
N GLU UB 102 -84.96 47.51 -21.15
CA GLU UB 102 -85.59 48.78 -20.82
C GLU UB 102 -87.09 48.63 -20.67
N ASP UB 103 -87.70 47.78 -21.50
CA ASP UB 103 -89.13 47.52 -21.40
C ASP UB 103 -89.49 46.94 -20.06
N PHE UB 104 -88.68 45.98 -19.59
CA PHE UB 104 -88.89 45.42 -18.26
C PHE UB 104 -88.56 46.44 -17.19
N LEU UB 105 -87.54 47.27 -17.44
CA LEU UB 105 -87.21 48.32 -16.49
C LEU UB 105 -88.26 49.41 -16.47
N GLU UB 106 -88.90 49.67 -17.61
CA GLU UB 106 -90.01 50.61 -17.66
C GLU UB 106 -91.19 50.17 -16.80
N ARG UB 107 -91.44 48.88 -16.68
CA ARG UB 107 -92.56 48.35 -15.93
C ARG UB 107 -92.31 48.33 -14.43
N ARG UB 108 -91.22 48.91 -13.95
CA ARG UB 108 -90.99 48.97 -12.51
C ARG UB 108 -91.97 49.92 -11.85
N LEU UB 109 -92.27 49.62 -10.58
CA LEU UB 109 -93.10 50.52 -9.79
C LEU UB 109 -92.44 51.89 -9.65
N GLN UB 110 -91.12 51.90 -9.46
CA GLN UB 110 -90.41 53.17 -9.34
C GLN UB 110 -90.53 54.00 -10.60
N THR UB 111 -90.46 53.36 -11.76
CA THR UB 111 -90.67 54.09 -13.02
C THR UB 111 -92.12 54.46 -13.21
N GLN UB 112 -93.04 53.56 -12.88
CA GLN UB 112 -94.45 53.82 -13.15
C GLN UB 112 -94.98 54.97 -12.31
N VAL UB 113 -94.58 55.06 -11.05
CA VAL UB 113 -95.09 56.14 -10.21
C VAL UB 113 -94.59 57.48 -10.71
N PHE UB 114 -93.36 57.53 -11.21
CA PHE UB 114 -92.84 58.78 -11.73
C PHE UB 114 -93.49 59.13 -13.06
N LYS UB 115 -93.81 58.10 -13.87
CA LYS UB 115 -94.58 58.34 -15.09
C LYS UB 115 -95.96 58.88 -14.78
N LEU UB 116 -96.59 58.37 -13.73
CA LEU UB 116 -97.90 58.86 -13.30
C LEU UB 116 -97.83 60.21 -12.62
N GLY UB 117 -96.67 60.84 -12.55
CA GLY UB 117 -96.55 62.19 -12.05
C GLY UB 117 -96.61 62.32 -10.56
N LEU UB 118 -96.69 61.22 -9.82
CA LEU UB 118 -96.72 61.29 -8.37
C LEU UB 118 -95.39 61.72 -7.79
N ALA UB 119 -94.35 61.78 -8.61
CA ALA UB 119 -93.02 62.19 -8.17
C ALA UB 119 -92.41 63.15 -9.17
N LYS UB 120 -91.37 63.85 -8.72
CA LYS UB 120 -90.67 64.86 -9.49
C LYS UB 120 -89.42 64.32 -10.17
N SER UB 121 -88.75 63.36 -9.56
CA SER UB 121 -87.61 62.69 -10.17
C SER UB 121 -87.73 61.21 -9.87
N ILE UB 122 -87.01 60.41 -10.66
CA ILE UB 122 -87.03 58.97 -10.42
C ILE UB 122 -86.43 58.66 -9.06
N HIS UB 123 -85.45 59.46 -8.63
CA HIS UB 123 -84.95 59.31 -7.27
C HIS UB 123 -85.99 59.76 -6.26
N HIS UB 124 -86.73 60.83 -6.58
CA HIS UB 124 -87.84 61.21 -5.72
C HIS UB 124 -88.87 60.10 -5.64
N ALA UB 125 -89.14 59.44 -6.76
CA ALA UB 125 -90.06 58.32 -6.76
C ALA UB 125 -89.57 57.17 -5.88
N ARG UB 126 -88.28 56.85 -5.98
CA ARG UB 126 -87.75 55.74 -5.19
C ARG UB 126 -87.77 56.06 -3.70
N VAL UB 127 -87.35 57.27 -3.33
CA VAL UB 127 -87.34 57.62 -1.92
C VAL UB 127 -88.77 57.74 -1.39
N LEU UB 128 -89.73 58.05 -2.26
CA LEU UB 128 -91.13 58.03 -1.85
C LEU UB 128 -91.57 56.60 -1.59
N ILE UB 129 -91.13 55.66 -2.43
CA ILE UB 129 -91.50 54.26 -2.27
C ILE UB 129 -90.94 53.70 -0.97
N ARG UB 130 -89.66 53.97 -0.69
CA ARG UB 130 -89.00 53.28 0.41
C ARG UB 130 -89.44 53.80 1.77
N GLN UB 131 -90.29 54.82 1.80
CA GLN UB 131 -90.83 55.35 3.05
C GLN UB 131 -92.33 55.10 3.19
N ARG UB 132 -92.88 54.12 2.46
CA ARG UB 132 -94.25 53.66 2.63
C ARG UB 132 -95.26 54.78 2.39
N HIS UB 133 -95.24 55.30 1.17
CA HIS UB 133 -96.20 56.32 0.78
C HIS UB 133 -97.08 55.92 -0.39
N ILE UB 134 -96.72 54.86 -1.11
CA ILE UB 134 -97.46 54.43 -2.29
C ILE UB 134 -98.16 53.12 -1.97
N ARG UB 135 -99.43 53.04 -2.36
CA ARG UB 135 -100.22 51.84 -2.20
C ARG UB 135 -100.75 51.40 -3.55
N VAL UB 136 -101.04 50.10 -3.66
CA VAL UB 136 -101.64 49.53 -4.86
C VAL UB 136 -102.98 48.93 -4.47
N ARG UB 137 -104.03 49.26 -5.21
CA ARG UB 137 -105.38 48.82 -4.92
C ARG UB 137 -105.71 49.26 -3.50
N LYS UB 138 -105.41 48.40 -2.53
CA LYS UB 138 -105.41 48.75 -1.12
C LYS UB 138 -104.05 48.59 -0.47
N GLN UB 139 -103.18 47.75 -1.00
CA GLN UB 139 -101.95 47.35 -0.31
C GLN UB 139 -100.84 48.36 -0.54
N VAL UB 140 -100.17 48.75 0.55
CA VAL UB 140 -99.02 49.63 0.46
C VAL UB 140 -97.80 48.83 0.04
N VAL UB 141 -96.89 49.45 -0.69
CA VAL UB 141 -95.68 48.81 -1.21
C VAL UB 141 -94.48 49.64 -0.79
N ASN UB 142 -93.38 48.96 -0.45
CA ASN UB 142 -92.13 49.63 -0.11
C ASN UB 142 -90.94 49.01 -0.83
N ILE UB 143 -91.17 48.30 -1.93
CA ILE UB 143 -90.10 47.74 -2.75
C ILE UB 143 -90.15 48.44 -4.10
N PRO UB 144 -89.09 49.16 -4.48
CA PRO UB 144 -89.11 49.88 -5.77
C PRO UB 144 -89.27 48.97 -6.97
N SER UB 145 -88.71 47.77 -6.93
CA SER UB 145 -88.71 46.86 -8.07
C SER UB 145 -89.98 46.03 -8.15
N PHE UB 146 -91.09 46.53 -7.63
CA PHE UB 146 -92.38 45.85 -7.75
C PHE UB 146 -92.83 45.94 -9.21
N ILE UB 147 -92.87 44.81 -9.90
CA ILE UB 147 -93.38 44.78 -11.27
C ILE UB 147 -94.87 45.10 -11.24
N VAL UB 148 -95.30 45.97 -12.15
CA VAL UB 148 -96.69 46.41 -12.20
C VAL UB 148 -97.36 45.72 -13.38
N ARG UB 149 -98.41 44.95 -13.10
CA ARG UB 149 -99.23 44.40 -14.15
C ARG UB 149 -100.16 45.51 -14.67
N LEU UB 150 -100.65 45.32 -15.90
CA LEU UB 150 -101.48 46.35 -16.51
C LEU UB 150 -102.78 46.56 -15.73
N ASP UB 151 -103.40 45.48 -15.27
CA ASP UB 151 -104.63 45.63 -14.52
C ASP UB 151 -104.39 46.29 -13.17
N SER UB 152 -103.14 46.33 -12.70
CA SER UB 152 -102.79 47.08 -11.50
C SER UB 152 -102.24 48.46 -11.82
N GLN UB 153 -102.09 48.80 -13.10
CA GLN UB 153 -101.51 50.08 -13.49
C GLN UB 153 -102.40 51.24 -13.03
N LYS UB 154 -103.71 51.07 -13.16
CA LYS UB 154 -104.63 52.16 -12.85
C LYS UB 154 -104.78 52.38 -11.36
N HIS UB 155 -104.56 51.35 -10.54
CA HIS UB 155 -104.90 51.40 -9.13
C HIS UB 155 -103.77 51.92 -8.27
N ILE UB 156 -102.68 52.36 -8.88
CA ILE UB 156 -101.57 52.92 -8.12
C ILE UB 156 -102.00 54.24 -7.50
N ASP UB 157 -101.73 54.41 -6.21
CA ASP UB 157 -102.16 55.58 -5.49
C ASP UB 157 -101.28 55.78 -4.28
N PHE UB 158 -101.36 56.99 -3.71
CA PHE UB 158 -100.69 57.26 -2.45
C PHE UB 158 -101.26 56.39 -1.33
N SER UB 159 -100.41 56.08 -0.37
CA SER UB 159 -100.88 55.42 0.85
C SER UB 159 -101.81 56.34 1.63
N LEU UB 160 -102.82 55.75 2.25
CA LEU UB 160 -103.77 56.54 3.02
C LEU UB 160 -103.12 57.16 4.24
N ARG UB 161 -102.39 56.36 5.02
CA ARG UB 161 -101.73 56.88 6.21
C ARG UB 161 -100.52 57.72 5.86
N SER UB 162 -100.09 57.73 4.61
CA SER UB 162 -99.03 58.62 4.19
C SER UB 162 -99.53 60.07 4.29
N PRO UB 163 -98.63 61.00 4.61
CA PRO UB 163 -99.03 62.42 4.63
C PRO UB 163 -99.10 63.00 3.24
N TYR UB 164 -99.74 62.26 2.33
CA TYR UB 164 -100.05 62.72 0.99
C TYR UB 164 -101.47 62.40 0.57
N GLY UB 165 -102.16 61.52 1.28
CA GLY UB 165 -103.56 61.29 1.07
C GLY UB 165 -104.34 62.03 2.14
N GLY UB 166 -104.74 61.31 3.19
CA GLY UB 166 -105.39 61.93 4.32
C GLY UB 166 -104.43 62.75 5.15
N GLY UB 167 -104.84 62.97 6.40
CA GLY UB 167 -104.07 63.80 7.30
C GLY UB 167 -102.88 63.09 7.90
N ARG UB 168 -102.70 63.23 9.22
CA ARG UB 168 -101.58 62.67 9.95
C ARG UB 168 -100.24 63.15 9.40
N PRO UB 169 -99.87 64.41 9.64
CA PRO UB 169 -98.60 64.92 9.14
C PRO UB 169 -97.41 64.23 9.78
N GLY UB 170 -96.29 64.26 9.07
CA GLY UB 170 -95.08 63.60 9.52
C GLY UB 170 -94.48 64.26 10.75
N ARG UB 171 -93.42 63.63 11.25
CA ARG UB 171 -92.89 63.98 12.56
C ARG UB 171 -92.25 65.36 12.57
N VAL UB 172 -91.52 65.73 11.51
CA VAL UB 172 -90.88 67.05 11.49
C VAL UB 172 -91.93 68.14 11.40
N LYS UB 173 -93.00 67.89 10.64
CA LYS UB 173 -94.10 68.85 10.57
C LYS UB 173 -94.71 69.06 11.96
N ARG UB 174 -94.93 67.97 12.69
CA ARG UB 174 -95.55 68.08 14.00
C ARG UB 174 -94.62 68.73 15.00
N LYS UB 175 -93.32 68.45 14.90
CA LYS UB 175 -92.34 69.13 15.74
C LYS UB 175 -92.32 70.63 15.47
N ASN UB 176 -92.32 71.02 14.20
CA ASN UB 176 -92.34 72.43 13.88
C ASN UB 176 -93.63 73.08 14.34
N ALA UB 177 -94.74 72.36 14.24
CA ALA UB 177 -96.02 72.88 14.70
C ALA UB 177 -96.01 73.12 16.21
N LYS UB 178 -95.52 72.15 16.98
CA LYS UB 178 -95.50 72.33 18.43
C LYS UB 178 -94.48 73.39 18.84
N LYS UB 179 -93.35 73.48 18.13
CA LYS UB 179 -92.41 74.57 18.37
C LYS UB 179 -93.05 75.92 18.10
N GLY UB 180 -93.84 76.01 17.03
CA GLY UB 180 -94.50 77.26 16.71
C GLY UB 180 -95.55 77.65 17.74
N GLN UB 181 -96.37 76.70 18.16
CA GLN UB 181 -97.40 77.03 19.14
C GLN UB 181 -96.84 77.15 20.56
N GLY UB 182 -95.60 76.72 20.79
CA GLY UB 182 -94.97 76.95 22.08
C GLY UB 182 -94.13 78.21 22.15
N GLY UB 183 -93.50 78.60 21.05
CA GLY UB 183 -92.76 79.85 20.98
C GLY UB 183 -93.70 81.03 20.91
N ALA UB 184 -94.87 80.82 20.29
CA ALA UB 184 -95.94 81.80 20.24
C ALA UB 184 -97.22 81.15 20.75
N GLY UB 185 -97.81 81.75 21.79
CA GLY UB 185 -99.05 81.24 22.34
C GLY UB 185 -100.13 82.29 22.45
N ALA VB 1 -75.71 -46.49 -22.54
CA ALA VB 1 -75.28 -47.08 -21.29
C ALA VB 1 -76.39 -47.01 -20.24
N ASP VB 2 -76.36 -47.95 -19.29
CA ASP VB 2 -77.39 -48.00 -18.27
C ASP VB 2 -77.24 -46.82 -17.32
N ILE VB 3 -78.35 -46.50 -16.64
CA ILE VB 3 -78.42 -45.26 -15.86
C ILE VB 3 -77.99 -45.42 -14.42
N GLN VB 4 -78.05 -46.63 -13.86
CA GLN VB 4 -77.73 -46.82 -12.45
C GLN VB 4 -76.22 -46.89 -12.26
N THR VB 5 -75.60 -45.72 -12.40
CA THR VB 5 -74.15 -45.59 -12.33
C THR VB 5 -73.69 -44.97 -11.01
N GLU VB 6 -74.62 -44.61 -10.14
CA GLU VB 6 -74.30 -43.91 -8.90
C GLU VB 6 -74.37 -44.86 -7.71
N ARG VB 7 -73.82 -44.39 -6.60
CA ARG VB 7 -73.96 -45.13 -5.35
C ARG VB 7 -75.42 -45.24 -4.95
N ALA VB 8 -76.18 -44.16 -5.08
CA ALA VB 8 -77.60 -44.18 -4.78
C ALA VB 8 -78.38 -44.68 -5.99
N TYR VB 9 -79.53 -45.27 -5.71
CA TYR VB 9 -80.47 -45.64 -6.76
C TYR VB 9 -80.94 -44.38 -7.47
N GLN VB 10 -81.28 -44.52 -8.75
CA GLN VB 10 -81.63 -43.38 -9.58
C GLN VB 10 -83.03 -43.58 -10.13
N LYS VB 11 -83.93 -42.63 -9.87
CA LYS VB 11 -85.32 -42.78 -10.28
C LYS VB 11 -85.99 -41.43 -10.29
N GLN VB 12 -87.14 -41.37 -10.97
CA GLN VB 12 -88.02 -40.20 -10.85
C GLN VB 12 -88.87 -40.34 -9.59
N PRO VB 13 -88.88 -39.35 -8.71
CA PRO VB 13 -89.68 -39.47 -7.48
C PRO VB 13 -91.17 -39.58 -7.75
N THR VB 14 -91.62 -39.15 -8.92
CA THR VB 14 -93.05 -39.18 -9.21
C THR VB 14 -93.55 -40.61 -9.37
N ILE VB 15 -92.82 -41.44 -10.10
CA ILE VB 15 -93.33 -42.74 -10.50
C ILE VB 15 -93.15 -43.75 -9.37
N PHE VB 16 -94.22 -44.46 -9.04
CA PHE VB 16 -94.15 -45.63 -8.18
C PHE VB 16 -93.86 -46.84 -9.05
N GLN VB 17 -92.64 -47.37 -8.94
CA GLN VB 17 -92.17 -48.38 -9.88
C GLN VB 17 -92.73 -49.77 -9.59
N ASN VB 18 -93.03 -50.06 -8.34
CA ASN VB 18 -93.33 -51.43 -7.91
C ASN VB 18 -94.83 -51.68 -7.90
N LYS VB 19 -95.43 -51.71 -9.10
CA LYS VB 19 -96.88 -51.82 -9.22
C LYS VB 19 -97.29 -53.29 -9.32
N LYS VB 20 -96.96 -54.02 -8.25
CA LYS VB 20 -97.60 -55.29 -7.88
C LYS VB 20 -97.70 -56.26 -9.06
N ARG VB 21 -96.53 -56.72 -9.52
CA ARG VB 21 -96.49 -57.78 -10.51
C ARG VB 21 -97.24 -59.02 -10.02
N VAL VB 22 -98.36 -59.31 -10.66
CA VAL VB 22 -99.21 -60.46 -10.35
C VAL VB 22 -99.59 -61.15 -11.65
N LEU VB 23 -100.44 -62.17 -11.54
CA LEU VB 23 -100.80 -62.98 -12.70
C LEU VB 23 -101.46 -62.15 -13.79
N LEU VB 24 -102.27 -61.16 -13.44
CA LEU VB 24 -102.84 -60.29 -14.46
C LEU VB 24 -101.78 -59.39 -15.10
N GLY VB 25 -100.60 -59.28 -14.48
CA GLY VB 25 -99.48 -58.64 -15.13
C GLY VB 25 -98.58 -59.64 -15.82
N GLU VB 26 -98.70 -59.77 -17.15
CA GLU VB 26 -97.89 -60.69 -17.93
C GLU VB 26 -96.45 -60.19 -17.92
N THR VB 27 -95.61 -60.84 -17.12
CA THR VB 27 -94.20 -60.49 -17.03
C THR VB 27 -93.37 -61.62 -17.59
N GLY VB 28 -92.57 -61.32 -18.62
CA GLY VB 28 -92.48 -59.99 -19.21
C GLY VB 28 -93.36 -59.75 -20.42
N LYS VB 29 -93.24 -58.58 -21.02
CA LYS VB 29 -92.38 -57.51 -20.50
C LYS VB 29 -93.13 -56.18 -20.46
N GLU VB 30 -93.24 -55.62 -19.26
CA GLU VB 30 -93.98 -54.39 -19.01
C GLU VB 30 -92.98 -53.25 -18.91
N LYS VB 31 -93.06 -52.31 -19.84
CA LYS VB 31 -92.11 -51.22 -19.88
C LYS VB 31 -92.44 -50.20 -18.80
N LEU VB 32 -91.40 -49.62 -18.21
CA LEU VB 32 -91.58 -48.67 -17.13
C LEU VB 32 -92.19 -47.38 -17.68
N PRO VB 33 -93.30 -46.92 -17.14
CA PRO VB 33 -93.86 -45.63 -17.57
C PRO VB 33 -92.92 -44.49 -17.23
N ARG VB 34 -92.90 -43.49 -18.11
CA ARG VB 34 -92.03 -42.33 -17.98
C ARG VB 34 -92.83 -41.10 -17.59
N TYR VB 35 -92.41 -40.44 -16.52
CA TYR VB 35 -92.98 -39.17 -16.12
C TYR VB 35 -92.41 -38.06 -16.99
N TYR VB 36 -93.27 -37.16 -17.45
CA TYR VB 36 -92.82 -35.96 -18.12
C TYR VB 36 -93.91 -34.91 -18.05
N LYS VB 37 -93.54 -33.68 -18.33
CA LYS VB 37 -94.47 -32.56 -18.34
C LYS VB 37 -93.99 -31.55 -19.38
N ASN VB 38 -94.91 -30.72 -19.85
CA ASN VB 38 -94.54 -29.61 -20.70
C ASN VB 38 -94.23 -28.38 -19.86
N ILE VB 39 -93.36 -27.52 -20.36
CA ILE VB 39 -92.85 -26.40 -19.59
C ILE VB 39 -93.55 -25.10 -19.93
N GLY VB 40 -94.53 -25.12 -20.82
CA GLY VB 40 -95.21 -23.91 -21.21
C GLY VB 40 -94.39 -23.04 -22.14
N LEU VB 41 -94.86 -21.80 -22.31
CA LEU VB 41 -94.21 -20.79 -23.13
C LEU VB 41 -94.09 -21.21 -24.59
N GLY VB 42 -94.93 -22.13 -25.04
CA GLY VB 42 -94.92 -22.59 -26.41
C GLY VB 42 -93.81 -23.54 -26.76
N PHE VB 43 -92.89 -23.82 -25.84
CA PHE VB 43 -91.81 -24.76 -26.13
C PHE VB 43 -92.34 -26.17 -26.16
N LYS VB 44 -91.77 -27.00 -27.03
CA LYS VB 44 -92.20 -28.38 -27.17
C LYS VB 44 -91.17 -29.30 -26.52
N THR VB 45 -91.68 -30.30 -25.81
CA THR VB 45 -90.79 -31.29 -25.20
C THR VB 45 -90.24 -32.23 -26.27
N PRO VB 46 -88.95 -32.55 -26.23
CA PRO VB 46 -88.39 -33.42 -27.27
C PRO VB 46 -88.82 -34.86 -27.09
N LYS VB 47 -88.84 -35.58 -28.21
CA LYS VB 47 -89.18 -36.99 -28.21
C LYS VB 47 -88.19 -37.82 -27.40
N GLU VB 48 -86.91 -37.45 -27.45
CA GLU VB 48 -85.92 -38.15 -26.64
C GLU VB 48 -86.22 -37.99 -25.16
N ALA VB 49 -86.67 -36.81 -24.75
CA ALA VB 49 -87.15 -36.66 -23.38
C ALA VB 49 -88.38 -37.51 -23.13
N ILE VB 50 -89.22 -37.71 -24.13
CA ILE VB 50 -90.43 -38.50 -23.95
C ILE VB 50 -90.08 -39.95 -23.66
N GLU VB 51 -89.24 -40.55 -24.49
CA GLU VB 51 -89.00 -41.99 -24.39
C GLU VB 51 -87.54 -42.30 -24.10
N GLY VB 52 -86.84 -41.38 -23.44
CA GLY VB 52 -85.53 -41.67 -22.92
C GLY VB 52 -85.62 -42.46 -21.62
N THR VB 53 -84.47 -42.82 -21.10
CA THR VB 53 -84.39 -43.49 -19.82
C THR VB 53 -83.58 -42.72 -18.80
N TYR VB 54 -83.01 -41.57 -19.18
CA TYR VB 54 -82.13 -40.83 -18.29
C TYR VB 54 -82.88 -40.29 -17.08
N ILE VB 55 -82.14 -40.10 -16.00
CA ILE VB 55 -82.66 -39.58 -14.75
C ILE VB 55 -81.93 -38.29 -14.43
N ASP VB 56 -82.67 -37.18 -14.35
CA ASP VB 56 -82.09 -35.88 -14.04
C ASP VB 56 -83.13 -35.06 -13.29
N LYS VB 57 -82.88 -34.81 -12.02
CA LYS VB 57 -83.79 -33.99 -11.23
C LYS VB 57 -83.76 -32.53 -11.65
N LYS VB 58 -82.76 -32.12 -12.41
CA LYS VB 58 -82.68 -30.75 -12.91
C LYS VB 58 -82.99 -30.64 -14.40
N CYS VB 59 -83.43 -31.72 -15.03
CA CYS VB 59 -83.93 -31.64 -16.38
C CYS VB 59 -85.22 -30.81 -16.40
N PRO VB 60 -85.33 -29.85 -17.32
CA PRO VB 60 -86.54 -29.01 -17.34
C PRO VB 60 -87.81 -29.78 -17.60
N PHE VB 61 -87.71 -30.90 -18.31
CA PHE VB 61 -88.87 -31.73 -18.60
C PHE VB 61 -89.06 -32.87 -17.63
N THR VB 62 -87.99 -33.55 -17.26
CA THR VB 62 -88.08 -34.76 -16.45
C THR VB 62 -87.51 -34.57 -15.05
N GLY VB 63 -87.31 -33.33 -14.62
CA GLY VB 63 -86.79 -33.04 -13.31
C GLY VB 63 -87.61 -31.97 -12.60
N ASN VB 64 -87.34 -31.85 -11.31
CA ASN VB 64 -88.18 -31.03 -10.43
C ASN VB 64 -87.67 -29.59 -10.40
N VAL VB 65 -87.69 -28.96 -11.57
CA VAL VB 65 -87.22 -27.59 -11.72
C VAL VB 65 -88.25 -26.80 -12.51
N SER VB 66 -88.52 -25.59 -12.05
CA SER VB 66 -89.51 -24.72 -12.66
C SER VB 66 -88.81 -23.55 -13.34
N ILE VB 67 -89.04 -23.38 -14.63
CA ILE VB 67 -88.45 -22.30 -15.40
C ILE VB 67 -89.33 -21.08 -15.30
N ARG VB 68 -88.80 -20.00 -14.75
CA ARG VB 68 -89.55 -18.77 -14.62
C ARG VB 68 -88.57 -17.60 -14.59
N GLY VB 69 -89.06 -16.45 -15.04
CA GLY VB 69 -88.23 -15.27 -15.07
C GLY VB 69 -87.81 -14.85 -16.47
N ARG VB 70 -86.51 -14.86 -16.73
CA ARG VB 70 -85.98 -14.35 -17.99
C ARG VB 70 -85.72 -15.50 -18.95
N ILE VB 71 -85.82 -15.22 -20.24
CA ILE VB 71 -85.53 -16.17 -21.31
C ILE VB 71 -84.60 -15.48 -22.29
N LEU VB 72 -83.52 -16.15 -22.65
CA LEU VB 72 -82.52 -15.56 -23.52
C LEU VB 72 -81.70 -16.67 -24.17
N SER VB 73 -80.76 -16.28 -25.03
CA SER VB 73 -80.02 -17.21 -25.86
C SER VB 73 -78.53 -17.00 -25.68
N GLY VB 74 -77.75 -17.91 -26.25
CA GLY VB 74 -76.31 -17.83 -26.20
C GLY VB 74 -75.67 -18.74 -27.21
N VAL VB 75 -74.34 -18.73 -27.23
CA VAL VB 75 -73.55 -19.54 -28.14
C VAL VB 75 -72.78 -20.57 -27.33
N VAL VB 76 -72.91 -21.84 -27.70
CA VAL VB 76 -72.24 -22.91 -26.97
C VAL VB 76 -70.73 -22.75 -27.08
N THR VB 77 -70.05 -22.81 -25.93
CA THR VB 77 -68.62 -22.62 -25.88
C THR VB 77 -67.86 -23.89 -25.55
N LYS VB 78 -68.17 -24.53 -24.43
CA LYS VB 78 -67.46 -25.73 -24.01
C LYS VB 78 -68.44 -26.72 -23.42
N MET VB 79 -68.10 -27.99 -23.51
CA MET VB 79 -68.92 -29.08 -22.98
C MET VB 79 -68.09 -30.00 -22.12
N LYS VB 80 -67.12 -29.45 -21.41
CA LYS VB 80 -66.18 -30.23 -20.61
C LYS VB 80 -66.78 -30.74 -19.31
N MET VB 81 -67.91 -30.19 -18.88
CA MET VB 81 -68.51 -30.60 -17.62
C MET VB 81 -69.63 -31.61 -17.84
N GLN VB 82 -69.89 -32.38 -16.80
CA GLN VB 82 -70.88 -33.44 -16.86
C GLN VB 82 -72.27 -32.86 -16.70
N ARG VB 83 -73.13 -33.09 -17.69
CA ARG VB 83 -74.51 -32.65 -17.72
C ARG VB 83 -74.68 -31.13 -17.80
N THR VB 84 -73.59 -30.37 -17.79
CA THR VB 84 -73.72 -28.92 -17.88
C THR VB 84 -72.63 -28.37 -18.79
N ILE VB 85 -72.97 -27.28 -19.48
CA ILE VB 85 -72.11 -26.68 -20.48
C ILE VB 85 -72.08 -25.18 -20.27
N VAL VB 86 -71.06 -24.54 -20.81
CA VAL VB 86 -70.87 -23.10 -20.68
C VAL VB 86 -71.10 -22.45 -22.03
N ILE VB 87 -71.83 -21.33 -22.02
CA ILE VB 87 -72.20 -20.63 -23.23
C ILE VB 87 -71.69 -19.19 -23.13
N ARG VB 88 -71.76 -18.48 -24.24
CA ARG VB 88 -71.31 -17.11 -24.33
C ARG VB 88 -72.40 -16.25 -24.96
N ARG VB 89 -72.61 -15.07 -24.41
CA ARG VB 89 -73.45 -14.05 -25.02
C ARG VB 89 -72.61 -12.83 -25.37
N ASP VB 90 -72.60 -12.45 -26.63
CA ASP VB 90 -71.98 -11.21 -27.08
C ASP VB 90 -73.06 -10.14 -27.15
N TYR VB 91 -72.73 -8.93 -26.71
CA TYR VB 91 -73.68 -7.84 -26.81
C TYR VB 91 -72.91 -6.55 -26.94
N LEU VB 92 -73.58 -5.52 -27.44
CA LEU VB 92 -72.97 -4.22 -27.68
C LEU VB 92 -73.31 -3.30 -26.51
N HIS VB 93 -72.29 -2.68 -25.95
CA HIS VB 93 -72.45 -1.77 -24.83
C HIS VB 93 -72.31 -0.34 -25.33
N TYR VB 94 -73.30 0.49 -25.05
CA TYR VB 94 -73.33 1.84 -25.60
C TYR VB 94 -72.55 2.79 -24.71
N ILE VB 95 -71.91 3.78 -25.32
CA ILE VB 95 -71.24 4.87 -24.63
C ILE VB 95 -71.83 6.18 -25.13
N ARG VB 96 -72.30 7.02 -24.20
CA ARG VB 96 -72.89 8.29 -24.59
C ARG VB 96 -71.85 9.23 -25.18
N LYS VB 97 -70.65 9.28 -24.59
CA LYS VB 97 -69.67 10.29 -24.96
C LYS VB 97 -69.23 10.15 -26.41
N TYR VB 98 -68.85 8.95 -26.82
CA TYR VB 98 -68.38 8.74 -28.17
C TYR VB 98 -69.47 8.31 -29.13
N ASN VB 99 -70.70 8.15 -28.65
CA ASN VB 99 -71.85 7.75 -29.45
C ASN VB 99 -71.59 6.49 -30.25
N ARG VB 100 -70.78 5.60 -29.71
CA ARG VB 100 -70.47 4.33 -30.33
C ARG VB 100 -70.80 3.20 -29.37
N PHE VB 101 -70.53 1.98 -29.81
CA PHE VB 101 -70.82 0.79 -29.05
C PHE VB 101 -69.52 0.15 -28.57
N GLU VB 102 -69.64 -0.70 -27.56
CA GLU VB 102 -68.49 -1.41 -27.01
C GLU VB 102 -68.77 -2.91 -27.08
N LYS VB 103 -67.82 -3.66 -27.62
CA LYS VB 103 -67.99 -5.09 -27.75
C LYS VB 103 -67.76 -5.76 -26.41
N ARG VB 104 -68.83 -6.32 -25.83
CA ARG VB 104 -68.75 -6.98 -24.54
C ARG VB 104 -69.33 -8.37 -24.63
N HIS VB 105 -68.81 -9.27 -23.81
CA HIS VB 105 -69.30 -10.64 -23.76
C HIS VB 105 -69.30 -11.11 -22.33
N LYS VB 106 -70.19 -12.06 -22.04
CA LYS VB 106 -70.22 -12.69 -20.73
C LYS VB 106 -70.51 -14.18 -20.87
N ASN VB 107 -70.01 -14.95 -19.89
CA ASN VB 107 -70.12 -16.39 -19.90
C ASN VB 107 -71.13 -16.85 -18.85
N MET VB 108 -71.92 -17.85 -19.21
CA MET VB 108 -72.95 -18.39 -18.35
C MET VB 108 -72.84 -19.91 -18.37
N SER VB 109 -72.85 -20.53 -17.20
CA SER VB 109 -72.88 -21.98 -17.10
C SER VB 109 -74.33 -22.42 -16.96
N VAL VB 110 -74.76 -23.31 -17.84
CA VAL VB 110 -76.15 -23.74 -17.88
C VAL VB 110 -76.22 -25.25 -17.79
N HIS VB 111 -77.34 -25.74 -17.28
CA HIS VB 111 -77.56 -27.16 -17.09
C HIS VB 111 -78.18 -27.76 -18.35
N LEU VB 112 -77.59 -28.84 -18.83
CA LEU VB 112 -77.97 -29.48 -20.08
C LEU VB 112 -78.66 -30.80 -19.80
N SER VB 113 -79.93 -30.88 -20.16
CA SER VB 113 -80.65 -32.14 -20.03
C SER VB 113 -80.10 -33.16 -21.03
N PRO VB 114 -80.03 -34.43 -20.64
CA PRO VB 114 -79.49 -35.46 -21.55
C PRO VB 114 -80.36 -35.69 -22.78
N CYS VB 115 -81.59 -35.21 -22.79
CA CYS VB 115 -82.44 -35.33 -23.96
C CYS VB 115 -81.80 -34.72 -25.20
N PHE VB 116 -81.15 -33.58 -25.07
CA PHE VB 116 -80.40 -32.96 -26.16
C PHE VB 116 -79.09 -33.71 -26.26
N ARG VB 117 -79.00 -34.64 -27.22
CA ARG VB 117 -77.76 -35.39 -27.40
C ARG VB 117 -76.85 -34.76 -28.44
N ASP VB 118 -77.41 -34.30 -29.55
CA ASP VB 118 -76.62 -33.77 -30.65
C ASP VB 118 -76.34 -32.29 -30.40
N VAL VB 119 -75.42 -32.05 -29.47
CA VAL VB 119 -75.03 -30.69 -29.10
C VAL VB 119 -73.54 -30.54 -29.38
N GLN VB 120 -73.19 -29.53 -30.17
CA GLN VB 120 -71.82 -29.28 -30.58
C GLN VB 120 -71.46 -27.81 -30.37
N ILE VB 121 -70.15 -27.55 -30.39
CA ILE VB 121 -69.66 -26.20 -30.22
C ILE VB 121 -70.06 -25.35 -31.41
N GLY VB 122 -70.62 -24.17 -31.14
CA GLY VB 122 -71.13 -23.31 -32.17
C GLY VB 122 -72.63 -23.32 -32.31
N ASP VB 123 -73.32 -24.20 -31.61
CA ASP VB 123 -74.78 -24.24 -31.67
C ASP VB 123 -75.38 -23.03 -30.95
N ILE VB 124 -76.46 -22.51 -31.51
CA ILE VB 124 -77.25 -21.46 -30.88
C ILE VB 124 -78.35 -22.13 -30.08
N VAL VB 125 -78.41 -21.83 -28.79
CA VAL VB 125 -79.37 -22.44 -27.88
C VAL VB 125 -80.11 -21.34 -27.13
N THR VB 126 -81.35 -21.62 -26.76
CA THR VB 126 -82.16 -20.72 -25.95
C THR VB 126 -82.24 -21.28 -24.54
N VAL VB 127 -81.98 -20.43 -23.55
CA VAL VB 127 -81.95 -20.87 -22.16
C VAL VB 127 -82.95 -20.07 -21.35
N GLY VB 128 -83.39 -20.67 -20.25
CA GLY VB 128 -84.38 -20.05 -19.39
C GLY VB 128 -83.94 -20.05 -17.94
N GLU VB 129 -84.38 -19.03 -17.22
CA GLU VB 129 -83.97 -18.87 -15.83
C GLU VB 129 -84.79 -19.77 -14.92
N CYS VB 130 -84.11 -20.37 -13.94
CA CYS VB 130 -84.75 -21.25 -12.97
C CYS VB 130 -84.22 -20.90 -11.58
N ARG VB 131 -84.58 -21.71 -10.59
CA ARG VB 131 -83.99 -21.57 -9.28
C ARG VB 131 -82.53 -21.99 -9.34
N PRO VB 132 -81.68 -21.39 -8.49
CA PRO VB 132 -80.23 -21.62 -8.62
C PRO VB 132 -79.87 -23.08 -8.41
N LEU VB 133 -79.42 -23.73 -9.49
CA LEU VB 133 -79.12 -25.15 -9.45
C LEU VB 133 -77.74 -25.44 -8.89
N SER VB 134 -76.81 -24.49 -8.97
CA SER VB 134 -75.51 -24.63 -8.37
C SER VB 134 -75.03 -23.26 -7.92
N LYS VB 135 -73.73 -23.15 -7.65
CA LYS VB 135 -73.16 -21.87 -7.26
C LYS VB 135 -73.30 -20.84 -8.36
N THR VB 136 -73.10 -21.26 -9.62
CA THR VB 136 -73.09 -20.33 -10.74
C THR VB 136 -74.18 -20.62 -11.77
N VAL VB 137 -74.84 -21.77 -11.69
CA VAL VB 137 -75.81 -22.18 -12.70
C VAL VB 137 -77.18 -21.67 -12.28
N ARG VB 138 -77.84 -20.97 -13.19
CA ARG VB 138 -79.20 -20.52 -12.94
C ARG VB 138 -80.09 -20.72 -14.16
N PHE VB 139 -79.59 -21.35 -15.21
CA PHE VB 139 -80.30 -21.39 -16.48
C PHE VB 139 -80.25 -22.79 -17.07
N ASN VB 140 -81.36 -23.17 -17.70
CA ASN VB 140 -81.50 -24.50 -18.29
C ASN VB 140 -81.62 -24.37 -19.80
N VAL VB 141 -81.05 -25.35 -20.50
CA VAL VB 141 -81.14 -25.39 -21.95
C VAL VB 141 -82.58 -25.71 -22.34
N LEU VB 142 -83.16 -24.87 -23.19
CA LEU VB 142 -84.54 -25.06 -23.61
C LEU VB 142 -84.67 -25.54 -25.04
N LYS VB 143 -84.10 -24.82 -26.00
CA LYS VB 143 -84.17 -25.21 -27.40
C LYS VB 143 -82.80 -25.07 -28.03
N VAL VB 144 -82.45 -26.03 -28.89
CA VAL VB 144 -81.14 -26.08 -29.51
C VAL VB 144 -81.31 -25.93 -31.01
N THR VB 145 -80.63 -24.94 -31.60
CA THR VB 145 -80.68 -24.72 -33.03
C THR VB 145 -79.28 -24.91 -33.61
N LYS VB 146 -79.18 -25.76 -34.63
CA LYS VB 146 -77.90 -26.02 -35.25
C LYS VB 146 -77.44 -24.80 -36.06
N ALA VB 147 -76.13 -24.71 -36.24
CA ALA VB 147 -75.51 -23.56 -36.92
C ALA VB 147 -74.93 -24.00 -38.25
N ALA VB 148 -75.77 -23.95 -39.29
CA ALA VB 148 -75.39 -24.26 -40.67
C ALA VB 148 -74.76 -25.65 -40.78
N GLY VB 149 -75.22 -26.57 -39.96
CA GLY VB 149 -74.70 -27.92 -39.98
C GLY VB 149 -75.65 -28.89 -40.65
N THR VB 150 -76.31 -29.73 -39.87
CA THR VB 150 -77.28 -30.72 -40.34
C THR VB 150 -76.68 -31.68 -41.37
N LYS VB 151 -75.34 -31.81 -41.37
CA LYS VB 151 -74.64 -32.63 -42.34
C LYS VB 151 -73.18 -32.74 -41.92
N LYS VB 152 -72.59 -33.91 -42.13
CA LYS VB 152 -71.18 -34.17 -41.86
C LYS VB 152 -70.55 -34.74 -43.13
N GLN VB 153 -69.31 -34.36 -43.40
CA GLN VB 153 -68.62 -34.85 -44.58
C GLN VB 153 -67.40 -35.70 -44.23
N GLY WB 1 -53.64 -3.03 -53.30
CA GLY WB 1 -52.70 -3.61 -54.24
C GLY WB 1 -52.58 -5.12 -54.11
N ARG WB 2 -51.41 -5.66 -54.42
CA ARG WB 2 -51.20 -7.09 -54.23
C ARG WB 2 -51.15 -7.39 -52.74
N MET WB 3 -51.51 -8.62 -52.38
CA MET WB 3 -51.61 -8.96 -50.96
C MET WB 3 -50.25 -8.87 -50.29
N HIS WB 4 -49.21 -9.36 -50.95
CA HIS WB 4 -47.87 -9.34 -50.38
C HIS WB 4 -46.84 -8.75 -51.33
N ALA WB 5 -47.26 -7.92 -52.26
CA ALA WB 5 -46.32 -7.24 -53.14
C ALA WB 5 -46.74 -5.78 -53.25
N PRO WB 6 -45.80 -4.88 -53.42
CA PRO WB 6 -46.15 -3.47 -53.55
C PRO WB 6 -46.49 -3.12 -54.99
N GLY WB 7 -47.35 -3.92 -55.60
CA GLY WB 7 -47.77 -3.70 -56.97
C GLY WB 7 -49.20 -3.23 -57.01
N LYS WB 8 -49.53 -2.44 -58.01
CA LYS WB 8 -50.88 -1.92 -58.20
C LYS WB 8 -51.35 -2.22 -59.61
N GLY WB 9 -51.00 -3.40 -60.11
CA GLY WB 9 -51.26 -3.73 -61.48
C GLY WB 9 -52.74 -3.90 -61.77
N LEU WB 10 -53.09 -3.76 -63.04
CA LEU WB 10 -54.48 -3.84 -63.47
C LEU WB 10 -54.70 -4.98 -64.46
N SER WB 11 -53.78 -5.92 -64.54
CA SER WB 11 -53.88 -7.02 -65.49
C SER WB 11 -55.06 -7.92 -65.14
N GLN WB 12 -56.15 -7.81 -65.90
CA GLN WB 12 -57.34 -8.62 -65.68
C GLN WB 12 -57.91 -9.04 -67.02
N SER WB 13 -59.14 -9.53 -67.00
CA SER WB 13 -59.85 -9.95 -68.19
C SER WB 13 -61.20 -9.26 -68.25
N ALA WB 14 -61.43 -8.51 -69.31
CA ALA WB 14 -62.65 -7.70 -69.46
C ALA WB 14 -63.70 -8.56 -70.14
N LEU WB 15 -64.59 -9.16 -69.34
CA LEU WB 15 -65.62 -10.01 -69.91
C LEU WB 15 -66.64 -9.17 -70.67
N PRO WB 16 -66.94 -9.52 -71.91
CA PRO WB 16 -67.88 -8.71 -72.70
C PRO WB 16 -69.29 -8.76 -72.13
N TYR WB 17 -70.04 -7.68 -72.38
CA TYR WB 17 -71.38 -7.54 -71.83
C TYR WB 17 -72.33 -8.61 -72.35
N ARG WB 18 -72.12 -9.09 -73.56
CA ARG WB 18 -73.07 -10.00 -74.20
C ARG WB 18 -72.92 -11.39 -73.60
N ARG WB 19 -73.82 -11.75 -72.69
CA ARG WB 19 -73.78 -13.09 -72.10
C ARG WB 19 -74.11 -14.18 -73.10
N SER WB 20 -74.70 -13.82 -74.23
CA SER WB 20 -75.21 -14.81 -75.17
C SER WB 20 -74.07 -15.61 -75.80
N VAL WB 21 -74.39 -16.84 -76.15
CA VAL WB 21 -73.47 -17.65 -76.96
C VAL WB 21 -73.40 -17.08 -78.37
N PRO WB 22 -72.21 -16.90 -78.94
CA PRO WB 22 -72.13 -16.42 -80.32
C PRO WB 22 -72.77 -17.38 -81.29
N THR WB 23 -73.29 -16.82 -82.39
CA THR WB 23 -74.02 -17.61 -83.38
C THR WB 23 -73.17 -18.67 -84.04
N TRP WB 24 -71.88 -18.40 -84.22
CA TRP WB 24 -71.00 -19.31 -84.95
C TRP WB 24 -70.51 -20.47 -84.12
N LEU WB 25 -70.99 -20.61 -82.88
CA LEU WB 25 -70.56 -21.70 -82.00
C LEU WB 25 -71.38 -22.93 -82.33
N LYS WB 26 -70.72 -24.04 -82.62
CA LYS WB 26 -71.40 -25.28 -82.95
C LYS WB 26 -71.41 -26.30 -81.82
N LEU WB 27 -70.66 -26.06 -80.75
CA LEU WB 27 -70.66 -27.00 -79.64
C LEU WB 27 -71.93 -26.83 -78.80
N THR WB 28 -72.51 -27.94 -78.39
CA THR WB 28 -73.64 -27.91 -77.47
C THR WB 28 -73.14 -28.09 -76.05
N SER WB 29 -74.07 -28.03 -75.10
CA SER WB 29 -73.70 -28.11 -73.69
C SER WB 29 -73.06 -29.46 -73.36
N ASP WB 30 -73.68 -30.55 -73.82
CA ASP WB 30 -73.14 -31.87 -73.54
C ASP WB 30 -71.82 -32.11 -74.24
N ASP WB 31 -71.61 -31.52 -75.41
CA ASP WB 31 -70.33 -31.64 -76.09
C ASP WB 31 -69.20 -31.10 -75.24
N VAL WB 32 -69.38 -29.88 -74.73
CA VAL WB 32 -68.36 -29.26 -73.91
C VAL WB 32 -68.20 -30.03 -72.62
N LYS WB 33 -69.30 -30.55 -72.07
CA LYS WB 33 -69.19 -31.37 -70.87
C LYS WB 33 -68.29 -32.58 -71.14
N GLU WB 34 -68.46 -33.22 -72.30
CA GLU WB 34 -67.63 -34.37 -72.65
C GLU WB 34 -66.17 -33.98 -72.78
N GLN WB 35 -65.91 -32.82 -73.38
CA GLN WB 35 -64.52 -32.38 -73.52
C GLN WB 35 -63.89 -32.09 -72.17
N ILE WB 36 -64.66 -31.46 -71.27
CA ILE WB 36 -64.17 -31.25 -69.90
C ILE WB 36 -63.87 -32.58 -69.24
N TYR WB 37 -64.73 -33.57 -69.47
CA TYR WB 37 -64.50 -34.88 -68.86
C TYR WB 37 -63.20 -35.48 -69.35
N LYS WB 38 -62.96 -35.41 -70.66
CA LYS WB 38 -61.70 -35.95 -71.18
C LYS WB 38 -60.50 -35.20 -70.62
N LEU WB 39 -60.60 -33.87 -70.51
CA LEU WB 39 -59.46 -33.11 -69.99
C LEU WB 39 -59.20 -33.45 -68.53
N ALA WB 40 -60.24 -33.62 -67.74
CA ALA WB 40 -60.05 -34.00 -66.35
C ALA WB 40 -59.48 -35.41 -66.25
N LYS WB 41 -59.88 -36.30 -67.15
CA LYS WB 41 -59.24 -37.61 -67.23
C LYS WB 41 -57.77 -37.47 -67.56
N LYS WB 42 -57.43 -36.50 -68.42
CA LYS WB 42 -56.04 -36.22 -68.72
C LYS WB 42 -55.35 -35.51 -67.56
N GLY WB 43 -56.10 -35.02 -66.58
CA GLY WB 43 -55.53 -34.46 -65.38
C GLY WB 43 -55.34 -32.96 -65.36
N LEU WB 44 -55.88 -32.24 -66.32
CA LEU WB 44 -55.72 -30.79 -66.34
C LEU WB 44 -56.57 -30.15 -65.25
N THR WB 45 -56.02 -29.11 -64.63
CA THR WB 45 -56.76 -28.35 -63.64
C THR WB 45 -57.76 -27.43 -64.33
N PRO WB 46 -58.83 -27.03 -63.62
CA PRO WB 46 -59.92 -26.29 -64.29
C PRO WB 46 -59.48 -25.05 -65.01
N SER WB 47 -58.49 -24.31 -64.50
CA SER WB 47 -57.96 -23.18 -65.24
C SER WB 47 -57.37 -23.62 -66.57
N GLN WB 48 -56.58 -24.70 -66.54
CA GLN WB 48 -56.04 -25.22 -67.79
C GLN WB 48 -57.13 -25.74 -68.69
N ILE WB 49 -58.18 -26.31 -68.10
CA ILE WB 49 -59.32 -26.76 -68.88
C ILE WB 49 -59.92 -25.59 -69.64
N GLY WB 50 -60.14 -24.48 -68.94
CA GLY WB 50 -60.69 -23.31 -69.59
C GLY WB 50 -59.76 -22.76 -70.66
N VAL WB 51 -58.46 -22.74 -70.38
CA VAL WB 51 -57.51 -22.20 -71.34
C VAL WB 51 -57.50 -23.03 -72.61
N ILE WB 52 -57.47 -24.35 -72.48
CA ILE WB 52 -57.49 -25.22 -73.65
C ILE WB 52 -58.80 -25.07 -74.41
N LEU WB 53 -59.91 -25.02 -73.68
CA LEU WB 53 -61.21 -24.96 -74.33
C LEU WB 53 -61.38 -23.67 -75.11
N ARG WB 54 -61.04 -22.54 -74.49
CA ARG WB 54 -61.11 -21.26 -75.20
C ARG WB 54 -60.11 -21.20 -76.34
N ASP WB 55 -58.89 -21.69 -76.12
CA ASP WB 55 -57.87 -21.59 -77.15
C ASP WB 55 -58.20 -22.46 -78.35
N SER WB 56 -58.55 -23.72 -78.09
CA SER WB 56 -58.69 -24.69 -79.17
C SER WB 56 -60.09 -24.71 -79.77
N HIS WB 57 -61.11 -24.92 -78.95
CA HIS WB 57 -62.46 -25.12 -79.43
C HIS WB 57 -63.27 -23.84 -79.48
N GLY WB 58 -62.67 -22.70 -79.19
CA GLY WB 58 -63.31 -21.43 -79.43
C GLY WB 58 -64.48 -21.10 -78.54
N VAL WB 59 -64.69 -21.84 -77.47
CA VAL WB 59 -65.73 -21.48 -76.51
C VAL WB 59 -65.31 -20.18 -75.83
N ALA WB 60 -66.25 -19.25 -75.72
CA ALA WB 60 -65.95 -18.00 -75.05
C ALA WB 60 -65.93 -18.17 -73.54
N GLN WB 61 -67.07 -18.55 -72.96
CA GLN WB 61 -67.16 -18.81 -71.53
C GLN WB 61 -67.99 -20.07 -71.34
N VAL WB 62 -67.45 -21.00 -70.55
CA VAL WB 62 -68.13 -22.27 -70.34
C VAL WB 62 -69.46 -22.03 -69.64
N ARG WB 63 -69.48 -21.09 -68.69
CA ARG WB 63 -70.70 -20.86 -67.92
C ARG WB 63 -71.83 -20.33 -68.80
N PHE WB 64 -71.50 -19.49 -69.77
CA PHE WB 64 -72.52 -18.95 -70.67
C PHE WB 64 -73.20 -20.05 -71.46
N VAL WB 65 -72.44 -21.03 -71.93
CA VAL WB 65 -73.00 -22.01 -72.85
C VAL WB 65 -73.56 -23.23 -72.11
N THR WB 66 -73.03 -23.56 -70.94
CA THR WB 66 -73.52 -24.70 -70.18
C THR WB 66 -74.42 -24.34 -69.01
N GLY WB 67 -74.28 -23.15 -68.45
CA GLY WB 67 -75.04 -22.77 -67.29
C GLY WB 67 -74.44 -23.20 -65.97
N ASN WB 68 -73.31 -23.87 -65.98
CA ASN WB 68 -72.61 -24.24 -64.77
C ASN WB 68 -71.12 -24.00 -64.95
N LYS WB 69 -70.45 -23.72 -63.83
CA LYS WB 69 -69.02 -23.47 -63.88
C LYS WB 69 -68.24 -24.78 -64.00
N ILE WB 70 -66.98 -24.65 -64.37
CA ILE WB 70 -66.15 -25.83 -64.61
C ILE WB 70 -65.98 -26.64 -63.33
N LEU WB 71 -65.75 -25.97 -62.21
CA LEU WB 71 -65.65 -26.69 -60.95
C LEU WB 71 -66.99 -27.32 -60.58
N ARG WB 72 -68.10 -26.62 -60.83
CA ARG WB 72 -69.40 -27.23 -60.62
C ARG WB 72 -69.59 -28.46 -61.47
N ILE WB 73 -69.17 -28.40 -62.74
CA ILE WB 73 -69.31 -29.55 -63.62
C ILE WB 73 -68.48 -30.72 -63.12
N LEU WB 74 -67.23 -30.45 -62.73
CA LEU WB 74 -66.35 -31.50 -62.26
C LEU WB 74 -66.86 -32.13 -60.97
N LYS WB 75 -67.34 -31.29 -60.06
CA LYS WB 75 -67.90 -31.80 -58.81
C LYS WB 75 -69.18 -32.59 -59.05
N SER WB 76 -70.01 -32.12 -59.99
CA SER WB 76 -71.25 -32.84 -60.30
C SER WB 76 -70.96 -34.20 -60.89
N LYS WB 77 -70.01 -34.26 -61.83
CA LYS WB 77 -69.59 -35.56 -62.33
C LYS WB 77 -68.78 -36.30 -61.28
N GLY WB 78 -68.21 -35.56 -60.33
CA GLY WB 78 -67.57 -36.14 -59.18
C GLY WB 78 -66.10 -36.44 -59.32
N LEU WB 79 -65.42 -35.89 -60.33
CA LEU WB 79 -64.03 -36.23 -60.59
C LEU WB 79 -63.10 -35.04 -60.38
N ALA WB 80 -63.58 -33.99 -59.71
CA ALA WB 80 -62.71 -32.89 -59.37
C ALA WB 80 -61.62 -33.35 -58.40
N PRO WB 81 -60.42 -32.77 -58.48
CA PRO WB 81 -59.39 -33.11 -57.50
C PRO WB 81 -59.81 -32.72 -56.10
N ASP WB 82 -59.37 -33.52 -55.13
CA ASP WB 82 -59.78 -33.30 -53.75
C ASP WB 82 -59.27 -31.96 -53.22
N LEU WB 83 -58.03 -31.61 -53.54
CA LEU WB 83 -57.69 -30.26 -53.09
C LEU WB 83 -58.18 -29.22 -54.08
N PRO WB 84 -58.44 -28.01 -53.60
CA PRO WB 84 -58.67 -26.90 -54.53
C PRO WB 84 -57.41 -26.65 -55.34
N GLU WB 85 -57.63 -26.20 -56.59
CA GLU WB 85 -56.52 -25.97 -57.50
C GLU WB 85 -55.53 -24.95 -56.94
N ASP WB 86 -56.04 -23.80 -56.51
CA ASP WB 86 -55.18 -22.71 -56.07
C ASP WB 86 -54.39 -23.09 -54.83
N LEU WB 87 -55.04 -23.73 -53.87
CA LEU WB 87 -54.34 -24.17 -52.68
C LEU WB 87 -53.30 -25.22 -53.03
N TYR WB 88 -53.62 -26.09 -53.97
CA TYR WB 88 -52.66 -27.08 -54.43
C TYR WB 88 -51.42 -26.42 -55.01
N HIS WB 89 -51.60 -25.41 -55.83
CA HIS WB 89 -50.45 -24.72 -56.41
C HIS WB 89 -49.65 -23.99 -55.35
N LEU WB 90 -50.33 -23.41 -54.37
CA LEU WB 90 -49.62 -22.72 -53.30
C LEU WB 90 -48.79 -23.69 -52.49
N ILE WB 91 -49.34 -24.85 -52.18
CA ILE WB 91 -48.58 -25.85 -51.46
C ILE WB 91 -47.41 -26.33 -52.30
N LYS WB 92 -47.62 -26.50 -53.61
CA LYS WB 92 -46.52 -26.85 -54.50
C LYS WB 92 -45.40 -25.84 -54.42
N LYS WB 93 -45.74 -24.55 -54.48
CA LYS WB 93 -44.72 -23.52 -54.43
C LYS WB 93 -43.99 -23.51 -53.09
N ALA WB 94 -44.73 -23.64 -51.99
CA ALA WB 94 -44.09 -23.65 -50.69
C ALA WB 94 -43.17 -24.83 -50.54
N VAL WB 95 -43.59 -26.00 -51.03
CA VAL WB 95 -42.75 -27.19 -50.96
C VAL WB 95 -41.51 -27.00 -51.80
N ALA WB 96 -41.64 -26.39 -52.97
CA ALA WB 96 -40.47 -26.16 -53.81
C ALA WB 96 -39.49 -25.21 -53.13
N VAL WB 97 -40.00 -24.16 -52.50
CA VAL WB 97 -39.12 -23.21 -51.82
C VAL WB 97 -38.43 -23.89 -50.64
N ARG WB 98 -39.14 -24.70 -49.87
CA ARG WB 98 -38.52 -25.42 -48.77
C ARG WB 98 -37.46 -26.39 -49.28
N LYS WB 99 -37.75 -27.10 -50.37
CA LYS WB 99 -36.78 -28.00 -50.96
C LYS WB 99 -35.51 -27.26 -51.36
N HIS WB 100 -35.68 -26.06 -51.91
CA HIS WB 100 -34.51 -25.29 -52.31
C HIS WB 100 -33.75 -24.77 -51.10
N LEU WB 101 -34.47 -24.36 -50.06
CA LEU WB 101 -33.84 -23.65 -48.94
C LEU WB 101 -32.91 -24.57 -48.16
N GLU WB 102 -33.25 -25.84 -48.04
CA GLU WB 102 -32.48 -26.75 -47.21
C GLU WB 102 -31.07 -26.98 -47.70
N ARG WB 103 -30.75 -26.59 -48.93
CA ARG WB 103 -29.37 -26.63 -49.40
C ARG WB 103 -28.72 -25.26 -49.47
N ASN WB 104 -29.50 -24.19 -49.43
CA ASN WB 104 -28.98 -22.83 -49.35
C ASN WB 104 -29.50 -22.21 -48.06
N ARG WB 105 -28.75 -22.40 -46.98
CA ARG WB 105 -29.17 -21.87 -45.68
C ARG WB 105 -29.03 -20.36 -45.63
N LYS WB 106 -28.31 -19.75 -46.56
CA LYS WB 106 -28.08 -18.31 -46.57
C LYS WB 106 -29.11 -17.55 -47.39
N ASP WB 107 -29.98 -18.24 -48.13
CA ASP WB 107 -30.99 -17.58 -48.95
C ASP WB 107 -32.09 -17.02 -48.06
N LYS WB 108 -31.77 -15.93 -47.38
CA LYS WB 108 -32.73 -15.33 -46.46
C LYS WB 108 -33.90 -14.71 -47.19
N ASP WB 109 -33.70 -14.23 -48.41
CA ASP WB 109 -34.81 -13.70 -49.20
C ASP WB 109 -35.76 -14.82 -49.59
N ALA WB 110 -35.22 -15.99 -49.92
CA ALA WB 110 -36.08 -17.15 -50.14
C ALA WB 110 -36.87 -17.49 -48.89
N LYS WB 111 -36.26 -17.33 -47.72
CA LYS WB 111 -36.98 -17.53 -46.48
C LYS WB 111 -38.11 -16.51 -46.33
N PHE WB 112 -37.85 -15.26 -46.73
CA PHE WB 112 -38.87 -14.23 -46.68
C PHE WB 112 -40.06 -14.60 -47.56
N ARG WB 113 -39.78 -15.04 -48.78
CA ARG WB 113 -40.83 -15.49 -49.68
C ARG WB 113 -41.55 -16.69 -49.09
N LEU WB 114 -40.82 -17.57 -48.41
CA LEU WB 114 -41.44 -18.72 -47.77
C LEU WB 114 -42.45 -18.29 -46.73
N ILE WB 115 -42.07 -17.31 -45.92
CA ILE WB 115 -42.99 -16.81 -44.90
C ILE WB 115 -44.24 -16.24 -45.55
N LEU WB 116 -44.06 -15.47 -46.61
CA LEU WB 116 -45.22 -14.92 -47.31
C LEU WB 116 -46.12 -16.02 -47.85
N ILE WB 117 -45.53 -17.02 -48.49
CA ILE WB 117 -46.31 -18.08 -49.13
C ILE WB 117 -47.07 -18.88 -48.08
N GLU WB 118 -46.40 -19.25 -47.00
CA GLU WB 118 -47.10 -20.01 -45.97
C GLU WB 118 -48.19 -19.19 -45.30
N SER WB 119 -47.99 -17.87 -45.15
CA SER WB 119 -49.05 -17.03 -44.62
C SER WB 119 -50.26 -17.04 -45.53
N ARG WB 120 -50.04 -16.89 -46.83
CA ARG WB 120 -51.16 -16.94 -47.77
C ARG WB 120 -51.84 -18.29 -47.72
N ILE WB 121 -51.05 -19.36 -47.59
CA ILE WB 121 -51.60 -20.70 -47.54
C ILE WB 121 -52.50 -20.87 -46.33
N HIS WB 122 -52.03 -20.40 -45.17
CA HIS WB 122 -52.83 -20.51 -43.96
C HIS WB 122 -54.11 -19.70 -44.07
N ARG WB 123 -54.03 -18.50 -44.63
CA ARG WB 123 -55.23 -17.69 -44.78
C ARG WB 123 -56.24 -18.37 -45.70
N LEU WB 124 -55.77 -18.92 -46.82
CA LEU WB 124 -56.67 -19.58 -47.75
C LEU WB 124 -57.28 -20.83 -47.12
N ALA WB 125 -56.49 -21.53 -46.31
CA ALA WB 125 -57.02 -22.69 -45.59
C ALA WB 125 -58.10 -22.28 -44.62
N ARG WB 126 -57.90 -21.16 -43.93
CA ARG WB 126 -58.93 -20.65 -43.03
C ARG WB 126 -60.20 -20.35 -43.79
N TYR WB 127 -60.07 -19.72 -44.96
CA TYR WB 127 -61.25 -19.43 -45.76
C TYR WB 127 -61.96 -20.70 -46.19
N TYR WB 128 -61.21 -21.70 -46.63
CA TYR WB 128 -61.83 -22.94 -47.10
C TYR WB 128 -62.54 -23.67 -45.97
N LYS WB 129 -61.94 -23.71 -44.77
CA LYS WB 129 -62.66 -24.29 -43.65
C LYS WB 129 -63.88 -23.45 -43.31
N THR WB 130 -63.82 -22.15 -43.53
CA THR WB 130 -64.98 -21.29 -43.28
C THR WB 130 -66.14 -21.68 -44.16
N LYS WB 131 -65.87 -21.97 -45.42
CA LYS WB 131 -66.92 -22.47 -46.31
C LYS WB 131 -67.18 -23.95 -46.08
N ARG WB 132 -66.51 -24.56 -45.11
CA ARG WB 132 -66.47 -25.99 -44.89
C ARG WB 132 -66.06 -26.78 -46.12
N VAL WB 133 -65.29 -26.15 -47.01
CA VAL WB 133 -64.74 -26.88 -48.14
C VAL WB 133 -63.73 -27.91 -47.66
N LEU WB 134 -62.90 -27.53 -46.80
CA LEU WB 134 -61.91 -28.42 -46.22
C LEU WB 134 -62.41 -28.98 -44.90
N PRO WB 135 -61.84 -30.08 -44.41
CA PRO WB 135 -62.23 -30.58 -43.10
C PRO WB 135 -61.89 -29.56 -42.01
N PRO WB 136 -62.72 -29.49 -40.97
CA PRO WB 136 -62.47 -28.49 -39.92
C PRO WB 136 -61.17 -28.67 -39.17
N ASN WB 137 -60.68 -29.90 -39.04
CA ASN WB 137 -59.43 -30.17 -38.35
C ASN WB 137 -58.24 -30.13 -39.30
N TRP WB 138 -58.45 -29.74 -40.55
CA TRP WB 138 -57.39 -29.73 -41.53
C TRP WB 138 -56.31 -28.72 -41.12
N LYS WB 139 -55.06 -29.11 -41.31
CA LYS WB 139 -53.93 -28.25 -41.02
C LYS WB 139 -52.87 -28.48 -42.08
N TYR WB 140 -52.11 -27.44 -42.38
CA TYR WB 140 -50.96 -27.55 -43.27
C TYR WB 140 -49.71 -27.76 -42.44
N GLU WB 141 -49.01 -28.86 -42.69
CA GLU WB 141 -47.76 -29.17 -42.00
C GLU WB 141 -46.61 -29.18 -42.99
N SER WB 142 -45.58 -28.40 -42.69
CA SER WB 142 -44.46 -28.26 -43.62
C SER WB 142 -43.75 -29.57 -43.85
N SER WB 143 -43.70 -30.44 -42.84
CA SER WB 143 -42.99 -31.70 -42.99
C SER WB 143 -43.73 -32.65 -43.91
N THR WB 144 -45.03 -32.81 -43.71
CA THR WB 144 -45.80 -33.84 -44.39
C THR WB 144 -46.46 -33.36 -45.67
N ALA WB 145 -46.33 -32.07 -46.00
CA ALA WB 145 -47.05 -31.56 -47.14
C ALA WB 145 -46.51 -32.07 -48.47
N SER WB 146 -45.26 -32.54 -48.49
CA SER WB 146 -44.58 -32.75 -49.77
C SER WB 146 -45.18 -33.91 -50.56
N ALA WB 147 -45.90 -34.81 -49.90
CA ALA WB 147 -46.54 -35.90 -50.63
C ALA WB 147 -47.79 -35.47 -51.37
N LEU WB 148 -48.52 -34.49 -50.87
CA LEU WB 148 -49.79 -34.09 -51.45
C LEU WB 148 -49.64 -33.38 -52.79
N VAL WB 149 -48.47 -32.83 -53.09
CA VAL WB 149 -48.21 -32.17 -54.36
C VAL WB 149 -47.05 -32.88 -55.03
N ALA WB 150 -47.09 -32.93 -56.36
CA ALA WB 150 -46.03 -33.55 -57.17
C ALA WB 150 -45.81 -35.01 -56.79
N ILE XB 4 34.46 6.24 -81.82
CA ILE XB 4 33.77 5.20 -81.08
C ILE XB 4 32.35 5.64 -80.69
N SER XB 5 32.25 6.82 -80.05
CA SER XB 5 30.99 7.45 -79.66
C SER XB 5 30.16 6.61 -78.70
N LEU XB 6 30.68 5.43 -78.31
CA LEU XB 6 29.94 4.45 -77.51
C LEU XB 6 28.56 4.19 -78.10
N GLY XB 7 28.45 4.19 -79.43
CA GLY XB 7 27.18 4.09 -80.09
C GLY XB 7 27.17 3.11 -81.23
N PRO XB 8 25.99 2.88 -81.80
CA PRO XB 8 25.86 1.85 -82.84
C PRO XB 8 26.35 2.35 -84.18
N GLN XB 9 26.33 1.43 -85.15
CA GLN XB 9 26.66 1.76 -86.52
C GLN XB 9 25.37 2.16 -87.22
N VAL XB 10 25.27 3.43 -87.62
CA VAL XB 10 24.04 3.98 -88.15
C VAL XB 10 24.33 4.84 -89.38
N ALA XB 11 23.31 5.01 -90.21
CA ALA XB 11 23.39 5.88 -91.38
C ALA XB 11 22.69 7.19 -91.06
N GLU XB 12 22.83 8.18 -91.95
CA GLU XB 12 22.29 9.51 -91.70
C GLU XB 12 20.82 9.63 -92.08
N GLY XB 13 20.40 9.00 -93.16
CA GLY XB 13 19.01 9.07 -93.58
C GLY XB 13 18.04 8.37 -92.64
N GLU XB 14 18.56 7.61 -91.68
CA GLU XB 14 17.75 6.92 -90.69
C GLU XB 14 18.22 7.30 -89.29
N ASN XB 15 17.28 7.33 -88.35
CA ASN XB 15 17.56 7.70 -86.98
C ASN XB 15 17.26 6.53 -86.06
N VAL XB 16 17.96 6.49 -84.93
CA VAL XB 16 17.82 5.43 -83.94
C VAL XB 16 16.75 5.83 -82.93
N PHE XB 17 15.90 4.88 -82.57
CA PHE XB 17 14.74 5.13 -81.72
C PHE XB 17 15.04 4.71 -80.28
N GLY XB 18 14.51 5.48 -79.33
CA GLY XB 18 14.61 5.18 -77.93
C GLY XB 18 13.26 5.34 -77.25
N VAL XB 19 13.28 5.12 -75.92
CA VAL XB 19 12.07 5.18 -75.12
C VAL XB 19 12.34 6.11 -73.94
N CYS XB 20 11.42 7.04 -73.69
CA CYS XB 20 11.49 7.95 -72.56
C CYS XB 20 10.31 7.70 -71.63
N HIS XB 21 10.59 7.38 -70.38
CA HIS XB 21 9.55 7.22 -69.36
C HIS XB 21 9.50 8.48 -68.53
N ILE XB 22 8.48 9.29 -68.74
CA ILE XB 22 8.33 10.57 -68.05
C ILE XB 22 7.36 10.35 -66.89
N PHE XB 23 7.92 10.04 -65.72
CA PHE XB 23 7.12 9.88 -64.52
C PHE XB 23 7.06 11.23 -63.84
N ALA XB 24 6.17 12.09 -64.31
CA ALA XB 24 6.04 13.44 -63.77
C ALA XB 24 4.91 13.43 -62.76
N SER XB 25 5.26 13.12 -61.52
CA SER XB 25 4.33 13.17 -60.41
C SER XB 25 4.43 14.51 -59.69
N PHE XB 26 3.79 14.60 -58.55
CA PHE XB 26 4.03 15.73 -57.68
C PHE XB 26 5.22 15.42 -56.76
N ASN XB 27 5.87 16.49 -56.31
CA ASN XB 27 7.00 16.44 -55.39
C ASN XB 27 8.26 15.82 -56.02
N ASP XB 28 8.17 15.35 -57.25
CA ASP XB 28 9.33 14.85 -58.01
C ASP XB 28 8.89 14.56 -59.43
N THR XB 29 9.88 14.32 -60.28
CA THR XB 29 9.62 13.92 -61.66
C THR XB 29 10.79 13.07 -62.15
N PHE XB 30 10.53 12.22 -63.14
CA PHE XB 30 11.54 11.35 -63.72
C PHE XB 30 11.63 11.57 -65.22
N VAL XB 31 12.85 11.64 -65.73
CA VAL XB 31 13.06 11.92 -67.15
C VAL XB 31 13.75 10.65 -67.69
N HIS XB 32 13.38 9.51 -67.13
CA HIS XB 32 14.00 8.23 -67.43
C HIS XB 32 13.96 7.92 -68.92
N VAL XB 33 15.09 7.50 -69.47
CA VAL XB 33 15.21 7.03 -70.85
C VAL XB 33 15.90 5.69 -70.84
N THR XB 34 15.30 4.71 -71.50
CA THR XB 34 15.82 3.36 -71.59
C THR XB 34 16.06 2.98 -73.05
N ASP XB 35 16.35 1.71 -73.27
CA ASP XB 35 16.50 1.18 -74.62
C ASP XB 35 15.12 0.93 -75.23
N LEU XB 36 15.10 0.35 -76.42
CA LEU XB 36 13.83 0.07 -77.08
C LEU XB 36 13.02 -0.99 -76.36
N SER XB 37 13.67 -2.02 -75.83
CA SER XB 37 12.98 -3.03 -75.04
C SER XB 37 12.47 -2.48 -73.72
N GLY XB 38 13.06 -1.41 -73.23
CA GLY XB 38 12.77 -0.90 -71.92
C GLY XB 38 13.59 -1.52 -70.81
N LYS XB 39 14.42 -2.52 -71.13
CA LYS XB 39 15.14 -3.21 -70.08
C LYS XB 39 16.45 -2.53 -69.74
N GLU XB 40 17.31 -2.30 -70.72
CA GLU XB 40 18.53 -1.54 -70.52
C GLU XB 40 18.16 -0.07 -70.45
N THR XB 41 18.51 0.58 -69.35
CA THR XB 41 18.27 2.00 -69.19
C THR XB 41 19.44 2.79 -69.76
N ILE XB 42 19.15 4.02 -70.16
CA ILE XB 42 20.14 4.89 -70.81
C ILE XB 42 20.51 6.05 -69.91
N CYS XB 43 19.55 6.91 -69.57
CA CYS XB 43 19.80 8.03 -68.69
C CYS XB 43 18.54 8.28 -67.87
N ARG XB 44 18.72 8.55 -66.59
CA ARG XB 44 17.60 8.81 -65.68
C ARG XB 44 18.01 9.93 -64.75
N VAL XB 45 17.43 11.11 -64.94
CA VAL XB 45 17.71 12.27 -64.10
C VAL XB 45 16.39 12.78 -63.56
N THR XB 46 16.36 13.10 -62.27
CA THR XB 46 15.16 13.59 -61.61
C THR XB 46 15.28 15.08 -61.33
N GLY XB 47 14.14 15.68 -60.97
CA GLY XB 47 14.17 17.04 -60.51
C GLY XB 47 14.78 17.20 -59.14
N GLY XB 48 14.73 16.15 -58.32
CA GLY XB 48 15.33 16.22 -57.00
C GLY XB 48 16.85 16.21 -57.04
N MET XB 49 17.44 15.74 -58.12
CA MET XB 49 18.88 15.78 -58.29
C MET XB 49 19.35 16.98 -59.09
N LYS XB 50 18.44 17.89 -59.46
CA LYS XB 50 18.79 19.18 -60.03
C LYS XB 50 18.65 20.34 -59.06
N VAL XB 51 17.66 20.32 -58.19
CA VAL XB 51 17.52 21.36 -57.17
C VAL XB 51 18.06 20.80 -55.85
N LYS XB 52 18.19 21.70 -54.88
CA LYS XB 52 18.60 21.33 -53.54
C LYS XB 52 17.68 21.99 -52.53
N ALA XB 53 16.45 22.32 -52.94
CA ALA XB 53 15.52 23.02 -52.07
C ALA XB 53 14.36 22.16 -51.60
N ASP XB 54 14.07 21.04 -52.26
CA ASP XB 54 13.05 20.07 -51.86
C ASP XB 54 11.63 20.63 -51.94
N ARG XB 55 11.50 21.92 -52.22
CA ARG XB 55 10.21 22.45 -52.61
C ARG XB 55 10.01 22.31 -54.10
N ASP XB 56 11.11 22.35 -54.85
CA ASP XB 56 11.09 22.49 -56.30
C ASP XB 56 11.54 21.22 -57.00
N GLU XB 57 11.40 20.07 -56.34
CA GLU XB 57 11.76 18.81 -56.98
C GLU XB 57 10.86 18.49 -58.15
N SER XB 58 9.59 18.93 -58.09
CA SER XB 58 8.67 18.75 -59.21
C SER XB 58 8.45 20.04 -59.99
N SER XB 59 9.19 21.08 -59.66
CA SER XB 59 8.98 22.36 -60.31
C SER XB 59 9.37 22.29 -61.78
N PRO XB 60 8.73 23.10 -62.63
CA PRO XB 60 9.01 23.01 -64.07
C PRO XB 60 10.46 23.27 -64.44
N TYR XB 61 11.12 24.17 -63.72
CA TYR XB 61 12.50 24.52 -64.05
C TYR XB 61 13.43 23.31 -63.89
N ALA XB 62 13.28 22.58 -62.79
CA ALA XB 62 14.08 21.38 -62.58
C ALA XB 62 13.77 20.34 -63.65
N ALA XB 63 12.49 20.24 -64.03
CA ALA XB 63 12.13 19.32 -65.10
C ALA XB 63 12.85 19.68 -66.38
N MET XB 64 12.90 20.98 -66.70
CA MET XB 64 13.58 21.42 -67.91
C MET XB 64 15.06 21.08 -67.85
N LEU XB 65 15.69 21.33 -66.71
CA LEU XB 65 17.13 21.10 -66.61
C LEU XB 65 17.46 19.61 -66.70
N ALA XB 66 16.67 18.78 -66.04
CA ALA XB 66 16.87 17.34 -66.12
C ALA XB 66 16.65 16.83 -67.52
N ALA XB 67 15.64 17.37 -68.22
CA ALA XB 67 15.38 16.97 -69.59
C ALA XB 67 16.55 17.34 -70.49
N GLN XB 68 17.11 18.53 -70.30
CA GLN XB 68 18.26 18.93 -71.10
C GLN XB 68 19.45 18.02 -70.84
N ASP XB 69 19.65 17.65 -69.57
CA ASP XB 69 20.76 16.75 -69.23
C ASP XB 69 20.59 15.39 -69.88
N VAL XB 70 19.38 14.83 -69.82
CA VAL XB 70 19.14 13.54 -70.47
C VAL XB 70 19.31 13.67 -71.97
N ALA XB 71 18.92 14.82 -72.53
CA ALA XB 71 19.08 15.03 -73.96
C ALA XB 71 20.54 14.99 -74.37
N GLN XB 72 21.40 15.71 -73.65
CA GLN XB 72 22.81 15.70 -74.02
C GLN XB 72 23.41 14.32 -73.79
N ARG XB 73 23.01 13.63 -72.73
CA ARG XB 73 23.53 12.29 -72.49
C ARG XB 73 23.16 11.34 -73.62
N CYS XB 74 21.91 11.42 -74.08
CA CYS XB 74 21.48 10.53 -75.15
C CYS XB 74 22.20 10.87 -76.45
N LYS XB 75 22.37 12.17 -76.75
CA LYS XB 75 23.07 12.53 -77.97
C LYS XB 75 24.52 12.06 -77.94
N GLU XB 76 25.21 12.23 -76.83
CA GLU XB 76 26.60 11.78 -76.79
C GLU XB 76 26.71 10.27 -76.76
N LEU XB 77 25.64 9.57 -76.40
CA LEU XB 77 25.58 8.13 -76.55
C LEU XB 77 24.93 7.68 -77.85
N GLY XB 78 24.63 8.63 -78.74
CA GLY XB 78 24.19 8.27 -80.08
C GLY XB 78 22.77 7.75 -80.18
N ILE XB 79 21.82 8.44 -79.56
CA ILE XB 79 20.41 8.11 -79.68
C ILE XB 79 19.68 9.38 -80.09
N THR XB 80 18.78 9.26 -81.06
CA THR XB 80 18.12 10.42 -81.66
C THR XB 80 16.62 10.45 -81.44
N ALA XB 81 15.91 9.38 -81.75
CA ALA XB 81 14.46 9.38 -81.68
C ALA XB 81 14.00 8.77 -80.36
N LEU XB 82 12.93 9.34 -79.82
CA LEU XB 82 12.43 8.92 -78.51
C LEU XB 82 10.93 8.72 -78.57
N HIS XB 83 10.47 7.61 -78.01
CA HIS XB 83 9.06 7.43 -77.72
C HIS XB 83 8.76 7.85 -76.29
N ILE XB 84 7.60 8.46 -76.11
CA ILE XB 84 7.23 9.11 -74.87
C ILE XB 84 6.20 8.27 -74.14
N LYS XB 85 6.43 8.04 -72.86
CA LYS XB 85 5.51 7.27 -72.03
C LYS XB 85 5.29 8.07 -70.74
N LEU XB 86 4.31 8.96 -70.76
CA LEU XB 86 3.95 9.72 -69.57
C LEU XB 86 3.39 8.81 -68.50
N ARG XB 87 3.80 9.05 -67.27
CA ARG XB 87 3.28 8.31 -66.14
C ARG XB 87 2.99 9.26 -64.99
N ALA XB 88 1.77 9.17 -64.47
CA ALA XB 88 1.40 9.87 -63.26
C ALA XB 88 1.52 8.90 -62.09
N THR XB 89 1.08 9.32 -60.90
CA THR XB 89 1.10 8.41 -59.76
C THR XB 89 0.20 7.21 -60.01
N GLY XB 90 -1.01 7.45 -60.48
CA GLY XB 90 -1.90 6.37 -60.81
C GLY XB 90 -2.38 5.62 -59.57
N GLY XB 91 -2.71 4.36 -59.80
CA GLY XB 91 -3.16 3.50 -58.73
C GLY XB 91 -4.45 4.02 -58.11
N ASN XB 92 -4.62 3.73 -56.83
CA ASN XB 92 -5.73 4.33 -56.10
C ASN XB 92 -5.52 5.83 -55.91
N ARG XB 93 -4.30 6.32 -56.08
CA ARG XB 93 -4.02 7.73 -55.89
C ARG XB 93 -4.34 8.49 -57.17
N THR XB 94 -3.91 9.75 -57.24
CA THR XB 94 -4.34 10.65 -58.30
C THR XB 94 -3.85 10.19 -59.67
N LYS XB 95 -4.44 10.77 -60.71
CA LYS XB 95 -4.15 10.41 -62.08
C LYS XB 95 -3.60 11.55 -62.92
N THR XB 96 -3.74 12.79 -62.44
CA THR XB 96 -3.31 13.95 -63.21
C THR XB 96 -1.78 13.98 -63.29
N PRO XB 97 -1.20 14.10 -64.47
CA PRO XB 97 0.24 14.23 -64.57
C PRO XB 97 0.73 15.51 -63.90
N GLY XB 98 1.92 15.43 -63.31
CA GLY XB 98 2.46 16.52 -62.56
C GLY XB 98 2.88 17.67 -63.45
N PRO XB 99 3.27 18.78 -62.82
CA PRO XB 99 3.65 19.97 -63.59
C PRO XB 99 4.89 19.78 -64.44
N GLY XB 100 5.74 18.81 -64.13
CA GLY XB 100 6.97 18.67 -64.86
C GLY XB 100 6.84 18.02 -66.23
N ALA XB 101 5.70 17.42 -66.54
CA ALA XB 101 5.56 16.67 -67.78
C ALA XB 101 5.72 17.58 -68.98
N GLN XB 102 4.92 18.65 -69.04
CA GLN XB 102 4.96 19.56 -70.17
C GLN XB 102 6.34 20.20 -70.30
N SER XB 103 6.92 20.63 -69.18
CA SER XB 103 8.20 21.33 -69.24
C SER XB 103 9.30 20.42 -69.72
N ALA XB 104 9.38 19.20 -69.18
CA ALA XB 104 10.42 18.28 -69.61
C ALA XB 104 10.25 17.89 -71.07
N LEU XB 105 9.01 17.62 -71.48
CA LEU XB 105 8.77 17.23 -72.87
C LEU XB 105 9.10 18.36 -73.83
N ARG XB 106 8.73 19.59 -73.46
CA ARG XB 106 9.08 20.74 -74.28
C ARG XB 106 10.57 20.93 -74.36
N ALA XB 107 11.28 20.73 -73.25
CA ALA XB 107 12.73 20.85 -73.28
C ALA XB 107 13.35 19.82 -74.21
N LEU XB 108 12.86 18.59 -74.16
CA LEU XB 108 13.39 17.56 -75.07
C LEU XB 108 13.11 17.91 -76.52
N ALA XB 109 11.90 18.40 -76.82
CA ALA XB 109 11.61 18.80 -78.19
C ALA XB 109 12.51 19.94 -78.65
N ARG XB 110 12.74 20.91 -77.77
CA ARG XB 110 13.54 22.06 -78.12
C ARG XB 110 15.03 21.77 -78.06
N SER XB 111 15.43 20.65 -77.49
CA SER XB 111 16.83 20.27 -77.40
C SER XB 111 17.32 19.53 -78.64
N GLY XB 112 16.46 19.31 -79.62
CA GLY XB 112 16.86 18.67 -80.85
C GLY XB 112 16.57 17.18 -80.92
N MET XB 113 16.16 16.57 -79.82
CA MET XB 113 15.82 15.15 -79.85
C MET XB 113 14.51 14.94 -80.61
N LYS XB 114 14.51 13.98 -81.51
CA LYS XB 114 13.32 13.66 -82.28
C LYS XB 114 12.36 12.80 -81.46
N ILE XB 115 11.07 13.00 -81.71
CA ILE XB 115 10.01 12.45 -80.87
C ILE XB 115 9.13 11.55 -81.74
N GLY XB 116 8.82 10.37 -81.23
CA GLY XB 116 7.96 9.45 -81.96
C GLY XB 116 6.57 9.34 -81.38
N ARG XB 117 6.16 8.11 -81.05
CA ARG XB 117 4.87 7.87 -80.45
C ARG XB 117 4.80 8.50 -79.07
N ILE XB 118 3.59 8.89 -78.67
CA ILE XB 118 3.32 9.35 -77.31
C ILE XB 118 2.12 8.57 -76.79
N GLU XB 119 2.24 8.04 -75.58
CA GLU XB 119 1.14 7.30 -74.97
C GLU XB 119 1.26 7.39 -73.46
N ASP XB 120 0.11 7.50 -72.81
CA ASP XB 120 0.05 7.42 -71.36
C ASP XB 120 0.17 5.97 -70.96
N VAL XB 121 0.95 5.70 -69.92
CA VAL XB 121 1.06 4.37 -69.36
C VAL XB 121 0.82 4.45 -67.86
N THR XB 122 0.03 5.43 -67.44
CA THR XB 122 -0.32 5.54 -66.03
C THR XB 122 -1.06 4.28 -65.60
N PRO XB 123 -0.65 3.65 -64.52
CA PRO XB 123 -1.29 2.40 -64.12
C PRO XB 123 -2.71 2.62 -63.62
N ILE XB 124 -3.70 2.26 -64.42
CA ILE XB 124 -5.10 2.45 -64.09
C ILE XB 124 -5.60 1.16 -63.45
N PRO XB 125 -6.04 1.19 -62.20
CA PRO XB 125 -6.60 -0.02 -61.60
C PRO XB 125 -7.96 -0.33 -62.20
N SER XB 126 -8.25 -1.61 -62.34
CA SER XB 126 -9.64 -1.99 -62.57
C SER XB 126 -10.50 -1.52 -61.42
N ASP XB 127 -10.13 -1.91 -60.20
CA ASP XB 127 -10.61 -1.27 -58.97
C ASP XB 127 -9.68 -1.63 -57.83
N SER XB 128 -9.24 -0.63 -57.10
CA SER XB 128 -8.05 -0.72 -56.27
C SER XB 128 -8.41 -1.08 -54.85
N THR XB 129 -7.39 -1.01 -53.99
CA THR XB 129 -7.60 -1.11 -52.56
C THR XB 129 -8.19 0.19 -52.04
N ARG XB 130 -8.48 0.21 -50.75
CA ARG XB 130 -9.00 1.41 -50.14
C ARG XB 130 -7.93 2.48 -50.10
N ARG XB 131 -8.25 3.66 -50.63
CA ARG XB 131 -7.28 4.75 -50.66
C ARG XB 131 -7.08 5.32 -49.26
N LYS XB 132 -5.83 5.68 -48.97
CA LYS XB 132 -5.52 6.21 -47.65
C LYS XB 132 -6.16 7.58 -47.46
N GLY XB 133 -6.30 7.97 -46.20
CA GLY XB 133 -6.90 9.25 -45.84
C GLY XB 133 -8.23 9.14 -45.13
N GLY XB 134 -8.80 7.96 -44.98
CA GLY XB 134 -10.03 7.78 -44.25
C GLY XB 134 -11.24 8.30 -45.00
N ARG XB 135 -12.41 7.81 -44.59
CA ARG XB 135 -13.65 8.21 -45.24
C ARG XB 135 -13.91 9.70 -45.09
N ARG XB 136 -13.35 10.32 -44.07
CA ARG XB 136 -13.43 11.76 -43.89
C ARG XB 136 -12.37 12.50 -44.70
N GLY XB 137 -11.51 11.78 -45.39
CA GLY XB 137 -10.56 12.40 -46.26
C GLY XB 137 -9.43 13.09 -45.50
N ARG XB 138 -8.65 13.86 -46.26
CA ARG XB 138 -7.52 14.59 -45.71
C ARG XB 138 -8.01 15.98 -45.31
N ARG XB 139 -8.42 16.12 -44.06
CA ARG XB 139 -9.01 17.38 -43.59
C ARG XB 139 -7.97 18.49 -43.62
N LEU XB 140 -8.34 19.61 -44.22
CA LEU XB 140 -7.49 20.79 -44.28
C LEU XB 140 -8.36 22.05 -44.18
N MET YB 1 -83.47 36.96 -49.12
CA MET YB 1 -84.49 37.98 -49.31
C MET YB 1 -85.88 37.36 -49.29
N GLN YB 2 -86.89 38.17 -49.60
CA GLN YB 2 -88.27 37.71 -49.76
C GLN YB 2 -88.80 37.09 -48.46
N ASN YB 3 -88.94 37.97 -47.46
CA ASN YB 3 -89.40 37.57 -46.13
C ASN YB 3 -90.87 37.18 -46.11
N ASP YB 4 -91.42 36.97 -44.90
CA ASP YB 4 -92.78 36.46 -44.76
C ASP YB 4 -93.81 37.38 -45.41
N ALA YB 5 -93.66 38.69 -45.24
CA ALA YB 5 -94.59 39.61 -45.88
C ALA YB 5 -94.38 39.67 -47.39
N GLY YB 6 -93.24 39.20 -47.89
CA GLY YB 6 -93.00 39.00 -49.31
C GLY YB 6 -91.93 39.90 -49.89
N GLU YB 7 -91.72 41.07 -49.29
CA GLU YB 7 -90.84 42.07 -49.90
C GLU YB 7 -89.40 41.59 -49.92
N PHE YB 8 -88.66 42.08 -50.90
CA PHE YB 8 -87.30 41.63 -51.15
C PHE YB 8 -86.34 42.46 -50.32
N VAL YB 9 -85.87 41.92 -49.20
CA VAL YB 9 -84.90 42.62 -48.38
C VAL YB 9 -83.49 42.24 -48.81
N ASP YB 10 -83.00 42.90 -49.86
CA ASP YB 10 -81.65 42.71 -50.33
C ASP YB 10 -81.25 43.87 -51.23
N LEU YB 11 -80.10 44.47 -50.96
CA LEU YB 11 -79.75 45.72 -51.62
C LEU YB 11 -79.24 45.51 -53.05
N TYR YB 12 -78.84 44.29 -53.40
CA TYR YB 12 -78.67 43.99 -54.82
C TYR YB 12 -78.74 42.49 -54.98
N VAL YB 13 -78.81 42.06 -56.24
CA VAL YB 13 -78.73 40.64 -56.60
C VAL YB 13 -77.52 40.46 -57.50
N PRO YB 14 -76.42 39.89 -57.01
CA PRO YB 14 -75.21 39.78 -57.81
C PRO YB 14 -75.40 38.85 -59.00
N ARG YB 15 -74.64 39.12 -60.05
CA ARG YB 15 -74.70 38.33 -61.25
C ARG YB 15 -74.07 36.96 -61.03
N LYS YB 16 -74.64 35.97 -61.68
CA LYS YB 16 -74.14 34.60 -61.64
C LYS YB 16 -73.42 34.30 -62.93
N CYS YB 17 -72.27 33.64 -62.83
CA CYS YB 17 -71.49 33.30 -64.01
C CYS YB 17 -72.29 32.42 -64.95
N SER YB 18 -72.26 32.75 -66.23
CA SER YB 18 -73.10 32.07 -67.21
C SER YB 18 -72.59 30.68 -67.56
N ALA YB 19 -71.44 30.26 -67.03
CA ALA YB 19 -70.90 28.94 -67.30
C ALA YB 19 -70.89 28.06 -66.05
N SER YB 20 -70.28 28.53 -64.98
CA SER YB 20 -70.17 27.75 -63.75
C SER YB 20 -71.35 27.95 -62.82
N ASN YB 21 -72.26 28.87 -63.15
CA ASN YB 21 -73.38 29.22 -62.28
C ASN YB 21 -72.88 29.63 -60.89
N ARG YB 22 -71.78 30.38 -60.86
CA ARG YB 22 -71.17 30.81 -59.62
C ARG YB 22 -71.45 32.29 -59.41
N ILE YB 23 -71.52 32.68 -58.14
CA ILE YB 23 -71.79 34.08 -57.82
C ILE YB 23 -70.55 34.91 -58.11
N ILE YB 24 -70.70 35.94 -58.93
CA ILE YB 24 -69.63 36.87 -59.21
C ILE YB 24 -69.47 37.76 -57.98
N GLY YB 25 -68.32 37.67 -57.34
CA GLY YB 25 -68.09 38.42 -56.13
C GLY YB 25 -68.06 39.91 -56.38
N ALA YB 26 -68.32 40.66 -55.30
CA ALA YB 26 -68.36 42.11 -55.41
C ALA YB 26 -67.01 42.69 -55.76
N LYS YB 27 -65.94 42.20 -55.13
CA LYS YB 27 -64.59 42.66 -55.41
C LYS YB 27 -63.88 41.79 -56.43
N ASP YB 28 -64.55 40.80 -56.98
CA ASP YB 28 -63.93 39.94 -57.99
C ASP YB 28 -63.79 40.76 -59.26
N HIS YB 29 -62.69 41.50 -59.35
CA HIS YB 29 -62.38 42.27 -60.54
C HIS YB 29 -61.90 41.40 -61.69
N ALA YB 30 -61.68 40.11 -61.45
CA ALA YB 30 -61.33 39.20 -62.52
C ALA YB 30 -62.51 38.88 -63.42
N SER YB 31 -63.73 39.07 -62.94
CA SER YB 31 -64.92 38.74 -63.72
C SER YB 31 -65.02 39.62 -64.96
N ILE YB 32 -65.64 39.07 -66.00
CA ILE YB 32 -65.89 39.82 -67.22
C ILE YB 32 -67.35 39.63 -67.61
N GLN YB 33 -67.88 40.63 -68.30
CA GLN YB 33 -69.25 40.60 -68.80
C GLN YB 33 -69.21 41.24 -70.18
N MET YB 34 -69.08 40.41 -71.21
CA MET YB 34 -68.97 40.90 -72.57
C MET YB 34 -70.30 40.82 -73.27
N ASN YB 35 -70.40 41.53 -74.40
CA ASN YB 35 -71.60 41.61 -75.20
C ASN YB 35 -71.27 41.11 -76.61
N VAL YB 36 -72.17 40.34 -77.19
CA VAL YB 36 -71.99 39.84 -78.56
C VAL YB 36 -73.09 40.44 -79.41
N ALA YB 37 -72.69 41.21 -80.43
CA ALA YB 37 -73.63 41.93 -81.27
C ALA YB 37 -74.02 41.04 -82.44
N GLU YB 38 -75.22 40.48 -82.39
CA GLU YB 38 -75.71 39.70 -83.51
C GLU YB 38 -76.06 40.60 -84.67
N VAL YB 39 -76.21 40.00 -85.84
CA VAL YB 39 -76.50 40.73 -87.05
C VAL YB 39 -77.86 40.30 -87.58
N ASP YB 40 -78.33 41.01 -88.60
CA ASP YB 40 -79.61 40.68 -89.21
C ASP YB 40 -79.50 39.39 -90.01
N LYS YB 41 -80.66 38.83 -90.35
CA LYS YB 41 -80.68 37.57 -91.08
C LYS YB 41 -80.29 37.76 -92.53
N VAL YB 42 -80.46 38.98 -93.06
CA VAL YB 42 -80.32 39.16 -94.50
C VAL YB 42 -78.97 39.78 -94.87
N THR YB 43 -78.54 40.88 -94.25
CA THR YB 43 -77.34 41.57 -94.69
C THR YB 43 -76.12 41.30 -93.82
N GLY YB 44 -76.30 40.70 -92.64
CA GLY YB 44 -75.16 40.53 -91.76
C GLY YB 44 -74.64 41.81 -91.17
N ARG YB 45 -75.48 42.81 -91.01
CA ARG YB 45 -75.11 44.07 -90.40
C ARG YB 45 -75.65 44.15 -88.97
N PHE YB 46 -75.02 44.98 -88.16
CA PHE YB 46 -75.46 45.12 -86.78
C PHE YB 46 -76.82 45.79 -86.71
N ASN YB 47 -77.76 45.15 -86.04
CA ASN YB 47 -79.13 45.62 -85.97
C ASN YB 47 -79.48 46.27 -84.64
N GLY YB 48 -78.47 46.63 -83.83
CA GLY YB 48 -78.73 47.31 -82.58
C GLY YB 48 -78.86 46.43 -81.37
N GLN YB 49 -79.74 45.44 -81.42
CA GLN YB 49 -79.94 44.57 -80.28
C GLN YB 49 -78.92 43.44 -80.27
N PHE YB 50 -78.38 43.17 -79.09
CA PHE YB 50 -77.28 42.20 -78.95
C PHE YB 50 -77.61 41.27 -77.80
N LYS YB 51 -76.60 40.51 -77.36
CA LYS YB 51 -76.77 39.59 -76.25
C LYS YB 51 -75.45 39.50 -75.49
N THR YB 52 -75.54 39.19 -74.20
CA THR YB 52 -74.45 39.37 -73.26
C THR YB 52 -74.11 38.07 -72.55
N TYR YB 53 -72.83 37.87 -72.27
CA TYR YB 53 -72.35 36.73 -71.49
C TYR YB 53 -71.50 37.24 -70.35
N ALA YB 54 -71.62 36.61 -69.19
CA ALA YB 54 -70.84 36.95 -68.01
C ALA YB 54 -70.14 35.72 -67.47
N ILE YB 55 -68.83 35.80 -67.32
CA ILE YB 55 -68.01 34.68 -66.86
C ILE YB 55 -67.22 35.11 -65.63
N CYS YB 56 -67.27 34.28 -64.60
CA CYS YB 56 -66.54 34.58 -63.38
C CYS YB 56 -65.04 34.50 -63.63
N GLY YB 57 -64.28 35.14 -62.74
CA GLY YB 57 -62.84 35.18 -62.91
C GLY YB 57 -62.21 33.82 -62.81
N ALA YB 58 -62.75 32.95 -61.95
CA ALA YB 58 -62.12 31.66 -61.70
C ALA YB 58 -62.09 30.81 -62.96
N ILE YB 59 -63.18 30.80 -63.72
CA ILE YB 59 -63.19 30.08 -64.99
C ILE YB 59 -62.23 30.73 -65.97
N ARG YB 60 -62.27 32.05 -66.06
CA ARG YB 60 -61.37 32.73 -66.98
C ARG YB 60 -60.00 32.97 -66.38
N ARG YB 61 -59.68 32.31 -65.28
CA ARG YB 61 -58.30 32.23 -64.82
C ARG YB 61 -57.68 30.87 -65.05
N MET YB 62 -58.46 29.80 -64.92
CA MET YB 62 -57.96 28.47 -65.25
C MET YB 62 -57.79 28.28 -66.75
N GLY YB 63 -58.41 29.14 -67.56
CA GLY YB 63 -58.21 29.10 -68.99
C GLY YB 63 -59.35 28.53 -69.80
N GLU YB 64 -60.48 28.22 -69.19
CA GLU YB 64 -61.62 27.68 -69.91
C GLU YB 64 -62.60 28.76 -70.35
N SER YB 65 -62.16 30.01 -70.40
CA SER YB 65 -63.06 31.10 -70.79
C SER YB 65 -63.53 30.95 -72.23
N ASP YB 66 -62.59 30.76 -73.15
CA ASP YB 66 -62.93 30.72 -74.57
C ASP YB 66 -63.86 29.56 -74.87
N ASP YB 67 -63.61 28.41 -74.26
CA ASP YB 67 -64.43 27.24 -74.49
C ASP YB 67 -65.87 27.48 -74.08
N SER YB 68 -66.08 28.05 -72.89
CA SER YB 68 -67.43 28.28 -72.40
C SER YB 68 -68.14 29.35 -73.22
N ILE YB 69 -67.41 30.39 -73.62
CA ILE YB 69 -68.01 31.41 -74.49
C ILE YB 69 -68.43 30.78 -75.81
N LEU YB 70 -67.60 29.91 -76.36
CA LEU YB 70 -67.94 29.21 -77.59
C LEU YB 70 -69.19 28.38 -77.40
N ARG YB 71 -69.28 27.67 -76.27
CA ARG YB 71 -70.44 26.84 -76.00
C ARG YB 71 -71.71 27.67 -75.91
N LEU YB 72 -71.67 28.79 -75.19
CA LEU YB 72 -72.85 29.63 -75.07
C LEU YB 72 -73.25 30.21 -76.42
N ALA YB 73 -72.28 30.64 -77.20
CA ALA YB 73 -72.59 31.18 -78.52
C ALA YB 73 -73.19 30.11 -79.41
N LYS YB 74 -72.68 28.89 -79.33
CA LYS YB 74 -73.23 27.77 -80.09
C LYS YB 74 -74.68 27.52 -79.72
N ALA YB 75 -74.94 27.35 -78.42
CA ALA YB 75 -76.29 27.04 -77.98
C ALA YB 75 -77.23 28.21 -78.22
N ASP YB 76 -76.70 29.42 -78.30
CA ASP YB 76 -77.53 30.59 -78.54
C ASP YB 76 -77.77 30.79 -80.03
N GLY YB 77 -77.05 30.09 -80.89
CA GLY YB 77 -77.23 30.20 -82.32
C GLY YB 77 -76.24 31.12 -83.02
N ILE YB 78 -75.31 31.73 -82.28
CA ILE YB 78 -74.32 32.57 -82.91
C ILE YB 78 -73.38 31.74 -83.77
N VAL YB 79 -72.89 30.64 -83.23
CA VAL YB 79 -71.96 29.76 -83.93
C VAL YB 79 -72.76 28.70 -84.68
N SER YB 80 -72.34 28.41 -85.91
CA SER YB 80 -73.00 27.42 -86.72
C SER YB 80 -72.92 26.04 -86.07
N LYS YB 81 -73.96 25.24 -86.32
CA LYS YB 81 -74.05 23.93 -85.68
C LYS YB 81 -73.01 22.96 -86.21
N ASN YB 82 -72.52 23.18 -87.42
CA ASN YB 82 -71.48 22.35 -88.01
C ASN YB 82 -70.07 22.82 -87.70
N PHE YB 83 -69.89 23.57 -86.62
CA PHE YB 83 -68.57 24.01 -86.19
C PHE YB 83 -67.65 22.83 -85.95
N VAL ZB 1 -58.90 -0.40 -49.18
CA VAL ZB 1 -59.80 -0.67 -50.28
C VAL ZB 1 -61.02 0.24 -50.22
N ARG ZB 2 -61.96 0.04 -51.13
CA ARG ZB 2 -63.17 0.84 -51.14
C ARG ZB 2 -64.21 0.22 -50.21
N MET ZB 3 -64.59 0.95 -49.17
CA MET ZB 3 -65.52 0.45 -48.17
C MET ZB 3 -66.85 1.19 -48.15
N ASN ZB 4 -66.87 2.48 -48.45
CA ASN ZB 4 -68.10 3.25 -48.48
C ASN ZB 4 -68.30 3.78 -49.90
N VAL ZB 5 -69.14 3.08 -50.67
CA VAL ZB 5 -69.39 3.47 -52.04
C VAL ZB 5 -70.01 4.86 -52.09
N LEU ZB 6 -70.93 5.13 -51.17
CA LEU ZB 6 -71.56 6.44 -51.10
C LEU ZB 6 -70.54 7.54 -50.85
N ALA ZB 7 -69.58 7.29 -49.95
CA ALA ZB 7 -68.58 8.30 -49.64
C ALA ZB 7 -67.75 8.63 -50.87
N ASP ZB 8 -67.31 7.60 -51.60
CA ASP ZB 8 -66.51 7.84 -52.79
C ASP ZB 8 -67.30 8.61 -53.84
N ALA ZB 9 -68.55 8.21 -54.07
CA ALA ZB 9 -69.36 8.90 -55.08
C ALA ZB 9 -69.59 10.35 -54.70
N LEU ZB 10 -69.95 10.60 -53.44
CA LEU ZB 10 -70.21 11.96 -53.01
C LEU ZB 10 -68.95 12.81 -53.08
N LYS ZB 11 -67.81 12.24 -52.71
CA LYS ZB 11 -66.56 12.99 -52.77
C LYS ZB 11 -66.21 13.33 -54.21
N SER ZB 12 -66.41 12.38 -55.12
CA SER ZB 12 -66.15 12.66 -56.54
C SER ZB 12 -67.05 13.75 -57.05
N ILE ZB 13 -68.33 13.72 -56.68
CA ILE ZB 13 -69.25 14.76 -57.11
C ILE ZB 13 -68.83 16.11 -56.56
N ASN ZB 14 -68.45 16.15 -55.29
CA ASN ZB 14 -68.04 17.42 -54.70
C ASN ZB 14 -66.79 17.97 -55.37
N ASN ZB 15 -65.82 17.10 -55.67
CA ASN ZB 15 -64.60 17.55 -56.31
C ASN ZB 15 -64.88 18.06 -57.72
N ALA ZB 16 -65.71 17.34 -58.48
CA ALA ZB 16 -66.03 17.80 -59.83
C ALA ZB 16 -66.77 19.13 -59.78
N GLU ZB 17 -67.71 19.27 -58.84
CA GLU ZB 17 -68.46 20.51 -58.72
C GLU ZB 17 -67.55 21.67 -58.35
N LYS ZB 18 -66.63 21.45 -57.42
CA LYS ZB 18 -65.67 22.49 -57.09
C LYS ZB 18 -64.81 22.83 -58.30
N ARG ZB 19 -64.46 21.83 -59.09
CA ARG ZB 19 -63.74 22.10 -60.33
C ARG ZB 19 -64.66 22.68 -61.40
N GLY ZB 20 -65.97 22.65 -61.18
CA GLY ZB 20 -66.89 23.24 -62.11
C GLY ZB 20 -67.22 22.40 -63.32
N LYS ZB 21 -66.93 21.10 -63.27
CA LYS ZB 21 -67.30 20.22 -64.38
C LYS ZB 21 -68.81 20.18 -64.55
N ARG ZB 22 -69.25 20.11 -65.80
CA ARG ZB 22 -70.68 20.05 -66.07
C ARG ZB 22 -71.24 18.65 -65.86
N GLN ZB 23 -70.43 17.63 -66.04
CA GLN ZB 23 -70.83 16.25 -65.82
C GLN ZB 23 -69.77 15.55 -64.98
N VAL ZB 24 -70.21 14.61 -64.17
CA VAL ZB 24 -69.32 13.81 -63.32
C VAL ZB 24 -69.72 12.35 -63.48
N LEU ZB 25 -68.72 11.47 -63.46
CA LEU ZB 25 -68.94 10.03 -63.53
C LEU ZB 25 -68.53 9.40 -62.21
N ILE ZB 26 -69.43 8.62 -61.63
CA ILE ZB 26 -69.17 7.87 -60.41
C ILE ZB 26 -69.21 6.39 -60.76
N ARG ZB 27 -68.17 5.67 -60.40
CA ARG ZB 27 -68.02 4.31 -60.90
C ARG ZB 27 -68.83 3.26 -60.15
N PRO ZB 28 -68.77 3.14 -58.83
CA PRO ZB 28 -69.57 2.10 -58.17
C PRO ZB 28 -70.97 2.61 -57.86
N CYS ZB 29 -71.97 1.89 -58.34
CA CYS ZB 29 -73.36 2.25 -58.11
C CYS ZB 29 -73.98 1.41 -57.01
N SER ZB 30 -75.13 1.86 -56.54
CA SER ZB 30 -75.94 1.12 -55.59
C SER ZB 30 -77.34 1.73 -55.60
N LYS ZB 31 -78.28 1.01 -55.00
CA LYS ZB 31 -79.59 1.58 -54.77
C LYS ZB 31 -79.51 2.79 -53.85
N VAL ZB 32 -78.58 2.76 -52.89
CA VAL ZB 32 -78.42 3.85 -51.94
C VAL ZB 32 -78.05 5.14 -52.67
N ILE ZB 33 -77.07 5.05 -53.58
CA ILE ZB 33 -76.66 6.21 -54.34
C ILE ZB 33 -77.81 6.69 -55.23
N VAL ZB 34 -78.56 5.76 -55.80
CA VAL ZB 34 -79.68 6.14 -56.64
C VAL ZB 34 -80.70 6.95 -55.84
N ARG ZB 35 -81.05 6.49 -54.65
CA ARG ZB 35 -82.01 7.23 -53.84
C ARG ZB 35 -81.44 8.57 -53.39
N PHE ZB 36 -80.15 8.60 -53.05
CA PHE ZB 36 -79.51 9.84 -52.63
C PHE ZB 36 -79.57 10.89 -53.73
N LEU ZB 37 -79.13 10.51 -54.93
CA LEU ZB 37 -79.14 11.45 -56.04
C LEU ZB 37 -80.56 11.78 -56.46
N THR ZB 38 -81.49 10.85 -56.26
CA THR ZB 38 -82.89 11.14 -56.50
C THR ZB 38 -83.36 12.26 -55.59
N VAL ZB 39 -83.00 12.18 -54.30
CA VAL ZB 39 -83.39 13.23 -53.36
C VAL ZB 39 -82.79 14.56 -53.77
N MET ZB 40 -81.50 14.55 -54.11
CA MET ZB 40 -80.83 15.79 -54.47
C MET ZB 40 -81.43 16.41 -55.72
N MET ZB 41 -81.82 15.57 -56.68
CA MET ZB 41 -82.42 16.08 -57.90
C MET ZB 41 -83.85 16.56 -57.66
N LYS ZB 42 -84.57 15.90 -56.77
CA LYS ZB 42 -85.91 16.37 -56.41
C LYS ZB 42 -85.84 17.75 -55.75
N HIS ZB 43 -84.84 17.98 -54.92
CA HIS ZB 43 -84.64 19.33 -54.41
C HIS ZB 43 -83.96 20.24 -55.42
N GLY ZB 44 -83.55 19.71 -56.56
CA GLY ZB 44 -83.10 20.53 -57.67
C GLY ZB 44 -81.64 20.91 -57.65
N TYR ZB 45 -80.86 20.41 -56.70
CA TYR ZB 45 -79.44 20.74 -56.68
C TYR ZB 45 -78.68 20.19 -57.87
N ILE ZB 46 -79.15 19.10 -58.48
CA ILE ZB 46 -78.45 18.47 -59.58
C ILE ZB 46 -79.42 18.24 -60.73
N GLY ZB 47 -78.86 18.14 -61.93
CA GLY ZB 47 -79.63 17.89 -63.12
C GLY ZB 47 -79.97 16.43 -63.25
N GLU ZB 48 -80.45 16.05 -64.43
CA GLU ZB 48 -80.77 14.66 -64.68
C GLU ZB 48 -79.52 13.81 -64.66
N PHE ZB 49 -79.66 12.58 -64.16
CA PHE ZB 49 -78.56 11.64 -64.15
C PHE ZB 49 -79.00 10.33 -64.77
N GLU ZB 50 -78.05 9.60 -65.33
CA GLU ZB 50 -78.28 8.39 -66.09
C GLU ZB 50 -77.38 7.28 -65.59
N ILE ZB 51 -77.90 6.06 -65.61
CA ILE ZB 51 -77.17 4.89 -65.13
C ILE ZB 51 -76.70 4.07 -66.31
N ILE ZB 52 -75.40 3.81 -66.37
CA ILE ZB 52 -74.85 2.87 -67.34
C ILE ZB 52 -74.91 1.49 -66.72
N ASP ZB 53 -75.67 0.59 -67.33
CA ASP ZB 53 -75.96 -0.71 -66.76
C ASP ZB 53 -75.07 -1.76 -67.42
N ASP ZB 54 -73.92 -2.01 -66.81
CA ASP ZB 54 -73.16 -3.22 -67.12
C ASP ZB 54 -73.71 -4.36 -66.26
N HIS ZB 55 -73.24 -5.56 -66.55
CA HIS ZB 55 -73.64 -6.68 -65.71
C HIS ZB 55 -73.07 -6.56 -64.30
N ARG ZB 56 -72.02 -5.77 -64.12
CA ARG ZB 56 -71.50 -5.48 -62.80
C ARG ZB 56 -72.32 -4.36 -62.17
N ALA ZB 57 -71.86 -3.83 -61.05
CA ALA ZB 57 -72.44 -2.61 -60.50
C ALA ZB 57 -72.26 -1.47 -61.50
N GLY ZB 58 -73.32 -0.74 -61.77
CA GLY ZB 58 -73.34 0.19 -62.87
C GLY ZB 58 -72.51 1.43 -62.61
N LYS ZB 59 -72.35 2.22 -63.68
CA LYS ZB 59 -71.75 3.53 -63.59
C LYS ZB 59 -72.81 4.59 -63.84
N ILE ZB 60 -72.67 5.72 -63.16
CA ILE ZB 60 -73.67 6.77 -63.16
C ILE ZB 60 -73.03 8.05 -63.68
N VAL ZB 61 -73.73 8.75 -64.56
CA VAL ZB 61 -73.31 10.05 -65.07
C VAL ZB 61 -74.30 11.09 -64.60
N VAL ZB 62 -73.82 12.11 -63.90
CA VAL ZB 62 -74.66 13.12 -63.27
C VAL ZB 62 -74.41 14.45 -63.94
N ASN ZB 63 -75.48 15.15 -64.30
CA ASN ZB 63 -75.40 16.47 -64.86
C ASN ZB 63 -75.40 17.50 -63.74
N LEU ZB 64 -74.38 18.34 -63.69
CA LEU ZB 64 -74.28 19.36 -62.65
C LEU ZB 64 -74.76 20.70 -63.17
N THR ZB 65 -75.76 21.26 -62.52
CA THR ZB 65 -76.25 22.59 -62.83
C THR ZB 65 -75.37 23.69 -62.26
N GLY ZB 66 -74.54 23.36 -61.28
CA GLY ZB 66 -73.68 24.36 -60.66
C GLY ZB 66 -74.20 24.97 -59.39
N ARG ZB 67 -75.23 24.39 -58.76
CA ARG ZB 67 -75.80 24.95 -57.55
C ARG ZB 67 -75.61 24.05 -56.33
N LEU ZB 68 -74.47 23.38 -56.22
CA LEU ZB 68 -74.16 22.57 -55.06
C LEU ZB 68 -72.95 23.14 -54.33
N ASN ZB 69 -73.07 23.28 -53.01
CA ASN ZB 69 -71.99 23.78 -52.17
C ASN ZB 69 -71.15 22.67 -51.57
N LYS ZB 70 -71.80 21.69 -50.96
CA LYS ZB 70 -71.09 20.58 -50.33
C LYS ZB 70 -72.03 19.37 -50.29
N CYS ZB 71 -71.49 18.20 -50.61
CA CYS ZB 71 -72.24 16.95 -50.56
C CYS ZB 71 -71.46 15.90 -49.79
N GLY ZB 72 -70.94 16.30 -48.63
CA GLY ZB 72 -70.21 15.38 -47.78
C GLY ZB 72 -71.11 14.33 -47.17
N VAL ZB 73 -70.46 13.32 -46.57
CA VAL ZB 73 -71.14 12.14 -46.06
C VAL ZB 73 -70.71 11.90 -44.63
N ILE ZB 74 -71.54 11.19 -43.89
CA ILE ZB 74 -71.21 10.75 -42.53
C ILE ZB 74 -71.04 9.25 -42.59
N SER ZB 75 -69.77 8.80 -42.66
CA SER ZB 75 -69.50 7.38 -42.81
C SER ZB 75 -69.99 6.53 -41.65
N PRO ZB 76 -69.76 6.90 -40.37
CA PRO ZB 76 -70.41 6.12 -39.32
C PRO ZB 76 -71.91 6.41 -39.29
N ARG ZB 77 -72.71 5.46 -39.77
CA ARG ZB 77 -74.15 5.65 -39.91
C ARG ZB 77 -74.79 5.59 -38.52
N PHE ZB 78 -74.76 6.73 -37.84
CA PHE ZB 78 -75.28 6.81 -36.48
C PHE ZB 78 -76.79 6.64 -36.48
N ASP ZB 79 -77.29 5.98 -35.44
CA ASP ZB 79 -78.72 6.02 -35.17
C ASP ZB 79 -79.07 7.44 -34.75
N VAL ZB 80 -80.10 8.01 -35.37
CA VAL ZB 80 -80.53 9.37 -35.09
C VAL ZB 80 -82.01 9.33 -34.75
N GLN ZB 81 -82.37 9.93 -33.63
CA GLN ZB 81 -83.75 10.02 -33.19
C GLN ZB 81 -84.30 11.42 -33.41
N LEU ZB 82 -85.63 11.52 -33.45
CA LEU ZB 82 -86.25 12.83 -33.62
C LEU ZB 82 -85.93 13.76 -32.47
N LYS ZB 83 -85.76 13.23 -31.26
CA LYS ZB 83 -85.40 14.07 -30.13
C LYS ZB 83 -84.01 14.67 -30.27
N ASP ZB 84 -83.08 13.95 -30.89
CA ASP ZB 84 -81.72 14.42 -31.05
C ASP ZB 84 -81.40 14.86 -32.47
N LEU ZB 85 -82.41 15.09 -33.30
CA LEU ZB 85 -82.15 15.50 -34.67
C LEU ZB 85 -81.59 16.91 -34.75
N GLU ZB 86 -82.02 17.80 -33.85
CA GLU ZB 86 -81.68 19.21 -33.98
C GLU ZB 86 -80.18 19.45 -33.85
N LYS ZB 87 -79.52 18.71 -32.97
CA LYS ZB 87 -78.07 18.84 -32.85
C LYS ZB 87 -77.39 18.52 -34.17
N TRP ZB 88 -77.82 17.44 -34.82
CA TRP ZB 88 -77.25 17.12 -36.12
C TRP ZB 88 -77.56 18.21 -37.13
N GLN ZB 89 -78.77 18.74 -37.08
CA GLN ZB 89 -79.20 19.68 -38.09
C GLN ZB 89 -78.45 21.01 -37.99
N ASN ZB 90 -78.28 21.52 -36.78
CA ASN ZB 90 -77.53 22.76 -36.64
C ASN ZB 90 -76.02 22.54 -36.56
N ASN ZB 91 -75.57 21.30 -36.48
CA ASN ZB 91 -74.13 21.08 -36.62
C ASN ZB 91 -73.72 20.95 -38.07
N LEU ZB 92 -74.54 20.34 -38.92
CA LEU ZB 92 -74.14 20.09 -40.29
C LEU ZB 92 -74.88 20.96 -41.30
N LEU ZB 93 -76.01 21.51 -40.95
CA LEU ZB 93 -76.44 22.43 -41.98
C LEU ZB 93 -75.90 23.83 -41.69
N PRO ZB 94 -75.53 24.56 -42.73
CA PRO ZB 94 -75.03 25.92 -42.51
C PRO ZB 94 -76.04 26.87 -41.90
N SER ZB 95 -77.33 26.67 -42.14
CA SER ZB 95 -78.34 27.55 -41.60
C SER ZB 95 -79.64 26.78 -41.47
N ARG ZB 96 -80.60 27.39 -40.79
CA ARG ZB 96 -81.93 26.80 -40.64
C ARG ZB 96 -82.84 27.15 -41.80
N GLN ZB 97 -82.43 28.03 -42.70
CA GLN ZB 97 -83.26 28.41 -43.82
C GLN ZB 97 -83.18 27.44 -44.98
N PHE ZB 98 -82.06 26.75 -45.14
CA PHE ZB 98 -81.89 25.82 -46.24
C PHE ZB 98 -80.90 24.74 -45.83
N GLY ZB 99 -80.53 23.91 -46.80
CA GLY ZB 99 -79.75 22.72 -46.53
C GLY ZB 99 -80.65 21.54 -46.29
N PHE ZB 100 -80.18 20.35 -46.58
CA PHE ZB 100 -80.94 19.14 -46.31
C PHE ZB 100 -80.00 18.08 -45.79
N ILE ZB 101 -80.56 17.12 -45.04
CA ILE ZB 101 -79.77 16.04 -44.46
C ILE ZB 101 -80.42 14.73 -44.87
N VAL ZB 102 -79.64 13.86 -45.48
CA VAL ZB 102 -80.15 12.57 -45.95
C VAL ZB 102 -79.84 11.51 -44.91
N LEU ZB 103 -80.88 10.81 -44.48
CA LEU ZB 103 -80.75 9.70 -43.56
C LEU ZB 103 -81.73 8.62 -43.97
N THR ZB 104 -81.30 7.36 -43.86
CA THR ZB 104 -82.16 6.26 -44.22
C THR ZB 104 -83.15 6.01 -43.09
N THR ZB 105 -84.40 5.74 -43.45
CA THR ZB 105 -85.46 5.52 -42.49
C THR ZB 105 -86.15 4.21 -42.78
N SER ZB 106 -86.98 3.78 -41.83
CA SER ZB 106 -87.85 2.65 -42.08
C SER ZB 106 -88.81 2.93 -43.23
N ALA ZB 107 -89.17 4.19 -43.42
CA ALA ZB 107 -89.96 4.60 -44.57
C ALA ZB 107 -89.12 4.78 -45.83
N GLY ZB 108 -87.79 4.82 -45.70
CA GLY ZB 108 -86.95 4.93 -46.87
C GLY ZB 108 -85.87 5.98 -46.75
N ILE ZB 109 -85.22 6.27 -47.87
CA ILE ZB 109 -84.15 7.26 -47.93
C ILE ZB 109 -84.77 8.58 -48.31
N MET ZB 110 -84.56 9.60 -47.47
CA MET ZB 110 -85.24 10.87 -47.66
C MET ZB 110 -84.56 11.92 -46.80
N ASP ZB 111 -84.86 13.18 -47.08
CA ASP ZB 111 -84.28 14.28 -46.33
C ASP ZB 111 -84.86 14.32 -44.93
N HIS ZB 112 -84.19 15.08 -44.06
CA HIS ZB 112 -84.62 15.11 -42.66
C HIS ZB 112 -85.98 15.76 -42.50
N GLU ZB 113 -86.31 16.73 -43.36
CA GLU ZB 113 -87.56 17.48 -43.18
C GLU ZB 113 -88.76 16.57 -43.37
N GLU ZB 114 -88.73 15.68 -44.36
CA GLU ZB 114 -89.84 14.76 -44.52
C GLU ZB 114 -89.87 13.76 -43.38
N ALA ZB 115 -88.70 13.35 -42.89
CA ALA ZB 115 -88.67 12.44 -41.75
C ALA ZB 115 -89.36 13.05 -40.55
N ARG ZB 116 -89.10 14.32 -40.28
CA ARG ZB 116 -89.84 15.01 -39.24
C ARG ZB 116 -91.30 15.19 -39.62
N ARG ZB 117 -91.57 15.29 -40.92
CA ARG ZB 117 -92.95 15.47 -41.36
C ARG ZB 117 -93.79 14.24 -41.07
N LYS ZB 118 -93.19 13.06 -41.21
CA LYS ZB 118 -93.89 11.82 -40.93
C LYS ZB 118 -93.44 11.15 -39.64
N HIS ZB 119 -92.78 11.89 -38.76
CA HIS ZB 119 -92.54 11.47 -37.38
C HIS ZB 119 -91.78 10.14 -37.31
N THR ZB 120 -90.61 10.13 -37.92
CA THR ZB 120 -89.78 8.93 -37.93
C THR ZB 120 -88.32 9.32 -37.90
N GLY ZB 121 -87.50 8.42 -37.38
CA GLY ZB 121 -86.07 8.58 -37.35
C GLY ZB 121 -85.37 7.57 -38.23
N GLY ZB 122 -84.09 7.34 -37.92
CA GLY ZB 122 -83.35 6.31 -38.61
C GLY ZB 122 -81.85 6.50 -38.52
N LYS ZB 123 -81.13 5.83 -39.42
CA LYS ZB 123 -79.68 5.95 -39.48
C LYS ZB 123 -79.30 7.10 -40.40
N ILE ZB 124 -78.31 7.89 -39.97
CA ILE ZB 124 -77.82 8.99 -40.77
C ILE ZB 124 -77.10 8.44 -42.00
N LEU ZB 125 -77.24 9.14 -43.12
CA LEU ZB 125 -76.53 8.78 -44.34
C LEU ZB 125 -75.56 9.88 -44.76
N GLY ZB 126 -76.05 11.08 -44.97
CA GLY ZB 126 -75.19 12.15 -45.43
C GLY ZB 126 -75.96 13.45 -45.48
N PHE ZB 127 -75.32 14.46 -46.04
CA PHE ZB 127 -75.93 15.78 -46.07
C PHE ZB 127 -75.44 16.50 -47.32
N PHE ZB 128 -76.20 17.53 -47.69
CA PHE ZB 128 -75.84 18.31 -48.86
C PHE ZB 128 -76.48 19.69 -48.72
N PHE ZB 129 -75.77 20.70 -49.20
CA PHE ZB 129 -76.31 22.05 -49.23
C PHE ZB 129 -75.54 22.88 -50.23
N GLY AC 1 -55.27 7.94 -40.16
CA GLY AC 1 -55.83 8.92 -39.26
C GLY AC 1 -56.30 8.32 -37.95
N LYS AC 2 -57.60 8.41 -37.69
CA LYS AC 2 -58.20 7.87 -36.49
C LYS AC 2 -59.30 6.89 -36.85
N CYS AC 3 -59.58 5.97 -35.93
CA CYS AC 3 -60.67 5.04 -36.13
C CYS AC 3 -62.00 5.76 -36.03
N ARG AC 4 -62.98 5.31 -36.81
CA ARG AC 4 -64.31 5.89 -36.75
C ARG AC 4 -65.39 4.82 -36.78
N GLY AC 5 -65.05 3.59 -36.43
CA GLY AC 5 -66.00 2.49 -36.52
C GLY AC 5 -67.10 2.57 -35.49
N LEU AC 6 -68.16 1.82 -35.76
CA LEU AC 6 -69.36 1.94 -34.94
C LEU AC 6 -69.21 1.23 -33.61
N ARG AC 7 -68.28 0.28 -33.50
CA ARG AC 7 -68.08 -0.41 -32.23
C ARG AC 7 -66.68 -0.19 -31.70
N THR AC 8 -66.08 0.96 -32.02
CA THR AC 8 -64.71 1.24 -31.64
C THR AC 8 -64.62 2.08 -30.37
N ALA AC 9 -65.66 2.10 -29.55
CA ALA AC 9 -65.67 2.95 -28.37
C ALA AC 9 -64.62 2.52 -27.36
N ARG AC 10 -64.39 1.21 -27.24
CA ARG AC 10 -63.42 0.72 -26.27
C ARG AC 10 -62.02 1.22 -26.59
N LYS AC 11 -61.63 1.13 -27.86
CA LYS AC 11 -60.32 1.65 -28.24
C LYS AC 11 -60.24 3.15 -28.04
N LEU AC 12 -61.33 3.86 -28.34
CA LEU AC 12 -61.34 5.31 -28.16
C LEU AC 12 -61.09 5.68 -26.70
N ARG AC 13 -61.86 5.09 -25.79
CA ARG AC 13 -61.68 5.41 -24.38
C ARG AC 13 -60.33 4.94 -23.87
N SER AC 14 -59.82 3.83 -24.40
CA SER AC 14 -58.50 3.35 -23.99
C SER AC 14 -57.42 4.36 -24.36
N HIS AC 15 -57.40 4.78 -25.63
CA HIS AC 15 -56.37 5.71 -26.08
C HIS AC 15 -56.54 7.07 -25.41
N ARG AC 16 -57.78 7.44 -25.13
CA ARG AC 16 -58.02 8.71 -24.45
C ARG AC 16 -57.47 8.69 -23.04
N ARG AC 17 -57.79 7.64 -22.28
CA ARG AC 17 -57.32 7.59 -20.91
C ARG AC 17 -55.82 7.31 -20.83
N ASP AC 18 -55.23 6.83 -21.92
CA ASP AC 18 -53.78 6.70 -21.94
C ASP AC 18 -53.11 8.02 -22.20
N GLN AC 19 -53.52 8.73 -23.25
CA GLN AC 19 -52.91 10.01 -23.59
C GLN AC 19 -53.25 11.11 -22.61
N LYS AC 20 -54.23 10.89 -21.73
CA LYS AC 20 -54.46 11.87 -20.69
C LYS AC 20 -53.35 11.88 -19.65
N TRP AC 21 -52.42 10.92 -19.69
CA TRP AC 21 -51.31 10.90 -18.77
C TRP AC 21 -50.13 11.74 -19.22
N HIS AC 22 -50.24 12.45 -20.34
CA HIS AC 22 -49.10 13.18 -20.86
C HIS AC 22 -49.22 14.68 -20.75
N ASP AC 23 -50.28 15.20 -20.13
CA ASP AC 23 -50.35 16.62 -19.82
C ASP AC 23 -50.07 16.82 -18.33
N LYS AC 24 -49.34 17.90 -18.04
CA LYS AC 24 -48.80 18.09 -16.70
C LYS AC 24 -49.90 18.27 -15.67
N GLN AC 25 -51.04 18.82 -16.09
CA GLN AC 25 -52.14 19.05 -15.15
C GLN AC 25 -52.73 17.73 -14.67
N TYR AC 26 -53.08 16.85 -15.60
CA TYR AC 26 -53.66 15.56 -15.23
C TYR AC 26 -52.65 14.71 -14.47
N LYS AC 27 -51.40 14.72 -14.94
CA LYS AC 27 -50.34 13.97 -14.26
C LYS AC 27 -50.20 14.42 -12.82
N LYS AC 28 -50.15 15.73 -12.60
CA LYS AC 28 -50.02 16.26 -11.25
C LYS AC 28 -51.24 15.92 -10.40
N ALA AC 29 -52.44 16.04 -10.97
CA ALA AC 29 -53.64 15.87 -10.17
C ALA AC 29 -54.01 14.42 -9.93
N HIS AC 30 -53.41 13.48 -10.67
CA HIS AC 30 -53.84 12.10 -10.56
C HIS AC 30 -52.72 11.12 -10.28
N LEU AC 31 -51.47 11.57 -10.19
CA LEU AC 31 -50.44 10.63 -9.78
C LEU AC 31 -50.35 10.52 -8.26
N GLY AC 32 -50.70 11.58 -7.54
CA GLY AC 32 -50.58 11.59 -6.10
C GLY AC 32 -49.19 11.90 -5.60
N THR AC 33 -48.20 11.91 -6.48
CA THR AC 33 -46.84 12.25 -6.07
C THR AC 33 -46.71 13.74 -5.74
N ALA AC 34 -47.44 14.60 -6.44
CA ALA AC 34 -47.45 16.01 -6.09
C ALA AC 34 -48.15 16.21 -4.75
N LEU AC 35 -49.17 15.40 -4.47
CA LEU AC 35 -49.82 15.45 -3.17
C LEU AC 35 -48.85 15.06 -2.05
N LYS AC 36 -48.02 14.05 -2.29
CA LYS AC 36 -47.00 13.69 -1.31
C LYS AC 36 -45.96 14.79 -1.16
N ALA AC 37 -45.52 15.37 -2.28
CA ALA AC 37 -44.44 16.36 -2.23
C ALA AC 37 -44.91 17.71 -1.74
N ASN AC 38 -46.21 17.99 -1.79
CA ASN AC 38 -46.70 19.28 -1.33
C ASN AC 38 -46.55 19.41 0.17
N PRO AC 39 -45.82 20.40 0.67
CA PRO AC 39 -45.75 20.61 2.12
C PRO AC 39 -47.11 20.90 2.73
N PHE AC 40 -47.99 21.58 2.00
CA PHE AC 40 -49.33 21.81 2.50
C PHE AC 40 -50.19 20.56 2.41
N GLY AC 41 -49.75 19.56 1.68
CA GLY AC 41 -50.47 18.31 1.57
C GLY AC 41 -51.85 18.47 0.95
N GLY AC 42 -52.02 19.43 0.06
CA GLY AC 42 -53.31 19.67 -0.55
C GLY AC 42 -54.22 20.59 0.23
N ALA AC 43 -53.68 21.35 1.18
CA ALA AC 43 -54.46 22.32 1.93
C ALA AC 43 -54.10 23.72 1.46
N SER AC 44 -55.07 24.63 1.56
CA SER AC 44 -54.83 26.00 1.12
C SER AC 44 -53.85 26.72 2.03
N HIS AC 45 -53.93 26.45 3.34
CA HIS AC 45 -53.16 27.17 4.33
C HIS AC 45 -52.50 26.17 5.26
N ALA AC 46 -51.58 26.67 6.09
CA ALA AC 46 -50.96 25.83 7.12
C ALA AC 46 -50.42 26.73 8.22
N LYS AC 47 -50.23 26.13 9.39
CA LYS AC 47 -49.65 26.81 10.53
C LYS AC 47 -48.22 26.32 10.73
N GLY AC 48 -47.37 27.22 11.19
CA GLY AC 48 -45.97 26.87 11.39
C GLY AC 48 -45.33 27.72 12.45
N ILE AC 49 -44.11 27.34 12.81
CA ILE AC 49 -43.33 28.02 13.84
C ILE AC 49 -42.06 28.57 13.20
N VAL AC 50 -41.78 29.84 13.47
CA VAL AC 50 -40.65 30.53 12.85
C VAL AC 50 -39.36 29.90 13.36
N LEU AC 51 -38.64 29.22 12.47
CA LEU AC 51 -37.36 28.65 12.86
C LEU AC 51 -36.29 29.73 12.94
N GLU AC 52 -36.30 30.67 12.01
CA GLU AC 52 -35.25 31.69 11.92
C GLU AC 52 -35.71 32.77 10.96
N LYS AC 53 -35.03 33.92 11.01
CA LYS AC 53 -35.27 35.03 10.11
C LYS AC 53 -34.08 35.16 9.16
N VAL AC 54 -34.34 35.07 7.86
CA VAL AC 54 -33.28 35.06 6.86
C VAL AC 54 -33.61 36.08 5.77
N GLY AC 55 -32.66 36.23 4.85
CA GLY AC 55 -32.85 37.09 3.69
C GLY AC 55 -32.69 36.28 2.41
N VAL AC 56 -33.34 36.73 1.35
CA VAL AC 56 -33.29 36.06 0.06
C VAL AC 56 -32.89 37.07 -1.01
N GLU AC 57 -31.87 36.73 -1.79
CA GLU AC 57 -31.48 37.55 -2.93
C GLU AC 57 -32.56 37.53 -4.00
N ALA AC 58 -32.64 38.62 -4.76
CA ALA AC 58 -33.53 38.67 -5.90
C ALA AC 58 -32.88 37.96 -7.09
N LYS AC 59 -33.64 37.80 -8.16
CA LYS AC 59 -33.14 37.16 -9.37
C LYS AC 59 -32.15 38.07 -10.09
N GLN AC 60 -31.73 37.63 -11.27
CA GLN AC 60 -30.66 38.32 -11.99
C GLN AC 60 -30.99 39.77 -12.37
N PRO AC 61 -32.11 40.08 -13.04
CA PRO AC 61 -32.31 41.47 -13.46
C PRO AC 61 -32.61 42.41 -12.31
N ASN AC 62 -33.07 41.92 -11.17
CA ASN AC 62 -33.26 42.77 -10.02
C ASN AC 62 -32.07 42.69 -9.08
N SER AC 63 -32.15 43.48 -8.00
CA SER AC 63 -31.11 43.51 -6.98
C SER AC 63 -31.79 43.89 -5.67
N ALA AC 64 -32.08 42.91 -4.84
CA ALA AC 64 -32.79 43.17 -3.59
C ALA AC 64 -32.55 42.03 -2.62
N ILE AC 65 -32.93 42.25 -1.37
CA ILE AC 65 -32.87 41.23 -0.33
C ILE AC 65 -34.31 41.01 0.14
N ARG AC 66 -34.97 40.04 -0.47
CA ARG AC 66 -36.33 39.72 -0.05
C ARG AC 66 -36.32 39.07 1.32
N LYS AC 67 -37.29 39.44 2.15
CA LYS AC 67 -37.33 39.02 3.54
C LYS AC 67 -38.23 37.80 3.68
N CYS AC 68 -37.63 36.63 3.73
CA CYS AC 68 -38.36 35.39 3.95
C CYS AC 68 -37.94 34.80 5.28
N VAL AC 69 -38.74 33.87 5.78
CA VAL AC 69 -38.48 33.22 7.05
C VAL AC 69 -38.51 31.71 6.85
N ARG AC 70 -37.56 31.02 7.46
CA ARG AC 70 -37.58 29.57 7.50
C ARG AC 70 -38.49 29.13 8.64
N VAL AC 71 -39.50 28.32 8.32
CA VAL AC 71 -40.54 27.94 9.27
C VAL AC 71 -40.74 26.43 9.19
N GLN AC 72 -40.81 25.79 10.36
CA GLN AC 72 -41.20 24.39 10.45
C GLN AC 72 -42.70 24.32 10.68
N LEU AC 73 -43.36 23.43 9.96
CA LEU AC 73 -44.81 23.30 10.11
C LEU AC 73 -45.14 22.51 11.37
N ILE AC 74 -46.24 22.89 12.01
CA ILE AC 74 -46.71 22.15 13.18
C ILE AC 74 -47.12 20.75 12.78
N LYS AC 75 -47.94 20.63 11.73
CA LYS AC 75 -48.29 19.32 11.21
C LYS AC 75 -47.17 18.83 10.30
N ASN AC 76 -46.91 17.52 10.37
CA ASN AC 76 -45.96 16.76 9.56
C ASN AC 76 -44.52 17.27 9.65
N GLY AC 77 -44.28 18.29 10.46
CA GLY AC 77 -42.93 18.70 10.81
C GLY AC 77 -42.04 19.12 9.65
N LYS AC 78 -42.61 19.43 8.48
CA LYS AC 78 -41.78 19.86 7.38
C LYS AC 78 -41.25 21.27 7.62
N LYS AC 79 -40.16 21.58 6.94
CA LYS AC 79 -39.50 22.88 7.06
C LYS AC 79 -39.62 23.61 5.73
N ILE AC 80 -40.12 24.85 5.77
CA ILE AC 80 -40.44 25.61 4.56
C ILE AC 80 -39.85 27.00 4.67
N THR AC 81 -39.79 27.68 3.52
CA THR AC 81 -39.37 29.07 3.43
C THR AC 81 -40.59 29.92 3.08
N ALA AC 82 -40.90 30.89 3.94
CA ALA AC 82 -42.12 31.68 3.82
C ALA AC 82 -41.78 33.15 3.70
N PHE AC 83 -42.45 33.83 2.78
CA PHE AC 83 -42.16 35.23 2.52
C PHE AC 83 -43.03 36.15 3.39
N VAL AC 84 -42.54 37.37 3.61
CA VAL AC 84 -43.31 38.38 4.32
C VAL AC 84 -43.72 39.45 3.32
N PRO AC 85 -45.00 39.53 2.96
CA PRO AC 85 -45.44 40.39 1.84
C PRO AC 85 -45.83 41.80 2.26
N ASN AC 86 -44.85 42.57 2.71
CA ASN AC 86 -45.04 44.00 3.01
C ASN AC 86 -43.68 44.67 3.04
N ASP AC 87 -43.66 45.91 3.51
CA ASP AC 87 -42.43 46.67 3.53
C ASP AC 87 -41.74 46.59 4.89
N GLY AC 88 -42.51 46.49 5.97
CA GLY AC 88 -41.93 46.53 7.29
C GLY AC 88 -42.53 45.58 8.28
N CYS AC 89 -43.12 44.48 7.82
CA CYS AC 89 -43.73 43.54 8.74
C CYS AC 89 -42.74 42.55 9.33
N LEU AC 90 -41.48 42.55 8.88
CA LEU AC 90 -40.48 41.72 9.53
C LEU AC 90 -40.28 42.13 10.97
N ASN AC 91 -40.55 43.40 11.30
CA ASN AC 91 -40.49 43.84 12.68
C ASN AC 91 -41.60 43.22 13.52
N PHE AC 92 -42.77 42.96 12.92
CA PHE AC 92 -43.78 42.22 13.64
C PHE AC 92 -43.41 40.76 13.87
N ILE AC 93 -42.35 40.28 13.23
CA ILE AC 93 -41.99 38.88 13.27
C ILE AC 93 -40.73 38.71 14.12
N GLU AC 94 -40.79 37.77 15.06
CA GLU AC 94 -39.64 37.33 15.83
C GLU AC 94 -39.60 35.80 15.83
N GLU AC 95 -38.75 35.23 16.67
CA GLU AC 95 -38.54 33.80 16.60
C GLU AC 95 -39.67 33.04 17.28
N ASN AC 96 -39.79 31.76 16.96
CA ASN AC 96 -40.73 30.84 17.56
C ASN AC 96 -42.17 31.33 17.45
N ASP AC 97 -42.53 31.96 16.35
CA ASP AC 97 -43.86 32.54 16.26
C ASP AC 97 -44.80 31.62 15.48
N GLU AC 98 -46.04 31.54 15.95
CA GLU AC 98 -47.10 30.80 15.27
C GLU AC 98 -47.51 31.63 14.06
N VAL AC 99 -47.12 31.17 12.88
CA VAL AC 99 -47.41 31.87 11.64
C VAL AC 99 -48.28 31.01 10.75
N LEU AC 100 -49.33 31.63 10.22
CA LEU AC 100 -50.18 31.01 9.22
C LEU AC 100 -49.62 31.35 7.85
N VAL AC 101 -49.35 30.33 7.05
CA VAL AC 101 -48.76 30.51 5.73
C VAL AC 101 -49.72 29.99 4.68
N ALA AC 102 -49.82 30.71 3.57
CA ALA AC 102 -50.64 30.31 2.44
C ALA AC 102 -49.77 30.28 1.19
N GLY AC 103 -50.39 29.86 0.08
CA GLY AC 103 -49.66 29.77 -1.17
C GLY AC 103 -49.17 31.14 -1.62
N PHE AC 104 -48.18 31.12 -2.50
CA PHE AC 104 -47.54 32.35 -2.92
C PHE AC 104 -48.01 32.80 -4.30
N GLY AC 105 -48.96 32.09 -4.89
CA GLY AC 105 -49.66 32.62 -6.04
C GLY AC 105 -49.95 31.68 -7.19
N ARG AC 106 -49.04 30.76 -7.53
CA ARG AC 106 -49.23 30.00 -8.76
C ARG AC 106 -48.99 28.51 -8.53
N LYS AC 107 -49.62 27.99 -7.47
CA LYS AC 107 -49.76 26.55 -7.26
C LYS AC 107 -48.41 25.87 -7.12
N GLY AC 108 -47.74 26.18 -6.01
CA GLY AC 108 -46.48 25.52 -5.70
C GLY AC 108 -45.31 25.93 -6.55
N HIS AC 109 -45.39 27.07 -7.21
CA HIS AC 109 -44.29 27.58 -8.01
C HIS AC 109 -43.88 28.95 -7.53
N ALA AC 110 -42.57 29.21 -7.55
CA ALA AC 110 -42.05 30.50 -7.10
C ALA AC 110 -42.51 31.61 -8.03
N VAL AC 111 -42.70 32.80 -7.45
CA VAL AC 111 -43.26 33.94 -8.15
C VAL AC 111 -42.23 35.06 -8.18
N GLY AC 112 -42.06 35.67 -9.36
CA GLY AC 112 -41.26 36.88 -9.47
C GLY AC 112 -39.78 36.62 -9.30
N ASP AC 113 -39.10 37.61 -8.74
CA ASP AC 113 -37.64 37.60 -8.62
C ASP AC 113 -37.17 36.78 -7.43
N ILE AC 114 -38.07 36.11 -6.72
CA ILE AC 114 -37.70 35.35 -5.53
C ILE AC 114 -37.50 33.90 -5.95
N PRO AC 115 -36.29 33.36 -5.89
CA PRO AC 115 -36.07 31.97 -6.26
C PRO AC 115 -36.48 31.03 -5.13
N GLY AC 116 -37.16 29.95 -5.50
CA GLY AC 116 -37.41 28.87 -4.57
C GLY AC 116 -38.19 29.25 -3.34
N VAL AC 117 -39.09 30.22 -3.47
CA VAL AC 117 -40.00 30.59 -2.39
C VAL AC 117 -41.42 30.46 -2.91
N ARG AC 118 -42.22 29.64 -2.25
CA ARG AC 118 -43.56 29.31 -2.70
C ARG AC 118 -44.61 29.56 -1.64
N PHE AC 119 -44.29 30.36 -0.61
CA PHE AC 119 -45.21 30.64 0.46
C PHE AC 119 -44.99 32.06 0.97
N LYS AC 120 -46.05 32.67 1.49
CA LYS AC 120 -45.94 33.95 2.16
C LYS AC 120 -46.76 33.92 3.43
N VAL AC 121 -46.39 34.76 4.40
CA VAL AC 121 -47.02 34.74 5.71
C VAL AC 121 -48.33 35.51 5.67
N VAL AC 122 -49.36 34.98 6.30
CA VAL AC 122 -50.65 35.63 6.40
C VAL AC 122 -50.86 36.24 7.78
N LYS AC 123 -50.82 35.43 8.83
CA LYS AC 123 -51.00 35.90 10.19
C LYS AC 123 -49.89 35.33 11.06
N VAL AC 124 -49.54 36.08 12.11
CA VAL AC 124 -48.56 35.67 13.09
C VAL AC 124 -49.19 35.80 14.47
N ALA AC 125 -48.96 34.80 15.32
CA ALA AC 125 -49.50 34.78 16.69
C ALA AC 125 -51.01 34.97 16.68
N ASN AC 126 -51.66 34.41 15.65
CA ASN AC 126 -53.10 34.49 15.46
C ASN AC 126 -53.58 35.94 15.38
N VAL AC 127 -52.91 36.76 14.57
CA VAL AC 127 -53.39 38.09 14.25
C VAL AC 127 -52.86 38.47 12.87
N SER AC 128 -53.68 39.19 12.10
CA SER AC 128 -53.39 39.47 10.70
C SER AC 128 -52.17 40.35 10.53
N LEU AC 129 -51.34 40.00 9.55
CA LEU AC 129 -50.25 40.89 9.16
C LEU AC 129 -50.77 42.21 8.62
N LEU AC 130 -51.85 42.16 7.84
CA LEU AC 130 -52.44 43.38 7.31
C LEU AC 130 -52.91 44.28 8.42
N ALA AC 131 -53.50 43.70 9.47
CA ALA AC 131 -53.96 44.50 10.60
C ALA AC 131 -52.79 45.20 11.29
N LEU AC 132 -51.67 44.49 11.44
CA LEU AC 132 -50.49 45.11 12.02
C LEU AC 132 -49.95 46.22 11.13
N TYR AC 133 -49.92 45.99 9.82
CA TYR AC 133 -49.38 46.99 8.91
C TYR AC 133 -50.24 48.25 8.92
N LYS AC 134 -51.56 48.10 8.99
CA LYS AC 134 -52.43 49.24 9.17
C LYS AC 134 -52.53 49.68 10.62
N GLY AC 135 -51.99 48.90 11.55
CA GLY AC 135 -52.02 49.29 12.95
C GLY AC 135 -53.40 49.28 13.56
N LYS AC 136 -54.36 48.59 12.95
CA LYS AC 136 -55.71 48.54 13.50
C LYS AC 136 -55.74 47.87 14.86
N LYS AC 137 -54.75 47.04 15.16
CA LYS AC 137 -54.59 46.51 16.50
C LYS AC 137 -53.11 46.22 16.71
N GLU AC 138 -52.74 46.03 17.97
CA GLU AC 138 -51.36 45.98 18.39
C GLU AC 138 -50.97 44.53 18.68
N ARG AC 139 -49.66 44.29 18.76
CA ARG AC 139 -49.15 42.96 19.06
C ARG AC 139 -49.67 42.48 20.41
N PRO AC 140 -49.95 41.18 20.55
CA PRO AC 140 -50.44 40.63 21.84
C PRO AC 140 -49.35 40.60 22.91
N ARG AC 141 -49.16 41.75 23.55
CA ARG AC 141 -48.07 41.89 24.51
C ARG AC 141 -48.45 41.39 25.90
N ASN BC 1 -112.37 51.62 18.19
CA ASN BC 1 -113.76 51.31 18.50
C ASN BC 1 -114.69 51.75 17.37
N ASP BC 2 -114.40 52.92 16.81
CA ASP BC 2 -115.23 53.45 15.72
C ASP BC 2 -115.13 52.57 14.49
N THR BC 3 -113.91 52.14 14.14
CA THR BC 3 -113.63 51.51 12.86
C THR BC 3 -113.01 50.14 13.13
N VAL BC 4 -113.87 49.16 13.41
CA VAL BC 4 -113.49 47.78 13.72
C VAL BC 4 -114.65 46.90 13.30
N THR BC 5 -114.39 45.87 12.49
CA THR BC 5 -115.45 44.96 12.09
C THR BC 5 -114.92 43.55 11.93
N ILE BC 6 -115.84 42.59 11.94
CA ILE BC 6 -115.53 41.18 11.80
C ILE BC 6 -116.17 40.68 10.52
N ARG BC 7 -115.37 40.06 9.65
CA ARG BC 7 -115.87 39.49 8.42
C ARG BC 7 -115.44 38.03 8.36
N THR BC 8 -116.40 37.12 8.44
CA THR BC 8 -116.07 35.71 8.47
C THR BC 8 -116.03 35.15 7.07
N ARG BC 9 -115.24 34.09 6.92
CA ARG BC 9 -115.16 33.37 5.66
C ARG BC 9 -114.69 31.96 5.98
N LYS BC 10 -114.92 31.05 5.03
CA LYS BC 10 -114.59 29.65 5.18
C LYS BC 10 -115.26 29.06 6.43
N PHE BC 11 -116.44 29.59 6.75
CA PHE BC 11 -117.23 29.06 7.85
C PHE BC 11 -117.74 27.67 7.52
N MET BC 12 -117.76 26.80 8.53
CA MET BC 12 -118.36 25.48 8.39
C MET BC 12 -118.53 24.88 9.77
N THR BC 13 -119.62 24.15 9.94
CA THR BC 13 -119.97 23.54 11.22
C THR BC 13 -119.71 22.05 11.16
N ASN BC 14 -119.31 21.49 12.28
CA ASN BC 14 -119.10 20.06 12.40
C ASN BC 14 -119.57 19.56 13.75
N ARG BC 15 -120.37 18.50 13.72
CA ARG BC 15 -120.76 17.84 14.94
C ARG BC 15 -119.69 16.90 15.46
N LEU BC 16 -118.62 16.69 14.68
CA LEU BC 16 -117.54 15.82 15.12
C LEU BC 16 -116.87 16.37 16.37
N LEU BC 17 -116.58 17.66 16.39
CA LEU BC 17 -116.00 18.30 17.56
C LEU BC 17 -116.95 19.30 18.20
N GLN BC 18 -118.24 19.21 17.88
CA GLN BC 18 -119.30 19.99 18.52
C GLN BC 18 -119.00 21.49 18.47
N ARG BC 19 -118.74 21.96 17.26
CA ARG BC 19 -118.29 23.33 17.11
C ARG BC 19 -118.58 23.80 15.70
N LYS BC 20 -118.38 25.10 15.48
CA LYS BC 20 -118.44 25.72 14.17
C LYS BC 20 -117.15 26.48 13.95
N GLN BC 21 -116.41 26.13 12.90
CA GLN BC 21 -115.10 26.70 12.67
C GLN BC 21 -115.10 27.57 11.43
N MET BC 22 -114.31 28.64 11.50
CA MET BC 22 -114.28 29.64 10.45
C MET BC 22 -112.98 30.42 10.59
N VAL BC 23 -112.62 31.14 9.55
CA VAL BC 23 -111.52 32.09 9.60
C VAL BC 23 -112.10 33.48 9.40
N ILE BC 24 -111.67 34.40 10.26
CA ILE BC 24 -112.22 35.75 10.29
C ILE BC 24 -111.07 36.74 10.23
N ASP BC 25 -111.38 37.94 9.80
CA ASP BC 25 -110.44 39.04 9.84
C ASP BC 25 -111.10 40.22 10.53
N VAL BC 26 -110.30 40.97 11.28
CA VAL BC 26 -110.75 42.20 11.91
C VAL BC 26 -109.93 43.35 11.33
N LEU BC 27 -110.61 44.44 11.00
CA LEU BC 27 -110.01 45.54 10.27
C LEU BC 27 -109.73 46.67 11.25
N HIS BC 28 -108.48 47.11 11.30
CA HIS BC 28 -108.06 48.26 12.08
C HIS BC 28 -107.31 49.21 11.15
N PRO BC 29 -108.00 50.08 10.42
CA PRO BC 29 -107.31 50.88 9.40
C PRO BC 29 -106.20 51.75 9.94
N GLY BC 30 -106.32 52.28 11.15
CA GLY BC 30 -105.27 53.12 11.69
C GLY BC 30 -104.80 52.65 13.04
N LYS BC 31 -105.32 51.52 13.50
CA LYS BC 31 -105.08 51.03 14.84
C LYS BC 31 -104.17 49.80 14.81
N ALA BC 32 -103.73 49.41 15.99
CA ALA BC 32 -102.89 48.23 16.13
C ALA BC 32 -103.72 46.97 15.99
N THR BC 33 -103.08 45.82 16.23
CA THR BC 33 -103.78 44.56 16.22
C THR BC 33 -104.76 44.52 17.39
N VAL BC 34 -106.00 44.14 17.10
CA VAL BC 34 -107.05 44.18 18.13
C VAL BC 34 -106.82 43.06 19.13
N PRO BC 35 -106.89 43.32 20.44
CA PRO BC 35 -106.65 42.26 21.43
C PRO BC 35 -107.68 41.15 21.32
N LYS BC 36 -107.22 39.91 21.49
CA LYS BC 36 -108.04 38.72 21.26
C LYS BC 36 -109.34 38.77 22.04
N THR BC 37 -109.31 39.36 23.23
CA THR BC 37 -110.52 39.49 24.04
C THR BC 37 -111.60 40.25 23.29
N GLU BC 38 -111.21 41.37 22.67
CA GLU BC 38 -112.17 42.22 21.98
C GLU BC 38 -112.83 41.45 20.83
N ILE BC 39 -112.02 40.69 20.08
CA ILE BC 39 -112.57 39.79 19.07
C ILE BC 39 -113.54 38.83 19.70
N ARG BC 40 -113.22 38.34 20.89
CA ARG BC 40 -114.07 37.34 21.53
C ARG BC 40 -115.47 37.88 21.78
N GLU BC 41 -115.59 39.06 22.40
CA GLU BC 41 -116.97 39.50 22.65
C GLU BC 41 -117.63 40.01 21.38
N LYS BC 42 -116.87 40.61 20.46
CA LYS BC 42 -117.50 41.10 19.24
C LYS BC 42 -118.09 39.95 18.43
N LEU BC 43 -117.34 38.85 18.30
CA LEU BC 43 -117.86 37.70 17.61
C LEU BC 43 -118.96 37.02 18.41
N ALA BC 44 -118.89 37.10 19.74
CA ALA BC 44 -119.98 36.60 20.56
C ALA BC 44 -121.28 37.31 20.23
N LYS BC 45 -121.21 38.64 20.07
CA LYS BC 45 -122.38 39.38 19.63
C LYS BC 45 -122.77 39.02 18.21
N MET BC 46 -121.77 38.76 17.37
CA MET BC 46 -122.04 38.46 15.97
C MET BC 46 -122.84 37.17 15.82
N TYR BC 47 -122.48 36.14 16.58
CA TYR BC 47 -123.20 34.86 16.52
C TYR BC 47 -124.15 34.70 17.71
N LYS BC 48 -124.38 35.77 18.46
CA LYS BC 48 -125.35 35.79 19.55
C LYS BC 48 -125.00 34.77 20.62
N THR BC 49 -123.74 34.75 21.04
CA THR BC 49 -123.27 33.84 22.08
C THR BC 49 -122.57 34.64 23.18
N THR BC 50 -121.94 33.90 24.09
CA THR BC 50 -121.29 34.45 25.27
C THR BC 50 -119.79 34.52 25.09
N PRO BC 51 -119.13 35.55 25.63
CA PRO BC 51 -117.68 35.70 25.43
C PRO BC 51 -116.87 34.80 26.34
N ASP BC 52 -117.23 33.52 26.44
CA ASP BC 52 -116.51 32.55 27.22
C ASP BC 52 -116.13 31.31 26.45
N VAL BC 53 -117.05 30.72 25.69
CA VAL BC 53 -116.76 29.57 24.85
C VAL BC 53 -116.04 30.00 23.58
N ILE BC 54 -115.94 31.31 23.32
CA ILE BC 54 -115.32 31.81 22.12
C ILE BC 54 -113.83 31.54 22.15
N PHE BC 55 -113.28 31.06 21.03
CA PHE BC 55 -111.86 30.76 20.91
C PHE BC 55 -111.34 31.34 19.61
N VAL BC 56 -110.43 32.31 19.71
CA VAL BC 56 -109.78 32.87 18.54
C VAL BC 56 -108.28 32.93 18.81
N PHE BC 57 -107.51 32.87 17.72
CA PHE BC 57 -106.05 32.80 17.78
C PHE BC 57 -105.51 32.93 16.36
N GLY BC 58 -104.19 32.77 16.25
CA GLY BC 58 -103.55 32.75 14.95
C GLY BC 58 -103.66 34.06 14.19
N PHE BC 59 -103.40 35.18 14.85
CA PHE BC 59 -103.75 36.49 14.31
C PHE BC 59 -102.51 37.18 13.77
N ARG BC 60 -102.38 37.21 12.45
CA ARG BC 60 -101.31 37.92 11.76
C ARG BC 60 -101.87 39.12 11.02
N THR BC 61 -101.15 40.24 11.11
CA THR BC 61 -101.51 41.46 10.43
C THR BC 61 -100.77 41.55 9.12
N HIS BC 62 -101.50 41.86 8.04
CA HIS BC 62 -100.87 42.06 6.75
C HIS BC 62 -99.89 43.23 6.82
N PHE BC 63 -98.94 43.21 5.90
CA PHE BC 63 -97.94 44.27 5.80
C PHE BC 63 -98.62 45.61 5.58
N GLY BC 64 -98.20 46.62 6.34
CA GLY BC 64 -98.84 47.90 6.31
C GLY BC 64 -100.01 48.08 7.25
N GLY BC 65 -100.34 47.06 8.04
CA GLY BC 65 -101.43 47.16 8.98
C GLY BC 65 -102.79 47.01 8.32
N GLY BC 66 -103.82 47.30 9.11
CA GLY BC 66 -105.16 47.25 8.60
C GLY BC 66 -105.78 45.88 8.69
N LYS BC 67 -105.71 45.11 7.61
CA LYS BC 67 -106.28 43.78 7.60
C LYS BC 67 -105.38 42.81 8.37
N THR BC 68 -105.96 42.20 9.40
CA THR BC 68 -105.31 41.13 10.13
C THR BC 68 -106.26 39.94 10.19
N THR BC 69 -105.70 38.74 10.03
CA THR BC 69 -106.50 37.53 9.85
C THR BC 69 -106.11 36.48 10.88
N GLY BC 70 -107.13 35.88 11.49
CA GLY BC 70 -106.93 34.75 12.39
C GLY BC 70 -108.10 33.79 12.31
N PHE BC 71 -107.92 32.64 12.93
CA PHE BC 71 -108.90 31.56 12.83
C PHE BC 71 -109.85 31.62 14.01
N GLY BC 72 -111.14 31.40 13.74
CA GLY BC 72 -112.15 31.40 14.77
C GLY BC 72 -112.62 30.00 15.14
N MET BC 73 -112.87 29.81 16.43
CA MET BC 73 -113.37 28.54 16.95
C MET BC 73 -114.46 28.84 17.97
N ILE BC 74 -115.66 28.34 17.72
CA ILE BC 74 -116.77 28.48 18.66
C ILE BC 74 -117.38 27.10 18.88
N TYR BC 75 -117.65 26.78 20.14
CA TYR BC 75 -118.24 25.50 20.50
C TYR BC 75 -119.68 25.68 20.95
N ASP BC 76 -120.41 24.57 20.94
CA ASP BC 76 -121.80 24.60 21.41
C ASP BC 76 -121.88 24.79 22.91
N SER BC 77 -121.00 24.13 23.67
CA SER BC 77 -121.05 24.21 25.12
C SER BC 77 -119.63 24.34 25.66
N LEU BC 78 -119.52 24.94 26.85
CA LEU BC 78 -118.21 25.12 27.47
C LEU BC 78 -117.62 23.80 27.94
N ASP BC 79 -118.45 22.87 28.40
CA ASP BC 79 -117.93 21.58 28.83
C ASP BC 79 -117.27 20.83 27.68
N TYR BC 80 -117.88 20.90 26.50
CA TYR BC 80 -117.26 20.32 25.31
C TYR BC 80 -115.95 21.04 24.99
N ALA BC 81 -115.95 22.37 25.10
CA ALA BC 81 -114.71 23.12 24.89
C ALA BC 81 -113.65 22.71 25.89
N LYS BC 82 -114.06 22.21 27.06
CA LYS BC 82 -113.12 21.61 27.98
C LYS BC 82 -112.65 20.26 27.48
N LYS BC 83 -113.59 19.47 26.92
CA LYS BC 83 -113.27 18.12 26.48
C LYS BC 83 -112.28 18.12 25.31
N ASN BC 84 -112.58 18.86 24.24
CA ASN BC 84 -111.78 18.82 23.02
C ASN BC 84 -111.34 20.22 22.62
N GLU BC 85 -110.22 20.65 23.20
CA GLU BC 85 -109.55 21.90 22.86
C GLU BC 85 -108.17 21.87 23.50
N PRO BC 86 -107.12 22.34 22.83
CA PRO BC 86 -105.77 22.20 23.36
C PRO BC 86 -105.60 22.88 24.71
N LYS BC 87 -104.73 22.31 25.53
CA LYS BC 87 -104.60 22.73 26.91
C LYS BC 87 -104.09 24.16 27.02
N HIS BC 88 -103.17 24.56 26.13
CA HIS BC 88 -102.59 25.89 26.24
C HIS BC 88 -103.64 26.97 26.01
N ARG BC 89 -104.60 26.73 25.12
CA ARG BC 89 -105.65 27.71 24.91
C ARG BC 89 -106.55 27.84 26.12
N LEU BC 90 -106.84 26.71 26.78
CA LEU BC 90 -107.60 26.76 28.03
C LEU BC 90 -106.84 27.54 29.09
N ALA BC 91 -105.52 27.38 29.13
CA ALA BC 91 -104.72 28.15 30.07
C ALA BC 91 -104.72 29.64 29.72
N ARG BC 92 -104.76 29.97 28.43
CA ARG BC 92 -104.83 31.37 28.04
C ARG BC 92 -106.08 32.03 28.60
N HIS BC 93 -107.20 31.32 28.57
CA HIS BC 93 -108.41 31.81 29.19
C HIS BC 93 -108.41 31.57 30.70
N GLY BC 94 -107.41 30.89 31.22
CA GLY BC 94 -107.28 30.66 32.64
C GLY BC 94 -107.97 29.42 33.17
N LEU BC 95 -108.67 28.68 32.32
CA LEU BC 95 -109.39 27.50 32.76
C LEU BC 95 -108.47 26.29 32.94
N TYR BC 96 -107.22 26.39 32.51
CA TYR BC 96 -106.24 25.32 32.64
C TYR BC 96 -105.03 25.85 33.38
N GLU BC 97 -104.51 25.03 34.29
CA GLU BC 97 -103.31 25.35 35.05
C GLU BC 97 -102.18 24.40 34.66
N LYS BC 98 -101.01 24.98 34.41
CA LYS BC 98 -99.81 24.22 34.09
C LYS BC 98 -98.81 24.29 35.24
N LYS BC 99 -99.32 24.28 36.48
CA LYS BC 99 -98.48 24.48 37.65
C LYS BC 99 -97.72 23.18 37.91
N LYS BC 100 -96.45 23.17 37.51
CA LYS BC 100 -95.63 21.97 37.60
C LYS BC 100 -94.16 22.35 37.50
N THR BC 101 -93.31 21.33 37.53
CA THR BC 101 -91.88 21.48 37.65
C THR BC 101 -91.21 21.64 36.29
N SER BC 102 -89.89 21.64 36.29
CA SER BC 102 -89.12 21.68 35.06
C SER BC 102 -89.00 20.28 34.45
N ARG BC 103 -88.89 20.26 33.12
CA ARG BC 103 -88.65 18.99 32.42
C ARG BC 103 -87.30 18.41 32.84
N LYS BC 104 -86.30 19.27 33.06
CA LYS BC 104 -85.04 18.81 33.63
C LYS BC 104 -85.26 18.14 34.97
N GLN BC 105 -86.01 18.80 35.86
CA GLN BC 105 -86.25 18.23 37.18
C GLN BC 105 -87.04 16.93 37.07
N ARG BC 106 -88.01 16.88 36.15
CA ARG BC 106 -88.78 15.67 35.95
C ARG BC 106 -87.90 14.51 35.51
N LYS BC 107 -87.00 14.76 34.55
CA LYS BC 107 -86.13 13.69 34.07
C LYS BC 107 -85.15 13.26 35.15
N GLU BC 108 -84.63 14.20 35.94
CA GLU BC 108 -83.73 13.83 37.03
C GLU BC 108 -84.46 12.95 38.04
N ARG BC 109 -85.70 13.32 38.38
CA ARG BC 109 -86.48 12.51 39.30
C ARG BC 109 -86.76 11.14 38.72
N LYS BC 110 -87.04 11.06 37.43
CA LYS BC 110 -87.33 9.78 36.80
C LYS BC 110 -86.12 8.86 36.83
N ASN BC 111 -84.95 9.40 36.48
CA ASN BC 111 -83.76 8.56 36.42
C ASN BC 111 -83.26 8.20 37.80
N ARG BC 112 -83.38 9.11 38.78
CA ARG BC 112 -83.01 8.77 40.13
C ARG BC 112 -83.87 7.63 40.67
N MET BC 113 -85.16 7.66 40.36
CA MET BC 113 -86.05 6.58 40.77
C MET BC 113 -85.71 5.26 40.08
N LYS BC 114 -85.07 5.30 38.91
CA LYS BC 114 -84.68 4.06 38.26
C LYS BC 114 -83.58 3.32 39.01
N LYS BC 115 -82.90 3.99 39.95
CA LYS BC 115 -81.91 3.32 40.76
C LYS BC 115 -82.52 2.54 41.92
N VAL BC 116 -83.80 2.79 42.22
CA VAL BC 116 -84.51 2.10 43.30
C VAL BC 116 -85.54 1.18 42.67
N ARG BC 117 -85.51 -0.09 43.06
CA ARG BC 117 -86.37 -1.11 42.48
C ARG BC 117 -87.47 -1.49 43.46
N GLY BC 118 -88.70 -1.55 42.98
CA GLY BC 118 -89.76 -2.17 43.73
C GLY BC 118 -90.22 -1.40 44.95
N THR BC 119 -89.27 -1.09 45.83
CA THR BC 119 -89.59 -0.49 47.11
C THR BC 119 -90.27 0.85 46.91
N ALA BC 120 -91.59 0.87 47.02
CA ALA BC 120 -92.33 2.11 46.84
C ALA BC 120 -91.93 3.12 47.90
N LYS BC 121 -91.63 2.65 49.10
CA LYS BC 121 -91.21 3.53 50.19
C LYS BC 121 -89.89 4.22 49.86
N ALA BC 122 -88.96 3.52 49.22
CA ALA BC 122 -87.76 4.18 48.75
C ALA BC 122 -87.95 4.81 47.38
N ASN BC 123 -88.85 4.28 46.55
CA ASN BC 123 -89.09 4.85 45.24
C ASN BC 123 -89.63 6.27 45.31
N VAL BC 124 -90.71 6.48 46.07
CA VAL BC 124 -91.26 7.82 46.20
C VAL BC 124 -90.40 8.70 47.09
N GLY BC 125 -89.57 8.11 47.95
CA GLY BC 125 -88.67 8.84 48.80
C GLY BC 125 -87.31 9.09 48.18
N ALA BC 126 -87.14 8.72 46.91
CA ALA BC 126 -85.84 8.93 46.26
C ALA BC 126 -85.58 10.41 46.00
N GLY BC 127 -86.55 11.12 45.43
CA GLY BC 127 -86.36 12.50 45.04
C GLY BC 127 -86.54 13.52 46.13
N LYS BC 128 -86.94 13.11 47.34
CA LYS BC 128 -87.13 14.06 48.43
C LYS BC 128 -85.84 14.76 48.83
N LYS BC 129 -84.75 14.00 48.91
CA LYS BC 129 -83.47 14.55 49.31
C LYS BC 129 -82.88 15.48 48.25
N PRO BC 130 -82.64 15.03 47.00
CA PRO BC 130 -81.96 15.94 46.07
C PRO BC 130 -82.91 16.92 45.39
N LYS BC 131 -83.18 18.03 46.07
CA LYS BC 131 -84.03 19.06 45.49
C LYS BC 131 -83.18 20.08 44.73
N THR CC 1 -34.42 24.01 -42.96
CA THR CC 1 -35.06 24.15 -44.26
C THR CC 1 -34.45 23.24 -45.28
N LYS CC 2 -35.31 22.52 -46.00
CA LYS CC 2 -34.87 21.64 -47.07
C LYS CC 2 -34.30 22.49 -48.20
N LYS CC 3 -32.97 22.52 -48.31
CA LYS CC 3 -32.34 23.39 -49.30
C LYS CC 3 -32.69 22.97 -50.72
N ARG CC 4 -32.61 21.68 -51.00
CA ARG CC 4 -32.76 21.17 -52.35
C ARG CC 4 -33.83 20.09 -52.39
N ARG CC 5 -34.59 20.07 -53.48
CA ARG CC 5 -35.60 19.04 -53.62
C ARG CC 5 -34.98 17.66 -53.72
N ASN CC 6 -33.84 17.54 -54.40
CA ASN CC 6 -33.16 16.27 -54.56
C ASN CC 6 -32.16 16.00 -53.44
N ASN CC 7 -32.13 16.84 -52.41
CA ASN CC 7 -31.20 16.72 -51.28
C ASN CC 7 -29.75 16.77 -51.74
N GLY CC 8 -29.46 17.48 -52.83
CA GLY CC 8 -28.10 17.59 -53.27
C GLY CC 8 -27.50 16.32 -53.83
N ARG CC 9 -28.32 15.41 -54.33
CA ARG CC 9 -27.82 14.19 -54.94
C ARG CC 9 -28.87 13.68 -55.91
N ALA CC 10 -28.56 12.58 -56.56
CA ALA CC 10 -29.43 12.03 -57.59
C ALA CC 10 -30.23 10.81 -57.13
N LYS CC 11 -30.14 10.45 -55.86
CA LYS CC 11 -30.78 9.23 -55.39
C LYS CC 11 -32.29 9.44 -55.31
N LYS CC 12 -33.02 8.75 -56.18
CA LYS CC 12 -34.49 8.80 -56.17
C LYS CC 12 -35.10 7.46 -55.82
N GLY CC 13 -34.70 6.39 -56.49
CA GLY CC 13 -35.28 5.09 -56.23
C GLY CC 13 -34.26 4.05 -55.80
N ARG CC 14 -33.27 4.48 -55.03
CA ARG CC 14 -32.24 3.58 -54.54
C ARG CC 14 -32.17 3.69 -53.03
N GLY CC 15 -31.92 2.56 -52.39
CA GLY CC 15 -31.71 2.59 -50.97
C GLY CC 15 -30.29 3.02 -50.64
N HIS CC 16 -29.34 2.62 -51.47
CA HIS CC 16 -27.95 2.97 -51.26
C HIS CC 16 -27.23 3.09 -52.59
N VAL CC 17 -26.23 3.96 -52.64
CA VAL CC 17 -25.32 4.09 -53.77
C VAL CC 17 -23.91 3.94 -53.24
N GLN CC 18 -23.08 3.20 -53.96
CA GLN CC 18 -21.72 2.99 -53.52
C GLN CC 18 -20.95 4.30 -53.53
N PRO CC 19 -19.99 4.47 -52.62
CA PRO CC 19 -19.24 5.73 -52.55
C PRO CC 19 -18.03 5.71 -53.47
N ILE CC 20 -17.49 6.91 -53.69
CA ILE CC 20 -16.23 7.08 -54.38
C ILE CC 20 -15.34 8.02 -53.59
N ARG CC 21 -14.05 8.00 -53.91
CA ARG CC 21 -13.05 8.79 -53.22
C ARG CC 21 -12.78 10.08 -53.98
N CYS CC 22 -12.77 11.20 -53.26
CA CYS CC 22 -12.56 12.48 -53.91
C CYS CC 22 -11.16 12.56 -54.49
N THR CC 23 -11.06 13.07 -55.71
CA THR CC 23 -9.77 13.17 -56.37
C THR CC 23 -8.90 14.25 -55.76
N ASN CC 24 -9.45 15.06 -54.85
CA ASN CC 24 -8.66 16.06 -54.17
C ASN CC 24 -8.29 15.68 -52.75
N CYS CC 25 -9.25 15.19 -51.96
CA CYS CC 25 -9.00 14.93 -50.54
C CYS CC 25 -9.23 13.49 -50.14
N ALA CC 26 -9.64 12.63 -51.06
CA ALA CC 26 -9.92 11.22 -50.76
C ALA CC 26 -11.00 11.07 -49.71
N ARG CC 27 -12.10 11.81 -49.86
CA ARG CC 27 -13.27 11.62 -49.03
C ARG CC 27 -14.22 10.62 -49.67
N CYS CC 28 -14.84 9.79 -48.84
CA CYS CC 28 -15.79 8.79 -49.32
C CYS CC 28 -17.09 9.48 -49.70
N VAL CC 29 -17.27 9.75 -50.98
CA VAL CC 29 -18.42 10.51 -51.44
C VAL CC 29 -19.35 9.59 -52.23
N PRO CC 30 -20.65 9.63 -51.97
CA PRO CC 30 -21.60 8.91 -52.84
C PRO CC 30 -21.47 9.39 -54.27
N LYS CC 31 -21.52 8.43 -55.20
CA LYS CC 31 -21.27 8.74 -56.61
C LYS CC 31 -22.33 9.69 -57.15
N ASP CC 32 -23.59 9.47 -56.80
CA ASP CC 32 -24.66 10.33 -57.27
C ASP CC 32 -24.61 11.73 -56.66
N LYS CC 33 -23.95 11.89 -55.51
CA LYS CC 33 -23.75 13.20 -54.93
C LYS CC 33 -22.52 13.90 -55.45
N ALA CC 34 -21.50 13.13 -55.84
CA ALA CC 34 -20.20 13.71 -56.13
C ALA CC 34 -20.22 14.54 -57.40
N ILE CC 35 -19.39 15.56 -57.42
CA ILE CC 35 -19.21 16.39 -58.61
C ILE CC 35 -18.21 15.67 -59.52
N LYS CC 36 -18.69 15.25 -60.68
CA LYS CC 36 -17.83 14.64 -61.69
C LYS CC 36 -17.49 15.66 -62.75
N LYS CC 37 -16.21 15.72 -63.11
CA LYS CC 37 -15.77 16.45 -64.29
C LYS CC 37 -15.03 15.49 -65.18
N PHE CC 38 -15.46 15.38 -66.43
CA PHE CC 38 -14.80 14.52 -67.41
C PHE CC 38 -13.96 15.43 -68.31
N VAL CC 39 -12.80 15.83 -67.81
CA VAL CC 39 -11.90 16.68 -68.57
C VAL CC 39 -11.18 15.85 -69.61
N ILE CC 40 -11.20 16.31 -70.84
CA ILE CC 40 -10.51 15.67 -71.96
C ILE CC 40 -9.53 16.70 -72.50
N ARG CC 41 -8.31 16.67 -72.00
CA ARG CC 41 -7.31 17.67 -72.34
C ARG CC 41 -6.30 17.08 -73.32
N ASN CC 42 -5.78 17.95 -74.18
CA ASN CC 42 -4.63 17.59 -74.99
C ASN CC 42 -3.48 17.17 -74.11
N ILE CC 43 -2.80 16.11 -74.50
CA ILE CC 43 -1.71 15.57 -73.68
C ILE CC 43 -0.54 16.55 -73.59
N VAL CC 44 -0.45 17.50 -74.52
CA VAL CC 44 0.59 18.51 -74.50
C VAL CC 44 -0.08 19.88 -74.45
N GLU CC 45 0.63 20.83 -73.86
CA GLU CC 45 0.08 22.16 -73.70
C GLU CC 45 0.01 22.88 -75.05
N ALA CC 46 -0.83 23.91 -75.10
CA ALA CC 46 -1.01 24.69 -76.32
C ALA CC 46 0.24 25.44 -76.74
N ALA CC 47 1.11 25.80 -75.80
CA ALA CC 47 2.27 26.61 -76.13
C ALA CC 47 3.47 25.77 -76.55
N ALA CC 48 3.34 24.46 -76.56
CA ALA CC 48 4.43 23.57 -76.95
C ALA CC 48 4.07 22.62 -78.08
N VAL CC 49 2.86 22.74 -78.64
CA VAL CC 49 2.47 21.84 -79.73
C VAL CC 49 3.39 22.02 -80.93
N ARG CC 50 3.78 23.25 -81.22
CA ARG CC 50 4.59 23.51 -82.41
C ARG CC 50 5.97 22.89 -82.26
N ASP CC 51 6.56 22.98 -81.07
CA ASP CC 51 7.89 22.42 -80.85
C ASP CC 51 7.86 20.90 -81.00
N ILE CC 52 6.83 20.26 -80.45
CA ILE CC 52 6.68 18.82 -80.60
C ILE CC 52 6.50 18.45 -82.07
N SER CC 53 5.67 19.19 -82.78
CA SER CC 53 5.41 18.89 -84.18
C SER CC 53 6.67 19.04 -85.02
N GLU CC 54 7.48 20.04 -84.71
CA GLU CC 54 8.78 20.18 -85.38
C GLU CC 54 9.68 19.00 -85.05
N ALA CC 55 9.69 18.59 -83.78
CA ALA CC 55 10.51 17.46 -83.36
C ALA CC 55 9.93 16.12 -83.74
N SER CC 56 8.71 16.10 -84.28
CA SER CC 56 8.08 14.84 -84.64
C SER CC 56 8.82 14.17 -85.79
N VAL CC 57 9.16 12.90 -85.59
CA VAL CC 57 9.66 12.08 -86.71
C VAL CC 57 8.58 11.87 -87.75
N PHE CC 58 7.32 11.96 -87.36
CA PHE CC 58 6.20 11.78 -88.25
C PHE CC 58 5.78 13.13 -88.78
N ASP CC 59 5.00 13.11 -89.85
CA ASP CC 59 4.42 14.34 -90.37
C ASP CC 59 2.99 14.56 -89.86
N ALA CC 60 2.07 13.70 -90.29
CA ALA CC 60 0.67 13.84 -89.90
C ALA CC 60 0.36 12.94 -88.71
N TYR CC 61 1.02 13.24 -87.59
CA TYR CC 61 0.79 12.52 -86.35
C TYR CC 61 -0.18 13.30 -85.49
N VAL CC 62 -1.31 12.66 -85.18
CA VAL CC 62 -2.29 13.25 -84.28
C VAL CC 62 -1.78 13.09 -82.87
N LEU CC 63 -1.70 14.20 -82.14
CA LEU CC 63 -1.30 14.15 -80.75
C LEU CC 63 -2.33 13.36 -79.95
N PRO CC 64 -1.91 12.59 -78.96
CA PRO CC 64 -2.86 11.90 -78.10
C PRO CC 64 -3.65 12.88 -77.25
N LYS CC 65 -4.89 12.50 -76.96
CA LYS CC 65 -5.73 13.21 -76.01
C LYS CC 65 -5.58 12.54 -74.65
N LEU CC 66 -5.81 13.31 -73.60
CA LEU CC 66 -5.73 12.78 -72.24
C LEU CC 66 -7.14 12.72 -71.68
N TYR CC 67 -7.49 11.57 -71.11
CA TYR CC 67 -8.84 11.30 -70.64
C TYR CC 67 -8.78 10.99 -69.15
N VAL CC 68 -9.34 11.87 -68.34
CA VAL CC 68 -9.39 11.70 -66.89
C VAL CC 68 -10.80 12.02 -66.43
N LYS CC 69 -11.39 11.13 -65.64
CA LYS CC 69 -12.66 11.39 -64.98
C LYS CC 69 -12.37 11.79 -63.54
N LEU CC 70 -12.68 13.03 -63.19
CA LEU CC 70 -12.40 13.57 -61.87
C LEU CC 70 -13.64 13.51 -60.99
N HIS CC 71 -13.41 13.49 -59.69
CA HIS CC 71 -14.46 13.40 -58.68
C HIS CC 71 -14.11 14.31 -57.53
N TYR CC 72 -15.09 15.10 -57.09
CA TYR CC 72 -14.85 16.10 -56.06
C TYR CC 72 -15.98 16.06 -55.05
N CYS CC 73 -15.63 16.02 -53.77
CA CYS CC 73 -16.62 16.32 -52.76
C CYS CC 73 -16.95 17.81 -52.82
N VAL CC 74 -18.09 18.18 -52.24
CA VAL CC 74 -18.55 19.55 -52.39
C VAL CC 74 -17.57 20.53 -51.76
N SER CC 75 -16.89 20.14 -50.69
CA SER CC 75 -15.91 21.04 -50.07
C SER CC 75 -14.76 21.31 -51.02
N CYS CC 76 -14.13 20.26 -51.54
CA CYS CC 76 -13.06 20.47 -52.50
C CYS CC 76 -13.57 21.11 -53.78
N ALA CC 77 -14.79 20.75 -54.20
CA ALA CC 77 -15.33 21.34 -55.42
C ALA CC 77 -15.46 22.84 -55.28
N ILE CC 78 -15.97 23.30 -54.14
CA ILE CC 78 -16.10 24.74 -53.94
C ILE CC 78 -14.74 25.39 -53.78
N HIS CC 79 -13.81 24.72 -53.09
CA HIS CC 79 -12.49 25.29 -52.90
C HIS CC 79 -11.76 25.48 -54.22
N SER CC 80 -11.94 24.57 -55.17
CA SER CC 80 -11.31 24.69 -56.46
C SER CC 80 -12.08 25.57 -57.43
N LYS CC 81 -13.23 26.11 -57.00
CA LYS CC 81 -14.03 27.05 -57.76
C LYS CC 81 -14.53 26.48 -59.07
N VAL CC 82 -14.57 25.15 -59.19
CA VAL CC 82 -15.25 24.54 -60.33
C VAL CC 82 -16.75 24.77 -60.24
N VAL CC 83 -17.28 24.73 -59.02
CA VAL CC 83 -18.68 25.01 -58.76
C VAL CC 83 -18.76 26.24 -57.88
N ARG CC 84 -19.92 26.89 -57.90
CA ARG CC 84 -20.11 28.08 -57.10
C ARG CC 84 -21.53 28.11 -56.54
N ASN CC 85 -21.67 28.76 -55.39
CA ASN CC 85 -22.98 28.96 -54.82
C ASN CC 85 -23.80 29.90 -55.69
N ARG CC 86 -25.12 29.80 -55.58
CA ARG CC 86 -26.03 30.53 -56.45
C ARG CC 86 -27.19 31.07 -55.64
N SER CC 87 -27.91 32.02 -56.23
CA SER CC 87 -29.10 32.55 -55.62
C SER CC 87 -30.18 31.47 -55.55
N ARG CC 88 -31.24 31.75 -54.79
CA ARG CC 88 -32.26 30.73 -54.56
C ARG CC 88 -32.93 30.32 -55.86
N GLU CC 89 -33.19 31.27 -56.75
CA GLU CC 89 -33.78 30.94 -58.03
C GLU CC 89 -32.78 30.27 -58.96
N ALA CC 90 -31.52 30.69 -58.88
CA ALA CC 90 -30.49 30.19 -59.78
C ALA CC 90 -30.11 28.75 -59.50
N ARG CC 91 -30.44 28.22 -58.33
CA ARG CC 91 -30.09 26.85 -58.04
C ARG CC 91 -30.96 25.85 -58.79
N LYS CC 92 -32.15 26.27 -59.24
CA LYS CC 92 -33.13 25.31 -59.73
C LYS CC 92 -32.73 24.65 -61.04
N ASP CC 93 -32.10 25.38 -61.95
CA ASP CC 93 -31.76 24.81 -63.24
C ASP CC 93 -30.66 23.78 -63.11
N ARG CC 94 -30.56 22.92 -64.12
CA ARG CC 94 -29.51 21.91 -64.18
C ARG CC 94 -28.63 22.07 -65.39
N THR CC 95 -28.75 23.19 -66.09
CA THR CC 95 -28.05 23.39 -67.35
C THR CC 95 -26.56 23.59 -67.13
N PRO CC 96 -25.69 22.87 -67.83
CA PRO CC 96 -24.25 23.07 -67.69
C PRO CC 96 -23.84 24.44 -68.20
N PRO CC 97 -22.75 24.99 -67.69
CA PRO CC 97 -22.27 26.27 -68.21
C PRO CC 97 -21.84 26.13 -69.65
N PRO CC 98 -21.93 27.20 -70.43
CA PRO CC 98 -21.67 27.09 -71.87
C PRO CC 98 -20.21 26.78 -72.17
N ARG CC 99 -19.99 26.19 -73.35
CA ARG CC 99 -18.64 25.80 -73.77
C ARG CC 99 -17.78 26.97 -74.21
N PHE CC 100 -18.39 28.07 -74.64
CA PHE CC 100 -17.68 29.25 -75.15
C PHE CC 100 -16.81 28.88 -76.35
N ARG CC 101 -17.46 28.39 -77.40
CA ARG CC 101 -16.74 28.00 -78.61
C ARG CC 101 -16.05 29.16 -79.33
N PRO CC 102 -16.64 30.37 -79.51
CA PRO CC 102 -15.90 31.28 -80.38
C PRO CC 102 -14.73 31.98 -79.68
N PRO DC 1 -61.74 21.41 -70.51
CA PRO DC 1 -62.99 20.83 -71.01
C PRO DC 1 -63.95 20.48 -69.89
N LEU DC 2 -64.55 21.50 -69.28
CA LEU DC 2 -65.48 21.28 -68.18
C LEU DC 2 -66.80 20.67 -68.63
N ALA DC 3 -67.04 20.58 -69.93
CA ALA DC 3 -68.31 20.12 -70.45
C ALA DC 3 -68.13 19.02 -71.49
N LYS DC 4 -67.17 18.13 -71.30
CA LYS DC 4 -67.04 16.99 -72.19
C LYS DC 4 -68.22 16.04 -71.95
N ASP DC 5 -68.84 15.61 -73.05
CA ASP DC 5 -70.01 14.73 -72.97
C ASP DC 5 -69.50 13.33 -72.63
N LEU DC 6 -69.62 12.95 -71.37
CA LEU DC 6 -69.27 11.60 -70.96
C LEU DC 6 -70.27 10.57 -71.48
N LEU DC 7 -71.52 10.97 -71.66
CA LEU DC 7 -72.57 10.00 -71.96
C LEU DC 7 -72.37 9.37 -73.34
N HIS DC 8 -71.95 10.16 -74.32
CA HIS DC 8 -71.84 9.70 -75.70
C HIS DC 8 -70.47 10.06 -76.24
N PRO DC 9 -69.42 9.41 -75.75
CA PRO DC 9 -68.09 9.66 -76.29
C PRO DC 9 -67.93 9.02 -77.66
N SER DC 10 -67.09 9.63 -78.50
CA SER DC 10 -66.87 9.09 -79.83
C SER DC 10 -66.05 7.81 -79.76
N PRO DC 11 -66.18 6.93 -80.75
CA PRO DC 11 -65.48 5.63 -80.68
C PRO DC 11 -63.97 5.75 -80.64
N GLU DC 12 -63.39 6.86 -81.07
CA GLU DC 12 -61.93 6.97 -81.08
C GLU DC 12 -61.37 6.92 -79.66
N GLU DC 13 -61.88 7.77 -78.76
CA GLU DC 13 -61.37 7.74 -77.39
C GLU DC 13 -61.87 6.54 -76.63
N GLU DC 14 -63.03 6.01 -77.02
CA GLU DC 14 -63.50 4.76 -76.42
C GLU DC 14 -62.55 3.63 -76.72
N LYS DC 15 -62.05 3.56 -77.95
CA LYS DC 15 -61.13 2.50 -78.33
C LYS DC 15 -59.73 2.73 -77.78
N ARG DC 16 -59.27 3.99 -77.73
CA ARG DC 16 -57.93 4.21 -77.21
C ARG DC 16 -57.85 3.98 -75.70
N LYS DC 17 -58.97 4.11 -74.99
CA LYS DC 17 -58.93 3.91 -73.55
C LYS DC 17 -58.70 2.44 -73.22
N HIS DC 18 -58.21 2.23 -71.99
CA HIS DC 18 -57.93 0.88 -71.53
C HIS DC 18 -59.24 0.11 -71.36
N LYS DC 19 -59.13 -1.22 -71.35
CA LYS DC 19 -60.33 -2.06 -71.35
C LYS DC 19 -61.18 -1.83 -70.13
N LYS DC 20 -60.57 -1.71 -68.96
CA LYS DC 20 -61.37 -1.49 -67.75
C LYS DC 20 -61.81 -0.04 -67.61
N LYS DC 21 -61.07 0.91 -68.18
CA LYS DC 21 -61.41 2.31 -68.03
C LYS DC 21 -62.38 2.81 -69.09
N ARG DC 22 -62.89 1.94 -69.93
CA ARG DC 22 -63.94 2.35 -70.86
C ARG DC 22 -65.23 2.61 -70.11
N LEU DC 23 -66.20 3.19 -70.81
CA LEU DC 23 -67.52 3.36 -70.24
C LEU DC 23 -68.15 2.02 -69.91
N VAL DC 24 -68.03 1.06 -70.81
CA VAL DC 24 -68.42 -0.33 -70.59
C VAL DC 24 -67.21 -1.19 -70.87
N GLN DC 25 -66.97 -2.17 -70.00
CA GLN DC 25 -65.86 -3.09 -70.23
C GLN DC 25 -66.02 -3.81 -71.55
N SER DC 26 -64.95 -3.87 -72.32
CA SER DC 26 -65.00 -4.58 -73.58
C SER DC 26 -63.64 -5.20 -73.86
N PRO DC 27 -63.57 -6.51 -74.03
CA PRO DC 27 -62.28 -7.15 -74.27
C PRO DC 27 -61.66 -6.69 -75.57
N ASN DC 28 -60.34 -6.60 -75.57
CA ASN DC 28 -59.62 -6.20 -76.76
C ASN DC 28 -59.21 -7.38 -77.62
N SER DC 29 -59.46 -8.60 -77.16
CA SER DC 29 -59.17 -9.81 -77.90
C SER DC 29 -60.37 -10.16 -78.78
N TYR DC 30 -60.25 -11.28 -79.48
CA TYR DC 30 -61.33 -11.75 -80.34
C TYR DC 30 -61.05 -13.19 -80.73
N PHE DC 31 -61.90 -13.73 -81.59
CA PHE DC 31 -61.77 -15.09 -82.08
C PHE DC 31 -61.60 -15.07 -83.60
N MET DC 32 -60.83 -16.03 -84.11
CA MET DC 32 -60.49 -16.07 -85.52
C MET DC 32 -60.51 -17.50 -86.04
N ASP DC 33 -61.08 -17.66 -87.23
CA ASP DC 33 -60.91 -18.91 -87.99
C ASP DC 33 -59.53 -18.92 -88.60
N VAL DC 34 -58.91 -20.09 -88.67
CA VAL DC 34 -57.59 -20.25 -89.27
C VAL DC 34 -57.66 -21.38 -90.30
N LYS DC 35 -57.11 -21.13 -91.49
CA LYS DC 35 -57.02 -22.14 -92.54
C LYS DC 35 -55.57 -22.55 -92.69
N CYS DC 36 -55.26 -23.73 -92.25
CA CYS DC 36 -53.91 -24.23 -92.47
C CYS DC 36 -53.73 -24.57 -93.94
N PRO DC 37 -52.60 -24.21 -94.55
CA PRO DC 37 -52.33 -24.68 -95.91
C PRO DC 37 -52.23 -26.20 -95.93
N GLY DC 38 -52.77 -26.80 -96.99
CA GLY DC 38 -52.80 -28.24 -97.09
C GLY DC 38 -53.89 -28.93 -96.31
N CYS DC 39 -54.82 -28.18 -95.72
CA CYS DC 39 -55.93 -28.75 -94.98
C CYS DC 39 -57.22 -28.10 -95.44
N TYR DC 40 -58.33 -28.77 -95.16
CA TYR DC 40 -59.63 -28.16 -95.41
C TYR DC 40 -60.35 -27.76 -94.14
N LYS DC 41 -60.00 -28.37 -93.01
CA LYS DC 41 -60.72 -28.12 -91.77
C LYS DC 41 -60.45 -26.69 -91.29
N ILE DC 42 -61.48 -26.11 -90.69
CA ILE DC 42 -61.44 -24.74 -90.19
C ILE DC 42 -61.39 -24.81 -88.68
N THR DC 43 -60.53 -24.00 -88.08
CA THR DC 43 -60.34 -24.03 -86.63
C THR DC 43 -60.52 -22.64 -86.05
N THR DC 44 -61.28 -22.55 -84.96
CA THR DC 44 -61.50 -21.30 -84.26
C THR DC 44 -60.41 -21.09 -83.23
N VAL DC 45 -59.74 -19.94 -83.29
CA VAL DC 45 -58.57 -19.66 -82.47
C VAL DC 45 -58.76 -18.32 -81.76
N PHE DC 46 -58.48 -18.31 -80.46
CA PHE DC 46 -58.44 -17.07 -79.69
C PHE DC 46 -57.32 -16.17 -80.18
N SER DC 47 -57.59 -14.86 -80.21
CA SER DC 47 -56.58 -13.93 -80.68
C SER DC 47 -55.42 -13.79 -79.71
N HIS DC 48 -55.66 -14.00 -78.42
CA HIS DC 48 -54.61 -13.98 -77.42
C HIS DC 48 -54.42 -15.36 -76.82
N ALA DC 49 -54.45 -16.38 -77.67
CA ALA DC 49 -54.30 -17.75 -77.19
C ALA DC 49 -52.92 -17.97 -76.59
N GLN DC 50 -52.90 -18.64 -75.44
CA GLN DC 50 -51.66 -18.90 -74.72
C GLN DC 50 -51.04 -20.23 -75.08
N THR DC 51 -51.68 -21.03 -75.93
CA THR DC 51 -51.21 -22.36 -76.25
C THR DC 51 -50.94 -22.48 -77.73
N VAL DC 52 -50.04 -23.39 -78.08
CA VAL DC 52 -49.72 -23.66 -79.47
C VAL DC 52 -50.86 -24.49 -80.06
N VAL DC 53 -51.55 -23.95 -81.05
CA VAL DC 53 -52.66 -24.66 -81.67
C VAL DC 53 -52.11 -25.56 -82.77
N LEU DC 54 -52.51 -26.82 -82.74
CA LEU DC 54 -52.04 -27.83 -83.68
C LEU DC 54 -53.23 -28.37 -84.48
N CYS DC 55 -52.95 -28.72 -85.73
CA CYS DC 55 -53.93 -29.43 -86.52
C CYS DC 55 -53.92 -30.91 -86.16
N VAL DC 56 -55.10 -31.47 -85.92
CA VAL DC 56 -55.17 -32.87 -85.50
C VAL DC 56 -54.75 -33.82 -86.62
N GLY DC 57 -55.12 -33.53 -87.87
CA GLY DC 57 -54.74 -34.35 -88.99
C GLY DC 57 -53.48 -33.92 -89.69
N CYS DC 58 -52.90 -32.77 -89.31
CA CYS DC 58 -51.65 -32.31 -89.88
C CYS DC 58 -50.73 -31.89 -88.76
N SER DC 59 -49.63 -32.61 -88.60
CA SER DC 59 -48.70 -32.34 -87.51
C SER DC 59 -47.93 -31.05 -87.79
N THR DC 60 -48.64 -29.94 -87.65
CA THR DC 60 -48.06 -28.61 -87.77
C THR DC 60 -48.66 -27.69 -86.73
N VAL DC 61 -47.90 -26.67 -86.37
CA VAL DC 61 -48.33 -25.68 -85.41
C VAL DC 61 -49.04 -24.57 -86.16
N LEU DC 62 -49.99 -23.91 -85.51
CA LEU DC 62 -50.71 -22.82 -86.14
C LEU DC 62 -50.33 -21.45 -85.60
N CYS DC 63 -50.22 -21.33 -84.28
CA CYS DC 63 -49.84 -20.07 -83.67
C CYS DC 63 -48.89 -20.35 -82.52
N GLN DC 64 -48.08 -19.34 -82.18
CA GLN DC 64 -47.15 -19.44 -81.08
C GLN DC 64 -47.43 -18.35 -80.08
N PRO DC 65 -47.68 -18.68 -78.82
CA PRO DC 65 -48.04 -17.64 -77.85
C PRO DC 65 -46.89 -16.69 -77.58
N THR DC 66 -47.23 -15.41 -77.48
CA THR DC 66 -46.29 -14.34 -77.17
C THR DC 66 -46.78 -13.59 -75.95
N GLY DC 67 -46.20 -12.43 -75.68
CA GLY DC 67 -46.67 -11.63 -74.55
C GLY DC 67 -48.12 -11.21 -74.71
N GLY DC 68 -48.46 -10.59 -75.84
CA GLY DC 68 -49.80 -10.06 -76.00
C GLY DC 68 -50.72 -10.81 -76.95
N LYS DC 69 -50.22 -11.21 -78.12
CA LYS DC 69 -51.06 -11.86 -79.12
C LYS DC 69 -50.33 -13.04 -79.72
N ALA DC 70 -51.10 -14.00 -80.22
CA ALA DC 70 -50.54 -15.17 -80.88
C ALA DC 70 -50.00 -14.78 -82.25
N ARG DC 71 -48.76 -15.18 -82.53
CA ARG DC 71 -48.20 -14.97 -83.85
C ARG DC 71 -48.51 -16.17 -84.72
N LEU DC 72 -49.32 -15.96 -85.75
CA LEU DC 72 -49.71 -17.04 -86.63
C LEU DC 72 -48.52 -17.51 -87.46
N THR DC 73 -48.49 -18.81 -87.75
CA THR DC 73 -47.47 -19.35 -88.63
C THR DC 73 -47.67 -18.84 -90.05
N GLU DC 74 -46.57 -18.51 -90.71
CA GLU DC 74 -46.63 -17.97 -92.05
C GLU DC 74 -47.21 -18.98 -93.02
N GLY DC 75 -47.95 -18.49 -94.01
CA GLY DC 75 -48.67 -19.33 -94.93
C GLY DC 75 -50.07 -19.68 -94.49
N CYS DC 76 -50.53 -19.15 -93.36
CA CYS DC 76 -51.85 -19.45 -92.84
C CYS DC 76 -52.77 -18.24 -92.98
N SER DC 77 -53.96 -18.47 -93.50
CA SER DC 77 -54.96 -17.42 -93.68
C SER DC 77 -55.99 -17.48 -92.57
N PHE DC 78 -56.53 -16.31 -92.24
CA PHE DC 78 -57.43 -16.21 -91.10
C PHE DC 78 -58.36 -15.02 -91.27
N ARG DC 79 -59.56 -15.14 -90.68
CA ARG DC 79 -60.54 -14.07 -90.69
C ARG DC 79 -61.07 -13.87 -89.28
N ARG DC 80 -61.94 -12.89 -89.12
CA ARG DC 80 -62.48 -12.56 -87.82
C ARG DC 80 -63.70 -13.40 -87.49
N LYS DC 81 -64.27 -13.14 -86.33
CA LYS DC 81 -65.56 -13.68 -85.91
C LYS DC 81 -66.50 -12.54 -85.56
N GLN DC 82 -67.53 -12.35 -86.39
CA GLN DC 82 -68.66 -11.44 -86.17
C GLN DC 82 -68.26 -10.13 -85.51
N HIS DC 83 -67.11 -9.61 -85.90
CA HIS DC 83 -66.49 -8.40 -85.32
C HIS DC 83 -66.29 -8.55 -83.81
N VAL EC 1 -26.82 33.98 7.69
CA VAL EC 1 -27.37 35.01 6.81
C VAL EC 1 -26.33 36.12 6.64
N HIS EC 2 -26.38 36.80 5.49
CA HIS EC 2 -25.43 37.87 5.17
C HIS EC 2 -25.63 39.13 6.01
N GLY EC 3 -26.70 39.20 6.79
CA GLY EC 3 -26.88 40.32 7.70
C GLY EC 3 -27.36 41.57 6.99
N SER EC 4 -28.54 41.50 6.39
CA SER EC 4 -29.12 42.64 5.69
C SER EC 4 -30.55 42.91 6.15
N LEU EC 5 -30.99 42.25 7.21
CA LEU EC 5 -32.34 42.39 7.73
C LEU EC 5 -32.52 43.65 8.55
N ALA EC 6 -31.45 44.42 8.77
CA ALA EC 6 -31.54 45.64 9.56
C ALA EC 6 -32.28 46.76 8.84
N ARG EC 7 -32.60 46.59 7.56
CA ARG EC 7 -33.23 47.64 6.78
C ARG EC 7 -34.73 47.43 6.58
N ALA EC 8 -35.34 46.55 7.37
CA ALA EC 8 -36.77 46.28 7.23
C ALA EC 8 -37.58 47.52 7.54
N GLY EC 9 -38.58 47.81 6.70
CA GLY EC 9 -39.41 48.98 6.88
C GLY EC 9 -38.68 50.30 6.76
N LYS EC 10 -37.78 50.42 5.79
CA LYS EC 10 -36.87 51.56 5.76
C LYS EC 10 -37.56 52.81 5.23
N VAL EC 11 -38.19 52.71 4.06
CA VAL EC 11 -38.84 53.87 3.46
C VAL EC 11 -40.06 54.29 4.28
N ARG EC 12 -40.85 53.32 4.73
CA ARG EC 12 -41.98 53.64 5.59
C ARG EC 12 -41.53 54.19 6.94
N GLY EC 13 -40.24 54.05 7.27
CA GLY EC 13 -39.71 54.72 8.44
C GLY EC 13 -39.26 56.14 8.14
N GLN EC 14 -38.60 56.34 6.99
CA GLN EC 14 -38.17 57.68 6.60
C GLN EC 14 -39.25 58.48 5.90
N THR EC 15 -40.43 57.90 5.72
CA THR EC 15 -41.52 58.61 5.07
C THR EC 15 -41.97 59.80 5.93
N PRO EC 16 -41.99 61.02 5.38
CA PRO EC 16 -42.60 62.13 6.11
C PRO EC 16 -44.08 61.88 6.34
N LYS EC 17 -44.55 62.25 7.52
CA LYS EC 17 -45.91 61.93 7.93
C LYS EC 17 -46.79 63.17 7.81
N VAL EC 18 -47.87 63.04 7.04
CA VAL EC 18 -48.83 64.12 6.83
C VAL EC 18 -50.23 63.58 7.10
N ALA EC 19 -51.04 64.38 7.80
CA ALA EC 19 -52.38 63.96 8.17
C ALA EC 19 -53.32 64.08 6.97
N LYS EC 20 -54.27 63.16 6.90
CA LYS EC 20 -55.31 63.24 5.88
C LYS EC 20 -56.15 64.49 6.10
N GLN EC 21 -56.47 65.17 5.01
CA GLN EC 21 -57.25 66.38 5.10
C GLN EC 21 -58.72 66.05 5.31
N GLU EC 22 -59.34 66.69 6.29
CA GLU EC 22 -60.73 66.40 6.62
C GLU EC 22 -61.65 67.00 5.57
N LYS EC 23 -62.48 66.16 4.98
CA LYS EC 23 -63.37 66.56 3.90
C LYS EC 23 -64.74 65.94 4.11
N LYS EC 24 -65.71 66.42 3.34
CA LYS EC 24 -67.07 65.96 3.47
C LYS EC 24 -67.19 64.50 3.00
N LYS EC 25 -68.18 63.80 3.55
CA LYS EC 25 -68.41 62.41 3.18
C LYS EC 25 -68.76 62.28 1.71
N LYS EC 26 -68.87 61.03 1.24
CA LYS EC 26 -69.21 60.76 -0.15
C LYS EC 26 -70.55 60.05 -0.25
N LYS EC 27 -71.32 60.44 -1.27
CA LYS EC 27 -72.55 59.74 -1.58
C LYS EC 27 -72.25 58.29 -1.92
N THR EC 28 -73.18 57.41 -1.58
CA THR EC 28 -73.02 56.00 -1.82
C THR EC 28 -74.31 55.44 -2.43
N GLY EC 29 -74.21 54.23 -2.95
CA GLY EC 29 -75.39 53.52 -3.43
C GLY EC 29 -76.02 54.22 -4.60
N ARG EC 30 -77.33 54.41 -4.52
CA ARG EC 30 -78.05 55.06 -5.60
C ARG EC 30 -77.58 56.50 -5.79
N ALA EC 31 -77.27 57.18 -4.68
CA ALA EC 31 -76.82 58.57 -4.76
C ALA EC 31 -75.49 58.69 -5.50
N LYS EC 32 -74.55 57.81 -5.20
CA LYS EC 32 -73.25 57.84 -5.87
C LYS EC 32 -73.40 57.58 -7.36
N ARG EC 33 -74.20 56.57 -7.70
CA ARG EC 33 -74.45 56.26 -9.11
C ARG EC 33 -75.07 57.45 -9.82
N ARG EC 34 -76.04 58.10 -9.17
CA ARG EC 34 -76.69 59.27 -9.76
C ARG EC 34 -75.68 60.38 -10.03
N MET EC 35 -74.87 60.73 -9.02
CA MET EC 35 -73.94 61.84 -9.17
C MET EC 35 -72.93 61.55 -10.27
N GLN EC 36 -72.33 60.36 -10.26
CA GLN EC 36 -71.31 60.08 -11.24
C GLN EC 36 -71.89 59.89 -12.64
N TYR EC 37 -73.12 59.39 -12.75
CA TYR EC 37 -73.76 59.31 -14.05
C TYR EC 37 -74.02 60.71 -14.60
N ASN EC 38 -74.42 61.64 -13.73
CA ASN EC 38 -74.64 63.01 -14.17
C ASN EC 38 -73.33 63.66 -14.56
N ARG EC 39 -72.22 63.26 -13.93
CA ARG EC 39 -70.94 63.88 -14.27
C ARG EC 39 -70.52 63.57 -15.69
N ARG EC 40 -70.66 62.31 -16.14
CA ARG EC 40 -70.12 61.90 -17.43
C ARG EC 40 -71.19 61.64 -18.47
N PHE EC 41 -72.46 61.93 -18.18
CA PHE EC 41 -73.47 61.73 -19.21
C PHE EC 41 -74.15 63.02 -19.62
N VAL EC 42 -74.60 63.81 -18.65
CA VAL EC 42 -75.32 65.04 -18.94
C VAL EC 42 -74.35 66.20 -18.74
N ASN EC 43 -73.69 66.57 -19.82
CA ASN EC 43 -72.74 67.68 -19.82
C ASN EC 43 -72.47 68.08 -21.26
N VAL EC 44 -72.41 69.39 -21.48
CA VAL EC 44 -71.97 69.96 -22.75
C VAL EC 44 -70.75 70.80 -22.45
N VAL EC 45 -69.59 70.28 -22.76
CA VAL EC 45 -68.32 70.98 -22.54
C VAL EC 45 -67.90 71.61 -23.85
N PRO EC 46 -67.81 72.93 -23.93
CA PRO EC 46 -67.31 73.59 -25.14
C PRO EC 46 -65.80 73.63 -25.26
N THR EC 47 -65.09 72.81 -24.48
CA THR EC 47 -63.63 72.80 -24.47
C THR EC 47 -63.11 71.60 -25.27
N PHE EC 48 -62.22 71.88 -26.21
CA PHE EC 48 -61.62 70.83 -27.00
C PHE EC 48 -60.51 70.15 -26.18
N GLY EC 49 -59.83 69.19 -26.80
CA GLY EC 49 -58.79 68.46 -26.10
C GLY EC 49 -58.76 66.99 -26.47
N LYS EC 50 -59.65 66.60 -27.39
CA LYS EC 50 -59.73 65.24 -27.90
C LYS EC 50 -60.09 64.25 -26.80
N LYS EC 51 -61.12 64.59 -26.02
CA LYS EC 51 -61.71 63.71 -25.03
C LYS EC 51 -60.70 63.27 -23.96
N LYS EC 52 -60.28 64.24 -23.17
CA LYS EC 52 -59.26 64.02 -22.14
C LYS EC 52 -59.85 63.25 -20.95
N GLY EC 53 -58.98 62.51 -20.26
CA GLY EC 53 -59.38 61.63 -19.19
C GLY EC 53 -59.91 62.35 -17.96
N PRO EC 54 -60.66 61.61 -17.13
CA PRO EC 54 -61.33 62.26 -15.99
C PRO EC 54 -60.38 62.66 -14.88
N ASN EC 55 -59.26 61.98 -14.72
CA ASN EC 55 -58.30 62.34 -13.69
C ASN EC 55 -57.17 63.11 -14.36
N ALA EC 56 -57.53 63.95 -15.32
CA ALA EC 56 -56.55 64.68 -16.11
C ALA EC 56 -55.66 65.53 -15.22
N ASN EC 57 -54.35 65.36 -15.40
CA ASN EC 57 -53.38 66.11 -14.63
C ASN EC 57 -52.86 67.28 -15.48
N SER EC 58 -53.76 68.24 -15.68
CA SER EC 58 -53.43 69.44 -16.43
C SER EC 58 -52.87 70.51 -15.49
P A2M FC 27 -65.30 27.35 6.16
OP1 A2M FC 27 -65.98 27.02 7.45
O5' A2M FC 27 -63.64 28.04 6.32
C5' A2M FC 27 -62.75 27.28 6.97
C4' A2M FC 27 -61.36 27.77 6.66
O4' A2M FC 27 -61.11 27.63 5.29
C3' A2M FC 27 -61.20 29.24 6.98
O3' A2M FC 27 -61.14 29.32 8.35
C2' A2M FC 27 -59.99 29.58 6.16
O2' A2M FC 27 -58.81 29.05 6.69
C1' A2M FC 27 -60.39 28.77 4.93
CM' A2M FC 27 -57.86 28.82 5.68
N9 A2M FC 27 -61.11 29.49 3.93
C8 A2M FC 27 -62.43 29.44 3.48
N7 A2M FC 27 -62.68 30.32 2.49
C5 A2M FC 27 -61.46 30.94 2.32
C6 A2M FC 27 -61.02 31.94 1.49
N6 A2M FC 27 -61.86 32.54 0.57
N1 A2M FC 27 -59.75 32.41 1.51
C2 A2M FC 27 -58.93 31.82 2.41
N3 A2M FC 27 -59.19 30.85 3.29
C4 A2M FC 27 -60.48 30.45 3.20
OP2 A2M FC 27 -65.78 28.51 5.35
N1 PSU FC 93 -84.71 1.91 17.24
C2 PSU FC 93 -84.69 3.11 17.92
N3 PSU FC 93 -85.66 4.06 17.69
C4 PSU FC 93 -86.65 3.81 16.77
C5 PSU FC 93 -86.68 2.60 16.09
C6 PSU FC 93 -85.69 1.66 16.34
O2 PSU FC 93 -83.81 3.33 18.73
O4 PSU FC 93 -87.51 4.68 16.57
C1' PSU FC 93 -87.75 2.32 15.06
C2' PSU FC 93 -87.45 3.21 13.87
O2' PSU FC 93 -88.65 3.46 13.16
C3' PSU FC 93 -86.53 2.31 13.06
C4' PSU FC 93 -87.18 0.95 13.24
O3' PSU FC 93 -86.39 2.70 11.72
O4' PSU FC 93 -87.64 0.98 14.62
C5' PSU FC 93 -86.27 -0.22 13.04
O5' PSU FC 93 -85.11 -0.12 13.85
P PSU FC 93 -83.90 -1.13 13.65
OP1 PSU FC 93 -83.77 -1.37 12.20
OP2 PSU FC 93 -82.73 -0.62 14.39
P A2M FC 99 -64.73 7.28 5.18
OP1 A2M FC 99 -64.31 8.71 5.02
O5' A2M FC 99 -64.32 6.54 6.77
C5' A2M FC 99 -63.01 6.47 7.07
C4' A2M FC 99 -62.77 5.19 7.86
O4' A2M FC 99 -63.82 5.01 8.77
C3' A2M FC 99 -62.75 4.00 6.93
O3' A2M FC 99 -61.49 3.97 6.36
C2' A2M FC 99 -63.17 2.88 7.86
O2' A2M FC 99 -62.14 2.47 8.71
C1' A2M FC 99 -64.21 3.66 8.67
CM' A2M FC 99 -62.41 1.19 9.20
N9 A2M FC 99 -65.56 3.62 8.16
C8 A2M FC 99 -66.42 4.60 7.67
N7 A2M FC 99 -67.61 4.10 7.29
C5 A2M FC 99 -67.50 2.74 7.55
C6 A2M FC 99 -68.35 1.67 7.39
N6 A2M FC 99 -69.62 1.82 6.87
N1 A2M FC 99 -68.00 0.40 7.72
C2 A2M FC 99 -66.75 0.27 8.24
N3 A2M FC 99 -65.80 1.19 8.45
C4 A2M FC 99 -66.23 2.42 8.08
OP2 A2M FC 99 -64.02 6.20 4.42
N1 PSU FC 105 -72.20 -3.23 -5.42
C2 PSU FC 105 -72.21 -2.06 -6.13
N3 PSU FC 105 -72.45 -0.87 -5.50
C4 PSU FC 105 -72.67 -0.83 -4.15
C5 PSU FC 105 -72.68 -2.02 -3.43
C6 PSU FC 105 -72.43 -3.20 -4.08
O2 PSU FC 105 -72.02 -2.08 -7.34
O4 PSU FC 105 -72.89 0.25 -3.60
C1' PSU FC 105 -72.89 -2.06 -1.94
C2' PSU FC 105 -74.27 -1.61 -1.50
O2' PSU FC 105 -74.17 -1.05 -0.20
C3' PSU FC 105 -75.00 -2.93 -1.46
C4' PSU FC 105 -73.95 -3.90 -0.96
O3' PSU FC 105 -76.15 -2.90 -0.63
O4' PSU FC 105 -72.71 -3.39 -1.53
C5' PSU FC 105 -74.14 -5.33 -1.39
O5' PSU FC 105 -74.26 -5.41 -2.79
P PSU FC 105 -73.84 -6.75 -3.57
OP1 PSU FC 105 -74.75 -7.83 -3.14
OP2 PSU FC 105 -73.75 -6.33 -4.98
N1 PSU FC 109 -84.64 -3.62 -10.83
C2 PSU FC 109 -83.96 -4.73 -10.37
N3 PSU FC 109 -83.83 -5.84 -11.17
C4 PSU FC 109 -84.37 -5.84 -12.43
C5 PSU FC 109 -85.06 -4.73 -12.88
C6 PSU FC 109 -85.17 -3.61 -12.07
O2 PSU FC 109 -83.47 -4.71 -9.25
O4 PSU FC 109 -84.26 -6.83 -13.14
C1' PSU FC 109 -85.64 -4.70 -14.26
C2' PSU FC 109 -86.91 -5.52 -14.47
O2' PSU FC 109 -86.89 -6.04 -15.78
C3' PSU FC 109 -87.99 -4.46 -14.33
C4' PSU FC 109 -87.34 -3.22 -14.93
O3' PSU FC 109 -89.19 -4.81 -15.01
O4' PSU FC 109 -85.94 -3.35 -14.57
C5' PSU FC 109 -87.86 -1.91 -14.41
O5' PSU FC 109 -87.72 -1.83 -13.00
P PSU FC 109 -87.93 -0.45 -12.23
OP1 PSU FC 109 -89.25 0.10 -12.56
OP2 PSU FC 109 -87.57 -0.85 -10.86
N1 OMU FC 116 -90.69 -15.98 5.66
C2 OMU FC 116 -90.61 -14.52 5.32
N3 OMU FC 116 -91.12 -14.04 4.01
C4 OMU FC 116 -91.70 -14.96 3.05
C5 OMU FC 116 -91.76 -16.41 3.39
C6 OMU FC 116 -91.25 -16.88 4.68
O2 OMU FC 116 -90.13 -13.74 6.12
O4 OMU FC 116 -92.10 -14.59 2.05
C1' OMU FC 116 -90.15 -16.54 6.91
C2' OMU FC 116 -91.12 -16.45 8.09
O2' OMU FC 116 -90.39 -16.16 9.27
CM2 OMU FC 116 -89.55 -15.04 9.21
C3' OMU FC 116 -91.68 -17.86 8.15
C4' OMU FC 116 -90.53 -18.72 7.67
O3' OMU FC 116 -92.10 -18.22 9.46
O4' OMU FC 116 -89.85 -17.90 6.70
C5' OMU FC 116 -90.92 -20.02 7.01
O5' OMU FC 116 -91.64 -19.78 5.82
P OMU FC 116 -92.04 -20.98 4.86
OP1 OMU FC 116 -92.29 -22.19 5.73
OP2 OMU FC 116 -93.12 -20.49 3.94
N1 OMU FC 121 -106.81 -7.89 9.09
C2 OMU FC 121 -106.46 -9.08 8.24
N3 OMU FC 121 -105.75 -10.24 8.84
C4 OMU FC 121 -105.39 -10.21 10.25
C5 OMU FC 121 -105.75 -9.02 11.09
C6 OMU FC 121 -106.46 -7.87 10.48
O2 OMU FC 121 -106.76 -9.11 7.07
O4 OMU FC 121 -104.84 -11.09 10.71
C1' OMU FC 121 -107.54 -6.76 8.48
C2' OMU FC 121 -109.03 -7.07 8.34
O2' OMU FC 121 -109.52 -6.36 7.21
CM2 OMU FC 121 -109.42 -7.04 6.00
C3' OMU FC 121 -109.57 -6.46 9.62
C4' OMU FC 121 -108.74 -5.20 9.74
O3' OMU FC 121 -110.96 -6.20 9.59
O4' OMU FC 121 -107.42 -5.63 9.33
C5' OMU FC 121 -108.71 -4.59 11.12
O5' OMU FC 121 -108.48 -5.59 12.10
P OMU FC 121 -108.01 -5.20 13.56
OP1 OMU FC 121 -109.07 -4.33 14.16
OP2 OMU FC 121 -107.62 -6.49 14.26
P A2M FC 159 -70.96 -0.33 51.55
OP1 A2M FC 159 -72.21 0.45 51.86
O5' A2M FC 159 -70.97 0.18 49.78
C5' A2M FC 159 -70.87 1.49 49.50
C4' A2M FC 159 -70.31 1.68 48.09
O4' A2M FC 159 -68.94 1.34 48.07
C3' A2M FC 159 -71.03 0.79 47.09
O3' A2M FC 159 -72.19 1.44 46.71
C2' A2M FC 159 -69.94 0.51 46.05
O2' A2M FC 159 -69.74 1.54 45.12
C1' A2M FC 159 -68.75 0.44 47.00
CM' A2M FC 159 -69.15 1.03 43.96
N9 A2M FC 159 -68.49 -0.88 47.52
C8 A2M FC 159 -68.96 -1.58 48.63
N7 A2M FC 159 -68.46 -2.81 48.72
C5 A2M FC 159 -67.65 -2.92 47.60
C6 A2M FC 159 -66.86 -3.93 47.10
N6 A2M FC 159 -66.76 -5.15 47.74
N1 A2M FC 159 -66.14 -3.79 45.96
C2 A2M FC 159 -66.26 -2.59 45.35
N3 A2M FC 159 -66.97 -1.51 45.69
C4 A2M FC 159 -67.65 -1.73 46.84
OP2 A2M FC 159 -70.94 -1.80 51.80
P A2M FC 166 -85.18 -20.01 53.14
OP1 A2M FC 166 -85.50 -21.44 53.47
O5' A2M FC 166 -86.40 -19.37 54.32
C5' A2M FC 166 -86.15 -19.63 55.61
C4' A2M FC 166 -86.96 -18.74 56.52
O4' A2M FC 166 -86.31 -17.51 56.70
C3' A2M FC 166 -88.31 -18.44 55.92
O3' A2M FC 166 -89.01 -19.63 56.04
C2' A2M FC 166 -88.73 -17.24 56.73
O2' A2M FC 166 -89.12 -17.56 58.03
C1' A2M FC 166 -87.33 -16.55 56.74
CM' A2M FC 166 -89.46 -16.39 58.73
N9 A2M FC 166 -87.12 -15.63 55.67
C8 A2M FC 166 -86.22 -15.59 54.61
N7 A2M FC 166 -86.40 -14.53 53.81
C5 A2M FC 166 -87.46 -13.85 54.41
C6 A2M FC 166 -88.15 -12.71 54.13
N6 A2M FC 166 -87.83 -11.93 53.04
N1 A2M FC 166 -89.17 -12.25 54.89
C2 A2M FC 166 -89.48 -13.00 55.96
N3 A2M FC 166 -88.94 -14.15 56.38
C4 A2M FC 166 -87.92 -14.53 55.56
OP2 A2M FC 166 -85.33 -19.56 51.72
N1 OMU FC 172 -105.75 -12.35 30.07
C2 OMU FC 172 -105.16 -11.09 29.46
N3 OMU FC 172 -106.05 -9.94 29.13
C4 OMU FC 172 -107.47 -10.03 29.39
C5 OMU FC 172 -108.04 -11.28 29.99
C6 OMU FC 172 -107.17 -12.43 30.32
O2 OMU FC 172 -103.96 -11.02 29.25
O4 OMU FC 172 -108.16 -9.16 29.14
C1' OMU FC 172 -104.90 -13.51 30.39
C2' OMU FC 172 -104.01 -13.34 31.61
O2' OMU FC 172 -102.88 -12.54 31.34
CM2 OMU FC 172 -102.45 -11.84 32.47
C3' OMU FC 172 -103.70 -14.80 31.92
C4' OMU FC 172 -105.04 -15.46 31.65
O3' OMU FC 172 -102.76 -15.27 30.95
O4' OMU FC 172 -105.72 -14.62 30.69
C5' OMU FC 172 -105.92 -15.64 32.87
O5' OMU FC 172 -106.58 -14.44 33.23
P OMU FC 172 -106.92 -14.12 34.75
OP1 OMU FC 172 -107.63 -12.77 34.80
OP2 OMU FC 172 -107.60 -15.33 35.31
N1 OMC FC 174 -98.12 -20.80 35.49
C2 OMC FC 174 -98.71 -21.37 36.63
N3 OMC FC 174 -100.05 -21.32 36.75
C4 OMC FC 174 -100.80 -20.75 35.84
C5 OMC FC 174 -100.24 -20.17 34.67
C6 OMC FC 174 -98.91 -20.23 34.56
O2 OMC FC 174 -98.01 -21.90 37.47
N4 OMC FC 174 -102.11 -20.73 36.01
C1' OMC FC 174 -96.66 -20.82 35.27
C2' OMC FC 174 -96.14 -22.19 34.80
O2' OMC FC 174 -94.91 -22.45 35.45
CM2 OMC FC 174 -94.96 -23.60 36.26
C3' OMC FC 174 -95.93 -21.93 33.31
C4' OMC FC 174 -95.51 -20.48 33.28
O4' OMC FC 174 -96.33 -19.86 34.29
O3' OMC FC 174 -94.98 -22.80 32.72
C5' OMC FC 174 -95.70 -19.78 31.96
O5' OMC FC 174 -97.07 -19.76 31.58
P OMC FC 174 -97.58 -18.73 30.49
OP1 OMC FC 174 -96.77 -18.94 29.22
OP2 OMC FC 174 -99.10 -18.80 30.42
N1 OMU FC 293 -77.23 -5.14 -15.97
C2 OMU FC 293 -77.54 -4.15 -14.89
N3 OMU FC 293 -77.50 -4.56 -13.46
C4 OMU FC 293 -77.16 -5.93 -13.13
C5 OMU FC 293 -76.84 -6.91 -14.21
C6 OMU FC 293 -76.87 -6.49 -15.62
O2 OMU FC 293 -77.83 -3.01 -15.19
O4 OMU FC 293 -77.13 -6.26 -12.04
C1' OMU FC 293 -77.26 -4.71 -17.38
C2' OMU FC 293 -75.95 -4.03 -17.79
O2' OMU FC 293 -76.24 -3.04 -18.76
CM2 OMU FC 293 -77.12 -2.04 -18.33
C3' OMU FC 293 -75.20 -5.18 -18.42
C4' OMU FC 293 -76.31 -5.92 -19.14
O3' OMU FC 293 -74.16 -4.78 -19.27
O4' OMU FC 293 -77.42 -5.84 -18.22
C5' OMU FC 293 -76.03 -7.35 -19.49
O5' OMU FC 293 -75.58 -8.07 -18.37
P OMU FC 293 -75.37 -9.65 -18.43
OP1 OMU FC 293 -74.65 -9.96 -19.71
OP2 OMU FC 293 -74.78 -10.09 -17.11
N1 PSU FC 345 -58.18 1.30 -3.64
C2 PSU FC 345 -59.39 0.90 -4.15
N3 PSU FC 345 -60.24 1.82 -4.72
C4 PSU FC 345 -59.87 3.14 -4.77
C5 PSU FC 345 -58.66 3.54 -4.24
C6 PSU FC 345 -57.82 2.59 -3.68
O2 PSU FC 345 -59.71 -0.28 -4.10
O4 PSU FC 345 -60.62 3.96 -5.27
C1' PSU FC 345 -58.24 4.99 -4.30
C2' PSU FC 345 -58.94 5.83 -3.25
O2' PSU FC 345 -59.18 7.12 -3.79
C3' PSU FC 345 -57.89 5.91 -2.15
C4' PSU FC 345 -56.60 5.93 -2.93
O3' PSU FC 345 -58.03 7.02 -1.29
O4' PSU FC 345 -56.86 5.07 -4.08
C5' PSU FC 345 -55.40 5.41 -2.18
O5' PSU FC 345 -55.72 4.23 -1.48
P PSU FC 345 -54.59 3.26 -0.93
OP1 PSU FC 345 -53.86 3.98 0.13
OP2 PSU FC 345 -55.22 1.96 -0.62
N1 OMU FC 367 -79.98 17.13 5.74
C2 OMU FC 367 -79.91 18.27 6.72
N3 OMU FC 367 -79.07 19.47 6.40
C4 OMU FC 367 -78.34 19.52 5.15
C5 OMU FC 367 -78.43 18.38 4.19
C6 OMU FC 367 -79.26 17.20 4.50
O2 OMU FC 367 -80.53 18.19 7.76
O4 OMU FC 367 -77.70 20.43 4.90
C1' OMU FC 367 -80.81 15.97 6.05
C2' OMU FC 367 -81.58 15.44 4.86
O2' OMU FC 367 -82.78 16.16 4.65
CM2 OMU FC 367 -83.10 16.34 3.32
C3' OMU FC 367 -81.78 13.97 5.24
C4' OMU FC 367 -80.52 13.65 6.06
O3' OMU FC 367 -82.93 13.84 6.06
O4' OMU FC 367 -79.95 14.93 6.45
C5' OMU FC 367 -79.48 12.85 5.34
O5' OMU FC 367 -79.40 13.23 3.96
P OMU FC 367 -78.01 13.29 3.22
OP1 OMU FC 367 -77.45 11.90 3.16
OP2 OMU FC 367 -78.21 14.06 1.94
P OMG FC 375 -67.97 1.74 20.42
OP1 OMG FC 375 -68.19 0.32 20.94
OP2 OMG FC 375 -68.51 2.92 21.20
O5' OMG FC 375 -66.40 1.94 20.25
C5' OMG FC 375 -65.87 2.91 19.37
C4' OMG FC 375 -64.44 2.63 19.06
O4' OMG FC 375 -63.67 2.60 20.30
C3' OMG FC 375 -64.16 1.28 18.41
O3' OMG FC 375 -64.30 1.32 17.00
C2' OMG FC 375 -62.74 0.97 18.85
O2' OMG FC 375 -61.81 1.70 18.08
CM2 OMG FC 375 -60.47 1.40 18.41
C1' OMG FC 375 -62.75 1.54 20.27
N9 OMG FC 375 -63.17 0.54 21.25
C8 OMG FC 375 -64.36 0.48 21.93
N7 OMG FC 375 -64.41 -0.54 22.73
C5 OMG FC 375 -63.20 -1.18 22.57
C6 OMG FC 375 -62.70 -2.35 23.18
O6 OMG FC 375 -63.24 -3.06 24.01
N1 OMG FC 375 -61.42 -2.64 22.72
C2 OMG FC 375 -60.73 -1.91 21.80
N2 OMG FC 375 -59.50 -2.36 21.48
N3 OMG FC 375 -61.20 -0.83 21.24
C4 OMG FC 375 -62.42 -0.52 21.65
N1 OMC FC 401 -62.43 2.74 41.32
C2 OMC FC 401 -62.62 1.36 41.52
N3 OMC FC 401 -61.96 0.50 40.72
C4 OMC FC 401 -61.16 0.92 39.77
C5 OMC FC 401 -60.95 2.30 39.53
C6 OMC FC 401 -61.61 3.16 40.33
O2 OMC FC 401 -63.35 0.98 42.41
N4 OMC FC 401 -60.55 0.01 39.03
C1' OMC FC 401 -63.13 3.76 42.13
C2' OMC FC 401 -62.48 3.99 43.49
O2' OMC FC 401 -63.50 4.19 44.46
CM2 OMC FC 401 -64.48 3.18 44.54
C3' OMC FC 401 -61.73 5.30 43.26
C4' OMC FC 401 -62.65 6.03 42.29
O4' OMC FC 401 -63.13 4.98 41.43
O3' OMC FC 401 -61.48 6.03 44.44
C5' OMC FC 401 -62.03 7.13 41.47
O5' OMC FC 401 -60.97 6.65 40.66
P OMC FC 401 -60.48 7.50 39.41
OP1 OMC FC 401 -60.39 8.95 39.83
OP2 OMC FC 401 -59.27 6.81 38.79
P A2M FC 407 -66.03 -8.95 40.99
OP1 A2M FC 407 -67.37 -9.60 40.93
O5' A2M FC 407 -66.71 -7.28 40.78
C5' A2M FC 407 -67.79 -6.98 41.51
C4' A2M FC 407 -68.07 -5.49 41.45
O4' A2M FC 407 -66.98 -4.79 42.02
C3' A2M FC 407 -68.24 -4.99 40.03
O3' A2M FC 407 -69.51 -5.38 39.62
C2' A2M FC 407 -67.92 -3.51 40.19
O2' A2M FC 407 -68.96 -2.78 40.79
C1' A2M FC 407 -66.75 -3.70 41.18
CM' A2M FC 407 -68.46 -1.61 41.39
N9 A2M FC 407 -65.48 -3.87 40.56
C8 A2M FC 407 -64.63 -4.97 40.44
N7 A2M FC 407 -63.51 -4.69 39.75
C5 A2M FC 407 -63.68 -3.34 39.41
C6 A2M FC 407 -62.91 -2.43 38.72
N6 A2M FC 407 -61.69 -2.79 38.18
N1 A2M FC 407 -63.30 -1.15 38.53
C2 A2M FC 407 -64.49 -0.81 39.07
N3 A2M FC 407 -65.36 -1.56 39.77
C4 A2M FC 407 -64.90 -2.83 39.91
OP2 A2M FC 407 -64.97 -9.36 40.01
P A2M FC 423 -57.67 25.80 12.73
OP1 A2M FC 423 -58.16 26.68 13.83
O5' A2M FC 423 -59.34 25.47 12.13
C5' A2M FC 423 -60.08 26.55 11.82
C4' A2M FC 423 -61.25 26.13 10.95
O4' A2M FC 423 -60.73 25.65 9.72
C3' A2M FC 423 -62.06 25.04 11.62
O3' A2M FC 423 -63.03 25.67 12.39
C2' A2M FC 423 -62.49 24.15 10.47
O2' A2M FC 423 -63.69 24.58 9.90
C1' A2M FC 423 -61.32 24.40 9.48
CM' A2M FC 423 -63.98 23.80 8.75
N9 A2M FC 423 -60.27 23.39 9.46
C8 A2M FC 423 -59.10 23.23 10.19
N7 A2M FC 423 -58.42 22.13 9.85
C5 A2M FC 423 -59.18 21.56 8.84
C6 A2M FC 423 -59.06 20.44 8.06
N6 A2M FC 423 -57.97 19.58 8.19
N1 A2M FC 423 -59.98 20.08 7.12
C2 A2M FC 423 -61.02 20.92 6.99
N3 A2M FC 423 -61.32 22.05 7.65
C4 A2M FC 423 -60.35 22.33 8.58
OP2 A2M FC 423 -56.84 24.59 13.06
P OMG FC 448 -83.62 14.68 14.74
OP1 OMG FC 448 -83.11 14.49 13.33
OP2 OMG FC 448 -82.63 15.11 15.83
O5' OMG FC 448 -84.79 15.75 14.70
C5' OMG FC 448 -85.76 15.70 13.68
C4' OMG FC 448 -87.12 16.11 14.20
O4' OMG FC 448 -87.40 15.44 15.45
C3' OMG FC 448 -87.28 17.57 14.53
O3' OMG FC 448 -87.46 18.37 13.39
C2' OMG FC 448 -88.50 17.54 15.45
O2' OMG FC 448 -89.69 17.36 14.71
CM2 OMG FC 448 -90.84 17.10 15.47
C1' OMG FC 448 -88.23 16.26 16.24
N9 OMG FC 448 -87.55 16.52 17.53
C8 OMG FC 448 -86.34 16.04 17.93
N7 OMG FC 448 -86.02 16.45 19.12
C5 OMG FC 448 -87.06 17.25 19.53
C6 OMG FC 448 -87.27 17.97 20.73
O6 OMG FC 448 -86.55 18.06 21.71
N1 OMG FC 448 -88.49 18.65 20.69
C2 OMG FC 448 -89.37 18.63 19.65
N2 OMG FC 448 -90.50 19.33 19.79
N3 OMG FC 448 -89.18 17.96 18.56
C4 OMG FC 448 -88.02 17.30 18.54
N1 OMC FC 456 -73.01 29.29 5.12
C2 OMC FC 456 -74.03 28.73 4.33
N3 OMC FC 456 -75.31 28.98 4.66
C4 OMC FC 456 -75.60 29.74 5.70
C5 OMC FC 456 -74.59 30.32 6.51
C6 OMC FC 456 -73.32 30.06 6.18
O2 OMC FC 456 -73.75 28.04 3.38
N4 OMC FC 456 -76.88 29.95 5.96
C1' OMC FC 456 -71.59 29.04 4.81
C2' OMC FC 456 -71.11 29.89 3.64
O2' OMC FC 456 -70.18 29.13 2.89
CM2 OMC FC 456 -70.80 28.14 2.11
C3' OMC FC 456 -70.39 31.02 4.36
C4' OMC FC 456 -69.78 30.30 5.54
O4' OMC FC 456 -70.81 29.36 5.93
O3' OMC FC 456 -69.45 31.69 3.56
C5' OMC FC 456 -69.40 31.16 6.72
O5' OMC FC 456 -69.65 32.53 6.47
P OMC FC 456 -70.87 33.28 7.17
OP1 OMC FC 456 -72.15 32.89 6.43
OP2 OMC FC 456 -70.77 33.03 8.67
P A2M FC 515 -96.13 34.44 26.34
OP1 A2M FC 515 -95.57 35.72 26.87
O5' A2M FC 515 -94.92 34.35 24.99
C5' A2M FC 515 -94.21 35.45 24.75
C4' A2M FC 515 -92.89 35.37 25.48
O4' A2M FC 515 -92.65 34.04 25.90
C3' A2M FC 515 -91.74 35.81 24.59
O3' A2M FC 515 -91.70 37.20 24.66
C2' A2M FC 515 -90.59 34.96 25.13
O2' A2M FC 515 -90.10 35.39 26.37
C1' A2M FC 515 -91.42 33.67 25.31
CM' A2M FC 515 -88.76 35.78 26.25
N9 A2M FC 515 -91.73 32.99 24.09
C8 A2M FC 515 -92.93 32.52 23.55
N7 A2M FC 515 -92.78 31.96 22.34
C5 A2M FC 515 -91.42 32.09 22.11
C6 A2M FC 515 -90.61 31.71 21.06
N6 A2M FC 515 -91.12 31.08 19.94
N1 A2M FC 515 -89.28 31.94 21.05
C2 A2M FC 515 -88.79 32.56 22.15
N3 A2M FC 515 -89.41 32.99 23.24
C4 A2M FC 515 -90.75 32.72 23.17
OP2 A2M FC 515 -97.57 34.40 25.92
P OMG FC 540 -52.44 51.52 -17.66
OP1 OMG FC 540 -53.62 52.40 -18.07
OP2 OMG FC 540 -52.38 50.93 -16.26
O5' OMG FC 540 -52.31 50.34 -18.72
C5' OMG FC 540 -51.94 50.60 -20.07
C4' OMG FC 540 -51.40 49.36 -20.71
O4' OMG FC 540 -50.21 48.96 -20.01
C3' OMG FC 540 -52.31 48.15 -20.63
O3' OMG FC 540 -53.21 48.12 -21.72
C2' OMG FC 540 -51.35 46.96 -20.62
O2' OMG FC 540 -51.09 46.53 -21.94
CM2 OMG FC 540 -50.02 45.63 -22.08
C1' OMG FC 540 -50.06 47.56 -20.05
N9 OMG FC 540 -49.70 47.10 -18.70
C8 OMG FC 540 -49.58 47.95 -17.62
N7 OMG FC 540 -49.20 47.34 -16.54
C5 OMG FC 540 -49.06 46.03 -16.92
C6 OMG FC 540 -48.65 44.92 -16.14
O6 OMG FC 540 -48.36 44.87 -14.96
N1 OMG FC 540 -48.63 43.77 -16.92
C2 OMG FC 540 -48.94 43.70 -18.25
N2 OMG FC 540 -48.85 42.49 -18.81
N3 OMG FC 540 -49.31 44.73 -18.96
C4 OMG FC 540 -49.35 45.87 -18.25
N1 OMU FC 566 -30.34 60.56 -5.59
C2 OMU FC 566 -30.95 60.96 -4.26
N3 OMU FC 566 -30.19 60.73 -3.00
C4 OMU FC 566 -28.87 60.10 -3.06
C5 OMU FC 566 -28.29 59.69 -4.38
C6 OMU FC 566 -29.04 59.93 -5.63
O2 OMU FC 566 -32.05 61.50 -4.24
O4 OMU FC 566 -28.29 59.90 -2.11
C1' OMU FC 566 -31.08 60.80 -6.82
C2' OMU FC 566 -30.18 60.86 -8.06
O2' OMU FC 566 -29.68 62.16 -8.27
CM2 OMU FC 566 -28.58 62.20 -9.13
C3' OMU FC 566 -31.13 60.36 -9.14
C4' OMU FC 566 -31.89 59.27 -8.42
O3' OMU FC 566 -32.02 61.41 -9.48
O4' OMU FC 566 -31.95 59.70 -7.03
C5' OMU FC 566 -31.25 57.91 -8.48
O5' OMU FC 566 -30.67 57.66 -9.75
P OMU FC 566 -29.23 57.00 -9.87
OP1 OMU FC 566 -29.08 56.41 -11.24
OP2 OMU FC 566 -28.23 58.02 -9.38
P OMG FC 583 -73.85 41.66 0.58
OP1 OMG FC 583 -74.98 42.18 -0.28
OP2 OMG FC 583 -74.06 40.40 1.42
O5' OMG FC 583 -72.58 41.42 -0.36
C5' OMG FC 583 -72.34 42.23 -1.50
C4' OMG FC 583 -71.20 43.18 -1.27
O4' OMG FC 583 -70.99 43.36 0.14
C3' OMG FC 583 -69.84 42.70 -1.78
O3' OMG FC 583 -69.68 42.93 -3.16
C2' OMG FC 583 -68.85 43.48 -0.92
O2' OMG FC 583 -68.62 44.77 -1.47
CM2 OMG FC 583 -68.06 45.72 -0.60
C1' OMG FC 583 -69.64 43.65 0.40
N9 OMG FC 583 -69.17 42.76 1.46
C8 OMG FC 583 -69.84 41.65 1.92
N7 OMG FC 583 -69.23 41.05 2.89
C5 OMG FC 583 -68.11 41.80 3.11
C6 OMG FC 583 -67.07 41.62 4.06
O6 OMG FC 583 -66.95 40.74 4.90
N1 OMG FC 583 -66.11 42.61 3.93
C2 OMG FC 583 -66.14 43.63 3.04
N2 OMG FC 583 -65.10 44.49 3.08
N3 OMG FC 583 -67.10 43.81 2.16
C4 OMG FC 583 -68.05 42.87 2.24
N1 PSU FC 588 -57.23 29.92 -4.01
C2 PSU FC 588 -58.60 29.77 -4.13
N3 PSU FC 588 -59.21 28.61 -3.71
C4 PSU FC 588 -58.45 27.60 -3.18
C5 PSU FC 588 -57.09 27.74 -3.08
C6 PSU FC 588 -56.49 28.93 -3.49
O2 PSU FC 588 -59.27 30.69 -4.59
O4 PSU FC 588 -58.99 26.57 -2.82
C1' PSU FC 588 -56.26 26.64 -2.50
C2' PSU FC 588 -56.10 25.49 -3.50
O2' PSU FC 588 -56.01 24.28 -2.78
C3' PSU FC 588 -54.76 25.83 -4.13
C4' PSU FC 588 -53.98 26.39 -2.96
O3' PSU FC 588 -54.13 24.73 -4.74
O4' PSU FC 588 -54.97 27.11 -2.19
C5' PSU FC 588 -52.84 27.32 -3.32
O5' PSU FC 588 -53.29 28.38 -4.14
P PSU FC 588 -52.33 29.59 -4.49
OP1 PSU FC 588 -51.04 29.02 -4.89
OP2 PSU FC 588 -53.05 30.51 -5.41
N1 PSU FC 590 -59.56 24.87 -9.01
C2 PSU FC 590 -60.14 26.08 -9.34
N3 PSU FC 590 -61.45 26.14 -9.75
C4 PSU FC 590 -62.18 24.98 -9.86
C5 PSU FC 590 -61.58 23.77 -9.54
C6 PSU FC 590 -60.27 23.73 -9.11
O2 PSU FC 590 -59.48 27.10 -9.23
O4 PSU FC 590 -63.34 25.03 -10.23
C1' PSU FC 590 -62.37 22.50 -9.64
C2' PSU FC 590 -62.52 22.07 -11.09
O2' PSU FC 590 -63.74 21.34 -11.21
C3' PSU FC 590 -61.34 21.15 -11.27
C4' PSU FC 590 -61.25 20.46 -9.92
O3' PSU FC 590 -61.49 20.22 -12.33
O4' PSU FC 590 -61.63 21.49 -8.98
C5' PSU FC 590 -59.88 19.94 -9.55
O5' PSU FC 590 -58.90 20.96 -9.57
P PSU FC 590 -57.42 20.69 -9.09
OP1 PSU FC 590 -56.98 19.39 -9.65
OP2 PSU FC 590 -56.63 21.91 -9.33
P A2M FC 607 -37.79 20.19 -36.28
OP1 A2M FC 607 -36.55 19.54 -35.76
O5' A2M FC 607 -38.52 21.42 -35.20
C5' A2M FC 607 -39.66 21.97 -35.63
C4' A2M FC 607 -40.21 22.88 -34.58
O4' A2M FC 607 -41.24 23.61 -35.16
C3' A2M FC 607 -40.73 22.04 -33.44
O3' A2M FC 607 -39.70 21.99 -32.52
C2' A2M FC 607 -42.04 22.71 -33.05
O2' A2M FC 607 -41.93 23.50 -31.91
C1' A2M FC 607 -42.29 23.64 -34.26
CM' A2M FC 607 -43.10 24.23 -31.73
N9 A2M FC 607 -43.51 23.44 -34.96
C8 A2M FC 607 -44.25 22.30 -35.30
N7 A2M FC 607 -45.37 22.59 -35.98
C5 A2M FC 607 -45.33 23.97 -36.08
C6 A2M FC 607 -46.17 24.90 -36.65
N6 A2M FC 607 -47.33 24.55 -37.31
N1 A2M FC 607 -45.90 26.22 -36.61
C2 A2M FC 607 -44.77 26.55 -35.98
N3 A2M FC 607 -43.86 25.80 -35.37
C4 A2M FC 607 -44.20 24.50 -35.46
OP2 A2M FC 607 -39.06 19.40 -36.34
N1 PSU FC 620 -61.28 -6.48 -36.59
C2 PSU FC 620 -60.63 -6.57 -37.80
N3 PSU FC 620 -60.29 -5.44 -38.49
C4 PSU FC 620 -60.62 -4.21 -37.97
C5 PSU FC 620 -61.27 -4.12 -36.76
C6 PSU FC 620 -61.60 -5.28 -36.08
O2 PSU FC 620 -60.34 -7.67 -38.25
O4 PSU FC 620 -60.32 -3.20 -38.58
C1' PSU FC 620 -61.63 -2.79 -36.18
C2' PSU FC 620 -62.88 -2.20 -36.85
O2' PSU FC 620 -62.74 -0.80 -36.92
C3' PSU FC 620 -63.97 -2.58 -35.85
C4' PSU FC 620 -63.25 -2.48 -34.52
O3' PSU FC 620 -65.11 -1.75 -35.91
O4' PSU FC 620 -61.91 -2.94 -34.81
C5' PSU FC 620 -63.83 -3.31 -33.41
O5' PSU FC 620 -64.24 -4.57 -33.90
P PSU FC 620 -64.27 -5.83 -32.93
OP1 PSU FC 620 -65.49 -5.76 -32.11
OP2 PSU FC 620 -63.98 -7.04 -33.74
P OMG FC 622 -68.15 -0.91 -41.77
OP1 OMG FC 622 -69.00 0.33 -41.61
OP2 OMG FC 622 -68.32 -2.09 -40.81
O5' OMG FC 622 -68.33 -1.46 -43.25
C5' OMG FC 622 -68.00 -2.80 -43.57
C4' OMG FC 622 -67.11 -2.88 -44.77
O4' OMG FC 622 -65.79 -3.33 -44.36
C3' OMG FC 622 -67.54 -3.87 -45.84
O3' OMG FC 622 -68.34 -3.28 -46.86
C2' OMG FC 622 -66.23 -4.44 -46.37
O2' OMG FC 622 -65.63 -3.54 -47.27
CM2 OMG FC 622 -64.50 -4.09 -47.91
C1' OMG FC 622 -65.40 -4.45 -45.10
N9 OMG FC 622 -65.68 -5.64 -44.26
C8 OMG FC 622 -66.17 -5.65 -42.99
N7 OMG FC 622 -66.32 -6.85 -42.52
C5 OMG FC 622 -65.90 -7.67 -43.54
C6 OMG FC 622 -65.85 -9.08 -43.60
O6 OMG FC 622 -66.16 -9.89 -42.74
N1 OMG FC 622 -65.36 -9.50 -44.83
C2 OMG FC 622 -64.98 -8.69 -45.86
N2 OMG FC 622 -64.53 -9.29 -46.97
N3 OMG FC 622 -65.04 -7.39 -45.79
C4 OMG FC 622 -65.51 -6.93 -44.63
N1 PSU FC 625 -75.33 -7.16 -53.14
C2 PSU FC 625 -75.36 -8.43 -52.63
N3 PSU FC 625 -76.04 -9.44 -53.30
C4 PSU FC 625 -76.69 -9.15 -54.47
C5 PSU FC 625 -76.66 -7.86 -54.99
C6 PSU FC 625 -75.96 -6.87 -54.29
O2 PSU FC 625 -74.78 -8.69 -51.58
O4 PSU FC 625 -77.29 -10.04 -55.07
C1' PSU FC 625 -77.34 -7.51 -56.28
C2' PSU FC 625 -78.86 -7.41 -56.11
O2' PSU FC 625 -79.47 -7.81 -57.32
C3' PSU FC 625 -79.04 -5.92 -55.90
C4' PSU FC 625 -77.98 -5.32 -56.80
O3' PSU FC 625 -80.34 -5.46 -56.19
O4' PSU FC 625 -76.88 -6.25 -56.72
C5' PSU FC 625 -77.49 -3.96 -56.40
O5' PSU FC 625 -77.15 -3.93 -55.03
P PSU FC 625 -76.53 -2.63 -54.36
OP1 PSU FC 625 -77.42 -1.50 -54.68
OP2 PSU FC 625 -76.15 -2.90 -52.96
N1 OMU FC 670 -84.81 -15.74 -40.30
C2 OMU FC 670 -83.37 -15.62 -39.87
N3 OMU FC 670 -82.51 -14.55 -40.45
C4 OMU FC 670 -83.08 -13.62 -41.43
C5 OMU FC 670 -84.51 -13.76 -41.85
C6 OMU FC 670 -85.35 -14.83 -41.28
O2 OMU FC 670 -82.89 -16.38 -39.06
O4 OMU FC 670 -82.43 -12.81 -41.88
C1' OMU FC 670 -85.68 -16.81 -39.75
C2' OMU FC 670 -85.98 -16.61 -38.26
O2' OMU FC 670 -85.95 -17.89 -37.63
CM2 OMU FC 670 -84.69 -18.31 -37.22
C3' OMU FC 670 -87.39 -16.06 -38.29
C4' OMU FC 670 -88.00 -16.75 -39.49
O3' OMU FC 670 -88.12 -16.29 -37.11
O4' OMU FC 670 -86.91 -16.78 -40.44
C5' OMU FC 670 -89.20 -16.06 -40.09
O5' OMU FC 670 -89.53 -16.57 -41.37
P OMU FC 670 -90.49 -15.74 -42.33
OP1 OMU FC 670 -91.84 -15.70 -41.66
OP2 OMU FC 670 -89.78 -14.46 -42.67
N1 PSU FC 672 -83.72 -9.10 -37.10
C2 PSU FC 672 -82.95 -8.41 -38.02
N3 PSU FC 672 -81.62 -8.17 -37.77
C4 PSU FC 672 -81.05 -8.63 -36.61
C5 PSU FC 672 -81.82 -9.33 -35.68
C6 PSU FC 672 -83.17 -9.55 -35.96
O2 PSU FC 672 -83.45 -8.01 -39.05
O4 PSU FC 672 -79.86 -8.43 -36.39
C1' PSU FC 672 -81.21 -9.82 -34.41
C2' PSU FC 672 -81.06 -8.63 -33.45
O2' PSU FC 672 -79.95 -8.88 -32.60
C3' PSU FC 672 -82.36 -8.71 -32.69
C4' PSU FC 672 -82.58 -10.20 -32.55
O3' PSU FC 672 -82.33 -8.04 -31.44
O4' PSU FC 672 -82.08 -10.74 -33.80
C5' PSU FC 672 -84.00 -10.63 -32.36
O5' PSU FC 672 -84.09 -11.78 -31.53
P PSU FC 672 -85.28 -12.82 -31.71
OP1 PSU FC 672 -85.63 -13.32 -30.37
OP2 PSU FC 672 -86.31 -12.19 -32.57
N1 PSU FC 685 -87.17 17.07 -8.08
C2 PSU FC 685 -86.60 16.30 -9.08
N3 PSU FC 685 -85.24 16.30 -9.26
C4 PSU FC 685 -84.45 17.07 -8.45
C5 PSU FC 685 -85.03 17.85 -7.45
C6 PSU FC 685 -86.40 17.83 -7.29
O2 PSU FC 685 -87.31 15.60 -9.80
O4 PSU FC 685 -83.25 17.08 -8.61
C1' PSU FC 685 -84.16 18.69 -6.57
C2' PSU FC 685 -83.68 19.92 -7.34
O2' PSU FC 685 -82.38 20.26 -6.87
C3' PSU FC 685 -84.69 20.96 -6.90
C4' PSU FC 685 -84.96 20.58 -5.47
O3' PSU FC 685 -84.24 22.29 -7.06
O4' PSU FC 685 -84.90 19.13 -5.46
C5' PSU FC 685 -86.28 21.03 -4.91
O5' PSU FC 685 -87.35 20.53 -5.70
P PSU FC 685 -88.86 20.67 -5.21
OP1 PSU FC 685 -89.00 22.02 -4.62
OP2 PSU FC 685 -89.75 20.20 -6.27
N1 PSU FC 734 -82.80 -1.78 -43.87
C2 PSU FC 734 -82.76 -2.18 -42.55
N3 PSU FC 734 -81.82 -1.66 -41.70
C4 PSU FC 734 -80.91 -0.74 -42.19
C5 PSU FC 734 -80.95 -0.35 -43.51
C6 PSU FC 734 -81.92 -0.89 -44.35
O2 PSU FC 734 -83.57 -2.99 -42.13
O4 PSU FC 734 -80.07 -0.27 -41.43
C1' PSU FC 734 -79.99 0.66 -44.07
C2' PSU FC 734 -78.55 0.16 -44.16
O2' PSU FC 734 -77.69 1.26 -43.95
C3' PSU FC 734 -78.48 -0.31 -45.60
C4' PSU FC 734 -79.35 0.70 -46.32
O3' PSU FC 734 -77.16 -0.34 -46.11
O4' PSU FC 734 -80.41 0.98 -45.38
C5' PSU FC 734 -79.94 0.23 -47.62
O5' PSU FC 734 -80.67 -0.97 -47.45
P PSU FC 734 -81.80 -1.38 -48.48
OP1 PSU FC 734 -81.14 -1.51 -49.80
OP2 PSU FC 734 -82.59 -2.50 -47.92
N1 PSU FC 737 -78.08 -11.14 -42.18
C2 PSU FC 737 -79.42 -11.31 -42.43
N3 PSU FC 737 -80.10 -12.38 -41.92
C4 PSU FC 737 -79.44 -13.31 -41.15
C5 PSU FC 737 -78.09 -13.15 -40.93
C6 PSU FC 737 -77.42 -12.04 -41.44
O2 PSU FC 737 -80.01 -10.47 -43.11
O4 PSU FC 737 -80.04 -14.28 -40.70
C1' PSU FC 737 -77.32 -14.11 -40.08
C2' PSU FC 737 -76.93 -15.43 -40.73
O2' PSU FC 737 -77.03 -16.46 -39.76
C3' PSU FC 737 -75.47 -15.19 -41.12
C4' PSU FC 737 -74.97 -14.22 -40.06
O3' PSU FC 737 -74.71 -16.38 -41.14
O4' PSU FC 737 -76.14 -13.44 -39.70
C5' PSU FC 737 -73.88 -13.29 -40.52
O5' PSU FC 737 -74.26 -12.60 -41.70
P PSU FC 737 -73.25 -11.63 -42.45
OP1 PSU FC 737 -71.97 -12.35 -42.50
OP2 PSU FC 737 -73.90 -11.15 -43.69
P OMG FC 738 -74.14 -16.97 -42.53
OP1 OMG FC 738 -72.77 -17.58 -42.25
OP2 OMG FC 738 -74.29 -15.90 -43.59
O5' OMG FC 738 -75.13 -18.16 -42.87
C5' OMG FC 738 -76.46 -17.91 -43.28
C4' OMG FC 738 -77.44 -18.86 -42.65
O4' OMG FC 738 -78.31 -18.14 -41.73
C3' OMG FC 738 -78.37 -19.58 -43.63
O3' OMG FC 738 -77.93 -20.90 -43.89
C2' OMG FC 738 -79.75 -19.53 -42.97
O2' OMG FC 738 -79.93 -20.64 -42.11
CM2 OMG FC 738 -81.21 -20.71 -41.55
C1' OMG FC 738 -79.65 -18.28 -42.12
N9 OMG FC 738 -80.08 -17.05 -42.79
C8 OMG FC 738 -79.30 -15.97 -43.13
N7 OMG FC 738 -79.96 -15.01 -43.69
C5 OMG FC 738 -81.25 -15.46 -43.70
C6 OMG FC 738 -82.43 -14.84 -44.19
O6 OMG FC 738 -82.55 -13.74 -44.70
N1 OMG FC 738 -83.53 -15.66 -44.00
C2 OMG FC 738 -83.53 -16.90 -43.43
N2 OMG FC 738 -84.71 -17.53 -43.35
N3 OMG FC 738 -82.44 -17.47 -42.99
C4 OMG FC 738 -81.35 -16.71 -43.14
N1 PSU FC 837 13.41 9.80 -42.99
C2 PSU FC 837 13.23 10.16 -44.31
N3 PSU FC 837 12.35 9.47 -45.10
C4 PSU FC 837 11.63 8.42 -44.57
C5 PSU FC 837 11.81 8.06 -43.25
C6 PSU FC 837 12.71 8.77 -42.47
O2 PSU FC 837 13.87 11.10 -44.78
O4 PSU FC 837 10.85 7.81 -45.29
C1' PSU FC 837 11.03 6.92 -42.67
C2' PSU FC 837 11.62 5.59 -43.12
O2' PSU FC 837 10.55 4.64 -43.17
C3' PSU FC 837 12.54 5.26 -41.96
C4' PSU FC 837 11.79 5.78 -40.77
O3' PSU FC 837 12.86 3.88 -41.86
O4' PSU FC 837 11.12 6.97 -41.26
C5' PSU FC 837 12.62 6.14 -39.56
O5' PSU FC 837 13.50 7.21 -39.86
P PSU FC 837 14.39 7.88 -38.73
OP1 PSU FC 837 14.68 6.77 -37.79
OP2 PSU FC 837 15.48 8.64 -39.36
N1 PSU FC 875 -21.82 -15.89 -64.85
C2 PSU FC 875 -21.41 -16.54 -63.71
N3 PSU FC 875 -20.77 -17.75 -63.77
C4 PSU FC 875 -20.54 -18.32 -65.00
C5 PSU FC 875 -20.95 -17.67 -66.15
C6 PSU FC 875 -21.59 -16.45 -66.06
O2 PSU FC 875 -21.63 -16.02 -62.62
O4 PSU FC 875 -19.97 -19.41 -65.07
C1' PSU FC 875 -20.68 -18.31 -67.49
C2' PSU FC 875 -21.86 -19.17 -67.93
O2' PSU FC 875 -21.36 -20.26 -68.69
C3' PSU FC 875 -22.62 -18.21 -68.84
C4' PSU FC 875 -21.50 -17.42 -69.50
O3' PSU FC 875 -23.47 -18.85 -69.76
O4' PSU FC 875 -20.49 -17.31 -68.47
C5' PSU FC 875 -21.88 -16.04 -69.97
O5' PSU FC 875 -22.42 -15.28 -68.90
P PSU FC 875 -22.61 -13.71 -69.04
OP1 PSU FC 875 -23.26 -13.48 -70.34
OP2 PSU FC 875 -23.22 -13.22 -67.79
P A2M FC 902 -38.14 -14.87 -35.43
OP1 A2M FC 902 -37.22 -15.86 -34.81
O5' A2M FC 902 -37.84 -14.48 -37.16
C5' A2M FC 902 -37.91 -15.50 -38.02
C4' A2M FC 902 -37.71 -14.96 -39.42
O4' A2M FC 902 -38.84 -14.22 -39.76
C3' A2M FC 902 -36.50 -14.05 -39.49
O3' A2M FC 902 -35.39 -14.86 -39.64
C2' A2M FC 902 -36.88 -13.11 -40.60
O2' A2M FC 902 -36.71 -13.69 -41.86
C1' A2M FC 902 -38.38 -13.01 -40.29
CM' A2M FC 902 -37.52 -13.07 -42.80
N9 A2M FC 902 -38.79 -11.91 -39.43
C8 A2M FC 902 -39.18 -11.84 -38.09
N7 A2M FC 902 -39.49 -10.60 -37.70
C5 A2M FC 902 -39.28 -9.84 -38.84
C6 A2M FC 902 -39.41 -8.51 -39.13
N6 A2M FC 902 -39.83 -7.60 -38.17
N1 A2M FC 902 -39.15 -7.98 -40.34
C2 A2M FC 902 -38.74 -8.88 -41.27
N3 A2M FC 902 -38.55 -10.21 -41.18
C4 A2M FC 902 -38.86 -10.64 -39.93
OP2 A2M FC 902 -38.06 -13.44 -35.02
N1 PSU FC 916 -5.15 -8.02 -46.84
C2 PSU FC 916 -6.23 -7.22 -47.08
N3 PSU FC 916 -6.25 -6.36 -48.15
C4 PSU FC 916 -5.17 -6.33 -48.99
C5 PSU FC 916 -4.07 -7.14 -48.75
C6 PSU FC 916 -4.08 -7.99 -47.67
O2 PSU FC 916 -7.20 -7.26 -46.32
O4 PSU FC 916 -5.18 -5.56 -49.95
C1' PSU FC 916 -2.89 -7.09 -49.67
C2' PSU FC 916 -2.04 -5.86 -49.37
O2' PSU FC 916 -1.43 -5.43 -50.57
C3' PSU FC 916 -1.00 -6.43 -48.43
C4' PSU FC 916 -0.76 -7.81 -49.01
O3' PSU FC 916 0.17 -5.64 -48.36
O4' PSU FC 916 -2.07 -8.23 -49.47
C5' PSU FC 916 -0.21 -8.84 -48.07
O5' PSU FC 916 -0.16 -8.35 -46.74
P PSU FC 916 -0.44 -9.32 -45.50
OP1 PSU FC 916 0.16 -10.63 -45.83
OP2 PSU FC 916 -0.11 -8.67 -44.23
N1 PSU FC 917 -4.54 -4.66 -46.08
C2 PSU FC 917 -5.81 -4.42 -45.65
N3 PSU FC 917 -6.60 -3.48 -46.28
C4 PSU FC 917 -6.08 -2.80 -47.35
C5 PSU FC 917 -4.79 -3.02 -47.78
C6 PSU FC 917 -4.02 -3.97 -47.12
O2 PSU FC 917 -6.26 -5.04 -44.69
O4 PSU FC 917 -6.79 -1.97 -47.91
C1' PSU FC 917 -4.21 -2.30 -48.95
C2' PSU FC 917 -3.93 -0.83 -48.65
O2' PSU FC 917 -4.14 -0.08 -49.84
C3' PSU FC 917 -2.44 -0.86 -48.33
C4' PSU FC 917 -1.92 -1.93 -49.28
O3' PSU FC 917 -1.81 0.40 -48.54
O4' PSU FC 917 -2.99 -2.89 -49.32
C5' PSU FC 917 -0.64 -2.60 -48.86
O5' PSU FC 917 -0.83 -3.41 -47.71
P PSU FC 917 0.28 -4.47 -47.27
OP1 PSU FC 917 1.59 -3.81 -47.44
OP2 PSU FC 917 -0.11 -5.02 -45.96
N1 PSU FC 927 4.58 20.37 -34.11
C2 PSU FC 927 3.67 20.24 -33.10
N3 PSU FC 927 2.49 20.92 -33.13
C4 PSU FC 927 2.21 21.73 -34.19
C5 PSU FC 927 3.14 21.89 -35.21
C6 PSU FC 927 4.32 21.20 -35.14
O2 PSU FC 927 3.93 19.50 -32.15
O4 PSU FC 927 1.14 22.34 -34.22
C1' PSU FC 927 2.89 22.76 -36.40
C2' PSU FC 927 2.79 24.25 -36.08
O2' PSU FC 927 1.87 24.84 -36.98
C3' PSU FC 927 4.21 24.72 -36.40
C4' PSU FC 927 4.60 23.85 -37.58
O3' PSU FC 927 4.27 26.09 -36.72
O4' PSU FC 927 3.96 22.58 -37.30
C5' PSU FC 927 6.07 23.63 -37.76
O5' PSU FC 927 6.65 23.10 -36.57
P PSU FC 927 8.07 22.37 -36.64
OP1 PSU FC 927 8.99 23.28 -37.35
OP2 PSU FC 927 8.47 21.82 -35.33
N1 PSU FC 952 -30.45 -2.35 -35.81
C2 PSU FC 952 -29.49 -2.34 -36.80
N3 PSU FC 952 -28.37 -1.56 -36.68
C4 PSU FC 952 -28.20 -0.79 -35.56
C5 PSU FC 952 -29.16 -0.80 -34.57
C6 PSU FC 952 -30.29 -1.59 -34.71
O2 PSU FC 952 -29.65 -3.02 -37.81
O4 PSU FC 952 -27.21 -0.09 -35.44
C1' PSU FC 952 -28.99 0.03 -33.33
C2' PSU FC 952 -29.31 1.52 -33.52
O2' PSU FC 952 -28.26 2.28 -32.94
C3' PSU FC 952 -30.60 1.69 -32.72
C4' PSU FC 952 -30.50 0.61 -31.65
O3' PSU FC 952 -30.73 2.96 -32.14
O4' PSU FC 952 -29.81 -0.48 -32.30
C5' PSU FC 952 -31.81 0.12 -31.10
O5' PSU FC 952 -32.72 -0.19 -32.14
P PSU FC 952 -33.29 -1.67 -32.26
OP1 PSU FC 952 -34.07 -1.92 -31.04
OP2 PSU FC 952 -33.88 -2.03 -33.56
N1 PSU FC 1045 -34.17 2.73 -13.75
C2 PSU FC 1045 -35.34 2.72 -14.47
N3 PSU FC 1045 -36.54 2.52 -13.83
C4 PSU FC 1045 -36.56 2.34 -12.48
C5 PSU FC 1045 -35.38 2.35 -11.75
C6 PSU FC 1045 -34.18 2.55 -12.42
O2 PSU FC 1045 -35.30 2.88 -15.69
O4 PSU FC 1045 -37.63 2.17 -11.89
C1' PSU FC 1045 -35.40 2.16 -10.26
C2' PSU FC 1045 -35.40 0.68 -9.89
O2' PSU FC 1045 -36.12 0.52 -8.68
C3' PSU FC 1045 -33.93 0.43 -9.67
C4' PSU FC 1045 -33.46 1.74 -9.06
O3' PSU FC 1045 -33.65 -0.68 -8.85
O4' PSU FC 1045 -34.26 2.74 -9.71
C5' PSU FC 1045 -31.99 2.04 -9.24
O5' PSU FC 1045 -31.62 1.92 -10.61
P PSU FC 1045 -30.38 2.73 -11.17
OP1 PSU FC 1045 -29.19 2.28 -10.43
OP2 PSU FC 1045 -30.41 2.67 -12.65
N1 PSU FC 1048 -35.03 -6.80 -17.03
C2 PSU FC 1048 -34.12 -6.04 -17.72
N3 PSU FC 1048 -34.11 -6.06 -19.10
C4 PSU FC 1048 -35.02 -6.84 -19.78
C5 PSU FC 1048 -35.90 -7.63 -19.07
C6 PSU FC 1048 -35.90 -7.58 -17.69
O2 PSU FC 1048 -33.33 -5.33 -17.11
O4 PSU FC 1048 -34.99 -6.87 -21.01
C1' PSU FC 1048 -36.91 -8.49 -19.78
C2' PSU FC 1048 -36.31 -9.75 -20.38
O2' PSU FC 1048 -37.07 -10.10 -21.53
C3' PSU FC 1048 -36.56 -10.76 -19.27
C4' PSU FC 1048 -37.89 -10.31 -18.69
O3' PSU FC 1048 -36.58 -12.10 -19.73
O4' PSU FC 1048 -37.87 -8.88 -18.83
C5' PSU FC 1048 -38.10 -10.68 -17.24
O5' PSU FC 1048 -36.96 -10.31 -16.48
P PSU FC 1048 -37.04 -10.26 -14.89
OP1 PSU FC 1048 -37.34 -11.59 -14.33
OP2 PSU FC 1048 -35.86 -9.50 -14.42
N1 PSU FC 1103 8.80 69.26 -24.57
C2 PSU FC 1103 8.52 67.93 -24.78
N3 PSU FC 1103 7.36 67.54 -25.39
C4 PSU FC 1103 6.45 68.49 -25.79
C5 PSU FC 1103 6.73 69.83 -25.58
C6 PSU FC 1103 7.91 70.20 -24.96
O2 PSU FC 1103 9.33 67.09 -24.42
O4 PSU FC 1103 5.40 68.15 -26.34
C1' PSU FC 1103 5.77 70.90 -26.01
C2' PSU FC 1103 4.59 70.99 -25.05
O2' PSU FC 1103 3.44 71.35 -25.81
C3' PSU FC 1103 5.02 72.14 -24.15
C4' PSU FC 1103 5.79 73.05 -25.09
O3' PSU FC 1103 3.94 72.80 -23.52
O4' PSU FC 1103 6.44 72.13 -26.01
C5' PSU FC 1103 6.82 73.93 -24.43
O5' PSU FC 1103 7.73 73.16 -23.66
P PSU FC 1103 8.95 73.86 -22.91
OP1 PSU FC 1103 8.42 75.11 -22.32
OP2 PSU FC 1103 9.61 72.85 -22.06
N1 PSU FC 1115 -5.92 70.91 -15.47
C2 PSU FC 1115 -5.74 71.40 -16.73
N3 PSU FC 1115 -6.81 71.65 -17.56
C4 PSU FC 1115 -8.09 71.40 -17.10
C5 PSU FC 1115 -8.28 70.89 -15.82
C6 PSU FC 1115 -7.17 70.66 -15.02
O2 PSU FC 1115 -4.60 71.62 -17.13
O4 PSU FC 1115 -9.05 71.61 -17.83
C1' PSU FC 1115 -9.64 70.62 -15.29
C2' PSU FC 1115 -10.23 69.32 -15.87
O2' PSU FC 1115 -11.63 69.48 -15.98
C3' PSU FC 1115 -9.88 68.32 -14.78
C4' PSU FC 1115 -9.99 69.14 -13.51
O3' PSU FC 1115 -10.73 67.19 -14.77
O4' PSU FC 1115 -9.56 70.47 -13.89
C5' PSU FC 1115 -9.15 68.66 -12.36
O5' PSU FC 1115 -7.77 68.70 -12.69
P PSU FC 1115 -6.64 68.39 -11.61
OP1 PSU FC 1115 -7.19 67.30 -10.81
OP2 PSU FC 1115 -5.36 68.22 -12.34
O5' B8N FC 1119 -7.76 54.92 -28.04
C5' B8N FC 1119 -6.89 55.89 -28.60
C4' B8N FC 1119 -6.59 55.57 -30.03
O4' B8N FC 1119 -6.98 54.22 -30.30
C3' B8N FC 1119 -7.35 56.39 -31.06
O3' B8N FC 1119 -6.70 57.60 -31.36
C2' B8N FC 1119 -7.45 55.45 -32.27
O2' B8N FC 1119 -6.38 55.66 -33.16
C1' B8N FC 1119 -7.30 54.06 -31.65
C5 B8N FC 1119 -8.63 53.22 -31.72
C6 B8N FC 1119 -9.58 53.40 -30.68
N1 B8N FC 1119 -10.84 52.52 -30.83
C2 B8N FC 1119 -10.98 51.54 -32.05
N3 B8N FC 1119 -9.96 51.45 -33.02
C4 B8N FC 1119 -8.94 52.17 -32.91
C34 B8N FC 1119 -12.05 49.10 -35.28
CN1 B8N FC 1119 -11.92 52.59 -29.83
N34 B8N FC 1119 -11.51 47.15 -33.95
O2 B8N FC 1119 -11.97 50.89 -32.12
O4 B8N FC 1119 -8.13 52.04 -33.77
OP1 B8N FC 1119 -9.86 56.30 -27.95
OP2 B8N FC 1119 -9.61 54.10 -26.58
P B8N FC 1119 -9.00 55.35 -27.14
C31 B8N FC 1119 -10.08 50.54 -34.18
C32 B8N FC 1119 -10.07 49.08 -33.75
C33 B8N FC 1119 -10.93 48.24 -34.69
O36 B8N FC 1119 -13.05 49.39 -34.56
O35 B8N FC 1119 -11.98 49.51 -36.47
N1 OMC FC 1143 -16.23 92.61 0.61
C2 OMC FC 1143 -16.79 91.74 -0.36
N3 OMC FC 1143 -16.49 90.42 -0.30
C4 OMC FC 1143 -15.69 89.94 0.62
C5 OMC FC 1143 -15.11 90.78 1.62
C6 OMC FC 1143 -15.41 92.09 1.56
O2 OMC FC 1143 -17.53 92.16 -1.23
N4 OMC FC 1143 -15.44 88.64 0.62
C1' OMC FC 1143 -16.46 94.08 0.65
C2' OMC FC 1143 -17.93 94.48 0.84
O2' OMC FC 1143 -18.19 95.58 0.00
CM2 OMC FC 1143 -18.07 95.33 -1.38
C3' OMC FC 1143 -17.94 94.92 2.30
C4' OMC FC 1143 -16.57 95.53 2.46
O4' OMC FC 1143 -15.72 94.63 1.72
O3' OMC FC 1143 -19.00 95.83 2.59
C5' OMC FC 1143 -16.06 95.68 3.87
O5' OMC FC 1143 -14.76 95.11 4.02
P OMC FC 1143 -14.48 94.01 5.14
OP1 OMC FC 1143 -14.75 94.66 6.49
OP2 OMC FC 1143 -15.23 92.75 4.74
N1 OMU FC 1159 -25.51 104.80 10.69
C2 OMU FC 1159 -24.91 106.13 10.29
N3 OMU FC 1159 -24.34 107.02 11.34
C4 OMU FC 1159 -24.37 106.61 12.73
C5 OMU FC 1159 -24.97 105.30 13.12
C6 OMU FC 1159 -25.55 104.41 12.08
O2 OMU FC 1159 -24.88 106.47 9.12
O4 OMU FC 1159 -23.94 107.29 13.53
C1' OMU FC 1159 -26.09 103.89 9.67
C2' OMU FC 1159 -25.00 103.27 8.80
O2' OMU FC 1159 -25.50 103.15 7.48
CM2 OMU FC 1159 -25.51 104.38 6.81
C3' OMU FC 1159 -24.83 101.90 9.46
C4' OMU FC 1159 -26.23 101.58 9.95
O3' OMU FC 1159 -24.31 100.91 8.59
O4' OMU FC 1159 -26.78 102.86 10.33
C5' OMU FC 1159 -26.30 100.63 11.12
O5' OMU FC 1159 -26.84 101.25 12.26
P OMU FC 1159 -27.96 100.53 13.13
OP1 OMU FC 1159 -27.77 99.05 13.01
OP2 OMU FC 1159 -28.00 101.18 14.50
N1 OMU FC 1197 -14.43 78.99 -16.43
C2 OMU FC 1197 -13.10 78.86 -17.11
N3 OMU FC 1197 -12.89 79.47 -18.46
C4 OMU FC 1197 -13.98 80.19 -19.11
C5 OMU FC 1197 -15.30 80.31 -18.40
C6 OMU FC 1197 -15.50 79.70 -17.06
O2 OMU FC 1197 -12.19 78.26 -16.55
O4 OMU FC 1197 -13.84 80.65 -20.13
C1' OMU FC 1197 -14.63 78.39 -15.11
C2' OMU FC 1197 -14.84 79.39 -13.99
O2' OMU FC 1197 -13.59 79.78 -13.42
CM2 OMU FC 1197 -13.69 80.82 -12.51
C3' OMU FC 1197 -15.75 78.63 -13.03
C4' OMU FC 1197 -16.61 77.81 -13.99
O3' OMU FC 1197 -14.97 77.76 -12.21
O4' OMU FC 1197 -15.83 77.62 -15.18
C5' OMU FC 1197 -17.95 78.40 -14.34
O5' OMU FC 1197 -17.84 79.74 -14.79
P OMU FC 1197 -18.84 80.85 -14.23
OP1 OMU FC 1197 -18.26 82.20 -14.57
OP2 OMU FC 1197 -20.22 80.49 -14.70
P OMG FC 1199 -17.24 71.81 -12.20
OP1 OMG FC 1199 -15.92 71.06 -12.34
OP2 OMG FC 1199 -17.76 72.66 -13.36
O5' OMG FC 1199 -18.37 70.78 -11.79
C5' OMG FC 1199 -18.19 69.89 -10.69
C4' OMG FC 1199 -19.32 68.90 -10.62
O4' OMG FC 1199 -20.46 69.52 -9.99
C3' OMG FC 1199 -19.84 68.41 -11.97
O3' OMG FC 1199 -19.12 67.29 -12.44
C2' OMG FC 1199 -21.30 68.12 -11.70
O2' OMG FC 1199 -21.44 66.84 -11.09
CM2 OMG FC 1199 -22.71 66.58 -10.54
C1' OMG FC 1199 -21.64 69.18 -10.66
N9 OMG FC 1199 -22.22 70.41 -11.24
C8 OMG FC 1199 -21.56 71.60 -11.46
N7 OMG FC 1199 -22.35 72.52 -11.95
C5 OMG FC 1199 -23.58 71.93 -12.03
C6 OMG FC 1199 -24.82 72.44 -12.49
O6 OMG FC 1199 -25.09 73.54 -12.91
N1 OMG FC 1199 -25.82 71.47 -12.39
C2 OMG FC 1199 -25.65 70.20 -11.94
N2 OMG FC 1199 -26.73 69.42 -11.92
N3 OMG FC 1199 -24.50 69.72 -11.52
C4 OMG FC 1199 -23.52 70.62 -11.59
P 4AC FC 1208 -20.61 73.27 -37.65
OP1 4AC FC 1208 -19.92 73.96 -38.81
OP2 4AC FC 1208 -21.85 72.45 -37.92
O5' 4AC FC 1208 -19.54 72.35 -36.91
C5' 4AC FC 1208 -18.31 72.88 -36.46
C4' 4AC FC 1208 -17.57 71.89 -35.60
O4' 4AC FC 1208 -18.29 71.70 -34.35
C3' 4AC FC 1208 -17.46 70.49 -36.18
O3' 4AC FC 1208 -16.39 70.38 -37.09
C2' 4AC FC 1208 -17.32 69.63 -34.94
O2' 4AC FC 1208 -15.99 69.70 -34.44
C1' 4AC FC 1208 -18.24 70.34 -33.96
N1 4AC FC 1208 -19.63 69.81 -33.99
C2 4AC FC 1208 -19.91 68.59 -33.38
O2 4AC FC 1208 -19.00 67.97 -32.82
N3 4AC FC 1208 -21.19 68.12 -33.41
C4 4AC FC 1208 -22.14 68.83 -34.00
N4 4AC FC 1208 -23.45 68.32 -34.02
C5 4AC FC 1208 -21.87 70.06 -34.63
C6 4AC FC 1208 -20.62 70.52 -34.59
C7 4AC FC 1208 -23.93 67.14 -33.54
O7 4AC FC 1208 -23.23 66.29 -33.01
CM7 4AC FC 1208 -25.40 66.95 -33.72
N1 PSU FC 1238 -20.78 49.64 -66.79
C2 PSU FC 1238 -21.59 50.25 -65.85
N3 PSU FC 1238 -21.85 51.59 -65.91
C4 PSU FC 1238 -21.28 52.35 -66.90
C5 PSU FC 1238 -20.46 51.74 -67.85
C6 PSU FC 1238 -20.22 50.38 -67.77
O2 PSU FC 1238 -22.10 49.56 -64.97
O4 PSU FC 1238 -21.51 53.56 -66.96
C1' PSU FC 1238 -19.84 52.55 -68.93
C2' PSU FC 1238 -18.58 53.24 -68.42
O2' PSU FC 1238 -18.43 54.47 -69.10
C3' PSU FC 1238 -17.50 52.25 -68.86
C4' PSU FC 1238 -18.03 51.72 -70.17
O3' PSU FC 1238 -16.21 52.85 -68.99
O4' PSU FC 1238 -19.47 51.69 -69.99
C5' PSU FC 1238 -17.56 50.34 -70.52
O5' PSU FC 1238 -17.68 49.48 -69.39
P PSU FC 1238 -17.28 47.94 -69.49
OP1 PSU FC 1238 -15.93 47.83 -70.08
OP2 PSU FC 1238 -17.55 47.40 -68.13
P A2M FC 1254 -37.27 65.64 -59.81
OP1 A2M FC 1254 -37.16 67.04 -60.34
O5' A2M FC 1254 -36.91 65.43 -58.07
C5' A2M FC 1254 -37.81 65.94 -57.22
C4' A2M FC 1254 -37.29 65.74 -55.83
O4' A2M FC 1254 -37.70 64.48 -55.37
C3' A2M FC 1254 -35.79 65.75 -55.83
O3' A2M FC 1254 -35.41 67.07 -55.94
C2' A2M FC 1254 -35.47 64.96 -54.60
O2' A2M FC 1254 -35.75 65.67 -53.42
C1' A2M FC 1254 -36.54 63.88 -54.84
CM' A2M FC 1254 -36.10 64.78 -52.38
N9 A2M FC 1254 -36.18 62.79 -55.67
C8 A2M FC 1254 -36.42 62.48 -57.01
N7 A2M FC 1254 -35.87 61.30 -57.37
C5 A2M FC 1254 -35.25 60.87 -56.21
C6 A2M FC 1254 -34.51 59.75 -55.88
N6 A2M FC 1254 -34.25 58.77 -56.81
N1 A2M FC 1254 -34.00 59.55 -54.64
C2 A2M FC 1254 -34.27 60.51 -53.74
N3 A2M FC 1254 -34.96 61.65 -53.88
C4 A2M FC 1254 -35.43 61.77 -55.14
OP2 A2M FC 1254 -36.24 64.63 -60.22
N1 OMC FC 1262 -14.17 79.85 -56.60
C2 OMC FC 1262 -13.36 78.70 -56.40
N3 OMC FC 1262 -13.53 77.68 -57.25
C4 OMC FC 1262 -14.40 77.70 -58.24
C5 OMC FC 1262 -15.23 78.84 -58.47
C6 OMC FC 1262 -15.06 79.86 -57.61
O2 OMC FC 1262 -12.55 78.66 -55.49
N4 OMC FC 1262 -14.49 76.64 -59.03
C1' OMC FC 1262 -14.10 81.04 -55.72
C2' OMC FC 1262 -12.86 81.89 -55.96
O2' OMC FC 1262 -12.42 82.37 -54.70
CM2 OMC FC 1262 -11.97 81.36 -53.83
C3' OMC FC 1262 -13.41 83.03 -56.80
C4' OMC FC 1262 -14.83 83.18 -56.28
O4' OMC FC 1262 -15.23 81.83 -55.97
O3' OMC FC 1262 -12.66 84.23 -56.67
C5' OMC FC 1262 -15.82 83.77 -57.25
O5' OMC FC 1262 -15.97 82.95 -58.39
P OMC FC 1262 -17.25 83.07 -59.31
OP1 OMC FC 1262 -17.39 84.51 -59.76
OP2 OMC FC 1262 -17.19 81.96 -60.36
N1 OMU FC 1313 2.75 96.82 -72.84
C2 OMU FC 1313 3.86 97.34 -71.95
N3 OMU FC 1313 3.84 98.74 -71.45
C4 OMU FC 1313 2.74 99.62 -71.85
C5 OMU FC 1313 1.65 99.11 -72.73
C6 OMU FC 1313 1.68 97.71 -73.21
O2 OMU FC 1313 4.77 96.60 -71.63
O4 OMU FC 1313 2.70 100.69 -71.48
C1' OMU FC 1313 2.76 95.44 -73.34
C2' OMU FC 1313 2.44 94.43 -72.23
O2' OMU FC 1313 3.00 93.18 -72.59
CM2 OMU FC 1313 4.40 93.13 -72.52
C3' OMU FC 1313 0.93 94.38 -72.31
C4' OMU FC 1313 0.69 94.44 -73.81
O3' OMU FC 1313 0.36 93.23 -71.70
O4' OMU FC 1313 1.74 95.30 -74.31
C5' OMU FC 1313 -0.65 94.98 -74.23
O5' OMU FC 1313 -1.59 94.88 -73.18
P OMU FC 1313 -2.84 95.84 -73.11
OP1 OMU FC 1313 -3.37 96.01 -74.49
OP2 OMU FC 1313 -3.75 95.35 -72.00
P OMG FC 1361 -21.61 60.13 -26.44
OP1 OMG FC 1361 -20.99 59.95 -25.07
OP2 OMG FC 1361 -21.86 61.53 -27.00
O5' OMG FC 1361 -20.75 59.29 -27.48
C5' OMG FC 1361 -19.60 58.57 -27.04
C4' OMG FC 1361 -18.35 59.16 -27.63
O4' OMG FC 1361 -18.51 59.27 -29.07
C3' OMG FC 1361 -18.00 60.56 -27.18
O3' OMG FC 1361 -17.31 60.58 -25.94
C2' OMG FC 1361 -17.18 61.08 -28.35
O2' OMG FC 1361 -15.87 60.54 -28.32
CM2 OMG FC 1361 -14.97 61.19 -29.19
C1' OMG FC 1361 -17.93 60.48 -29.52
N9 OMG FC 1361 -19.00 61.35 -30.01
C8 OMG FC 1361 -20.34 61.09 -29.97
N7 OMG FC 1361 -21.05 62.06 -30.49
C5 OMG FC 1361 -20.13 62.99 -30.87
C6 OMG FC 1361 -20.32 64.25 -31.49
O6 OMG FC 1361 -21.35 64.78 -31.81
N1 OMG FC 1361 -19.10 64.88 -31.72
C2 OMG FC 1361 -17.88 64.38 -31.40
N2 OMG FC 1361 -16.82 65.14 -31.70
N3 OMG FC 1361 -17.70 63.21 -30.83
C4 OMG FC 1361 -18.85 62.57 -30.59
P G7M FC 1510 17.08 51.06 -37.67
OP1 G7M FC 1510 18.03 50.78 -38.82
OP2 G7M FC 1510 15.82 51.85 -37.87
O5' G7M FC 1510 16.68 49.67 -37.02
C5' G7M FC 1510 17.65 48.68 -36.72
C4' G7M FC 1510 17.13 47.70 -35.71
O4' G7M FC 1510 17.12 48.33 -34.42
C3' G7M FC 1510 15.67 47.27 -35.93
O3' G7M FC 1510 15.56 46.00 -36.57
C2' G7M FC 1510 15.01 47.30 -34.54
O2' G7M FC 1510 14.63 46.00 -34.13
C1' G7M FC 1510 16.15 47.73 -33.63
N9 G7M FC 1510 15.73 48.71 -32.62
C8 G7M FC 1510 15.80 49.84 -33.34
N7 G7M FC 1510 15.46 50.85 -32.52
CN7 G7M FC 1510 15.42 52.23 -33.00
C5 G7M FC 1510 15.18 50.34 -31.32
C6 G7M FC 1510 14.74 50.96 -29.99
O6 G7M FC 1510 14.58 52.13 -29.91
N1 G7M FC 1510 14.51 50.14 -28.85
C2 G7M FC 1510 14.71 48.71 -28.94
N2 G7M FC 1510 14.47 47.88 -27.77
N3 G7M FC 1510 15.13 48.12 -30.20
C4 G7M FC 1510 15.35 48.99 -31.39
N1 OMC FC 1574 -21.52 34.40 -29.07
C2 OMC FC 1574 -20.79 33.41 -29.75
N3 OMC FC 1574 -19.46 33.49 -29.74
C4 OMC FC 1574 -18.84 34.46 -29.13
C5 OMC FC 1574 -19.52 35.49 -28.43
C6 OMC FC 1574 -20.86 35.40 -28.44
O2 OMC FC 1574 -21.38 32.52 -30.31
N4 OMC FC 1574 -17.50 34.48 -29.16
C1' OMC FC 1574 -22.99 34.45 -29.02
C2' OMC FC 1574 -23.61 33.46 -28.04
O2' OMC FC 1574 -24.75 32.88 -28.63
CM2 OMC FC 1574 -24.46 31.95 -29.63
C3' OMC FC 1574 -24.03 34.37 -26.88
C4' OMC FC 1574 -24.33 35.68 -27.58
O4' OMC FC 1574 -23.38 35.74 -28.65
O3' OMC FC 1574 -25.15 33.87 -26.19
C5' OMC FC 1574 -24.17 36.91 -26.72
O5' OMC FC 1574 -22.83 37.10 -26.34
P OMC FC 1574 -22.25 38.56 -26.10
OP1 OMC FC 1574 -23.14 39.28 -25.10
OP2 OMC FC 1574 -20.75 38.44 -25.86
C2 6MZ FC 1703 -21.00 29.14 -30.99
C4 6MZ FC 1703 -19.62 27.30 -31.28
C5 6MZ FC 1703 -18.59 27.97 -30.80
O1P 6MZ FC 1703 -16.33 23.47 -35.89
O2P 6MZ FC 1703 -15.18 24.78 -33.96
N9 6MZ FC 1703 -19.19 26.08 -31.60
N3 6MZ FC 1703 -20.83 27.87 -31.39
N1 6MZ FC 1703 -19.96 29.85 -30.50
C6 6MZ FC 1703 -18.78 29.28 -30.40
N6 6MZ FC 1703 -17.68 30.10 -29.84
C9 6MZ FC 1703 -16.41 30.22 -30.53
N7 6MZ FC 1703 -17.53 27.18 -30.80
C8 6MZ FC 1703 -17.91 25.99 -31.31
O5' 6MZ FC 1703 -16.98 23.09 -33.52
C5' 6MZ FC 1703 -18.17 22.49 -34.01
C4' 6MZ FC 1703 -19.40 23.26 -33.59
O4' 6MZ FC 1703 -19.17 23.85 -32.30
C1' 6MZ FC 1703 -20.00 24.99 -32.15
C2' 6MZ FC 1703 -20.59 25.32 -33.52
O2' 6MZ FC 1703 -21.94 24.92 -33.54
C3' 6MZ FC 1703 -19.76 24.45 -34.46
O3' 6MZ FC 1703 -20.45 24.07 -35.64
P 6MZ FC 1703 -15.78 23.46 -34.48
O3P 6MZ FC 1703 -14.72 22.36 -34.39
P 4AC FC 1713 -24.79 13.98 -33.11
OP1 4AC FC 1713 -25.32 14.09 -31.70
OP2 4AC FC 1713 -23.30 13.81 -33.34
O5' 4AC FC 1713 -25.51 12.77 -33.84
C5' 4AC FC 1713 -26.92 12.74 -33.99
C4' 4AC FC 1713 -27.34 11.55 -34.79
O4' 4AC FC 1713 -26.82 11.68 -36.13
C3' 4AC FC 1713 -26.80 10.23 -34.29
O3' 4AC FC 1713 -27.60 9.68 -33.27
C2' 4AC FC 1713 -26.74 9.38 -35.55
O2' 4AC FC 1713 -28.02 8.83 -35.83
C1' 4AC FC 1713 -26.42 10.42 -36.62
N1 4AC FC 1713 -24.98 10.48 -36.95
C2 4AC FC 1713 -24.46 9.60 -37.90
O2 4AC FC 1713 -25.22 8.79 -38.44
N3 4AC FC 1713 -23.14 9.68 -38.20
C4 4AC FC 1713 -22.37 10.57 -37.61
N4 4AC FC 1713 -21.02 10.54 -38.02
C5 4AC FC 1713 -22.88 11.48 -36.66
C6 4AC FC 1713 -24.18 11.40 -36.35
C7 4AC FC 1713 -19.99 11.33 -37.64
O7 4AC FC 1713 -20.08 12.23 -36.82
CM7 4AC FC 1713 -18.69 11.02 -38.29
C2 MA6 FC 1721 -9.97 22.44 -23.34
C4 MA6 FC 1721 -10.29 20.43 -22.21
C5 MA6 FC 1721 -9.19 19.93 -22.78
P MA6 FC 1721 -10.53 14.59 -20.79
OP1 MA6 FC 1721 -11.41 13.36 -20.61
OP2 MA6 FC 1721 -9.59 14.67 -21.98
O5' MA6 FC 1721 -11.47 15.86 -20.83
C5' MA6 FC 1721 -12.50 16.05 -19.89
C4' MA6 FC 1721 -13.00 17.47 -19.94
O4' MA6 FC 1721 -11.89 18.36 -19.69
C1' MA6 FC 1721 -11.96 19.47 -20.54
N9 MA6 FC 1721 -10.79 19.46 -21.43
N3 MA6 FC 1721 -10.69 21.69 -22.48
N1 MA6 FC 1721 -8.85 21.94 -23.92
C6 MA6 FC 1721 -8.46 20.70 -23.66
N6 MA6 FC 1721 -7.24 20.56 -24.43
C9 MA6 FC 1721 -6.65 21.70 -25.14
C10 MA6 FC 1721 -6.55 19.24 -24.46
N7 MA6 FC 1721 -8.99 18.67 -22.35
C8 MA6 FC 1721 -9.99 18.38 -21.51
C2' MA6 FC 1721 -13.28 19.41 -21.28
O2' MA6 FC 1721 -14.24 20.10 -20.50
C3' MA6 FC 1721 -13.57 17.92 -21.27
O3' MA6 FC 1721 -14.94 17.62 -21.42
C2 MA6 FC 1722 -12.29 23.30 -26.51
C4 MA6 FC 1722 -13.03 21.38 -25.40
C5 MA6 FC 1722 -11.92 20.74 -25.77
P MA6 FC 1722 -15.41 16.36 -22.30
OP1 MA6 FC 1722 -15.84 15.26 -21.36
OP2 MA6 FC 1722 -14.35 16.09 -23.35
O5' MA6 FC 1722 -16.70 16.87 -23.05
C5' MA6 FC 1722 -16.60 17.53 -24.30
C4' MA6 FC 1722 -16.67 19.03 -24.15
O4' MA6 FC 1722 -15.47 19.50 -23.49
C1' MA6 FC 1722 -15.07 20.72 -24.04
N9 MA6 FC 1722 -13.76 20.52 -24.69
N3 MA6 FC 1722 -13.23 22.67 -25.77
N1 MA6 FC 1722 -11.16 22.64 -26.89
C6 MA6 FC 1722 -10.97 21.38 -26.52
N6 MA6 FC 1722 -9.69 21.09 -27.13
C9 MA6 FC 1722 -9.16 19.73 -26.99
C10 MA6 FC 1722 -8.94 22.11 -27.89
N7 MA6 FC 1722 -11.97 19.49 -25.27
C8 MA6 FC 1722 -13.13 19.34 -24.61
C2' MA6 FC 1722 -16.14 21.15 -25.04
O2' MA6 FC 1722 -17.10 21.91 -24.33
C3' MA6 FC 1722 -16.71 19.82 -25.44
O3' MA6 FC 1722 -18.01 19.92 -25.97
N ILE GC 1 -39.37 -105.92 32.40
CA ILE GC 1 -40.59 -105.25 32.79
C ILE GC 1 -40.27 -104.11 33.77
N MET GC 2 -41.23 -103.23 34.00
CA MET GC 2 -41.03 -102.06 34.83
C MET GC 2 -41.75 -102.24 36.16
N ASN GC 3 -41.03 -101.98 37.25
CA ASN GC 3 -41.64 -101.85 38.56
C ASN GC 3 -41.28 -100.47 39.13
N GLN GC 4 -41.75 -100.21 40.35
CA GLN GC 4 -41.62 -98.87 40.93
C GLN GC 4 -40.15 -98.50 41.14
N GLU GC 5 -39.34 -99.46 41.57
CA GLU GC 5 -37.92 -99.18 41.77
C GLU GC 5 -37.23 -98.86 40.45
N LYS GC 6 -37.56 -99.60 39.38
CA LYS GC 6 -36.96 -99.37 38.09
C LYS GC 6 -37.40 -98.05 37.48
N LEU GC 7 -38.68 -97.69 37.66
CA LEU GC 7 -39.19 -96.45 37.09
C LEU GC 7 -38.56 -95.22 37.73
N ALA GC 8 -38.44 -95.22 39.07
CA ALA GC 8 -37.96 -94.03 39.77
C ALA GC 8 -36.51 -93.71 39.41
N LYS GC 9 -35.72 -94.71 39.09
CA LYS GC 9 -34.34 -94.47 38.66
C LYS GC 9 -34.24 -94.25 37.16
N LEU GC 10 -35.19 -94.79 36.39
CA LEU GC 10 -35.20 -94.56 34.95
C LEU GC 10 -35.39 -93.09 34.62
N GLN GC 11 -36.20 -92.38 35.41
CA GLN GC 11 -36.40 -90.96 35.20
C GLN GC 11 -35.08 -90.20 35.21
N ALA GC 12 -34.11 -90.67 36.00
CA ALA GC 12 -32.83 -89.97 36.07
C ALA GC 12 -32.05 -90.13 34.77
N GLN GC 13 -31.90 -91.36 34.27
CA GLN GC 13 -30.98 -91.58 33.16
C GLN GC 13 -31.50 -90.98 31.86
N VAL GC 14 -32.83 -90.93 31.68
CA VAL GC 14 -33.36 -90.38 30.44
C VAL GC 14 -33.21 -88.86 30.39
N ARG GC 15 -33.07 -88.20 31.53
CA ARG GC 15 -32.88 -86.76 31.59
C ARG GC 15 -31.38 -86.47 31.54
N ILE GC 16 -30.93 -85.89 30.43
CA ILE GC 16 -29.52 -85.51 30.27
C ILE GC 16 -29.38 -84.00 30.19
N GLY GC 17 -30.39 -83.26 30.65
CA GLY GC 17 -30.32 -81.82 30.61
C GLY GC 17 -31.56 -81.22 31.26
N GLY GC 18 -31.58 -79.90 31.31
CA GLY GC 18 -32.68 -79.17 31.87
C GLY GC 18 -33.88 -79.12 30.93
N LYS GC 19 -34.85 -78.30 31.31
CA LYS GC 19 -36.07 -78.16 30.52
C LYS GC 19 -35.74 -77.63 29.13
N GLY GC 20 -36.30 -78.27 28.11
CA GLY GC 20 -36.09 -77.86 26.75
C GLY GC 20 -35.00 -78.60 26.01
N THR GC 21 -34.49 -79.70 26.56
CA THR GC 21 -33.49 -80.52 25.90
C THR GC 21 -34.06 -81.90 25.60
N ALA GC 22 -33.56 -82.51 24.53
CA ALA GC 22 -34.07 -83.81 24.11
C ALA GC 22 -33.73 -84.88 25.14
N ARG GC 23 -34.63 -85.85 25.27
CA ARG GC 23 -34.44 -86.94 26.21
C ARG GC 23 -33.52 -87.99 25.62
N ARG GC 24 -32.82 -88.70 26.50
CA ARG GC 24 -31.99 -89.82 26.09
C ARG GC 24 -32.87 -90.97 25.59
N LYS GC 25 -32.46 -91.56 24.48
CA LYS GC 25 -33.26 -92.62 23.89
C LYS GC 25 -32.88 -94.00 24.43
N LYS GC 26 -31.58 -94.30 24.50
CA LYS GC 26 -31.15 -95.62 24.91
C LYS GC 26 -29.72 -95.54 25.45
N LYS GC 27 -29.36 -96.57 26.22
CA LYS GC 27 -27.97 -96.79 26.62
C LYS GC 27 -27.77 -98.30 26.64
N VAL GC 28 -27.29 -98.85 25.53
CA VAL GC 28 -27.20 -100.29 25.34
C VAL GC 28 -25.73 -100.69 25.32
N VAL GC 29 -25.40 -101.71 26.09
CA VAL GC 29 -24.07 -102.30 26.08
C VAL GC 29 -24.13 -103.60 25.30
N HIS GC 30 -23.14 -103.81 24.43
CA HIS GC 30 -23.04 -105.03 23.64
C HIS GC 30 -21.57 -105.31 23.39
N ARG GC 31 -21.15 -106.53 23.68
CA ARG GC 31 -19.75 -106.91 23.45
C ARG GC 31 -19.67 -107.89 22.28
MG MG HC . 11.82 -26.31 -0.35
MG MG IC . 45.23 -41.66 34.73
MG MG JC . 7.37 -30.16 28.46
MG MG KC . 48.84 -14.59 23.64
MG MG LC . 32.65 -86.23 -36.69
MG MG MC . 41.12 -30.37 1.50
MG MG NC . 9.80 -27.18 36.08
MG MG OC . 34.02 -16.53 29.28
MG MG PC . 64.53 -26.51 43.63
MG MG QC . 67.90 -73.92 -43.55
MG MG RC . 56.71 -41.72 -9.91
MG MG SC . 76.45 -41.28 -1.71
MG MG TC . 29.85 -30.23 20.51
MG MG UC . 28.48 -23.62 40.81
MG MG VC . 39.27 -30.94 39.07
MG MG WC . 43.96 -60.81 17.22
MG MG XC . 36.96 -76.81 39.60
MG MG YC . 8.72 -22.37 7.17
MG MG ZC . 46.15 -45.01 13.88
MG MG AD . 18.42 -31.68 30.42
MG MG BD . 17.23 -28.01 33.98
MG MG CD . 42.21 -69.72 -18.91
MG MG DD . 60.93 -67.54 -21.88
MG MG ED . 40.75 -66.27 19.39
MG MG FD . 8.34 -26.84 -3.88
MG MG GD . 46.74 -25.79 39.12
MG MG HD . 46.40 -29.81 6.82
MG MG ID . 65.21 -99.99 22.51
MG MG JD . 57.02 -89.69 29.26
MG MG KD . 48.38 -22.55 22.84
MG MG LD . 27.35 -32.28 17.45
MG MG MD . 45.40 -54.64 -9.39
MG MG ND . 36.86 -20.09 31.14
MG MG OD . 62.67 -31.34 45.74
MG MG PD . 56.90 -33.83 36.32
MG MG QD . 37.24 -33.41 -3.37
MG MG RD . 29.76 -26.39 -10.08
MG MG SD . 47.41 -33.79 -10.62
MG MG TD . 89.23 -47.92 -4.78
MG MG UD . 74.71 -30.84 -29.46
MG MG VD . 39.31 -43.20 10.23
MG MG WD . 61.07 -63.21 -27.12
MG MG XD . 13.89 -61.04 9.48
MG MG YD . 10.99 -17.41 33.45
MG MG ZD . 25.76 -29.99 30.98
MG MG AE . 47.88 -23.84 32.91
MG MG BE . 41.95 -26.30 23.42
MG MG CE . 57.61 -19.72 39.65
MG MG DE . 46.69 -30.25 0.11
MG MG EE . 61.56 -89.07 27.11
MG MG FE . -25.01 -61.27 19.53
MG MG GE . 34.44 -32.00 26.97
MG MG HE . 23.40 5.81 60.49
MG MG IE . 3.11 -53.79 40.17
MG MG JE . 3.69 -36.39 7.35
MG MG KE . 8.69 -54.92 15.59
MG MG LE . 3.16 -49.61 43.48
MG MG ME . 54.46 -10.40 51.77
MG MG NE . 63.53 -72.01 -50.06
MG MG OE . 58.48 13.24 26.15
MG MG PE . -33.61 -37.45 38.05
MG MG QE . -5.34 -70.64 -16.17
MG MG RE . -2.89 -29.05 9.77
MG MG SE . 61.71 5.90 31.42
MG MG TE . -1.37 -34.45 8.40
MG MG UE . 43.48 -20.00 10.81
MG MG VE . 6.67 -71.33 -23.16
MG MG WE . 44.55 -18.38 57.14
MG MG XE . 52.13 19.89 35.32
MG MG YE . -18.73 -38.23 -7.18
MG MG ZE . 27.37 -40.20 33.54
MG MG AF . 42.91 -81.89 46.30
MG MG BF . 57.11 -16.19 77.14
MG MG CF . 6.95 -72.14 -17.44
MG MG DF . 7.10 -65.23 11.94
MG MG EF . -7.99 -83.12 4.37
MG MG FF . -19.22 -37.79 -1.59
MG MG GF . 53.23 -9.88 5.79
MG MG HF . -27.36 -63.27 23.79
MG MG IF . -8.90 -26.99 -4.88
MG MG JF . 0.85 -28.60 -13.97
MG MG KF . -2.65 -32.07 25.43
MG MG LF . 14.67 -10.30 -8.69
MG MG MF . 4.42 -69.52 32.41
MG MG NF . -15.84 -29.86 17.09
MG MG OF . 51.70 -52.50 25.07
MG MG PF . 12.84 -45.17 3.07
MG MG QF . 46.12 -55.37 32.93
MG MG RF . 58.11 -27.73 67.36
MG MG SF . -5.57 -80.79 1.21
MG MG TF . -22.01 -56.72 20.14
MG MG UF . -0.93 -80.81 16.07
MG MG VF . -12.56 -58.04 29.49
MG MG WF . 61.55 7.22 27.24
MG MG XF . 36.82 -11.85 56.70
MG MG YF . -8.44 -64.70 30.53
MG MG ZF . 10.31 -80.56 18.36
MG MG AG . 1.08 -87.60 -8.97
MG MG BG . 57.09 -50.26 57.86
MG MG CG . 40.81 -49.76 34.99
MG MG DG . -26.14 -27.42 33.44
MG MG EG . -9.06 -18.53 -16.96
MG MG FG . 76.63 -42.81 72.19
MG MG GG . 68.47 -31.73 16.43
MG MG HG . -2.29 -35.83 21.04
MG MG IG . 8.21 2.03 54.74
MG MG JG . 101.25 -18.85 21.92
MG MG KG . 40.31 -16.33 67.42
MG MG LG . 40.67 -21.15 77.33
MG MG MG . 105.97 3.58 86.63
MG MG NG . 7.20 -53.89 -7.54
MG MG OG . -14.98 -11.85 19.32
MG MG PG . 51.24 32.20 27.51
MG MG QG . 21.22 -26.24 -12.58
MG MG RG . -1.70 -55.59 33.52
MG MG SG . 2.23 -22.05 69.69
MG MG TG . -2.94 0.92 0.01
MG MG UG . 32.26 -14.13 -14.32
MG MG VG . 83.35 32.23 0.34
MG MG WG . -12.54 4.96 -3.51
MG MG XG . -22.83 -22.61 51.54
MG MG YG . 39.42 -9.70 29.34
MG MG ZG . 10.76 -79.55 37.13
MG MG AH . 70.79 13.32 2.72
MG MG BH . 2.48 -7.03 44.49
MG MG CH . 81.57 -66.42 -12.28
MG MG DH . 2.31 -7.06 -20.09
MG MG EH . 0.27 3.11 78.96
MG MG FH . 68.62 -96.06 9.88
MG MG GH . 5.66 34.28 45.08
MG MG HH . 96.62 -13.72 11.20
MG MG IH . -13.37 -66.63 7.14
MG MG JH . 84.95 9.27 -3.18
MG MG KH . -14.11 -14.01 25.50
MG MG LH . 34.72 -13.58 -40.54
MG MG MH . -2.92 1.97 -11.18
MG MG NH . -11.60 -2.45 4.16
MG MG OH . -2.03 -13.82 57.77
MG MG PH . -11.35 -13.72 29.48
MG MG QH . 21.84 -23.45 50.81
MG MG RH . 20.18 9.04 36.15
MG MG SH . 10.17 -47.47 46.07
MG MG TH . 5.81 7.87 73.71
MG MG UH . 72.44 -0.12 93.01
MG MG VH . -3.11 -63.29 20.85
MG MG WH . -13.17 16.61 56.12
MG MG XH . -30.56 -26.97 33.53
MG MG YH . -26.06 -20.87 1.36
MG MG ZH . 76.17 30.96 0.50
MG MG AI . 1.35 -21.88 17.48
MG MG BI . 33.99 -28.20 -1.95
MG MG CI . -0.94 -59.41 14.22
MG MG DI . 52.13 -14.83 3.08
MG MG EI . 52.94 -19.80 48.41
MG MG FI . -3.99 -7.42 6.85
MG MG GI . -32.76 -88.13 -12.20
MG MG HI . 65.36 -25.25 54.31
N1 SPM II . 62.77 24.38 22.64
C2 SPM II . 62.25 23.44 23.62
C3 SPM II . 63.38 22.93 24.49
C4 SPM II . 62.88 21.84 25.43
N5 SPM II . 61.65 22.26 26.06
C6 SPM II . 60.73 21.14 26.07
C7 SPM II . 59.42 21.56 26.74
C8 SPM II . 58.53 20.34 26.92
C9 SPM II . 57.65 20.54 28.15
N10 SPM II . 56.91 19.32 28.41
C11 SPM II . 56.34 19.37 29.74
C12 SPM II . 55.09 18.51 29.76
C13 SPM II . 54.17 18.98 28.64
N14 SPM II . 52.81 18.71 29.01
MG MG JI . 43.42 -6.19 32.60
N1 SPD KI . 50.62 -22.92 -0.25
C2 SPD KI . 51.06 -22.51 -1.57
C3 SPD KI . 52.58 -22.43 -1.58
C4 SPD KI . 53.06 -22.02 -2.97
C5 SPD KI . 54.58 -21.86 -2.92
N6 SPD KI . 55.06 -21.43 -4.22
C7 SPD KI . 56.50 -21.56 -4.25
C8 SPD KI . 57.04 -20.78 -5.44
C9 SPD KI . 58.54 -21.01 -5.55
N10 SPD KI . 59.03 -20.42 -6.77
MG MG LI . -38.08 -57.31 56.07
N1 SPM MI . 49.81 -16.85 16.77
C2 SPM MI . 49.65 -15.73 17.67
C3 SPM MI . 49.74 -14.42 16.88
C4 SPM MI . 48.49 -14.28 16.00
N5 SPM MI . 48.45 -12.95 15.42
C6 SPM MI . 48.31 -11.97 16.47
C7 SPM MI . 48.26 -10.56 15.88
C8 SPM MI . 47.61 -9.62 16.88
C9 SPM MI . 47.72 -8.18 16.38
N10 SPM MI . 47.46 -7.28 17.49
C11 SPM MI . 46.07 -7.42 17.90
C12 SPM MI . 45.18 -6.58 16.99
C13 SPM MI . 45.73 -5.15 16.92
N14 SPM MI . 44.83 -4.31 16.15
N1 SPM NI . 59.36 -33.65 -19.07
C2 SPM NI . 58.68 -32.42 -18.73
C3 SPM NI . 58.01 -32.55 -17.36
C4 SPM NI . 56.99 -33.69 -17.41
N5 SPM NI . 56.29 -33.75 -16.13
C6 SPM NI . 55.59 -35.03 -16.01
C7 SPM NI . 54.72 -35.00 -14.76
C8 SPM NI . 54.41 -36.42 -14.31
C9 SPM NI . 52.97 -36.79 -14.70
N10 SPM NI . 52.76 -38.20 -14.44
C11 SPM NI . 51.78 -38.38 -13.39
C12 SPM NI . 51.80 -39.82 -12.91
C13 SPM NI . 53.17 -40.16 -12.36
N14 SPM NI . 53.16 -41.50 -11.77
MG MG OI . -30.97 -82.54 -12.86
MG MG PI . -1.08 -24.19 -19.54
N1 SPM QI . 31.75 -43.61 -12.15
C2 SPM QI . 31.69 -42.63 -11.07
C3 SPM QI . 30.79 -43.15 -9.95
C4 SPM QI . 30.95 -42.24 -8.74
N5 SPM QI . 30.88 -40.85 -9.17
C6 SPM QI . 30.40 -40.07 -8.05
C7 SPM QI . 30.33 -38.59 -8.42
C8 SPM QI . 29.88 -37.82 -7.19
C9 SPM QI . 30.27 -36.36 -7.29
N10 SPM QI . 29.82 -35.69 -6.08
C11 SPM QI . 30.08 -34.26 -6.18
C12 SPM QI . 29.28 -33.69 -7.35
C13 SPM QI . 28.96 -32.22 -7.09
N14 SPM QI . 28.39 -31.63 -8.29
MG MG RI . 0.10 -41.77 -0.78
MG MG SI . 12.14 -69.46 -44.46
MG MG TI . -39.20 -56.53 24.76
MG MG UI . -51.44 -43.05 15.58
MG MG VI . 39.97 -30.53 30.79
MG MG WI . 7.22 24.64 86.97
MG MG XI . 33.66 -46.83 29.48
MG MG YI . 9.96 -57.57 -9.31
MG MG ZI . 6.77 -3.91 -28.49
MG MG AJ . -45.68 -59.44 27.96
MG MG BJ . 79.70 -66.52 8.52
MG MG CJ . -43.90 -60.70 -39.21
MG MG DJ . -10.00 -18.15 -10.01
MG MG EJ . -32.66 -97.10 0.98
MG MG FJ . 72.49 -59.66 -34.94
N1 SPD GJ . 0.98 -42.92 3.44
C2 SPD GJ . 0.34 -43.81 4.39
C3 SPD GJ . 0.28 -43.12 5.75
C4 SPD GJ . -0.61 -43.90 6.72
C5 SPD GJ . -1.35 -42.93 7.62
N6 SPD GJ . -2.42 -43.60 8.34
C7 SPD GJ . -3.06 -42.67 9.24
C8 SPD GJ . -4.27 -43.33 9.89
C9 SPD GJ . -5.08 -42.29 10.66
N10 SPD GJ . -6.34 -42.87 11.08
N1 SPD HJ . 66.32 -58.67 -38.17
C2 SPD HJ . 67.24 -58.64 -37.04
C3 SPD HJ . 66.43 -58.49 -35.75
C4 SPD HJ . 66.04 -59.85 -35.20
C5 SPD HJ . 65.07 -59.66 -34.04
N6 SPD HJ . 65.44 -60.51 -32.92
C7 SPD HJ . 64.80 -60.05 -31.71
C8 SPD HJ . 63.29 -60.17 -31.84
C9 SPD HJ . 62.63 -59.86 -30.50
N10 SPD HJ . 62.78 -60.98 -29.59
N1 SPD IJ . -15.16 -45.45 4.09
C2 SPD IJ . -16.08 -44.83 5.03
C3 SPD IJ . -15.30 -43.99 6.03
C4 SPD IJ . -16.26 -43.15 6.87
C5 SPD IJ . -16.15 -41.69 6.47
N6 SPD IJ . -17.48 -41.12 6.35
C7 SPD IJ . -18.01 -40.83 7.67
C8 SPD IJ . -19.05 -39.73 7.56
C9 SPD IJ . -19.69 -39.50 8.92
N10 SPD IJ . -20.58 -38.34 8.85
N1 SPD JJ . 36.12 -11.00 43.67
C2 SPD JJ . 35.65 -10.20 44.78
C3 SPD JJ . 34.25 -10.64 45.17
C4 SPD JJ . 33.83 -9.97 46.49
C5 SPD JJ . 32.32 -10.09 46.65
N6 SPD JJ . 31.92 -11.48 46.49
C7 SPD JJ . 30.46 -11.57 46.49
C8 SPD JJ . 30.05 -12.97 46.04
C9 SPD JJ . 28.53 -13.12 46.15
N10 SPD JJ . 28.17 -14.48 45.80
N1 SPD KJ . 37.54 -51.19 57.86
C2 SPD KJ . 38.24 -49.92 57.96
C3 SPD KJ . 37.70 -49.13 59.15
C4 SPD KJ . 36.26 -48.71 58.88
C5 SPD KJ . 35.80 -47.78 59.99
N6 SPD KJ . 34.70 -46.94 59.53
C7 SPD KJ . 34.68 -45.71 60.31
C8 SPD KJ . 33.93 -45.94 61.61
C9 SPD KJ . 32.47 -46.27 61.32
N10 SPD KJ . 31.86 -46.86 62.49
N1 SPM LJ . 0.76 -15.95 59.78
C2 SPM LJ . 0.87 -14.92 60.79
C3 SPM LJ . 1.26 -15.57 62.13
C4 SPM LJ . 2.76 -15.38 62.37
N5 SPM LJ . 3.51 -16.08 61.35
C6 SPM LJ . 4.87 -15.57 61.34
C7 SPM LJ . 5.24 -15.07 59.94
C8 SPM LJ . 4.73 -13.64 59.77
C9 SPM LJ . 4.84 -13.23 58.30
N10 SPM LJ . 6.18 -12.75 58.00
C11 SPM LJ . 6.09 -11.48 57.30
C12 SPM LJ . 6.23 -10.34 58.31
C13 SPM LJ . 6.42 -9.02 57.56
N14 SPM LJ . 6.68 -7.95 58.51
N1 SPD MJ . -7.39 -7.42 64.87
C2 SPD MJ . -6.71 -8.16 65.92
C3 SPD MJ . -5.81 -9.23 65.30
C4 SPD MJ . -6.67 -10.40 64.81
C5 SPD MJ . -5.91 -11.16 63.74
N6 SPD MJ . -4.61 -11.58 64.26
C7 SPD MJ . -3.73 -11.93 63.16
C8 SPD MJ . -2.27 -12.01 63.65
C9 SPD MJ . -1.35 -12.28 62.48
N10 SPD MJ . 0.03 -12.33 62.94
N1 SPD NJ . 39.72 -50.23 6.12
C2 SPD NJ . 38.38 -50.77 5.97
C3 SPD NJ . 38.48 -52.22 5.50
C4 SPD NJ . 39.13 -53.05 6.59
C5 SPD NJ . 39.82 -54.24 5.96
N6 SPD NJ . 40.78 -53.77 4.98
C7 SPD NJ . 41.09 -54.85 4.07
C8 SPD NJ . 42.22 -55.70 4.62
C9 SPD NJ . 43.58 -55.02 4.43
N10 SPD NJ . 43.76 -53.96 5.42
N1 SPM OJ . -13.66 -7.75 -0.53
C2 SPM OJ . -14.06 -6.67 -1.41
C3 SPM OJ . -13.29 -6.77 -2.72
C4 SPM OJ . -11.80 -6.91 -2.41
N5 SPM OJ . -11.06 -7.04 -3.66
C6 SPM OJ . -9.64 -7.12 -3.39
C7 SPM OJ . -9.23 -8.59 -3.32
C8 SPM OJ . -9.74 -9.30 -4.58
C9 SPM OJ . -8.60 -9.42 -5.58
N10 SPM OJ . -7.77 -10.54 -5.21
C11 SPM OJ . -7.72 -11.48 -6.32
C12 SPM OJ . -6.38 -12.22 -6.28
C13 SPM OJ . -5.30 -11.27 -5.78
N14 SPM OJ . -4.07 -12.00 -5.54
N1 SPM PJ . 16.83 -32.91 59.33
C2 SPM PJ . 17.94 -33.70 58.83
C3 SPM PJ . 19.24 -32.94 59.05
C4 SPM PJ . 20.42 -33.81 58.66
N5 SPM PJ . 21.66 -33.08 58.86
C6 SPM PJ . 21.83 -32.78 60.26
C7 SPM PJ . 22.82 -31.62 60.44
C8 SPM PJ . 24.21 -32.03 59.95
C9 SPM PJ . 25.13 -30.82 60.06
N10 SPM PJ . 26.49 -31.19 59.69
C11 SPM PJ . 27.43 -30.57 60.61
C12 SPM PJ . 28.73 -31.37 60.63
C13 SPM PJ . 29.65 -30.82 61.71
N14 SPM PJ . 30.83 -31.67 61.82
MG MG QJ . 29.83 -63.15 54.37
MG MG RJ . 40.52 8.43 30.58
C18 HMT SJ . 18.96 -26.48 27.05
O3 HMT SJ . 20.19 -25.81 27.15
C2 HMT SJ . 20.07 -24.40 27.13
C1 HMT SJ . 21.05 -23.58 27.76
C9 HMT SJ . 20.49 -22.21 27.98
C12 HMT SJ . 21.88 -21.71 28.59
C11 HMT SJ . 21.51 -21.44 29.99
C10 HMT SJ . 20.12 -21.99 30.20
N1 HMT SJ . 19.78 -22.82 28.93
C8 HMT SJ . 18.60 -21.98 29.30
C7 HMT SJ . 17.57 -21.98 27.83
C6 HMT SJ . 18.23 -20.97 26.55
C16 HMT SJ . 17.40 -19.93 26.12
C15 HMT SJ . 17.82 -19.07 25.11
O2 HMT SJ . 17.19 -17.95 24.50
C17 HMT SJ . 18.11 -17.37 23.60
O1 HMT SJ . 19.22 -18.25 23.53
C14 HMT SJ . 19.05 -19.24 24.52
C13 HMT SJ . 19.88 -20.29 24.95
C5 HMT SJ . 19.49 -21.18 25.96
C4 HMT SJ . 20.26 -22.20 26.42
C3 HMT SJ . 19.83 -23.71 25.89
O4 HMT SJ . 18.55 -23.77 25.43
C19 HMT SJ . 18.54 -24.17 24.04
O5 HMT SJ . 19.50 -24.69 23.56
C20 HMT SJ . 17.31 -23.89 23.16
C21 HMT SJ . 16.88 -22.44 23.36
C22 HMT SJ . 17.69 -21.57 22.38
O8 HMT SJ . 18.86 -21.69 22.31
O7 HMT SJ . 17.03 -20.65 21.55
C23 HMT SJ . 16.78 -21.15 20.25
O6 HMT SJ . 17.65 -24.08 21.80
C24 HMT SJ . 16.18 -24.86 23.56
C25 HMT SJ . 16.69 -26.34 23.45
C26 HMT SJ . 16.25 -27.16 24.70
C27 HMT SJ . 16.84 -28.61 24.60
C28 HMT SJ . 16.39 -29.43 25.84
C29 HMT SJ . 16.31 -29.30 23.32
O9 HMT SJ . 18.25 -28.54 24.57
C1 3HE TJ . 54.81 -10.69 -13.42
C2 3HE TJ . 55.25 -9.71 -12.32
C3 3HE TJ . 56.64 -9.98 -11.73
C4 3HE TJ . 57.10 -11.36 -12.10
C5 3HE TJ . 56.03 -12.40 -11.94
C6 3HE TJ . 54.96 -12.15 -13.00
O2 3HE TJ . 54.92 -19.63 -10.56
C12 3HE TJ . 55.29 -18.52 -10.24
N 3HE TJ . 56.09 -18.37 -9.14
C11 3HE TJ . 56.60 -17.20 -8.64
O1 3HE TJ . 57.10 -17.19 -7.55
C10 3HE TJ . 56.48 -15.97 -9.51
C13 3HE TJ . 54.94 -17.28 -10.99
C9 3HE TJ . 56.01 -16.19 -10.95
C8 3HE TJ . 55.52 -14.85 -11.51
C7 3HE TJ . 56.60 -13.83 -11.88
O3 3HE TJ . 57.27 -14.17 -13.07
O 3HE TJ . 58.22 -11.58 -12.49
C14 3HE TJ . 57.65 -8.91 -12.09
C 3HE TJ . 53.40 -10.38 -13.89
MG MG UJ . 54.71 -4.77 53.46
MG MG VJ . 69.38 46.58 34.12
MG MG WJ . 59.56 13.39 52.16
MG MG XJ . 41.88 -69.45 30.41
N1 SPD YJ . 30.46 -69.81 -39.95
C2 SPD YJ . 29.60 -70.98 -40.01
C3 SPD YJ . 30.40 -72.22 -39.63
C4 SPD YJ . 29.47 -73.43 -39.51
C5 SPD YJ . 28.79 -73.46 -38.14
N6 SPD YJ . 28.45 -74.83 -37.80
C7 SPD YJ . 27.34 -74.85 -36.86
C8 SPD YJ . 26.90 -76.30 -36.63
C9 SPD YJ . 25.40 -76.42 -36.90
N10 SPD YJ . 24.81 -77.35 -35.96
MG MG ZJ . 33.75 -68.48 47.29
MG MG AK . 53.90 -68.27 35.06
MG MG BK . 32.89 -68.94 -63.04
MG MG CK . 42.53 -103.80 -1.02
MG MG DK . 13.92 -21.67 -10.30
MG MG EK . -34.25 -38.19 53.85
N1 SPD FK . 34.11 -40.50 -31.82
C2 SPD FK . 35.05 -41.45 -31.26
C3 SPD FK . 34.92 -42.79 -31.98
C4 SPD FK . 35.93 -43.78 -31.41
C5 SPD FK . 37.16 -43.83 -32.31
N6 SPD FK . 38.16 -44.72 -31.74
C7 SPD FK . 37.72 -46.10 -31.90
C8 SPD FK . 38.93 -46.99 -32.18
C9 SPD FK . 39.57 -47.39 -30.87
N10 SPD FK . 38.54 -47.94 -30.01
MG MG GK . 6.38 -55.66 25.56
MG MG HK . -9.84 -16.05 34.21
MG MG IK . 41.09 -50.59 46.52
ZN ZN JK . -24.10 -62.06 -45.05
ZN ZN KK . 25.32 -68.81 -8.74
ZN ZN LK . 10.32 17.19 63.63
ZN ZN MK . 82.07 4.78 -24.27
ZN ZN NK . -27.75 -47.08 -44.33
MG MG OK . -10.61 23.71 -44.83
ZN ZN PK . -12.46 16.44 -51.53
MG MG QK . -29.02 26.09 -43.24
MG MG RK . -51.53 21.58 -30.73
MG MG SK . -49.88 55.56 -6.28
MG MG TK . -57.25 -9.85 -38.27
MG MG UK . -72.30 -2.88 -48.79
MG MG VK . -57.63 4.00 -42.35
MG MG WK . -63.45 5.26 2.80
MG MG XK . -75.30 -2.29 14.53
MG MG YK . -92.94 -11.30 20.98
MG MG ZK . 12.50 11.24 -46.71
MG MG AL . -38.51 18.62 -34.67
MG MG BL . -43.17 18.10 -22.61
MG MG CL . -20.54 69.40 -55.15
MG MG DL . 34.58 76.69 -35.25
MG MG EL . -110.27 -13.57 37.55
MG MG FL . -14.80 22.37 -36.37
MG MG GL . -12.19 -13.63 -35.72
MG MG HL . -15.30 22.64 -37.32
MG MG IL . -73.59 10.54 -0.44
MG MG JL . -15.18 20.88 -35.48
MG MG KL . -71.92 -6.01 17.47
MG MG LL . -0.95 4.33 -44.22
MG MG ML . -62.79 24.98 -15.71
MG MG NL . -22.02 -5.74 -40.84
MG MG OL . -30.16 4.63 -46.90
MG MG PL . -78.77 7.70 5.79
MG MG QL . -73.53 53.92 6.37
#